data_6E39
#
_entry.id   6E39
#
_cell.length_a   1
_cell.length_b   1
_cell.length_c   1
_cell.angle_alpha   90
_cell.angle_beta   90
_cell.angle_gamma   90
#
_symmetry.space_group_name_H-M   'P 1'
#
loop_
_entity.id
_entity.type
_entity.pdbx_description
1 polymer 'Capsid protein of PCV2'
2 branched '2-deoxy-6-O-sulfo-2-(sulfoamino)-alpha-D-glucopyranose-(1-4)-2-O-sulfo-alpha-L-idopyranuronic acid'
#
_entity_poly.entity_id   1
_entity_poly.type   'polypeptide(L)'
_entity_poly.pdbx_seq_one_letter_code
;MTYPRRRYRRRRHRPRSHLGQILRRRPWLVHPRHRYRWRRKNGIFNTRLSRTFGYTIKRTTVKTPSWAVDMMRFNINDFL
PPGGGSNPRSVPFEYYRIRKVKVEFWPCSPITQGDRGVGSSAVILDDNFVTKATALTYDPYVNYSSRHTITQPFSYHSRY
FTPKPVLDSTIDYFQPNNKRNQLWLRLQTAGNVDHVGLGTAFENSIYDQEYNIRVTMYVQFREFNLKDPPLNP
;
_entity_poly.pdbx_strand_id   A1,A2,A3,A4,A5,A6,A7,A8,A9,AA,AB,AC,AD,AE,AF,AG,AH,AI,AJ,AK,AL,AM,AN,AO,AP,AQ,AR,AS,AT,AU,AV,AW,AX,AY,AZ,Aa,Ab,Ac,Ad,Ae,Af,Ag,Ah,Ai,Aj,Ak,Al,Am,An,Ao,Ap,Aq,Ar,As,At,Au,Av,Aw,Ax,Ay
#
loop_
_chem_comp.id
_chem_comp.type
_chem_comp.name
_chem_comp.formula
IDS L-saccharide, alpha linking '2-O-sulfo-alpha-L-idopyranuronic acid' 'C6 H10 O10 S'
SGN D-saccharide, alpha linking 2-deoxy-6-O-sulfo-2-(sulfoamino)-alpha-D-glucopyranose 'C6 H13 N O11 S2'
#
# COMPACT_ATOMS: atom_id res chain seq x y z
N GLY A 43 34.74 61.85 10.57
CA GLY A 43 33.68 62.65 11.17
C GLY A 43 32.82 63.35 10.14
N ILE A 44 31.96 62.57 9.49
CA ILE A 44 31.14 63.06 8.39
C ILE A 44 30.03 63.95 8.94
N PHE A 45 29.64 64.94 8.14
CA PHE A 45 28.50 65.79 8.49
C PHE A 45 27.88 66.32 7.20
N ASN A 46 26.80 65.69 6.75
CA ASN A 46 26.02 66.21 5.65
C ASN A 46 25.13 67.33 6.15
N THR A 47 24.94 68.36 5.33
CA THR A 47 24.08 69.47 5.71
C THR A 47 23.66 70.21 4.45
N ARG A 48 23.12 71.41 4.67
CA ARG A 48 22.53 72.23 3.61
C ARG A 48 22.83 73.68 3.90
N LEU A 49 23.29 74.40 2.87
CA LEU A 49 23.55 75.82 2.94
C LEU A 49 22.85 76.52 1.79
N SER A 50 22.55 77.80 1.97
CA SER A 50 21.77 78.54 1.01
C SER A 50 22.19 80.00 0.97
N ARG A 51 21.62 80.72 0.03
CA ARG A 51 21.95 82.11 -0.26
C ARG A 51 20.93 82.66 -1.24
N THR A 52 20.76 83.97 -1.23
CA THR A 52 19.77 84.63 -2.06
C THR A 52 20.37 85.89 -2.67
N PHE A 53 20.05 86.12 -3.94
CA PHE A 53 20.44 87.36 -4.61
C PHE A 53 19.49 87.59 -5.78
N GLY A 54 19.66 88.73 -6.42
CA GLY A 54 18.78 89.17 -7.47
C GLY A 54 19.43 89.16 -8.83
N TYR A 55 18.59 89.03 -9.86
CA TYR A 55 19.04 89.06 -11.23
C TYR A 55 17.92 89.66 -12.07
N THR A 56 18.27 90.60 -12.93
CA THR A 56 17.31 91.32 -13.75
C THR A 56 17.72 91.26 -15.21
N ILE A 57 16.74 91.44 -16.07
CA ILE A 57 16.92 91.41 -17.51
C ILE A 57 16.28 92.68 -18.04
N LYS A 58 17.10 93.66 -18.33
CA LYS A 58 16.60 94.96 -18.73
C LYS A 58 15.87 94.87 -20.07
N ARG A 59 14.89 95.73 -20.24
CA ARG A 59 14.08 95.72 -21.43
C ARG A 59 14.91 96.06 -22.65
N THR A 60 14.34 95.79 -23.82
CA THR A 60 14.98 96.07 -25.10
C THR A 60 13.93 96.55 -26.08
N THR A 61 14.25 97.61 -26.81
CA THR A 61 13.40 98.09 -27.88
C THR A 61 13.51 97.26 -29.15
N VAL A 62 14.40 96.26 -29.16
CA VAL A 62 14.56 95.41 -30.34
C VAL A 62 13.26 94.67 -30.61
N LYS A 63 12.97 94.45 -31.89
CA LYS A 63 11.74 93.77 -32.29
C LYS A 63 11.97 92.28 -32.44
N THR A 64 13.16 91.88 -32.90
CA THR A 64 13.42 90.48 -33.15
C THR A 64 13.49 89.71 -31.85
N PRO A 65 13.30 88.39 -31.88
CA PRO A 65 13.60 87.58 -30.69
C PRO A 65 15.08 87.51 -30.44
N SER A 66 15.54 88.20 -29.39
CA SER A 66 16.91 88.15 -28.93
C SER A 66 16.94 87.61 -27.52
N TRP A 67 18.09 87.05 -27.16
CA TRP A 67 18.30 86.45 -25.85
C TRP A 67 19.45 87.12 -25.13
N ALA A 68 19.42 87.00 -23.81
CA ALA A 68 20.44 87.58 -22.93
C ALA A 68 21.14 86.45 -22.21
N VAL A 69 22.45 86.41 -22.32
CA VAL A 69 23.27 85.32 -21.82
C VAL A 69 23.97 85.76 -20.55
N ASP A 70 24.14 84.82 -19.62
CA ASP A 70 24.90 85.06 -18.41
C ASP A 70 25.23 83.72 -17.79
N MET A 71 26.38 83.67 -17.12
CA MET A 71 26.86 82.46 -16.47
C MET A 71 26.50 82.50 -15.00
N MET A 72 26.99 81.50 -14.27
CA MET A 72 26.78 81.42 -12.83
C MET A 72 27.84 80.50 -12.25
N ARG A 73 28.61 81.02 -11.30
CA ARG A 73 29.61 80.26 -10.58
C ARG A 73 29.12 79.97 -9.17
N PHE A 74 29.89 79.16 -8.46
CA PHE A 74 29.53 78.75 -7.11
C PHE A 74 30.79 78.66 -6.28
N ASN A 75 30.87 79.50 -5.25
CA ASN A 75 31.97 79.47 -4.29
C ASN A 75 31.40 79.38 -2.89
N ILE A 76 32.13 78.67 -2.03
CA ILE A 76 31.67 78.41 -0.67
C ILE A 76 31.85 79.60 0.25
N ASN A 77 32.79 80.50 -0.06
CA ASN A 77 33.01 81.67 0.79
C ASN A 77 31.78 82.53 0.89
N ASP A 78 30.95 82.56 -0.16
CA ASP A 78 29.71 83.32 -0.15
C ASP A 78 28.66 82.71 0.76
N PHE A 79 28.69 81.40 0.98
CA PHE A 79 27.73 80.71 1.82
C PHE A 79 28.18 80.55 3.26
N LEU A 80 29.48 80.46 3.47
CA LEU A 80 30.04 80.12 4.78
C LEU A 80 30.86 81.29 5.30
N PRO A 81 30.35 82.08 6.25
CA PRO A 81 31.12 83.22 6.72
C PRO A 81 32.35 82.79 7.48
N PRO A 82 33.26 83.71 7.76
CA PRO A 82 34.40 83.36 8.60
C PRO A 82 33.99 83.20 10.05
N GLY A 83 34.77 82.41 10.78
CA GLY A 83 34.51 82.14 12.18
C GLY A 83 35.02 83.24 13.09
N GLY A 84 35.59 82.84 14.21
CA GLY A 84 36.14 83.78 15.16
C GLY A 84 37.10 83.13 16.13
N GLY A 85 38.25 83.76 16.33
CA GLY A 85 39.26 83.23 17.24
C GLY A 85 40.18 82.24 16.57
N SER A 86 40.54 81.17 17.30
CA SER A 86 41.38 80.14 16.73
C SER A 86 40.72 79.44 15.56
N ASN A 87 39.39 79.40 15.53
CA ASN A 87 38.66 78.71 14.47
C ASN A 87 38.45 79.68 13.32
N PRO A 88 39.14 79.53 12.19
CA PRO A 88 38.98 80.54 11.12
C PRO A 88 37.60 80.55 10.51
N ARG A 89 36.90 79.43 10.48
CA ARG A 89 35.58 79.31 9.88
C ARG A 89 34.54 78.99 10.95
N SER A 90 33.31 79.40 10.67
CA SER A 90 32.21 79.19 11.59
C SER A 90 31.89 77.72 11.77
N VAL A 91 32.04 76.91 10.73
CA VAL A 91 31.72 75.49 10.77
C VAL A 91 33.05 74.73 11.00
N PRO A 92 33.28 74.18 12.19
CA PRO A 92 34.59 73.55 12.44
C PRO A 92 34.78 72.17 11.80
N PHE A 93 35.24 72.20 10.55
CA PHE A 93 35.77 71.02 9.91
C PHE A 93 36.93 71.45 9.03
N GLU A 94 37.71 70.47 8.57
CA GLU A 94 38.80 70.73 7.63
C GLU A 94 38.35 70.65 6.20
N TYR A 95 37.57 69.63 5.88
CA TYR A 95 37.34 69.21 4.50
C TYR A 95 35.90 69.44 4.06
N TYR A 96 35.70 69.37 2.76
CA TYR A 96 34.37 69.39 2.19
C TYR A 96 34.43 68.81 0.79
N ARG A 97 33.25 68.43 0.29
CA ARG A 97 33.10 68.09 -1.11
C ARG A 97 31.63 68.19 -1.46
N ILE A 98 31.33 69.02 -2.45
CA ILE A 98 29.95 69.36 -2.78
C ILE A 98 29.30 68.16 -3.45
N ARG A 99 28.11 67.83 -3.00
CA ARG A 99 27.33 66.75 -3.62
C ARG A 99 26.43 67.29 -4.72
N LYS A 100 25.55 68.24 -4.37
CA LYS A 100 24.55 68.73 -5.30
C LYS A 100 24.35 70.22 -5.09
N VAL A 101 23.72 70.83 -6.08
CA VAL A 101 23.33 72.23 -6.03
C VAL A 101 21.91 72.31 -6.55
N LYS A 102 21.14 73.23 -5.98
CA LYS A 102 19.75 73.45 -6.38
C LYS A 102 19.55 74.94 -6.60
N VAL A 103 19.53 75.34 -7.87
CA VAL A 103 19.29 76.71 -8.27
C VAL A 103 17.78 76.88 -8.40
N GLU A 104 17.28 78.00 -7.89
CA GLU A 104 15.85 78.31 -7.91
C GLU A 104 15.66 79.70 -8.47
N PHE A 105 14.99 79.80 -9.61
CA PHE A 105 14.62 81.09 -10.19
C PHE A 105 13.21 81.44 -9.71
N TRP A 106 13.13 82.19 -8.62
CA TRP A 106 11.85 82.64 -8.11
C TRP A 106 11.46 83.94 -8.81
N PRO A 107 10.36 84.00 -9.56
CA PRO A 107 9.99 85.26 -10.20
C PRO A 107 9.60 86.32 -9.20
N CYS A 108 9.83 87.57 -9.62
CA CYS A 108 9.32 88.74 -8.93
C CYS A 108 8.16 89.38 -9.67
N SER A 109 7.81 88.89 -10.86
CA SER A 109 6.88 89.54 -11.74
C SER A 109 5.46 89.02 -11.53
N PRO A 110 4.45 89.77 -11.98
CA PRO A 110 3.09 89.25 -11.91
C PRO A 110 2.82 88.27 -13.03
N ILE A 111 1.66 87.60 -12.92
CA ILE A 111 1.25 86.63 -13.92
C ILE A 111 0.57 87.27 -15.11
N THR A 112 0.15 88.52 -14.99
CA THR A 112 -0.55 89.23 -16.05
C THR A 112 0.39 89.83 -17.08
N GLN A 113 1.69 89.81 -16.83
CA GLN A 113 2.66 90.44 -17.71
C GLN A 113 2.64 89.78 -19.08
N GLY A 114 2.68 90.59 -20.13
CA GLY A 114 2.68 90.12 -21.49
C GLY A 114 4.08 90.08 -22.07
N ASP A 115 4.12 89.94 -23.40
CA ASP A 115 5.38 89.82 -24.13
C ASP A 115 6.16 88.62 -23.62
N ARG A 116 5.46 87.52 -23.42
CA ARG A 116 6.09 86.31 -22.92
C ARG A 116 7.14 85.80 -23.91
N GLY A 117 8.01 84.95 -23.40
CA GLY A 117 9.09 84.40 -24.21
C GLY A 117 9.47 83.02 -23.75
N VAL A 118 10.69 82.59 -24.09
CA VAL A 118 11.16 81.27 -23.74
C VAL A 118 12.68 81.25 -23.81
N GLY A 119 13.31 80.50 -22.92
CA GLY A 119 14.75 80.45 -22.84
C GLY A 119 15.28 79.07 -22.50
N SER A 120 16.53 79.02 -22.04
CA SER A 120 17.18 77.74 -21.80
C SER A 120 18.28 77.91 -20.77
N SER A 121 18.57 76.82 -20.06
CA SER A 121 19.71 76.71 -19.15
C SER A 121 20.41 75.40 -19.41
N ALA A 122 21.71 75.36 -19.12
CA ALA A 122 22.50 74.17 -19.33
C ALA A 122 23.64 74.11 -18.34
N VAL A 123 24.15 72.90 -18.15
CA VAL A 123 25.23 72.61 -17.21
C VAL A 123 26.55 72.71 -17.97
N ILE A 124 27.49 73.44 -17.40
CA ILE A 124 28.78 73.73 -18.02
C ILE A 124 29.81 73.56 -16.92
N LEU A 125 30.70 72.58 -17.06
CA LEU A 125 31.61 72.18 -15.99
C LEU A 125 33.06 72.48 -16.30
N ASP A 126 33.35 73.65 -16.89
CA ASP A 126 34.71 73.99 -17.31
C ASP A 126 35.13 75.42 -17.01
N ASP A 127 34.21 76.31 -16.65
CA ASP A 127 34.48 77.73 -16.52
C ASP A 127 34.94 78.32 -17.86
N ASN A 128 34.42 77.80 -18.97
CA ASN A 128 34.53 78.43 -20.27
C ASN A 128 33.12 78.44 -20.85
N PHE A 129 32.36 79.46 -20.49
CA PHE A 129 30.97 79.60 -20.91
C PHE A 129 30.89 80.25 -22.28
N VAL A 130 29.66 80.29 -22.80
CA VAL A 130 29.36 81.20 -23.89
C VAL A 130 29.64 82.61 -23.41
N THR A 131 30.06 83.46 -24.32
CA THR A 131 30.34 84.85 -23.96
C THR A 131 29.06 85.52 -23.46
N LYS A 132 29.21 86.38 -22.46
CA LYS A 132 28.09 87.16 -21.97
C LYS A 132 27.60 88.08 -23.06
N ALA A 133 26.28 88.17 -23.20
CA ALA A 133 25.67 88.98 -24.24
C ALA A 133 24.37 89.58 -23.74
N THR A 134 24.02 90.72 -24.33
CA THR A 134 22.78 91.41 -24.05
C THR A 134 21.64 90.88 -24.92
N ALA A 135 21.84 90.91 -26.23
CA ALA A 135 20.80 90.56 -27.21
C ALA A 135 21.46 89.77 -28.33
N LEU A 136 21.40 88.46 -28.23
CA LEU A 136 21.95 87.56 -29.24
C LEU A 136 20.83 86.98 -30.09
N THR A 137 21.11 86.80 -31.36
CA THR A 137 20.09 86.46 -32.35
C THR A 137 19.66 85.01 -32.29
N TYR A 138 20.31 84.18 -31.47
CA TYR A 138 19.93 82.78 -31.34
C TYR A 138 20.12 82.38 -29.88
N ASP A 139 19.63 81.18 -29.56
CA ASP A 139 19.81 80.61 -28.23
C ASP A 139 21.00 79.65 -28.28
N PRO A 140 22.15 79.98 -27.70
CA PRO A 140 23.27 79.02 -27.74
C PRO A 140 22.99 77.76 -26.97
N TYR A 141 22.30 77.86 -25.84
CA TYR A 141 22.14 76.75 -24.92
C TYR A 141 20.95 75.85 -25.27
N VAL A 142 20.41 75.98 -26.48
CA VAL A 142 19.19 75.25 -26.82
C VAL A 142 19.49 73.80 -27.14
N ASN A 143 20.53 73.53 -27.92
CA ASN A 143 20.82 72.19 -28.42
C ASN A 143 21.67 71.37 -27.46
N TYR A 144 22.12 71.95 -26.36
CA TYR A 144 22.91 71.20 -25.40
C TYR A 144 22.08 70.09 -24.78
N SER A 145 22.72 68.93 -24.60
CA SER A 145 22.03 67.77 -24.04
C SER A 145 21.48 68.04 -22.66
N SER A 146 22.10 68.94 -21.90
CA SER A 146 21.65 69.29 -20.57
C SER A 146 20.70 70.47 -20.58
N ARG A 147 19.96 70.68 -21.66
CA ARG A 147 19.04 71.78 -21.76
C ARG A 147 17.74 71.46 -21.05
N HIS A 148 17.29 72.35 -20.19
CA HIS A 148 15.93 72.37 -19.68
C HIS A 148 15.29 73.69 -20.09
N THR A 149 14.08 73.59 -20.64
CA THR A 149 13.38 74.77 -21.12
C THR A 149 13.09 75.73 -19.98
N ILE A 150 13.01 77.01 -20.31
CA ILE A 150 12.61 78.05 -19.36
C ILE A 150 11.43 78.78 -19.95
N THR A 151 10.30 78.71 -19.25
CA THR A 151 9.18 79.60 -19.51
C THR A 151 9.45 80.93 -18.83
N GLN A 152 8.98 82.00 -19.45
CA GLN A 152 9.11 83.35 -18.93
C GLN A 152 7.77 84.06 -18.91
N PRO A 153 7.65 85.16 -18.15
CA PRO A 153 8.54 85.73 -17.14
C PRO A 153 8.14 85.37 -15.71
N PHE A 154 6.97 84.78 -15.52
CA PHE A 154 6.38 84.62 -14.21
C PHE A 154 6.40 83.17 -13.72
N SER A 155 7.30 82.36 -14.26
CA SER A 155 7.29 80.93 -14.04
C SER A 155 8.50 80.49 -13.22
N TYR A 156 8.32 79.42 -12.47
CA TYR A 156 9.37 78.85 -11.63
C TYR A 156 10.25 77.94 -12.47
N HIS A 157 11.54 77.92 -12.15
CA HIS A 157 12.50 77.09 -12.86
C HIS A 157 13.57 76.63 -11.87
N SER A 158 13.94 75.37 -11.96
CA SER A 158 14.87 74.75 -11.04
C SER A 158 15.79 73.78 -11.77
N ARG A 159 17.01 73.65 -11.25
CA ARG A 159 17.98 72.68 -11.74
C ARG A 159 18.69 72.05 -10.57
N TYR A 160 18.88 70.73 -10.63
CA TYR A 160 19.44 69.94 -9.54
C TYR A 160 20.51 69.04 -10.12
N PHE A 161 21.77 69.36 -9.84
CA PHE A 161 22.88 68.68 -10.49
C PHE A 161 24.09 68.65 -9.56
N THR A 162 25.14 68.00 -10.04
CA THR A 162 26.43 67.91 -9.38
C THR A 162 27.37 68.91 -10.03
N PRO A 163 27.82 69.97 -9.38
CA PRO A 163 28.82 70.84 -9.98
C PRO A 163 30.17 70.17 -9.97
N LYS A 164 31.19 70.90 -10.44
CA LYS A 164 32.55 70.44 -10.38
C LYS A 164 33.46 71.61 -10.04
N PRO A 165 34.64 71.37 -9.48
CA PRO A 165 35.57 72.45 -9.20
C PRO A 165 36.42 72.83 -10.40
N VAL A 166 37.23 73.87 -10.19
CA VAL A 166 38.16 74.37 -11.19
C VAL A 166 39.56 74.12 -10.64
N LEU A 167 40.14 72.99 -11.03
CA LEU A 167 41.50 72.67 -10.58
C LEU A 167 42.55 73.33 -11.46
N ASP A 168 42.37 73.24 -12.77
CA ASP A 168 43.31 73.80 -13.74
C ASP A 168 42.51 74.42 -14.87
N SER A 169 42.41 75.75 -14.85
CA SER A 169 41.62 76.45 -15.86
C SER A 169 42.18 76.27 -17.26
N THR A 170 43.48 75.95 -17.37
CA THR A 170 44.07 75.71 -18.68
C THR A 170 43.53 74.46 -19.33
N ILE A 171 43.47 73.36 -18.58
CA ILE A 171 43.17 72.05 -19.14
C ILE A 171 41.69 71.73 -18.97
N ASP A 172 41.11 72.19 -17.85
CA ASP A 172 39.67 72.09 -17.61
C ASP A 172 39.21 70.62 -17.60
N TYR A 173 39.70 69.90 -16.59
CA TYR A 173 39.38 68.50 -16.42
C TYR A 173 38.60 68.27 -15.12
N PHE A 174 37.90 67.13 -15.07
CA PHE A 174 37.16 66.75 -13.88
C PHE A 174 36.83 65.26 -13.94
N GLN A 175 36.05 64.80 -12.93
CA GLN A 175 35.68 63.41 -12.71
C GLN A 175 34.22 63.16 -13.09
N PRO A 176 33.86 61.98 -13.57
CA PRO A 176 32.44 61.64 -13.70
C PRO A 176 31.79 61.56 -12.33
N ASN A 177 30.45 61.54 -12.34
CA ASN A 177 29.69 61.49 -11.10
C ASN A 177 29.94 60.16 -10.40
N ASN A 178 30.49 60.23 -9.18
CA ASN A 178 30.70 59.04 -8.37
C ASN A 178 30.80 59.50 -6.92
N LYS A 179 29.89 59.00 -6.07
CA LYS A 179 29.85 59.46 -4.69
C LYS A 179 31.03 58.94 -3.89
N ARG A 180 31.58 57.79 -4.27
CA ARG A 180 32.66 57.15 -3.51
C ARG A 180 34.03 57.71 -3.87
N ASN A 181 34.24 58.04 -5.14
CA ASN A 181 35.55 58.48 -5.63
C ASN A 181 35.68 59.99 -5.75
N GLN A 182 34.68 60.75 -5.31
CA GLN A 182 34.80 62.20 -5.33
C GLN A 182 35.94 62.65 -4.43
N LEU A 183 36.56 63.76 -4.79
CA LEU A 183 37.70 64.25 -4.05
C LEU A 183 37.27 65.00 -2.80
N TRP A 184 38.21 65.13 -1.87
CA TRP A 184 38.03 65.97 -0.68
C TRP A 184 38.89 67.21 -0.83
N LEU A 185 38.26 68.37 -0.79
CA LEU A 185 38.95 69.64 -0.83
C LEU A 185 39.21 70.15 0.58
N ARG A 186 40.13 71.10 0.68
CA ARG A 186 40.42 71.75 1.95
C ARG A 186 39.60 73.01 2.09
N LEU A 187 39.16 73.28 3.32
CA LEU A 187 38.43 74.48 3.67
C LEU A 187 39.44 75.55 4.04
N GLN A 188 39.78 76.38 3.06
CA GLN A 188 40.79 77.39 3.26
C GLN A 188 40.26 78.52 4.13
N THR A 189 41.13 79.50 4.37
CA THR A 189 40.76 80.62 5.24
C THR A 189 40.09 81.74 4.44
N ALA A 190 40.69 82.13 3.31
CA ALA A 190 40.09 83.14 2.44
C ALA A 190 40.40 82.87 0.96
N GLY A 191 40.63 81.61 0.58
CA GLY A 191 41.08 81.29 -0.76
C GLY A 191 40.46 80.06 -1.37
N ASN A 192 39.20 79.77 -1.04
CA ASN A 192 38.55 78.60 -1.57
C ASN A 192 38.32 78.75 -3.08
N VAL A 193 38.18 77.62 -3.73
CA VAL A 193 38.13 77.55 -5.19
C VAL A 193 36.69 77.75 -5.65
N ASP A 194 36.56 78.28 -6.86
CA ASP A 194 35.25 78.48 -7.46
C ASP A 194 34.78 77.19 -8.13
N HIS A 195 33.58 76.78 -7.81
CA HIS A 195 32.89 75.72 -8.54
C HIS A 195 32.01 76.33 -9.61
N VAL A 196 31.53 75.46 -10.49
CA VAL A 196 30.92 75.88 -11.75
C VAL A 196 29.82 74.87 -12.06
N GLY A 197 29.05 75.15 -13.12
CA GLY A 197 27.98 74.25 -13.50
C GLY A 197 26.68 74.82 -14.03
N LEU A 198 26.59 76.12 -14.32
CA LEU A 198 25.35 76.62 -14.92
C LEU A 198 25.60 77.82 -15.82
N GLY A 199 24.93 77.81 -16.96
CA GLY A 199 24.84 78.98 -17.81
C GLY A 199 23.44 79.07 -18.38
N THR A 200 23.05 80.30 -18.75
CA THR A 200 21.66 80.61 -19.04
C THR A 200 21.52 81.40 -20.32
N ALA A 201 20.26 81.55 -20.74
CA ALA A 201 19.91 82.36 -21.91
C ALA A 201 18.46 82.76 -21.77
N PHE A 202 18.19 84.06 -21.65
CA PHE A 202 16.86 84.58 -21.42
C PHE A 202 16.43 85.47 -22.58
N GLU A 203 15.25 85.18 -23.12
CA GLU A 203 14.68 85.99 -24.19
C GLU A 203 14.32 87.36 -23.67
N ASN A 204 14.70 88.39 -24.42
CA ASN A 204 14.46 89.76 -24.02
C ASN A 204 12.99 90.13 -24.22
N SER A 205 12.62 91.31 -23.72
CA SER A 205 11.24 91.74 -23.75
C SER A 205 11.18 93.26 -23.65
N ILE A 206 9.96 93.78 -23.76
CA ILE A 206 9.72 95.21 -23.62
C ILE A 206 9.75 95.62 -22.16
N TYR A 207 9.51 94.69 -21.26
CA TYR A 207 9.44 94.93 -19.83
C TYR A 207 10.65 94.35 -19.14
N ASP A 208 10.93 94.88 -17.95
CA ASP A 208 12.03 94.37 -17.15
C ASP A 208 11.60 93.10 -16.43
N GLN A 209 12.40 92.05 -16.56
CA GLN A 209 12.15 90.76 -15.93
C GLN A 209 13.12 90.62 -14.76
N GLU A 210 12.58 90.59 -13.55
CA GLU A 210 13.36 90.48 -12.34
C GLU A 210 13.06 89.18 -11.61
N TYR A 211 14.12 88.51 -11.19
CA TYR A 211 14.04 87.26 -10.47
C TYR A 211 14.81 87.37 -9.16
N ASN A 212 14.37 86.60 -8.18
CA ASN A 212 15.12 86.38 -6.94
C ASN A 212 15.68 84.97 -7.02
N ILE A 213 17.00 84.86 -7.09
CA ILE A 213 17.66 83.58 -7.25
C ILE A 213 18.05 83.08 -5.87
N ARG A 214 17.61 81.88 -5.54
CA ARG A 214 18.04 81.17 -4.34
C ARG A 214 18.89 80.00 -4.76
N VAL A 215 20.06 79.90 -4.16
CA VAL A 215 20.94 78.75 -4.34
C VAL A 215 20.86 77.92 -3.08
N THR A 216 21.03 76.60 -3.23
CA THR A 216 21.11 75.69 -2.10
C THR A 216 22.17 74.66 -2.42
N MET A 217 23.09 74.47 -1.48
CA MET A 217 24.18 73.52 -1.61
C MET A 217 23.96 72.36 -0.65
N TYR A 218 24.31 71.17 -1.09
CA TYR A 218 24.34 69.98 -0.25
C TYR A 218 25.77 69.50 -0.18
N VAL A 219 26.41 69.72 0.96
CA VAL A 219 27.82 69.47 1.14
C VAL A 219 28.01 68.32 2.12
N GLN A 220 29.28 67.98 2.35
CA GLN A 220 29.63 66.88 3.23
C GLN A 220 31.02 67.15 3.79
N PHE A 221 31.08 67.47 5.08
CA PHE A 221 32.32 67.83 5.75
C PHE A 221 32.97 66.59 6.34
N ARG A 222 34.15 66.80 6.93
CA ARG A 222 34.93 65.72 7.49
C ARG A 222 35.97 66.30 8.42
N GLU A 223 36.42 65.49 9.38
CA GLU A 223 37.52 65.83 10.28
C GLU A 223 37.21 67.07 11.10
N PHE A 224 36.25 66.89 12.01
CA PHE A 224 35.94 67.83 13.06
C PHE A 224 37.20 68.35 13.74
N ASN A 225 37.41 69.67 13.67
CA ASN A 225 38.68 70.28 14.02
C ASN A 225 38.50 71.43 14.99
N LEU A 226 37.69 71.24 16.02
CA LEU A 226 37.45 72.33 16.95
C LEU A 226 38.66 72.53 17.84
N LYS A 227 38.83 73.76 18.31
CA LYS A 227 39.95 74.16 19.14
C LYS A 227 39.46 74.95 20.33
N ASP A 228 39.77 74.47 21.53
CA ASP A 228 39.29 75.02 22.79
C ASP A 228 40.45 75.57 23.60
N PRO A 229 40.87 76.80 23.33
CA PRO A 229 41.84 77.44 24.21
C PRO A 229 41.18 77.85 25.51
N PRO A 230 41.94 78.11 26.56
CA PRO A 230 41.33 78.64 27.78
C PRO A 230 40.82 80.06 27.61
N LEU A 231 40.27 80.62 28.69
CA LEU A 231 39.76 81.99 28.69
C LEU A 231 40.31 82.76 29.89
N GLY B 43 27.15 53.29 -39.61
CA GLY B 43 27.48 54.13 -38.45
C GLY B 43 26.37 55.06 -38.06
N ILE B 44 25.42 54.53 -37.32
CA ILE B 44 24.19 55.24 -37.00
C ILE B 44 24.46 56.21 -35.86
N PHE B 45 23.78 57.36 -35.93
CA PHE B 45 23.83 58.36 -34.87
C PHE B 45 22.49 59.08 -34.87
N ASN B 46 21.65 58.72 -33.92
CA ASN B 46 20.39 59.42 -33.71
C ASN B 46 20.63 60.62 -32.82
N THR B 47 20.19 61.79 -33.29
CA THR B 47 20.30 63.01 -32.52
C THR B 47 19.05 63.85 -32.70
N ARG B 48 19.15 65.11 -32.27
CA ARG B 48 18.02 66.02 -32.20
C ARG B 48 18.50 67.42 -32.55
N LEU B 49 17.83 68.03 -33.53
CA LEU B 49 18.17 69.35 -34.02
C LEU B 49 16.95 70.23 -33.92
N SER B 50 17.16 71.47 -33.48
CA SER B 50 16.10 72.42 -33.20
C SER B 50 16.34 73.74 -33.94
N ARG B 51 15.31 74.57 -33.91
CA ARG B 51 15.25 75.81 -34.65
C ARG B 51 14.01 76.55 -34.16
N THR B 52 14.13 77.86 -34.03
CA THR B 52 13.07 78.70 -33.47
C THR B 52 12.84 79.90 -34.37
N PHE B 53 11.56 80.23 -34.56
CA PHE B 53 11.18 81.35 -35.40
C PHE B 53 9.78 81.80 -35.01
N GLY B 54 9.39 82.95 -35.54
CA GLY B 54 8.13 83.57 -35.21
C GLY B 54 7.04 83.45 -36.24
N TYR B 55 5.79 83.57 -35.77
CA TYR B 55 4.62 83.57 -36.62
C TYR B 55 3.56 84.44 -35.95
N THR B 56 2.98 85.36 -36.72
CA THR B 56 1.98 86.28 -36.21
C THR B 56 0.74 86.22 -37.09
N ILE B 57 -0.41 86.25 -36.42
CA ILE B 57 -1.71 86.37 -37.07
C ILE B 57 -2.17 87.79 -36.79
N LYS B 58 -2.11 88.63 -37.81
CA LYS B 58 -2.46 90.04 -37.67
C LYS B 58 -3.95 90.19 -37.38
N ARG B 59 -4.28 91.33 -36.80
CA ARG B 59 -5.65 91.66 -36.43
C ARG B 59 -6.50 91.94 -37.66
N THR B 60 -7.81 91.83 -37.48
CA THR B 60 -8.79 92.11 -38.53
C THR B 60 -10.01 92.78 -37.92
N THR B 61 -10.53 93.79 -38.61
CA THR B 61 -11.78 94.43 -38.24
C THR B 61 -13.00 93.61 -38.63
N VAL B 62 -12.81 92.49 -39.35
CA VAL B 62 -13.93 91.66 -39.77
C VAL B 62 -14.66 91.14 -38.54
N LYS B 63 -15.99 91.17 -38.60
CA LYS B 63 -16.81 90.76 -37.47
C LYS B 63 -17.02 89.26 -37.43
N THR B 64 -17.14 88.62 -38.59
CA THR B 64 -17.43 87.21 -38.65
C THR B 64 -16.28 86.39 -38.09
N PRO B 65 -16.52 85.10 -37.81
CA PRO B 65 -15.41 84.21 -37.52
C PRO B 65 -14.74 83.77 -38.81
N SER B 66 -13.55 84.31 -39.06
CA SER B 66 -12.73 83.94 -40.19
C SER B 66 -11.43 83.32 -39.70
N TRP B 67 -10.82 82.52 -40.54
CA TRP B 67 -9.60 81.81 -40.22
C TRP B 67 -8.47 82.21 -41.16
N ALA B 68 -7.26 82.18 -40.60
CA ALA B 68 -6.04 82.48 -41.33
C ALA B 68 -5.30 81.18 -41.59
N VAL B 69 -5.06 80.88 -42.84
CA VAL B 69 -4.47 79.62 -43.26
C VAL B 69 -3.03 79.87 -43.65
N ASP B 70 -2.17 78.92 -43.30
CA ASP B 70 -0.76 78.98 -43.65
C ASP B 70 -0.21 77.57 -43.65
N MET B 71 1.00 77.45 -44.20
CA MET B 71 1.66 76.18 -44.39
C MET B 71 2.99 76.17 -43.64
N MET B 72 3.57 74.97 -43.55
CA MET B 72 4.81 74.78 -42.81
C MET B 72 5.56 73.59 -43.41
N ARG B 73 6.71 73.86 -44.01
CA ARG B 73 7.63 72.86 -44.52
C ARG B 73 8.84 72.77 -43.60
N PHE B 74 9.62 71.71 -43.79
CA PHE B 74 10.80 71.45 -42.99
C PHE B 74 11.95 71.05 -43.91
N ASN B 75 13.06 71.76 -43.80
CA ASN B 75 14.28 71.45 -44.52
C ASN B 75 15.44 71.39 -43.54
N ILE B 76 16.40 70.53 -43.85
CA ILE B 76 17.54 70.30 -42.95
C ILE B 76 18.61 71.37 -43.06
N ASN B 77 18.57 72.21 -44.10
CA ASN B 77 19.52 73.31 -44.18
C ASN B 77 19.28 74.32 -43.07
N ASP B 78 18.03 74.47 -42.64
CA ASP B 78 17.69 75.41 -41.59
C ASP B 78 18.06 74.92 -40.21
N PHE B 79 18.39 73.64 -40.05
CA PHE B 79 18.79 73.06 -38.79
C PHE B 79 20.26 72.72 -38.73
N LEU B 80 20.85 72.37 -39.87
CA LEU B 80 22.24 71.95 -39.97
C LEU B 80 23.04 72.96 -40.78
N PRO B 81 23.95 73.73 -40.18
CA PRO B 81 24.65 74.73 -40.97
C PRO B 81 25.71 74.10 -41.84
N PRO B 82 26.32 74.89 -42.73
CA PRO B 82 27.46 74.38 -43.48
C PRO B 82 28.69 74.26 -42.59
N GLY B 83 29.52 73.28 -42.91
CA GLY B 83 30.70 73.04 -42.13
C GLY B 83 31.86 73.92 -42.54
N GLY B 84 33.05 73.35 -42.55
CA GLY B 84 34.24 74.07 -42.94
C GLY B 84 35.34 73.17 -43.40
N GLY B 85 35.95 73.52 -44.53
CA GLY B 85 37.03 72.73 -45.08
C GLY B 85 36.57 71.57 -45.93
N SER B 86 37.25 70.44 -45.80
CA SER B 86 36.91 69.27 -46.57
C SER B 86 35.59 68.64 -46.15
N ASN B 87 35.09 69.00 -44.97
CA ASN B 87 33.79 68.53 -44.52
C ASN B 87 32.74 69.57 -44.89
N PRO B 88 31.85 69.30 -45.84
CA PRO B 88 30.93 70.36 -46.28
C PRO B 88 29.87 70.71 -45.27
N ARG B 89 29.55 69.81 -44.34
CA ARG B 89 28.54 70.02 -43.33
C ARG B 89 29.14 69.88 -41.94
N SER B 90 28.42 70.40 -40.96
CA SER B 90 28.92 70.47 -39.59
C SER B 90 28.78 69.16 -38.86
N VAL B 91 27.84 68.31 -39.27
CA VAL B 91 27.68 66.95 -38.76
C VAL B 91 28.31 66.00 -39.77
N PRO B 92 29.44 65.36 -39.49
CA PRO B 92 30.14 64.63 -40.54
C PRO B 92 29.54 63.26 -40.84
N PHE B 93 28.46 63.27 -41.61
CA PHE B 93 27.80 62.07 -42.05
C PHE B 93 27.36 62.26 -43.49
N GLU B 94 27.10 61.14 -44.16
CA GLU B 94 26.74 61.12 -45.57
C GLU B 94 25.23 61.10 -45.78
N TYR B 95 24.54 60.20 -45.12
CA TYR B 95 23.12 59.96 -45.33
C TYR B 95 22.33 60.40 -44.12
N TYR B 96 21.03 60.60 -44.33
CA TYR B 96 20.14 60.97 -43.26
C TYR B 96 18.72 60.53 -43.60
N ARG B 97 17.89 60.49 -42.58
CA ARG B 97 16.46 60.30 -42.77
C ARG B 97 15.76 60.82 -41.53
N ILE B 98 14.77 61.68 -41.74
CA ILE B 98 14.08 62.33 -40.64
C ILE B 98 13.04 61.37 -40.09
N ARG B 99 13.15 61.07 -38.80
CA ARG B 99 12.26 60.13 -38.13
C ARG B 99 10.99 60.79 -37.62
N LYS B 100 11.13 61.92 -36.94
CA LYS B 100 10.01 62.61 -36.34
C LYS B 100 10.30 64.10 -36.35
N VAL B 101 9.23 64.88 -36.22
CA VAL B 101 9.31 66.32 -36.01
C VAL B 101 8.33 66.69 -34.91
N LYS B 102 8.73 67.64 -34.08
CA LYS B 102 7.91 68.19 -33.02
C LYS B 102 7.80 69.68 -33.27
N VAL B 103 6.64 70.12 -33.68
CA VAL B 103 6.33 71.53 -33.84
C VAL B 103 5.63 72.00 -32.58
N GLU B 104 6.17 73.03 -31.95
CA GLU B 104 5.66 73.59 -30.72
C GLU B 104 5.31 75.04 -30.97
N PHE B 105 4.03 75.38 -30.81
CA PHE B 105 3.56 76.76 -30.84
C PHE B 105 3.59 77.28 -29.43
N TRP B 106 4.65 78.01 -29.10
CA TRP B 106 4.78 78.63 -27.81
C TRP B 106 4.14 80.01 -27.88
N PRO B 107 3.10 80.30 -27.09
CA PRO B 107 2.44 81.59 -27.23
C PRO B 107 3.29 82.74 -26.73
N CYS B 108 2.96 83.91 -27.27
CA CYS B 108 3.57 85.16 -26.88
C CYS B 108 2.59 86.10 -26.22
N SER B 109 1.35 85.69 -26.03
CA SER B 109 0.26 86.54 -25.62
C SER B 109 -0.10 86.26 -24.18
N PRO B 110 -0.59 87.26 -23.45
CA PRO B 110 -0.91 87.05 -22.04
C PRO B 110 -2.17 86.22 -21.88
N ILE B 111 -2.31 85.65 -20.68
CA ILE B 111 -3.50 84.87 -20.37
C ILE B 111 -4.73 85.71 -20.13
N THR B 112 -4.59 87.04 -20.11
CA THR B 112 -5.72 87.96 -19.98
C THR B 112 -6.27 88.41 -21.32
N GLN B 113 -5.72 87.94 -22.43
CA GLN B 113 -6.15 88.40 -23.74
C GLN B 113 -7.49 87.77 -24.09
N GLY B 114 -8.40 88.60 -24.57
CA GLY B 114 -9.72 88.16 -24.94
C GLY B 114 -9.86 87.91 -26.42
N ASP B 115 -11.11 87.83 -26.86
CA ASP B 115 -11.44 87.50 -28.25
C ASP B 115 -10.81 86.18 -28.64
N ARG B 116 -10.90 85.21 -27.73
CA ARG B 116 -10.31 83.91 -27.95
C ARG B 116 -10.99 83.21 -29.12
N GLY B 117 -10.33 82.15 -29.57
CA GLY B 117 -10.76 81.45 -30.75
C GLY B 117 -10.40 79.99 -30.74
N VAL B 118 -10.66 79.31 -31.85
CA VAL B 118 -10.42 77.87 -31.95
C VAL B 118 -10.05 77.55 -33.38
N GLY B 119 -8.93 76.85 -33.54
CA GLY B 119 -8.38 76.52 -34.83
C GLY B 119 -8.07 75.05 -34.98
N SER B 120 -7.24 74.73 -35.97
CA SER B 120 -6.97 73.35 -36.30
C SER B 120 -5.61 73.25 -36.96
N SER B 121 -4.88 72.19 -36.61
CA SER B 121 -3.62 71.85 -37.23
C SER B 121 -3.71 70.43 -37.78
N ALA B 122 -3.34 70.26 -39.04
CA ALA B 122 -3.41 68.98 -39.71
C ALA B 122 -2.08 68.65 -40.35
N VAL B 123 -1.91 67.36 -40.66
CA VAL B 123 -0.68 66.82 -41.19
C VAL B 123 -0.86 66.57 -42.68
N ILE B 124 -0.03 67.22 -43.49
CA ILE B 124 -0.18 67.25 -44.94
C ILE B 124 1.14 66.79 -45.54
N LEU B 125 1.19 65.53 -45.95
CA LEU B 125 2.44 64.88 -46.33
C LEU B 125 2.71 64.91 -47.83
N ASP B 126 2.20 65.90 -48.57
CA ASP B 126 2.25 65.85 -50.03
C ASP B 126 2.49 67.16 -50.75
N ASP B 127 2.71 68.27 -50.04
CA ASP B 127 3.08 69.54 -50.67
C ASP B 127 1.95 70.13 -51.48
N ASN B 128 0.71 69.82 -51.12
CA ASN B 128 -0.47 70.49 -51.68
C ASN B 128 -1.32 70.88 -50.49
N PHE B 129 -1.07 72.09 -50.01
CA PHE B 129 -1.77 72.67 -48.88
C PHE B 129 -2.99 73.43 -49.37
N VAL B 130 -3.90 73.69 -48.43
CA VAL B 130 -4.94 74.67 -48.69
C VAL B 130 -4.27 76.00 -48.93
N THR B 131 -4.81 76.76 -49.88
CA THR B 131 -4.20 78.02 -50.27
C THR B 131 -4.12 78.97 -49.10
N LYS B 132 -3.00 79.69 -49.03
CA LYS B 132 -2.81 80.66 -47.95
C LYS B 132 -3.86 81.75 -48.04
N ALA B 133 -4.52 81.99 -46.91
CA ALA B 133 -5.62 82.93 -46.83
C ALA B 133 -5.47 83.77 -45.58
N THR B 134 -5.96 85.01 -45.67
CA THR B 134 -5.93 85.94 -44.54
C THR B 134 -7.18 85.82 -43.69
N ALA B 135 -8.36 85.84 -44.32
CA ALA B 135 -9.63 85.72 -43.62
C ALA B 135 -10.55 84.84 -44.46
N LEU B 136 -10.47 83.54 -44.23
CA LEU B 136 -11.34 82.56 -44.87
C LEU B 136 -12.53 82.27 -43.98
N THR B 137 -13.69 82.09 -44.61
CA THR B 137 -14.96 81.99 -43.89
C THR B 137 -15.17 80.64 -43.21
N TYR B 138 -14.17 79.77 -43.17
CA TYR B 138 -14.34 78.46 -42.54
C TYR B 138 -12.95 77.92 -42.23
N ASP B 139 -12.94 76.88 -41.41
CA ASP B 139 -11.72 76.17 -41.04
C ASP B 139 -11.55 74.99 -41.98
N PRO B 140 -10.63 75.03 -42.94
CA PRO B 140 -10.54 73.91 -43.88
C PRO B 140 -10.01 72.64 -43.26
N TYR B 141 -9.14 72.75 -42.26
CA TYR B 141 -8.49 71.61 -41.67
C TYR B 141 -9.29 71.00 -40.53
N VAL B 142 -10.57 71.32 -40.43
CA VAL B 142 -11.36 70.90 -39.26
C VAL B 142 -11.80 69.45 -39.40
N ASN B 143 -12.20 69.04 -40.59
CA ASN B 143 -12.68 67.69 -40.82
C ASN B 143 -11.58 66.72 -41.18
N TYR B 144 -10.33 67.15 -41.17
CA TYR B 144 -9.22 66.26 -41.45
C TYR B 144 -9.05 65.24 -40.34
N SER B 145 -8.69 64.03 -40.73
CA SER B 145 -8.48 62.96 -39.78
C SER B 145 -7.32 63.22 -38.84
N SER B 146 -6.38 64.09 -39.23
CA SER B 146 -5.23 64.44 -38.41
C SER B 146 -5.41 65.80 -37.75
N ARG B 147 -6.63 66.26 -37.58
CA ARG B 147 -6.87 67.56 -36.98
C ARG B 147 -6.72 67.47 -35.47
N HIS B 148 -5.96 68.41 -34.92
CA HIS B 148 -5.93 68.68 -33.50
C HIS B 148 -6.41 70.11 -33.31
N THR B 149 -7.21 70.32 -32.29
CA THR B 149 -7.73 71.64 -32.00
C THR B 149 -6.65 72.54 -31.44
N ILE B 150 -6.62 73.77 -31.96
CA ILE B 150 -5.75 74.82 -31.45
C ILE B 150 -6.63 75.76 -30.66
N THR B 151 -6.46 75.74 -29.34
CA THR B 151 -6.98 76.80 -28.50
C THR B 151 -6.08 78.02 -28.63
N GLN B 152 -6.70 79.18 -28.77
CA GLN B 152 -6.02 80.44 -29.00
C GLN B 152 -6.40 81.44 -27.92
N PRO B 153 -5.58 82.46 -27.67
CA PRO B 153 -4.24 82.77 -28.17
C PRO B 153 -3.11 82.37 -27.25
N PHE B 154 -3.42 82.06 -26.00
CA PHE B 154 -2.43 81.92 -24.95
C PHE B 154 -2.20 80.47 -24.55
N SER B 155 -2.39 79.54 -25.47
CA SER B 155 -2.32 78.13 -25.19
C SER B 155 -1.29 77.45 -26.06
N TYR B 156 -0.63 76.48 -25.49
CA TYR B 156 0.43 75.73 -26.14
C TYR B 156 -0.15 74.61 -27.00
N HIS B 157 0.45 74.42 -28.17
CA HIS B 157 0.02 73.42 -29.13
C HIS B 157 1.24 72.70 -29.65
N SER B 158 1.26 71.38 -29.49
CA SER B 158 2.33 70.54 -29.99
C SER B 158 1.76 69.56 -31.01
N ARG B 159 2.59 69.20 -31.98
CA ARG B 159 2.29 68.17 -32.96
C ARG B 159 3.55 67.36 -33.17
N TYR B 160 3.43 66.05 -33.02
CA TYR B 160 4.55 65.11 -33.12
C TYR B 160 4.18 64.06 -34.15
N PHE B 161 4.93 64.03 -35.24
CA PHE B 161 4.58 63.21 -36.39
C PHE B 161 5.83 62.91 -37.18
N THR B 162 5.67 62.07 -38.19
CA THR B 162 6.74 61.63 -39.08
C THR B 162 6.56 62.28 -40.45
N PRO B 163 7.44 63.21 -40.85
CA PRO B 163 7.24 63.85 -42.15
C PRO B 163 7.65 62.95 -43.29
N LYS B 164 7.48 63.44 -44.52
CA LYS B 164 7.80 62.71 -45.72
C LYS B 164 8.51 63.67 -46.67
N PRO B 165 9.48 63.18 -47.44
CA PRO B 165 10.17 64.06 -48.38
C PRO B 165 9.43 64.22 -49.69
N VAL B 166 9.74 65.33 -50.36
CA VAL B 166 9.13 65.67 -51.64
C VAL B 166 10.05 65.11 -52.71
N LEU B 167 9.80 63.85 -53.09
CA LEU B 167 10.59 63.19 -54.11
C LEU B 167 10.13 63.58 -55.51
N ASP B 168 8.82 63.60 -55.73
CA ASP B 168 8.25 64.05 -57.00
C ASP B 168 7.01 64.86 -56.68
N SER B 169 7.09 66.17 -56.89
CA SER B 169 5.97 67.05 -56.62
C SER B 169 4.86 66.89 -57.65
N THR B 170 5.15 66.29 -58.80
CA THR B 170 4.12 66.08 -59.82
C THR B 170 3.18 64.94 -59.44
N ILE B 171 3.72 63.87 -58.88
CA ILE B 171 2.95 62.69 -58.54
C ILE B 171 2.63 62.69 -57.05
N ASP B 172 3.56 63.21 -56.24
CA ASP B 172 3.38 63.36 -54.81
C ASP B 172 3.11 62.01 -54.15
N TYR B 173 4.12 61.15 -54.21
CA TYR B 173 4.07 59.83 -53.59
C TYR B 173 4.94 59.82 -52.35
N PHE B 174 4.51 59.03 -51.36
CA PHE B 174 5.24 58.91 -50.11
C PHE B 174 5.05 57.52 -49.53
N GLN B 175 5.87 57.19 -48.64
CA GLN B 175 5.90 55.90 -47.98
C GLN B 175 5.06 55.90 -46.71
N PRO B 176 4.48 54.78 -46.33
CA PRO B 176 3.90 54.70 -45.00
C PRO B 176 4.96 54.59 -43.92
N ASN B 177 4.53 54.64 -42.67
CA ASN B 177 5.45 54.67 -41.56
C ASN B 177 6.04 53.29 -41.35
N ASN B 178 7.35 53.19 -41.52
CA ASN B 178 8.07 51.94 -41.29
C ASN B 178 9.50 52.33 -40.96
N LYS B 179 9.93 52.09 -39.73
CA LYS B 179 11.26 52.49 -39.34
C LYS B 179 12.33 51.71 -40.10
N ARG B 180 12.03 50.47 -40.48
CA ARG B 180 13.02 49.61 -41.10
C ARG B 180 13.16 49.86 -42.59
N ASN B 181 12.11 50.36 -43.24
CA ASN B 181 12.08 50.55 -44.67
C ASN B 181 12.15 52.00 -45.10
N GLN B 182 12.32 52.93 -44.17
CA GLN B 182 12.37 54.34 -44.52
C GLN B 182 13.61 54.63 -45.34
N LEU B 183 13.41 55.40 -46.40
CA LEU B 183 14.48 55.73 -47.32
C LEU B 183 15.54 56.57 -46.64
N TRP B 184 16.78 56.33 -47.04
CA TRP B 184 17.91 57.18 -46.69
C TRP B 184 18.12 58.18 -47.80
N LEU B 185 18.12 59.45 -47.45
CA LEU B 185 18.50 60.52 -48.35
C LEU B 185 19.94 60.89 -48.13
N ARG B 186 20.50 61.62 -49.09
CA ARG B 186 21.84 62.15 -48.98
C ARG B 186 21.80 63.52 -48.35
N LEU B 187 22.74 63.77 -47.46
CA LEU B 187 22.96 65.07 -46.86
C LEU B 187 23.76 65.90 -47.85
N GLN B 188 23.04 66.63 -48.68
CA GLN B 188 23.66 67.46 -49.69
C GLN B 188 24.39 68.63 -49.05
N THR B 189 25.11 69.37 -49.88
CA THR B 189 25.88 70.51 -49.39
C THR B 189 25.01 71.74 -49.21
N ALA B 190 24.26 72.14 -50.25
CA ALA B 190 23.38 73.29 -50.17
C ALA B 190 22.06 73.12 -50.91
N GLY B 191 21.60 71.89 -51.10
CA GLY B 191 20.44 71.62 -51.93
C GLY B 191 19.51 70.54 -51.44
N ASN B 192 19.41 70.39 -50.13
CA ASN B 192 18.60 69.33 -49.56
C ASN B 192 17.12 69.53 -49.89
N VAL B 193 16.39 68.42 -49.84
CA VAL B 193 15.00 68.36 -50.27
C VAL B 193 14.09 68.74 -49.11
N ASP B 194 12.98 69.38 -49.44
CA ASP B 194 12.06 69.86 -48.43
C ASP B 194 11.18 68.73 -47.94
N HIS B 195 11.11 68.58 -46.62
CA HIS B 195 10.14 67.72 -46.00
C HIS B 195 8.91 68.53 -45.64
N VAL B 196 7.79 67.82 -45.52
CA VAL B 196 6.48 68.45 -45.48
C VAL B 196 5.63 67.68 -44.48
N GLY B 197 4.52 68.29 -44.07
CA GLY B 197 3.72 67.68 -43.04
C GLY B 197 2.95 68.51 -42.03
N LEU B 198 2.83 69.82 -42.18
CA LEU B 198 1.92 70.54 -41.30
C LEU B 198 1.27 71.74 -41.97
N GLY B 199 -0.04 71.83 -41.77
CA GLY B 199 -0.79 73.00 -42.15
C GLY B 199 -1.72 73.40 -41.04
N THR B 200 -1.94 74.71 -40.92
CA THR B 200 -2.62 75.31 -39.79
C THR B 200 -3.76 76.20 -40.25
N ALA B 201 -4.67 76.46 -39.32
CA ALA B 201 -5.75 77.41 -39.51
C ALA B 201 -6.02 78.07 -38.18
N PHE B 202 -5.70 79.36 -38.08
CA PHE B 202 -5.88 80.14 -36.88
C PHE B 202 -7.05 81.11 -37.05
N GLU B 203 -7.89 81.18 -36.03
CA GLU B 203 -9.02 82.09 -36.04
C GLU B 203 -8.54 83.49 -35.73
N ASN B 204 -8.93 84.43 -36.59
CA ASN B 204 -8.48 85.80 -36.45
C ASN B 204 -9.13 86.47 -35.25
N SER B 205 -8.59 87.63 -34.89
CA SER B 205 -9.00 88.32 -33.68
C SER B 205 -8.77 89.81 -33.85
N ILE B 206 -9.33 90.59 -32.92
CA ILE B 206 -9.13 92.02 -32.92
C ILE B 206 -7.70 92.36 -32.53
N TYR B 207 -7.07 91.52 -31.73
CA TYR B 207 -5.70 91.70 -31.29
C TYR B 207 -4.76 90.81 -32.08
N ASP B 208 -3.50 91.23 -32.13
CA ASP B 208 -2.49 90.44 -32.81
C ASP B 208 -2.11 89.24 -31.97
N GLN B 209 -2.03 88.08 -32.61
CA GLN B 209 -1.68 86.82 -31.98
C GLN B 209 -0.30 86.39 -32.47
N GLU B 210 0.69 86.50 -31.60
CA GLU B 210 2.06 86.14 -31.91
C GLU B 210 2.42 84.80 -31.29
N TYR B 211 3.32 84.10 -31.96
CA TYR B 211 3.80 82.79 -31.52
C TYR B 211 5.28 82.67 -31.82
N ASN B 212 5.98 81.96 -30.95
CA ASN B 212 7.36 81.55 -31.17
C ASN B 212 7.35 80.05 -31.45
N ILE B 213 7.62 79.68 -32.69
CA ILE B 213 7.49 78.30 -33.12
C ILE B 213 8.86 77.64 -33.05
N ARG B 214 8.94 76.54 -32.31
CA ARG B 214 10.17 75.78 -32.14
C ARG B 214 9.96 74.42 -32.79
N VAL B 215 10.66 74.18 -33.89
CA VAL B 215 10.64 72.90 -34.59
C VAL B 215 11.86 72.11 -34.16
N THR B 216 11.63 70.86 -33.79
CA THR B 216 12.66 69.93 -33.39
C THR B 216 12.56 68.72 -34.29
N MET B 217 13.64 68.44 -35.03
CA MET B 217 13.71 67.28 -35.90
C MET B 217 14.58 66.21 -35.27
N TYR B 218 14.04 65.01 -35.20
CA TYR B 218 14.75 63.84 -34.71
C TYR B 218 15.26 63.06 -35.90
N VAL B 219 16.55 63.12 -36.14
CA VAL B 219 17.16 62.62 -37.37
C VAL B 219 18.03 61.41 -37.04
N GLN B 220 18.42 60.71 -38.10
CA GLN B 220 19.23 59.50 -37.99
C GLN B 220 20.19 59.54 -39.16
N PHE B 221 21.47 59.65 -38.86
CA PHE B 221 22.52 59.72 -39.85
C PHE B 221 23.19 58.37 -40.03
N ARG B 222 24.07 58.30 -41.04
CA ARG B 222 24.74 57.07 -41.40
C ARG B 222 26.04 57.39 -42.12
N GLU B 223 27.02 56.52 -41.95
CA GLU B 223 28.28 56.56 -42.66
C GLU B 223 29.06 57.85 -42.34
N PHE B 224 29.54 57.88 -41.10
CA PHE B 224 30.56 58.83 -40.66
C PHE B 224 31.65 58.98 -41.69
N ASN B 225 31.87 60.20 -42.16
CA ASN B 225 32.72 60.47 -43.31
C ASN B 225 33.65 61.63 -43.06
N LEU B 226 34.24 61.69 -41.87
CA LEU B 226 35.14 62.77 -41.56
C LEU B 226 36.39 62.68 -42.41
N LYS B 227 36.90 63.84 -42.81
CA LYS B 227 38.10 63.95 -43.61
C LYS B 227 39.13 64.75 -42.84
N ASP B 228 40.33 64.19 -42.71
CA ASP B 228 41.39 64.75 -41.87
C ASP B 228 42.63 64.97 -42.71
N PRO B 229 42.72 66.10 -43.41
CA PRO B 229 43.94 66.43 -44.10
C PRO B 229 45.02 66.88 -43.13
N PRO B 230 46.28 66.95 -43.57
CA PRO B 230 47.31 67.51 -42.69
C PRO B 230 47.15 69.00 -42.47
N LEU B 231 48.07 69.59 -41.71
CA LEU B 231 48.02 71.01 -41.38
C LEU B 231 49.42 71.63 -41.38
N GLY C 43 -23.03 49.41 -47.25
CA GLY C 43 -21.77 50.12 -47.31
C GLY C 43 -21.65 51.22 -46.29
N ILE C 44 -21.28 50.82 -45.08
CA ILE C 44 -21.28 51.74 -43.95
C ILE C 44 -20.04 52.60 -43.99
N PHE C 45 -20.19 53.84 -43.56
CA PHE C 45 -19.08 54.78 -43.42
C PHE C 45 -19.41 55.72 -42.28
N ASN C 46 -18.81 55.48 -41.12
CA ASN C 46 -18.92 56.37 -40.00
C ASN C 46 -17.90 57.49 -40.13
N THR C 47 -18.36 58.73 -40.04
CA THR C 47 -17.48 59.87 -40.09
C THR C 47 -17.94 60.93 -39.11
N ARG C 48 -17.40 62.13 -39.26
CA ARG C 48 -17.59 63.23 -38.32
C ARG C 48 -17.65 64.53 -39.10
N LEU C 49 -18.71 65.30 -38.87
CA LEU C 49 -18.95 66.56 -39.56
C LEU C 49 -19.15 67.64 -38.52
N SER C 50 -18.55 68.79 -38.77
CA SER C 50 -18.53 69.90 -37.83
C SER C 50 -19.01 71.18 -38.50
N ARG C 51 -19.23 72.18 -37.65
CA ARG C 51 -19.83 73.45 -38.02
C ARG C 51 -19.67 74.37 -36.82
N THR C 52 -19.39 75.64 -37.09
CA THR C 52 -19.10 76.62 -36.05
C THR C 52 -19.91 77.88 -36.30
N PHE C 53 -20.45 78.44 -35.23
CA PHE C 53 -21.26 79.65 -35.30
C PHE C 53 -21.27 80.32 -33.94
N GLY C 54 -21.79 81.54 -33.92
CA GLY C 54 -21.79 82.36 -32.73
C GLY C 54 -23.11 82.47 -32.01
N TYR C 55 -23.04 82.79 -30.73
CA TYR C 55 -24.20 83.05 -29.89
C TYR C 55 -23.80 84.05 -28.83
N THR C 56 -24.62 85.08 -28.67
CA THR C 56 -24.36 86.15 -27.71
C THR C 56 -25.57 86.35 -26.81
N ILE C 57 -25.29 86.55 -25.54
CA ILE C 57 -26.28 86.93 -24.54
C ILE C 57 -26.03 88.39 -24.24
N LYS C 58 -26.90 89.26 -24.75
CA LYS C 58 -26.72 90.69 -24.59
C LYS C 58 -26.89 91.10 -23.14
N ARG C 59 -26.34 92.25 -22.82
CA ARG C 59 -26.38 92.79 -21.47
C ARG C 59 -27.78 93.27 -21.11
N THR C 60 -28.02 93.39 -19.80
CA THR C 60 -29.28 93.88 -19.27
C THR C 60 -29.01 94.72 -18.03
N THR C 61 -29.73 95.84 -17.92
CA THR C 61 -29.70 96.68 -16.73
C THR C 61 -30.52 96.10 -15.58
N VAL C 62 -31.25 95.01 -15.82
CA VAL C 62 -32.05 94.39 -14.78
C VAL C 62 -31.16 93.96 -13.62
N LYS C 63 -31.62 94.23 -12.41
CA LYS C 63 -30.85 93.93 -11.21
C LYS C 63 -31.01 92.48 -10.77
N THR C 64 -32.21 91.93 -10.92
CA THR C 64 -32.49 90.60 -10.47
C THR C 64 -31.69 89.55 -11.23
N PRO C 65 -31.62 88.32 -10.72
CA PRO C 65 -31.09 87.24 -11.53
C PRO C 65 -32.14 86.75 -12.49
N SER C 66 -31.97 87.08 -13.77
CA SER C 66 -32.83 86.61 -14.84
C SER C 66 -32.02 85.76 -15.80
N TRP C 67 -32.72 84.89 -16.52
CA TRP C 67 -32.10 83.97 -17.45
C TRP C 67 -32.61 84.20 -18.86
N ALA C 68 -31.73 83.93 -19.82
CA ALA C 68 -32.01 84.04 -21.24
C ALA C 68 -32.15 82.65 -21.81
N VAL C 69 -33.30 82.36 -22.38
CA VAL C 69 -33.63 81.03 -22.87
C VAL C 69 -33.54 81.03 -24.38
N ASP C 70 -33.03 79.94 -24.93
CA ASP C 70 -32.93 79.77 -26.37
C ASP C 70 -32.89 78.28 -26.67
N MET C 71 -33.07 77.97 -27.95
CA MET C 71 -33.16 76.61 -28.44
C MET C 71 -32.05 76.33 -29.43
N MET C 72 -31.89 75.05 -29.76
CA MET C 72 -30.84 74.62 -30.68
C MET C 72 -31.29 73.34 -31.37
N ARG C 73 -31.48 73.43 -32.69
CA ARG C 73 -31.77 72.30 -33.55
C ARG C 73 -30.56 71.96 -34.37
N PHE C 74 -30.59 70.79 -35.00
CA PHE C 74 -29.49 70.28 -35.82
C PHE C 74 -30.05 69.73 -37.12
N ASN C 75 -29.55 70.24 -38.24
CA ASN C 75 -29.90 69.74 -39.56
C ASN C 75 -28.62 69.43 -40.32
N ILE C 76 -28.69 68.43 -41.19
CA ILE C 76 -27.52 67.97 -41.93
C ILE C 76 -27.19 68.84 -43.13
N ASN C 77 -28.12 69.71 -43.55
CA ASN C 77 -27.80 70.63 -44.64
C ASN C 77 -26.73 71.62 -44.23
N ASP C 78 -26.69 71.97 -42.95
CA ASP C 78 -25.71 72.92 -42.44
C ASP C 78 -24.32 72.31 -42.27
N PHE C 79 -24.21 70.98 -42.32
CA PHE C 79 -22.94 70.30 -42.22
C PHE C 79 -22.47 69.69 -43.52
N LEU C 80 -23.40 69.28 -44.38
CA LEU C 80 -23.10 68.63 -45.64
C LEU C 80 -23.53 69.52 -46.80
N PRO C 81 -22.62 70.09 -47.59
CA PRO C 81 -23.06 70.99 -48.65
C PRO C 81 -23.62 70.22 -49.82
N PRO C 82 -24.20 70.91 -50.78
CA PRO C 82 -24.61 70.25 -52.01
C PRO C 82 -23.42 69.89 -52.87
N GLY C 83 -23.55 68.78 -53.59
CA GLY C 83 -22.48 68.31 -54.42
C GLY C 83 -22.43 68.98 -55.76
N GLY C 84 -22.13 68.21 -56.80
CA GLY C 84 -22.06 68.72 -58.14
C GLY C 84 -22.25 67.66 -59.19
N GLY C 85 -23.11 67.93 -60.16
CA GLY C 85 -23.37 67.00 -61.23
C GLY C 85 -24.43 65.99 -60.89
N SER C 86 -24.20 64.75 -61.30
CA SER C 86 -25.16 63.69 -61.05
C SER C 86 -25.21 63.28 -59.59
N ASN C 87 -24.21 63.68 -58.80
CA ASN C 87 -24.22 63.42 -57.37
C ASN C 87 -24.80 64.64 -56.66
N PRO C 88 -26.00 64.58 -56.09
CA PRO C 88 -26.59 65.80 -55.54
C PRO C 88 -25.93 66.29 -54.27
N ARG C 89 -25.22 65.43 -53.55
CA ARG C 89 -24.56 65.77 -52.31
C ARG C 89 -23.07 65.47 -52.41
N SER C 90 -22.31 66.07 -51.50
CA SER C 90 -20.86 65.99 -51.55
C SER C 90 -20.32 64.68 -50.98
N VAL C 91 -21.09 64.04 -50.10
CA VAL C 91 -20.77 62.71 -49.59
C VAL C 91 -21.64 61.72 -50.35
N PRO C 92 -21.08 60.86 -51.21
CA PRO C 92 -21.94 60.06 -52.09
C PRO C 92 -22.54 58.83 -51.41
N PHE C 93 -23.59 59.07 -50.64
CA PHE C 93 -24.32 58.02 -49.98
C PHE C 93 -25.81 58.35 -50.05
N GLU C 94 -26.63 57.32 -49.86
CA GLU C 94 -28.08 57.42 -49.95
C GLU C 94 -28.74 57.68 -48.61
N TYR C 95 -28.41 56.89 -47.60
CA TYR C 95 -29.05 56.91 -46.31
C TYR C 95 -28.10 57.43 -45.25
N TYR C 96 -28.69 57.86 -44.14
CA TYR C 96 -27.89 58.34 -43.02
C TYR C 96 -28.71 58.17 -41.74
N ARG C 97 -28.00 58.24 -40.62
CA ARG C 97 -28.62 58.31 -39.32
C ARG C 97 -27.61 58.91 -38.35
N ILE C 98 -28.03 59.93 -37.62
CA ILE C 98 -27.14 60.64 -36.73
C ILE C 98 -27.02 59.86 -35.43
N ARG C 99 -25.79 59.49 -35.08
CA ARG C 99 -25.52 58.69 -33.90
C ARG C 99 -25.36 59.55 -32.65
N LYS C 100 -24.57 60.60 -32.74
CA LYS C 100 -24.27 61.46 -31.60
C LYS C 100 -24.06 62.87 -32.10
N VAL C 101 -24.19 63.83 -31.18
CA VAL C 101 -23.82 65.21 -31.42
C VAL C 101 -23.05 65.70 -30.20
N LYS C 102 -22.05 66.53 -30.48
CA LYS C 102 -21.24 67.18 -29.45
C LYS C 102 -21.36 68.68 -29.67
N VAL C 103 -22.07 69.33 -28.77
CA VAL C 103 -22.17 70.78 -28.76
C VAL C 103 -21.16 71.32 -27.77
N GLU C 104 -20.30 72.21 -28.25
CA GLU C 104 -19.23 72.80 -27.46
C GLU C 104 -19.44 74.29 -27.43
N PHE C 105 -19.65 74.83 -26.23
CA PHE C 105 -19.70 76.28 -26.02
C PHE C 105 -18.28 76.74 -25.68
N TRP C 106 -17.59 77.25 -26.69
CA TRP C 106 -16.27 77.79 -26.49
C TRP C 106 -16.39 79.26 -26.12
N PRO C 107 -15.93 79.69 -24.96
CA PRO C 107 -16.15 81.09 -24.57
C PRO C 107 -15.31 82.05 -25.40
N CYS C 108 -15.80 83.28 -25.45
CA CYS C 108 -15.14 84.38 -26.08
C CYS C 108 -14.71 85.46 -25.09
N SER C 109 -14.96 85.26 -23.82
CA SER C 109 -14.82 86.26 -22.80
C SER C 109 -13.58 86.00 -21.95
N PRO C 110 -12.95 87.05 -21.42
CA PRO C 110 -11.74 86.83 -20.64
C PRO C 110 -12.03 86.23 -19.29
N ILE C 111 -11.00 85.64 -18.69
CA ILE C 111 -11.14 85.07 -17.35
C ILE C 111 -11.22 86.12 -16.26
N THR C 112 -11.02 87.39 -16.59
CA THR C 112 -11.16 88.48 -15.63
C THR C 112 -12.56 89.08 -15.61
N GLN C 113 -13.49 88.56 -16.41
CA GLN C 113 -14.81 89.15 -16.49
C GLN C 113 -15.60 88.79 -15.25
N GLY C 114 -16.26 89.78 -14.67
CA GLY C 114 -17.06 89.60 -13.48
C GLY C 114 -18.53 89.44 -13.79
N ASP C 115 -19.34 89.60 -12.74
CA ASP C 115 -20.78 89.40 -12.82
C ASP C 115 -21.08 87.99 -13.33
N ARG C 116 -20.34 87.03 -12.81
CA ARG C 116 -20.50 85.65 -13.23
C ARG C 116 -21.86 85.13 -12.86
N GLY C 117 -22.20 83.98 -13.44
CA GLY C 117 -23.51 83.42 -13.32
C GLY C 117 -23.53 81.92 -13.41
N VAL C 118 -24.73 81.34 -13.42
CA VAL C 118 -24.88 79.90 -13.45
C VAL C 118 -26.16 79.57 -14.21
N GLY C 119 -26.04 78.70 -15.19
CA GLY C 119 -27.13 78.33 -16.07
C GLY C 119 -27.31 76.84 -16.18
N SER C 120 -28.02 76.42 -17.21
CA SER C 120 -28.39 75.02 -17.36
C SER C 120 -28.61 74.71 -18.82
N SER C 121 -28.16 73.52 -19.23
CA SER C 121 -28.39 72.98 -20.56
C SER C 121 -29.07 71.63 -20.42
N ALA C 122 -30.17 71.46 -21.15
CA ALA C 122 -30.96 70.23 -21.10
C ALA C 122 -31.19 69.70 -22.50
N VAL C 123 -31.54 68.42 -22.55
CA VAL C 123 -31.73 67.68 -23.80
C VAL C 123 -33.21 67.53 -24.04
N ILE C 124 -33.67 68.05 -25.18
CA ILE C 124 -35.09 68.18 -25.51
C ILE C 124 -35.30 67.52 -26.86
N LEU C 125 -35.79 66.28 -26.84
CA LEU C 125 -35.83 65.45 -28.03
C LEU C 125 -37.18 65.48 -28.75
N ASP C 126 -37.94 66.58 -28.67
CA ASP C 126 -39.31 66.58 -29.17
C ASP C 126 -39.79 67.86 -29.83
N ASP C 127 -38.95 68.88 -29.97
CA ASP C 127 -39.30 70.09 -30.72
C ASP C 127 -40.37 70.91 -30.01
N ASN C 128 -40.43 70.81 -28.68
CA ASN C 128 -41.25 71.70 -27.87
C ASN C 128 -40.35 72.19 -26.75
N PHE C 129 -39.71 73.30 -27.02
CA PHE C 129 -38.79 73.95 -26.10
C PHE C 129 -39.56 74.94 -25.24
N VAL C 130 -38.92 75.32 -24.12
CA VAL C 130 -39.38 76.48 -23.38
C VAL C 130 -39.29 77.68 -24.30
N THR C 131 -40.28 78.56 -24.20
CA THR C 131 -40.36 79.70 -25.09
C THR C 131 -39.12 80.57 -24.95
N LYS C 132 -38.64 81.08 -26.08
CA LYS C 132 -37.48 81.95 -26.07
C LYS C 132 -37.78 83.22 -25.28
N ALA C 133 -36.89 83.53 -24.34
CA ALA C 133 -37.05 84.64 -23.43
C ALA C 133 -35.74 85.39 -23.31
N THR C 134 -35.85 86.69 -23.08
CA THR C 134 -34.69 87.56 -22.89
C THR C 134 -34.28 87.63 -21.43
N ALA C 135 -35.23 87.88 -20.53
CA ALA C 135 -34.97 87.95 -19.09
C ALA C 135 -36.13 87.28 -18.38
N LEU C 136 -36.01 85.98 -18.17
CA LEU C 136 -36.97 85.20 -17.41
C LEU C 136 -36.52 85.09 -15.96
N THR C 137 -37.48 85.14 -15.05
CA THR C 137 -37.20 85.23 -13.63
C THR C 137 -36.75 83.92 -12.99
N TYR C 138 -36.49 82.89 -13.78
CA TYR C 138 -36.07 81.61 -13.23
C TYR C 138 -35.39 80.82 -14.34
N ASP C 139 -34.71 79.76 -13.94
CA ASP C 139 -34.07 78.84 -14.86
C ASP C 139 -35.00 77.68 -15.13
N PRO C 140 -35.63 77.59 -16.30
CA PRO C 140 -36.60 76.51 -16.50
C PRO C 140 -35.97 75.15 -16.60
N TYR C 141 -34.76 75.06 -17.12
CA TYR C 141 -34.10 73.80 -17.37
C TYR C 141 -33.33 73.29 -16.17
N VAL C 142 -33.59 73.82 -14.97
CA VAL C 142 -32.76 73.51 -13.82
C VAL C 142 -33.16 72.17 -13.22
N ASN C 143 -34.46 71.87 -13.16
CA ASN C 143 -34.94 70.64 -12.56
C ASN C 143 -35.05 69.51 -13.56
N TYR C 144 -34.61 69.72 -14.80
CA TYR C 144 -34.63 68.66 -15.78
C TYR C 144 -33.62 67.58 -15.44
N SER C 145 -33.99 66.34 -15.71
CA SER C 145 -33.13 65.21 -15.44
C SER C 145 -31.86 65.23 -16.27
N SER C 146 -31.86 65.92 -17.40
CA SER C 146 -30.71 66.04 -18.27
C SER C 146 -30.00 67.38 -18.12
N ARG C 147 -30.16 68.04 -16.98
CA ARG C 147 -29.54 69.33 -16.78
C ARG C 147 -28.08 69.16 -16.43
N HIS C 148 -27.24 69.92 -17.10
CA HIS C 148 -25.85 70.13 -16.73
C HIS C 148 -25.69 71.61 -16.44
N THR C 149 -24.95 71.91 -15.40
CA THR C 149 -24.71 73.29 -15.02
C THR C 149 -23.77 73.97 -16.00
N ILE C 150 -24.12 75.19 -16.38
CA ILE C 150 -23.28 76.05 -17.20
C ILE C 150 -22.70 77.09 -16.26
N THR C 151 -21.42 76.99 -16.01
CA THR C 151 -20.68 78.09 -15.42
C THR C 151 -20.40 79.14 -16.49
N GLN C 152 -20.61 80.40 -16.13
CA GLN C 152 -20.51 81.52 -17.04
C GLN C 152 -19.52 82.52 -16.49
N PRO C 153 -18.93 83.37 -17.35
CA PRO C 153 -18.96 83.46 -18.80
C PRO C 153 -17.79 82.83 -19.52
N PHE C 154 -16.72 82.53 -18.78
CA PHE C 154 -15.43 82.16 -19.35
C PHE C 154 -15.13 80.69 -19.21
N SER C 155 -16.15 79.85 -19.19
CA SER C 155 -16.00 78.44 -18.93
C SER C 155 -16.58 77.63 -20.08
N TYR C 156 -15.92 76.52 -20.37
CA TYR C 156 -16.28 75.63 -21.45
C TYR C 156 -17.37 74.67 -21.00
N HIS C 157 -18.32 74.43 -21.90
CA HIS C 157 -19.46 73.56 -21.64
C HIS C 157 -19.65 72.65 -22.85
N SER C 158 -19.61 71.35 -22.62
CA SER C 158 -19.85 70.35 -23.64
C SER C 158 -21.07 69.52 -23.28
N ARG C 159 -21.77 69.07 -24.31
CA ARG C 159 -22.90 68.15 -24.17
C ARG C 159 -22.79 67.13 -25.29
N TYR C 160 -22.80 65.86 -24.93
CA TYR C 160 -22.65 64.75 -25.86
C TYR C 160 -23.84 63.82 -25.69
N PHE C 161 -24.65 63.72 -26.72
CA PHE C 161 -25.91 63.02 -26.63
C PHE C 161 -26.31 62.53 -28.02
N THR C 162 -27.41 61.77 -28.05
CA THR C 162 -27.96 61.19 -29.25
C THR C 162 -29.25 61.92 -29.63
N PRO C 163 -29.28 62.69 -30.72
CA PRO C 163 -30.50 63.40 -31.04
C PRO C 163 -31.55 62.50 -31.65
N LYS C 164 -32.71 63.07 -31.94
CA LYS C 164 -33.83 62.34 -32.51
C LYS C 164 -34.43 63.18 -33.63
N PRO C 165 -34.89 62.58 -34.71
CA PRO C 165 -35.50 63.36 -35.78
C PRO C 165 -36.96 63.70 -35.53
N VAL C 166 -37.38 64.76 -36.20
CA VAL C 166 -38.75 65.25 -36.10
C VAL C 166 -39.54 64.58 -37.21
N LEU C 167 -40.09 63.41 -36.90
CA LEU C 167 -40.89 62.66 -37.85
C LEU C 167 -42.31 63.18 -37.92
N ASP C 168 -42.92 63.44 -36.78
CA ASP C 168 -44.25 64.04 -36.71
C ASP C 168 -44.25 65.05 -35.57
N SER C 169 -44.29 66.33 -35.92
CA SER C 169 -44.31 67.38 -34.92
C SER C 169 -45.64 67.46 -34.18
N THR C 170 -46.70 66.87 -34.71
CA THR C 170 -47.99 66.89 -34.06
C THR C 170 -48.03 65.92 -32.88
N ILE C 171 -47.43 64.75 -33.04
CA ILE C 171 -47.45 63.70 -32.03
C ILE C 171 -46.14 63.71 -31.26
N ASP C 172 -45.05 64.02 -31.95
CA ASP C 172 -43.73 64.14 -31.36
C ASP C 172 -43.32 62.83 -30.69
N TYR C 173 -43.14 61.81 -31.52
CA TYR C 173 -42.70 60.49 -31.08
C TYR C 173 -41.25 60.28 -31.48
N PHE C 174 -40.52 59.53 -30.66
CA PHE C 174 -39.14 59.23 -30.93
C PHE C 174 -38.78 57.88 -30.34
N GLN C 175 -37.70 57.38 -30.77
CA GLN C 175 -37.20 56.08 -30.40
C GLN C 175 -36.24 56.18 -29.22
N PRO C 176 -36.17 55.16 -28.37
CA PRO C 176 -35.09 55.12 -27.39
C PRO C 176 -33.76 54.79 -28.03
N ASN C 177 -32.70 54.86 -27.24
CA ASN C 177 -31.37 54.67 -27.76
C ASN C 177 -31.11 53.21 -28.04
N ASN C 178 -30.88 52.88 -29.30
CA ASN C 178 -30.56 51.52 -29.71
C ASN C 178 -29.78 51.63 -30.99
N LYS C 179 -28.51 51.26 -30.97
CA LYS C 179 -27.71 51.41 -32.16
C LYS C 179 -28.16 50.49 -33.27
N ARG C 180 -28.73 49.34 -32.92
CA ARG C 180 -29.09 48.35 -33.92
C ARG C 180 -30.44 48.63 -34.56
N ASN C 181 -31.32 49.33 -33.85
CA ASN C 181 -32.68 49.58 -34.31
C ASN C 181 -32.93 51.01 -34.74
N GLN C 182 -31.91 51.86 -34.74
CA GLN C 182 -32.09 53.25 -35.12
C GLN C 182 -32.47 53.36 -36.58
N LEU C 183 -33.46 54.19 -36.86
CA LEU C 183 -33.97 54.35 -38.19
C LEU C 183 -32.93 54.98 -39.11
N TRP C 184 -32.94 54.53 -40.36
CA TRP C 184 -32.18 55.16 -41.43
C TRP C 184 -33.09 56.15 -42.14
N LEU C 185 -32.63 57.38 -42.22
CA LEU C 185 -33.28 58.40 -43.02
C LEU C 185 -32.59 58.49 -44.37
N ARG C 186 -33.26 59.17 -45.29
CA ARG C 186 -32.69 59.44 -46.60
C ARG C 186 -31.99 60.78 -46.58
N LEU C 187 -30.83 60.81 -47.21
CA LEU C 187 -30.07 62.02 -47.43
C LEU C 187 -30.69 62.74 -48.62
N GLN C 188 -31.63 63.63 -48.33
CA GLN C 188 -32.32 64.37 -49.36
C GLN C 188 -31.37 65.37 -50.01
N THR C 189 -31.87 66.01 -51.07
CA THR C 189 -31.07 66.97 -51.81
C THR C 189 -31.04 68.32 -51.12
N ALA C 190 -32.23 68.88 -50.81
CA ALA C 190 -32.30 70.18 -50.14
C ALA C 190 -33.42 70.27 -49.11
N GLY C 191 -33.86 69.15 -48.56
CA GLY C 191 -35.03 69.13 -47.69
C GLY C 191 -34.93 68.21 -46.50
N ASN C 192 -33.75 68.03 -45.97
CA ASN C 192 -33.55 67.11 -44.87
C ASN C 192 -34.30 67.57 -43.61
N VAL C 193 -34.57 66.61 -42.75
CA VAL C 193 -35.41 66.82 -41.58
C VAL C 193 -34.55 67.29 -40.41
N ASP C 194 -35.14 68.14 -39.57
CA ASP C 194 -34.42 68.74 -38.46
C ASP C 194 -34.33 67.76 -37.32
N HIS C 195 -33.12 67.56 -36.81
CA HIS C 195 -32.90 66.86 -35.57
C HIS C 195 -32.86 67.86 -34.43
N VAL C 196 -33.16 67.36 -33.24
CA VAL C 196 -33.46 68.20 -32.10
C VAL C 196 -32.84 67.56 -30.86
N GLY C 197 -32.73 68.34 -29.78
CA GLY C 197 -32.06 67.83 -28.62
C GLY C 197 -31.26 68.74 -27.71
N LEU C 198 -31.31 70.06 -27.85
CA LEU C 198 -30.69 70.89 -26.83
C LEU C 198 -31.40 72.21 -26.62
N GLY C 199 -31.60 72.53 -25.35
CA GLY C 199 -32.09 73.83 -24.94
C GLY C 199 -31.28 74.34 -23.78
N THR C 200 -31.12 75.66 -23.74
CA THR C 200 -30.19 76.32 -22.84
C THR C 200 -30.89 77.41 -22.05
N ALA C 201 -30.25 77.79 -20.95
CA ALA C 201 -30.68 78.93 -20.15
C ALA C 201 -29.43 79.58 -19.58
N PHE C 202 -29.12 80.78 -20.04
CA PHE C 202 -27.96 81.53 -19.62
C PHE C 202 -28.39 82.69 -18.73
N GLU C 203 -27.66 82.87 -17.63
CA GLU C 203 -27.93 83.96 -16.71
C GLU C 203 -27.37 85.25 -17.28
N ASN C 204 -28.20 86.28 -17.33
CA ASN C 204 -27.81 87.53 -17.92
C ASN C 204 -26.81 88.25 -17.04
N SER C 205 -26.20 89.29 -17.60
CA SER C 205 -25.10 89.99 -16.95
C SER C 205 -25.06 91.43 -17.45
N ILE C 206 -24.28 92.24 -16.75
CA ILE C 206 -24.07 93.62 -17.16
C ILE C 206 -23.24 93.69 -18.43
N TYR C 207 -22.38 92.71 -18.64
CA TYR C 207 -21.51 92.64 -19.81
C TYR C 207 -22.06 91.62 -20.80
N ASP C 208 -21.70 91.82 -22.06
CA ASP C 208 -22.10 90.89 -23.10
C ASP C 208 -21.31 89.60 -23.00
N GLN C 209 -22.00 88.47 -23.10
CA GLN C 209 -21.40 87.15 -23.03
C GLN C 209 -21.49 86.52 -24.41
N GLU C 210 -20.35 86.40 -25.08
CA GLU C 210 -20.28 85.82 -26.41
C GLU C 210 -19.71 84.41 -26.34
N TYR C 211 -20.12 83.58 -27.29
CA TYR C 211 -19.69 82.20 -27.39
C TYR C 211 -19.53 81.84 -28.86
N ASN C 212 -18.56 80.97 -29.13
CA ASN C 212 -18.39 80.33 -30.43
C ASN C 212 -18.80 78.88 -30.26
N ILE C 213 -19.92 78.51 -30.85
CA ILE C 213 -20.50 77.20 -30.66
C ILE C 213 -20.09 76.31 -31.81
N ARG C 214 -19.46 75.18 -31.49
CA ARG C 214 -19.00 74.20 -32.46
C ARG C 214 -19.81 72.93 -32.26
N VAL C 215 -20.66 72.62 -33.23
CA VAL C 215 -21.45 71.40 -33.24
C VAL C 215 -20.74 70.38 -34.12
N THR C 216 -20.58 69.18 -33.60
CA THR C 216 -19.98 68.07 -34.30
C THR C 216 -20.98 66.92 -34.30
N MET C 217 -21.39 66.50 -35.49
CA MET C 217 -22.29 65.38 -35.65
C MET C 217 -21.53 64.15 -36.10
N TYR C 218 -21.74 63.05 -35.39
CA TYR C 218 -21.16 61.76 -35.72
C TYR C 218 -22.22 60.95 -36.44
N VAL C 219 -22.05 60.80 -37.75
CA VAL C 219 -23.08 60.25 -38.62
C VAL C 219 -22.61 58.90 -39.14
N GLN C 220 -23.56 58.18 -39.74
CA GLN C 220 -23.33 56.85 -40.27
C GLN C 220 -24.14 56.76 -41.55
N PHE C 221 -23.45 56.62 -42.67
CA PHE C 221 -24.06 56.56 -43.98
C PHE C 221 -24.17 55.12 -44.47
N ARG C 222 -24.86 54.94 -45.58
CA ARG C 222 -25.11 53.62 -46.13
C ARG C 222 -25.36 53.75 -47.62
N GLU C 223 -24.99 52.70 -48.35
CA GLU C 223 -25.28 52.55 -49.77
C GLU C 223 -24.61 53.65 -50.60
N PHE C 224 -23.30 53.56 -50.67
CA PHE C 224 -22.47 54.28 -51.62
C PHE C 224 -23.10 54.28 -53.00
N ASN C 225 -23.36 55.47 -53.54
CA ASN C 225 -24.17 55.63 -54.73
C ASN C 225 -23.54 56.59 -55.71
N LEU C 226 -22.23 56.51 -55.88
CA LEU C 226 -21.55 57.40 -56.80
C LEU C 226 -21.99 57.12 -58.22
N LYS C 227 -22.11 58.19 -59.00
CA LYS C 227 -22.49 58.12 -60.41
C LYS C 227 -21.37 58.70 -61.26
N ASP C 228 -20.94 57.93 -62.25
CA ASP C 228 -19.76 58.25 -63.06
C ASP C 228 -20.16 58.29 -64.53
N PRO C 229 -20.69 59.41 -65.00
CA PRO C 229 -20.94 59.54 -66.42
C PRO C 229 -19.65 59.76 -67.18
N PRO C 230 -19.67 59.63 -68.50
CA PRO C 230 -18.47 59.96 -69.28
C PRO C 230 -18.18 61.44 -69.30
N LEU C 231 -17.12 61.82 -70.01
CA LEU C 231 -16.68 63.21 -70.08
C LEU C 231 -16.21 63.58 -71.48
N GLY D 43 -46.56 54.73 -2.12
CA GLY D 43 -46.15 55.18 -3.44
C GLY D 43 -45.04 56.19 -3.41
N ILE D 44 -43.82 55.69 -3.27
CA ILE D 44 -42.67 56.53 -3.06
C ILE D 44 -42.21 57.13 -4.37
N PHE D 45 -41.74 58.37 -4.30
CA PHE D 45 -41.17 59.05 -5.45
C PHE D 45 -40.10 60.00 -4.93
N ASN D 46 -38.84 59.61 -5.06
CA ASN D 46 -37.72 60.47 -4.73
C ASN D 46 -37.41 61.35 -5.92
N THR D 47 -37.34 62.66 -5.68
CA THR D 47 -36.99 63.61 -6.73
C THR D 47 -36.12 64.70 -6.15
N ARG D 48 -35.96 65.78 -6.91
CA ARG D 48 -35.03 66.85 -6.62
C ARG D 48 -35.65 68.16 -7.05
N LEU D 49 -35.70 69.11 -6.13
CA LEU D 49 -36.29 70.42 -6.34
C LEU D 49 -35.26 71.48 -6.02
N SER D 50 -35.19 72.51 -6.86
CA SER D 50 -34.20 73.55 -6.76
C SER D 50 -34.85 74.92 -6.76
N ARG D 51 -34.02 75.92 -6.44
CA ARG D 51 -34.43 77.29 -6.23
C ARG D 51 -33.16 78.12 -6.14
N THR D 52 -33.19 79.32 -6.72
CA THR D 52 -32.03 80.18 -6.81
C THR D 52 -32.40 81.58 -6.37
N PHE D 53 -31.50 82.21 -5.61
CA PHE D 53 -31.71 83.54 -5.10
C PHE D 53 -30.36 84.15 -4.76
N GLY D 54 -30.38 85.45 -4.48
CA GLY D 54 -29.17 86.21 -4.23
C GLY D 54 -28.91 86.56 -2.78
N TYR D 55 -27.65 86.81 -2.48
CA TYR D 55 -27.20 87.25 -1.17
C TYR D 55 -25.97 88.12 -1.36
N THR D 56 -25.98 89.29 -0.73
CA THR D 56 -24.89 90.25 -0.84
C THR D 56 -24.41 90.65 0.53
N ILE D 57 -23.10 90.74 0.68
CA ILE D 57 -22.43 91.27 1.86
C ILE D 57 -21.92 92.65 1.47
N LYS D 58 -22.60 93.69 1.96
CA LYS D 58 -22.25 95.04 1.60
C LYS D 58 -20.89 95.42 2.16
N ARG D 59 -20.29 96.44 1.56
CA ARG D 59 -18.98 96.92 1.94
C ARG D 59 -19.04 97.66 3.27
N THR D 60 -17.88 97.77 3.91
CA THR D 60 -17.72 98.49 5.16
C THR D 60 -16.39 99.21 5.18
N THR D 61 -16.41 100.44 5.69
CA THR D 61 -15.19 101.21 5.91
C THR D 61 -14.42 100.77 7.15
N VAL D 62 -15.00 99.86 7.94
CA VAL D 62 -14.33 99.37 9.15
C VAL D 62 -13.00 98.73 8.79
N LYS D 63 -11.97 99.04 9.57
CA LYS D 63 -10.63 98.54 9.30
C LYS D 63 -10.42 97.14 9.85
N THR D 64 -11.00 96.85 11.00
CA THR D 64 -10.79 95.58 11.66
C THR D 64 -11.36 94.43 10.84
N PRO D 65 -10.97 93.20 11.16
CA PRO D 65 -11.69 92.05 10.59
C PRO D 65 -12.98 91.82 11.33
N SER D 66 -14.08 92.15 10.69
CA SER D 66 -15.42 91.90 11.21
C SER D 66 -16.15 90.95 10.29
N TRP D 67 -17.14 90.27 10.86
CA TRP D 67 -17.91 89.27 10.13
C TRP D 67 -19.38 89.65 10.10
N ALA D 68 -20.02 89.25 9.00
CA ALA D 68 -21.45 89.46 8.77
C ALA D 68 -22.17 88.15 8.96
N VAL D 69 -23.10 88.12 9.88
CA VAL D 69 -23.80 86.90 10.26
C VAL D 69 -25.20 86.94 9.67
N ASP D 70 -25.66 85.78 9.22
CA ASP D 70 -27.00 85.65 8.68
C ASP D 70 -27.42 84.20 8.79
N MET D 71 -28.71 83.98 8.59
CA MET D 71 -29.35 82.69 8.75
C MET D 71 -29.96 82.23 7.43
N MET D 72 -30.35 80.95 7.41
CA MET D 72 -30.91 80.35 6.20
C MET D 72 -31.84 79.22 6.61
N ARG D 73 -33.13 79.39 6.34
CA ARG D 73 -34.15 78.38 6.52
C ARG D 73 -34.58 77.83 5.17
N PHE D 74 -35.30 76.71 5.21
CA PHE D 74 -35.77 76.03 4.01
C PHE D 74 -37.22 75.65 4.19
N ASN D 75 -38.07 76.09 3.26
CA ASN D 75 -39.47 75.71 3.22
C ASN D 75 -39.81 75.19 1.84
N ILE D 76 -40.76 74.26 1.80
CA ILE D 76 -41.12 73.59 0.55
C ILE D 76 -42.07 74.43 -0.30
N ASN D 77 -42.67 75.48 0.25
CA ASN D 77 -43.50 76.36 -0.56
C ASN D 77 -42.66 77.10 -1.59
N ASP D 78 -41.41 77.38 -1.26
CA ASP D 78 -40.52 78.10 -2.17
C ASP D 78 -39.99 77.22 -3.28
N PHE D 79 -40.14 75.91 -3.18
CA PHE D 79 -39.69 74.98 -4.20
C PHE D 79 -40.84 74.35 -4.96
N LEU D 80 -41.98 74.16 -4.32
CA LEU D 80 -43.15 73.50 -4.90
C LEU D 80 -44.28 74.51 -5.04
N PRO D 81 -44.68 74.91 -6.25
CA PRO D 81 -45.72 75.91 -6.36
C PRO D 81 -47.09 75.32 -6.09
N PRO D 82 -48.11 76.16 -5.99
CA PRO D 82 -49.47 75.63 -5.90
C PRO D 82 -49.92 75.06 -7.24
N GLY D 83 -50.76 74.04 -7.15
CA GLY D 83 -51.25 73.39 -8.34
C GLY D 83 -52.44 74.09 -8.95
N GLY D 84 -53.39 73.31 -9.43
CA GLY D 84 -54.58 73.86 -10.04
C GLY D 84 -55.73 72.89 -10.03
N GLY D 85 -56.90 73.37 -9.60
CA GLY D 85 -58.09 72.55 -9.55
C GLY D 85 -58.20 71.76 -8.28
N SER D 86 -58.65 70.51 -8.41
CA SER D 86 -58.82 69.64 -7.26
C SER D 86 -57.50 69.21 -6.65
N ASN D 87 -56.39 69.37 -7.37
CA ASN D 87 -55.07 69.07 -6.85
C ASN D 87 -54.47 70.35 -6.30
N PRO D 88 -54.32 70.50 -4.98
CA PRO D 88 -53.86 71.79 -4.46
C PRO D 88 -52.41 72.10 -4.75
N ARG D 89 -51.59 71.08 -5.00
CA ARG D 89 -50.18 71.25 -5.27
C ARG D 89 -49.84 70.66 -6.63
N SER D 90 -48.67 71.06 -7.14
CA SER D 90 -48.27 70.69 -8.48
C SER D 90 -47.68 69.29 -8.55
N VAL D 91 -47.17 68.78 -7.44
CA VAL D 91 -46.71 67.40 -7.33
C VAL D 91 -47.80 66.62 -6.59
N PRO D 92 -48.53 65.70 -7.26
CA PRO D 92 -49.70 65.13 -6.61
C PRO D 92 -49.39 64.02 -5.62
N PHE D 93 -48.97 64.43 -4.44
CA PHE D 93 -48.69 63.52 -3.34
C PHE D 93 -49.19 64.14 -2.05
N GLU D 94 -49.38 63.29 -1.04
CA GLU D 94 -49.92 63.67 0.25
C GLU D 94 -48.83 64.02 1.26
N TYR D 95 -47.87 63.14 1.43
CA TYR D 95 -46.85 63.24 2.46
C TYR D 95 -45.49 63.52 1.83
N TYR D 96 -44.59 64.02 2.67
CA TYR D 96 -43.23 64.29 2.23
C TYR D 96 -42.31 64.24 3.43
N ARG D 97 -41.02 64.12 3.13
CA ARG D 97 -39.99 64.27 4.14
C ARG D 97 -38.70 64.61 3.41
N ILE D 98 -38.03 65.66 3.87
CA ILE D 98 -36.84 66.16 3.20
C ILE D 98 -35.66 65.32 3.67
N ARG D 99 -34.97 64.70 2.73
CA ARG D 99 -33.85 63.82 2.99
C ARG D 99 -32.54 64.57 3.12
N LYS D 100 -32.25 65.46 2.17
CA LYS D 100 -31.02 66.20 2.12
C LYS D 100 -31.27 67.56 1.51
N VAL D 101 -30.35 68.48 1.76
CA VAL D 101 -30.31 69.78 1.11
C VAL D 101 -28.88 70.06 0.71
N LYS D 102 -28.73 70.67 -0.45
CA LYS D 102 -27.44 71.11 -0.98
C LYS D 102 -27.54 72.62 -1.20
N VAL D 103 -26.85 73.36 -0.36
CA VAL D 103 -26.71 74.80 -0.51
C VAL D 103 -25.41 75.09 -1.22
N GLU D 104 -25.50 75.81 -2.33
CA GLU D 104 -24.35 76.14 -3.16
C GLU D 104 -24.24 77.65 -3.22
N PHE D 105 -23.13 78.17 -2.73
CA PHE D 105 -22.80 79.59 -2.87
C PHE D 105 -21.98 79.74 -4.14
N TRP D 106 -22.66 80.15 -5.20
CA TRP D 106 -21.99 80.41 -6.46
C TRP D 106 -21.54 81.86 -6.49
N PRO D 107 -20.24 82.15 -6.60
CA PRO D 107 -19.82 83.54 -6.51
C PRO D 107 -20.22 84.34 -7.73
N CYS D 108 -20.31 85.65 -7.50
CA CYS D 108 -20.58 86.63 -8.53
C CYS D 108 -19.41 87.56 -8.78
N SER D 109 -18.30 87.37 -8.09
CA SER D 109 -17.20 88.28 -8.06
C SER D 109 -16.03 87.74 -8.88
N PRO D 110 -15.23 88.61 -9.48
CA PRO D 110 -14.13 88.14 -10.30
C PRO D 110 -13.00 87.56 -9.47
N ILE D 111 -12.17 86.77 -10.13
CA ILE D 111 -11.02 86.17 -9.45
C ILE D 111 -9.90 87.18 -9.19
N THR D 112 -10.02 88.39 -9.71
CA THR D 112 -9.06 89.46 -9.46
C THR D 112 -9.42 90.31 -8.27
N GLN D 113 -10.52 90.03 -7.57
CA GLN D 113 -10.96 90.88 -6.48
C GLN D 113 -10.08 90.63 -5.27
N GLY D 114 -9.64 91.70 -4.63
CA GLY D 114 -8.80 91.65 -3.47
C GLY D 114 -9.57 91.79 -2.18
N ASP D 115 -8.83 92.07 -1.12
CA ASP D 115 -9.39 92.17 0.23
C ASP D 115 -10.10 90.87 0.59
N ARG D 116 -9.48 89.75 0.25
CA ARG D 116 -10.05 88.45 0.48
C ARG D 116 -10.20 88.20 1.98
N GLY D 117 -10.97 87.16 2.29
CA GLY D 117 -11.33 86.87 3.65
C GLY D 117 -11.57 85.40 3.89
N VAL D 118 -12.02 85.09 5.11
CA VAL D 118 -12.25 83.70 5.49
C VAL D 118 -13.40 83.67 6.48
N GLY D 119 -14.38 82.82 6.19
CA GLY D 119 -15.59 82.71 6.97
C GLY D 119 -15.90 81.29 7.37
N SER D 120 -17.14 81.05 7.76
CA SER D 120 -17.54 79.76 8.29
C SER D 120 -19.02 79.55 8.06
N SER D 121 -19.38 78.33 7.72
CA SER D 121 -20.76 77.89 7.59
C SER D 121 -20.99 76.70 8.49
N ALA D 122 -22.04 76.77 9.31
CA ALA D 122 -22.36 75.73 10.27
C ALA D 122 -23.81 75.31 10.12
N VAL D 123 -24.10 74.13 10.64
CA VAL D 123 -25.40 73.49 10.53
C VAL D 123 -26.13 73.64 11.85
N ILE D 124 -27.29 74.28 11.81
CA ILE D 124 -28.04 74.70 12.99
C ILE D 124 -29.45 74.15 12.86
N LEU D 125 -29.72 73.03 13.53
CA LEU D 125 -30.94 72.27 13.33
C LEU D 125 -32.05 72.60 14.32
N ASP D 126 -32.09 73.83 14.86
CA ASP D 126 -33.00 74.11 15.96
C ASP D 126 -33.65 75.49 15.96
N ASP D 127 -33.43 76.32 14.95
CA ASP D 127 -34.12 77.60 14.82
C ASP D 127 -33.70 78.60 15.90
N ASN D 128 -32.48 78.46 16.42
CA ASN D 128 -31.89 79.46 17.30
C ASN D 128 -30.50 79.72 16.74
N PHE D 129 -30.43 80.70 15.86
CA PHE D 129 -29.21 81.12 15.22
C PHE D 129 -28.53 82.20 16.03
N VAL D 130 -27.25 82.40 15.75
CA VAL D 130 -26.59 83.60 16.22
C VAL D 130 -27.29 84.80 15.61
N THR D 131 -27.43 85.85 16.42
CA THR D 131 -28.18 87.02 15.99
C THR D 131 -27.56 87.61 14.73
N LYS D 132 -28.42 88.06 13.82
CA LYS D 132 -27.95 88.69 12.60
C LYS D 132 -27.18 89.95 12.92
N ALA D 133 -25.99 90.05 12.35
CA ALA D 133 -25.07 91.14 12.61
C ALA D 133 -24.45 91.60 11.31
N THR D 134 -24.14 92.90 11.26
CA THR D 134 -23.50 93.50 10.10
C THR D 134 -21.98 93.43 10.18
N ALA D 135 -21.42 93.84 11.32
CA ALA D 135 -19.97 93.81 11.54
C ALA D 135 -19.73 93.36 12.97
N LEU D 136 -19.63 92.05 13.15
CA LEU D 136 -19.31 91.45 14.43
C LEU D 136 -17.81 91.20 14.52
N THR D 137 -17.25 91.40 15.71
CA THR D 137 -15.81 91.39 15.91
C THR D 137 -15.20 89.99 15.93
N TYR D 138 -15.96 88.96 15.61
CA TYR D 138 -15.45 87.60 15.63
C TYR D 138 -16.35 86.73 14.77
N ASP D 139 -15.86 85.54 14.46
CA ASP D 139 -16.61 84.53 13.71
C ASP D 139 -17.28 83.60 14.70
N PRO D 140 -18.59 83.68 14.91
CA PRO D 140 -19.21 82.83 15.93
C PRO D 140 -19.24 81.37 15.55
N TYR D 141 -19.35 81.06 14.27
CA TYR D 141 -19.50 79.70 13.80
C TYR D 141 -18.17 79.01 13.57
N VAL D 142 -17.07 79.54 14.11
CA VAL D 142 -15.74 79.02 13.80
C VAL D 142 -15.45 77.77 14.60
N ASN D 143 -15.83 77.74 15.86
CA ASN D 143 -15.55 76.61 16.72
C ASN D 143 -16.65 75.56 16.70
N TYR D 144 -17.65 75.71 15.85
CA TYR D 144 -18.69 74.72 15.72
C TYR D 144 -18.15 73.45 15.08
N SER D 145 -18.65 72.32 15.56
CA SER D 145 -18.24 71.02 15.05
C SER D 145 -18.61 70.83 13.60
N SER D 146 -19.60 71.55 13.10
CA SER D 146 -20.04 71.47 11.71
C SER D 146 -19.55 72.63 10.88
N ARG D 147 -18.46 73.26 11.29
CA ARG D 147 -17.93 74.40 10.56
C ARG D 147 -17.15 73.93 9.35
N HIS D 148 -17.44 74.54 8.21
CA HIS D 148 -16.64 74.45 7.02
C HIS D 148 -16.16 75.85 6.70
N THR D 149 -14.90 75.96 6.30
CA THR D 149 -14.33 77.25 5.97
C THR D 149 -14.88 77.76 4.65
N ILE D 150 -15.24 79.04 4.64
CA ILE D 150 -15.66 79.75 3.43
C ILE D 150 -14.49 80.62 3.03
N THR D 151 -13.84 80.26 1.93
CA THR D 151 -12.94 81.17 1.26
C THR D 151 -13.75 82.18 0.47
N GLN D 152 -13.36 83.44 0.56
CA GLN D 152 -14.07 84.55 -0.04
C GLN D 152 -13.13 85.31 -0.95
N PRO D 153 -13.66 86.07 -1.93
CA PRO D 153 -15.04 86.22 -2.41
C PRO D 153 -15.40 85.38 -3.62
N PHE D 154 -14.39 84.85 -4.30
CA PHE D 154 -14.55 84.26 -5.63
C PHE D 154 -14.48 82.75 -5.60
N SER D 155 -14.87 82.14 -4.50
CA SER D 155 -14.72 80.71 -4.31
C SER D 155 -16.07 80.07 -4.02
N TYR D 156 -16.24 78.86 -4.52
CA TYR D 156 -17.46 78.10 -4.39
C TYR D 156 -17.48 77.37 -3.06
N HIS D 157 -18.66 77.35 -2.44
CA HIS D 157 -18.88 76.72 -1.15
C HIS D 157 -20.15 75.91 -1.22
N SER D 158 -20.06 74.62 -0.94
CA SER D 158 -21.20 73.72 -0.89
C SER D 158 -21.34 73.15 0.51
N ARG D 159 -22.57 72.88 0.89
CA ARG D 159 -22.89 72.20 2.14
C ARG D 159 -24.02 71.23 1.85
N TYR D 160 -23.81 69.97 2.21
CA TYR D 160 -24.74 68.88 1.95
C TYR D 160 -25.06 68.20 3.27
N PHE D 161 -26.31 68.29 3.69
CA PHE D 161 -26.70 67.86 5.02
C PHE D 161 -28.17 67.51 5.02
N THR D 162 -28.62 67.00 6.15
CA THR D 162 -30.00 66.58 6.37
C THR D 162 -30.69 67.56 7.30
N PRO D 163 -31.65 68.36 6.84
CA PRO D 163 -32.28 69.32 7.74
C PRO D 163 -33.27 68.66 8.67
N LYS D 164 -33.87 69.46 9.55
CA LYS D 164 -34.83 69.00 10.51
C LYS D 164 -35.99 69.98 10.55
N PRO D 165 -37.22 69.52 10.74
CA PRO D 165 -38.35 70.44 10.80
C PRO D 165 -38.54 71.05 12.17
N VAL D 166 -39.20 72.20 12.17
CA VAL D 166 -39.49 72.96 13.38
C VAL D 166 -40.86 72.50 13.85
N LEU D 167 -40.86 71.46 14.67
CA LEU D 167 -42.09 70.91 15.21
C LEU D 167 -42.56 71.71 16.42
N ASP D 168 -41.64 72.05 17.33
CA ASP D 168 -41.95 72.89 18.48
C ASP D 168 -40.78 73.84 18.68
N SER D 169 -40.99 75.12 18.38
CA SER D 169 -39.94 76.10 18.54
C SER D 169 -39.66 76.42 20.00
N THR D 170 -40.56 76.07 20.91
CA THR D 170 -40.35 76.32 22.33
C THR D 170 -39.34 75.34 22.92
N ILE D 171 -39.43 74.08 22.52
CA ILE D 171 -38.60 73.02 23.06
C ILE D 171 -37.45 72.73 22.11
N ASP D 172 -37.72 72.85 20.81
CA ASP D 172 -36.72 72.68 19.76
C ASP D 172 -36.09 71.29 19.82
N TYR D 173 -36.93 70.28 19.58
CA TYR D 173 -36.50 68.90 19.53
C TYR D 173 -36.44 68.41 18.10
N PHE D 174 -35.50 67.51 17.83
CA PHE D 174 -35.35 66.95 16.50
C PHE D 174 -34.81 65.53 16.61
N GLN D 175 -34.93 64.84 15.56
CA GLN D 175 -34.55 63.45 15.44
C GLN D 175 -33.12 63.31 14.94
N PRO D 176 -32.40 62.27 15.32
CA PRO D 176 -31.14 61.98 14.66
C PRO D 176 -31.35 61.41 13.27
N ASN D 177 -30.26 61.25 12.54
CA ASN D 177 -30.34 60.82 11.16
C ASN D 177 -30.66 59.34 11.09
N ASN D 178 -31.82 59.02 10.52
CA ASN D 178 -32.23 57.64 10.32
C ASN D 178 -33.19 57.64 9.15
N LYS D 179 -32.80 57.03 8.05
CA LYS D 179 -33.64 57.06 6.87
C LYS D 179 -34.93 56.28 7.10
N ARG D 180 -34.90 55.26 7.94
CA ARG D 180 -36.05 54.40 8.12
C ARG D 180 -37.06 54.96 9.11
N ASN D 181 -36.61 55.80 10.03
CA ASN D 181 -37.44 56.33 11.11
C ASN D 181 -37.78 57.80 10.93
N GLN D 182 -37.37 58.43 9.84
CA GLN D 182 -37.65 59.84 9.63
C GLN D 182 -39.14 60.07 9.48
N LEU D 183 -39.63 61.10 10.15
CA LEU D 183 -41.04 61.42 10.16
C LEU D 183 -41.51 61.84 8.78
N TRP D 184 -42.73 61.46 8.46
CA TRP D 184 -43.43 61.96 7.29
C TRP D 184 -44.28 63.14 7.72
N LEU D 185 -44.10 64.26 7.05
CA LEU D 185 -44.95 65.42 7.20
C LEU D 185 -46.00 65.42 6.10
N ARG D 186 -47.01 66.24 6.29
CA ARG D 186 -48.03 66.45 5.29
C ARG D 186 -47.65 67.61 4.40
N LEU D 187 -47.88 67.44 3.11
CA LEU D 187 -47.72 68.49 2.12
C LEU D 187 -48.97 69.36 2.17
N GLN D 188 -48.90 70.40 2.98
CA GLN D 188 -50.02 71.31 3.16
C GLN D 188 -50.23 72.11 1.88
N THR D 189 -51.32 72.88 1.88
CA THR D 189 -51.67 73.69 0.72
C THR D 189 -50.88 74.99 0.69
N ALA D 190 -50.91 75.77 1.79
CA ALA D 190 -50.17 77.02 1.84
C ALA D 190 -49.55 77.29 3.22
N GLY D 191 -49.27 76.26 4.01
CA GLY D 191 -48.83 76.45 5.38
C GLY D 191 -47.77 75.48 5.86
N ASN D 192 -46.90 75.04 4.96
CA ASN D 192 -45.90 74.06 5.32
C ASN D 192 -44.92 74.62 6.33
N VAL D 193 -44.28 73.70 7.05
CA VAL D 193 -43.42 74.03 8.18
C VAL D 193 -42.01 74.29 7.68
N ASP D 194 -41.32 75.19 8.37
CA ASP D 194 -39.99 75.60 7.97
C ASP D 194 -38.98 74.57 8.43
N HIS D 195 -38.14 74.13 7.51
CA HIS D 195 -36.96 73.35 7.84
C HIS D 195 -35.77 74.28 8.02
N VAL D 196 -34.79 73.80 8.77
CA VAL D 196 -33.73 74.64 9.29
C VAL D 196 -32.44 73.84 9.24
N GLY D 197 -31.31 74.55 9.35
CA GLY D 197 -30.04 73.87 9.21
C GLY D 197 -28.84 74.57 8.61
N LEU D 198 -28.86 75.88 8.39
CA LEU D 198 -27.61 76.53 8.00
C LEU D 198 -27.50 77.96 8.50
N GLY D 199 -26.34 78.26 9.05
CA GLY D 199 -25.99 79.62 9.41
C GLY D 199 -24.58 79.92 8.95
N THR D 200 -24.36 81.18 8.59
CA THR D 200 -23.14 81.60 7.91
C THR D 200 -22.52 82.78 8.63
N ALA D 201 -21.24 82.99 8.35
CA ALA D 201 -20.50 84.15 8.79
C ALA D 201 -19.50 84.51 7.72
N PHE D 202 -19.72 85.65 7.07
CA PHE D 202 -18.88 86.14 6.01
C PHE D 202 -18.05 87.33 6.50
N GLU D 203 -16.77 87.32 6.16
CA GLU D 203 -15.88 88.41 6.51
C GLU D 203 -16.11 89.58 5.58
N ASN D 204 -16.32 90.75 6.15
CA ASN D 204 -16.63 91.93 5.38
C ASN D 204 -15.39 92.40 4.61
N SER D 205 -15.63 93.32 3.68
CA SER D 205 -14.60 93.76 2.75
C SER D 205 -14.91 95.17 2.30
N ILE D 206 -13.91 95.79 1.66
CA ILE D 206 -14.10 97.13 1.09
C ILE D 206 -15.03 97.06 -0.11
N TYR D 207 -15.04 95.94 -0.81
CA TYR D 207 -15.88 95.74 -1.99
C TYR D 207 -17.09 94.90 -1.63
N ASP D 208 -18.14 95.05 -2.41
CA ASP D 208 -19.34 94.27 -2.23
C ASP D 208 -19.12 92.84 -2.71
N GLN D 209 -19.55 91.88 -1.90
CA GLN D 209 -19.44 90.46 -2.19
C GLN D 209 -20.82 89.91 -2.47
N GLU D 210 -21.10 89.60 -3.72
CA GLU D 210 -22.38 89.07 -4.14
C GLU D 210 -22.28 87.57 -4.39
N TYR D 211 -23.40 86.88 -4.17
CA TYR D 211 -23.49 85.44 -4.37
C TYR D 211 -24.86 85.11 -4.94
N ASN D 212 -24.89 84.08 -5.77
CA ASN D 212 -26.12 83.46 -6.25
C ASN D 212 -26.25 82.12 -5.57
N ILE D 213 -27.20 82.01 -4.65
CA ILE D 213 -27.33 80.82 -3.82
C ILE D 213 -28.38 79.91 -4.43
N ARG D 214 -27.99 78.67 -4.71
CA ARG D 214 -28.85 77.66 -5.29
C ARG D 214 -29.05 76.56 -4.25
N VAL D 215 -30.27 76.47 -3.74
CA VAL D 215 -30.65 75.43 -2.79
C VAL D 215 -31.35 74.33 -3.55
N THR D 216 -30.93 73.10 -3.32
CA THR D 216 -31.50 71.91 -3.92
C THR D 216 -31.95 71.00 -2.79
N MET D 217 -33.24 70.70 -2.74
CA MET D 217 -33.80 69.79 -1.75
C MET D 217 -34.10 68.45 -2.39
N TYR D 218 -33.60 67.40 -1.77
CA TYR D 218 -33.86 66.03 -2.18
C TYR D 218 -34.97 65.46 -1.30
N VAL D 219 -36.16 65.33 -1.87
CA VAL D 219 -37.36 65.03 -1.12
C VAL D 219 -37.84 63.64 -1.47
N GLN D 220 -38.77 63.15 -0.68
CA GLN D 220 -39.34 61.82 -0.82
C GLN D 220 -40.81 61.94 -0.49
N PHE D 221 -41.66 61.71 -1.47
CA PHE D 221 -43.10 61.81 -1.34
C PHE D 221 -43.73 60.44 -1.15
N ARG D 222 -45.03 60.45 -0.84
CA ARG D 222 -45.75 59.22 -0.56
C ARG D 222 -47.23 59.45 -0.85
N GLU D 223 -47.90 58.38 -1.25
CA GLU D 223 -49.35 58.34 -1.43
C GLU D 223 -49.81 59.32 -2.52
N PHE D 224 -49.46 58.97 -3.74
CA PHE D 224 -50.01 59.55 -4.96
C PHE D 224 -51.51 59.73 -4.83
N ASN D 225 -51.98 60.96 -4.97
CA ASN D 225 -53.36 61.32 -4.65
C ASN D 225 -53.98 62.18 -5.73
N LEU D 226 -53.73 61.84 -6.99
CA LEU D 226 -54.29 62.60 -8.08
C LEU D 226 -55.81 62.48 -8.10
N LYS D 227 -56.47 63.58 -8.43
CA LYS D 227 -57.91 63.64 -8.53
C LYS D 227 -58.29 64.01 -9.95
N ASP D 228 -59.17 63.21 -10.56
CA ASP D 228 -59.53 63.32 -11.97
C ASP D 228 -61.03 63.48 -12.09
N PRO D 229 -61.53 64.71 -11.96
CA PRO D 229 -62.95 64.95 -12.22
C PRO D 229 -63.23 64.92 -13.70
N PRO D 230 -64.50 64.86 -14.11
CA PRO D 230 -64.81 64.97 -15.53
C PRO D 230 -64.58 66.37 -16.07
N LEU D 231 -64.88 66.56 -17.35
CA LEU D 231 -64.65 67.83 -18.03
C LEU D 231 -65.80 68.15 -19.00
N GLY E 43 -10.72 62.70 33.41
CA GLY E 43 -11.79 63.11 32.52
C GLY E 43 -11.29 63.88 31.33
N ILE E 44 -10.83 63.16 30.33
CA ILE E 44 -10.17 63.76 29.19
C ILE E 44 -11.20 64.32 28.23
N PHE E 45 -10.87 65.44 27.61
CA PHE E 45 -11.68 66.05 26.57
C PHE E 45 -10.75 66.76 25.61
N ASN E 46 -10.51 66.13 24.46
CA ASN E 46 -9.77 66.76 23.39
C ASN E 46 -10.69 67.62 22.55
N THR E 47 -10.32 68.87 22.36
CA THR E 47 -11.10 69.78 21.53
C THR E 47 -10.15 70.67 20.73
N ARG E 48 -10.72 71.72 20.15
CA ARG E 48 -10.04 72.58 19.21
C ARG E 48 -10.51 74.00 19.42
N LEU E 49 -9.57 74.92 19.62
CA LEU E 49 -9.84 76.31 19.88
C LEU E 49 -9.09 77.15 18.86
N SER E 50 -9.75 78.17 18.34
CA SER E 50 -9.24 79.01 17.28
C SER E 50 -9.31 80.47 17.67
N ARG E 51 -8.66 81.28 16.84
CA ARG E 51 -8.45 82.70 17.05
C ARG E 51 -7.87 83.27 15.77
N THR E 52 -8.31 84.48 15.42
CA THR E 52 -7.94 85.11 14.15
C THR E 52 -7.50 86.54 14.42
N PHE E 53 -6.43 86.94 13.73
CA PHE E 53 -5.89 88.28 13.88
C PHE E 53 -5.06 88.61 12.64
N GLY E 54 -4.69 89.88 12.54
CA GLY E 54 -4.00 90.39 11.39
C GLY E 54 -2.51 90.62 11.56
N TYR E 55 -1.79 90.63 10.45
CA TYR E 55 -0.36 90.92 10.41
C TYR E 55 -0.06 91.55 9.06
N THR E 56 0.64 92.68 9.08
CA THR E 56 0.98 93.42 7.88
C THR E 56 2.48 93.66 7.83
N ILE E 57 3.04 93.51 6.64
CA ILE E 57 4.41 93.85 6.34
C ILE E 57 4.35 95.13 5.51
N LYS E 58 4.69 96.24 6.12
CA LYS E 58 4.60 97.53 5.46
C LYS E 58 5.61 97.63 4.32
N ARG E 59 5.33 98.54 3.39
CA ARG E 59 6.17 98.74 2.23
C ARG E 59 7.47 99.43 2.61
N THR E 60 8.46 99.30 1.73
CA THR E 60 9.76 99.92 1.89
C THR E 60 10.28 100.39 0.53
N THR E 61 10.87 101.57 0.52
CA THR E 61 11.55 102.09 -0.67
C THR E 61 12.92 101.46 -0.87
N VAL E 62 13.39 100.64 0.07
CA VAL E 62 14.70 100.00 -0.08
C VAL E 62 14.71 99.13 -1.32
N LYS E 63 15.81 99.21 -2.06
CA LYS E 63 15.94 98.48 -3.31
C LYS E 63 16.40 97.05 -3.10
N THR E 64 17.26 96.82 -2.12
CA THR E 64 17.83 95.52 -1.88
C THR E 64 16.76 94.53 -1.45
N PRO E 65 17.06 93.23 -1.49
CA PRO E 65 16.18 92.26 -0.84
C PRO E 65 16.44 92.25 0.66
N SER E 66 15.51 92.81 1.42
CA SER E 66 15.55 92.79 2.87
C SER E 66 14.35 92.02 3.39
N TRP E 67 14.49 91.52 4.61
CA TRP E 67 13.47 90.72 5.25
C TRP E 67 12.99 91.38 6.54
N ALA E 68 11.72 91.15 6.83
CA ALA E 68 11.07 91.63 8.04
C ALA E 68 10.88 90.47 8.99
N VAL E 69 11.44 90.58 10.17
CA VAL E 69 11.45 89.51 11.15
C VAL E 69 10.45 89.82 12.24
N ASP E 70 9.76 88.80 12.70
CA ASP E 70 8.80 88.95 13.79
C ASP E 70 8.63 87.59 14.46
N MET E 71 8.00 87.63 15.63
CA MET E 71 7.82 86.47 16.48
C MET E 71 6.34 86.18 16.68
N MET E 72 6.06 85.02 17.25
CA MET E 72 4.69 84.57 17.46
C MET E 72 4.67 83.62 18.65
N ARG E 73 4.00 84.05 19.72
CA ARG E 73 3.75 83.23 20.89
C ARG E 73 2.29 82.82 20.93
N PHE E 74 1.98 81.87 21.80
CA PHE E 74 0.63 81.34 21.94
C PHE E 74 0.29 81.22 23.41
N ASN E 75 -0.82 81.85 23.81
CA ASN E 75 -1.34 81.75 25.16
C ASN E 75 -2.80 81.35 25.10
N ILE E 76 -3.23 80.62 26.13
CA ILE E 76 -4.59 80.09 26.15
C ILE E 76 -5.61 81.11 26.60
N ASN E 77 -5.18 82.23 27.17
CA ASN E 77 -6.13 83.28 27.52
C ASN E 77 -6.75 83.90 26.28
N ASP E 78 -6.02 83.93 25.18
CA ASP E 78 -6.51 84.49 23.94
C ASP E 78 -7.48 83.58 23.21
N PHE E 79 -7.56 82.30 23.60
CA PHE E 79 -8.46 81.34 23.01
C PHE E 79 -9.63 80.97 23.92
N LEU E 80 -9.40 80.98 25.22
CA LEU E 80 -10.38 80.58 26.22
C LEU E 80 -10.79 81.79 27.05
N PRO E 81 -12.01 82.30 26.95
CA PRO E 81 -12.35 83.48 27.71
C PRO E 81 -12.60 83.15 29.17
N PRO E 82 -12.75 84.16 30.02
CA PRO E 82 -13.16 83.90 31.39
C PRO E 82 -14.61 83.48 31.46
N GLY E 83 -14.92 82.63 32.43
CA GLY E 83 -16.26 82.13 32.60
C GLY E 83 -17.14 83.07 33.37
N GLY E 84 -17.98 82.49 34.22
CA GLY E 84 -18.87 83.28 35.03
C GLY E 84 -19.33 82.54 36.27
N GLY E 85 -19.26 83.22 37.41
CA GLY E 85 -19.68 82.63 38.66
C GLY E 85 -18.60 81.82 39.32
N SER E 86 -18.99 80.69 39.91
CA SER E 86 -18.05 79.84 40.60
C SER E 86 -17.09 79.13 39.65
N ASN E 87 -17.40 79.11 38.36
CA ASN E 87 -16.51 78.55 37.36
C ASN E 87 -15.67 79.67 36.76
N PRO E 88 -14.36 79.75 37.05
CA PRO E 88 -13.60 80.90 36.59
C PRO E 88 -13.37 80.93 35.09
N ARG E 89 -13.44 79.80 34.42
CA ARG E 89 -13.22 79.70 32.99
C ARG E 89 -14.45 79.10 32.31
N SER E 90 -14.51 79.30 30.99
CA SER E 90 -15.68 78.92 30.23
C SER E 90 -15.71 77.43 29.89
N VAL E 91 -14.54 76.80 29.87
CA VAL E 91 -14.43 75.35 29.72
C VAL E 91 -14.16 74.76 31.10
N PRO E 92 -15.12 74.02 31.70
CA PRO E 92 -14.94 73.66 33.10
C PRO E 92 -14.01 72.47 33.33
N PHE E 93 -12.72 72.75 33.26
CA PHE E 93 -11.69 71.76 33.52
C PHE E 93 -10.58 72.42 34.33
N GLU E 94 -9.77 71.58 34.97
CA GLU E 94 -8.69 72.01 35.84
C GLU E 94 -7.36 72.11 35.12
N TYR E 95 -6.98 71.06 34.43
CA TYR E 95 -5.67 70.93 33.82
C TYR E 95 -5.79 70.98 32.30
N TYR E 96 -4.67 71.26 31.66
CA TYR E 96 -4.61 71.28 30.21
C TYR E 96 -3.18 71.00 29.76
N ARG E 97 -3.06 70.66 28.49
CA ARG E 97 -1.77 70.58 27.84
C ARG E 97 -2.00 70.69 26.35
N ILE E 98 -1.26 71.60 25.71
CA ILE E 98 -1.44 71.87 24.30
C ILE E 98 -0.70 70.80 23.50
N ARG E 99 -1.44 70.11 22.64
CA ARG E 99 -0.91 69.03 21.84
C ARG E 99 -0.29 69.51 20.54
N LYS E 100 -1.00 70.37 19.82
CA LYS E 100 -0.57 70.85 18.52
C LYS E 100 -1.11 72.26 18.34
N VAL E 101 -0.48 72.99 17.41
CA VAL E 101 -0.96 74.28 16.95
C VAL E 101 -0.84 74.30 15.44
N LYS E 102 -1.83 74.91 14.80
CA LYS E 102 -1.86 75.13 13.36
C LYS E 102 -1.95 76.62 13.12
N VAL E 103 -0.86 77.19 12.64
CA VAL E 103 -0.82 78.58 12.24
C VAL E 103 -1.03 78.65 10.74
N GLU E 104 -2.03 79.42 10.33
CA GLU E 104 -2.42 79.56 8.93
C GLU E 104 -2.29 81.02 8.56
N PHE E 105 -1.42 81.31 7.61
CA PHE E 105 -1.30 82.64 7.01
C PHE E 105 -2.22 82.68 5.82
N TRP E 106 -3.40 83.24 6.01
CA TRP E 106 -4.35 83.42 4.93
C TRP E 106 -4.09 84.76 4.27
N PRO E 107 -3.73 84.81 2.98
CA PRO E 107 -3.39 86.09 2.38
C PRO E 107 -4.58 87.00 2.22
N CYS E 108 -4.26 88.29 2.15
CA CYS E 108 -5.22 89.34 1.90
C CYS E 108 -4.99 90.04 0.58
N SER E 109 -4.01 89.61 -0.19
CA SER E 109 -3.52 90.31 -1.35
C SER E 109 -3.97 89.59 -2.62
N PRO E 110 -4.19 90.32 -3.71
CA PRO E 110 -4.66 89.68 -4.93
C PRO E 110 -3.56 88.87 -5.59
N ILE E 111 -3.99 87.95 -6.46
CA ILE E 111 -3.04 87.14 -7.20
C ILE E 111 -2.35 87.90 -8.32
N THR E 112 -2.75 89.13 -8.58
CA THR E 112 -2.09 89.98 -9.56
C THR E 112 -1.00 90.85 -8.97
N GLN E 113 -0.74 90.75 -7.67
CA GLN E 113 0.23 91.62 -7.04
C GLN E 113 1.63 91.17 -7.40
N GLY E 114 2.48 92.12 -7.77
CA GLY E 114 3.84 91.86 -8.15
C GLY E 114 4.82 92.10 -7.03
N ASP E 115 6.08 92.19 -7.40
CA ASP E 115 7.18 92.32 -6.46
C ASP E 115 7.16 91.19 -5.46
N ARG E 116 6.93 89.98 -5.97
CA ARG E 116 6.84 88.80 -5.14
C ARG E 116 8.17 88.52 -4.46
N GLY E 117 8.12 87.65 -3.47
CA GLY E 117 9.26 87.37 -2.64
C GLY E 117 9.27 85.98 -2.08
N VAL E 118 10.22 85.69 -1.21
CA VAL E 118 10.38 84.37 -0.64
C VAL E 118 10.93 84.51 0.77
N GLY E 119 10.26 83.87 1.71
CA GLY E 119 10.60 83.96 3.11
C GLY E 119 10.73 82.61 3.77
N SER E 120 10.67 82.60 5.10
CA SER E 120 10.92 81.40 5.86
C SER E 120 10.20 81.48 7.19
N SER E 121 9.64 80.35 7.61
CA SER E 121 9.03 80.19 8.92
C SER E 121 9.70 79.03 9.63
N ALA E 122 10.12 79.26 10.86
CA ALA E 122 10.82 78.27 11.66
C ALA E 122 10.17 78.13 13.01
N VAL E 123 10.46 77.01 13.66
CA VAL E 123 9.86 76.63 14.94
C VAL E 123 10.89 76.87 16.04
N ILE E 124 10.54 77.72 16.99
CA ILE E 124 11.45 78.23 18.01
C ILE E 124 10.81 77.96 19.36
N LEU E 125 11.24 76.89 20.02
CA LEU E 125 10.59 76.37 21.20
C LEU E 125 11.19 76.87 22.52
N ASP E 126 11.82 78.06 22.54
CA ASP E 126 12.59 78.48 23.70
C ASP E 126 12.52 79.94 24.08
N ASP E 127 11.72 80.76 23.39
CA ASP E 127 11.50 82.15 23.79
C ASP E 127 12.74 83.01 23.59
N ASN E 128 13.61 82.62 22.66
CA ASN E 128 14.74 83.46 22.24
C ASN E 128 14.69 83.46 20.72
N PHE E 129 13.97 84.45 20.20
CA PHE E 129 13.80 84.66 18.78
C PHE E 129 14.90 85.56 18.25
N VAL E 130 15.06 85.53 16.93
CA VAL E 130 15.85 86.56 16.27
C VAL E 130 15.16 87.90 16.52
N THR E 131 15.96 88.92 16.75
CA THR E 131 15.44 90.23 17.11
C THR E 131 14.52 90.75 16.02
N LYS E 132 13.43 91.39 16.43
CA LYS E 132 12.49 91.95 15.49
C LYS E 132 13.17 93.04 14.67
N ALA E 133 13.02 92.92 13.35
CA ALA E 133 13.67 93.81 12.40
C ALA E 133 12.69 94.21 11.32
N THR E 134 12.87 95.41 10.80
CA THR E 134 12.04 95.93 9.73
C THR E 134 12.62 95.57 8.36
N ALA E 135 13.90 95.83 8.15
CA ALA E 135 14.57 95.51 6.88
C ALA E 135 15.95 94.97 7.22
N LEU E 136 16.02 93.66 7.40
CA LEU E 136 17.28 92.96 7.63
C LEU E 136 17.82 92.43 6.31
N THR E 137 19.14 92.47 6.15
CA THR E 137 19.79 92.18 4.88
C THR E 137 19.87 90.70 4.57
N TYR E 138 19.22 89.83 5.33
CA TYR E 138 19.27 88.40 5.08
C TYR E 138 18.08 87.76 5.78
N ASP E 139 17.83 86.51 5.41
CA ASP E 139 16.79 85.70 6.02
C ASP E 139 17.41 84.87 7.14
N PRO E 140 17.19 85.19 8.42
CA PRO E 140 17.87 84.43 9.46
C PRO E 140 17.36 83.01 9.60
N TYR E 141 16.09 82.78 9.32
CA TYR E 141 15.46 81.50 9.53
C TYR E 141 15.61 80.57 8.34
N VAL E 142 16.53 80.86 7.42
CA VAL E 142 16.61 80.12 6.17
C VAL E 142 17.33 78.80 6.37
N ASN E 143 18.40 78.80 7.16
CA ASN E 143 19.19 77.60 7.37
C ASN E 143 18.70 76.77 8.55
N TYR E 144 17.60 77.15 9.15
CA TYR E 144 17.03 76.38 10.24
C TYR E 144 16.49 75.06 9.74
N SER E 145 16.66 74.02 10.56
CA SER E 145 16.19 72.70 10.21
C SER E 145 14.69 72.63 10.10
N SER E 146 13.96 73.55 10.74
CA SER E 146 12.51 73.60 10.70
C SER E 146 12.00 74.68 9.76
N ARG E 147 12.80 75.08 8.78
CA ARG E 147 12.40 76.13 7.86
C ARG E 147 11.47 75.55 6.81
N HIS E 148 10.37 76.25 6.60
CA HIS E 148 9.49 76.05 5.47
C HIS E 148 9.48 77.36 4.68
N THR E 149 9.52 77.25 3.37
CA THR E 149 9.52 78.41 2.52
C THR E 149 8.15 79.07 2.50
N ILE E 150 8.15 80.39 2.61
CA ILE E 150 6.96 81.21 2.48
C ILE E 150 7.03 81.86 1.11
N THR E 151 6.17 81.42 0.21
CA THR E 151 5.92 82.17 -1.00
C THR E 151 5.01 83.35 -0.68
N GLN E 152 5.35 84.50 -1.22
CA GLN E 152 4.66 85.75 -0.95
C GLN E 152 4.18 86.36 -2.25
N PRO E 153 3.17 87.23 -2.21
CA PRO E 153 2.29 87.66 -1.12
C PRO E 153 0.95 86.96 -1.05
N PHE E 154 0.58 86.28 -2.13
CA PHE E 154 -0.77 85.77 -2.32
C PHE E 154 -0.88 84.27 -2.14
N SER E 155 -0.03 83.70 -1.30
CA SER E 155 0.06 82.27 -1.15
C SER E 155 -0.16 81.89 0.31
N TYR E 156 -0.81 80.75 0.50
CA TYR E 156 -1.16 80.23 1.81
C TYR E 156 0.01 79.46 2.39
N HIS E 157 0.22 79.64 3.70
CA HIS E 157 1.30 79.02 4.43
C HIS E 157 0.74 78.47 5.73
N SER E 158 0.90 77.18 5.94
CA SER E 158 0.50 76.51 7.17
C SER E 158 1.72 75.91 7.86
N ARG E 159 1.65 75.87 9.18
CA ARG E 159 2.65 75.21 10.01
C ARG E 159 1.92 74.48 11.12
N TYR E 160 2.20 73.19 11.26
CA TYR E 160 1.55 72.32 12.22
C TYR E 160 2.62 71.66 13.05
N PHE E 161 2.63 71.97 14.35
CA PHE E 161 3.71 71.56 15.22
C PHE E 161 3.20 71.50 16.64
N THR E 162 4.07 71.04 17.54
CA THR E 162 3.78 70.88 18.95
C THR E 162 4.53 71.94 19.74
N PRO E 163 3.87 72.92 20.34
CA PRO E 163 4.61 73.94 21.08
C PRO E 163 5.10 73.45 22.41
N LYS E 164 5.81 74.31 23.12
CA LYS E 164 6.36 74.00 24.42
C LYS E 164 6.12 75.19 25.34
N PRO E 165 5.85 74.96 26.63
CA PRO E 165 5.63 76.08 27.53
C PRO E 165 6.92 76.66 28.08
N VAL E 166 6.82 77.91 28.49
CA VAL E 166 7.94 78.66 29.04
C VAL E 166 7.91 78.45 30.54
N LEU E 167 8.58 77.39 31.00
CA LEU E 167 8.64 77.07 32.41
C LEU E 167 9.70 77.89 33.12
N ASP E 168 10.88 78.02 32.52
CA ASP E 168 11.95 78.86 33.05
C ASP E 168 12.60 79.55 31.87
N SER E 169 12.39 80.86 31.76
CA SER E 169 12.97 81.64 30.68
C SER E 169 14.47 81.84 30.85
N THR E 170 15.00 81.64 32.05
CA THR E 170 16.42 81.78 32.30
C THR E 170 17.21 80.61 31.73
N ILE E 171 16.69 79.40 31.87
CA ILE E 171 17.36 78.18 31.45
C ILE E 171 16.80 77.72 30.11
N ASP E 172 15.51 77.94 29.91
CA ASP E 172 14.83 77.63 28.66
C ASP E 172 14.95 76.14 28.33
N TYR E 173 14.35 75.31 29.18
CA TYR E 173 14.31 73.88 29.00
C TYR E 173 12.92 73.45 28.55
N PHE E 174 12.89 72.39 27.74
CA PHE E 174 11.63 71.86 27.24
C PHE E 174 11.76 70.37 27.02
N GLN E 175 10.68 69.75 26.89
CA GLN E 175 10.55 68.32 26.72
C GLN E 175 10.52 67.94 25.25
N PRO E 176 11.02 66.76 24.90
CA PRO E 176 10.77 66.26 23.54
C PRO E 176 9.34 65.80 23.36
N ASN E 177 8.98 65.46 22.13
CA ASN E 177 7.61 65.11 21.82
C ASN E 177 7.30 63.71 22.34
N ASN E 178 6.36 63.64 23.27
CA ASN E 178 5.91 62.37 23.82
C ASN E 178 4.49 62.60 24.32
N LYS E 179 3.52 61.97 23.68
CA LYS E 179 2.15 62.20 24.07
C LYS E 179 1.87 61.67 25.46
N ARG E 180 2.57 60.63 25.88
CA ARG E 180 2.28 60.00 27.16
C ARG E 180 2.94 60.71 28.33
N ASN E 181 4.04 61.41 28.08
CA ASN E 181 4.83 62.05 29.12
C ASN E 181 4.70 63.55 29.15
N GLN E 182 3.87 64.14 28.29
CA GLN E 182 3.72 65.58 28.25
C GLN E 182 3.12 66.10 29.54
N LEU E 183 3.71 67.17 30.05
CA LEU E 183 3.28 67.75 31.30
C LEU E 183 1.87 68.30 31.21
N TRP E 184 1.13 68.17 32.30
CA TRP E 184 -0.14 68.84 32.48
C TRP E 184 0.10 70.14 33.21
N LEU E 185 -0.36 71.23 32.64
CA LEU E 185 -0.37 72.53 33.29
C LEU E 185 -1.74 72.77 33.88
N ARG E 186 -1.81 73.76 34.76
CA ARG E 186 -3.07 74.20 35.33
C ARG E 186 -3.67 75.30 34.48
N LEU E 187 -4.97 75.21 34.29
CA LEU E 187 -5.74 76.26 33.64
C LEU E 187 -6.01 77.34 34.67
N GLN E 188 -5.13 78.32 34.71
CA GLN E 188 -5.23 79.42 35.65
C GLN E 188 -6.43 80.29 35.29
N THR E 189 -6.71 81.25 36.17
CA THR E 189 -7.83 82.16 35.97
C THR E 189 -7.48 83.29 35.01
N ALA E 190 -6.38 84.01 35.29
CA ALA E 190 -5.95 85.09 34.41
C ALA E 190 -4.43 85.20 34.25
N GLY E 191 -3.71 84.10 34.43
CA GLY E 191 -2.25 84.15 34.45
C GLY E 191 -1.56 82.98 33.79
N ASN E 192 -2.17 82.42 32.75
CA ASN E 192 -1.60 81.26 32.10
C ASN E 192 -0.27 81.58 31.44
N VAL E 193 0.52 80.54 31.24
CA VAL E 193 1.89 80.65 30.77
C VAL E 193 1.90 80.65 29.26
N ASP E 194 2.86 81.40 28.69
CA ASP E 194 2.95 81.55 27.25
C ASP E 194 3.61 80.33 26.64
N HIS E 195 2.98 79.77 25.63
CA HIS E 195 3.60 78.78 24.77
C HIS E 195 4.23 79.45 23.58
N VAL E 196 5.21 78.78 23.00
CA VAL E 196 6.12 79.39 22.05
C VAL E 196 6.41 78.36 20.97
N GLY E 197 6.96 78.83 19.84
CA GLY E 197 7.16 77.94 18.73
C GLY E 197 7.05 78.42 17.31
N LEU E 198 6.97 79.72 17.03
CA LEU E 198 7.07 80.13 15.64
C LEU E 198 7.71 81.49 15.47
N GLY E 199 8.64 81.55 14.53
CA GLY E 199 9.22 82.80 14.09
C GLY E 199 9.28 82.84 12.59
N THR E 200 9.13 84.05 12.05
CA THR E 200 8.93 84.27 10.62
C THR E 200 9.93 85.29 10.09
N ALA E 201 10.09 85.25 8.77
CA ALA E 201 10.87 86.24 8.05
C ALA E 201 10.22 86.45 6.70
N PHE E 202 9.64 87.63 6.50
CA PHE E 202 8.97 88.00 5.27
C PHE E 202 9.81 88.98 4.48
N GLU E 203 9.90 88.74 3.18
CA GLU E 203 10.63 89.63 2.30
C GLU E 203 9.79 90.86 2.00
N ASN E 204 10.38 92.03 2.20
CA ASN E 204 9.67 93.28 2.02
C ASN E 204 9.40 93.53 0.55
N SER E 205 8.52 94.51 0.30
CA SER E 205 8.04 94.79 -1.04
C SER E 205 7.65 96.24 -1.14
N ILE E 206 7.43 96.69 -2.38
CA ILE E 206 6.96 98.05 -2.62
C ILE E 206 5.53 98.21 -2.15
N TYR E 207 4.75 97.15 -2.18
CA TYR E 207 3.36 97.16 -1.77
C TYR E 207 3.22 96.54 -0.38
N ASP E 208 2.14 96.93 0.30
CA ASP E 208 1.86 96.37 1.60
C ASP E 208 1.34 94.94 1.47
N GLN E 209 1.87 94.05 2.30
CA GLN E 209 1.49 92.65 2.33
C GLN E 209 0.73 92.38 3.62
N GLU E 210 -0.57 92.17 3.51
CA GLU E 210 -1.42 91.90 4.65
C GLU E 210 -1.79 90.43 4.71
N TYR E 211 -2.00 89.95 5.93
CA TYR E 211 -2.36 88.57 6.20
C TYR E 211 -3.38 88.52 7.33
N ASN E 212 -4.26 87.55 7.24
CA ASN E 212 -5.18 87.19 8.33
C ASN E 212 -4.70 85.87 8.90
N ILE E 213 -4.17 85.90 10.11
CA ILE E 213 -3.55 84.73 10.70
C ILE E 213 -4.54 84.07 11.62
N ARG E 214 -4.81 82.79 11.36
CA ARG E 214 -5.73 81.98 12.14
C ARG E 214 -4.92 80.90 12.86
N VAL E 215 -4.84 81.01 14.17
CA VAL E 215 -4.17 80.04 15.01
C VAL E 215 -5.23 79.11 15.59
N THR E 216 -4.98 77.82 15.48
CA THR E 216 -5.86 76.79 16.02
C THR E 216 -5.03 75.93 16.95
N MET E 217 -5.42 75.89 18.21
CA MET E 217 -4.77 75.06 19.21
C MET E 217 -5.60 73.82 19.50
N TYR E 218 -4.95 72.67 19.43
CA TYR E 218 -5.57 71.39 19.76
C TYR E 218 -5.15 71.02 21.17
N VAL E 219 -6.08 71.13 22.11
CA VAL E 219 -5.79 71.04 23.52
C VAL E 219 -6.42 69.76 24.07
N GLN E 220 -6.02 69.43 25.29
CA GLN E 220 -6.47 68.24 25.98
C GLN E 220 -6.62 68.62 27.44
N PHE E 221 -7.85 68.59 27.93
CA PHE E 221 -8.17 68.96 29.30
C PHE E 221 -8.33 67.73 30.17
N ARG E 222 -8.46 67.97 31.48
CA ARG E 222 -8.55 66.89 32.45
C ARG E 222 -9.28 67.41 33.68
N GLU E 223 -9.98 66.49 34.35
CA GLU E 223 -10.62 66.74 35.63
C GLU E 223 -11.68 67.83 35.53
N PHE E 224 -12.77 67.47 34.86
CA PHE E 224 -14.03 68.19 34.87
C PHE E 224 -14.38 68.64 36.27
N ASN E 225 -14.54 69.95 36.46
CA ASN E 225 -14.65 70.53 37.79
C ASN E 225 -15.78 71.54 37.85
N LEU E 226 -16.92 71.21 37.26
CA LEU E 226 -18.05 72.11 37.29
C LEU E 226 -18.56 72.27 38.71
N LYS E 227 -18.99 73.48 39.03
CA LYS E 227 -19.55 73.82 40.32
C LYS E 227 -20.97 74.31 40.13
N ASP E 228 -21.89 73.72 40.88
CA ASP E 228 -23.33 73.95 40.72
C ASP E 228 -23.91 74.40 42.05
N PRO E 229 -23.83 75.69 42.36
CA PRO E 229 -24.51 76.20 43.54
C PRO E 229 -26.00 76.28 43.31
N PRO E 230 -26.80 76.46 44.36
CA PRO E 230 -28.23 76.70 44.15
C PRO E 230 -28.52 78.04 43.52
N LEU E 231 -29.81 78.33 43.34
CA LEU E 231 -30.25 79.57 42.70
C LEU E 231 -31.49 80.12 43.38
N GLY F 43 17.99 68.27 13.29
CA GLY F 43 19.33 68.15 12.74
C GLY F 43 20.34 67.72 13.77
N ILE F 44 20.40 66.42 14.03
CA ILE F 44 21.20 65.88 15.10
C ILE F 44 22.66 65.81 14.67
N PHE F 45 23.55 66.04 15.62
CA PHE F 45 24.97 65.90 15.41
C PHE F 45 25.60 65.49 16.74
N ASN F 46 25.90 64.22 16.87
CA ASN F 46 26.63 63.72 18.03
C ASN F 46 28.12 63.90 17.80
N THR F 47 28.79 64.53 18.76
CA THR F 47 30.22 64.72 18.70
C THR F 47 30.82 64.55 20.09
N ARG F 48 32.07 64.97 20.22
CA ARG F 48 32.88 64.74 21.41
C ARG F 48 33.76 65.95 21.63
N LEU F 49 33.69 66.50 22.85
CA LEU F 49 34.43 67.70 23.23
C LEU F 49 35.24 67.37 24.46
N SER F 50 36.47 67.84 24.49
CA SER F 50 37.43 67.53 25.55
C SER F 50 38.03 68.81 26.12
N ARG F 51 38.74 68.63 27.22
CA ARG F 51 39.29 69.70 28.03
C ARG F 51 40.20 69.05 29.05
N THR F 52 41.33 69.70 29.32
CA THR F 52 42.36 69.16 30.19
C THR F 52 42.79 70.21 31.21
N PHE F 53 42.98 69.78 32.45
CA PHE F 53 43.38 70.66 33.52
C PHE F 53 44.01 69.84 34.62
N GLY F 54 44.62 70.54 35.57
CA GLY F 54 45.36 69.92 36.64
C GLY F 54 44.67 69.88 37.99
N TYR F 55 45.09 68.94 38.82
CA TYR F 55 44.62 68.81 40.19
C TYR F 55 45.74 68.21 41.02
N THR F 56 46.03 68.84 42.15
CA THR F 56 47.10 68.42 43.04
C THR F 56 46.57 68.23 44.45
N ILE F 57 47.02 67.16 45.08
CA ILE F 57 46.77 66.88 46.49
C ILE F 57 48.08 67.16 47.21
N LYS F 58 48.14 68.28 47.91
CA LYS F 58 49.35 68.70 48.59
C LYS F 58 49.71 67.74 49.72
N ARG F 59 50.98 67.76 50.10
CA ARG F 59 51.49 66.90 51.14
C ARG F 59 51.00 67.35 52.51
N THR F 60 51.06 66.42 53.46
CA THR F 60 50.68 66.67 54.85
C THR F 60 51.62 65.93 55.77
N THR F 61 52.02 66.59 56.85
CA THR F 61 52.80 65.96 57.92
C THR F 61 51.94 65.09 58.83
N VAL F 62 50.62 65.10 58.66
CA VAL F 62 49.74 64.29 59.49
C VAL F 62 50.09 62.82 59.34
N LYS F 63 50.12 62.12 60.47
CA LYS F 63 50.49 60.71 60.47
C LYS F 63 49.33 59.80 60.13
N THR F 64 48.13 60.16 60.58
CA THR F 64 46.97 59.32 60.38
C THR F 64 46.61 59.19 58.91
N PRO F 65 45.78 58.22 58.55
CA PRO F 65 45.20 58.22 57.21
C PRO F 65 44.06 59.21 57.13
N SER F 66 44.30 60.33 56.45
CA SER F 66 43.28 61.33 56.20
C SER F 66 43.06 61.45 54.69
N TRP F 67 41.88 61.94 54.34
CA TRP F 67 41.48 62.07 52.95
C TRP F 67 41.20 63.52 52.61
N ALA F 68 41.46 63.84 51.34
CA ALA F 68 41.23 65.17 50.79
C ALA F 68 40.03 65.09 49.87
N VAL F 69 39.02 65.88 50.18
CA VAL F 69 37.74 65.85 49.47
C VAL F 69 37.65 67.05 48.57
N ASP F 70 37.09 66.84 47.39
CA ASP F 70 36.88 67.90 46.42
C ASP F 70 35.74 67.51 45.50
N MET F 71 35.27 68.49 44.75
CA MET F 71 34.12 68.35 43.87
C MET F 71 34.53 68.62 42.42
N MET F 72 33.62 68.28 41.52
CA MET F 72 33.86 68.44 40.09
C MET F 72 32.54 68.64 39.37
N ARG F 73 32.36 69.83 38.81
CA ARG F 73 31.22 70.16 37.96
C ARG F 73 31.66 70.23 36.51
N PHE F 74 30.68 70.26 35.62
CA PHE F 74 30.92 70.29 34.17
C PHE F 74 30.01 71.33 33.55
N ASN F 75 30.62 72.27 32.83
CA ASN F 75 29.88 73.27 32.06
C ASN F 75 30.40 73.27 30.63
N ILE F 76 29.49 73.59 29.70
CA ILE F 76 29.82 73.54 28.28
C ILE F 76 30.58 74.77 27.82
N ASN F 77 30.62 75.85 28.60
CA ASN F 77 31.41 76.99 28.22
C ASN F 77 32.89 76.67 28.23
N ASP F 78 33.31 75.75 29.09
CA ASP F 78 34.71 75.36 29.18
C ASP F 78 35.15 74.43 28.06
N PHE F 79 34.20 73.88 27.31
CA PHE F 79 34.49 72.99 26.19
C PHE F 79 34.21 73.63 24.85
N LEU F 80 33.23 74.52 24.78
CA LEU F 80 32.78 75.17 23.55
C LEU F 80 33.09 76.65 23.61
N PRO F 81 34.03 77.19 22.85
CA PRO F 81 34.33 78.60 22.96
C PRO F 81 33.27 79.46 22.31
N PRO F 82 33.34 80.77 22.49
CA PRO F 82 32.45 81.65 21.74
C PRO F 82 32.86 81.73 20.29
N GLY F 83 31.86 81.91 19.43
CA GLY F 83 32.10 81.97 18.01
C GLY F 83 32.51 83.34 17.55
N GLY F 84 32.01 83.74 16.38
CA GLY F 84 32.32 85.03 15.83
C GLY F 84 31.29 85.50 14.85
N GLY F 85 30.86 86.76 15.01
CA GLY F 85 29.88 87.34 14.12
C GLY F 85 28.45 87.03 14.53
N SER F 86 27.61 86.75 13.54
CA SER F 86 26.22 86.47 13.81
C SER F 86 26.01 85.12 14.48
N ASN F 87 27.02 84.25 14.46
CA ASN F 87 26.97 82.97 15.14
C ASN F 87 27.61 83.14 16.52
N PRO F 88 26.83 83.11 17.61
CA PRO F 88 27.44 83.40 18.91
C PRO F 88 28.37 82.32 19.42
N ARG F 89 28.22 81.09 18.94
CA ARG F 89 29.03 79.96 19.36
C ARG F 89 29.74 79.35 18.16
N SER F 90 30.77 78.56 18.47
CA SER F 90 31.63 78.00 17.43
C SER F 90 31.03 76.78 16.77
N VAL F 91 30.13 76.09 17.46
CA VAL F 91 29.37 74.98 16.90
C VAL F 91 27.98 75.50 16.56
N PRO F 92 27.60 75.63 15.28
CA PRO F 92 26.36 76.34 14.98
C PRO F 92 25.10 75.50 15.16
N PHE F 93 24.70 75.37 16.41
CA PHE F 93 23.48 74.67 16.77
C PHE F 93 22.78 75.44 17.88
N GLU F 94 21.49 75.16 18.04
CA GLU F 94 20.63 75.84 19.00
C GLU F 94 20.55 75.11 20.32
N TYR F 95 20.25 73.82 20.28
CA TYR F 95 19.97 73.03 21.46
C TYR F 95 21.07 72.02 21.68
N TYR F 96 21.15 71.51 22.91
CA TYR F 96 22.12 70.49 23.25
C TYR F 96 21.60 69.68 24.43
N ARG F 97 22.21 68.52 24.62
CA ARG F 97 21.99 67.73 25.81
C ARG F 97 23.18 66.80 25.97
N ILE F 98 23.77 66.79 27.16
CA ILE F 98 24.97 66.02 27.42
C ILE F 98 24.56 64.59 27.69
N ARG F 99 25.11 63.67 26.91
CA ARG F 99 24.78 62.25 26.99
C ARG F 99 25.65 61.54 28.01
N LYS F 100 26.96 61.75 27.95
CA LYS F 100 27.91 61.08 28.80
C LYS F 100 29.08 62.00 29.07
N VAL F 101 29.82 61.70 30.13
CA VAL F 101 31.08 62.35 30.44
C VAL F 101 32.07 61.26 30.84
N LYS F 102 33.32 61.44 30.42
CA LYS F 102 34.42 60.57 30.77
C LYS F 102 35.47 61.43 31.46
N VAL F 103 35.60 61.25 32.76
CA VAL F 103 36.64 61.89 33.54
C VAL F 103 37.80 60.92 33.68
N GLU F 104 38.98 61.36 33.27
CA GLU F 104 40.19 60.55 33.28
C GLU F 104 41.20 61.24 34.17
N PHE F 105 41.60 60.56 35.25
CA PHE F 105 42.70 61.03 36.10
C PHE F 105 43.97 60.40 35.57
N TRP F 106 44.70 61.17 34.79
CA TRP F 106 45.98 60.73 34.28
C TRP F 106 47.07 61.11 35.28
N PRO F 107 47.80 60.15 35.85
CA PRO F 107 48.77 60.52 36.88
C PRO F 107 49.95 61.27 36.33
N CYS F 108 50.57 62.03 37.23
CA CYS F 108 51.79 62.76 36.96
C CYS F 108 52.98 62.25 37.75
N SER F 109 52.79 61.21 38.55
CA SER F 109 53.74 60.76 39.52
C SER F 109 54.41 59.47 39.04
N PRO F 110 55.66 59.23 39.42
CA PRO F 110 56.35 58.03 38.95
C PRO F 110 55.83 56.79 39.63
N ILE F 111 56.10 55.65 39.00
CA ILE F 111 55.70 54.37 39.57
C ILE F 111 56.56 53.95 40.75
N THR F 112 57.62 54.68 41.04
CA THR F 112 58.46 54.42 42.20
C THR F 112 58.03 55.19 43.44
N GLN F 113 56.97 55.98 43.36
CA GLN F 113 56.57 56.81 44.49
C GLN F 113 55.90 55.95 45.53
N GLY F 114 56.30 56.15 46.78
CA GLY F 114 55.76 55.41 47.89
C GLY F 114 54.67 56.15 48.63
N ASP F 115 54.38 55.68 49.84
CA ASP F 115 53.30 56.22 50.65
C ASP F 115 51.98 56.15 49.89
N ARG F 116 51.76 55.03 49.22
CA ARG F 116 50.58 54.84 48.42
C ARG F 116 49.33 54.85 49.29
N GLY F 117 48.19 54.98 48.62
CA GLY F 117 46.94 55.14 49.31
C GLY F 117 45.77 54.58 48.53
N VAL F 118 44.57 54.80 49.05
CA VAL F 118 43.36 54.28 48.44
C VAL F 118 42.22 55.26 48.69
N GLY F 119 41.54 55.64 47.63
CA GLY F 119 40.48 56.62 47.68
C GLY F 119 39.20 56.14 47.02
N SER F 120 38.33 57.09 46.71
CA SER F 120 37.02 56.76 46.19
C SER F 120 36.50 57.91 45.35
N SER F 121 35.84 57.57 44.25
CA SER F 121 35.15 58.51 43.39
C SER F 121 33.70 58.09 43.26
N ALA F 122 32.79 59.03 43.50
CA ALA F 122 31.37 58.77 43.46
C ALA F 122 30.67 59.79 42.57
N VAL F 123 29.47 59.42 42.16
CA VAL F 123 28.67 60.19 41.21
C VAL F 123 27.57 60.91 41.99
N ILE F 124 27.58 62.24 41.91
CA ILE F 124 26.73 63.11 42.72
C ILE F 124 25.97 64.02 41.78
N LEU F 125 24.72 63.67 41.52
CA LEU F 125 23.92 64.30 40.47
C LEU F 125 23.03 65.43 40.96
N ASP F 126 23.40 66.13 42.06
CA ASP F 126 22.47 67.05 42.69
C ASP F 126 23.09 68.33 43.27
N ASP F 127 24.38 68.56 43.11
CA ASP F 127 25.00 69.82 43.50
C ASP F 127 25.03 70.00 45.02
N ASN F 128 25.04 68.89 45.76
CA ASN F 128 25.26 68.92 47.20
C ASN F 128 26.32 67.86 47.46
N PHE F 129 27.56 68.31 47.43
CA PHE F 129 28.73 67.48 47.66
C PHE F 129 29.08 67.48 49.13
N VAL F 130 29.88 66.50 49.53
CA VAL F 130 30.54 66.55 50.82
C VAL F 130 31.44 67.77 50.82
N THR F 131 31.48 68.45 51.96
CA THR F 131 32.22 69.70 52.06
C THR F 131 33.69 69.47 51.74
N LYS F 132 34.28 70.43 51.03
CA LYS F 132 35.68 70.35 50.68
C LYS F 132 36.54 70.35 51.94
N ALA F 133 37.43 69.38 52.03
CA ALA F 133 38.27 69.16 53.19
C ALA F 133 39.68 68.88 52.75
N THR F 134 40.63 69.28 53.59
CA THR F 134 42.05 69.05 53.34
C THR F 134 42.50 67.72 53.93
N ALA F 135 42.18 67.46 55.19
CA ALA F 135 42.54 66.21 55.86
C ALA F 135 41.36 65.79 56.73
N LEU F 136 40.46 65.02 56.13
CA LEU F 136 39.33 64.44 56.82
C LEU F 136 39.67 63.03 57.29
N THR F 137 39.18 62.67 58.46
CA THR F 137 39.56 61.44 59.14
C THR F 137 38.91 60.20 58.55
N TYR F 138 38.22 60.30 57.43
CA TYR F 138 37.56 59.14 56.84
C TYR F 138 37.27 59.45 55.38
N ASP F 139 36.94 58.41 54.64
CA ASP F 139 36.56 58.52 53.24
C ASP F 139 35.04 58.61 53.15
N PRO F 140 34.47 59.77 52.86
CA PRO F 140 33.01 59.86 52.87
C PRO F 140 32.36 59.12 51.74
N TYR F 141 33.01 59.04 50.59
CA TYR F 141 32.44 58.44 49.40
C TYR F 141 32.67 56.95 49.32
N VAL F 142 33.02 56.30 50.43
CA VAL F 142 33.41 54.90 50.37
C VAL F 142 32.19 53.99 50.33
N ASN F 143 31.15 54.33 51.08
CA ASN F 143 29.96 53.50 51.15
C ASN F 143 28.93 53.88 50.10
N TYR F 144 29.25 54.80 49.21
CA TYR F 144 28.33 55.17 48.16
C TYR F 144 28.18 54.05 47.15
N SER F 145 26.96 53.88 46.65
CA SER F 145 26.68 52.85 45.68
C SER F 145 27.43 53.04 44.37
N SER F 146 27.85 54.27 44.07
CA SER F 146 28.59 54.59 42.86
C SER F 146 30.08 54.76 43.13
N ARG F 147 30.58 54.17 44.20
CA ARG F 147 31.99 54.30 44.53
C ARG F 147 32.83 53.38 43.67
N HIS F 148 33.88 53.94 43.09
CA HIS F 148 34.96 53.18 42.49
C HIS F 148 36.22 53.52 43.25
N THR F 149 37.03 52.50 43.50
CA THR F 149 38.27 52.68 44.22
C THR F 149 39.29 53.41 43.37
N ILE F 150 39.96 54.37 43.98
CA ILE F 150 41.07 55.10 43.37
C ILE F 150 42.33 54.54 44.03
N THR F 151 43.10 53.80 43.26
CA THR F 151 44.47 53.50 43.64
C THR F 151 45.34 54.72 43.36
N GLN F 152 46.21 55.03 44.30
CA GLN F 152 47.04 56.21 44.26
C GLN F 152 48.50 55.81 44.40
N PRO F 153 49.43 56.64 43.94
CA PRO F 153 49.34 57.89 43.18
C PRO F 153 49.54 57.75 41.69
N PHE F 154 50.06 56.61 41.25
CA PHE F 154 50.55 56.42 39.89
C PHE F 154 49.63 55.57 39.05
N SER F 155 48.35 55.59 39.34
CA SER F 155 47.37 54.71 38.69
C SER F 155 46.29 55.53 38.04
N TYR F 156 45.83 55.04 36.90
CA TYR F 156 44.81 55.69 36.10
C TYR F 156 43.43 55.34 36.62
N HIS F 157 42.55 56.34 36.61
CA HIS F 157 41.18 56.20 37.10
C HIS F 157 40.26 56.87 36.10
N SER F 158 39.31 56.11 35.58
CA SER F 158 38.30 56.61 34.67
C SER F 158 36.92 56.44 35.29
N ARG F 159 36.02 57.37 34.96
CA ARG F 159 34.62 57.29 35.34
C ARG F 159 33.80 57.74 34.14
N TYR F 160 32.85 56.90 33.74
CA TYR F 160 32.01 57.13 32.57
C TYR F 160 30.57 57.05 33.01
N PHE F 161 29.87 58.18 32.91
CA PHE F 161 28.52 58.29 33.47
C PHE F 161 27.77 59.37 32.71
N THR F 162 26.50 59.49 33.06
CA THR F 162 25.58 60.46 32.47
C THR F 162 25.29 61.56 33.46
N PRO F 163 25.74 62.80 33.24
CA PRO F 163 25.47 63.84 34.21
C PRO F 163 24.06 64.35 34.14
N LYS F 164 23.72 65.29 35.01
CA LYS F 164 22.41 65.88 35.08
C LYS F 164 22.56 67.38 35.27
N PRO F 165 21.69 68.18 34.67
CA PRO F 165 21.81 69.64 34.85
C PRO F 165 21.15 70.12 36.12
N VAL F 166 21.62 71.30 36.54
CA VAL F 166 21.15 71.95 37.75
C VAL F 166 20.02 72.88 37.32
N LEU F 167 18.81 72.35 37.30
CA LEU F 167 17.63 73.11 36.93
C LEU F 167 17.12 73.94 38.09
N ASP F 168 17.04 73.34 39.28
CA ASP F 168 16.65 74.05 40.48
C ASP F 168 17.53 73.56 41.61
N SER F 169 18.45 74.40 42.07
CA SER F 169 19.34 74.04 43.16
C SER F 169 18.63 73.98 44.50
N THR F 170 17.44 74.58 44.62
CA THR F 170 16.70 74.54 45.87
C THR F 170 16.05 73.18 46.09
N ILE F 171 15.52 72.58 45.02
CA ILE F 171 14.80 71.31 45.10
C ILE F 171 15.71 70.18 44.67
N ASP F 172 16.59 70.45 43.70
CA ASP F 172 17.57 69.51 43.22
C ASP F 172 16.91 68.25 42.69
N TYR F 173 16.15 68.42 41.61
CA TYR F 173 15.47 67.34 40.91
C TYR F 173 16.19 67.03 39.62
N PHE F 174 16.17 65.74 39.24
CA PHE F 174 16.80 65.31 38.01
C PHE F 174 16.05 64.11 37.45
N GLN F 175 16.31 63.84 36.25
CA GLN F 175 15.67 62.78 35.50
C GLN F 175 16.46 61.49 35.57
N PRO F 176 15.81 60.34 35.51
CA PRO F 176 16.57 59.10 35.33
C PRO F 176 17.10 58.96 33.92
N ASN F 177 17.91 57.94 33.69
CA ASN F 177 18.58 57.78 32.42
C ASN F 177 17.58 57.28 31.38
N ASN F 178 17.35 58.08 30.35
CA ASN F 178 16.49 57.72 29.26
C ASN F 178 16.95 58.52 28.05
N LYS F 179 17.47 57.85 27.04
CA LYS F 179 17.99 58.58 25.90
C LYS F 179 16.88 59.27 25.13
N ARG F 180 15.67 58.72 25.15
CA ARG F 180 14.58 59.25 24.35
C ARG F 180 13.88 60.41 25.03
N ASN F 181 13.93 60.48 26.36
CA ASN F 181 13.20 61.48 27.12
C ASN F 181 14.10 62.54 27.73
N GLN F 182 15.40 62.51 27.47
CA GLN F 182 16.31 63.48 28.05
C GLN F 182 16.01 64.87 27.52
N LEU F 183 16.00 65.82 28.43
CA LEU F 183 15.66 67.19 28.09
C LEU F 183 16.71 67.80 27.18
N TRP F 184 16.24 68.64 26.27
CA TRP F 184 17.10 69.49 25.46
C TRP F 184 17.22 70.83 26.14
N LEU F 185 18.44 71.26 26.39
CA LEU F 185 18.73 72.60 26.87
C LEU F 185 19.11 73.47 25.69
N ARG F 186 19.10 74.78 25.93
CA ARG F 186 19.56 75.74 24.95
C ARG F 186 21.03 76.01 25.14
N LEU F 187 21.73 76.10 24.02
CA LEU F 187 23.12 76.51 23.98
C LEU F 187 23.16 78.02 24.07
N GLN F 188 23.27 78.53 25.29
CA GLN F 188 23.30 79.95 25.54
C GLN F 188 24.60 80.54 25.01
N THR F 189 24.67 81.87 25.06
CA THR F 189 25.84 82.58 24.56
C THR F 189 26.96 82.58 25.60
N ALA F 190 26.67 83.03 26.83
CA ALA F 190 27.68 83.06 27.90
C ALA F 190 27.13 82.68 29.26
N GLY F 191 26.04 81.91 29.33
CA GLY F 191 25.38 81.65 30.59
C GLY F 191 24.84 80.25 30.76
N ASN F 192 25.51 79.28 30.17
CA ASN F 192 25.03 77.91 30.22
C ASN F 192 25.04 77.37 31.65
N VAL F 193 24.21 76.36 31.86
CA VAL F 193 23.95 75.81 33.19
C VAL F 193 24.97 74.73 33.50
N ASP F 194 25.32 74.63 34.78
CA ASP F 194 26.34 73.70 35.22
C ASP F 194 25.75 72.30 35.33
N HIS F 195 26.43 71.34 34.72
CA HIS F 195 26.16 69.94 34.93
C HIS F 195 27.05 69.42 36.04
N VAL F 196 26.60 68.34 36.66
CA VAL F 196 27.15 67.87 37.92
C VAL F 196 27.18 66.36 37.90
N GLY F 197 27.95 65.77 38.81
CA GLY F 197 28.10 64.33 38.78
C GLY F 197 29.39 63.67 39.20
N LEU F 198 30.36 64.37 39.80
CA LEU F 198 31.49 63.64 40.36
C LEU F 198 32.06 64.31 41.59
N GLY F 199 32.30 63.48 42.60
CA GLY F 199 33.02 63.89 43.78
C GLY F 199 34.04 62.84 44.14
N THR F 200 35.16 63.31 44.71
CA THR F 200 36.33 62.49 44.92
C THR F 200 36.80 62.58 46.36
N ALA F 201 37.60 61.59 46.75
CA ALA F 201 38.28 61.59 48.03
C ALA F 201 39.63 60.91 47.84
N PHE F 202 40.70 61.69 47.96
CA PHE F 202 42.05 61.21 47.79
C PHE F 202 42.75 61.13 49.14
N GLU F 203 43.46 60.04 49.36
CA GLU F 203 44.21 59.85 50.58
C GLU F 203 45.50 60.65 50.51
N ASN F 204 45.74 61.45 51.54
CA ASN F 204 46.90 62.31 51.55
C ASN F 204 48.18 61.51 51.74
N SER F 205 49.30 62.17 51.51
CA SER F 205 50.59 61.52 51.49
C SER F 205 51.67 62.52 51.88
N ILE F 206 52.87 62.00 52.15
CA ILE F 206 54.01 62.83 52.45
C ILE F 206 54.46 63.58 51.20
N TYR F 207 54.25 63.00 50.03
CA TYR F 207 54.63 63.59 48.76
C TYR F 207 53.42 64.19 48.08
N ASP F 208 53.67 65.17 47.21
CA ASP F 208 52.60 65.78 46.44
C ASP F 208 52.14 64.83 45.34
N GLN F 209 50.83 64.71 45.21
CA GLN F 209 50.20 63.86 44.20
C GLN F 209 49.52 64.75 43.17
N GLU F 210 50.10 64.81 41.97
CA GLU F 210 49.58 65.63 40.90
C GLU F 210 48.87 64.75 39.87
N TYR F 211 47.88 65.34 39.21
CA TYR F 211 47.09 64.67 38.19
C TYR F 211 46.78 65.65 37.08
N ASN F 212 46.70 65.13 35.86
CA ASN F 212 46.20 65.85 34.70
C ASN F 212 44.85 65.26 34.36
N ILE F 213 43.79 66.02 34.60
CA ILE F 213 42.43 65.52 34.46
C ILE F 213 41.90 65.93 33.10
N ARG F 214 41.48 64.95 32.31
CA ARG F 214 40.93 65.15 30.98
C ARG F 214 39.46 64.75 31.02
N VAL F 215 38.59 65.75 30.88
CA VAL F 215 37.15 65.54 30.82
C VAL F 215 36.75 65.56 29.36
N THR F 216 35.98 64.55 28.97
CA THR F 216 35.44 64.41 27.62
C THR F 216 33.93 64.33 27.74
N MET F 217 33.23 65.27 27.12
CA MET F 217 31.79 65.28 27.10
C MET F 217 31.28 64.83 25.74
N TYR F 218 30.38 63.87 25.75
CA TYR F 218 29.73 63.37 24.55
C TYR F 218 28.37 64.03 24.45
N VAL F 219 28.23 64.97 23.52
CA VAL F 219 27.08 65.84 23.45
C VAL F 219 26.28 65.51 22.20
N GLN F 220 25.08 66.05 22.14
CA GLN F 220 24.15 65.84 21.04
C GLN F 220 23.45 67.16 20.81
N PHE F 221 23.68 67.76 19.65
CA PHE F 221 23.11 69.04 19.28
C PHE F 221 21.90 68.86 18.38
N ARG F 222 21.21 69.97 18.12
CA ARG F 222 19.98 69.96 17.34
C ARG F 222 19.77 71.32 16.72
N GLU F 223 19.15 71.33 15.56
CA GLU F 223 18.71 72.55 14.86
C GLU F 223 19.90 73.44 14.49
N PHE F 224 20.66 72.94 13.53
CA PHE F 224 21.66 73.71 12.79
C PHE F 224 21.12 75.08 12.44
N ASN F 225 21.81 76.13 12.88
CA ASN F 225 21.30 77.49 12.80
C ASN F 225 22.35 78.45 12.31
N LEU F 226 23.09 78.05 11.29
CA LEU F 226 24.12 78.92 10.75
C LEU F 226 23.49 80.14 10.11
N LYS F 227 24.16 81.27 10.26
CA LYS F 227 23.72 82.54 9.69
C LYS F 227 24.80 83.04 8.75
N ASP F 228 24.39 83.37 7.52
CA ASP F 228 25.31 83.71 6.44
C ASP F 228 24.94 85.08 5.89
N PRO F 229 25.42 86.15 6.51
CA PRO F 229 25.22 87.47 5.96
C PRO F 229 26.14 87.69 4.76
N PRO F 230 25.90 88.73 3.96
CA PRO F 230 26.83 89.04 2.88
C PRO F 230 28.16 89.57 3.39
N LEU F 231 29.07 89.91 2.47
CA LEU F 231 30.39 90.38 2.81
C LEU F 231 30.84 91.50 1.89
N GLY G 43 11.50 41.90 57.08
CA GLY G 43 11.97 43.02 56.28
C GLY G 43 13.46 42.99 56.06
N ILE G 44 13.88 42.21 55.08
CA ILE G 44 15.28 41.96 54.84
C ILE G 44 15.90 43.13 54.10
N PHE G 45 17.16 43.42 54.43
CA PHE G 45 17.94 44.43 53.75
C PHE G 45 19.40 44.00 53.80
N ASN G 46 19.88 43.46 52.69
CA ASN G 46 21.29 43.14 52.56
C ASN G 46 22.05 44.37 52.12
N THR G 47 23.11 44.71 52.85
CA THR G 47 23.95 45.84 52.50
C THR G 47 25.41 45.50 52.79
N ARG G 48 26.25 46.53 52.77
CA ARG G 48 27.69 46.39 52.85
C ARG G 48 28.25 47.53 53.67
N LEU G 49 29.02 47.20 54.69
CA LEU G 49 29.61 48.17 55.60
C LEU G 49 31.11 47.96 55.63
N SER G 50 31.85 49.05 55.61
CA SER G 50 33.30 49.04 55.52
C SER G 50 33.92 49.87 56.63
N ARG G 51 35.23 49.73 56.74
CA ARG G 51 36.03 50.29 57.81
C ARG G 51 37.49 50.09 57.43
N THR G 52 38.32 51.08 57.71
CA THR G 52 39.72 51.09 57.31
C THR G 52 40.59 51.46 58.49
N PHE G 53 41.71 50.76 58.63
CA PHE G 53 42.65 51.00 59.72
C PHE G 53 44.01 50.45 59.32
N GLY G 54 45.01 50.79 60.12
CA GLY G 54 46.38 50.45 59.84
C GLY G 54 46.96 49.31 60.65
N TYR G 55 47.99 48.69 60.10
CA TYR G 55 48.74 47.64 60.77
C TYR G 55 50.17 47.70 60.27
N THR G 56 51.12 47.68 61.20
CA THR G 56 52.54 47.76 60.88
C THR G 56 53.28 46.62 61.54
N ILE G 57 54.21 46.05 60.79
CA ILE G 57 55.15 45.05 61.27
C ILE G 57 56.49 45.77 61.40
N LYS G 58 56.89 46.06 62.63
CA LYS G 58 58.11 46.80 62.86
C LYS G 58 59.33 45.99 62.47
N ARG G 59 60.43 46.69 62.23
CA ARG G 59 61.68 46.09 61.82
C ARG G 59 62.32 45.33 62.97
N THR G 60 63.22 44.41 62.60
CA THR G 60 63.97 43.62 63.55
C THR G 60 65.39 43.41 63.04
N THR G 61 66.36 43.53 63.95
CA THR G 61 67.75 43.21 63.64
C THR G 61 68.02 41.71 63.62
N VAL G 62 67.04 40.89 63.99
CA VAL G 62 67.22 39.44 63.98
C VAL G 62 67.55 38.97 62.57
N LYS G 63 68.53 38.06 62.49
CA LYS G 63 68.99 37.57 61.19
C LYS G 63 68.12 36.44 60.68
N THR G 64 67.63 35.59 61.56
CA THR G 64 66.87 34.43 61.17
C THR G 64 65.55 34.83 60.51
N PRO G 65 64.89 33.89 59.84
CA PRO G 65 63.51 34.14 59.42
C PRO G 65 62.57 33.92 60.59
N SER G 66 62.05 35.01 61.12
CA SER G 66 61.06 34.97 62.18
C SER G 66 59.77 35.60 61.68
N TRP G 67 58.66 35.23 62.31
CA TRP G 67 57.34 35.69 61.93
C TRP G 67 56.68 36.44 63.08
N ALA G 68 55.86 37.41 62.69
CA ALA G 68 55.09 38.22 63.62
C ALA G 68 53.64 37.79 63.54
N VAL G 69 53.10 37.37 64.68
CA VAL G 69 51.76 36.81 64.76
C VAL G 69 50.84 37.83 65.37
N ASP G 70 49.62 37.90 64.85
CA ASP G 70 48.61 38.79 65.37
C ASP G 70 47.24 38.23 65.01
N MET G 71 46.22 38.80 65.64
CA MET G 71 44.84 38.35 65.52
C MET G 71 43.98 39.48 64.96
N MET G 72 42.76 39.10 64.57
CA MET G 72 41.83 40.05 63.97
C MET G 72 40.41 39.58 64.27
N ARG G 73 39.68 40.37 65.04
CA ARG G 73 38.27 40.16 65.33
C ARG G 73 37.45 41.20 64.58
N PHE G 74 36.14 40.98 64.53
CA PHE G 74 35.20 41.85 63.84
C PHE G 74 33.99 42.09 64.72
N ASN G 75 33.70 43.36 64.97
CA ASN G 75 32.51 43.76 65.70
C ASN G 75 31.75 44.80 64.89
N ILE G 76 30.43 44.80 65.04
CA ILE G 76 29.57 45.68 64.26
C ILE G 76 29.52 47.09 64.81
N ASN G 77 29.98 47.32 66.04
CA ASN G 77 30.04 48.67 66.56
C ASN G 77 31.04 49.52 65.80
N ASP G 78 32.09 48.89 65.29
CA ASP G 78 33.12 49.60 64.54
C ASP G 78 32.69 49.95 63.13
N PHE G 79 31.61 49.36 62.64
CA PHE G 79 31.08 49.63 61.31
C PHE G 79 29.79 50.43 61.33
N LEU G 80 28.98 50.25 62.37
CA LEU G 80 27.68 50.88 62.49
C LEU G 80 27.69 51.87 63.66
N PRO G 81 27.63 53.18 63.44
CA PRO G 81 27.71 54.09 64.57
C PRO G 81 26.40 54.13 65.33
N PRO G 82 26.39 54.80 66.48
CA PRO G 82 25.12 55.01 67.18
C PRO G 82 24.28 56.04 66.45
N GLY G 83 22.96 55.85 66.54
CA GLY G 83 22.04 56.73 65.88
C GLY G 83 21.75 57.98 66.68
N GLY G 84 20.50 58.41 66.65
CA GLY G 84 20.09 59.59 67.38
C GLY G 84 18.61 59.60 67.67
N GLY G 85 18.27 59.90 68.92
CA GLY G 85 16.88 59.96 69.32
C GLY G 85 16.33 58.62 69.72
N SER G 86 15.08 58.37 69.33
CA SER G 86 14.43 57.11 69.67
C SER G 86 15.01 55.93 68.92
N ASN G 87 15.77 56.17 67.86
CA ASN G 87 16.44 55.12 67.14
C ASN G 87 17.85 54.98 67.67
N PRO G 88 18.20 53.91 68.39
CA PRO G 88 19.52 53.86 69.02
C PRO G 88 20.65 53.67 68.03
N ARG G 89 20.39 53.14 66.85
CA ARG G 89 21.40 52.89 65.84
C ARG G 89 21.04 53.62 64.55
N SER G 90 22.05 53.77 63.70
CA SER G 90 21.90 54.57 62.49
C SER G 90 21.20 53.81 61.37
N VAL G 91 21.25 52.49 61.40
CA VAL G 91 20.51 51.63 60.48
C VAL G 91 19.28 51.11 61.23
N PRO G 92 18.06 51.54 60.89
CA PRO G 92 16.93 51.21 61.75
C PRO G 92 16.39 49.80 61.55
N PHE G 93 17.08 48.85 62.15
CA PHE G 93 16.68 47.46 62.13
C PHE G 93 16.95 46.85 63.49
N GLU G 94 16.29 45.73 63.76
CA GLU G 94 16.35 45.04 65.04
C GLU G 94 17.40 43.94 65.06
N TYR G 95 17.38 43.06 64.07
CA TYR G 95 18.21 41.88 64.04
C TYR G 95 19.24 42.00 62.92
N TYR G 96 20.29 41.18 63.03
CA TYR G 96 21.31 41.14 62.02
C TYR G 96 21.99 39.78 62.04
N ARG G 97 22.70 39.49 60.97
CA ARG G 97 23.58 38.33 60.91
C ARG G 97 24.59 38.58 59.82
N ILE G 98 25.87 38.41 60.16
CA ILE G 98 26.94 38.70 59.24
C ILE G 98 27.11 37.51 58.30
N ARG G 99 27.00 37.78 57.01
CA ARG G 99 27.07 36.75 55.98
C ARG G 99 28.51 36.47 55.55
N LYS G 100 29.27 37.53 55.27
CA LYS G 100 30.63 37.41 54.77
C LYS G 100 31.43 38.59 55.26
N VAL G 101 32.74 38.42 55.26
CA VAL G 101 33.70 39.50 55.51
C VAL G 101 34.79 39.40 54.46
N LYS G 102 35.25 40.57 54.01
CA LYS G 102 36.36 40.70 53.08
C LYS G 102 37.42 41.55 53.76
N VAL G 103 38.50 40.91 54.14
CA VAL G 103 39.66 41.60 54.68
C VAL G 103 40.65 41.81 53.55
N GLU G 104 41.03 43.07 53.35
CA GLU G 104 41.95 43.45 52.28
C GLU G 104 43.16 44.10 52.91
N PHE G 105 44.32 43.51 52.71
CA PHE G 105 45.60 44.10 53.10
C PHE G 105 46.12 44.90 51.93
N TRP G 106 45.88 46.19 51.97
CA TRP G 106 46.39 47.09 50.95
C TRP G 106 47.78 47.57 51.35
N PRO G 107 48.82 47.28 50.58
CA PRO G 107 50.16 47.65 51.02
C PRO G 107 50.39 49.14 51.01
N CYS G 108 51.36 49.54 51.83
CA CYS G 108 51.82 50.91 51.91
C CYS G 108 53.25 51.06 51.45
N SER G 109 53.89 50.00 51.01
CA SER G 109 55.30 49.95 50.75
C SER G 109 55.57 49.94 49.25
N PRO G 110 56.68 50.50 48.81
CA PRO G 110 56.96 50.56 47.37
C PRO G 110 57.32 49.20 46.82
N ILE G 111 57.19 49.08 45.49
CA ILE G 111 57.55 47.84 44.83
C ILE G 111 59.05 47.64 44.72
N THR G 112 59.85 48.62 45.11
CA THR G 112 61.30 48.50 45.14
C THR G 112 61.83 48.03 46.46
N GLN G 113 60.98 47.76 47.45
CA GLN G 113 61.44 47.38 48.76
C GLN G 113 61.93 45.95 48.74
N GLY G 114 63.10 45.73 49.34
CA GLY G 114 63.70 44.43 49.41
C GLY G 114 63.44 43.72 50.72
N ASP G 115 64.24 42.69 50.96
CA ASP G 115 64.07 41.83 52.13
C ASP G 115 62.66 41.25 52.16
N ARG G 116 62.19 40.83 51.01
CA ARG G 116 60.85 40.29 50.89
C ARG G 116 60.71 39.01 51.70
N GLY G 117 59.46 38.61 51.88
CA GLY G 117 59.14 37.49 52.74
C GLY G 117 57.89 36.76 52.31
N VAL G 118 57.48 35.81 53.14
CA VAL G 118 56.32 34.99 52.82
C VAL G 118 55.64 34.59 54.13
N GLY G 119 54.34 34.83 54.20
CA GLY G 119 53.55 34.61 55.39
C GLY G 119 52.31 33.79 55.11
N SER G 120 51.38 33.84 56.05
CA SER G 120 50.20 33.01 55.98
C SER G 120 49.06 33.67 56.72
N SER G 121 47.86 33.56 56.16
CA SER G 121 46.62 34.01 56.79
C SER G 121 45.67 32.84 56.87
N ALA G 122 45.11 32.61 58.06
CA ALA G 122 44.21 31.49 58.29
C ALA G 122 42.95 31.99 58.97
N VAL G 123 41.91 31.16 58.88
CA VAL G 123 40.58 31.47 59.36
C VAL G 123 40.35 30.74 60.67
N ILE G 124 40.09 31.49 61.74
CA ILE G 124 40.04 30.97 63.10
C ILE G 124 38.70 31.38 63.69
N LEU G 125 37.74 30.46 63.69
CA LEU G 125 36.36 30.76 64.01
C LEU G 125 35.98 30.50 65.46
N ASP G 126 36.94 30.61 66.41
CA ASP G 126 36.68 30.17 67.77
C ASP G 126 37.31 31.00 68.89
N ASP G 127 37.99 32.09 68.58
CA ASP G 127 38.50 33.01 69.59
C ASP G 127 39.63 32.39 70.41
N ASN G 128 40.36 31.45 69.83
CA ASN G 128 41.59 30.92 70.42
C ASN G 128 42.62 30.96 69.31
N PHE G 129 43.33 32.07 69.25
CA PHE G 129 44.36 32.32 68.29
C PHE G 129 45.71 31.86 68.83
N VAL G 130 46.66 31.69 67.92
CA VAL G 130 48.04 31.56 68.33
C VAL G 130 48.44 32.83 69.05
N THR G 131 49.22 32.69 70.11
CA THR G 131 49.59 33.82 70.94
C THR G 131 50.32 34.87 70.12
N LYS G 132 50.03 36.13 70.40
CA LYS G 132 50.67 37.22 69.71
C LYS G 132 52.17 37.21 69.99
N ALA G 133 52.95 37.26 68.93
CA ALA G 133 54.40 37.17 69.00
C ALA G 133 55.02 38.20 68.09
N THR G 134 56.19 38.67 68.49
CA THR G 134 56.95 39.64 67.72
C THR G 134 57.88 38.96 66.72
N ALA G 135 58.67 37.99 67.19
CA ALA G 135 59.59 37.25 66.33
C ALA G 135 59.55 35.79 66.75
N LEU G 136 58.64 35.04 66.15
CA LEU G 136 58.52 33.61 66.36
C LEU G 136 59.29 32.87 65.29
N THR G 137 59.93 31.76 65.67
CA THR G 137 60.85 31.04 64.83
C THR G 137 60.19 30.21 63.75
N TYR G 138 58.89 30.32 63.56
CA TYR G 138 58.19 29.53 62.56
C TYR G 138 56.87 30.21 62.25
N ASP G 139 56.24 29.77 61.16
CA ASP G 139 54.94 30.24 60.75
C ASP G 139 53.88 29.29 61.30
N PRO G 140 53.12 29.65 62.33
CA PRO G 140 52.18 28.67 62.88
C PRO G 140 51.02 28.37 61.97
N TYR G 141 50.59 29.34 61.18
CA TYR G 141 49.42 29.20 60.34
C TYR G 141 49.72 28.59 58.98
N VAL G 142 50.88 27.96 58.82
CA VAL G 142 51.31 27.49 57.51
C VAL G 142 50.63 26.19 57.14
N ASN G 143 50.48 25.28 58.10
CA ASN G 143 49.89 23.98 57.84
C ASN G 143 48.39 23.97 58.03
N TYR G 144 47.78 25.12 58.29
CA TYR G 144 46.34 25.20 58.42
C TYR G 144 45.66 24.98 57.08
N SER G 145 44.52 24.29 57.13
CA SER G 145 43.76 24.00 55.94
C SER G 145 43.23 25.26 55.26
N SER G 146 43.09 26.35 56.01
CA SER G 146 42.61 27.62 55.47
C SER G 146 43.74 28.60 55.25
N ARG G 147 44.96 28.13 55.07
CA ARG G 147 46.09 29.01 54.87
C ARG G 147 46.11 29.51 53.43
N HIS G 148 46.28 30.81 53.29
CA HIS G 148 46.62 31.45 52.04
C HIS G 148 47.96 32.12 52.23
N THR G 149 48.82 32.03 51.23
CA THR G 149 50.13 32.63 51.30
C THR G 149 50.03 34.15 51.18
N ILE G 150 50.77 34.83 52.03
CA ILE G 150 50.93 36.28 51.99
C ILE G 150 52.30 36.54 51.41
N THR G 151 52.33 37.05 50.18
CA THR G 151 53.54 37.64 49.65
C THR G 151 53.71 39.03 50.24
N GLN G 152 54.92 39.35 50.66
CA GLN G 152 55.26 40.59 51.34
C GLN G 152 56.35 41.30 50.58
N PRO G 153 56.49 42.63 50.75
CA PRO G 153 55.67 43.60 51.48
C PRO G 153 54.68 44.38 50.62
N PHE G 154 54.87 44.34 49.31
CA PHE G 154 54.19 45.23 48.38
C PHE G 154 53.08 44.53 47.60
N SER G 155 52.48 43.51 48.17
CA SER G 155 51.51 42.70 47.47
C SER G 155 50.19 42.70 48.23
N TYR G 156 49.11 42.67 47.46
CA TYR G 156 47.76 42.69 47.98
C TYR G 156 47.31 41.30 48.38
N HIS G 157 46.60 41.23 49.49
CA HIS G 157 46.11 39.98 50.05
C HIS G 157 44.67 40.18 50.47
N SER G 158 43.77 39.36 49.92
CA SER G 158 42.37 39.36 50.27
C SER G 158 41.98 38.02 50.86
N ARG G 159 41.01 38.06 51.77
CA ARG G 159 40.41 36.87 52.34
C ARG G 159 38.92 37.12 52.45
N TYR G 160 38.13 36.21 51.90
CA TYR G 160 36.68 36.32 51.84
C TYR G 160 36.09 35.06 52.45
N PHE G 161 35.40 35.23 53.57
CA PHE G 161 34.94 34.09 54.36
C PHE G 161 33.73 34.51 55.17
N THR G 162 33.16 33.52 55.85
CA THR G 162 31.98 33.70 56.68
C THR G 162 32.37 33.62 58.15
N PRO G 163 32.32 34.69 58.91
CA PRO G 163 32.72 34.60 60.31
C PRO G 163 31.67 33.93 61.17
N LYS G 164 31.97 33.78 62.45
CA LYS G 164 31.10 33.16 63.41
C LYS G 164 31.11 33.98 64.68
N PRO G 165 29.98 34.10 65.38
CA PRO G 165 29.96 34.88 66.62
C PRO G 165 30.43 34.07 67.82
N VAL G 166 30.87 34.82 68.81
CA VAL G 166 31.38 34.26 70.06
C VAL G 166 30.19 34.19 71.01
N LEU G 167 29.49 33.07 70.97
CA LEU G 167 28.34 32.86 71.82
C LEU G 167 28.75 32.38 73.20
N ASP G 168 29.69 31.44 73.27
CA ASP G 168 30.24 30.97 74.53
C ASP G 168 31.72 30.77 74.33
N SER G 169 32.53 31.63 74.93
CA SER G 169 33.98 31.53 74.82
C SER G 169 34.54 30.35 75.61
N THR G 170 33.77 29.80 76.55
CA THR G 170 34.24 28.66 77.32
C THR G 170 34.20 27.38 76.51
N ILE G 171 33.15 27.20 75.71
CA ILE G 171 32.94 25.98 74.94
C ILE G 171 33.37 26.21 73.50
N ASP G 172 33.15 27.43 73.01
CA ASP G 172 33.57 27.84 71.67
C ASP G 172 32.93 26.96 70.61
N TYR G 173 31.61 27.05 70.53
CA TYR G 173 30.81 26.33 69.54
C TYR G 173 30.34 27.28 68.45
N PHE G 174 30.24 26.77 67.23
CA PHE G 174 29.79 27.55 66.10
C PHE G 174 29.06 26.66 65.12
N GLN G 175 28.37 27.28 64.26
CA GLN G 175 27.54 26.64 63.26
C GLN G 175 28.31 26.45 61.96
N PRO G 176 28.02 25.41 61.19
CA PRO G 176 28.55 25.36 59.83
C PRO G 176 27.86 26.34 58.91
N ASN G 177 28.36 26.46 57.70
CA ASN G 177 27.85 27.44 56.76
C ASN G 177 26.50 26.98 56.21
N ASN G 178 25.47 27.75 56.49
CA ASN G 178 24.13 27.48 55.98
C ASN G 178 23.41 28.82 55.97
N LYS G 179 23.09 29.31 54.77
CA LYS G 179 22.45 30.61 54.70
C LYS G 179 21.06 30.58 55.29
N ARG G 180 20.38 29.44 55.24
CA ARG G 180 19.00 29.35 55.69
C ARG G 180 18.88 29.18 57.19
N ASN G 181 19.89 28.60 57.82
CA ASN G 181 19.87 28.26 59.23
C ASN G 181 20.74 29.16 60.09
N GLN G 182 21.38 30.17 59.52
CA GLN G 182 22.25 31.04 60.28
C GLN G 182 21.45 31.83 61.29
N LEU G 183 21.99 31.90 62.50
CA LEU G 183 21.32 32.57 63.59
C LEU G 183 21.21 34.06 63.35
N TRP G 184 20.10 34.62 63.79
CA TRP G 184 19.91 36.06 63.84
C TRP G 184 20.29 36.53 65.23
N LEU G 185 21.20 37.49 65.29
CA LEU G 185 21.54 38.19 66.51
C LEU G 185 20.77 39.48 66.58
N ARG G 186 20.75 40.07 67.78
CA ARG G 186 20.16 41.37 67.99
C ARG G 186 21.21 42.45 67.81
N LEU G 187 20.80 43.52 67.15
CA LEU G 187 21.61 44.71 67.01
C LEU G 187 21.46 45.51 68.29
N GLN G 188 22.38 45.27 69.22
CA GLN G 188 22.37 45.94 70.51
C GLN G 188 22.71 47.41 70.32
N THR G 189 22.60 48.15 71.42
CA THR G 189 22.87 49.57 71.40
C THR G 189 24.37 49.86 71.50
N ALA G 190 25.04 49.30 72.52
CA ALA G 190 26.47 49.50 72.68
C ALA G 190 27.21 48.25 73.17
N GLY G 191 26.69 47.07 72.92
CA GLY G 191 27.24 45.85 73.49
C GLY G 191 27.23 44.65 72.59
N ASN G 192 27.37 44.87 71.29
CA ASN G 192 27.31 43.78 70.33
C ASN G 192 28.46 42.80 70.52
N VAL G 193 28.25 41.59 70.06
CA VAL G 193 29.16 40.47 70.28
C VAL G 193 30.22 40.45 69.19
N ASP G 194 31.41 40.02 69.56
CA ASP G 194 32.54 40.02 68.64
C ASP G 194 32.46 38.80 67.73
N HIS G 195 32.58 39.06 66.45
CA HIS G 195 32.78 38.01 65.46
C HIS G 195 34.26 37.81 65.22
N VAL G 196 34.60 36.62 64.77
CA VAL G 196 35.97 36.16 64.77
C VAL G 196 36.20 35.36 63.48
N GLY G 197 37.46 35.14 63.15
CA GLY G 197 37.76 34.48 61.89
C GLY G 197 39.00 34.82 61.10
N LEU G 198 39.97 35.56 61.63
CA LEU G 198 41.22 35.69 60.90
C LEU G 198 42.42 35.85 61.82
N GLY G 199 43.46 35.08 61.51
CA GLY G 199 44.75 35.23 62.14
C GLY G 199 45.84 35.21 61.09
N THR G 200 46.90 35.96 61.36
CA THR G 200 47.94 36.23 60.38
C THR G 200 49.31 35.91 60.96
N ALA G 201 50.26 35.75 60.04
CA ALA G 201 51.66 35.59 60.39
C ALA G 201 52.48 36.24 59.30
N PHE G 202 53.14 37.35 59.64
CA PHE G 202 53.96 38.12 58.72
C PHE G 202 55.42 37.90 59.03
N GLU G 203 56.22 37.70 57.99
CA GLU G 203 57.65 37.53 58.13
C GLU G 203 58.29 38.88 58.33
N ASN G 204 59.11 38.98 59.37
CA ASN G 204 59.74 40.24 59.72
C ASN G 204 60.81 40.60 58.71
N SER G 205 61.25 41.85 58.78
CA SER G 205 62.17 42.41 57.80
C SER G 205 63.00 43.50 58.44
N ILE G 206 64.05 43.91 57.73
CA ILE G 206 64.88 45.02 58.19
C ILE G 206 64.13 46.33 58.11
N TYR G 207 63.20 46.44 57.17
CA TYR G 207 62.40 47.63 56.97
C TYR G 207 61.01 47.44 57.55
N ASP G 208 60.38 48.55 57.88
CA ASP G 208 59.03 48.52 58.40
C ASP G 208 58.04 48.22 57.28
N GLN G 209 57.12 47.31 57.55
CA GLN G 209 56.08 46.90 56.60
C GLN G 209 54.74 47.41 57.11
N GLU G 210 54.19 48.42 56.43
CA GLU G 210 52.92 49.02 56.79
C GLU G 210 51.83 48.55 55.84
N TYR G 211 50.62 48.50 56.36
CA TYR G 211 49.45 48.08 55.61
C TYR G 211 48.26 48.94 56.02
N ASN G 212 47.37 49.19 55.08
CA ASN G 212 46.07 49.79 55.32
C ASN G 212 45.04 48.70 55.13
N ILE G 213 44.42 48.26 56.22
CA ILE G 213 43.52 47.12 56.19
C ILE G 213 42.10 47.63 56.10
N ARG G 214 41.38 47.19 55.07
CA ARG G 214 40.00 47.56 54.82
C ARG G 214 39.14 46.31 55.00
N VAL G 215 38.33 46.31 56.05
CA VAL G 215 37.40 45.24 56.32
C VAL G 215 36.04 45.67 55.81
N THR G 216 35.39 44.78 55.07
CA THR G 216 34.06 44.99 54.52
C THR G 216 33.19 43.84 55.00
N MET G 217 32.14 44.16 55.74
CA MET G 217 31.19 43.17 56.22
C MET G 217 29.91 43.24 55.41
N TYR G 218 29.49 42.10 54.90
CA TYR G 218 28.25 41.95 54.17
C TYR G 218 27.20 41.41 55.12
N VAL G 219 26.26 42.27 55.53
CA VAL G 219 25.34 41.98 56.60
C VAL G 219 23.94 41.86 56.03
N GLN G 220 23.04 41.34 56.86
CA GLN G 220 21.65 41.12 56.49
C GLN G 220 20.83 41.45 57.72
N PHE G 221 20.01 42.49 57.62
CA PHE G 221 19.19 42.96 58.70
C PHE G 221 17.75 42.45 58.56
N ARG G 222 16.95 42.71 59.59
CA ARG G 222 15.58 42.23 59.63
C ARG G 222 14.77 43.12 60.55
N GLU G 223 13.49 43.24 60.25
CA GLU G 223 12.51 43.93 61.09
C GLU G 223 12.86 45.41 61.28
N PHE G 224 12.70 46.14 60.17
CA PHE G 224 12.66 47.59 60.15
C PHE G 224 11.84 48.13 61.31
N ASN G 225 12.46 48.95 62.15
CA ASN G 225 11.88 49.37 63.42
C ASN G 225 12.02 50.85 63.65
N LEU G 226 11.80 51.64 62.60
CA LEU G 226 11.93 53.08 62.75
C LEU G 226 10.85 53.61 63.68
N LYS G 227 11.22 54.61 64.47
CA LYS G 227 10.33 55.26 65.40
C LYS G 227 10.23 56.74 65.04
N ASP G 228 9.00 57.22 64.89
CA ASP G 228 8.72 58.56 64.39
C ASP G 228 7.86 59.31 65.40
N PRO G 229 8.48 59.91 66.41
CA PRO G 229 7.73 60.76 67.32
C PRO G 229 7.39 62.08 66.65
N PRO G 230 6.47 62.86 67.25
CA PRO G 230 6.22 64.20 66.70
C PRO G 230 7.38 65.15 66.94
N LEU G 231 7.21 66.40 66.50
CA LEU G 231 8.25 67.41 66.61
C LEU G 231 7.66 68.77 66.97
N GLY H 43 44.07 2.92 56.56
CA GLY H 43 43.60 4.22 56.99
C GLY H 43 44.38 5.37 56.38
N ILE H 44 44.03 5.71 55.16
CA ILE H 44 44.79 6.66 54.37
C ILE H 44 44.44 8.08 54.81
N PHE H 45 45.46 8.95 54.78
CA PHE H 45 45.28 10.36 55.07
C PHE H 45 46.31 11.12 54.25
N ASN H 46 45.87 11.70 53.15
CA ASN H 46 46.72 12.57 52.36
C ASN H 46 46.69 13.98 52.94
N THR H 47 47.86 14.53 53.19
CA THR H 47 47.97 15.89 53.71
C THR H 47 49.16 16.57 53.06
N ARG H 48 49.54 17.72 53.63
CA ARG H 48 50.53 18.61 53.08
C ARG H 48 51.33 19.22 54.21
N LEU H 49 52.65 19.09 54.14
CA LEU H 49 53.57 19.57 55.15
C LEU H 49 54.58 20.49 54.49
N SER H 50 54.87 21.60 55.15
CA SER H 50 55.73 22.65 54.63
C SER H 50 56.84 22.97 55.60
N ARG H 51 57.79 23.76 55.10
CA ARG H 51 59.02 24.11 55.78
C ARG H 51 59.68 25.19 54.97
N THR H 52 60.29 26.17 55.65
CA THR H 52 60.87 27.33 55.02
C THR H 52 62.26 27.57 55.57
N PHE H 53 63.19 27.91 54.67
CA PHE H 53 64.57 28.17 55.05
C PHE H 53 65.22 29.01 53.97
N GLY H 54 66.41 29.50 54.28
CA GLY H 54 67.13 30.41 53.42
C GLY H 54 68.28 29.81 52.65
N TYR H 55 68.63 30.47 51.54
CA TYR H 55 69.76 30.11 50.70
C TYR H 55 70.29 31.37 50.06
N THR H 56 71.60 31.57 50.15
CA THR H 56 72.25 32.76 49.61
C THR H 56 73.40 32.35 48.72
N ILE H 57 73.51 33.06 47.59
CA ILE H 57 74.63 32.94 46.68
C ILE H 57 75.47 34.19 46.88
N LYS H 58 76.60 34.04 47.55
CA LYS H 58 77.45 35.17 47.87
C LYS H 58 78.05 35.77 46.60
N ARG H 59 78.47 37.02 46.73
CA ARG H 59 79.04 37.76 45.62
C ARG H 59 80.44 37.26 45.29
N THR H 60 80.87 37.57 44.07
CA THR H 60 82.20 37.22 43.59
C THR H 60 82.75 38.34 42.72
N THR H 61 84.03 38.64 42.90
CA THR H 61 84.74 39.58 42.04
C THR H 61 85.12 38.99 40.70
N VAL H 62 84.90 37.68 40.50
CA VAL H 62 85.23 37.05 39.23
C VAL H 62 84.45 37.69 38.10
N LYS H 63 85.15 37.94 36.98
CA LYS H 63 84.53 38.61 35.84
C LYS H 63 83.76 37.66 34.96
N THR H 64 84.24 36.43 34.80
CA THR H 64 83.64 35.47 33.92
C THR H 64 82.25 35.08 34.39
N PRO H 65 81.45 34.44 33.53
CA PRO H 65 80.22 33.83 34.01
C PRO H 65 80.53 32.50 34.66
N SER H 66 80.44 32.45 35.97
CA SER H 66 80.60 31.24 36.75
C SER H 66 79.31 30.92 37.47
N TRP H 67 79.14 29.64 37.80
CA TRP H 67 77.95 29.15 38.46
C TRP H 67 78.27 28.54 39.81
N ALA H 68 77.31 28.67 40.71
CA ALA H 68 77.39 28.12 42.05
C ALA H 68 76.47 26.92 42.14
N VAL H 69 77.05 25.79 42.47
CA VAL H 69 76.34 24.52 42.47
C VAL H 69 76.06 24.11 43.91
N ASP H 70 74.88 23.55 44.13
CA ASP H 70 74.49 23.07 45.46
C ASP H 70 73.43 22.00 45.27
N MET H 71 73.17 21.30 46.36
CA MET H 71 72.26 20.16 46.39
C MET H 71 71.11 20.42 47.35
N MET H 72 70.11 19.57 47.27
CA MET H 72 68.91 19.70 48.10
C MET H 72 68.30 18.32 48.31
N ARG H 73 68.31 17.87 49.56
CA ARG H 73 67.65 16.65 49.98
C ARG H 73 66.40 16.99 50.78
N PHE H 74 65.57 15.97 51.00
CA PHE H 74 64.31 16.12 51.72
C PHE H 74 64.16 14.99 52.71
N ASN H 75 63.98 15.34 53.98
CA ASN H 75 63.70 14.38 55.03
C ASN H 75 62.45 14.80 55.79
N ILE H 76 61.73 13.80 56.29
CA ILE H 76 60.45 14.06 56.96
C ILE H 76 60.62 14.50 58.39
N ASN H 77 61.81 14.35 58.97
CA ASN H 77 62.03 14.87 60.32
C ASN H 77 61.97 16.37 60.36
N ASP H 78 62.35 17.02 59.26
CA ASP H 78 62.34 18.48 59.18
C ASP H 78 60.95 19.03 58.98
N PHE H 79 59.97 18.21 58.62
CA PHE H 79 58.59 18.63 58.43
C PHE H 79 57.66 18.14 59.53
N LEU H 80 57.96 16.98 60.11
CA LEU H 80 57.13 16.36 61.12
C LEU H 80 57.86 16.33 62.46
N PRO H 81 57.46 17.09 63.48
CA PRO H 81 58.23 17.09 64.70
C PRO H 81 57.96 15.83 65.52
N PRO H 82 58.71 15.62 66.58
CA PRO H 82 58.40 14.53 67.49
C PRO H 82 57.15 14.83 68.31
N GLY H 83 56.42 13.78 68.62
CA GLY H 83 55.20 13.93 69.36
C GLY H 83 55.42 14.01 70.85
N GLY H 84 54.53 13.38 71.61
CA GLY H 84 54.64 13.38 73.04
C GLY H 84 53.92 12.20 73.68
N GLY H 85 54.59 11.53 74.59
CA GLY H 85 54.01 10.40 75.28
C GLY H 85 54.16 9.11 74.52
N SER H 86 53.11 8.30 74.55
CA SER H 86 53.14 7.01 73.89
C SER H 86 53.12 7.14 72.37
N ASN H 87 52.77 8.31 71.84
CA ASN H 87 52.81 8.57 70.42
C ASN H 87 54.13 9.22 70.08
N PRO H 88 55.06 8.54 69.39
CA PRO H 88 56.39 9.13 69.20
C PRO H 88 56.40 10.29 68.23
N ARG H 89 55.41 10.39 67.34
CA ARG H 89 55.33 11.45 66.36
C ARG H 89 54.03 12.21 66.51
N SER H 90 54.00 13.40 65.92
CA SER H 90 52.88 14.30 66.09
C SER H 90 51.70 13.95 65.19
N VAL H 91 51.96 13.27 64.09
CA VAL H 91 50.92 12.74 63.21
C VAL H 91 50.78 11.25 63.51
N PRO H 92 49.68 10.79 64.13
CA PRO H 92 49.66 9.41 64.61
C PRO H 92 49.38 8.38 63.53
N PHE H 93 50.41 8.07 62.76
CA PHE H 93 50.35 7.06 61.74
C PHE H 93 51.64 6.26 61.74
N GLU H 94 51.58 5.08 61.15
CA GLU H 94 52.70 4.14 61.12
C GLU H 94 53.56 4.27 59.88
N TYR H 95 52.93 4.26 58.72
CA TYR H 95 53.60 4.22 57.44
C TYR H 95 53.40 5.53 56.70
N TYR H 96 54.27 5.78 55.73
CA TYR H 96 54.17 6.96 54.89
C TYR H 96 54.84 6.69 53.56
N ARG H 97 54.51 7.55 52.60
CA ARG H 97 55.21 7.57 51.32
C ARG H 97 55.01 8.94 50.71
N ILE H 98 56.09 9.57 50.30
CA ILE H 98 56.04 10.92 49.78
C ILE H 98 55.62 10.85 48.31
N ARG H 99 54.53 11.53 47.99
CA ARG H 99 53.96 11.53 46.66
C ARG H 99 54.59 12.59 45.77
N LYS H 100 54.70 13.82 46.26
CA LYS H 100 55.22 14.93 45.50
C LYS H 100 55.93 15.89 46.44
N VAL H 101 56.79 16.72 45.86
CA VAL H 101 57.42 17.83 46.55
C VAL H 101 57.35 19.05 45.65
N LYS H 102 57.12 20.20 46.26
CA LYS H 102 57.10 21.49 45.59
C LYS H 102 58.17 22.36 46.25
N VAL H 103 59.25 22.59 45.54
CA VAL H 103 60.29 23.50 45.97
C VAL H 103 60.03 24.85 45.31
N GLU H 104 59.94 25.88 46.13
CA GLU H 104 59.65 27.24 45.69
C GLU H 104 60.81 28.13 46.11
N PHE H 105 61.48 28.71 45.13
CA PHE H 105 62.51 29.72 45.38
C PHE H 105 61.83 31.08 45.36
N TRP H 106 61.52 31.58 46.53
CA TRP H 106 60.94 32.90 46.66
C TRP H 106 62.06 33.93 46.76
N PRO H 107 62.18 34.88 45.84
CA PRO H 107 63.31 35.80 45.90
C PRO H 107 63.22 36.76 47.07
N CYS H 108 64.40 37.24 47.45
CA CYS H 108 64.55 38.25 48.47
C CYS H 108 65.10 39.56 47.93
N SER H 109 65.33 39.64 46.63
CA SER H 109 66.05 40.73 46.00
C SER H 109 65.08 41.63 45.25
N PRO H 110 65.37 42.92 45.15
CA PRO H 110 64.45 43.82 44.46
C PRO H 110 64.48 43.62 42.96
N ILE H 111 63.41 44.10 42.32
CA ILE H 111 63.33 44.01 40.87
C ILE H 111 64.24 45.00 40.16
N THR H 112 64.89 45.89 40.89
CA THR H 112 65.85 46.82 40.33
C THR H 112 67.27 46.31 40.34
N GLN H 113 67.50 45.10 40.84
CA GLN H 113 68.85 44.58 40.96
C GLN H 113 69.36 44.17 39.59
N GLY H 114 70.59 44.57 39.30
CA GLY H 114 71.23 44.27 38.04
C GLY H 114 72.16 43.09 38.13
N ASP H 115 73.01 42.96 37.11
CA ASP H 115 73.91 41.83 36.97
C ASP H 115 73.13 40.53 36.97
N ARG H 116 72.02 40.52 36.25
CA ARG H 116 71.16 39.36 36.20
C ARG H 116 71.86 38.19 35.54
N GLY H 117 71.27 37.02 35.70
CA GLY H 117 71.88 35.79 35.26
C GLY H 117 70.87 34.74 34.88
N VAL H 118 71.36 33.54 34.58
CA VAL H 118 70.53 32.45 34.14
C VAL H 118 71.14 31.14 34.62
N GLY H 119 70.32 30.33 35.28
CA GLY H 119 70.75 29.09 35.88
C GLY H 119 69.87 27.93 35.49
N SER H 120 69.97 26.85 36.25
CA SER H 120 69.29 25.62 35.92
C SER H 120 69.02 24.81 37.18
N SER H 121 67.85 24.21 37.24
CA SER H 121 67.47 23.28 38.29
C SER H 121 67.09 21.95 37.67
N ALA H 122 67.68 20.87 38.18
CA ALA H 122 67.46 19.54 37.67
C ALA H 122 67.07 18.60 38.80
N VAL H 123 66.47 17.48 38.41
CA VAL H 123 65.93 16.49 39.33
C VAL H 123 66.89 15.30 39.36
N ILE H 124 67.41 15.00 40.56
CA ILE H 124 68.49 14.04 40.75
C ILE H 124 68.01 13.04 41.80
N LEU H 125 67.54 11.89 41.35
CA LEU H 125 66.86 10.93 42.19
C LEU H 125 67.76 9.84 42.75
N ASP H 126 69.06 10.09 42.95
CA ASP H 126 69.99 9.02 43.27
C ASP H 126 71.11 9.37 44.25
N ASP H 127 71.15 10.58 44.80
CA ASP H 127 72.10 10.93 45.84
C ASP H 127 73.53 11.00 45.32
N ASN H 128 73.70 11.28 44.04
CA ASN H 128 75.01 11.56 43.46
C ASN H 128 74.82 12.84 42.65
N PHE H 129 75.06 13.95 43.32
CA PHE H 129 74.96 15.28 42.76
C PHE H 129 76.29 15.70 42.17
N VAL H 130 76.24 16.72 41.31
CA VAL H 130 77.46 17.41 40.93
C VAL H 130 78.06 18.02 42.18
N THR H 131 79.38 17.97 42.28
CA THR H 131 80.07 18.42 43.47
C THR H 131 79.76 19.89 43.73
N LYS H 132 79.59 20.22 45.00
CA LYS H 132 79.33 21.59 45.39
C LYS H 132 80.49 22.48 45.01
N ALA H 133 80.18 23.57 44.33
CA ALA H 133 81.16 24.48 43.80
C ALA H 133 80.72 25.91 44.06
N THR H 134 81.70 26.79 44.24
CA THR H 134 81.45 28.20 44.45
C THR H 134 81.40 28.97 43.13
N ALA H 135 82.41 28.77 42.27
CA ALA H 135 82.46 29.43 40.97
C ALA H 135 82.97 28.42 39.95
N LEU H 136 82.04 27.68 39.36
CA LEU H 136 82.34 26.73 38.30
C LEU H 136 82.15 27.39 36.96
N THR H 137 83.00 27.05 36.00
CA THR H 137 83.08 27.73 34.71
C THR H 137 81.96 27.34 33.76
N TYR H 138 80.97 26.58 34.20
CA TYR H 138 79.89 26.16 33.33
C TYR H 138 78.71 25.75 34.19
N ASP H 139 77.56 25.60 33.54
CA ASP H 139 76.34 25.14 34.18
C ASP H 139 76.23 23.64 33.98
N PRO H 140 76.45 22.81 34.99
CA PRO H 140 76.42 21.37 34.74
C PRO H 140 75.04 20.83 34.47
N TYR H 141 74.02 21.43 35.06
CA TYR H 141 72.66 20.95 34.95
C TYR H 141 71.92 21.49 33.74
N VAL H 142 72.65 22.03 32.76
CA VAL H 142 71.99 22.72 31.65
C VAL H 142 71.48 21.73 30.62
N ASN H 143 72.24 20.68 30.35
CA ASN H 143 71.87 19.69 29.34
C ASN H 143 71.05 18.55 29.91
N TYR H 144 70.69 18.62 31.19
CA TYR H 144 69.85 17.60 31.78
C TYR H 144 68.45 17.64 31.22
N SER H 145 67.86 16.47 31.05
CA SER H 145 66.52 16.37 30.53
C SER H 145 65.48 16.99 31.44
N SER H 146 65.78 17.11 32.73
CA SER H 146 64.89 17.72 33.71
C SER H 146 65.28 19.14 34.06
N ARG H 147 66.00 19.82 33.18
CA ARG H 147 66.44 21.17 33.45
C ARG H 147 65.29 22.14 33.22
N HIS H 148 65.10 23.02 34.19
CA HIS H 148 64.27 24.20 34.05
C HIS H 148 65.17 25.40 34.26
N THR H 149 64.98 26.42 33.45
CA THR H 149 65.77 27.63 33.55
C THR H 149 65.40 28.42 34.79
N ILE H 150 66.41 28.89 35.49
CA ILE H 150 66.25 29.80 36.62
C ILE H 150 66.65 31.17 36.13
N THR H 151 65.68 32.05 36.00
CA THR H 151 65.96 33.46 35.86
C THR H 151 66.29 34.04 37.22
N GLN H 152 67.33 34.86 37.26
CA GLN H 152 67.87 35.41 38.49
C GLN H 152 67.89 36.92 38.39
N PRO H 153 67.90 37.63 39.52
CA PRO H 153 67.79 37.24 40.92
C PRO H 153 66.39 37.38 41.52
N PHE H 154 65.53 38.12 40.83
CA PHE H 154 64.26 38.57 41.39
C PHE H 154 63.07 37.82 40.83
N SER H 155 63.26 36.57 40.43
CA SER H 155 62.24 35.79 39.76
C SER H 155 61.97 34.51 40.53
N TYR H 156 60.71 34.12 40.52
CA TYR H 156 60.23 32.94 41.21
C TYR H 156 60.46 31.70 40.38
N HIS H 157 60.86 30.63 41.05
CA HIS H 157 61.15 29.34 40.42
C HIS H 157 60.52 28.25 41.25
N SER H 158 59.66 27.46 40.62
CA SER H 158 59.03 26.32 41.25
C SER H 158 59.42 25.04 40.52
N ARG H 159 59.49 23.95 41.28
CA ARG H 159 59.72 22.62 40.74
C ARG H 159 58.80 21.67 41.49
N TYR H 160 58.02 20.90 40.74
CA TYR H 160 57.03 19.97 41.28
C TYR H 160 57.31 18.61 40.70
N PHE H 161 57.68 17.67 41.57
CA PHE H 161 58.16 16.38 41.13
C PHE H 161 57.94 15.36 42.24
N THR H 162 58.24 14.11 41.91
CA THR H 162 58.08 12.98 42.82
C THR H 162 59.45 12.50 43.27
N PRO H 163 59.84 12.66 44.53
CA PRO H 163 61.16 12.23 44.94
C PRO H 163 61.24 10.73 45.11
N LYS H 164 62.42 10.24 45.46
CA LYS H 164 62.68 8.84 45.66
C LYS H 164 63.53 8.67 46.91
N PRO H 165 63.31 7.62 47.69
CA PRO H 165 64.12 7.42 48.88
C PRO H 165 65.44 6.74 48.61
N VAL H 166 66.37 6.97 49.53
CA VAL H 166 67.71 6.42 49.44
C VAL H 166 67.68 5.10 50.20
N LEU H 167 67.36 4.04 49.48
CA LEU H 167 67.30 2.71 50.06
C LEU H 167 68.68 2.08 50.14
N ASP H 168 69.48 2.19 49.08
CA ASP H 168 70.86 1.71 49.07
C ASP H 168 71.68 2.74 48.32
N SER H 169 72.52 3.47 49.05
CA SER H 169 73.37 4.48 48.43
C SER H 169 74.50 3.86 47.62
N THR H 170 74.82 2.59 47.83
CA THR H 170 75.87 1.93 47.08
C THR H 170 75.42 1.61 45.66
N ILE H 171 74.18 1.17 45.50
CA ILE H 171 73.64 0.74 44.21
C ILE H 171 72.79 1.86 43.62
N ASP H 172 72.11 2.60 44.49
CA ASP H 172 71.30 3.74 44.10
C ASP H 172 70.22 3.34 43.10
N TYR H 173 69.30 2.50 43.57
CA TYR H 173 68.16 2.06 42.79
C TYR H 173 66.89 2.75 43.26
N PHE H 174 65.99 2.99 42.33
CA PHE H 174 64.72 3.65 42.62
C PHE H 174 63.65 3.14 41.68
N GLN H 175 62.47 3.40 42.04
CA GLN H 175 61.29 2.96 41.33
C GLN H 175 60.83 4.03 40.34
N PRO H 176 60.21 3.64 39.23
CA PRO H 176 59.53 4.64 38.41
C PRO H 176 58.24 5.11 39.03
N ASN H 177 57.64 6.11 38.43
CA ASN H 177 56.46 6.74 39.00
C ASN H 177 55.26 5.82 38.82
N ASN H 178 54.69 5.38 39.93
CA ASN H 178 53.49 4.55 39.92
C ASN H 178 52.81 4.77 41.25
N LYS H 179 51.64 5.37 41.24
CA LYS H 179 50.97 5.66 42.49
C LYS H 179 50.53 4.39 43.20
N ARG H 180 50.24 3.33 42.45
CA ARG H 180 49.71 2.12 43.03
C ARG H 180 50.79 1.21 43.58
N ASN H 181 52.00 1.31 43.06
CA ASN H 181 53.10 0.43 43.42
C ASN H 181 54.17 1.11 44.26
N GLN H 182 53.99 2.36 44.63
CA GLN H 182 54.99 3.07 45.41
C GLN H 182 55.13 2.44 46.78
N LEU H 183 56.37 2.27 47.20
CA LEU H 183 56.67 1.63 48.47
C LEU H 183 56.18 2.48 49.63
N TRP H 184 55.73 1.79 50.67
CA TRP H 184 55.43 2.40 51.95
C TRP H 184 56.64 2.25 52.84
N LEU H 185 57.12 3.36 53.36
CA LEU H 185 58.16 3.38 54.36
C LEU H 185 57.53 3.50 55.74
N ARG H 186 58.32 3.22 56.75
CA ARG H 186 57.91 3.41 58.14
C ARG H 186 58.28 4.79 58.61
N LEU H 187 57.36 5.40 59.34
CA LEU H 187 57.59 6.68 60.01
C LEU H 187 58.34 6.38 61.29
N GLN H 188 59.66 6.44 61.20
CA GLN H 188 60.52 6.18 62.32
C GLN H 188 60.39 7.28 63.36
N THR H 189 61.03 7.06 64.51
CA THR H 189 60.97 8.03 65.59
C THR H 189 61.96 9.18 65.38
N ALA H 190 63.24 8.85 65.14
CA ALA H 190 64.25 9.88 64.91
C ALA H 190 65.28 9.49 63.85
N GLY H 191 64.94 8.61 62.93
CA GLY H 191 65.90 8.08 61.99
C GLY H 191 65.39 7.86 60.58
N ASN H 192 64.48 8.70 60.13
CA ASN H 192 63.89 8.53 58.83
C ASN H 192 64.91 8.73 57.71
N VAL H 193 64.61 8.15 56.57
CA VAL H 193 65.52 8.08 55.45
C VAL H 193 65.38 9.34 54.60
N ASP H 194 66.49 9.76 54.01
CA ASP H 194 66.52 10.98 53.22
C ASP H 194 65.96 10.72 51.83
N HIS H 195 65.02 11.56 51.43
CA HIS H 195 64.57 11.61 50.05
C HIS H 195 65.37 12.64 49.29
N VAL H 196 65.42 12.47 47.98
CA VAL H 196 66.37 13.17 47.14
C VAL H 196 65.66 13.52 45.83
N GLY H 197 66.26 14.45 45.08
CA GLY H 197 65.59 14.91 43.89
C GLY H 197 65.74 16.34 43.40
N LEU H 198 66.64 17.14 43.94
CA LEU H 198 66.87 18.45 43.31
C LEU H 198 68.31 18.91 43.45
N GLY H 199 68.84 19.37 42.34
CA GLY H 199 70.12 20.05 42.31
C GLY H 199 70.03 21.29 41.47
N THR H 200 70.81 22.31 41.86
CA THR H 200 70.69 23.64 41.31
C THR H 200 72.04 24.15 40.85
N ALA H 201 71.99 25.16 39.99
CA ALA H 201 73.17 25.89 39.55
C ALA H 201 72.76 27.33 39.34
N PHE H 202 73.27 28.22 40.20
CA PHE H 202 72.98 29.63 40.16
C PHE H 202 74.19 30.40 39.64
N GLU H 203 73.94 31.34 38.74
CA GLU H 203 74.99 32.18 38.18
C GLU H 203 75.36 33.25 39.19
N ASN H 204 76.64 33.37 39.47
CA ASN H 204 77.11 34.31 40.47
C ASN H 204 76.98 35.74 39.96
N SER H 205 77.13 36.69 40.88
CA SER H 205 76.88 38.09 40.61
C SER H 205 77.75 38.93 41.53
N ILE H 206 77.81 40.23 41.21
CA ILE H 206 78.52 41.17 42.06
C ILE H 206 77.77 41.39 43.35
N TYR H 207 76.46 41.25 43.34
CA TYR H 207 75.62 41.44 44.50
C TYR H 207 75.20 40.08 45.07
N ASP H 208 74.87 40.07 46.35
CA ASP H 208 74.41 38.86 46.99
C ASP H 208 72.98 38.56 46.57
N GLN H 209 72.73 37.30 46.24
CA GLN H 209 71.42 36.82 45.82
C GLN H 209 70.87 35.92 46.91
N GLU H 210 69.85 36.41 47.62
CA GLU H 210 69.23 35.66 48.70
C GLU H 210 67.88 35.12 48.26
N TYR H 211 67.51 33.99 48.84
CA TYR H 211 66.25 33.32 48.55
C TYR H 211 65.68 32.74 49.84
N ASN H 212 64.36 32.72 49.92
CA ASN H 212 63.62 32.01 50.96
C ASN H 212 62.97 30.81 50.30
N ILE H 213 63.47 29.63 50.62
CA ILE H 213 63.05 28.41 49.96
C ILE H 213 61.99 27.73 50.82
N ARG H 214 60.83 27.49 50.22
CA ARG H 214 59.70 26.84 50.87
C ARG H 214 59.48 25.50 50.20
N VAL H 215 59.75 24.43 50.93
CA VAL H 215 59.52 23.08 50.47
C VAL H 215 58.21 22.60 51.05
N THR H 216 57.37 22.04 50.19
CA THR H 216 56.08 21.49 50.56
C THR H 216 56.06 20.04 50.10
N MET H 217 55.89 19.12 51.04
CA MET H 217 55.80 17.71 50.75
C MET H 217 54.35 17.24 50.87
N TYR H 218 53.88 16.58 49.83
CA TYR H 218 52.56 16.00 49.80
C TYR H 218 52.69 14.52 50.11
N VAL H 219 52.27 14.14 51.31
CA VAL H 219 52.53 12.82 51.85
C VAL H 219 51.22 12.05 51.97
N GLN H 220 51.35 10.76 52.20
CA GLN H 220 50.23 9.85 52.31
C GLN H 220 50.58 8.85 53.40
N PHE H 221 49.82 8.89 54.49
CA PHE H 221 50.04 8.04 55.64
C PHE H 221 49.09 6.86 55.63
N ARG H 222 49.31 5.94 56.56
CA ARG H 222 48.54 4.70 56.63
C ARG H 222 48.60 4.18 58.05
N GLU H 223 47.53 3.49 58.45
CA GLU H 223 47.44 2.78 59.71
C GLU H 223 47.57 3.73 60.91
N PHE H 224 46.52 4.53 61.08
CA PHE H 224 46.26 5.28 62.28
C PHE H 224 46.53 4.44 63.52
N ASN H 225 47.44 4.91 64.37
CA ASN H 225 47.95 4.12 65.48
C ASN H 225 48.00 4.90 66.77
N LEU H 226 46.96 5.67 67.03
CA LEU H 226 46.92 6.45 68.26
C LEU H 226 46.86 5.54 69.47
N LYS H 227 47.54 5.96 70.53
CA LYS H 227 47.57 5.23 71.79
C LYS H 227 47.02 6.12 72.88
N ASP H 228 46.05 5.60 73.62
CA ASP H 228 45.29 6.36 74.61
C ASP H 228 45.39 5.67 75.97
N PRO H 229 46.46 5.93 76.71
CA PRO H 229 46.53 5.43 78.06
C PRO H 229 45.62 6.21 78.99
N PRO H 230 45.35 5.71 80.19
CA PRO H 230 44.59 6.50 81.15
C PRO H 230 45.36 7.71 81.67
N LEU H 231 44.73 8.47 82.57
CA LEU H 231 45.33 9.67 83.12
C LEU H 231 45.01 9.82 84.60
N GLY I 43 70.60 4.62 13.02
CA GLY I 43 70.43 4.80 14.46
C GLY I 43 70.32 6.24 14.87
N ILE I 44 69.11 6.77 14.75
CA ILE I 44 68.87 8.18 14.95
C ILE I 44 68.78 8.48 16.44
N PHE I 45 69.28 9.66 16.81
CA PHE I 45 69.19 10.15 18.18
C PHE I 45 69.13 11.67 18.10
N ASN I 46 67.92 12.21 18.26
CA ASN I 46 67.73 13.64 18.36
C ASN I 46 67.96 14.09 19.79
N THR I 47 68.82 15.07 19.98
CA THR I 47 69.09 15.62 21.29
C THR I 47 69.27 17.13 21.19
N ARG I 48 69.78 17.72 22.27
CA ARG I 48 69.87 19.15 22.44
C ARG I 48 71.15 19.48 23.17
N LEU I 49 71.95 20.36 22.59
CA LEU I 49 73.24 20.77 23.13
C LEU I 49 73.25 22.27 23.28
N SER I 50 73.78 22.74 24.40
CA SER I 50 73.78 24.15 24.75
C SER I 50 75.18 24.63 25.09
N ARG I 51 75.30 25.94 25.21
CA ARG I 51 76.55 26.65 25.38
C ARG I 51 76.19 28.09 25.71
N THR I 52 76.96 28.69 26.62
CA THR I 52 76.69 30.03 27.12
C THR I 52 77.96 30.85 27.09
N PHE I 53 77.83 32.11 26.68
CA PHE I 53 78.95 33.02 26.59
C PHE I 53 78.43 34.45 26.61
N GLY I 54 79.36 35.38 26.76
CA GLY I 54 79.03 36.78 26.90
C GLY I 54 79.26 37.64 25.68
N TYR I 55 78.56 38.76 25.63
CA TYR I 55 78.70 39.76 24.58
C TYR I 55 78.38 41.11 25.18
N THR I 56 79.25 42.09 24.95
CA THR I 56 79.10 43.43 25.48
C THR I 56 79.19 44.44 24.36
N ILE I 57 78.33 45.45 24.43
CA ILE I 57 78.35 46.61 23.56
C ILE I 57 78.86 47.75 24.42
N LYS I 58 80.11 48.14 24.20
CA LYS I 58 80.74 49.17 25.00
C LYS I 58 80.08 50.52 24.75
N ARG I 59 80.26 51.41 25.71
CA ARG I 59 79.69 52.75 25.66
C ARG I 59 80.40 53.61 24.63
N THR I 60 79.71 54.66 24.20
CA THR I 60 80.24 55.63 23.25
C THR I 60 79.78 57.03 23.63
N THR I 61 80.68 57.99 23.53
CA THR I 61 80.35 59.40 23.70
C THR I 61 79.66 60.00 22.49
N VAL I 62 79.55 59.25 21.40
CA VAL I 62 78.90 59.76 20.20
C VAL I 62 77.45 60.11 20.51
N LYS I 63 77.01 61.25 19.99
CA LYS I 63 75.67 61.75 20.25
C LYS I 63 74.64 61.13 19.33
N THR I 64 75.01 60.90 18.07
CA THR I 64 74.08 60.39 17.09
C THR I 64 73.61 58.99 17.43
N PRO I 65 72.54 58.52 16.79
CA PRO I 65 72.20 57.10 16.89
C PRO I 65 73.08 56.29 15.95
N SER I 66 74.03 55.57 16.53
CA SER I 66 74.89 54.67 15.80
C SER I 66 74.65 53.24 16.28
N TRP I 67 74.98 52.29 15.42
CA TRP I 67 74.79 50.88 15.70
C TRP I 67 76.10 50.13 15.67
N ALA I 68 76.15 49.09 16.49
CA ALA I 68 77.30 48.20 16.60
C ALA I 68 76.95 46.88 15.94
N VAL I 69 77.73 46.52 14.93
CA VAL I 69 77.46 45.35 14.12
C VAL I 69 78.42 44.24 14.51
N ASP I 70 77.92 43.02 14.53
CA ASP I 70 78.73 41.86 14.84
C ASP I 70 78.07 40.63 14.22
N MET I 71 78.84 39.55 14.19
CA MET I 71 78.44 38.30 13.55
C MET I 71 78.40 37.18 14.58
N MET I 72 77.82 36.06 14.16
CA MET I 72 77.66 34.91 15.04
C MET I 72 77.62 33.65 14.19
N ARG I 73 78.63 32.80 14.35
CA ARG I 73 78.71 31.49 13.73
C ARG I 73 78.48 30.42 14.79
N PHE I 74 78.26 29.20 14.31
CA PHE I 74 77.98 28.05 15.18
C PHE I 74 78.80 26.87 14.71
N ASN I 75 79.59 26.30 15.61
CA ASN I 75 80.35 25.09 15.37
C ASN I 75 80.06 24.09 16.46
N ILE I 76 80.11 22.81 16.09
CA ILE I 76 79.77 21.73 17.02
C ILE I 76 80.91 21.39 17.97
N ASN I 77 82.13 21.85 17.71
CA ASN I 77 83.22 21.63 18.63
C ASN I 77 82.98 22.37 19.94
N ASP I 78 82.31 23.52 19.87
CA ASP I 78 82.03 24.31 21.05
C ASP I 78 80.92 23.75 21.90
N PHE I 79 80.14 22.80 21.38
CA PHE I 79 79.06 22.16 22.11
C PHE I 79 79.36 20.73 22.48
N LEU I 80 80.15 20.03 21.68
CA LEU I 80 80.48 18.62 21.88
C LEU I 80 81.96 18.48 22.19
N PRO I 81 82.37 18.11 23.41
CA PRO I 81 83.79 18.04 23.69
C PRO I 81 84.41 16.80 23.09
N PRO I 82 85.73 16.69 23.12
CA PRO I 82 86.37 15.45 22.71
C PRO I 82 86.15 14.35 23.73
N GLY I 83 86.07 13.13 23.24
CA GLY I 83 85.83 11.99 24.10
C GLY I 83 87.09 11.47 24.75
N GLY I 84 87.19 10.15 24.85
CA GLY I 84 88.34 9.54 25.43
C GLY I 84 88.52 8.10 24.98
N GLY I 85 89.75 7.76 24.59
CA GLY I 85 90.06 6.43 24.14
C GLY I 85 89.77 6.21 22.68
N SER I 86 89.23 5.04 22.36
CA SER I 86 88.92 4.69 20.98
C SER I 86 87.75 5.49 20.44
N ASN I 87 86.96 6.12 21.31
CA ASN I 87 85.87 6.98 20.89
C ASN I 87 86.37 8.41 20.84
N PRO I 88 86.54 9.02 19.66
CA PRO I 88 87.14 10.35 19.62
C PRO I 88 86.26 11.45 20.16
N ARG I 89 84.95 11.25 20.18
CA ARG I 89 83.99 12.23 20.67
C ARG I 89 83.17 11.66 21.81
N SER I 90 82.53 12.55 22.55
CA SER I 90 81.82 12.17 23.75
C SER I 90 80.44 11.60 23.47
N VAL I 91 79.87 11.96 22.32
CA VAL I 91 78.61 11.37 21.84
C VAL I 91 78.96 10.34 20.78
N PRO I 92 78.79 9.04 21.03
CA PRO I 92 79.34 8.05 20.10
C PRO I 92 78.48 7.83 18.85
N PHE I 93 78.61 8.76 17.92
CA PHE I 93 77.93 8.68 16.64
C PHE I 93 78.88 9.15 15.55
N GLU I 94 78.56 8.77 14.32
CA GLU I 94 79.39 9.06 13.16
C GLU I 94 78.97 10.32 12.44
N TYR I 95 77.69 10.44 12.13
CA TYR I 95 77.16 11.52 11.32
C TYR I 95 76.29 12.44 12.15
N TYR I 96 76.07 13.64 11.64
CA TYR I 96 75.21 14.60 12.30
C TYR I 96 74.66 15.56 11.26
N ARG I 97 73.61 16.26 11.67
CA ARG I 97 73.09 17.37 10.89
C ARG I 97 72.29 18.26 11.83
N ILE I 98 72.59 19.55 11.82
CA ILE I 98 71.96 20.49 12.74
C ILE I 98 70.60 20.87 12.19
N ARG I 99 69.57 20.64 12.97
CA ARG I 99 68.19 20.89 12.58
C ARG I 99 67.78 22.32 12.86
N LYS I 100 68.05 22.80 14.06
CA LYS I 100 67.64 24.13 14.50
C LYS I 100 68.66 24.67 15.46
N VAL I 101 68.65 25.99 15.62
CA VAL I 101 69.43 26.68 16.64
C VAL I 101 68.53 27.72 17.28
N LYS I 102 68.68 27.88 18.59
CA LYS I 102 67.98 28.88 19.38
C LYS I 102 69.03 29.75 20.03
N VAL I 103 69.15 30.98 19.56
CA VAL I 103 70.01 31.97 20.17
C VAL I 103 69.16 32.83 21.08
N GLU I 104 69.58 32.92 22.34
CA GLU I 104 68.86 33.65 23.36
C GLU I 104 69.79 34.72 23.91
N PHE I 105 69.41 35.98 23.75
CA PHE I 105 70.10 37.10 24.35
C PHE I 105 69.46 37.37 25.70
N TRP I 106 70.07 36.85 26.74
CA TRP I 106 69.61 37.08 28.09
C TRP I 106 70.27 38.36 28.62
N PRO I 107 69.51 39.39 28.97
CA PRO I 107 70.15 40.63 29.38
C PRO I 107 70.83 40.53 30.73
N CYS I 108 71.80 41.41 30.90
CA CYS I 108 72.54 41.57 32.14
C CYS I 108 72.28 42.90 32.81
N SER I 109 71.44 43.73 32.25
CA SER I 109 71.26 45.11 32.64
C SER I 109 69.96 45.28 33.38
N PRO I 110 69.88 46.23 34.31
CA PRO I 110 68.65 46.41 35.07
C PRO I 110 67.56 47.04 34.25
N ILE I 111 66.33 46.87 34.72
CA ILE I 111 65.19 47.46 34.05
C ILE I 111 65.08 48.97 34.25
N THR I 112 65.93 49.54 35.10
CA THR I 112 65.97 50.97 35.31
C THR I 112 66.98 51.67 34.40
N GLN I 113 67.67 50.95 33.53
CA GLN I 113 68.69 51.56 32.71
C GLN I 113 68.05 52.36 31.59
N GLY I 114 68.55 53.56 31.39
CA GLY I 114 68.05 54.46 30.38
C GLY I 114 68.87 54.43 29.12
N ASP I 115 68.66 55.44 28.28
CA ASP I 115 69.29 55.55 26.97
C ASP I 115 68.98 54.30 26.16
N ARG I 116 67.73 53.88 26.20
CA ARG I 116 67.29 52.69 25.50
C ARG I 116 67.42 52.88 24.00
N GLY I 117 67.32 51.76 23.29
CA GLY I 117 67.55 51.74 21.87
C GLY I 117 66.78 50.68 21.15
N VAL I 118 67.04 50.53 19.87
CA VAL I 118 66.32 49.57 19.04
C VAL I 118 67.25 49.07 17.96
N GLY I 119 67.35 47.75 17.84
CA GLY I 119 68.25 47.10 16.93
C GLY I 119 67.56 46.07 16.07
N SER I 120 68.36 45.19 15.48
CA SER I 120 67.84 44.22 14.53
C SER I 120 68.75 43.00 14.50
N SER I 121 68.12 41.83 14.40
CA SER I 121 68.82 40.56 14.22
C SER I 121 68.29 39.90 12.96
N ALA I 122 69.21 39.48 12.10
CA ALA I 122 68.86 38.87 10.83
C ALA I 122 69.60 37.55 10.66
N VAL I 123 69.08 36.74 9.76
CA VAL I 123 69.58 35.39 9.50
C VAL I 123 70.38 35.40 8.22
N ILE I 124 71.66 35.03 8.32
CA ILE I 124 72.63 35.16 7.24
C ILE I 124 73.26 33.80 7.02
N LEU I 125 72.78 33.08 6.02
CA LEU I 125 73.12 31.68 5.82
C LEU I 125 74.28 31.45 4.85
N ASP I 126 75.22 32.40 4.71
CA ASP I 126 76.21 32.32 3.66
C ASP I 126 77.61 32.81 4.00
N ASP I 127 77.88 33.21 5.23
CA ASP I 127 79.23 33.54 5.67
C ASP I 127 79.74 34.82 5.02
N ASN I 128 78.83 35.71 4.63
CA ASN I 128 79.18 37.05 4.18
C ASN I 128 78.28 38.00 4.95
N PHE I 129 78.79 38.43 6.10
CA PHE I 129 78.10 39.34 6.99
C PHE I 129 78.45 40.77 6.64
N VAL I 130 77.62 41.70 7.13
CA VAL I 130 78.01 43.09 7.13
C VAL I 130 79.26 43.23 7.99
N THR I 131 80.18 44.08 7.54
CA THR I 131 81.45 44.21 8.22
C THR I 131 81.25 44.65 9.66
N LYS I 132 82.05 44.08 10.55
CA LYS I 132 81.98 44.45 11.96
C LYS I 132 82.32 45.92 12.14
N ALA I 133 81.44 46.61 12.85
CA ALA I 133 81.55 48.04 13.06
C ALA I 133 81.25 48.36 14.51
N THR I 134 81.89 49.43 15.00
CA THR I 134 81.69 49.90 16.35
C THR I 134 80.56 50.92 16.43
N ALA I 135 80.57 51.92 15.56
CA ALA I 135 79.53 52.95 15.52
C ALA I 135 79.23 53.25 14.06
N LEU I 136 78.29 52.50 13.49
CA LEU I 136 77.82 52.72 12.14
C LEU I 136 76.57 53.58 12.17
N THR I 137 76.46 54.47 11.18
CA THR I 137 75.43 55.49 11.16
C THR I 137 74.05 54.98 10.79
N TYR I 138 73.85 53.67 10.67
CA TYR I 138 72.56 53.12 10.30
C TYR I 138 72.52 51.67 10.73
N ASP I 139 71.32 51.11 10.71
CA ASP I 139 71.09 49.70 11.01
C ASP I 139 71.08 48.93 9.71
N PRO I 140 72.11 48.16 9.38
CA PRO I 140 72.10 47.49 8.08
C PRO I 140 71.09 46.37 7.98
N TYR I 141 70.80 45.70 9.08
CA TYR I 141 69.92 44.54 9.08
C TYR I 141 68.45 44.91 9.24
N VAL I 142 68.10 46.18 9.03
CA VAL I 142 66.75 46.63 9.33
C VAL I 142 65.78 46.24 8.22
N ASN I 143 66.21 46.35 6.98
CA ASN I 143 65.35 46.06 5.84
C ASN I 143 65.42 44.60 5.42
N TYR I 144 66.14 43.77 6.15
CA TYR I 144 66.21 42.36 5.83
C TYR I 144 64.88 41.68 6.09
N SER I 145 64.54 40.73 5.23
CA SER I 145 63.30 39.99 5.36
C SER I 145 63.25 39.16 6.63
N SER I 146 64.40 38.81 7.20
CA SER I 146 64.48 38.04 8.42
C SER I 146 64.80 38.90 9.63
N ARG I 147 64.49 40.18 9.58
CA ARG I 147 64.78 41.07 10.69
C ARG I 147 63.74 40.91 11.77
N HIS I 148 64.22 40.77 12.99
CA HIS I 148 63.42 40.89 14.20
C HIS I 148 63.99 42.06 14.99
N THR I 149 63.11 42.86 15.55
CA THR I 149 63.52 44.00 16.33
C THR I 149 64.10 43.56 17.66
N ILE I 150 65.21 44.17 18.04
CA ILE I 150 65.84 44.00 19.33
C ILE I 150 65.53 45.25 20.13
N THR I 151 64.68 45.10 21.13
CA THR I 151 64.55 46.11 22.16
C THR I 151 65.73 45.99 23.13
N GLN I 152 66.31 47.12 23.48
CA GLN I 152 67.50 47.20 24.30
C GLN I 152 67.22 48.06 25.51
N PRO I 153 67.98 47.91 26.60
CA PRO I 153 69.02 46.93 26.92
C PRO I 153 68.57 45.76 27.77
N PHE I 154 67.39 45.87 28.37
CA PHE I 154 66.94 44.96 29.41
C PHE I 154 65.86 44.01 28.93
N SER I 155 65.87 43.67 27.66
CA SER I 155 64.81 42.88 27.05
C SER I 155 65.41 41.64 26.42
N TYR I 156 64.65 40.56 26.50
CA TYR I 156 65.03 39.26 25.99
C TYR I 156 64.72 39.16 24.50
N HIS I 157 65.64 38.54 23.76
CA HIS I 157 65.53 38.38 22.32
C HIS I 157 65.91 36.94 21.99
N SER I 158 65.00 36.24 21.34
CA SER I 158 65.23 34.88 20.86
C SER I 158 65.12 34.84 19.36
N ARG I 159 65.88 33.93 18.75
CA ARG I 159 65.82 33.65 17.33
C ARG I 159 65.93 32.14 17.17
N TYR I 160 64.98 31.56 16.46
CA TYR I 160 64.89 30.12 16.25
C TYR I 160 64.83 29.86 14.76
N PHE I 161 65.85 29.20 14.24
CA PHE I 161 66.00 29.06 12.80
C PHE I 161 66.84 27.82 12.51
N THR I 162 66.96 27.52 11.23
CA THR I 162 67.70 26.38 10.73
C THR I 162 68.99 26.85 10.06
N PRO I 163 70.16 26.60 10.63
CA PRO I 163 71.38 27.09 10.01
C PRO I 163 71.78 26.26 8.81
N LYS I 164 72.86 26.66 8.15
CA LYS I 164 73.37 25.99 6.98
C LYS I 164 74.88 25.87 7.11
N PRO I 165 75.48 24.79 6.64
CA PRO I 165 76.94 24.66 6.73
C PRO I 165 77.66 25.36 5.59
N VAL I 166 78.93 25.68 5.88
CA VAL I 166 79.80 26.36 4.94
C VAL I 166 80.54 25.27 4.17
N LEU I 167 79.93 24.82 3.08
CA LEU I 167 80.53 23.80 2.24
C LEU I 167 81.56 24.39 1.29
N ASP I 168 81.25 25.51 0.66
CA ASP I 168 82.18 26.22 -0.20
C ASP I 168 82.00 27.70 0.05
N SER I 169 82.98 28.32 0.70
CA SER I 169 82.91 29.74 0.98
C SER I 169 83.11 30.60 -0.26
N THR I 170 83.65 30.02 -1.34
CA THR I 170 83.85 30.78 -2.57
C THR I 170 82.53 30.99 -3.31
N ILE I 171 81.68 29.97 -3.33
CA ILE I 171 80.43 29.99 -4.07
C ILE I 171 79.28 30.27 -3.12
N ASP I 172 79.39 29.77 -1.88
CA ASP I 172 78.42 30.02 -0.83
C ASP I 172 77.03 29.54 -1.24
N TYR I 173 76.92 28.22 -1.42
CA TYR I 173 75.66 27.57 -1.76
C TYR I 173 75.11 26.84 -0.55
N PHE I 174 73.79 26.80 -0.46
CA PHE I 174 73.13 26.12 0.63
C PHE I 174 71.79 25.57 0.16
N GLN I 175 71.27 24.71 0.92
CA GLN I 175 70.04 24.00 0.65
C GLN I 175 68.85 24.72 1.25
N PRO I 176 67.68 24.62 0.65
CA PRO I 176 66.48 25.09 1.35
C PRO I 176 66.06 24.14 2.45
N ASN I 177 65.07 24.54 3.23
CA ASN I 177 64.67 23.78 4.39
C ASN I 177 63.89 22.55 3.95
N ASN I 178 64.43 21.38 4.26
CA ASN I 178 63.78 20.11 3.96
C ASN I 178 64.33 19.11 4.95
N LYS I 179 63.48 18.62 5.84
CA LYS I 179 63.96 17.70 6.85
C LYS I 179 64.40 16.38 6.25
N ARG I 180 63.79 15.98 5.13
CA ARG I 180 64.07 14.68 4.56
C ARG I 180 65.30 14.68 3.68
N ASN I 181 65.67 15.83 3.12
CA ASN I 181 66.77 15.95 2.19
C ASN I 181 67.99 16.64 2.75
N GLN I 182 67.98 17.00 4.03
CA GLN I 182 69.10 17.70 4.62
C GLN I 182 70.32 16.80 4.66
N LEU I 183 71.46 17.36 4.28
CA LEU I 183 72.69 16.62 4.20
C LEU I 183 73.14 16.16 5.58
N TRP I 184 73.73 14.97 5.61
CA TRP I 184 74.43 14.47 6.78
C TRP I 184 75.90 14.81 6.64
N LEU I 185 76.44 15.48 7.63
CA LEU I 185 77.87 15.72 7.75
C LEU I 185 78.48 14.68 8.66
N ARG I 186 79.80 14.60 8.61
CA ARG I 186 80.55 13.73 9.50
C ARG I 186 80.95 14.50 10.74
N LEU I 187 80.82 13.83 11.88
CA LEU I 187 81.30 14.34 13.15
C LEU I 187 82.79 14.09 13.22
N GLN I 188 83.56 15.08 12.79
CA GLN I 188 85.00 14.98 12.77
C GLN I 188 85.54 14.98 14.19
N THR I 189 86.85 14.75 14.30
CA THR I 189 87.50 14.70 15.60
C THR I 189 87.80 16.10 16.12
N ALA I 190 88.48 16.93 15.33
CA ALA I 190 88.81 18.29 15.75
C ALA I 190 88.72 19.31 14.61
N GLY I 191 87.92 19.05 13.59
CA GLY I 191 87.90 19.89 12.40
C GLY I 191 86.55 20.11 11.79
N ASN I 192 85.51 20.14 12.60
CA ASN I 192 84.15 20.27 12.09
C ASN I 192 83.95 21.62 11.42
N VAL I 193 82.97 21.66 10.54
CA VAL I 193 82.70 22.81 9.68
C VAL I 193 81.79 23.79 10.40
N ASP I 194 82.00 25.07 10.13
CA ASP I 194 81.25 26.12 10.79
C ASP I 194 79.87 26.27 10.16
N HIS I 195 78.85 26.25 10.99
CA HIS I 195 77.52 26.64 10.59
C HIS I 195 77.30 28.11 10.85
N VAL I 196 76.37 28.69 10.11
CA VAL I 196 76.24 30.13 10.03
C VAL I 196 74.75 30.47 9.98
N GLY I 197 74.43 31.74 10.22
CA GLY I 197 73.03 32.10 10.31
C GLY I 197 72.56 33.19 11.23
N LEU I 198 73.42 33.99 11.85
CA LEU I 198 72.92 35.14 12.57
C LEU I 198 73.87 36.32 12.55
N GLY I 199 73.30 37.48 12.27
CA GLY I 199 74.00 38.74 12.39
C GLY I 199 73.13 39.75 13.10
N THR I 200 73.78 40.63 13.86
CA THR I 200 73.10 41.53 14.77
C THR I 200 73.54 42.96 14.53
N ALA I 201 72.70 43.88 15.03
CA ALA I 201 73.04 45.30 15.05
C ALA I 201 72.41 45.89 16.31
N PHE I 202 73.26 46.29 17.24
CA PHE I 202 72.84 46.88 18.50
C PHE I 202 73.10 48.37 18.50
N GLU I 203 72.13 49.12 18.97
CA GLU I 203 72.27 50.57 19.09
C GLU I 203 73.10 50.90 20.30
N ASN I 204 74.12 51.72 20.10
CA ASN I 204 75.04 52.06 21.15
C ASN I 204 74.36 52.98 22.18
N SER I 205 75.04 53.14 23.32
CA SER I 205 74.47 53.85 24.44
C SER I 205 75.60 54.44 25.27
N ILE I 206 75.22 55.34 26.19
CA ILE I 206 76.17 55.93 27.12
C ILE I 206 76.66 54.89 28.12
N TYR I 207 75.81 53.92 28.43
CA TYR I 207 76.14 52.85 29.37
C TYR I 207 76.49 51.58 28.62
N ASP I 208 77.26 50.73 29.29
CA ASP I 208 77.62 49.44 28.72
C ASP I 208 76.43 48.49 28.76
N GLN I 209 76.19 47.81 27.64
CA GLN I 209 75.12 46.85 27.50
C GLN I 209 75.71 45.46 27.41
N GLU I 210 75.54 44.67 28.47
CA GLU I 210 76.06 43.32 28.53
C GLU I 210 74.94 42.32 28.32
N TYR I 211 75.31 41.16 27.77
CA TYR I 211 74.38 40.08 27.50
C TYR I 211 75.07 38.75 27.76
N ASN I 212 74.28 37.78 28.22
CA ASN I 212 74.70 36.40 28.34
C ASN I 212 73.97 35.62 27.26
N ILE I 213 74.70 35.18 26.25
CA ILE I 213 74.10 34.56 25.07
C ILE I 213 74.17 33.06 25.24
N ARG I 214 73.00 32.41 25.17
CA ARG I 214 72.88 30.97 25.29
C ARG I 214 72.41 30.42 23.95
N VAL I 215 73.29 29.68 23.29
CA VAL I 215 72.99 29.03 22.03
C VAL I 215 72.66 27.59 22.32
N THR I 216 71.55 27.12 21.76
CA THR I 216 71.09 25.75 21.89
C THR I 216 70.93 25.19 20.49
N MET I 217 71.67 24.14 20.19
CA MET I 217 71.59 23.45 18.92
C MET I 217 70.82 22.15 19.06
N TYR I 218 69.83 21.97 18.21
CA TYR I 218 69.04 20.76 18.14
C TYR I 218 69.58 19.91 17.01
N VAL I 219 70.27 18.84 17.35
CA VAL I 219 71.04 18.05 16.41
C VAL I 219 70.39 16.68 16.25
N GLN I 220 70.83 15.97 15.23
CA GLN I 220 70.33 14.64 14.89
C GLN I 220 71.52 13.83 14.43
N PHE I 221 71.85 12.80 15.18
CA PHE I 221 72.98 11.95 14.91
C PHE I 221 72.53 10.66 14.22
N ARG I 222 73.52 9.88 13.79
CA ARG I 222 73.26 8.65 13.05
C ARG I 222 74.45 7.72 13.21
N GLU I 223 74.15 6.42 13.17
CA GLU I 223 75.15 5.36 13.16
C GLU I 223 76.02 5.38 14.42
N PHE I 224 75.36 4.99 15.52
CA PHE I 224 76.00 4.63 16.77
C PHE I 224 77.23 3.78 16.52
N ASN I 225 78.38 4.24 16.98
CA ASN I 225 79.66 3.64 16.63
C ASN I 225 80.56 3.46 17.83
N LEU I 226 79.98 3.01 18.94
CA LEU I 226 80.77 2.82 20.14
C LEU I 226 81.78 1.70 19.92
N LYS I 227 82.96 1.88 20.50
CA LYS I 227 84.04 0.90 20.44
C LYS I 227 84.38 0.46 21.85
N ASP I 228 84.41 -0.86 22.06
CA ASP I 228 84.56 -1.46 23.38
C ASP I 228 85.74 -2.41 23.36
N PRO I 229 86.95 -1.88 23.55
CA PRO I 229 88.10 -2.76 23.70
C PRO I 229 88.10 -3.42 25.07
N PRO I 230 88.92 -4.46 25.26
CA PRO I 230 89.04 -5.03 26.60
C PRO I 230 89.75 -4.11 27.58
N LEU I 231 89.92 -4.57 28.81
CA LEU I 231 90.55 -3.78 29.87
C LEU I 231 91.46 -4.65 30.73
N GLY J 43 54.42 45.07 -13.60
CA GLY J 43 55.38 44.35 -12.79
C GLY J 43 55.41 44.83 -11.35
N ILE J 44 54.47 44.33 -10.57
CA ILE J 44 54.26 44.81 -9.21
C ILE J 44 55.28 44.19 -8.28
N PHE J 45 55.71 44.99 -7.30
CA PHE J 45 56.60 44.52 -6.26
C PHE J 45 56.28 45.32 -5.00
N ASN J 46 55.56 44.69 -4.09
CA ASN J 46 55.31 45.27 -2.78
C ASN J 46 56.47 44.97 -1.85
N THR J 47 57.00 46.00 -1.23
CA THR J 47 58.09 45.84 -0.28
C THR J 47 57.89 46.82 0.88
N ARG J 48 58.95 46.98 1.67
CA ARG J 48 58.92 47.71 2.92
C ARG J 48 60.24 48.42 3.09
N LEU J 49 60.17 49.73 3.32
CA LEU J 49 61.35 50.59 3.47
C LEU J 49 61.23 51.32 4.78
N SER J 50 62.35 51.42 5.50
CA SER J 50 62.40 51.98 6.83
C SER J 50 63.47 53.05 6.91
N ARG J 51 63.44 53.77 8.03
CA ARG J 51 64.26 54.94 8.29
C ARG J 51 64.07 55.30 9.75
N THR J 52 65.16 55.71 10.39
CA THR J 52 65.16 56.00 11.82
C THR J 52 65.81 57.33 12.08
N PHE J 53 65.24 58.10 13.00
CA PHE J 53 65.74 59.41 13.34
C PHE J 53 65.21 59.79 14.72
N GLY J 54 65.76 60.86 15.26
CA GLY J 54 65.46 61.30 16.60
C GLY J 54 64.55 62.51 16.70
N TYR J 55 63.89 62.63 17.85
CA TYR J 55 63.03 63.76 18.17
C TYR J 55 63.08 63.96 19.67
N THR J 56 63.32 65.19 20.10
CA THR J 56 63.42 65.54 21.51
C THR J 56 62.48 66.68 21.83
N ILE J 57 61.83 66.57 22.98
CA ILE J 57 61.01 67.63 23.56
C ILE J 57 61.81 68.18 24.73
N LYS J 58 62.38 69.36 24.54
CA LYS J 58 63.22 69.96 25.55
C LYS J 58 62.42 70.34 26.78
N ARG J 59 63.13 70.46 27.90
CA ARG J 59 62.52 70.79 29.17
C ARG J 59 62.06 72.24 29.20
N THR J 60 61.14 72.52 30.13
CA THR J 60 60.62 73.86 30.35
C THR J 60 60.39 74.08 31.84
N THR J 61 60.75 75.29 32.30
CA THR J 61 60.46 75.71 33.66
C THR J 61 59.01 76.12 33.86
N VAL J 62 58.22 76.18 32.78
CA VAL J 62 56.82 76.56 32.89
C VAL J 62 56.08 75.59 33.80
N LYS J 63 55.24 76.14 34.67
CA LYS J 63 54.52 75.32 35.64
C LYS J 63 53.25 74.72 35.05
N THR J 64 52.58 75.46 34.19
CA THR J 64 51.32 75.02 33.63
C THR J 64 51.49 73.78 32.77
N PRO J 65 50.39 73.09 32.45
CA PRO J 65 50.47 72.06 31.42
C PRO J 65 50.44 72.69 30.04
N SER J 66 51.59 72.70 29.38
CA SER J 66 51.72 73.17 28.02
C SER J 66 52.14 72.03 27.12
N TRP J 67 51.85 72.17 25.84
CA TRP J 67 52.14 71.15 24.84
C TRP J 67 53.06 71.68 23.77
N ALA J 68 53.88 70.78 23.25
CA ALA J 68 54.82 71.07 22.18
C ALA J 68 54.29 70.44 20.90
N VAL J 69 54.08 71.27 19.90
CA VAL J 69 53.46 70.86 18.65
C VAL J 69 54.54 70.77 17.58
N ASP J 70 54.42 69.75 16.72
CA ASP J 70 55.34 69.56 15.63
C ASP J 70 54.64 68.75 14.55
N MET J 71 55.25 68.73 13.38
CA MET J 71 54.72 68.09 12.19
C MET J 71 55.64 66.98 11.72
N MET J 72 55.13 66.19 10.79
CA MET J 72 55.87 65.04 10.26
C MET J 72 55.38 64.75 8.85
N ARG J 73 56.27 64.95 7.88
CA ARG J 73 56.05 64.60 6.48
C ARG J 73 56.86 63.37 6.13
N PHE J 74 56.55 62.79 4.98
CA PHE J 74 57.20 61.58 4.50
C PHE J 74 57.54 61.75 3.03
N ASN J 75 58.82 61.57 2.70
CA ASN J 75 59.29 61.59 1.32
C ASN J 75 60.09 60.32 1.05
N ILE J 76 60.04 59.86 -0.19
CA ILE J 76 60.69 58.62 -0.57
C ILE J 76 62.18 58.77 -0.81
N ASN J 77 62.68 60.00 -0.94
CA ASN J 77 64.12 60.19 -1.08
C ASN J 77 64.85 59.80 0.19
N ASP J 78 64.20 59.96 1.34
CA ASP J 78 64.80 59.62 2.62
C ASP J 78 64.82 58.13 2.89
N PHE J 79 64.07 57.34 2.12
CA PHE J 79 64.03 55.90 2.26
C PHE J 79 64.74 55.16 1.13
N LEU J 80 64.73 55.74 -0.07
CA LEU J 80 65.30 55.14 -1.26
C LEU J 80 66.50 55.94 -1.73
N PRO J 81 67.73 55.46 -1.64
CA PRO J 81 68.85 56.27 -2.04
C PRO J 81 68.98 56.35 -3.55
N PRO J 82 69.86 57.20 -4.06
CA PRO J 82 70.13 57.19 -5.48
C PRO J 82 70.94 55.96 -5.87
N GLY J 83 70.70 55.49 -7.09
CA GLY J 83 71.37 54.32 -7.58
C GLY J 83 72.73 54.61 -8.15
N GLY J 84 73.07 53.94 -9.23
CA GLY J 84 74.35 54.14 -9.88
C GLY J 84 74.33 53.73 -11.33
N GLY J 85 74.86 54.60 -12.19
CA GLY J 85 74.92 54.32 -13.60
C GLY J 85 73.65 54.70 -14.33
N SER J 86 73.25 53.86 -15.28
CA SER J 86 72.06 54.13 -16.06
C SER J 86 70.78 53.98 -15.26
N ASN J 87 70.85 53.34 -14.09
CA ASN J 87 69.71 53.24 -13.21
C ASN J 87 69.76 54.36 -12.19
N PRO J 88 68.88 55.38 -12.25
CA PRO J 88 69.04 56.52 -11.36
C PRO J 88 68.73 56.22 -9.91
N ARG J 89 67.95 55.17 -9.63
CA ARG J 89 67.56 54.80 -8.29
C ARG J 89 67.99 53.38 -8.00
N SER J 90 68.03 53.05 -6.71
CA SER J 90 68.55 51.77 -6.26
C SER J 90 67.53 50.64 -6.41
N VAL J 91 66.25 50.97 -6.43
CA VAL J 91 65.18 50.01 -6.72
C VAL J 91 64.75 50.23 -8.16
N PRO J 92 65.03 49.29 -9.09
CA PRO J 92 64.81 49.61 -10.50
C PRO J 92 63.36 49.48 -10.95
N PHE J 93 62.59 50.51 -10.63
CA PHE J 93 61.20 50.61 -11.04
C PHE J 93 60.91 52.04 -11.44
N GLU J 94 59.83 52.21 -12.19
CA GLU J 94 59.43 53.50 -12.74
C GLU J 94 58.42 54.22 -11.85
N TYR J 95 57.36 53.53 -11.46
CA TYR J 95 56.24 54.13 -10.76
C TYR J 95 56.18 53.59 -9.33
N TYR J 96 55.48 54.32 -8.49
CA TYR J 96 55.29 53.91 -7.10
C TYR J 96 54.01 54.53 -6.58
N ARG J 97 53.55 53.98 -5.46
CA ARG J 97 52.47 54.57 -4.70
C ARG J 97 52.54 54.03 -3.29
N ILE J 98 52.52 54.93 -2.32
CA ILE J 98 52.68 54.54 -0.93
C ILE J 98 51.35 54.05 -0.40
N ARG J 99 51.33 52.82 0.09
CA ARG J 99 50.12 52.18 0.58
C ARG J 99 49.84 52.51 2.04
N LYS J 100 50.86 52.38 2.88
CA LYS J 100 50.73 52.59 4.32
C LYS J 100 52.03 53.13 4.86
N VAL J 101 51.94 53.74 6.03
CA VAL J 101 53.10 54.16 6.80
C VAL J 101 52.86 53.77 8.25
N LYS J 102 53.93 53.33 8.90
CA LYS J 102 53.94 52.99 10.32
C LYS J 102 54.97 53.87 10.99
N VAL J 103 54.49 54.83 11.77
CA VAL J 103 55.35 55.68 12.59
C VAL J 103 55.39 55.10 13.99
N GLU J 104 56.59 54.82 14.47
CA GLU J 104 56.80 54.22 15.78
C GLU J 104 57.65 55.18 16.60
N PHE J 105 57.09 55.65 17.70
CA PHE J 105 57.82 56.44 18.68
C PHE J 105 58.39 55.48 19.72
N TRP J 106 59.66 55.15 19.53
CA TRP J 106 60.35 54.29 20.48
C TRP J 106 60.97 55.17 21.56
N PRO J 107 60.61 55.02 22.82
CA PRO J 107 61.13 55.93 23.84
C PRO J 107 62.61 55.71 24.10
N CYS J 108 63.22 56.77 24.61
CA CYS J 108 64.60 56.77 25.04
C CYS J 108 64.75 56.98 26.53
N SER J 109 63.66 57.10 27.26
CA SER J 109 63.63 57.51 28.64
C SER J 109 63.35 56.33 29.54
N PRO J 110 63.87 56.33 30.77
CA PRO J 110 63.64 55.20 31.65
C PRO J 110 62.22 55.16 32.18
N ILE J 111 61.83 53.98 32.65
CA ILE J 111 60.50 53.82 33.22
C ILE J 111 60.37 54.44 34.60
N THR J 112 61.46 54.93 35.18
CA THR J 112 61.44 55.62 36.45
C THR J 112 61.27 57.13 36.31
N GLN J 113 61.16 57.65 35.09
CA GLN J 113 61.09 59.09 34.90
C GLN J 113 59.72 59.58 35.30
N GLY J 114 59.70 60.67 36.05
CA GLY J 114 58.47 61.28 36.51
C GLY J 114 58.04 62.44 35.66
N ASP J 115 57.13 63.24 36.21
CA ASP J 115 56.52 64.36 35.52
C ASP J 115 55.88 63.88 34.21
N ARG J 116 55.19 62.75 34.30
CA ARG J 116 54.57 62.16 33.14
C ARG J 116 53.47 63.07 32.60
N GLY J 117 53.04 62.75 31.38
CA GLY J 117 52.11 63.58 30.67
C GLY J 117 51.24 62.82 29.72
N VAL J 118 50.44 63.54 28.94
CA VAL J 118 49.51 62.93 28.01
C VAL J 118 49.36 63.83 26.81
N GLY J 119 49.53 63.26 25.63
CA GLY J 119 49.50 63.98 24.37
C GLY J 119 48.57 63.36 23.37
N SER J 120 48.76 63.75 22.11
CA SER J 120 47.85 63.33 21.05
C SER J 120 48.59 63.33 19.72
N SER J 121 48.30 62.33 18.90
CA SER J 121 48.79 62.23 17.54
C SER J 121 47.60 62.11 16.60
N ALA J 122 47.58 62.95 15.57
CA ALA J 122 46.49 62.99 14.62
C ALA J 122 47.04 62.89 13.20
N VAL J 123 46.15 62.53 12.28
CA VAL J 123 46.48 62.28 10.89
C VAL J 123 46.01 63.48 10.07
N ILE J 124 46.94 64.12 9.39
CA ILE J 124 46.72 65.39 8.70
C ILE J 124 47.16 65.22 7.25
N LEU J 125 46.20 64.99 6.37
CA LEU J 125 46.48 64.58 5.00
C LEU J 125 46.50 65.73 4.01
N ASP J 126 46.86 66.96 4.43
CA ASP J 126 46.69 68.12 3.57
C ASP J 126 47.77 69.19 3.67
N ASP J 127 48.82 69.00 4.46
CA ASP J 127 49.94 69.92 4.49
C ASP J 127 49.58 71.27 5.10
N ASN J 128 48.58 71.28 5.97
CA ASN J 128 48.26 72.45 6.78
C ASN J 128 48.13 71.95 8.21
N PHE J 129 49.26 71.98 8.90
CA PHE J 129 49.36 71.56 10.28
C PHE J 129 49.11 72.73 11.21
N VAL J 130 48.81 72.40 12.47
CA VAL J 130 48.84 73.40 13.51
C VAL J 130 50.27 73.94 13.59
N THR J 131 50.39 75.23 13.80
CA THR J 131 51.69 75.89 13.79
C THR J 131 52.59 75.28 14.87
N LYS J 132 53.86 75.13 14.52
CA LYS J 132 54.82 74.59 15.45
C LYS J 132 54.95 75.51 16.65
N ALA J 133 54.84 74.92 17.85
CA ALA J 133 54.85 75.66 19.09
C ALA J 133 55.71 74.92 20.10
N THR J 134 56.33 75.70 20.99
CA THR J 134 57.15 75.16 22.04
C THR J 134 56.34 74.86 23.30
N ALA J 135 55.54 75.82 23.75
CA ALA J 135 54.70 75.65 24.93
C ALA J 135 53.35 76.30 24.65
N LEU J 136 52.45 75.52 24.08
CA LEU J 136 51.08 75.96 23.82
C LEU J 136 50.18 75.53 24.96
N THR J 137 49.22 76.38 25.31
CA THR J 137 48.40 76.21 26.50
C THR J 137 47.32 75.15 26.35
N TYR J 138 47.32 74.39 25.28
CA TYR J 138 46.30 73.36 25.08
C TYR J 138 46.81 72.37 24.06
N ASP J 139 46.12 71.24 23.98
CA ASP J 139 46.42 70.19 23.02
C ASP J 139 45.53 70.39 21.80
N PRO J 140 46.06 70.87 20.67
CA PRO J 140 45.17 71.13 19.54
C PRO J 140 44.61 69.89 18.90
N TYR J 141 45.37 68.79 18.92
CA TYR J 141 44.99 67.57 18.24
C TYR J 141 44.13 66.66 19.11
N VAL J 142 43.55 67.18 20.18
CA VAL J 142 42.85 66.32 21.14
C VAL J 142 41.46 65.98 20.64
N ASN J 143 40.76 66.93 20.04
CA ASN J 143 39.41 66.71 19.59
C ASN J 143 39.34 66.21 18.15
N TYR J 144 40.49 65.92 17.54
CA TYR J 144 40.50 65.38 16.20
C TYR J 144 39.97 63.95 16.19
N SER J 145 39.23 63.62 15.13
CA SER J 145 38.66 62.31 14.98
C SER J 145 39.72 61.22 14.87
N SER J 146 40.92 61.57 14.44
CA SER J 146 42.03 60.63 14.30
C SER J 146 43.02 60.73 15.45
N ARG J 147 42.58 61.22 16.60
CA ARG J 147 43.47 61.37 17.74
C ARG J 147 43.67 60.04 18.42
N HIS J 148 44.92 59.71 18.68
CA HIS J 148 45.31 58.63 19.57
C HIS J 148 46.09 59.27 20.71
N THR J 149 45.84 58.81 21.92
CA THR J 149 46.53 59.32 23.09
C THR J 149 47.97 58.85 23.12
N ILE J 150 48.87 59.78 23.42
CA ILE J 150 50.27 59.51 23.63
C ILE J 150 50.49 59.57 25.14
N THR J 151 50.74 58.41 25.73
CA THR J 151 51.29 58.36 27.07
C THR J 151 52.78 58.65 27.00
N GLN J 152 53.24 59.49 27.92
CA GLN J 152 54.60 59.97 27.95
C GLN J 152 55.22 59.65 29.30
N PRO J 153 56.56 59.58 29.39
CA PRO J 153 57.61 59.65 28.38
C PRO J 153 58.13 58.30 27.92
N PHE J 154 57.83 57.25 28.68
CA PHE J 154 58.48 55.96 28.52
C PHE J 154 57.57 54.92 27.86
N SER J 155 56.65 55.36 27.02
CA SER J 155 55.65 54.50 26.44
C SER J 155 55.73 54.56 24.92
N TYR J 156 55.48 53.42 24.30
CA TYR J 156 55.52 53.25 22.86
C TYR J 156 54.22 53.69 22.24
N HIS J 157 54.33 54.36 21.09
CA HIS J 157 53.20 54.89 20.36
C HIS J 157 53.39 54.56 18.88
N SER J 158 52.43 53.86 18.31
CA SER J 158 52.42 53.53 16.90
C SER J 158 51.20 54.15 16.23
N ARG J 159 51.37 54.50 14.96
CA ARG J 159 50.29 54.98 14.12
C ARG J 159 50.47 54.34 12.75
N TYR J 160 49.42 53.70 12.26
CA TYR J 160 49.42 52.98 11.00
C TYR J 160 48.28 53.51 10.15
N PHE J 161 48.63 54.14 9.02
CA PHE J 161 47.66 54.86 8.23
C PHE J 161 48.16 54.93 6.80
N THR J 162 47.30 55.47 5.94
CA THR J 162 47.57 55.63 4.51
C THR J 162 47.82 57.10 4.21
N PRO J 163 49.02 57.52 3.85
CA PRO J 163 49.26 58.93 3.57
C PRO J 163 48.71 59.34 2.23
N LYS J 164 48.85 60.63 1.92
CA LYS J 164 48.38 61.19 0.67
C LYS J 164 49.44 62.14 0.14
N PRO J 165 49.63 62.20 -1.17
CA PRO J 165 50.64 63.11 -1.72
C PRO J 165 50.14 64.53 -1.87
N VAL J 166 51.10 65.44 -1.89
CA VAL J 166 50.83 66.87 -2.03
C VAL J 166 50.89 67.18 -3.51
N LEU J 167 49.75 67.04 -4.17
CA LEU J 167 49.64 67.32 -5.60
C LEU J 167 49.49 68.81 -5.86
N ASP J 168 48.63 69.49 -5.09
CA ASP J 168 48.47 70.93 -5.20
C ASP J 168 48.32 71.46 -3.77
N SER J 169 49.34 72.16 -3.29
CA SER J 169 49.30 72.74 -1.96
C SER J 169 48.34 73.92 -1.86
N THR J 170 47.96 74.52 -2.99
CA THR J 170 47.03 75.64 -2.97
C THR J 170 45.61 75.18 -2.69
N ILE J 171 45.20 74.06 -3.27
CA ILE J 171 43.85 73.54 -3.16
C ILE J 171 43.80 72.44 -2.12
N ASP J 172 44.88 71.67 -2.04
CA ASP J 172 45.03 70.60 -1.05
C ASP J 172 43.91 69.57 -1.18
N TYR J 173 43.90 68.89 -2.32
CA TYR J 173 42.95 67.83 -2.60
C TYR J 173 43.63 66.47 -2.50
N PHE J 174 42.87 65.48 -2.06
CA PHE J 174 43.38 64.13 -1.93
C PHE J 174 42.26 63.13 -2.16
N GLN J 175 42.64 61.95 -2.38
CA GLN J 175 41.76 60.85 -2.68
C GLN J 175 41.36 60.10 -1.42
N PRO J 176 40.16 59.52 -1.38
CA PRO J 176 39.87 58.58 -0.29
C PRO J 176 40.58 57.26 -0.46
N ASN J 177 40.49 56.41 0.54
CA ASN J 177 41.23 55.17 0.55
C ASN J 177 40.59 54.18 -0.42
N ASN J 178 41.34 53.80 -1.44
CA ASN J 178 40.88 52.82 -2.41
C ASN J 178 42.14 52.20 -2.99
N LYS J 179 42.36 50.91 -2.73
CA LYS J 179 43.57 50.28 -3.21
C LYS J 179 43.58 50.18 -4.72
N ARG J 180 42.41 50.08 -5.34
CA ARG J 180 42.34 49.86 -6.78
C ARG J 180 42.47 51.15 -7.57
N ASN J 181 42.09 52.29 -6.97
CA ASN J 181 42.06 53.56 -7.65
C ASN J 181 43.17 54.51 -7.22
N GLN J 182 44.07 54.09 -6.35
CA GLN J 182 45.13 54.95 -5.89
C GLN J 182 46.06 55.32 -7.02
N LEU J 183 46.40 56.59 -7.09
CA LEU J 183 47.25 57.09 -8.16
C LEU J 183 48.64 56.51 -8.08
N TRP J 184 49.23 56.28 -9.25
CA TRP J 184 50.62 55.94 -9.39
C TRP J 184 51.40 57.22 -9.64
N LEU J 185 52.39 57.47 -8.82
CA LEU J 185 53.34 58.54 -9.05
C LEU J 185 54.59 57.99 -9.71
N ARG J 186 55.40 58.89 -10.24
CA ARG J 186 56.68 58.54 -10.81
C ARG J 186 57.76 58.63 -9.76
N LEU J 187 58.64 57.64 -9.78
CA LEU J 187 59.83 57.64 -8.95
C LEU J 187 60.86 58.51 -9.63
N GLN J 188 60.88 59.78 -9.23
CA GLN J 188 61.78 60.74 -9.80
C GLN J 188 63.21 60.45 -9.36
N THR J 189 64.15 61.19 -9.92
CA THR J 189 65.56 61.00 -9.61
C THR J 189 65.94 61.68 -8.31
N ALA J 190 65.65 63.00 -8.20
CA ALA J 190 65.97 63.74 -6.98
C ALA J 190 64.90 64.76 -6.59
N GLY J 191 63.64 64.55 -7.00
CA GLY J 191 62.61 65.55 -6.81
C GLY J 191 61.25 65.02 -6.46
N ASN J 192 61.21 63.91 -5.73
CA ASN J 192 59.94 63.27 -5.40
C ASN J 192 59.10 64.17 -4.49
N VAL J 193 57.80 63.92 -4.53
CA VAL J 193 56.81 64.76 -3.86
C VAL J 193 56.63 64.30 -2.43
N ASP J 194 56.36 65.24 -1.55
CA ASP J 194 56.24 64.95 -0.13
C ASP J 194 54.87 64.38 0.17
N HIS J 195 54.85 63.25 0.86
CA HIS J 195 53.64 62.71 1.44
C HIS J 195 53.48 63.21 2.86
N VAL J 196 52.24 63.21 3.33
CA VAL J 196 51.88 63.93 4.53
C VAL J 196 50.85 63.09 5.28
N GLY J 197 50.64 63.41 6.56
CA GLY J 197 49.76 62.59 7.35
C GLY J 197 50.01 62.38 8.83
N LEU J 198 50.90 63.12 9.49
CA LEU J 198 50.95 63.02 10.93
C LEU J 198 51.37 64.33 11.60
N GLY J 199 50.60 64.68 12.63
CA GLY J 199 50.97 65.78 13.50
C GLY J 199 50.79 65.36 14.95
N THR J 200 51.65 65.91 15.80
CA THR J 200 51.77 65.48 17.18
C THR J 200 51.65 66.65 18.13
N ALA J 201 51.37 66.32 19.38
CA ALA J 201 51.37 67.28 20.48
C ALA J 201 51.85 66.55 21.72
N PHE J 202 53.03 66.92 22.20
CA PHE J 202 53.64 66.32 23.38
C PHE J 202 53.58 67.30 24.53
N GLU J 203 53.21 66.79 25.70
CA GLU J 203 53.16 67.59 26.90
C GLU J 203 54.57 67.78 27.45
N ASN J 204 54.93 69.03 27.70
CA ASN J 204 56.27 69.33 28.15
C ASN J 204 56.48 68.86 29.59
N SER J 205 57.74 68.86 30.00
CA SER J 205 58.13 68.30 31.28
C SER J 205 59.38 69.01 31.77
N ILE J 206 59.71 68.78 33.04
CA ILE J 206 60.93 69.31 33.63
C ILE J 206 62.14 68.62 33.05
N TYR J 207 62.00 67.37 32.64
CA TYR J 207 63.08 66.58 32.06
C TYR J 207 62.93 66.52 30.56
N ASP J 208 64.05 66.29 29.89
CA ASP J 208 64.04 66.13 28.44
C ASP J 208 63.46 64.78 28.06
N GLN J 209 62.56 64.79 27.08
CA GLN J 209 61.91 63.59 26.56
C GLN J 209 62.43 63.32 25.17
N GLU J 210 63.24 62.28 25.03
CA GLU J 210 63.83 61.89 23.76
C GLU J 210 63.10 60.68 23.20
N TYR J 211 63.09 60.59 21.87
CA TYR J 211 62.46 59.50 21.14
C TYR J 211 63.30 59.16 19.93
N ASN J 212 63.30 57.87 19.58
CA ASN J 212 63.87 57.38 18.33
C ASN J 212 62.70 56.98 17.46
N ILE J 213 62.45 57.75 16.40
CA ILE J 213 61.28 57.55 15.57
C ILE J 213 61.67 56.73 14.35
N ARG J 214 60.99 55.61 14.16
CA ARG J 214 61.22 54.69 13.05
C ARG J 214 59.98 54.72 12.16
N VAL J 215 60.14 55.27 10.97
CA VAL J 215 59.10 55.31 9.96
C VAL J 215 59.33 54.17 8.99
N THR J 216 58.27 53.42 8.73
CA THR J 216 58.29 52.31 7.79
C THR J 216 57.20 52.58 6.76
N MET J 217 57.60 52.68 5.50
CA MET J 217 56.69 52.89 4.39
C MET J 217 56.51 51.59 3.62
N TYR J 218 55.26 51.20 3.42
CA TYR J 218 54.89 50.04 2.64
C TYR J 218 54.50 50.51 1.25
N VAL J 219 55.36 50.26 0.28
CA VAL J 219 55.25 50.84 -1.04
C VAL J 219 54.92 49.74 -2.04
N GLN J 220 54.54 50.17 -3.24
CA GLN J 220 54.16 49.28 -4.32
C GLN J 220 54.69 49.90 -5.59
N PHE J 221 55.62 49.23 -6.23
CA PHE J 221 56.27 49.70 -7.44
C PHE J 221 55.66 49.03 -8.67
N ARG J 222 56.06 49.52 -9.84
CA ARG J 222 55.51 49.04 -11.10
C ARG J 222 56.53 49.31 -12.20
N GLU J 223 56.52 48.43 -13.20
CA GLU J 223 57.30 48.57 -14.43
C GLU J 223 58.81 48.59 -14.13
N PHE J 224 59.28 47.40 -13.76
CA PHE J 224 60.69 47.06 -13.73
C PHE J 224 61.40 47.58 -14.96
N ASN J 225 62.42 48.42 -14.74
CA ASN J 225 63.04 49.16 -15.82
C ASN J 225 64.55 49.12 -15.74
N LEU J 226 65.10 47.95 -15.44
CA LEU J 226 66.54 47.83 -15.33
C LEU J 226 67.18 48.04 -16.70
N LYS J 227 68.34 48.69 -16.68
CA LYS J 227 69.13 48.96 -17.87
C LYS J 227 70.48 48.29 -17.73
N ASP J 228 70.85 47.50 -18.75
CA ASP J 228 72.04 46.66 -18.72
C ASP J 228 72.92 47.00 -19.91
N PRO J 229 73.76 48.03 -19.79
CA PRO J 229 74.73 48.30 -20.83
C PRO J 229 75.86 47.30 -20.79
N PRO J 230 76.69 47.23 -21.83
CA PRO J 230 77.87 46.37 -21.77
C PRO J 230 78.92 46.89 -20.80
N LEU J 231 80.03 46.17 -20.70
CA LEU J 231 81.11 46.53 -19.78
C LEU J 231 82.48 46.29 -20.41
N GLY K 43 -25.67 -67.13 -3.15
CA GLY K 43 -25.55 -67.23 -4.60
C GLY K 43 -26.81 -66.78 -5.32
N ILE K 44 -26.93 -65.47 -5.48
CA ILE K 44 -28.13 -64.87 -6.01
C ILE K 44 -28.17 -65.01 -7.52
N PHE K 45 -29.38 -65.20 -8.05
CA PHE K 45 -29.61 -65.25 -9.47
C PHE K 45 -31.01 -64.72 -9.74
N ASN K 46 -31.09 -63.48 -10.18
CA ASN K 46 -32.36 -62.90 -10.59
C ASN K 46 -32.63 -63.27 -12.03
N THR K 47 -33.81 -63.83 -12.28
CA THR K 47 -34.22 -64.18 -13.63
C THR K 47 -35.70 -63.87 -13.81
N ARG K 48 -36.26 -64.40 -14.89
CA ARG K 48 -37.61 -64.09 -15.33
C ARG K 48 -38.23 -65.35 -15.92
N LEU K 49 -39.41 -65.70 -15.41
CA LEU K 49 -40.13 -66.89 -15.83
C LEU K 49 -41.52 -66.48 -16.26
N SER K 50 -41.97 -67.08 -17.36
CA SER K 50 -43.23 -66.72 -17.99
C SER K 50 -44.09 -67.96 -18.20
N ARG K 51 -45.34 -67.69 -18.57
CA ARG K 51 -46.39 -68.69 -18.69
C ARG K 51 -47.57 -68.00 -19.35
N THR K 52 -48.25 -68.72 -20.24
CA THR K 52 -49.34 -68.17 -21.03
C THR K 52 -50.54 -69.10 -20.98
N PHE K 53 -51.72 -68.51 -20.86
CA PHE K 53 -52.95 -69.28 -20.78
C PHE K 53 -54.11 -68.36 -21.18
N GLY K 54 -55.27 -68.98 -21.37
CA GLY K 54 -56.44 -68.29 -21.85
C GLY K 54 -57.50 -67.99 -20.80
N TYR K 55 -58.31 -66.98 -21.09
CA TYR K 55 -59.44 -66.60 -20.26
C TYR K 55 -60.51 -66.02 -21.16
N THR K 56 -61.74 -66.49 -21.01
CA THR K 56 -62.86 -66.07 -21.82
C THR K 56 -64.00 -65.61 -20.93
N ILE K 57 -64.64 -64.51 -21.33
CA ILE K 57 -65.85 -64.02 -20.71
C ILE K 57 -66.97 -64.33 -21.71
N LYS K 58 -67.77 -65.33 -21.37
CA LYS K 58 -68.83 -65.77 -22.27
C LYS K 58 -69.91 -64.70 -22.40
N ARG K 59 -70.66 -64.81 -23.49
CA ARG K 59 -71.72 -63.86 -23.79
C ARG K 59 -72.91 -64.05 -22.86
N THR K 60 -73.73 -63.00 -22.77
CA THR K 60 -74.94 -63.00 -21.98
C THR K 60 -76.03 -62.24 -22.70
N THR K 61 -77.25 -62.77 -22.66
CA THR K 61 -78.42 -62.08 -23.17
C THR K 61 -78.93 -61.00 -22.23
N VAL K 62 -78.35 -60.89 -21.02
CA VAL K 62 -78.78 -59.87 -20.07
C VAL K 62 -78.59 -58.49 -20.66
N LYS K 63 -79.58 -57.64 -20.45
CA LYS K 63 -79.56 -56.29 -21.02
C LYS K 63 -78.77 -55.32 -20.15
N THR K 64 -78.86 -55.47 -18.85
CA THR K 64 -78.22 -54.55 -17.93
C THR K 64 -76.71 -54.60 -18.05
N PRO K 65 -76.00 -53.61 -17.51
CA PRO K 65 -74.55 -53.74 -17.36
C PRO K 65 -74.23 -54.61 -16.16
N SER K 66 -73.78 -55.83 -16.41
CA SER K 66 -73.33 -56.75 -15.39
C SER K 66 -71.86 -57.05 -15.60
N TRP K 67 -71.20 -57.46 -14.53
CA TRP K 67 -69.79 -57.75 -14.53
C TRP K 67 -69.52 -59.20 -14.16
N ALA K 68 -68.46 -59.73 -14.74
CA ALA K 68 -67.99 -61.08 -14.47
C ALA K 68 -66.75 -61.02 -13.62
N VAL K 69 -66.81 -61.64 -12.46
CA VAL K 69 -65.75 -61.56 -11.47
C VAL K 69 -64.98 -62.88 -11.47
N ASP K 70 -63.67 -62.78 -11.32
CA ASP K 70 -62.81 -63.94 -11.25
C ASP K 70 -61.54 -63.57 -10.51
N MET K 71 -60.79 -64.60 -10.14
CA MET K 71 -59.58 -64.47 -9.34
C MET K 71 -58.38 -64.98 -10.10
N MET K 72 -57.20 -64.69 -9.57
CA MET K 72 -55.95 -65.07 -10.20
C MET K 72 -54.89 -65.24 -9.13
N ARG K 73 -54.41 -66.46 -8.95
CA ARG K 73 -53.30 -66.80 -8.07
C ARG K 73 -52.07 -67.12 -8.91
N PHE K 74 -50.92 -67.18 -8.25
CA PHE K 74 -49.64 -67.44 -8.89
C PHE K 74 -48.87 -68.46 -8.06
N ASN K 75 -48.49 -69.56 -8.70
CA ASN K 75 -47.64 -70.58 -8.10
C ASN K 75 -46.45 -70.84 -8.99
N ILE K 76 -45.33 -71.19 -8.37
CA ILE K 76 -44.08 -71.39 -9.11
C ILE K 76 -44.00 -72.76 -9.78
N ASN K 77 -44.88 -73.69 -9.42
CA ASN K 77 -44.89 -74.97 -10.12
C ASN K 77 -45.32 -74.81 -11.56
N ASP K 78 -46.17 -73.83 -11.84
CA ASP K 78 -46.66 -73.58 -13.18
C ASP K 78 -45.63 -72.88 -14.06
N PHE K 79 -44.57 -72.34 -13.48
CA PHE K 79 -43.51 -71.67 -14.21
C PHE K 79 -42.21 -72.47 -14.25
N LEU K 80 -41.95 -73.24 -13.21
CA LEU K 80 -40.72 -74.01 -13.06
C LEU K 80 -41.03 -75.49 -13.10
N PRO K 81 -40.65 -76.24 -14.13
CA PRO K 81 -41.01 -77.64 -14.18
C PRO K 81 -40.15 -78.46 -13.25
N PRO K 82 -40.48 -79.73 -13.05
CA PRO K 82 -39.60 -80.61 -12.31
C PRO K 82 -38.36 -80.95 -13.11
N GLY K 83 -37.25 -81.14 -12.40
CA GLY K 83 -36.00 -81.43 -13.03
C GLY K 83 -35.84 -82.90 -13.36
N GLY K 84 -34.63 -83.41 -13.17
CA GLY K 84 -34.35 -84.80 -13.43
C GLY K 84 -33.14 -85.30 -12.67
N GLY K 85 -33.29 -86.46 -12.04
CA GLY K 85 -32.21 -87.05 -11.29
C GLY K 85 -32.12 -86.53 -9.88
N SER K 86 -30.89 -86.32 -9.41
CA SER K 86 -30.67 -85.84 -8.05
C SER K 86 -31.10 -84.39 -7.87
N ASN K 87 -31.29 -83.65 -8.96
CA ASN K 87 -31.80 -82.29 -8.89
C ASN K 87 -33.31 -82.32 -9.06
N PRO K 88 -34.10 -82.04 -8.01
CA PRO K 88 -35.55 -82.21 -8.16
C PRO K 88 -36.20 -81.17 -9.04
N ARG K 89 -35.57 -80.01 -9.23
CA ARG K 89 -36.11 -78.93 -10.04
C ARG K 89 -35.13 -78.58 -11.16
N SER K 90 -35.65 -77.87 -12.15
CA SER K 90 -34.88 -77.58 -13.36
C SER K 90 -33.94 -76.41 -13.16
N VAL K 91 -34.24 -75.52 -12.22
CA VAL K 91 -33.35 -74.43 -11.83
C VAL K 91 -32.65 -74.84 -10.54
N PRO K 92 -31.35 -75.13 -10.55
CA PRO K 92 -30.75 -75.72 -9.35
C PRO K 92 -30.44 -74.73 -8.24
N PHE K 93 -31.47 -74.38 -7.50
CA PHE K 93 -31.36 -73.51 -6.36
C PHE K 93 -32.27 -74.03 -5.25
N GLU K 94 -31.99 -73.58 -4.03
CA GLU K 94 -32.69 -74.01 -2.84
C GLU K 94 -33.84 -73.09 -2.46
N TYR K 95 -33.58 -71.80 -2.39
CA TYR K 95 -34.51 -70.81 -1.90
C TYR K 95 -34.96 -69.91 -3.03
N TYR K 96 -36.08 -69.24 -2.81
CA TYR K 96 -36.60 -68.28 -3.77
C TYR K 96 -37.46 -67.27 -3.06
N ARG K 97 -37.71 -66.16 -3.75
CA ARG K 97 -38.68 -65.18 -3.31
C ARG K 97 -39.11 -64.38 -4.53
N ILE K 98 -40.41 -64.26 -4.74
CA ILE K 98 -40.95 -63.60 -5.91
C ILE K 98 -40.92 -62.10 -5.66
N ARG K 99 -40.26 -61.37 -6.53
CA ARG K 99 -40.09 -59.94 -6.42
C ARG K 99 -41.24 -59.18 -7.04
N LYS K 100 -41.61 -59.53 -8.27
CA LYS K 100 -42.64 -58.85 -9.01
C LYS K 100 -43.36 -59.85 -9.90
N VAL K 101 -44.56 -59.48 -10.33
CA VAL K 101 -45.31 -60.21 -11.33
C VAL K 101 -45.89 -59.19 -12.30
N LYS K 102 -45.90 -59.56 -13.58
CA LYS K 102 -46.48 -58.78 -14.66
C LYS K 102 -47.55 -59.64 -15.30
N VAL K 103 -48.80 -59.27 -15.07
CA VAL K 103 -49.93 -59.91 -15.73
C VAL K 103 -50.32 -59.06 -16.93
N GLU K 104 -50.35 -59.68 -18.10
CA GLU K 104 -50.66 -59.01 -19.35
C GLU K 104 -51.88 -59.67 -19.94
N PHE K 105 -52.95 -58.90 -20.10
CA PHE K 105 -54.14 -59.34 -20.81
C PHE K 105 -53.98 -58.95 -22.28
N TRP K 106 -53.56 -59.90 -23.08
CA TRP K 106 -53.43 -59.68 -24.50
C TRP K 106 -54.74 -60.02 -25.17
N PRO K 107 -55.42 -59.08 -25.84
CA PRO K 107 -56.73 -59.40 -26.39
C PRO K 107 -56.66 -60.35 -27.56
N CYS K 108 -57.78 -61.01 -27.77
CA CYS K 108 -57.98 -61.92 -28.89
C CYS K 108 -59.05 -61.43 -29.84
N SER K 109 -59.63 -60.27 -29.59
CA SER K 109 -60.80 -59.78 -30.27
C SER K 109 -60.42 -58.66 -31.24
N PRO K 110 -61.14 -58.51 -32.33
CA PRO K 110 -60.79 -57.48 -33.30
C PRO K 110 -61.13 -56.09 -32.80
N ILE K 111 -60.49 -55.10 -33.41
CA ILE K 111 -60.77 -53.71 -33.06
C ILE K 111 -62.11 -53.22 -33.59
N THR K 112 -62.80 -54.00 -34.39
CA THR K 112 -64.13 -53.67 -34.87
C THR K 112 -65.24 -54.19 -33.99
N GLN K 113 -64.92 -54.88 -32.89
CA GLN K 113 -65.95 -55.48 -32.06
C GLN K 113 -66.63 -54.40 -31.24
N GLY K 114 -67.96 -54.46 -31.22
CA GLY K 114 -68.76 -53.51 -30.50
C GLY K 114 -69.20 -54.02 -29.14
N ASP K 115 -70.19 -53.34 -28.58
CA ASP K 115 -70.69 -53.63 -27.24
C ASP K 115 -69.54 -53.54 -26.24
N ARG K 116 -68.73 -52.51 -26.39
CA ARG K 116 -67.57 -52.31 -25.53
C ARG K 116 -68.01 -52.05 -24.10
N GLY K 117 -67.05 -52.15 -23.20
CA GLY K 117 -67.31 -52.07 -21.79
C GLY K 117 -66.15 -51.52 -21.00
N VAL K 118 -66.29 -51.53 -19.69
CA VAL K 118 -65.27 -50.96 -18.80
C VAL K 118 -65.28 -51.76 -17.51
N GLY K 119 -64.09 -52.23 -17.12
CA GLY K 119 -63.92 -53.06 -15.95
C GLY K 119 -62.84 -52.56 -15.03
N SER K 120 -62.37 -53.43 -14.16
CA SER K 120 -61.44 -53.04 -13.11
C SER K 120 -60.61 -54.24 -12.70
N SER K 121 -59.33 -53.99 -12.46
CA SER K 121 -58.40 -54.98 -11.92
C SER K 121 -57.79 -54.42 -10.65
N ALA K 122 -57.83 -55.20 -9.58
CA ALA K 122 -57.32 -54.81 -8.28
C ALA K 122 -56.36 -55.85 -7.74
N VAL K 123 -55.55 -55.43 -6.78
CA VAL K 123 -54.51 -56.23 -6.19
C VAL K 123 -54.98 -56.71 -4.83
N ILE K 124 -55.03 -58.03 -4.65
CA ILE K 124 -55.63 -58.66 -3.49
C ILE K 124 -54.61 -59.61 -2.90
N LEU K 125 -53.92 -59.18 -1.85
CA LEU K 125 -52.76 -59.87 -1.32
C LEU K 125 -53.07 -60.80 -0.16
N ASP K 126 -54.28 -61.36 -0.08
CA ASP K 126 -54.69 -62.09 1.12
C ASP K 126 -55.56 -63.31 0.89
N ASP K 127 -55.85 -63.71 -0.34
CA ASP K 127 -56.55 -64.96 -0.62
C ASP K 127 -58.01 -64.91 -0.17
N ASN K 128 -58.60 -63.72 -0.12
CA ASN K 128 -60.02 -63.56 0.09
C ASN K 128 -60.49 -62.60 -0.99
N PHE K 129 -60.89 -63.17 -2.10
CA PHE K 129 -61.39 -62.46 -3.25
C PHE K 129 -62.89 -62.28 -3.16
N VAL K 130 -63.40 -61.33 -3.94
CA VAL K 130 -64.83 -61.28 -4.18
C VAL K 130 -65.25 -62.58 -4.84
N THR K 131 -66.41 -63.09 -4.44
CA THR K 131 -66.86 -64.38 -4.93
C THR K 131 -66.99 -64.35 -6.44
N LYS K 132 -66.61 -65.47 -7.06
CA LYS K 132 -66.72 -65.59 -8.50
C LYS K 132 -68.17 -65.50 -8.93
N ALA K 133 -68.43 -64.62 -9.89
CA ALA K 133 -69.76 -64.34 -10.37
C ALA K 133 -69.77 -64.27 -11.89
N THR K 134 -70.90 -64.66 -12.47
CA THR K 134 -71.08 -64.61 -13.91
C THR K 134 -71.62 -63.27 -14.37
N ALA K 135 -72.69 -62.80 -13.73
CA ALA K 135 -73.31 -61.51 -14.07
C ALA K 135 -73.71 -60.84 -12.75
N LEU K 136 -72.78 -60.07 -12.20
CA LEU K 136 -73.02 -59.28 -11.01
C LEU K 136 -73.41 -57.86 -11.40
N THR K 137 -74.34 -57.28 -10.65
CA THR K 137 -74.96 -56.01 -10.99
C THR K 137 -74.07 -54.80 -10.74
N TYR K 138 -72.80 -55.00 -10.39
CA TYR K 138 -71.91 -53.87 -10.12
C TYR K 138 -70.48 -54.37 -10.24
N ASP K 139 -69.57 -53.41 -10.29
CA ASP K 139 -68.13 -53.68 -10.34
C ASP K 139 -67.60 -53.62 -8.91
N PRO K 140 -67.27 -54.75 -8.28
CA PRO K 140 -66.83 -54.67 -6.90
C PRO K 140 -65.47 -54.04 -6.72
N TYR K 141 -64.58 -54.20 -7.69
CA TYR K 141 -63.22 -53.73 -7.60
C TYR K 141 -63.05 -52.29 -8.05
N VAL K 142 -64.14 -51.53 -8.16
CA VAL K 142 -64.07 -50.20 -8.75
C VAL K 142 -63.54 -49.19 -7.75
N ASN K 143 -63.97 -49.29 -6.50
CA ASN K 143 -63.57 -48.34 -5.48
C ASN K 143 -62.30 -48.74 -4.75
N TYR K 144 -61.66 -49.82 -5.18
CA TYR K 144 -60.41 -50.24 -4.57
C TYR K 144 -59.30 -49.26 -4.90
N SER K 145 -58.43 -49.05 -3.93
CA SER K 145 -57.30 -48.15 -4.09
C SER K 145 -56.33 -48.61 -5.15
N SER K 146 -56.31 -49.91 -5.46
CA SER K 146 -55.44 -50.47 -6.47
C SER K 146 -56.17 -50.77 -7.77
N ARG K 147 -57.28 -50.09 -8.02
CA ARG K 147 -58.05 -50.32 -9.22
C ARG K 147 -57.39 -49.64 -10.40
N HIS K 148 -57.24 -50.38 -11.48
CA HIS K 148 -56.92 -49.85 -12.80
C HIS K 148 -58.07 -50.19 -13.70
N THR K 149 -58.45 -49.26 -14.56
CA THR K 149 -59.54 -49.47 -15.49
C THR K 149 -59.12 -50.42 -16.59
N ILE K 150 -60.02 -51.34 -16.90
CA ILE K 150 -59.87 -52.26 -18.03
C ILE K 150 -60.82 -51.76 -19.10
N THR K 151 -60.26 -51.22 -20.16
CA THR K 151 -61.01 -51.03 -21.39
C THR K 151 -61.15 -52.35 -22.11
N GLN K 152 -62.34 -52.63 -22.59
CA GLN K 152 -62.69 -53.89 -23.22
C GLN K 152 -63.23 -53.62 -24.61
N PRO K 153 -63.19 -54.62 -25.51
CA PRO K 153 -62.57 -55.94 -25.47
C PRO K 153 -61.21 -56.05 -26.11
N PHE K 154 -60.83 -55.04 -26.91
CA PHE K 154 -59.69 -55.12 -27.79
C PHE K 154 -58.52 -54.30 -27.30
N SER K 155 -58.39 -54.13 -25.99
CA SER K 155 -57.38 -53.27 -25.42
C SER K 155 -56.50 -54.05 -24.46
N TYR K 156 -55.24 -53.68 -24.43
CA TYR K 156 -54.23 -54.33 -23.60
C TYR K 156 -54.26 -53.76 -22.21
N HIS K 157 -54.08 -54.63 -21.23
CA HIS K 157 -54.10 -54.29 -19.81
C HIS K 157 -52.94 -54.99 -19.14
N SER K 158 -52.07 -54.21 -18.50
CA SER K 158 -50.95 -54.74 -17.74
C SER K 158 -51.09 -54.33 -16.28
N ARG K 159 -50.59 -55.19 -15.40
CA ARG K 159 -50.50 -54.91 -13.98
C ARG K 159 -49.17 -55.43 -13.50
N TYR K 160 -48.40 -54.57 -12.83
CA TYR K 160 -47.06 -54.87 -12.36
C TYR K 160 -47.01 -54.58 -10.87
N PHE K 161 -46.82 -55.61 -10.08
CA PHE K 161 -46.94 -55.50 -8.63
C PHE K 161 -46.11 -56.58 -7.97
N THR K 162 -46.06 -56.52 -6.65
CA THR K 162 -45.31 -57.45 -5.82
C THR K 162 -46.27 -58.37 -5.08
N PRO K 163 -46.35 -59.66 -5.40
CA PRO K 163 -47.30 -60.51 -4.70
C PRO K 163 -46.83 -60.86 -3.30
N LYS K 164 -47.66 -61.61 -2.59
CA LYS K 164 -47.37 -62.05 -1.24
C LYS K 164 -47.75 -63.51 -1.12
N PRO K 165 -47.01 -64.30 -0.34
CA PRO K 165 -47.36 -65.71 -0.18
C PRO K 165 -48.40 -65.94 0.88
N VAL K 166 -49.08 -67.07 0.74
CA VAL K 166 -50.15 -67.47 1.64
C VAL K 166 -49.49 -68.33 2.71
N LEU K 167 -49.04 -67.68 3.77
CA LEU K 167 -48.39 -68.36 4.88
C LEU K 167 -49.42 -68.95 5.84
N ASP K 168 -50.45 -68.18 6.17
CA ASP K 168 -51.55 -68.66 7.00
C ASP K 168 -52.82 -68.09 6.43
N SER K 169 -53.64 -68.96 5.82
CA SER K 169 -54.90 -68.54 5.25
C SER K 169 -55.94 -68.20 6.31
N THR K 170 -55.75 -68.65 7.55
CA THR K 170 -56.69 -68.35 8.62
C THR K 170 -56.55 -66.90 9.09
N ILE K 171 -55.32 -66.41 9.19
CA ILE K 171 -55.04 -65.08 9.70
C ILE K 171 -54.78 -64.13 8.54
N ASP K 172 -54.18 -64.64 7.48
CA ASP K 172 -53.93 -63.89 6.26
C ASP K 172 -53.08 -62.65 6.54
N TYR K 173 -51.85 -62.91 6.97
CA TYR K 173 -50.87 -61.86 7.23
C TYR K 173 -49.83 -61.82 6.13
N PHE K 174 -49.33 -60.62 5.84
CA PHE K 174 -48.32 -60.44 4.83
C PHE K 174 -47.43 -59.27 5.19
N GLN K 175 -46.35 -59.21 4.55
CA GLN K 175 -45.32 -58.21 4.77
C GLN K 175 -45.51 -57.01 3.85
N PRO K 176 -45.12 -55.82 4.28
CA PRO K 176 -45.05 -54.71 3.33
C PRO K 176 -43.87 -54.84 2.39
N ASN K 177 -43.80 -53.96 1.41
CA ASN K 177 -42.79 -54.05 0.37
C ASN K 177 -41.45 -53.60 0.93
N ASN K 178 -40.50 -54.53 0.96
CA ASN K 178 -39.14 -54.23 1.41
C ASN K 178 -38.24 -55.25 0.73
N LYS K 179 -37.38 -54.80 -0.16
CA LYS K 179 -36.54 -55.74 -0.88
C LYS K 179 -35.54 -56.41 0.04
N ARG K 180 -35.13 -55.74 1.10
CA ARG K 180 -34.08 -56.26 1.97
C ARG K 180 -34.63 -57.22 3.01
N ASN K 181 -35.90 -57.10 3.38
CA ASN K 181 -36.51 -57.88 4.43
C ASN K 181 -37.48 -58.94 3.92
N GLN K 182 -37.63 -59.09 2.61
CA GLN K 182 -38.56 -60.05 2.07
C GLN K 182 -38.12 -61.46 2.40
N LEU K 183 -39.08 -62.27 2.83
CA LEU K 183 -38.80 -63.63 3.25
C LEU K 183 -38.33 -64.47 2.08
N TRP K 184 -37.42 -65.39 2.38
CA TRP K 184 -37.02 -66.43 1.46
C TRP K 184 -37.84 -67.66 1.75
N LEU K 185 -38.50 -68.18 0.73
CA LEU K 185 -39.18 -69.45 0.80
C LEU K 185 -38.29 -70.53 0.22
N ARG K 186 -38.65 -71.78 0.50
CA ARG K 186 -37.97 -72.92 -0.07
C ARG K 186 -38.63 -73.32 -1.37
N LEU K 187 -37.81 -73.65 -2.35
CA LEU K 187 -38.25 -74.21 -3.62
C LEU K 187 -38.51 -75.69 -3.40
N GLN K 188 -39.75 -76.02 -3.07
CA GLN K 188 -40.14 -77.38 -2.81
C GLN K 188 -40.12 -78.18 -4.10
N THR K 189 -40.32 -79.50 -3.95
CA THR K 189 -40.31 -80.39 -5.10
C THR K 189 -41.62 -80.36 -5.85
N ALA K 190 -42.75 -80.58 -5.15
CA ALA K 190 -44.06 -80.57 -5.78
C ALA K 190 -45.15 -79.94 -4.91
N GLY K 191 -44.78 -79.06 -3.99
CA GLY K 191 -45.73 -78.54 -3.02
C GLY K 191 -45.58 -77.08 -2.67
N ASN K 192 -45.13 -76.27 -3.62
CA ASN K 192 -44.89 -74.88 -3.36
C ASN K 192 -46.17 -74.13 -3.02
N VAL K 193 -46.01 -73.01 -2.33
CA VAL K 193 -47.12 -72.25 -1.77
C VAL K 193 -47.62 -71.26 -2.81
N ASP K 194 -48.93 -71.02 -2.78
CA ASP K 194 -49.56 -70.14 -3.76
C ASP K 194 -49.34 -68.69 -3.38
N HIS K 195 -48.86 -67.91 -4.34
CA HIS K 195 -48.83 -66.47 -4.23
C HIS K 195 -50.10 -65.89 -4.82
N VAL K 196 -50.43 -64.69 -4.37
CA VAL K 196 -51.74 -64.11 -4.59
C VAL K 196 -51.57 -62.62 -4.85
N GLY K 197 -52.60 -61.99 -5.40
CA GLY K 197 -52.47 -60.61 -5.76
C GLY K 197 -53.20 -60.03 -6.95
N LEU K 198 -54.14 -60.73 -7.58
CA LEU K 198 -54.94 -60.06 -8.59
C LEU K 198 -56.36 -60.60 -8.66
N GLY K 199 -57.30 -59.66 -8.72
CA GLY K 199 -58.69 -59.97 -8.99
C GLY K 199 -59.23 -58.99 -10.01
N THR K 200 -60.16 -59.49 -10.82
CA THR K 200 -60.64 -58.79 -11.99
C THR K 200 -62.16 -58.72 -11.99
N ALA K 201 -62.66 -57.78 -12.78
CA ALA K 201 -64.09 -57.65 -13.04
C ALA K 201 -64.26 -57.17 -14.47
N PHE K 202 -64.78 -58.03 -15.32
CA PHE K 202 -65.00 -57.73 -16.73
C PHE K 202 -66.48 -57.54 -16.99
N GLU K 203 -66.80 -56.50 -17.76
CA GLU K 203 -68.16 -56.22 -18.14
C GLU K 203 -68.59 -57.16 -19.26
N ASN K 204 -69.71 -57.82 -19.07
CA ASN K 204 -70.19 -58.78 -20.02
C ASN K 204 -70.67 -58.11 -21.30
N SER K 205 -70.88 -58.92 -22.33
CA SER K 205 -71.19 -58.42 -23.65
C SER K 205 -72.00 -59.46 -24.41
N ILE K 206 -72.58 -59.04 -25.53
CA ILE K 206 -73.31 -59.95 -26.40
C ILE K 206 -72.35 -60.92 -27.07
N TYR K 207 -71.12 -60.50 -27.32
CA TYR K 207 -70.11 -61.30 -27.95
C TYR K 207 -69.15 -61.86 -26.92
N ASP K 208 -68.51 -62.97 -27.27
CA ASP K 208 -67.51 -63.57 -26.41
C ASP K 208 -66.22 -62.76 -26.43
N GLN K 209 -65.67 -62.51 -25.25
CA GLN K 209 -64.44 -61.75 -25.08
C GLN K 209 -63.35 -62.71 -24.62
N GLU K 210 -62.42 -63.00 -25.50
CA GLU K 210 -61.31 -63.91 -25.21
C GLU K 210 -60.04 -63.12 -24.97
N TYR K 211 -59.17 -63.68 -24.14
CA TYR K 211 -57.88 -63.10 -23.80
C TYR K 211 -56.84 -64.20 -23.69
N ASN K 212 -55.61 -63.85 -24.05
CA ASN K 212 -54.44 -64.68 -23.81
C ASN K 212 -53.63 -64.00 -22.73
N ILE K 213 -53.60 -64.59 -21.54
CA ILE K 213 -52.99 -63.98 -20.38
C ILE K 213 -51.60 -64.52 -20.22
N ARG K 214 -50.61 -63.62 -20.20
CA ARG K 214 -49.20 -63.96 -20.04
C ARG K 214 -48.74 -63.41 -18.71
N VAL K 215 -48.45 -64.30 -17.78
CA VAL K 215 -47.91 -63.96 -16.47
C VAL K 215 -46.41 -64.14 -16.51
N THR K 216 -45.69 -63.13 -16.05
CA THR K 216 -44.24 -63.13 -15.96
C THR K 216 -43.86 -62.86 -14.52
N MET K 217 -43.17 -63.81 -13.90
CA MET K 217 -42.70 -63.67 -12.54
C MET K 217 -41.21 -63.38 -12.53
N TYR K 218 -40.84 -62.32 -11.83
CA TYR K 218 -39.45 -61.93 -11.64
C TYR K 218 -39.00 -62.44 -10.28
N VAL K 219 -38.17 -63.49 -10.30
CA VAL K 219 -37.84 -64.24 -9.10
C VAL K 219 -36.37 -64.01 -8.76
N GLN K 220 -36.00 -64.42 -7.57
CA GLN K 220 -34.65 -64.28 -7.05
C GLN K 220 -34.36 -65.53 -6.26
N PHE K 221 -33.39 -66.30 -6.72
CA PHE K 221 -33.01 -67.56 -6.11
C PHE K 221 -31.76 -67.38 -5.25
N ARG K 222 -31.42 -68.43 -4.52
CA ARG K 222 -30.30 -68.41 -3.59
C ARG K 222 -29.81 -69.82 -3.38
N GLU K 223 -28.50 -69.93 -3.12
CA GLU K 223 -27.84 -71.18 -2.74
C GLU K 223 -27.96 -72.24 -3.84
N PHE K 224 -27.23 -71.97 -4.91
CA PHE K 224 -26.93 -72.95 -5.95
C PHE K 224 -26.57 -74.29 -5.34
N ASN K 225 -27.32 -75.32 -5.70
CA ASN K 225 -27.24 -76.62 -5.04
C ASN K 225 -27.20 -77.76 -6.04
N LEU K 226 -26.43 -77.59 -7.10
CA LEU K 226 -26.33 -78.64 -8.10
C LEU K 226 -25.66 -79.86 -7.52
N LYS K 227 -26.13 -81.03 -7.93
CA LYS K 227 -25.59 -82.31 -7.51
C LYS K 227 -25.09 -83.07 -8.72
N ASP K 228 -23.84 -83.52 -8.65
CA ASP K 228 -23.14 -84.12 -9.79
C ASP K 228 -22.66 -85.51 -9.39
N PRO K 229 -23.52 -86.52 -9.50
CA PRO K 229 -23.06 -87.88 -9.29
C PRO K 229 -22.24 -88.37 -10.46
N PRO K 230 -21.52 -89.48 -10.33
CA PRO K 230 -20.83 -90.04 -11.49
C PRO K 230 -21.79 -90.64 -12.50
N LEU K 231 -21.23 -91.20 -13.56
CA LEU K 231 -22.02 -91.76 -14.66
C LEU K 231 -21.40 -93.05 -15.18
N GLY L 43 -62.02 -34.44 12.24
CA GLY L 43 -61.53 -35.70 11.71
C GLY L 43 -61.78 -35.86 10.23
N ILE L 44 -60.91 -35.28 9.44
CA ILE L 44 -61.09 -35.20 8.01
C ILE L 44 -60.70 -36.52 7.37
N PHE L 45 -61.44 -36.89 6.32
CA PHE L 45 -61.14 -38.06 5.53
C PHE L 45 -61.59 -37.78 4.10
N ASN L 46 -60.65 -37.46 3.23
CA ASN L 46 -60.93 -37.30 1.83
C ASN L 46 -60.87 -38.66 1.15
N THR L 47 -61.93 -38.99 0.41
CA THR L 47 -61.99 -40.24 -0.32
C THR L 47 -62.67 -40.00 -1.67
N ARG L 48 -63.02 -41.11 -2.32
CA ARG L 48 -63.53 -41.11 -3.68
C ARG L 48 -64.60 -42.18 -3.80
N LEU L 49 -65.77 -41.78 -4.29
CA LEU L 49 -66.91 -42.66 -4.44
C LEU L 49 -67.38 -42.60 -5.88
N SER L 50 -67.71 -43.76 -6.43
CA SER L 50 -68.06 -43.90 -7.83
C SER L 50 -69.41 -44.63 -7.97
N ARG L 51 -69.90 -44.60 -9.20
CA ARG L 51 -71.22 -45.09 -9.56
C ARG L 51 -71.29 -45.09 -11.08
N THR L 52 -71.92 -46.11 -11.64
CA THR L 52 -71.98 -46.32 -13.08
C THR L 52 -73.41 -46.61 -13.50
N PHE L 53 -73.80 -46.02 -14.62
CA PHE L 53 -75.15 -46.18 -15.14
C PHE L 53 -75.14 -45.85 -16.63
N GLY L 54 -76.24 -46.17 -17.28
CA GLY L 54 -76.37 -46.01 -18.71
C GLY L 54 -77.19 -44.83 -19.18
N TYR L 55 -76.93 -44.40 -20.40
CA TYR L 55 -77.68 -43.34 -21.07
C TYR L 55 -77.65 -43.62 -22.56
N THR L 56 -78.83 -43.57 -23.17
CA THR L 56 -78.99 -43.84 -24.60
C THR L 56 -79.72 -42.70 -25.27
N ILE L 57 -79.24 -42.34 -26.45
CA ILE L 57 -79.88 -41.38 -27.33
C ILE L 57 -80.48 -42.20 -28.47
N LYS L 58 -81.80 -42.36 -28.44
CA LYS L 58 -82.48 -43.18 -29.41
C LYS L 58 -82.40 -42.55 -30.80
N ARG L 59 -82.59 -43.40 -31.80
CA ARG L 59 -82.52 -42.98 -33.19
C ARG L 59 -83.72 -42.14 -33.58
N THR L 60 -83.56 -41.38 -34.66
CA THR L 60 -84.63 -40.54 -35.21
C THR L 60 -84.56 -40.56 -36.72
N THR L 61 -85.72 -40.64 -37.36
CA THR L 61 -85.83 -40.51 -38.81
C THR L 61 -85.74 -39.07 -39.28
N VAL L 62 -85.69 -38.10 -38.36
CA VAL L 62 -85.60 -36.70 -38.74
C VAL L 62 -84.32 -36.47 -39.53
N LYS L 63 -84.44 -35.69 -40.60
CA LYS L 63 -83.32 -35.42 -41.49
C LYS L 63 -82.44 -34.31 -40.98
N THR L 64 -83.03 -33.29 -40.38
CA THR L 64 -82.30 -32.13 -39.93
C THR L 64 -81.32 -32.47 -38.82
N PRO L 65 -80.38 -31.59 -38.53
CA PRO L 65 -79.58 -31.75 -37.31
C PRO L 65 -80.37 -31.27 -36.11
N SER L 66 -80.82 -32.22 -35.31
CA SER L 66 -81.51 -31.93 -34.06
C SER L 66 -80.71 -32.49 -32.90
N TRP L 67 -80.92 -31.92 -31.74
CA TRP L 67 -80.21 -32.29 -30.53
C TRP L 67 -81.15 -32.81 -29.46
N ALA L 68 -80.64 -33.72 -28.66
CA ALA L 68 -81.35 -34.32 -27.54
C ALA L 68 -80.79 -33.75 -26.26
N VAL L 69 -81.65 -33.12 -25.47
CA VAL L 69 -81.25 -32.42 -24.27
C VAL L 69 -81.66 -33.25 -23.07
N ASP L 70 -80.79 -33.26 -22.06
CA ASP L 70 -81.07 -33.97 -20.82
C ASP L 70 -80.24 -33.33 -19.72
N MET L 71 -80.57 -33.70 -18.49
CA MET L 71 -79.98 -33.13 -17.29
C MET L 71 -79.30 -34.23 -16.47
N MET L 72 -78.52 -33.79 -15.49
CA MET L 72 -77.76 -34.72 -14.65
C MET L 72 -77.55 -34.07 -13.29
N ARG L 73 -78.15 -34.65 -12.26
CA ARG L 73 -77.95 -34.28 -10.88
C ARG L 73 -77.11 -35.33 -10.17
N PHE L 74 -76.62 -34.97 -8.98
CA PHE L 74 -75.77 -35.83 -8.18
C PHE L 74 -76.25 -35.83 -6.74
N ASN L 75 -76.53 -37.01 -6.21
CA ASN L 75 -76.88 -37.18 -4.81
C ASN L 75 -76.00 -38.24 -4.20
N ILE L 76 -75.73 -38.09 -2.90
CA ILE L 76 -74.82 -38.98 -2.20
C ILE L 76 -75.47 -40.28 -1.78
N ASN L 77 -76.80 -40.38 -1.82
CA ASN L 77 -77.44 -41.64 -1.53
C ASN L 77 -77.14 -42.68 -2.58
N ASP L 78 -76.92 -42.25 -3.83
CA ASP L 78 -76.60 -43.16 -4.91
C ASP L 78 -75.16 -43.65 -4.88
N PHE L 79 -74.30 -43.03 -4.08
CA PHE L 79 -72.92 -43.43 -3.94
C PHE L 79 -72.62 -44.09 -2.60
N LEU L 80 -73.33 -43.69 -1.55
CA LEU L 80 -73.10 -44.16 -0.19
C LEU L 80 -74.31 -44.96 0.27
N PRO L 81 -74.23 -46.27 0.45
CA PRO L 81 -75.41 -47.02 0.84
C PRO L 81 -75.74 -46.82 2.31
N PRO L 82 -76.89 -47.31 2.75
CA PRO L 82 -77.17 -47.30 4.19
C PRO L 82 -76.33 -48.32 4.91
N GLY L 83 -75.99 -47.99 6.15
CA GLY L 83 -75.17 -48.86 6.96
C GLY L 83 -75.96 -49.95 7.63
N GLY L 84 -75.59 -50.24 8.88
CA GLY L 84 -76.27 -51.26 9.64
C GLY L 84 -76.10 -51.08 11.13
N GLY L 85 -77.20 -51.17 11.86
CA GLY L 85 -77.16 -51.02 13.30
C GLY L 85 -77.22 -49.59 13.75
N SER L 86 -76.45 -49.27 14.78
CA SER L 86 -76.43 -47.92 15.32
C SER L 86 -75.78 -46.92 14.39
N ASN L 87 -75.03 -47.39 13.39
CA ASN L 87 -74.44 -46.52 12.39
C ASN L 87 -75.38 -46.46 11.19
N PRO L 88 -76.05 -45.33 10.93
CA PRO L 88 -77.05 -45.33 9.86
C PRO L 88 -76.46 -45.40 8.47
N ARG L 89 -75.20 -45.01 8.30
CA ARG L 89 -74.53 -45.01 7.01
C ARG L 89 -73.28 -45.89 7.07
N SER L 90 -72.80 -46.25 5.89
CA SER L 90 -71.69 -47.19 5.78
C SER L 90 -70.35 -46.54 6.01
N VAL L 91 -70.25 -45.24 5.78
CA VAL L 91 -69.06 -44.45 6.09
C VAL L 91 -69.33 -43.71 7.39
N PRO L 92 -68.68 -44.05 8.51
CA PRO L 92 -69.11 -43.49 9.79
C PRO L 92 -68.60 -42.07 10.05
N PHE L 93 -69.28 -41.12 9.43
CA PHE L 93 -68.99 -39.71 9.61
C PHE L 93 -70.30 -38.95 9.67
N GLU L 94 -70.23 -37.74 10.23
CA GLU L 94 -71.38 -36.89 10.43
C GLU L 94 -71.62 -35.92 9.30
N TYR L 95 -70.58 -35.18 8.91
CA TYR L 95 -70.68 -34.11 7.94
C TYR L 95 -69.96 -34.48 6.66
N TYR L 96 -70.30 -33.78 5.60
CA TYR L 96 -69.66 -33.98 4.31
C TYR L 96 -69.76 -32.71 3.49
N ARG L 97 -68.93 -32.65 2.46
CA ARG L 97 -69.03 -31.61 1.45
C ARG L 97 -68.34 -32.11 0.21
N ILE L 98 -69.03 -32.02 -0.92
CA ILE L 98 -68.52 -32.56 -2.17
C ILE L 98 -67.57 -31.54 -2.77
N ARG L 99 -66.34 -31.97 -3.02
CA ARG L 99 -65.29 -31.11 -3.53
C ARG L 99 -65.29 -31.05 -5.05
N LYS L 100 -65.37 -32.21 -5.70
CA LYS L 100 -65.32 -32.29 -7.15
C LYS L 100 -66.15 -33.47 -7.60
N VAL L 101 -66.53 -33.44 -8.87
CA VAL L 101 -67.18 -34.55 -9.53
C VAL L 101 -66.53 -34.73 -10.90
N LYS L 102 -66.37 -35.98 -11.30
CA LYS L 102 -65.85 -36.35 -12.61
C LYS L 102 -66.90 -37.20 -13.29
N VAL L 103 -67.53 -36.64 -14.29
CA VAL L 103 -68.47 -37.36 -15.13
C VAL L 103 -67.74 -37.83 -16.37
N GLU L 104 -67.80 -39.12 -16.62
CA GLU L 104 -67.11 -39.75 -17.74
C GLU L 104 -68.16 -40.43 -18.61
N PHE L 105 -68.26 -39.98 -19.86
CA PHE L 105 -69.09 -40.63 -20.85
C PHE L 105 -68.23 -41.65 -21.59
N TRP L 106 -68.33 -42.90 -21.16
CA TRP L 106 -67.62 -43.97 -21.82
C TRP L 106 -68.49 -44.52 -22.95
N PRO L 107 -68.05 -44.45 -24.20
CA PRO L 107 -68.91 -44.89 -25.28
C PRO L 107 -69.13 -46.38 -25.30
N CYS L 108 -70.25 -46.76 -25.91
CA CYS L 108 -70.62 -48.15 -26.12
C CYS L 108 -70.65 -48.51 -27.60
N SER L 109 -70.31 -47.59 -28.48
CA SER L 109 -70.50 -47.72 -29.90
C SER L 109 -69.16 -47.95 -30.59
N PRO L 110 -69.15 -48.69 -31.70
CA PRO L 110 -67.89 -48.97 -32.37
C PRO L 110 -67.32 -47.75 -33.07
N ILE L 111 -66.03 -47.82 -33.35
CA ILE L 111 -65.38 -46.72 -34.07
C ILE L 111 -65.72 -46.69 -35.55
N THR L 112 -66.44 -47.69 -36.05
CA THR L 112 -66.90 -47.71 -37.42
C THR L 112 -68.28 -47.10 -37.60
N GLN L 113 -68.90 -46.61 -36.54
CA GLN L 113 -70.26 -46.11 -36.65
C GLN L 113 -70.24 -44.74 -37.32
N GLY L 114 -71.15 -44.56 -38.27
CA GLY L 114 -71.25 -43.33 -39.01
C GLY L 114 -72.34 -42.42 -38.47
N ASP L 115 -72.71 -41.45 -39.30
CA ASP L 115 -73.67 -40.42 -38.93
C ASP L 115 -73.21 -39.71 -37.66
N ARG L 116 -71.93 -39.40 -37.61
CA ARG L 116 -71.34 -38.75 -36.46
C ARG L 116 -71.92 -37.36 -36.26
N GLY L 117 -71.67 -36.82 -35.08
CA GLY L 117 -72.26 -35.56 -34.69
C GLY L 117 -71.40 -34.78 -33.73
N VAL L 118 -71.94 -33.68 -33.23
CA VAL L 118 -71.20 -32.79 -32.35
C VAL L 118 -72.19 -32.15 -31.38
N GLY L 119 -71.87 -32.26 -30.10
CA GLY L 119 -72.72 -31.77 -29.03
C GLY L 119 -71.99 -30.89 -28.05
N SER L 120 -72.59 -30.71 -26.88
CA SER L 120 -72.07 -29.78 -25.91
C SER L 120 -72.49 -30.21 -24.52
N SER L 121 -71.58 -30.06 -23.57
CA SER L 121 -71.83 -30.28 -22.15
C SER L 121 -71.49 -29.02 -21.38
N ALA L 122 -72.41 -28.57 -20.55
CA ALA L 122 -72.25 -27.34 -19.78
C ALA L 122 -72.53 -27.61 -18.32
N VAL L 123 -72.04 -26.70 -17.48
CA VAL L 123 -72.12 -26.81 -16.04
C VAL L 123 -73.20 -25.87 -15.54
N ILE L 124 -74.21 -26.43 -14.87
CA ILE L 124 -75.43 -25.73 -14.49
C ILE L 124 -75.61 -25.91 -12.99
N LEU L 125 -75.23 -24.90 -12.23
CA LEU L 125 -75.13 -25.02 -10.78
C LEU L 125 -76.36 -24.51 -10.03
N ASP L 126 -77.55 -24.57 -10.64
CA ASP L 126 -78.73 -23.92 -10.05
C ASP L 126 -80.06 -24.65 -10.21
N ASP L 127 -80.09 -25.84 -10.78
CA ASP L 127 -81.30 -26.64 -10.84
C ASP L 127 -82.36 -26.04 -11.74
N ASN L 128 -81.94 -25.26 -12.74
CA ASN L 128 -82.82 -24.79 -13.81
C ASN L 128 -82.10 -25.08 -15.10
N PHE L 129 -82.37 -26.26 -15.63
CA PHE L 129 -81.82 -26.75 -16.87
C PHE L 129 -82.70 -26.36 -18.03
N VAL L 130 -82.12 -26.41 -19.23
CA VAL L 130 -82.92 -26.37 -20.44
C VAL L 130 -83.85 -27.56 -20.41
N THR L 131 -85.08 -27.34 -20.86
CA THR L 131 -86.10 -28.37 -20.80
C THR L 131 -85.67 -29.60 -21.59
N LYS L 132 -85.97 -30.77 -21.04
CA LYS L 132 -85.64 -32.02 -21.72
C LYS L 132 -86.36 -32.11 -23.04
N ALA L 133 -85.61 -32.39 -24.09
CA ALA L 133 -86.11 -32.43 -25.45
C ALA L 133 -85.55 -33.65 -26.16
N THR L 134 -86.35 -34.17 -27.09
CA THR L 134 -85.95 -35.32 -27.90
C THR L 134 -85.23 -34.88 -29.17
N ALA L 135 -85.81 -33.94 -29.91
CA ALA L 135 -85.22 -33.43 -31.13
C ALA L 135 -85.44 -31.92 -31.18
N LEU L 136 -84.51 -31.18 -30.59
CA LEU L 136 -84.52 -29.74 -30.63
C LEU L 136 -83.67 -29.23 -31.77
N THR L 137 -84.13 -28.15 -32.41
CA THR L 137 -83.54 -27.66 -33.65
C THR L 137 -82.22 -26.93 -33.46
N TYR L 138 -81.66 -26.93 -32.26
CA TYR L 138 -80.40 -26.22 -32.01
C TYR L 138 -79.78 -26.80 -30.76
N ASP L 139 -78.51 -26.46 -30.54
CA ASP L 139 -77.77 -26.85 -29.36
C ASP L 139 -77.85 -25.72 -28.34
N PRO L 140 -78.62 -25.86 -27.27
CA PRO L 140 -78.75 -24.73 -26.35
C PRO L 140 -77.51 -24.44 -25.56
N TYR L 141 -76.72 -25.46 -25.26
CA TYR L 141 -75.54 -25.33 -24.42
C TYR L 141 -74.30 -24.94 -25.20
N VAL L 142 -74.45 -24.47 -26.42
CA VAL L 142 -73.29 -24.25 -27.28
C VAL L 142 -72.59 -22.94 -26.93
N ASN L 143 -73.36 -21.89 -26.64
CA ASN L 143 -72.78 -20.60 -26.33
C ASN L 143 -72.50 -20.40 -24.86
N TYR L 144 -72.68 -21.44 -24.04
CA TYR L 144 -72.36 -21.35 -22.64
C TYR L 144 -70.87 -21.25 -22.42
N SER L 145 -70.48 -20.45 -21.43
CA SER L 145 -69.09 -20.26 -21.11
C SER L 145 -68.42 -21.54 -20.63
N SER L 146 -69.19 -22.49 -20.11
CA SER L 146 -68.68 -23.77 -19.65
C SER L 146 -68.91 -24.89 -20.64
N ARG L 147 -69.07 -24.57 -21.91
CA ARG L 147 -69.33 -25.58 -22.92
C ARG L 147 -68.03 -26.28 -23.29
N HIS L 148 -68.08 -27.60 -23.31
CA HIS L 148 -67.07 -28.44 -23.91
C HIS L 148 -67.74 -29.22 -25.03
N THR L 149 -67.06 -29.35 -26.14
CA THR L 149 -67.59 -30.07 -27.27
C THR L 149 -67.61 -31.57 -27.01
N ILE L 150 -68.71 -32.19 -27.37
CA ILE L 150 -68.87 -33.64 -27.32
C ILE L 150 -68.78 -34.12 -28.75
N THR L 151 -67.69 -34.80 -29.08
CA THR L 151 -67.62 -35.59 -30.29
C THR L 151 -68.38 -36.88 -30.07
N GLN L 152 -69.17 -37.26 -31.06
CA GLN L 152 -70.06 -38.41 -30.99
C GLN L 152 -69.75 -39.34 -32.15
N PRO L 153 -70.10 -40.63 -32.04
CA PRO L 153 -70.63 -41.40 -30.92
C PRO L 153 -69.59 -42.19 -30.14
N PHE L 154 -68.40 -42.35 -30.70
CA PHE L 154 -67.42 -43.30 -30.20
C PHE L 154 -66.26 -42.62 -29.50
N SER L 155 -66.51 -41.46 -28.90
CA SER L 155 -65.46 -40.66 -28.30
C SER L 155 -65.76 -40.43 -26.83
N TYR L 156 -64.70 -40.39 -26.04
CA TYR L 156 -64.77 -40.21 -24.61
C TYR L 156 -64.86 -38.73 -24.26
N HIS L 157 -65.69 -38.42 -23.27
CA HIS L 157 -65.94 -37.07 -22.82
C HIS L 157 -65.90 -37.06 -21.30
N SER L 158 -65.02 -36.24 -20.74
CA SER L 158 -64.91 -36.06 -19.30
C SER L 158 -65.21 -34.61 -18.95
N ARG L 159 -65.78 -34.42 -17.77
CA ARG L 159 -66.01 -33.10 -17.18
C ARG L 159 -65.67 -33.18 -15.71
N TYR L 160 -64.81 -32.29 -15.26
CA TYR L 160 -64.31 -32.25 -13.89
C TYR L 160 -64.57 -30.87 -13.33
N PHE L 161 -65.43 -30.80 -12.32
CA PHE L 161 -65.91 -29.53 -11.82
C PHE L 161 -66.34 -29.70 -10.38
N THR L 162 -66.71 -28.58 -9.78
CA THR L 162 -67.15 -28.51 -8.39
C THR L 162 -68.64 -28.25 -8.34
N PRO L 163 -69.47 -29.20 -7.91
CA PRO L 163 -70.91 -28.95 -7.88
C PRO L 163 -71.32 -28.06 -6.74
N LYS L 164 -72.61 -27.76 -6.67
CA LYS L 164 -73.17 -26.92 -5.64
C LYS L 164 -74.47 -27.56 -5.16
N PRO L 165 -74.78 -27.45 -3.87
CA PRO L 165 -76.03 -28.03 -3.38
C PRO L 165 -77.23 -27.13 -3.58
N VAL L 166 -78.39 -27.77 -3.61
CA VAL L 166 -79.66 -27.09 -3.80
C VAL L 166 -80.19 -26.76 -2.41
N LEU L 167 -79.80 -25.60 -1.90
CA LEU L 167 -80.23 -25.14 -0.59
C LEU L 167 -81.61 -24.52 -0.64
N ASP L 168 -81.87 -23.68 -1.65
CA ASP L 168 -83.18 -23.08 -1.85
C ASP L 168 -83.43 -23.07 -3.35
N SER L 169 -84.34 -23.92 -3.81
CA SER L 169 -84.67 -23.97 -5.22
C SER L 169 -85.47 -22.76 -5.69
N THR L 170 -86.07 -22.01 -4.76
CA THR L 170 -86.83 -20.83 -5.14
C THR L 170 -85.91 -19.67 -5.51
N ILE L 171 -84.81 -19.50 -4.80
CA ILE L 171 -83.88 -18.40 -4.99
C ILE L 171 -82.69 -18.88 -5.78
N ASP L 172 -82.29 -20.12 -5.56
CA ASP L 172 -81.19 -20.76 -6.28
C ASP L 172 -79.89 -19.97 -6.12
N TYR L 173 -79.41 -19.95 -4.88
CA TYR L 173 -78.16 -19.30 -4.53
C TYR L 173 -77.09 -20.35 -4.27
N PHE L 174 -75.85 -20.00 -4.60
CA PHE L 174 -74.73 -20.88 -4.39
C PHE L 174 -73.46 -20.08 -4.13
N GLN L 175 -72.51 -20.73 -3.64
CA GLN L 175 -71.25 -20.16 -3.25
C GLN L 175 -70.24 -20.24 -4.38
N PRO L 176 -69.31 -19.30 -4.48
CA PRO L 176 -68.19 -19.50 -5.38
C PRO L 176 -67.20 -20.52 -4.86
N ASN L 177 -66.21 -20.86 -5.68
CA ASN L 177 -65.29 -21.91 -5.34
C ASN L 177 -64.30 -21.40 -4.30
N ASN L 178 -64.32 -22.02 -3.12
CA ASN L 178 -63.40 -21.69 -2.05
C ASN L 178 -63.30 -22.92 -1.18
N LYS L 179 -62.13 -23.54 -1.17
CA LYS L 179 -61.99 -24.77 -0.41
C LYS L 179 -62.11 -24.52 1.09
N ARG L 180 -61.74 -23.34 1.55
CA ARG L 180 -61.72 -23.05 2.97
C ARG L 180 -63.08 -22.64 3.50
N ASN L 181 -63.94 -22.09 2.66
CA ASN L 181 -65.22 -21.56 3.05
C ASN L 181 -66.40 -22.41 2.60
N GLN L 182 -66.16 -23.55 1.97
CA GLN L 182 -67.25 -24.39 1.49
C GLN L 182 -68.04 -24.94 2.66
N LEU L 183 -69.36 -24.89 2.52
CA LEU L 183 -70.25 -25.32 3.57
C LEU L 183 -70.13 -26.81 3.81
N TRP L 184 -70.27 -27.20 5.07
CA TRP L 184 -70.41 -28.58 5.46
C TRP L 184 -71.89 -28.89 5.58
N LEU L 185 -72.33 -29.92 4.87
CA LEU L 185 -73.66 -30.45 5.00
C LEU L 185 -73.64 -31.66 5.94
N ARG L 186 -74.81 -32.05 6.39
CA ARG L 186 -74.96 -33.24 7.20
C ARG L 186 -75.24 -34.44 6.31
N LEU L 187 -74.59 -35.54 6.65
CA LEU L 187 -74.83 -36.82 6.01
C LEU L 187 -76.09 -37.41 6.64
N GLN L 188 -77.22 -37.13 6.01
CA GLN L 188 -78.50 -37.60 6.49
C GLN L 188 -78.61 -39.12 6.32
N THR L 189 -79.68 -39.68 6.86
CA THR L 189 -79.90 -41.11 6.80
C THR L 189 -80.48 -41.52 5.45
N ALA L 190 -81.60 -40.90 5.04
CA ALA L 190 -82.22 -41.22 3.75
C ALA L 190 -82.78 -40.00 3.02
N GLY L 191 -82.25 -38.81 3.29
CA GLY L 191 -82.84 -37.59 2.76
C GLY L 191 -81.85 -36.53 2.33
N ASN L 192 -80.69 -36.95 1.84
CA ASN L 192 -79.66 -36.00 1.48
C ASN L 192 -80.10 -35.13 0.30
N VAL L 193 -79.46 -33.98 0.19
CA VAL L 193 -79.83 -32.94 -0.76
C VAL L 193 -79.13 -33.18 -2.08
N ASP L 194 -79.81 -32.82 -3.16
CA ASP L 194 -79.30 -33.07 -4.50
C ASP L 194 -78.28 -32.00 -4.87
N HIS L 195 -77.12 -32.44 -5.32
CA HIS L 195 -76.15 -31.57 -5.95
C HIS L 195 -76.37 -31.57 -7.44
N VAL L 196 -75.91 -30.49 -8.07
CA VAL L 196 -76.29 -30.17 -9.43
C VAL L 196 -75.06 -29.60 -10.13
N GLY L 197 -75.12 -29.56 -11.47
CA GLY L 197 -73.95 -29.13 -12.21
C GLY L 197 -73.62 -29.69 -13.56
N LEU L 198 -74.51 -30.45 -14.22
CA LEU L 198 -74.23 -30.81 -15.60
C LEU L 198 -75.48 -30.95 -16.43
N GLY L 199 -75.42 -30.35 -17.61
CA GLY L 199 -76.43 -30.54 -18.63
C GLY L 199 -75.78 -30.77 -19.97
N THR L 200 -76.44 -31.58 -20.78
CA THR L 200 -75.88 -32.08 -22.01
C THR L 200 -76.80 -31.83 -23.19
N ALA L 201 -76.22 -31.90 -24.39
CA ALA L 201 -76.97 -31.84 -25.63
C ALA L 201 -76.26 -32.73 -26.63
N PHE L 202 -76.90 -33.82 -26.99
CA PHE L 202 -76.36 -34.79 -27.93
C PHE L 202 -77.09 -34.70 -29.26
N GLU L 203 -76.33 -34.72 -30.34
CA GLU L 203 -76.90 -34.68 -31.68
C GLU L 203 -77.43 -36.05 -32.05
N ASN L 204 -78.68 -36.08 -32.49
CA ASN L 204 -79.33 -37.33 -32.80
C ASN L 204 -78.74 -37.95 -34.06
N SER L 205 -79.09 -39.21 -34.30
CA SER L 205 -78.50 -39.98 -35.36
C SER L 205 -79.48 -41.06 -35.81
N ILE L 206 -79.18 -41.67 -36.95
CA ILE L 206 -79.98 -42.77 -37.45
C ILE L 206 -79.80 -44.00 -36.58
N TYR L 207 -78.64 -44.15 -35.96
CA TYR L 207 -78.32 -45.27 -35.10
C TYR L 207 -78.43 -44.86 -33.64
N ASP L 208 -78.66 -45.84 -32.79
CA ASP L 208 -78.73 -45.60 -31.36
C ASP L 208 -77.34 -45.36 -30.80
N GLN L 209 -77.20 -44.33 -29.98
CA GLN L 209 -75.95 -43.96 -29.34
C GLN L 209 -76.06 -44.26 -27.85
N GLU L 210 -75.36 -45.29 -27.40
CA GLU L 210 -75.37 -45.70 -26.01
C GLU L 210 -74.08 -45.26 -25.31
N TYR L 211 -74.19 -45.02 -24.02
CA TYR L 211 -73.07 -44.60 -23.19
C TYR L 211 -73.19 -45.25 -21.83
N ASN L 212 -72.04 -45.54 -21.24
CA ASN L 212 -71.93 -45.97 -19.84
C ASN L 212 -71.31 -44.82 -19.07
N ILE L 213 -72.10 -44.18 -18.24
CA ILE L 213 -71.68 -42.96 -17.56
C ILE L 213 -71.20 -43.33 -16.16
N ARG L 214 -69.97 -42.97 -15.86
CA ARG L 214 -69.34 -43.23 -14.57
C ARG L 214 -69.11 -41.89 -13.89
N VAL L 215 -69.84 -41.66 -12.81
CA VAL L 215 -69.70 -40.47 -11.98
C VAL L 215 -68.84 -40.82 -10.79
N THR L 216 -67.85 -39.99 -10.54
CA THR L 216 -66.95 -40.13 -9.40
C THR L 216 -67.00 -38.85 -8.60
N MET L 217 -67.41 -38.96 -7.35
CA MET L 217 -67.47 -37.82 -6.45
C MET L 217 -66.30 -37.87 -5.47
N TYR L 218 -65.58 -36.77 -5.38
CA TYR L 218 -64.48 -36.61 -4.44
C TYR L 218 -65.00 -35.83 -3.24
N VAL L 219 -65.19 -36.52 -2.13
CA VAL L 219 -65.88 -36.00 -0.97
C VAL L 219 -64.89 -35.82 0.16
N GLN L 220 -65.34 -35.09 1.19
CA GLN L 220 -64.54 -34.79 2.36
C GLN L 220 -65.49 -34.85 3.55
N PHE L 221 -65.24 -35.81 4.43
CA PHE L 221 -66.06 -36.03 5.61
C PHE L 221 -65.41 -35.42 6.84
N ARG L 222 -66.17 -35.43 7.95
CA ARG L 222 -65.73 -34.81 9.18
C ARG L 222 -66.46 -35.48 10.34
N GLU L 223 -65.78 -35.51 11.48
CA GLU L 223 -66.34 -35.97 12.75
C GLU L 223 -66.78 -37.44 12.68
N PHE L 224 -65.77 -38.29 12.62
CA PHE L 224 -65.89 -39.73 12.84
C PHE L 224 -66.78 -40.00 14.03
N ASN L 225 -67.85 -40.75 13.81
CA ASN L 225 -68.91 -40.92 14.80
C ASN L 225 -69.33 -42.37 14.93
N LEU L 226 -68.36 -43.28 14.95
CA LEU L 226 -68.68 -44.68 15.08
C LEU L 226 -69.28 -44.96 16.44
N LYS L 227 -70.26 -45.87 16.46
CA LYS L 227 -70.93 -46.30 17.68
C LYS L 227 -70.70 -47.78 17.87
N ASP L 228 -70.24 -48.16 19.06
CA ASP L 228 -69.81 -49.52 19.36
C ASP L 228 -70.59 -50.02 20.57
N PRO L 229 -71.79 -50.53 20.37
CA PRO L 229 -72.50 -51.16 21.47
C PRO L 229 -71.92 -52.52 21.78
N PRO L 230 -72.26 -53.12 22.92
CA PRO L 230 -71.83 -54.48 23.19
C PRO L 230 -72.49 -55.51 22.30
N LEU L 231 -72.16 -56.78 22.51
CA LEU L 231 -72.71 -57.87 21.70
C LEU L 231 -73.00 -59.09 22.55
N GLY M 43 -67.50 0.56 -24.54
CA GLY M 43 -67.90 -0.61 -23.79
C GLY M 43 -67.69 -1.91 -24.54
N ILE M 44 -66.46 -2.39 -24.52
CA ILE M 44 -66.06 -3.53 -25.32
C ILE M 44 -66.52 -4.82 -24.67
N PHE M 45 -66.91 -5.78 -25.51
CA PHE M 45 -67.27 -7.10 -25.05
C PHE M 45 -66.90 -8.08 -26.17
N ASN M 46 -65.79 -8.77 -25.99
CA ASN M 46 -65.40 -9.83 -26.89
C ASN M 46 -66.09 -11.13 -26.49
N THR M 47 -66.76 -11.76 -27.44
CA THR M 47 -67.43 -13.03 -27.20
C THR M 47 -67.25 -13.92 -28.42
N ARG M 48 -68.04 -15.00 -28.44
CA ARG M 48 -67.92 -16.06 -29.42
C ARG M 48 -69.31 -16.58 -29.75
N LEU M 49 -69.63 -16.59 -31.04
CA LEU M 49 -70.93 -17.03 -31.54
C LEU M 49 -70.72 -18.13 -32.56
N SER M 50 -71.55 -19.15 -32.48
CA SER M 50 -71.43 -20.34 -33.29
C SER M 50 -72.74 -20.65 -34.00
N ARG M 51 -72.65 -21.59 -34.93
CA ARG M 51 -73.71 -21.95 -35.84
C ARG M 51 -73.27 -23.22 -36.56
N THR M 52 -74.20 -24.13 -36.79
CA THR M 52 -73.91 -25.44 -37.36
C THR M 52 -74.88 -25.73 -38.48
N PHE M 53 -74.37 -26.30 -39.57
CA PHE M 53 -75.17 -26.63 -40.73
C PHE M 53 -74.45 -27.70 -41.53
N GLY M 54 -75.17 -28.26 -42.50
CA GLY M 54 -74.67 -29.35 -43.29
C GLY M 54 -74.23 -29.00 -44.70
N TYR M 55 -73.37 -29.84 -45.25
CA TYR M 55 -72.89 -29.72 -46.62
C TYR M 55 -72.59 -31.12 -47.13
N THR M 56 -73.10 -31.45 -48.31
CA THR M 56 -72.93 -32.75 -48.91
C THR M 56 -72.39 -32.60 -50.32
N ILE M 57 -71.45 -33.48 -50.66
CA ILE M 57 -70.91 -33.61 -52.00
C ILE M 57 -71.50 -34.90 -52.55
N LYS M 58 -72.46 -34.77 -53.45
CA LYS M 58 -73.15 -35.93 -54.00
C LYS M 58 -72.21 -36.76 -54.85
N ARG M 59 -72.58 -38.02 -55.02
CA ARG M 59 -71.81 -38.97 -55.78
C ARG M 59 -71.87 -38.67 -57.27
N THR M 60 -70.89 -39.20 -58.00
CA THR M 60 -70.80 -39.07 -59.45
C THR M 60 -70.28 -40.36 -60.06
N THR M 61 -70.89 -40.76 -61.17
CA THR M 61 -70.39 -41.89 -61.95
C THR M 61 -69.17 -41.54 -62.79
N VAL M 62 -68.77 -40.26 -62.83
CA VAL M 62 -67.62 -39.85 -63.61
C VAL M 62 -66.37 -40.58 -63.11
N LYS M 63 -65.56 -41.05 -64.06
CA LYS M 63 -64.38 -41.82 -63.73
C LYS M 63 -63.19 -40.93 -63.39
N THR M 64 -63.06 -39.79 -64.08
CA THR M 64 -61.94 -38.93 -63.90
C THR M 64 -61.90 -38.32 -62.50
N PRO M 65 -60.77 -37.75 -62.09
CA PRO M 65 -60.78 -36.93 -60.88
C PRO M 65 -61.34 -35.56 -61.18
N SER M 66 -62.55 -35.31 -60.70
CA SER M 66 -63.20 -34.03 -60.81
C SER M 66 -63.45 -33.47 -59.42
N TRP M 67 -63.57 -32.15 -59.35
CA TRP M 67 -63.76 -31.45 -58.09
C TRP M 67 -65.07 -30.68 -58.10
N ALA M 68 -65.65 -30.57 -56.90
CA ALA M 68 -66.88 -29.85 -56.66
C ALA M 68 -66.55 -28.55 -55.94
N VAL M 69 -66.92 -27.45 -56.56
CA VAL M 69 -66.57 -26.13 -56.06
C VAL M 69 -67.79 -25.49 -55.44
N ASP M 70 -67.57 -24.78 -54.34
CA ASP M 70 -68.64 -24.08 -53.65
C ASP M 70 -68.02 -22.94 -52.85
N MET M 71 -68.89 -22.05 -52.39
CA MET M 71 -68.51 -20.84 -51.69
C MET M 71 -69.10 -20.84 -50.28
N MET M 72 -68.62 -19.90 -49.48
CA MET M 72 -69.04 -19.79 -48.09
C MET M 72 -68.90 -18.34 -47.64
N ARG M 73 -70.03 -17.71 -47.36
CA ARG M 73 -70.09 -16.37 -46.79
C ARG M 73 -70.50 -16.46 -45.33
N PHE M 74 -70.34 -15.35 -44.61
CA PHE M 74 -70.65 -15.26 -43.19
C PHE M 74 -71.42 -13.98 -42.93
N ASN M 75 -72.59 -14.12 -42.33
CA ASN M 75 -73.39 -12.98 -41.89
C ASN M 75 -73.77 -13.16 -40.43
N ILE M 76 -73.90 -12.03 -39.74
CA ILE M 76 -74.17 -12.05 -38.31
C ILE M 76 -75.63 -12.30 -37.98
N ASN M 77 -76.53 -12.18 -38.95
CA ASN M 77 -77.92 -12.51 -38.70
C ASN M 77 -78.10 -13.99 -38.41
N ASP M 78 -77.26 -14.82 -39.00
CA ASP M 78 -77.34 -16.26 -38.80
C ASP M 78 -76.78 -16.70 -37.46
N PHE M 79 -76.04 -15.84 -36.76
CA PHE M 79 -75.48 -16.13 -35.45
C PHE M 79 -76.18 -15.40 -34.32
N LEU M 80 -76.69 -14.20 -34.59
CA LEU M 80 -77.33 -13.35 -33.60
C LEU M 80 -78.81 -13.21 -33.91
N PRO M 81 -79.73 -13.76 -33.13
CA PRO M 81 -81.12 -13.65 -33.49
C PRO M 81 -81.67 -12.28 -33.18
N PRO M 82 -82.90 -11.99 -33.61
CA PRO M 82 -83.53 -10.75 -33.20
C PRO M 82 -83.94 -10.79 -31.75
N GLY M 83 -83.90 -9.63 -31.11
CA GLY M 83 -84.24 -9.55 -29.71
C GLY M 83 -85.73 -9.43 -29.47
N GLY M 84 -86.10 -8.60 -28.50
CA GLY M 84 -87.49 -8.40 -28.19
C GLY M 84 -87.73 -7.09 -27.49
N GLY M 85 -88.74 -6.35 -27.95
CA GLY M 85 -89.09 -5.08 -27.37
C GLY M 85 -88.27 -3.93 -27.91
N SER M 86 -87.89 -3.03 -27.03
CA SER M 86 -87.11 -1.86 -27.44
C SER M 86 -85.70 -2.21 -27.85
N ASN M 87 -85.23 -3.41 -27.50
CA ASN M 87 -83.91 -3.87 -27.92
C ASN M 87 -84.08 -4.70 -29.18
N PRO M 88 -83.64 -4.22 -30.35
CA PRO M 88 -83.94 -4.97 -31.58
C PRO M 88 -83.15 -6.26 -31.71
N ARG M 89 -82.02 -6.39 -31.02
CA ARG M 89 -81.17 -7.56 -31.08
C ARG M 89 -81.00 -8.15 -29.69
N SER M 90 -80.56 -9.41 -29.67
CA SER M 90 -80.47 -10.15 -28.42
C SER M 90 -79.22 -9.82 -27.63
N VAL M 91 -78.18 -9.34 -28.29
CA VAL M 91 -76.97 -8.84 -27.64
C VAL M 91 -77.06 -7.31 -27.64
N PRO M 92 -77.24 -6.66 -26.49
CA PRO M 92 -77.54 -5.22 -26.53
C PRO M 92 -76.32 -4.34 -26.72
N PHE M 93 -75.89 -4.25 -27.97
CA PHE M 93 -74.78 -3.41 -28.36
C PHE M 93 -75.11 -2.75 -29.69
N GLU M 94 -74.40 -1.67 -29.99
CA GLU M 94 -74.63 -0.87 -31.19
C GLU M 94 -73.73 -1.28 -32.33
N TYR M 95 -72.43 -1.37 -32.09
CA TYR M 95 -71.43 -1.60 -33.11
C TYR M 95 -70.82 -2.97 -32.95
N TYR M 96 -70.19 -3.45 -34.02
CA TYR M 96 -69.51 -4.72 -34.00
C TYR M 96 -68.42 -4.72 -35.06
N ARG M 97 -67.51 -5.67 -34.91
CA ARG M 97 -66.53 -5.95 -35.94
C ARG M 97 -66.03 -7.37 -35.73
N ILE M 98 -66.05 -8.16 -36.79
CA ILE M 98 -65.68 -9.56 -36.70
C ILE M 98 -64.17 -9.66 -36.74
N ARG M 99 -63.59 -10.27 -35.71
CA ARG M 99 -62.16 -10.41 -35.57
C ARG M 99 -61.62 -11.65 -36.27
N LYS M 100 -62.26 -12.80 -36.05
CA LYS M 100 -61.82 -14.05 -36.61
C LYS M 100 -63.03 -14.93 -36.86
N VAL M 101 -62.84 -15.92 -37.71
CA VAL M 101 -63.81 -16.98 -37.95
C VAL M 101 -63.07 -18.30 -37.97
N LYS M 102 -63.70 -19.32 -37.41
CA LYS M 102 -63.21 -20.69 -37.41
C LYS M 102 -64.25 -21.55 -38.09
N VAL M 103 -63.94 -21.99 -39.29
CA VAL M 103 -64.77 -22.95 -40.01
C VAL M 103 -64.22 -24.34 -39.78
N GLU M 104 -65.07 -25.23 -39.28
CA GLU M 104 -64.71 -26.59 -38.96
C GLU M 104 -65.56 -27.53 -39.80
N PHE M 105 -64.92 -28.31 -40.65
CA PHE M 105 -65.58 -29.37 -41.39
C PHE M 105 -65.49 -30.64 -40.56
N TRP M 106 -66.56 -30.93 -39.85
CA TRP M 106 -66.64 -32.15 -39.08
C TRP M 106 -67.20 -33.26 -39.95
N PRO M 107 -66.47 -34.34 -40.20
CA PRO M 107 -66.98 -35.35 -41.12
C PRO M 107 -68.16 -36.12 -40.55
N CYS M 108 -68.93 -36.66 -41.48
CA CYS M 108 -70.06 -37.52 -41.19
C CYS M 108 -69.85 -38.95 -41.67
N SER M 109 -68.71 -39.24 -42.25
CA SER M 109 -68.45 -40.47 -42.96
C SER M 109 -67.54 -41.38 -42.14
N PRO M 110 -67.67 -42.69 -42.27
CA PRO M 110 -66.85 -43.59 -41.47
C PRO M 110 -65.41 -43.61 -41.96
N ILE M 111 -64.53 -44.06 -41.07
CA ILE M 111 -63.13 -44.18 -41.43
C ILE M 111 -62.83 -45.36 -42.35
N THR M 112 -63.83 -46.19 -42.62
CA THR M 112 -63.69 -47.30 -43.57
C THR M 112 -64.09 -46.93 -44.98
N GLN M 113 -64.51 -45.69 -45.22
CA GLN M 113 -64.99 -45.31 -46.55
C GLN M 113 -63.81 -45.15 -47.49
N GLY M 114 -63.95 -45.72 -48.68
CA GLY M 114 -62.93 -45.67 -49.69
C GLY M 114 -63.17 -44.60 -50.72
N ASP M 115 -62.46 -44.71 -51.83
CA ASP M 115 -62.49 -43.71 -52.90
C ASP M 115 -62.11 -42.35 -52.34
N ARG M 116 -61.08 -42.33 -51.50
CA ARG M 116 -60.63 -41.12 -50.87
C ARG M 116 -60.10 -40.13 -51.91
N GLY M 117 -59.95 -38.90 -51.46
CA GLY M 117 -59.59 -37.82 -52.35
C GLY M 117 -58.80 -36.73 -51.66
N VAL M 118 -58.55 -35.65 -52.38
CA VAL M 118 -57.74 -34.55 -51.87
C VAL M 118 -58.25 -33.27 -52.50
N GLY M 119 -58.53 -32.29 -51.65
CA GLY M 119 -59.08 -31.02 -52.06
C GLY M 119 -58.32 -29.84 -51.51
N SER M 120 -58.97 -28.68 -51.54
CA SER M 120 -58.30 -27.44 -51.16
C SER M 120 -59.33 -26.45 -50.67
N SER M 121 -58.95 -25.71 -49.63
CA SER M 121 -59.73 -24.60 -49.10
C SER M 121 -58.87 -23.35 -49.11
N ALA M 122 -59.42 -22.28 -49.67
CA ALA M 122 -58.72 -21.02 -49.81
C ALA M 122 -59.57 -19.88 -49.24
N VAL M 123 -58.89 -18.78 -48.94
CA VAL M 123 -59.49 -17.61 -48.32
C VAL M 123 -59.69 -16.54 -49.38
N ILE M 124 -60.94 -16.13 -49.56
CA ILE M 124 -61.36 -15.26 -50.66
C ILE M 124 -62.09 -14.08 -50.05
N LEU M 125 -61.39 -12.95 -49.91
CA LEU M 125 -61.88 -11.82 -49.15
C LEU M 125 -62.56 -10.75 -50.00
N ASP M 126 -63.18 -11.12 -51.13
CA ASP M 126 -63.65 -10.11 -52.07
C ASP M 126 -64.96 -10.43 -52.78
N ASP M 127 -65.63 -11.54 -52.48
CA ASP M 127 -66.95 -11.82 -53.03
C ASP M 127 -66.90 -12.11 -54.52
N ASN M 128 -65.78 -12.60 -55.02
CA ASN M 128 -65.67 -13.11 -56.39
C ASN M 128 -64.99 -14.46 -56.26
N PHE M 129 -65.82 -15.48 -56.13
CA PHE M 129 -65.40 -16.86 -56.01
C PHE M 129 -65.30 -17.49 -57.39
N VAL M 130 -64.58 -18.61 -57.44
CA VAL M 130 -64.67 -19.47 -58.60
C VAL M 130 -66.11 -19.95 -58.71
N THR M 131 -66.60 -20.03 -59.94
CA THR M 131 -67.99 -20.38 -60.18
C THR M 131 -68.30 -21.74 -59.59
N LYS M 132 -69.48 -21.86 -59.01
CA LYS M 132 -69.92 -23.12 -58.44
C LYS M 132 -70.03 -24.18 -59.53
N ALA M 133 -69.39 -25.33 -59.29
CA ALA M 133 -69.31 -26.40 -60.24
C ALA M 133 -69.55 -27.72 -59.54
N THR M 134 -70.13 -28.66 -60.29
CA THR M 134 -70.41 -30.00 -59.79
C THR M 134 -69.23 -30.93 -60.01
N ALA M 135 -68.71 -30.98 -61.24
CA ALA M 135 -67.57 -31.83 -61.58
C ALA M 135 -66.66 -31.03 -62.51
N LEU M 136 -65.74 -30.29 -61.92
CA LEU M 136 -64.73 -29.54 -62.64
C LEU M 136 -63.46 -30.38 -62.76
N THR M 137 -62.79 -30.27 -63.90
CA THR M 137 -61.67 -31.13 -64.24
C THR M 137 -60.38 -30.77 -63.52
N TYR M 138 -60.40 -29.85 -62.57
CA TYR M 138 -59.20 -29.46 -61.87
C TYR M 138 -59.60 -28.80 -60.56
N ASP M 139 -58.62 -28.63 -59.68
CA ASP M 139 -58.79 -27.96 -58.41
C ASP M 139 -58.40 -26.51 -58.58
N PRO M 140 -59.34 -25.56 -58.63
CA PRO M 140 -58.94 -24.18 -58.87
C PRO M 140 -58.19 -23.56 -57.72
N TYR M 141 -58.49 -23.94 -56.50
CA TYR M 141 -57.92 -23.34 -55.31
C TYR M 141 -56.61 -23.97 -54.90
N VAL M 142 -55.96 -24.73 -55.78
CA VAL M 142 -54.79 -25.49 -55.40
C VAL M 142 -53.56 -24.62 -55.36
N ASN M 143 -53.41 -23.70 -56.31
CA ASN M 143 -52.24 -22.85 -56.39
C ASN M 143 -52.41 -21.56 -55.62
N TYR M 144 -53.50 -21.40 -54.89
CA TYR M 144 -53.70 -20.21 -54.07
C TYR M 144 -52.74 -20.21 -52.90
N SER M 145 -52.26 -19.02 -52.56
CA SER M 145 -51.33 -18.84 -51.47
C SER M 145 -51.95 -19.22 -50.13
N SER M 146 -53.27 -19.18 -50.01
CA SER M 146 -53.98 -19.54 -48.80
C SER M 146 -54.60 -20.92 -48.86
N ARG M 147 -54.06 -21.80 -49.70
CA ARG M 147 -54.59 -23.13 -49.84
C ARG M 147 -54.13 -24.00 -48.69
N HIS M 148 -55.08 -24.70 -48.09
CA HIS M 148 -54.82 -25.80 -47.18
C HIS M 148 -55.42 -27.04 -47.79
N THR M 149 -54.71 -28.15 -47.71
CA THR M 149 -55.18 -29.40 -48.25
C THR M 149 -56.32 -29.96 -47.42
N ILE M 150 -57.35 -30.43 -48.11
CA ILE M 150 -58.47 -31.12 -47.49
C ILE M 150 -58.28 -32.60 -47.82
N THR M 151 -57.95 -33.38 -46.81
CA THR M 151 -58.06 -34.83 -46.90
C THR M 151 -59.51 -35.22 -46.74
N GLN M 152 -59.97 -36.12 -47.59
CA GLN M 152 -61.35 -36.55 -47.66
C GLN M 152 -61.42 -38.05 -47.49
N PRO M 153 -62.58 -38.59 -47.07
CA PRO M 153 -63.82 -37.98 -46.60
C PRO M 153 -63.97 -37.89 -45.09
N PHE M 154 -63.13 -38.63 -44.36
CA PHE M 154 -63.31 -38.85 -42.94
C PHE M 154 -62.33 -38.07 -42.09
N SER M 155 -61.88 -36.92 -42.58
CA SER M 155 -60.85 -36.15 -41.92
C SER M 155 -61.35 -34.75 -41.61
N TYR M 156 -60.90 -34.24 -40.48
CA TYR M 156 -61.28 -32.92 -40.00
C TYR M 156 -60.43 -31.85 -40.64
N HIS M 157 -61.08 -30.73 -40.97
CA HIS M 157 -60.43 -29.60 -41.62
C HIS M 157 -60.90 -28.33 -40.93
N SER M 158 -59.95 -27.56 -40.43
CA SER M 158 -60.21 -26.28 -39.80
C SER M 158 -59.52 -25.17 -40.58
N ARG M 159 -60.14 -24.00 -40.57
CA ARG M 159 -59.56 -22.79 -41.14
C ARG M 159 -59.88 -21.64 -40.20
N TYR M 160 -58.85 -20.92 -39.78
CA TYR M 160 -58.95 -19.82 -38.82
C TYR M 160 -58.34 -18.59 -39.46
N PHE M 161 -59.16 -17.58 -39.69
CA PHE M 161 -58.76 -16.42 -40.46
C PHE M 161 -59.63 -15.23 -40.06
N THR M 162 -59.28 -14.09 -40.62
CA THR M 162 -59.96 -12.83 -40.38
C THR M 162 -60.76 -12.43 -41.60
N PRO M 163 -62.08 -12.45 -41.57
CA PRO M 163 -62.85 -12.10 -42.77
C PRO M 163 -62.87 -10.61 -43.01
N LYS M 164 -63.51 -10.20 -44.10
CA LYS M 164 -63.62 -8.81 -44.49
C LYS M 164 -65.05 -8.56 -44.94
N PRO M 165 -65.60 -7.38 -44.66
CA PRO M 165 -66.96 -7.10 -45.09
C PRO M 165 -67.03 -6.61 -46.53
N VAL M 166 -68.22 -6.80 -47.10
CA VAL M 166 -68.50 -6.41 -48.48
C VAL M 166 -69.06 -5.00 -48.41
N LEU M 167 -68.16 -4.02 -48.47
CA LEU M 167 -68.55 -2.62 -48.44
C LEU M 167 -68.99 -2.13 -49.82
N ASP M 168 -68.25 -2.48 -50.86
CA ASP M 168 -68.61 -2.15 -52.23
C ASP M 168 -68.27 -3.36 -53.08
N SER M 169 -69.29 -4.06 -53.55
CA SER M 169 -69.08 -5.23 -54.40
C SER M 169 -68.61 -4.87 -55.80
N THR M 170 -68.76 -3.61 -56.21
CA THR M 170 -68.31 -3.18 -57.53
C THR M 170 -66.79 -3.02 -57.56
N ILE M 171 -66.21 -2.49 -56.50
CA ILE M 171 -64.78 -2.21 -56.43
C ILE M 171 -64.09 -3.30 -55.65
N ASP M 172 -64.76 -3.83 -54.63
CA ASP M 172 -64.27 -4.93 -53.82
C ASP M 172 -62.95 -4.56 -53.15
N TYR M 173 -63.03 -3.58 -52.26
CA TYR M 173 -61.89 -3.13 -51.48
C TYR M 173 -62.01 -3.62 -50.05
N PHE M 174 -60.86 -3.91 -49.43
CA PHE M 174 -60.83 -4.36 -48.06
C PHE M 174 -59.55 -3.90 -47.39
N GLN M 175 -59.55 -3.96 -46.13
CA GLN M 175 -58.46 -3.53 -45.28
C GLN M 175 -57.50 -4.67 -44.98
N PRO M 176 -56.22 -4.39 -44.79
CA PRO M 176 -55.34 -5.41 -44.25
C PRO M 176 -55.59 -5.66 -42.77
N ASN M 177 -54.93 -6.67 -42.23
CA ASN M 177 -55.17 -7.07 -40.86
C ASN M 177 -54.53 -6.09 -39.91
N ASN M 178 -55.36 -5.42 -39.11
CA ASN M 178 -54.88 -4.48 -38.10
C ASN M 178 -55.96 -4.43 -37.04
N LYS M 179 -55.65 -4.91 -35.84
CA LYS M 179 -56.65 -4.93 -34.81
C LYS M 179 -57.05 -3.54 -34.37
N ARG M 180 -56.13 -2.58 -34.46
CA ARG M 180 -56.39 -1.24 -33.96
C ARG M 180 -57.15 -0.38 -34.96
N ASN M 181 -57.04 -0.68 -36.24
CA ASN M 181 -57.62 0.13 -37.30
C ASN M 181 -58.82 -0.52 -37.97
N GLN M 182 -59.25 -1.69 -37.51
CA GLN M 182 -60.38 -2.37 -38.12
C GLN M 182 -61.65 -1.57 -37.94
N LEU M 183 -62.41 -1.46 -39.01
CA LEU M 183 -63.63 -0.68 -39.01
C LEU M 183 -64.66 -1.29 -38.09
N TRP M 184 -65.43 -0.41 -37.45
CA TRP M 184 -66.62 -0.79 -36.71
C TRP M 184 -67.82 -0.64 -37.62
N LEU M 185 -68.58 -1.71 -37.75
CA LEU M 185 -69.86 -1.69 -38.44
C LEU M 185 -70.97 -1.55 -37.42
N ARG M 186 -72.14 -1.20 -37.91
CA ARG M 186 -73.33 -1.13 -37.09
C ARG M 186 -74.05 -2.47 -37.10
N LEU M 187 -74.51 -2.86 -35.92
CA LEU M 187 -75.36 -4.04 -35.76
C LEU M 187 -76.77 -3.64 -36.14
N GLN M 188 -77.11 -3.85 -37.41
CA GLN M 188 -78.41 -3.51 -37.92
C GLN M 188 -79.46 -4.44 -37.35
N THR M 189 -80.72 -4.11 -37.64
CA THR M 189 -81.83 -4.91 -37.13
C THR M 189 -82.06 -6.16 -37.97
N ALA M 190 -82.20 -6.01 -39.29
CA ALA M 190 -82.41 -7.17 -40.16
C ALA M 190 -81.69 -7.05 -41.50
N GLY M 191 -80.61 -6.28 -41.58
CA GLY M 191 -79.96 -5.99 -42.84
C GLY M 191 -78.45 -5.94 -42.80
N ASN M 192 -77.83 -6.73 -41.94
CA ASN M 192 -76.39 -6.70 -41.79
C ASN M 192 -75.70 -7.16 -43.07
N VAL M 193 -74.45 -6.73 -43.19
CA VAL M 193 -73.67 -6.93 -44.40
C VAL M 193 -72.94 -8.26 -44.33
N ASP M 194 -72.79 -8.89 -45.49
CA ASP M 194 -72.18 -10.20 -45.58
C ASP M 194 -70.68 -10.09 -45.50
N HIS M 195 -70.09 -10.88 -44.60
CA HIS M 195 -68.66 -11.08 -44.58
C HIS M 195 -68.31 -12.31 -45.40
N VAL M 196 -67.07 -12.33 -45.86
CA VAL M 196 -66.64 -13.24 -46.90
C VAL M 196 -65.23 -13.71 -46.57
N GLY M 197 -64.80 -14.79 -47.22
CA GLY M 197 -63.52 -15.35 -46.88
C GLY M 197 -63.25 -16.84 -46.95
N LEU M 198 -64.13 -17.66 -47.53
CA LEU M 198 -63.75 -19.04 -47.75
C LEU M 198 -64.38 -19.64 -48.99
N GLY M 199 -63.54 -20.32 -49.77
CA GLY M 199 -63.99 -21.11 -50.88
C GLY M 199 -63.30 -22.46 -50.86
N THR M 200 -64.02 -23.47 -51.33
CA THR M 200 -63.61 -24.85 -51.19
C THR M 200 -63.65 -25.55 -52.53
N ALA M 201 -62.93 -26.68 -52.59
CA ALA M 201 -62.96 -27.58 -53.72
C ALA M 201 -62.80 -28.99 -53.20
N PHE M 202 -63.86 -29.78 -53.30
CA PHE M 202 -63.88 -31.16 -52.84
C PHE M 202 -63.85 -32.10 -54.02
N GLU M 203 -63.02 -33.14 -53.91
CA GLU M 203 -62.92 -34.15 -54.94
C GLU M 203 -64.10 -35.10 -54.84
N ASN M 204 -64.77 -35.30 -55.95
CA ASN M 204 -65.96 -36.13 -55.97
C ASN M 204 -65.60 -37.61 -55.79
N SER M 205 -66.62 -38.41 -55.53
CA SER M 205 -66.44 -39.81 -55.17
C SER M 205 -67.66 -40.59 -55.59
N ILE M 206 -67.53 -41.92 -55.57
CA ILE M 206 -68.65 -42.80 -55.85
C ILE M 206 -69.67 -42.74 -54.72
N TYR M 207 -69.23 -42.48 -53.51
CA TYR M 207 -70.09 -42.39 -52.35
C TYR M 207 -70.34 -40.93 -51.98
N ASP M 208 -71.46 -40.71 -51.30
CA ASP M 208 -71.79 -39.37 -50.84
C ASP M 208 -70.92 -38.99 -49.66
N GLN M 209 -70.38 -37.78 -49.71
CA GLN M 209 -69.53 -37.22 -48.66
C GLN M 209 -70.29 -36.12 -47.95
N GLU M 210 -70.70 -36.39 -46.71
CA GLU M 210 -71.44 -35.43 -45.90
C GLU M 210 -70.54 -34.82 -44.84
N TYR M 211 -70.86 -33.59 -44.48
CA TYR M 211 -70.12 -32.84 -43.48
C TYR M 211 -71.09 -32.03 -42.65
N ASN M 212 -70.75 -31.85 -41.37
CA ASN M 212 -71.44 -30.93 -40.47
C ASN M 212 -70.49 -29.77 -40.23
N ILE M 213 -70.81 -28.61 -40.77
CA ILE M 213 -69.92 -27.46 -40.75
C ILE M 213 -70.34 -26.56 -39.59
N ARG M 214 -69.38 -26.30 -38.70
CA ARG M 214 -69.58 -25.45 -37.54
C ARG M 214 -68.73 -24.20 -37.71
N VAL M 215 -69.39 -23.07 -37.92
CA VAL M 215 -68.74 -21.78 -38.04
C VAL M 215 -68.82 -21.09 -36.69
N THR M 216 -67.69 -20.58 -36.23
CA THR M 216 -67.58 -19.85 -34.99
C THR M 216 -66.99 -18.49 -35.30
N MET M 217 -67.72 -17.43 -35.01
CA MET M 217 -67.26 -16.07 -35.20
C MET M 217 -66.88 -15.44 -33.88
N TYR M 218 -65.68 -14.90 -33.82
CA TYR M 218 -65.17 -14.19 -32.67
C TYR M 218 -65.35 -12.69 -32.91
N VAL M 219 -66.31 -12.11 -32.22
CA VAL M 219 -66.76 -10.75 -32.50
C VAL M 219 -66.37 -9.86 -31.33
N GLN M 220 -66.49 -8.56 -31.58
CA GLN M 220 -66.15 -7.53 -30.61
C GLN M 220 -67.19 -6.43 -30.76
N PHE M 221 -67.98 -6.23 -29.72
CA PHE M 221 -69.04 -5.24 -29.71
C PHE M 221 -68.61 -3.98 -28.99
N ARG M 222 -69.45 -2.95 -29.07
CA ARG M 222 -69.15 -1.66 -28.50
C ARG M 222 -70.45 -0.93 -28.21
N GLU M 223 -70.42 -0.10 -27.17
CA GLU M 223 -71.51 0.80 -26.81
C GLU M 223 -72.78 0.04 -26.45
N PHE M 224 -72.70 -0.61 -25.30
CA PHE M 224 -73.85 -1.16 -24.60
C PHE M 224 -75.01 -0.18 -24.61
N ASN M 225 -76.14 -0.60 -25.14
CA ASN M 225 -77.26 0.28 -25.43
C ASN M 225 -78.58 -0.30 -24.97
N LEU M 226 -78.59 -0.90 -23.80
CA LEU M 226 -79.81 -1.49 -23.29
C LEU M 226 -80.84 -0.41 -23.01
N LYS M 227 -82.09 -0.74 -23.29
CA LYS M 227 -83.22 0.16 -23.05
C LYS M 227 -84.18 -0.50 -22.08
N ASP M 228 -84.52 0.23 -21.01
CA ASP M 228 -85.30 -0.29 -19.90
C ASP M 228 -86.54 0.57 -19.70
N PRO M 229 -87.60 0.32 -20.45
CA PRO M 229 -88.86 1.00 -20.19
C PRO M 229 -89.52 0.45 -18.94
N PRO M 230 -90.52 1.16 -18.41
CA PRO M 230 -91.27 0.60 -17.29
C PRO M 230 -92.13 -0.59 -17.70
N LEU M 231 -92.87 -1.14 -16.73
CA LEU M 231 -93.71 -2.31 -16.95
C LEU M 231 -95.03 -2.20 -16.20
N GLY N 43 -34.70 -9.91 -62.16
CA GLY N 43 -36.02 -9.86 -61.57
C GLY N 43 -36.52 -11.21 -61.13
N ILE N 44 -36.08 -11.63 -59.95
CA ILE N 44 -36.34 -12.97 -59.46
C ILE N 44 -37.75 -13.06 -58.89
N PHE N 45 -38.37 -14.21 -59.10
CA PHE N 45 -39.68 -14.50 -58.53
C PHE N 45 -39.75 -16.00 -58.27
N ASN N 46 -39.57 -16.38 -57.02
CA ASN N 46 -39.75 -17.77 -56.62
C ASN N 46 -41.22 -18.02 -56.34
N THR N 47 -41.76 -19.06 -56.97
CA THR N 47 -43.15 -19.44 -56.74
C THR N 47 -43.25 -20.96 -56.72
N ARG N 48 -44.49 -21.45 -56.81
CA ARG N 48 -44.82 -22.84 -56.64
C ARG N 48 -45.95 -23.20 -57.59
N LEU N 49 -45.74 -24.23 -58.40
CA LEU N 49 -46.69 -24.69 -59.39
C LEU N 49 -46.98 -26.15 -59.15
N SER N 50 -48.25 -26.52 -59.26
CA SER N 50 -48.72 -27.85 -58.96
C SER N 50 -49.53 -28.42 -60.11
N ARG N 51 -49.80 -29.71 -60.00
CA ARG N 51 -50.43 -30.51 -61.04
C ARG N 51 -50.78 -31.85 -60.41
N THR N 52 -51.93 -32.39 -60.77
CA THR N 52 -52.46 -33.61 -60.19
C THR N 52 -52.91 -34.56 -61.28
N PHE N 53 -52.60 -35.85 -61.10
CA PHE N 53 -52.97 -36.87 -62.06
C PHE N 53 -52.96 -38.22 -61.36
N GLY N 54 -53.48 -39.21 -62.06
CA GLY N 54 -53.65 -40.54 -61.52
C GLY N 54 -52.66 -41.57 -61.97
N TYR N 55 -52.50 -42.62 -61.16
CA TYR N 55 -51.66 -43.76 -61.48
C TYR N 55 -52.26 -44.98 -60.80
N THR N 56 -52.41 -46.05 -61.56
CA THR N 56 -53.00 -47.29 -61.07
C THR N 56 -52.07 -48.45 -61.35
N ILE N 57 -51.96 -49.33 -60.37
CA ILE N 57 -51.26 -50.60 -60.49
C ILE N 57 -52.35 -51.67 -60.56
N LYS N 58 -52.57 -52.20 -61.75
CA LYS N 58 -53.62 -53.17 -61.96
C LYS N 58 -53.32 -54.48 -61.23
N ARG N 59 -54.37 -55.24 -60.98
CA ARG N 59 -54.27 -56.50 -60.27
C ARG N 59 -53.60 -57.57 -61.13
N THR N 60 -53.09 -58.60 -60.46
CA THR N 60 -52.47 -59.73 -61.11
C THR N 60 -52.81 -61.01 -60.36
N THR N 61 -53.10 -62.07 -61.11
CA THR N 61 -53.30 -63.39 -60.55
C THR N 61 -51.99 -64.08 -60.17
N VAL N 62 -50.85 -63.49 -60.50
CA VAL N 62 -49.57 -64.08 -60.17
C VAL N 62 -49.44 -64.24 -58.67
N LYS N 63 -48.93 -65.40 -58.24
CA LYS N 63 -48.81 -65.71 -56.83
C LYS N 63 -47.55 -65.11 -56.21
N THR N 64 -46.46 -65.10 -56.96
CA THR N 64 -45.19 -64.65 -56.46
C THR N 64 -45.23 -63.16 -56.10
N PRO N 65 -44.25 -62.68 -55.34
CA PRO N 65 -44.09 -61.23 -55.20
C PRO N 65 -43.41 -60.66 -56.42
N SER N 66 -44.17 -59.96 -57.24
CA SER N 66 -43.66 -59.26 -58.40
C SER N 66 -43.89 -57.77 -58.24
N TRP N 67 -43.09 -56.98 -58.93
CA TRP N 67 -43.15 -55.54 -58.86
C TRP N 67 -43.46 -54.93 -60.22
N ALA N 68 -44.15 -53.80 -60.16
CA ALA N 68 -44.52 -53.02 -61.34
C ALA N 68 -43.65 -51.79 -61.40
N VAL N 69 -42.91 -51.64 -62.48
CA VAL N 69 -41.93 -50.57 -62.63
C VAL N 69 -42.49 -49.53 -63.58
N ASP N 70 -42.24 -48.27 -63.27
CA ASP N 70 -42.66 -47.17 -64.11
C ASP N 70 -41.75 -45.98 -63.84
N MET N 71 -41.85 -45.00 -64.71
CA MET N 71 -41.01 -43.81 -64.70
C MET N 71 -41.85 -42.56 -64.51
N MET N 72 -41.16 -41.45 -64.25
CA MET N 72 -41.83 -40.18 -64.00
C MET N 72 -40.89 -39.05 -64.40
N ARG N 73 -41.26 -38.31 -65.42
CA ARG N 73 -40.57 -37.10 -65.86
C ARG N 73 -41.39 -35.88 -65.48
N PHE N 74 -40.76 -34.72 -65.58
CA PHE N 74 -41.37 -33.44 -65.22
C PHE N 74 -41.06 -32.42 -66.30
N ASN N 75 -42.11 -31.83 -66.86
CA ASN N 75 -41.99 -30.74 -67.82
C ASN N 75 -42.83 -29.57 -67.36
N ILE N 76 -42.39 -28.37 -67.70
CA ILE N 76 -43.05 -27.15 -67.25
C ILE N 76 -44.26 -26.80 -68.10
N ASN N 77 -44.43 -27.41 -69.26
CA ASN N 77 -45.64 -27.16 -70.04
C ASN N 77 -46.87 -27.71 -69.33
N ASP N 78 -46.71 -28.77 -68.55
CA ASP N 78 -47.82 -29.37 -67.83
C ASP N 78 -48.22 -28.57 -66.60
N PHE N 79 -47.38 -27.64 -66.15
CA PHE N 79 -47.67 -26.79 -65.00
C PHE N 79 -47.99 -25.36 -65.38
N LEU N 80 -47.40 -24.87 -66.46
CA LEU N 80 -47.55 -23.49 -66.91
C LEU N 80 -48.29 -23.46 -68.24
N PRO N 81 -49.52 -22.96 -68.32
CA PRO N 81 -50.23 -23.00 -69.58
C PRO N 81 -49.73 -21.93 -70.52
N PRO N 82 -50.17 -21.95 -71.78
CA PRO N 82 -49.85 -20.85 -72.67
C PRO N 82 -50.64 -19.60 -72.31
N GLY N 83 -50.03 -18.46 -72.56
CA GLY N 83 -50.65 -17.20 -72.24
C GLY N 83 -51.60 -16.72 -73.30
N GLY N 84 -51.60 -15.43 -73.55
CA GLY N 84 -52.45 -14.84 -74.56
C GLY N 84 -51.93 -13.53 -75.07
N GLY N 85 -51.91 -13.37 -76.38
CA GLY N 85 -51.46 -12.15 -76.99
C GLY N 85 -49.95 -12.10 -77.18
N SER N 86 -49.38 -10.93 -76.93
CA SER N 86 -47.94 -10.76 -77.10
C SER N 86 -47.14 -11.49 -76.04
N ASN N 87 -47.78 -11.91 -74.95
CA ASN N 87 -47.12 -12.71 -73.92
C ASN N 87 -47.38 -14.17 -74.21
N PRO N 88 -46.38 -14.96 -74.63
CA PRO N 88 -46.66 -16.33 -75.04
C PRO N 88 -47.01 -17.25 -73.88
N ARG N 89 -46.61 -16.92 -72.66
CA ARG N 89 -46.86 -17.72 -71.49
C ARG N 89 -47.62 -16.91 -70.44
N SER N 90 -48.22 -17.62 -69.50
CA SER N 90 -49.09 -17.01 -68.52
C SER N 90 -48.33 -16.35 -67.38
N VAL N 91 -47.11 -16.80 -67.13
CA VAL N 91 -46.21 -16.16 -66.17
C VAL N 91 -45.21 -15.33 -66.96
N PRO N 92 -45.26 -13.99 -66.91
CA PRO N 92 -44.46 -13.21 -67.84
C PRO N 92 -42.98 -13.07 -67.43
N PHE N 93 -42.24 -14.13 -67.70
CA PHE N 93 -40.81 -14.15 -67.45
C PHE N 93 -40.12 -14.86 -68.61
N GLU N 94 -38.82 -14.63 -68.72
CA GLU N 94 -38.01 -15.16 -69.81
C GLU N 94 -37.33 -16.46 -69.45
N TYR N 95 -36.65 -16.49 -68.31
CA TYR N 95 -35.82 -17.60 -67.91
C TYR N 95 -36.44 -18.31 -66.70
N TYR N 96 -36.00 -19.53 -66.48
CA TYR N 96 -36.45 -20.31 -65.34
C TYR N 96 -35.39 -21.35 -64.99
N ARG N 97 -35.51 -21.87 -63.78
CA ARG N 97 -34.74 -23.02 -63.36
C ARG N 97 -35.47 -23.67 -62.21
N ILE N 98 -35.68 -24.98 -62.32
CA ILE N 98 -36.44 -25.72 -61.32
C ILE N 98 -35.53 -26.03 -60.14
N ARG N 99 -35.94 -25.58 -58.96
CA ARG N 99 -35.16 -25.74 -57.76
C ARG N 99 -35.44 -27.07 -57.07
N LYS N 100 -36.70 -27.41 -56.89
CA LYS N 100 -37.11 -28.61 -56.20
C LYS N 100 -38.41 -29.12 -56.81
N VAL N 101 -38.68 -30.40 -56.56
CA VAL N 101 -39.95 -31.02 -56.90
C VAL N 101 -40.38 -31.86 -55.71
N LYS N 102 -41.68 -31.85 -55.45
CA LYS N 102 -42.31 -32.66 -54.42
C LYS N 102 -43.35 -33.53 -55.09
N VAL N 103 -43.06 -34.81 -55.17
CA VAL N 103 -43.99 -35.81 -55.66
C VAL N 103 -44.69 -36.44 -54.47
N GLU N 104 -46.01 -36.39 -54.47
CA GLU N 104 -46.84 -36.90 -53.39
C GLU N 104 -47.74 -37.98 -53.97
N PHE N 105 -47.59 -39.20 -53.48
CA PHE N 105 -48.50 -40.29 -53.79
C PHE N 105 -49.59 -40.30 -52.75
N TRP N 106 -50.72 -39.71 -53.09
CA TRP N 106 -51.88 -39.71 -52.22
C TRP N 106 -52.70 -40.95 -52.51
N PRO N 107 -52.89 -41.85 -51.54
CA PRO N 107 -53.61 -43.08 -51.85
C PRO N 107 -55.09 -42.86 -52.11
N CYS N 108 -55.65 -43.81 -52.85
CA CYS N 108 -57.06 -43.86 -53.15
C CYS N 108 -57.74 -45.06 -52.53
N SER N 109 -57.03 -45.87 -51.79
CA SER N 109 -57.47 -47.15 -51.31
C SER N 109 -57.79 -47.09 -49.83
N PRO N 110 -58.74 -47.89 -49.35
CA PRO N 110 -59.10 -47.83 -47.94
C PRO N 110 -58.04 -48.46 -47.06
N ILE N 111 -58.09 -48.09 -45.78
CA ILE N 111 -57.15 -48.66 -44.82
C ILE N 111 -57.47 -50.10 -44.45
N THR N 112 -58.59 -50.63 -44.92
CA THR N 112 -58.95 -52.03 -44.71
C THR N 112 -58.47 -52.95 -45.81
N GLN N 113 -57.79 -52.42 -46.83
CA GLN N 113 -57.39 -53.24 -47.96
C GLN N 113 -56.22 -54.11 -47.57
N GLY N 114 -56.30 -55.38 -47.94
CA GLY N 114 -55.28 -56.34 -47.63
C GLY N 114 -54.34 -56.57 -48.80
N ASP N 115 -53.59 -57.67 -48.70
CA ASP N 115 -52.55 -58.01 -49.67
C ASP N 115 -51.56 -56.87 -49.80
N ARG N 116 -51.17 -56.32 -48.65
CA ARG N 116 -50.26 -55.20 -48.62
C ARG N 116 -48.89 -55.60 -49.16
N GLY N 117 -48.09 -54.60 -49.43
CA GLY N 117 -46.81 -54.80 -50.08
C GLY N 117 -45.79 -53.76 -49.70
N VAL N 118 -44.64 -53.82 -50.35
CA VAL N 118 -43.53 -52.92 -50.05
C VAL N 118 -42.75 -52.67 -51.32
N GLY N 119 -42.55 -51.40 -51.64
CA GLY N 119 -41.89 -50.97 -52.84
C GLY N 119 -40.77 -50.00 -52.60
N SER N 120 -40.37 -49.30 -53.65
CA SER N 120 -39.21 -48.42 -53.58
C SER N 120 -39.35 -47.32 -54.61
N SER N 121 -38.95 -46.11 -54.22
CA SER N 121 -38.86 -44.96 -55.10
C SER N 121 -37.44 -44.43 -55.07
N ALA N 122 -36.86 -44.23 -56.25
CA ALA N 122 -35.50 -43.77 -56.39
C ALA N 122 -35.44 -42.57 -57.32
N VAL N 123 -34.35 -41.83 -57.21
CA VAL N 123 -34.13 -40.59 -57.94
C VAL N 123 -33.17 -40.86 -59.08
N ILE N 124 -33.62 -40.61 -60.31
CA ILE N 124 -32.92 -41.00 -61.53
C ILE N 124 -32.77 -39.75 -62.38
N LEU N 125 -31.60 -39.13 -62.33
CA LEU N 125 -31.38 -37.81 -62.90
C LEU N 125 -30.80 -37.84 -64.31
N ASP N 126 -31.06 -38.89 -65.11
CA ASP N 126 -30.35 -39.06 -66.37
C ASP N 126 -31.17 -39.63 -67.53
N ASP N 127 -32.46 -39.89 -67.36
CA ASP N 127 -33.32 -40.30 -68.46
C ASP N 127 -32.99 -41.70 -68.95
N ASN N 128 -32.44 -42.54 -68.09
CA ASN N 128 -32.26 -43.96 -68.36
C ASN N 128 -32.80 -44.68 -67.15
N PHE N 129 -34.08 -45.00 -67.23
CA PHE N 129 -34.80 -45.71 -66.19
C PHE N 129 -34.72 -47.20 -66.42
N VAL N 130 -35.02 -47.96 -65.37
CA VAL N 130 -35.28 -49.38 -65.53
C VAL N 130 -36.49 -49.51 -66.44
N THR N 131 -36.44 -50.51 -67.32
CA THR N 131 -37.50 -50.69 -68.31
C THR N 131 -38.84 -50.89 -67.62
N LYS N 132 -39.87 -50.30 -68.21
CA LYS N 132 -41.21 -50.45 -67.67
C LYS N 132 -41.64 -51.91 -67.72
N ALA N 133 -42.11 -52.41 -66.58
CA ALA N 133 -42.48 -53.80 -66.43
C ALA N 133 -43.79 -53.89 -65.67
N THR N 134 -44.55 -54.93 -65.99
CA THR N 134 -45.83 -55.19 -65.33
C THR N 134 -45.65 -56.06 -64.09
N ALA N 135 -44.92 -57.17 -64.22
CA ALA N 135 -44.67 -58.08 -63.10
C ALA N 135 -43.22 -58.55 -63.21
N LEU N 136 -42.32 -57.80 -62.60
CA LEU N 136 -40.91 -58.14 -62.53
C LEU N 136 -40.63 -58.87 -61.22
N THR N 137 -39.76 -59.86 -61.28
CA THR N 137 -39.51 -60.78 -60.17
C THR N 137 -38.68 -60.17 -59.04
N TYR N 138 -38.38 -58.88 -59.08
CA TYR N 138 -37.58 -58.26 -58.04
C TYR N 138 -37.82 -56.77 -58.08
N ASP N 139 -37.37 -56.09 -57.04
CA ASP N 139 -37.45 -54.65 -56.93
C ASP N 139 -36.14 -54.06 -57.40
N PRO N 140 -36.07 -53.44 -58.59
CA PRO N 140 -34.77 -52.97 -59.06
C PRO N 140 -34.25 -51.78 -58.29
N TYR N 141 -35.13 -50.94 -57.78
CA TYR N 141 -34.74 -49.71 -57.12
C TYR N 141 -34.48 -49.90 -55.63
N VAL N 142 -34.29 -51.14 -55.18
CA VAL N 142 -34.20 -51.40 -53.75
C VAL N 142 -32.82 -51.07 -53.22
N ASN N 143 -31.78 -51.39 -53.97
CA ASN N 143 -30.41 -51.17 -53.54
C ASN N 143 -29.89 -49.80 -53.94
N TYR N 144 -30.72 -48.96 -54.53
CA TYR N 144 -30.30 -47.62 -54.88
C TYR N 144 -30.07 -46.78 -53.64
N SER N 145 -29.06 -45.92 -53.70
CA SER N 145 -28.72 -45.06 -52.60
C SER N 145 -29.82 -44.06 -52.29
N SER N 146 -30.68 -43.75 -53.25
CA SER N 146 -31.79 -42.83 -53.08
C SER N 146 -33.12 -43.54 -52.90
N ARG N 147 -33.09 -44.78 -52.44
CA ARG N 147 -34.31 -45.54 -52.27
C ARG N 147 -35.00 -45.12 -50.99
N HIS N 148 -36.30 -44.86 -51.09
CA HIS N 148 -37.19 -44.74 -49.96
C HIS N 148 -38.23 -45.83 -50.10
N THR N 149 -38.57 -46.45 -48.99
CA THR N 149 -39.56 -47.52 -48.99
C THR N 149 -40.96 -46.96 -49.20
N ILE N 150 -41.70 -47.62 -50.06
CA ILE N 150 -43.11 -47.33 -50.29
C ILE N 150 -43.89 -48.42 -49.59
N THR N 151 -44.56 -48.05 -48.51
CA THR N 151 -45.59 -48.90 -47.94
C THR N 151 -46.85 -48.76 -48.78
N GLN N 152 -47.48 -49.89 -49.07
CA GLN N 152 -48.64 -49.98 -49.93
C GLN N 152 -49.78 -50.63 -49.19
N PRO N 153 -51.03 -50.41 -49.61
CA PRO N 153 -51.57 -49.51 -50.64
C PRO N 153 -52.10 -48.19 -50.12
N PHE N 154 -52.32 -48.10 -48.81
CA PHE N 154 -53.07 -47.02 -48.21
C PHE N 154 -52.18 -46.02 -47.46
N SER N 155 -50.95 -45.88 -47.89
CA SER N 155 -49.97 -45.07 -47.19
C SER N 155 -49.43 -43.99 -48.11
N TYR N 156 -49.16 -42.84 -47.52
CA TYR N 156 -48.67 -41.67 -48.23
C TYR N 156 -47.16 -41.75 -48.38
N HIS N 157 -46.69 -41.34 -49.55
CA HIS N 157 -45.28 -41.35 -49.90
C HIS N 157 -44.94 -40.03 -50.56
N SER N 158 -43.96 -39.33 -49.99
CA SER N 158 -43.45 -38.08 -50.53
C SER N 158 -41.99 -38.24 -50.88
N ARG N 159 -41.57 -37.50 -51.91
CA ARG N 159 -40.17 -37.42 -52.31
C ARG N 159 -39.90 -35.97 -52.68
N TYR N 160 -38.88 -35.39 -52.07
CA TYR N 160 -38.51 -33.99 -52.25
C TYR N 160 -37.06 -33.94 -52.66
N PHE N 161 -36.81 -33.46 -53.87
CA PHE N 161 -35.50 -33.54 -54.47
C PHE N 161 -35.36 -32.45 -55.52
N THR N 162 -34.15 -32.34 -56.06
CA THR N 162 -33.80 -31.36 -57.07
C THR N 162 -33.63 -32.05 -58.42
N PRO N 163 -34.51 -31.84 -59.39
CA PRO N 163 -34.33 -32.52 -60.67
C PRO N 163 -33.24 -31.92 -61.50
N LYS N 164 -33.00 -32.51 -62.66
CA LYS N 164 -31.99 -32.07 -63.59
C LYS N 164 -32.57 -32.10 -64.99
N PRO N 165 -32.20 -31.15 -65.86
CA PRO N 165 -32.73 -31.16 -67.21
C PRO N 165 -31.95 -32.09 -68.15
N VAL N 166 -32.64 -32.49 -69.20
CA VAL N 166 -32.10 -33.37 -70.21
C VAL N 166 -31.50 -32.49 -71.30
N LEU N 167 -30.23 -32.14 -71.11
CA LEU N 167 -29.52 -31.31 -72.07
C LEU N 167 -29.00 -32.11 -73.24
N ASP N 168 -28.42 -33.27 -72.97
CA ASP N 168 -27.97 -34.19 -74.02
C ASP N 168 -28.30 -35.60 -73.56
N SER N 169 -29.28 -36.22 -74.20
CA SER N 169 -29.67 -37.57 -73.86
C SER N 169 -28.64 -38.61 -74.29
N THR N 170 -27.74 -38.25 -75.20
CA THR N 170 -26.70 -39.18 -75.65
C THR N 170 -25.61 -39.34 -74.60
N ILE N 171 -25.23 -38.26 -73.94
CA ILE N 171 -24.14 -38.26 -72.97
C ILE N 171 -24.72 -38.29 -71.57
N ASP N 172 -25.85 -37.64 -71.38
CA ASP N 172 -26.58 -37.63 -70.12
C ASP N 172 -25.70 -37.08 -68.99
N TYR N 173 -25.38 -35.79 -69.12
CA TYR N 173 -24.60 -35.07 -68.13
C TYR N 173 -25.50 -34.13 -67.35
N PHE N 174 -25.16 -33.94 -66.08
CA PHE N 174 -25.92 -33.05 -65.22
C PHE N 174 -25.01 -32.43 -64.18
N GLN N 175 -25.48 -31.42 -63.59
CA GLN N 175 -24.77 -30.64 -62.60
C GLN N 175 -25.04 -31.15 -61.19
N PRO N 176 -24.09 -31.02 -60.28
CA PRO N 176 -24.42 -31.25 -58.88
C PRO N 176 -25.24 -30.12 -58.28
N ASN N 177 -25.71 -30.31 -57.07
CA ASN N 177 -26.61 -29.35 -56.44
C ASN N 177 -25.82 -28.12 -56.01
N ASN N 178 -26.16 -26.99 -56.60
CA ASN N 178 -25.55 -25.71 -56.24
C ASN N 178 -26.56 -24.65 -56.61
N LYS N 179 -27.09 -23.96 -55.62
CA LYS N 179 -28.11 -22.97 -55.90
C LYS N 179 -27.54 -21.78 -56.68
N ARG N 180 -26.26 -21.48 -56.49
CA ARG N 180 -25.67 -20.31 -57.10
C ARG N 180 -25.22 -20.56 -58.53
N ASN N 181 -24.93 -21.81 -58.88
CA ASN N 181 -24.39 -22.16 -60.18
C ASN N 181 -25.38 -22.90 -61.07
N GLN N 182 -26.62 -23.08 -60.62
CA GLN N 182 -27.60 -23.80 -61.41
C GLN N 182 -27.92 -23.03 -62.68
N LEU N 183 -27.98 -23.74 -63.79
CA LEU N 183 -28.21 -23.15 -65.08
C LEU N 183 -29.60 -22.55 -65.17
N TRP N 184 -29.71 -21.44 -65.87
CA TRP N 184 -30.98 -20.86 -66.25
C TRP N 184 -31.34 -21.36 -67.64
N LEU N 185 -32.51 -21.95 -67.76
CA LEU N 185 -33.08 -22.31 -69.05
C LEU N 185 -34.03 -21.23 -69.50
N ARG N 186 -34.39 -21.28 -70.77
CA ARG N 186 -35.38 -20.39 -71.34
C ARG N 186 -36.75 -21.01 -71.24
N LEU N 187 -37.72 -20.18 -70.88
CA LEU N 187 -39.12 -20.55 -70.88
C LEU N 187 -39.63 -20.44 -72.31
N GLN N 188 -39.56 -21.57 -73.02
CA GLN N 188 -39.98 -21.62 -74.39
C GLN N 188 -41.49 -21.48 -74.48
N THR N 189 -41.98 -21.37 -75.71
CA THR N 189 -43.40 -21.21 -75.95
C THR N 189 -44.13 -22.54 -75.89
N ALA N 190 -43.68 -23.55 -76.66
CA ALA N 190 -44.31 -24.86 -76.65
C ALA N 190 -43.32 -26.01 -76.75
N GLY N 191 -42.07 -25.81 -76.34
CA GLY N 191 -41.04 -26.80 -76.56
C GLY N 191 -40.05 -26.97 -75.43
N ASN N 192 -40.50 -26.77 -74.20
CA ASN N 192 -39.60 -26.84 -73.06
C ASN N 192 -39.04 -28.24 -72.88
N VAL N 193 -37.91 -28.30 -72.20
CA VAL N 193 -37.13 -29.53 -72.05
C VAL N 193 -37.63 -30.30 -70.84
N ASP N 194 -37.56 -31.61 -70.93
CA ASP N 194 -38.06 -32.48 -69.88
C ASP N 194 -37.04 -32.58 -68.76
N HIS N 195 -37.51 -32.34 -67.55
CA HIS N 195 -36.74 -32.63 -66.35
C HIS N 195 -37.09 -34.03 -65.86
N VAL N 196 -36.15 -34.60 -65.11
CA VAL N 196 -36.17 -36.03 -64.82
C VAL N 196 -35.69 -36.20 -63.38
N GLY N 197 -35.95 -37.39 -62.82
CA GLY N 197 -35.64 -37.59 -61.43
C GLY N 197 -36.47 -38.49 -60.55
N LEU N 198 -37.40 -39.29 -61.08
CA LEU N 198 -38.04 -40.27 -60.22
C LEU N 198 -38.44 -41.53 -60.96
N GLY N 199 -38.11 -42.66 -60.35
CA GLY N 199 -38.58 -43.95 -60.79
C GLY N 199 -39.06 -44.76 -59.62
N THR N 200 -40.07 -45.58 -59.89
CA THR N 200 -40.81 -46.27 -58.85
C THR N 200 -40.86 -47.77 -59.13
N ALA N 201 -41.17 -48.52 -58.08
CA ALA N 201 -41.43 -49.94 -58.18
C ALA N 201 -42.48 -50.29 -57.13
N PHE N 202 -43.66 -50.65 -57.60
CA PHE N 202 -44.79 -51.00 -56.75
C PHE N 202 -45.03 -52.50 -56.79
N GLU N 203 -45.25 -53.09 -55.63
CA GLU N 203 -45.53 -54.50 -55.52
C GLU N 203 -46.98 -54.75 -55.90
N ASN N 204 -47.18 -55.68 -56.81
CA ASN N 204 -48.51 -55.97 -57.31
C ASN N 204 -49.35 -56.67 -56.26
N SER N 205 -50.65 -56.74 -56.52
CA SER N 205 -51.62 -57.23 -55.55
C SER N 205 -52.81 -57.81 -56.28
N ILE N 206 -53.65 -58.52 -55.53
CA ILE N 206 -54.88 -59.07 -56.08
C ILE N 206 -55.86 -57.96 -56.38
N TYR N 207 -55.80 -56.88 -55.63
CA TYR N 207 -56.69 -55.74 -55.80
C TYR N 207 -55.96 -54.62 -56.53
N ASP N 208 -56.75 -53.76 -57.18
CA ASP N 208 -56.20 -52.61 -57.87
C ASP N 208 -55.76 -51.56 -56.87
N GLN N 209 -54.57 -51.01 -57.07
CA GLN N 209 -54.00 -49.98 -56.22
C GLN N 209 -53.96 -48.67 -57.01
N GLU N 210 -54.83 -47.74 -56.65
CA GLU N 210 -54.92 -46.45 -57.31
C GLU N 210 -54.26 -45.37 -56.45
N TYR N 211 -53.74 -44.35 -57.13
CA TYR N 211 -53.09 -43.23 -56.48
C TYR N 211 -53.43 -41.96 -57.24
N ASN N 212 -53.52 -40.86 -56.50
CA ASN N 212 -53.63 -39.52 -57.06
C ASN N 212 -52.29 -38.83 -56.79
N ILE N 213 -51.52 -38.61 -57.84
CA ILE N 213 -50.16 -38.10 -57.71
C ILE N 213 -50.19 -36.60 -57.93
N ARG N 214 -49.70 -35.85 -56.95
CA ARG N 214 -49.63 -34.40 -56.98
C ARG N 214 -48.17 -34.00 -57.03
N VAL N 215 -47.74 -33.46 -58.16
CA VAL N 215 -46.39 -32.95 -58.34
C VAL N 215 -46.42 -31.46 -58.14
N THR N 216 -45.50 -30.96 -57.32
CA THR N 216 -45.34 -29.54 -57.04
C THR N 216 -43.91 -29.17 -57.38
N MET N 217 -43.75 -28.25 -58.32
CA MET N 217 -42.45 -27.74 -58.72
C MET N 217 -42.22 -26.36 -58.14
N TYR N 218 -41.09 -26.21 -57.47
CA TYR N 218 -40.67 -24.94 -56.91
C TYR N 218 -39.67 -24.31 -57.87
N VAL N 219 -40.11 -23.28 -58.58
CA VAL N 219 -39.37 -22.72 -59.69
C VAL N 219 -38.89 -21.33 -59.32
N GLN N 220 -37.99 -20.81 -60.14
CA GLN N 220 -37.38 -19.50 -59.95
C GLN N 220 -37.23 -18.88 -61.33
N PHE N 221 -37.95 -17.80 -61.56
CA PHE N 221 -37.95 -17.11 -62.83
C PHE N 221 -37.05 -15.88 -62.79
N ARG N 222 -36.86 -15.27 -63.96
CA ARG N 222 -35.96 -14.14 -64.10
C ARG N 222 -36.39 -13.32 -65.30
N GLU N 223 -36.13 -12.02 -65.22
CA GLU N 223 -36.32 -11.08 -66.32
C GLU N 223 -37.79 -11.00 -66.76
N PHE N 224 -38.58 -10.41 -65.86
CA PHE N 224 -39.93 -9.96 -66.15
C PHE N 224 -39.98 -9.27 -67.50
N ASN N 225 -40.83 -9.78 -68.39
CA ASN N 225 -40.83 -9.37 -69.79
C ASN N 225 -42.23 -9.12 -70.30
N LEU N 226 -43.05 -8.47 -69.50
CA LEU N 226 -44.41 -8.19 -69.91
C LEU N 226 -44.42 -7.21 -71.09
N LYS N 227 -45.34 -7.43 -72.00
CA LYS N 227 -45.53 -6.60 -73.17
C LYS N 227 -46.92 -6.00 -73.15
N ASP N 228 -46.99 -4.68 -73.29
CA ASP N 228 -48.23 -3.92 -73.12
C ASP N 228 -48.50 -3.11 -74.38
N PRO N 229 -49.10 -3.72 -75.40
CA PRO N 229 -49.51 -2.96 -76.56
C PRO N 229 -50.74 -2.11 -76.25
N PRO N 230 -51.07 -1.15 -77.11
CA PRO N 230 -52.32 -0.41 -76.90
C PRO N 230 -53.56 -1.26 -77.16
N LEU N 231 -54.72 -0.65 -77.02
CA LEU N 231 -55.99 -1.34 -77.19
C LEU N 231 -57.01 -0.47 -77.91
N GLY O 43 -8.86 -52.17 -48.47
CA GLY O 43 -9.86 -51.45 -49.23
C GLY O 43 -11.27 -51.72 -48.76
N ILE O 44 -11.66 -51.03 -47.71
CA ILE O 44 -12.92 -51.28 -47.04
C ILE O 44 -14.06 -50.65 -47.82
N PHE O 45 -15.20 -51.33 -47.82
CA PHE O 45 -16.42 -50.82 -48.41
C PHE O 45 -17.59 -51.38 -47.63
N ASN O 46 -18.16 -50.57 -46.77
CA ASN O 46 -19.37 -50.93 -46.05
C ASN O 46 -20.58 -50.61 -46.92
N THR O 47 -21.44 -51.60 -47.10
CA THR O 47 -22.66 -51.41 -47.86
C THR O 47 -23.79 -52.19 -47.20
N ARG O 48 -24.90 -52.33 -47.94
CA ARG O 48 -26.13 -52.87 -47.44
C ARG O 48 -26.79 -53.68 -48.54
N LEU O 49 -27.11 -54.94 -48.24
CA LEU O 49 -27.72 -55.86 -49.17
C LEU O 49 -29.00 -56.40 -48.58
N SER O 50 -30.03 -56.49 -49.41
CA SER O 50 -31.37 -56.87 -48.98
C SER O 50 -31.90 -58.01 -49.83
N ARG O 51 -33.01 -58.56 -49.36
CA ARG O 51 -33.64 -59.76 -49.90
C ARG O 51 -34.99 -59.88 -49.24
N THR O 52 -35.98 -60.30 -50.01
CA THR O 52 -37.37 -60.37 -49.55
C THR O 52 -37.96 -61.72 -49.92
N PHE O 53 -38.72 -62.29 -48.99
CA PHE O 53 -39.35 -63.58 -49.19
C PHE O 53 -40.52 -63.70 -48.23
N GLY O 54 -41.32 -64.74 -48.45
CA GLY O 54 -42.53 -64.96 -47.69
C GLY O 54 -42.47 -66.04 -46.65
N TYR O 55 -43.36 -65.93 -45.65
CA TYR O 55 -43.52 -66.91 -44.61
C TYR O 55 -44.97 -66.91 -44.17
N THR O 56 -45.58 -68.09 -44.10
CA THR O 56 -46.97 -68.23 -43.74
C THR O 56 -47.11 -69.22 -42.59
N ILE O 57 -47.97 -68.88 -41.64
CA ILE O 57 -48.37 -69.77 -40.56
C ILE O 57 -49.78 -70.21 -40.89
N LYS O 58 -49.91 -71.46 -41.33
CA LYS O 58 -51.19 -71.99 -41.74
C LYS O 58 -52.14 -72.11 -40.56
N ARG O 59 -53.43 -72.15 -40.88
CA ARG O 59 -54.48 -72.23 -39.88
C ARG O 59 -54.52 -73.62 -39.24
N THR O 60 -55.13 -73.66 -38.06
CA THR O 60 -55.32 -74.91 -37.31
C THR O 60 -56.67 -74.90 -36.63
N THR O 61 -57.35 -76.04 -36.67
CA THR O 61 -58.59 -76.23 -35.93
C THR O 61 -58.36 -76.48 -34.45
N VAL O 62 -57.11 -76.61 -34.01
CA VAL O 62 -56.81 -76.83 -32.60
C VAL O 62 -57.34 -75.68 -31.77
N LYS O 63 -57.96 -76.01 -30.64
CA LYS O 63 -58.56 -75.01 -29.78
C LYS O 63 -57.55 -74.37 -28.85
N THR O 64 -56.59 -75.16 -28.37
CA THR O 64 -55.63 -74.67 -27.40
C THR O 64 -54.74 -73.59 -27.98
N PRO O 65 -54.03 -72.85 -27.15
CA PRO O 65 -52.96 -71.99 -27.66
C PRO O 65 -51.73 -72.81 -27.95
N SER O 66 -51.46 -73.02 -29.23
CA SER O 66 -50.26 -73.69 -29.69
C SER O 66 -49.43 -72.74 -30.52
N TRP O 67 -48.13 -73.03 -30.60
CA TRP O 67 -47.19 -72.20 -31.30
C TRP O 67 -46.52 -72.96 -32.44
N ALA O 68 -46.18 -72.22 -33.49
CA ALA O 68 -45.50 -72.74 -34.66
C ALA O 68 -44.06 -72.27 -34.62
N VAL O 69 -43.13 -73.21 -34.61
CA VAL O 69 -41.72 -72.92 -34.46
C VAL O 69 -41.04 -73.08 -35.80
N ASP O 70 -40.10 -72.19 -36.08
CA ASP O 70 -39.32 -72.25 -37.30
C ASP O 70 -38.00 -71.54 -37.07
N MET O 71 -37.09 -71.73 -38.01
CA MET O 71 -35.73 -71.22 -37.93
C MET O 71 -35.45 -70.29 -39.10
N MET O 72 -34.33 -69.58 -39.00
CA MET O 72 -33.94 -68.61 -40.01
C MET O 72 -32.43 -68.49 -40.01
N ARG O 73 -31.81 -68.90 -41.12
CA ARG O 73 -30.39 -68.73 -41.37
C ARG O 73 -30.18 -67.64 -42.41
N PHE O 74 -28.92 -67.21 -42.54
CA PHE O 74 -28.55 -66.15 -43.46
C PHE O 74 -27.28 -66.56 -44.19
N ASN O 75 -27.35 -66.55 -45.52
CA ASN O 75 -26.21 -66.80 -46.38
C ASN O 75 -26.08 -65.68 -47.39
N ILE O 76 -24.83 -65.39 -47.77
CA ILE O 76 -24.55 -64.28 -48.67
C ILE O 76 -24.80 -64.62 -50.13
N ASN O 77 -24.96 -65.89 -50.47
CA ASN O 77 -25.31 -66.24 -51.84
C ASN O 77 -26.69 -65.75 -52.20
N ASP O 78 -27.59 -65.68 -51.23
CA ASP O 78 -28.95 -65.22 -51.46
C ASP O 78 -29.06 -63.72 -51.60
N PHE O 79 -28.01 -62.97 -51.23
CA PHE O 79 -27.98 -61.53 -51.36
C PHE O 79 -27.05 -61.04 -52.45
N LEU O 80 -25.98 -61.78 -52.72
CA LEU O 80 -24.97 -61.39 -53.70
C LEU O 80 -24.99 -62.38 -54.86
N PRO O 81 -25.41 -62.01 -56.07
CA PRO O 81 -25.46 -62.98 -57.14
C PRO O 81 -24.09 -63.27 -57.69
N PRO O 82 -23.97 -64.27 -58.56
CA PRO O 82 -22.71 -64.49 -59.25
C PRO O 82 -22.46 -63.42 -60.29
N GLY O 83 -21.19 -63.11 -60.49
CA GLY O 83 -20.81 -62.08 -61.43
C GLY O 83 -20.74 -62.59 -62.85
N GLY O 84 -19.75 -62.11 -63.58
CA GLY O 84 -19.56 -62.52 -64.95
C GLY O 84 -18.13 -62.33 -65.42
N GLY O 85 -17.58 -63.35 -66.06
CA GLY O 85 -16.24 -63.29 -66.57
C GLY O 85 -15.19 -63.64 -65.54
N SER O 86 -14.09 -62.90 -65.57
CA SER O 86 -13.00 -63.16 -64.63
C SER O 86 -13.35 -62.78 -63.20
N ASN O 87 -14.40 -62.00 -63.01
CA ASN O 87 -14.87 -61.65 -61.68
C ASN O 87 -15.97 -62.63 -61.28
N PRO O 88 -15.74 -63.55 -60.33
CA PRO O 88 -16.76 -64.57 -60.06
C PRO O 88 -17.99 -64.03 -59.37
N ARG O 89 -17.90 -62.89 -58.69
CA ARG O 89 -19.01 -62.29 -57.98
C ARG O 89 -19.27 -60.88 -58.49
N SER O 90 -20.46 -60.38 -58.18
CA SER O 90 -20.90 -59.11 -58.72
C SER O 90 -20.33 -57.92 -57.96
N VAL O 91 -19.95 -58.12 -56.70
CA VAL O 91 -19.24 -57.13 -55.91
C VAL O 91 -17.77 -57.49 -55.90
N PRO O 92 -16.88 -56.73 -56.56
CA PRO O 92 -15.51 -57.22 -56.74
C PRO O 92 -14.62 -57.02 -55.53
N PHE O 93 -14.79 -57.92 -54.55
CA PHE O 93 -13.98 -57.94 -53.36
C PHE O 93 -13.67 -59.38 -53.00
N GLU O 94 -12.63 -59.54 -52.18
CA GLU O 94 -12.13 -60.85 -51.79
C GLU O 94 -12.72 -61.34 -50.48
N TYR O 95 -12.68 -60.50 -49.46
CA TYR O 95 -13.07 -60.88 -48.11
C TYR O 95 -14.34 -60.14 -47.71
N TYR O 96 -15.00 -60.68 -46.69
CA TYR O 96 -16.19 -60.06 -46.15
C TYR O 96 -16.37 -60.47 -44.70
N ARG O 97 -17.20 -59.71 -44.00
CA ARG O 97 -17.65 -60.09 -42.67
C ARG O 97 -18.94 -59.36 -42.40
N ILE O 98 -19.95 -60.10 -41.98
CA ILE O 98 -21.28 -59.55 -41.76
C ILE O 98 -21.30 -58.86 -40.40
N ARG O 99 -21.63 -57.58 -40.41
CA ARG O 99 -21.65 -56.76 -39.21
C ARG O 99 -22.97 -56.84 -38.47
N LYS O 100 -24.07 -56.70 -39.19
CA LYS O 100 -25.40 -56.68 -38.61
C LYS O 100 -26.39 -57.27 -39.62
N VAL O 101 -27.53 -57.70 -39.10
CA VAL O 101 -28.66 -58.11 -39.91
C VAL O 101 -29.92 -57.50 -39.30
N LYS O 102 -30.82 -57.08 -40.18
CA LYS O 102 -32.12 -56.54 -39.81
C LYS O 102 -33.17 -57.42 -40.46
N VAL O 103 -33.85 -58.20 -39.66
CA VAL O 103 -34.98 -59.01 -40.10
C VAL O 103 -36.25 -58.23 -39.80
N GLU O 104 -37.06 -58.01 -40.82
CA GLU O 104 -38.30 -57.25 -40.73
C GLU O 104 -39.43 -58.16 -41.14
N PHE O 105 -40.36 -58.42 -40.22
CA PHE O 105 -41.60 -59.13 -40.51
C PHE O 105 -42.64 -58.09 -40.88
N TRP O 106 -42.83 -57.91 -42.18
CA TRP O 106 -43.85 -57.01 -42.66
C TRP O 106 -45.16 -57.78 -42.82
N PRO O 107 -46.22 -57.41 -42.11
CA PRO O 107 -47.44 -58.22 -42.19
C PRO O 107 -48.14 -58.10 -43.53
N CYS O 108 -48.91 -59.13 -43.81
CA CYS O 108 -49.75 -59.20 -44.99
C CYS O 108 -51.23 -59.21 -44.65
N SER O 109 -51.58 -59.12 -43.39
CA SER O 109 -52.92 -59.33 -42.90
C SER O 109 -53.56 -58.02 -42.52
N PRO O 110 -54.88 -57.89 -42.65
CA PRO O 110 -55.53 -56.62 -42.33
C PRO O 110 -55.57 -56.38 -40.83
N ILE O 111 -55.77 -55.10 -40.49
CA ILE O 111 -55.88 -54.75 -39.08
C ILE O 111 -57.21 -55.14 -38.46
N THR O 112 -58.14 -55.65 -39.25
CA THR O 112 -59.42 -56.15 -38.76
C THR O 112 -59.39 -57.63 -38.44
N GLN O 113 -58.26 -58.31 -38.62
CA GLN O 113 -58.21 -59.75 -38.42
C GLN O 113 -58.20 -60.05 -36.94
N GLY O 114 -59.03 -61.01 -36.54
CA GLY O 114 -59.14 -61.43 -35.18
C GLY O 114 -58.32 -62.66 -34.86
N ASP O 115 -58.64 -63.27 -33.72
CA ASP O 115 -57.91 -64.40 -33.19
C ASP O 115 -56.44 -64.06 -33.05
N ARG O 116 -56.18 -62.87 -32.53
CA ARG O 116 -54.83 -62.39 -32.36
C ARG O 116 -54.07 -63.26 -31.37
N GLY O 117 -52.76 -63.07 -31.36
CA GLY O 117 -51.87 -63.91 -30.59
C GLY O 117 -50.62 -63.20 -30.15
N VAL O 118 -49.72 -63.94 -29.53
CA VAL O 118 -48.49 -63.38 -29.00
C VAL O 118 -47.39 -64.44 -29.09
N GLY O 119 -46.28 -64.05 -29.69
CA GLY O 119 -45.16 -64.94 -29.93
C GLY O 119 -43.85 -64.39 -29.45
N SER O 120 -42.76 -64.96 -29.94
CA SER O 120 -41.44 -64.61 -29.46
C SER O 120 -40.41 -64.88 -30.56
N SER O 121 -39.44 -63.97 -30.66
CA SER O 121 -38.30 -64.12 -31.54
C SER O 121 -37.03 -64.02 -30.71
N ALA O 122 -36.15 -64.99 -30.89
CA ALA O 122 -34.90 -65.06 -30.14
C ALA O 122 -33.73 -65.22 -31.09
N VAL O 123 -32.55 -64.91 -30.57
CA VAL O 123 -31.31 -64.89 -31.32
C VAL O 123 -30.51 -66.13 -30.97
N ILE O 124 -30.22 -66.96 -31.96
CA ILE O 124 -29.65 -68.29 -31.79
C ILE O 124 -28.41 -68.36 -32.65
N LEU O 125 -27.24 -68.18 -32.05
CA LEU O 125 -25.99 -67.99 -32.76
C LEU O 125 -25.19 -69.27 -32.93
N ASP O 126 -25.83 -70.45 -32.97
CA ASP O 126 -25.08 -71.71 -32.91
C ASP O 126 -25.62 -72.85 -33.76
N ASP O 127 -26.67 -72.64 -34.53
CA ASP O 127 -27.15 -73.65 -35.48
C ASP O 127 -27.76 -74.86 -34.76
N ASN O 128 -28.28 -74.66 -33.55
CA ASN O 128 -29.06 -75.68 -32.85
C ASN O 128 -30.31 -74.95 -32.38
N PHE O 129 -31.32 -75.00 -33.22
CA PHE O 129 -32.61 -74.39 -32.98
C PHE O 129 -33.53 -75.39 -32.30
N VAL O 130 -34.59 -74.85 -31.69
CA VAL O 130 -35.69 -75.71 -31.28
C VAL O 130 -36.27 -76.35 -32.51
N THR O 131 -36.65 -77.62 -32.39
CA THR O 131 -37.11 -78.39 -33.53
C THR O 131 -38.34 -77.72 -34.15
N LYS O 132 -38.39 -77.75 -35.47
CA LYS O 132 -39.53 -77.17 -36.18
C LYS O 132 -40.79 -77.93 -35.83
N ALA O 133 -41.82 -77.17 -35.44
CA ALA O 133 -43.08 -77.70 -34.97
C ALA O 133 -44.22 -76.93 -35.59
N THR O 134 -45.33 -77.63 -35.80
CA THR O 134 -46.53 -77.02 -36.35
C THR O 134 -47.43 -76.47 -35.25
N ALA O 135 -47.71 -77.28 -34.22
CA ALA O 135 -48.54 -76.86 -33.09
C ALA O 135 -47.92 -77.41 -31.82
N LEU O 136 -47.01 -76.64 -31.23
CA LEU O 136 -46.39 -76.97 -29.97
C LEU O 136 -47.15 -76.29 -28.83
N THR O 137 -47.27 -77.00 -27.71
CA THR O 137 -48.11 -76.59 -26.61
C THR O 137 -47.52 -75.46 -25.77
N TYR O 138 -46.43 -74.85 -26.19
CA TYR O 138 -45.81 -73.77 -25.42
C TYR O 138 -44.91 -72.98 -26.35
N ASP O 139 -44.50 -71.81 -25.87
CA ASP O 139 -43.57 -70.96 -26.58
C ASP O 139 -42.16 -71.24 -26.08
N PRO O 140 -41.31 -71.92 -26.85
CA PRO O 140 -39.99 -72.26 -26.30
C PRO O 140 -39.08 -71.06 -26.15
N TYR O 141 -39.22 -70.06 -27.00
CA TYR O 141 -38.34 -68.91 -27.01
C TYR O 141 -38.79 -67.81 -26.07
N VAL O 142 -39.68 -68.11 -25.13
CA VAL O 142 -40.27 -67.07 -24.30
C VAL O 142 -39.33 -66.66 -23.18
N ASN O 143 -38.65 -67.62 -22.57
CA ASN O 143 -37.77 -67.34 -21.45
C ASN O 143 -36.35 -67.03 -21.89
N TYR O 144 -36.10 -66.95 -23.19
CA TYR O 144 -34.77 -66.60 -23.67
C TYR O 144 -34.45 -65.15 -23.36
N SER O 145 -33.19 -64.91 -23.04
CA SER O 145 -32.73 -63.57 -22.71
C SER O 145 -32.82 -62.63 -23.90
N SER O 146 -32.85 -63.14 -25.12
CA SER O 146 -32.97 -62.35 -26.33
C SER O 146 -34.36 -62.38 -26.91
N ARG O 147 -35.37 -62.66 -26.09
CA ARG O 147 -36.73 -62.72 -26.57
C ARG O 147 -37.30 -61.33 -26.73
N HIS O 148 -37.90 -61.09 -27.89
CA HIS O 148 -38.76 -59.94 -28.13
C HIS O 148 -40.14 -60.48 -28.45
N THR O 149 -41.16 -59.83 -27.92
CA THR O 149 -42.52 -60.24 -28.15
C THR O 149 -42.95 -59.92 -29.56
N ILE O 150 -43.62 -60.88 -30.19
CA ILE O 150 -44.23 -60.70 -31.50
C ILE O 150 -45.73 -60.58 -31.25
N THR O 151 -46.24 -59.38 -31.46
CA THR O 151 -47.67 -59.20 -31.59
C THR O 151 -48.11 -59.65 -32.98
N GLN O 152 -49.20 -60.38 -33.02
CA GLN O 152 -49.71 -60.99 -34.24
C GLN O 152 -51.15 -60.53 -34.46
N PRO O 153 -51.64 -60.58 -35.70
CA PRO O 153 -51.01 -60.89 -36.99
C PRO O 153 -50.61 -59.68 -37.81
N PHE O 154 -51.12 -58.50 -37.44
CA PHE O 154 -51.03 -57.31 -38.27
C PHE O 154 -50.02 -56.30 -37.76
N SER O 155 -48.98 -56.77 -37.07
CA SER O 155 -48.03 -55.90 -36.43
C SER O 155 -46.63 -56.19 -36.94
N TYR O 156 -45.85 -55.13 -37.03
CA TYR O 156 -44.49 -55.17 -37.53
C TYR O 156 -43.53 -55.57 -36.43
N HIS O 157 -42.56 -56.40 -36.79
CA HIS O 157 -41.56 -56.91 -35.86
C HIS O 157 -40.20 -56.82 -36.54
N SER O 158 -39.29 -56.12 -35.88
CA SER O 158 -37.91 -55.99 -36.35
C SER O 158 -36.97 -56.58 -35.31
N ARG O 159 -35.86 -57.12 -35.80
CA ARG O 159 -34.77 -57.61 -34.96
C ARG O 159 -33.47 -57.20 -35.62
N TYR O 160 -32.61 -56.53 -34.86
CA TYR O 160 -31.34 -56.00 -35.34
C TYR O 160 -30.24 -56.53 -34.45
N PHE O 161 -29.37 -57.34 -35.03
CA PHE O 161 -28.37 -58.07 -34.25
C PHE O 161 -27.19 -58.39 -35.14
N THR O 162 -26.18 -58.97 -34.51
CA THR O 162 -24.93 -59.35 -35.16
C THR O 162 -24.86 -60.86 -35.28
N PRO O 163 -24.96 -61.44 -36.48
CA PRO O 163 -24.92 -62.89 -36.58
C PRO O 163 -23.52 -63.45 -36.42
N LYS O 164 -23.40 -64.77 -36.46
CA LYS O 164 -22.14 -65.45 -36.31
C LYS O 164 -22.07 -66.55 -37.36
N PRO O 165 -20.90 -66.83 -37.91
CA PRO O 165 -20.80 -67.90 -38.90
C PRO O 165 -20.65 -69.27 -38.28
N VAL O 166 -21.02 -70.27 -39.07
CA VAL O 166 -20.96 -71.67 -38.66
C VAL O 166 -19.61 -72.19 -39.12
N LEU O 167 -18.61 -72.04 -38.25
CA LEU O 167 -17.27 -72.51 -38.54
C LEU O 167 -17.12 -73.99 -38.27
N ASP O 168 -17.65 -74.47 -37.15
CA ASP O 168 -17.66 -75.89 -36.82
C ASP O 168 -19.01 -76.20 -36.18
N SER O 169 -19.85 -76.92 -36.91
CA SER O 169 -21.16 -77.29 -36.40
C SER O 169 -21.08 -78.35 -35.31
N THR O 170 -19.96 -79.05 -35.19
CA THR O 170 -19.80 -80.07 -34.16
C THR O 170 -19.58 -79.44 -32.80
N ILE O 171 -18.78 -78.38 -32.74
CA ILE O 171 -18.40 -77.73 -31.50
C ILE O 171 -19.26 -76.49 -31.29
N ASP O 172 -19.59 -75.81 -32.39
CA ASP O 172 -20.46 -74.64 -32.39
C ASP O 172 -19.88 -73.54 -31.51
N TYR O 173 -18.72 -73.03 -31.93
CA TYR O 173 -18.05 -71.93 -31.26
C TYR O 173 -18.22 -70.65 -32.06
N PHE O 174 -18.29 -69.53 -31.34
CA PHE O 174 -18.43 -68.23 -31.96
C PHE O 174 -17.76 -67.18 -31.12
N GLN O 175 -17.54 -66.07 -31.70
CA GLN O 175 -16.88 -64.94 -31.10
C GLN O 175 -17.86 -63.99 -30.44
N PRO O 176 -17.47 -63.30 -29.39
CA PRO O 176 -18.30 -62.20 -28.91
C PRO O 176 -18.22 -60.99 -29.82
N ASN O 177 -19.05 -59.99 -29.54
CA ASN O 177 -19.15 -58.84 -30.41
C ASN O 177 -17.94 -57.94 -30.23
N ASN O 178 -17.17 -57.78 -31.30
CA ASN O 178 -16.01 -56.91 -31.29
C ASN O 178 -15.78 -56.50 -32.74
N LYS O 179 -15.97 -55.22 -33.03
CA LYS O 179 -15.83 -54.80 -34.40
C LYS O 179 -14.39 -54.91 -34.88
N ARG O 180 -13.42 -54.78 -33.98
CA ARG O 180 -12.03 -54.76 -34.37
C ARG O 180 -11.46 -56.16 -34.54
N ASN O 181 -12.02 -57.15 -33.87
CA ASN O 181 -11.50 -58.51 -33.86
C ASN O 181 -12.35 -59.49 -34.64
N GLN O 182 -13.42 -59.02 -35.30
CA GLN O 182 -14.28 -59.93 -36.05
C GLN O 182 -13.53 -60.53 -37.21
N LEU O 183 -13.71 -61.82 -37.39
CA LEU O 183 -13.02 -62.56 -38.43
C LEU O 183 -13.47 -62.11 -39.80
N TRP O 184 -12.51 -62.11 -40.73
CA TRP O 184 -12.80 -61.93 -42.14
C TRP O 184 -12.93 -63.30 -42.78
N LEU O 185 -14.04 -63.53 -43.44
CA LEU O 185 -14.24 -64.71 -44.26
C LEU O 185 -13.94 -64.37 -45.71
N ARG O 186 -13.79 -65.42 -46.50
CA ARG O 186 -13.61 -65.28 -47.94
C ARG O 186 -14.95 -65.32 -48.63
N LEU O 187 -15.11 -64.44 -49.61
CA LEU O 187 -16.26 -64.43 -50.48
C LEU O 187 -16.04 -65.49 -51.55
N GLN O 188 -16.55 -66.68 -51.27
CA GLN O 188 -16.40 -67.80 -52.16
C GLN O 188 -17.23 -67.58 -53.42
N THR O 189 -17.06 -68.49 -54.37
CA THR O 189 -17.79 -68.38 -55.63
C THR O 189 -19.21 -68.92 -55.51
N ALA O 190 -19.36 -70.17 -55.03
CA ALA O 190 -20.69 -70.75 -54.86
C ALA O 190 -20.83 -71.60 -53.60
N GLY O 191 -20.03 -71.34 -52.57
CA GLY O 191 -19.99 -72.19 -51.40
C GLY O 191 -19.84 -71.48 -50.08
N ASN O 192 -20.40 -70.28 -49.97
CA ASN O 192 -20.24 -69.49 -48.76
C ASN O 192 -20.92 -70.16 -47.57
N VAL O 193 -20.47 -69.79 -46.40
CA VAL O 193 -20.87 -70.43 -45.15
C VAL O 193 -22.12 -69.74 -44.62
N ASP O 194 -22.97 -70.53 -43.97
CA ASP O 194 -24.23 -70.03 -43.47
C ASP O 194 -24.02 -69.29 -42.16
N HIS O 195 -24.56 -68.08 -42.09
CA HIS O 195 -24.67 -67.35 -40.85
C HIS O 195 -26.02 -67.63 -40.21
N VAL O 196 -26.07 -67.45 -38.90
CA VAL O 196 -27.17 -67.93 -38.09
C VAL O 196 -27.46 -66.91 -37.02
N GLY O 197 -28.64 -67.01 -36.40
CA GLY O 197 -29.03 -66.01 -35.44
C GLY O 197 -30.48 -65.63 -35.26
N LEU O 198 -31.45 -66.34 -35.81
CA LEU O 198 -32.83 -66.05 -35.44
C LEU O 198 -33.72 -67.28 -35.45
N GLY O 199 -34.50 -67.41 -34.39
CA GLY O 199 -35.55 -68.39 -34.31
C GLY O 199 -36.81 -67.77 -33.77
N THR O 200 -37.94 -68.27 -34.25
CA THR O 200 -39.24 -67.66 -34.02
C THR O 200 -40.21 -68.67 -33.47
N ALA O 201 -41.28 -68.14 -32.88
CA ALA O 201 -42.41 -68.93 -32.42
C ALA O 201 -43.66 -68.09 -32.59
N PHE O 202 -44.52 -68.49 -33.52
CA PHE O 202 -45.75 -67.79 -33.83
C PHE O 202 -46.94 -68.58 -33.30
N GLU O 203 -47.87 -67.88 -32.67
CA GLU O 203 -49.07 -68.49 -32.15
C GLU O 203 -50.05 -68.73 -33.30
N ASN O 204 -50.53 -69.96 -33.39
CA ASN O 204 -51.41 -70.34 -34.47
C ASN O 204 -52.78 -69.68 -34.31
N SER O 205 -53.57 -69.75 -35.38
CA SER O 205 -54.84 -69.05 -35.45
C SER O 205 -55.77 -69.80 -36.39
N ILE O 206 -57.05 -69.43 -36.35
CA ILE O 206 -58.03 -69.99 -37.25
C ILE O 206 -57.79 -69.50 -38.67
N TYR O 207 -57.23 -68.31 -38.82
CA TYR O 207 -56.95 -67.73 -40.12
C TYR O 207 -55.47 -67.85 -40.44
N ASP O 208 -55.15 -67.83 -41.73
CA ASP O 208 -53.77 -67.89 -42.17
C ASP O 208 -53.09 -66.56 -41.92
N GLN O 209 -51.88 -66.62 -41.37
CA GLN O 209 -51.06 -65.45 -41.06
C GLN O 209 -49.89 -65.43 -42.02
N GLU O 210 -49.90 -64.50 -42.96
CA GLU O 210 -48.83 -64.37 -43.94
C GLU O 210 -47.95 -63.18 -43.60
N TYR O 211 -46.69 -63.28 -43.98
CA TYR O 211 -45.70 -62.24 -43.75
C TYR O 211 -44.77 -62.16 -44.95
N ASN O 212 -44.31 -60.94 -45.24
CA ASN O 212 -43.26 -60.69 -46.21
C ASN O 212 -42.01 -60.31 -45.42
N ILE O 213 -41.03 -61.18 -45.40
CA ILE O 213 -39.85 -61.01 -44.57
C ILE O 213 -38.74 -60.40 -45.41
N ARG O 214 -38.24 -59.25 -44.97
CA ARG O 214 -37.16 -58.54 -45.63
C ARG O 214 -35.94 -58.58 -44.73
N VAL O 215 -34.92 -59.30 -45.18
CA VAL O 215 -33.64 -59.39 -44.48
C VAL O 215 -32.68 -58.42 -45.14
N THR O 216 -32.01 -57.61 -44.32
CA THR O 216 -31.02 -56.65 -44.76
C THR O 216 -29.74 -56.96 -44.01
N MET O 217 -28.69 -57.28 -44.75
CA MET O 217 -27.37 -57.54 -44.19
C MET O 217 -26.46 -56.35 -44.42
N TYR O 218 -25.84 -55.89 -43.35
CA TYR O 218 -24.86 -54.81 -43.40
C TYR O 218 -23.48 -55.43 -43.37
N VAL O 219 -22.81 -55.42 -44.51
CA VAL O 219 -21.58 -56.16 -44.72
C VAL O 219 -20.42 -55.19 -44.86
N GLN O 220 -19.22 -55.75 -44.80
CA GLN O 220 -17.99 -54.98 -44.88
C GLN O 220 -17.01 -55.83 -45.67
N PHE O 221 -16.62 -55.35 -46.85
CA PHE O 221 -15.73 -56.05 -47.75
C PHE O 221 -14.32 -55.50 -47.62
N ARG O 222 -13.39 -56.19 -48.28
CA ARG O 222 -11.98 -55.85 -48.21
C ARG O 222 -11.28 -56.36 -49.46
N GLU O 223 -10.24 -55.65 -49.87
CA GLU O 223 -9.35 -56.04 -50.96
C GLU O 223 -10.09 -56.15 -52.29
N PHE O 224 -10.47 -54.97 -52.79
CA PHE O 224 -10.91 -54.77 -54.15
C PHE O 224 -10.02 -55.53 -55.12
N ASN O 225 -10.63 -56.42 -55.91
CA ASN O 225 -9.89 -57.37 -56.72
C ASN O 225 -10.44 -57.46 -58.13
N LEU O 226 -10.77 -56.32 -58.71
CA LEU O 226 -11.30 -56.32 -60.05
C LEU O 226 -10.25 -56.79 -61.05
N LYS O 227 -10.69 -57.54 -62.04
CA LYS O 227 -9.83 -58.05 -63.10
C LYS O 227 -10.31 -57.50 -64.43
N ASP O 228 -9.39 -56.91 -65.19
CA ASP O 228 -9.70 -56.19 -66.42
C ASP O 228 -8.89 -56.78 -67.56
N PRO O 229 -9.37 -57.86 -68.18
CA PRO O 229 -8.73 -58.36 -69.37
C PRO O 229 -9.01 -57.48 -70.57
N PRO O 230 -8.28 -57.65 -71.67
CA PRO O 230 -8.62 -56.90 -72.87
C PRO O 230 -9.91 -57.38 -73.51
N LEU O 231 -10.27 -56.77 -74.63
CA LEU O 231 -11.52 -57.08 -75.33
C LEU O 231 -11.32 -57.08 -76.84
N GLY P 43 -27.19 -63.23 -20.94
CA GLY P 43 -27.51 -63.67 -19.59
C GLY P 43 -26.38 -64.42 -18.93
N ILE P 44 -25.44 -63.68 -18.39
CA ILE P 44 -24.22 -64.25 -17.86
C ILE P 44 -24.47 -64.83 -16.48
N PHE P 45 -23.79 -65.94 -16.19
CA PHE P 45 -23.83 -66.57 -14.88
C PHE P 45 -22.49 -67.24 -14.66
N ASN P 46 -21.64 -66.60 -13.87
CA ASN P 46 -20.38 -67.19 -13.46
C ASN P 46 -20.60 -68.07 -12.24
N THR P 47 -20.16 -69.32 -12.32
CA THR P 47 -20.28 -70.24 -11.21
C THR P 47 -19.01 -71.09 -11.13
N ARG P 48 -19.10 -72.15 -10.34
CA ARG P 48 -17.96 -72.99 -9.99
C ARG P 48 -18.44 -74.42 -9.89
N LEU P 49 -17.77 -75.31 -10.62
CA LEU P 49 -18.10 -76.73 -10.68
C LEU P 49 -16.88 -77.53 -10.31
N SER P 50 -17.07 -78.56 -9.52
CA SER P 50 -16.01 -79.38 -8.98
C SER P 50 -16.25 -80.85 -9.25
N ARG P 51 -15.21 -81.63 -8.98
CA ARG P 51 -15.14 -83.04 -9.30
C ARG P 51 -13.90 -83.59 -8.61
N THR P 52 -14.00 -84.79 -8.07
CA THR P 52 -12.95 -85.41 -7.29
C THR P 52 -12.70 -86.83 -7.77
N PHE P 53 -11.43 -87.20 -7.86
CA PHE P 53 -11.04 -88.54 -8.30
C PHE P 53 -9.64 -88.82 -7.80
N GLY P 54 -9.23 -90.07 -7.95
CA GLY P 54 -7.97 -90.56 -7.44
C GLY P 54 -6.88 -90.75 -8.46
N TYR P 55 -5.64 -90.71 -7.99
CA TYR P 55 -4.46 -90.98 -8.79
C TYR P 55 -3.40 -91.58 -7.90
N THR P 56 -2.82 -92.69 -8.34
CA THR P 56 -1.81 -93.41 -7.58
C THR P 56 -0.57 -93.62 -8.43
N ILE P 57 0.58 -93.43 -7.80
CA ILE P 57 1.88 -93.73 -8.37
C ILE P 57 2.35 -95.01 -7.68
N LYS P 58 2.30 -96.12 -8.39
CA LYS P 58 2.65 -97.40 -7.81
C LYS P 58 4.14 -97.46 -7.49
N ARG P 59 4.49 -98.37 -6.59
CA ARG P 59 5.85 -98.55 -6.15
C ARG P 59 6.70 -99.19 -7.23
N THR P 60 8.02 -99.03 -7.10
CA THR P 60 8.99 -99.61 -8.01
C THR P 60 10.22 -100.05 -7.22
N THR P 61 10.74 -101.23 -7.57
CA THR P 61 11.99 -101.72 -7.03
C THR P 61 13.21 -101.04 -7.66
N VAL P 62 13.02 -100.21 -8.70
CA VAL P 62 14.13 -99.54 -9.34
C VAL P 62 14.85 -98.66 -8.34
N LYS P 63 16.19 -98.71 -8.39
CA LYS P 63 17.00 -97.96 -7.44
C LYS P 63 17.20 -96.51 -7.87
N THR P 64 17.32 -96.28 -9.17
CA THR P 64 17.60 -94.95 -9.68
C THR P 64 16.45 -94.00 -9.39
N PRO P 65 16.68 -92.69 -9.53
CA PRO P 65 15.56 -91.75 -9.53
C PRO P 65 14.89 -91.75 -10.87
N SER P 66 13.70 -92.34 -10.94
CA SER P 66 12.88 -92.33 -12.13
C SER P 66 11.58 -91.61 -11.85
N TRP P 67 10.96 -91.10 -12.90
CA TRP P 67 9.74 -90.34 -12.81
C TRP P 67 8.61 -91.01 -13.58
N ALA P 68 7.41 -90.83 -13.06
CA ALA P 68 6.18 -91.34 -13.65
C ALA P 68 5.42 -90.19 -14.29
N VAL P 69 5.19 -90.30 -15.58
CA VAL P 69 4.59 -89.22 -16.36
C VAL P 69 3.15 -89.58 -16.66
N ASP P 70 2.28 -88.58 -16.61
CA ASP P 70 0.87 -88.76 -16.92
C ASP P 70 0.31 -87.42 -17.35
N MET P 71 -0.88 -87.48 -17.92
CA MET P 71 -1.58 -86.34 -18.49
C MET P 71 -2.89 -86.10 -17.77
N MET P 72 -3.48 -84.93 -18.05
CA MET P 72 -4.73 -84.54 -17.41
C MET P 72 -5.47 -83.59 -18.34
N ARG P 73 -6.63 -84.04 -18.82
CA ARG P 73 -7.55 -83.25 -19.61
C ARG P 73 -8.77 -82.88 -18.77
N PHE P 74 -9.55 -81.94 -19.28
CA PHE P 74 -10.74 -81.44 -18.59
C PHE P 74 -11.89 -81.37 -19.58
N ASN P 75 -12.99 -82.02 -19.25
CA ASN P 75 -14.22 -81.95 -20.03
C ASN P 75 -15.37 -81.58 -19.11
N ILE P 76 -16.34 -80.88 -19.67
CA ILE P 76 -17.47 -80.39 -18.89
C ILE P 76 -18.54 -81.45 -18.65
N ASN P 77 -18.50 -82.56 -19.38
CA ASN P 77 -19.43 -83.64 -19.11
C ASN P 77 -19.19 -84.25 -17.75
N ASP P 78 -17.94 -84.26 -17.30
CA ASP P 78 -17.59 -84.83 -16.01
C ASP P 78 -17.97 -83.94 -14.84
N PHE P 79 -18.30 -82.67 -15.10
CA PHE P 79 -18.70 -81.73 -14.07
C PHE P 79 -20.18 -81.39 -14.12
N LEU P 80 -20.77 -81.41 -15.30
CA LEU P 80 -22.16 -81.05 -15.52
C LEU P 80 -22.95 -82.27 -15.96
N PRO P 81 -23.86 -82.82 -15.17
CA PRO P 81 -24.56 -84.02 -15.60
C PRO P 81 -25.63 -83.70 -16.62
N PRO P 82 -26.23 -84.72 -17.22
CA PRO P 82 -27.37 -84.49 -18.09
C PRO P 82 -28.60 -84.11 -17.28
N GLY P 83 -29.43 -83.27 -17.88
CA GLY P 83 -30.62 -82.81 -17.22
C GLY P 83 -31.77 -83.77 -17.33
N GLY P 84 -32.97 -83.24 -17.51
CA GLY P 84 -34.15 -84.05 -17.64
C GLY P 84 -35.27 -83.35 -18.37
N GLY P 85 -35.86 -84.03 -19.34
CA GLY P 85 -36.96 -83.46 -20.09
C GLY P 85 -36.50 -82.63 -21.26
N SER P 86 -37.19 -81.51 -21.48
CA SER P 86 -36.86 -80.63 -22.59
C SER P 86 -35.54 -79.90 -22.38
N ASN P 87 -35.03 -79.87 -21.15
CA ASN P 87 -33.75 -79.28 -20.87
C ASN P 87 -32.68 -80.37 -20.90
N PRO P 88 -31.79 -80.41 -21.90
CA PRO P 88 -30.88 -81.55 -21.99
C PRO P 88 -29.80 -81.55 -20.92
N ARG P 89 -29.50 -80.42 -20.32
CA ARG P 89 -28.49 -80.30 -19.29
C ARG P 89 -29.08 -79.73 -18.02
N SER P 90 -28.35 -79.93 -16.92
CA SER P 90 -28.86 -79.57 -15.61
C SER P 90 -28.72 -78.08 -15.31
N VAL P 91 -27.78 -77.41 -15.97
CA VAL P 91 -27.64 -75.96 -15.90
C VAL P 91 -28.26 -75.38 -17.16
N PRO P 92 -29.40 -74.68 -17.08
CA PRO P 92 -30.10 -74.31 -18.31
C PRO P 92 -29.52 -73.10 -19.03
N PHE P 93 -28.43 -73.35 -19.75
CA PHE P 93 -27.79 -72.34 -20.55
C PHE P 93 -27.34 -72.95 -21.86
N GLU P 94 -27.10 -72.10 -22.84
CA GLU P 94 -26.73 -72.52 -24.19
C GLU P 94 -25.22 -72.56 -24.41
N TYR P 95 -24.54 -71.49 -24.05
CA TYR P 95 -23.13 -71.32 -24.33
C TYR P 95 -22.32 -71.36 -23.04
N TYR P 96 -21.03 -71.61 -23.19
CA TYR P 96 -20.13 -71.61 -22.05
C TYR P 96 -18.72 -71.30 -22.53
N ARG P 97 -17.88 -70.94 -21.57
CA ARG P 97 -16.45 -70.82 -21.81
C ARG P 97 -15.76 -70.93 -20.47
N ILE P 98 -14.76 -71.80 -20.41
CA ILE P 98 -14.06 -72.07 -19.16
C ILE P 98 -13.02 -70.98 -18.94
N ARG P 99 -13.13 -70.30 -17.80
CA ARG P 99 -12.26 -69.19 -17.47
C ARG P 99 -10.98 -69.65 -16.78
N LYS P 100 -11.11 -70.52 -15.79
CA LYS P 100 -9.98 -70.99 -15.00
C LYS P 100 -10.26 -72.40 -14.55
N VAL P 101 -9.18 -73.10 -14.19
CA VAL P 101 -9.26 -74.41 -13.55
C VAL P 101 -8.27 -74.42 -12.40
N LYS P 102 -8.68 -75.06 -11.30
CA LYS P 102 -7.85 -75.26 -10.12
C LYS P 102 -7.74 -76.75 -9.90
N VAL P 103 -6.56 -77.28 -10.16
CA VAL P 103 -6.25 -78.68 -9.88
C VAL P 103 -5.54 -78.73 -8.54
N GLU P 104 -6.08 -79.52 -7.62
CA GLU P 104 -5.56 -79.67 -6.27
C GLU P 104 -5.20 -81.12 -6.06
N PHE P 105 -3.92 -81.37 -5.81
CA PHE P 105 -3.45 -82.70 -5.42
C PHE P 105 -3.47 -82.76 -3.90
N TRP P 106 -4.52 -83.35 -3.37
CA TRP P 106 -4.64 -83.55 -1.95
C TRP P 106 -4.00 -84.88 -1.58
N PRO P 107 -2.96 -84.91 -0.76
CA PRO P 107 -2.28 -86.17 -0.49
C PRO P 107 -3.13 -87.12 0.34
N CYS P 108 -2.80 -88.40 0.19
CA CYS P 108 -3.40 -89.47 0.96
C CYS P 108 -2.41 -90.16 1.88
N SER P 109 -1.17 -89.69 1.92
CA SER P 109 -0.08 -90.36 2.56
C SER P 109 0.29 -89.66 3.86
N PRO P 110 0.78 -90.38 4.86
CA PRO P 110 1.10 -89.74 6.13
C PRO P 110 2.36 -88.89 6.02
N ILE P 111 2.50 -87.98 6.98
CA ILE P 111 3.68 -87.13 7.03
C ILE P 111 4.92 -87.86 7.51
N THR P 112 4.79 -89.11 7.95
CA THR P 112 5.92 -89.93 8.35
C THR P 112 6.48 -90.77 7.21
N GLN P 113 5.92 -90.67 6.01
CA GLN P 113 6.35 -91.52 4.92
C GLN P 113 7.69 -91.02 4.38
N GLY P 114 8.61 -91.95 4.19
CA GLY P 114 9.92 -91.65 3.68
C GLY P 114 10.05 -91.87 2.20
N ASP P 115 11.30 -91.92 1.75
CA ASP P 115 11.63 -92.04 0.33
C ASP P 115 10.99 -90.90 -0.45
N ARG P 116 11.08 -89.70 0.11
CA ARG P 116 10.48 -88.54 -0.49
C ARG P 116 11.15 -88.22 -1.83
N GLY P 117 10.49 -87.36 -2.58
CA GLY P 117 10.91 -87.05 -3.92
C GLY P 117 10.55 -85.66 -4.36
N VAL P 118 10.79 -85.36 -5.62
CA VAL P 118 10.55 -84.04 -6.17
C VAL P 118 10.17 -84.17 -7.62
N GLY P 119 9.04 -83.56 -7.99
CA GLY P 119 8.49 -83.65 -9.32
C GLY P 119 8.17 -82.31 -9.91
N SER P 120 7.35 -82.30 -10.95
CA SER P 120 7.06 -81.10 -11.69
C SER P 120 5.70 -81.21 -12.35
N SER P 121 4.96 -80.10 -12.34
CA SER P 121 3.70 -79.96 -13.04
C SER P 121 3.78 -78.79 -13.99
N ALA P 122 3.40 -79.03 -15.24
CA ALA P 122 3.47 -78.02 -16.28
C ALA P 122 2.14 -77.91 -16.99
N VAL P 123 1.96 -76.79 -17.67
CA VAL P 123 0.72 -76.43 -18.35
C VAL P 123 0.90 -76.65 -19.84
N ILE P 124 0.08 -77.52 -20.41
CA ILE P 124 0.22 -78.01 -21.77
C ILE P 124 -1.10 -77.76 -22.49
N LEU P 125 -1.16 -76.69 -23.26
CA LEU P 125 -2.41 -76.20 -23.83
C LEU P 125 -2.68 -76.68 -25.25
N ASP P 126 -2.17 -77.87 -25.64
CA ASP P 126 -2.22 -78.25 -27.04
C ASP P 126 -2.45 -79.74 -27.32
N ASP P 127 -2.67 -80.57 -26.30
CA ASP P 127 -3.04 -81.96 -26.51
C ASP P 127 -1.91 -82.79 -27.09
N ASN P 128 -0.66 -82.37 -26.85
CA ASN P 128 0.52 -83.17 -27.18
C ASN P 128 1.37 -83.17 -25.93
N PHE P 129 1.13 -84.17 -25.10
CA PHE P 129 1.84 -84.38 -23.85
C PHE P 129 3.07 -85.25 -24.08
N VAL P 130 3.98 -85.19 -23.11
CA VAL P 130 5.02 -86.20 -23.06
C VAL P 130 4.36 -87.55 -22.88
N THR P 131 4.90 -88.55 -23.55
CA THR P 131 4.30 -89.88 -23.53
C THR P 131 4.22 -90.41 -22.11
N LYS P 132 3.11 -91.08 -21.81
CA LYS P 132 2.93 -91.68 -20.50
C LYS P 132 3.99 -92.73 -20.25
N ALA P 133 4.65 -92.61 -19.10
CA ALA P 133 5.76 -93.48 -18.74
C ALA P 133 5.61 -93.88 -17.29
N THR P 134 6.10 -95.09 -16.98
CA THR P 134 6.09 -95.62 -15.64
C THR P 134 7.35 -95.23 -14.87
N ALA P 135 8.51 -95.45 -15.46
CA ALA P 135 9.79 -95.11 -14.83
C ALA P 135 10.70 -94.52 -15.91
N LEU P 136 10.61 -93.22 -16.09
CA LEU P 136 11.47 -92.49 -17.01
C LEU P 136 12.67 -91.93 -16.26
N THR P 137 13.82 -91.94 -16.91
CA THR P 137 15.09 -91.61 -16.27
C THR P 137 15.30 -90.13 -16.03
N TYR P 138 14.30 -89.28 -16.26
CA TYR P 138 14.45 -87.86 -16.07
C TYR P 138 13.06 -87.25 -15.93
N ASP P 139 13.04 -86.00 -15.48
CA ASP P 139 11.82 -85.23 -15.34
C ASP P 139 11.64 -84.39 -16.60
N PRO P 140 10.72 -84.73 -17.50
CA PRO P 140 10.62 -83.96 -18.74
C PRO P 140 10.09 -82.56 -18.54
N TYR P 141 9.22 -82.36 -17.56
CA TYR P 141 8.56 -81.09 -17.34
C TYR P 141 9.35 -80.15 -16.45
N VAL P 142 10.65 -80.42 -16.26
CA VAL P 142 11.43 -79.66 -15.29
C VAL P 142 11.86 -78.32 -15.87
N ASN P 143 12.25 -78.29 -17.13
CA ASN P 143 12.73 -77.08 -17.75
C ASN P 143 11.62 -76.28 -18.41
N TYR P 144 10.38 -76.69 -18.25
CA TYR P 144 9.27 -75.94 -18.79
C TYR P 144 9.09 -74.62 -18.05
N SER P 145 8.72 -73.59 -18.80
CA SER P 145 8.50 -72.27 -18.23
C SER P 145 7.34 -72.25 -17.25
N SER P 146 6.42 -73.19 -17.34
CA SER P 146 5.27 -73.29 -16.45
C SER P 146 5.44 -74.38 -15.41
N ARG P 147 6.67 -74.75 -15.10
CA ARG P 147 6.92 -75.80 -14.13
C ARG P 147 6.77 -75.24 -12.72
N HIS P 148 6.02 -75.97 -11.91
CA HIS P 148 5.99 -75.80 -10.48
C HIS P 148 6.48 -77.09 -9.86
N THR P 149 7.29 -76.97 -8.81
CA THR P 149 7.82 -78.13 -8.14
C THR P 149 6.75 -78.82 -7.33
N ILE P 150 6.72 -80.15 -7.43
CA ILE P 150 5.86 -81.00 -6.63
C ILE P 150 6.75 -81.63 -5.58
N THR P 151 6.57 -81.22 -4.33
CA THR P 151 7.11 -81.96 -3.21
C THR P 151 6.22 -83.16 -2.95
N GLN P 152 6.83 -84.31 -2.72
CA GLN P 152 6.16 -85.57 -2.55
C GLN P 152 6.56 -86.19 -1.22
N PRO P 153 5.74 -87.09 -0.67
CA PRO P 153 4.40 -87.55 -1.04
C PRO P 153 3.26 -86.89 -0.29
N PHE P 154 3.58 -86.20 0.81
CA PHE P 154 2.59 -85.75 1.77
C PHE P 154 2.35 -84.25 1.70
N SER P 155 2.54 -83.66 0.52
CA SER P 155 2.47 -82.22 0.36
C SER P 155 1.42 -81.87 -0.68
N TYR P 156 0.75 -80.75 -0.43
CA TYR P 156 -0.32 -80.25 -1.27
C TYR P 156 0.26 -79.45 -2.43
N HIS P 157 -0.34 -79.64 -3.60
CA HIS P 157 0.08 -78.98 -4.83
C HIS P 157 -1.15 -78.46 -5.54
N SER P 158 -1.18 -77.16 -5.80
CA SER P 158 -2.25 -76.52 -6.54
C SER P 158 -1.69 -75.90 -7.81
N ARG P 159 -2.53 -75.87 -8.84
CA ARG P 159 -2.23 -75.19 -10.09
C ARG P 159 -3.49 -74.48 -10.55
N TYR P 160 -3.38 -73.19 -10.81
CA TYR P 160 -4.50 -72.34 -11.18
C TYR P 160 -4.15 -71.66 -12.49
N PHE P 161 -4.90 -71.97 -13.54
CA PHE P 161 -4.55 -71.55 -14.87
C PHE P 161 -5.81 -71.50 -15.73
N THR P 162 -5.64 -71.03 -16.94
CA THR P 162 -6.71 -70.89 -17.92
C THR P 162 -6.55 -71.93 -19.02
N PRO P 163 -7.41 -72.93 -19.12
CA PRO P 163 -7.22 -73.95 -20.15
C PRO P 163 -7.63 -73.45 -21.52
N LYS P 164 -7.46 -74.30 -22.52
CA LYS P 164 -7.79 -73.97 -23.90
C LYS P 164 -8.49 -75.18 -24.51
N PRO P 165 -9.47 -74.97 -25.38
CA PRO P 165 -10.16 -76.10 -26.00
C PRO P 165 -9.41 -76.65 -27.20
N VAL P 166 -9.71 -77.91 -27.49
CA VAL P 166 -9.11 -78.62 -28.60
C VAL P 166 -10.04 -78.43 -29.80
N LEU P 167 -9.79 -77.35 -30.54
CA LEU P 167 -10.59 -77.04 -31.72
C LEU P 167 -10.12 -77.84 -32.93
N ASP P 168 -8.82 -77.92 -33.14
CA ASP P 168 -8.24 -78.74 -34.21
C ASP P 168 -7.00 -79.41 -33.65
N SER P 169 -7.08 -80.72 -33.45
CA SER P 169 -5.94 -81.46 -32.93
C SER P 169 -4.83 -81.62 -33.96
N THR P 170 -5.13 -81.42 -35.24
CA THR P 170 -4.11 -81.52 -36.28
C THR P 170 -3.17 -80.32 -36.27
N ILE P 171 -3.72 -79.14 -36.06
CA ILE P 171 -2.96 -77.89 -36.10
C ILE P 171 -2.63 -77.44 -34.70
N ASP P 172 -3.56 -77.69 -33.77
CA ASP P 172 -3.37 -77.39 -32.36
C ASP P 172 -3.11 -75.89 -32.15
N TYR P 173 -4.13 -75.10 -32.47
CA TYR P 173 -4.09 -73.66 -32.29
C TYR P 173 -4.96 -73.26 -31.10
N PHE P 174 -4.53 -72.21 -30.41
CA PHE P 174 -5.26 -71.71 -29.26
C PHE P 174 -5.07 -70.21 -29.15
N GLN P 175 -5.89 -69.62 -28.38
CA GLN P 175 -5.93 -68.19 -28.16
C GLN P 175 -5.09 -67.80 -26.96
N PRO P 176 -4.51 -66.61 -26.95
CA PRO P 176 -3.93 -66.12 -25.70
C PRO P 176 -4.99 -65.69 -24.72
N ASN P 177 -4.56 -65.34 -23.51
CA ASN P 177 -5.48 -65.03 -22.44
C ASN P 177 -6.07 -63.66 -22.67
N ASN P 178 -7.39 -63.61 -22.85
CA ASN P 178 -8.11 -62.37 -23.01
C ASN P 178 -9.54 -62.65 -22.58
N LYS P 179 -9.97 -62.02 -21.48
CA LYS P 179 -11.30 -62.31 -20.99
C LYS P 179 -12.37 -61.79 -21.95
N ARG P 180 -12.08 -60.74 -22.69
CA ARG P 180 -13.08 -60.12 -23.54
C ARG P 180 -13.22 -60.82 -24.88
N ASN P 181 -12.17 -61.49 -25.35
CA ASN P 181 -12.13 -62.10 -26.65
C ASN P 181 -12.21 -63.62 -26.62
N GLN P 182 -12.36 -64.22 -25.44
CA GLN P 182 -12.41 -65.66 -25.33
C GLN P 182 -13.64 -66.21 -26.02
N LEU P 183 -13.44 -67.27 -26.79
CA LEU P 183 -14.51 -67.86 -27.55
C LEU P 183 -15.57 -68.46 -26.65
N TRP P 184 -16.81 -68.37 -27.10
CA TRP P 184 -17.93 -69.07 -26.49
C TRP P 184 -18.14 -70.37 -27.25
N LEU P 185 -18.13 -71.47 -26.53
CA LEU P 185 -18.50 -72.76 -27.05
C LEU P 185 -19.95 -73.05 -26.72
N ARG P 186 -20.50 -74.05 -27.40
CA ARG P 186 -21.83 -74.52 -27.12
C ARG P 186 -21.78 -75.64 -26.10
N LEU P 187 -22.72 -75.59 -25.18
CA LEU P 187 -22.93 -76.65 -24.21
C LEU P 187 -23.73 -77.74 -24.89
N GLN P 188 -23.01 -78.71 -25.45
CA GLN P 188 -23.62 -79.81 -26.15
C GLN P 188 -24.35 -80.72 -25.18
N THR P 189 -25.06 -81.69 -25.74
CA THR P 189 -25.82 -82.62 -24.92
C THR P 189 -24.94 -83.73 -24.37
N ALA P 190 -24.19 -84.43 -25.24
CA ALA P 190 -23.31 -85.49 -24.80
C ALA P 190 -21.98 -85.55 -25.57
N GLY P 191 -21.53 -84.43 -26.13
CA GLY P 191 -20.38 -84.45 -27.00
C GLY P 191 -19.46 -83.25 -26.88
N ASN P 192 -19.35 -82.70 -25.66
CA ASN P 192 -18.55 -81.52 -25.47
C ASN P 192 -17.07 -81.79 -25.72
N VAL P 193 -16.35 -80.73 -26.02
CA VAL P 193 -14.96 -80.80 -26.45
C VAL P 193 -14.05 -80.79 -25.23
N ASP P 194 -12.93 -81.50 -25.35
CA ASP P 194 -12.00 -81.64 -24.24
C ASP P 194 -11.13 -80.40 -24.13
N HIS P 195 -11.07 -79.85 -22.94
CA HIS P 195 -10.09 -78.83 -22.60
C HIS P 195 -8.86 -79.48 -22.01
N VAL P 196 -7.75 -78.78 -22.12
CA VAL P 196 -6.43 -79.35 -21.90
C VAL P 196 -5.58 -78.30 -21.19
N GLY P 197 -4.47 -78.75 -20.61
CA GLY P 197 -3.67 -77.84 -19.82
C GLY P 197 -2.90 -78.31 -18.61
N LEU P 198 -2.76 -79.61 -18.35
CA LEU P 198 -1.86 -80.02 -17.29
C LEU P 198 -1.19 -81.36 -17.55
N GLY P 199 0.11 -81.38 -17.34
CA GLY P 199 0.87 -82.61 -17.35
C GLY P 199 1.80 -82.64 -16.16
N THR P 200 2.03 -83.85 -15.66
CA THR P 200 2.72 -84.06 -14.39
C THR P 200 3.87 -85.04 -14.56
N ALA P 201 4.78 -85.00 -13.59
CA ALA P 201 5.86 -85.96 -13.49
C ALA P 201 6.14 -86.17 -12.01
N PHE P 202 5.82 -87.37 -11.53
CA PHE P 202 6.02 -87.75 -10.14
C PHE P 202 7.18 -88.70 -10.01
N GLU P 203 8.03 -88.46 -9.01
CA GLU P 203 9.16 -89.32 -8.74
C GLU P 203 8.69 -90.56 -8.02
N ASN P 204 9.08 -91.71 -8.54
CA ASN P 204 8.65 -92.98 -7.99
C ASN P 204 9.30 -93.23 -6.64
N SER P 205 8.78 -94.22 -5.93
CA SER P 205 9.18 -94.51 -4.57
C SER P 205 8.97 -95.98 -4.27
N ILE P 206 9.54 -96.42 -3.15
CA ILE P 206 9.34 -97.79 -2.70
C ILE P 206 7.91 -98.00 -2.24
N TYR P 207 7.28 -96.95 -1.73
CA TYR P 207 5.92 -97.01 -1.24
C TYR P 207 4.96 -96.41 -2.28
N ASP P 208 3.71 -96.82 -2.19
CA ASP P 208 2.68 -96.29 -3.07
C ASP P 208 2.31 -94.88 -2.64
N GLN P 209 2.22 -93.98 -3.61
CA GLN P 209 1.86 -92.59 -3.39
C GLN P 209 0.48 -92.36 -3.98
N GLU P 210 -0.52 -92.18 -3.12
CA GLU P 210 -1.88 -91.94 -3.53
C GLU P 210 -2.25 -90.48 -3.37
N TYR P 211 -3.16 -90.02 -4.21
CA TYR P 211 -3.64 -88.65 -4.19
C TYR P 211 -5.13 -88.64 -4.51
N ASN P 212 -5.84 -87.69 -3.90
CA ASN P 212 -7.22 -87.37 -4.24
C ASN P 212 -7.21 -86.04 -4.96
N ILE P 213 -7.48 -86.06 -6.25
CA ILE P 213 -7.37 -84.89 -7.09
C ILE P 213 -8.73 -84.25 -7.23
N ARG P 214 -8.83 -82.99 -6.86
CA ARG P 214 -10.06 -82.20 -6.94
C ARG P 214 -9.86 -81.11 -7.97
N VAL P 215 -10.56 -81.23 -9.08
CA VAL P 215 -10.56 -80.24 -10.15
C VAL P 215 -11.77 -79.35 -9.98
N THR P 216 -11.55 -78.05 -10.02
CA THR P 216 -12.59 -77.05 -9.92
C THR P 216 -12.50 -76.17 -11.16
N MET P 217 -13.57 -76.14 -11.94
CA MET P 217 -13.65 -75.31 -13.13
C MET P 217 -14.53 -74.10 -12.87
N TYR P 218 -14.00 -72.94 -13.17
CA TYR P 218 -14.72 -71.67 -13.06
C TYR P 218 -15.22 -71.30 -14.44
N VAL P 219 -16.52 -71.45 -14.64
CA VAL P 219 -17.13 -71.35 -15.95
C VAL P 219 -18.01 -70.11 -16.01
N GLN P 220 -18.40 -69.77 -17.24
CA GLN P 220 -19.22 -68.60 -17.51
C GLN P 220 -20.19 -69.00 -18.61
N PHE P 221 -21.47 -69.01 -18.27
CA PHE P 221 -22.52 -69.40 -19.19
C PHE P 221 -23.20 -68.17 -19.79
N ARG P 222 -24.08 -68.43 -20.76
CA ARG P 222 -24.75 -67.36 -21.49
C ARG P 222 -26.04 -67.90 -22.05
N GLU P 223 -27.03 -67.02 -22.17
CA GLU P 223 -28.31 -67.29 -22.83
C GLU P 223 -29.07 -68.42 -22.12
N PHE P 224 -29.55 -68.07 -20.94
CA PHE P 224 -30.56 -68.83 -20.21
C PHE P 224 -31.66 -69.30 -21.15
N ASN P 225 -31.87 -70.62 -21.21
CA ASN P 225 -32.72 -71.22 -22.22
C ASN P 225 -33.64 -72.26 -21.62
N LEU P 226 -34.22 -71.95 -20.46
CA LEU P 226 -35.12 -72.88 -19.83
C LEU P 226 -36.37 -73.07 -20.67
N LYS P 227 -36.87 -74.30 -20.69
CA LYS P 227 -38.07 -74.66 -21.41
C LYS P 227 -39.10 -75.19 -20.43
N ASP P 228 -40.31 -74.63 -20.47
CA ASP P 228 -41.35 -74.90 -19.50
C ASP P 228 -42.60 -75.38 -20.23
N PRO P 229 -42.68 -76.67 -20.55
CA PRO P 229 -43.91 -77.20 -21.10
C PRO P 229 -44.98 -77.33 -20.02
N PRO P 230 -46.23 -77.55 -20.41
CA PRO P 230 -47.26 -77.82 -19.40
C PRO P 230 -47.09 -79.16 -18.74
N LEU P 231 -48.00 -79.49 -17.83
CA LEU P 231 -47.96 -80.73 -17.07
C LEU P 231 -49.34 -81.33 -16.88
N GLY Q 43 23.35 -61.22 -29.70
CA GLY Q 43 22.08 -61.91 -29.56
C GLY Q 43 21.96 -62.65 -28.25
N ILE Q 44 21.60 -61.91 -27.21
CA ILE Q 44 21.59 -62.44 -25.86
C ILE Q 44 20.34 -63.27 -25.63
N PHE Q 45 20.50 -64.33 -24.85
CA PHE Q 45 19.39 -65.17 -24.45
C PHE Q 45 19.72 -65.74 -23.07
N ASN Q 46 19.12 -65.16 -22.04
CA ASN Q 46 19.24 -65.67 -20.69
C ASN Q 46 18.21 -66.77 -20.48
N THR Q 47 18.66 -67.93 -20.04
CA THR Q 47 17.77 -69.04 -19.74
C THR Q 47 18.25 -69.75 -18.48
N ARG Q 48 17.68 -70.94 -18.27
CA ARG Q 48 17.87 -71.70 -17.05
C ARG Q 48 17.92 -73.18 -17.40
N LEU Q 49 18.98 -73.85 -16.96
CA LEU Q 49 19.21 -75.26 -17.23
C LEU Q 49 19.40 -75.98 -15.92
N SER Q 50 18.79 -77.16 -15.81
CA SER Q 50 18.77 -77.93 -14.59
C SER Q 50 19.25 -79.36 -14.84
N ARG Q 51 19.47 -80.06 -13.74
CA ARG Q 51 20.06 -81.39 -13.71
C ARG Q 51 19.90 -81.91 -12.29
N THR Q 52 19.61 -83.20 -12.17
CA THR Q 52 19.33 -83.82 -10.89
C THR Q 52 20.12 -85.11 -10.75
N PHE Q 53 20.66 -85.32 -9.57
CA PHE Q 53 21.46 -86.51 -9.28
C PHE Q 53 21.48 -86.73 -7.79
N GLY Q 54 21.98 -87.90 -7.40
CA GLY Q 54 21.99 -88.33 -6.02
C GLY Q 54 23.31 -88.23 -5.30
N TYR Q 55 23.25 -88.16 -3.98
CA TYR Q 55 24.42 -88.14 -3.11
C TYR Q 55 24.02 -88.78 -1.79
N THR Q 56 24.83 -89.73 -1.33
CA THR Q 56 24.57 -90.47 -0.10
C THR Q 56 25.78 -90.39 0.81
N ILE Q 57 25.51 -90.20 2.09
CA ILE Q 57 26.50 -90.27 3.15
C ILE Q 57 26.24 -91.57 3.88
N LYS Q 58 27.11 -92.56 3.64
CA LYS Q 58 26.93 -93.87 4.22
C LYS Q 58 27.10 -93.84 5.73
N ARG Q 59 26.54 -94.84 6.39
CA ARG Q 59 26.57 -94.96 7.83
C ARG Q 59 27.98 -95.32 8.31
N THR Q 60 28.23 -95.03 9.59
CA THR Q 60 29.48 -95.36 10.25
C THR Q 60 29.21 -95.80 11.67
N THR Q 61 29.93 -96.84 12.11
CA THR Q 61 29.91 -97.27 13.50
C THR Q 61 30.74 -96.38 14.41
N VAL Q 62 31.47 -95.42 13.86
CA VAL Q 62 32.29 -94.53 14.68
C VAL Q 62 31.40 -93.76 15.65
N LYS Q 63 31.87 -93.65 16.90
CA LYS Q 63 31.09 -93.01 17.94
C LYS Q 63 31.27 -91.50 17.93
N THR Q 64 32.47 -91.03 17.62
CA THR Q 64 32.77 -89.62 17.66
C THR Q 64 31.97 -88.85 16.62
N PRO Q 65 31.91 -87.52 16.75
CA PRO Q 65 31.38 -86.72 15.64
C PRO Q 65 32.43 -86.55 14.56
N SER Q 66 32.25 -87.24 13.45
CA SER Q 66 33.10 -87.12 12.29
C SER Q 66 32.29 -86.59 11.12
N TRP Q 67 33.00 -85.99 10.18
CA TRP Q 67 32.38 -85.38 9.01
C TRP Q 67 32.88 -86.02 7.74
N ALA Q 68 31.99 -86.05 6.75
CA ALA Q 68 32.27 -86.57 5.42
C ALA Q 68 32.41 -85.41 4.45
N VAL Q 69 33.56 -85.32 3.82
CA VAL Q 69 33.89 -84.20 2.96
C VAL Q 69 33.80 -84.65 1.51
N ASP Q 70 33.29 -83.77 0.67
CA ASP Q 70 33.19 -84.03 -0.76
C ASP Q 70 33.15 -82.71 -1.49
N MET Q 71 33.33 -82.79 -2.80
CA MET Q 71 33.42 -81.65 -3.68
C MET Q 71 32.30 -81.67 -4.71
N MET Q 72 32.16 -80.54 -5.41
CA MET Q 72 31.11 -80.39 -6.40
C MET Q 72 31.56 -79.39 -7.45
N ARG Q 73 31.73 -79.87 -8.67
CA ARG Q 73 32.04 -79.04 -9.83
C ARG Q 73 30.81 -78.96 -10.73
N PHE Q 74 30.86 -78.03 -11.67
CA PHE Q 74 29.75 -77.78 -12.60
C PHE Q 74 30.31 -77.65 -14.00
N ASN Q 75 29.79 -78.46 -14.92
CA ASN Q 75 30.13 -78.38 -16.33
C ASN Q 75 28.85 -78.30 -17.15
N ILE Q 76 28.93 -77.61 -18.28
CA ILE Q 76 27.76 -77.38 -19.11
C ILE Q 76 27.42 -78.57 -19.99
N ASN Q 77 28.33 -79.53 -20.14
CA ASN Q 77 28.00 -80.72 -20.90
C ASN Q 77 26.93 -81.55 -20.21
N ASP Q 78 26.89 -81.49 -18.88
CA ASP Q 78 25.91 -82.24 -18.11
C ASP Q 78 24.54 -81.59 -18.13
N PHE Q 79 24.42 -80.35 -18.58
CA PHE Q 79 23.16 -79.64 -18.67
C PHE Q 79 22.69 -79.46 -20.10
N LEU Q 80 23.61 -79.35 -21.04
CA LEU Q 80 23.32 -79.09 -22.45
C LEU Q 80 23.73 -80.29 -23.29
N PRO Q 81 22.82 -81.06 -23.87
CA PRO Q 81 23.23 -82.23 -24.61
C PRO Q 81 23.80 -81.85 -25.96
N PRO Q 82 24.38 -82.81 -26.67
CA PRO Q 82 24.79 -82.54 -28.05
C PRO Q 82 23.58 -82.44 -28.96
N GLY Q 83 23.72 -81.61 -29.98
CA GLY Q 83 22.64 -81.40 -30.91
C GLY Q 83 22.59 -82.44 -31.99
N GLY Q 84 22.29 -82.01 -33.22
CA GLY Q 84 22.20 -82.91 -34.33
C GLY Q 84 22.40 -82.20 -35.65
N GLY Q 85 23.25 -82.77 -36.51
CA GLY Q 85 23.51 -82.19 -37.81
C GLY Q 85 24.58 -81.13 -37.78
N SER Q 86 24.35 -80.07 -38.55
CA SER Q 86 25.32 -78.99 -38.63
C SER Q 86 25.38 -78.16 -37.36
N ASN Q 87 24.39 -78.30 -36.48
CA ASN Q 87 24.40 -77.63 -35.19
C ASN Q 87 24.97 -78.59 -34.15
N PRO Q 88 26.18 -78.36 -33.63
CA PRO Q 88 26.77 -79.36 -32.74
C PRO Q 88 26.10 -79.45 -31.39
N ARG Q 89 25.41 -78.40 -30.95
CA ARG Q 89 24.75 -78.36 -29.67
C ARG Q 89 23.26 -78.09 -29.85
N SER Q 90 22.50 -78.38 -28.80
CA SER Q 90 21.05 -78.31 -28.87
C SER Q 90 20.53 -76.89 -28.70
N VAL Q 91 21.30 -76.03 -28.06
CA VAL Q 91 21.00 -74.60 -27.97
C VAL Q 91 21.87 -73.88 -28.99
N PRO Q 92 21.31 -73.32 -30.07
CA PRO Q 92 22.16 -72.82 -31.14
C PRO Q 92 22.77 -71.45 -30.87
N PHE Q 93 23.83 -71.46 -30.07
CA PHE Q 93 24.57 -70.27 -29.76
C PHE Q 93 26.06 -70.61 -29.73
N GLU Q 94 26.89 -69.58 -29.85
CA GLU Q 94 28.33 -69.71 -29.91
C GLU Q 94 29.00 -69.56 -28.56
N TYR Q 95 28.68 -68.51 -27.84
CA TYR Q 95 29.34 -68.15 -26.59
C TYR Q 95 28.39 -68.32 -25.43
N TYR Q 96 28.97 -68.40 -24.23
CA TYR Q 96 28.19 -68.52 -23.03
C TYR Q 96 29.00 -67.98 -21.85
N ARG Q 97 28.30 -67.71 -20.77
CA ARG Q 97 28.93 -67.40 -19.51
C ARG Q 97 27.92 -67.66 -18.41
N ILE Q 98 28.34 -68.43 -17.40
CA ILE Q 98 27.44 -68.83 -16.33
C ILE Q 98 27.34 -67.69 -15.33
N ARG Q 99 26.12 -67.24 -15.10
CA ARG Q 99 25.86 -66.12 -14.21
C ARG Q 99 25.70 -66.56 -12.76
N LYS Q 100 24.90 -67.59 -12.52
CA LYS Q 100 24.61 -68.06 -11.19
C LYS Q 100 24.38 -69.56 -11.24
N VAL Q 101 24.51 -70.20 -10.09
CA VAL Q 101 24.14 -71.59 -9.89
C VAL Q 101 23.37 -71.69 -8.58
N LYS Q 102 22.36 -72.55 -8.58
CA LYS Q 102 21.55 -72.86 -7.43
C LYS Q 102 21.67 -74.35 -7.17
N VAL Q 103 22.38 -74.72 -6.13
CA VAL Q 103 22.47 -76.09 -5.68
C VAL Q 103 21.46 -76.30 -4.58
N GLU Q 104 20.59 -77.29 -4.77
CA GLU Q 104 19.52 -77.61 -3.83
C GLU Q 104 19.72 -79.03 -3.35
N PHE Q 105 19.93 -79.19 -2.06
CA PHE Q 105 19.97 -80.51 -1.42
C PHE Q 105 18.56 -80.83 -0.96
N TRP Q 106 17.86 -81.61 -1.76
CA TRP Q 106 16.53 -82.06 -1.41
C TRP Q 106 16.65 -83.36 -0.62
N PRO Q 107 16.20 -83.42 0.63
CA PRO Q 107 16.40 -84.63 1.41
C PRO Q 107 15.56 -85.79 0.92
N CYS Q 108 16.04 -86.99 1.24
CA CYS Q 108 15.36 -88.22 0.96
C CYS Q 108 14.94 -88.96 2.22
N SER Q 109 15.19 -88.38 3.38
CA SER Q 109 15.06 -89.04 4.66
C SER Q 109 13.82 -88.53 5.38
N PRO Q 110 13.18 -89.36 6.20
CA PRO Q 110 11.98 -88.91 6.89
C PRO Q 110 12.29 -87.93 8.00
N ILE Q 111 11.26 -87.19 8.40
CA ILE Q 111 11.42 -86.24 9.50
C ILE Q 111 11.49 -86.92 10.86
N THR Q 112 11.29 -88.23 10.93
CA THR Q 112 11.43 -88.98 12.16
C THR Q 112 12.81 -89.56 12.36
N GLN Q 113 13.74 -89.32 11.45
CA GLN Q 113 15.06 -89.91 11.54
C GLN Q 113 15.87 -89.20 12.61
N GLY Q 114 16.52 -89.98 13.46
CA GLY Q 114 17.32 -89.46 14.53
C GLY Q 114 18.80 -89.41 14.19
N ASP Q 115 19.60 -89.25 15.23
CA ASP Q 115 21.05 -89.09 15.09
C ASP Q 115 21.36 -87.91 14.19
N ARG Q 116 20.63 -86.82 14.39
CA ARG Q 116 20.78 -85.64 13.59
C ARG Q 116 22.17 -85.03 13.77
N GLY Q 117 22.50 -84.12 12.87
CA GLY Q 117 23.82 -83.56 12.83
C GLY Q 117 23.85 -82.15 12.28
N VAL Q 118 25.05 -81.62 12.10
CA VAL Q 118 25.21 -80.24 11.64
C VAL Q 118 26.48 -80.18 10.81
N GLY Q 119 26.36 -79.62 9.61
CA GLY Q 119 27.45 -79.54 8.66
C GLY Q 119 27.64 -78.16 8.12
N SER Q 120 28.35 -78.06 7.00
CA SER Q 120 28.72 -76.78 6.44
C SER Q 120 28.93 -76.92 4.94
N SER Q 121 28.49 -75.90 4.20
CA SER Q 121 28.72 -75.79 2.78
C SER Q 121 29.41 -74.46 2.50
N ALA Q 122 30.50 -74.52 1.75
CA ALA Q 122 31.30 -73.35 1.44
C ALA Q 122 31.52 -73.26 -0.06
N VAL Q 123 31.89 -72.06 -0.49
CA VAL Q 123 32.07 -71.73 -1.90
C VAL Q 123 33.55 -71.66 -2.19
N ILE Q 124 34.00 -72.51 -3.12
CA ILE Q 124 35.41 -72.73 -3.40
C ILE Q 124 35.62 -72.51 -4.89
N LEU Q 125 36.12 -71.33 -5.25
CA LEU Q 125 36.17 -70.89 -6.63
C LEU Q 125 37.50 -71.14 -7.31
N ASP Q 126 38.26 -72.17 -6.90
CA ASP Q 126 39.63 -72.33 -7.39
C ASP Q 126 40.10 -73.76 -7.64
N ASP Q 127 39.25 -74.77 -7.47
CA ASP Q 127 39.59 -76.14 -7.83
C ASP Q 127 40.65 -76.72 -6.91
N ASN Q 128 40.72 -76.24 -5.67
CA ASN Q 128 41.55 -76.84 -4.63
C ASN Q 128 40.64 -76.96 -3.41
N PHE Q 129 39.99 -78.11 -3.33
CA PHE Q 129 39.09 -78.45 -2.26
C PHE Q 129 39.85 -79.14 -1.14
N VAL Q 130 39.22 -79.16 0.03
CA VAL Q 130 39.67 -80.05 1.08
C VAL Q 130 39.56 -81.48 0.58
N THR Q 131 40.55 -82.29 0.93
CA THR Q 131 40.61 -83.64 0.41
C THR Q 131 39.38 -84.42 0.82
N LYS Q 132 38.89 -85.25 -0.11
CA LYS Q 132 37.72 -86.07 0.16
C LYS Q 132 38.02 -87.03 1.29
N ALA Q 133 37.13 -87.05 2.29
CA ALA Q 133 37.29 -87.85 3.49
C ALA Q 133 35.98 -88.51 3.83
N THR Q 134 36.09 -89.68 4.44
CA THR Q 134 34.92 -90.44 4.88
C THR Q 134 34.51 -90.07 6.31
N ALA Q 135 35.47 -90.05 7.23
CA ALA Q 135 35.21 -89.69 8.62
C ALA Q 135 36.38 -88.84 9.11
N LEU Q 136 36.26 -87.54 8.92
CA LEU Q 136 37.24 -86.59 9.40
C LEU Q 136 36.80 -86.03 10.75
N THR Q 137 37.76 -85.82 11.63
CA THR Q 137 37.50 -85.48 13.03
C THR Q 137 37.05 -84.04 13.24
N TYR Q 138 36.80 -83.29 12.18
CA TYR Q 138 36.38 -81.90 12.32
C TYR Q 138 35.71 -81.47 11.02
N ASP Q 139 35.03 -80.32 11.10
CA ASP Q 139 34.38 -79.72 9.95
C ASP Q 139 35.34 -78.70 9.34
N PRO Q 140 35.96 -78.97 8.20
CA PRO Q 140 36.93 -78.01 7.68
C PRO Q 140 36.31 -76.73 7.17
N TYR Q 141 35.10 -76.79 6.66
CA TYR Q 141 34.44 -75.66 6.05
C TYR Q 141 33.67 -74.81 7.05
N VAL Q 142 33.94 -74.97 8.34
CA VAL Q 142 33.13 -74.31 9.36
C VAL Q 142 33.54 -72.86 9.52
N ASN Q 143 34.83 -72.58 9.48
CA ASN Q 143 35.32 -71.22 9.68
C ASN Q 143 35.43 -70.44 8.40
N TYR Q 144 34.99 -71.00 7.29
CA TYR Q 144 35.01 -70.29 6.02
C TYR Q 144 34.00 -69.15 6.03
N SER Q 145 34.39 -68.04 5.40
CA SER Q 145 33.53 -66.88 5.33
C SER Q 145 32.25 -67.14 4.55
N SER Q 146 32.25 -68.13 3.67
CA SER Q 146 31.09 -68.50 2.88
C SER Q 146 30.38 -69.73 3.43
N ARG Q 147 30.54 -70.02 4.71
CA ARG Q 147 29.92 -71.18 5.30
C ARG Q 147 28.46 -70.90 5.59
N HIS Q 148 27.61 -71.83 5.17
CA HIS Q 148 26.22 -71.90 5.59
C HIS Q 148 26.05 -73.22 6.30
N THR Q 149 25.30 -73.20 7.40
CA THR Q 149 25.06 -74.41 8.18
C THR Q 149 24.11 -75.33 7.44
N ILE Q 150 24.45 -76.62 7.44
CA ILE Q 150 23.61 -77.67 6.92
C ILE Q 150 23.03 -78.39 8.13
N THR Q 151 21.74 -78.20 8.33
CA THR Q 151 21.00 -79.08 9.24
C THR Q 151 20.71 -80.39 8.53
N GLN Q 152 20.92 -81.49 9.24
CA GLN Q 152 20.80 -82.83 8.71
C GLN Q 152 19.80 -83.62 9.54
N PRO Q 153 19.21 -84.68 8.98
CA PRO Q 153 19.24 -85.20 7.62
C PRO Q 153 18.06 -84.80 6.75
N PHE Q 154 17.01 -84.29 7.37
CA PHE Q 154 15.71 -84.10 6.72
C PHE Q 154 15.41 -82.65 6.42
N SER Q 155 16.44 -81.85 6.18
CA SER Q 155 16.29 -80.41 6.00
C SER Q 155 16.87 -80.00 4.66
N TYR Q 156 16.22 -79.02 4.06
CA TYR Q 156 16.59 -78.49 2.76
C TYR Q 156 17.68 -77.45 2.90
N HIS Q 157 18.63 -77.50 1.97
CA HIS Q 157 19.77 -76.60 1.94
C HIS Q 157 19.96 -76.10 0.52
N SER Q 158 19.94 -74.78 0.36
CA SER Q 158 20.18 -74.14 -0.92
C SER Q 158 21.40 -73.25 -0.83
N ARG Q 159 22.10 -73.13 -1.95
CA ARG Q 159 23.22 -72.23 -2.09
C ARG Q 159 23.12 -71.58 -3.46
N TYR Q 160 23.15 -70.26 -3.50
CA TYR Q 160 23.00 -69.47 -4.72
C TYR Q 160 24.19 -68.55 -4.84
N PHE Q 161 25.00 -68.75 -5.86
CA PHE Q 161 26.26 -68.07 -5.99
C PHE Q 161 26.66 -68.02 -7.45
N THR Q 162 27.76 -67.32 -7.71
CA THR Q 162 28.31 -67.13 -9.03
C THR Q 162 29.58 -67.95 -9.18
N PRO Q 163 29.61 -69.01 -9.99
CA PRO Q 163 30.83 -69.80 -10.10
C PRO Q 163 31.88 -69.12 -10.94
N LYS Q 164 33.03 -69.76 -11.07
CA LYS Q 164 34.15 -69.25 -11.83
C LYS Q 164 34.73 -70.40 -12.65
N PRO Q 165 35.21 -70.13 -13.86
CA PRO Q 165 35.80 -71.20 -14.65
C PRO Q 165 37.25 -71.46 -14.31
N VAL Q 166 37.67 -72.68 -14.64
CA VAL Q 166 39.03 -73.13 -14.39
C VAL Q 166 39.83 -72.83 -15.66
N LEU Q 167 40.38 -71.62 -15.72
CA LEU Q 167 41.17 -71.20 -16.85
C LEU Q 167 42.60 -71.73 -16.77
N ASP Q 168 43.22 -71.64 -15.60
CA ASP Q 168 44.55 -72.20 -15.36
C ASP Q 168 44.54 -72.82 -13.98
N SER Q 169 44.57 -74.15 -13.92
CA SER Q 169 44.59 -74.85 -12.66
C SER Q 169 45.92 -74.71 -11.93
N THR Q 170 46.98 -74.32 -12.62
CA THR Q 170 48.28 -74.15 -11.99
C THR Q 170 48.33 -72.88 -11.15
N ILE Q 171 47.74 -71.80 -11.65
CA ILE Q 171 47.77 -70.50 -11.01
C ILE Q 171 46.46 -70.26 -10.27
N ASP Q 172 45.37 -70.76 -10.83
CA ASP Q 172 44.05 -70.69 -10.22
C ASP Q 172 43.64 -69.23 -9.97
N TYR Q 173 43.48 -68.51 -11.07
CA TYR Q 173 43.03 -67.12 -11.04
C TYR Q 173 41.59 -67.02 -11.49
N PHE Q 174 40.87 -66.07 -10.91
CA PHE Q 174 39.48 -65.84 -11.26
C PHE Q 174 39.14 -64.38 -11.10
N GLN Q 175 38.07 -64.01 -11.66
CA GLN Q 175 37.56 -62.66 -11.69
C GLN Q 175 36.63 -62.39 -10.53
N PRO Q 176 36.56 -61.17 -10.03
CA PRO Q 176 35.49 -60.84 -9.11
C PRO Q 176 34.16 -60.69 -9.80
N ASN Q 177 33.10 -60.53 -9.03
CA ASN Q 177 31.76 -60.50 -9.58
C ASN Q 177 31.51 -59.16 -10.27
N ASN Q 178 31.28 -59.23 -11.58
CA ASN Q 178 30.97 -58.05 -12.37
C ASN Q 178 30.18 -58.54 -13.56
N LYS Q 179 28.91 -58.17 -13.65
CA LYS Q 179 28.09 -58.66 -14.73
C LYS Q 179 28.55 -58.12 -16.08
N ARG Q 180 29.13 -56.92 -16.08
CA ARG Q 180 29.49 -56.26 -17.33
C ARG Q 180 30.84 -56.74 -17.86
N ASN Q 181 31.72 -57.21 -16.98
CA ASN Q 181 33.08 -57.59 -17.35
C ASN Q 181 33.31 -59.09 -17.33
N GLN Q 182 32.28 -59.89 -17.07
CA GLN Q 182 32.46 -61.33 -17.02
C GLN Q 182 32.82 -61.87 -18.39
N LEU Q 183 33.81 -62.76 -18.40
CA LEU Q 183 34.31 -63.32 -19.64
C LEU Q 183 33.26 -64.17 -20.33
N TRP Q 184 33.27 -64.12 -21.64
CA TRP Q 184 32.50 -65.04 -22.47
C TRP Q 184 33.39 -66.20 -22.86
N LEU Q 185 32.93 -67.40 -22.58
CA LEU Q 185 33.57 -68.62 -23.03
C LEU Q 185 32.87 -69.10 -24.28
N ARG Q 186 33.53 -70.02 -24.97
CA ARG Q 186 32.96 -70.67 -26.14
C ARG Q 186 32.24 -71.94 -25.71
N LEU Q 187 31.07 -72.15 -26.30
CA LEU Q 187 30.32 -73.37 -26.15
C LEU Q 187 30.91 -74.41 -27.07
N GLN Q 188 31.85 -75.18 -26.53
CA GLN Q 188 32.54 -76.20 -27.28
C GLN Q 188 31.58 -77.34 -27.62
N THR Q 189 32.07 -78.27 -28.43
CA THR Q 189 31.25 -79.40 -28.85
C THR Q 189 31.23 -80.49 -27.79
N ALA Q 190 32.41 -80.95 -27.34
CA ALA Q 190 32.47 -81.97 -26.31
C ALA Q 190 33.60 -81.76 -25.31
N GLY Q 191 34.06 -80.53 -25.10
CA GLY Q 191 35.23 -80.27 -24.29
C GLY Q 191 35.15 -79.02 -23.43
N ASN Q 192 33.96 -78.68 -22.97
CA ASN Q 192 33.78 -77.48 -22.19
C ASN Q 192 34.53 -77.55 -20.87
N VAL Q 193 34.82 -76.38 -20.32
CA VAL Q 193 35.66 -76.24 -19.14
C VAL Q 193 34.80 -76.34 -17.89
N ASP Q 194 35.39 -76.89 -16.84
CA ASP Q 194 34.67 -77.13 -15.60
C ASP Q 194 34.59 -75.84 -14.80
N HIS Q 195 33.39 -75.51 -14.37
CA HIS Q 195 33.17 -74.46 -13.39
C HIS Q 195 33.14 -75.08 -12.00
N VAL Q 196 33.45 -74.25 -11.01
CA VAL Q 196 33.75 -74.70 -9.68
C VAL Q 196 33.14 -73.72 -8.68
N GLY Q 197 33.03 -74.15 -7.43
CA GLY Q 197 32.37 -73.31 -6.46
C GLY Q 197 31.57 -73.90 -5.31
N LEU Q 198 31.62 -75.20 -5.06
CA LEU Q 198 30.99 -75.68 -3.84
C LEU Q 198 31.70 -76.88 -3.25
N GLY Q 199 31.91 -76.81 -1.94
CA GLY Q 199 32.39 -77.94 -1.17
C GLY Q 199 31.57 -78.07 0.10
N THR Q 200 31.41 -79.32 0.53
CA THR Q 200 30.49 -79.67 1.59
C THR Q 200 31.18 -80.48 2.67
N ALA Q 201 30.55 -80.52 3.84
CA ALA Q 201 30.97 -81.37 4.93
C ALA Q 201 29.72 -81.80 5.68
N PHE Q 202 29.41 -83.08 5.60
CA PHE Q 202 28.24 -83.67 6.23
C PHE Q 202 28.67 -84.51 7.42
N GLU Q 203 27.95 -84.35 8.53
CA GLU Q 203 28.21 -85.12 9.73
C GLU Q 203 27.63 -86.51 9.57
N ASN Q 204 28.47 -87.51 9.82
CA ASN Q 204 28.07 -88.89 9.64
C ASN Q 204 27.06 -89.30 10.70
N SER Q 205 26.44 -90.45 10.48
CA SER Q 205 25.35 -90.92 11.31
C SER Q 205 25.29 -92.44 11.27
N ILE Q 206 24.51 -93.01 12.17
CA ILE Q 206 24.29 -94.45 12.20
C ILE Q 206 23.46 -94.88 11.01
N TYR Q 207 22.59 -94.00 10.52
CA TYR Q 207 21.73 -94.28 9.39
C TYR Q 207 22.29 -93.61 8.14
N ASP Q 208 21.90 -94.17 6.99
CA ASP Q 208 22.31 -93.59 5.71
C ASP Q 208 21.52 -92.32 5.44
N GLN Q 209 22.22 -91.29 5.01
CA GLN Q 209 21.63 -89.99 4.67
C GLN Q 209 21.72 -89.81 3.16
N GLU Q 210 20.57 -89.89 2.50
CA GLU Q 210 20.49 -89.73 1.06
C GLU Q 210 19.93 -88.36 0.70
N TYR Q 211 20.35 -87.86 -0.45
CA TYR Q 211 19.93 -86.57 -0.96
C TYR Q 211 19.76 -86.66 -2.46
N ASN Q 212 18.80 -85.90 -2.98
CA ASN Q 212 18.62 -85.68 -4.42
C ASN Q 212 19.04 -84.25 -4.69
N ILE Q 213 20.16 -84.08 -5.37
CA ILE Q 213 20.75 -82.76 -5.57
C ILE Q 213 20.33 -82.26 -6.94
N ARG Q 214 19.72 -81.09 -6.97
CA ARG Q 214 19.25 -80.44 -8.19
C ARG Q 214 20.07 -79.17 -8.38
N VAL Q 215 20.91 -79.17 -9.41
CA VAL Q 215 21.71 -78.02 -9.77
C VAL Q 215 21.01 -77.31 -10.90
N THR Q 216 20.86 -76.00 -10.77
CA THR Q 216 20.25 -75.13 -11.77
C THR Q 216 21.27 -74.06 -12.11
N MET Q 217 21.66 -74.02 -13.37
CA MET Q 217 22.58 -73.00 -13.88
C MET Q 217 21.83 -71.95 -14.67
N TYR Q 218 22.04 -70.70 -14.31
CA TYR Q 218 21.47 -69.56 -15.01
C TYR Q 218 22.53 -69.01 -15.95
N VAL Q 219 22.36 -69.25 -17.25
CA VAL Q 219 23.38 -69.00 -18.25
C VAL Q 219 22.92 -67.86 -19.14
N GLN Q 220 23.86 -67.35 -19.93
CA GLN Q 220 23.65 -66.24 -20.84
C GLN Q 220 24.44 -66.55 -22.09
N PHE Q 221 23.75 -66.74 -23.19
CA PHE Q 221 24.36 -67.08 -24.46
C PHE Q 221 24.46 -65.85 -25.35
N ARG Q 222 25.15 -66.01 -26.48
CA ARG Q 222 25.42 -64.92 -27.39
C ARG Q 222 25.65 -65.48 -28.79
N GLU Q 223 25.28 -64.70 -29.79
CA GLU Q 223 25.56 -64.99 -31.19
C GLU Q 223 24.89 -66.29 -31.65
N PHE Q 224 23.57 -66.20 -31.75
CA PHE Q 224 22.74 -67.18 -32.43
C PHE Q 224 23.36 -67.59 -33.74
N ASN Q 225 23.61 -68.89 -33.90
CA ASN Q 225 24.40 -69.40 -35.00
C ASN Q 225 23.76 -70.61 -35.65
N LEU Q 226 22.46 -70.56 -35.83
CA LEU Q 226 21.77 -71.68 -36.44
C LEU Q 226 22.21 -71.85 -37.89
N LYS Q 227 22.31 -73.10 -38.31
CA LYS Q 227 22.68 -73.46 -39.66
C LYS Q 227 21.55 -74.25 -40.30
N ASP Q 228 21.13 -73.82 -41.48
CA ASP Q 228 19.94 -74.35 -42.14
C ASP Q 228 20.34 -74.83 -43.54
N PRO Q 229 20.85 -76.04 -43.65
CA PRO Q 229 21.10 -76.61 -44.98
C PRO Q 229 19.79 -77.02 -45.63
N PRO Q 230 19.81 -77.30 -46.94
CA PRO Q 230 18.61 -77.83 -47.58
C PRO Q 230 18.30 -79.25 -47.15
N LEU Q 231 17.24 -79.83 -47.71
CA LEU Q 231 16.79 -81.17 -47.36
C LEU Q 231 16.31 -81.93 -48.59
N GLY R 43 46.22 -52.99 14.75
CA GLY R 43 45.81 -53.82 13.64
C GLY R 43 44.70 -54.77 13.99
N ILE R 44 43.48 -54.26 13.95
CA ILE R 44 42.32 -55.00 14.42
C ILE R 44 41.87 -55.98 13.34
N PHE R 45 41.40 -57.14 13.80
CA PHE R 45 40.82 -58.15 12.93
C PHE R 45 39.76 -58.89 13.71
N ASN R 46 38.51 -58.54 13.46
CA ASN R 46 37.39 -59.27 14.04
C ASN R 46 37.07 -60.48 13.19
N THR R 47 37.01 -61.65 13.82
CA THR R 47 36.68 -62.88 13.13
C THR R 47 35.79 -63.73 14.03
N ARG R 48 35.63 -65.00 13.63
CA ARG R 48 34.70 -65.93 14.24
C ARG R 48 35.33 -67.31 14.24
N LEU R 49 35.38 -67.92 15.41
CA LEU R 49 35.97 -69.23 15.61
C LEU R 49 34.95 -70.14 16.26
N SER R 50 34.88 -71.37 15.77
CA SER R 50 33.88 -72.34 16.20
C SER R 50 34.53 -73.63 16.63
N ARG R 51 33.71 -74.49 17.23
CA ARG R 51 34.11 -75.73 17.86
C ARG R 51 32.86 -76.49 18.21
N THR R 52 32.89 -77.80 18.03
CA THR R 52 31.73 -78.66 18.21
C THR R 52 32.09 -79.85 19.06
N PHE R 53 31.20 -80.20 19.98
CA PHE R 53 31.41 -81.33 20.88
C PHE R 53 30.06 -81.79 21.40
N GLY R 54 30.07 -82.94 22.06
CA GLY R 54 28.88 -83.59 22.54
C GLY R 54 28.61 -83.47 24.02
N TYR R 55 27.34 -83.61 24.39
CA TYR R 55 26.90 -83.63 25.77
C TYR R 55 25.67 -84.51 25.86
N THR R 56 25.68 -85.43 26.82
CA THR R 56 24.59 -86.38 27.01
C THR R 56 24.11 -86.33 28.45
N ILE R 57 22.79 -86.38 28.61
CA ILE R 57 22.13 -86.51 29.89
C ILE R 57 21.62 -87.94 29.96
N LYS R 58 22.30 -88.78 30.74
CA LYS R 58 21.95 -90.18 30.83
C LYS R 58 20.59 -90.37 31.49
N ARG R 59 19.99 -91.52 31.21
CA ARG R 59 18.69 -91.86 31.73
C ARG R 59 18.74 -92.14 33.23
N THR R 60 17.58 -92.05 33.86
CA THR R 60 17.42 -92.34 35.28
C THR R 60 16.09 -93.03 35.52
N THR R 61 16.11 -94.05 36.39
CA THR R 61 14.89 -94.71 36.83
C THR R 61 14.13 -93.89 37.88
N VAL R 62 14.69 -92.78 38.35
CA VAL R 62 14.03 -91.95 39.34
C VAL R 62 12.70 -91.46 38.79
N LYS R 63 11.67 -91.51 39.63
CA LYS R 63 10.33 -91.12 39.22
C LYS R 63 10.11 -89.63 39.30
N THR R 64 10.69 -88.98 40.30
CA THR R 64 10.48 -87.57 40.54
C THR R 64 11.05 -86.74 39.40
N PRO R 65 10.66 -85.46 39.32
CA PRO R 65 11.37 -84.55 38.42
C PRO R 65 12.66 -84.09 39.06
N SER R 66 13.77 -84.61 38.55
CA SER R 66 15.10 -84.21 38.96
C SER R 66 15.83 -83.59 37.80
N TRP R 67 16.81 -82.76 38.12
CA TRP R 67 17.59 -82.04 37.13
C TRP R 67 19.07 -82.41 37.21
N ALA R 68 19.70 -82.37 36.05
CA ALA R 68 21.13 -82.64 35.90
C ALA R 68 21.85 -81.33 35.66
N VAL R 69 22.79 -81.02 36.54
CA VAL R 69 23.48 -79.74 36.52
C VAL R 69 24.87 -79.95 35.98
N ASP R 70 25.34 -79.00 35.18
CA ASP R 70 26.68 -79.04 34.62
C ASP R 70 27.10 -77.62 34.29
N MET R 71 28.39 -77.47 34.02
CA MET R 71 29.03 -76.19 33.77
C MET R 71 29.63 -76.17 32.38
N MET R 72 30.02 -74.97 31.96
CA MET R 72 30.59 -74.77 30.63
C MET R 72 31.51 -73.56 30.67
N ARG R 73 32.80 -73.81 30.46
CA ARG R 73 33.82 -72.78 30.32
C ARG R 73 34.25 -72.68 28.87
N PHE R 74 34.97 -71.61 28.55
CA PHE R 74 35.44 -71.33 27.20
C PHE R 74 36.89 -70.92 27.25
N ASN R 75 37.74 -71.62 26.51
CA ASN R 75 39.15 -71.27 26.36
C ASN R 75 39.48 -71.20 24.88
N ILE R 76 40.43 -70.33 24.55
CA ILE R 76 40.80 -70.09 23.16
C ILE R 76 41.74 -71.15 22.61
N ASN R 77 42.35 -71.98 23.47
CA ASN R 77 43.18 -73.05 22.96
C ASN R 77 42.35 -74.09 22.22
N ASP R 78 41.09 -74.26 22.62
CA ASP R 78 40.21 -75.22 21.98
C ASP R 78 39.67 -74.74 20.64
N PHE R 79 39.82 -73.45 20.33
CA PHE R 79 39.38 -72.88 19.07
C PHE R 79 40.52 -72.52 18.15
N LEU R 80 41.67 -72.15 18.71
CA LEU R 80 42.83 -71.70 17.96
C LEU R 80 43.97 -72.70 18.13
N PRO R 81 44.36 -73.46 17.11
CA PRO R 81 45.41 -74.44 17.32
C PRO R 81 46.78 -73.79 17.39
N PRO R 82 47.80 -74.54 17.75
CA PRO R 82 49.16 -74.02 17.67
C PRO R 82 49.61 -73.89 16.23
N GLY R 83 50.44 -72.90 15.99
CA GLY R 83 50.93 -72.65 14.65
C GLY R 83 52.12 -73.50 14.30
N GLY R 84 53.08 -72.91 13.60
CA GLY R 84 54.27 -73.62 13.19
C GLY R 84 55.42 -72.69 12.91
N GLY R 85 56.59 -73.01 13.46
CA GLY R 85 57.77 -72.21 13.25
C GLY R 85 57.88 -71.06 14.21
N SER R 86 58.33 -69.92 13.70
CA SER R 86 58.50 -68.74 14.53
C SER R 86 57.18 -68.14 14.97
N ASN R 87 56.08 -68.51 14.33
CA ASN R 87 54.75 -68.07 14.73
C ASN R 87 54.14 -69.12 15.66
N PRO R 88 54.00 -68.85 16.95
CA PRO R 88 53.54 -69.92 17.86
C PRO R 88 52.09 -70.29 17.68
N ARG R 89 51.27 -69.41 17.12
CA ARG R 89 49.86 -69.65 16.91
C ARG R 89 49.51 -69.51 15.43
N SER R 90 48.35 -70.06 15.07
CA SER R 90 47.95 -70.13 13.68
C SER R 90 47.37 -68.82 13.17
N VAL R 91 46.85 -67.99 14.07
CA VAL R 91 46.40 -66.64 13.74
C VAL R 91 47.47 -65.68 14.20
N PRO R 92 48.20 -65.01 13.29
CA PRO R 92 49.38 -64.26 13.73
C PRO R 92 49.05 -62.89 14.32
N PHE R 93 48.64 -62.92 15.57
CA PHE R 93 48.35 -61.72 16.32
C PHE R 93 48.86 -61.90 17.75
N GLU R 94 49.04 -60.78 18.43
CA GLU R 94 49.58 -60.74 19.79
C GLU R 94 48.50 -60.75 20.86
N TYR R 95 47.53 -59.87 20.74
CA TYR R 95 46.51 -59.64 21.75
C TYR R 95 45.15 -60.12 21.25
N TYR R 96 44.25 -60.33 22.19
CA TYR R 96 42.90 -60.72 21.86
C TYR R 96 41.97 -60.29 22.98
N ARG R 97 40.67 -60.28 22.66
CA ARG R 97 39.65 -60.11 23.65
C ARG R 97 38.36 -60.67 23.07
N ILE R 98 37.70 -61.52 23.83
CA ILE R 98 36.49 -62.20 23.36
C ILE R 98 35.31 -61.26 23.54
N ARG R 99 34.63 -60.98 22.44
CA ARG R 99 33.51 -60.05 22.43
C ARG R 99 32.20 -60.73 22.78
N LYS R 100 31.92 -61.87 22.16
CA LYS R 100 30.67 -62.59 22.33
C LYS R 100 30.94 -64.07 22.18
N VAL R 101 30.01 -64.87 22.70
CA VAL R 101 29.99 -66.31 22.49
C VAL R 101 28.55 -66.70 22.20
N LYS R 102 28.40 -67.65 21.28
CA LYS R 102 27.12 -68.23 20.91
C LYS R 102 27.21 -69.72 21.18
N VAL R 103 26.52 -70.17 22.21
CA VAL R 103 26.40 -71.59 22.52
C VAL R 103 25.09 -72.09 21.93
N GLU R 104 25.18 -73.12 21.10
CA GLU R 104 24.04 -73.69 20.40
C GLU R 104 23.93 -75.15 20.82
N PHE R 105 22.81 -75.50 21.45
CA PHE R 105 22.49 -76.88 21.76
C PHE R 105 21.67 -77.43 20.60
N TRP R 106 22.35 -78.14 19.72
CA TRP R 106 21.69 -78.78 18.60
C TRP R 106 21.23 -80.17 19.03
N PRO R 107 19.95 -80.48 19.02
CA PRO R 107 19.52 -81.78 19.52
C PRO R 107 19.93 -82.92 18.62
N CYS R 108 20.01 -84.08 19.24
CA CYS R 108 20.29 -85.34 18.57
C CYS R 108 19.12 -86.30 18.62
N SER R 109 18.01 -85.91 19.21
CA SER R 109 16.90 -86.78 19.53
C SER R 109 15.74 -86.52 18.58
N PRO R 110 14.94 -87.53 18.29
CA PRO R 110 13.83 -87.34 17.36
C PRO R 110 12.71 -86.53 17.97
N ILE R 111 11.87 -85.98 17.09
CA ILE R 111 10.72 -85.21 17.55
C ILE R 111 9.61 -86.08 18.11
N THR R 112 9.73 -87.41 17.99
CA THR R 112 8.77 -88.34 18.56
C THR R 112 9.13 -88.78 19.96
N GLN R 113 10.23 -88.29 20.53
CA GLN R 113 10.66 -88.76 21.84
C GLN R 113 9.78 -88.14 22.91
N GLY R 114 9.34 -88.98 23.85
CA GLY R 114 8.51 -88.55 24.93
C GLY R 114 9.28 -88.29 26.21
N ASP R 115 8.54 -88.23 27.31
CA ASP R 115 9.09 -87.89 28.61
C ASP R 115 9.80 -86.55 28.55
N ARG R 116 9.18 -85.59 27.87
CA ARG R 116 9.75 -84.28 27.70
C ARG R 116 9.89 -83.58 29.04
N GLY R 117 10.67 -82.50 29.01
CA GLY R 117 11.02 -81.79 30.22
C GLY R 117 11.26 -80.32 29.99
N VAL R 118 11.70 -79.63 31.04
CA VAL R 118 11.93 -78.20 30.97
C VAL R 118 13.08 -77.86 31.91
N GLY R 119 14.05 -77.14 31.36
CA GLY R 119 15.26 -76.79 32.08
C GLY R 119 15.57 -75.32 32.02
N SER R 120 16.82 -74.97 32.32
CA SER R 120 17.21 -73.58 32.42
C SER R 120 18.70 -73.45 32.14
N SER R 121 19.05 -72.38 31.42
CA SER R 121 20.43 -72.01 31.17
C SER R 121 20.65 -70.59 31.66
N ALA R 122 21.71 -70.41 32.45
CA ALA R 122 22.02 -69.12 33.04
C ALA R 122 23.47 -68.76 32.76
N VAL R 123 23.76 -67.48 32.90
CA VAL R 123 25.06 -66.90 32.60
C VAL R 123 25.80 -66.64 33.90
N ILE R 124 26.96 -67.26 34.06
CA ILE R 124 27.70 -67.28 35.31
C ILE R 124 29.11 -66.80 35.02
N LEU R 125 29.38 -65.54 35.30
CA LEU R 125 30.59 -64.86 34.87
C LEU R 125 31.70 -64.86 35.92
N ASP R 126 31.75 -65.86 36.81
CA ASP R 126 32.66 -65.79 37.96
C ASP R 126 33.31 -67.10 38.39
N ASP R 127 33.08 -68.20 37.69
CA ASP R 127 33.78 -69.46 37.96
C ASP R 127 33.36 -70.07 39.29
N ASN R 128 32.15 -69.78 39.75
CA ASN R 128 31.55 -70.46 40.90
C ASN R 128 30.15 -70.87 40.45
N PHE R 129 30.10 -72.08 39.92
CA PHE R 129 28.87 -72.69 39.43
C PHE R 129 28.20 -73.46 40.54
N VAL R 130 26.92 -73.75 40.33
CA VAL R 130 26.25 -74.74 41.16
C VAL R 130 26.96 -76.07 40.95
N THR R 131 27.10 -76.82 42.04
CA THR R 131 27.85 -78.06 42.00
C THR R 131 27.23 -79.02 41.00
N LYS R 132 28.10 -79.73 40.27
CA LYS R 132 27.64 -80.70 39.30
C LYS R 132 26.85 -81.80 40.00
N ALA R 133 25.67 -82.07 39.48
CA ALA R 133 24.74 -83.03 40.07
C ALA R 133 24.13 -83.88 38.97
N THR R 134 23.82 -85.13 39.34
CA THR R 134 23.20 -86.06 38.42
C THR R 134 21.68 -85.96 38.48
N ALA R 135 21.10 -86.01 39.69
CA ALA R 135 19.66 -85.91 39.88
C ALA R 135 19.41 -85.03 41.10
N LEU R 136 19.31 -83.74 40.87
CA LEU R 136 18.99 -82.77 41.90
C LEU R 136 17.49 -82.50 41.90
N THR R 137 16.93 -82.32 43.08
CA THR R 137 15.48 -82.25 43.28
C THR R 137 14.88 -80.92 42.85
N TYR R 138 15.64 -80.04 42.23
CA TYR R 138 15.12 -78.74 41.83
C TYR R 138 16.02 -78.18 40.74
N ASP R 139 15.53 -77.14 40.08
CA ASP R 139 16.28 -76.42 39.05
C ASP R 139 16.95 -75.23 39.71
N PRO R 140 18.27 -75.25 39.92
CA PRO R 140 18.87 -74.11 40.64
C PRO R 140 18.90 -72.84 39.82
N TYR R 141 19.02 -72.95 38.50
CA TYR R 141 19.16 -71.80 37.63
C TYR R 141 17.83 -71.21 37.19
N VAL R 142 16.74 -71.55 37.88
CA VAL R 142 15.42 -71.16 37.41
C VAL R 142 15.12 -69.72 37.79
N ASN R 143 15.50 -69.29 38.97
CA ASN R 143 15.21 -67.95 39.45
C ASN R 143 16.30 -66.96 39.09
N TYR R 144 17.30 -67.38 38.33
CA TYR R 144 18.35 -66.47 37.89
C TYR R 144 17.80 -65.47 36.90
N SER R 145 18.31 -64.24 37.01
CA SER R 145 17.89 -63.17 36.12
C SER R 145 18.26 -63.43 34.68
N SER R 146 19.26 -64.27 34.43
CA SER R 146 19.70 -64.63 33.09
C SER R 146 19.20 -65.99 32.65
N ARG R 147 18.12 -66.47 33.24
CA ARG R 147 17.59 -67.77 32.90
C ARG R 147 16.81 -67.70 31.61
N HIS R 148 17.11 -68.64 30.71
CA HIS R 148 16.30 -68.93 29.54
C HIS R 148 15.83 -70.36 29.68
N THR R 149 14.57 -70.60 29.34
CA THR R 149 14.01 -71.93 29.42
C THR R 149 14.57 -72.82 28.34
N ILE R 150 14.91 -74.04 28.71
CA ILE R 150 15.34 -75.08 27.80
C ILE R 150 14.17 -76.04 27.68
N THR R 151 13.53 -76.04 26.52
CA THR R 151 12.62 -77.11 26.17
C THR R 151 13.44 -78.32 25.73
N GLN R 152 13.05 -79.48 26.20
CA GLN R 152 13.76 -80.73 25.98
C GLN R 152 12.83 -81.74 25.35
N PRO R 153 13.37 -82.75 24.66
CA PRO R 153 14.74 -83.05 24.26
C PRO R 153 15.10 -82.64 22.84
N PHE R 154 14.09 -82.35 22.02
CA PHE R 154 14.26 -82.20 20.59
C PHE R 154 14.18 -80.75 20.14
N SER R 155 14.56 -79.82 20.99
CA SER R 155 14.41 -78.40 20.73
C SER R 155 15.75 -77.71 20.81
N TYR R 156 15.93 -76.72 19.95
CA TYR R 156 17.15 -75.95 19.85
C TYR R 156 17.17 -74.84 20.88
N HIS R 157 18.34 -74.62 21.46
CA HIS R 157 18.55 -73.63 22.49
C HIS R 157 19.84 -72.88 22.18
N SER R 158 19.74 -71.56 22.04
CA SER R 158 20.87 -70.70 21.81
C SER R 158 21.01 -69.72 22.96
N ARG R 159 22.25 -69.33 23.24
CA ARG R 159 22.57 -68.30 24.22
C ARG R 159 23.69 -67.46 23.63
N TYR R 160 23.49 -66.15 23.59
CA TYR R 160 24.41 -65.21 23.01
C TYR R 160 24.73 -64.15 24.05
N PHE R 161 25.97 -64.10 24.48
CA PHE R 161 26.35 -63.28 25.61
C PHE R 161 27.83 -62.94 25.50
N THR R 162 28.28 -62.09 26.41
CA THR R 162 29.66 -61.63 26.49
C THR R 162 30.34 -62.28 27.69
N PRO R 163 31.30 -63.18 27.49
CA PRO R 163 31.94 -63.80 28.64
C PRO R 163 32.93 -62.88 29.33
N LYS R 164 33.53 -63.37 30.41
CA LYS R 164 34.50 -62.63 31.19
C LYS R 164 35.64 -63.55 31.53
N PRO R 165 36.88 -63.05 31.56
CA PRO R 165 38.01 -63.91 31.91
C PRO R 165 38.20 -64.06 33.41
N VAL R 166 38.86 -65.15 33.76
CA VAL R 166 39.14 -65.49 35.15
C VAL R 166 40.51 -64.90 35.46
N LEU R 167 40.51 -63.66 35.91
CA LEU R 167 41.73 -62.97 36.26
C LEU R 167 42.21 -63.34 37.65
N ASP R 168 41.29 -63.39 38.62
CA ASP R 168 41.59 -63.83 39.98
C ASP R 168 40.42 -64.67 40.45
N SER R 169 40.63 -65.97 40.57
CA SER R 169 39.60 -66.86 41.04
C SER R 169 39.31 -66.72 42.52
N THR R 170 40.22 -66.11 43.28
CA THR R 170 40.00 -65.90 44.70
C THR R 170 38.99 -64.78 44.96
N ILE R 171 39.07 -63.71 44.18
CA ILE R 171 38.23 -62.53 44.37
C ILE R 171 37.09 -62.56 43.37
N ASP R 172 37.36 -63.07 42.17
CA ASP R 172 36.37 -63.24 41.13
C ASP R 172 35.73 -61.91 40.75
N TYR R 173 36.56 -61.02 40.20
CA TYR R 173 36.14 -59.72 39.73
C TYR R 173 36.09 -59.70 38.21
N PHE R 174 35.14 -58.93 37.67
CA PHE R 174 34.99 -58.81 36.24
C PHE R 174 34.45 -57.44 35.90
N GLN R 175 34.57 -57.11 34.68
CA GLN R 175 34.19 -55.82 34.14
C GLN R 175 32.76 -55.85 33.62
N PRO R 176 32.04 -54.74 33.66
CA PRO R 176 30.77 -54.68 32.94
C PRO R 176 30.99 -54.56 31.44
N ASN R 177 29.90 -54.64 30.69
CA ASN R 177 29.99 -54.67 29.25
C ASN R 177 30.30 -53.28 28.73
N ASN R 178 31.45 -53.15 28.07
CA ASN R 178 31.87 -51.90 27.47
C ASN R 178 32.83 -52.27 26.36
N LYS R 179 32.44 -52.03 25.11
CA LYS R 179 33.29 -52.42 24.01
C LYS R 179 34.57 -51.61 23.97
N ARG R 180 34.54 -50.37 24.46
CA ARG R 180 35.69 -49.49 24.37
C ARG R 180 36.69 -49.73 25.49
N ASN R 181 36.25 -50.24 26.62
CA ASN R 181 37.08 -50.40 27.81
C ASN R 181 37.42 -51.86 28.10
N GLN R 182 37.01 -52.79 27.26
CA GLN R 182 37.28 -54.20 27.50
C GLN R 182 38.78 -54.46 27.43
N LEU R 183 39.26 -55.23 28.39
CA LEU R 183 40.67 -55.52 28.49
C LEU R 183 41.14 -56.36 27.31
N TRP R 184 42.38 -56.09 26.89
CA TRP R 184 43.08 -56.93 25.94
C TRP R 184 43.94 -57.92 26.71
N LEU R 185 43.75 -59.19 26.43
CA LEU R 185 44.61 -60.23 26.94
C LEU R 185 45.65 -60.59 25.90
N ARG R 186 46.67 -61.30 26.34
CA ARG R 186 47.69 -61.81 25.44
C ARG R 186 47.31 -63.20 24.96
N LEU R 187 47.55 -63.43 23.68
CA LEU R 187 47.38 -64.74 23.07
C LEU R 187 48.63 -65.55 23.39
N GLN R 188 48.56 -66.29 24.49
CA GLN R 188 49.69 -67.09 24.93
C GLN R 188 49.90 -68.26 23.98
N THR R 189 50.99 -68.97 24.22
CA THR R 189 51.34 -70.11 23.37
C THR R 189 50.55 -71.36 23.74
N ALA R 190 50.59 -71.75 25.02
CA ALA R 190 49.85 -72.92 25.47
C ALA R 190 49.23 -72.75 26.85
N GLY R 191 48.95 -71.53 27.28
CA GLY R 191 48.50 -71.28 28.64
C GLY R 191 47.44 -70.21 28.80
N ASN R 192 46.58 -70.08 27.80
CA ASN R 192 45.57 -69.03 27.84
C ASN R 192 44.58 -69.25 28.98
N VAL R 193 43.95 -68.16 29.37
CA VAL R 193 43.09 -68.12 30.55
C VAL R 193 41.67 -68.52 30.16
N ASP R 194 40.99 -69.18 31.09
CA ASP R 194 39.65 -69.68 30.83
C ASP R 194 38.64 -68.56 30.95
N HIS R 195 37.80 -68.43 29.94
CA HIS R 195 36.62 -67.59 30.02
C HIS R 195 35.44 -68.42 30.46
N VAL R 196 34.46 -67.74 31.03
CA VAL R 196 33.40 -68.38 31.78
C VAL R 196 32.09 -67.64 31.48
N GLY R 197 30.97 -68.27 31.81
CA GLY R 197 29.70 -67.67 31.47
C GLY R 197 28.50 -68.52 31.11
N LEU R 198 28.52 -69.84 31.31
CA LEU R 198 27.27 -70.58 31.14
C LEU R 198 27.18 -71.78 32.06
N GLY R 199 26.01 -71.90 32.68
CA GLY R 199 25.65 -73.08 33.44
C GLY R 199 24.25 -73.50 33.09
N THR R 200 24.04 -74.82 33.14
CA THR R 200 22.82 -75.44 32.63
C THR R 200 22.19 -76.33 33.69
N ALA R 201 20.92 -76.61 33.47
CA ALA R 201 20.18 -77.59 34.27
C ALA R 201 19.18 -78.28 33.36
N PHE R 202 19.41 -79.56 33.09
CA PHE R 202 18.56 -80.36 32.24
C PHE R 202 17.74 -81.33 33.06
N GLU R 203 16.46 -81.43 32.74
CA GLU R 203 15.57 -82.35 33.42
C GLU R 203 15.80 -83.75 32.89
N ASN R 204 16.02 -84.69 33.81
CA ASN R 204 16.32 -86.05 33.44
C ASN R 204 15.09 -86.74 32.86
N SER R 205 15.33 -87.90 32.25
CA SER R 205 14.29 -88.61 31.51
C SER R 205 14.61 -90.10 31.52
N ILE R 206 13.62 -90.89 31.11
CA ILE R 206 13.81 -92.32 30.98
C ILE R 206 14.73 -92.64 29.83
N TYR R 207 14.75 -91.80 28.80
CA TYR R 207 15.59 -91.97 27.63
C TYR R 207 16.80 -91.06 27.70
N ASP R 208 17.86 -91.45 27.00
CA ASP R 208 19.05 -90.63 26.94
C ASP R 208 18.83 -89.44 26.04
N GLN R 209 19.25 -88.27 26.51
CA GLN R 209 19.14 -87.01 25.79
C GLN R 209 20.52 -86.57 25.36
N GLU R 210 20.80 -86.66 24.06
CA GLU R 210 22.08 -86.28 23.51
C GLU R 210 21.98 -84.94 22.81
N TYR R 211 23.09 -84.22 22.80
CA TYR R 211 23.19 -82.91 22.16
C TYR R 211 24.56 -82.78 21.51
N ASN R 212 24.59 -82.05 20.40
CA ASN R 212 25.82 -81.61 19.76
C ASN R 212 25.94 -80.12 19.99
N ILE R 213 26.90 -79.72 20.82
CA ILE R 213 27.02 -78.34 21.24
C ILE R 213 28.07 -77.66 20.39
N ARG R 214 27.67 -76.57 19.73
CA ARG R 214 28.54 -75.79 18.86
C ARG R 214 28.74 -74.43 19.51
N VAL R 215 29.95 -74.17 19.97
CA VAL R 215 30.33 -72.90 20.55
C VAL R 215 31.03 -72.09 19.49
N THR R 216 30.61 -70.85 19.33
CA THR R 216 31.18 -69.90 18.38
C THR R 216 31.62 -68.68 19.17
N MET R 217 32.91 -68.38 19.13
CA MET R 217 33.48 -67.21 19.78
C MET R 217 33.78 -66.13 18.76
N TYR R 218 33.28 -64.94 19.01
CA TYR R 218 33.54 -63.77 18.20
C TYR R 218 34.64 -62.96 18.87
N VAL R 219 35.82 -63.00 18.28
CA VAL R 219 37.03 -62.48 18.90
C VAL R 219 37.50 -61.27 18.12
N GLN R 220 38.44 -60.54 18.73
CA GLN R 220 39.00 -59.33 18.18
C GLN R 220 40.48 -59.34 18.54
N PHE R 221 41.32 -59.42 17.53
CA PHE R 221 42.77 -59.48 17.70
C PHE R 221 43.39 -58.12 17.45
N ARG R 222 44.69 -58.02 17.74
CA ARG R 222 45.41 -56.77 17.63
C ARG R 222 46.89 -57.08 17.43
N GLU R 223 47.56 -56.18 16.71
CA GLU R 223 49.01 -56.21 16.53
C GLU R 223 49.47 -57.48 15.81
N PHE R 224 49.12 -57.51 14.53
CA PHE R 224 49.68 -58.45 13.56
C PHE R 224 51.18 -58.58 13.74
N ASN R 225 51.65 -59.79 13.99
CA ASN R 225 53.02 -60.03 14.40
C ASN R 225 53.65 -61.18 13.64
N LEU R 226 53.40 -61.24 12.35
CA LEU R 226 53.97 -62.32 11.55
C LEU R 226 55.48 -62.19 11.50
N LYS R 227 56.14 -63.34 11.51
CA LYS R 227 57.59 -63.43 11.44
C LYS R 227 57.97 -64.22 10.21
N ASP R 228 58.85 -63.65 9.39
CA ASP R 228 59.21 -64.20 8.09
C ASP R 228 60.71 -64.39 8.01
N PRO R 229 61.22 -65.51 8.53
CA PRO R 229 62.62 -65.82 8.36
C PRO R 229 62.91 -66.26 6.93
N PRO R 230 64.18 -66.31 6.53
CA PRO R 230 64.50 -66.86 5.22
C PRO R 230 64.27 -68.36 5.13
N LEU R 231 64.56 -68.94 3.97
CA LEU R 231 64.35 -70.36 3.73
C LEU R 231 65.49 -70.96 2.91
N GLY S 43 10.54 -49.23 51.40
CA GLY S 43 11.61 -49.89 50.67
C GLY S 43 11.12 -50.99 49.77
N ILE S 44 10.66 -50.60 48.59
CA ILE S 44 10.01 -51.51 47.67
C ILE S 44 11.04 -52.33 46.92
N PHE S 45 10.70 -53.59 46.68
CA PHE S 45 11.53 -54.48 45.87
C PHE S 45 10.60 -55.45 45.16
N ASN S 46 10.36 -55.19 43.87
CA ASN S 46 9.62 -56.10 43.04
C ASN S 46 10.55 -57.17 42.50
N THR S 47 10.18 -58.43 42.69
CA THR S 47 10.95 -59.55 42.18
C THR S 47 10.01 -60.63 41.67
N ARG S 48 10.57 -61.81 41.43
CA ARG S 48 9.90 -62.92 40.80
C ARG S 48 10.37 -64.21 41.42
N LEU S 49 9.42 -65.02 41.89
CA LEU S 49 9.70 -66.28 42.55
C LEU S 49 8.94 -67.37 41.83
N SER S 50 9.61 -68.51 41.64
CA SER S 50 9.10 -69.62 40.87
C SER S 50 9.16 -70.92 41.68
N ARG S 51 8.51 -71.93 41.13
CA ARG S 51 8.30 -73.22 41.76
C ARG S 51 7.73 -74.14 40.71
N THR S 52 8.17 -75.39 40.73
CA THR S 52 7.80 -76.38 39.71
C THR S 52 7.35 -77.66 40.39
N PHE S 53 6.29 -78.26 39.85
CA PHE S 53 5.75 -79.50 40.39
C PHE S 53 4.93 -80.18 39.31
N GLY S 54 4.56 -81.42 39.58
CA GLY S 54 3.85 -82.25 38.63
C GLY S 54 2.37 -82.42 38.87
N TYR S 55 1.65 -82.74 37.80
CA TYR S 55 0.24 -83.06 37.85
C TYR S 55 -0.07 -84.05 36.75
N THR S 56 -0.77 -85.12 37.10
CA THR S 56 -1.11 -86.18 36.18
C THR S 56 -2.60 -86.44 36.20
N ILE S 57 -3.16 -86.64 35.01
CA ILE S 57 -4.54 -87.06 34.82
C ILE S 57 -4.47 -88.53 34.41
N LYS S 58 -4.82 -89.41 35.34
CA LYS S 58 -4.73 -90.83 35.08
C LYS S 58 -5.74 -91.27 34.03
N ARG S 59 -5.44 -92.40 33.41
CA ARG S 59 -6.28 -92.96 32.37
C ARG S 59 -7.59 -93.50 32.93
N THR S 60 -8.57 -93.63 32.04
CA THR S 60 -9.88 -94.18 32.38
C THR S 60 -10.39 -95.03 31.22
N THR S 61 -10.98 -96.17 31.56
CA THR S 61 -11.66 -97.01 30.58
C THR S 61 -13.03 -96.48 30.19
N VAL S 62 -13.51 -95.41 30.84
CA VAL S 62 -14.80 -94.85 30.50
C VAL S 62 -14.82 -94.39 29.06
N LYS S 63 -15.92 -94.68 28.37
CA LYS S 63 -16.04 -94.36 26.95
C LYS S 63 -16.49 -92.93 26.73
N THR S 64 -17.36 -92.43 27.59
CA THR S 64 -17.92 -91.11 27.42
C THR S 64 -16.86 -90.03 27.55
N PRO S 65 -17.15 -88.81 27.13
CA PRO S 65 -16.29 -87.69 27.46
C PRO S 65 -16.54 -87.23 28.88
N SER S 66 -15.61 -87.53 29.78
CA SER S 66 -15.66 -87.09 31.15
C SER S 66 -14.46 -86.20 31.43
N TRP S 67 -14.61 -85.36 32.44
CA TRP S 67 -13.58 -84.40 32.82
C TRP S 67 -13.12 -84.64 34.24
N ALA S 68 -11.84 -84.32 34.46
CA ALA S 68 -11.20 -84.43 35.76
C ALA S 68 -11.00 -83.04 36.32
N VAL S 69 -11.58 -82.79 37.47
CA VAL S 69 -11.59 -81.47 38.09
C VAL S 69 -10.59 -81.45 39.23
N ASP S 70 -9.90 -80.33 39.37
CA ASP S 70 -8.95 -80.14 40.45
C ASP S 70 -8.78 -78.66 40.68
N MET S 71 -8.15 -78.34 41.81
CA MET S 71 -7.97 -76.98 42.28
C MET S 71 -6.49 -76.65 42.39
N MET S 72 -6.22 -75.36 42.58
CA MET S 72 -4.84 -74.88 42.66
C MET S 72 -4.82 -73.61 43.51
N ARG S 73 -4.16 -73.70 44.66
CA ARG S 73 -3.92 -72.57 45.54
C ARG S 73 -2.45 -72.17 45.46
N PHE S 74 -2.14 -71.00 46.00
CA PHE S 74 -0.79 -70.45 45.98
C PHE S 74 -0.46 -69.90 47.35
N ASN S 75 0.64 -70.38 47.93
CA ASN S 75 1.16 -69.87 49.19
C ASN S 75 2.62 -69.51 49.01
N ILE S 76 3.07 -68.51 49.77
CA ILE S 76 4.42 -67.99 49.64
C ILE S 76 5.44 -68.84 50.38
N ASN S 77 5.00 -69.74 51.27
CA ASN S 77 5.96 -70.63 51.91
C ASN S 77 6.58 -71.59 50.92
N ASP S 78 5.84 -71.95 49.87
CA ASP S 78 6.34 -72.86 48.86
C ASP S 78 7.31 -72.21 47.89
N PHE S 79 7.39 -70.88 47.89
CA PHE S 79 8.30 -70.14 47.03
C PHE S 79 9.46 -69.52 47.79
N LEU S 80 9.22 -69.13 49.04
CA LEU S 80 10.21 -68.46 49.88
C LEU S 80 10.61 -69.35 51.03
N PRO S 81 11.83 -69.88 51.10
CA PRO S 81 12.17 -70.78 52.18
C PRO S 81 12.41 -70.02 53.47
N PRO S 82 12.56 -70.73 54.58
CA PRO S 82 12.97 -70.07 55.81
C PRO S 82 14.42 -69.65 55.76
N GLY S 83 14.72 -68.55 56.43
CA GLY S 83 16.05 -68.02 56.44
C GLY S 83 16.94 -68.68 57.47
N GLY S 84 17.78 -67.88 58.12
CA GLY S 84 18.67 -68.39 59.12
C GLY S 84 19.12 -67.32 60.09
N GLY S 85 19.04 -67.62 61.37
CA GLY S 85 19.46 -66.69 62.39
C GLY S 85 18.37 -65.71 62.78
N SER S 86 18.77 -64.46 63.00
CA SER S 86 17.82 -63.44 63.40
C SER S 86 16.86 -63.05 62.28
N ASN S 87 17.18 -63.41 61.04
CA ASN S 87 16.30 -63.18 59.91
C ASN S 87 15.46 -64.43 59.69
N PRO S 88 14.15 -64.41 59.97
CA PRO S 88 13.38 -65.66 59.88
C PRO S 88 13.16 -66.14 58.46
N ARG S 89 13.24 -65.25 57.48
CA ARG S 89 13.02 -65.58 56.08
C ARG S 89 14.26 -65.22 55.26
N SER S 90 14.32 -65.80 54.07
CA SER S 90 15.50 -65.66 53.22
C SER S 90 15.52 -64.35 52.46
N VAL S 91 14.36 -63.74 52.24
CA VAL S 91 14.25 -62.41 51.66
C VAL S 91 13.99 -61.44 52.81
N PRO S 92 14.93 -60.56 53.16
CA PRO S 92 14.74 -59.79 54.39
C PRO S 92 13.82 -58.59 54.25
N PHE S 93 12.53 -58.87 54.27
CA PHE S 93 11.51 -57.85 54.22
C PHE S 93 10.38 -58.24 55.17
N GLU S 94 9.58 -57.25 55.53
CA GLU S 94 8.50 -57.40 56.49
C GLU S 94 7.16 -57.70 55.83
N TYR S 95 6.79 -56.90 54.85
CA TYR S 95 5.48 -56.96 54.22
C TYR S 95 5.60 -57.46 52.79
N TYR S 96 4.49 -57.93 52.26
CA TYR S 96 4.43 -58.38 50.89
C TYR S 96 3.01 -58.26 50.36
N ARG S 97 2.89 -58.31 49.05
CA ARG S 97 1.60 -58.42 48.39
C ARG S 97 1.83 -58.98 47.01
N ILE S 98 1.09 -60.02 46.67
CA ILE S 98 1.28 -60.71 45.41
C ILE S 98 0.55 -59.94 44.32
N ARG S 99 1.29 -59.53 43.30
CA ARG S 99 0.76 -58.73 42.20
C ARG S 99 0.15 -59.60 41.11
N LYS S 100 0.87 -60.62 40.68
CA LYS S 100 0.44 -61.48 39.59
C LYS S 100 0.97 -62.87 39.83
N VAL S 101 0.34 -63.83 39.16
CA VAL S 101 0.82 -65.21 39.11
C VAL S 101 0.71 -65.68 37.67
N LYS S 102 1.70 -66.46 37.26
CA LYS S 102 1.74 -67.10 35.94
C LYS S 102 1.82 -68.60 36.16
N VAL S 103 0.73 -69.28 35.88
CA VAL S 103 0.69 -70.73 35.90
C VAL S 103 0.92 -71.24 34.49
N GLU S 104 1.92 -72.10 34.33
CA GLU S 104 2.31 -72.64 33.05
C GLU S 104 2.18 -74.16 33.12
N PHE S 105 1.30 -74.71 32.30
CA PHE S 105 1.19 -76.16 32.14
C PHE S 105 2.11 -76.56 31.00
N TRP S 106 3.29 -77.04 31.37
CA TRP S 106 4.24 -77.53 30.39
C TRP S 106 3.98 -79.01 30.16
N PRO S 107 3.64 -79.44 28.94
CA PRO S 107 3.28 -80.84 28.74
C PRO S 107 4.48 -81.76 28.87
N CYS S 108 4.16 -83.00 29.20
CA CYS S 108 5.12 -84.08 29.27
C CYS S 108 4.89 -85.15 28.22
N SER S 109 3.92 -84.97 27.36
CA SER S 109 3.43 -85.99 26.45
C SER S 109 3.89 -85.68 25.04
N PRO S 110 4.10 -86.70 24.21
CA PRO S 110 4.58 -86.45 22.85
C PRO S 110 3.49 -85.88 21.97
N ILE S 111 3.92 -85.26 20.88
CA ILE S 111 2.97 -84.70 19.92
C ILE S 111 2.29 -85.76 19.08
N THR S 112 2.68 -87.02 19.20
CA THR S 112 2.03 -88.12 18.51
C THR S 112 0.94 -88.77 19.34
N GLN S 113 0.67 -88.30 20.54
CA GLN S 113 -0.31 -88.94 21.40
C GLN S 113 -1.71 -88.61 20.92
N GLY S 114 -2.55 -89.63 20.85
CA GLY S 114 -3.91 -89.49 20.40
C GLY S 114 -4.89 -89.38 21.55
N ASP S 115 -6.16 -89.59 21.20
CA ASP S 115 -7.26 -89.43 22.15
C ASP S 115 -7.23 -88.04 22.76
N ARG S 116 -7.01 -87.05 21.92
CA ARG S 116 -6.92 -85.68 22.36
C ARG S 116 -8.25 -85.21 22.91
N GLY S 117 -8.21 -84.07 23.60
CA GLY S 117 -9.34 -83.57 24.30
C GLY S 117 -9.35 -82.06 24.42
N VAL S 118 -10.31 -81.54 25.17
CA VAL S 118 -10.47 -80.10 25.31
C VAL S 118 -11.02 -79.81 26.69
N GLY S 119 -10.36 -78.92 27.41
CA GLY S 119 -10.69 -78.59 28.77
C GLY S 119 -10.83 -77.10 28.99
N SER S 120 -10.78 -76.70 30.25
CA SER S 120 -11.03 -75.32 30.61
C SER S 120 -10.31 -74.99 31.92
N SER S 121 -9.75 -73.80 31.97
CA SER S 121 -9.15 -73.24 33.18
C SER S 121 -9.82 -71.93 33.50
N ALA S 122 -10.24 -71.79 34.76
CA ALA S 122 -10.95 -70.60 35.22
C ALA S 122 -10.30 -70.06 36.48
N VAL S 123 -10.59 -68.80 36.75
CA VAL S 123 -10.00 -68.05 37.86
C VAL S 123 -11.03 -67.96 38.97
N ILE S 124 -10.67 -68.48 40.14
CA ILE S 124 -11.60 -68.66 41.26
C ILE S 124 -10.96 -67.99 42.47
N LEU S 125 -11.40 -66.78 42.78
CA LEU S 125 -10.74 -65.93 43.76
C LEU S 125 -11.35 -66.01 45.15
N ASP S 126 -11.97 -67.14 45.53
CA ASP S 126 -12.75 -67.19 46.77
C ASP S 126 -12.68 -68.48 47.56
N ASP S 127 -11.89 -69.46 47.15
CA ASP S 127 -11.67 -70.67 47.94
C ASP S 127 -12.91 -71.55 48.01
N ASN S 128 -13.78 -71.46 47.00
CA ASN S 128 -14.89 -72.38 46.85
C ASN S 128 -14.84 -72.85 45.40
N PHE S 129 -14.13 -73.94 45.20
CA PHE S 129 -13.96 -74.56 43.91
C PHE S 129 -15.04 -75.59 43.67
N VAL S 130 -15.21 -75.95 42.40
CA VAL S 130 -15.99 -77.14 42.08
C VAL S 130 -15.31 -78.32 42.72
N THR S 131 -16.12 -79.24 43.25
CA THR S 131 -15.59 -80.38 43.98
C THR S 131 -14.67 -81.20 43.09
N LYS S 132 -13.59 -81.69 43.69
CA LYS S 132 -12.64 -82.51 42.95
C LYS S 132 -13.31 -83.79 42.49
N ALA S 133 -13.17 -84.08 41.21
CA ALA S 133 -13.81 -85.21 40.57
C ALA S 133 -12.83 -85.90 39.65
N THR S 134 -13.01 -87.21 39.52
CA THR S 134 -12.19 -88.03 38.65
C THR S 134 -12.74 -88.09 37.23
N ALA S 135 -14.04 -88.40 37.11
CA ALA S 135 -14.71 -88.48 35.81
C ALA S 135 -16.09 -87.86 35.95
N LEU S 136 -16.16 -86.55 35.74
CA LEU S 136 -17.41 -85.83 35.74
C LEU S 136 -17.95 -85.71 34.32
N THR S 137 -19.26 -85.80 34.18
CA THR S 137 -19.91 -85.89 32.88
C THR S 137 -19.98 -84.58 32.13
N TYR S 138 -19.33 -83.53 32.61
CA TYR S 138 -19.37 -82.24 31.94
C TYR S 138 -18.20 -81.41 32.42
N ASP S 139 -17.94 -80.32 31.69
CA ASP S 139 -16.90 -79.37 32.05
C ASP S 139 -17.53 -78.25 32.85
N PRO S 140 -17.30 -78.17 34.17
CA PRO S 140 -17.99 -77.13 34.93
C PRO S 140 -17.49 -75.74 34.65
N TYR S 141 -16.21 -75.61 34.32
CA TYR S 141 -15.58 -74.32 34.13
C TYR S 141 -15.73 -73.79 32.71
N VAL S 142 -16.63 -74.35 31.92
CA VAL S 142 -16.71 -74.01 30.51
C VAL S 142 -17.44 -72.69 30.30
N ASN S 143 -18.51 -72.45 31.05
CA ASN S 143 -19.30 -71.25 30.88
C ASN S 143 -18.81 -70.11 31.77
N TYR S 144 -17.70 -70.28 32.47
CA TYR S 144 -17.15 -69.22 33.28
C TYR S 144 -16.60 -68.11 32.40
N SER S 145 -16.78 -66.88 32.87
CA SER S 145 -16.30 -65.71 32.15
C SER S 145 -14.79 -65.67 32.02
N SER S 146 -14.08 -66.36 32.91
CA SER S 146 -12.63 -66.43 32.89
C SER S 146 -12.11 -67.74 32.32
N ARG S 147 -12.91 -68.41 31.51
CA ARG S 147 -12.51 -69.68 30.94
C ARG S 147 -11.57 -69.46 29.78
N HIS S 148 -10.46 -70.18 29.79
CA HIS S 148 -9.58 -70.34 28.64
C HIS S 148 -9.58 -71.81 28.30
N THR S 149 -9.61 -72.10 27.00
CA THR S 149 -9.61 -73.47 26.54
C THR S 149 -8.24 -74.11 26.73
N ILE S 150 -8.25 -75.33 27.22
CA ILE S 150 -7.05 -76.15 27.35
C ILE S 150 -7.13 -77.18 26.24
N THR S 151 -6.26 -77.03 25.26
CA THR S 151 -6.00 -78.11 24.32
C THR S 151 -5.10 -79.14 24.98
N GLN S 152 -5.44 -80.41 24.81
CA GLN S 152 -4.75 -81.51 25.45
C GLN S 152 -4.27 -82.48 24.38
N PRO S 153 -3.25 -83.31 24.70
CA PRO S 153 -2.38 -83.38 25.87
C PRO S 153 -1.04 -82.69 25.72
N PHE S 154 -0.67 -82.37 24.49
CA PHE S 154 0.69 -81.95 24.17
C PHE S 154 0.80 -80.46 23.90
N SER S 155 -0.06 -79.66 24.51
CA SER S 155 -0.14 -78.24 24.24
C SER S 155 0.07 -77.45 25.51
N TYR S 156 0.73 -76.31 25.35
CA TYR S 156 1.07 -75.42 26.44
C TYR S 156 -0.10 -74.51 26.77
N HIS S 157 -0.31 -74.29 28.06
CA HIS S 157 -1.39 -73.48 28.57
C HIS S 157 -0.84 -72.57 29.66
N SER S 158 -1.00 -71.26 29.47
CA SER S 158 -0.61 -70.26 30.44
C SER S 158 -1.82 -69.49 30.91
N ARG S 159 -1.76 -69.05 32.16
CA ARG S 159 -2.77 -68.18 32.75
C ARG S 159 -2.03 -67.15 33.59
N TYR S 160 -2.31 -65.87 33.34
CA TYR S 160 -1.67 -64.76 33.99
C TYR S 160 -2.75 -63.87 34.60
N PHE S 161 -2.75 -63.79 35.92
CA PHE S 161 -3.84 -63.13 36.63
C PHE S 161 -3.33 -62.65 37.97
N THR S 162 -4.21 -61.94 38.68
CA THR S 162 -3.92 -61.37 39.99
C THR S 162 -4.67 -62.14 41.05
N PRO S 163 -4.02 -62.89 41.92
CA PRO S 163 -4.76 -63.65 42.92
C PRO S 163 -5.25 -62.79 44.06
N LYS S 164 -5.96 -63.40 44.99
CA LYS S 164 -6.52 -62.71 46.13
C LYS S 164 -6.28 -63.56 47.37
N PRO S 165 -6.03 -62.96 48.52
CA PRO S 165 -5.81 -63.76 49.72
C PRO S 165 -7.11 -64.15 50.41
N VAL S 166 -7.00 -65.22 51.19
CA VAL S 166 -8.13 -65.77 51.93
C VAL S 166 -8.09 -65.12 53.30
N LEU S 167 -8.76 -63.98 53.41
CA LEU S 167 -8.83 -63.25 54.67
C LEU S 167 -9.90 -63.82 55.58
N ASP S 168 -11.07 -64.11 55.04
CA ASP S 168 -12.14 -64.76 55.80
C ASP S 168 -12.80 -65.78 54.88
N SER S 169 -12.57 -67.06 55.16
CA SER S 169 -13.16 -68.12 54.36
C SER S 169 -14.66 -68.26 54.59
N THR S 170 -15.20 -67.70 55.66
CA THR S 170 -16.63 -67.77 55.93
C THR S 170 -17.41 -66.82 55.04
N ILE S 171 -16.87 -65.63 54.81
CA ILE S 171 -17.55 -64.59 54.04
C ILE S 171 -16.98 -64.55 52.64
N ASP S 172 -15.69 -64.82 52.52
CA ASP S 172 -15.01 -64.89 51.23
C ASP S 172 -15.13 -63.57 50.46
N TYR S 173 -14.52 -62.53 51.04
CA TYR S 173 -14.48 -61.21 50.44
C TYR S 173 -13.10 -60.94 49.89
N PHE S 174 -13.05 -60.18 48.79
CA PHE S 174 -11.80 -59.82 48.16
C PHE S 174 -11.93 -58.46 47.50
N GLN S 175 -10.84 -57.91 47.20
CA GLN S 175 -10.71 -56.59 46.61
C GLN S 175 -10.68 -56.67 45.09
N PRO S 176 -11.17 -55.66 44.40
CA PRO S 176 -10.91 -55.58 42.96
C PRO S 176 -9.49 -55.20 42.66
N ASN S 177 -9.13 -55.24 41.38
CA ASN S 177 -7.75 -55.00 40.98
C ASN S 177 -7.44 -53.52 41.06
N ASN S 178 -6.50 -53.16 41.93
CA ASN S 178 -6.05 -51.80 42.08
C ASN S 178 -4.64 -51.87 42.62
N LYS S 179 -3.67 -51.45 41.84
CA LYS S 179 -2.29 -51.55 42.28
C LYS S 179 -2.01 -50.64 43.45
N ARG S 180 -2.72 -49.51 43.54
CA ARG S 180 -2.43 -48.52 44.57
C ARG S 180 -3.10 -48.85 45.89
N ASN S 181 -4.20 -49.60 45.86
CA ASN S 181 -4.99 -49.89 47.05
C ASN S 181 -4.86 -51.33 47.52
N GLN S 182 -4.03 -52.14 46.88
CA GLN S 182 -3.89 -53.53 47.27
C GLN S 182 -3.29 -53.64 48.66
N LEU S 183 -3.87 -54.50 49.46
CA LEU S 183 -3.45 -54.68 50.83
C LEU S 183 -2.05 -55.24 50.91
N TRP S 184 -1.32 -54.79 51.92
CA TRP S 184 -0.04 -55.38 52.29
C TRP S 184 -0.29 -56.40 53.39
N LEU S 185 0.17 -57.61 53.16
CA LEU S 185 0.19 -58.65 54.17
C LEU S 185 1.56 -58.70 54.81
N ARG S 186 1.61 -59.38 55.95
CA ARG S 186 2.87 -59.63 56.63
C ARG S 186 3.47 -60.94 56.16
N LEU S 187 4.78 -60.92 55.95
CA LEU S 187 5.55 -62.10 55.65
C LEU S 187 5.81 -62.82 56.95
N GLN S 188 4.93 -63.75 57.28
CA GLN S 188 5.03 -64.51 58.51
C GLN S 188 6.22 -65.46 58.43
N THR S 189 6.49 -66.11 59.56
CA THR S 189 7.62 -67.03 59.64
C THR S 189 7.26 -68.40 59.06
N ALA S 190 6.17 -69.01 59.54
CA ALA S 190 5.75 -70.31 59.02
C ALA S 190 4.23 -70.45 58.90
N GLY S 191 3.50 -69.35 58.74
CA GLY S 191 2.05 -69.39 58.77
C GLY S 191 1.36 -68.48 57.79
N ASN S 192 1.96 -68.25 56.64
CA ASN S 192 1.41 -67.34 55.66
C ASN S 192 0.07 -67.83 55.12
N VAL S 193 -0.71 -66.90 54.62
CA VAL S 193 -2.07 -67.15 54.20
C VAL S 193 -2.09 -67.61 52.76
N ASP S 194 -3.04 -68.48 52.43
CA ASP S 194 -3.13 -69.06 51.11
C ASP S 194 -3.79 -68.09 50.15
N HIS S 195 -3.15 -67.85 49.02
CA HIS S 195 -3.76 -67.16 47.91
C HIS S 195 -4.39 -68.16 46.97
N VAL S 196 -5.37 -67.69 46.21
CA VAL S 196 -6.28 -68.55 45.49
C VAL S 196 -6.56 -67.90 44.14
N GLY S 197 -7.11 -68.69 43.21
CA GLY S 197 -7.31 -68.16 41.87
C GLY S 197 -7.20 -69.05 40.66
N LEU S 198 -7.12 -70.37 40.78
CA LEU S 198 -7.20 -71.19 39.57
C LEU S 198 -7.85 -72.53 39.82
N GLY S 199 -8.78 -72.87 38.94
CA GLY S 199 -9.36 -74.19 38.89
C GLY S 199 -9.41 -74.69 37.48
N THR S 200 -9.26 -76.00 37.32
CA THR S 200 -9.06 -76.63 36.03
C THR S 200 -10.05 -77.76 35.82
N ALA S 201 -10.21 -78.12 34.55
CA ALA S 201 -10.99 -79.29 34.16
C ALA S 201 -10.33 -79.89 32.93
N PHE S 202 -9.77 -81.08 33.10
CA PHE S 202 -9.07 -81.79 32.04
C PHE S 202 -9.92 -82.97 31.58
N GLU S 203 -10.01 -83.13 30.27
CA GLU S 203 -10.73 -84.24 29.69
C GLU S 203 -9.89 -85.50 29.77
N ASN S 204 -10.49 -86.56 30.31
CA ASN S 204 -9.78 -87.80 30.52
C ASN S 204 -9.50 -88.49 29.19
N SER S 205 -8.62 -89.49 29.25
CA SER S 205 -8.13 -90.16 28.05
C SER S 205 -7.75 -91.58 28.40
N ILE S 206 -7.52 -92.38 27.35
CA ILE S 206 -7.06 -93.75 27.53
C ILE S 206 -5.63 -93.76 28.02
N TYR S 207 -4.85 -92.75 27.67
CA TYR S 207 -3.46 -92.64 28.08
C TYR S 207 -3.32 -91.63 29.22
N ASP S 208 -2.25 -91.80 29.98
CA ASP S 208 -1.97 -90.88 31.07
C ASP S 208 -1.45 -89.56 30.52
N GLN S 209 -1.98 -88.46 31.04
CA GLN S 209 -1.60 -87.11 30.65
C GLN S 209 -0.84 -86.47 31.80
N GLU S 210 0.46 -86.31 31.64
CA GLU S 210 1.31 -85.70 32.65
C GLU S 210 1.67 -84.28 32.27
N TYR S 211 1.89 -83.46 33.29
CA TYR S 211 2.24 -82.07 33.13
C TYR S 211 3.25 -81.69 34.19
N ASN S 212 4.15 -80.77 33.84
CA ASN S 212 5.06 -80.12 34.77
C ASN S 212 4.59 -78.68 34.91
N ILE S 213 4.04 -78.35 36.07
CA ILE S 213 3.41 -77.06 36.28
C ILE S 213 4.41 -76.14 36.97
N ARG S 214 4.67 -75.00 36.34
CA ARG S 214 5.60 -73.99 36.84
C ARG S 214 4.79 -72.75 37.20
N VAL S 215 4.70 -72.46 38.49
CA VAL S 215 4.04 -71.28 39.00
C VAL S 215 5.09 -70.23 39.27
N THR S 216 4.86 -69.03 38.78
CA THR S 216 5.72 -67.88 38.98
C THR S 216 4.89 -66.78 39.62
N MET S 217 5.28 -66.36 40.81
CA MET S 217 4.63 -65.27 41.52
C MET S 217 5.45 -64.00 41.43
N TYR S 218 4.82 -62.93 41.01
CA TYR S 218 5.43 -61.62 40.94
C TYR S 218 5.00 -60.84 42.17
N VAL S 219 5.93 -60.66 43.10
CA VAL S 219 5.64 -60.15 44.42
C VAL S 219 6.27 -58.77 44.58
N GLN S 220 5.85 -58.09 45.63
CA GLN S 220 6.32 -56.75 45.94
C GLN S 220 6.46 -56.68 47.45
N PHE S 221 7.69 -56.50 47.92
CA PHE S 221 7.99 -56.44 49.33
C PHE S 221 8.15 -55.01 49.80
N ARG S 222 8.29 -54.84 51.11
CA ARG S 222 8.37 -53.52 51.72
C ARG S 222 9.09 -53.65 53.05
N GLU S 223 9.79 -52.57 53.41
CA GLU S 223 10.43 -52.43 54.72
C GLU S 223 11.50 -53.51 54.95
N PHE S 224 12.57 -53.34 54.20
CA PHE S 224 13.84 -54.03 54.43
C PHE S 224 14.18 -54.05 55.91
N ASN S 225 14.34 -55.23 56.48
CA ASN S 225 14.45 -55.41 57.92
C ASN S 225 15.59 -56.35 58.29
N LEU S 226 16.71 -56.20 57.63
CA LEU S 226 17.84 -57.05 57.93
C LEU S 226 18.36 -56.79 59.33
N LYS S 227 18.78 -57.85 60.00
CA LYS S 227 19.33 -57.78 61.34
C LYS S 227 20.75 -58.30 61.32
N ASP S 228 21.68 -57.52 61.85
CA ASP S 228 23.11 -57.79 61.77
C ASP S 228 23.69 -57.81 63.18
N PRO S 229 23.61 -58.95 63.86
CA PRO S 229 24.28 -59.09 65.14
C PRO S 229 25.78 -59.25 64.95
N PRO S 230 26.56 -59.10 66.01
CA PRO S 230 28.00 -59.38 65.88
C PRO S 230 28.29 -60.85 65.69
N LEU S 231 29.58 -61.18 65.60
CA LEU S 231 30.02 -62.55 65.37
C LEU S 231 31.27 -62.88 66.19
N GLY T 43 -34.82 -55.86 28.99
CA GLY T 43 -33.69 -56.28 29.80
C GLY T 43 -32.79 -57.27 29.10
N ILE T 44 -31.92 -56.75 28.26
CA ILE T 44 -31.09 -57.57 27.39
C ILE T 44 -29.93 -58.15 28.16
N PHE T 45 -29.57 -59.37 27.82
CA PHE T 45 -28.40 -60.03 28.38
C PHE T 45 -27.84 -60.96 27.31
N ASN T 46 -26.78 -60.54 26.66
CA ASN T 46 -26.06 -61.38 25.72
C ASN T 46 -25.07 -62.24 26.48
N THR T 47 -25.13 -63.55 26.24
CA THR T 47 -24.21 -64.49 26.86
C THR T 47 -23.83 -65.56 25.86
N ARG T 48 -23.21 -66.63 26.38
CA ARG T 48 -22.63 -67.68 25.57
C ARG T 48 -22.83 -69.00 26.29
N LEU T 49 -23.40 -69.96 25.58
CA LEU T 49 -23.71 -71.28 26.11
C LEU T 49 -23.06 -72.32 25.23
N SER T 50 -22.47 -73.33 25.85
CA SER T 50 -21.71 -74.36 25.16
C SER T 50 -22.20 -75.75 25.55
N ARG T 51 -21.71 -76.72 24.80
CA ARG T 51 -22.12 -78.11 24.87
C ARG T 51 -21.15 -78.92 24.03
N THR T 52 -20.80 -80.10 24.50
CA THR T 52 -19.80 -80.94 23.87
C THR T 52 -20.32 -82.36 23.74
N PHE T 53 -20.05 -82.96 22.59
CA PHE T 53 -20.49 -84.32 22.30
C PHE T 53 -19.61 -84.90 21.21
N GLY T 54 -19.76 -86.20 21.00
CA GLY T 54 -18.94 -86.94 20.07
C GLY T 54 -19.60 -87.30 18.76
N TYR T 55 -18.76 -87.53 17.75
CA TYR T 55 -19.19 -87.97 16.44
C TYR T 55 -18.08 -88.82 15.84
N THR T 56 -18.43 -90.00 15.34
CA THR T 56 -17.48 -90.92 14.77
C THR T 56 -17.93 -91.34 13.38
N ILE T 57 -16.96 -91.41 12.48
CA ILE T 57 -17.13 -91.93 11.13
C ILE T 57 -16.46 -93.29 11.13
N LYS T 58 -17.26 -94.35 11.14
CA LYS T 58 -16.73 -95.70 11.22
C LYS T 58 -15.99 -96.05 9.94
N ARG T 59 -15.12 -97.04 10.06
CA ARG T 59 -14.30 -97.51 8.96
C ARG T 59 -15.13 -98.26 7.94
N THR T 60 -14.58 -98.36 6.72
CA THR T 60 -15.21 -99.07 5.62
C THR T 60 -14.13 -99.78 4.80
N THR T 61 -14.43 -101.02 4.40
CA THR T 61 -13.57 -101.76 3.49
C THR T 61 -13.73 -101.32 2.05
N VAL T 62 -14.68 -100.42 1.76
CA VAL T 62 -14.89 -99.96 0.40
C VAL T 62 -13.63 -99.28 -0.11
N LYS T 63 -13.27 -99.57 -1.36
CA LYS T 63 -12.05 -99.04 -1.96
C LYS T 63 -12.24 -97.64 -2.51
N THR T 64 -13.42 -97.38 -3.08
CA THR T 64 -13.68 -96.12 -3.73
C THR T 64 -13.66 -94.96 -2.73
N PRO T 65 -13.58 -93.72 -3.21
CA PRO T 65 -13.83 -92.59 -2.33
C PRO T 65 -15.31 -92.40 -2.14
N SER T 66 -15.80 -92.74 -0.95
CA SER T 66 -17.18 -92.52 -0.56
C SER T 66 -17.22 -91.57 0.61
N TRP T 67 -18.37 -90.92 0.76
CA TRP T 67 -18.57 -89.93 1.81
C TRP T 67 -19.71 -90.34 2.73
N ALA T 68 -19.57 -89.94 3.99
CA ALA T 68 -20.57 -90.19 5.02
C ALA T 68 -21.28 -88.88 5.33
N VAL T 69 -22.59 -88.89 5.15
CA VAL T 69 -23.40 -87.69 5.28
C VAL T 69 -24.17 -87.75 6.59
N ASP T 70 -24.28 -86.60 7.24
CA ASP T 70 -25.02 -86.49 8.48
C ASP T 70 -25.47 -85.05 8.65
N MET T 71 -26.38 -84.85 9.59
CA MET T 71 -27.01 -83.58 9.86
C MET T 71 -26.70 -83.11 11.27
N MET T 72 -27.03 -81.85 11.53
CA MET T 72 -26.77 -81.25 12.83
C MET T 72 -27.79 -80.13 13.07
N ARG T 73 -28.64 -80.33 14.06
CA ARG T 73 -29.59 -79.34 14.53
C ARG T 73 -29.12 -78.79 15.87
N PHE T 74 -29.75 -77.69 16.29
CA PHE T 74 -29.42 -77.00 17.53
C PHE T 74 -30.69 -76.66 18.26
N ASN T 75 -30.80 -77.10 19.51
CA ASN T 75 -31.90 -76.76 20.39
C ASN T 75 -31.35 -76.22 21.70
N ILE T 76 -32.10 -75.30 22.30
CA ILE T 76 -31.65 -74.64 23.52
C ILE T 76 -31.86 -75.48 24.77
N ASN T 77 -32.66 -76.55 24.69
CA ASN T 77 -32.80 -77.43 25.84
C ASN T 77 -31.50 -78.15 26.15
N ASP T 78 -30.68 -78.41 25.13
CA ASP T 78 -29.41 -79.10 25.31
C ASP T 78 -28.34 -78.20 25.88
N PHE T 79 -28.55 -76.89 25.90
CA PHE T 79 -27.60 -75.93 26.44
C PHE T 79 -28.07 -75.31 27.75
N LEU T 80 -29.38 -75.16 27.92
CA LEU T 80 -29.97 -74.53 29.08
C LEU T 80 -30.76 -75.55 29.89
N PRO T 81 -30.34 -75.95 31.09
CA PRO T 81 -31.08 -76.98 31.80
C PRO T 81 -32.34 -76.40 32.42
N PRO T 82 -33.20 -77.26 32.96
CA PRO T 82 -34.35 -76.77 33.71
C PRO T 82 -33.91 -76.20 35.04
N GLY T 83 -34.65 -75.19 35.48
CA GLY T 83 -34.35 -74.54 36.73
C GLY T 83 -34.90 -75.26 37.93
N GLY T 84 -35.39 -74.49 38.89
CA GLY T 84 -35.96 -75.05 40.10
C GLY T 84 -36.91 -74.11 40.77
N GLY T 85 -38.08 -74.62 41.15
CA GLY T 85 -39.07 -73.83 41.83
C GLY T 85 -39.95 -73.04 40.88
N SER T 86 -40.25 -71.81 41.27
CA SER T 86 -41.12 -70.97 40.45
C SER T 86 -40.44 -70.51 39.17
N ASN T 87 -39.12 -70.63 39.08
CA ASN T 87 -38.39 -70.32 37.87
C ASN T 87 -38.21 -71.59 37.05
N PRO T 88 -38.89 -71.76 35.92
CA PRO T 88 -38.81 -73.04 35.22
C PRO T 88 -37.47 -73.31 34.57
N ARG T 89 -36.69 -72.27 34.29
CA ARG T 89 -35.40 -72.40 33.64
C ARG T 89 -34.31 -71.79 34.51
N SER T 90 -33.07 -72.16 34.21
CA SER T 90 -31.95 -71.77 35.04
C SER T 90 -31.47 -70.36 34.76
N VAL T 91 -31.75 -69.85 33.56
CA VAL T 91 -31.48 -68.46 33.20
C VAL T 91 -32.81 -67.71 33.28
N PRO T 92 -33.01 -66.81 34.24
CA PRO T 92 -34.35 -66.26 34.44
C PRO T 92 -34.73 -65.15 33.46
N PHE T 93 -35.10 -65.58 32.27
CA PHE T 93 -35.56 -64.68 31.23
C PHE T 93 -36.73 -65.32 30.51
N GLU T 94 -37.50 -64.48 29.81
CA GLU T 94 -38.70 -64.91 29.12
C GLU T 94 -38.45 -65.23 27.66
N TYR T 95 -37.80 -64.33 26.94
CA TYR T 95 -37.61 -64.43 25.51
C TYR T 95 -36.16 -64.67 25.18
N TYR T 96 -35.91 -65.16 23.97
CA TYR T 96 -34.57 -65.40 23.49
C TYR T 96 -34.55 -65.34 21.98
N ARG T 97 -33.35 -65.20 21.44
CA ARG T 97 -33.13 -65.33 20.01
C ARG T 97 -31.66 -65.63 19.80
N ILE T 98 -31.38 -66.69 19.04
CA ILE T 98 -30.02 -67.14 18.84
C ILE T 98 -29.38 -66.28 17.76
N ARG T 99 -28.27 -65.64 18.10
CA ARG T 99 -27.58 -64.74 17.21
C ARG T 99 -26.58 -65.47 16.32
N LYS T 100 -25.76 -66.34 16.90
CA LYS T 100 -24.72 -67.06 16.18
C LYS T 100 -24.52 -68.40 16.82
N VAL T 101 -23.93 -69.31 16.07
CA VAL T 101 -23.48 -70.61 16.56
C VAL T 101 -22.08 -70.85 16.01
N LYS T 102 -21.24 -71.45 16.85
CA LYS T 102 -19.88 -71.85 16.49
C LYS T 102 -19.79 -73.35 16.71
N VAL T 103 -19.74 -74.09 15.62
CA VAL T 103 -19.51 -75.53 15.66
C VAL T 103 -18.04 -75.78 15.43
N GLU T 104 -17.41 -76.49 16.36
CA GLU T 104 -15.99 -76.78 16.34
C GLU T 104 -15.83 -78.29 16.31
N PHE T 105 -15.22 -78.80 15.25
CA PHE T 105 -14.84 -80.21 15.16
C PHE T 105 -13.42 -80.33 15.67
N TRP T 106 -13.31 -80.73 16.93
CA TRP T 106 -12.01 -80.96 17.53
C TRP T 106 -11.61 -82.40 17.27
N PRO T 107 -10.50 -82.66 16.57
CA PRO T 107 -10.17 -84.04 16.24
C PRO T 107 -9.75 -84.84 17.45
N CYS T 108 -9.91 -86.15 17.32
CA CYS T 108 -9.48 -87.12 18.31
C CYS T 108 -8.38 -88.03 17.79
N SER T 109 -7.92 -87.82 16.57
CA SER T 109 -7.04 -88.71 15.87
C SER T 109 -5.63 -88.15 15.82
N PRO T 110 -4.60 -88.99 15.81
CA PRO T 110 -3.24 -88.48 15.80
C PRO T 110 -2.86 -87.89 14.46
N ILE T 111 -1.82 -87.06 14.48
CA ILE T 111 -1.33 -86.46 13.26
C ILE T 111 -0.57 -87.44 12.38
N THR T 112 -0.32 -88.65 12.86
CA THR T 112 0.31 -89.70 12.07
C THR T 112 -0.67 -90.58 11.32
N GLN T 113 -1.97 -90.33 11.44
CA GLN T 113 -2.96 -91.20 10.84
C GLN T 113 -3.00 -90.95 9.34
N GLY T 114 -3.01 -92.02 8.57
CA GLY T 114 -3.04 -91.96 7.14
C GLY T 114 -4.43 -92.13 6.58
N ASP T 115 -4.49 -92.41 5.28
CA ASP T 115 -5.73 -92.52 4.54
C ASP T 115 -6.55 -91.25 4.69
N ARG T 116 -5.87 -90.12 4.59
CA ARG T 116 -6.51 -88.83 4.75
C ARG T 116 -7.54 -88.61 3.66
N GLY T 117 -8.37 -87.59 3.87
CA GLY T 117 -9.47 -87.32 3.00
C GLY T 117 -9.86 -85.86 2.97
N VAL T 118 -10.95 -85.57 2.28
CA VAL T 118 -11.40 -84.19 2.10
C VAL T 118 -12.91 -84.20 2.01
N GLY T 119 -13.54 -83.36 2.84
CA GLY T 119 -14.98 -83.28 2.94
C GLY T 119 -15.50 -81.88 2.83
N SER T 120 -16.73 -81.68 3.26
CA SER T 120 -17.40 -80.40 3.08
C SER T 120 -18.45 -80.22 4.17
N SER T 121 -18.55 -78.99 4.66
CA SER T 121 -19.58 -78.59 5.60
C SER T 121 -20.34 -77.41 5.01
N ALA T 122 -21.67 -77.51 5.00
CA ALA T 122 -22.54 -76.50 4.43
C ALA T 122 -23.61 -76.10 5.44
N VAL T 123 -24.19 -74.93 5.19
CA VAL T 123 -25.17 -74.32 6.07
C VAL T 123 -26.54 -74.51 5.46
N ILE T 124 -27.42 -75.17 6.19
CA ILE T 124 -28.72 -75.62 5.71
C ILE T 124 -29.78 -75.09 6.66
N LEU T 125 -30.43 -73.99 6.30
CA LEU T 125 -31.29 -73.25 7.20
C LEU T 125 -32.76 -73.61 7.08
N ASP T 126 -33.10 -74.85 6.68
CA ASP T 126 -34.48 -75.17 6.34
C ASP T 126 -34.97 -76.56 6.72
N ASP T 127 -34.16 -77.38 7.39
CA ASP T 127 -34.60 -78.66 7.91
C ASP T 127 -34.89 -79.67 6.80
N ASN T 128 -34.24 -79.51 5.64
CA ASN T 128 -34.27 -80.50 4.58
C ASN T 128 -32.83 -80.72 4.18
N PHE T 129 -32.21 -81.69 4.84
CA PHE T 129 -30.84 -82.09 4.62
C PHE T 129 -30.78 -83.16 3.55
N VAL T 130 -29.58 -83.34 3.00
CA VAL T 130 -29.30 -84.53 2.22
C VAL T 130 -29.46 -85.73 3.13
N THR T 131 -30.04 -86.80 2.58
CA THR T 131 -30.35 -87.97 3.36
C THR T 131 -29.08 -88.54 3.99
N LYS T 132 -29.20 -88.99 5.23
CA LYS T 132 -28.08 -89.59 5.92
C LYS T 132 -27.63 -90.84 5.19
N ALA T 133 -26.32 -90.91 4.92
CA ALA T 133 -25.73 -91.98 4.16
C ALA T 133 -24.44 -92.42 4.82
N THR T 134 -24.12 -93.70 4.67
CA THR T 134 -22.91 -94.28 5.21
C THR T 134 -21.76 -94.18 4.22
N ALA T 135 -21.98 -94.59 2.97
CA ALA T 135 -20.96 -94.53 1.92
C ALA T 135 -21.64 -94.09 0.64
N LEU T 136 -21.71 -92.79 0.44
CA LEU T 136 -22.24 -92.19 -0.78
C LEU T 136 -21.10 -91.91 -1.75
N THR T 137 -21.37 -92.12 -3.04
CA THR T 137 -20.34 -92.07 -4.07
C THR T 137 -19.91 -90.67 -4.45
N TYR T 138 -20.34 -89.64 -3.72
CA TYR T 138 -19.97 -88.27 -4.05
C TYR T 138 -20.20 -87.41 -2.82
N ASP T 139 -19.64 -86.21 -2.86
CA ASP T 139 -19.82 -85.22 -1.81
C ASP T 139 -20.98 -84.31 -2.19
N PRO T 140 -22.15 -84.43 -1.56
CA PRO T 140 -23.27 -83.59 -2.00
C PRO T 140 -23.10 -82.13 -1.68
N TYR T 141 -22.41 -81.81 -0.59
CA TYR T 141 -22.29 -80.44 -0.12
C TYR T 141 -21.10 -79.72 -0.74
N VAL T 142 -20.55 -80.24 -1.83
CA VAL T 142 -19.31 -79.68 -2.38
C VAL T 142 -19.59 -78.44 -3.20
N ASN T 143 -20.67 -78.43 -3.97
CA ASN T 143 -20.99 -77.31 -4.82
C ASN T 143 -21.86 -76.28 -4.14
N TYR T 144 -22.14 -76.45 -2.85
CA TYR T 144 -22.92 -75.47 -2.12
C TYR T 144 -22.14 -74.18 -1.93
N SER T 145 -22.86 -73.06 -2.01
CA SER T 145 -22.25 -71.76 -1.85
C SER T 145 -21.66 -71.56 -0.47
N SER T 146 -22.14 -72.29 0.53
CA SER T 146 -21.65 -72.20 1.90
C SER T 146 -20.73 -73.34 2.26
N ARG T 147 -20.10 -73.96 1.27
CA ARG T 147 -19.21 -75.08 1.52
C ARG T 147 -17.86 -74.57 2.02
N HIS T 148 -17.40 -75.17 3.11
CA HIS T 148 -16.03 -75.05 3.57
C HIS T 148 -15.43 -76.44 3.53
N THR T 149 -14.19 -76.52 3.09
CA THR T 149 -13.51 -77.80 3.01
C THR T 149 -13.14 -78.30 4.39
N ILE T 150 -13.37 -79.59 4.61
CA ILE T 150 -12.97 -80.29 5.81
C ILE T 150 -11.77 -81.13 5.42
N THR T 151 -10.59 -80.74 5.91
CA THR T 151 -9.45 -81.62 5.90
C THR T 151 -9.60 -82.63 7.02
N GLN T 152 -9.31 -83.89 6.71
CA GLN T 152 -9.49 -85.01 7.61
C GLN T 152 -8.16 -85.74 7.77
N PRO T 153 -7.98 -86.49 8.86
CA PRO T 153 -8.79 -86.67 10.07
C PRO T 153 -8.36 -85.83 11.26
N PHE T 154 -7.16 -85.27 11.20
CA PHE T 154 -6.50 -84.67 12.35
C PHE T 154 -6.49 -83.15 12.30
N SER T 155 -7.49 -82.56 11.65
CA SER T 155 -7.51 -81.13 11.42
C SER T 155 -8.77 -80.53 12.00
N TYR T 156 -8.63 -79.32 12.51
CA TYR T 156 -9.72 -78.58 13.15
C TYR T 156 -10.55 -77.87 12.10
N HIS T 157 -11.86 -77.88 12.31
CA HIS T 157 -12.82 -77.27 11.42
C HIS T 157 -13.83 -76.49 12.26
N SER T 158 -13.94 -75.20 11.98
CA SER T 158 -14.91 -74.33 12.62
C SER T 158 -15.88 -73.78 11.59
N ARG T 159 -17.10 -73.54 12.04
CA ARG T 159 -18.13 -72.88 11.24
C ARG T 159 -18.86 -71.92 12.16
N TYR T 160 -18.95 -70.67 11.76
CA TYR T 160 -19.56 -69.60 12.52
C TYR T 160 -20.62 -68.94 11.66
N PHE T 161 -21.88 -69.07 12.08
CA PHE T 161 -23.00 -68.65 11.26
C PHE T 161 -24.19 -68.33 12.16
N THR T 162 -25.24 -67.84 11.53
CA THR T 162 -26.48 -67.45 12.19
C THR T 162 -27.56 -68.46 11.86
N PRO T 163 -28.03 -69.28 12.80
CA PRO T 163 -29.05 -70.26 12.47
C PRO T 163 -30.42 -69.64 12.33
N LYS T 164 -31.40 -70.46 11.99
CA LYS T 164 -32.77 -70.02 11.80
C LYS T 164 -33.69 -71.04 12.47
N PRO T 165 -34.79 -70.61 13.06
CA PRO T 165 -35.70 -71.55 13.70
C PRO T 165 -36.67 -72.18 12.71
N VAL T 166 -37.17 -73.34 13.13
CA VAL T 166 -38.11 -74.12 12.32
C VAL T 166 -39.50 -73.69 12.77
N LEU T 167 -40.03 -72.66 12.12
CA LEU T 167 -41.35 -72.15 12.43
C LEU T 167 -42.43 -72.97 11.75
N ASP T 168 -42.24 -73.30 10.47
CA ASP T 168 -43.16 -74.17 9.75
C ASP T 168 -42.32 -75.08 8.87
N SER T 169 -42.27 -76.36 9.24
CA SER T 169 -41.52 -77.34 8.47
C SER T 169 -42.18 -77.66 7.13
N THR T 170 -43.44 -77.35 6.96
CA THR T 170 -44.13 -77.60 5.70
C THR T 170 -43.72 -76.62 4.63
N ILE T 171 -43.56 -75.35 5.00
CA ILE T 171 -43.25 -74.28 4.07
C ILE T 171 -41.76 -73.96 4.13
N ASP T 172 -41.19 -74.06 5.33
CA ASP T 172 -39.77 -73.86 5.56
C ASP T 172 -39.34 -72.46 5.13
N TYR T 173 -39.88 -71.47 5.84
CA TYR T 173 -39.55 -70.07 5.63
C TYR T 173 -38.65 -69.56 6.74
N PHE T 174 -37.76 -68.64 6.38
CA PHE T 174 -36.85 -68.06 7.35
C PHE T 174 -36.52 -66.63 6.95
N GLN T 175 -36.00 -65.94 7.85
CA GLN T 175 -35.65 -64.53 7.72
C GLN T 175 -34.21 -64.36 7.26
N PRO T 176 -33.91 -63.31 6.52
CA PRO T 176 -32.50 -62.99 6.29
C PRO T 176 -31.84 -62.40 7.51
N ASN T 177 -30.54 -62.21 7.44
CA ASN T 177 -29.78 -61.76 8.60
C ASN T 177 -30.04 -60.29 8.84
N ASN T 178 -30.61 -59.99 10.01
CA ASN T 178 -30.86 -58.62 10.42
C ASN T 178 -30.91 -58.63 11.92
N LYS T 179 -29.94 -57.99 12.57
CA LYS T 179 -29.91 -58.03 14.01
C LYS T 179 -31.09 -57.28 14.62
N ARG T 180 -31.60 -56.27 13.93
CA ARG T 180 -32.65 -55.43 14.49
C ARG T 180 -34.03 -56.03 14.31
N ASN T 181 -34.21 -56.87 13.29
CA ASN T 181 -35.51 -57.43 12.95
C ASN T 181 -35.64 -58.91 13.29
N GLN T 182 -34.64 -59.51 13.90
CA GLN T 182 -34.70 -60.92 14.24
C GLN T 182 -35.79 -61.18 15.26
N LEU T 183 -36.56 -62.22 15.00
CA LEU T 183 -37.68 -62.58 15.85
C LEU T 183 -37.20 -62.99 17.24
N TRP T 184 -37.99 -62.64 18.24
CA TRP T 184 -37.84 -63.14 19.59
C TRP T 184 -38.75 -64.33 19.76
N LEU T 185 -38.17 -65.44 20.18
CA LEU T 185 -38.92 -66.62 20.56
C LEU T 185 -39.08 -66.64 22.07
N ARG T 186 -39.99 -67.48 22.53
CA ARG T 186 -40.19 -67.70 23.95
C ARG T 186 -39.32 -68.85 24.43
N LEU T 187 -38.72 -68.65 25.59
CA LEU T 187 -37.97 -69.69 26.27
C LEU T 187 -38.98 -70.59 26.99
N GLN T 188 -39.39 -71.64 26.30
CA GLN T 188 -40.36 -72.57 26.83
C GLN T 188 -39.74 -73.37 27.97
N THR T 189 -40.60 -74.15 28.63
CA THR T 189 -40.15 -74.96 29.75
C THR T 189 -39.46 -76.24 29.30
N ALA T 190 -40.14 -77.03 28.45
CA ALA T 190 -39.56 -78.27 27.94
C ALA T 190 -39.89 -78.54 26.48
N GLY T 191 -40.17 -77.52 25.69
CA GLY T 191 -40.64 -77.71 24.34
C GLY T 191 -40.11 -76.73 23.32
N ASN T 192 -38.89 -76.26 23.50
CA ASN T 192 -38.32 -75.26 22.62
C ASN T 192 -38.14 -75.80 21.20
N VAL T 193 -38.09 -74.89 20.25
CA VAL T 193 -38.08 -75.21 18.83
C VAL T 193 -36.65 -75.43 18.38
N ASP T 194 -36.50 -76.34 17.41
CA ASP T 194 -35.18 -76.70 16.92
C ASP T 194 -34.67 -75.66 15.94
N HIS T 195 -33.46 -75.19 16.17
CA HIS T 195 -32.75 -74.39 15.20
C HIS T 195 -31.88 -75.30 14.35
N VAL T 196 -31.57 -74.81 13.15
CA VAL T 196 -31.01 -75.64 12.10
C VAL T 196 -29.97 -74.81 11.35
N GLY T 197 -29.13 -75.50 10.58
CA GLY T 197 -28.05 -74.78 9.93
C GLY T 197 -26.71 -75.44 9.67
N LEU T 198 -26.56 -76.76 9.86
CA LEU T 198 -25.32 -77.37 9.42
C LEU T 198 -25.50 -78.81 8.95
N GLY T 199 -24.90 -79.09 7.80
CA GLY T 199 -24.80 -80.45 7.31
C GLY T 199 -23.39 -80.71 6.82
N THR T 200 -22.97 -81.95 6.97
CA THR T 200 -21.59 -82.35 6.77
C THR T 200 -21.50 -83.52 5.82
N ALA T 201 -20.30 -83.70 5.27
CA ALA T 201 -19.96 -84.86 4.46
C ALA T 201 -18.50 -85.19 4.70
N PHE T 202 -18.25 -86.32 5.36
CA PHE T 202 -16.93 -86.79 5.69
C PHE T 202 -16.54 -87.95 4.80
N GLU T 203 -15.31 -87.92 4.30
CA GLU T 203 -14.80 -88.99 3.48
C GLU T 203 -14.38 -90.15 4.35
N ASN T 204 -14.88 -91.34 4.01
CA ASN T 204 -14.62 -92.51 4.82
C ASN T 204 -13.17 -92.95 4.68
N SER T 205 -12.76 -93.85 5.56
CA SER T 205 -11.38 -94.26 5.68
C SER T 205 -11.31 -95.67 6.22
N ILE T 206 -10.12 -96.27 6.13
CA ILE T 206 -9.89 -97.59 6.68
C ILE T 206 -9.91 -97.54 8.19
N TYR T 207 -9.52 -96.41 8.77
CA TYR T 207 -9.48 -96.22 10.21
C TYR T 207 -10.68 -95.40 10.66
N ASP T 208 -11.04 -95.57 11.93
CA ASP T 208 -12.13 -94.81 12.51
C ASP T 208 -11.69 -93.38 12.76
N GLN T 209 -12.55 -92.43 12.38
CA GLN T 209 -12.31 -91.01 12.54
C GLN T 209 -13.26 -90.49 13.60
N GLU T 210 -12.73 -90.16 14.78
CA GLU T 210 -13.53 -89.65 15.88
C GLU T 210 -13.33 -88.15 16.02
N TYR T 211 -14.36 -87.49 16.52
CA TYR T 211 -14.35 -86.05 16.74
C TYR T 211 -15.10 -85.74 18.03
N ASN T 212 -14.65 -84.70 18.71
CA ASN T 212 -15.35 -84.11 19.85
C ASN T 212 -15.90 -82.77 19.38
N ILE T 213 -17.22 -82.68 19.23
CA ILE T 213 -17.85 -81.51 18.65
C ILE T 213 -18.34 -80.63 19.77
N ARG T 214 -17.88 -79.38 19.76
CA ARG T 214 -18.25 -78.37 20.74
C ARG T 214 -19.06 -77.30 20.05
N VAL T 215 -20.34 -77.22 20.37
CA VAL T 215 -21.25 -76.21 19.85
C VAL T 215 -21.37 -75.12 20.88
N THR T 216 -21.21 -73.88 20.44
CA THR T 216 -21.33 -72.70 21.28
C THR T 216 -22.38 -71.81 20.65
N MET T 217 -23.46 -71.54 21.39
CA MET T 217 -24.52 -70.65 20.94
C MET T 217 -24.41 -69.32 21.64
N TYR T 218 -24.42 -68.26 20.85
CA TYR T 218 -24.40 -66.89 21.34
C TYR T 218 -25.82 -66.36 21.30
N VAL T 219 -26.43 -66.24 22.47
CA VAL T 219 -27.85 -65.98 22.61
C VAL T 219 -28.05 -64.59 23.19
N GLN T 220 -29.28 -64.12 23.12
CA GLN T 220 -29.67 -62.80 23.58
C GLN T 220 -31.05 -62.96 24.20
N PHE T 221 -31.14 -62.74 25.50
CA PHE T 221 -32.37 -62.87 26.26
C PHE T 221 -33.02 -61.52 26.50
N ARG T 222 -34.22 -61.55 27.04
CA ARG T 222 -35.01 -60.35 27.25
C ARG T 222 -36.00 -60.61 28.37
N GLU T 223 -36.33 -59.54 29.11
CA GLU T 223 -37.36 -59.54 30.13
C GLU T 223 -37.05 -60.52 31.26
N PHE T 224 -36.04 -60.14 32.03
CA PHE T 224 -35.74 -60.72 33.33
C PHE T 224 -37.01 -60.93 34.13
N ASN T 225 -37.26 -62.18 34.53
CA ASN T 225 -38.54 -62.56 35.11
C ASN T 225 -38.36 -63.42 36.34
N LEU T 226 -37.42 -63.06 37.19
CA LEU T 226 -37.18 -63.83 38.39
C LEU T 226 -38.38 -63.72 39.32
N LYS T 227 -38.68 -64.83 39.99
CA LYS T 227 -39.77 -64.93 40.94
C LYS T 227 -39.20 -65.29 42.31
N ASP T 228 -39.56 -64.50 43.31
CA ASP T 228 -38.98 -64.60 44.65
C ASP T 228 -40.11 -64.80 45.66
N PRO T 229 -40.56 -66.03 45.86
CA PRO T 229 -41.51 -66.30 46.92
C PRO T 229 -40.84 -66.27 48.27
N PRO T 230 -41.62 -66.22 49.36
CA PRO T 230 -41.00 -66.32 50.69
C PRO T 230 -40.45 -67.71 50.97
N LEU T 231 -39.91 -67.89 52.16
CA LEU T 231 -39.30 -69.15 52.57
C LEU T 231 -39.62 -69.47 54.03
N GLY U 43 34.78 -9.65 -62.16
CA GLY U 43 36.11 -9.53 -61.57
C GLY U 43 36.61 -8.10 -61.56
N ILE U 44 36.17 -7.34 -60.57
CA ILE U 44 36.44 -5.92 -60.53
C ILE U 44 37.85 -5.67 -60.01
N PHE U 45 38.48 -4.64 -60.55
CA PHE U 45 39.79 -4.20 -60.10
C PHE U 45 39.86 -2.69 -60.32
N ASN U 46 39.69 -1.94 -59.24
CA ASN U 46 39.87 -0.50 -59.28
C ASN U 46 41.34 -0.18 -59.09
N THR U 47 41.89 0.61 -60.01
CA THR U 47 43.28 1.04 -59.92
C THR U 47 43.38 2.49 -60.36
N ARG U 48 44.62 2.92 -60.59
CA ARG U 48 44.96 4.31 -60.85
C ARG U 48 46.09 4.35 -61.87
N LEU U 49 45.88 5.09 -62.95
CA LEU U 49 46.83 5.21 -64.04
C LEU U 49 47.13 6.68 -64.25
N SER U 50 48.40 6.99 -64.47
CA SER U 50 48.88 8.36 -64.59
C SER U 50 49.68 8.54 -65.87
N ARG U 51 49.97 9.81 -66.16
CA ARG U 51 50.60 10.25 -67.39
C ARG U 51 50.95 11.71 -67.19
N THR U 52 52.10 12.11 -67.70
CA THR U 52 52.63 13.46 -67.51
C THR U 52 53.08 14.02 -68.85
N PHE U 53 52.78 15.30 -69.06
CA PHE U 53 53.14 15.98 -70.30
C PHE U 53 53.15 17.48 -70.04
N GLY U 54 53.67 18.21 -71.02
CA GLY U 54 53.85 19.64 -70.90
C GLY U 54 52.85 20.49 -71.66
N TYR U 55 52.70 21.73 -71.20
CA TYR U 55 51.86 22.72 -71.84
C TYR U 55 52.46 24.08 -71.57
N THR U 56 52.62 24.88 -72.62
CA THR U 56 53.22 26.20 -72.53
C THR U 56 52.30 27.23 -73.15
N ILE U 57 52.19 28.37 -72.49
CA ILE U 57 51.50 29.54 -73.00
C ILE U 57 52.58 30.53 -73.39
N LYS U 58 52.80 30.68 -74.68
CA LYS U 58 53.85 31.54 -75.18
C LYS U 58 53.56 33.01 -74.88
N ARG U 59 54.62 33.80 -74.88
CA ARG U 59 54.52 35.22 -74.59
C ARG U 59 53.86 35.98 -75.73
N THR U 60 53.36 37.16 -75.40
CA THR U 60 52.72 38.05 -76.36
C THR U 60 53.09 39.49 -76.04
N THR U 61 53.38 40.26 -77.08
CA THR U 61 53.58 41.70 -76.95
C THR U 61 52.28 42.48 -76.80
N VAL U 62 51.13 41.82 -76.93
CA VAL U 62 49.85 42.48 -76.80
C VAL U 62 49.73 43.10 -75.41
N LYS U 63 49.21 44.33 -75.36
CA LYS U 63 49.11 45.06 -74.10
C LYS U 63 47.85 44.68 -73.34
N THR U 64 46.75 44.44 -74.05
CA THR U 64 45.48 44.17 -73.43
C THR U 64 45.52 42.87 -72.64
N PRO U 65 44.53 42.65 -71.77
CA PRO U 65 44.37 41.31 -71.19
C PRO U 65 43.68 40.39 -72.17
N SER U 66 44.43 39.47 -72.74
CA SER U 66 43.92 38.46 -73.64
C SER U 66 44.15 37.09 -73.02
N TRP U 67 43.35 36.12 -73.45
CA TRP U 67 43.39 34.77 -72.93
C TRP U 67 43.70 33.78 -74.04
N ALA U 68 44.40 32.72 -73.65
CA ALA U 68 44.75 31.62 -74.54
C ALA U 68 43.88 30.43 -74.21
N VAL U 69 43.14 29.96 -75.19
CA VAL U 69 42.17 28.90 -75.02
C VAL U 69 42.72 27.62 -75.60
N ASP U 70 42.45 26.51 -74.92
CA ASP U 70 42.87 25.20 -75.38
C ASP U 70 41.96 24.17 -74.76
N MET U 71 42.05 22.96 -75.30
CA MET U 71 41.21 21.84 -74.92
C MET U 71 42.05 20.70 -74.37
N MET U 72 41.36 19.73 -73.77
CA MET U 72 42.02 18.59 -73.15
C MET U 72 41.07 17.39 -73.18
N ARG U 73 41.45 16.37 -73.93
CA ARG U 73 40.75 15.10 -73.99
C ARG U 73 41.56 14.04 -73.25
N PHE U 74 40.92 12.91 -72.98
CA PHE U 74 41.54 11.80 -72.26
C PHE U 74 41.23 10.50 -72.97
N ASN U 75 42.26 9.75 -73.32
CA ASN U 75 42.14 8.43 -73.91
C ASN U 75 42.98 7.45 -73.11
N ILE U 76 42.52 6.21 -73.06
CA ILE U 76 43.18 5.18 -72.27
C ILE U 76 44.39 4.59 -72.96
N ASN U 77 44.56 4.81 -74.26
CA ASN U 77 45.77 4.34 -74.93
C ASN U 77 47.00 5.06 -74.42
N ASP U 78 46.85 6.31 -74.00
CA ASP U 78 47.95 7.10 -73.50
C ASP U 78 48.36 6.72 -72.08
N PHE U 79 47.52 5.96 -71.38
CA PHE U 79 47.81 5.51 -70.03
C PHE U 79 48.12 4.02 -69.95
N LEU U 80 47.53 3.23 -70.82
CA LEU U 80 47.67 1.78 -70.83
C LEU U 80 48.41 1.34 -72.08
N PRO U 81 49.65 0.85 -72.01
CA PRO U 81 50.34 0.50 -73.23
C PRO U 81 49.84 -0.81 -73.80
N PRO U 82 50.27 -1.18 -74.99
CA PRO U 82 49.96 -2.50 -75.51
C PRO U 82 50.74 -3.58 -74.80
N GLY U 83 50.12 -4.74 -74.68
CA GLY U 83 50.74 -5.84 -73.99
C GLY U 83 51.69 -6.62 -74.86
N GLY U 84 51.68 -7.94 -74.70
CA GLY U 84 52.52 -8.81 -75.48
C GLY U 84 52.00 -10.21 -75.56
N GLY U 85 51.97 -10.76 -76.77
CA GLY U 85 51.52 -12.12 -76.98
C GLY U 85 50.02 -12.20 -77.14
N SER U 86 49.43 -13.25 -76.55
CA SER U 86 48.00 -13.45 -76.65
C SER U 86 47.20 -12.42 -75.87
N ASN U 87 47.84 -11.70 -74.96
CA ASN U 87 47.19 -10.63 -74.22
C ASN U 87 47.44 -9.31 -74.94
N PRO U 88 46.45 -8.70 -75.58
CA PRO U 88 46.74 -7.51 -76.38
C PRO U 88 47.09 -6.28 -75.56
N ARG U 89 46.69 -6.23 -74.30
CA ARG U 89 46.95 -5.11 -73.42
C ARG U 89 47.72 -5.56 -72.20
N SER U 90 48.31 -4.59 -71.51
CA SER U 90 49.19 -4.88 -70.39
C SER U 90 48.43 -5.16 -69.10
N VAL U 91 47.21 -4.65 -69.00
CA VAL U 91 46.30 -4.96 -67.89
C VAL U 91 45.31 -6.00 -68.39
N PRO U 92 45.35 -7.25 -67.93
CA PRO U 92 44.54 -8.29 -68.57
C PRO U 92 43.08 -8.28 -68.15
N PHE U 93 42.32 -7.36 -68.72
CA PHE U 93 40.90 -7.25 -68.49
C PHE U 93 40.21 -6.92 -69.81
N GLU U 94 38.91 -7.19 -69.85
CA GLU U 94 38.10 -7.01 -71.04
C GLU U 94 37.42 -5.65 -71.10
N TYR U 95 36.74 -5.27 -70.03
CA TYR U 95 35.92 -4.08 -69.98
C TYR U 95 36.53 -3.06 -69.04
N TYR U 96 36.10 -1.81 -69.21
CA TYR U 96 36.56 -0.73 -68.36
C TYR U 96 35.51 0.37 -68.34
N ARG U 97 35.64 1.24 -67.35
CA ARG U 97 34.87 2.46 -67.30
C ARG U 97 35.60 3.44 -66.40
N ILE U 98 35.81 4.65 -66.90
CA ILE U 98 36.58 5.64 -66.18
C ILE U 98 35.67 6.31 -65.16
N ARG U 99 36.08 6.24 -63.89
CA ARG U 99 35.31 6.77 -62.79
C ARG U 99 35.59 8.24 -62.54
N LYS U 100 36.86 8.62 -62.49
CA LYS U 100 37.27 9.97 -62.18
C LYS U 100 38.57 10.26 -62.92
N VAL U 101 38.85 11.55 -63.08
CA VAL U 101 40.12 12.03 -63.59
C VAL U 101 40.56 13.19 -62.71
N LYS U 102 41.86 13.26 -62.46
CA LYS U 102 42.49 14.35 -61.72
C LYS U 102 43.53 14.97 -62.63
N VAL U 103 43.24 16.16 -63.10
CA VAL U 103 44.18 16.95 -63.87
C VAL U 103 44.88 17.92 -62.93
N GLU U 104 46.20 17.86 -62.92
CA GLU U 104 47.03 18.68 -62.05
C GLU U 104 47.94 19.52 -62.92
N PHE U 105 47.79 20.83 -62.82
CA PHE U 105 48.70 21.78 -63.47
C PHE U 105 49.80 22.10 -62.47
N TRP U 106 50.93 21.43 -62.63
CA TRP U 106 52.08 21.69 -61.79
C TRP U 106 52.91 22.78 -62.45
N PRO U 107 53.12 23.94 -61.80
CA PRO U 107 53.84 25.01 -62.47
C PRO U 107 55.31 24.71 -62.66
N CYS U 108 55.87 25.38 -63.64
CA CYS U 108 57.28 25.34 -63.95
C CYS U 108 57.98 26.67 -63.72
N SER U 109 57.26 27.67 -63.26
CA SER U 109 57.72 29.03 -63.20
C SER U 109 58.03 29.43 -61.76
N PRO U 110 58.99 30.33 -61.56
CA PRO U 110 59.35 30.70 -60.20
C PRO U 110 58.29 31.57 -59.55
N ILE U 111 58.34 31.61 -58.22
CA ILE U 111 57.41 32.45 -57.47
C ILE U 111 57.73 33.93 -57.56
N THR U 112 58.85 34.29 -58.18
CA THR U 112 59.21 35.68 -58.40
C THR U 112 58.74 36.22 -59.74
N GLN U 113 58.05 35.41 -60.55
CA GLN U 113 57.66 35.85 -61.87
C GLN U 113 56.49 36.81 -61.76
N GLY U 114 56.58 37.90 -62.49
CA GLY U 114 55.56 38.92 -62.50
C GLY U 114 54.61 38.79 -63.68
N ASP U 115 53.87 39.87 -63.92
CA ASP U 115 52.83 39.89 -64.94
C ASP U 115 51.83 38.78 -64.72
N ARG U 116 51.45 38.59 -63.46
CA ARG U 116 50.54 37.55 -63.09
C ARG U 116 49.17 37.78 -63.73
N GLY U 117 48.35 36.73 -63.67
CA GLY U 117 47.08 36.73 -64.35
C GLY U 117 46.06 35.87 -63.67
N VAL U 118 44.90 35.73 -64.30
CA VAL U 118 43.80 34.97 -63.74
C VAL U 118 43.01 34.35 -64.89
N GLY U 119 42.80 33.04 -64.79
CA GLY U 119 42.14 32.26 -65.82
C GLY U 119 41.02 31.42 -65.29
N SER U 120 40.61 30.43 -66.07
CA SER U 120 39.45 29.62 -65.73
C SER U 120 39.58 28.26 -66.39
N SER U 121 39.17 27.23 -65.64
CA SER U 121 39.09 25.87 -66.13
C SER U 121 37.66 25.37 -65.94
N ALA U 122 37.08 24.83 -66.99
CA ALA U 122 35.71 24.35 -66.98
C ALA U 122 35.65 22.93 -67.51
N VAL U 123 34.56 22.26 -67.18
CA VAL U 123 34.34 20.86 -67.50
C VAL U 123 33.37 20.78 -68.67
N ILE U 124 33.82 20.16 -69.76
CA ILE U 124 33.11 20.15 -71.03
C ILE U 124 32.96 18.71 -71.46
N LEU U 125 31.78 18.14 -71.23
CA LEU U 125 31.56 16.71 -71.37
C LEU U 125 30.98 16.31 -72.72
N ASP U 126 31.24 17.07 -73.80
CA ASP U 126 30.53 16.84 -75.05
C ASP U 126 31.35 17.03 -76.33
N ASP U 127 32.64 17.31 -76.24
CA ASP U 127 33.50 17.38 -77.42
C ASP U 127 33.17 18.55 -78.33
N ASN U 128 32.63 19.62 -77.75
CA ASN U 128 32.45 20.90 -78.45
C ASN U 128 33.00 21.95 -77.51
N PHE U 129 34.27 22.23 -77.68
CA PHE U 129 35.00 23.21 -76.91
C PHE U 129 34.93 24.57 -77.58
N VAL U 130 35.23 25.61 -76.81
CA VAL U 130 35.50 26.90 -77.42
C VAL U 130 36.71 26.75 -78.31
N THR U 131 36.67 27.43 -79.46
CA THR U 131 37.71 27.29 -80.45
C THR U 131 39.06 27.70 -79.86
N LYS U 132 40.09 26.95 -80.24
CA LYS U 132 41.42 27.25 -79.77
C LYS U 132 41.86 28.62 -80.26
N ALA U 133 42.33 29.44 -79.34
CA ALA U 133 42.71 30.81 -79.61
C ALA U 133 44.02 31.13 -78.91
N THR U 134 44.79 32.01 -79.53
CA THR U 134 46.06 32.46 -79.00
C THR U 134 45.88 33.66 -78.08
N ALA U 135 45.18 34.68 -78.54
CA ALA U 135 44.92 35.89 -77.76
C ALA U 135 43.48 36.31 -78.00
N LEU U 136 42.58 35.78 -77.19
CA LEU U 136 41.17 36.15 -77.23
C LEU U 136 40.90 37.24 -76.19
N THR U 137 40.02 38.17 -76.56
CA THR U 137 39.79 39.38 -75.77
C THR U 137 38.96 39.15 -74.52
N TYR U 138 38.65 37.91 -74.16
CA TYR U 138 37.84 37.64 -72.99
C TYR U 138 38.08 36.20 -72.57
N ASP U 139 37.64 35.88 -71.36
CA ASP U 139 37.70 34.53 -70.82
C ASP U 139 36.38 33.84 -71.09
N PRO U 140 36.31 32.89 -72.03
CA PRO U 140 35.01 32.30 -72.34
C PRO U 140 34.49 31.41 -71.25
N TYR U 141 35.37 30.76 -70.50
CA TYR U 141 34.98 29.78 -69.49
C TYR U 141 34.73 30.43 -68.13
N VAL U 142 34.54 31.74 -68.08
CA VAL U 142 34.45 32.43 -66.81
C VAL U 142 33.07 32.28 -66.19
N ASN U 143 32.02 32.37 -67.01
CA ASN U 143 30.66 32.29 -66.53
C ASN U 143 30.12 30.87 -66.49
N TYR U 144 30.95 29.88 -66.80
CA TYR U 144 30.53 28.49 -66.72
C TYR U 144 30.31 28.08 -65.28
N SER U 145 29.28 27.25 -65.09
CA SER U 145 28.95 26.76 -63.76
C SER U 145 30.04 25.90 -63.16
N SER U 146 30.90 25.31 -64.00
CA SER U 146 32.01 24.48 -63.55
C SER U 146 33.33 25.21 -63.59
N ARG U 147 33.31 26.53 -63.54
CA ARG U 147 34.55 27.30 -63.61
C ARG U 147 35.23 27.30 -62.25
N HIS U 148 36.52 27.01 -62.28
CA HIS U 148 37.42 27.23 -61.17
C HIS U 148 38.47 28.22 -61.63
N THR U 149 38.81 29.15 -60.76
CA THR U 149 39.80 30.16 -61.09
C THR U 149 41.19 29.56 -61.12
N ILE U 150 41.95 29.93 -62.14
CA ILE U 150 43.35 29.57 -62.28
C ILE U 150 44.14 30.82 -61.94
N THR U 151 44.81 30.80 -60.79
CA THR U 151 45.85 31.77 -60.52
C THR U 151 47.10 31.38 -61.27
N GLN U 152 47.73 32.37 -61.89
CA GLN U 152 48.88 32.18 -62.74
C GLN U 152 50.04 33.03 -62.24
N PRO U 153 51.28 32.67 -62.57
CA PRO U 153 51.81 31.51 -63.27
C PRO U 153 52.35 30.40 -62.37
N PHE U 154 52.57 30.72 -61.11
CA PHE U 154 53.31 29.87 -60.19
C PHE U 154 52.42 29.16 -59.19
N SER U 155 51.19 28.89 -59.55
CA SER U 155 50.21 28.33 -58.63
C SER U 155 49.66 27.03 -59.18
N TYR U 156 49.39 26.12 -58.26
CA TYR U 156 48.90 24.79 -58.58
C TYR U 156 47.38 24.82 -58.75
N HIS U 157 46.91 24.07 -59.75
CA HIS U 157 45.50 23.99 -60.08
C HIS U 157 45.15 22.53 -60.30
N SER U 158 44.17 22.04 -59.54
CA SER U 158 43.66 20.69 -59.68
C SER U 158 42.19 20.73 -60.06
N ARG U 159 41.77 19.73 -60.81
CA ARG U 159 40.37 19.53 -61.16
C ARG U 159 40.09 18.04 -61.08
N TYR U 160 39.07 17.67 -60.32
CA TYR U 160 38.70 16.29 -60.06
C TYR U 160 37.25 16.12 -60.44
N PHE U 161 37.00 15.30 -61.46
CA PHE U 161 35.68 15.19 -62.04
C PHE U 161 35.54 13.83 -62.70
N THR U 162 34.33 13.57 -63.18
CA THR U 162 33.97 12.33 -63.85
C THR U 162 33.80 12.57 -65.34
N PRO U 163 34.67 12.08 -66.21
CA PRO U 163 34.51 12.35 -67.63
C PRO U 163 33.41 11.52 -68.25
N LYS U 164 33.16 11.73 -69.53
CA LYS U 164 32.15 11.02 -70.28
C LYS U 164 32.73 10.62 -71.63
N PRO U 165 32.35 9.46 -72.15
CA PRO U 165 32.88 9.06 -73.45
C PRO U 165 32.11 9.65 -74.61
N VAL U 166 32.80 9.70 -75.75
CA VAL U 166 32.24 10.25 -76.98
C VAL U 166 31.64 9.07 -77.73
N LEU U 167 30.38 8.80 -77.46
CA LEU U 167 29.67 7.72 -78.11
C LEU U 167 29.15 8.14 -79.48
N ASP U 168 28.57 9.33 -79.57
CA ASP U 168 28.12 9.88 -80.84
C ASP U 168 28.45 11.37 -80.84
N SER U 169 29.43 11.75 -81.64
CA SER U 169 29.83 13.14 -81.73
C SER U 169 28.80 14.00 -82.46
N THR U 170 27.90 13.39 -83.21
CA THR U 170 26.87 14.13 -83.92
C THR U 170 25.78 14.63 -82.97
N ILE U 171 25.39 13.79 -82.01
CA ILE U 171 24.30 14.09 -81.09
C ILE U 171 24.88 14.55 -79.76
N ASP U 172 26.03 13.99 -79.39
CA ASP U 172 26.75 14.36 -78.18
C ASP U 172 25.87 14.17 -76.94
N TYR U 173 25.54 12.91 -76.68
CA TYR U 173 24.75 12.52 -75.51
C TYR U 173 25.66 11.86 -74.48
N PHE U 174 25.33 12.07 -73.21
CA PHE U 174 26.09 11.48 -72.12
C PHE U 174 25.16 11.22 -70.94
N GLN U 175 25.64 10.44 -70.07
CA GLN U 175 24.93 10.00 -68.89
C GLN U 175 25.20 10.90 -67.71
N PRO U 176 24.26 11.07 -66.79
CA PRO U 176 24.59 11.71 -65.53
C PRO U 176 25.41 10.82 -64.63
N ASN U 177 25.88 11.36 -63.52
CA ASN U 177 26.77 10.64 -62.63
C ASN U 177 25.98 9.61 -61.85
N ASN U 178 26.31 8.35 -62.06
CA ASN U 178 25.70 7.24 -61.34
C ASN U 178 26.70 6.11 -61.36
N LYS U 179 27.24 5.75 -60.19
CA LYS U 179 28.24 4.72 -60.17
C LYS U 179 27.67 3.37 -60.55
N ARG U 180 26.39 3.13 -60.28
CA ARG U 180 25.79 1.83 -60.50
C ARG U 180 25.36 1.64 -61.94
N ASN U 181 25.06 2.72 -62.65
CA ASN U 181 24.52 2.67 -64.00
C ASN U 181 25.51 3.09 -65.07
N GLN U 182 26.75 3.39 -64.70
CA GLN U 182 27.74 3.83 -65.68
C GLN U 182 28.06 2.71 -66.64
N LEU U 183 28.11 3.05 -67.92
CA LEU U 183 28.34 2.09 -68.98
C LEU U 183 29.73 1.50 -68.87
N TRP U 184 29.83 0.22 -69.21
CA TRP U 184 31.09 -0.46 -69.39
C TRP U 184 31.46 -0.40 -70.86
N LEU U 185 32.63 0.11 -71.16
CA LEU U 185 33.20 0.06 -72.49
C LEU U 185 34.14 -1.11 -72.59
N ARG U 186 34.50 -1.45 -73.82
CA ARG U 186 35.48 -2.47 -74.09
C ARG U 186 36.86 -1.85 -74.19
N LEU U 187 37.82 -2.54 -73.59
CA LEU U 187 39.23 -2.19 -73.71
C LEU U 187 39.73 -2.73 -75.03
N GLN U 188 39.66 -1.88 -76.05
CA GLN U 188 40.08 -2.25 -77.38
C GLN U 188 41.60 -2.42 -77.42
N THR U 189 42.08 -2.90 -78.57
CA THR U 189 43.50 -3.13 -78.74
C THR U 189 44.24 -1.85 -79.09
N ALA U 190 43.78 -1.13 -80.14
CA ALA U 190 44.42 0.13 -80.52
C ALA U 190 43.43 1.19 -80.97
N GLY U 191 42.19 1.14 -80.52
CA GLY U 191 41.16 2.03 -81.02
C GLY U 191 40.16 2.52 -80.00
N ASN U 192 40.62 2.71 -78.77
CA ASN U 192 39.73 3.13 -77.71
C ASN U 192 39.17 4.52 -77.96
N VAL U 193 38.04 4.78 -77.32
CA VAL U 193 37.27 6.00 -77.56
C VAL U 193 37.76 7.10 -76.64
N ASP U 194 37.70 8.33 -77.13
CA ASP U 194 38.21 9.47 -76.40
C ASP U 194 37.20 9.92 -75.36
N HIS U 195 37.67 10.06 -74.13
CA HIS U 195 36.91 10.71 -73.08
C HIS U 195 37.25 12.18 -73.04
N VAL U 196 36.32 12.96 -72.51
CA VAL U 196 36.34 14.41 -72.66
C VAL U 196 35.87 15.02 -71.34
N GLY U 197 36.14 16.31 -71.16
CA GLY U 197 35.82 16.93 -69.91
C GLY U 197 36.66 18.05 -69.34
N LEU U 198 37.59 18.64 -70.09
CA LEU U 198 38.24 19.84 -69.57
C LEU U 198 38.64 20.81 -70.66
N GLY U 199 38.31 22.07 -70.42
CA GLY U 199 38.78 23.16 -71.24
C GLY U 199 39.28 24.29 -70.38
N THR U 200 40.28 24.99 -70.88
CA THR U 200 41.04 25.97 -70.10
C THR U 200 41.10 27.30 -70.82
N ALA U 201 41.40 28.34 -70.05
CA ALA U 201 41.67 29.66 -70.57
C ALA U 201 42.72 30.31 -69.69
N PHE U 202 43.91 30.50 -70.25
CA PHE U 202 45.03 31.09 -69.54
C PHE U 202 45.27 32.50 -70.04
N GLU U 203 45.49 33.41 -69.10
CA GLU U 203 45.79 34.80 -69.44
C GLU U 203 47.24 34.92 -69.87
N ASN U 204 47.45 35.53 -71.03
CA ASN U 204 48.76 35.64 -71.60
C ASN U 204 49.62 36.62 -70.80
N SER U 205 50.92 36.59 -71.08
CA SER U 205 51.88 37.35 -70.31
C SER U 205 53.07 37.69 -71.18
N ILE U 206 53.91 38.59 -70.68
CA ILE U 206 55.15 38.94 -71.37
C ILE U 206 56.13 37.79 -71.33
N TYR U 207 56.06 36.98 -70.28
CA TYR U 207 56.94 35.84 -70.10
C TYR U 207 56.23 34.56 -70.45
N ASP U 208 57.00 33.54 -70.81
CA ASP U 208 56.44 32.24 -71.11
C ASP U 208 56.01 31.54 -69.83
N GLN U 209 54.81 30.97 -69.86
CA GLN U 209 54.24 30.24 -68.74
C GLN U 209 54.19 28.76 -69.10
N GLU U 210 55.06 27.97 -68.46
CA GLU U 210 55.14 26.55 -68.69
C GLU U 210 54.48 25.78 -67.55
N TYR U 211 53.96 24.61 -67.88
CA TYR U 211 53.31 23.74 -66.93
C TYR U 211 53.64 22.29 -67.26
N ASN U 212 53.73 21.48 -66.22
CA ASN U 212 53.82 20.02 -66.34
C ASN U 212 52.50 19.46 -65.88
N ILE U 213 51.72 18.93 -66.81
CA ILE U 213 50.36 18.48 -66.53
C ILE U 213 50.38 16.99 -66.28
N ARG U 214 49.89 16.59 -65.12
CA ARG U 214 49.81 15.19 -64.72
C ARG U 214 48.34 14.80 -64.62
N VAL U 215 47.91 13.94 -65.54
CA VAL U 215 46.56 13.41 -65.56
C VAL U 215 46.58 12.04 -64.90
N THR U 216 45.67 11.84 -63.97
CA THR U 216 45.51 10.57 -63.28
C THR U 216 44.07 10.12 -63.49
N MET U 217 43.91 8.95 -64.10
CA MET U 217 42.61 8.35 -64.33
C MET U 217 42.37 7.21 -63.34
N TYR U 218 41.24 7.27 -62.67
CA TYR U 218 40.81 6.23 -61.75
C TYR U 218 39.81 5.35 -62.47
N VAL U 219 40.24 4.14 -62.83
CA VAL U 219 39.51 3.27 -63.71
C VAL U 219 39.02 2.07 -62.93
N GLN U 220 38.11 1.32 -63.56
CA GLN U 220 37.50 0.14 -62.98
C GLN U 220 37.36 -0.86 -64.10
N PHE U 221 38.07 -1.97 -64.00
CA PHE U 221 38.06 -3.02 -64.99
C PHE U 221 37.15 -4.16 -64.58
N ARG U 222 36.95 -5.10 -65.51
CA ARG U 222 36.05 -6.21 -65.30
C ARG U 222 36.47 -7.37 -66.19
N GLU U 223 36.21 -8.59 -65.72
CA GLU U 223 36.41 -9.82 -66.48
C GLU U 223 37.87 -10.02 -66.87
N PHE U 224 38.65 -10.32 -65.84
CA PHE U 224 40.01 -10.85 -65.98
C PHE U 224 40.06 -11.91 -67.05
N ASN U 225 40.90 -11.71 -68.06
CA ASN U 225 40.89 -12.52 -69.27
C ASN U 225 42.30 -12.93 -69.68
N LEU U 226 43.12 -13.30 -68.71
CA LEU U 226 44.47 -13.70 -69.02
C LEU U 226 44.47 -14.98 -69.84
N LYS U 227 45.40 -15.05 -70.79
CA LYS U 227 45.58 -16.21 -71.65
C LYS U 227 46.97 -16.77 -71.44
N ASP U 228 47.03 -18.07 -71.16
CA ASP U 228 48.27 -18.75 -70.77
C ASP U 228 48.53 -19.91 -71.74
N PRO U 229 49.13 -19.65 -72.88
CA PRO U 229 49.54 -20.73 -73.75
C PRO U 229 50.76 -21.44 -73.21
N PRO U 230 51.09 -22.62 -73.73
CA PRO U 230 52.34 -23.26 -73.31
C PRO U 230 53.57 -22.54 -73.81
N LEU U 231 54.75 -23.09 -73.50
CA LEU U 231 56.02 -22.48 -73.87
C LEU U 231 57.03 -23.53 -74.29
N GLY V 43 8.72 34.37 -62.30
CA GLY V 43 9.72 33.44 -62.81
C GLY V 43 11.13 33.85 -62.44
N ILE V 44 11.53 33.52 -61.23
CA ILE V 44 12.79 33.97 -60.68
C ILE V 44 13.93 33.13 -61.23
N PHE V 45 15.07 33.78 -61.45
CA PHE V 45 16.29 33.11 -61.86
C PHE V 45 17.46 33.89 -61.28
N ASN V 46 18.04 33.39 -60.22
CA ASN V 46 19.24 33.95 -59.65
C ASN V 46 20.45 33.39 -60.38
N THR V 47 21.31 34.28 -60.87
CA THR V 47 22.53 33.87 -61.54
C THR V 47 23.66 34.81 -61.15
N ARG V 48 24.75 34.72 -61.90
CA ARG V 48 26.00 35.40 -61.60
C ARG V 48 26.65 35.84 -62.89
N LEU V 49 26.97 37.12 -62.99
CA LEU V 49 27.56 37.72 -64.16
C LEU V 49 28.85 38.42 -63.77
N SER V 50 29.87 38.25 -64.59
CA SER V 50 31.20 38.74 -64.30
C SER V 50 31.73 39.59 -65.47
N ARG V 51 32.84 40.25 -65.19
CA ARG V 51 33.46 41.22 -66.08
C ARG V 51 34.81 41.55 -65.49
N THR V 52 35.81 41.72 -66.35
CA THR V 52 37.19 41.93 -65.95
C THR V 52 37.78 43.10 -66.70
N PHE V 53 38.54 43.93 -65.99
CA PHE V 53 39.15 45.11 -66.59
C PHE V 53 40.33 45.52 -65.72
N GLY V 54 41.12 46.45 -66.25
CA GLY V 54 42.34 46.89 -65.60
C GLY V 54 42.27 48.23 -64.93
N TYR V 55 43.17 48.43 -63.96
CA TYR V 55 43.32 49.70 -63.25
C TYR V 55 44.78 49.82 -62.85
N THR V 56 45.38 50.97 -63.14
CA THR V 56 46.77 51.22 -62.85
C THR V 56 46.91 52.52 -62.06
N ILE V 57 47.78 52.49 -61.06
CA ILE V 57 48.18 53.65 -60.30
C ILE V 57 49.59 53.99 -60.75
N LYS V 58 49.71 55.05 -61.55
CA LYS V 58 50.99 55.43 -62.12
C LYS V 58 51.94 55.91 -61.03
N ARG V 59 53.22 55.84 -61.35
CA ARG V 59 54.28 56.24 -60.43
C ARG V 59 54.32 57.74 -60.23
N THR V 60 54.94 58.15 -59.13
CA THR V 60 55.11 59.57 -58.80
C THR V 60 56.47 59.77 -58.15
N THR V 61 57.14 60.85 -58.54
CA THR V 61 58.38 61.27 -57.91
C THR V 61 58.16 61.96 -56.57
N VAL V 62 56.90 62.21 -56.19
CA VAL V 62 56.61 62.85 -54.91
C VAL V 62 57.14 62.01 -53.77
N LYS V 63 57.77 62.67 -52.80
CA LYS V 63 58.37 61.97 -51.67
C LYS V 63 57.36 61.66 -50.58
N THR V 64 56.41 62.54 -50.36
CA THR V 64 55.46 62.38 -49.29
C THR V 64 54.57 61.17 -49.52
N PRO V 65 53.86 60.72 -48.49
CA PRO V 65 52.80 59.73 -48.71
C PRO V 65 51.55 60.42 -49.24
N SER V 66 51.28 60.22 -50.52
CA SER V 66 50.08 60.73 -51.15
C SER V 66 49.25 59.56 -51.65
N TRP V 67 47.95 59.81 -51.81
CA TRP V 67 47.01 58.79 -52.22
C TRP V 67 46.33 59.18 -53.53
N ALA V 68 46.00 58.16 -54.30
CA ALA V 68 45.30 58.29 -55.57
C ALA V 68 43.87 57.84 -55.39
N VAL V 69 42.95 58.74 -55.66
CA VAL V 69 41.53 58.50 -55.42
C VAL V 69 40.85 58.25 -56.75
N ASP V 70 39.90 57.31 -56.73
CA ASP V 70 39.12 56.99 -57.92
C ASP V 70 37.81 56.38 -57.47
N MET V 71 36.89 56.28 -58.42
CA MET V 71 35.53 55.81 -58.19
C MET V 71 35.27 54.57 -59.02
N MET V 72 34.14 53.92 -58.69
CA MET V 72 33.75 52.68 -59.36
C MET V 72 32.24 52.55 -59.32
N ARG V 73 31.62 52.61 -60.50
CA ARG V 73 30.20 52.37 -60.67
C ARG V 73 29.99 51.01 -61.34
N PHE V 74 28.74 50.55 -61.32
CA PHE V 74 28.36 49.26 -61.87
C PHE V 74 27.10 49.42 -62.69
N ASN V 75 27.16 49.01 -63.96
CA ASN V 75 26.01 48.99 -64.85
C ASN V 75 25.88 47.61 -65.46
N ILE V 76 24.64 47.22 -65.74
CA ILE V 76 24.36 45.88 -66.25
C ILE V 76 24.61 45.76 -67.73
N ASN V 77 24.76 46.86 -68.46
CA ASN V 77 25.09 46.78 -69.87
C ASN V 77 26.49 46.21 -70.07
N ASP V 78 27.38 46.44 -69.13
CA ASP V 78 28.75 45.94 -69.21
C ASP V 78 28.85 44.46 -68.88
N PHE V 79 27.82 43.87 -68.30
CA PHE V 79 27.79 42.45 -67.97
C PHE V 79 26.87 41.65 -68.86
N LEU V 80 25.79 42.26 -69.34
CA LEU V 80 24.78 41.60 -70.16
C LEU V 80 24.78 42.18 -71.56
N PRO V 81 25.20 41.46 -72.60
CA PRO V 81 25.25 42.07 -73.91
C PRO V 81 23.88 42.17 -74.53
N PRO V 82 23.76 42.85 -75.66
CA PRO V 82 22.49 42.84 -76.37
C PRO V 82 22.24 41.50 -77.04
N GLY V 83 20.97 41.14 -77.13
CA GLY V 83 20.59 39.88 -77.71
C GLY V 83 20.51 39.92 -79.21
N GLY V 84 19.52 39.24 -79.77
CA GLY V 84 19.32 39.21 -81.19
C GLY V 84 17.90 38.89 -81.57
N GLY V 85 17.35 39.66 -82.50
CA GLY V 85 16.00 39.44 -82.96
C GLY V 85 14.96 40.09 -82.09
N SER V 86 13.85 39.38 -81.87
CA SER V 86 12.77 39.90 -81.06
C SER V 86 13.12 39.98 -79.59
N ASN V 87 14.18 39.29 -79.16
CA ASN V 87 14.66 39.37 -77.79
C ASN V 87 15.75 40.42 -77.72
N PRO V 88 15.52 41.58 -77.09
CA PRO V 88 16.53 42.64 -77.15
C PRO V 88 17.77 42.35 -76.34
N ARG V 89 17.68 41.47 -75.34
CA ARG V 89 18.80 41.13 -74.47
C ARG V 89 19.06 39.62 -74.54
N SER V 90 20.26 39.25 -74.10
CA SER V 90 20.71 37.88 -74.21
C SER V 90 20.14 36.98 -73.13
N VAL V 91 19.76 37.55 -72.00
CA VAL V 91 19.06 36.83 -70.93
C VAL V 91 17.59 37.19 -71.03
N PRO V 92 16.71 36.26 -71.43
CA PRO V 92 15.33 36.67 -71.74
C PRO V 92 14.44 36.84 -70.51
N PHE V 93 14.61 37.99 -69.87
CA PHE V 93 13.81 38.37 -68.73
C PHE V 93 13.49 39.85 -68.83
N GLU V 94 12.45 40.26 -68.10
CA GLU V 94 11.94 41.62 -68.12
C GLU V 94 12.54 42.49 -67.02
N TYR V 95 12.51 42.01 -65.80
CA TYR V 95 12.90 42.77 -64.63
C TYR V 95 14.17 42.20 -64.03
N TYR V 96 14.83 43.02 -63.22
CA TYR V 96 16.03 42.60 -62.53
C TYR V 96 16.20 43.43 -61.27
N ARG V 97 17.04 42.94 -60.39
CA ARG V 97 17.49 43.69 -59.23
C ARG V 97 18.79 43.09 -58.76
N ILE V 98 19.80 43.93 -58.58
CA ILE V 98 21.13 43.47 -58.20
C ILE V 98 21.15 43.23 -56.70
N ARG V 99 21.50 42.01 -56.32
CA ARG V 99 21.52 41.59 -54.93
C ARG V 99 22.84 41.91 -54.26
N LYS V 100 23.95 41.56 -54.91
CA LYS V 100 25.27 41.73 -54.36
C LYS V 100 26.25 41.98 -55.49
N VAL V 101 27.40 42.54 -55.14
CA VAL V 101 28.53 42.70 -56.04
C VAL V 101 29.77 42.30 -55.28
N LYS V 102 30.69 41.64 -55.98
CA LYS V 102 31.99 41.25 -55.48
C LYS V 102 33.03 41.88 -56.37
N VAL V 103 33.72 42.88 -55.84
CA VAL V 103 34.85 43.50 -56.52
C VAL V 103 36.11 42.87 -56.00
N GLU V 104 36.92 42.35 -56.91
CA GLU V 104 38.17 41.67 -56.59
C GLU V 104 39.29 42.41 -57.27
N PHE V 105 40.21 42.93 -56.47
CA PHE V 105 41.45 43.53 -56.98
C PHE V 105 42.50 42.43 -57.01
N TRP V 106 42.69 41.86 -58.19
CA TRP V 106 43.72 40.86 -58.39
C TRP V 106 45.01 41.54 -58.77
N PRO V 107 46.09 41.42 -57.99
CA PRO V 107 47.29 42.16 -58.31
C PRO V 107 47.98 41.64 -59.55
N CYS V 108 48.76 42.54 -60.15
CA CYS V 108 49.59 42.25 -61.30
C CYS V 108 51.07 42.37 -60.98
N SER V 109 51.43 42.67 -59.75
CA SER V 109 52.77 43.03 -59.36
C SER V 109 53.42 41.89 -58.59
N PRO V 110 54.73 41.73 -58.68
CA PRO V 110 55.39 40.63 -58.00
C PRO V 110 55.44 40.86 -56.49
N ILE V 111 55.64 39.76 -55.78
CA ILE V 111 55.76 39.83 -54.32
C ILE V 111 57.08 40.40 -53.87
N THR V 112 58.02 40.65 -54.78
CA THR V 112 59.29 41.29 -54.46
C THR V 112 59.25 42.79 -54.61
N GLN V 113 58.12 43.38 -54.99
CA GLN V 113 58.07 44.80 -55.24
C GLN V 113 58.06 45.55 -53.92
N GLY V 114 58.88 46.59 -53.84
CA GLY V 114 59.00 47.40 -52.66
C GLY V 114 58.18 48.66 -52.74
N ASP V 115 58.50 49.59 -51.83
CA ASP V 115 57.76 50.84 -51.68
C ASP V 115 56.28 50.55 -51.43
N ARG V 116 56.04 49.57 -50.57
CA ARG V 116 54.69 49.16 -50.26
C ARG V 116 53.93 50.29 -49.58
N GLY V 117 52.61 50.11 -49.51
CA GLY V 117 51.74 51.14 -49.02
C GLY V 117 50.49 50.59 -48.38
N VAL V 118 49.58 51.50 -48.03
CA VAL V 118 48.35 51.11 -47.34
C VAL V 118 47.26 52.09 -47.75
N GLY V 119 46.13 51.53 -48.19
CA GLY V 119 45.02 52.30 -48.69
C GLY V 119 43.71 51.92 -48.05
N SER V 120 42.62 52.31 -48.70
CA SER V 120 41.30 52.12 -48.13
C SER V 120 40.27 52.03 -49.24
N SER V 121 39.31 51.14 -49.06
CA SER V 121 38.15 51.01 -49.93
C SER V 121 36.90 51.16 -49.12
N ALA V 122 36.00 52.02 -49.57
CA ALA V 122 34.76 52.32 -48.88
C ALA V 122 33.58 52.17 -49.83
N VAL V 123 32.41 52.03 -49.23
CA VAL V 123 31.16 51.79 -49.95
C VAL V 123 30.36 53.08 -49.98
N ILE V 124 30.07 53.56 -51.18
CA ILE V 124 29.48 54.87 -51.41
C ILE V 124 28.24 54.67 -52.26
N LEU V 125 27.08 54.68 -51.61
CA LEU V 125 25.83 54.28 -52.24
C LEU V 125 25.01 55.44 -52.79
N ASP V 126 25.65 56.55 -53.19
CA ASP V 126 24.89 57.76 -53.51
C ASP V 126 25.43 58.60 -54.66
N ASP V 127 26.49 58.17 -55.35
CA ASP V 127 26.95 58.85 -56.55
C ASP V 127 27.56 60.21 -56.25
N ASN V 128 28.08 60.39 -55.04
CA ASN V 128 28.87 61.57 -54.69
C ASN V 128 30.11 61.04 -54.02
N PHE V 129 31.13 60.82 -54.84
CA PHE V 129 32.42 60.33 -54.42
C PHE V 129 33.34 61.49 -54.08
N VAL V 130 34.40 61.17 -53.34
CA VAL V 130 35.50 62.11 -53.22
C VAL V 130 36.07 62.35 -54.61
N THR V 131 36.44 63.59 -54.87
CA THR V 131 36.90 63.98 -56.19
C THR V 131 38.12 63.16 -56.58
N LYS V 132 38.18 62.78 -57.85
CA LYS V 132 39.31 62.02 -58.35
C LYS V 132 40.58 62.84 -58.24
N ALA V 133 41.61 62.25 -57.65
CA ALA V 133 42.86 62.91 -57.38
C ALA V 133 44.01 61.99 -57.74
N THR V 134 45.11 62.59 -58.15
CA THR V 134 46.33 61.85 -58.50
C THR V 134 47.22 61.67 -57.28
N ALA V 135 47.50 62.75 -56.55
CA ALA V 135 48.34 62.70 -55.36
C ALA V 135 47.72 63.60 -54.31
N LEU V 136 46.81 63.05 -53.51
CA LEU V 136 46.20 63.75 -52.40
C LEU V 136 46.96 63.46 -51.11
N THR V 137 47.07 64.47 -50.27
CA THR V 137 47.93 64.41 -49.09
C THR V 137 47.36 63.59 -47.95
N TYR V 138 46.25 62.88 -48.15
CA TYR V 138 45.64 62.09 -47.09
C TYR V 138 44.74 61.05 -47.73
N ASP V 139 44.34 60.08 -46.93
CA ASP V 139 43.41 59.04 -47.33
C ASP V 139 42.00 59.47 -46.93
N PRO V 140 41.15 59.88 -47.86
CA PRO V 140 39.83 60.35 -47.45
C PRO V 140 38.93 59.26 -46.93
N TYR V 141 39.07 58.05 -47.44
CA TYR V 141 38.19 56.95 -47.09
C TYR V 141 38.65 56.19 -45.86
N VAL V 142 39.54 56.77 -45.06
CA VAL V 142 40.14 56.03 -43.96
C VAL V 142 39.20 55.98 -42.76
N ASN V 143 38.52 57.07 -42.46
CA ASN V 143 37.64 57.14 -41.32
C ASN V 143 36.22 56.71 -41.64
N TYR V 144 35.97 56.24 -42.84
CA TYR V 144 34.64 55.76 -43.19
C TYR V 144 34.33 54.47 -42.46
N SER V 145 33.06 54.34 -42.07
CA SER V 145 32.61 53.16 -41.36
C SER V 145 32.71 51.90 -42.19
N SER V 146 32.73 52.02 -43.52
CA SER V 146 32.85 50.89 -44.42
C SER V 146 34.25 50.74 -44.99
N ARG V 147 35.25 51.26 -44.29
CA ARG V 147 36.61 51.19 -44.78
C ARG V 147 37.19 49.81 -44.51
N HIS V 148 37.79 49.24 -45.53
CA HIS V 148 38.64 48.07 -45.42
C HIS V 148 40.02 48.50 -45.89
N THR V 149 41.04 48.04 -45.20
CA THR V 149 42.40 48.36 -45.54
C THR V 149 42.83 47.62 -46.80
N ILE V 150 43.50 48.35 -47.69
CA ILE V 150 44.10 47.79 -48.88
C ILE V 150 45.59 47.75 -48.62
N THR V 151 46.11 46.54 -48.45
CA THR V 151 47.55 46.33 -48.52
C THR V 151 47.98 46.33 -49.97
N GLN V 152 49.07 47.02 -50.26
CA GLN V 152 49.58 47.23 -51.60
C GLN V 152 51.01 46.74 -51.69
N PRO V 153 51.50 46.42 -52.88
CA PRO V 153 50.88 46.31 -54.19
C PRO V 153 50.48 44.91 -54.61
N PHE V 154 50.98 43.90 -53.89
CA PHE V 154 50.91 42.51 -54.33
C PHE V 154 49.90 41.71 -53.52
N SER V 155 48.86 42.35 -53.01
CA SER V 155 47.91 41.72 -52.12
C SER V 155 46.51 41.83 -52.70
N TYR V 156 45.73 40.78 -52.46
CA TYR V 156 44.37 40.67 -52.95
C TYR V 156 43.42 41.39 -52.01
N HIS V 157 42.44 42.07 -52.60
CA HIS V 157 41.44 42.83 -51.87
C HIS V 157 40.08 42.54 -52.47
N SER V 158 39.16 42.06 -51.64
CA SER V 158 37.79 41.80 -52.03
C SER V 158 36.85 42.66 -51.22
N ARG V 159 35.73 43.03 -51.85
CA ARG V 159 34.65 43.75 -51.20
C ARG V 159 33.35 43.15 -51.69
N TYR V 160 32.49 42.75 -50.76
CA TYR V 160 31.23 42.08 -51.05
C TYR V 160 30.12 42.87 -50.37
N PHE V 161 29.25 43.45 -51.15
CA PHE V 161 28.26 44.38 -50.64
C PHE V 161 27.06 44.42 -51.58
N THR V 162 26.05 45.15 -51.15
CA THR V 162 24.80 45.31 -51.88
C THR V 162 24.72 46.71 -52.46
N PRO V 163 24.81 46.90 -53.78
CA PRO V 163 24.76 48.25 -54.31
C PRO V 163 23.37 48.82 -54.32
N LYS V 164 23.24 50.06 -54.76
CA LYS V 164 21.98 50.77 -54.82
C LYS V 164 21.90 51.49 -56.15
N PRO V 165 20.73 51.58 -56.77
CA PRO V 165 20.62 52.30 -58.03
C PRO V 165 20.46 53.79 -57.86
N VAL V 166 20.83 54.50 -58.92
CA VAL V 166 20.76 55.96 -58.97
C VAL V 166 19.40 56.31 -59.55
N LEU V 167 18.42 56.43 -58.67
CA LEU V 167 17.07 56.78 -59.08
C LEU V 167 16.92 58.28 -59.28
N ASP V 168 17.45 59.08 -58.36
CA ASP V 168 17.45 60.53 -58.48
C ASP V 168 18.79 61.03 -57.98
N SER V 169 19.64 61.49 -58.90
CA SER V 169 20.94 62.01 -58.52
C SER V 169 20.87 63.35 -57.80
N THR V 170 19.74 64.06 -57.91
CA THR V 170 19.58 65.33 -57.23
C THR V 170 19.36 65.16 -55.75
N ILE V 171 18.58 64.15 -55.36
CA ILE V 171 18.20 63.91 -53.98
C ILE V 171 19.06 62.79 -53.41
N ASP V 172 19.39 61.81 -54.25
CA ASP V 172 20.26 60.71 -53.89
C ASP V 172 19.69 59.92 -52.71
N TYR V 173 18.54 59.30 -52.95
CA TYR V 173 17.88 58.46 -51.98
C TYR V 173 18.05 56.99 -52.34
N PHE V 174 18.12 56.15 -51.32
CA PHE V 174 18.27 54.72 -51.52
C PHE V 174 17.61 53.98 -50.39
N GLN V 175 17.39 52.75 -50.61
CA GLN V 175 16.72 51.85 -49.69
C GLN V 175 17.72 51.15 -48.78
N PRO V 176 17.34 50.80 -47.56
CA PRO V 176 18.17 49.90 -46.77
C PRO V 176 18.10 48.48 -47.27
N ASN V 177 18.93 47.62 -46.71
CA ASN V 177 19.04 46.26 -47.18
C ASN V 177 17.83 45.46 -46.72
N ASN V 178 17.06 44.99 -47.69
CA ASN V 178 15.90 44.15 -47.42
C ASN V 178 15.67 43.31 -48.66
N LYS V 179 15.86 42.01 -48.55
CA LYS V 179 15.71 41.18 -49.73
C LYS V 179 14.28 41.13 -50.22
N ARG V 180 13.32 41.28 -49.32
CA ARG V 180 11.92 41.14 -49.68
C ARG V 180 11.33 42.42 -50.27
N ASN V 181 11.90 43.57 -49.92
CA ASN V 181 11.38 44.86 -50.33
C ASN V 181 12.22 45.56 -51.38
N GLN V 182 13.28 44.92 -51.87
CA GLN V 182 14.15 45.55 -52.85
C GLN V 182 13.39 45.77 -54.15
N LEU V 183 13.56 46.96 -54.71
CA LEU V 183 12.86 47.33 -55.93
C LEU V 183 13.32 46.48 -57.10
N TRP V 184 12.37 46.19 -57.98
CA TRP V 184 12.64 45.60 -59.27
C TRP V 184 12.75 46.70 -60.29
N LEU V 185 13.86 46.72 -61.00
CA LEU V 185 14.07 47.60 -62.14
C LEU V 185 13.75 46.84 -63.41
N ARG V 186 13.60 47.59 -64.49
CA ARG V 186 13.42 47.02 -65.80
C ARG V 186 14.76 46.85 -66.49
N LEU V 187 14.92 45.72 -67.15
CA LEU V 187 16.06 45.44 -67.99
C LEU V 187 15.84 46.13 -69.32
N GLN V 188 16.33 47.35 -69.42
CA GLN V 188 16.19 48.14 -70.62
C GLN V 188 17.01 47.54 -71.75
N THR V 189 16.84 48.12 -72.93
CA THR V 189 17.56 47.64 -74.11
C THR V 189 18.98 48.19 -74.17
N ALA V 190 19.13 49.53 -74.08
CA ALA V 190 20.45 50.13 -74.10
C ALA V 190 20.59 51.33 -73.16
N GLY V 191 19.80 51.39 -72.10
CA GLY V 191 19.76 52.57 -71.25
C GLY V 191 19.62 52.29 -69.77
N ASN V 192 20.17 51.18 -69.30
CA ASN V 192 20.03 50.80 -67.91
C ASN V 192 20.71 51.80 -66.99
N VAL V 193 20.26 51.81 -65.74
CA VAL V 193 20.67 52.80 -64.76
C VAL V 193 21.92 52.31 -64.04
N ASP V 194 22.77 53.26 -63.67
CA ASP V 194 24.03 52.94 -63.05
C ASP V 194 23.84 52.63 -61.58
N HIS V 195 24.36 51.51 -61.14
CA HIS V 195 24.49 51.19 -59.73
C HIS V 195 25.83 51.65 -59.22
N VAL V 196 25.89 51.88 -57.93
CA VAL V 196 26.99 52.60 -57.30
C VAL V 196 27.29 51.95 -55.97
N GLY V 197 28.47 52.25 -55.41
CA GLY V 197 28.87 51.58 -54.21
C GLY V 197 30.32 51.27 -53.91
N LEU V 198 31.28 51.79 -54.66
CA LEU V 198 32.67 51.63 -54.22
C LEU V 198 33.55 52.80 -54.61
N GLY V 199 34.33 53.25 -53.64
CA GLY V 199 35.38 54.22 -53.88
C GLY V 199 36.64 53.78 -53.18
N THR V 200 37.77 54.13 -53.79
CA THR V 200 39.07 53.61 -53.39
C THR V 200 40.06 54.75 -53.17
N ALA V 201 41.12 54.43 -52.45
CA ALA V 201 42.24 55.33 -52.27
C ALA V 201 43.50 54.47 -52.17
N PHE V 202 44.34 54.58 -53.19
CA PHE V 202 45.59 53.83 -53.26
C PHE V 202 46.77 54.75 -53.01
N GLU V 203 47.71 54.28 -52.21
CA GLU V 203 48.91 55.02 -51.91
C GLU V 203 49.88 54.90 -53.06
N ASN V 204 50.36 56.04 -53.54
CA ASN V 204 51.23 56.06 -54.69
C ASN V 204 52.60 55.50 -54.34
N SER V 205 53.38 55.24 -55.38
CA SER V 205 54.66 54.57 -55.24
C SER V 205 55.59 54.99 -56.37
N ILE V 206 56.87 54.65 -56.22
CA ILE V 206 57.85 54.91 -57.26
C ILE V 206 57.60 54.01 -58.46
N TYR V 207 57.05 52.84 -58.24
CA TYR V 207 56.77 51.88 -59.29
C TYR V 207 55.29 51.91 -59.63
N ASP V 208 54.97 51.48 -60.84
CA ASP V 208 53.59 51.40 -61.28
C ASP V 208 52.90 50.21 -60.63
N GLN V 209 51.70 50.43 -60.11
CA GLN V 209 50.89 49.40 -59.47
C GLN V 209 49.71 49.09 -60.36
N GLU V 210 49.72 47.92 -60.98
CA GLU V 210 48.66 47.49 -61.87
C GLU V 210 47.78 46.46 -61.17
N TYR V 211 46.51 46.43 -61.57
CA TYR V 211 45.52 45.52 -61.03
C TYR V 211 44.60 45.06 -62.15
N ASN V 212 44.14 43.82 -62.04
CA ASN V 212 43.09 43.28 -62.88
C ASN V 212 41.85 43.14 -62.01
N ILE V 213 40.86 43.99 -62.25
CA ILE V 213 39.68 44.06 -61.39
C ILE V 213 38.58 43.23 -62.02
N ARG V 214 38.07 42.27 -61.24
CA ARG V 214 37.00 41.38 -61.65
C ARG V 214 35.78 41.68 -60.81
N VAL V 215 34.76 42.24 -61.44
CA VAL V 215 33.49 42.53 -60.79
C VAL V 215 32.52 41.41 -61.13
N THR V 216 31.87 40.88 -60.10
CA THR V 216 30.88 39.83 -60.23
C THR V 216 29.60 40.34 -59.60
N MET V 217 28.53 40.43 -60.40
CA MET V 217 27.23 40.84 -59.93
C MET V 217 26.31 39.64 -59.79
N TYR V 218 25.71 39.52 -58.63
CA TYR V 218 24.73 38.48 -58.34
C TYR V 218 23.35 39.07 -58.50
N VAL V 219 22.66 38.70 -59.58
CA VAL V 219 21.44 39.35 -60.00
C VAL V 219 20.28 38.38 -59.83
N GLN V 220 19.08 38.92 -59.93
CA GLN V 220 17.84 38.16 -59.77
C GLN V 220 16.87 38.73 -60.78
N PHE V 221 16.49 37.91 -61.75
CA PHE V 221 15.58 38.30 -62.81
C PHE V 221 14.16 37.81 -62.53
N ARG V 222 13.23 38.26 -63.37
CA ARG V 222 11.83 37.95 -63.19
C ARG V 222 11.12 38.05 -64.53
N GLU V 223 10.08 37.24 -64.69
CA GLU V 223 9.18 37.28 -65.85
C GLU V 223 9.92 36.98 -67.15
N PHE V 224 10.30 35.71 -67.27
CA PHE V 224 10.74 35.10 -68.51
C PHE V 224 9.85 35.52 -69.66
N ASN V 225 10.46 36.14 -70.68
CA ASN V 225 9.70 36.79 -71.74
C ASN V 225 10.25 36.45 -73.11
N LEU V 226 10.58 35.19 -73.32
CA LEU V 226 11.11 34.78 -74.60
C LEU V 226 10.06 34.92 -75.68
N LYS V 227 10.49 35.33 -76.87
CA LYS V 227 9.63 35.48 -78.03
C LYS V 227 10.11 34.56 -79.13
N ASP V 228 9.19 33.77 -79.67
CA ASP V 228 9.50 32.71 -80.62
C ASP V 228 8.68 32.92 -81.88
N PRO V 229 9.16 33.76 -82.80
CA PRO V 229 8.50 33.88 -84.08
C PRO V 229 8.79 32.67 -84.95
N PRO V 230 8.05 32.48 -86.05
CA PRO V 230 8.40 31.40 -86.98
C PRO V 230 9.68 31.67 -87.73
N LEU V 231 10.05 30.75 -88.62
CA LEU V 231 11.28 30.84 -89.39
C LEU V 231 11.08 30.37 -90.82
N GLY W 43 25.64 62.72 -23.68
CA GLY W 43 25.53 62.36 -25.08
C GLY W 43 26.77 61.70 -25.62
N ILE W 44 26.89 60.42 -25.38
CA ILE W 44 28.10 59.68 -25.69
C ILE W 44 28.14 59.33 -27.17
N PHE W 45 29.34 59.35 -27.73
CA PHE W 45 29.56 58.96 -29.11
C PHE W 45 30.96 58.37 -29.19
N ASN W 46 31.05 57.05 -29.22
CA ASN W 46 32.31 56.37 -29.45
C ASN W 46 32.58 56.28 -30.93
N THR W 47 33.76 56.73 -31.35
CA THR W 47 34.16 56.65 -32.74
C THR W 47 35.64 56.29 -32.82
N ARG W 48 36.20 56.46 -34.01
CA ARG W 48 37.54 56.02 -34.35
C ARG W 48 38.15 57.04 -35.30
N LEU W 49 39.34 57.54 -34.93
CA LEU W 49 40.06 58.54 -35.70
C LEU W 49 41.44 58.01 -36.00
N SER W 50 41.89 58.23 -37.23
CA SER W 50 43.15 57.71 -37.72
C SER W 50 44.00 58.81 -38.31
N ARG W 51 45.25 58.46 -38.58
CA ARG W 51 46.30 59.36 -39.02
C ARG W 51 47.48 58.50 -39.44
N THR W 52 48.15 58.91 -40.51
CA THR W 52 49.23 58.14 -41.10
C THR W 52 50.43 59.05 -41.35
N PHE W 53 51.61 58.52 -41.05
CA PHE W 53 52.85 59.27 -41.22
C PHE W 53 54.00 58.30 -41.32
N GLY W 54 55.16 58.82 -41.70
CA GLY W 54 56.33 58.01 -41.94
C GLY W 54 57.39 58.06 -40.86
N TYR W 55 58.21 57.01 -40.82
CA TYR W 55 59.35 56.92 -39.91
C TYR W 55 60.41 56.08 -40.60
N THR W 56 61.64 56.59 -40.61
CA THR W 56 62.77 55.92 -41.24
C THR W 56 63.91 55.78 -40.27
N ILE W 57 64.54 54.61 -40.31
CA ILE W 57 65.77 54.33 -39.58
C ILE W 57 66.88 54.31 -40.61
N LYS W 58 67.68 55.38 -40.62
CA LYS W 58 68.73 55.52 -41.61
C LYS W 58 69.81 54.47 -41.41
N ARG W 59 70.56 54.22 -42.48
CA ARG W 59 71.63 53.23 -42.48
C ARG W 59 72.81 53.70 -41.65
N THR W 60 73.64 52.74 -41.24
CA THR W 60 74.85 53.00 -40.50
C THR W 60 75.94 52.04 -40.94
N THR W 61 77.16 52.56 -41.08
CA THR W 61 78.33 51.75 -41.35
C THR W 61 78.85 51.03 -40.12
N VAL W 62 78.27 51.29 -38.94
CA VAL W 62 78.71 50.64 -37.71
C VAL W 62 78.53 49.14 -37.84
N LYS W 63 79.52 48.39 -37.38
CA LYS W 63 79.50 46.93 -37.50
C LYS W 63 78.72 46.28 -36.37
N THR W 64 78.80 46.84 -35.18
CA THR W 64 78.18 46.25 -34.01
C THR W 64 76.66 46.26 -34.14
N PRO W 65 75.97 45.49 -33.30
CA PRO W 65 74.52 45.66 -33.20
C PRO W 65 74.20 46.85 -32.32
N SER W 66 73.75 47.93 -32.95
CA SER W 66 73.30 49.12 -32.27
C SER W 66 71.83 49.34 -32.56
N TRP W 67 71.17 50.07 -31.66
CA TRP W 67 69.75 50.34 -31.75
C TRP W 67 69.48 51.83 -31.85
N ALA W 68 68.41 52.15 -32.56
CA ALA W 68 67.94 53.52 -32.73
C ALA W 68 66.70 53.72 -31.90
N VAL W 69 66.76 54.68 -30.99
CA VAL W 69 65.70 54.91 -30.02
C VAL W 69 64.94 56.15 -30.43
N ASP W 70 63.63 56.10 -30.25
CA ASP W 70 62.76 57.23 -30.56
C ASP W 70 61.50 57.11 -29.72
N MET W 71 60.74 58.19 -29.69
CA MET W 71 59.54 58.32 -28.87
C MET W 71 58.33 58.57 -29.77
N MET W 72 57.16 58.46 -29.15
CA MET W 72 55.90 58.62 -29.87
C MET W 72 54.84 59.11 -28.90
N ARG W 73 54.36 60.33 -29.11
CA ARG W 73 53.25 60.91 -28.38
C ARG W 73 52.02 60.96 -29.27
N PHE W 74 50.87 61.22 -28.65
CA PHE W 74 49.60 61.27 -29.34
C PHE W 74 48.82 62.49 -28.87
N ASN W 75 48.43 63.33 -29.83
CA ASN W 75 47.58 64.48 -29.57
C ASN W 75 46.39 64.45 -30.50
N ILE W 76 45.27 64.98 -30.01
CA ILE W 76 44.02 64.93 -30.76
C ILE W 76 43.93 66.02 -31.82
N ASN W 77 44.81 67.03 -31.79
CA ASN W 77 44.81 68.01 -32.85
C ASN W 77 45.24 67.41 -34.18
N ASP W 78 46.09 66.39 -34.13
CA ASP W 78 46.57 65.74 -35.33
C ASP W 78 45.54 64.79 -35.94
N PHE W 79 44.48 64.46 -35.21
CA PHE W 79 43.42 63.59 -35.70
C PHE W 79 42.12 64.33 -35.97
N LEU W 80 41.86 65.40 -35.22
CA LEU W 80 40.63 66.17 -35.32
C LEU W 80 40.93 67.57 -35.83
N PRO W 81 40.55 67.95 -37.04
CA PRO W 81 40.91 69.26 -37.52
C PRO W 81 40.04 70.34 -36.89
N PRO W 82 40.37 71.60 -37.12
CA PRO W 82 39.48 72.67 -36.68
C PRO W 82 38.24 72.73 -37.54
N GLY W 83 37.15 73.14 -36.92
CA GLY W 83 35.87 73.22 -37.60
C GLY W 83 35.71 74.50 -38.37
N GLY W 84 34.50 75.04 -38.34
CA GLY W 84 34.21 76.28 -39.03
C GLY W 84 33.02 76.99 -38.46
N GLY W 85 33.16 78.29 -38.22
CA GLY W 85 32.08 79.09 -37.69
C GLY W 85 32.00 79.04 -36.19
N SER W 86 30.76 78.97 -35.68
CA SER W 86 30.55 78.95 -34.23
C SER W 86 30.99 77.64 -33.60
N ASN W 87 31.19 76.60 -34.41
CA ASN W 87 31.69 75.33 -33.93
C ASN W 87 33.20 75.30 -34.10
N PRO W 88 34.00 75.37 -33.02
CA PRO W 88 35.45 75.48 -33.22
C PRO W 88 36.09 74.21 -33.74
N ARG W 89 35.47 73.06 -33.54
CA ARG W 89 36.01 71.78 -33.98
C ARG W 89 35.03 71.10 -34.92
N SER W 90 35.55 70.11 -35.65
CA SER W 90 34.78 69.46 -36.69
C SER W 90 33.84 68.39 -36.14
N VAL W 91 34.14 67.85 -34.97
CA VAL W 91 33.26 66.94 -34.25
C VAL W 91 32.57 67.74 -33.15
N PRO W 92 31.26 68.00 -33.23
CA PRO W 92 30.67 68.94 -32.29
C PRO W 92 30.36 68.35 -30.92
N PHE W 93 31.40 68.25 -30.11
CA PHE W 93 31.30 67.78 -28.75
C PHE W 93 32.20 68.62 -27.87
N GLU W 94 31.94 68.58 -26.57
CA GLU W 94 32.65 69.37 -25.58
C GLU W 94 33.80 68.61 -24.94
N TYR W 95 33.53 67.41 -24.46
CA TYR W 95 34.48 66.62 -23.69
C TYR W 95 34.93 65.41 -24.49
N TYR W 96 36.05 64.84 -24.07
CA TYR W 96 36.57 63.64 -24.68
C TYR W 96 37.44 62.90 -23.70
N ARG W 97 37.69 61.64 -24.01
CA ARG W 97 38.66 60.85 -23.29
C ARG W 97 39.08 59.71 -24.18
N ILE W 98 40.39 59.54 -24.35
CA ILE W 98 40.93 58.53 -25.26
C ILE W 98 40.91 57.18 -24.55
N ARG W 99 40.24 56.22 -25.16
CA ARG W 99 40.07 54.89 -24.59
C ARG W 99 41.22 53.98 -24.95
N LYS W 100 41.60 53.94 -26.22
CA LYS W 100 42.63 53.06 -26.72
C LYS W 100 43.33 53.72 -27.88
N VAL W 101 44.54 53.24 -28.18
CA VAL W 101 45.28 53.62 -29.37
C VAL W 101 45.85 52.35 -29.96
N LYS W 102 45.86 52.31 -31.30
CA LYS W 102 46.45 51.22 -32.08
C LYS W 102 47.51 51.83 -32.96
N VAL W 103 48.76 51.57 -32.64
CA VAL W 103 49.88 51.97 -33.47
C VAL W 103 50.27 50.78 -34.34
N GLU W 104 50.29 51.01 -35.64
CA GLU W 104 50.60 49.97 -36.63
C GLU W 104 51.82 50.42 -37.41
N PHE W 105 52.89 49.64 -37.31
CA PHE W 105 54.07 49.84 -38.13
C PHE W 105 53.91 49.01 -39.39
N TRP W 106 53.48 49.66 -40.46
CA TRP W 106 53.34 49.00 -41.74
C TRP W 106 54.66 49.12 -42.50
N PRO W 107 55.33 48.02 -42.83
CA PRO W 107 56.64 48.13 -43.46
C PRO W 107 56.56 48.68 -44.88
N CYS W 108 57.67 49.25 -45.28
CA CYS W 108 57.87 49.76 -46.62
C CYS W 108 58.94 48.98 -47.38
N SER W 109 59.53 47.97 -46.79
CA SER W 109 60.69 47.29 -47.28
C SER W 109 60.32 45.93 -47.85
N PRO W 110 61.03 45.44 -48.85
CA PRO W 110 60.68 44.15 -49.44
C PRO W 110 61.03 43.00 -48.52
N ILE W 111 60.39 41.86 -48.80
CA ILE W 111 60.67 40.66 -48.01
C ILE W 111 62.00 40.03 -48.36
N THR W 112 62.69 40.52 -49.38
CA THR W 112 64.02 40.05 -49.74
C THR W 112 65.13 40.83 -49.08
N GLN W 113 64.82 41.83 -48.25
CA GLN W 113 65.85 42.66 -47.66
C GLN W 113 66.55 41.89 -46.54
N GLY W 114 67.86 41.96 -46.54
CA GLY W 114 68.68 41.29 -45.57
C GLY W 114 69.11 42.21 -44.44
N ASP W 115 70.12 41.74 -43.70
CA ASP W 115 70.61 42.43 -42.52
C ASP W 115 69.47 42.66 -41.54
N ARG W 116 68.66 41.62 -41.36
CA ARG W 116 67.51 41.71 -40.48
C ARG W 116 67.95 41.92 -39.04
N GLY W 117 66.99 42.29 -38.21
CA GLY W 117 67.26 42.66 -36.84
C GLY W 117 66.11 42.37 -35.92
N VAL W 118 66.25 42.80 -34.67
CA VAL W 118 65.24 42.55 -33.65
C VAL W 118 65.25 43.71 -32.67
N GLY W 119 64.06 44.27 -32.44
CA GLY W 119 63.89 45.42 -31.60
C GLY W 119 62.82 45.23 -30.56
N SER W 120 62.36 46.33 -30.00
CA SER W 120 61.43 46.29 -28.88
C SER W 120 60.59 47.57 -28.86
N SER W 121 59.30 47.39 -28.55
CA SER W 121 58.38 48.49 -28.34
C SER W 121 57.78 48.36 -26.96
N ALA W 122 57.82 49.45 -26.20
CA ALA W 122 57.32 49.48 -24.83
C ALA W 122 56.36 50.65 -24.64
N VAL W 123 55.56 50.54 -23.60
CA VAL W 123 54.50 51.50 -23.28
C VAL W 123 54.98 52.37 -22.14
N ILE W 124 55.03 53.68 -22.38
CA ILE W 124 55.64 54.64 -21.49
C ILE W 124 54.61 55.73 -21.21
N LEU W 125 53.93 55.65 -20.08
CA LEU W 125 52.77 56.46 -19.79
C LEU W 125 53.08 57.72 -18.98
N ASP W 126 54.29 58.27 -19.09
CA ASP W 126 54.71 59.34 -18.19
C ASP W 126 55.57 60.44 -18.79
N ASP W 127 55.84 60.43 -20.08
CA ASP W 127 56.54 61.53 -20.74
C ASP W 127 57.99 61.63 -20.31
N ASN W 128 58.59 60.51 -19.89
CA ASN W 128 60.02 60.42 -19.64
C ASN W 128 60.49 59.17 -20.37
N PHE W 129 60.89 59.37 -21.61
CA PHE W 129 61.38 58.33 -22.49
C PHE W 129 62.88 58.20 -22.34
N VAL W 130 63.39 57.05 -22.79
CA VAL W 130 64.82 56.93 -23.00
C VAL W 130 65.23 57.96 -24.04
N THR W 131 66.38 58.56 -23.83
CA THR W 131 66.84 59.64 -24.70
C THR W 131 66.96 59.15 -26.13
N LYS W 132 66.58 60.00 -27.06
CA LYS W 132 66.67 59.66 -28.47
C LYS W 132 68.12 59.45 -28.86
N ALA W 133 68.38 58.32 -29.50
CA ALA W 133 69.72 57.90 -29.87
C ALA W 133 69.72 57.36 -31.28
N THR W 134 70.84 57.54 -31.97
CA THR W 134 71.02 57.05 -33.33
C THR W 134 71.57 55.63 -33.34
N ALA W 135 72.65 55.39 -32.59
CA ALA W 135 73.27 54.07 -32.50
C ALA W 135 73.66 53.84 -31.05
N LEU W 136 72.74 53.28 -30.28
CA LEU W 136 72.99 52.90 -28.90
C LEU W 136 73.39 51.44 -28.83
N THR W 137 74.31 51.13 -27.94
CA THR W 137 74.94 49.81 -27.87
C THR W 137 74.05 48.74 -27.25
N TYR W 138 72.79 49.02 -26.97
CA TYR W 138 71.91 48.05 -26.36
C TYR W 138 70.48 48.47 -26.62
N ASP W 139 69.56 47.55 -26.36
CA ASP W 139 68.13 47.79 -26.48
C ASP W 139 67.60 48.18 -25.11
N PRO W 140 67.27 49.45 -24.86
CA PRO W 140 66.83 49.80 -23.52
C PRO W 140 65.48 49.26 -23.15
N TYR W 141 64.59 49.11 -24.12
CA TYR W 141 63.22 48.69 -23.87
C TYR W 141 63.07 47.18 -23.85
N VAL W 142 64.16 46.43 -23.72
CA VAL W 142 64.08 44.98 -23.86
C VAL W 142 63.57 44.33 -22.58
N ASN W 143 63.99 44.81 -21.43
CA ASN W 143 63.60 44.23 -20.16
C ASN W 143 62.34 44.85 -19.60
N TYR W 144 61.70 45.74 -20.34
CA TYR W 144 60.44 46.32 -19.89
C TYR W 144 59.34 45.29 -19.88
N SER W 145 58.47 45.39 -18.89
CA SER W 145 57.35 44.47 -18.76
C SER W 145 56.37 44.58 -19.91
N SER W 146 56.34 45.71 -20.60
CA SER W 146 55.46 45.93 -21.73
C SER W 146 56.18 45.81 -23.07
N ARG W 147 57.29 45.08 -23.10
CA ARG W 147 58.06 44.93 -24.32
C ARG W 147 57.40 43.90 -25.22
N HIS W 148 57.24 44.27 -26.48
CA HIS W 148 56.92 43.36 -27.56
C HIS W 148 58.07 43.40 -28.54
N THR W 149 58.45 42.24 -29.04
CA THR W 149 59.53 42.15 -30.00
C THR W 149 59.11 42.70 -31.35
N ILE W 150 59.99 43.49 -31.94
CA ILE W 150 59.84 44.01 -33.29
C ILE W 150 60.78 43.20 -34.16
N THR W 151 60.23 42.35 -35.00
CA THR W 151 60.97 41.77 -36.10
C THR W 151 61.10 42.81 -37.21
N GLN W 152 62.29 42.93 -37.76
CA GLN W 152 62.64 43.92 -38.75
C GLN W 152 63.17 43.23 -39.99
N PRO W 153 63.12 43.90 -41.16
CA PRO W 153 62.50 45.17 -41.53
C PRO W 153 61.13 45.05 -42.17
N PHE W 154 60.77 43.86 -42.60
CA PHE W 154 59.61 43.64 -43.46
C PHE W 154 58.44 43.02 -42.73
N SER W 155 58.32 43.28 -41.43
CA SER W 155 57.31 42.63 -40.61
C SER W 155 56.45 43.68 -39.94
N TYR W 156 55.17 43.34 -39.79
CA TYR W 156 54.18 44.21 -39.21
C TYR W 156 54.20 44.10 -37.69
N HIS W 157 54.04 45.24 -37.04
CA HIS W 157 54.05 45.35 -35.60
C HIS W 157 52.90 46.23 -35.17
N SER W 158 52.03 45.69 -34.32
CA SER W 158 50.92 46.42 -33.75
C SER W 158 51.06 46.49 -32.24
N ARG W 159 50.56 47.58 -31.67
CA ARG W 159 50.48 47.77 -30.24
C ARG W 159 49.14 48.42 -29.93
N TYR W 160 48.39 47.80 -29.03
CA TYR W 160 47.05 48.23 -28.67
C TYR W 160 47.00 48.42 -27.16
N PHE W 161 46.81 49.66 -26.74
CA PHE W 161 46.94 50.00 -25.33
C PHE W 161 46.10 51.24 -25.04
N THR W 162 46.06 51.59 -23.77
CA THR W 162 45.31 52.73 -23.26
C THR W 162 46.27 53.84 -22.86
N PRO W 163 46.33 54.96 -23.56
CA PRO W 163 47.29 56.00 -23.17
C PRO W 163 46.83 56.77 -21.96
N LYS W 164 47.65 57.72 -21.52
CA LYS W 164 47.37 58.55 -20.38
C LYS W 164 47.75 59.98 -20.72
N PRO W 165 47.00 60.96 -20.23
CA PRO W 165 47.34 62.35 -20.52
C PRO W 165 48.41 62.91 -19.58
N VAL W 166 49.07 63.94 -20.09
CA VAL W 166 50.14 64.61 -19.36
C VAL W 166 49.48 65.76 -18.61
N LEU W 167 49.03 65.47 -17.40
CA LEU W 167 48.39 66.47 -16.56
C LEU W 167 49.42 67.33 -15.83
N ASP W 168 50.45 66.71 -15.28
CA ASP W 168 51.55 67.43 -14.65
C ASP W 168 52.84 66.71 -15.02
N SER W 169 53.64 67.35 -15.87
CA SER W 169 54.91 66.76 -16.29
C SER W 169 55.95 66.78 -15.18
N THR W 170 55.76 67.59 -14.15
CA THR W 170 56.70 67.64 -13.04
C THR W 170 56.57 66.43 -12.13
N ILE W 171 55.35 65.98 -11.88
CA ILE W 171 55.07 64.89 -10.97
C ILE W 171 54.82 63.61 -11.77
N ASP W 172 54.20 63.76 -12.95
CA ASP W 172 53.95 62.67 -13.87
C ASP W 172 53.10 61.58 -13.20
N TYR W 173 51.87 61.95 -12.88
CA TYR W 173 50.90 61.04 -12.29
C TYR W 173 49.86 60.66 -13.32
N PHE W 174 49.37 59.42 -13.21
CA PHE W 174 48.35 58.93 -14.11
C PHE W 174 47.47 57.93 -13.39
N GLN W 175 46.38 57.67 -13.97
CA GLN W 175 45.35 56.78 -13.45
C GLN W 175 45.55 55.36 -13.95
N PRO W 176 45.17 54.36 -13.16
CA PRO W 176 45.10 53.01 -13.72
C PRO W 176 43.92 52.83 -14.65
N ASN W 177 43.85 51.69 -15.31
CA ASN W 177 42.83 51.46 -16.31
C ASN W 177 41.49 51.21 -15.63
N ASN W 178 40.53 52.08 -15.89
CA ASN W 178 39.18 51.94 -15.36
C ASN W 178 38.28 52.70 -16.32
N LYS W 179 37.41 51.98 -17.02
CA LYS W 179 36.57 52.64 -17.99
C LYS W 179 35.56 53.57 -17.32
N ARG W 180 35.16 53.26 -16.10
CA ARG W 180 34.12 54.02 -15.43
C ARG W 180 34.66 55.28 -14.76
N ASN W 181 35.94 55.27 -14.38
CA ASN W 181 36.54 56.36 -13.63
C ASN W 181 37.51 57.20 -14.44
N GLN W 182 37.65 56.92 -15.74
CA GLN W 182 38.58 57.67 -16.56
C GLN W 182 38.14 59.12 -16.68
N LEU W 183 39.09 60.02 -16.53
CA LEU W 183 38.82 61.44 -16.57
C LEU W 183 38.34 61.88 -17.94
N TRP W 184 37.43 62.83 -17.93
CA TRP W 184 37.01 63.53 -19.13
C TRP W 184 37.83 64.80 -19.25
N LEU W 185 38.49 64.97 -20.38
CA LEU W 185 39.16 66.20 -20.73
C LEU W 185 38.26 67.04 -21.60
N ARG W 186 38.62 68.31 -21.74
CA ARG W 186 37.93 69.22 -22.64
C ARG W 186 38.59 69.19 -24.00
N LEU W 187 37.76 69.19 -25.03
CA LEU W 187 38.20 69.32 -26.41
C LEU W 187 38.45 70.80 -26.67
N GLN W 188 39.69 71.21 -26.46
CA GLN W 188 40.08 72.59 -26.65
C GLN W 188 40.04 72.95 -28.13
N THR W 189 40.24 74.24 -28.40
CA THR W 189 40.22 74.72 -29.77
C THR W 189 41.54 74.47 -30.48
N ALA W 190 42.66 74.90 -29.89
CA ALA W 190 43.97 74.69 -30.49
C ALA W 190 45.06 74.36 -29.47
N GLY W 191 44.71 73.82 -28.31
CA GLY W 191 45.66 73.64 -27.24
C GLY W 191 45.52 72.36 -26.45
N ASN W 192 45.08 71.29 -27.10
CA ASN W 192 44.83 70.05 -26.40
C ASN W 192 46.13 69.46 -25.86
N VAL W 193 45.96 68.61 -24.85
CA VAL W 193 47.08 68.06 -24.08
C VAL W 193 47.59 66.80 -24.76
N ASP W 194 48.89 66.57 -24.65
CA ASP W 194 49.52 65.44 -25.31
C ASP W 194 49.30 64.19 -24.50
N HIS W 195 48.83 63.14 -25.16
CA HIS W 195 48.80 61.81 -24.60
C HIS W 195 50.07 61.07 -25.00
N VAL W 196 50.41 60.08 -24.18
CA VAL W 196 51.73 59.46 -24.22
C VAL W 196 51.56 57.97 -24.00
N GLY W 197 52.59 57.20 -24.33
CA GLY W 197 52.46 55.76 -24.24
C GLY W 197 53.18 54.85 -25.19
N LEU W 198 54.12 55.32 -26.01
CA LEU W 198 54.92 54.37 -26.76
C LEU W 198 56.34 54.85 -27.01
N GLY W 199 57.27 53.95 -26.77
CA GLY W 199 58.66 54.16 -27.13
C GLY W 199 59.21 52.92 -27.79
N THR W 200 60.12 53.14 -28.72
CA THR W 200 60.61 52.10 -29.62
C THR W 200 62.13 52.04 -29.60
N ALA W 201 62.64 50.90 -30.06
CA ALA W 201 64.06 50.70 -30.28
C ALA W 201 64.22 49.78 -31.48
N PHE W 202 64.74 50.34 -32.57
CA PHE W 202 64.96 49.62 -33.81
C PHE W 202 66.44 49.35 -34.00
N GLU W 203 66.75 48.13 -34.41
CA GLU W 203 68.12 47.75 -34.69
C GLU W 203 68.53 48.28 -36.05
N ASN W 204 69.66 48.98 -36.08
CA ASN W 204 70.13 49.60 -37.29
C ASN W 204 70.60 48.56 -38.29
N SER W 205 70.81 49.00 -39.53
CA SER W 205 71.11 48.12 -40.63
C SER W 205 71.92 48.87 -41.67
N ILE W 206 72.49 48.11 -42.61
CA ILE W 206 73.21 48.70 -43.72
C ILE W 206 72.26 49.40 -44.66
N TYR W 207 71.02 48.92 -44.75
CA TYR W 207 70.00 49.50 -45.61
C TYR W 207 69.04 50.35 -44.80
N ASP W 208 68.40 51.28 -45.48
CA ASP W 208 67.40 52.13 -44.84
C ASP W 208 66.12 51.34 -44.60
N GLN W 209 65.58 51.47 -43.40
CA GLN W 209 64.34 50.81 -42.99
C GLN W 209 63.25 51.86 -42.85
N GLU W 210 62.31 51.86 -43.78
CA GLU W 210 61.20 52.81 -43.78
C GLU W 210 59.93 52.13 -43.30
N TYR W 211 59.07 52.94 -42.69
CA TYR W 211 57.79 52.47 -42.17
C TYR W 211 56.74 53.54 -42.40
N ASN W 212 55.51 53.10 -42.64
CA ASN W 212 54.34 53.96 -42.66
C ASN W 212 53.54 53.66 -41.42
N ILE W 213 53.52 54.59 -40.48
CA ILE W 213 52.92 54.38 -39.18
C ILE W 213 51.51 54.94 -39.19
N ARG W 214 50.53 54.08 -38.88
CA ARG W 214 49.12 54.45 -38.83
C ARG W 214 48.67 54.35 -37.39
N VAL W 215 48.37 55.49 -36.79
CA VAL W 215 47.84 55.57 -35.43
C VAL W 215 46.34 55.73 -35.52
N THR W 216 45.63 54.92 -34.76
CA THR W 216 44.18 54.94 -34.68
C THR W 216 43.81 55.14 -33.22
N MET W 217 43.12 56.23 -32.92
CA MET W 217 42.64 56.51 -31.59
C MET W 217 41.16 56.24 -31.48
N TYR W 218 40.80 55.46 -30.48
CA TYR W 218 39.40 55.14 -30.17
C TYR W 218 38.96 56.06 -29.04
N VAL W 219 38.13 57.04 -29.37
CA VAL W 219 37.80 58.13 -28.47
C VAL W 219 36.33 58.02 -28.09
N GLN W 220 35.97 58.79 -27.07
CA GLN W 220 34.62 58.81 -26.52
C GLN W 220 34.32 60.24 -26.16
N PHE W 221 33.35 60.83 -26.84
CA PHE W 221 32.97 62.21 -26.65
C PHE W 221 31.73 62.31 -25.78
N ARG W 222 31.38 63.55 -25.41
CA ARG W 222 30.27 63.80 -24.52
C ARG W 222 29.76 65.21 -24.75
N GLU W 223 28.46 65.39 -24.54
CA GLU W 223 27.80 66.69 -24.57
C GLU W 223 27.91 67.36 -25.94
N PHE W 224 27.18 66.77 -26.88
CA PHE W 224 26.86 67.37 -28.17
C PHE W 224 26.51 68.83 -28.02
N ASN W 225 27.26 69.70 -28.69
CA ASN W 225 27.17 71.14 -28.46
C ASN W 225 27.12 71.90 -29.76
N LEU W 226 26.35 71.41 -30.72
CA LEU W 226 26.25 72.09 -32.00
C LEU W 226 25.57 73.44 -31.82
N LYS W 227 26.03 74.42 -32.58
CA LYS W 227 25.49 75.76 -32.58
C LYS W 227 24.98 76.10 -33.97
N ASP W 228 23.73 76.54 -34.04
CA ASP W 228 23.03 76.75 -35.30
C ASP W 228 22.54 78.20 -35.36
N PRO W 229 23.39 79.13 -35.79
CA PRO W 229 22.93 80.48 -36.01
C PRO W 229 22.11 80.57 -37.28
N PRO W 230 21.39 81.68 -37.49
CA PRO W 230 20.68 81.85 -38.77
C PRO W 230 21.64 82.09 -39.92
N LEU W 231 21.08 82.28 -41.11
CA LEU W 231 21.86 82.49 -42.33
C LEU W 231 21.23 83.53 -43.22
N GLY X 43 61.92 36.51 0.73
CA GLY X 43 61.43 37.55 -0.15
C GLY X 43 61.68 37.26 -1.60
N ILE X 44 60.80 36.46 -2.18
CA ILE X 44 60.98 35.95 -3.53
C ILE X 44 60.59 37.01 -4.54
N PHE X 45 61.33 37.04 -5.65
CA PHE X 45 61.01 37.92 -6.76
C PHE X 45 61.46 37.22 -8.04
N ASN X 46 60.51 36.65 -8.76
CA ASN X 46 60.79 36.07 -10.06
C ASN X 46 60.72 37.16 -11.12
N THR X 47 61.78 37.25 -11.91
CA THR X 47 61.82 38.21 -13.01
C THR X 47 62.50 37.58 -14.22
N ARG X 48 62.86 38.43 -15.17
CA ARG X 48 63.36 38.02 -16.47
C ARG X 48 64.42 39.01 -16.92
N LEU X 49 65.59 38.49 -17.26
CA LEU X 49 66.73 39.29 -17.68
C LEU X 49 67.20 38.80 -19.03
N SER X 50 67.51 39.73 -19.91
CA SER X 50 67.88 39.45 -21.29
C SER X 50 69.20 40.09 -21.65
N ARG X 51 69.69 39.70 -22.81
CA ARG X 51 71.01 40.06 -23.31
C ARG X 51 71.07 39.60 -24.76
N THR X 52 71.70 40.41 -25.60
CA THR X 52 71.76 40.16 -27.04
C THR X 52 73.18 40.32 -27.54
N PHE X 53 73.58 39.41 -28.42
CA PHE X 53 74.91 39.42 -28.98
C PHE X 53 74.90 38.65 -30.29
N GLY X 54 76.01 38.76 -31.02
CA GLY X 54 76.12 38.17 -32.33
C GLY X 54 76.95 36.91 -32.42
N TYR X 55 76.69 36.12 -33.46
CA TYR X 55 77.44 34.92 -33.77
C TYR X 55 77.41 34.73 -35.27
N THR X 56 78.59 34.49 -35.86
CA THR X 56 78.73 34.32 -37.28
C THR X 56 79.47 33.03 -37.59
N ILE X 57 78.99 32.33 -38.60
CA ILE X 57 79.64 31.15 -39.16
C ILE X 57 80.24 31.59 -40.48
N LYS X 58 81.54 31.76 -40.51
CA LYS X 58 82.22 32.24 -41.70
C LYS X 58 82.14 31.22 -42.82
N ARG X 59 82.32 31.72 -44.03
CA ARG X 59 82.25 30.91 -45.24
C ARG X 59 83.46 29.99 -45.35
N THR X 60 83.30 28.93 -46.15
CA THR X 60 84.36 27.97 -46.42
C THR X 60 84.29 27.53 -47.87
N THR X 61 85.45 27.42 -48.50
CA THR X 61 85.56 26.86 -49.84
C THR X 61 85.47 25.34 -49.86
N VAL X 62 85.44 24.69 -48.68
CA VAL X 62 85.34 23.25 -48.62
C VAL X 62 84.06 22.78 -49.30
N LYS X 63 84.19 21.71 -50.08
CA LYS X 63 83.06 21.19 -50.84
C LYS X 63 82.18 20.27 -50.00
N THR X 64 82.79 19.49 -49.12
CA THR X 64 82.07 18.51 -48.35
C THR X 64 81.09 19.18 -47.40
N PRO X 65 80.15 18.42 -46.84
CA PRO X 65 79.35 18.94 -45.73
C PRO X 65 80.14 18.85 -44.44
N SER X 66 80.60 20.00 -43.96
CA SER X 66 81.29 20.11 -42.69
C SER X 66 80.48 20.99 -41.76
N TRP X 67 80.71 20.80 -40.47
CA TRP X 67 79.99 21.52 -39.43
C TRP X 67 80.95 22.34 -38.57
N ALA X 68 80.43 23.45 -38.09
CA ALA X 68 81.14 24.37 -37.21
C ALA X 68 80.59 24.22 -35.81
N VAL X 69 81.45 23.86 -34.87
CA VAL X 69 81.05 23.56 -33.51
C VAL X 69 81.46 24.72 -32.62
N ASP X 70 80.60 25.03 -31.65
CA ASP X 70 80.87 26.08 -30.69
C ASP X 70 80.05 25.81 -29.45
N MET X 71 80.39 26.52 -28.39
CA MET X 71 79.81 26.36 -27.08
C MET X 71 79.12 27.64 -26.63
N MET X 72 78.34 27.52 -25.55
CA MET X 72 77.59 28.65 -25.03
C MET X 72 77.38 28.45 -23.54
N ARG X 73 77.98 29.33 -22.74
CA ARG X 73 77.79 29.39 -21.30
C ARG X 73 76.94 30.59 -20.95
N PHE X 74 76.47 30.61 -19.71
CA PHE X 74 75.61 31.68 -19.21
C PHE X 74 76.09 32.11 -17.83
N ASN X 75 76.37 33.40 -17.68
CA ASN X 75 76.73 33.99 -16.41
C ASN X 75 75.84 35.18 -16.14
N ILE X 76 75.57 35.42 -14.85
CA ILE X 76 74.66 36.49 -14.46
C ILE X 76 75.31 37.86 -14.46
N ASN X 77 76.64 37.94 -14.53
CA ASN X 77 77.28 39.23 -14.64
C ASN X 77 76.95 39.91 -15.96
N ASP X 78 76.74 39.12 -17.01
CA ASP X 78 76.42 39.65 -18.32
C ASP X 78 74.98 40.13 -18.44
N PHE X 79 74.12 39.78 -17.49
CA PHE X 79 72.74 40.20 -17.46
C PHE X 79 72.43 41.22 -16.38
N LEU X 80 73.15 41.17 -15.27
CA LEU X 80 72.93 42.03 -14.11
C LEU X 80 74.14 42.94 -13.92
N PRO X 81 74.04 44.24 -14.15
CA PRO X 81 75.23 45.07 -14.01
C PRO X 81 75.55 45.33 -12.55
N PRO X 82 76.70 45.94 -12.27
CA PRO X 82 76.99 46.36 -10.92
C PRO X 82 76.15 47.56 -10.53
N GLY X 83 75.81 47.62 -9.24
CA GLY X 83 74.99 48.69 -8.74
C GLY X 83 75.78 49.94 -8.43
N GLY X 84 75.42 50.59 -7.34
CA GLY X 84 76.09 51.80 -6.92
C GLY X 84 75.92 52.08 -5.45
N GLY X 85 77.02 52.38 -4.78
CA GLY X 85 76.99 52.69 -3.37
C GLY X 85 77.06 51.45 -2.50
N SER X 86 76.29 51.46 -1.42
CA SER X 86 76.29 50.34 -0.49
C SER X 86 75.63 49.10 -1.08
N ASN X 87 74.88 49.24 -2.17
CA ASN X 87 74.29 48.11 -2.85
C ASN X 87 75.23 47.69 -3.98
N PRO X 88 75.90 46.54 -3.88
CA PRO X 88 76.90 46.21 -4.91
C PRO X 88 76.29 45.86 -6.25
N ARG X 89 75.04 45.43 -6.30
CA ARG X 89 74.37 45.04 -7.51
C ARG X 89 73.12 45.88 -7.72
N SER X 90 72.62 45.87 -8.95
CA SER X 90 71.53 46.74 -9.34
C SER X 90 70.17 46.17 -8.92
N VAL X 91 70.09 44.86 -8.74
CA VAL X 91 68.90 44.21 -8.20
C VAL X 91 69.18 43.89 -6.73
N PRO X 92 68.53 44.56 -5.78
CA PRO X 92 68.96 44.41 -4.38
C PRO X 92 68.46 43.14 -3.71
N PHE X 93 69.14 42.04 -4.01
CA PHE X 93 68.86 40.76 -3.40
C PHE X 93 70.18 40.06 -3.11
N GLU X 94 70.11 39.07 -2.23
CA GLU X 94 71.27 38.33 -1.77
C GLU X 94 71.50 37.06 -2.56
N TYR X 95 70.47 36.24 -2.70
CA TYR X 95 70.57 34.92 -3.30
C TYR X 95 69.85 34.89 -4.63
N TYR X 96 70.18 33.88 -5.43
CA TYR X 96 69.54 33.69 -6.71
C TYR X 96 69.64 32.24 -7.11
N ARG X 97 68.81 31.85 -8.06
CA ARG X 97 68.91 30.56 -8.71
C ARG X 97 68.22 30.66 -10.05
N ILE X 98 68.91 30.24 -11.10
CA ILE X 98 68.40 30.36 -12.45
C ILE X 98 67.45 29.20 -12.71
N ARG X 99 66.21 29.54 -13.06
CA ARG X 99 65.16 28.56 -13.30
C ARG X 99 65.17 28.03 -14.71
N LYS X 100 65.23 28.93 -15.70
CA LYS X 100 65.18 28.58 -17.10
C LYS X 100 66.01 29.57 -17.89
N VAL X 101 66.38 29.16 -19.09
CA VAL X 101 67.03 30.02 -20.07
C VAL X 101 66.37 29.76 -21.42
N LYS X 102 66.19 30.84 -22.18
CA LYS X 102 65.67 30.79 -23.53
C LYS X 102 66.72 31.40 -24.44
N VAL X 103 67.35 30.56 -25.24
CA VAL X 103 68.28 30.98 -26.26
C VAL X 103 67.55 31.05 -27.57
N GLU X 104 67.59 32.22 -28.21
CA GLU X 104 66.90 32.47 -29.46
C GLU X 104 67.95 32.86 -30.50
N PHE X 105 68.04 32.06 -31.55
CA PHE X 105 68.87 32.38 -32.71
C PHE X 105 68.00 33.11 -33.71
N TRP X 106 68.10 34.43 -33.69
CA TRP X 106 67.38 35.25 -34.63
C TRP X 106 68.24 35.43 -35.88
N PRO X 107 67.79 34.99 -37.06
CA PRO X 107 68.66 35.08 -38.22
C PRO X 107 68.87 36.50 -38.69
N CYS X 108 69.98 36.68 -39.39
CA CYS X 108 70.34 37.92 -40.02
C CYS X 108 70.36 37.83 -41.53
N SER X 109 70.03 36.68 -42.09
CA SER X 109 70.21 36.37 -43.48
C SER X 109 68.88 36.39 -44.21
N PRO X 110 68.86 36.74 -45.49
CA PRO X 110 67.59 36.80 -46.21
C PRO X 110 67.04 35.42 -46.50
N ILE X 111 65.74 35.39 -46.78
CA ILE X 111 65.09 34.14 -47.13
C ILE X 111 65.42 33.66 -48.53
N THR X 112 66.14 34.46 -49.32
CA THR X 112 66.60 34.07 -50.63
C THR X 112 67.98 33.43 -50.62
N GLN X 113 68.61 33.29 -49.47
CA GLN X 113 69.97 32.78 -49.41
C GLN X 113 69.95 31.28 -49.65
N GLY X 114 70.86 30.82 -50.50
CA GLY X 114 70.98 29.43 -50.83
C GLY X 114 72.06 28.73 -50.05
N ASP X 115 72.43 27.55 -50.54
CA ASP X 115 73.40 26.68 -49.87
C ASP X 115 72.94 26.39 -48.45
N ARG X 116 71.66 26.10 -48.31
CA ARG X 116 71.08 25.85 -47.02
C ARG X 116 71.68 24.57 -46.41
N GLY X 117 71.43 24.41 -45.11
CA GLY X 117 72.02 23.34 -44.36
C GLY X 117 71.17 22.89 -43.21
N VAL X 118 71.71 21.99 -42.39
CA VAL X 118 70.98 21.41 -41.28
C VAL X 118 71.97 21.10 -40.17
N GLY X 119 71.66 21.59 -38.97
CA GLY X 119 72.52 21.45 -37.82
C GLY X 119 71.79 20.91 -36.61
N SER X 120 72.40 21.10 -35.45
CA SER X 120 71.89 20.51 -34.23
C SER X 120 72.31 21.34 -33.04
N SER X 121 71.40 21.48 -32.08
CA SER X 121 71.66 22.13 -30.81
C SER X 121 71.33 21.16 -29.69
N ALA X 122 72.25 20.98 -28.76
CA ALA X 122 72.10 20.05 -27.66
C ALA X 122 72.39 20.75 -26.34
N VAL X 123 71.90 20.14 -25.27
CA VAL X 123 71.98 20.68 -23.92
C VAL X 123 73.07 19.93 -23.17
N ILE X 124 74.07 20.68 -22.70
CA ILE X 124 75.30 20.13 -22.13
C ILE X 124 75.48 20.76 -20.76
N LEU X 125 75.11 20.04 -19.72
CA LEU X 125 75.01 20.58 -18.39
C LEU X 125 76.25 20.33 -17.53
N ASP X 126 77.44 20.22 -18.12
CA ASP X 126 78.61 19.77 -17.37
C ASP X 126 79.94 20.42 -17.74
N ASP X 127 79.97 21.38 -18.66
CA ASP X 127 81.18 22.13 -18.97
C ASP X 127 82.23 21.28 -19.64
N ASN X 128 81.82 20.24 -20.35
CA ASN X 128 82.70 19.47 -21.22
C ASN X 128 81.97 19.36 -22.56
N PHE X 129 82.24 20.33 -23.41
CA PHE X 129 81.67 20.40 -24.74
C PHE X 129 82.55 19.67 -25.73
N VAL X 130 81.97 19.37 -26.89
CA VAL X 130 82.77 18.96 -28.03
C VAL X 130 83.70 20.10 -28.37
N THR X 131 84.93 19.76 -28.74
CA THR X 131 85.94 20.77 -29.00
C THR X 131 85.50 21.70 -30.12
N LYS X 132 85.79 22.97 -29.96
CA LYS X 132 85.45 23.96 -30.98
C LYS X 132 86.18 23.65 -32.27
N ALA X 133 85.42 23.60 -33.35
CA ALA X 133 85.92 23.22 -34.67
C ALA X 133 85.35 24.16 -35.71
N THR X 134 86.14 24.38 -36.76
CA THR X 134 85.74 25.23 -37.87
C THR X 134 85.01 24.42 -38.95
N ALA X 135 85.60 23.30 -39.36
CA ALA X 135 85.00 22.44 -40.38
C ALA X 135 85.24 20.99 -39.96
N LEU X 136 84.31 20.46 -39.18
CA LEU X 136 84.33 19.07 -38.76
C LEU X 136 83.48 18.23 -39.70
N THR X 137 83.94 17.03 -39.98
CA THR X 137 83.34 16.18 -41.01
C THR X 137 82.03 15.53 -40.60
N TYR X 138 81.47 15.90 -39.46
CA TYR X 138 80.22 15.30 -39.00
C TYR X 138 79.60 16.21 -37.97
N ASP X 139 78.33 15.95 -37.68
CA ASP X 139 77.58 16.68 -36.66
C ASP X 139 77.68 15.92 -35.35
N PRO X 140 78.45 16.38 -34.37
CA PRO X 140 78.60 15.59 -33.15
C PRO X 140 77.35 15.54 -32.31
N TYR X 141 76.56 16.61 -32.32
CA TYR X 141 75.39 16.73 -31.47
C TYR X 141 74.14 16.12 -32.09
N VAL X 142 74.29 15.29 -33.12
CA VAL X 142 73.13 14.82 -33.86
C VAL X 142 72.44 13.68 -33.13
N ASN X 143 73.21 12.77 -32.53
CA ASN X 143 72.65 11.63 -31.85
C ASN X 143 72.36 11.90 -30.38
N TYR X 144 72.54 13.13 -29.93
CA TYR X 144 72.23 13.47 -28.55
C TYR X 144 70.73 13.44 -28.31
N SER X 145 70.35 12.97 -27.12
CA SER X 145 68.96 12.89 -26.75
C SER X 145 68.28 14.25 -26.68
N SER X 146 69.05 15.31 -26.49
CA SER X 146 68.54 16.67 -26.43
C SER X 146 68.77 17.44 -27.71
N ARG X 147 68.92 16.75 -28.83
CA ARG X 147 69.18 17.41 -30.10
C ARG X 147 67.88 17.95 -30.65
N HIS X 148 67.92 19.21 -31.07
CA HIS X 148 66.89 19.82 -31.90
C HIS X 148 67.57 20.23 -33.19
N THR X 149 66.87 20.00 -34.30
CA THR X 149 67.40 20.35 -35.60
C THR X 149 67.41 21.86 -35.80
N ILE X 150 68.52 22.35 -36.34
CA ILE X 150 68.66 23.74 -36.73
C ILE X 150 68.57 23.77 -38.25
N THR X 151 67.47 24.30 -38.76
CA THR X 151 67.40 24.68 -40.16
C THR X 151 68.14 25.99 -40.34
N GLN X 152 68.94 26.05 -41.40
CA GLN X 152 69.82 27.17 -41.69
C GLN X 152 69.50 27.71 -43.08
N PRO X 153 69.84 28.97 -43.37
CA PRO X 153 70.38 30.05 -42.54
C PRO X 153 69.35 31.03 -42.02
N PHE X 154 68.15 31.02 -42.61
CA PHE X 154 67.16 32.06 -42.42
C PHE X 154 66.00 31.62 -41.53
N SER X 155 66.26 30.71 -40.61
CA SER X 155 65.22 30.12 -39.79
C SER X 155 65.53 30.34 -38.32
N TYR X 156 64.46 30.54 -37.55
CA TYR X 156 64.54 30.81 -36.13
C TYR X 156 64.64 29.51 -35.35
N HIS X 157 65.48 29.52 -34.33
CA HIS X 157 65.73 28.36 -33.48
C HIS X 157 65.69 28.82 -32.03
N SER X 158 64.82 28.21 -31.24
CA SER X 158 64.72 28.46 -29.82
C SER X 158 65.03 27.20 -29.04
N ARG X 159 65.59 27.38 -27.86
CA ARG X 159 65.84 26.30 -26.91
C ARG X 159 65.50 26.82 -25.53
N TYR X 160 64.64 26.11 -24.82
CA TYR X 160 64.15 26.49 -23.51
C TYR X 160 64.42 25.34 -22.55
N PHE X 161 65.28 25.59 -21.58
CA PHE X 161 65.78 24.53 -20.71
C PHE X 161 66.21 25.13 -19.38
N THR X 162 66.58 24.25 -18.47
CA THR X 162 67.02 24.60 -17.13
C THR X 162 68.52 24.38 -17.01
N PRO X 163 69.34 25.42 -16.90
CA PRO X 163 70.78 25.19 -16.81
C PRO X 163 71.20 24.71 -15.44
N LYS X 164 72.49 24.44 -15.29
CA LYS X 164 73.07 23.96 -14.06
C LYS X 164 74.36 24.71 -13.80
N PRO X 165 74.68 25.00 -12.54
CA PRO X 165 75.92 25.71 -12.26
C PRO X 165 77.12 24.79 -12.18
N VAL X 166 78.28 25.40 -12.40
CA VAL X 166 79.56 24.69 -12.38
C VAL X 166 80.08 24.81 -10.96
N LEU X 167 79.70 23.85 -10.12
CA LEU X 167 80.14 23.82 -8.74
C LEU X 167 81.53 23.22 -8.61
N ASP X 168 81.78 22.11 -9.30
CA ASP X 168 83.10 21.49 -9.33
C ASP X 168 83.35 21.01 -10.75
N SER X 169 84.25 21.69 -11.45
CA SER X 169 84.58 21.31 -12.82
C SER X 169 85.37 20.02 -12.90
N THR X 170 85.99 19.59 -11.79
CA THR X 170 86.74 18.35 -11.79
C THR X 170 85.83 17.12 -11.79
N ILE X 171 84.74 17.19 -11.04
CA ILE X 171 83.81 16.07 -10.89
C ILE X 171 82.61 16.27 -11.79
N ASP X 172 82.21 17.53 -11.96
CA ASP X 172 81.11 17.92 -12.84
C ASP X 172 79.82 17.22 -12.42
N TYR X 173 79.34 17.56 -11.24
CA TYR X 173 78.09 17.04 -10.71
C TYR X 173 77.01 18.12 -10.77
N PHE X 174 75.78 17.68 -10.98
CA PHE X 174 74.65 18.58 -11.04
C PHE X 174 73.40 17.89 -10.54
N GLN X 175 72.44 18.67 -10.26
CA GLN X 175 71.17 18.23 -9.72
C GLN X 175 70.16 17.96 -10.82
N PRO X 176 69.24 17.03 -10.62
CA PRO X 176 68.11 16.94 -11.54
C PRO X 176 67.12 18.07 -11.34
N ASN X 177 66.14 18.14 -12.23
CA ASN X 177 65.19 19.24 -12.22
C ASN X 177 64.22 19.07 -11.07
N ASN X 178 64.25 20.02 -10.14
CA ASN X 178 63.33 20.02 -9.01
C ASN X 178 63.22 21.47 -8.56
N LYS X 179 62.05 22.06 -8.72
CA LYS X 179 61.90 23.45 -8.37
C LYS X 179 62.03 23.67 -6.88
N ARG X 180 61.67 22.68 -6.07
CA ARG X 180 61.65 22.85 -4.63
C ARG X 180 63.02 22.62 -4.00
N ASN X 181 63.88 21.84 -4.66
CA ASN X 181 65.17 21.45 -4.11
C ASN X 181 66.34 22.14 -4.81
N GLN X 182 66.09 23.02 -5.75
CA GLN X 182 67.17 23.68 -6.46
C GLN X 182 67.96 24.57 -5.53
N LEU X 183 69.28 24.48 -5.65
CA LEU X 183 70.17 25.22 -4.78
C LEU X 183 70.05 26.71 -5.01
N TRP X 184 70.19 27.46 -3.92
CA TRP X 184 70.33 28.90 -3.98
C TRP X 184 71.81 29.23 -3.97
N LEU X 185 72.23 30.00 -4.95
CA LEU X 185 73.56 30.56 -5.00
C LEU X 185 73.53 31.98 -4.47
N ARG X 186 74.71 32.50 -4.17
CA ARG X 186 74.86 33.88 -3.76
C ARG X 186 75.12 34.75 -4.97
N LEU X 187 74.47 35.91 -4.99
CA LEU X 187 74.72 36.93 -5.98
C LEU X 187 75.96 37.70 -5.57
N GLN X 188 77.10 37.23 -6.09
CA GLN X 188 78.38 37.84 -5.77
C GLN X 188 78.47 39.22 -6.39
N THR X 189 79.55 39.93 -6.06
CA THR X 189 79.75 41.27 -6.55
C THR X 189 80.33 41.26 -7.97
N ALA X 190 81.45 40.54 -8.18
CA ALA X 190 82.06 40.46 -9.50
C ALA X 190 82.63 39.09 -9.82
N GLY X 191 82.11 38.02 -9.21
CA GLY X 191 82.70 36.71 -9.34
C GLY X 191 81.72 35.56 -9.42
N ASN X 192 80.55 35.81 -10.01
CA ASN X 192 79.53 34.79 -10.08
C ASN X 192 79.97 33.61 -10.93
N VAL X 193 79.33 32.47 -10.67
CA VAL X 193 79.71 31.20 -11.27
C VAL X 193 79.00 31.02 -12.60
N ASP X 194 79.68 30.36 -13.53
CA ASP X 194 79.16 30.18 -14.87
C ASP X 194 78.14 29.04 -14.88
N HIS X 195 76.98 29.32 -15.45
CA HIS X 195 76.01 28.30 -15.77
C HIS X 195 76.23 27.84 -17.20
N VAL X 196 75.78 26.63 -17.47
CA VAL X 196 76.15 25.90 -18.68
C VAL X 196 74.93 25.14 -19.16
N GLY X 197 74.98 24.69 -20.41
CA GLY X 197 73.81 24.06 -20.98
C GLY X 197 73.47 24.18 -22.46
N LEU X 198 74.35 24.71 -23.31
CA LEU X 198 74.06 24.63 -24.74
C LEU X 198 75.32 24.52 -25.58
N GLY X 199 75.26 23.57 -26.52
CA GLY X 199 76.27 23.45 -27.54
C GLY X 199 75.61 23.27 -28.89
N THR X 200 76.27 23.79 -29.92
CA THR X 200 75.69 23.90 -31.25
C THR X 200 76.61 23.30 -32.29
N ALA X 201 76.04 22.99 -33.44
CA ALA X 201 76.78 22.57 -34.61
C ALA X 201 76.06 23.11 -35.83
N PHE X 202 76.69 24.05 -36.52
CA PHE X 202 76.15 24.68 -37.70
C PHE X 202 76.88 24.18 -38.94
N GLU X 203 76.11 23.88 -39.98
CA GLU X 203 76.67 23.43 -41.24
C GLU X 203 77.20 24.63 -42.00
N ASN X 204 78.45 24.53 -42.44
CA ASN X 204 79.08 25.63 -43.13
C ASN X 204 78.49 25.83 -44.51
N SER X 205 78.84 26.96 -45.12
CA SER X 205 78.23 27.37 -46.37
C SER X 205 79.22 28.26 -47.12
N ILE X 206 78.91 28.50 -48.40
CA ILE X 206 79.71 29.40 -49.21
C ILE X 206 79.53 30.84 -48.76
N TYR X 207 78.36 31.15 -48.21
CA TYR X 207 78.04 32.50 -47.72
C TYR X 207 78.16 32.54 -46.20
N ASP X 208 78.38 33.75 -45.70
CA ASP X 208 78.46 33.94 -44.27
C ASP X 208 77.06 33.88 -43.66
N GLN X 209 76.94 33.15 -42.55
CA GLN X 209 75.69 32.98 -41.83
C GLN X 209 75.80 33.72 -40.50
N GLU X 210 75.09 34.84 -40.38
CA GLU X 210 75.11 35.65 -39.18
C GLU X 210 73.83 35.45 -38.39
N TYR X 211 73.94 35.59 -37.08
CA TYR X 211 72.83 35.45 -36.16
C TYR X 211 72.95 36.49 -35.06
N ASN X 212 71.80 36.94 -34.58
CA ASN X 212 71.69 37.77 -33.38
C ASN X 212 71.07 36.91 -32.30
N ILE X 213 71.87 36.55 -31.30
CA ILE X 213 71.46 35.61 -30.28
C ILE X 213 70.98 36.38 -29.07
N ARG X 214 69.74 36.12 -28.66
CA ARG X 214 69.12 36.75 -27.51
C ARG X 214 68.90 35.70 -26.45
N VAL X 215 69.64 35.79 -25.35
CA VAL X 215 69.50 34.92 -24.21
C VAL X 215 68.65 35.61 -23.18
N THR X 216 67.66 34.90 -22.67
CA THR X 216 66.76 35.38 -21.64
C THR X 216 66.82 34.40 -20.49
N MET X 217 67.24 34.88 -19.33
CA MET X 217 67.29 34.07 -18.12
C MET X 217 66.14 34.41 -17.19
N TYR X 218 65.42 33.39 -16.77
CA TYR X 218 64.33 33.51 -15.83
C TYR X 218 64.85 33.13 -14.45
N VAL X 219 65.04 34.14 -13.61
CA VAL X 219 65.74 33.98 -12.34
C VAL X 219 64.76 34.16 -11.20
N GLN X 220 65.21 33.79 -10.01
CA GLN X 220 64.42 33.85 -8.79
C GLN X 220 65.36 34.27 -7.68
N PHE X 221 65.12 35.45 -7.13
CA PHE X 221 65.93 36.03 -6.09
C PHE X 221 65.30 35.81 -4.72
N ARG X 222 66.06 36.16 -3.68
CA ARG X 222 65.63 35.95 -2.31
C ARG X 222 66.35 36.94 -1.41
N GLU X 223 65.68 37.32 -0.33
CA GLU X 223 66.23 38.14 0.74
C GLU X 223 66.67 39.52 0.22
N PHE X 224 65.65 40.31 -0.10
CA PHE X 224 65.77 41.74 -0.31
C PHE X 224 66.66 42.38 0.73
N ASN X 225 67.73 43.03 0.28
CA ASN X 225 68.79 43.50 1.16
C ASN X 225 69.21 44.92 0.85
N LEU X 226 68.23 45.78 0.60
CA LEU X 226 68.54 47.15 0.29
C LEU X 226 69.15 47.84 1.51
N LYS X 227 70.12 48.71 1.24
CA LYS X 227 70.79 49.49 2.27
C LYS X 227 70.56 50.97 2.00
N ASP X 228 70.09 51.68 3.02
CA ASP X 228 69.67 53.07 2.90
C ASP X 228 70.44 53.92 3.89
N PRO X 229 71.64 54.35 3.55
CA PRO X 229 72.36 55.29 4.39
C PRO X 229 71.76 56.68 4.28
N PRO X 230 72.12 57.59 5.19
CA PRO X 230 71.66 58.97 5.03
C PRO X 230 72.33 59.68 3.87
N LEU X 231 71.99 60.95 3.68
CA LEU X 231 72.52 61.75 2.57
C LEU X 231 72.82 63.18 3.02
N GLY Y 43 67.40 -8.31 -23.16
CA GLY Y 43 67.81 -6.97 -22.80
C GLY Y 43 67.60 -5.98 -23.92
N ILE Y 44 66.37 -5.51 -24.04
CA ILE Y 44 65.98 -4.67 -25.16
C ILE Y 44 66.44 -3.25 -24.94
N PHE Y 45 66.83 -2.59 -26.03
CA PHE Y 45 67.19 -1.19 -26.01
C PHE Y 45 66.84 -0.60 -27.36
N ASN Y 46 65.74 0.12 -27.41
CA ASN Y 46 65.34 0.85 -28.60
C ASN Y 46 66.04 2.19 -28.62
N THR Y 47 66.71 2.50 -29.71
CA THR Y 47 67.38 3.78 -29.87
C THR Y 47 67.21 4.26 -31.32
N ARG Y 48 68.00 5.28 -31.66
CA ARG Y 48 67.90 5.98 -32.92
C ARG Y 48 69.29 6.37 -33.39
N LEU Y 49 69.61 5.99 -34.62
CA LEU Y 49 70.91 6.23 -35.22
C LEU Y 49 70.70 6.98 -36.53
N SER Y 50 71.55 7.97 -36.77
CA SER Y 50 71.44 8.85 -37.91
C SER Y 50 72.74 8.92 -38.69
N ARG Y 51 72.65 9.53 -39.86
CA ARG Y 51 73.72 9.59 -40.84
C ARG Y 51 73.28 10.57 -41.91
N THR Y 52 74.21 11.37 -42.39
CA THR Y 52 73.93 12.43 -43.35
C THR Y 52 74.91 12.37 -44.50
N PHE Y 53 74.39 12.57 -45.71
CA PHE Y 53 75.21 12.53 -46.91
C PHE Y 53 74.49 13.30 -48.02
N GLY Y 54 75.21 13.52 -49.10
CA GLY Y 54 74.72 14.32 -50.20
C GLY Y 54 74.28 13.55 -51.42
N TYR Y 55 73.42 14.19 -52.22
CA TYR Y 55 72.96 13.66 -53.48
C TYR Y 55 72.65 14.83 -54.39
N THR Y 56 73.17 14.77 -55.62
CA THR Y 56 73.00 15.83 -56.60
C THR Y 56 72.46 15.26 -57.90
N ILE Y 57 71.52 15.99 -58.49
CA ILE Y 57 70.98 15.71 -59.81
C ILE Y 57 71.58 16.76 -60.73
N LYS Y 58 72.55 16.35 -61.53
CA LYS Y 58 73.24 17.28 -62.41
C LYS Y 58 72.30 17.82 -63.49
N ARG Y 59 72.68 18.96 -64.03
CA ARG Y 59 71.91 19.64 -65.06
C ARG Y 59 71.99 18.89 -66.38
N THR Y 60 71.00 19.17 -67.23
CA THR Y 60 70.92 18.60 -68.57
C THR Y 60 70.40 19.64 -69.55
N THR Y 61 71.01 19.67 -70.73
CA THR Y 61 70.52 20.50 -71.83
C THR Y 61 69.29 19.92 -72.52
N VAL Y 62 68.89 18.69 -72.17
CA VAL Y 62 67.73 18.07 -72.78
C VAL Y 62 66.49 18.92 -72.54
N LYS Y 63 65.69 19.07 -73.59
CA LYS Y 63 64.50 19.91 -73.50
C LYS Y 63 63.32 19.17 -72.91
N THR Y 64 63.19 17.89 -73.22
CA THR Y 64 62.05 17.11 -72.78
C THR Y 64 62.02 16.98 -71.27
N PRO Y 65 60.89 16.56 -70.71
CA PRO Y 65 60.89 16.15 -69.30
C PRO Y 65 61.45 14.75 -69.16
N SER Y 66 62.66 14.67 -68.63
CA SER Y 66 63.30 13.40 -68.33
C SER Y 66 63.54 13.30 -66.84
N TRP Y 67 63.66 12.07 -66.37
CA TRP Y 67 63.84 11.79 -64.95
C TRP Y 67 65.15 11.06 -64.71
N ALA Y 68 65.71 11.32 -63.55
CA ALA Y 68 66.95 10.70 -63.08
C ALA Y 68 66.61 9.69 -62.00
N VAL Y 69 66.98 8.44 -62.25
CA VAL Y 69 66.62 7.34 -61.37
C VAL Y 69 67.84 6.93 -60.58
N ASP Y 70 67.61 6.59 -59.32
CA ASP Y 70 68.68 6.13 -58.44
C ASP Y 70 68.07 5.30 -57.33
N MET Y 71 68.92 4.60 -56.62
CA MET Y 71 68.54 3.65 -55.57
C MET Y 71 69.12 4.09 -54.24
N MET Y 72 68.64 3.44 -53.18
CA MET Y 72 69.07 3.76 -51.82
C MET Y 72 68.92 2.53 -50.95
N ARG Y 73 70.03 2.01 -50.48
CA ARG Y 73 70.09 0.91 -49.53
C ARG Y 73 70.51 1.45 -48.16
N PHE Y 74 70.34 0.61 -47.14
CA PHE Y 74 70.64 0.97 -45.77
C PHE Y 74 71.40 -0.17 -45.12
N ASN Y 75 72.58 0.14 -44.58
CA ASN Y 75 73.38 -0.82 -43.82
C ASN Y 75 73.74 -0.20 -42.49
N ILE Y 76 73.88 -1.05 -41.48
CA ILE Y 76 74.14 -0.60 -40.12
C ILE Y 76 75.60 -0.27 -39.88
N ASN Y 77 76.51 -0.68 -40.77
CA ASN Y 77 77.90 -0.30 -40.62
C ASN Y 77 78.08 1.20 -40.80
N ASP Y 78 77.24 1.82 -41.62
CA ASP Y 78 77.32 3.24 -41.88
C ASP Y 78 76.76 4.08 -40.74
N PHE Y 79 76.03 3.47 -39.81
CA PHE Y 79 75.46 4.16 -38.66
C PHE Y 79 76.15 3.81 -37.36
N LEU Y 80 76.67 2.59 -37.25
CA LEU Y 80 77.29 2.09 -36.03
C LEU Y 80 78.77 1.84 -36.28
N PRO Y 81 79.69 2.61 -35.71
CA PRO Y 81 81.09 2.39 -36.01
C PRO Y 81 81.63 1.18 -35.29
N PRO Y 82 82.86 0.76 -35.61
CA PRO Y 82 83.48 -0.29 -34.83
C PRO Y 82 83.90 0.21 -33.46
N GLY Y 83 83.86 -0.70 -32.49
CA GLY Y 83 84.18 -0.36 -31.14
C GLY Y 83 85.67 -0.40 -30.87
N GLY Y 84 86.04 -0.89 -29.70
CA GLY Y 84 87.43 -0.98 -29.32
C GLY Y 84 87.67 -2.02 -28.25
N GLY Y 85 88.67 -2.87 -28.48
CA GLY Y 85 89.01 -3.89 -27.52
C GLY Y 85 88.20 -5.15 -27.68
N SER Y 86 87.80 -5.75 -26.57
CA SER Y 86 87.03 -6.97 -26.60
C SER Y 86 85.61 -6.77 -27.10
N ASN Y 87 85.15 -5.52 -27.13
CA ASN Y 87 83.84 -5.21 -27.69
C ASN Y 87 84.00 -4.80 -29.14
N PRO Y 88 83.57 -5.61 -30.11
CA PRO Y 88 83.86 -5.28 -31.51
C PRO Y 88 83.09 -4.10 -32.03
N ARG Y 89 81.96 -3.76 -31.42
CA ARG Y 89 81.11 -2.65 -31.84
C ARG Y 89 80.94 -1.67 -30.71
N SER Y 90 80.50 -0.46 -31.06
CA SER Y 90 80.42 0.63 -30.11
C SER Y 90 79.16 0.56 -29.26
N VAL Y 91 78.12 -0.10 -29.75
CA VAL Y 91 76.91 -0.38 -28.98
C VAL Y 91 76.99 -1.82 -28.50
N PRO Y 92 77.17 -2.09 -27.21
CA PRO Y 92 77.46 -3.46 -26.80
C PRO Y 92 76.23 -4.36 -26.71
N PHE Y 93 75.80 -4.82 -27.88
CA PHE Y 93 74.70 -5.75 -27.99
C PHE Y 93 75.03 -6.78 -29.06
N GLU Y 94 74.33 -7.90 -29.00
CA GLU Y 94 74.54 -9.03 -29.89
C GLU Y 94 73.64 -9.00 -31.12
N TYR Y 95 72.35 -8.83 -30.91
CA TYR Y 95 71.35 -8.92 -31.95
C TYR Y 95 70.74 -7.56 -32.22
N TYR Y 96 70.12 -7.45 -33.40
CA TYR Y 96 69.44 -6.23 -33.78
C TYR Y 96 68.35 -6.54 -34.78
N ARG Y 97 67.45 -5.60 -34.94
CA ARG Y 97 66.46 -5.64 -36.01
C ARG Y 97 65.97 -4.23 -36.24
N ILE Y 98 66.00 -3.80 -37.50
CA ILE Y 98 65.63 -2.44 -37.84
C ILE Y 98 64.12 -2.35 -37.92
N ARG Y 99 63.55 -1.44 -37.13
CA ARG Y 99 62.12 -1.26 -37.04
C ARG Y 99 61.59 -0.31 -38.09
N LYS Y 100 62.23 0.85 -38.23
CA LYS Y 100 61.80 1.88 -39.15
C LYS Y 100 63.01 2.62 -39.66
N VAL Y 101 62.82 3.31 -40.78
CA VAL Y 101 63.80 4.24 -41.33
C VAL Y 101 63.06 5.49 -41.76
N LYS Y 102 63.70 6.63 -41.54
CA LYS Y 102 63.20 7.94 -41.96
C LYS Y 102 64.26 8.55 -42.87
N VAL Y 103 63.95 8.60 -44.15
CA VAL Y 103 64.78 9.27 -45.13
C VAL Y 103 64.24 10.67 -45.33
N GLU Y 104 65.09 11.66 -45.14
CA GLU Y 104 64.73 13.07 -45.25
C GLU Y 104 65.59 13.69 -46.33
N PHE Y 105 64.96 14.19 -47.38
CA PHE Y 105 65.62 14.96 -48.42
C PHE Y 105 65.53 16.43 -48.02
N TRP Y 106 66.61 16.92 -47.43
CA TRP Y 106 66.70 18.32 -47.07
C TRP Y 106 67.26 19.09 -48.25
N PRO Y 107 66.54 20.05 -48.82
CA PRO Y 107 67.05 20.73 -50.00
C PRO Y 107 68.23 21.63 -49.70
N CYS Y 108 69.00 21.86 -50.75
CA CYS Y 108 70.13 22.77 -50.72
C CYS Y 108 69.94 23.96 -51.63
N SER Y 109 68.79 24.07 -52.28
CA SER Y 109 68.54 25.02 -53.34
C SER Y 109 67.63 26.14 -52.83
N PRO Y 110 67.78 27.35 -53.35
CA PRO Y 110 66.94 28.45 -52.88
C PRO Y 110 65.51 28.33 -53.35
N ILE Y 111 64.63 29.04 -52.65
CA ILE Y 111 63.23 29.05 -53.03
C ILE Y 111 62.95 29.88 -54.27
N THR Y 112 63.94 30.59 -54.79
CA THR Y 112 63.82 31.34 -56.02
C THR Y 112 64.22 30.55 -57.26
N GLN Y 113 64.62 29.30 -57.10
CA GLN Y 113 65.11 28.52 -58.24
C GLN Y 113 63.93 28.10 -59.10
N GLY Y 114 64.08 28.27 -60.40
CA GLY Y 114 63.05 27.92 -61.35
C GLY Y 114 63.29 26.57 -61.99
N ASP Y 115 62.58 26.34 -63.09
CA ASP Y 115 62.60 25.06 -63.79
C ASP Y 115 62.22 23.93 -62.85
N ARG Y 116 61.20 24.18 -62.05
CA ARG Y 116 60.74 23.22 -61.07
C ARG Y 116 60.21 21.97 -61.75
N GLY Y 117 60.05 20.93 -60.95
CA GLY Y 117 59.68 19.63 -61.46
C GLY Y 117 58.89 18.82 -60.48
N VAL Y 118 58.63 17.56 -60.84
CA VAL Y 118 57.82 16.67 -60.01
C VAL Y 118 58.33 15.26 -60.21
N GLY Y 119 58.60 14.59 -59.09
CA GLY Y 119 59.16 13.26 -59.09
C GLY Y 119 58.38 12.31 -58.21
N SER Y 120 59.02 11.18 -57.87
CA SER Y 120 58.35 10.13 -57.14
C SER Y 120 59.37 9.33 -56.36
N SER Y 121 58.99 8.96 -55.14
CA SER Y 121 59.77 8.07 -54.29
C SER Y 121 58.91 6.87 -53.93
N ALA Y 122 59.45 5.68 -54.12
CA ALA Y 122 58.75 4.44 -53.86
C ALA Y 122 59.59 3.53 -52.98
N VAL Y 123 58.91 2.57 -52.36
CA VAL Y 123 59.50 1.65 -51.39
C VAL Y 123 59.69 0.31 -52.07
N ILE Y 124 60.94 -0.15 -52.12
CA ILE Y 124 61.35 -1.31 -52.89
C ILE Y 124 62.09 -2.25 -51.95
N LEU Y 125 61.39 -3.27 -51.47
CA LEU Y 125 61.86 -4.11 -50.39
C LEU Y 125 62.54 -5.39 -50.87
N ASP Y 126 63.16 -5.40 -52.06
CA ASP Y 126 63.64 -6.65 -52.64
C ASP Y 126 64.95 -6.58 -53.42
N ASP Y 127 65.62 -5.43 -53.47
CA ASP Y 127 66.94 -5.33 -54.07
C ASP Y 127 66.90 -5.51 -55.58
N ASN Y 128 65.77 -5.20 -56.21
CA ASN Y 128 65.67 -5.14 -57.66
C ASN Y 128 64.99 -3.82 -57.97
N PHE Y 129 65.83 -2.81 -58.15
CA PHE Y 129 65.41 -1.45 -58.47
C PHE Y 129 65.32 -1.27 -59.97
N VAL Y 130 64.60 -0.23 -60.37
CA VAL Y 130 64.71 0.24 -61.74
C VAL Y 130 66.15 0.65 -61.99
N THR Y 131 66.64 0.35 -63.18
CA THR Y 131 68.03 0.60 -63.51
C THR Y 131 68.35 2.09 -63.38
N LYS Y 132 69.54 2.37 -62.85
CA LYS Y 132 69.97 3.75 -62.70
C LYS Y 132 70.08 4.41 -64.06
N ALA Y 133 69.45 5.58 -64.18
CA ALA Y 133 69.37 6.31 -65.43
C ALA Y 133 69.62 7.78 -65.16
N THR Y 134 70.20 8.44 -66.16
CA THR Y 134 70.48 9.87 -66.10
C THR Y 134 69.31 10.69 -66.61
N ALA Y 135 68.79 10.35 -67.79
CA ALA Y 135 67.66 11.06 -68.37
C ALA Y 135 66.74 10.02 -69.01
N LEU Y 136 65.82 9.50 -68.22
CA LEU Y 136 64.80 8.58 -68.69
C LEU Y 136 63.54 9.33 -69.06
N THR Y 137 62.88 8.88 -70.11
CA THR Y 137 61.76 9.59 -70.71
C THR Y 137 60.46 9.48 -69.93
N TYR Y 138 60.48 8.90 -68.73
CA TYR Y 138 59.27 8.75 -67.94
C TYR Y 138 59.67 8.52 -66.50
N ASP Y 139 58.69 8.63 -65.61
CA ASP Y 139 58.86 8.39 -64.19
C ASP Y 139 58.45 6.95 -63.91
N PRO Y 140 59.40 6.04 -63.65
CA PRO Y 140 58.99 4.65 -63.46
C PRO Y 140 58.24 4.40 -62.18
N TYR Y 141 58.54 5.16 -61.13
CA TYR Y 141 57.97 4.96 -59.83
C TYR Y 141 56.66 5.69 -59.62
N VAL Y 142 56.02 6.13 -60.71
CA VAL Y 142 54.84 6.99 -60.58
C VAL Y 142 53.60 6.16 -60.27
N ASN Y 143 53.46 5.01 -60.90
CA ASN Y 143 52.28 4.17 -60.72
C ASN Y 143 52.45 3.18 -59.58
N TYR Y 144 53.54 3.25 -58.84
CA TYR Y 144 53.73 2.37 -57.70
C TYR Y 144 52.76 2.73 -56.58
N SER Y 145 52.28 1.71 -55.90
CA SER Y 145 51.36 1.89 -54.79
C SER Y 145 51.97 2.65 -53.64
N SER Y 146 53.29 2.64 -53.51
CA SER Y 146 54.01 3.35 -52.46
C SER Y 146 54.62 4.65 -52.95
N ARG Y 147 54.09 5.23 -54.03
CA ARG Y 147 54.63 6.45 -54.56
C ARG Y 147 54.17 7.64 -53.74
N HIS Y 148 55.12 8.49 -53.38
CA HIS Y 148 54.86 9.81 -52.85
C HIS Y 148 55.47 10.79 -53.82
N THR Y 149 54.77 11.88 -54.08
CA THR Y 149 55.24 12.91 -54.99
C THR Y 149 56.38 13.69 -54.36
N ILE Y 150 57.41 13.92 -55.15
CA ILE Y 150 58.53 14.78 -54.78
C ILE Y 150 58.35 16.06 -55.55
N THR Y 151 58.01 17.13 -54.83
CA THR Y 151 58.13 18.46 -55.37
C THR Y 151 59.59 18.89 -55.33
N GLN Y 152 60.04 19.48 -56.42
CA GLN Y 152 61.44 19.86 -56.61
C GLN Y 152 61.51 21.35 -56.91
N PRO Y 153 62.66 21.98 -56.67
CA PRO Y 153 63.90 21.54 -56.03
C PRO Y 153 64.05 21.93 -54.58
N PHE Y 154 63.21 22.85 -54.11
CA PHE Y 154 63.40 23.50 -52.83
C PHE Y 154 62.41 23.03 -51.78
N SER Y 155 61.96 21.78 -51.89
CA SER Y 155 60.92 21.26 -51.02
C SER Y 155 61.41 20.02 -50.30
N TYR Y 156 60.96 19.87 -49.07
CA TYR Y 156 61.34 18.78 -48.20
C TYR Y 156 60.48 17.56 -48.48
N HIS Y 157 61.13 16.40 -48.46
CA HIS Y 157 60.48 15.12 -48.72
C HIS Y 157 60.94 14.13 -47.67
N SER Y 158 59.99 13.55 -46.96
CA SER Y 158 60.25 12.52 -45.97
C SER Y 158 59.55 11.23 -46.37
N ARG Y 159 60.16 10.12 -45.99
CA ARG Y 159 59.57 8.80 -46.17
C ARG Y 159 59.89 7.99 -44.91
N TYR Y 160 58.85 7.43 -44.30
CA TYR Y 160 58.95 6.69 -43.05
C TYR Y 160 58.34 5.32 -43.27
N PHE Y 161 59.17 4.30 -43.18
CA PHE Y 161 58.75 2.95 -43.56
C PHE Y 161 59.62 1.94 -42.82
N THR Y 162 59.26 0.67 -42.99
CA THR Y 162 59.93 -0.44 -42.36
C THR Y 162 60.74 -1.20 -43.41
N PRO Y 163 62.07 -1.18 -43.38
CA PRO Y 163 62.82 -1.89 -44.41
C PRO Y 163 62.84 -3.38 -44.18
N LYS Y 164 63.48 -4.11 -45.09
CA LYS Y 164 63.59 -5.55 -45.02
C LYS Y 164 65.01 -5.93 -45.37
N PRO Y 165 65.56 -6.97 -44.75
CA PRO Y 165 66.92 -7.38 -45.06
C PRO Y 165 66.99 -8.28 -46.28
N VAL Y 166 68.18 -8.29 -46.88
CA VAL Y 166 68.46 -9.09 -48.07
C VAL Y 166 69.02 -10.41 -47.57
N LEU Y 167 68.12 -11.35 -47.33
CA LEU Y 167 68.50 -12.68 -46.87
C LEU Y 167 68.93 -13.57 -48.02
N ASP Y 168 68.19 -13.55 -49.12
CA ASP Y 168 68.56 -14.28 -50.33
C ASP Y 168 68.23 -13.39 -51.51
N SER Y 169 69.26 -12.88 -52.18
CA SER Y 169 69.05 -12.03 -53.34
C SER Y 169 68.57 -12.80 -54.55
N THR Y 170 68.74 -14.13 -54.56
CA THR Y 170 68.27 -14.94 -55.68
C THR Y 170 66.76 -15.09 -55.67
N ILE Y 171 66.17 -15.27 -54.50
CA ILE Y 171 64.75 -15.52 -54.34
C ILE Y 171 64.05 -14.24 -53.94
N ASP Y 172 64.73 -13.41 -53.14
CA ASP Y 172 64.24 -12.12 -52.70
C ASP Y 172 62.92 -12.25 -51.96
N TYR Y 173 62.98 -12.92 -50.81
CA TYR Y 173 61.84 -13.10 -49.93
C TYR Y 173 61.96 -12.19 -48.72
N PHE Y 174 60.82 -11.73 -48.22
CA PHE Y 174 60.79 -10.87 -47.06
C PHE Y 174 59.50 -11.10 -46.28
N GLN Y 175 59.50 -10.65 -45.11
CA GLN Y 175 58.41 -10.80 -44.17
C GLN Y 175 57.45 -9.62 -44.24
N PRO Y 176 56.17 -9.82 -43.98
CA PRO Y 176 55.30 -8.67 -43.77
C PRO Y 176 55.54 -7.99 -42.45
N ASN Y 177 54.89 -6.86 -42.25
CA ASN Y 177 55.13 -6.05 -41.06
C ASN Y 177 54.48 -6.70 -39.86
N ASN Y 178 55.30 -7.09 -38.89
CA ASN Y 178 54.82 -7.67 -37.65
C ASN Y 178 55.89 -7.39 -36.61
N LYS Y 179 55.58 -6.56 -35.62
CA LYS Y 179 56.59 -6.22 -34.64
C LYS Y 179 56.98 -7.42 -33.79
N ARG Y 180 56.06 -8.36 -33.59
CA ARG Y 180 56.31 -9.48 -32.70
C ARG Y 180 57.07 -10.60 -33.38
N ASN Y 181 56.96 -10.72 -34.70
CA ASN Y 181 57.55 -11.81 -35.45
C ASN Y 181 58.75 -11.40 -36.28
N GLN Y 182 59.18 -10.16 -36.20
CA GLN Y 182 60.31 -9.69 -36.99
C GLN Y 182 61.58 -10.41 -36.57
N LEU Y 183 62.34 -10.85 -37.56
CA LEU Y 183 63.55 -11.59 -37.31
C LEU Y 183 64.59 -10.73 -36.61
N TRP Y 184 65.35 -11.37 -35.74
CA TRP Y 184 66.54 -10.78 -35.14
C TRP Y 184 67.74 -11.21 -35.97
N LEU Y 185 68.50 -10.24 -36.43
CA LEU Y 185 69.78 -10.48 -37.06
C LEU Y 185 70.90 -10.30 -36.04
N ARG Y 186 72.07 -10.78 -36.40
CA ARG Y 186 73.26 -10.60 -35.60
C ARG Y 186 73.98 -9.34 -36.02
N LEU Y 187 74.45 -8.60 -35.02
CA LEU Y 187 75.30 -7.43 -35.23
C LEU Y 187 76.71 -7.93 -35.46
N GLN Y 188 77.04 -8.12 -36.73
CA GLN Y 188 78.35 -8.62 -37.11
C GLN Y 188 79.40 -7.56 -36.84
N THR Y 189 80.65 -7.96 -37.02
CA THR Y 189 81.77 -7.06 -36.77
C THR Y 189 82.00 -6.12 -37.95
N ALA Y 190 82.15 -6.67 -39.16
CA ALA Y 190 82.36 -5.84 -40.36
C ALA Y 190 81.64 -6.36 -41.59
N GLY Y 191 80.56 -7.12 -41.43
CA GLY Y 191 79.91 -7.77 -42.55
C GLY Y 191 78.40 -7.82 -42.50
N ASN Y 192 77.79 -6.79 -41.93
CA ASN Y 192 76.35 -6.77 -41.78
C ASN Y 192 75.65 -6.72 -43.13
N VAL Y 193 74.41 -7.16 -43.12
CA VAL Y 193 73.62 -7.35 -44.34
C VAL Y 193 72.92 -6.06 -44.69
N ASP Y 194 72.76 -5.82 -45.99
CA ASP Y 194 72.16 -4.59 -46.47
C ASP Y 194 70.65 -4.66 -46.36
N HIS Y 195 70.07 -3.64 -45.76
CA HIS Y 195 68.63 -3.43 -45.80
C HIS Y 195 68.29 -2.52 -46.96
N VAL Y 196 67.05 -2.64 -47.41
CA VAL Y 196 66.62 -2.09 -48.68
C VAL Y 196 65.21 -1.54 -48.52
N GLY Y 197 64.80 -0.70 -49.47
CA GLY Y 197 63.51 -0.06 -49.32
C GLY Y 197 63.26 1.33 -49.85
N LEU Y 198 64.14 1.92 -50.65
CA LEU Y 198 63.76 3.18 -51.29
C LEU Y 198 64.40 3.36 -52.65
N GLY Y 199 63.56 3.76 -53.60
CA GLY Y 199 64.02 4.18 -54.90
C GLY Y 199 63.34 5.46 -55.30
N THR Y 200 64.06 6.28 -56.06
CA THR Y 200 63.66 7.65 -56.35
C THR Y 200 63.69 7.90 -57.85
N ALA Y 201 62.98 8.95 -58.24
CA ALA Y 201 63.03 9.46 -59.61
C ALA Y 201 62.86 10.97 -59.54
N PHE Y 202 63.93 11.68 -59.88
CA PHE Y 202 63.95 13.14 -59.86
C PHE Y 202 63.92 13.67 -61.29
N GLU Y 203 63.10 14.68 -61.50
CA GLU Y 203 63.00 15.33 -62.80
C GLU Y 203 64.18 16.27 -62.99
N ASN Y 204 64.87 16.12 -64.11
CA ASN Y 204 66.05 16.89 -64.37
C ASN Y 204 65.70 18.35 -64.65
N SER Y 205 66.73 19.19 -64.65
CA SER Y 205 66.55 20.63 -64.75
C SER Y 205 67.78 21.25 -65.38
N ILE Y 206 67.65 22.52 -65.77
CA ILE Y 206 68.77 23.27 -66.30
C ILE Y 206 69.79 23.55 -65.22
N TYR Y 207 69.34 23.67 -63.98
CA TYR Y 207 70.20 23.95 -62.84
C TYR Y 207 70.45 22.68 -62.05
N ASP Y 208 71.56 22.67 -61.32
CA ASP Y 208 71.89 21.54 -60.47
C ASP Y 208 71.01 21.53 -59.24
N GLN Y 209 70.48 20.36 -58.90
CA GLN Y 209 69.62 20.17 -57.74
C GLN Y 209 70.37 19.35 -56.72
N GLU Y 210 70.78 19.97 -55.63
CA GLU Y 210 71.53 19.31 -54.57
C GLU Y 210 70.62 19.07 -53.38
N TYR Y 211 70.93 18.00 -52.65
CA TYR Y 211 70.19 17.60 -51.47
C TYR Y 211 71.15 17.08 -50.42
N ASN Y 212 70.81 17.31 -49.15
CA ASN Y 212 71.48 16.71 -48.01
C ASN Y 212 70.53 15.68 -47.42
N ILE Y 213 70.86 14.40 -47.58
CA ILE Y 213 69.97 13.33 -47.20
C ILE Y 213 70.36 12.83 -45.83
N ARG Y 214 69.41 12.84 -44.91
CA ARG Y 214 69.60 12.40 -43.53
C ARG Y 214 68.75 11.16 -43.32
N VAL Y 215 69.40 10.02 -43.17
CA VAL Y 215 68.74 8.75 -42.87
C VAL Y 215 68.82 8.51 -41.38
N THR Y 216 67.69 8.18 -40.79
CA THR Y 216 67.58 7.87 -39.37
C THR Y 216 66.98 6.48 -39.26
N MET Y 217 67.71 5.56 -38.66
CA MET Y 217 67.24 4.21 -38.43
C MET Y 217 66.85 4.03 -36.97
N TYR Y 218 65.65 3.53 -36.76
CA TYR Y 218 65.13 3.20 -35.43
C TYR Y 218 65.31 1.71 -35.22
N VAL Y 219 66.27 1.36 -34.36
CA VAL Y 219 66.72 -0.01 -34.21
C VAL Y 219 66.33 -0.51 -32.84
N GLN Y 220 66.44 -1.82 -32.66
CA GLN Y 220 66.09 -2.50 -31.43
C GLN Y 220 67.12 -3.59 -31.23
N PHE Y 221 67.91 -3.47 -30.18
CA PHE Y 221 68.97 -4.40 -29.86
C PHE Y 221 68.53 -5.39 -28.78
N ARG Y 222 69.38 -6.38 -28.54
CA ARG Y 222 69.06 -7.44 -27.60
C ARG Y 222 70.37 -8.04 -27.09
N GLU Y 223 70.32 -8.53 -25.85
CA GLU Y 223 71.41 -9.27 -25.22
C GLU Y 223 72.69 -8.44 -25.12
N PHE Y 224 72.61 -7.46 -24.23
CA PHE Y 224 73.76 -6.73 -23.72
C PHE Y 224 74.91 -7.66 -23.42
N ASN Y 225 76.04 -7.43 -24.06
CA ASN Y 225 77.16 -8.37 -24.05
C ASN Y 225 78.48 -7.67 -23.80
N LEU Y 226 78.49 -6.73 -22.87
CA LEU Y 226 79.72 -6.03 -22.56
C LEU Y 226 80.74 -6.97 -21.96
N LYS Y 227 82.00 -6.75 -22.32
CA LYS Y 227 83.12 -7.53 -21.82
C LYS Y 227 84.07 -6.61 -21.09
N ASP Y 228 84.41 -6.97 -19.85
CA ASP Y 228 85.19 -6.13 -18.95
C ASP Y 228 86.42 -6.90 -18.49
N PRO Y 229 87.49 -6.89 -19.28
CA PRO Y 229 88.74 -7.46 -18.82
C PRO Y 229 89.41 -6.58 -17.80
N PRO Y 230 90.41 -7.07 -17.08
CA PRO Y 230 91.16 -6.19 -16.18
C PRO Y 230 92.03 -5.19 -16.93
N LEU Y 231 92.76 -4.38 -16.18
CA LEU Y 231 93.60 -3.33 -16.75
C LEU Y 231 94.92 -3.22 -16.00
N GLY Z 43 48.83 -3.09 -52.73
CA GLY Z 43 47.86 -3.27 -53.79
C GLY Z 43 47.55 -4.72 -54.05
N ILE Z 44 46.66 -5.27 -53.25
CA ILE Z 44 46.38 -6.70 -53.27
C ILE Z 44 45.44 -7.01 -54.42
N PHE Z 45 45.64 -8.18 -55.02
CA PHE Z 45 44.77 -8.68 -56.06
C PHE Z 45 44.79 -10.21 -55.97
N ASN Z 46 43.74 -10.77 -55.39
CA ASN Z 46 43.56 -12.21 -55.37
C ASN Z 46 42.90 -12.65 -56.65
N THR Z 47 43.51 -13.63 -57.33
CA THR Z 47 42.95 -14.18 -58.54
C THR Z 47 43.18 -15.69 -58.57
N ARG Z 48 42.98 -16.28 -59.75
CA ARG Z 48 42.98 -17.71 -59.94
C ARG Z 48 43.58 -18.02 -61.30
N LEU Z 49 44.59 -18.87 -61.31
CA LEU Z 49 45.31 -19.26 -62.51
C LEU Z 49 45.27 -20.76 -62.64
N SER Z 50 45.05 -21.24 -63.85
CA SER Z 50 44.87 -22.65 -64.15
C SER Z 50 45.80 -23.10 -65.26
N ARG Z 51 45.85 -24.41 -65.42
CA ARG Z 51 46.77 -25.10 -66.31
C ARG Z 51 46.33 -26.54 -66.37
N THR Z 52 46.42 -27.14 -67.55
CA THR Z 52 45.94 -28.48 -67.81
C THR Z 52 46.99 -29.29 -68.54
N PHE Z 53 47.15 -30.55 -68.14
CA PHE Z 53 48.14 -31.43 -68.74
C PHE Z 53 47.73 -32.87 -68.45
N GLY Z 54 48.41 -33.79 -69.12
CA GLY Z 54 48.09 -35.19 -69.05
C GLY Z 54 49.03 -36.03 -68.20
N TYR Z 55 48.50 -37.17 -67.75
CA TYR Z 55 49.27 -38.15 -67.00
C TYR Z 55 48.67 -39.52 -67.29
N THR Z 56 49.54 -40.47 -67.64
CA THR Z 56 49.13 -41.82 -67.97
C THR Z 56 49.89 -42.82 -67.14
N ILE Z 57 49.17 -43.84 -66.68
CA ILE Z 57 49.73 -44.99 -66.00
C ILE Z 57 49.66 -46.14 -66.99
N LYS Z 58 50.81 -46.50 -67.56
CA LYS Z 58 50.86 -47.52 -68.58
C LYS Z 58 50.51 -48.89 -68.00
N ARG Z 59 50.09 -49.78 -68.89
CA ARG Z 59 49.69 -51.13 -68.51
C ARG Z 59 50.90 -51.97 -68.09
N THR Z 60 50.63 -53.03 -67.36
CA THR Z 60 51.63 -53.98 -66.91
C THR Z 60 51.06 -55.38 -66.95
N THR Z 61 51.88 -56.33 -67.41
CA THR Z 61 51.54 -57.75 -67.35
C THR Z 61 51.70 -58.35 -65.97
N VAL Z 62 52.26 -57.59 -65.02
CA VAL Z 62 52.45 -58.11 -63.67
C VAL Z 62 51.11 -58.49 -63.06
N LYS Z 63 51.09 -59.64 -62.39
CA LYS Z 63 49.86 -60.16 -61.81
C LYS Z 63 49.57 -59.55 -60.45
N THR Z 64 50.60 -59.30 -59.66
CA THR Z 64 50.43 -58.80 -58.32
C THR Z 64 49.81 -57.42 -58.31
N PRO Z 65 49.32 -56.96 -57.16
CA PRO Z 65 48.95 -55.55 -57.03
C PRO Z 65 50.20 -54.72 -56.80
N SER Z 66 50.61 -53.98 -57.81
CA SER Z 66 51.72 -53.05 -57.73
C SER Z 66 51.21 -51.64 -57.97
N TRP Z 67 51.97 -50.67 -57.47
CA TRP Z 67 51.61 -49.27 -57.56
C TRP Z 67 52.67 -48.49 -58.32
N ALA Z 68 52.20 -47.46 -59.01
CA ALA Z 68 53.05 -46.54 -59.78
C ALA Z 68 53.13 -45.23 -59.03
N VAL Z 69 54.34 -44.84 -58.68
CA VAL Z 69 54.58 -43.67 -57.86
C VAL Z 69 55.11 -42.56 -58.74
N ASP Z 70 54.66 -41.34 -58.45
CA ASP Z 70 55.12 -40.16 -59.17
C ASP Z 70 54.91 -38.95 -58.29
N MET Z 71 55.52 -37.85 -58.70
CA MET Z 71 55.56 -36.60 -57.95
C MET Z 71 54.89 -35.50 -58.75
N MET Z 72 54.65 -34.38 -58.07
CA MET Z 72 53.98 -33.24 -58.67
C MET Z 72 54.42 -31.97 -57.96
N ARG Z 73 55.13 -31.11 -58.68
CA ARG Z 73 55.53 -29.79 -58.22
C ARG Z 73 54.69 -28.74 -58.93
N PHE Z 74 54.76 -27.51 -58.40
CA PHE Z 74 54.00 -26.38 -58.94
C PHE Z 74 54.91 -25.17 -59.04
N ASN Z 75 55.01 -24.60 -60.24
CA ASN Z 75 55.74 -23.37 -60.48
C ASN Z 75 54.84 -22.38 -61.19
N ILE Z 76 55.07 -21.10 -60.91
CA ILE Z 76 54.22 -20.04 -61.46
C ILE Z 76 54.56 -19.69 -62.89
N ASN Z 77 55.72 -20.12 -63.39
CA ASN Z 77 56.03 -19.89 -64.80
C ASN Z 77 55.09 -20.64 -65.72
N ASP Z 78 54.61 -21.80 -65.27
CA ASP Z 78 53.71 -22.61 -66.06
C ASP Z 78 52.29 -22.07 -66.07
N PHE Z 79 51.96 -21.14 -65.19
CA PHE Z 79 50.64 -20.53 -65.14
C PHE Z 79 50.63 -19.09 -65.61
N LEU Z 80 51.73 -18.38 -65.44
CA LEU Z 80 51.85 -16.97 -65.78
C LEU Z 80 52.85 -16.79 -66.91
N PRO Z 81 52.45 -16.43 -68.12
CA PRO Z 81 53.42 -16.33 -69.20
C PRO Z 81 54.25 -15.07 -69.07
N PRO Z 82 55.30 -14.94 -69.88
CA PRO Z 82 56.03 -13.67 -69.92
C PRO Z 82 55.22 -12.60 -70.61
N GLY Z 83 55.42 -11.37 -70.16
CA GLY Z 83 54.69 -10.25 -70.71
C GLY Z 83 55.32 -9.71 -71.97
N GLY Z 84 55.31 -8.39 -72.11
CA GLY Z 84 55.88 -7.75 -73.26
C GLY Z 84 56.26 -6.31 -72.99
N GLY Z 85 57.47 -5.95 -73.39
CA GLY Z 85 57.95 -4.60 -73.22
C GLY Z 85 58.59 -4.38 -71.86
N SER Z 86 58.32 -3.21 -71.28
CA SER Z 86 58.88 -2.86 -69.99
C SER Z 86 58.27 -3.68 -68.86
N ASN Z 87 57.13 -4.32 -69.10
CA ASN Z 87 56.53 -5.20 -68.12
C ASN Z 87 56.98 -6.63 -68.37
N PRO Z 88 57.83 -7.22 -67.53
CA PRO Z 88 58.37 -8.54 -67.87
C PRO Z 88 57.36 -9.66 -67.79
N ARG Z 89 56.29 -9.48 -67.02
CA ARG Z 89 55.26 -10.49 -66.85
C ARG Z 89 53.91 -9.94 -67.28
N SER Z 90 52.97 -10.86 -67.51
CA SER Z 90 51.68 -10.50 -68.06
C SER Z 90 50.73 -9.96 -67.00
N VAL Z 91 50.94 -10.32 -65.74
CA VAL Z 91 50.20 -9.75 -64.61
C VAL Z 91 51.10 -8.71 -63.96
N PRO Z 92 50.78 -7.41 -64.05
CA PRO Z 92 51.75 -6.41 -63.61
C PRO Z 92 51.79 -6.19 -62.10
N PHE Z 93 52.48 -7.10 -61.43
CA PHE Z 93 52.69 -7.02 -60.01
C PHE Z 93 54.11 -7.46 -59.69
N GLU Z 94 54.57 -7.08 -58.51
CA GLU Z 94 55.93 -7.34 -58.06
C GLU Z 94 56.04 -8.61 -57.24
N TYR Z 95 55.20 -8.75 -56.23
CA TYR Z 95 55.28 -9.84 -55.26
C TYR Z 95 54.10 -10.77 -55.43
N TYR Z 96 54.26 -11.98 -54.89
CA TYR Z 96 53.20 -12.97 -54.92
C TYR Z 96 53.38 -13.92 -53.76
N ARG Z 97 52.32 -14.65 -53.47
CA ARG Z 97 52.38 -15.76 -52.55
C ARG Z 97 51.19 -16.67 -52.84
N ILE Z 98 51.47 -17.95 -53.00
CA ILE Z 98 50.45 -18.91 -53.37
C ILE Z 98 49.69 -19.32 -52.13
N ARG Z 99 48.37 -19.11 -52.15
CA ARG Z 99 47.51 -19.38 -51.02
C ARG Z 99 47.03 -20.84 -51.00
N LYS Z 100 46.55 -21.32 -52.14
CA LYS Z 100 45.99 -22.66 -52.24
C LYS Z 100 46.26 -23.19 -53.64
N VAL Z 101 46.18 -24.50 -53.76
CA VAL Z 101 46.22 -25.19 -55.04
C VAL Z 101 45.13 -26.25 -55.03
N LYS Z 102 44.48 -26.42 -56.18
CA LYS Z 102 43.48 -27.44 -56.41
C LYS Z 102 43.95 -28.31 -57.56
N VAL Z 103 44.36 -29.51 -57.24
CA VAL Z 103 44.72 -30.50 -58.25
C VAL Z 103 43.50 -31.39 -58.49
N GLU Z 104 43.09 -31.47 -59.75
CA GLU Z 104 41.92 -32.23 -60.16
C GLU Z 104 42.38 -33.29 -61.15
N PHE Z 105 42.19 -34.55 -60.80
CA PHE Z 105 42.42 -35.67 -61.70
C PHE Z 105 41.11 -35.95 -62.40
N TRP Z 106 40.97 -35.44 -63.61
CA TRP Z 106 39.81 -35.70 -64.43
C TRP Z 106 40.05 -36.96 -65.25
N PRO Z 107 39.26 -38.02 -65.09
CA PRO Z 107 39.55 -39.25 -65.81
C PRO Z 107 39.31 -39.13 -67.29
N CYS Z 108 40.00 -40.00 -68.01
CA CYS Z 108 39.86 -40.15 -69.45
C CYS Z 108 39.28 -41.49 -69.84
N SER Z 109 38.96 -42.34 -68.89
CA SER Z 109 38.62 -43.73 -69.10
C SER Z 109 37.12 -43.93 -68.92
N PRO Z 110 36.54 -44.88 -69.64
CA PRO Z 110 35.09 -45.10 -69.53
C PRO Z 110 34.72 -45.74 -68.21
N ILE Z 111 33.44 -45.60 -67.87
CA ILE Z 111 32.93 -46.21 -66.65
C ILE Z 111 32.76 -47.72 -66.76
N THR Z 112 32.96 -48.28 -67.95
CA THR Z 112 32.90 -49.72 -68.16
C THR Z 112 34.26 -50.39 -68.01
N GLN Z 113 35.32 -49.64 -67.72
CA GLN Z 113 36.65 -50.22 -67.67
C GLN Z 113 36.80 -51.02 -66.40
N GLY Z 114 37.35 -52.23 -66.52
CA GLY Z 114 37.56 -53.11 -65.43
C GLY Z 114 38.97 -53.06 -64.89
N ASP Z 115 39.32 -54.07 -64.10
CA ASP Z 115 40.60 -54.14 -63.42
C ASP Z 115 40.82 -52.91 -62.57
N ARG Z 116 39.76 -52.50 -61.86
CA ARG Z 116 39.81 -51.31 -61.04
C ARG Z 116 40.80 -51.49 -59.90
N GLY Z 117 41.12 -50.38 -59.27
CA GLY Z 117 42.15 -50.34 -58.26
C GLY Z 117 41.93 -49.28 -57.22
N VAL Z 118 42.89 -49.11 -56.33
CA VAL Z 118 42.78 -48.16 -55.24
C VAL Z 118 44.17 -47.63 -54.92
N GLY Z 119 44.29 -46.31 -54.88
CA GLY Z 119 45.54 -45.63 -54.66
C GLY Z 119 45.47 -44.60 -53.57
N SER Z 120 46.44 -43.70 -53.56
CA SER Z 120 46.57 -42.74 -52.48
C SER Z 120 47.29 -41.50 -52.99
N SER Z 121 46.82 -40.35 -52.54
CA SER Z 121 47.47 -39.06 -52.79
C SER Z 121 47.77 -38.40 -51.47
N ALA Z 122 49.01 -37.96 -51.31
CA ALA Z 122 49.47 -37.33 -50.08
C ALA Z 122 50.13 -36.00 -50.38
N VAL Z 123 50.24 -35.18 -49.34
CA VAL Z 123 50.75 -33.82 -49.43
C VAL Z 123 52.17 -33.82 -48.87
N ILE Z 124 53.12 -33.42 -49.70
CA ILE Z 124 54.55 -33.53 -49.41
C ILE Z 124 55.15 -32.15 -49.60
N LEU Z 125 55.36 -31.42 -48.51
CA LEU Z 125 55.71 -30.02 -48.54
C LEU Z 125 57.21 -29.76 -48.44
N ASP Z 126 58.07 -30.69 -48.89
CA ASP Z 126 59.50 -30.57 -48.63
C ASP Z 126 60.43 -31.04 -49.73
N ASP Z 127 59.92 -31.44 -50.89
CA ASP Z 127 60.76 -31.77 -52.04
C ASP Z 127 61.59 -33.02 -51.82
N ASN Z 128 61.10 -33.93 -50.98
CA ASN Z 128 61.68 -35.26 -50.83
C ASN Z 128 60.52 -36.23 -50.93
N PHE Z 129 60.25 -36.65 -52.15
CA PHE Z 129 59.20 -37.59 -52.47
C PHE Z 129 59.71 -39.02 -52.40
N VAL Z 130 58.77 -39.96 -52.31
CA VAL Z 130 59.12 -41.34 -52.55
C VAL Z 130 59.62 -41.46 -53.97
N THR Z 131 60.63 -42.28 -54.16
CA THR Z 131 61.26 -42.41 -55.46
C THR Z 131 60.26 -42.86 -56.51
N LYS Z 132 60.37 -42.29 -57.69
CA LYS Z 132 59.49 -42.66 -58.79
C LYS Z 132 59.67 -44.12 -59.14
N ALA Z 133 58.57 -44.85 -59.21
CA ALA Z 133 58.56 -46.28 -59.44
C ALA Z 133 57.47 -46.62 -60.44
N THR Z 134 57.72 -47.67 -61.21
CA THR Z 134 56.77 -48.16 -62.19
C THR Z 134 55.83 -49.20 -61.58
N ALA Z 135 56.37 -50.19 -60.89
CA ALA Z 135 55.58 -51.24 -60.25
C ALA Z 135 56.21 -51.54 -58.90
N LEU Z 136 55.78 -50.80 -57.87
CA LEU Z 136 56.21 -51.01 -56.51
C LEU Z 136 55.21 -51.91 -55.80
N THR Z 137 55.71 -52.79 -54.94
CA THR Z 137 54.91 -53.83 -54.32
C THR Z 137 54.01 -53.34 -53.19
N TYR Z 138 53.90 -52.04 -52.98
CA TYR Z 138 53.07 -51.51 -51.91
C TYR Z 138 52.75 -50.06 -52.22
N ASP Z 139 51.78 -49.52 -51.50
CA ASP Z 139 51.39 -48.13 -51.61
C ASP Z 139 52.12 -47.34 -50.53
N PRO Z 140 53.14 -46.54 -50.88
CA PRO Z 140 53.90 -45.86 -49.83
C PRO Z 140 53.12 -44.77 -49.14
N TYR Z 141 52.21 -44.11 -49.85
CA TYR Z 141 51.48 -42.97 -49.32
C TYR Z 141 50.21 -43.38 -48.59
N VAL Z 142 50.07 -44.64 -48.21
CA VAL Z 142 48.82 -45.12 -47.66
C VAL Z 142 48.69 -44.74 -46.19
N ASN Z 143 49.77 -44.84 -45.43
CA ASN Z 143 49.75 -44.54 -44.02
C ASN Z 143 50.02 -43.09 -43.70
N TYR Z 144 50.15 -42.24 -44.72
CA TYR Z 144 50.37 -40.83 -44.50
C TYR Z 144 49.12 -40.18 -43.92
N SER Z 145 49.35 -39.23 -43.02
CA SER Z 145 48.25 -38.52 -42.39
C SER Z 145 47.44 -37.70 -43.37
N SER Z 146 48.02 -37.33 -44.52
CA SER Z 146 47.35 -36.58 -45.55
C SER Z 146 46.90 -37.43 -46.72
N ARG Z 147 46.72 -38.73 -46.50
CA ARG Z 147 46.32 -39.62 -47.56
C ARG Z 147 44.83 -39.49 -47.82
N HIS Z 148 44.49 -39.35 -49.09
CA HIS Z 148 43.13 -39.50 -49.58
C HIS Z 148 43.14 -40.66 -50.56
N THR Z 149 42.12 -41.48 -50.49
CA THR Z 149 42.01 -42.62 -51.38
C THR Z 149 41.68 -42.18 -52.79
N ILE Z 150 42.38 -42.77 -53.76
CA ILE Z 150 42.10 -42.59 -55.17
C ILE Z 150 41.41 -43.86 -55.63
N THR Z 151 40.13 -43.74 -55.93
CA THR Z 151 39.44 -44.76 -56.70
C THR Z 151 39.81 -44.62 -58.17
N GLN Z 152 40.09 -45.75 -58.79
CA GLN Z 152 40.57 -45.81 -60.17
C GLN Z 152 39.64 -46.69 -60.98
N PRO Z 153 39.61 -46.53 -62.31
CA PRO Z 153 40.24 -45.54 -63.18
C PRO Z 153 39.35 -44.38 -63.59
N PHE Z 154 38.04 -44.53 -63.38
CA PHE Z 154 37.04 -43.64 -63.94
C PHE Z 154 36.44 -42.70 -62.91
N SER Z 155 37.20 -42.36 -61.89
CA SER Z 155 36.69 -41.57 -60.78
C SER Z 155 37.51 -40.31 -60.61
N TYR Z 156 36.83 -39.25 -60.21
CA TYR Z 156 37.42 -37.95 -60.02
C TYR Z 156 38.05 -37.84 -58.65
N HIS Z 157 39.21 -37.19 -58.60
CA HIS Z 157 39.97 -37.01 -57.38
C HIS Z 157 40.44 -35.58 -57.31
N SER Z 158 40.07 -34.88 -56.25
CA SER Z 158 40.52 -33.52 -56.00
C SER Z 158 41.31 -33.45 -54.72
N ARG Z 159 42.27 -32.53 -54.68
CA ARG Z 159 43.04 -32.24 -53.49
C ARG Z 159 43.21 -30.73 -53.42
N TYR Z 160 42.85 -30.15 -52.28
CA TYR Z 160 42.87 -28.72 -52.06
C TYR Z 160 43.69 -28.44 -50.82
N PHE Z 161 44.81 -27.77 -50.99
CA PHE Z 161 45.79 -27.60 -49.93
C PHE Z 161 46.60 -26.35 -50.19
N THR Z 162 47.46 -26.03 -49.23
CA THR Z 162 48.33 -24.87 -49.26
C THR Z 162 49.77 -25.31 -49.49
N PRO Z 163 50.37 -25.04 -50.64
CA PRO Z 163 51.73 -25.49 -50.86
C PRO Z 163 52.75 -24.65 -50.12
N LYS Z 164 54.02 -25.02 -50.24
CA LYS Z 164 55.11 -24.34 -49.60
C LYS Z 164 56.24 -24.19 -50.60
N PRO Z 165 56.98 -23.09 -50.57
CA PRO Z 165 58.09 -22.94 -51.50
C PRO Z 165 59.37 -23.61 -51.02
N VAL Z 166 60.22 -23.90 -52.00
CA VAL Z 166 61.49 -24.56 -51.75
C VAL Z 166 62.53 -23.45 -51.58
N LEU Z 167 62.68 -23.01 -50.34
CA LEU Z 167 63.63 -21.96 -50.01
C LEU Z 167 65.04 -22.52 -49.86
N ASP Z 168 65.18 -23.64 -49.17
CA ASP Z 168 66.46 -24.32 -49.03
C ASP Z 168 66.20 -25.82 -49.13
N SER Z 169 66.62 -26.42 -50.24
CA SER Z 169 66.42 -27.85 -50.43
C SER Z 169 67.34 -28.69 -49.55
N THR Z 170 68.40 -28.09 -49.00
CA THR Z 170 69.30 -28.83 -48.13
C THR Z 170 68.69 -29.05 -46.75
N ILE Z 171 67.99 -28.05 -46.23
CA ILE Z 171 67.41 -28.09 -44.89
C ILE Z 171 65.94 -28.42 -44.99
N ASP Z 172 65.29 -27.92 -46.03
CA ASP Z 172 63.88 -28.19 -46.31
C ASP Z 172 63.00 -27.73 -45.15
N TYR Z 173 62.99 -26.42 -44.94
CA TYR Z 173 62.17 -25.79 -43.92
C TYR Z 173 60.99 -25.08 -44.56
N PHE Z 174 59.86 -25.07 -43.85
CA PHE Z 174 58.67 -24.41 -44.34
C PHE Z 174 57.86 -23.88 -43.17
N GLN Z 175 56.99 -23.03 -43.47
CA GLN Z 175 56.14 -22.35 -42.51
C GLN Z 175 54.82 -23.10 -42.30
N PRO Z 176 54.23 -23.03 -41.12
CA PRO Z 176 52.87 -23.52 -40.97
C PRO Z 176 51.86 -22.59 -41.61
N ASN Z 177 50.62 -23.02 -41.65
CA ASN Z 177 49.58 -22.27 -42.34
C ASN Z 177 49.18 -21.05 -41.52
N ASN Z 178 49.43 -19.88 -42.08
CA ASN Z 178 49.04 -18.62 -41.44
C ASN Z 178 48.88 -17.62 -42.57
N LYS Z 179 47.65 -17.15 -42.78
CA LYS Z 179 47.43 -16.24 -43.88
C LYS Z 179 48.10 -14.90 -43.64
N ARG Z 180 48.27 -14.51 -42.39
CA ARG Z 180 48.81 -13.19 -42.08
C ARG Z 180 50.32 -13.16 -42.11
N ASN Z 181 50.97 -14.30 -41.88
CA ASN Z 181 52.41 -14.39 -41.77
C ASN Z 181 53.08 -15.06 -42.96
N GLN Z 182 52.32 -15.44 -43.98
CA GLN Z 182 52.88 -16.11 -45.13
C GLN Z 182 53.83 -15.19 -45.88
N LEU Z 183 54.98 -15.72 -46.25
CA LEU Z 183 56.00 -14.95 -46.91
C LEU Z 183 55.54 -14.50 -48.28
N TRP Z 184 55.97 -13.30 -48.66
CA TRP Z 184 55.83 -12.79 -50.01
C TRP Z 184 57.10 -13.10 -50.76
N LEU Z 185 56.96 -13.77 -51.90
CA LEU Z 185 58.05 -13.98 -52.82
C LEU Z 185 57.98 -12.94 -53.92
N ARG Z 186 59.08 -12.83 -54.66
CA ARG Z 186 59.14 -11.97 -55.82
C ARG Z 186 58.73 -12.73 -57.06
N LEU Z 187 57.95 -12.07 -57.90
CA LEU Z 187 57.59 -12.58 -59.21
C LEU Z 187 58.75 -12.30 -60.15
N GLN Z 188 59.64 -13.28 -60.25
CA GLN Z 188 60.80 -13.15 -61.09
C GLN Z 188 60.41 -13.15 -62.56
N THR Z 189 61.39 -12.90 -63.42
CA THR Z 189 61.14 -12.85 -64.86
C THR Z 189 61.10 -14.24 -65.47
N ALA Z 190 62.14 -15.05 -65.24
CA ALA Z 190 62.18 -16.41 -65.77
C ALA Z 190 62.79 -17.42 -64.81
N GLY Z 191 62.76 -17.17 -63.51
CA GLY Z 191 63.46 -18.00 -62.54
C GLY Z 191 62.74 -18.24 -61.24
N ASN Z 192 61.42 -18.30 -61.29
CA ASN Z 192 60.65 -18.45 -60.08
C ASN Z 192 60.90 -19.80 -59.41
N VAL Z 193 60.64 -19.85 -58.13
CA VAL Z 193 60.95 -21.00 -57.29
C VAL Z 193 59.81 -22.00 -57.33
N ASP Z 194 60.17 -23.28 -57.23
CA ASP Z 194 59.19 -24.34 -57.34
C ASP Z 194 58.47 -24.51 -56.01
N HIS Z 195 57.15 -24.52 -56.08
CA HIS Z 195 56.32 -24.93 -54.96
C HIS Z 195 56.03 -26.41 -55.06
N VAL Z 196 55.72 -27.00 -53.91
CA VAL Z 196 55.70 -28.45 -53.76
C VAL Z 196 54.54 -28.80 -52.85
N GLY Z 197 54.16 -30.09 -52.86
CA GLY Z 197 52.99 -30.48 -52.10
C GLY Z 197 52.07 -31.59 -52.57
N LEU Z 198 52.44 -32.37 -53.58
CA LEU Z 198 51.62 -33.55 -53.88
C LEU Z 198 52.43 -34.71 -54.42
N GLY Z 199 52.16 -35.87 -53.86
CA GLY Z 199 52.68 -37.11 -54.39
C GLY Z 199 51.59 -38.15 -54.44
N THR Z 200 51.67 -39.03 -55.44
CA THR Z 200 50.60 -39.94 -55.78
C THR Z 200 51.13 -41.37 -55.86
N ALA Z 201 50.19 -42.31 -55.77
CA ALA Z 201 50.46 -43.71 -55.99
C ALA Z 201 49.23 -44.33 -56.62
N PHE Z 202 49.37 -44.73 -57.88
CA PHE Z 202 48.29 -45.33 -58.66
C PHE Z 202 48.54 -46.81 -58.82
N GLU Z 203 47.49 -47.60 -58.63
CA GLU Z 203 47.57 -49.03 -58.81
C GLU Z 203 47.52 -49.37 -60.29
N ASN Z 204 48.49 -50.16 -60.72
CA ASN Z 204 48.61 -50.50 -62.12
C ASN Z 204 47.49 -51.43 -62.55
N SER Z 205 47.35 -51.59 -63.87
CA SER Z 205 46.24 -52.33 -64.44
C SER Z 205 46.66 -52.91 -65.79
N ILE Z 206 45.83 -53.81 -66.30
CA ILE Z 206 46.07 -54.39 -67.62
C ILE Z 206 45.85 -53.35 -68.70
N TYR Z 207 44.96 -52.40 -68.45
CA TYR Z 207 44.64 -51.34 -69.40
C TYR Z 207 45.35 -50.05 -69.00
N ASP Z 208 45.54 -49.19 -69.98
CA ASP Z 208 46.14 -47.89 -69.74
C ASP Z 208 45.15 -46.97 -69.06
N GLN Z 209 45.60 -46.29 -68.01
CA GLN Z 209 44.79 -45.34 -67.25
C GLN Z 209 45.31 -43.94 -67.53
N GLU Z 210 44.53 -43.16 -68.27
CA GLU Z 210 44.87 -41.80 -68.63
C GLU Z 210 44.07 -40.81 -67.79
N TYR Z 211 44.67 -39.66 -67.56
CA TYR Z 211 44.07 -38.59 -66.79
C TYR Z 211 44.43 -37.25 -67.40
N ASN Z 212 43.50 -36.31 -67.30
CA ASN Z 212 43.75 -34.90 -67.64
C ASN Z 212 43.78 -34.13 -66.33
N ILE Z 213 44.97 -33.67 -65.94
CA ILE Z 213 45.15 -33.05 -64.64
C ILE Z 213 45.08 -31.55 -64.81
N ARG Z 214 44.17 -30.93 -64.06
CA ARG Z 214 43.97 -29.48 -64.08
C ARG Z 214 44.38 -28.94 -62.72
N VAL Z 215 45.46 -28.18 -62.70
CA VAL Z 215 45.95 -27.52 -61.51
C VAL Z 215 45.47 -26.08 -61.54
N THR Z 216 44.90 -25.63 -60.43
CA THR Z 216 44.43 -24.28 -60.25
C THR Z 216 45.11 -23.71 -59.04
N MET Z 217 45.87 -22.63 -59.23
CA MET Z 217 46.55 -21.95 -58.15
C MET Z 217 45.82 -20.65 -57.80
N TYR Z 218 45.51 -20.49 -56.53
CA TYR Z 218 44.88 -19.29 -56.00
C TYR Z 218 45.97 -18.42 -55.39
N VAL Z 219 46.31 -17.34 -56.09
CA VAL Z 219 47.47 -16.53 -55.76
C VAL Z 219 47.01 -15.18 -55.26
N GLN Z 220 47.96 -14.44 -54.69
CA GLN Z 220 47.72 -13.13 -54.12
C GLN Z 220 48.95 -12.29 -54.45
N PHE Z 221 48.74 -11.26 -55.24
CA PHE Z 221 49.80 -10.38 -55.69
C PHE Z 221 49.81 -9.09 -54.87
N ARG Z 222 50.85 -8.28 -55.09
CA ARG Z 222 51.05 -7.06 -54.34
C ARG Z 222 51.88 -6.10 -55.16
N GLU Z 223 51.64 -4.81 -54.96
CA GLU Z 223 52.44 -3.73 -55.53
C GLU Z 223 52.38 -3.74 -57.06
N PHE Z 224 51.20 -3.38 -57.55
CA PHE Z 224 50.97 -3.02 -58.94
C PHE Z 224 52.08 -2.14 -59.46
N ASN Z 225 52.75 -2.58 -60.52
CA ASN Z 225 53.98 -1.95 -60.99
C ASN Z 225 53.98 -1.77 -62.49
N LEU Z 226 52.85 -1.34 -63.04
CA LEU Z 226 52.78 -1.13 -64.47
C LEU Z 226 53.69 0.00 -64.90
N LYS Z 227 54.30 -0.15 -66.06
CA LYS Z 227 55.18 0.83 -66.65
C LYS Z 227 54.62 1.28 -67.99
N ASP Z 228 54.48 2.59 -68.16
CA ASP Z 228 53.81 3.17 -69.31
C ASP Z 228 54.76 4.14 -69.99
N PRO Z 229 55.63 3.66 -70.87
CA PRO Z 229 56.44 4.55 -71.66
C PRO Z 229 55.62 5.21 -72.76
N PRO Z 230 56.15 6.24 -73.40
CA PRO Z 230 55.44 6.82 -74.55
C PRO Z 230 55.45 5.90 -75.75
N LEU Z 231 54.85 6.36 -76.85
CA LEU Z 231 54.75 5.57 -78.07
C LEU Z 231 54.94 6.44 -79.31
N GLY AA 43 52.58 -43.83 -21.65
CA GLY AA 43 52.83 -43.10 -22.88
C GLY AA 43 51.99 -43.58 -24.04
N ILE AA 44 50.76 -43.12 -24.08
CA ILE AA 44 49.79 -43.61 -25.05
C ILE AA 44 50.03 -42.97 -26.40
N PHE AA 45 49.80 -43.76 -27.45
CA PHE AA 45 49.86 -43.27 -28.82
C PHE AA 45 48.87 -44.07 -29.64
N ASN AA 46 47.72 -43.48 -29.92
CA ASN AA 46 46.75 -44.08 -30.81
C ASN AA 46 47.10 -43.74 -32.25
N THR AA 47 47.19 -44.77 -33.08
CA THR AA 47 47.47 -44.58 -34.49
C THR AA 47 46.64 -45.56 -35.31
N ARG AA 48 47.02 -45.68 -36.59
CA ARG AA 48 46.25 -46.43 -37.57
C ARG AA 48 47.23 -47.10 -38.52
N LEU AA 49 47.08 -48.41 -38.68
CA LEU AA 49 47.94 -49.23 -39.51
C LEU AA 49 47.08 -49.97 -40.51
N SER AA 50 47.54 -50.03 -41.75
CA SER AA 50 46.79 -50.61 -42.86
C SER AA 50 47.63 -51.64 -43.59
N ARG AA 51 46.95 -52.37 -44.46
CA ARG AA 51 47.49 -53.51 -45.18
C ARG AA 51 46.46 -53.89 -46.24
N THR AA 52 46.94 -54.27 -47.41
CA THR AA 52 46.09 -54.56 -48.56
C THR AA 52 46.50 -55.88 -49.19
N PHE AA 53 45.51 -56.66 -49.57
CA PHE AA 53 45.74 -57.96 -50.18
C PHE AA 53 44.50 -58.36 -50.96
N GLY AA 54 44.64 -59.42 -51.74
CA GLY AA 54 43.61 -59.88 -52.63
C GLY AA 54 42.85 -61.11 -52.18
N TYR AA 55 41.64 -61.26 -52.70
CA TYR AA 55 40.80 -62.42 -52.46
C TYR AA 55 39.94 -62.63 -53.69
N THR AA 56 39.91 -63.86 -54.18
CA THR AA 56 39.15 -64.21 -55.38
C THR AA 56 38.24 -65.38 -55.08
N ILE AA 57 37.02 -65.30 -55.60
CA ILE AA 57 36.05 -66.39 -55.58
C ILE AA 57 36.00 -66.91 -57.01
N LYS AA 58 36.60 -68.08 -57.22
CA LYS AA 58 36.68 -68.66 -58.55
C LYS AA 58 35.31 -69.07 -59.05
N ARG AA 59 35.20 -69.19 -60.37
CA ARG AA 59 33.96 -69.54 -61.02
C ARG AA 59 33.61 -71.01 -60.79
N THR AA 60 32.33 -71.33 -60.98
CA THR AA 60 31.83 -72.68 -60.85
C THR AA 60 30.75 -72.93 -61.90
N THR AA 61 30.79 -74.11 -62.51
CA THR AA 61 29.75 -74.55 -63.42
C THR AA 61 28.49 -75.01 -62.71
N VAL AA 62 28.51 -75.09 -61.38
CA VAL AA 62 27.34 -75.52 -60.62
C VAL AA 62 26.18 -74.58 -60.89
N LYS AA 63 25.00 -75.16 -61.08
CA LYS AA 63 23.81 -74.39 -61.40
C LYS AA 63 23.15 -73.81 -60.16
N THR AA 64 23.15 -74.56 -59.07
CA THR AA 64 22.46 -74.16 -57.87
C THR AA 64 23.09 -72.92 -57.26
N PRO AA 65 22.39 -72.26 -56.34
CA PRO AA 65 23.04 -71.22 -55.55
C PRO AA 65 23.87 -71.85 -54.45
N SER AA 66 25.18 -71.81 -54.61
CA SER AA 66 26.12 -72.28 -53.61
C SER AA 66 26.97 -71.11 -53.13
N TRP AA 67 27.51 -71.25 -51.93
CA TRP AA 67 28.31 -70.22 -51.30
C TRP AA 67 29.71 -70.72 -51.02
N ALA AA 68 30.66 -69.77 -51.08
CA ALA AA 68 32.06 -70.02 -50.80
C ALA AA 68 32.40 -69.41 -49.45
N VAL AA 69 32.86 -70.24 -48.54
CA VAL AA 69 33.11 -69.84 -47.16
C VAL AA 69 34.61 -69.71 -46.96
N ASP AA 70 35.00 -68.69 -46.19
CA ASP AA 70 36.39 -68.47 -45.86
C ASP AA 70 36.45 -67.68 -44.58
N MET AA 71 37.65 -67.62 -44.02
CA MET AA 71 37.93 -66.99 -42.73
C MET AA 71 38.91 -65.85 -42.90
N MET AA 72 39.04 -65.07 -41.83
CA MET AA 72 39.91 -63.90 -41.84
C MET AA 72 40.38 -63.62 -40.43
N ARG AA 73 41.67 -63.77 -40.19
CA ARG AA 73 42.32 -63.43 -38.94
C ARG AA 73 43.15 -62.17 -39.13
N PHE AA 74 43.58 -61.59 -38.00
CA PHE AA 74 44.36 -60.36 -38.00
C PHE AA 74 45.52 -60.50 -37.04
N ASN AA 75 46.73 -60.29 -37.55
CA ASN AA 75 47.94 -60.27 -36.73
C ASN AA 75 48.70 -58.98 -36.99
N ILE AA 76 49.40 -58.52 -35.96
CA ILE AA 76 50.10 -57.25 -36.03
C ILE AA 76 51.45 -57.36 -36.74
N ASN AA 77 51.96 -58.57 -36.96
CA ASN AA 77 53.19 -58.70 -37.72
C ASN AA 77 52.98 -58.30 -39.17
N ASP AA 78 51.78 -58.49 -39.69
CA ASP AA 78 51.48 -58.13 -41.07
C ASP AA 78 51.29 -56.65 -41.27
N PHE AA 79 51.13 -55.88 -40.20
CA PHE AA 79 50.97 -54.43 -40.26
C PHE AA 79 52.19 -53.68 -39.78
N LEU AA 80 52.93 -54.25 -38.83
CA LEU AA 80 54.09 -53.61 -38.21
C LEU AA 80 55.35 -54.38 -38.57
N PRO AA 81 56.25 -53.85 -39.38
CA PRO AA 81 57.42 -54.63 -39.76
C PRO AA 81 58.43 -54.68 -38.62
N PRO AA 82 59.47 -55.50 -38.77
CA PRO AA 82 60.55 -55.48 -37.80
C PRO AA 82 61.39 -54.22 -37.96
N GLY AA 83 61.91 -53.75 -36.83
CA GLY AA 83 62.71 -52.56 -36.83
C GLY AA 83 64.15 -52.80 -37.21
N GLY AA 84 65.06 -52.11 -36.54
CA GLY AA 84 66.47 -52.26 -36.79
C GLY AA 84 67.32 -51.85 -35.61
N GLY AA 85 68.28 -52.68 -35.27
CA GLY AA 85 69.18 -52.40 -34.17
C GLY AA 85 68.62 -52.82 -32.83
N SER AA 86 68.85 -51.98 -31.83
CA SER AA 86 68.38 -52.29 -30.48
C SER AA 86 66.87 -52.19 -30.35
N ASN AA 87 66.21 -51.56 -31.31
CA ASN AA 87 64.76 -51.49 -31.33
C ASN AA 87 64.22 -52.62 -32.20
N PRO AA 88 63.59 -53.66 -31.63
CA PRO AA 88 63.21 -54.80 -32.45
C PRO AA 88 62.08 -54.52 -33.41
N ARG AA 89 61.26 -53.51 -33.14
CA ARG AA 89 60.12 -53.16 -33.98
C ARG AA 89 60.25 -51.72 -34.45
N SER AA 90 59.48 -51.40 -35.48
CA SER AA 90 59.59 -50.11 -36.13
C SER AA 90 58.84 -49.01 -35.38
N VAL AA 91 57.84 -49.39 -34.60
CA VAL AA 91 57.13 -48.46 -33.71
C VAL AA 91 57.68 -48.68 -32.30
N PRO AA 92 58.42 -47.73 -31.72
CA PRO AA 92 59.11 -48.05 -30.47
C PRO AA 92 58.23 -47.97 -29.24
N PHE AA 93 57.45 -49.03 -29.04
CA PHE AA 93 56.60 -49.16 -27.88
C PHE AA 93 56.65 -50.61 -27.40
N GLU AA 94 56.25 -50.81 -26.16
CA GLU AA 94 56.29 -52.10 -25.50
C GLU AA 94 54.99 -52.86 -25.60
N TYR AA 95 53.89 -52.22 -25.26
CA TYR AA 95 52.58 -52.84 -25.16
C TYR AA 95 51.66 -52.32 -26.25
N TYR AA 96 50.61 -53.08 -26.51
CA TYR AA 96 49.61 -52.70 -27.49
C TYR AA 96 48.29 -53.35 -27.15
N ARG AA 97 47.23 -52.82 -27.75
CA ARG AA 97 45.93 -53.45 -27.70
C ARG AA 97 45.13 -52.91 -28.87
N ILE AA 98 44.54 -53.81 -29.64
CA ILE AA 98 43.82 -53.44 -30.85
C ILE AA 98 42.42 -53.00 -30.45
N ARG AA 99 42.08 -51.78 -30.81
CA ARG AA 99 40.79 -51.18 -30.45
C ARG AA 99 39.71 -51.52 -31.46
N LYS AA 100 40.00 -51.37 -32.75
CA LYS AA 100 39.03 -51.59 -33.80
C LYS AA 100 39.77 -52.08 -35.04
N VAL AA 101 39.00 -52.72 -35.92
CA VAL AA 101 39.47 -53.09 -37.25
C VAL AA 101 38.40 -52.72 -38.25
N LYS AA 102 38.83 -52.26 -39.41
CA LYS AA 102 37.98 -51.92 -40.54
C LYS AA 102 38.42 -52.78 -41.71
N VAL AA 103 37.61 -53.76 -42.06
CA VAL AA 103 37.82 -54.57 -43.24
C VAL AA 103 36.98 -53.99 -44.36
N GLU AA 104 37.64 -53.68 -45.47
CA GLU AA 104 37.00 -53.09 -46.64
C GLU AA 104 37.20 -54.03 -47.81
N PHE AA 105 36.10 -54.52 -48.36
CA PHE AA 105 36.12 -55.29 -49.61
C PHE AA 105 35.92 -54.32 -50.75
N TRP AA 106 37.03 -53.93 -51.36
CA TRP AA 106 36.98 -53.07 -52.53
C TRP AA 106 36.85 -53.93 -53.78
N PRO AA 107 35.79 -53.81 -54.56
CA PRO AA 107 35.63 -54.69 -55.70
C PRO AA 107 36.63 -54.43 -56.80
N CYS AA 108 36.85 -55.47 -57.59
CA CYS AA 108 37.69 -55.42 -58.77
C CYS AA 108 36.91 -55.64 -60.05
N SER AA 109 35.60 -55.80 -59.96
CA SER AA 109 34.77 -56.23 -61.06
C SER AA 109 33.95 -55.06 -61.58
N PRO AA 110 33.63 -55.05 -62.87
CA PRO AA 110 32.88 -53.93 -63.43
C PRO AA 110 31.43 -53.94 -62.99
N ILE AA 111 30.80 -52.77 -63.11
CA ILE AA 111 29.38 -52.67 -62.76
C ILE AA 111 28.47 -53.30 -63.80
N THR AA 112 29.00 -53.76 -64.92
CA THR AA 112 28.24 -54.47 -65.94
C THR AA 112 28.23 -55.97 -65.75
N GLN AA 113 28.89 -56.48 -64.71
CA GLN AA 113 29.00 -57.92 -64.53
C GLN AA 113 27.69 -58.47 -64.03
N GLY AA 114 27.25 -59.56 -64.64
CA GLY AA 114 26.01 -60.21 -64.28
C GLY AA 114 26.21 -61.38 -63.35
N ASP AA 115 25.18 -62.20 -63.26
CA ASP AA 115 25.15 -63.35 -62.34
C ASP AA 115 25.42 -62.88 -60.92
N ARG AA 116 24.78 -61.78 -60.55
CA ARG AA 116 24.97 -61.20 -59.24
C ARG AA 116 24.45 -62.14 -58.16
N GLY AA 117 24.84 -61.84 -56.93
CA GLY AA 117 24.55 -62.69 -55.81
C GLY AA 117 24.41 -61.94 -54.51
N VAL AA 118 24.26 -62.69 -53.42
CA VAL AA 118 24.06 -62.11 -52.11
C VAL AA 118 24.69 -63.01 -51.08
N GLY AA 119 25.52 -62.42 -50.23
CA GLY AA 119 26.28 -63.14 -49.22
C GLY AA 119 26.14 -62.54 -47.85
N SER AA 120 27.06 -62.91 -46.97
CA SER AA 120 26.96 -62.52 -45.58
C SER AA 120 28.35 -62.49 -44.96
N SER AA 121 28.58 -61.49 -44.11
CA SER AA 121 29.79 -61.37 -43.32
C SER AA 121 29.41 -61.29 -41.85
N ALA AA 122 30.05 -62.11 -41.04
CA ALA AA 122 29.76 -62.19 -39.62
C ALA AA 122 31.04 -62.06 -38.82
N VAL AA 123 30.88 -61.72 -37.55
CA VAL AA 123 31.97 -61.46 -36.63
C VAL AA 123 32.13 -62.66 -35.71
N ILE AA 124 33.31 -63.28 -35.74
CA ILE AA 124 33.58 -64.55 -35.08
C ILE AA 124 34.81 -64.35 -34.19
N LEU AA 125 34.57 -64.14 -32.90
CA LEU AA 125 35.60 -63.72 -31.97
C LEU AA 125 36.26 -64.87 -31.22
N ASP AA 126 36.32 -66.08 -31.78
CA ASP AA 126 36.74 -67.25 -31.01
C ASP AA 126 37.58 -68.28 -31.76
N ASP AA 127 37.93 -68.06 -33.01
CA ASP AA 127 38.84 -68.94 -33.74
C ASP AA 127 38.21 -70.30 -34.02
N ASN AA 128 36.90 -70.36 -34.12
CA ASN AA 128 36.19 -71.54 -34.59
C ASN AA 128 35.20 -71.04 -35.64
N PHE AA 129 35.68 -71.04 -36.88
CA PHE AA 129 34.92 -70.63 -38.03
C PHE AA 129 34.19 -71.81 -38.63
N VAL AA 130 33.19 -71.50 -39.45
CA VAL AA 130 32.62 -72.51 -40.32
C VAL AA 130 33.71 -72.99 -41.25
N THR AA 131 33.72 -74.30 -41.50
CA THR AA 131 34.78 -74.90 -42.29
C THR AA 131 34.83 -74.27 -43.68
N LYS AA 132 36.05 -74.07 -44.18
CA LYS AA 132 36.24 -73.51 -45.49
C LYS AA 132 35.64 -74.43 -46.55
N ALA AA 133 34.81 -73.86 -47.41
CA ALA AA 133 34.08 -74.59 -48.42
C ALA AA 133 34.14 -73.84 -49.74
N THR AA 134 34.12 -74.60 -50.83
CA THR AA 134 34.12 -74.04 -52.17
C THR AA 134 32.71 -73.77 -52.66
N ALA AA 135 31.82 -74.76 -52.56
CA ALA AA 135 30.43 -74.63 -52.99
C ALA AA 135 29.57 -75.32 -51.96
N LEU AA 136 29.16 -74.57 -50.95
CA LEU AA 136 28.24 -75.04 -49.92
C LEU AA 136 26.82 -74.66 -50.28
N THR AA 137 25.87 -75.55 -49.99
CA THR AA 137 24.50 -75.41 -50.43
C THR AA 137 23.69 -74.38 -49.66
N TYR AA 138 24.31 -73.62 -48.78
CA TYR AA 138 23.59 -72.63 -48.00
C TYR AA 138 24.59 -71.60 -47.48
N ASP AA 139 24.05 -70.49 -46.98
CA ASP AA 139 24.84 -69.44 -46.37
C ASP AA 139 24.87 -69.66 -44.87
N PRO AA 140 25.99 -70.11 -44.29
CA PRO AA 140 25.97 -70.40 -42.86
C PRO AA 140 25.88 -69.17 -42.00
N TYR AA 141 26.44 -68.05 -42.46
CA TYR AA 141 26.51 -66.84 -41.67
C TYR AA 141 25.28 -65.97 -41.82
N VAL AA 142 24.18 -66.51 -42.33
CA VAL AA 142 23.02 -65.68 -42.67
C VAL AA 142 22.20 -65.37 -41.43
N ASN AA 143 22.03 -66.34 -40.54
CA ASN AA 143 21.23 -66.17 -39.35
C ASN AA 143 22.02 -65.66 -38.17
N TYR AA 144 23.30 -65.33 -38.36
CA TYR AA 144 24.10 -64.77 -37.29
C TYR AA 144 23.63 -63.38 -36.94
N SER AA 145 23.69 -63.07 -35.65
CA SER AA 145 23.28 -61.77 -35.16
C SER AA 145 24.16 -60.65 -35.69
N SER AA 146 25.38 -60.95 -36.09
CA SER AA 146 26.32 -59.98 -36.64
C SER AA 146 26.42 -60.05 -38.15
N ARG AA 147 25.40 -60.56 -38.81
CA ARG AA 147 25.42 -60.69 -40.25
C ARG AA 147 25.12 -59.35 -40.90
N HIS AA 148 25.95 -58.99 -41.86
CA HIS AA 148 25.68 -57.91 -42.79
C HIS AA 148 25.64 -58.51 -44.18
N THR AA 149 24.70 -58.07 -44.97
CA THR AA 149 24.56 -58.57 -46.33
C THR AA 149 25.68 -58.06 -47.22
N ILE AA 150 26.23 -58.96 -48.01
CA ILE AA 150 27.21 -58.63 -49.03
C ILE AA 150 26.48 -58.69 -50.36
N THR AA 151 26.28 -57.53 -50.97
CA THR AA 151 25.91 -57.48 -52.36
C THR AA 151 27.14 -57.73 -53.22
N GLN AA 152 26.98 -58.55 -54.24
CA GLN AA 152 28.07 -58.99 -55.10
C GLN AA 152 27.73 -58.65 -56.54
N PRO AA 153 28.73 -58.54 -57.42
CA PRO AA 153 30.18 -58.56 -57.25
C PRO AA 153 30.84 -57.19 -57.18
N PHE AA 154 30.11 -56.16 -57.57
CA PHE AA 154 30.68 -54.84 -57.83
C PHE AA 154 30.32 -53.84 -56.75
N SER AA 155 30.12 -54.31 -55.53
CA SER AA 155 29.65 -53.46 -54.43
C SER AA 155 30.63 -53.51 -53.28
N TYR AA 156 30.76 -52.38 -52.62
CA TYR AA 156 31.67 -52.20 -51.50
C TYR AA 156 31.02 -52.68 -50.21
N HIS AA 157 31.82 -53.34 -49.38
CA HIS AA 157 31.38 -53.90 -48.12
C HIS AA 157 32.41 -53.55 -47.06
N SER AA 158 31.98 -52.88 -46.01
CA SER AA 158 32.81 -52.54 -44.87
C SER AA 158 32.27 -53.20 -43.61
N ARG AA 159 33.18 -53.54 -42.71
CA ARG AA 159 32.84 -54.05 -41.39
C ARG AA 159 33.79 -53.40 -40.40
N TYR AA 160 33.23 -52.79 -39.37
CA TYR AA 160 33.97 -52.06 -38.34
C TYR AA 160 33.60 -52.63 -36.99
N PHE AA 161 34.56 -53.23 -36.32
CA PHE AA 161 34.30 -53.98 -35.11
C PHE AA 161 35.57 -54.03 -34.27
N THR AA 162 35.43 -54.60 -33.08
CA THR AA 162 36.50 -54.73 -32.11
C THR AA 162 36.93 -56.19 -32.02
N PRO AA 163 38.11 -56.56 -32.48
CA PRO AA 163 38.50 -57.96 -32.42
C PRO AA 163 38.90 -58.39 -31.03
N LYS AA 164 39.23 -59.67 -30.88
CA LYS AA 164 39.63 -60.24 -29.62
C LYS AA 164 40.82 -61.15 -29.85
N PRO AA 165 41.78 -61.20 -28.92
CA PRO AA 165 42.93 -62.07 -29.12
C PRO AA 165 42.66 -63.50 -28.71
N VAL AA 166 43.48 -64.38 -29.29
CA VAL AA 166 43.38 -65.82 -29.04
C VAL AA 166 44.34 -66.12 -27.90
N LEU AA 167 43.82 -66.02 -26.68
CA LEU AA 167 44.61 -66.29 -25.49
C LEU AA 167 44.69 -67.78 -25.20
N ASP AA 168 43.57 -68.49 -25.30
CA ASP AA 168 43.54 -69.93 -25.15
C ASP AA 168 42.58 -70.48 -26.19
N SER AA 169 43.13 -71.15 -27.21
CA SER AA 169 42.30 -71.74 -28.25
C SER AA 169 41.53 -72.95 -27.78
N THR AA 170 41.91 -73.55 -26.65
CA THR AA 170 41.19 -74.70 -26.12
C THR AA 170 39.88 -74.30 -25.48
N ILE AA 171 39.88 -73.18 -24.75
CA ILE AA 171 38.72 -72.71 -24.01
C ILE AA 171 38.02 -71.62 -24.80
N ASP AA 172 38.80 -70.81 -25.50
CA ASP AA 172 38.29 -69.75 -26.36
C ASP AA 172 37.45 -68.76 -25.57
N TYR AA 173 38.11 -68.07 -24.65
CA TYR AA 173 37.49 -67.04 -23.83
C TYR AA 173 37.92 -65.66 -24.30
N PHE AA 174 37.03 -64.69 -24.18
CA PHE AA 174 37.31 -63.33 -24.57
C PHE AA 174 36.52 -62.37 -23.70
N GLN AA 175 36.93 -61.17 -23.74
CA GLN AA 175 36.37 -60.09 -22.94
C GLN AA 175 35.27 -59.38 -23.70
N PRO AA 176 34.28 -58.83 -23.00
CA PRO AA 176 33.36 -57.92 -23.67
C PRO AA 176 34.00 -56.57 -23.95
N ASN AA 177 33.28 -55.73 -24.68
CA ASN AA 177 33.82 -54.46 -25.11
C ASN AA 177 33.88 -53.49 -23.94
N ASN AA 178 35.07 -53.08 -23.57
CA ASN AA 178 35.28 -52.10 -22.51
C ASN AA 178 36.60 -51.43 -22.79
N LYS AA 179 36.58 -50.15 -23.12
CA LYS AA 179 37.82 -49.48 -23.46
C LYS AA 179 38.74 -49.37 -22.25
N ARG AA 180 38.18 -49.30 -21.05
CA ARG AA 180 38.99 -49.07 -19.86
C ARG AA 180 39.60 -50.36 -19.33
N ASN AA 181 38.97 -51.50 -19.60
CA ASN AA 181 39.39 -52.78 -19.05
C ASN AA 181 40.05 -53.69 -20.08
N GLN AA 182 40.23 -53.23 -21.31
CA GLN AA 182 40.82 -54.08 -22.34
C GLN AA 182 42.26 -54.40 -22.00
N LEU AA 183 42.62 -55.66 -22.17
CA LEU AA 183 43.94 -56.13 -21.84
C LEU AA 183 44.99 -55.50 -22.73
N TRP AA 184 46.15 -55.25 -22.16
CA TRP AA 184 47.34 -54.86 -22.88
C TRP AA 184 48.15 -56.11 -23.16
N LEU AA 185 48.46 -56.33 -24.42
CA LEU AA 185 49.37 -57.37 -24.84
C LEU AA 185 50.75 -56.77 -25.04
N ARG AA 186 51.74 -57.64 -25.13
CA ARG AA 186 53.10 -57.25 -25.44
C ARG AA 186 53.32 -57.30 -26.93
N LEU AA 187 54.02 -56.29 -27.44
CA LEU AA 187 54.46 -56.24 -28.82
C LEU AA 187 55.72 -57.09 -28.92
N GLN AA 188 55.52 -58.36 -29.26
CA GLN AA 188 56.62 -59.29 -29.37
C GLN AA 188 57.48 -58.94 -30.58
N THR AA 189 58.59 -59.65 -30.71
CA THR AA 189 59.52 -59.41 -31.80
C THR AA 189 59.05 -60.10 -33.08
N ALA AA 190 58.79 -61.42 -33.02
CA ALA AA 190 58.33 -62.15 -34.19
C ALA AA 190 57.28 -63.21 -33.87
N GLY AA 191 56.53 -63.05 -32.79
CA GLY AA 191 55.62 -64.08 -32.33
C GLY AA 191 54.30 -63.59 -31.78
N ASN AA 192 53.79 -62.49 -32.31
CA ASN AA 192 52.57 -61.90 -31.79
C ASN AA 192 51.38 -62.83 -32.03
N VAL AA 193 50.36 -62.62 -31.22
CA VAL AA 193 49.19 -63.50 -31.16
C VAL AA 193 48.17 -63.04 -32.18
N ASP AA 194 47.45 -64.01 -32.74
CA ASP AA 194 46.49 -63.73 -33.79
C ASP AA 194 45.19 -63.21 -33.19
N HIS AA 195 44.73 -62.08 -33.71
CA HIS AA 195 43.40 -61.59 -33.43
C HIS AA 195 42.44 -62.10 -34.48
N VAL AA 196 41.17 -62.15 -34.10
CA VAL AA 196 40.16 -62.89 -34.85
C VAL AA 196 38.87 -62.07 -34.81
N GLY AA 197 37.94 -62.42 -35.71
CA GLY AA 197 36.74 -61.63 -35.80
C GLY AA 197 36.02 -61.43 -37.12
N LEU AA 198 36.38 -62.14 -38.19
CA LEU AA 198 35.54 -62.05 -39.38
C LEU AA 198 35.50 -63.34 -40.17
N GLY AA 199 34.28 -63.72 -40.55
CA GLY AA 199 34.08 -64.81 -41.48
C GLY AA 199 33.05 -64.41 -42.51
N THR AA 200 33.23 -64.94 -43.72
CA THR AA 200 32.48 -64.51 -44.89
C THR AA 200 31.86 -65.69 -45.59
N ALA AA 201 30.86 -65.38 -46.41
CA ALA AA 201 30.24 -66.35 -47.30
C ALA AA 201 29.82 -65.62 -48.57
N PHE AA 202 30.50 -65.94 -49.67
CA PHE AA 202 30.26 -65.33 -50.95
C PHE AA 202 29.53 -66.32 -51.87
N GLU AA 203 28.52 -65.83 -52.56
CA GLU AA 203 27.78 -66.64 -53.51
C GLU AA 203 28.57 -66.78 -54.79
N ASN AA 204 28.75 -68.02 -55.23
CA ASN AA 204 29.55 -68.29 -56.41
C ASN AA 204 28.84 -67.81 -57.66
N SER AA 205 29.59 -67.78 -58.76
CA SER AA 205 29.12 -67.22 -60.01
C SER AA 205 29.84 -67.87 -61.17
N ILE AA 206 29.31 -67.64 -62.38
CA ILE AA 206 29.95 -68.14 -63.59
C ILE AA 206 31.25 -67.41 -63.85
N TYR AA 207 31.34 -66.15 -63.41
CA TYR AA 207 32.52 -65.34 -63.60
C TYR AA 207 33.31 -65.25 -62.30
N ASP AA 208 34.60 -64.98 -62.44
CA ASP AA 208 35.46 -64.82 -61.28
C ASP AA 208 35.19 -63.49 -60.61
N GLN AA 209 35.08 -63.53 -59.28
CA GLN AA 209 34.83 -62.35 -58.46
C GLN AA 209 36.09 -62.04 -57.66
N GLU AA 210 36.78 -60.98 -58.02
CA GLU AA 210 38.00 -60.57 -57.35
C GLU AA 210 37.73 -59.38 -56.45
N TYR AA 211 38.52 -59.29 -55.39
CA TYR AA 211 38.41 -58.21 -54.42
C TYR AA 211 39.81 -57.83 -53.95
N ASN AA 212 39.98 -56.55 -53.66
CA ASN AA 212 41.17 -56.02 -52.99
C ASN AA 212 40.76 -55.65 -51.57
N ILE AA 213 41.23 -56.42 -50.60
CA ILE AA 213 40.80 -56.26 -49.22
C ILE AA 213 41.81 -55.42 -48.49
N ARG AA 214 41.34 -54.32 -47.90
CA ARG AA 214 42.16 -53.39 -47.14
C ARG AA 214 41.73 -53.46 -45.68
N VAL AA 215 42.59 -53.99 -44.84
CA VAL AA 215 42.37 -54.07 -43.41
C VAL AA 215 43.11 -52.92 -42.76
N THR AA 216 42.41 -52.19 -41.90
CA THR AA 216 42.94 -51.08 -41.15
C THR AA 216 42.72 -51.37 -39.68
N MET AA 217 43.80 -51.46 -38.91
CA MET AA 217 43.74 -51.68 -37.48
C MET AA 217 44.03 -50.39 -36.73
N TYR AA 218 43.14 -50.05 -35.82
CA TYR AA 218 43.29 -48.89 -34.95
C TYR AA 218 43.82 -49.36 -33.62
N VAL AA 219 45.10 -49.08 -33.37
CA VAL AA 219 45.82 -49.66 -32.24
C VAL AA 219 46.13 -48.57 -31.24
N GLN AA 220 46.56 -48.99 -30.06
CA GLN AA 220 46.88 -48.11 -28.95
C GLN AA 220 48.09 -48.71 -28.27
N PHE AA 221 49.21 -48.00 -28.31
CA PHE AA 221 50.46 -48.44 -27.74
C PHE AA 221 50.70 -47.79 -26.38
N ARG AA 222 51.75 -48.25 -25.70
CA ARG AA 222 52.06 -47.78 -24.36
C ARG AA 222 53.54 -48.00 -24.11
N GLU AA 223 54.11 -47.13 -23.29
CA GLU AA 223 55.48 -47.24 -22.78
C GLU AA 223 56.50 -47.20 -23.92
N PHE AA 224 56.61 -46.00 -24.49
CA PHE AA 224 57.70 -45.62 -25.37
C PHE AA 224 59.03 -46.11 -24.83
N ASN AA 225 59.74 -46.91 -25.62
CA ASN AA 225 60.91 -47.64 -25.16
C ASN AA 225 62.06 -47.54 -26.13
N LEU AA 226 62.28 -46.35 -26.69
CA LEU AA 226 63.36 -46.18 -27.64
C LEU AA 226 64.70 -46.36 -26.95
N LYS AA 227 65.63 -46.97 -27.67
CA LYS AA 227 66.98 -47.21 -27.19
C LYS AA 227 67.96 -46.50 -28.11
N ASP AA 228 68.84 -45.70 -27.52
CA ASP AA 228 69.75 -44.81 -28.25
C ASP AA 228 71.18 -45.12 -27.83
N PRO AA 229 71.80 -46.12 -28.45
CA PRO AA 229 73.21 -46.35 -28.21
C PRO AA 229 74.06 -45.31 -28.91
N PRO AA 230 75.35 -45.21 -28.58
CA PRO AA 230 76.22 -44.31 -29.34
C PRO AA 230 76.48 -44.80 -30.75
N LEU AA 231 77.30 -44.04 -31.48
CA LEU AA 231 77.61 -44.36 -32.87
C LEU AA 231 79.07 -44.07 -33.19
N GLY BA 43 7.93 -67.81 -22.35
CA GLY BA 43 9.34 -67.65 -22.71
C GLY BA 43 9.53 -67.21 -24.14
N ILE BA 44 9.38 -65.91 -24.37
CA ILE BA 44 9.37 -65.36 -25.71
C ILE BA 44 10.79 -65.23 -26.23
N PHE BA 45 10.95 -65.46 -27.53
CA PHE BA 45 12.22 -65.28 -28.20
C PHE BA 45 11.92 -64.87 -29.64
N ASN BA 46 12.06 -63.59 -29.92
CA ASN BA 46 11.94 -63.08 -31.27
C ASN BA 46 13.27 -63.23 -31.98
N THR BA 47 13.26 -63.85 -33.15
CA THR BA 47 14.45 -64.01 -33.96
C THR BA 47 14.10 -63.84 -35.42
N ARG BA 48 15.04 -64.22 -36.29
CA ARG BA 48 14.98 -63.98 -37.71
C ARG BA 48 15.59 -65.18 -38.42
N LEU BA 49 14.83 -65.75 -39.35
CA LEU BA 49 15.24 -66.91 -40.12
C LEU BA 49 15.14 -66.59 -41.60
N SER BA 50 16.13 -67.02 -42.35
CA SER BA 50 16.26 -66.71 -43.75
C SER BA 50 16.44 -67.97 -44.58
N ARG BA 51 16.36 -67.78 -45.89
CA ARG BA 51 16.34 -68.85 -46.88
C ARG BA 51 16.46 -68.19 -48.24
N THR BA 52 17.22 -68.82 -49.13
CA THR BA 52 17.52 -68.26 -50.45
C THR BA 52 17.29 -69.30 -51.51
N PHE BA 53 16.70 -68.88 -52.63
CA PHE BA 53 16.40 -69.77 -53.74
C PHE BA 53 16.23 -68.94 -54.99
N GLY BA 54 16.17 -69.64 -56.12
CA GLY BA 54 16.12 -69.01 -57.42
C GLY BA 54 14.76 -69.01 -58.09
N TYR BA 55 14.57 -68.06 -59.00
CA TYR BA 55 13.37 -67.96 -59.82
C TYR BA 55 13.77 -67.35 -61.15
N THR BA 56 13.34 -67.98 -62.24
CA THR BA 56 13.68 -67.53 -63.58
C THR BA 56 12.41 -67.38 -64.40
N ILE BA 57 12.36 -66.31 -65.17
CA ILE BA 57 11.31 -66.07 -66.15
C ILE BA 57 11.95 -66.32 -67.51
N LYS BA 58 11.61 -67.44 -68.12
CA LYS BA 58 12.20 -67.83 -69.39
C LYS BA 58 11.77 -66.89 -70.49
N ARG BA 59 12.57 -66.87 -71.55
CA ARG BA 59 12.34 -66.01 -72.70
C ARG BA 59 11.15 -66.49 -73.51
N THR BA 60 10.61 -65.57 -74.31
CA THR BA 60 9.49 -65.86 -75.20
C THR BA 60 9.67 -65.09 -76.50
N THR BA 61 9.37 -65.76 -77.61
CA THR BA 61 9.34 -65.11 -78.92
C THR BA 61 8.09 -64.29 -79.15
N VAL BA 62 7.12 -64.33 -78.22
CA VAL BA 62 5.90 -63.56 -78.36
C VAL BA 62 6.23 -62.08 -78.43
N LYS BA 63 5.56 -61.38 -79.36
CA LYS BA 63 5.82 -59.96 -79.57
C LYS BA 63 5.07 -59.09 -78.60
N THR BA 64 3.84 -59.47 -78.25
CA THR BA 64 3.00 -58.67 -77.40
C THR BA 64 3.58 -58.53 -76.00
N PRO BA 65 3.09 -57.58 -75.21
CA PRO BA 65 3.43 -57.59 -73.79
C PRO BA 65 2.59 -58.60 -73.06
N SER BA 66 3.22 -59.69 -72.65
CA SER BA 66 2.59 -60.72 -71.86
C SER BA 66 3.29 -60.83 -70.52
N TRP BA 67 2.58 -61.34 -69.53
CA TRP BA 67 3.09 -61.47 -68.18
C TRP BA 67 3.11 -62.93 -67.74
N ALA BA 68 4.08 -63.23 -66.89
CA ALA BA 68 4.26 -64.55 -66.30
C ALA BA 68 3.83 -64.50 -64.86
N VAL BA 69 2.86 -65.32 -64.51
CA VAL BA 69 2.24 -65.31 -63.19
C VAL BA 69 2.75 -66.50 -62.40
N ASP BA 70 3.00 -66.29 -61.12
CA ASP BA 70 3.43 -67.35 -60.24
C ASP BA 70 3.06 -66.97 -58.81
N MET BA 71 3.15 -67.96 -57.93
CA MET BA 71 2.75 -67.84 -56.54
C MET BA 71 3.93 -68.08 -55.63
N MET BA 72 3.73 -67.75 -54.35
CA MET BA 72 4.79 -67.88 -53.35
C MET BA 72 4.15 -68.12 -51.99
N ARG BA 73 4.38 -69.30 -51.43
CA ARG BA 73 3.98 -69.66 -50.08
C ARG BA 73 5.19 -69.68 -49.17
N PHE BA 74 4.94 -69.73 -47.87
CA PHE BA 74 5.98 -69.74 -46.85
C PHE BA 74 5.66 -70.80 -45.81
N ASN BA 75 6.60 -71.71 -45.60
CA ASN BA 75 6.49 -72.72 -44.56
C ASN BA 75 7.75 -72.68 -43.70
N ILE BA 76 7.59 -73.02 -42.43
CA ILE BA 76 8.69 -72.95 -41.48
C ILE BA 76 9.62 -74.15 -41.55
N ASN BA 77 9.21 -75.23 -42.23
CA ASN BA 77 10.11 -76.35 -42.40
C ASN BA 77 11.29 -75.99 -43.28
N ASP BA 78 11.09 -75.08 -44.22
CA ASP BA 78 12.14 -74.65 -45.13
C ASP BA 78 13.12 -73.69 -44.48
N PHE BA 79 12.80 -73.15 -43.30
CA PHE BA 79 13.68 -72.25 -42.57
C PHE BA 79 14.26 -72.88 -41.33
N LEU BA 80 13.54 -73.79 -40.70
CA LEU BA 80 13.93 -74.43 -39.44
C LEU BA 80 14.18 -75.91 -39.68
N PRO BA 81 15.42 -76.41 -39.62
CA PRO BA 81 15.63 -77.82 -39.91
C PRO BA 81 15.19 -78.69 -38.75
N PRO BA 82 15.17 -80.01 -38.94
CA PRO BA 82 14.93 -80.90 -37.83
C PRO BA 82 16.12 -80.94 -36.90
N GLY BA 83 15.83 -81.14 -35.62
CA GLY BA 83 16.87 -81.18 -34.62
C GLY BA 83 17.52 -82.53 -34.50
N GLY BA 84 17.81 -82.93 -33.27
CA GLY BA 84 18.43 -84.21 -33.03
C GLY BA 84 18.19 -84.71 -31.62
N GLY BA 85 17.80 -85.96 -31.49
CA GLY BA 85 17.55 -86.56 -30.21
C GLY BA 85 16.16 -86.30 -29.69
N SER BA 86 16.06 -86.04 -28.39
CA SER BA 86 14.77 -85.78 -27.77
C SER BA 86 14.17 -84.45 -28.19
N ASN BA 87 14.97 -83.56 -28.76
CA ASN BA 87 14.48 -82.29 -29.27
C ASN BA 87 14.18 -82.45 -30.75
N PRO BA 88 12.91 -82.46 -31.18
CA PRO BA 88 12.64 -82.76 -32.59
C PRO BA 88 13.05 -81.65 -33.54
N ARG BA 89 13.18 -80.42 -33.06
CA ARG BA 89 13.55 -79.28 -33.88
C ARG BA 89 14.80 -78.63 -33.33
N SER BA 90 15.43 -77.82 -34.18
CA SER BA 90 16.72 -77.23 -33.85
C SER BA 90 16.59 -76.01 -32.96
N VAL BA 91 15.45 -75.34 -32.97
CA VAL BA 91 15.14 -74.25 -32.07
C VAL BA 91 14.23 -74.81 -30.98
N PRO BA 92 14.69 -74.94 -29.73
CA PRO BA 92 13.89 -75.67 -28.74
C PRO BA 92 12.76 -74.87 -28.13
N PHE BA 93 11.68 -74.78 -28.90
CA PHE BA 93 10.47 -74.10 -28.46
C PHE BA 93 9.27 -74.91 -28.94
N GLU BA 94 8.13 -74.66 -28.29
CA GLU BA 94 6.90 -75.37 -28.57
C GLU BA 94 6.01 -74.67 -29.57
N TYR BA 95 5.76 -73.39 -29.36
CA TYR BA 95 4.82 -72.61 -30.14
C TYR BA 95 5.54 -71.57 -30.97
N TYR BA 96 4.86 -71.08 -31.99
CA TYR BA 96 5.40 -70.04 -32.84
C TYR BA 96 4.26 -69.26 -33.47
N ARG BA 97 4.61 -68.09 -33.98
CA ARG BA 97 3.70 -67.32 -34.81
C ARG BA 97 4.53 -66.36 -35.63
N ILE BA 98 4.30 -66.36 -36.93
CA ILE BA 98 5.09 -65.55 -37.85
C ILE BA 98 4.55 -64.13 -37.83
N ARG BA 99 5.43 -63.19 -37.51
CA ARG BA 99 5.08 -61.79 -37.38
C ARG BA 99 5.16 -61.05 -38.71
N LYS BA 100 6.25 -61.24 -39.44
CA LYS BA 100 6.49 -60.54 -40.69
C LYS BA 100 7.30 -61.44 -41.60
N VAL BA 101 7.25 -61.13 -42.90
CA VAL BA 101 8.11 -61.75 -43.89
C VAL BA 101 8.63 -60.65 -44.80
N LYS BA 102 9.88 -60.79 -45.20
CA LYS BA 102 10.55 -59.89 -46.14
C LYS BA 102 11.00 -60.73 -47.32
N VAL BA 103 10.33 -60.56 -48.44
CA VAL BA 103 10.72 -61.18 -49.70
C VAL BA 103 11.53 -60.19 -50.48
N GLU BA 104 12.74 -60.58 -50.86
CA GLU BA 104 13.68 -59.74 -51.58
C GLU BA 104 13.99 -60.42 -52.90
N PHE BA 105 13.65 -59.75 -54.00
CA PHE BA 105 14.04 -60.18 -55.34
C PHE BA 105 15.36 -59.53 -55.68
N TRP BA 106 16.44 -60.27 -55.48
CA TRP BA 106 17.76 -59.78 -55.83
C TRP BA 106 18.04 -60.14 -57.28
N PRO BA 107 18.26 -59.17 -58.17
CA PRO BA 107 18.44 -59.53 -59.58
C PRO BA 107 19.74 -60.24 -59.84
N CYS BA 108 19.74 -60.99 -60.94
CA CYS BA 108 20.89 -61.69 -61.45
C CYS BA 108 21.35 -61.16 -62.78
N SER BA 109 20.70 -60.13 -63.31
CA SER BA 109 20.88 -59.66 -64.66
C SER BA 109 21.67 -58.36 -64.66
N PRO BA 110 22.44 -58.09 -65.71
CA PRO BA 110 23.24 -56.87 -65.73
C PRO BA 110 22.37 -55.64 -65.96
N ILE BA 111 22.94 -54.49 -65.61
CA ILE BA 111 22.24 -53.23 -65.82
C ILE BA 111 22.22 -52.80 -67.27
N THR BA 112 22.92 -53.50 -68.15
CA THR BA 112 22.89 -53.24 -69.58
C THR BA 112 21.84 -54.03 -70.32
N GLN BA 113 21.05 -54.86 -69.63
CA GLN BA 113 20.09 -55.70 -70.30
C GLN BA 113 18.90 -54.87 -70.74
N GLY BA 114 18.48 -55.07 -71.99
CA GLY BA 114 17.37 -54.37 -72.56
C GLY BA 114 16.08 -55.16 -72.51
N ASP BA 115 15.11 -54.70 -73.31
CA ASP BA 115 13.77 -55.27 -73.32
C ASP BA 115 13.17 -55.24 -71.92
N ARG BA 116 13.37 -54.11 -71.24
CA ARG BA 116 12.88 -53.95 -69.89
C ARG BA 116 11.36 -54.01 -69.86
N GLY BA 117 10.84 -54.15 -68.65
CA GLY BA 117 9.43 -54.35 -68.44
C GLY BA 117 8.94 -53.83 -67.12
N VAL BA 118 7.67 -54.08 -66.82
CA VAL BA 118 7.05 -53.58 -65.62
C VAL BA 118 6.01 -54.59 -65.16
N GLY BA 119 6.10 -54.98 -63.89
CA GLY BA 119 5.24 -55.99 -63.32
C GLY BA 119 4.61 -55.54 -62.03
N SER BA 120 4.11 -56.50 -61.26
CA SER BA 120 3.36 -56.20 -60.06
C SER BA 120 3.47 -57.36 -59.07
N SER BA 121 3.58 -57.01 -57.80
CA SER BA 121 3.57 -57.97 -56.70
C SER BA 121 2.47 -57.59 -55.75
N ALA BA 122 1.63 -58.55 -55.39
CA ALA BA 122 0.49 -58.34 -54.52
C ALA BA 122 0.50 -59.35 -53.39
N VAL BA 123 -0.24 -59.01 -52.34
CA VAL BA 123 -0.30 -59.80 -51.12
C VAL BA 123 -1.62 -60.56 -51.10
N ILE BA 124 -1.53 -61.88 -51.04
CA ILE BA 124 -2.67 -62.78 -51.20
C ILE BA 124 -2.70 -63.69 -49.99
N LEU BA 125 -3.56 -63.38 -49.03
CA LEU BA 125 -3.55 -64.02 -47.73
C LEU BA 125 -4.54 -65.18 -47.60
N ASP BA 126 -4.87 -65.88 -48.70
CA ASP BA 126 -5.96 -66.84 -48.67
C ASP BA 126 -5.77 -68.10 -49.49
N ASP BA 127 -4.63 -68.29 -50.14
CA ASP BA 127 -4.33 -69.54 -50.84
C ASP BA 127 -5.21 -69.74 -52.07
N ASN BA 128 -5.67 -68.64 -52.66
CA ASN BA 128 -6.35 -68.68 -53.96
C ASN BA 128 -5.68 -67.60 -54.80
N PHE BA 129 -4.65 -68.01 -55.51
CA PHE BA 129 -3.88 -67.16 -56.38
C PHE BA 129 -4.46 -67.17 -57.77
N VAL BA 130 -4.08 -66.16 -58.56
CA VAL BA 130 -4.32 -66.23 -59.99
C VAL BA 130 -3.56 -67.42 -60.53
N THR BA 131 -4.19 -68.12 -61.48
CA THR BA 131 -3.61 -69.34 -62.00
C THR BA 131 -2.24 -69.07 -62.62
N LYS BA 132 -1.33 -70.00 -62.40
CA LYS BA 132 0.01 -69.87 -62.96
C LYS BA 132 -0.05 -69.87 -64.47
N ALA BA 133 0.58 -68.87 -65.07
CA ALA BA 133 0.56 -68.65 -66.51
C ALA BA 133 1.95 -68.31 -67.00
N THR BA 134 2.24 -68.72 -68.24
CA THR BA 134 3.50 -68.43 -68.87
C THR BA 134 3.49 -67.10 -69.60
N ALA BA 135 2.47 -66.87 -70.43
CA ALA BA 135 2.32 -65.62 -71.18
C ALA BA 135 0.86 -65.24 -71.17
N LEU BA 136 0.46 -64.49 -70.14
CA LEU BA 136 -0.88 -63.95 -70.02
C LEU BA 136 -0.92 -62.54 -70.60
N THR BA 137 -2.03 -62.21 -71.25
CA THR BA 137 -2.15 -60.98 -72.01
C THR BA 137 -2.36 -59.74 -71.15
N TYR BA 138 -2.26 -59.84 -69.83
CA TYR BA 138 -2.47 -58.71 -68.95
C TYR BA 138 -1.82 -59.01 -67.61
N ASP BA 139 -1.68 -57.96 -66.81
CA ASP BA 139 -1.14 -58.06 -65.47
C ASP BA 139 -2.31 -58.19 -64.50
N PRO BA 140 -2.57 -59.38 -63.93
CA PRO BA 140 -3.75 -59.49 -63.07
C PRO BA 140 -3.62 -58.76 -61.76
N TYR BA 141 -2.41 -58.65 -61.23
CA TYR BA 141 -2.18 -58.05 -59.92
C TYR BA 141 -1.99 -56.55 -59.99
N VAL BA 142 -2.39 -55.90 -61.08
CA VAL BA 142 -2.08 -54.49 -61.28
C VAL BA 142 -3.06 -53.63 -60.51
N ASN BA 143 -4.34 -53.99 -60.49
CA ASN BA 143 -5.35 -53.19 -59.83
C ASN BA 143 -5.56 -53.58 -58.38
N TYR BA 144 -4.74 -54.50 -57.86
CA TYR BA 144 -4.84 -54.88 -56.47
C TYR BA 144 -4.39 -53.73 -55.57
N SER BA 145 -5.07 -53.60 -54.44
CA SER BA 145 -4.76 -52.57 -53.48
C SER BA 145 -3.38 -52.73 -52.88
N SER BA 146 -2.83 -53.93 -52.89
CA SER BA 146 -1.51 -54.21 -52.37
C SER BA 146 -0.46 -54.35 -53.45
N ARG BA 147 -0.71 -53.76 -54.62
CA ARG BA 147 0.23 -53.86 -55.73
C ARG BA 147 1.38 -52.91 -55.52
N HIS BA 148 2.59 -53.43 -55.69
CA HIS BA 148 3.80 -52.64 -55.83
C HIS BA 148 4.37 -52.94 -57.20
N THR BA 149 4.84 -51.92 -57.87
CA THR BA 149 5.41 -52.07 -59.19
C THR BA 149 6.76 -52.76 -59.12
N ILE BA 150 6.97 -53.72 -60.01
CA ILE BA 150 8.24 -54.39 -60.19
C ILE BA 150 8.85 -53.82 -61.46
N THR BA 151 9.91 -53.04 -61.30
CA THR BA 151 10.78 -52.72 -62.41
C THR BA 151 11.67 -53.90 -62.72
N GLN BA 152 11.80 -54.21 -63.99
CA GLN BA 152 12.54 -55.36 -64.46
C GLN BA 152 13.62 -54.92 -65.43
N PRO BA 153 14.68 -55.73 -65.63
CA PRO BA 153 15.09 -56.97 -64.98
C PRO BA 153 16.13 -56.80 -63.88
N PHE BA 154 16.77 -55.64 -63.84
CA PHE BA 154 17.97 -55.43 -63.04
C PHE BA 154 17.70 -54.58 -61.80
N SER BA 155 16.49 -54.64 -61.27
CA SER BA 155 16.08 -53.79 -60.17
C SER BA 155 15.62 -54.63 -59.00
N TYR BA 156 15.91 -54.14 -57.81
CA TYR BA 156 15.59 -54.80 -56.57
C TYR BA 156 14.16 -54.49 -56.15
N HIS BA 157 13.48 -55.51 -55.64
CA HIS BA 157 12.09 -55.42 -55.22
C HIS BA 157 11.96 -56.10 -53.88
N SER BA 158 11.48 -55.36 -52.88
CA SER BA 158 11.21 -55.88 -51.55
C SER BA 158 9.74 -55.76 -51.23
N ARG BA 159 9.24 -56.70 -50.43
CA ARG BA 159 7.89 -56.67 -49.91
C ARG BA 159 7.96 -57.12 -48.47
N TYR BA 160 7.41 -56.30 -47.57
CA TYR BA 160 7.43 -56.54 -46.13
C TYR BA 160 6.00 -56.51 -45.62
N PHE BA 161 5.53 -57.65 -45.13
CA PHE BA 161 4.14 -57.80 -44.79
C PHE BA 161 4.00 -58.89 -43.74
N THR BA 162 2.77 -59.05 -43.26
CA THR BA 162 2.42 -60.03 -42.25
C THR BA 162 1.62 -61.17 -42.87
N PRO BA 163 2.16 -62.38 -42.98
CA PRO BA 163 1.39 -63.44 -43.62
C PRO BA 163 0.32 -64.00 -42.71
N LYS BA 164 -0.44 -64.95 -43.22
CA LYS BA 164 -1.53 -65.58 -42.49
C LYS BA 164 -1.47 -67.08 -42.74
N PRO BA 165 -1.79 -67.89 -41.76
CA PRO BA 165 -1.77 -69.34 -41.97
C PRO BA 165 -3.03 -69.87 -42.61
N VAL BA 166 -2.86 -71.03 -43.24
CA VAL BA 166 -3.95 -71.71 -43.93
C VAL BA 166 -4.58 -72.66 -42.93
N LEU BA 167 -5.55 -72.16 -42.19
CA LEU BA 167 -6.25 -72.95 -41.19
C LEU BA 167 -7.33 -73.81 -41.83
N ASP BA 168 -8.12 -73.23 -42.72
CA ASP BA 168 -9.13 -73.97 -43.48
C ASP BA 168 -9.10 -73.46 -44.90
N SER BA 169 -8.61 -74.28 -45.82
CA SER BA 169 -8.56 -73.91 -47.22
C SER BA 169 -9.92 -73.89 -47.88
N THR BA 170 -10.93 -74.51 -47.27
CA THR BA 170 -12.27 -74.51 -47.83
C THR BA 170 -12.96 -73.18 -47.61
N ILE BA 171 -12.77 -72.57 -46.45
CA ILE BA 171 -13.44 -71.33 -46.08
C ILE BA 171 -12.47 -70.18 -46.26
N ASP BA 172 -11.20 -70.41 -46.00
CA ASP BA 172 -10.14 -69.44 -46.20
C ASP BA 172 -10.40 -68.19 -45.35
N TYR BA 173 -10.36 -68.37 -44.04
CA TYR BA 173 -10.52 -67.29 -43.08
C TYR BA 173 -9.18 -66.94 -42.45
N PHE BA 174 -9.02 -65.66 -42.14
CA PHE BA 174 -7.79 -65.19 -41.51
C PHE BA 174 -8.10 -64.00 -40.61
N GLN BA 175 -7.18 -63.72 -39.80
CA GLN BA 175 -7.28 -62.67 -38.81
C GLN BA 175 -6.72 -61.35 -39.34
N PRO BA 176 -7.24 -60.22 -38.89
CA PRO BA 176 -6.56 -58.96 -39.18
C PRO BA 176 -5.30 -58.79 -38.36
N ASN BA 177 -4.54 -57.75 -38.66
CA ASN BA 177 -3.25 -57.55 -38.03
C ASN BA 177 -3.46 -57.06 -36.60
N ASN BA 178 -3.00 -57.86 -35.65
CA ASN BA 178 -3.06 -57.50 -34.24
C ASN BA 178 -1.96 -58.29 -33.55
N LYS BA 179 -0.95 -57.58 -33.06
CA LYS BA 179 0.16 -58.28 -32.44
C LYS BA 179 -0.25 -58.99 -31.17
N ARG BA 180 -1.25 -58.47 -30.47
CA ARG BA 180 -1.63 -59.02 -29.18
C ARG BA 180 -2.57 -60.21 -29.31
N ASN BA 181 -3.32 -60.30 -30.41
CA ASN BA 181 -4.32 -61.32 -30.60
C ASN BA 181 -3.93 -62.36 -31.63
N GLN BA 182 -2.73 -62.30 -32.19
CA GLN BA 182 -2.32 -63.24 -33.20
C GLN BA 182 -2.21 -64.63 -32.61
N LEU BA 183 -2.74 -65.61 -33.34
CA LEU BA 183 -2.76 -66.98 -32.88
C LEU BA 183 -1.35 -67.54 -32.77
N TRP BA 184 -1.17 -68.39 -31.76
CA TRP BA 184 0.03 -69.20 -31.63
C TRP BA 184 -0.25 -70.55 -32.26
N LEU BA 185 0.60 -70.95 -33.18
CA LEU BA 185 0.60 -72.28 -33.75
C LEU BA 185 1.62 -73.13 -33.03
N ARG BA 186 1.51 -74.43 -33.23
CA ARG BA 186 2.48 -75.38 -32.72
C ARG BA 186 3.57 -75.62 -33.74
N LEU BA 187 4.80 -75.67 -33.26
CA LEU BA 187 5.96 -76.04 -34.06
C LEU BA 187 5.98 -77.56 -34.16
N GLN BA 188 5.35 -78.06 -35.21
CA GLN BA 188 5.27 -79.49 -35.43
C GLN BA 188 6.65 -80.05 -35.79
N THR BA 189 6.71 -81.37 -35.88
CA THR BA 189 7.96 -82.04 -36.19
C THR BA 189 8.26 -82.02 -37.67
N ALA BA 190 7.30 -82.49 -38.49
CA ALA BA 190 7.48 -82.51 -39.95
C ALA BA 190 6.21 -82.17 -40.72
N GLY BA 191 5.29 -81.43 -40.13
CA GLY BA 191 3.99 -81.21 -40.74
C GLY BA 191 3.41 -79.82 -40.54
N ASN BA 192 4.27 -78.82 -40.48
CA ASN BA 192 3.81 -77.47 -40.22
C ASN BA 192 2.95 -76.94 -41.37
N VAL BA 193 2.14 -75.96 -41.04
CA VAL BA 193 1.13 -75.43 -41.94
C VAL BA 193 1.73 -74.34 -42.80
N ASP BA 194 1.25 -74.23 -44.04
CA ASP BA 194 1.78 -73.29 -44.98
C ASP BA 194 1.20 -71.90 -44.72
N HIS BA 195 2.09 -70.93 -44.62
CA HIS BA 195 1.70 -69.53 -44.63
C HIS BA 195 1.74 -68.99 -46.05
N VAL BA 196 0.97 -67.94 -46.27
CA VAL BA 196 0.66 -67.48 -47.62
C VAL BA 196 0.65 -65.95 -47.60
N GLY BA 197 0.72 -65.36 -48.79
CA GLY BA 197 0.82 -63.92 -48.84
C GLY BA 197 1.58 -63.23 -49.94
N LEU BA 198 2.01 -63.91 -51.00
CA LEU BA 198 2.58 -63.16 -52.13
C LEU BA 198 2.32 -63.82 -53.46
N GLY BA 199 1.88 -63.00 -54.40
CA GLY BA 199 1.78 -63.41 -55.79
C GLY BA 199 2.36 -62.34 -56.69
N THR BA 200 2.93 -62.78 -57.80
CA THR BA 200 3.74 -61.93 -58.66
C THR BA 200 3.25 -62.03 -60.10
N ALA BA 201 3.64 -61.03 -60.88
CA ALA BA 201 3.42 -61.02 -62.32
C ALA BA 201 4.60 -60.30 -62.96
N PHE BA 202 5.41 -61.06 -63.69
CA PHE BA 202 6.59 -60.54 -64.37
C PHE BA 202 6.34 -60.46 -65.86
N GLU BA 203 6.74 -59.34 -66.45
CA GLU BA 203 6.62 -59.16 -67.89
C GLU BA 203 7.72 -59.91 -68.59
N ASN BA 204 7.33 -60.73 -69.57
CA ASN BA 204 8.27 -61.55 -70.28
C ASN BA 204 9.16 -60.71 -71.18
N SER BA 205 10.23 -61.35 -71.67
CA SER BA 205 11.26 -60.67 -72.41
C SER BA 205 11.93 -61.63 -73.37
N ILE BA 206 12.71 -61.08 -74.29
CA ILE BA 206 13.48 -61.90 -75.22
C ILE BA 206 14.60 -62.62 -74.50
N TYR BA 207 15.11 -62.03 -73.42
CA TYR BA 207 16.18 -62.59 -72.64
C TYR BA 207 15.64 -63.21 -71.36
N ASP BA 208 16.38 -64.16 -70.83
CA ASP BA 208 16.00 -64.80 -69.57
C ASP BA 208 16.25 -63.86 -68.41
N GLN BA 209 15.27 -63.76 -67.52
CA GLN BA 209 15.34 -62.92 -66.33
C GLN BA 209 15.44 -63.82 -65.11
N GLU BA 210 16.61 -63.85 -64.49
CA GLU BA 210 16.86 -64.66 -63.31
C GLU BA 210 16.88 -63.79 -62.06
N TYR BA 211 16.48 -64.40 -60.95
CA TYR BA 211 16.43 -63.74 -59.66
C TYR BA 211 16.88 -64.72 -58.58
N ASN BA 212 17.51 -64.18 -57.56
CA ASN BA 212 17.83 -64.91 -56.33
C ASN BA 212 16.92 -64.35 -55.25
N ILE BA 213 15.95 -65.14 -54.82
CA ILE BA 213 14.94 -64.67 -53.89
C ILE BA 213 15.32 -65.08 -52.48
N ARG BA 214 15.43 -64.10 -51.60
CA ARG BA 214 15.77 -64.29 -50.20
C ARG BA 214 14.56 -63.94 -49.36
N VAL BA 215 13.97 -64.96 -48.74
CA VAL BA 215 12.86 -64.79 -47.83
C VAL BA 215 13.39 -64.79 -46.41
N THR BA 216 12.97 -63.81 -45.63
CA THR BA 216 13.33 -63.67 -44.24
C THR BA 216 12.05 -63.62 -43.42
N MET BA 217 11.88 -64.58 -42.52
CA MET BA 217 10.74 -64.63 -41.64
C MET BA 217 11.13 -64.18 -40.25
N TYR BA 218 10.37 -63.24 -39.71
CA TYR BA 218 10.54 -62.74 -38.36
C TYR BA 218 9.52 -63.43 -37.48
N VAL BA 219 10.00 -64.35 -36.65
CA VAL BA 219 9.14 -65.26 -35.91
C VAL BA 219 9.24 -64.94 -34.43
N GLN BA 220 8.32 -65.52 -33.67
CA GLN BA 220 8.22 -65.31 -32.24
C GLN BA 220 7.83 -66.66 -31.64
N PHE BA 221 8.72 -67.23 -30.85
CA PHE BA 221 8.51 -68.52 -30.22
C PHE BA 221 8.07 -68.36 -28.77
N ARG BA 222 7.71 -69.48 -28.17
CA ARG BA 222 7.18 -69.49 -26.81
C ARG BA 222 7.43 -70.86 -26.21
N GLU BA 223 7.61 -70.87 -24.88
CA GLU BA 223 7.71 -72.09 -24.08
C GLU BA 223 8.91 -72.95 -24.50
N PHE BA 224 10.08 -72.41 -24.16
CA PHE BA 224 11.33 -73.14 -24.17
C PHE BA 224 11.16 -74.52 -23.57
N ASN BA 225 11.47 -75.56 -24.34
CA ASN BA 225 11.15 -76.93 -23.99
C ASN BA 225 12.31 -77.86 -24.22
N LEU BA 226 13.51 -77.43 -23.85
CA LEU BA 226 14.68 -78.26 -24.03
C LEU BA 226 14.59 -79.48 -23.14
N LYS BA 227 15.07 -80.61 -23.67
CA LYS BA 227 15.10 -81.88 -22.96
C LYS BA 227 16.54 -82.34 -22.84
N ASP BA 228 16.95 -82.66 -21.62
CA ASP BA 228 18.34 -82.97 -21.29
C ASP BA 228 18.40 -84.34 -20.63
N PRO BA 229 18.45 -85.40 -21.43
CA PRO BA 229 18.67 -86.72 -20.87
C PRO BA 229 20.12 -86.89 -20.46
N PRO BA 230 20.43 -87.93 -19.68
CA PRO BA 230 21.83 -88.20 -19.38
C PRO BA 230 22.61 -88.70 -20.58
N LEU BA 231 23.89 -89.01 -20.37
CA LEU BA 231 24.77 -89.45 -21.43
C LEU BA 231 25.72 -90.55 -20.96
N GLY CA 43 -24.17 -42.04 -53.05
CA GLY CA 43 -23.31 -43.15 -52.70
C GLY CA 43 -21.97 -43.10 -53.41
N ILE CA 44 -21.07 -42.31 -52.86
CA ILE CA 44 -19.80 -42.02 -53.51
C ILE CA 44 -18.85 -43.18 -53.30
N PHE CA 45 -18.03 -43.45 -54.31
CA PHE CA 45 -16.98 -44.45 -54.23
C PHE CA 45 -15.84 -44.00 -55.14
N ASN CA 46 -14.80 -43.44 -54.54
CA ASN CA 46 -13.60 -43.10 -55.26
C ASN CA 46 -12.70 -44.32 -55.38
N THR CA 47 -12.29 -44.64 -56.59
CA THR CA 47 -11.39 -45.75 -56.84
C THR CA 47 -10.39 -45.37 -57.93
N ARG CA 48 -9.70 -46.39 -58.43
CA ARG CA 48 -8.59 -46.22 -59.34
C ARG CA 48 -8.61 -47.37 -60.35
N LEU CA 49 -8.60 -47.02 -61.62
CA LEU CA 49 -8.65 -47.98 -62.72
C LEU CA 49 -7.47 -47.74 -63.63
N SER CA 50 -6.85 -48.83 -64.07
CA SER CA 50 -5.62 -48.78 -64.85
C SER CA 50 -5.78 -49.60 -66.12
N ARG CA 51 -4.79 -49.44 -67.00
CA ARG CA 51 -4.77 -49.99 -68.34
C ARG CA 51 -3.39 -49.76 -68.90
N THR CA 52 -2.87 -50.74 -69.63
CA THR CA 52 -1.51 -50.72 -70.13
C THR CA 52 -1.51 -51.08 -71.62
N PHE CA 53 -0.70 -50.36 -72.38
CA PHE CA 53 -0.59 -50.58 -73.81
C PHE CA 53 0.72 -50.02 -74.30
N GLY CA 54 1.06 -50.34 -75.54
CA GLY CA 54 2.32 -49.97 -76.13
C GLY CA 54 2.29 -48.82 -77.12
N TYR CA 55 3.44 -48.18 -77.28
CA TYR CA 55 3.63 -47.11 -78.25
C TYR CA 55 5.07 -47.14 -78.70
N THR CA 56 5.28 -47.12 -80.02
CA THR CA 56 6.60 -47.18 -80.60
C THR CA 56 6.79 -46.02 -81.57
N ILE CA 57 7.98 -45.43 -81.52
CA ILE CA 57 8.43 -44.42 -82.45
C ILE CA 57 9.44 -45.11 -83.36
N LYS CA 58 9.04 -45.40 -84.58
CA LYS CA 58 9.89 -46.12 -85.50
C LYS CA 58 11.09 -45.27 -85.91
N ARG CA 59 12.13 -45.97 -86.37
CA ARG CA 59 13.36 -45.33 -86.77
C ARG CA 59 13.19 -44.56 -88.08
N THR CA 60 14.11 -43.63 -88.31
CA THR CA 60 14.14 -42.83 -89.53
C THR CA 60 15.58 -42.60 -89.96
N THR CA 61 15.83 -42.70 -91.26
CA THR CA 61 17.11 -42.36 -91.84
C THR CA 61 17.33 -40.86 -91.96
N VAL CA 62 16.31 -40.04 -91.67
CA VAL CA 62 16.43 -38.59 -91.76
C VAL CA 62 17.53 -38.12 -90.82
N LYS CA 63 18.35 -37.18 -91.32
CA LYS CA 63 19.48 -36.68 -90.55
C LYS CA 63 19.07 -35.57 -89.60
N THR CA 64 18.14 -34.72 -90.02
CA THR CA 64 17.75 -33.58 -89.24
C THR CA 64 17.08 -34.00 -87.94
N PRO CA 65 16.94 -33.08 -86.99
CA PRO CA 65 16.08 -33.35 -85.84
C PRO CA 65 14.63 -33.15 -86.21
N SER CA 66 13.91 -34.25 -86.33
CA SER CA 66 12.48 -34.24 -86.59
C SER CA 66 11.76 -34.89 -85.43
N TRP CA 67 10.49 -34.54 -85.29
CA TRP CA 67 9.66 -35.01 -84.20
C TRP CA 67 8.46 -35.79 -84.73
N ALA CA 68 8.04 -36.77 -83.95
CA ALA CA 68 6.88 -37.59 -84.22
C ALA CA 68 5.76 -37.19 -83.30
N VAL CA 69 4.64 -36.77 -83.89
CA VAL CA 69 3.52 -36.24 -83.15
C VAL CA 69 2.42 -37.29 -83.10
N ASP CA 70 1.75 -37.37 -81.96
CA ASP CA 70 0.63 -38.28 -81.78
C ASP CA 70 -0.25 -37.75 -80.67
N MET CA 71 -1.44 -38.32 -80.58
CA MET CA 71 -2.48 -37.91 -79.65
C MET CA 71 -2.82 -39.04 -78.70
N MET CA 72 -3.58 -38.69 -77.66
CA MET CA 72 -3.95 -39.65 -76.63
C MET CA 72 -5.27 -39.21 -76.02
N ARG CA 73 -6.30 -40.01 -76.22
CA ARG CA 73 -7.61 -39.84 -75.61
C ARG CA 73 -7.81 -40.90 -74.53
N PHE CA 74 -8.84 -40.69 -73.71
CA PHE CA 74 -9.16 -41.57 -72.60
C PHE CA 74 -10.65 -41.83 -72.58
N ASN CA 75 -11.03 -43.11 -72.63
CA ASN CA 75 -12.41 -43.53 -72.51
C ASN CA 75 -12.51 -44.59 -71.42
N ILE CA 76 -13.67 -44.61 -70.75
CA ILE CA 76 -13.88 -45.51 -69.62
C ILE CA 76 -14.22 -46.92 -70.05
N ASN CA 77 -14.59 -47.13 -71.31
CA ASN CA 77 -14.83 -48.49 -71.78
C ASN CA 77 -13.56 -49.32 -71.77
N ASP CA 78 -12.41 -48.68 -71.98
CA ASP CA 78 -11.14 -49.36 -72.00
C ASP CA 78 -10.63 -49.72 -70.62
N PHE CA 79 -11.22 -49.15 -69.57
CA PHE CA 79 -10.85 -49.42 -68.19
C PHE CA 79 -11.89 -50.24 -67.45
N LEU CA 80 -13.16 -50.08 -67.80
CA LEU CA 80 -14.27 -50.74 -67.13
C LEU CA 80 -14.94 -51.72 -68.08
N PRO CA 81 -14.84 -53.03 -67.89
CA PRO CA 81 -15.44 -53.94 -68.84
C PRO CA 81 -16.94 -54.01 -68.67
N PRO CA 82 -17.63 -54.68 -69.60
CA PRO CA 82 -19.05 -54.91 -69.41
C PRO CA 82 -19.29 -55.96 -68.32
N GLY CA 83 -20.39 -55.80 -67.62
CA GLY CA 83 -20.73 -56.69 -66.55
C GLY CA 83 -21.42 -57.95 -67.02
N GLY CA 84 -22.40 -58.40 -66.26
CA GLY CA 84 -23.14 -59.59 -66.61
C GLY CA 84 -24.50 -59.62 -65.96
N GLY CA 85 -25.52 -59.93 -66.77
CA GLY CA 85 -26.88 -60.02 -66.27
C GLY CA 85 -27.58 -58.69 -66.25
N SER CA 86 -28.35 -58.45 -65.19
CA SER CA 86 -29.10 -57.22 -65.07
C SER CA 86 -28.20 -56.02 -64.80
N ASN CA 87 -26.95 -56.25 -64.39
CA ASN CA 87 -26.00 -55.17 -64.20
C ASN CA 87 -25.18 -55.02 -65.48
N PRO CA 88 -25.35 -53.94 -66.24
CA PRO CA 88 -24.66 -53.86 -67.54
C PRO CA 88 -23.17 -53.66 -67.43
N ARG CA 89 -22.69 -53.13 -66.31
CA ARG CA 89 -21.28 -52.86 -66.09
C ARG CA 89 -20.79 -53.59 -64.86
N SER CA 90 -19.47 -53.73 -64.76
CA SER CA 90 -18.86 -54.52 -63.72
C SER CA 90 -18.75 -53.78 -62.40
N VAL CA 91 -18.75 -52.46 -62.44
CA VAL CA 91 -18.82 -51.61 -61.24
C VAL CA 91 -20.25 -51.11 -61.11
N PRO CA 92 -21.02 -51.56 -60.12
CA PRO CA 92 -22.45 -51.25 -60.13
C PRO CA 92 -22.80 -49.86 -59.64
N PHE CA 93 -22.60 -48.89 -60.52
CA PHE CA 93 -22.94 -47.50 -60.25
C PHE CA 93 -23.54 -46.89 -61.50
N GLU CA 94 -24.25 -45.79 -61.31
CA GLU CA 94 -24.97 -45.10 -62.37
C GLU CA 94 -24.15 -43.99 -63.00
N TYR CA 95 -23.60 -43.11 -62.19
CA TYR CA 95 -22.93 -41.91 -62.64
C TYR CA 95 -21.44 -42.00 -62.35
N TYR CA 96 -20.68 -41.16 -63.05
CA TYR CA 96 -19.24 -41.10 -62.86
C TYR CA 96 -18.74 -39.73 -63.27
N ARG CA 97 -17.53 -39.43 -62.82
CA ARG CA 97 -16.81 -38.26 -63.29
C ARG CA 97 -15.34 -38.49 -63.03
N ILE CA 98 -14.52 -38.30 -64.05
CA ILE CA 98 -13.10 -38.56 -63.95
C ILE CA 98 -12.43 -37.38 -63.29
N ARG CA 99 -11.74 -37.64 -62.19
CA ARG CA 99 -11.08 -36.61 -61.40
C ARG CA 99 -9.68 -36.31 -61.90
N LYS CA 100 -8.89 -37.35 -62.14
CA LYS CA 100 -7.51 -37.20 -62.55
C LYS CA 100 -7.14 -38.37 -63.44
N VAL CA 101 -6.07 -38.18 -64.21
CA VAL CA 101 -5.45 -39.24 -64.98
C VAL CA 101 -3.95 -39.13 -64.80
N LYS CA 102 -3.29 -40.28 -64.72
CA LYS CA 102 -1.85 -40.39 -64.64
C LYS CA 102 -1.39 -41.22 -65.81
N VAL CA 103 -0.75 -40.57 -66.76
CA VAL CA 103 -0.13 -41.24 -67.90
C VAL CA 103 1.34 -41.42 -67.58
N GLU CA 104 1.79 -42.68 -67.66
CA GLU CA 104 3.16 -43.05 -67.34
C GLU CA 104 3.76 -43.68 -68.58
N PHE CA 105 4.82 -43.06 -69.10
CA PHE CA 105 5.61 -43.63 -70.19
C PHE CA 105 6.74 -44.42 -69.56
N TRP CA 106 6.55 -45.71 -69.47
CA TRP CA 106 7.57 -46.60 -68.96
C TRP CA 106 8.46 -47.05 -70.12
N PRO CA 107 9.75 -46.74 -70.12
CA PRO CA 107 10.57 -47.09 -71.27
C PRO CA 107 10.79 -48.58 -71.41
N CYS CA 108 11.08 -48.97 -72.65
CA CYS CA 108 11.42 -50.32 -73.00
C CYS CA 108 12.85 -50.45 -73.49
N SER CA 109 13.61 -49.37 -73.50
CA SER CA 109 14.89 -49.29 -74.14
C SER CA 109 16.00 -49.29 -73.09
N PRO CA 110 17.17 -49.83 -73.40
CA PRO CA 110 18.24 -49.87 -72.42
C PRO CA 110 18.85 -48.50 -72.16
N ILE CA 111 19.52 -48.40 -71.03
CA ILE CA 111 20.20 -47.15 -70.70
C ILE CA 111 21.47 -46.92 -71.50
N THR CA 112 21.89 -47.88 -72.30
CA THR CA 112 23.03 -47.74 -73.18
C THR CA 112 22.66 -47.25 -74.57
N GLN CA 113 21.39 -47.00 -74.84
CA GLN CA 113 20.97 -46.62 -76.17
C GLN CA 113 21.36 -45.18 -76.43
N GLY CA 114 21.93 -44.94 -77.60
CA GLY CA 114 22.36 -43.63 -78.01
C GLY CA 114 21.35 -42.92 -78.89
N ASP CA 115 21.83 -41.88 -79.56
CA ASP CA 115 21.00 -41.01 -80.38
C ASP CA 115 19.84 -40.47 -79.57
N ARG CA 116 20.14 -40.05 -78.36
CA ARG CA 116 19.13 -39.54 -77.46
C ARG CA 116 18.51 -38.26 -78.02
N GLY CA 117 17.39 -37.88 -77.41
CA GLY CA 117 16.61 -36.78 -77.90
C GLY CA 117 15.85 -36.07 -76.81
N VAL CA 118 15.01 -35.12 -77.21
CA VAL CA 118 14.25 -34.32 -76.26
C VAL CA 118 12.93 -33.94 -76.90
N GLY CA 119 11.84 -34.21 -76.19
CA GLY CA 119 10.50 -33.99 -76.67
C GLY CA 119 9.66 -33.20 -75.70
N SER CA 120 8.35 -33.27 -75.90
CA SER CA 120 7.42 -32.46 -75.13
C SER CA 120 6.07 -33.15 -75.06
N SER CA 121 5.44 -33.05 -73.89
CA SER CA 121 4.09 -33.52 -73.67
C SER CA 121 3.25 -32.37 -73.15
N ALA CA 122 2.11 -32.15 -73.77
CA ALA CA 122 1.21 -31.05 -73.42
C ALA CA 122 -0.19 -31.58 -73.20
N VAL CA 123 -0.98 -30.76 -72.51
CA VAL CA 123 -2.34 -31.10 -72.11
C VAL CA 123 -3.31 -30.36 -73.01
N ILE CA 124 -4.15 -31.13 -73.72
CA ILE CA 124 -5.01 -30.61 -74.78
C ILE CA 124 -6.42 -31.05 -74.46
N LEU CA 125 -7.21 -30.14 -73.88
CA LEU CA 125 -8.50 -30.46 -73.31
C LEU CA 125 -9.67 -30.22 -74.27
N ASP CA 126 -9.47 -30.31 -75.59
CA ASP CA 126 -10.50 -29.87 -76.52
C ASP CA 126 -10.63 -30.69 -77.80
N ASP CA 127 -9.89 -31.78 -77.97
CA ASP CA 127 -10.08 -32.67 -79.10
C ASP CA 127 -9.66 -32.04 -80.42
N ASN CA 128 -8.75 -31.08 -80.38
CA ASN CA 128 -8.12 -30.53 -81.58
C ASN CA 128 -6.63 -30.56 -81.31
N PHE CA 129 -6.01 -31.66 -81.69
CA PHE CA 129 -4.59 -31.88 -81.54
C PHE CA 129 -3.85 -31.40 -82.76
N VAL CA 130 -2.54 -31.22 -82.60
CA VAL CA 130 -1.68 -31.06 -83.76
C VAL CA 130 -1.77 -32.32 -84.58
N THR CA 131 -1.78 -32.16 -85.90
CA THR CA 131 -1.97 -33.29 -86.79
C THR CA 131 -0.87 -34.33 -86.58
N LYS CA 132 -1.26 -35.60 -86.64
CA LYS CA 132 -0.31 -36.67 -86.48
C LYS CA 132 0.72 -36.63 -87.60
N ALA CA 133 1.99 -36.67 -87.21
CA ALA CA 133 3.10 -36.55 -88.13
C ALA CA 133 4.16 -37.58 -87.78
N THR CA 134 4.88 -38.03 -88.81
CA THR CA 134 5.96 -38.99 -88.65
C THR CA 134 7.28 -38.28 -88.39
N ALA CA 135 7.63 -37.30 -89.22
CA ALA CA 135 8.87 -36.55 -89.08
C ALA CA 135 8.56 -35.08 -89.38
N LEU CA 136 8.18 -34.35 -88.35
CA LEU CA 136 7.94 -32.92 -88.43
C LEU CA 136 9.18 -32.16 -88.02
N THR CA 137 9.44 -31.05 -88.70
CA THR CA 137 10.69 -30.31 -88.57
C THR CA 137 10.78 -29.49 -87.30
N TYR CA 138 9.85 -29.62 -86.37
CA TYR CA 138 9.87 -28.84 -85.14
C TYR CA 138 9.00 -29.54 -84.12
N ASP CA 139 9.14 -29.12 -82.87
CA ASP CA 139 8.35 -29.61 -81.77
C ASP CA 139 7.17 -28.67 -81.56
N PRO CA 140 5.94 -29.05 -81.94
CA PRO CA 140 4.85 -28.10 -81.81
C PRO CA 140 4.44 -27.81 -80.39
N TYR CA 141 4.59 -28.78 -79.50
CA TYR CA 141 4.14 -28.67 -78.13
C TYR CA 141 5.20 -28.05 -77.22
N VAL CA 142 6.21 -27.40 -77.78
CA VAL CA 142 7.33 -26.93 -76.97
C VAL CA 142 6.98 -25.63 -76.26
N ASN CA 143 6.28 -24.73 -76.93
CA ASN CA 143 5.93 -23.44 -76.35
C ASN CA 143 4.62 -23.46 -75.61
N TYR CA 144 3.99 -24.62 -75.47
CA TYR CA 144 2.76 -24.72 -74.72
C TYR CA 144 3.01 -24.50 -73.24
N SER CA 145 2.05 -23.84 -72.59
CA SER CA 145 2.15 -23.56 -71.17
C SER CA 145 2.14 -24.83 -70.33
N SER CA 146 1.60 -25.93 -70.85
CA SER CA 146 1.56 -27.20 -70.16
C SER CA 146 2.61 -28.17 -70.65
N ARG CA 147 3.70 -27.67 -71.23
CA ARG CA 147 4.73 -28.53 -71.75
C ARG CA 147 5.61 -29.03 -70.62
N HIS CA 148 5.85 -30.33 -70.61
CA HIS CA 148 6.88 -30.95 -69.82
C HIS CA 148 7.84 -31.61 -70.78
N THR CA 149 9.13 -31.50 -70.48
CA THR CA 149 10.15 -32.08 -71.32
C THR CA 149 10.17 -33.60 -71.19
N ILE CA 150 10.28 -34.26 -72.32
CA ILE CA 150 10.44 -35.70 -72.39
C ILE CA 150 11.89 -35.94 -72.75
N THR CA 151 12.65 -36.45 -71.79
CA THR CA 151 13.95 -37.02 -72.08
C THR CA 151 13.75 -38.41 -72.67
N GLN CA 152 14.49 -38.71 -73.73
CA GLN CA 152 14.37 -39.93 -74.49
C GLN CA 152 15.72 -40.63 -74.53
N PRO CA 153 15.73 -41.95 -74.77
CA PRO CA 153 14.66 -42.94 -74.88
C PRO CA 153 14.39 -43.74 -73.62
N PHE CA 154 15.32 -43.69 -72.66
CA PHE CA 154 15.34 -44.59 -71.53
C PHE CA 154 14.91 -43.93 -70.24
N SER CA 155 14.06 -42.91 -70.32
CA SER CA 155 13.68 -42.11 -69.17
C SER CA 155 12.18 -42.14 -68.99
N TYR CA 156 11.78 -42.12 -67.74
CA TYR CA 156 10.38 -42.18 -67.34
C TYR CA 156 9.77 -40.79 -67.39
N HIS CA 157 8.53 -40.73 -67.86
CA HIS CA 157 7.78 -39.49 -68.00
C HIS CA 157 6.38 -39.72 -67.48
N SER CA 158 5.98 -38.92 -66.50
CA SER CA 158 4.63 -38.94 -65.94
C SER CA 158 3.95 -37.61 -66.17
N ARG CA 159 2.64 -37.67 -66.33
CA ARG CA 159 1.78 -36.49 -66.42
C ARG CA 159 0.53 -36.76 -65.61
N TYR CA 160 0.21 -35.87 -64.69
CA TYR CA 160 -0.92 -36.00 -63.79
C TYR CA 160 -1.77 -34.75 -63.91
N PHE CA 161 -2.99 -34.94 -64.39
CA PHE CA 161 -3.84 -33.82 -64.75
C PHE CA 161 -5.29 -34.25 -64.68
N THR CA 162 -6.17 -33.28 -64.88
CA THR CA 162 -7.61 -33.47 -64.84
C THR CA 162 -8.17 -33.38 -66.25
N PRO CA 163 -8.66 -34.46 -66.85
CA PRO CA 163 -9.17 -34.37 -68.21
C PRO CA 163 -10.53 -33.72 -68.27
N LYS CA 164 -11.05 -33.56 -69.49
CA LYS CA 164 -12.34 -32.95 -69.73
C LYS CA 164 -13.08 -33.78 -70.77
N PRO CA 165 -14.40 -33.92 -70.65
CA PRO CA 165 -15.13 -34.69 -71.64
C PRO CA 165 -15.48 -33.89 -72.88
N VAL CA 166 -15.71 -34.63 -73.95
CA VAL CA 166 -16.05 -34.06 -75.25
C VAL CA 166 -17.57 -34.01 -75.31
N LEU CA 167 -18.13 -32.91 -74.83
CA LEU CA 167 -19.57 -32.72 -74.83
C LEU CA 167 -20.07 -32.23 -76.18
N ASP CA 168 -19.37 -31.27 -76.78
CA ASP CA 168 -19.68 -30.79 -78.12
C ASP CA 168 -18.37 -30.56 -78.84
N SER CA 169 -18.07 -31.42 -79.82
CA SER CA 169 -16.84 -31.28 -80.58
C SER CA 169 -16.88 -30.10 -81.54
N THR CA 170 -18.06 -29.57 -81.84
CA THR CA 170 -18.17 -28.42 -82.73
C THR CA 170 -17.74 -27.13 -82.04
N ILE CA 171 -18.10 -26.98 -80.77
CA ILE CA 171 -17.83 -25.76 -80.01
C ILE CA 171 -16.63 -25.99 -79.11
N ASP CA 172 -16.49 -27.20 -78.61
CA ASP CA 172 -15.35 -27.61 -77.79
C ASP CA 172 -15.25 -26.73 -76.53
N TYR CA 173 -16.26 -26.85 -75.69
CA TYR CA 173 -16.31 -26.14 -74.41
C TYR CA 173 -16.04 -27.10 -73.27
N PHE CA 174 -15.39 -26.58 -72.23
CA PHE CA 174 -15.08 -27.38 -71.06
C PHE CA 174 -15.08 -26.50 -69.82
N GLN CA 175 -15.13 -27.13 -68.72
CA GLN CA 175 -15.20 -26.50 -67.43
C GLN CA 175 -13.80 -26.29 -66.83
N PRO CA 176 -13.60 -25.27 -66.04
CA PRO CA 176 -12.36 -25.20 -65.26
C PRO CA 176 -12.36 -26.19 -64.12
N ASN CA 177 -11.23 -26.29 -63.44
CA ASN CA 177 -11.07 -27.29 -62.39
C ASN CA 177 -11.82 -26.86 -61.15
N ASN CA 178 -12.81 -27.64 -60.77
CA ASN CA 178 -13.59 -27.40 -59.56
C ASN CA 178 -14.13 -28.75 -59.12
N LYS CA 179 -13.68 -29.24 -57.98
CA LYS CA 179 -14.12 -30.55 -57.55
C LYS CA 179 -15.60 -30.54 -57.20
N ARG CA 180 -16.13 -29.42 -56.74
CA ARG CA 180 -17.51 -29.36 -56.28
C ARG CA 180 -18.50 -29.19 -57.41
N ASN CA 181 -18.07 -28.59 -58.52
CA ASN CA 181 -18.94 -28.26 -59.64
C ASN CA 181 -18.73 -29.15 -60.85
N GLN CA 182 -17.87 -30.14 -60.78
CA GLN CA 182 -17.60 -30.99 -61.92
C GLN CA 182 -18.84 -31.80 -62.27
N LEU CA 183 -19.14 -31.86 -63.56
CA LEU CA 183 -20.31 -32.54 -64.04
C LEU CA 183 -20.22 -34.03 -63.79
N TRP CA 184 -21.38 -34.62 -63.49
CA TRP CA 184 -21.54 -36.06 -63.44
C TRP CA 184 -22.04 -36.53 -64.79
N LEU CA 185 -21.33 -37.47 -65.38
CA LEU CA 185 -21.78 -38.15 -66.57
C LEU CA 185 -22.43 -39.47 -66.18
N ARG CA 186 -23.14 -40.05 -67.14
CA ARG CA 186 -23.72 -41.36 -66.97
C ARG CA 186 -22.76 -42.43 -67.45
N LEU CA 187 -22.68 -43.50 -66.69
CA LEU CA 187 -21.93 -44.69 -67.07
C LEU CA 187 -22.79 -45.48 -68.03
N GLN CA 188 -22.61 -45.23 -69.32
CA GLN CA 188 -23.38 -45.90 -70.35
C GLN CA 188 -22.98 -47.36 -70.43
N THR CA 189 -23.72 -48.11 -71.25
CA THR CA 189 -23.46 -49.53 -71.41
C THR CA 189 -22.31 -49.78 -72.37
N ALA CA 190 -22.39 -49.21 -73.60
CA ALA CA 190 -21.32 -49.39 -74.58
C ALA CA 190 -21.05 -48.14 -75.40
N GLY CA 191 -21.34 -46.95 -74.87
CA GLY CA 191 -21.25 -45.73 -75.65
C GLY CA 191 -20.74 -44.52 -74.90
N ASN CA 192 -19.85 -44.74 -73.95
CA ASN CA 192 -19.34 -43.64 -73.14
C ASN CA 192 -18.54 -42.65 -73.97
N VAL CA 193 -18.46 -41.45 -73.45
CA VAL CA 193 -17.88 -40.31 -74.16
C VAL CA 193 -16.38 -40.26 -73.92
N ASP CA 194 -15.64 -39.82 -74.93
CA ASP CA 194 -14.20 -39.79 -74.86
C ASP CA 194 -13.73 -38.58 -74.07
N HIS CA 195 -12.87 -38.83 -73.10
CA HIS CA 195 -12.14 -37.78 -72.42
C HIS CA 195 -10.81 -37.55 -73.12
N VAL CA 196 -10.28 -36.36 -72.94
CA VAL CA 196 -9.18 -35.86 -73.74
C VAL CA 196 -8.25 -35.06 -72.85
N GLY CA 197 -7.03 -34.82 -73.33
CA GLY CA 197 -6.06 -34.17 -72.49
C GLY CA 197 -4.59 -34.47 -72.59
N LEU CA 198 -4.12 -35.20 -73.60
CA LEU CA 198 -2.68 -35.31 -73.77
C LEU CA 198 -2.26 -35.44 -75.22
N GLY CA 199 -1.25 -34.66 -75.58
CA GLY CA 199 -0.58 -34.79 -76.85
C GLY CA 199 0.91 -34.73 -76.66
N THR CA 200 1.61 -35.47 -77.52
CA THR CA 200 3.03 -35.73 -77.36
C THR CA 200 3.79 -35.37 -78.63
N ALA CA 201 5.10 -35.20 -78.46
CA ALA CA 201 6.01 -35.01 -79.58
C ALA CA 201 7.33 -35.66 -79.19
N PHE CA 202 7.67 -36.75 -79.87
CA PHE CA 202 8.89 -37.49 -79.62
C PHE CA 202 9.89 -37.26 -80.74
N GLU CA 203 11.13 -37.04 -80.37
CA GLU CA 203 12.20 -36.84 -81.34
C GLU CA 203 12.62 -38.19 -81.90
N ASN CA 204 12.64 -38.28 -83.22
CA ASN CA 204 12.96 -39.53 -83.88
C ASN CA 204 14.43 -39.86 -83.71
N SER CA 205 14.77 -41.11 -84.05
CA SER CA 205 16.10 -41.65 -83.81
C SER CA 205 16.40 -42.73 -84.84
N ILE CA 206 17.67 -43.11 -84.90
CA ILE CA 206 18.08 -44.20 -85.77
C ILE CA 206 17.55 -45.52 -85.27
N TYR CA 207 17.37 -45.65 -83.96
CA TYR CA 207 16.86 -46.86 -83.34
C TYR CA 207 15.39 -46.69 -82.97
N ASP CA 208 14.70 -47.82 -82.88
CA ASP CA 208 13.30 -47.81 -82.48
C ASP CA 208 13.17 -47.53 -80.99
N GLN CA 209 12.26 -46.63 -80.65
CA GLN CA 209 11.99 -46.24 -79.26
C GLN CA 209 10.62 -46.79 -78.88
N GLU CA 210 10.60 -47.79 -78.03
CA GLU CA 210 9.37 -48.42 -77.56
C GLU CA 210 9.06 -47.96 -76.15
N TYR CA 211 7.77 -47.93 -75.84
CA TYR CA 211 7.27 -47.54 -74.53
C TYR CA 211 6.08 -48.41 -74.17
N ASN CA 212 5.94 -48.68 -72.88
CA ASN CA 212 4.75 -49.31 -72.31
C ASN CA 212 4.03 -48.23 -71.52
N ILE CA 213 2.87 -47.81 -72.03
CA ILE CA 213 2.15 -46.69 -71.46
C ILE CA 213 1.07 -47.23 -70.54
N ARG CA 214 1.10 -46.79 -69.29
CA ARG CA 214 0.14 -47.18 -68.26
C ARG CA 214 -0.67 -45.96 -67.89
N VAL CA 215 -1.95 -45.97 -68.24
CA VAL CA 215 -2.88 -44.91 -67.89
C VAL CA 215 -3.66 -45.36 -66.69
N THR CA 216 -3.74 -44.49 -65.69
CA THR CA 216 -4.49 -44.72 -64.47
C THR CA 216 -5.48 -43.59 -64.32
N MET CA 217 -6.76 -43.93 -64.29
CA MET CA 217 -7.83 -42.96 -64.11
C MET CA 217 -8.38 -43.05 -62.69
N TYR CA 218 -8.43 -41.91 -62.02
CA TYR CA 218 -8.99 -41.79 -60.70
C TYR CA 218 -10.41 -41.26 -60.82
N VAL CA 219 -11.38 -42.14 -60.61
CA VAL CA 219 -12.77 -41.88 -60.91
C VAL CA 219 -13.56 -41.77 -59.61
N GLN CA 220 -14.78 -41.28 -59.74
CA GLN CA 220 -15.69 -41.07 -58.62
C GLN CA 220 -17.07 -41.43 -59.12
N PHE CA 221 -17.65 -42.48 -58.56
CA PHE CA 221 -18.96 -42.96 -58.94
C PHE CA 221 -20.03 -42.49 -57.96
N ARG CA 222 -21.28 -42.75 -58.31
CA ARG CA 222 -22.41 -42.29 -57.53
C ARG CA 222 -23.60 -43.21 -57.81
N GLU CA 223 -24.45 -43.35 -56.80
CA GLU CA 223 -25.72 -44.06 -56.89
C GLU CA 223 -25.53 -45.53 -57.26
N PHE CA 224 -24.99 -46.26 -56.29
CA PHE CA 224 -24.98 -47.71 -56.26
C PHE CA 224 -26.32 -48.27 -56.72
N ASN CA 225 -26.31 -49.08 -57.77
CA ASN CA 225 -27.54 -49.51 -58.43
C ASN CA 225 -27.53 -50.99 -58.72
N LEU CA 226 -27.08 -51.78 -57.76
CA LEU CA 226 -27.04 -53.21 -57.96
C LEU CA 226 -28.44 -53.77 -58.08
N LYS CA 227 -28.61 -54.76 -58.95
CA LYS CA 227 -29.87 -55.43 -59.17
C LYS CA 227 -29.72 -56.90 -58.83
N ASP CA 228 -30.61 -57.41 -57.99
CA ASP CA 228 -30.51 -58.76 -57.43
C ASP CA 228 -31.79 -59.51 -57.75
N PRO CA 229 -31.90 -60.11 -58.92
CA PRO CA 229 -33.02 -60.97 -59.21
C PRO CA 229 -32.88 -62.30 -58.49
N PRO CA 230 -33.95 -63.09 -58.43
CA PRO CA 230 -33.80 -64.44 -57.86
C PRO CA 230 -33.01 -65.37 -58.74
N LEU CA 231 -32.86 -66.62 -58.30
CA LEU CA 231 -32.08 -67.61 -59.02
C LEU CA 231 -32.75 -68.98 -58.98
N GLY DA 43 1.95 -2.13 -71.56
CA GLY DA 43 1.35 -3.45 -71.64
C GLY DA 43 2.37 -4.56 -71.63
N ILE DA 44 2.81 -4.91 -70.44
CA ILE DA 44 3.91 -5.84 -70.27
C ILE DA 44 3.40 -7.27 -70.44
N PHE DA 45 4.25 -8.11 -71.03
CA PHE DA 45 3.97 -9.52 -71.17
C PHE DA 45 5.31 -10.25 -71.14
N ASN DA 46 5.62 -10.85 -70.00
CA ASN DA 46 6.79 -11.70 -69.87
C ASN DA 46 6.45 -13.10 -70.33
N THR DA 47 7.25 -13.64 -71.25
CA THR DA 47 7.06 -14.98 -71.74
C THR DA 47 8.41 -15.65 -71.93
N ARG DA 48 8.40 -16.77 -72.63
CA ARG DA 48 9.56 -17.64 -72.79
C ARG DA 48 9.53 -18.23 -74.18
N LEU DA 49 10.63 -18.08 -74.90
CA LEU DA 49 10.78 -18.54 -76.27
C LEU DA 49 12.00 -19.44 -76.35
N SER DA 50 11.87 -20.54 -77.07
CA SER DA 50 12.90 -21.56 -77.16
C SER DA 50 13.21 -21.87 -78.62
N ARG DA 51 14.29 -22.63 -78.79
CA ARG DA 51 14.89 -22.95 -80.07
C ARG DA 51 15.93 -24.02 -79.82
N THR DA 52 16.02 -24.98 -80.73
CA THR DA 52 16.90 -26.12 -80.59
C THR DA 52 17.70 -26.33 -81.86
N PHE DA 53 18.97 -26.65 -81.69
CA PHE DA 53 19.87 -26.87 -82.83
C PHE DA 53 21.05 -27.70 -82.35
N GLY DA 54 21.84 -28.16 -83.32
CA GLY DA 54 22.94 -29.05 -83.06
C GLY DA 54 24.31 -28.42 -83.11
N TYR DA 55 25.26 -29.06 -82.43
CA TYR DA 55 26.66 -28.67 -82.44
C TYR DA 55 27.50 -29.93 -82.25
N THR DA 56 28.50 -30.09 -83.10
CA THR DA 56 29.37 -31.25 -83.08
C THR DA 56 30.82 -30.81 -83.03
N ILE DA 57 31.59 -31.51 -82.21
CA ILE DA 57 33.04 -31.37 -82.13
C ILE DA 57 33.61 -32.61 -82.80
N LYS DA 58 34.12 -32.43 -84.02
CA LYS DA 58 34.64 -33.53 -84.79
C LYS DA 58 35.89 -34.12 -84.13
N ARG DA 59 36.18 -35.36 -84.49
CA ARG DA 59 37.31 -36.08 -83.95
C ARG DA 59 38.63 -35.55 -84.51
N THR DA 60 39.70 -35.84 -83.80
CA THR DA 60 41.05 -35.45 -84.19
C THR DA 60 42.02 -36.56 -83.83
N THR DA 61 42.96 -36.84 -84.74
CA THR DA 61 44.05 -37.75 -84.48
C THR DA 61 45.15 -37.14 -83.62
N VAL DA 62 45.06 -35.85 -83.31
CA VAL DA 62 46.07 -35.19 -82.49
C VAL DA 62 46.13 -35.86 -81.11
N LYS DA 63 47.35 -36.08 -80.64
CA LYS DA 63 47.56 -36.76 -79.37
C LYS DA 63 47.43 -35.82 -78.18
N THR DA 64 47.89 -34.59 -78.34
CA THR DA 64 47.91 -33.64 -77.25
C THR DA 64 46.50 -33.28 -76.80
N PRO DA 65 46.36 -32.67 -75.63
CA PRO DA 65 45.07 -32.08 -75.27
C PRO DA 65 44.92 -30.73 -75.97
N SER DA 66 44.06 -30.70 -76.97
CA SER DA 66 43.70 -29.49 -77.67
C SER DA 66 42.22 -29.20 -77.48
N TRP DA 67 41.86 -27.94 -77.64
CA TRP DA 67 40.50 -27.48 -77.44
C TRP DA 67 39.95 -26.87 -78.72
N ALA DA 68 38.64 -27.02 -78.88
CA ALA DA 68 37.90 -26.48 -80.00
C ALA DA 68 37.08 -25.29 -79.51
N VAL DA 69 37.32 -24.14 -80.10
CA VAL DA 69 36.73 -22.89 -79.67
C VAL DA 69 35.64 -22.51 -80.66
N ASP DA 70 34.54 -21.97 -80.13
CA ASP DA 70 33.44 -21.51 -80.94
C ASP DA 70 32.67 -20.46 -80.16
N MET DA 71 31.80 -19.76 -80.87
CA MET DA 71 31.03 -18.65 -80.34
C MET DA 71 29.54 -18.95 -80.44
N MET DA 72 28.75 -18.11 -79.77
CA MET DA 72 27.31 -18.27 -79.73
C MET DA 72 26.66 -16.92 -79.51
N ARG DA 73 25.92 -16.46 -80.52
CA ARG DA 73 25.11 -15.26 -80.45
C ARG DA 73 23.64 -15.63 -80.35
N PHE DA 74 22.81 -14.64 -80.02
CA PHE DA 74 21.39 -14.83 -79.86
C PHE DA 74 20.65 -13.70 -80.56
N ASN DA 75 19.75 -14.06 -81.47
CA ASN DA 75 18.88 -13.10 -82.14
C ASN DA 75 17.44 -13.56 -82.01
N ILE DA 76 16.54 -12.59 -81.96
CA ILE DA 76 15.12 -12.87 -81.75
C ILE DA 76 14.41 -13.32 -83.02
N ASN DA 77 15.02 -13.14 -84.19
CA ASN DA 77 14.41 -13.65 -85.41
C ASN DA 77 14.37 -15.16 -85.42
N ASP DA 78 15.34 -15.80 -84.77
CA ASP DA 78 15.41 -17.25 -84.71
C ASP DA 78 14.43 -17.85 -83.73
N PHE DA 79 13.83 -17.04 -82.86
CA PHE DA 79 12.85 -17.49 -81.88
C PHE DA 79 11.44 -17.03 -82.20
N LEU DA 80 11.30 -15.88 -82.83
CA LEU DA 80 10.02 -15.26 -83.15
C LEU DA 80 9.82 -15.22 -84.65
N PRO DA 81 8.91 -15.99 -85.25
CA PRO DA 81 8.79 -15.98 -86.69
C PRO DA 81 8.07 -14.74 -87.18
N PRO DA 82 8.04 -14.52 -88.48
CA PRO DA 82 7.22 -13.43 -89.01
C PRO DA 82 5.74 -13.77 -88.92
N GLY DA 83 4.94 -12.74 -88.73
CA GLY DA 83 3.51 -12.91 -88.60
C GLY DA 83 2.81 -12.99 -89.93
N GLY DA 84 1.64 -12.39 -90.00
CA GLY DA 84 0.87 -12.39 -91.22
C GLY DA 84 -0.11 -11.24 -91.29
N GLY DA 85 -0.13 -10.55 -92.42
CA GLY DA 85 -1.03 -9.44 -92.61
C GLY DA 85 -0.48 -8.14 -92.08
N SER DA 86 -1.36 -7.35 -91.47
CA SER DA 86 -0.97 -6.06 -90.93
C SER DA 86 -0.08 -6.18 -89.71
N ASN DA 87 -0.03 -7.37 -89.09
CA ASN DA 87 0.85 -7.62 -87.98
C ASN DA 87 2.14 -8.24 -88.50
N PRO DA 88 3.27 -7.53 -88.48
CA PRO DA 88 4.47 -8.08 -89.12
C PRO DA 88 5.08 -9.25 -88.37
N ARG DA 89 4.82 -9.36 -87.07
CA ARG DA 89 5.36 -10.42 -86.23
C ARG DA 89 4.24 -11.21 -85.60
N SER DA 90 4.59 -12.41 -85.11
CA SER DA 90 3.60 -13.34 -84.60
C SER DA 90 3.19 -13.01 -83.17
N VAL DA 91 4.04 -12.32 -82.43
CA VAL DA 91 3.71 -11.81 -81.10
C VAL DA 91 3.39 -10.33 -81.25
N PRO DA 92 2.14 -9.89 -81.08
CA PRO DA 92 1.79 -8.51 -81.43
C PRO DA 92 2.19 -7.48 -80.37
N PHE DA 93 3.47 -7.14 -80.39
CA PHE DA 93 4.01 -6.13 -79.51
C PHE DA 93 5.02 -5.31 -80.28
N GLU DA 94 5.31 -4.12 -79.75
CA GLU DA 94 6.20 -3.16 -80.39
C GLU DA 94 7.62 -3.27 -79.89
N TYR DA 95 7.82 -3.26 -78.58
CA TYR DA 95 9.12 -3.21 -77.96
C TYR DA 95 9.42 -4.52 -77.26
N TYR DA 96 10.71 -4.74 -76.99
CA TYR DA 96 11.14 -5.92 -76.28
C TYR DA 96 12.47 -5.63 -75.60
N ARG DA 97 12.80 -6.49 -74.65
CA ARG DA 97 14.12 -6.49 -74.04
C ARG DA 97 14.35 -7.86 -73.43
N ILE DA 98 15.48 -8.46 -73.76
CA ILE DA 98 15.78 -9.82 -73.32
C ILE DA 98 16.30 -9.75 -71.90
N ARG DA 99 15.64 -10.46 -71.00
CA ARG DA 99 15.98 -10.46 -69.59
C ARG DA 99 17.04 -11.50 -69.25
N LYS DA 100 16.86 -12.73 -69.74
CA LYS DA 100 17.75 -13.84 -69.44
C LYS DA 100 17.78 -14.77 -70.62
N VAL DA 101 18.83 -15.58 -70.67
CA VAL DA 101 18.94 -16.68 -71.62
C VAL DA 101 19.46 -17.89 -70.87
N LYS DA 102 18.93 -19.05 -71.24
CA LYS DA 102 19.35 -20.35 -70.70
C LYS DA 102 19.83 -21.18 -71.87
N VAL DA 103 21.13 -21.39 -71.95
CA VAL DA 103 21.72 -22.28 -72.92
C VAL DA 103 21.94 -23.63 -72.26
N GLU DA 104 21.39 -24.67 -72.87
CA GLU DA 104 21.45 -26.03 -72.36
C GLU DA 104 22.16 -26.89 -73.40
N PHE DA 105 23.29 -27.45 -73.03
CA PHE DA 105 23.99 -28.44 -73.84
C PHE DA 105 23.49 -29.81 -73.43
N TRP DA 106 22.55 -30.33 -74.20
CA TRP DA 106 22.04 -31.66 -73.97
C TRP DA 106 22.89 -32.66 -74.73
N PRO DA 107 23.56 -33.61 -74.08
CA PRO DA 107 24.45 -34.49 -74.81
C PRO DA 107 23.71 -35.46 -75.70
N CYS DA 108 24.44 -35.92 -76.71
CA CYS DA 108 23.98 -36.93 -77.64
C CYS DA 108 24.78 -38.22 -77.54
N SER DA 109 25.73 -38.29 -76.63
CA SER DA 109 26.70 -39.36 -76.56
C SER DA 109 26.39 -40.28 -75.39
N PRO DA 110 26.72 -41.56 -75.51
CA PRO DA 110 26.41 -42.49 -74.43
C PRO DA 110 27.31 -42.28 -73.22
N ILE DA 111 26.84 -42.78 -72.08
CA ILE DA 111 27.64 -42.69 -70.87
C ILE DA 111 28.81 -43.65 -70.84
N THR DA 112 28.92 -44.54 -71.83
CA THR DA 112 30.05 -45.44 -71.96
C THR DA 112 31.17 -44.88 -72.81
N GLN DA 113 31.03 -43.67 -73.33
CA GLN DA 113 32.04 -43.12 -74.23
C GLN DA 113 33.25 -42.70 -73.43
N GLY DA 114 34.42 -43.07 -73.93
CA GLY DA 114 35.67 -42.74 -73.29
C GLY DA 114 36.35 -41.54 -73.90
N ASP DA 115 37.63 -41.39 -73.58
CA ASP DA 115 38.42 -40.24 -73.99
C ASP DA 115 37.76 -38.95 -73.52
N ARG DA 116 37.29 -38.98 -72.28
CA ARG DA 116 36.61 -37.84 -71.71
C ARG DA 116 37.55 -36.65 -71.59
N GLY DA 117 36.94 -35.49 -71.35
CA GLY DA 117 37.67 -34.24 -71.35
C GLY DA 117 37.07 -33.22 -70.43
N VAL DA 118 37.61 -32.01 -70.47
CA VAL DA 118 37.17 -30.93 -69.60
C VAL DA 118 37.35 -29.62 -70.34
N GLY DA 119 36.28 -28.84 -70.37
CA GLY DA 119 36.25 -27.58 -71.09
C GLY DA 119 35.75 -26.43 -70.25
N SER DA 120 35.35 -25.36 -70.91
CA SER DA 120 34.98 -24.14 -70.22
C SER DA 120 34.00 -23.35 -71.07
N SER DA 121 33.01 -22.77 -70.41
CA SER DA 121 32.06 -21.85 -71.03
C SER DA 121 32.09 -20.53 -70.29
N ALA DA 122 32.23 -19.45 -71.03
CA ALA DA 122 32.33 -18.11 -70.47
C ALA DA 122 31.34 -17.18 -71.13
N VAL DA 123 31.06 -16.08 -70.45
CA VAL DA 123 30.07 -15.11 -70.86
C VAL DA 123 30.78 -13.90 -71.45
N ILE DA 124 30.48 -13.60 -72.71
CA ILE DA 124 31.21 -12.60 -73.50
C ILE DA 124 30.19 -11.63 -74.05
N LEU DA 125 30.06 -10.48 -73.39
CA LEU DA 125 28.98 -9.54 -73.65
C LEU DA 125 29.35 -8.43 -74.63
N ASP DA 126 30.29 -8.66 -75.56
CA ASP DA 126 30.82 -7.56 -76.36
C ASP DA 126 31.15 -7.89 -77.81
N ASP DA 127 30.87 -9.10 -78.29
CA ASP DA 127 31.02 -9.43 -79.70
C ASP DA 127 32.48 -9.46 -80.14
N ASN DA 128 33.40 -9.73 -79.20
CA ASN DA 128 34.79 -9.98 -79.53
C ASN DA 128 35.15 -11.26 -78.79
N PHE DA 129 34.96 -12.37 -79.47
CA PHE DA 129 35.25 -13.69 -78.98
C PHE DA 129 36.68 -14.08 -79.30
N VAL DA 130 37.17 -15.09 -78.59
CA VAL DA 130 38.39 -15.75 -79.01
C VAL DA 130 38.14 -16.36 -80.38
N THR DA 131 39.15 -16.27 -81.24
CA THR DA 131 38.99 -16.72 -82.61
C THR DA 131 38.62 -18.19 -82.66
N LYS DA 132 37.74 -18.53 -83.59
CA LYS DA 132 37.32 -19.91 -83.75
C LYS DA 132 38.50 -20.77 -84.15
N ALA DA 133 38.69 -21.86 -83.42
CA ALA DA 133 39.82 -22.75 -83.61
C ALA DA 133 39.34 -24.19 -83.56
N THR DA 134 40.04 -25.04 -84.30
CA THR DA 134 39.75 -26.47 -84.34
C THR DA 134 40.50 -27.23 -83.26
N ALA DA 135 41.80 -27.01 -83.16
CA ALA DA 135 42.64 -27.66 -82.16
C ALA DA 135 43.64 -26.63 -81.63
N LEU DA 136 43.23 -25.91 -80.60
CA LEU DA 136 44.07 -24.95 -79.92
C LEU DA 136 44.73 -25.61 -78.72
N THR DA 137 45.99 -25.24 -78.46
CA THR DA 137 46.82 -25.92 -77.47
C THR DA 137 46.48 -25.54 -76.03
N TYR DA 138 45.41 -24.81 -75.79
CA TYR DA 138 45.05 -24.42 -74.44
C TYR DA 138 43.58 -24.03 -74.43
N ASP DA 139 43.04 -23.91 -73.22
CA ASP DA 139 41.67 -23.49 -73.01
C ASP DA 139 41.67 -21.99 -72.75
N PRO DA 140 41.23 -21.15 -73.70
CA PRO DA 140 41.33 -19.71 -73.47
C PRO DA 140 40.37 -19.21 -72.42
N TYR DA 141 39.20 -19.84 -72.29
CA TYR DA 141 38.16 -19.38 -71.39
C TYR DA 141 38.30 -19.94 -69.99
N VAL DA 142 39.48 -20.46 -69.63
CA VAL DA 142 39.63 -21.16 -68.36
C VAL DA 142 39.80 -20.18 -67.22
N ASN DA 143 40.57 -19.11 -67.44
CA ASN DA 143 40.83 -18.14 -66.40
C ASN DA 143 39.81 -17.01 -66.36
N TYR DA 144 38.77 -17.09 -67.17
CA TYR DA 144 37.72 -16.09 -67.14
C TYR DA 144 36.92 -16.17 -65.86
N SER DA 145 36.53 -15.01 -65.36
CA SER DA 145 35.75 -14.93 -64.13
C SER DA 145 34.39 -15.58 -64.26
N SER DA 146 33.88 -15.71 -65.47
CA SER DA 146 32.59 -16.33 -65.73
C SER DA 146 32.73 -17.75 -66.27
N ARG DA 147 33.84 -18.41 -65.99
CA ARG DA 147 34.06 -19.76 -66.48
C ARG DA 147 33.31 -20.75 -65.63
N HIS DA 148 32.59 -21.63 -66.30
CA HIS DA 148 32.02 -22.84 -65.71
C HIS DA 148 32.65 -24.01 -66.43
N THR DA 149 33.00 -25.04 -65.67
CA THR DA 149 33.61 -26.23 -66.25
C THR DA 149 32.58 -27.03 -67.02
N ILE DA 150 32.99 -27.48 -68.19
CA ILE DA 150 32.21 -28.39 -69.03
C ILE DA 150 32.85 -29.75 -68.88
N THR DA 151 32.16 -30.66 -68.20
CA THR DA 151 32.51 -32.06 -68.28
C THR DA 151 31.98 -32.63 -69.58
N GLN DA 152 32.81 -33.42 -70.24
CA GLN DA 152 32.52 -33.97 -71.55
C GLN DA 152 32.63 -35.49 -71.50
N PRO DA 153 31.99 -36.20 -72.42
CA PRO DA 153 31.04 -35.82 -73.48
C PRO DA 153 29.58 -36.00 -73.13
N PHE DA 154 29.30 -36.75 -72.07
CA PHE DA 154 27.96 -37.23 -71.78
C PHE DA 154 27.32 -36.49 -70.61
N SER DA 155 27.70 -35.25 -70.39
CA SER DA 155 27.24 -34.49 -69.24
C SER DA 155 26.54 -33.23 -69.68
N TYR DA 156 25.53 -32.86 -68.91
CA TYR DA 156 24.71 -31.70 -69.18
C TYR DA 156 25.35 -30.45 -68.62
N HIS DA 157 25.26 -29.37 -69.39
CA HIS DA 157 25.84 -28.08 -69.04
C HIS DA 157 24.81 -27.00 -69.33
N SER DA 158 24.48 -26.22 -68.30
CA SER DA 158 23.58 -25.10 -68.41
C SER DA 158 24.30 -23.82 -68.05
N ARG DA 159 23.87 -22.73 -68.68
CA ARG DA 159 24.36 -21.40 -68.38
C ARG DA 159 23.16 -20.47 -68.42
N TYR DA 160 22.96 -19.72 -67.35
CA TYR DA 160 21.81 -18.81 -67.18
C TYR DA 160 22.36 -17.43 -66.87
N PHE DA 161 22.13 -16.50 -67.77
CA PHE DA 161 22.74 -15.19 -67.69
C PHE DA 161 21.88 -14.18 -68.43
N THR DA 162 22.28 -12.92 -68.34
CA THR DA 162 21.60 -11.80 -68.96
C THR DA 162 22.42 -11.29 -70.13
N PRO DA 163 21.99 -11.45 -71.37
CA PRO DA 163 22.80 -10.98 -72.49
C PRO DA 163 22.73 -9.48 -72.66
N LYS DA 164 23.46 -8.97 -73.63
CA LYS DA 164 23.52 -7.56 -73.93
C LYS DA 164 23.44 -7.37 -75.43
N PRO DA 165 22.79 -6.33 -75.91
CA PRO DA 165 22.72 -6.11 -77.37
C PRO DA 165 23.95 -5.41 -77.92
N VAL DA 166 24.15 -5.62 -79.22
CA VAL DA 166 25.27 -5.04 -79.94
C VAL DA 166 24.76 -3.72 -80.52
N LEU DA 167 24.91 -2.66 -79.73
CA LEU DA 167 24.49 -1.33 -80.15
C LEU DA 167 25.53 -0.67 -81.04
N ASP DA 168 26.80 -0.77 -80.65
CA ASP DA 168 27.91 -0.26 -81.45
C ASP DA 168 29.04 -1.26 -81.35
N SER DA 169 29.30 -1.97 -82.44
CA SER DA 169 30.37 -2.95 -82.47
C SER DA 169 31.75 -2.31 -82.49
N THR DA 170 31.84 -1.03 -82.82
CA THR DA 170 33.12 -0.34 -82.84
C THR DA 170 33.60 -0.02 -81.43
N ILE DA 171 32.68 0.39 -80.55
CA ILE DA 171 33.01 0.81 -79.20
C ILE DA 171 32.70 -0.33 -78.24
N ASP DA 172 31.66 -1.09 -78.53
CA ASP DA 172 31.26 -2.26 -77.74
C ASP DA 172 30.97 -1.87 -76.29
N TYR DA 173 29.93 -1.07 -76.12
CA TYR DA 173 29.48 -0.64 -74.81
C TYR DA 173 28.20 -1.36 -74.45
N PHE DA 174 28.03 -1.62 -73.15
CA PHE DA 174 26.86 -2.31 -72.65
C PHE DA 174 26.54 -1.83 -71.24
N GLN DA 175 25.39 -2.10 -70.84
CA GLN DA 175 24.85 -1.71 -69.56
C GLN DA 175 25.08 -2.78 -68.50
N PRO DA 176 25.24 -2.39 -67.23
CA PRO DA 176 25.21 -3.40 -66.19
C PRO DA 176 23.80 -3.91 -65.93
N ASN DA 177 23.70 -4.93 -65.08
CA ASN DA 177 22.43 -5.58 -64.86
C ASN DA 177 21.55 -4.70 -63.98
N ASN DA 178 20.43 -4.27 -64.54
CA ASN DA 178 19.45 -3.47 -63.80
C ASN DA 178 18.12 -3.71 -64.48
N LYS DA 179 17.20 -4.35 -63.77
CA LYS DA 179 15.93 -4.65 -64.39
C LYS DA 179 15.12 -3.40 -64.68
N ARG DA 180 15.31 -2.35 -63.89
CA ARG DA 180 14.50 -1.14 -64.03
C ARG DA 180 15.03 -0.21 -65.12
N ASN DA 181 16.32 -0.28 -65.41
CA ASN DA 181 16.96 0.63 -66.35
C ASN DA 181 17.35 -0.02 -67.66
N GLN DA 182 17.00 -1.29 -67.87
CA GLN DA 182 17.36 -1.98 -69.10
C GLN DA 182 16.64 -1.35 -70.28
N LEU DA 183 17.39 -1.14 -71.34
CA LEU DA 183 16.86 -0.51 -72.53
C LEU DA 183 15.79 -1.37 -73.19
N TRP DA 184 14.79 -0.70 -73.74
CA TRP DA 184 13.80 -1.31 -74.60
C TRP DA 184 14.25 -1.15 -76.05
N LEU DA 185 14.35 -2.25 -76.76
CA LEU DA 185 14.59 -2.25 -78.19
C LEU DA 185 13.27 -2.39 -78.91
N ARG DA 186 13.30 -2.10 -80.21
CA ARG DA 186 12.15 -2.29 -81.07
C ARG DA 186 12.19 -3.67 -81.68
N LEU DA 187 11.03 -4.30 -81.72
CA LEU DA 187 10.85 -5.57 -82.41
C LEU DA 187 10.69 -5.26 -83.89
N GLN DA 188 11.80 -5.30 -84.61
CA GLN DA 188 11.81 -5.01 -86.02
C GLN DA 188 11.12 -6.13 -86.79
N THR DA 189 10.95 -5.89 -88.09
CA THR DA 189 10.27 -6.87 -88.94
C THR DA 189 11.23 -7.98 -89.36
N ALA DA 190 12.39 -7.63 -89.93
CA ALA DA 190 13.36 -8.63 -90.35
C ALA DA 190 14.80 -8.22 -90.12
N GLY DA 191 15.06 -7.33 -89.15
CA GLY DA 191 16.38 -6.77 -88.97
C GLY DA 191 16.81 -6.57 -87.53
N ASN DA 192 16.35 -7.43 -86.64
CA ASN DA 192 16.64 -7.27 -85.23
C ASN DA 192 18.14 -7.44 -84.96
N VAL DA 193 18.56 -6.86 -83.84
CA VAL DA 193 19.97 -6.78 -83.49
C VAL DA 193 20.39 -8.02 -82.72
N ASP DA 194 21.64 -8.41 -82.92
CA ASP DA 194 22.15 -9.63 -82.31
C ASP DA 194 22.52 -9.38 -80.87
N HIS DA 195 22.02 -10.24 -79.99
CA HIS DA 195 22.49 -10.30 -78.62
C HIS DA 195 23.60 -11.31 -78.50
N VAL DA 196 24.41 -11.13 -77.47
CA VAL DA 196 25.68 -11.81 -77.36
C VAL DA 196 25.91 -12.17 -75.91
N GLY DA 197 26.85 -13.09 -75.66
CA GLY DA 197 27.03 -13.56 -74.31
C GLY DA 197 27.47 -14.97 -74.02
N LEU DA 198 27.90 -15.76 -75.00
CA LEU DA 198 28.49 -17.05 -74.65
C LEU DA 198 29.56 -17.49 -75.62
N GLY DA 199 30.68 -17.93 -75.05
CA GLY DA 199 31.73 -18.58 -75.80
C GLY DA 199 32.18 -19.82 -75.07
N THR DA 200 32.59 -20.81 -75.86
CA THR DA 200 32.86 -22.16 -75.37
C THR DA 200 34.23 -22.63 -75.80
N ALA DA 201 34.72 -23.63 -75.09
CA ALA DA 201 35.94 -24.34 -75.45
C ALA DA 201 35.78 -25.80 -75.06
N PHE DA 202 35.69 -26.66 -76.06
CA PHE DA 202 35.52 -28.09 -75.86
C PHE DA 202 36.81 -28.81 -76.17
N GLU DA 203 37.16 -29.76 -75.31
CA GLU DA 203 38.35 -30.57 -75.50
C GLU DA 203 38.07 -31.64 -76.54
N ASN DA 204 38.94 -31.72 -77.53
CA ASN DA 204 38.75 -32.66 -78.62
C ASN DA 204 38.98 -34.09 -78.15
N SER DA 205 38.57 -35.03 -79.00
CA SER DA 205 38.56 -36.43 -78.65
C SER DA 205 38.72 -37.27 -79.91
N ILE DA 206 39.00 -38.56 -79.71
CA ILE DA 206 39.08 -39.49 -80.81
C ILE DA 206 37.71 -39.73 -81.43
N TYR DA 207 36.67 -39.62 -80.62
CA TYR DA 207 35.30 -39.83 -81.07
C TYR DA 207 34.60 -38.48 -81.26
N ASP DA 208 33.57 -38.50 -82.09
CA ASP DA 208 32.79 -37.30 -82.32
C ASP DA 208 31.89 -37.03 -81.13
N GLN DA 209 31.85 -35.78 -80.69
CA GLN DA 209 31.04 -35.33 -79.57
C GLN DA 209 29.92 -34.45 -80.11
N GLU DA 210 28.70 -34.96 -80.10
CA GLU DA 210 27.54 -34.24 -80.58
C GLU DA 210 26.72 -33.72 -79.40
N TYR DA 211 26.04 -32.60 -79.65
CA TYR DA 211 25.20 -31.96 -78.66
C TYR DA 211 23.96 -31.41 -79.35
N ASN DA 212 22.85 -31.41 -78.62
CA ASN DA 212 21.62 -30.72 -79.02
C ASN DA 212 21.47 -29.53 -78.09
N ILE DA 213 21.65 -28.33 -78.63
CA ILE DA 213 21.67 -27.12 -77.83
C ILE DA 213 20.30 -26.48 -77.88
N ARG DA 214 19.72 -26.26 -76.71
CA ARG DA 214 18.40 -25.65 -76.55
C ARG DA 214 18.60 -24.31 -75.86
N VAL DA 215 18.36 -23.24 -76.60
CA VAL DA 215 18.42 -21.88 -76.09
C VAL DA 215 17.01 -21.44 -75.76
N THR DA 216 16.83 -20.90 -74.57
CA THR DA 216 15.57 -20.38 -74.10
C THR DA 216 15.79 -18.94 -73.69
N MET DA 217 15.08 -18.02 -74.35
CA MET DA 217 15.14 -16.61 -74.04
C MET DA 217 13.91 -16.18 -73.27
N TYR DA 218 14.13 -15.53 -72.15
CA TYR DA 218 13.07 -14.97 -71.32
C TYR DA 218 12.96 -13.49 -71.64
N VAL DA 219 11.90 -13.13 -72.35
CA VAL DA 219 11.76 -11.81 -72.92
C VAL DA 219 10.63 -11.07 -72.23
N GLN DA 220 10.56 -9.77 -72.48
CA GLN DA 220 9.57 -8.89 -71.90
C GLN DA 220 9.18 -7.90 -72.96
N PHE DA 221 7.93 -7.96 -73.39
CA PHE DA 221 7.41 -7.10 -74.43
C PHE DA 221 6.63 -5.94 -73.85
N ARG DA 222 6.23 -5.01 -74.72
CA ARG DA 222 5.55 -3.80 -74.31
C ARG DA 222 4.73 -3.28 -75.47
N GLU DA 223 3.62 -2.63 -75.14
CA GLU DA 223 2.77 -1.92 -76.10
C GLU DA 223 2.19 -2.87 -77.16
N PHE DA 224 1.27 -3.69 -76.68
CA PHE DA 224 0.36 -4.46 -77.51
C PHE DA 224 -0.17 -3.62 -78.65
N ASN DA 225 0.05 -4.07 -79.87
CA ASN DA 225 -0.20 -3.26 -81.07
C ASN DA 225 -0.92 -4.06 -82.14
N LEU DA 226 -1.90 -4.84 -81.73
CA LEU DA 226 -2.63 -5.63 -82.70
C LEU DA 226 -3.42 -4.73 -83.64
N LYS DA 227 -3.50 -5.13 -84.90
CA LYS DA 227 -4.24 -4.41 -85.92
C LYS DA 227 -5.32 -5.31 -86.48
N ASP DA 228 -6.55 -4.81 -86.49
CA ASP DA 228 -7.73 -5.60 -86.84
C ASP DA 228 -8.46 -4.91 -87.98
N PRO DA 229 -8.05 -5.16 -89.22
CA PRO DA 229 -8.80 -4.65 -90.35
C PRO DA 229 -10.07 -5.47 -90.56
N PRO DA 230 -11.00 -4.97 -91.37
CA PRO DA 230 -12.18 -5.80 -91.69
C PRO DA 230 -11.84 -6.99 -92.57
N LEU DA 231 -12.86 -7.75 -92.94
CA LEU DA 231 -12.68 -8.96 -93.74
C LEU DA 231 -13.81 -9.11 -94.76
N GLY EA 43 -39.46 -2.13 60.12
CA GLY EA 43 -40.25 -0.97 59.78
C GLY EA 43 -39.66 0.32 60.26
N ILE EA 44 -38.70 0.84 59.51
CA ILE EA 44 -37.93 1.99 59.93
C ILE EA 44 -38.72 3.26 59.70
N PHE EA 45 -38.54 4.22 60.60
CA PHE EA 45 -39.13 5.54 60.47
C PHE EA 45 -38.19 6.53 61.15
N ASN EA 46 -37.44 7.25 60.34
CA ASN EA 46 -36.60 8.32 60.84
C ASN EA 46 -37.43 9.59 60.94
N THR EA 47 -37.39 10.22 62.12
CA THR EA 47 -38.10 11.47 62.33
C THR EA 47 -37.25 12.38 63.21
N ARG EA 48 -37.89 13.43 63.71
CA ARG EA 48 -37.23 14.50 64.44
C ARG EA 48 -38.15 14.98 65.54
N LEU EA 49 -37.63 15.00 66.76
CA LEU EA 49 -38.37 15.40 67.95
C LEU EA 49 -37.62 16.52 68.63
N SER EA 50 -38.36 17.52 69.09
CA SER EA 50 -37.80 18.73 69.68
C SER EA 50 -38.42 19.00 71.04
N ARG EA 51 -37.81 19.95 71.73
CA ARG EA 51 -38.12 20.30 73.11
C ARG EA 51 -37.35 21.58 73.42
N THR EA 52 -37.98 22.46 74.17
CA THR EA 52 -37.43 23.78 74.46
C THR EA 52 -37.54 24.05 75.96
N PHE EA 53 -36.50 24.64 76.52
CA PHE EA 53 -36.45 24.96 77.93
C PHE EA 53 -35.41 26.05 78.15
N GLY EA 54 -35.41 26.60 79.35
CA GLY EA 54 -34.56 27.71 79.71
C GLY EA 54 -33.35 27.37 80.56
N TYR EA 55 -32.35 28.24 80.49
CA TYR EA 55 -31.15 28.14 81.29
C TYR EA 55 -30.63 29.55 81.53
N THR EA 56 -30.34 29.86 82.79
CA THR EA 56 -29.86 31.18 83.18
C THR EA 56 -28.57 31.05 83.97
N ILE EA 57 -27.65 31.95 83.69
CA ILE EA 57 -26.41 32.11 84.43
C ILE EA 57 -26.58 33.39 85.24
N LYS EA 58 -26.80 33.23 86.53
CA LYS EA 58 -27.05 34.37 87.39
C LYS EA 58 -25.81 35.24 87.52
N ARG EA 59 -26.04 36.49 87.90
CA ARG EA 59 -24.97 37.47 88.04
C ARG EA 59 -24.11 37.18 89.27
N THR EA 60 -22.91 37.73 89.26
CA THR EA 60 -21.96 37.60 90.37
C THR EA 60 -21.22 38.91 90.55
N THR EA 61 -21.03 39.30 91.81
CA THR EA 61 -20.19 40.44 92.14
C THR EA 61 -18.70 40.14 92.08
N VAL EA 62 -18.33 38.87 91.86
CA VAL EA 62 -16.93 38.49 91.77
C VAL EA 62 -16.25 39.25 90.65
N LYS EA 63 -15.05 39.74 90.91
CA LYS EA 63 -14.31 40.53 89.93
C LYS EA 63 -13.56 39.67 88.94
N THR EA 64 -13.02 38.55 89.40
CA THR EA 64 -12.20 37.70 88.57
C THR EA 64 -13.01 37.09 87.44
N PRO EA 65 -12.34 36.54 86.42
CA PRO EA 65 -13.05 35.72 85.45
C PRO EA 65 -13.29 34.34 86.02
N SER EA 66 -14.54 34.06 86.37
CA SER EA 66 -14.97 32.75 86.82
C SER EA 66 -15.99 32.19 85.86
N TRP EA 67 -16.10 30.86 85.86
CA TRP EA 67 -16.99 30.15 84.97
C TRP EA 67 -18.02 29.35 85.75
N ALA EA 68 -19.19 29.23 85.14
CA ALA EA 68 -20.31 28.47 85.69
C ALA EA 68 -20.44 27.17 84.90
N VAL EA 69 -20.34 26.06 85.60
CA VAL EA 69 -20.33 24.75 84.98
C VAL EA 69 -21.66 24.08 85.21
N ASP EA 70 -22.14 23.37 84.20
CA ASP EA 70 -23.39 22.63 84.29
C ASP EA 70 -23.35 21.52 83.27
N MET EA 71 -24.30 20.60 83.41
CA MET EA 71 -24.40 19.39 82.62
C MET EA 71 -25.71 19.37 81.85
N MET EA 72 -25.79 18.44 80.90
CA MET EA 72 -26.96 18.31 80.05
C MET EA 72 -27.09 16.87 79.59
N ARG EA 73 -28.14 16.20 80.03
CA ARG EA 73 -28.51 14.86 79.60
C ARG EA 73 -29.72 14.94 78.69
N PHE EA 74 -30.00 13.82 78.01
CA PHE EA 74 -31.10 13.71 77.06
C PHE EA 74 -31.83 12.41 77.30
N ASN EA 75 -33.14 12.52 77.53
CA ASN EA 75 -34.02 11.36 77.67
C ASN EA 75 -35.19 11.52 76.72
N ILE EA 76 -35.69 10.39 76.24
CA ILE EA 76 -36.77 10.39 75.25
C ILE EA 76 -38.14 10.61 75.87
N ASN EA 77 -38.27 10.47 77.19
CA ASN EA 77 -39.55 10.76 77.83
C ASN EA 77 -39.90 12.23 77.72
N ASP EA 78 -38.89 13.10 77.69
CA ASP EA 78 -39.10 14.53 77.59
C ASP EA 78 -39.47 14.98 76.19
N PHE EA 79 -39.28 14.13 75.19
CA PHE EA 79 -39.63 14.42 73.81
C PHE EA 79 -40.84 13.67 73.32
N LEU EA 80 -41.07 12.46 73.82
CA LEU EA 80 -42.15 11.59 73.41
C LEU EA 80 -43.14 11.41 74.55
N PRO EA 81 -44.36 11.94 74.48
CA PRO EA 81 -45.27 11.81 75.61
C PRO EA 81 -45.85 10.42 75.67
N PRO EA 82 -46.56 10.10 76.75
CA PRO EA 82 -47.29 8.83 76.80
C PRO EA 82 -48.50 8.87 75.89
N GLY EA 83 -48.82 7.71 75.35
CA GLY EA 83 -49.93 7.60 74.43
C GLY EA 83 -51.25 7.45 75.13
N GLY EA 84 -52.12 6.61 74.58
CA GLY EA 84 -53.41 6.37 75.15
C GLY EA 84 -54.00 5.05 74.74
N GLY EA 85 -54.51 4.30 75.70
CA GLY EA 85 -55.11 3.01 75.43
C GLY EA 85 -54.10 1.88 75.37
N SER EA 86 -54.30 0.98 74.42
CA SER EA 86 -53.43 -0.17 74.28
C SER EA 86 -52.05 0.22 73.75
N ASN EA 87 -51.91 1.42 73.20
CA ASN EA 87 -50.62 1.92 72.75
C ASN EA 87 -50.00 2.76 73.86
N PRO EA 88 -48.95 2.29 74.53
CA PRO EA 88 -48.45 3.05 75.69
C PRO EA 88 -47.78 4.35 75.33
N ARG EA 89 -47.29 4.50 74.11
CA ARG EA 89 -46.61 5.70 73.66
C ARG EA 89 -47.32 6.29 72.45
N SER EA 90 -47.02 7.55 72.18
CA SER EA 90 -47.72 8.30 71.14
C SER EA 90 -47.18 7.99 69.75
N VAL EA 91 -45.94 7.52 69.65
CA VAL EA 91 -45.36 7.05 68.40
C VAL EA 91 -45.40 5.53 68.43
N PRO EA 92 -46.22 4.86 67.62
CA PRO EA 92 -46.41 3.42 67.80
C PRO EA 92 -45.29 2.57 67.22
N PHE EA 93 -44.19 2.50 67.95
CA PHE EA 93 -43.05 1.68 67.59
C PHE EA 93 -42.50 1.03 68.85
N GLU EA 94 -41.74 -0.04 68.65
CA GLU EA 94 -41.17 -0.84 69.74
C GLU EA 94 -39.77 -0.40 70.11
N TYR EA 95 -38.90 -0.28 69.14
CA TYR EA 95 -37.48 -0.02 69.36
C TYR EA 95 -37.12 1.37 68.86
N TYR EA 96 -35.98 1.86 69.35
CA TYR EA 96 -35.48 3.16 68.94
C TYR EA 96 -33.98 3.18 69.12
N ARG EA 97 -33.36 4.16 68.47
CA ARG EA 97 -31.95 4.46 68.70
C ARG EA 97 -31.72 5.89 68.24
N ILE EA 98 -31.11 6.69 69.11
CA ILE EA 98 -30.91 8.10 68.83
C ILE EA 98 -29.67 8.24 67.96
N ARG EA 99 -29.85 8.86 66.79
CA ARG EA 99 -28.80 9.03 65.82
C ARG EA 99 -27.97 10.28 66.07
N LYS EA 100 -28.64 11.40 66.29
CA LYS EA 100 -27.98 12.68 66.48
C LYS EA 100 -28.81 13.53 67.42
N VAL EA 101 -28.17 14.53 68.00
CA VAL EA 101 -28.84 15.57 68.78
C VAL EA 101 -28.25 16.91 68.36
N LYS EA 102 -29.12 17.90 68.31
CA LYS EA 102 -28.76 19.29 68.01
C LYS EA 102 -29.20 20.12 69.20
N VAL EA 103 -28.24 20.59 69.97
CA VAL EA 103 -28.48 21.52 71.06
C VAL EA 103 -28.22 22.92 70.55
N GLU EA 104 -29.22 23.79 70.69
CA GLU EA 104 -29.16 25.16 70.22
C GLU EA 104 -29.36 26.07 71.41
N PHE EA 105 -28.35 26.88 71.70
CA PHE EA 105 -28.45 27.94 72.71
C PHE EA 105 -28.91 29.20 72.00
N TRP EA 106 -30.20 29.47 72.09
CA TRP EA 106 -30.76 30.67 71.52
C TRP EA 106 -30.70 31.78 72.57
N PRO EA 107 -30.00 32.87 72.34
CA PRO EA 107 -29.87 33.88 73.40
C PRO EA 107 -31.16 34.61 73.66
N CYS EA 108 -31.23 35.14 74.87
CA CYS EA 108 -32.33 35.97 75.32
C CYS EA 108 -31.90 37.40 75.60
N SER EA 109 -30.65 37.73 75.38
CA SER EA 109 -30.05 38.97 75.81
C SER EA 109 -29.83 39.89 74.61
N PRO EA 110 -29.90 41.20 74.80
CA PRO EA 110 -29.74 42.11 73.68
C PRO EA 110 -28.30 42.17 73.20
N ILE EA 111 -28.14 42.64 71.96
CA ILE EA 111 -26.81 42.80 71.41
C ILE EA 111 -26.05 43.98 71.98
N THR EA 112 -26.69 44.80 72.81
CA THR EA 112 -26.04 45.91 73.49
C THR EA 112 -25.50 45.54 74.86
N GLN EA 113 -25.65 44.29 75.28
CA GLN EA 113 -25.24 43.90 76.62
C GLN EA 113 -23.72 43.78 76.67
N GLY EA 114 -23.13 44.36 77.71
CA GLY EA 114 -21.71 44.34 77.90
C GLY EA 114 -21.26 43.26 78.84
N ASP EA 115 -20.02 43.40 79.32
CA ASP EA 115 -19.38 42.42 80.17
C ASP EA 115 -19.37 41.05 79.49
N ARG EA 116 -19.06 41.05 78.20
CA ARG EA 116 -19.07 39.84 77.41
C ARG EA 116 -18.00 38.88 77.92
N GLY EA 117 -18.10 37.65 77.45
CA GLY EA 117 -17.27 36.58 77.93
C GLY EA 117 -17.02 35.51 76.90
N VAL EA 118 -16.36 34.44 77.31
CA VAL EA 118 -16.01 33.36 76.41
C VAL EA 118 -15.99 32.06 77.20
N GLY EA 119 -16.71 31.08 76.68
CA GLY EA 119 -16.89 29.79 77.33
C GLY EA 119 -16.58 28.63 76.43
N SER EA 120 -17.05 27.46 76.82
CA SER EA 120 -16.71 26.23 76.11
C SER EA 120 -17.81 25.20 76.32
N SER EA 121 -18.12 24.48 75.26
CA SER EA 121 -19.03 23.35 75.28
C SER EA 121 -18.32 22.12 74.78
N ALA EA 122 -18.40 21.03 75.55
CA ALA EA 122 -17.73 19.78 75.21
C ALA EA 122 -18.71 18.63 75.26
N VAL EA 123 -18.32 17.54 74.62
CA VAL EA 123 -19.15 16.35 74.45
C VAL EA 123 -18.65 15.29 75.41
N ILE EA 124 -19.53 14.86 76.31
CA ILE EA 124 -19.18 13.97 77.43
C ILE EA 124 -20.11 12.78 77.37
N LEU EA 125 -19.61 11.68 76.83
CA LEU EA 125 -20.42 10.52 76.49
C LEU EA 125 -20.45 9.45 77.58
N ASP EA 126 -20.26 9.80 78.86
CA ASP EA 126 -20.05 8.78 79.89
C ASP EA 126 -20.67 9.08 81.25
N ASP EA 127 -21.40 10.16 81.42
CA ASP EA 127 -22.14 10.43 82.66
C ASP EA 127 -21.21 10.73 83.82
N ASN EA 128 -20.02 11.24 83.54
CA ASN EA 128 -19.13 11.76 84.57
C ASN EA 128 -18.69 13.13 84.08
N PHE EA 129 -19.45 14.13 84.48
CA PHE EA 129 -19.22 15.51 84.15
C PHE EA 129 -18.33 16.16 85.20
N VAL EA 130 -17.75 17.30 84.81
CA VAL EA 130 -17.14 18.17 85.81
C VAL EA 130 -18.23 18.61 86.76
N THR EA 131 -17.88 18.68 88.04
CA THR EA 131 -18.86 18.99 89.07
C THR EA 131 -19.49 20.35 88.81
N LYS EA 132 -20.79 20.43 89.06
CA LYS EA 132 -21.50 21.69 88.87
C LYS EA 132 -20.96 22.74 89.81
N ALA EA 133 -20.63 23.90 89.25
CA ALA EA 133 -20.00 24.98 89.98
C ALA EA 133 -20.66 26.30 89.58
N THR EA 134 -20.69 27.23 90.53
CA THR EA 134 -21.24 28.55 90.32
C THR EA 134 -20.19 29.52 89.79
N ALA EA 135 -19.03 29.58 90.46
CA ALA EA 135 -17.94 30.46 90.06
C ALA EA 135 -16.63 29.68 90.23
N LEU EA 136 -16.24 28.96 89.20
CA LEU EA 136 -14.98 28.25 89.16
C LEU EA 136 -13.92 29.11 88.50
N THR EA 137 -12.70 29.03 89.01
CA THR EA 137 -11.60 29.92 88.62
C THR EA 137 -11.00 29.58 87.27
N TYR EA 138 -11.57 28.67 86.51
CA TYR EA 138 -11.03 28.29 85.21
C TYR EA 138 -12.12 27.61 84.41
N ASP EA 139 -11.86 27.47 83.11
CA ASP EA 139 -12.76 26.79 82.20
C ASP EA 139 -12.30 25.33 82.08
N PRO EA 140 -13.00 24.37 82.67
CA PRO EA 140 -12.51 23.00 82.61
C PRO EA 140 -12.58 22.39 81.24
N TYR EA 141 -13.58 22.77 80.45
CA TYR EA 141 -13.83 22.17 79.16
C TYR EA 141 -13.04 22.83 78.03
N VAL EA 142 -12.00 23.60 78.37
CA VAL EA 142 -11.32 24.40 77.36
C VAL EA 142 -10.33 23.55 76.57
N ASN EA 143 -9.62 22.65 77.24
CA ASN EA 143 -8.62 21.83 76.59
C ASN EA 143 -9.19 20.53 76.06
N TYR EA 144 -10.51 20.33 76.14
CA TYR EA 144 -11.12 19.14 75.59
C TYR EA 144 -11.06 19.14 74.08
N SER EA 145 -10.85 17.96 73.52
CA SER EA 145 -10.78 17.81 72.07
C SER EA 145 -12.08 18.16 71.38
N SER EA 146 -13.21 18.09 72.09
CA SER EA 146 -14.51 18.42 71.55
C SER EA 146 -15.00 19.79 71.97
N ARG EA 147 -14.08 20.68 72.33
CA ARG EA 147 -14.46 22.00 72.78
C ARG EA 147 -14.80 22.88 71.59
N HIS EA 148 -15.93 23.56 71.69
CA HIS EA 148 -16.29 24.65 70.82
C HIS EA 148 -16.44 25.88 71.69
N THR EA 149 -15.94 27.01 71.19
CA THR EA 149 -16.02 28.25 71.93
C THR EA 149 -17.44 28.78 71.96
N ILE EA 150 -17.87 29.22 73.12
CA ILE EA 150 -19.15 29.89 73.31
C ILE EA 150 -18.83 31.37 73.48
N THR EA 151 -19.18 32.15 72.48
CA THR EA 151 -19.25 33.60 72.64
C THR EA 151 -20.52 33.95 73.39
N GLN EA 152 -20.39 34.85 74.35
CA GLN EA 152 -21.46 35.25 75.25
C GLN EA 152 -21.66 36.75 75.16
N PRO EA 153 -22.84 37.25 75.53
CA PRO EA 153 -24.10 36.61 75.89
C PRO EA 153 -25.12 36.51 74.77
N PHE EA 154 -24.91 37.26 73.70
CA PHE EA 154 -25.92 37.47 72.67
C PHE EA 154 -25.63 36.71 71.40
N SER EA 155 -24.96 35.57 71.50
CA SER EA 155 -24.51 34.83 70.35
C SER EA 155 -25.06 33.41 70.39
N TYR EA 156 -25.37 32.90 69.22
CA TYR EA 156 -25.94 31.58 69.04
C TYR EA 156 -24.85 30.52 69.04
N HIS EA 157 -25.13 29.40 69.68
CA HIS EA 157 -24.21 28.28 69.80
C HIS EA 157 -24.97 27.00 69.52
N SER EA 158 -24.50 26.25 68.53
CA SER EA 158 -25.06 24.95 68.19
C SER EA 158 -24.01 23.87 68.37
N ARG EA 159 -24.49 22.68 68.73
CA ARG EA 159 -23.65 21.49 68.82
C ARG EA 159 -24.44 20.33 68.25
N TYR EA 160 -23.85 19.63 67.29
CA TYR EA 160 -24.49 18.54 66.57
C TYR EA 160 -23.59 17.32 66.70
N PHE EA 161 -24.10 16.29 67.38
CA PHE EA 161 -23.27 15.15 67.73
C PHE EA 161 -24.18 13.94 67.93
N THR EA 162 -23.54 12.80 68.16
CA THR EA 162 -24.20 11.52 68.35
C THR EA 162 -24.09 11.11 69.81
N PRO EA 163 -25.17 11.10 70.59
CA PRO EA 163 -25.05 10.73 72.00
C PRO EA 163 -24.89 9.24 72.19
N LYS EA 164 -24.74 8.83 73.44
CA LYS EA 164 -24.56 7.44 73.80
C LYS EA 164 -25.42 7.15 75.02
N PRO EA 165 -26.00 5.97 75.11
CA PRO EA 165 -26.82 5.65 76.29
C PRO EA 165 -26.00 5.17 77.47
N VAL EA 166 -26.60 5.33 78.64
CA VAL EA 166 -25.99 4.95 79.90
C VAL EA 166 -26.44 3.51 80.18
N LEU EA 167 -25.67 2.56 79.67
CA LEU EA 167 -25.97 1.16 79.87
C LEU EA 167 -25.48 0.67 81.23
N ASP EA 168 -24.27 1.05 81.61
CA ASP EA 168 -23.73 0.71 82.92
C ASP EA 168 -22.97 1.94 83.41
N SER EA 169 -23.51 2.62 84.41
CA SER EA 169 -22.87 3.78 84.97
C SER EA 169 -21.64 3.44 85.80
N THR EA 170 -21.49 2.19 86.21
CA THR EA 170 -20.32 1.78 86.98
C THR EA 170 -19.08 1.66 86.09
N ILE EA 171 -19.25 1.13 84.89
CA ILE EA 171 -18.14 0.88 83.97
C ILE EA 171 -18.08 1.98 82.93
N ASP EA 172 -19.26 2.50 82.54
CA ASP EA 172 -19.37 3.60 81.60
C ASP EA 172 -18.71 3.26 80.27
N TYR EA 173 -19.29 2.28 79.60
CA TYR EA 173 -18.83 1.85 78.28
C TYR EA 173 -19.81 2.32 77.22
N PHE EA 174 -19.27 2.63 76.05
CA PHE EA 174 -20.08 3.09 74.93
C PHE EA 174 -19.44 2.64 73.62
N GLN EA 175 -20.21 2.71 72.62
CA GLN EA 175 -19.85 2.29 71.28
C GLN EA 175 -19.28 3.46 70.48
N PRO EA 176 -18.37 3.21 69.54
CA PRO EA 176 -18.02 4.25 68.59
C PRO EA 176 -19.11 4.47 67.56
N ASN EA 177 -18.94 5.50 66.74
CA ASN EA 177 -19.97 5.89 65.80
C ASN EA 177 -20.00 4.90 64.64
N ASN EA 178 -21.12 4.22 64.50
CA ASN EA 178 -21.33 3.28 63.41
C ASN EA 178 -22.83 3.19 63.20
N LYS EA 179 -23.31 3.68 62.06
CA LYS EA 179 -24.74 3.67 61.85
C LYS EA 179 -25.29 2.27 61.71
N ARG EA 180 -24.47 1.34 61.23
CA ARG EA 180 -24.96 -0.02 60.97
C ARG EA 180 -24.95 -0.89 62.21
N ASN EA 181 -24.09 -0.58 63.18
CA ASN EA 181 -23.90 -1.39 64.37
C ASN EA 181 -24.47 -0.76 65.63
N GLN EA 182 -25.11 0.38 65.53
CA GLN EA 182 -25.66 1.05 66.70
C GLN EA 182 -26.77 0.21 67.31
N LEU EA 183 -26.73 0.09 68.63
CA LEU EA 183 -27.68 -0.72 69.36
C LEU EA 183 -29.08 -0.14 69.25
N TRP EA 184 -30.05 -1.04 69.19
CA TRP EA 184 -31.46 -0.69 69.31
C TRP EA 184 -31.86 -0.86 70.76
N LEU EA 185 -32.40 0.20 71.34
CA LEU EA 185 -33.01 0.14 72.66
C LEU EA 185 -34.52 -0.04 72.51
N ARG EA 186 -35.15 -0.40 73.61
CA ARG EA 186 -36.59 -0.51 73.67
C ARG EA 186 -37.19 0.81 74.12
N LEU EA 187 -38.28 1.18 73.48
CA LEU EA 187 -39.07 2.34 73.86
C LEU EA 187 -39.96 1.91 75.01
N GLN EA 188 -39.47 2.12 76.22
CA GLN EA 188 -40.19 1.75 77.42
C GLN EA 188 -41.41 2.64 77.59
N THR EA 189 -42.23 2.30 78.59
CA THR EA 189 -43.43 3.06 78.85
C THR EA 189 -43.15 4.31 79.67
N ALA EA 190 -42.46 4.17 80.82
CA ALA EA 190 -42.12 5.32 81.65
C ALA EA 190 -40.74 5.23 82.28
N GLY EA 191 -39.81 4.48 81.68
CA GLY EA 191 -38.53 4.22 82.30
C GLY EA 191 -37.34 4.21 81.36
N ASN EA 192 -37.39 5.01 80.32
CA ASN EA 192 -36.33 5.01 79.33
C ASN EA 192 -35.01 5.49 79.92
N VAL EA 193 -33.94 5.10 79.27
CA VAL EA 193 -32.58 5.32 79.77
C VAL EA 193 -32.08 6.68 79.29
N ASP EA 194 -31.26 7.30 80.13
CA ASP EA 194 -30.77 8.64 79.85
C ASP EA 194 -29.61 8.57 78.87
N HIS EA 195 -29.70 9.36 77.81
CA HIS EA 195 -28.57 9.60 76.93
C HIS EA 195 -27.82 10.83 77.39
N VAL EA 196 -26.56 10.88 77.00
CA VAL EA 196 -25.61 11.82 77.59
C VAL EA 196 -24.69 12.31 76.48
N GLY EA 197 -23.99 13.41 76.75
CA GLY EA 197 -23.18 14.00 75.71
C GLY EA 197 -22.96 15.49 75.63
N LEU EA 198 -23.33 16.29 76.62
CA LEU EA 198 -22.93 17.69 76.58
C LEU EA 198 -22.69 18.28 77.96
N GLY EA 199 -21.57 18.97 78.08
CA GLY EA 199 -21.29 19.77 79.26
C GLY EA 199 -20.77 21.13 78.83
N THR EA 200 -21.09 22.12 79.65
CA THR EA 200 -20.88 23.52 79.30
C THR EA 200 -20.11 24.23 80.40
N ALA EA 201 -19.53 25.36 80.03
CA ALA EA 201 -18.89 26.28 80.96
C ALA EA 201 -19.12 27.69 80.46
N PHE EA 202 -19.91 28.45 81.19
CA PHE EA 202 -20.24 29.82 80.84
C PHE EA 202 -19.53 30.78 81.78
N GLU EA 203 -18.95 31.83 81.20
CA GLU EA 203 -18.28 32.86 81.98
C GLU EA 203 -19.30 33.78 82.61
N ASN EA 204 -19.17 33.97 83.91
CA ASN EA 204 -20.13 34.77 84.64
C ASN EA 204 -19.99 36.24 84.30
N SER EA 205 -20.97 37.02 84.71
CA SER EA 205 -21.07 38.42 84.34
C SER EA 205 -21.82 39.18 85.42
N ILE EA 206 -21.76 40.51 85.32
CA ILE EA 206 -22.50 41.37 86.24
C ILE EA 206 -23.99 41.28 85.95
N TYR EA 207 -24.36 41.01 84.71
CA TYR EA 207 -25.75 40.91 84.29
C TYR EA 207 -26.13 39.44 84.15
N ASP EA 208 -27.43 39.18 84.28
CA ASP EA 208 -27.94 37.84 84.09
C ASP EA 208 -27.94 37.46 82.61
N GLN EA 209 -27.47 36.26 82.32
CA GLN EA 209 -27.40 35.73 80.96
C GLN EA 209 -28.42 34.60 80.84
N GLU EA 210 -29.50 34.86 80.11
CA GLU EA 210 -30.55 33.88 79.90
C GLU EA 210 -30.45 33.28 78.51
N TYR EA 211 -30.90 32.04 78.40
CA TYR EA 211 -30.90 31.30 77.15
C TYR EA 211 -32.16 30.45 77.06
N ASN EA 212 -32.65 30.29 75.84
CA ASN EA 212 -33.71 29.35 75.52
C ASN EA 212 -33.08 28.20 74.74
N ILE EA 213 -32.99 27.04 75.37
CA ILE EA 213 -32.26 25.91 74.80
C ILE EA 213 -33.26 25.00 74.11
N ARG EA 214 -33.04 24.75 72.83
CA ARG EA 214 -33.87 23.90 72.00
C ARG EA 214 -33.06 22.66 71.63
N VAL EA 215 -33.44 21.52 72.17
CA VAL EA 215 -32.82 20.25 71.85
C VAL EA 215 -33.68 19.55 70.83
N THR EA 216 -33.05 19.06 69.77
CA THR EA 216 -33.69 18.33 68.70
C THR EA 216 -33.00 16.98 68.58
N MET EA 217 -33.74 15.91 68.79
CA MET EA 217 -33.22 14.55 68.65
C MET EA 217 -33.70 13.94 67.35
N TYR EA 218 -32.75 13.42 66.60
CA TYR EA 218 -33.03 12.71 65.35
C TYR EA 218 -33.00 11.22 65.64
N VAL EA 219 -34.16 10.60 65.66
CA VAL EA 219 -34.34 9.24 66.14
C VAL EA 219 -34.70 8.34 64.97
N GLN EA 220 -34.62 7.05 65.23
CA GLN EA 220 -34.90 6.01 64.23
C GLN EA 220 -35.61 4.90 64.97
N PHE EA 221 -36.86 4.67 64.62
CA PHE EA 221 -37.70 3.66 65.24
C PHE EA 221 -37.76 2.40 64.39
N ARG EA 222 -38.36 1.36 64.95
CA ARG EA 222 -38.44 0.07 64.30
C ARG EA 222 -39.64 -0.70 64.84
N GLU EA 223 -40.21 -1.53 63.99
CA GLU EA 223 -41.28 -2.47 64.35
C GLU EA 223 -42.52 -1.73 64.84
N PHE EA 224 -43.17 -1.08 63.88
CA PHE EA 224 -44.53 -0.57 64.01
C PHE EA 224 -45.42 -1.58 64.70
N ASN EA 225 -46.02 -1.17 65.82
CA ASN EA 225 -46.72 -2.09 66.72
C ASN EA 225 -48.05 -1.53 67.15
N LEU EA 226 -48.78 -0.94 66.22
CA LEU EA 226 -50.08 -0.38 66.56
C LEU EA 226 -51.05 -1.49 66.95
N LYS EA 227 -51.89 -1.20 67.93
CA LYS EA 227 -52.91 -2.12 68.41
C LYS EA 227 -54.27 -1.50 68.21
N ASP EA 228 -55.16 -2.23 67.56
CA ASP EA 228 -56.47 -1.73 67.14
C ASP EA 228 -57.56 -2.63 67.72
N PRO EA 229 -57.97 -2.39 68.96
CA PRO EA 229 -59.11 -3.11 69.51
C PRO EA 229 -60.40 -2.59 68.92
N PRO EA 230 -61.51 -3.31 69.10
CA PRO EA 230 -62.80 -2.78 68.66
C PRO EA 230 -63.26 -1.61 69.50
N LEU EA 231 -64.45 -1.09 69.18
CA LEU EA 231 -65.00 0.07 69.88
C LEU EA 231 -66.51 -0.08 70.08
N GLY FA 43 9.34 9.53 70.73
CA GLY FA 43 7.94 9.45 71.03
C GLY FA 43 7.23 10.78 70.97
N ILE FA 44 6.88 11.20 69.78
CA ILE FA 44 6.34 12.52 69.55
C ILE FA 44 4.87 12.56 69.93
N PHE FA 45 4.46 13.70 70.47
CA PHE FA 45 3.06 13.96 70.79
C PHE FA 45 2.82 15.45 70.64
N ASN FA 46 2.20 15.83 69.54
CA ASN FA 46 1.78 17.20 69.33
C ASN FA 46 0.43 17.42 69.97
N THR FA 47 0.34 18.44 70.81
CA THR FA 47 -0.92 18.79 71.46
C THR FA 47 -1.05 20.31 71.52
N ARG FA 48 -2.01 20.76 72.32
CA ARG FA 48 -2.41 22.14 72.40
C ARG FA 48 -2.77 22.47 73.84
N LEU FA 49 -2.14 23.52 74.37
CA LEU FA 49 -2.34 23.96 75.74
C LEU FA 49 -2.74 25.42 75.73
N SER FA 50 -3.72 25.76 76.57
CA SER FA 50 -4.31 27.07 76.62
C SER FA 50 -4.28 27.63 78.03
N ARG FA 51 -4.62 28.91 78.12
CA ARG FA 51 -4.52 29.71 79.33
C ARG FA 51 -5.21 31.03 79.04
N THR FA 52 -5.93 31.54 80.02
CA THR FA 52 -6.74 32.74 79.86
C THR FA 52 -6.48 33.69 81.02
N PHE FA 53 -6.37 34.98 80.70
CA PHE FA 53 -6.12 36.00 81.70
C PHE FA 53 -6.57 37.34 81.15
N GLY FA 54 -6.60 38.33 82.03
CA GLY FA 54 -7.10 39.65 81.71
C GLY FA 54 -6.05 40.71 81.49
N TYR FA 55 -6.44 41.75 80.75
CA TYR FA 55 -5.61 42.91 80.51
C TYR FA 55 -6.52 44.12 80.33
N THR FA 56 -6.22 45.19 81.04
CA THR FA 56 -7.03 46.41 81.00
C THR FA 56 -6.14 47.59 80.70
N ILE FA 57 -6.66 48.47 79.85
CA ILE FA 57 -6.06 49.76 79.53
C ILE FA 57 -6.92 50.79 80.25
N LYS FA 58 -6.41 51.34 81.34
CA LYS FA 58 -7.15 52.29 82.14
C LYS FA 58 -7.38 53.59 81.38
N ARG FA 59 -8.39 54.32 81.82
CA ARG FA 59 -8.76 55.57 81.20
C ARG FA 59 -7.75 56.67 81.50
N THR FA 60 -7.77 57.71 80.67
CA THR FA 60 -6.91 58.86 80.82
C THR FA 60 -7.67 60.12 80.44
N THR FA 61 -7.48 61.18 81.21
CA THR FA 61 -8.01 62.49 80.89
C THR FA 61 -7.21 63.21 79.82
N VAL FA 62 -6.07 62.65 79.40
CA VAL FA 62 -5.25 63.27 78.37
C VAL FA 62 -6.05 63.42 77.09
N LYS FA 63 -5.92 64.59 76.46
CA LYS FA 63 -6.68 64.89 75.25
C LYS FA 63 -6.02 64.33 74.00
N THR FA 64 -4.68 64.34 73.96
CA THR FA 64 -3.96 63.91 72.79
C THR FA 64 -4.16 62.43 72.53
N PRO FA 65 -3.80 61.96 71.32
CA PRO FA 65 -3.73 60.53 71.10
C PRO FA 65 -2.44 59.98 71.67
N SER FA 66 -2.54 59.27 72.78
CA SER FA 66 -1.43 58.59 73.40
C SER FA 66 -1.67 57.09 73.40
N TRP FA 67 -0.59 56.34 73.47
CA TRP FA 67 -0.64 54.88 73.44
C TRP FA 67 -0.07 54.29 74.70
N ALA FA 68 -0.62 53.14 75.07
CA ALA FA 68 -0.19 52.37 76.23
C ALA FA 68 0.56 51.16 75.75
N VAL FA 69 1.80 51.03 76.18
CA VAL FA 69 2.71 50.00 75.71
C VAL FA 69 2.85 48.95 76.80
N ASP FA 70 2.91 47.70 76.39
CA ASP FA 70 3.10 46.59 77.31
C ASP FA 70 3.70 45.42 76.54
N MET FA 71 4.16 44.45 77.30
CA MET FA 71 4.88 43.28 76.78
C MET FA 71 4.11 42.01 77.12
N MET FA 72 4.54 40.92 76.48
CA MET FA 72 3.90 39.63 76.68
C MET FA 72 4.91 38.53 76.42
N ARG FA 73 5.24 37.79 77.47
CA ARG FA 73 6.09 36.60 77.40
C ARG FA 73 5.24 35.35 77.57
N PHE FA 74 5.84 34.21 77.26
CA PHE FA 74 5.17 32.92 77.33
C PHE FA 74 6.08 31.92 78.00
N ASN FA 75 5.59 31.30 79.08
CA ASN FA 75 6.29 30.23 79.77
C ASN FA 75 5.36 29.03 79.89
N ILE FA 76 5.96 27.84 79.88
CA ILE FA 76 5.19 26.61 79.91
C ILE FA 76 4.73 26.23 81.30
N ASN FA 77 5.27 26.85 82.35
CA ASN FA 77 4.77 26.58 83.69
C ASN FA 77 3.34 27.07 83.86
N ASP FA 78 2.98 28.13 83.14
CA ASP FA 78 1.64 28.69 83.22
C ASP FA 78 0.61 27.88 82.46
N PHE FA 79 1.04 26.96 81.61
CA PHE FA 79 0.16 26.10 80.85
C PHE FA 79 0.17 24.66 81.33
N LEU FA 80 1.29 24.19 81.85
CA LEU FA 80 1.48 22.82 82.29
C LEU FA 80 1.67 22.77 83.79
N PRO FA 81 0.74 22.26 84.58
CA PRO FA 81 0.92 22.29 86.01
C PRO FA 81 1.91 21.24 86.47
N PRO FA 82 2.31 21.26 87.74
CA PRO FA 82 3.13 20.17 88.27
C PRO FA 82 2.31 18.91 88.43
N GLY FA 83 2.98 17.78 88.26
CA GLY FA 83 2.32 16.50 88.36
C GLY FA 83 2.20 16.02 89.78
N GLY FA 84 2.39 14.72 89.96
CA GLY FA 84 2.32 14.12 91.27
C GLY FA 84 3.07 12.83 91.37
N GLY FA 85 3.88 12.68 92.41
CA GLY FA 85 4.64 11.48 92.62
C GLY FA 85 5.96 11.47 91.88
N SER FA 86 6.31 10.31 91.33
CA SER FA 86 7.56 10.18 90.61
C SER FA 86 7.56 10.93 89.28
N ASN FA 87 6.38 11.32 88.79
CA ASN FA 87 6.28 12.12 87.59
C ASN FA 87 6.21 13.58 87.97
N PRO FA 88 7.24 14.40 87.73
CA PRO FA 88 7.21 15.77 88.23
C PRO FA 88 6.22 16.66 87.52
N ARG FA 89 5.84 16.33 86.29
CA ARG FA 89 4.90 17.12 85.50
C ARG FA 89 3.70 16.28 85.12
N SER FA 90 2.63 16.97 84.72
CA SER FA 90 1.36 16.32 84.45
C SER FA 90 1.32 15.67 83.07
N VAL FA 91 2.14 16.14 82.14
CA VAL FA 91 2.31 15.52 80.83
C VAL FA 91 3.61 14.72 80.87
N PRO FA 92 3.56 13.39 80.85
CA PRO FA 92 4.79 12.63 81.11
C PRO FA 92 5.73 12.53 79.91
N PHE FA 93 6.47 13.60 79.69
CA PHE FA 93 7.46 13.67 78.64
C PHE FA 93 8.69 14.40 79.16
N GLU FA 94 9.81 14.21 78.49
CA GLU FA 94 11.10 14.77 78.88
C GLU FA 94 11.39 16.09 78.19
N TYR FA 95 11.26 16.12 76.88
CA TYR FA 95 11.65 17.26 76.06
C TYR FA 95 10.43 17.93 75.46
N TYR FA 96 10.61 19.17 75.04
CA TYR FA 96 9.55 19.92 74.40
C TYR FA 96 10.16 20.97 73.50
N ARG FA 97 9.33 21.48 72.60
CA ARG FA 97 9.68 22.65 71.81
C ARG FA 97 8.39 23.28 71.32
N ILE FA 98 8.25 24.57 71.54
CA ILE FA 98 7.02 25.28 71.20
C ILE FA 98 7.05 25.60 69.72
N ARG FA 99 6.04 25.14 69.00
CA ARG FA 99 5.93 25.30 67.57
C ARG FA 99 5.27 26.62 67.19
N LYS FA 100 4.14 26.93 67.82
CA LYS FA 100 3.36 28.11 67.51
C LYS FA 100 2.67 28.59 68.77
N VAL FA 101 2.27 29.85 68.75
CA VAL FA 101 1.42 30.44 69.78
C VAL FA 101 0.35 31.26 69.08
N LYS FA 102 -0.85 31.21 69.64
CA LYS FA 102 -2.00 31.99 69.19
C LYS FA 102 -2.45 32.85 70.35
N VAL FA 103 -2.20 34.14 70.26
CA VAL FA 103 -2.68 35.11 71.22
C VAL FA 103 -3.96 35.71 70.68
N GLU FA 104 -5.03 35.64 71.46
CA GLU FA 104 -6.35 36.11 71.09
C GLU FA 104 -6.77 37.17 72.10
N PHE FA 105 -6.97 38.39 71.62
CA PHE FA 105 -7.54 39.46 72.43
C PHE FA 105 -9.04 39.43 72.23
N TRP FA 106 -9.73 38.81 73.18
CA TRP FA 106 -11.17 38.77 73.16
C TRP FA 106 -11.71 40.00 73.89
N PRO FA 107 -12.46 40.88 73.25
CA PRO FA 107 -12.88 42.10 73.93
C PRO FA 107 -13.90 41.84 75.02
N CYS FA 108 -13.93 42.77 75.95
CA CYS FA 108 -14.90 42.79 77.03
C CYS FA 108 -15.84 43.97 76.95
N SER FA 109 -15.74 44.79 75.93
CA SER FA 109 -16.42 46.06 75.83
C SER FA 109 -17.56 45.97 74.82
N PRO FA 110 -18.62 46.73 75.01
CA PRO FA 110 -19.75 46.66 74.08
C PRO FA 110 -19.43 47.30 72.75
N ILE FA 111 -20.22 46.92 71.74
CA ILE FA 111 -20.06 47.50 70.42
C ILE FA 111 -20.57 48.93 70.32
N THR FA 112 -21.20 49.45 71.37
CA THR FA 112 -21.65 50.82 71.42
C THR FA 112 -20.64 51.76 72.04
N GLN FA 113 -19.47 51.27 72.45
CA GLN FA 113 -18.51 52.10 73.13
C GLN FA 113 -17.82 53.01 72.12
N GLY FA 114 -17.70 54.28 72.47
CA GLY FA 114 -17.08 55.27 71.63
C GLY FA 114 -15.64 55.54 72.00
N ASP FA 115 -15.13 56.65 71.50
CA ASP FA 115 -13.73 57.03 71.66
C ASP FA 115 -12.83 55.91 71.16
N ARG FA 116 -13.18 55.36 70.01
CA ARG FA 116 -12.44 54.26 69.43
C ARG FA 116 -11.03 54.72 69.05
N GLY FA 117 -10.19 53.72 68.79
CA GLY FA 117 -8.79 53.96 68.55
C GLY FA 117 -8.15 52.96 67.63
N VAL FA 118 -6.85 53.05 67.47
CA VAL FA 118 -6.12 52.18 66.57
C VAL FA 118 -4.72 51.96 67.12
N GLY FA 119 -4.34 50.70 67.24
CA GLY FA 119 -3.08 50.30 67.82
C GLY FA 119 -2.30 49.36 66.95
N SER FA 120 -1.33 48.68 67.55
CA SER FA 120 -0.42 47.84 66.80
C SER FA 120 0.11 46.73 67.71
N SER FA 121 0.24 45.54 67.13
CA SER FA 121 0.86 44.40 67.79
C SER FA 121 1.99 43.90 66.92
N ALA FA 122 3.16 43.73 67.52
CA ALA FA 122 4.36 43.30 66.81
C ALA FA 122 4.99 42.12 67.52
N VAL FA 123 5.82 41.41 66.78
CA VAL FA 123 6.47 40.18 67.23
C VAL FA 123 7.91 40.49 67.57
N ILE FA 124 8.28 40.24 68.82
CA ILE FA 124 9.56 40.65 69.39
C ILE FA 124 10.22 39.41 69.98
N LEU FA 125 11.15 38.83 69.24
CA LEU FA 125 11.70 37.52 69.55
C LEU FA 125 13.00 37.58 70.34
N ASP FA 126 13.24 38.63 71.15
CA ASP FA 126 14.55 38.83 71.75
C ASP FA 126 14.57 39.39 73.16
N ASP FA 127 13.42 39.61 73.79
CA ASP FA 127 13.37 40.01 75.20
C ASP FA 127 13.90 41.42 75.41
N ASN FA 128 13.81 42.27 74.39
CA ASN FA 128 14.07 43.70 74.52
C ASN FA 128 12.90 44.40 73.87
N PHE FA 129 11.91 44.69 74.69
CA PHE FA 129 10.69 45.36 74.30
C PHE FA 129 10.85 46.86 74.45
N VAL FA 130 9.97 47.60 73.78
CA VAL FA 130 9.82 49.00 74.08
C VAL FA 130 9.38 49.12 75.54
N THR FA 131 9.91 50.13 76.22
CA THR FA 131 9.65 50.28 77.63
C THR FA 131 8.16 50.45 77.88
N LYS FA 132 7.69 49.83 78.96
CA LYS FA 132 6.29 49.94 79.33
C LYS FA 132 5.94 51.39 79.64
N ALA FA 133 4.87 51.86 79.01
CA ALA FA 133 4.44 53.24 79.11
C ALA FA 133 2.93 53.29 79.28
N THR FA 134 2.48 54.31 80.00
CA THR FA 134 1.06 54.54 80.23
C THR FA 134 0.45 55.39 79.13
N ALA FA 135 1.07 56.53 78.81
CA ALA FA 135 0.59 57.44 77.77
C ALA FA 135 1.81 57.94 77.01
N LEU FA 136 2.19 57.21 75.98
CA LEU FA 136 3.26 57.60 75.08
C LEU FA 136 2.69 58.32 73.87
N THR FA 137 3.41 59.33 73.40
CA THR FA 137 2.91 60.23 72.38
C THR FA 137 2.93 59.65 70.97
N TYR FA 138 3.22 58.36 70.81
CA TYR FA 138 3.27 57.75 69.49
C TYR FA 138 3.15 56.25 69.66
N ASP FA 139 2.89 55.58 68.55
CA ASP FA 139 2.81 54.12 68.50
C ASP FA 139 4.17 53.58 68.08
N PRO FA 140 4.94 52.98 68.99
CA PRO FA 140 6.28 52.54 68.61
C PRO FA 140 6.27 51.37 67.66
N TYR FA 141 5.28 50.49 67.77
CA TYR FA 141 5.23 49.27 67.00
C TYR FA 141 4.56 49.46 65.64
N VAL FA 142 4.41 50.69 65.18
CA VAL FA 142 3.62 50.94 63.98
C VAL FA 142 4.43 50.65 62.73
N ASN FA 143 5.71 51.01 62.72
CA ASN FA 143 6.55 50.81 61.55
C ASN FA 143 7.25 49.46 61.55
N TYR FA 144 6.95 48.61 62.51
CA TYR FA 144 7.53 47.27 62.53
C TYR FA 144 7.00 46.43 61.40
N SER FA 145 7.88 45.60 60.84
CA SER FA 145 7.51 44.73 59.74
C SER FA 145 6.47 43.70 60.15
N SER FA 146 6.37 43.38 61.43
CA SER FA 146 5.40 42.43 61.94
C SER FA 146 4.21 43.10 62.58
N ARG FA 147 3.92 44.34 62.23
CA ARG FA 147 2.82 45.07 62.82
C ARG FA 147 1.51 44.62 62.19
N HIS FA 148 0.54 44.33 63.04
CA HIS FA 148 -0.85 44.16 62.66
C HIS FA 148 -1.63 45.23 63.40
N THR FA 149 -2.58 45.83 62.71
CA THR FA 149 -3.40 46.87 63.31
C THR FA 149 -4.38 46.28 64.30
N ILE FA 150 -4.49 46.93 65.45
CA ILE FA 150 -5.48 46.61 66.47
C ILE FA 150 -6.55 47.67 66.38
N THR FA 151 -7.73 47.27 65.90
CA THR FA 151 -8.91 48.08 66.06
C THR FA 151 -9.43 47.92 67.48
N GLN FA 152 -9.80 49.04 68.10
CA GLN FA 152 -10.20 49.10 69.48
C GLN FA 152 -11.60 49.72 69.57
N PRO FA 153 -12.33 49.46 70.65
CA PRO FA 153 -12.13 48.56 71.79
C PRO FA 153 -12.83 47.22 71.68
N PHE FA 154 -13.79 47.12 70.76
CA PHE FA 154 -14.72 46.00 70.71
C PHE FA 154 -14.42 45.04 69.58
N SER FA 155 -13.17 44.92 69.19
CA SER FA 155 -12.77 44.13 68.04
C SER FA 155 -11.77 43.08 68.44
N TYR FA 156 -11.88 41.92 67.80
CA TYR FA 156 -11.03 40.79 68.06
C TYR FA 156 -9.72 40.89 67.29
N HIS FA 157 -8.63 40.51 67.95
CA HIS FA 157 -7.30 40.57 67.40
C HIS FA 157 -6.59 39.26 67.71
N SER FA 158 -6.13 38.58 66.67
CA SER FA 158 -5.36 37.36 66.79
C SER FA 158 -3.98 37.54 66.20
N ARG FA 159 -3.02 36.84 66.78
CA ARG FA 159 -1.65 36.78 66.27
C ARG FA 159 -1.18 35.35 66.39
N TYR FA 160 -0.70 34.79 65.29
CA TYR FA 160 -0.26 33.41 65.21
C TYR FA 160 1.15 33.40 64.67
N PHE FA 161 2.08 32.95 65.50
CA PHE FA 161 3.50 33.06 65.19
C PHE FA 161 4.26 31.99 65.95
N THR FA 162 5.55 31.91 65.66
CA THR FA 162 6.46 30.95 66.26
C THR FA 162 7.38 31.65 67.24
N PRO FA 163 7.26 31.44 68.54
CA PRO FA 163 8.13 32.14 69.47
C PRO FA 163 9.54 31.57 69.49
N LYS FA 164 10.40 32.18 70.29
CA LYS FA 164 11.78 31.77 70.43
C LYS FA 164 12.15 31.80 71.90
N PRO FA 165 12.98 30.88 72.37
CA PRO FA 165 13.36 30.89 73.78
C PRO FA 165 14.51 31.83 74.07
N VAL FA 166 14.57 32.22 75.34
CA VAL FA 166 15.59 33.14 75.83
C VAL FA 166 16.73 32.28 76.33
N LEU FA 167 17.66 31.96 75.43
CA LEU FA 167 18.82 31.15 75.78
C LEU FA 167 19.91 31.99 76.42
N ASP FA 168 20.19 33.16 75.86
CA ASP FA 168 21.14 34.11 76.44
C ASP FA 168 20.57 35.50 76.27
N SER FA 169 20.15 36.10 77.38
CA SER FA 169 19.60 37.44 77.35
C SER FA 169 20.65 38.50 77.10
N THR FA 170 21.93 38.18 77.28
CA THR FA 170 23.00 39.13 77.03
C THR FA 170 23.25 39.33 75.55
N ILE FA 171 23.20 38.24 74.78
CA ILE FA 171 23.49 38.26 73.35
C ILE FA 171 22.19 38.26 72.57
N ASP FA 172 21.18 37.58 73.09
CA ASP FA 172 19.85 37.54 72.51
C ASP FA 172 19.90 36.99 71.08
N TYR FA 173 20.28 35.73 70.97
CA TYR FA 173 20.33 35.01 69.71
C TYR FA 173 19.18 34.03 69.61
N PHE FA 174 18.69 33.84 68.39
CA PHE FA 174 17.60 32.93 68.15
C PHE FA 174 17.73 32.32 66.75
N GLN FA 175 17.03 31.30 66.56
CA GLN FA 175 17.03 30.52 65.33
C GLN FA 175 15.96 31.01 64.37
N PRO FA 176 16.18 30.90 63.06
CA PRO FA 176 15.08 31.11 62.14
C PRO FA 176 14.09 29.95 62.14
N ASN FA 177 12.99 30.12 61.44
CA ASN FA 177 11.93 29.13 61.46
C ASN FA 177 12.33 27.92 60.64
N ASN FA 178 12.45 26.78 61.31
CA ASN FA 178 12.76 25.51 60.64
C ASN FA 178 12.19 24.43 61.53
N LYS FA 179 11.19 23.71 61.04
CA LYS FA 179 10.56 22.70 61.86
C LYS FA 179 11.52 21.55 62.14
N ARG FA 180 12.44 21.27 61.23
CA ARG FA 180 13.32 20.12 61.36
C ARG FA 180 14.51 20.40 62.25
N ASN FA 181 14.93 21.66 62.36
CA ASN FA 181 16.13 22.04 63.10
C ASN FA 181 15.84 22.75 64.40
N GLN FA 182 14.58 22.90 64.78
CA GLN FA 182 14.23 23.60 66.00
C GLN FA 182 14.74 22.83 67.21
N LEU FA 183 15.35 23.56 68.14
CA LEU FA 183 15.94 22.97 69.32
C LEU FA 183 14.88 22.34 70.20
N TRP FA 184 15.26 21.24 70.83
CA TRP FA 184 14.47 20.63 71.89
C TRP FA 184 15.00 21.13 73.22
N LEU FA 185 14.11 21.67 74.01
CA LEU FA 185 14.40 22.05 75.39
C LEU FA 185 13.93 20.94 76.31
N ARG FA 186 14.40 21.00 77.55
CA ARG FA 186 13.97 20.09 78.58
C ARG FA 186 12.79 20.67 79.33
N LEU FA 187 11.83 19.82 79.60
CA LEU FA 187 10.68 20.15 80.43
C LEU FA 187 11.13 20.05 81.89
N GLN FA 188 11.58 21.17 82.42
CA GLN FA 188 12.06 21.22 83.79
C GLN FA 188 10.90 21.04 84.76
N THR FA 189 11.25 20.94 86.04
CA THR FA 189 10.25 20.74 87.08
C THR FA 189 9.58 22.05 87.47
N ALA FA 190 10.38 23.07 87.82
CA ALA FA 190 9.82 24.37 88.20
C ALA FA 190 10.66 25.55 87.70
N GLY FA 191 11.42 25.38 86.63
CA GLY FA 191 12.36 26.40 86.19
C GLY FA 191 12.47 26.58 84.70
N ASN FA 192 11.39 26.35 83.98
CA ASN FA 192 11.43 26.44 82.53
C ASN FA 192 11.73 27.85 82.06
N VAL FA 193 12.24 27.94 80.84
CA VAL FA 193 12.73 29.18 80.27
C VAL FA 193 11.60 29.92 79.59
N ASP FA 194 11.68 31.24 79.64
CA ASP FA 194 10.63 32.08 79.10
C ASP FA 194 10.76 32.20 77.60
N HIS FA 195 9.68 31.94 76.89
CA HIS FA 195 9.57 32.24 75.48
C HIS FA 195 8.97 33.62 75.30
N VAL FA 196 9.26 34.21 74.15
CA VAL FA 196 9.04 35.63 73.93
C VAL FA 196 8.56 35.81 72.50
N GLY FA 197 7.99 36.98 72.21
CA GLY FA 197 7.41 37.18 70.90
C GLY FA 197 6.19 38.05 70.70
N LEU FA 198 5.74 38.82 71.69
CA LEU FA 198 4.68 39.78 71.38
C LEU FA 198 4.78 41.04 72.22
N GLY FA 199 4.65 42.17 71.54
CA GLY FA 199 4.51 43.45 72.19
C GLY FA 199 3.39 44.23 71.54
N THR FA 200 2.71 45.03 72.36
CA THR FA 200 1.48 45.69 71.98
C THR FA 200 1.57 47.18 72.24
N ALA FA 201 0.68 47.92 71.58
CA ALA FA 201 0.48 49.34 71.82
C ALA FA 201 -0.99 49.65 71.61
N PHE FA 202 -1.68 49.98 72.69
CA PHE FA 202 -3.09 50.29 72.68
C PHE FA 202 -3.30 51.79 72.86
N GLU FA 203 -4.19 52.35 72.06
CA GLU FA 203 -4.52 53.76 72.17
C GLU FA 203 -5.46 53.98 73.33
N ASN FA 204 -5.11 54.91 74.19
CA ASN FA 204 -5.88 55.17 75.38
C ASN FA 204 -7.20 55.83 75.04
N SER FA 205 -8.09 55.87 76.02
CA SER FA 205 -9.46 56.32 75.83
C SER FA 205 -10.00 56.89 77.13
N ILE FA 206 -11.14 57.57 77.02
CA ILE FA 206 -11.82 58.08 78.21
C ILE FA 206 -12.41 56.96 79.02
N TYR FA 207 -12.77 55.85 78.38
CA TYR FA 207 -13.35 54.70 79.03
C TYR FA 207 -12.30 53.61 79.19
N ASP FA 208 -12.53 52.74 80.16
CA ASP FA 208 -11.64 51.61 80.37
C ASP FA 208 -11.85 50.56 79.31
N GLN FA 209 -10.76 50.04 78.76
CA GLN FA 209 -10.78 49.01 77.73
C GLN FA 209 -10.25 47.72 78.34
N GLU FA 210 -11.13 46.76 78.54
CA GLU FA 210 -10.78 45.48 79.11
C GLU FA 210 -10.74 44.41 78.03
N TYR FA 211 -9.88 43.42 78.26
CA TYR FA 211 -9.72 42.31 77.35
C TYR FA 211 -9.50 41.03 78.14
N ASN FA 212 -9.99 39.92 77.60
CA ASN FA 212 -9.70 38.58 78.09
C ASN FA 212 -8.77 37.93 77.09
N ILE FA 213 -7.51 37.73 77.47
CA ILE FA 213 -6.49 37.26 76.55
C ILE FA 213 -6.34 35.76 76.74
N ARG FA 214 -6.51 35.02 75.65
CA ARG FA 214 -6.39 33.57 75.63
C ARG FA 214 -5.18 33.21 74.78
N VAL FA 215 -4.15 32.70 75.43
CA VAL FA 215 -2.94 32.23 74.77
C VAL FA 215 -3.05 30.73 74.62
N THR FA 216 -2.78 30.25 73.41
CA THR FA 216 -2.78 28.83 73.08
C THR FA 216 -1.42 28.50 72.51
N MET FA 217 -0.71 27.60 73.16
CA MET FA 217 0.59 27.12 72.70
C MET FA 217 0.47 25.74 72.08
N TYR FA 218 0.99 25.61 70.88
CA TYR FA 218 1.02 24.35 70.16
C TYR FA 218 2.41 23.75 70.34
N VAL FA 219 2.51 22.72 71.16
CA VAL FA 219 3.78 22.19 71.61
C VAL FA 219 3.98 20.80 71.02
N GLN FA 220 5.21 20.32 71.13
CA GLN FA 220 5.62 19.03 70.61
C GLN FA 220 6.57 18.44 71.63
N PHE FA 221 6.16 17.33 72.23
CA PHE FA 221 6.94 16.65 73.26
C PHE FA 221 7.68 15.45 72.66
N ARG FA 222 8.54 14.86 73.49
CA ARG FA 222 9.38 13.76 73.06
C ARG FA 222 9.77 12.94 74.28
N GLU FA 223 9.96 11.63 74.05
CA GLU FA 223 10.48 10.70 75.04
C GLU FA 223 9.56 10.60 76.26
N PHE FA 224 8.42 9.97 76.01
CA PHE FA 224 7.52 9.48 77.04
C PHE FA 224 8.29 8.81 78.15
N ASN FA 225 8.14 9.30 79.38
CA ASN FA 225 8.97 8.91 80.50
C ASN FA 225 8.16 8.62 81.74
N LEU FA 226 7.04 7.95 81.57
CA LEU FA 226 6.19 7.64 82.72
C LEU FA 226 6.92 6.68 83.65
N LYS FA 227 6.71 6.88 84.95
CA LYS FA 227 7.29 6.05 85.99
C LYS FA 227 6.16 5.41 86.79
N ASP FA 228 6.23 4.09 86.93
CA ASP FA 228 5.15 3.30 87.53
C ASP FA 228 5.71 2.50 88.69
N PRO FA 229 5.81 3.09 89.87
CA PRO FA 229 6.19 2.34 91.05
C PRO FA 229 5.04 1.46 91.52
N PRO FA 230 5.31 0.49 92.40
CA PRO FA 230 4.21 -0.28 92.98
C PRO FA 230 3.35 0.54 93.92
N LEU FA 231 2.34 -0.10 94.50
CA LEU FA 231 1.40 0.56 95.40
C LEU FA 231 1.03 -0.34 96.58
N GLY GA 43 20.90 52.07 44.90
CA GLY GA 43 20.57 51.34 46.11
C GLY GA 43 19.15 51.57 46.58
N ILE GA 44 18.23 50.87 45.97
CA ILE GA 44 16.81 51.09 46.20
C ILE GA 44 16.38 50.45 47.50
N PHE GA 45 15.46 51.11 48.19
CA PHE GA 45 14.85 50.58 49.39
C PHE GA 45 13.42 51.12 49.47
N ASN GA 46 12.47 50.28 49.11
CA ASN GA 46 11.07 50.61 49.27
C ASN GA 46 10.62 50.28 50.69
N THR GA 47 10.02 51.26 51.36
CA THR GA 47 9.51 51.06 52.70
C THR GA 47 8.19 51.79 52.85
N ARG GA 48 7.75 51.92 54.11
CA ARG GA 48 6.45 52.44 54.45
C ARG GA 48 6.57 53.25 55.73
N LEU GA 49 6.10 54.50 55.68
CA LEU GA 49 6.17 55.43 56.79
C LEU GA 49 4.76 55.93 57.09
N SER GA 50 4.44 56.02 58.37
CA SER GA 50 3.11 56.36 58.83
C SER GA 50 3.17 57.51 59.82
N ARG GA 51 1.98 58.03 60.12
CA ARG GA 51 1.79 59.22 60.93
C ARG GA 51 0.30 59.32 61.22
N THR GA 52 -0.04 59.73 62.43
CA THR GA 52 -1.42 59.76 62.89
C THR GA 52 -1.70 61.11 63.54
N PHE GA 53 -2.88 61.66 63.26
CA PHE GA 53 -3.29 62.94 63.80
C PHE GA 53 -4.80 63.03 63.73
N GLY GA 54 -5.33 64.05 64.39
CA GLY GA 54 -6.76 64.24 64.52
C GLY GA 54 -7.36 65.31 63.64
N TYR GA 55 -8.66 65.18 63.39
CA TYR GA 55 -9.44 66.15 62.64
C TYR GA 55 -10.87 66.10 63.17
N THR GA 56 -11.41 67.27 63.48
CA THR GA 56 -12.76 67.39 64.02
C THR GA 56 -13.56 68.37 63.19
N ILE GA 57 -14.82 68.01 62.96
CA ILE GA 57 -15.80 68.86 62.33
C ILE GA 57 -16.75 69.30 63.44
N LYS GA 58 -16.62 70.55 63.87
CA LYS GA 58 -17.40 71.06 64.97
C LYS GA 58 -18.88 71.14 64.59
N ARG GA 59 -19.72 71.16 65.62
CA ARG GA 59 -21.16 71.22 65.46
C ARG GA 59 -21.60 72.59 64.97
N THR GA 60 -22.80 72.62 64.39
CA THR GA 60 -23.41 73.84 63.91
C THR GA 60 -24.91 73.81 64.18
N THR GA 61 -25.45 74.94 64.62
CA THR GA 61 -26.89 75.12 64.77
C THR GA 61 -27.61 75.34 63.45
N VAL GA 62 -26.87 75.49 62.34
CA VAL GA 62 -27.48 75.70 61.04
C VAL GA 62 -28.38 74.53 60.69
N LYS GA 63 -29.55 74.84 60.16
CA LYS GA 63 -30.54 73.82 59.83
C LYS GA 63 -30.27 73.18 58.47
N THR GA 64 -29.81 73.98 57.52
CA THR GA 64 -29.61 73.51 56.16
C THR GA 64 -28.53 72.45 56.10
N PRO GA 65 -28.44 71.72 54.99
CA PRO GA 65 -27.27 70.88 54.77
C PRO GA 65 -26.12 71.72 54.26
N SER GA 66 -25.14 71.95 55.12
CA SER GA 66 -23.92 72.65 54.78
C SER GA 66 -22.74 71.71 54.94
N TRP GA 67 -21.67 72.03 54.22
CA TRP GA 67 -20.46 71.22 54.22
C TRP GA 67 -19.27 72.01 54.72
N ALA GA 68 -18.36 71.29 55.35
CA ALA GA 68 -17.12 71.83 55.89
C ALA GA 68 -15.97 71.38 55.00
N VAL GA 69 -15.27 72.34 54.43
CA VAL GA 69 -14.22 72.08 53.46
C VAL GA 69 -12.87 72.26 54.13
N ASP GA 70 -11.92 71.40 53.78
CA ASP GA 70 -10.57 71.48 54.29
C ASP GA 70 -9.64 70.79 53.31
N MET GA 71 -8.36 71.01 53.51
CA MET GA 71 -7.29 70.53 52.64
C MET GA 71 -6.37 69.61 53.41
N MET GA 72 -5.51 68.92 52.65
CA MET GA 72 -4.58 67.96 53.23
C MET GA 72 -3.36 67.87 52.32
N ARG GA 73 -2.21 68.29 52.83
CA ARG GA 73 -0.92 68.16 52.18
C ARG GA 73 -0.10 67.09 52.88
N PHE GA 74 0.98 66.67 52.24
CA PHE GA 74 1.86 65.63 52.75
C PHE GA 74 3.30 66.07 52.58
N ASN GA 75 4.05 66.08 53.68
CA ASN GA 75 5.47 66.36 53.67
C ASN GA 75 6.20 65.25 54.40
N ILE GA 76 7.43 64.99 53.96
CA ILE GA 76 8.22 63.90 54.51
C ILE GA 76 8.88 64.24 55.83
N ASN GA 77 8.94 65.52 56.20
CA ASN GA 77 9.48 65.87 57.50
C ASN GA 77 8.59 65.36 58.63
N ASP GA 78 7.29 65.27 58.38
CA ASP GA 78 6.36 64.79 59.38
C ASP GA 78 6.40 63.28 59.55
N PHE GA 79 7.03 62.56 58.64
CA PHE GA 79 7.14 61.11 58.71
C PHE GA 79 8.55 60.65 59.03
N LEU GA 80 9.55 61.41 58.61
CA LEU GA 80 10.96 61.06 58.78
C LEU GA 80 11.63 62.05 59.71
N PRO GA 81 12.02 61.69 60.93
CA PRO GA 81 12.59 62.67 61.82
C PRO GA 81 14.03 62.99 61.44
N PRO GA 82 14.61 63.99 62.07
CA PRO GA 82 16.03 64.24 61.87
C PRO GA 82 16.87 63.19 62.55
N GLY GA 83 18.02 62.91 61.95
CA GLY GA 83 18.90 61.90 62.47
C GLY GA 83 19.81 62.41 63.56
N GLY GA 84 21.06 61.96 63.55
CA GLY GA 84 22.02 62.39 64.53
C GLY GA 84 23.44 62.23 64.05
N GLY GA 85 24.25 63.27 64.24
CA GLY GA 85 25.63 63.23 63.85
C GLY GA 85 25.84 63.60 62.39
N SER GA 86 26.75 62.88 61.74
CA SER GA 86 27.06 63.15 60.35
C SER GA 86 25.93 62.75 59.41
N ASN GA 87 24.98 61.95 59.89
CA ASN GA 87 23.82 61.58 59.10
C ASN GA 87 22.68 62.53 59.45
N PRO GA 88 22.28 63.43 58.55
CA PRO GA 88 21.28 64.43 58.94
C PRO GA 88 19.89 63.88 59.13
N ARG GA 89 19.59 62.73 58.53
CA ARG GA 89 18.28 62.11 58.63
C ARG GA 89 18.42 60.70 59.19
N SER GA 90 17.28 60.17 59.65
CA SER GA 90 17.27 58.89 60.35
C SER GA 90 17.30 57.71 59.39
N VAL GA 91 16.85 57.91 58.16
CA VAL GA 91 16.96 56.90 57.09
C VAL GA 91 18.12 57.31 56.21
N PRO GA 92 19.24 56.57 56.21
CA PRO GA 92 20.44 57.07 55.52
C PRO GA 92 20.43 56.89 54.02
N PHE GA 93 19.69 57.77 53.35
CA PHE GA 93 19.61 57.79 51.90
C PHE GA 93 19.63 59.23 51.43
N GLU GA 94 19.96 59.41 50.16
CA GLU GA 94 20.10 60.71 49.55
C GLU GA 94 18.83 61.18 48.86
N TYR GA 95 18.26 60.34 48.01
CA TYR GA 95 17.13 60.69 47.17
C TYR GA 95 15.90 59.93 47.60
N TYR GA 96 14.74 60.44 47.18
CA TYR GA 96 13.48 59.81 47.47
C TYR GA 96 12.46 60.18 46.41
N ARG GA 97 11.39 59.41 46.35
CA ARG GA 97 10.23 59.76 45.55
C ARG GA 97 9.05 59.01 46.12
N ILE GA 98 7.96 59.73 46.38
CA ILE GA 98 6.79 59.15 47.00
C ILE GA 98 5.98 58.45 45.93
N ARG GA 99 5.73 57.16 46.13
CA ARG GA 99 5.02 56.32 45.18
C ARG GA 99 3.52 56.38 45.39
N LYS GA 100 3.07 56.22 46.63
CA LYS GA 100 1.66 56.18 46.96
C LYS GA 100 1.47 56.76 48.35
N VAL GA 101 0.23 57.17 48.63
CA VAL GA 101 -0.20 57.57 49.95
C VAL GA 101 -1.55 56.91 50.22
N LYS GA 102 -1.75 56.49 51.46
CA LYS GA 102 -2.99 55.93 51.95
C LYS GA 102 -3.46 56.80 53.10
N VAL GA 103 -4.50 57.56 52.87
CA VAL GA 103 -5.15 58.34 53.91
C VAL GA 103 -6.34 57.55 54.42
N GLU GA 104 -6.37 57.32 55.73
CA GLU GA 104 -7.40 56.54 56.39
C GLU GA 104 -8.08 57.44 57.40
N PHE GA 105 -9.37 57.66 57.22
CA PHE GA 105 -10.20 58.36 58.20
C PHE GA 105 -10.79 57.31 59.12
N TRP GA 106 -10.17 57.13 60.27
CA TRP GA 106 -10.67 56.22 61.28
C TRP GA 106 -11.64 56.97 62.18
N PRO GA 107 -12.91 56.57 62.25
CA PRO GA 107 -13.85 57.35 63.04
C PRO GA 107 -13.60 57.24 64.53
N CYS GA 108 -14.07 58.26 65.23
CA CYS GA 108 -14.03 58.33 66.68
C CYS GA 108 -15.42 58.31 67.29
N SER GA 109 -16.46 58.20 66.49
CA SER GA 109 -17.83 58.38 66.90
C SER GA 109 -18.54 57.05 66.98
N PRO GA 110 -19.52 56.90 67.87
CA PRO GA 110 -20.20 55.62 68.00
C PRO GA 110 -21.13 55.35 66.83
N ILE GA 111 -21.47 54.08 66.67
CA ILE GA 111 -22.39 53.70 65.61
C ILE GA 111 -23.83 54.07 65.91
N THR GA 112 -24.12 54.57 67.11
CA THR GA 112 -25.44 55.05 67.48
C THR GA 112 -25.64 56.52 67.21
N GLN GA 113 -24.65 57.22 66.69
CA GLN GA 113 -24.75 58.66 66.50
C GLN GA 113 -25.65 58.95 65.31
N GLY GA 114 -26.56 59.88 65.48
CA GLY GA 114 -27.48 60.28 64.46
C GLY GA 114 -27.04 61.52 63.72
N ASP GA 115 -28.00 62.11 63.01
CA ASP GA 115 -27.74 63.27 62.15
C ASP GA 115 -26.64 62.94 61.15
N ARG GA 116 -26.73 61.76 60.57
CA ARG GA 116 -25.74 61.30 59.63
C ARG GA 116 -25.74 62.16 58.37
N GLY GA 117 -24.69 62.01 57.59
CA GLY GA 117 -24.48 62.85 56.44
C GLY GA 117 -23.72 62.15 55.33
N VAL GA 118 -23.38 62.91 54.30
CA VAL GA 118 -22.70 62.37 53.13
C VAL GA 118 -21.80 63.44 52.56
N GLY GA 119 -20.53 63.09 52.36
CA GLY GA 119 -19.52 63.99 51.88
C GLY GA 119 -18.75 63.46 50.72
N SER GA 120 -17.60 64.05 50.46
CA SER GA 120 -16.81 63.73 49.28
C SER GA 120 -15.35 64.01 49.54
N SER GA 121 -14.49 63.13 49.03
CA SER GA 121 -13.05 63.30 49.06
C SER GA 121 -12.53 63.22 47.63
N ALA GA 122 -11.73 64.21 47.24
CA ALA GA 122 -11.19 64.29 45.89
C ALA GA 122 -9.69 64.48 45.95
N VAL GA 123 -9.05 64.18 44.82
CA VAL GA 123 -7.60 64.21 44.69
C VAL GA 123 -7.20 65.46 43.92
N ILE GA 124 -6.40 66.30 44.56
CA ILE GA 124 -6.07 67.63 44.07
C ILE GA 124 -4.55 67.74 44.02
N LEU GA 125 -3.99 67.57 42.83
CA LEU GA 125 -2.55 67.41 42.66
C LEU GA 125 -1.83 68.70 42.32
N ASP GA 126 -2.34 69.87 42.72
CA ASP GA 126 -1.81 71.14 42.23
C ASP GA 126 -1.76 72.28 43.24
N ASP GA 127 -2.12 72.08 44.50
CA ASP GA 127 -1.97 73.09 45.53
C ASP GA 127 -2.90 74.26 45.33
N ASN GA 128 -4.04 74.05 44.68
CA ASN GA 128 -5.11 75.03 44.59
C ASN GA 128 -6.38 74.30 44.95
N PHE GA 129 -6.68 74.32 46.25
CA PHE GA 129 -7.85 73.70 46.82
C PHE GA 129 -9.01 74.67 46.82
N VAL GA 130 -10.22 74.11 46.97
CA VAL GA 130 -11.36 74.94 47.31
C VAL GA 130 -11.09 75.59 48.65
N THR GA 131 -11.49 76.84 48.77
CA THR GA 131 -11.20 77.61 49.97
C THR GA 131 -11.79 76.94 51.19
N LYS GA 132 -11.05 76.97 52.29
CA LYS GA 132 -11.51 76.39 53.53
C LYS GA 132 -12.76 77.11 54.01
N ALA GA 133 -13.79 76.33 54.31
CA ALA GA 133 -15.09 76.85 54.70
C ALA GA 133 -15.62 76.05 55.88
N THR GA 134 -16.40 76.73 56.72
CA THR GA 134 -17.02 76.12 57.87
C THR GA 134 -18.38 75.54 57.52
N ALA GA 135 -19.24 76.32 56.87
CA ALA GA 135 -20.57 75.88 56.48
C ALA GA 135 -20.85 76.43 55.08
N LEU GA 136 -20.46 75.67 54.07
CA LEU GA 136 -20.73 75.99 52.69
C LEU GA 136 -22.00 75.30 52.23
N THR GA 137 -22.78 75.98 51.41
CA THR GA 137 -24.12 75.55 51.02
C THR GA 137 -24.12 74.42 50.00
N TYR GA 138 -22.98 73.83 49.67
CA TYR GA 138 -22.93 72.76 48.70
C TYR GA 138 -21.63 72.00 48.89
N ASP GA 139 -21.56 70.83 48.26
CA ASP GA 139 -20.38 70.00 48.27
C ASP GA 139 -19.56 70.30 47.02
N PRO GA 140 -18.43 71.01 47.12
CA PRO GA 140 -17.72 71.36 45.90
C PRO GA 140 -17.06 70.18 45.23
N TYR GA 141 -16.63 69.19 45.99
CA TYR GA 141 -15.89 68.05 45.47
C TYR GA 141 -16.80 66.93 44.97
N VAL GA 142 -18.08 67.21 44.76
CA VAL GA 142 -19.03 66.15 44.46
C VAL GA 142 -18.95 65.74 42.99
N ASN GA 143 -18.78 66.70 42.10
CA ASN GA 143 -18.74 66.42 40.67
C ASN GA 143 -17.34 66.16 40.17
N TYR GA 144 -16.36 66.09 41.06
CA TYR GA 144 -15.00 65.77 40.66
C TYR GA 144 -14.89 64.33 40.21
N SER GA 145 -14.07 64.11 39.19
CA SER GA 145 -13.87 62.77 38.66
C SER GA 145 -13.23 61.83 39.65
N SER GA 146 -12.52 62.36 40.65
CA SER GA 146 -11.88 61.58 41.68
C SER GA 146 -12.64 61.59 42.99
N ARG GA 147 -13.94 61.84 42.93
CA ARG GA 147 -14.75 61.89 44.14
C ARG GA 147 -15.07 60.49 44.60
N HIS GA 148 -14.86 60.25 45.89
CA HIS GA 148 -15.37 59.09 46.59
C HIS GA 148 -16.29 59.61 47.68
N THR GA 149 -17.41 58.93 47.85
CA THR GA 149 -18.39 59.33 48.87
C THR GA 149 -17.87 59.01 50.26
N ILE GA 150 -18.04 59.96 51.16
CA ILE GA 150 -17.75 59.80 52.57
C ILE GA 150 -19.09 59.63 53.27
N THR GA 151 -19.34 58.43 53.74
CA THR GA 151 -20.41 58.22 54.70
C THR GA 151 -19.94 58.67 56.08
N GLN GA 152 -20.80 59.39 56.77
CA GLN GA 152 -20.49 60.00 58.05
C GLN GA 152 -21.50 59.53 59.10
N PRO GA 153 -21.15 59.59 60.39
CA PRO GA 153 -19.89 59.91 61.04
C PRO GA 153 -19.04 58.71 61.45
N PHE GA 154 -19.64 57.53 61.45
CA PHE GA 154 -19.05 56.35 62.06
C PHE GA 154 -18.53 55.35 61.05
N SER GA 155 -18.12 55.83 59.88
CA SER GA 155 -17.73 54.97 58.78
C SER GA 155 -16.31 55.28 58.35
N TYR GA 156 -15.60 54.24 57.96
CA TYR GA 156 -14.22 54.31 57.55
C TYR GA 156 -14.12 54.72 56.09
N HIS GA 157 -13.15 55.56 55.79
CA HIS GA 157 -12.92 56.09 54.46
C HIS GA 157 -11.43 56.03 54.17
N SER GA 158 -11.06 55.33 53.10
CA SER GA 158 -9.69 55.23 52.65
C SER GA 158 -9.57 55.84 51.26
N ARG GA 159 -8.40 56.40 50.98
CA ARG GA 159 -8.04 56.89 49.66
C ARG GA 159 -6.59 56.52 49.41
N TYR GA 160 -6.35 55.86 48.28
CA TYR GA 160 -5.04 55.35 47.91
C TYR GA 160 -4.70 55.90 46.53
N PHE GA 161 -3.67 56.73 46.47
CA PHE GA 161 -3.36 57.46 45.26
C PHE GA 161 -1.89 57.82 45.25
N THR GA 162 -1.46 58.41 44.15
CA THR GA 162 -0.08 58.81 43.92
C THR GA 162 0.01 60.33 43.98
N PRO GA 163 0.65 60.92 44.99
CA PRO GA 163 0.70 62.38 45.05
C PRO GA 163 1.71 62.95 44.09
N LYS GA 164 1.80 64.27 44.05
CA LYS GA 164 2.71 64.98 43.18
C LYS GA 164 3.36 66.10 43.98
N PRO GA 165 4.64 66.39 43.72
CA PRO GA 165 5.29 67.47 44.45
C PRO GA 165 5.01 68.84 43.86
N VAL GA 166 5.17 69.84 44.73
CA VAL GA 166 4.94 71.24 44.37
C VAL GA 166 6.28 71.79 43.92
N LEU GA 167 6.56 71.65 42.63
CA LEU GA 167 7.80 72.14 42.05
C LEU GA 167 7.73 73.63 41.75
N ASP GA 168 6.62 74.08 41.17
CA ASP GA 168 6.38 75.50 40.93
C ASP GA 168 4.92 75.77 41.22
N SER GA 169 4.66 76.50 42.31
CA SER GA 169 3.30 76.83 42.69
C SER GA 169 2.69 77.89 41.77
N THR GA 170 3.51 78.61 41.01
CA THR GA 170 2.99 79.62 40.09
C THR GA 170 2.37 78.97 38.86
N ILE GA 171 2.99 77.93 38.34
CA ILE GA 171 2.56 77.27 37.11
C ILE GA 171 1.78 76.01 37.46
N ASP GA 172 2.19 75.34 38.54
CA ASP GA 172 1.51 74.16 39.06
C ASP GA 172 1.47 73.06 37.99
N TYR GA 173 2.66 72.57 37.64
CA TYR GA 173 2.81 71.47 36.70
C TYR GA 173 3.18 70.19 37.43
N PHE GA 174 2.72 69.07 36.89
CA PHE GA 174 3.01 67.78 37.49
C PHE GA 174 3.06 66.72 36.39
N GLN GA 175 3.60 65.63 36.74
CA GLN GA 175 3.81 64.51 35.85
C GLN GA 175 2.65 63.53 35.91
N PRO GA 176 2.34 62.84 34.83
CA PRO GA 176 1.41 61.71 34.95
C PRO GA 176 2.04 60.52 35.63
N ASN GA 177 1.23 59.51 35.90
CA ASN GA 177 1.69 58.36 36.65
C ASN GA 177 2.58 57.49 35.77
N ASN GA 178 3.83 57.35 36.17
CA ASN GA 178 4.78 56.50 35.46
C ASN GA 178 5.83 56.11 36.48
N LYS GA 179 5.89 54.83 36.83
CA LYS GA 179 6.83 54.42 37.84
C LYS GA 179 8.27 54.56 37.36
N ARG GA 180 8.50 54.44 36.06
CA ARG GA 180 9.86 54.45 35.53
C ARG GA 180 10.39 55.86 35.33
N ASN GA 181 9.51 56.83 35.13
CA ASN GA 181 9.89 58.20 34.82
C ASN GA 181 9.66 59.17 35.96
N GLN GA 182 9.21 58.70 37.12
CA GLN GA 182 8.95 59.59 38.23
C GLN GA 182 10.24 60.22 38.73
N LEU GA 183 10.17 61.51 38.97
CA LEU GA 183 11.33 62.27 39.39
C LEU GA 183 11.81 61.83 40.76
N TRP GA 184 13.12 61.85 40.94
CA TRP GA 184 13.75 61.68 42.23
C TRP GA 184 14.00 63.06 42.82
N LEU GA 185 13.50 63.28 44.02
CA LEU GA 185 13.81 64.46 44.80
C LEU GA 185 14.93 64.14 45.77
N ARG GA 186 15.51 65.21 46.33
CA ARG GA 186 16.51 65.08 47.36
C ARG GA 186 15.85 65.11 48.72
N LEU GA 187 16.33 64.22 49.59
CA LEU GA 187 15.94 64.20 50.99
C LEU GA 187 16.73 65.28 51.71
N GLN GA 188 16.13 66.46 51.78
CA GLN GA 188 16.77 67.60 52.42
C GLN GA 188 16.85 67.37 53.93
N THR GA 189 17.54 68.29 54.60
CA THR GA 189 17.72 68.20 56.03
C THR GA 189 16.51 68.70 56.79
N ALA GA 190 16.06 69.93 56.49
CA ALA GA 190 14.90 70.50 57.16
C ALA GA 190 14.01 71.33 56.23
N GLY GA 191 14.03 71.07 54.93
CA GLY GA 191 13.35 71.91 53.97
C GLY GA 191 12.68 71.18 52.83
N ASN GA 192 12.20 69.97 53.07
CA ASN GA 192 11.62 69.18 52.01
C ASN GA 192 10.34 69.82 51.47
N VAL GA 193 10.01 69.46 50.25
CA VAL GA 193 8.92 70.07 49.50
C VAL GA 193 7.62 69.35 49.82
N ASP GA 194 6.54 70.12 49.82
CA ASP GA 194 5.23 69.59 50.17
C ASP GA 194 4.63 68.85 49.00
N HIS GA 195 4.19 67.62 49.25
CA HIS GA 195 3.37 66.88 48.33
C HIS GA 195 1.90 67.13 48.64
N VAL GA 196 1.09 66.93 47.62
CA VAL GA 196 -0.29 67.39 47.63
C VAL GA 196 -1.15 66.34 46.95
N GLY GA 197 -2.47 66.43 47.15
CA GLY GA 197 -3.33 65.41 46.62
C GLY GA 197 -4.60 64.99 47.34
N LEU GA 198 -5.05 65.71 48.36
CA LEU GA 198 -6.37 65.38 48.90
C LEU GA 198 -7.10 66.59 49.44
N GLY GA 199 -8.36 66.69 49.06
CA GLY GA 199 -9.26 67.66 49.63
C GLY GA 199 -10.59 67.00 49.96
N THR GA 200 -11.21 67.49 51.02
CA THR GA 200 -12.38 66.85 51.61
C THR GA 200 -13.52 67.84 51.76
N ALA GA 201 -14.72 67.28 51.92
CA ALA GA 201 -15.91 68.05 52.24
C ALA GA 201 -16.79 67.19 53.12
N PHE GA 202 -16.92 67.59 54.38
CA PHE GA 202 -17.72 66.87 55.36
C PHE GA 202 -19.00 67.64 55.65
N GLU GA 203 -20.10 66.91 55.71
CA GLU GA 203 -21.39 67.50 56.02
C GLU GA 203 -21.49 67.73 57.52
N ASN GA 204 -21.84 68.95 57.89
CA ASN GA 204 -21.90 69.32 59.29
C ASN GA 204 -23.08 68.64 59.97
N SER GA 205 -23.07 68.71 61.30
CA SER GA 205 -24.03 68.00 62.12
C SER GA 205 -24.23 68.73 63.43
N ILE GA 206 -25.27 68.33 64.16
CA ILE GA 206 -25.53 68.88 65.48
C ILE GA 206 -24.47 68.42 66.47
N TYR GA 207 -23.91 67.24 66.25
CA TYR GA 207 -22.89 66.68 67.12
C TYR GA 207 -21.51 66.84 66.48
N ASP GA 208 -20.50 66.83 67.33
CA ASP GA 208 -19.13 66.91 66.85
C ASP GA 208 -18.70 65.59 66.24
N GLN GA 209 -18.06 65.67 65.07
CA GLN GA 209 -17.58 64.51 64.33
C GLN GA 209 -16.06 64.52 64.38
N GLU GA 210 -15.48 63.60 65.16
CA GLU GA 210 -14.04 63.49 65.30
C GLU GA 210 -13.52 62.31 64.49
N TYR GA 211 -12.28 62.45 64.04
CA TYR GA 211 -11.60 61.44 63.26
C TYR GA 211 -10.14 61.37 63.68
N ASN GA 212 -9.57 60.18 63.61
CA ASN GA 212 -8.14 59.94 63.75
C ASN GA 212 -7.62 59.58 62.37
N ILE GA 213 -6.86 60.47 61.77
CA ILE GA 213 -6.41 60.30 60.40
C ILE GA 213 -5.00 59.73 60.41
N ARG GA 214 -4.84 58.59 59.75
CA ARG GA 214 -3.57 57.89 59.63
C ARG GA 214 -3.13 57.94 58.18
N VAL GA 215 -2.06 58.69 57.92
CA VAL GA 215 -1.47 58.79 56.60
C VAL GA 215 -0.29 57.85 56.55
N THR GA 216 -0.22 57.05 55.49
CA THR GA 216 0.86 56.12 55.25
C THR GA 216 1.43 56.43 53.88
N MET GA 217 2.71 56.79 53.85
CA MET GA 217 3.41 57.06 52.60
C MET GA 217 4.31 55.90 52.24
N TYR GA 218 4.17 55.43 51.01
CA TYR GA 218 5.00 54.37 50.46
C TYR GA 218 6.08 55.02 49.61
N VAL GA 219 7.30 55.02 50.12
CA VAL GA 219 8.39 55.79 49.55
C VAL GA 219 9.42 54.85 48.96
N GLN GA 220 10.34 55.41 48.19
CA GLN GA 220 11.39 54.68 47.52
C GLN GA 220 12.63 55.56 47.57
N PHE GA 221 13.65 55.09 48.27
CA PHE GA 221 14.88 55.82 48.46
C PHE GA 221 15.95 55.29 47.51
N ARG GA 222 17.09 56.00 47.49
CA ARG GA 222 18.17 55.68 46.59
C ARG GA 222 19.47 56.22 47.17
N GLU GA 223 20.57 55.53 46.86
CA GLU GA 223 21.92 55.94 47.20
C GLU GA 223 22.13 56.05 48.71
N PHE GA 224 22.14 54.88 49.33
CA PHE GA 224 22.62 54.69 50.69
C PHE GA 224 23.89 55.47 50.94
N ASN GA 225 23.86 56.36 51.92
CA ASN GA 225 24.92 57.33 52.13
C ASN GA 225 25.32 57.42 53.59
N LEU GA 226 25.42 56.29 54.25
CA LEU GA 226 25.81 56.29 55.65
C LEU GA 226 27.24 56.79 55.80
N LYS GA 227 27.47 57.53 56.88
CA LYS GA 227 28.77 58.07 57.21
C LYS GA 227 29.20 57.54 58.57
N ASP GA 228 30.41 56.96 58.61
CA ASP GA 228 30.91 56.26 59.78
C ASP GA 228 32.23 56.87 60.21
N PRO GA 229 32.19 57.95 60.99
CA PRO GA 229 33.41 58.48 61.56
C PRO GA 229 33.93 57.60 62.68
N PRO GA 230 35.16 57.79 63.12
CA PRO GA 230 35.64 57.05 64.30
C PRO GA 230 34.97 57.51 65.58
N LEU GA 231 35.37 56.91 66.69
CA LEU GA 231 34.78 57.21 68.00
C LEU GA 231 35.84 57.21 69.09
N GLY HA 43 -20.25 66.60 18.17
CA GLY HA 43 -19.31 66.71 19.27
C GLY HA 43 -19.87 66.24 20.58
N ILE HA 44 -19.83 64.94 20.78
CA ILE HA 44 -20.47 64.30 21.92
C ILE HA 44 -19.60 64.46 23.15
N PHE HA 45 -20.28 64.63 24.30
CA PHE HA 45 -19.61 64.68 25.58
C PHE HA 45 -20.57 64.13 26.62
N ASN HA 46 -20.33 62.88 27.02
CA ASN HA 46 -21.09 62.28 28.10
C ASN HA 46 -20.47 62.67 29.43
N THR HA 47 -21.28 63.19 30.33
CA THR HA 47 -20.82 63.55 31.65
C THR HA 47 -21.89 63.20 32.68
N ARG HA 48 -21.72 63.73 33.89
CA ARG HA 48 -22.53 63.39 35.04
C ARG HA 48 -22.71 64.64 35.89
N LEU HA 49 -23.97 64.96 36.18
CA LEU HA 49 -24.33 66.13 36.95
C LEU HA 49 -25.18 65.70 38.13
N SER HA 50 -24.92 66.28 39.29
CA SER HA 50 -25.55 65.91 40.54
C SER HA 50 -26.14 67.12 41.22
N ARG HA 51 -26.93 66.83 42.26
CA ARG HA 51 -27.72 67.80 42.99
C ARG HA 51 -28.26 67.10 44.22
N THR HA 52 -28.30 67.80 45.34
CA THR HA 52 -28.68 67.24 46.63
C THR HA 52 -29.70 68.14 47.30
N PHE HA 53 -30.70 67.52 47.89
CA PHE HA 53 -31.76 68.25 48.58
C PHE HA 53 -32.43 67.32 49.57
N GLY HA 54 -33.27 67.89 50.42
CA GLY HA 54 -33.91 67.18 51.49
C GLY HA 54 -35.38 66.85 51.28
N TYR HA 55 -35.84 65.82 51.99
CA TYR HA 55 -37.22 65.40 52.00
C TYR HA 55 -37.52 64.80 53.35
N THR HA 56 -38.62 65.25 53.96
CA THR HA 56 -39.02 64.80 55.28
C THR HA 56 -40.47 64.30 55.23
N ILE HA 57 -40.70 63.20 55.93
CA ILE HA 57 -42.03 62.66 56.15
C ILE HA 57 -42.35 62.95 57.61
N LYS HA 58 -43.22 63.93 57.84
CA LYS HA 58 -43.55 64.36 59.18
C LYS HA 58 -44.31 63.27 59.93
N ARG HA 59 -44.27 63.35 61.25
CA ARG HA 59 -44.91 62.39 62.12
C ARG HA 59 -46.43 62.53 62.08
N THR HA 60 -47.11 61.47 62.48
CA THR HA 60 -48.56 61.44 62.56
C THR HA 60 -48.99 60.64 63.79
N THR HA 61 -50.00 61.15 64.48
CA THR HA 61 -50.63 60.44 65.58
C THR HA 61 -51.57 59.33 65.12
N VAL HA 62 -51.82 59.22 63.81
CA VAL HA 62 -52.70 58.18 63.29
C VAL HA 62 -52.15 56.81 63.65
N LYS HA 63 -53.05 55.93 64.07
CA LYS HA 63 -52.66 54.59 64.50
C LYS HA 63 -52.51 53.63 63.33
N THR HA 64 -53.36 53.77 62.33
CA THR HA 64 -53.37 52.85 61.21
C THR HA 64 -52.08 52.95 60.41
N PRO HA 65 -51.82 51.96 59.54
CA PRO HA 65 -50.75 52.14 58.57
C PRO HA 65 -51.23 52.99 57.41
N SER HA 66 -50.74 54.22 57.36
CA SER HA 66 -51.01 55.14 56.27
C SER HA 66 -49.71 55.49 55.57
N TRP HA 67 -49.83 55.90 54.32
CA TRP HA 67 -48.70 56.23 53.48
C TRP HA 67 -48.76 57.67 53.03
N ALA HA 68 -47.57 58.25 52.87
CA ALA HA 68 -47.38 59.61 52.39
C ALA HA 68 -46.88 59.56 50.96
N VAL HA 69 -47.64 60.17 50.06
CA VAL HA 69 -47.37 60.11 48.64
C VAL HA 69 -46.79 61.44 48.20
N ASP HA 70 -45.82 61.37 47.30
CA ASP HA 70 -45.21 62.57 46.74
C ASP HA 70 -44.62 62.20 45.38
N MET HA 71 -44.26 63.24 44.65
CA MET HA 71 -43.76 63.14 43.28
C MET HA 71 -42.36 63.70 43.19
N MET HA 72 -41.72 63.42 42.05
CA MET HA 72 -40.35 63.85 41.81
C MET HA 72 -40.14 64.03 40.33
N ARG HA 73 -39.89 65.26 39.91
CA ARG HA 73 -39.53 65.61 38.54
C ARG HA 73 -38.06 65.98 38.50
N PHE HA 74 -37.53 66.06 37.27
CA PHE HA 74 -36.13 66.37 37.03
C PHE HA 74 -36.02 67.40 35.92
N ASN HA 75 -35.36 68.51 36.21
CA ASN HA 75 -35.07 69.54 35.22
C ASN HA 75 -33.58 69.84 35.24
N ILE HA 76 -33.06 70.22 34.07
CA ILE HA 76 -31.63 70.46 33.92
C ILE HA 76 -31.21 71.82 34.43
N ASN HA 77 -32.14 72.74 34.67
CA ASN HA 77 -31.78 74.02 35.24
C ASN HA 77 -31.27 73.86 36.66
N ASP HA 78 -31.76 72.87 37.38
CA ASP HA 78 -31.34 72.62 38.75
C ASP HA 78 -29.97 71.96 38.84
N PHE HA 79 -29.45 71.44 37.74
CA PHE HA 79 -28.14 70.81 37.69
C PHE HA 79 -27.11 71.63 36.95
N LEU HA 80 -27.53 72.40 35.97
CA LEU HA 80 -26.66 73.20 35.12
C LEU HA 80 -26.91 74.68 35.36
N PRO HA 81 -26.01 75.44 35.96
CA PRO HA 81 -26.32 76.84 36.22
C PRO HA 81 -26.20 77.67 34.96
N PRO HA 82 -26.62 78.93 35.01
CA PRO HA 82 -26.37 79.82 33.89
C PRO HA 82 -24.90 80.20 33.80
N GLY HA 83 -24.46 80.41 32.57
CA GLY HA 83 -23.08 80.74 32.34
C GLY HA 83 -22.79 82.22 32.51
N GLY HA 84 -21.95 82.76 31.65
CA GLY HA 84 -21.60 84.15 31.70
C GLY HA 84 -21.10 84.67 30.38
N GLY HA 85 -21.62 85.82 29.96
CA GLY HA 85 -21.22 86.43 28.72
C GLY HA 85 -21.97 85.90 27.52
N SER HA 86 -21.26 85.71 26.42
CA SER HA 86 -21.87 85.22 25.20
C SER HA 86 -22.29 83.76 25.29
N ASN HA 87 -21.78 83.04 26.28
CA ASN HA 87 -22.18 81.67 26.52
C ASN HA 87 -23.29 81.65 27.55
N PRO HA 88 -24.54 81.34 27.18
CA PRO HA 88 -25.62 81.48 28.17
C PRO HA 88 -25.59 80.42 29.25
N ARG HA 89 -24.95 79.29 29.02
CA ARG HA 89 -24.87 78.21 29.99
C ARG HA 89 -23.41 77.89 30.30
N SER HA 90 -23.21 77.19 31.40
CA SER HA 90 -21.87 76.92 31.91
C SER HA 90 -21.21 75.77 31.19
N VAL HA 91 -21.98 74.86 30.61
CA VAL HA 91 -21.47 73.79 29.76
C VAL HA 91 -21.69 74.21 28.31
N PRO HA 92 -20.64 74.53 27.53
CA PRO HA 92 -20.88 75.13 26.22
C PRO HA 92 -21.26 74.14 25.13
N PHE HA 93 -22.53 73.75 25.16
CA PHE HA 93 -23.10 72.86 24.16
C PHE HA 93 -24.50 73.34 23.82
N GLU HA 94 -24.98 72.90 22.66
CA GLU HA 94 -26.27 73.30 22.14
C GLU HA 94 -27.39 72.34 22.51
N TYR HA 95 -27.18 71.05 22.28
CA TYR HA 95 -28.20 70.04 22.44
C TYR HA 95 -27.86 69.13 23.61
N TYR HA 96 -28.88 68.43 24.10
CA TYR HA 96 -28.70 67.48 25.17
C TYR HA 96 -29.80 66.43 25.11
N ARG HA 97 -29.55 65.33 25.81
CA ARG HA 97 -30.57 64.32 26.02
C ARG HA 97 -30.16 63.52 27.25
N ILE HA 98 -31.09 63.37 28.18
CA ILE HA 98 -30.80 62.70 29.44
C ILE HA 98 -30.90 61.21 29.22
N ARG HA 99 -29.81 60.51 29.52
CA ARG HA 99 -29.71 59.07 29.32
C ARG HA 99 -30.24 58.29 30.50
N LYS HA 100 -29.82 58.66 31.71
CA LYS HA 100 -30.20 57.95 32.92
C LYS HA 100 -30.27 58.94 34.07
N VAL HA 101 -30.96 58.55 35.12
CA VAL HA 101 -31.00 59.27 36.38
C VAL HA 101 -30.85 58.25 37.49
N LYS HA 102 -30.12 58.63 38.53
CA LYS HA 102 -29.92 57.85 39.74
C LYS HA 102 -30.42 58.69 40.90
N VAL HA 103 -31.55 58.29 41.45
CA VAL HA 103 -32.09 58.90 42.66
C VAL HA 103 -31.67 58.05 43.85
N GLU HA 104 -31.01 58.69 44.81
CA GLU HA 104 -30.50 58.03 46.00
C GLU HA 104 -31.15 58.66 47.21
N PHE HA 105 -31.89 57.87 47.96
CA PHE HA 105 -32.43 58.28 49.24
C PHE HA 105 -31.43 57.92 50.31
N TRP HA 106 -30.63 58.89 50.72
CA TRP HA 106 -29.68 58.69 51.79
C TRP HA 106 -30.35 59.00 53.12
N PRO HA 107 -30.46 58.05 54.04
CA PRO HA 107 -31.20 58.33 55.27
C PRO HA 107 -30.47 59.30 56.17
N CYS HA 108 -31.27 59.96 57.01
CA CYS HA 108 -30.80 60.85 58.04
C CYS HA 108 -31.07 60.34 59.44
N SER HA 109 -31.66 59.17 59.57
CA SER HA 109 -32.17 58.65 60.81
C SER HA 109 -31.27 57.56 61.35
N PRO HA 110 -31.19 57.41 62.67
CA PRO HA 110 -30.30 56.39 63.23
C PRO HA 110 -30.84 54.99 63.02
N ILE HA 111 -29.93 54.02 63.13
CA ILE HA 111 -30.34 52.62 63.00
C ILE HA 111 -31.08 52.10 64.20
N THR HA 112 -31.18 52.89 65.27
CA THR HA 112 -31.95 52.52 66.45
C THR HA 112 -33.39 53.00 66.41
N GLN HA 113 -33.80 53.68 65.34
CA GLN HA 113 -35.13 54.24 65.28
C GLN HA 113 -36.14 53.14 65.03
N GLY HA 114 -37.23 53.17 65.79
CA GLY HA 114 -38.28 52.19 65.69
C GLY HA 114 -39.44 52.67 64.86
N ASP HA 115 -40.56 51.96 64.99
CA ASP HA 115 -41.76 52.22 64.21
C ASP HA 115 -41.43 52.15 62.73
N ARG HA 116 -40.65 51.14 62.35
CA ARG HA 116 -40.23 50.98 60.99
C ARG HA 116 -41.43 50.69 60.08
N GLY HA 117 -41.19 50.79 58.80
CA GLY HA 117 -42.24 50.69 57.81
C GLY HA 117 -41.76 50.16 56.49
N VAL HA 118 -42.65 50.15 55.51
CA VAL HA 118 -42.35 49.61 54.20
C VAL HA 118 -43.14 50.39 53.16
N GLY HA 119 -42.43 50.87 52.14
CA GLY HA 119 -43.01 51.70 51.11
C GLY HA 119 -42.68 51.21 49.73
N SER HA 120 -42.85 52.10 48.75
CA SER HA 120 -42.71 51.72 47.35
C SER HA 120 -42.32 52.93 46.53
N SER HA 121 -41.42 52.72 45.57
CA SER HA 121 -41.03 53.71 44.59
C SER HA 121 -41.27 53.16 43.21
N ALA HA 122 -41.95 53.94 42.38
CA ALA HA 122 -42.31 53.53 41.03
C ALA HA 122 -41.89 54.60 40.04
N VAL HA 123 -41.80 54.18 38.78
CA VAL HA 123 -41.33 55.01 37.69
C VAL HA 123 -42.53 55.46 36.87
N ILE HA 124 -42.72 56.76 36.77
CA ILE HA 124 -43.91 57.38 36.20
C ILE HA 124 -43.46 58.34 35.12
N LEU HA 125 -43.52 57.91 33.86
CA LEU HA 125 -42.92 58.63 32.76
C LEU HA 125 -43.89 59.54 32.01
N ASP HA 126 -44.93 60.07 32.68
CA ASP HA 126 -45.98 60.77 31.95
C ASP HA 126 -46.58 61.98 32.65
N ASP HA 127 -46.09 62.39 33.82
CA ASP HA 127 -46.53 63.61 34.47
C ASP HA 127 -47.96 63.52 34.97
N ASN HA 128 -48.43 62.32 35.27
CA ASN HA 128 -49.70 62.12 35.95
C ASN HA 128 -49.41 61.16 37.09
N PHE HA 129 -49.09 61.73 38.23
CA PHE HA 129 -48.77 61.02 39.45
C PHE HA 129 -50.04 60.80 40.26
N VAL HA 130 -49.96 59.86 41.19
CA VAL HA 130 -50.97 59.77 42.23
C VAL HA 130 -50.95 61.06 43.01
N THR HA 131 -52.12 61.53 43.40
CA THR HA 131 -52.25 62.81 44.06
C THR HA 131 -51.44 62.81 45.35
N LYS HA 132 -50.80 63.94 45.63
CA LYS HA 132 -50.03 64.07 46.85
C LYS HA 132 -50.94 63.95 48.07
N ALA HA 133 -50.55 63.09 48.99
CA ALA HA 133 -51.33 62.77 50.17
C ALA HA 133 -50.43 62.72 51.38
N THR HA 134 -51.00 63.08 52.53
CA THR HA 134 -50.29 63.05 53.79
C THR HA 134 -50.43 61.69 54.48
N ALA HA 135 -51.65 61.20 54.59
CA ALA HA 135 -51.91 59.89 55.22
C ALA HA 135 -52.99 59.19 54.40
N LEU HA 136 -52.56 58.44 53.40
CA LEU HA 136 -53.44 57.64 52.58
C LEU HA 136 -53.48 56.22 53.12
N THR HA 137 -54.65 55.60 53.06
CA THR HA 137 -54.91 54.32 53.70
C THR HA 137 -54.31 53.13 52.96
N TYR HA 138 -53.51 53.36 51.93
CA TYR HA 138 -52.93 52.25 51.18
C TYR HA 138 -51.72 52.78 50.42
N ASP HA 139 -50.92 51.85 49.91
CA ASP HA 139 -49.76 52.16 49.10
C ASP HA 139 -50.17 52.09 47.64
N PRO HA 140 -50.30 53.22 46.94
CA PRO HA 140 -50.78 53.13 45.56
C PRO HA 140 -49.77 52.53 44.61
N TYR HA 141 -48.49 52.73 44.87
CA TYR HA 141 -47.44 52.30 43.98
C TYR HA 141 -46.99 50.87 44.24
N VAL HA 142 -47.79 50.09 44.96
CA VAL HA 142 -47.34 48.77 45.39
C VAL HA 142 -47.49 47.75 44.27
N ASN HA 143 -48.57 47.82 43.51
CA ASN HA 143 -48.83 46.87 42.44
C ASN HA 143 -48.25 47.31 41.12
N TYR HA 144 -47.51 48.41 41.09
CA TYR HA 144 -46.88 48.85 39.86
C TYR HA 144 -45.77 47.90 39.46
N SER HA 145 -45.64 47.70 38.15
CA SER HA 145 -44.61 46.82 37.61
C SER HA 145 -43.21 47.32 37.89
N SER HA 146 -43.05 48.62 38.13
CA SER HA 146 -41.76 49.23 38.43
C SER HA 146 -41.58 49.52 39.91
N ARG HA 147 -42.30 48.81 40.76
CA ARG HA 147 -42.22 49.04 42.19
C ARG HA 147 -40.97 48.38 42.75
N HIS HA 148 -40.22 49.14 43.53
CA HIS HA 148 -39.18 48.64 44.39
C HIS HA 148 -39.57 48.97 45.82
N THR HA 149 -39.34 48.02 46.71
CA THR HA 149 -39.67 48.21 48.11
C THR HA 149 -38.72 49.19 48.76
N ILE HA 150 -39.26 50.10 49.54
CA ILE HA 150 -38.51 51.03 50.36
C ILE HA 150 -38.62 50.52 51.79
N THR HA 151 -37.52 50.01 52.32
CA THR HA 151 -37.39 49.81 53.74
C THR HA 151 -37.11 51.14 54.42
N GLN HA 152 -37.79 51.39 55.51
CA GLN HA 152 -37.73 52.64 56.23
C GLN HA 152 -37.33 52.38 57.67
N PRO HA 153 -36.78 53.39 58.37
CA PRO HA 153 -36.36 54.73 57.98
C PRO HA 153 -34.87 54.87 57.69
N PHE HA 154 -34.09 53.89 58.10
CA PHE HA 154 -32.63 54.00 58.13
C PHE HA 154 -31.96 53.20 57.03
N SER HA 155 -32.63 53.02 55.91
CA SER HA 155 -32.14 52.18 54.83
C SER HA 155 -32.04 52.98 53.55
N TYR HA 156 -31.01 52.64 52.78
CA TYR HA 156 -30.71 53.30 51.52
C TYR HA 156 -31.55 52.72 50.39
N HIS HA 157 -32.02 53.59 49.52
CA HIS HA 157 -32.85 53.22 48.39
C HIS HA 157 -32.35 53.95 47.16
N SER HA 158 -32.01 53.19 46.13
CA SER HA 158 -31.58 53.73 44.86
C SER HA 158 -32.54 53.30 43.75
N ARG HA 159 -32.68 54.16 42.76
CA ARG HA 159 -33.45 53.86 41.56
C ARG HA 159 -32.69 54.42 40.38
N TYR HA 160 -32.43 53.57 39.39
CA TYR HA 160 -31.65 53.91 38.21
C TYR HA 160 -32.49 53.58 36.99
N PHE HA 161 -32.83 54.62 36.23
CA PHE HA 161 -33.79 54.48 35.15
C PHE HA 161 -33.54 55.59 34.13
N THR HA 162 -34.28 55.51 33.04
CA THR HA 162 -34.19 56.45 31.93
C THR HA 162 -35.43 57.32 31.91
N PRO HA 163 -35.33 58.62 32.21
CA PRO HA 163 -36.53 59.44 32.23
C PRO HA 163 -37.00 59.80 30.83
N LYS HA 164 -38.10 60.53 30.75
CA LYS HA 164 -38.69 60.94 29.50
C LYS HA 164 -39.12 62.40 29.63
N PRO HA 165 -38.99 63.19 28.57
CA PRO HA 165 -39.40 64.59 28.66
C PRO HA 165 -40.90 64.78 28.43
N VAL HA 166 -41.38 65.90 28.97
CA VAL HA 166 -42.79 66.28 28.87
C VAL HA 166 -42.92 67.14 27.61
N LEU HA 167 -43.16 66.47 26.49
CA LEU HA 167 -43.32 67.17 25.22
C LEU HA 167 -44.73 67.71 25.06
N ASP HA 168 -45.74 66.92 25.40
CA ASP HA 168 -47.13 67.35 25.39
C ASP HA 168 -47.80 66.77 26.61
N SER HA 169 -48.12 67.62 27.58
CA SER HA 169 -48.79 67.17 28.79
C SER HA 169 -50.24 66.79 28.56
N THR HA 170 -50.83 67.23 27.45
CA THR HA 170 -52.22 66.89 27.14
C THR HA 170 -52.34 65.45 26.68
N ILE HA 171 -51.40 64.99 25.87
CA ILE HA 171 -51.44 63.66 25.27
C ILE HA 171 -50.52 62.73 26.04
N ASP HA 172 -49.42 63.26 26.54
CA ASP HA 172 -48.48 62.53 27.37
C ASP HA 172 -47.92 61.32 26.63
N TYR HA 173 -47.19 61.59 25.56
CA TYR HA 173 -46.54 60.57 24.77
C TYR HA 173 -45.04 60.58 25.02
N PHE HA 174 -44.45 59.39 24.95
CA PHE HA 174 -43.03 59.24 25.17
C PHE HA 174 -42.49 58.09 24.35
N GLN HA 175 -41.24 58.06 24.21
CA GLN HA 175 -40.52 57.09 23.43
C GLN HA 175 -40.09 55.90 24.27
N PRO HA 176 -39.99 54.71 23.68
CA PRO HA 176 -39.34 53.62 24.40
C PRO HA 176 -37.84 53.79 24.46
N ASN HA 177 -37.18 52.92 25.20
CA ASN HA 177 -35.76 53.05 25.43
C ASN HA 177 -35.00 52.64 24.18
N ASN HA 178 -34.27 53.57 23.59
CA ASN HA 178 -33.44 53.31 22.44
C ASN HA 178 -32.35 54.36 22.45
N LYS HA 179 -31.11 53.95 22.65
CA LYS HA 179 -30.04 54.91 22.73
C LYS HA 179 -29.80 55.60 21.40
N ARG HA 180 -30.08 54.92 20.29
CA ARG HA 180 -29.77 55.46 18.99
C ARG HA 180 -30.85 56.40 18.47
N ASN HA 181 -32.08 56.24 18.94
CA ASN HA 181 -33.23 57.00 18.46
C ASN HA 181 -33.72 58.03 19.45
N GLN HA 182 -33.07 58.19 20.59
CA GLN HA 182 -33.53 59.14 21.60
C GLN HA 182 -33.41 60.56 21.07
N LEU HA 183 -34.46 61.33 21.30
CA LEU HA 183 -34.52 62.68 20.81
C LEU HA 183 -33.47 63.56 21.47
N TRP HA 184 -32.94 64.50 20.69
CA TRP HA 184 -32.09 65.56 21.20
C TRP HA 184 -32.96 66.77 21.46
N LEU HA 185 -32.91 67.28 22.68
CA LEU HA 185 -33.52 68.54 23.03
C LEU HA 185 -32.49 69.64 22.97
N ARG HA 186 -32.99 70.87 22.98
CA ARG HA 186 -32.12 72.04 23.04
C ARG HA 186 -31.90 72.44 24.48
N LEU HA 187 -30.67 72.79 24.78
CA LEU HA 187 -30.29 73.35 26.06
C LEU HA 187 -30.66 74.83 26.05
N GLN HA 188 -31.86 75.11 26.52
CA GLN HA 188 -32.37 76.47 26.55
C GLN HA 188 -31.59 77.29 27.58
N THR HA 189 -31.89 78.59 27.60
CA THR HA 189 -31.21 79.49 28.51
C THR HA 189 -31.83 79.45 29.90
N ALA HA 190 -33.15 79.63 30.00
CA ALA HA 190 -33.84 79.59 31.29
C ALA HA 190 -35.21 78.92 31.24
N GLY HA 191 -35.44 78.04 30.27
CA GLY HA 191 -36.77 77.49 30.05
C GLY HA 191 -36.81 76.03 29.67
N ASN HA 192 -35.86 75.25 30.18
CA ASN HA 192 -35.78 73.85 29.80
C ASN HA 192 -37.00 73.07 30.29
N VAL HA 193 -37.25 71.96 29.64
CA VAL HA 193 -38.45 71.16 29.85
C VAL HA 193 -38.22 70.17 30.96
N ASP HA 194 -39.27 69.88 31.71
CA ASP HA 194 -39.18 69.00 32.87
C ASP HA 194 -39.18 67.55 32.42
N HIS HA 195 -38.22 66.81 32.91
CA HIS HA 195 -38.22 65.36 32.80
C HIS HA 195 -38.86 64.75 34.02
N VAL HA 196 -39.37 63.54 33.85
CA VAL HA 196 -40.28 62.94 34.80
C VAL HA 196 -39.94 61.46 34.89
N GLY HA 197 -40.43 60.80 35.96
CA GLY HA 197 -40.07 59.42 36.15
C GLY HA 197 -39.93 58.84 37.54
N LEU HA 198 -40.34 59.53 38.61
CA LEU HA 198 -40.36 58.85 39.90
C LEU HA 198 -41.47 59.34 40.80
N GLY HA 199 -42.17 58.39 41.39
CA GLY HA 199 -43.13 58.66 42.44
C GLY HA 199 -42.94 57.68 43.58
N THR HA 200 -43.21 58.18 44.78
CA THR HA 200 -42.89 57.47 46.01
C THR HA 200 -44.10 57.36 46.90
N ALA HA 201 -44.02 56.42 47.84
CA ALA HA 201 -45.01 56.26 48.90
C ALA HA 201 -44.28 55.78 50.14
N PHE HA 202 -44.22 56.64 51.15
CA PHE HA 202 -43.54 56.35 52.40
C PHE HA 202 -44.57 56.12 53.49
N GLU HA 203 -44.34 55.09 54.30
CA GLU HA 203 -45.22 54.78 55.41
C GLU HA 203 -44.91 55.71 56.57
N ASN HA 204 -45.95 56.34 57.08
CA ASN HA 204 -45.79 57.32 58.14
C ASN HA 204 -45.41 56.64 59.45
N SER HA 205 -44.98 57.46 60.41
CA SER HA 205 -44.43 56.97 61.66
C SER HA 205 -44.66 57.99 62.75
N ILE HA 206 -44.44 57.57 63.99
CA ILE HA 206 -44.54 58.47 65.12
C ILE HA 206 -43.39 59.47 65.11
N TYR HA 207 -42.25 59.08 64.57
CA TYR HA 207 -41.08 59.92 64.49
C TYR HA 207 -40.94 60.49 63.09
N ASP HA 208 -40.24 61.62 63.00
CA ASP HA 208 -39.97 62.24 61.71
C ASP HA 208 -38.91 61.46 60.97
N GLN HA 209 -39.15 61.20 59.69
CA GLN HA 209 -38.25 60.48 58.81
C GLN HA 209 -37.67 61.46 57.80
N GLU HA 210 -36.40 61.79 57.95
CA GLU HA 210 -35.71 62.72 57.07
C GLU HA 210 -34.80 61.97 56.12
N TYR HA 211 -34.61 62.54 54.94
CA TYR HA 211 -33.77 61.98 53.90
C TYR HA 211 -33.03 63.09 53.20
N ASN HA 212 -31.81 62.79 52.75
CA ASN HA 212 -31.04 63.65 51.87
C ASN HA 212 -31.01 62.98 50.51
N ILE HA 213 -31.71 63.56 49.55
CA ILE HA 213 -31.90 62.94 48.25
C ILE HA 213 -30.88 63.52 47.29
N ARG HA 214 -30.08 62.65 46.69
CA ARG HA 214 -29.05 63.01 45.72
C ARG HA 214 -29.46 62.47 44.37
N VAL HA 215 -29.79 63.36 43.45
CA VAL HA 215 -30.13 63.01 42.08
C VAL HA 215 -28.90 63.23 41.22
N THR HA 216 -28.57 62.24 40.41
CA THR HA 216 -27.46 62.27 39.48
C THR HA 216 -28.01 62.00 38.11
N MET HA 217 -27.85 62.95 37.20
CA MET HA 217 -28.27 62.81 35.82
C MET HA 217 -27.06 62.55 34.92
N TYR HA 218 -27.15 61.50 34.13
CA TYR HA 218 -26.14 61.15 33.15
C TYR HA 218 -26.60 61.65 31.79
N VAL HA 219 -25.96 62.72 31.32
CA VAL HA 219 -26.42 63.45 30.17
C VAL HA 219 -25.43 63.26 29.03
N GLN HA 220 -25.86 63.68 27.84
CA GLN HA 220 -25.08 63.55 26.62
C GLN HA 220 -25.35 64.81 25.81
N PHE HA 221 -24.32 65.62 25.62
CA PHE HA 221 -24.41 66.87 24.91
C PHE HA 221 -23.91 66.72 23.48
N ARG HA 222 -24.10 67.77 22.69
CA ARG HA 222 -23.74 67.75 21.29
C ARG HA 222 -23.51 69.18 20.82
N GLU HA 223 -22.63 69.32 19.84
CA GLU HA 223 -22.36 70.59 19.15
C GLU HA 223 -21.83 71.65 20.11
N PHE HA 224 -20.60 71.42 20.54
CA PHE HA 224 -19.77 72.41 21.20
C PHE HA 224 -19.87 73.76 20.52
N ASN HA 225 -20.28 74.78 21.26
CA ASN HA 225 -20.65 76.06 20.68
C ASN HA 225 -20.06 77.22 21.46
N LEU HA 226 -18.80 77.07 21.86
CA LEU HA 226 -18.15 78.14 22.61
C LEU HA 226 -17.99 79.37 21.75
N LYS HA 227 -18.16 80.54 22.37
CA LYS HA 227 -18.02 81.82 21.71
C LYS HA 227 -16.91 82.60 22.40
N ASP HA 228 -15.96 83.09 21.60
CA ASP HA 228 -14.75 83.72 22.10
C ASP HA 228 -14.62 85.11 21.51
N PRO HA 229 -15.28 86.10 22.10
CA PRO HA 229 -15.07 87.47 21.68
C PRO HA 229 -13.72 87.99 22.14
N PRO HA 230 -13.26 89.12 21.61
CA PRO HA 230 -12.04 89.72 22.14
C PRO HA 230 -12.21 90.30 23.52
N LEU HA 231 -11.15 90.88 24.06
CA LEU HA 231 -11.15 91.45 25.41
C LEU HA 231 -10.37 92.75 25.46
N GLY IA 43 -57.38 33.15 27.72
CA GLY IA 43 -56.72 34.43 27.86
C GLY IA 43 -56.04 34.60 29.19
N ILE IA 44 -54.85 34.06 29.30
CA ILE IA 44 -54.13 33.99 30.56
C ILE IA 44 -53.49 35.33 30.86
N PHE IA 45 -53.46 35.68 32.14
CA PHE IA 45 -52.78 36.88 32.61
C PHE IA 45 -52.29 36.60 34.03
N ASN IA 46 -51.00 36.32 34.15
CA ASN IA 46 -50.37 36.17 35.45
C ASN IA 46 -49.98 37.54 35.97
N THR IA 47 -50.40 37.85 37.19
CA THR IA 47 -50.04 39.10 37.83
C THR IA 47 -49.78 38.86 39.31
N ARG IA 48 -49.71 39.95 40.06
CA ARG IA 48 -49.30 39.96 41.45
C ARG IA 48 -50.12 41.00 42.19
N LEU IA 49 -50.76 40.57 43.28
CA LEU IA 49 -51.62 41.41 44.10
C LEU IA 49 -51.13 41.36 45.53
N SER IA 50 -51.10 42.51 46.18
CA SER IA 50 -50.56 42.66 47.51
C SER IA 50 -51.57 43.34 48.43
N ARG IA 51 -51.24 43.31 49.71
CA ARG IA 51 -52.09 43.76 50.80
C ARG IA 51 -51.24 43.77 52.05
N THR IA 52 -51.45 44.79 52.89
CA THR IA 52 -50.64 45.01 54.07
C THR IA 52 -51.53 45.26 55.27
N PHE IA 53 -51.18 44.66 56.41
CA PHE IA 53 -51.94 44.80 57.63
C PHE IA 53 -51.03 44.48 58.81
N GLY IA 54 -51.54 44.77 60.00
CA GLY IA 54 -50.78 44.63 61.22
C GLY IA 54 -51.12 43.43 62.07
N TYR IA 55 -50.16 43.03 62.89
CA TYR IA 55 -50.34 41.95 63.86
C TYR IA 55 -49.44 42.24 65.05
N THR IA 56 -50.01 42.16 66.24
CA THR IA 56 -49.29 42.45 67.48
C THR IA 56 -49.43 41.29 68.45
N ILE IA 57 -48.33 40.96 69.10
CA ILE IA 57 -48.29 39.99 70.18
C ILE IA 57 -48.13 40.81 71.46
N LYS IA 58 -49.20 40.93 72.22
CA LYS IA 58 -49.19 41.73 73.43
C LYS IA 58 -48.28 41.13 74.49
N ARG IA 59 -47.86 41.98 75.41
CA ARG IA 59 -46.95 41.58 76.48
C ARG IA 59 -47.67 40.70 77.50
N THR IA 60 -46.87 39.96 78.26
CA THR IA 60 -47.36 39.10 79.33
C THR IA 60 -46.39 39.14 80.50
N THR IA 61 -46.96 39.19 81.71
CA THR IA 61 -46.17 39.08 82.93
C THR IA 61 -45.77 37.64 83.24
N VAL IA 62 -46.25 36.67 82.47
CA VAL IA 62 -45.90 35.28 82.70
C VAL IA 62 -44.40 35.09 82.57
N LYS IA 63 -43.82 34.32 83.50
CA LYS IA 63 -42.38 34.11 83.53
C LYS IA 63 -41.95 33.01 82.58
N THR IA 64 -42.75 31.97 82.45
CA THR IA 64 -42.39 30.82 81.65
C THR IA 64 -42.28 31.19 80.17
N PRO IA 65 -41.67 30.33 79.37
CA PRO IA 65 -41.76 30.50 77.92
C PRO IA 65 -43.09 29.98 77.42
N SER IA 66 -43.98 30.90 77.06
CA SER IA 66 -45.25 30.59 76.46
C SER IA 66 -45.32 31.16 75.06
N TRP IA 67 -46.18 30.56 74.24
CA TRP IA 67 -46.33 30.95 72.86
C TRP IA 67 -47.75 31.41 72.57
N ALA IA 68 -47.85 32.33 71.63
CA ALA IA 68 -49.10 32.89 71.17
C ALA IA 68 -49.41 32.33 69.79
N VAL IA 69 -50.54 31.66 69.67
CA VAL IA 69 -50.92 30.96 68.46
C VAL IA 69 -51.98 31.76 67.74
N ASP IA 70 -51.90 31.78 66.42
CA ASP IA 70 -52.88 32.47 65.59
C ASP IA 70 -52.85 31.85 64.21
N MET IA 71 -53.87 32.18 63.43
CA MET IA 71 -54.09 31.62 62.11
C MET IA 71 -54.07 32.73 61.06
N MET IA 72 -54.02 32.30 59.80
CA MET IA 72 -53.94 33.24 58.69
C MET IA 72 -54.57 32.59 57.46
N ARG IA 73 -55.67 33.14 57.00
CA ARG IA 73 -56.33 32.75 55.77
C ARG IA 73 -56.11 33.82 54.70
N PHE IA 74 -56.42 33.46 53.46
CA PHE IA 74 -56.25 34.35 52.32
C PHE IA 74 -57.49 34.30 51.45
N ASN IA 75 -58.08 35.47 51.20
CA ASN IA 75 -59.20 35.61 50.30
C ASN IA 75 -58.89 36.69 49.28
N ILE IA 76 -59.44 36.52 48.08
CA ILE IA 76 -59.16 37.45 46.98
C ILE IA 76 -59.98 38.72 47.06
N ASN IA 77 -61.02 38.77 47.88
CA ASN IA 77 -61.76 40.01 48.05
C ASN IA 77 -60.92 41.08 48.71
N ASP IA 78 -59.98 40.66 49.56
CA ASP IA 78 -59.12 41.60 50.26
C ASP IA 78 -58.01 42.14 49.39
N PHE IA 79 -57.77 41.53 48.22
CA PHE IA 79 -56.75 41.98 47.29
C PHE IA 79 -57.33 42.62 46.04
N LEU IA 80 -58.52 42.19 45.62
CA LEU IA 80 -59.16 42.65 44.40
C LEU IA 80 -60.44 43.40 44.75
N PRO IA 81 -60.53 44.72 44.57
CA PRO IA 81 -61.73 45.42 44.98
C PRO IA 81 -62.85 45.20 43.99
N PRO IA 82 -64.06 45.64 44.32
CA PRO IA 82 -65.14 45.60 43.35
C PRO IA 82 -64.94 46.64 42.26
N GLY IA 83 -65.40 46.31 41.07
CA GLY IA 83 -65.25 47.19 39.95
C GLY IA 83 -66.33 48.24 39.88
N GLY IA 84 -66.78 48.54 38.67
CA GLY IA 84 -67.82 49.52 38.48
C GLY IA 84 -68.56 49.33 37.18
N GLY IA 85 -69.88 49.36 37.24
CA GLY IA 85 -70.71 49.21 36.07
C GLY IA 85 -70.99 47.76 35.73
N SER IA 86 -70.95 47.45 34.44
CA SER IA 86 -71.22 46.11 33.98
C SER IA 86 -70.11 45.14 34.34
N ASN IA 87 -68.93 45.65 34.69
CA ASN IA 87 -67.84 44.81 35.14
C ASN IA 87 -67.86 44.73 36.65
N PRO IA 88 -68.21 43.58 37.25
CA PRO IA 88 -68.37 43.56 38.71
C PRO IA 88 -67.07 43.67 39.46
N ARG IA 89 -65.94 43.33 38.85
CA ARG IA 89 -64.63 43.37 39.48
C ARG IA 89 -63.70 44.28 38.70
N SER IA 90 -62.62 44.68 39.36
CA SER IA 90 -61.71 45.66 38.80
C SER IA 90 -60.73 45.05 37.80
N VAL IA 91 -60.48 43.75 37.92
CA VAL IA 91 -59.69 43.00 36.94
C VAL IA 91 -60.66 42.23 36.05
N PRO IA 92 -60.81 42.58 34.77
CA PRO IA 92 -61.90 41.99 34.00
C PRO IA 92 -61.60 40.59 33.48
N PHE IA 93 -61.74 39.62 34.37
CA PHE IA 93 -61.57 38.22 34.04
C PHE IA 93 -62.63 37.41 34.76
N GLU IA 94 -62.87 36.20 34.27
CA GLU IA 94 -63.88 35.31 34.78
C GLU IA 94 -63.37 34.34 35.82
N TYR IA 95 -62.27 33.65 35.50
CA TYR IA 95 -61.74 32.59 36.33
C TYR IA 95 -60.41 33.00 36.93
N TYR IA 96 -60.03 32.29 37.98
CA TYR IA 96 -58.75 32.54 38.63
C TYR IA 96 -58.29 31.27 39.33
N ARG IA 97 -57.01 31.25 39.66
CA ARG IA 97 -56.46 30.22 40.53
C ARG IA 97 -55.18 30.76 41.12
N ILE IA 98 -55.05 30.66 42.44
CA ILE IA 98 -53.91 31.22 43.14
C ILE IA 98 -52.76 30.25 43.04
N ARG IA 99 -51.64 30.73 42.50
CA ARG IA 99 -50.46 29.91 42.28
C ARG IA 99 -49.56 29.86 43.50
N LYS IA 100 -49.27 31.03 44.09
CA LYS IA 100 -48.37 31.13 45.22
C LYS IA 100 -48.81 32.29 46.09
N VAL IA 101 -48.36 32.27 47.33
CA VAL IA 101 -48.52 33.37 48.26
C VAL IA 101 -47.18 33.57 48.97
N LYS IA 102 -46.85 34.84 49.20
CA LYS IA 102 -45.67 35.25 49.95
C LYS IA 102 -46.14 36.07 51.13
N VAL IA 103 -46.02 35.49 52.31
CA VAL IA 103 -46.30 36.19 53.55
C VAL IA 103 -44.99 36.70 54.11
N GLU IA 104 -44.93 38.00 54.36
CA GLU IA 104 -43.73 38.67 54.84
C GLU IA 104 -44.07 39.31 56.17
N PHE IA 105 -43.40 38.89 57.23
CA PHE IA 105 -43.49 39.52 58.54
C PHE IA 105 -42.40 40.58 58.61
N TRP IA 106 -42.77 41.81 58.35
CA TRP IA 106 -41.85 42.91 58.46
C TRP IA 106 -41.88 43.45 59.88
N PRO IA 107 -40.78 43.42 60.63
CA PRO IA 107 -40.85 43.84 62.02
C PRO IA 107 -41.06 45.33 62.17
N CYS IA 108 -41.60 45.66 63.34
CA CYS IA 108 -41.82 47.04 63.75
C CYS IA 108 -40.98 47.42 64.95
N SER IA 109 -40.14 46.52 65.45
CA SER IA 109 -39.45 46.67 66.69
C SER IA 109 -37.98 46.96 66.45
N PRO IA 110 -37.33 47.70 67.35
CA PRO IA 110 -35.92 48.04 67.14
C PRO IA 110 -35.02 46.84 67.35
N ILE IA 111 -33.82 46.95 66.80
CA ILE IA 111 -32.82 45.89 66.97
C ILE IA 111 -32.21 45.87 68.36
N THR IA 112 -32.52 46.85 69.21
CA THR IA 112 -32.08 46.87 70.58
C THR IA 112 -33.05 46.22 71.55
N GLN IA 113 -34.17 45.70 71.06
CA GLN IA 113 -35.18 45.15 71.95
C GLN IA 113 -34.71 43.79 72.47
N GLY IA 114 -34.86 43.59 73.77
CA GLY IA 114 -34.48 42.37 74.42
C GLY IA 114 -35.63 41.42 74.63
N ASP IA 115 -35.40 40.44 75.50
CA ASP IA 115 -36.36 39.38 75.76
C ASP IA 115 -36.72 38.67 74.47
N ARG IA 116 -35.71 38.40 73.66
CA ARG IA 116 -35.91 37.77 72.38
C ARG IA 116 -36.44 36.35 72.56
N GLY IA 117 -36.93 35.80 71.46
CA GLY IA 117 -37.59 34.52 71.47
C GLY IA 117 -37.44 33.76 70.19
N VAL IA 118 -38.15 32.63 70.10
CA VAL IA 118 -38.04 31.76 68.94
C VAL IA 118 -39.39 31.08 68.74
N GLY IA 119 -39.92 31.17 67.53
CA GLY IA 119 -41.21 30.65 67.18
C GLY IA 119 -41.18 29.77 65.95
N SER IA 120 -42.35 29.57 65.37
CA SER IA 120 -42.49 28.63 64.27
C SER IA 120 -43.68 29.03 63.41
N SER IA 121 -43.50 28.91 62.10
CA SER IA 121 -44.56 29.10 61.12
C SER IA 121 -44.70 27.84 60.29
N ALA IA 122 -45.92 27.34 60.17
CA ALA IA 122 -46.21 26.13 59.44
C ALA IA 122 -47.32 26.36 58.44
N VAL IA 123 -47.40 25.45 57.47
CA VAL IA 123 -48.33 25.54 56.36
C VAL IA 123 -49.47 24.56 56.59
N ILE IA 124 -50.69 25.08 56.66
CA ILE IA 124 -51.86 24.33 57.08
C ILE IA 124 -52.91 24.49 55.99
N LEU IA 125 -53.03 23.49 55.14
CA LEU IA 125 -53.82 23.59 53.92
C LEU IA 125 -55.23 23.04 54.05
N ASP IA 126 -55.84 23.06 55.25
CA ASP IA 126 -57.09 22.36 55.47
C ASP IA 126 -58.09 23.05 56.39
N ASP IA 127 -57.82 24.24 56.89
CA ASP IA 127 -58.78 25.01 57.67
C ASP IA 127 -59.06 24.38 59.02
N ASN IA 128 -58.10 23.64 59.56
CA ASN IA 128 -58.17 23.14 60.93
C ASN IA 128 -56.81 23.48 61.55
N PHE IA 129 -56.77 24.65 62.15
CA PHE IA 129 -55.60 25.18 62.81
C PHE IA 129 -55.59 24.77 64.27
N VAL IA 130 -54.41 24.86 64.88
CA VAL IA 130 -54.34 24.80 66.33
C VAL IA 130 -55.14 25.97 66.88
N THR IA 131 -55.85 25.71 67.96
CA THR IA 131 -56.74 26.71 68.54
C THR IA 131 -55.96 27.96 68.92
N LYS IA 132 -56.57 29.11 68.68
CA LYS IA 132 -55.93 30.38 69.03
C LYS IA 132 -55.74 30.46 70.53
N ALA IA 133 -54.51 30.79 70.92
CA ALA IA 133 -54.10 30.82 72.31
C ALA IA 133 -53.28 32.06 72.57
N THR IA 134 -53.37 32.58 73.78
CA THR IA 134 -52.61 33.75 74.20
C THR IA 134 -51.27 33.34 74.78
N ALA IA 135 -51.26 32.40 75.72
CA ALA IA 135 -50.03 31.92 76.35
C ALA IA 135 -50.14 30.41 76.50
N LEU IA 136 -49.71 29.70 75.47
CA LEU IA 136 -49.65 28.25 75.49
C LEU IA 136 -48.27 27.79 75.90
N THR IA 137 -48.21 26.70 76.67
CA THR IA 137 -46.98 26.25 77.31
C THR IA 137 -46.02 25.55 76.36
N TYR IA 138 -46.28 25.56 75.06
CA TYR IA 138 -45.41 24.89 74.11
C TYR IA 138 -45.67 25.47 72.73
N ASP IA 139 -44.77 25.17 71.80
CA ASP IA 139 -44.88 25.57 70.42
C ASP IA 139 -45.53 24.43 69.64
N PRO IA 140 -46.79 24.52 69.24
CA PRO IA 140 -47.41 23.37 68.57
C PRO IA 140 -46.87 23.12 67.19
N TYR IA 141 -46.45 24.17 66.48
CA TYR IA 141 -46.02 24.05 65.11
C TYR IA 141 -44.54 23.73 64.98
N VAL IA 142 -43.91 23.26 66.05
CA VAL IA 142 -42.46 23.08 66.05
C VAL IA 142 -42.06 21.79 65.33
N ASN IA 143 -42.82 20.72 65.54
CA ASN IA 143 -42.51 19.44 64.95
C ASN IA 143 -43.14 19.24 63.59
N TYR IA 144 -43.81 20.26 63.06
CA TYR IA 144 -44.39 20.16 61.74
C TYR IA 144 -43.31 20.11 60.67
N SER IA 145 -43.57 19.31 59.64
CA SER IA 145 -42.65 19.17 58.54
C SER IA 145 -42.43 20.45 57.78
N SER IA 146 -43.39 21.38 57.83
CA SER IA 146 -43.31 22.67 57.16
C SER IA 146 -42.94 23.79 58.11
N ARG IA 147 -42.30 23.48 59.23
CA ARG IA 147 -41.93 24.50 60.19
C ARG IA 147 -40.70 25.23 59.73
N HIS IA 148 -40.78 26.56 59.78
CA HIS IA 148 -39.63 27.44 59.67
C HIS IA 148 -39.54 28.21 60.97
N THR IA 149 -38.32 28.37 61.45
CA THR IA 149 -38.09 29.09 62.69
C THR IA 149 -38.31 30.58 62.50
N ILE IA 150 -39.01 31.18 63.45
CA ILE IA 150 -39.22 32.62 63.52
C ILE IA 150 -38.30 33.12 64.63
N THR IA 151 -37.25 33.83 64.23
CA THR IA 151 -36.51 34.64 65.18
C THR IA 151 -37.29 35.91 65.47
N GLN IA 152 -37.35 36.27 66.74
CA GLN IA 152 -38.13 37.40 67.22
C GLN IA 152 -37.22 38.35 67.98
N PRO IA 153 -37.61 39.62 68.11
CA PRO IA 153 -38.73 40.37 67.54
C PRO IA 153 -38.40 41.17 66.30
N PHE IA 154 -37.12 41.39 66.04
CA PHE IA 154 -36.66 42.36 65.07
C PHE IA 154 -36.13 41.70 63.80
N SER IA 155 -36.65 40.54 63.45
CA SER IA 155 -36.14 39.76 62.34
C SER IA 155 -37.25 39.50 61.34
N TYR IA 156 -36.87 39.49 60.08
CA TYR IA 156 -37.77 39.28 58.97
C TYR IA 156 -38.00 37.80 58.73
N HIS IA 157 -39.25 37.45 58.43
CA HIS IA 157 -39.66 36.09 58.19
C HIS IA 157 -40.54 36.06 56.96
N SER IA 158 -40.14 35.26 55.97
CA SER IA 158 -40.91 35.06 54.76
C SER IA 158 -41.31 33.60 54.63
N ARG IA 159 -42.47 33.38 54.01
CA ARG IA 159 -42.95 32.05 53.68
C ARG IA 159 -43.56 32.12 52.30
N TYR IA 160 -43.10 31.25 51.41
CA TYR IA 160 -43.53 31.21 50.02
C TYR IA 160 -44.04 29.82 49.71
N PHE IA 161 -45.32 29.70 49.41
CA PHE IA 161 -45.97 28.41 49.29
C PHE IA 161 -47.18 28.55 48.39
N THR IA 162 -47.80 27.41 48.12
CA THR IA 162 -48.97 27.31 47.26
C THR IA 162 -50.18 27.00 48.11
N PRO IA 163 -51.14 27.91 48.27
CA PRO IA 163 -52.30 27.62 49.11
C PRO IA 163 -53.28 26.70 48.44
N LYS IA 164 -54.35 26.36 49.14
CA LYS IA 164 -55.38 25.49 48.65
C LYS IA 164 -56.73 26.07 49.04
N PRO IA 165 -57.75 25.95 48.19
CA PRO IA 165 -59.06 26.48 48.55
C PRO IA 165 -59.87 25.53 49.42
N VAL IA 166 -60.81 26.13 50.14
CA VAL IA 166 -61.69 25.41 51.05
C VAL IA 166 -62.93 25.06 50.24
N LEU IA 167 -62.88 23.90 49.59
CA LEU IA 167 -64.00 23.42 48.79
C LEU IA 167 -65.04 22.75 49.66
N ASP IA 168 -64.63 21.91 50.60
CA ASP IA 168 -65.54 21.28 51.56
C ASP IA 168 -64.84 21.28 52.90
N SER IA 169 -65.32 22.10 53.82
CA SER IA 169 -64.75 22.16 55.15
C SER IA 169 -65.06 20.93 55.99
N THR IA 170 -66.07 20.15 55.60
CA THR IA 170 -66.42 18.94 56.34
C THR IA 170 -65.42 17.83 56.09
N ILE IA 171 -64.96 17.69 54.85
CA ILE IA 171 -64.07 16.61 54.44
C ILE IA 171 -62.65 17.14 54.37
N ASP IA 172 -62.50 18.39 53.96
CA ASP IA 172 -61.21 19.08 53.90
C ASP IA 172 -60.25 18.33 52.98
N TYR IA 173 -60.60 18.30 51.70
CA TYR IA 173 -59.78 17.70 50.67
C TYR IA 173 -59.12 18.77 49.82
N PHE IA 174 -57.91 18.47 49.35
CA PHE IA 174 -57.17 19.40 48.52
C PHE IA 174 -56.30 18.62 47.55
N GLN IA 175 -55.85 19.30 46.59
CA GLN IA 175 -55.04 18.77 45.51
C GLN IA 175 -53.55 18.89 45.82
N PRO IA 176 -52.72 17.99 45.33
CA PRO IA 176 -51.29 18.24 45.40
C PRO IA 176 -50.84 19.27 44.40
N ASN IA 177 -49.58 19.66 44.47
CA ASN IA 177 -49.07 20.74 43.64
C ASN IA 177 -48.89 20.25 42.21
N ASN IA 178 -49.62 20.85 41.30
CA ASN IA 178 -49.52 20.53 39.88
C ASN IA 178 -49.99 21.77 39.14
N LYS IA 179 -49.09 22.42 38.43
CA LYS IA 179 -49.47 23.64 37.75
C LYS IA 179 -50.46 23.37 36.63
N ARG IA 180 -50.39 22.19 36.02
CA ARG IA 180 -51.22 21.89 34.85
C ARG IA 180 -52.62 21.43 35.24
N ASN IA 181 -52.77 20.86 36.43
CA ASN IA 181 -54.03 20.28 36.88
C ASN IA 181 -54.73 21.10 37.95
N GLN IA 182 -54.19 22.25 38.32
CA GLN IA 182 -54.81 23.07 39.36
C GLN IA 182 -56.16 23.58 38.91
N LEU IA 183 -57.13 23.48 39.80
CA LEU IA 183 -58.49 23.87 39.50
C LEU IA 183 -58.59 25.36 39.25
N TRP IA 184 -59.47 25.73 38.32
CA TRP IA 184 -59.86 27.10 38.11
C TRP IA 184 -61.12 27.36 38.90
N LEU IA 185 -61.09 28.38 39.74
CA LEU IA 185 -62.25 28.88 40.43
C LEU IA 185 -62.83 30.06 39.68
N ARG IA 186 -64.06 30.41 40.02
CA ARG IA 186 -64.70 31.59 39.48
C ARG IA 186 -64.42 32.79 40.37
N LEU IA 187 -64.15 33.90 39.72
CA LEU IA 187 -64.01 35.19 40.39
C LEU IA 187 -65.41 35.73 40.64
N GLN IA 188 -65.94 35.42 41.82
CA GLN IA 188 -67.26 35.84 42.20
C GLN IA 188 -67.29 37.35 42.41
N THR IA 189 -68.50 37.86 42.62
CA THR IA 189 -68.67 39.30 42.82
C THR IA 189 -68.36 39.71 44.25
N ALA IA 190 -68.98 39.04 45.25
CA ALA IA 190 -68.72 39.37 46.64
C ALA IA 190 -68.70 38.14 47.55
N GLY IA 191 -68.39 36.96 47.03
CA GLY IA 191 -68.50 35.73 47.78
C GLY IA 191 -67.42 34.70 47.52
N ASN IA 192 -66.21 35.17 47.23
CA ASN IA 192 -65.13 34.26 46.90
C ASN IA 192 -64.75 33.40 48.10
N VAL IA 193 -64.14 32.26 47.79
CA VAL IA 193 -63.84 31.23 48.76
C VAL IA 193 -62.49 31.51 49.41
N ASP IA 194 -62.38 31.15 50.68
CA ASP IA 194 -61.18 31.42 51.44
C ASP IA 194 -60.11 30.40 51.12
N HIS IA 195 -58.92 30.88 50.79
CA HIS IA 195 -57.74 30.05 50.71
C HIS IA 195 -57.02 30.05 52.04
N VAL IA 196 -56.25 28.99 52.27
CA VAL IA 196 -55.72 28.68 53.58
C VAL IA 196 -54.30 28.16 53.40
N GLY IA 197 -53.55 28.13 54.50
CA GLY IA 197 -52.16 27.74 54.39
C GLY IA 197 -51.10 28.34 55.29
N LEU IA 198 -51.45 29.07 56.35
CA LEU IA 198 -50.41 29.46 57.29
C LEU IA 198 -50.91 29.57 58.71
N GLY IA 199 -50.15 28.98 59.62
CA GLY IA 199 -50.36 29.16 61.04
C GLY IA 199 -49.05 29.43 61.73
N THR IA 200 -49.11 30.22 62.79
CA THR IA 200 -47.94 30.77 63.44
C THR IA 200 -47.98 30.49 64.94
N ALA IA 201 -46.80 30.60 65.55
CA ALA IA 201 -46.65 30.53 66.99
C ALA IA 201 -45.51 31.45 67.37
N PHE IA 202 -45.85 32.54 68.06
CA PHE IA 202 -44.89 33.53 68.50
C PHE IA 202 -44.68 33.43 70.01
N GLU IA 203 -43.42 33.49 70.42
CA GLU IA 203 -43.07 33.45 71.83
C GLU IA 203 -43.33 34.81 72.45
N ASN IA 204 -44.07 34.81 73.54
CA ASN IA 204 -44.45 36.03 74.20
C ASN IA 204 -43.24 36.68 74.87
N SER IA 205 -43.42 37.94 75.27
CA SER IA 205 -42.33 38.75 75.79
C SER IA 205 -42.90 39.79 76.74
N ILE IA 206 -42.00 40.43 77.49
CA ILE IA 206 -42.38 41.51 78.37
C ILE IA 206 -42.80 42.73 77.58
N TYR IA 207 -42.24 42.91 76.39
CA TYR IA 207 -42.54 44.03 75.52
C TYR IA 207 -43.49 43.59 74.41
N ASP IA 208 -44.21 44.57 73.88
CA ASP IA 208 -45.11 44.29 72.77
C ASP IA 208 -44.31 44.10 71.48
N GLN IA 209 -44.66 43.07 70.73
CA GLN IA 209 -44.03 42.73 69.46
C GLN IA 209 -45.02 43.01 68.34
N GLU IA 210 -44.76 44.05 67.57
CA GLU IA 210 -45.62 44.44 66.46
C GLU IA 210 -44.98 44.04 65.14
N TYR IA 211 -45.84 43.77 64.16
CA TYR IA 211 -45.42 43.38 62.83
C TYR IA 211 -46.35 44.02 61.81
N ASN IA 212 -45.79 44.34 60.65
CA ASN IA 212 -46.55 44.75 59.47
C ASN IA 212 -46.47 43.61 58.47
N ILE IA 213 -47.58 42.93 58.27
CA ILE IA 213 -47.62 41.72 57.46
C ILE IA 213 -48.07 42.09 56.06
N ARG IA 214 -47.25 41.76 55.07
CA ARG IA 214 -47.53 42.03 53.67
C ARG IA 214 -47.70 40.69 52.97
N VAL IA 215 -48.93 40.42 52.54
CA VAL IA 215 -49.27 39.22 51.79
C VAL IA 215 -49.31 39.59 50.33
N THR IA 216 -48.63 38.79 49.51
CA THR IA 216 -48.59 38.95 48.07
C THR IA 216 -49.07 37.65 47.45
N MET IA 217 -50.15 37.72 46.69
CA MET IA 217 -50.70 36.57 45.99
C MET IA 217 -50.35 36.66 44.50
N TYR IA 218 -49.78 35.58 43.99
CA TYR IA 218 -49.47 35.45 42.58
C TYR IA 218 -50.56 34.63 41.93
N VAL IA 219 -51.41 35.31 41.15
CA VAL IA 219 -52.63 34.74 40.63
C VAL IA 219 -52.52 34.57 39.13
N GLN IA 220 -53.46 33.83 38.57
CA GLN IA 220 -53.52 33.54 37.15
C GLN IA 220 -54.97 33.55 36.76
N PHE IA 221 -55.34 34.50 35.91
CA PHE IA 221 -56.71 34.68 35.47
C PHE IA 221 -56.91 34.08 34.09
N ARG IA 222 -58.17 34.06 33.65
CA ARG IA 222 -58.54 33.43 32.40
C ARG IA 222 -59.83 34.06 31.91
N GLU IA 223 -59.98 34.11 30.58
CA GLU IA 223 -61.20 34.53 29.90
C GLU IA 223 -61.56 35.98 30.23
N PHE IA 224 -60.74 36.87 29.68
CA PHE IA 224 -61.01 38.29 29.59
C PHE IA 224 -62.46 38.53 29.17
N ASN IA 225 -63.20 39.24 30.00
CA ASN IA 225 -64.65 39.37 29.84
C ASN IA 225 -65.11 40.79 30.00
N LEU IA 226 -64.37 41.73 29.42
CA LEU IA 226 -64.76 43.13 29.51
C LEU IA 226 -66.07 43.37 28.78
N LYS IA 227 -66.88 44.25 29.36
CA LYS IA 227 -68.16 44.63 28.78
C LYS IA 227 -68.16 46.12 28.52
N ASP IA 228 -68.50 46.50 27.29
CA ASP IA 228 -68.39 47.87 26.80
C ASP IA 228 -69.75 48.33 26.30
N PRO IA 229 -70.62 48.80 27.18
CA PRO IA 229 -71.86 49.40 26.74
C PRO IA 229 -71.61 50.78 26.15
N PRO IA 230 -72.60 51.34 25.44
CA PRO IA 230 -72.45 52.71 24.97
C PRO IA 230 -72.50 53.73 26.11
N LEU IA 231 -72.40 55.01 25.75
CA LEU IA 231 -72.38 56.08 26.73
C LEU IA 231 -73.17 57.29 26.23
N GLY JA 43 -44.17 14.73 54.77
CA GLY JA 43 -43.72 13.61 55.58
C GLY JA 43 -44.50 12.34 55.35
N ILE JA 44 -44.14 11.64 54.30
CA ILE JA 44 -44.90 10.48 53.86
C ILE JA 44 -44.56 9.28 54.71
N PHE JA 45 -45.57 8.45 54.96
CA PHE JA 45 -45.41 7.19 55.67
C PHE JA 45 -46.45 6.22 55.13
N ASN JA 46 -46.00 5.32 54.26
CA ASN JA 46 -46.84 4.24 53.78
C ASN JA 46 -46.82 3.09 54.77
N THR JA 47 -48.00 2.65 55.19
CA THR JA 47 -48.11 1.52 56.09
C THR JA 47 -49.30 0.66 55.69
N ARG JA 48 -49.69 -0.23 56.59
CA ARG JA 48 -50.68 -1.26 56.34
C ARG JA 48 -51.49 -1.48 57.61
N LEU JA 49 -52.80 -1.38 57.49
CA LEU JA 49 -53.73 -1.52 58.59
C LEU JA 49 -54.73 -2.59 58.25
N SER JA 50 -55.04 -3.44 59.23
CA SER JA 50 -55.90 -4.60 59.05
C SER JA 50 -57.02 -4.61 60.08
N ARG JA 51 -57.96 -5.50 59.84
CA ARG JA 51 -59.20 -5.62 60.60
C ARG JA 51 -59.86 -6.91 60.16
N THR JA 52 -60.47 -7.61 61.10
CA THR JA 52 -61.06 -8.92 60.86
C THR JA 52 -62.45 -8.97 61.46
N PHE JA 53 -63.38 -9.57 60.71
CA PHE JA 53 -64.76 -9.69 61.13
C PHE JA 53 -65.41 -10.83 60.38
N GLY JA 54 -66.60 -11.19 60.81
CA GLY JA 54 -67.32 -12.33 60.28
C GLY JA 54 -68.46 -12.01 59.35
N TYR JA 55 -68.81 -12.97 58.50
CA TYR JA 55 -69.93 -12.88 57.59
C TYR JA 55 -70.47 -14.28 57.38
N THR JA 56 -71.78 -14.44 57.53
CA THR JA 56 -72.43 -15.73 57.38
C THR JA 56 -73.57 -15.63 56.39
N ILE JA 57 -73.69 -16.64 55.56
CA ILE JA 57 -74.80 -16.82 54.63
C ILE JA 57 -75.64 -17.95 55.22
N LYS JA 58 -76.78 -17.59 55.79
CA LYS JA 58 -77.64 -18.56 56.45
C LYS JA 58 -78.23 -19.53 55.43
N ARG JA 59 -78.65 -20.68 55.94
CA ARG JA 59 -79.23 -21.73 55.13
C ARG JA 59 -80.62 -21.35 54.64
N THR JA 60 -81.06 -22.03 53.58
CA THR JA 60 -82.38 -21.84 53.01
C THR JA 60 -82.92 -23.17 52.53
N THR JA 61 -84.21 -23.40 52.79
CA THR JA 61 -84.91 -24.56 52.27
C THR JA 61 -85.29 -24.42 50.80
N VAL JA 62 -85.06 -23.24 50.20
CA VAL JA 62 -85.38 -23.04 48.80
C VAL JA 62 -84.61 -24.00 47.93
N LYS JA 63 -85.30 -24.58 46.95
CA LYS JA 63 -84.68 -25.57 46.07
C LYS JA 63 -83.90 -24.94 44.95
N THR JA 64 -84.38 -23.83 44.41
CA THR JA 64 -83.77 -23.20 43.27
C THR JA 64 -82.38 -22.68 43.61
N PRO JA 65 -81.58 -22.36 42.59
CA PRO JA 65 -80.35 -21.61 42.86
C PRO JA 65 -80.66 -20.15 43.06
N SER JA 66 -80.57 -19.70 44.30
CA SER JA 66 -80.74 -18.29 44.64
C SER JA 66 -79.44 -17.77 45.23
N TRP JA 67 -79.27 -16.46 45.16
CA TRP JA 67 -78.07 -15.79 45.63
C TRP JA 67 -78.40 -14.79 46.72
N ALA JA 68 -77.44 -14.63 47.62
CA ALA JA 68 -77.53 -13.69 48.73
C ALA JA 68 -76.61 -12.52 48.44
N VAL JA 69 -77.18 -11.33 48.39
CA VAL JA 69 -76.47 -10.12 48.00
C VAL JA 69 -76.20 -9.31 49.24
N ASP JA 70 -75.01 -8.70 49.29
CA ASP JA 70 -74.62 -7.83 50.39
C ASP JA 70 -73.56 -6.88 49.89
N MET JA 71 -73.30 -5.87 50.70
CA MET JA 71 -72.39 -4.78 50.38
C MET JA 71 -71.25 -4.73 51.38
N MET JA 72 -70.24 -3.94 51.04
CA MET JA 72 -69.05 -3.82 51.87
C MET JA 72 -68.43 -2.44 51.65
N ARG JA 73 -68.44 -1.62 52.68
CA ARG JA 73 -67.79 -0.33 52.70
C ARG JA 73 -66.54 -0.40 53.58
N PHE JA 74 -65.70 0.63 53.47
CA PHE JA 74 -64.44 0.70 54.22
C PHE JA 74 -64.30 2.09 54.80
N ASN JA 75 -64.12 2.17 56.12
CA ASN JA 75 -63.84 3.40 56.82
C ASN JA 75 -62.60 3.24 57.66
N ILE JA 76 -61.86 4.34 57.83
CA ILE JA 76 -60.60 4.30 58.56
C ILE JA 76 -60.77 4.33 60.07
N ASN JA 77 -61.97 4.66 60.55
CA ASN JA 77 -62.19 4.59 62.00
C ASN JA 77 -62.14 3.16 62.49
N ASP JA 78 -62.52 2.21 61.66
CA ASP JA 78 -62.51 0.80 62.04
C ASP JA 78 -61.12 0.20 62.03
N PHE JA 79 -60.14 0.87 61.44
CA PHE JA 79 -58.76 0.42 61.40
C PHE JA 79 -57.84 1.22 62.29
N LEU JA 80 -58.12 2.50 62.48
CA LEU JA 80 -57.29 3.41 63.25
C LEU JA 80 -58.04 3.86 64.50
N PRO JA 81 -57.64 3.45 65.70
CA PRO JA 81 -58.41 3.84 66.88
C PRO JA 81 -58.14 5.28 67.25
N PRO JA 82 -58.90 5.82 68.20
CA PRO JA 82 -58.59 7.14 68.72
C PRO JA 82 -57.35 7.10 69.59
N GLY JA 83 -56.61 8.21 69.57
CA GLY JA 83 -55.39 8.30 70.32
C GLY JA 83 -55.61 8.68 71.76
N GLY JA 84 -54.74 9.52 72.29
CA GLY JA 84 -54.84 9.97 73.65
C GLY JA 84 -54.12 11.28 73.88
N GLY JA 85 -54.80 12.20 74.54
CA GLY JA 85 -54.22 13.49 74.85
C GLY JA 85 -54.35 14.48 73.72
N SER JA 86 -53.30 15.26 73.50
CA SER JA 86 -53.33 16.27 72.46
C SER JA 86 -53.30 15.68 71.06
N ASN JA 87 -52.95 14.40 70.94
CA ASN JA 87 -52.99 13.71 69.66
C ASN JA 87 -54.31 12.99 69.53
N PRO JA 88 -55.23 13.42 68.66
CA PRO JA 88 -56.57 12.80 68.66
C PRO JA 88 -56.57 11.40 68.10
N ARG JA 89 -55.58 11.03 67.29
CA ARG JA 89 -55.51 9.71 66.69
C ARG JA 89 -54.21 9.03 67.08
N SER JA 90 -54.17 7.72 66.89
CA SER JA 90 -53.05 6.90 67.35
C SER JA 90 -51.88 6.96 66.38
N VAL JA 91 -52.13 7.26 65.12
CA VAL JA 91 -51.08 7.49 64.13
C VAL JA 91 -50.94 9.00 63.95
N PRO JA 92 -49.85 9.62 64.39
CA PRO JA 92 -49.81 11.08 64.41
C PRO JA 92 -49.52 11.72 63.07
N PHE JA 93 -50.55 11.78 62.24
CA PHE JA 93 -50.48 12.42 60.94
C PHE JA 93 -51.78 13.19 60.71
N GLU JA 94 -51.72 14.13 59.77
CA GLU JA 94 -52.83 15.01 59.45
C GLU JA 94 -53.68 14.49 58.30
N TYR JA 95 -53.05 14.14 57.20
CA TYR JA 95 -53.72 13.78 55.97
C TYR JA 95 -53.52 12.29 55.68
N TYR JA 96 -54.38 11.76 54.82
CA TYR JA 96 -54.29 10.38 54.41
C TYR JA 96 -54.94 10.22 53.05
N ARG JA 97 -54.63 9.11 52.40
CA ARG JA 97 -55.32 8.69 51.20
C ARG JA 97 -55.11 7.20 51.05
N ILE JA 98 -56.20 6.48 50.85
CA ILE JA 98 -56.15 5.03 50.78
C ILE JA 98 -55.73 4.63 49.36
N ARG JA 99 -54.64 3.88 49.28
CA ARG JA 99 -54.07 3.45 48.02
C ARG JA 99 -54.70 2.18 47.49
N LYS JA 100 -54.82 1.17 48.35
CA LYS JA 100 -55.33 -0.13 47.97
C LYS JA 100 -56.04 -0.74 49.16
N VAL JA 101 -56.90 -1.72 48.86
CA VAL JA 101 -57.54 -2.54 49.87
C VAL JA 101 -57.47 -3.98 49.39
N LYS JA 102 -57.25 -4.89 50.34
CA LYS JA 102 -57.24 -6.33 50.10
C LYS JA 102 -58.30 -6.94 50.99
N VAL JA 103 -59.37 -7.38 50.38
CA VAL JA 103 -60.42 -8.11 51.08
C VAL JA 103 -60.18 -9.59 50.87
N GLU JA 104 -60.08 -10.32 51.98
CA GLU JA 104 -59.80 -11.75 51.98
C GLU JA 104 -60.96 -12.45 52.65
N PHE JA 105 -61.64 -13.32 51.91
CA PHE JA 105 -62.66 -14.19 52.45
C PHE JA 105 -61.99 -15.49 52.86
N TRP JA 106 -61.69 -15.61 54.13
CA TRP JA 106 -61.11 -16.83 54.67
C TRP JA 106 -62.23 -17.76 55.09
N PRO JA 107 -62.36 -18.95 54.50
CA PRO JA 107 -63.49 -19.80 54.84
C PRO JA 107 -63.41 -20.35 56.25
N CYS JA 108 -64.58 -20.69 56.76
CA CYS JA 108 -64.75 -21.33 58.04
C CYS JA 108 -65.30 -22.74 57.93
N SER JA 109 -65.52 -23.22 56.73
CA SER JA 109 -66.24 -24.44 56.47
C SER JA 109 -65.27 -25.54 56.04
N PRO JA 110 -65.58 -26.80 56.34
CA PRO JA 110 -64.66 -27.87 55.99
C PRO JA 110 -64.67 -28.15 54.49
N ILE JA 111 -63.61 -28.81 54.05
CA ILE JA 111 -63.51 -29.18 52.64
C ILE JA 111 -64.43 -30.34 52.27
N THR JA 112 -65.08 -30.96 53.23
CA THR JA 112 -66.04 -32.02 52.99
C THR JA 112 -67.46 -31.52 52.83
N GLN JA 113 -67.69 -30.20 52.93
CA GLN JA 113 -69.04 -29.68 52.88
C GLN JA 113 -69.55 -29.71 51.45
N GLY JA 114 -70.78 -30.19 51.28
CA GLY JA 114 -71.41 -30.29 50.00
C GLY JA 114 -72.34 -29.14 49.70
N ASP JA 115 -73.18 -29.33 48.69
CA ASP JA 115 -74.08 -28.30 48.20
C ASP JA 115 -73.29 -27.06 47.80
N ARG JA 116 -72.17 -27.29 47.12
CA ARG JA 116 -71.31 -26.21 46.71
C ARG JA 116 -72.02 -25.30 45.71
N GLY JA 117 -71.41 -24.14 45.50
CA GLY JA 117 -72.02 -23.11 44.69
C GLY JA 117 -71.01 -22.23 44.01
N VAL JA 118 -71.50 -21.19 43.36
CA VAL JA 118 -70.64 -20.29 42.59
C VAL JA 118 -71.25 -18.90 42.64
N GLY JA 119 -70.44 -17.92 43.02
CA GLY JA 119 -70.86 -16.56 43.20
C GLY JA 119 -69.98 -15.57 42.47
N SER JA 120 -70.08 -14.31 42.86
CA SER JA 120 -69.39 -13.25 42.15
C SER JA 120 -69.14 -12.09 43.11
N SER JA 121 -67.96 -11.49 42.97
CA SER JA 121 -67.58 -10.28 43.69
C SER JA 121 -67.20 -9.22 42.67
N ALA JA 122 -67.78 -8.04 42.83
CA ALA JA 122 -67.54 -6.92 41.92
C ALA JA 122 -67.16 -5.68 42.69
N VAL JA 123 -66.56 -4.74 41.98
CA VAL JA 123 -66.03 -3.51 42.55
C VAL JA 123 -66.97 -2.37 42.21
N ILE JA 124 -67.50 -1.72 43.24
CA ILE JA 124 -68.57 -0.74 43.12
C ILE JA 124 -68.11 0.53 43.81
N LEU JA 125 -67.63 1.49 43.01
CA LEU JA 125 -66.94 2.66 43.52
C LEU JA 125 -67.84 3.88 43.71
N ASP JA 126 -69.14 3.69 43.97
CA ASP JA 126 -70.08 4.82 43.93
C ASP JA 126 -71.19 4.79 44.97
N ASP JA 127 -71.24 3.82 45.87
CA ASP JA 127 -72.20 3.81 46.97
C ASP JA 127 -73.63 3.60 46.49
N ASN JA 128 -73.78 2.93 45.35
CA ASN JA 128 -75.10 2.47 44.89
C ASN JA 128 -74.92 1.01 44.53
N PHE JA 129 -75.16 0.16 45.51
CA PHE JA 129 -75.06 -1.27 45.38
C PHE JA 129 -76.40 -1.85 44.96
N VAL JA 130 -76.34 -3.08 44.45
CA VAL JA 130 -77.56 -3.87 44.31
C VAL JA 130 -78.16 -4.05 45.68
N THR JA 131 -79.49 -3.97 45.75
CA THR JA 131 -80.18 -4.03 47.02
C THR JA 131 -79.87 -5.33 47.73
N LYS JA 132 -79.71 -5.25 49.04
CA LYS JA 132 -79.44 -6.44 49.84
C LYS JA 132 -80.62 -7.40 49.76
N ALA JA 133 -80.31 -8.65 49.44
CA ALA JA 133 -81.30 -9.68 49.23
C ALA JA 133 -80.86 -10.96 49.92
N THR JA 134 -81.85 -11.73 50.36
CA THR JA 134 -81.60 -13.01 51.01
C THR JA 134 -81.55 -14.15 49.99
N ALA JA 135 -82.54 -14.23 49.12
CA ALA JA 135 -82.61 -15.26 48.09
C ALA JA 135 -83.10 -14.61 46.80
N LEU JA 136 -82.17 -14.10 46.01
CA LEU JA 136 -82.46 -13.52 44.71
C LEU JA 136 -82.26 -14.58 43.63
N THR JA 137 -83.12 -14.56 42.62
CA THR JA 137 -83.18 -15.59 41.61
C THR JA 137 -82.06 -15.53 40.59
N TYR JA 138 -81.08 -14.67 40.76
CA TYR JA 138 -79.98 -14.55 39.81
C TYR JA 138 -78.81 -13.89 40.50
N ASP JA 139 -77.66 -13.96 39.85
CA ASP JA 139 -76.44 -13.32 40.32
C ASP JA 139 -76.32 -11.96 39.65
N PRO JA 140 -76.55 -10.85 40.36
CA PRO JA 140 -76.52 -9.56 39.67
C PRO JA 140 -75.13 -9.15 39.25
N TYR JA 141 -74.11 -9.54 40.00
CA TYR JA 141 -72.75 -9.10 39.76
C TYR JA 141 -72.01 -10.00 38.78
N VAL JA 142 -72.73 -10.82 38.01
CA VAL JA 142 -72.08 -11.82 37.18
C VAL JA 142 -71.56 -11.20 35.89
N ASN JA 143 -72.32 -10.29 35.30
CA ASN JA 143 -71.93 -9.67 34.04
C ASN JA 143 -71.11 -8.42 34.23
N TYR JA 144 -70.76 -8.08 35.46
CA TYR JA 144 -69.93 -6.91 35.71
C TYR JA 144 -68.51 -7.14 35.20
N SER JA 145 -67.93 -6.09 34.67
CA SER JA 145 -66.57 -6.14 34.14
C SER JA 145 -65.54 -6.46 35.22
N SER JA 146 -65.85 -6.18 36.48
CA SER JA 146 -64.96 -6.44 37.60
C SER JA 146 -65.36 -7.68 38.38
N ARG JA 147 -66.08 -8.60 37.75
CA ARG JA 147 -66.52 -9.79 38.42
C ARG JA 147 -65.38 -10.80 38.52
N HIS JA 148 -65.19 -11.33 39.71
CA HIS JA 148 -64.37 -12.49 39.95
C HIS JA 148 -65.27 -13.57 40.52
N THR JA 149 -65.08 -14.79 40.07
CA THR JA 149 -65.88 -15.90 40.54
C THR JA 149 -65.50 -16.28 41.97
N ILE JA 150 -66.52 -16.50 42.78
CA ILE JA 150 -66.37 -17.00 44.14
C ILE JA 150 -66.78 -18.46 44.10
N THR JA 151 -65.80 -19.34 44.25
CA THR JA 151 -66.09 -20.72 44.56
C THR JA 151 -66.44 -20.85 46.04
N GLN JA 152 -67.48 -21.60 46.33
CA GLN JA 152 -68.02 -21.75 47.67
C GLN JA 152 -68.04 -23.21 48.04
N PRO JA 153 -68.06 -23.53 49.34
CA PRO JA 153 -67.95 -22.72 50.55
C PRO JA 153 -66.57 -22.68 51.17
N PHE JA 154 -65.70 -23.59 50.75
CA PHE JA 154 -64.43 -23.85 51.42
C PHE JA 154 -63.23 -23.30 50.66
N SER JA 155 -63.43 -22.25 49.89
CA SER JA 155 -62.40 -21.72 49.01
C SER JA 155 -62.12 -20.26 49.35
N TYR JA 156 -60.86 -19.89 49.21
CA TYR JA 156 -60.38 -18.57 49.51
C TYR JA 156 -60.61 -17.64 48.33
N HIS JA 157 -61.00 -16.41 48.63
CA HIS JA 157 -61.29 -15.40 47.63
C HIS JA 157 -60.66 -14.09 48.08
N SER JA 158 -59.79 -13.55 47.24
CA SER JA 158 -59.16 -12.26 47.48
C SER JA 158 -59.55 -11.28 46.39
N ARG JA 159 -59.60 -10.01 46.76
CA ARG JA 159 -59.84 -8.91 45.84
C ARG JA 159 -58.92 -7.77 46.25
N TYR JA 160 -58.13 -7.28 45.31
CA TYR JA 160 -57.15 -6.23 45.53
C TYR JA 160 -57.41 -5.11 44.55
N PHE JA 161 -57.79 -3.95 45.08
CA PHE JA 161 -58.26 -2.85 44.26
C PHE JA 161 -58.04 -1.55 44.99
N THR JA 162 -58.32 -0.46 44.30
CA THR JA 162 -58.18 0.89 44.79
C THR JA 162 -59.55 1.49 45.06
N PRO JA 163 -59.93 1.73 46.32
CA PRO JA 163 -61.25 2.28 46.57
C PRO JA 163 -61.33 3.76 46.26
N LYS JA 164 -62.52 4.33 46.43
CA LYS JA 164 -62.77 5.73 46.18
C LYS JA 164 -63.61 6.27 47.31
N PRO JA 165 -63.40 7.52 47.72
CA PRO JA 165 -64.21 8.09 48.79
C PRO JA 165 -65.54 8.64 48.31
N VAL JA 166 -66.46 8.72 49.25
CA VAL JA 166 -67.82 9.22 48.99
C VAL JA 166 -67.78 10.70 49.30
N LEU JA 167 -67.45 11.49 48.29
CA LEU JA 167 -67.39 12.94 48.43
C LEU JA 167 -68.77 13.56 48.30
N ASP JA 168 -69.56 13.12 47.32
CA ASP JA 168 -70.93 13.58 47.16
C ASP JA 168 -71.76 12.37 46.77
N SER JA 169 -72.60 11.90 47.68
CA SER JA 169 -73.46 10.76 47.41
C SER JA 169 -74.59 11.09 46.43
N THR JA 170 -74.89 12.37 46.23
CA THR JA 170 -75.94 12.76 45.30
C THR JA 170 -75.49 12.62 43.86
N ILE JA 171 -74.24 12.98 43.59
CA ILE JA 171 -73.70 12.98 42.23
C ILE JA 171 -72.86 11.75 42.02
N ASP JA 172 -72.17 11.31 43.08
CA ASP JA 172 -71.37 10.09 43.07
C ASP JA 172 -70.28 10.16 42.00
N TYR JA 173 -69.36 11.10 42.19
CA TYR JA 173 -68.21 11.28 41.32
C TYR JA 173 -66.95 10.77 41.99
N PHE JA 174 -66.04 10.24 41.17
CA PHE JA 174 -64.78 9.72 41.67
C PHE JA 174 -63.71 9.89 40.62
N GLN JA 175 -62.53 9.76 41.04
CA GLN JA 175 -61.35 9.94 40.24
C GLN JA 175 -60.87 8.63 39.63
N PRO JA 176 -60.26 8.65 38.46
CA PRO JA 176 -59.58 7.44 38.00
C PRO JA 176 -58.30 7.19 38.75
N ASN JA 177 -57.68 6.05 38.48
CA ASN JA 177 -56.51 5.63 39.23
C ASN JA 177 -55.31 6.43 38.77
N ASN JA 178 -54.75 7.21 39.69
CA ASN JA 178 -53.55 7.98 39.43
C ASN JA 178 -52.87 8.20 40.76
N LYS JA 179 -51.70 7.61 40.95
CA LYS JA 179 -51.04 7.73 42.23
C LYS JA 179 -50.60 9.15 42.50
N ARG JA 180 -50.30 9.92 41.47
CA ARG JA 180 -49.75 11.26 41.64
C ARG JA 180 -50.85 12.29 41.89
N ASN JA 181 -52.06 12.04 41.40
CA ASN JA 181 -53.16 13.00 41.47
C ASN JA 181 -54.22 12.62 42.47
N GLN JA 182 -54.05 11.54 43.22
CA GLN JA 182 -55.06 11.11 44.18
C GLN JA 182 -55.20 12.14 45.28
N LEU JA 183 -56.44 12.43 45.62
CA LEU JA 183 -56.74 13.44 46.62
C LEU JA 183 -56.26 13.01 47.99
N TRP JA 184 -55.81 13.97 48.76
CA TRP JA 184 -55.51 13.80 50.18
C TRP JA 184 -56.74 14.22 50.97
N LEU JA 185 -57.22 13.33 51.81
CA LEU JA 185 -58.26 13.62 52.77
C LEU JA 185 -57.64 13.93 54.11
N ARG JA 186 -58.43 14.52 54.98
CA ARG JA 186 -58.03 14.78 56.36
C ARG JA 186 -58.39 13.61 57.24
N LEU JA 187 -57.49 13.25 58.12
CA LEU JA 187 -57.72 12.27 59.16
C LEU JA 187 -58.48 12.94 60.28
N GLN JA 188 -59.81 12.85 60.20
CA GLN JA 188 -60.66 13.47 61.19
C GLN JA 188 -60.53 12.74 62.52
N THR JA 189 -61.18 13.31 63.53
CA THR JA 189 -61.13 12.73 64.87
C THR JA 189 -62.12 11.58 65.02
N ALA JA 190 -63.41 11.81 64.69
CA ALA JA 190 -64.41 10.76 64.79
C ALA JA 190 -65.44 10.80 63.65
N GLY JA 191 -65.08 11.35 62.50
CA GLY JA 191 -66.05 11.57 61.43
C GLY JA 191 -65.54 11.33 60.03
N ASN JA 192 -64.62 10.39 59.89
CA ASN JA 192 -64.01 10.14 58.59
C ASN JA 192 -65.04 9.61 57.59
N VAL JA 193 -64.73 9.80 56.32
CA VAL JA 193 -65.65 9.51 55.22
C VAL JA 193 -65.50 8.06 54.81
N ASP JA 194 -66.61 7.47 54.37
CA ASP JA 194 -66.64 6.07 54.02
C ASP JA 194 -66.08 5.87 52.62
N HIS JA 195 -65.14 4.96 52.49
CA HIS JA 195 -64.68 4.48 51.22
C HIS JA 195 -65.49 3.25 50.81
N VAL JA 196 -65.53 3.01 49.52
CA VAL JA 196 -66.48 2.08 48.93
C VAL JA 196 -65.76 1.34 47.81
N GLY JA 197 -66.36 0.22 47.38
CA GLY JA 197 -65.69 -0.59 46.38
C GLY JA 197 -65.84 -2.09 46.37
N LEU JA 198 -66.75 -2.69 47.14
CA LEU JA 198 -66.98 -4.13 46.94
C LEU JA 198 -68.42 -4.53 47.21
N GLY JA 199 -68.95 -5.31 46.29
CA GLY JA 199 -70.24 -5.95 46.48
C GLY JA 199 -70.14 -7.41 46.07
N THR JA 200 -70.92 -8.24 46.76
CA THR JA 200 -70.81 -9.68 46.65
C THR JA 200 -72.16 -10.31 46.36
N ALA JA 201 -72.10 -11.53 45.86
CA ALA JA 201 -73.29 -12.36 45.67
C ALA JA 201 -72.89 -13.80 45.93
N PHE JA 202 -73.41 -14.37 47.01
CA PHE JA 202 -73.12 -15.73 47.41
C PHE JA 202 -74.33 -16.62 47.15
N GLU JA 203 -74.07 -17.79 46.60
CA GLU JA 203 -75.13 -18.75 46.33
C GLU JA 203 -75.50 -19.47 47.62
N ASN JA 204 -76.79 -19.48 47.92
CA ASN JA 204 -77.26 -20.06 49.16
C ASN JA 204 -77.13 -21.58 49.12
N SER JA 205 -77.29 -22.18 50.29
CA SER JA 205 -77.05 -23.60 50.47
C SER JA 205 -77.92 -24.12 51.61
N ILE JA 206 -77.99 -25.45 51.71
CA ILE JA 206 -78.70 -26.08 52.81
C ILE JA 206 -77.96 -25.88 54.11
N TYR JA 207 -76.64 -25.77 54.05
CA TYR JA 207 -75.80 -25.57 55.23
C TYR JA 207 -75.39 -24.10 55.34
N ASP JA 208 -75.07 -23.70 56.56
CA ASP JA 208 -74.60 -22.35 56.79
C ASP JA 208 -73.17 -22.19 56.30
N GLN JA 209 -72.91 -21.10 55.60
CA GLN JA 209 -71.60 -20.78 55.05
C GLN JA 209 -71.04 -19.59 55.81
N GLU JA 210 -70.04 -19.83 56.64
CA GLU JA 210 -69.42 -18.79 57.44
C GLU JA 210 -68.07 -18.41 56.84
N TYR JA 211 -67.69 -17.16 57.06
CA TYR JA 211 -66.43 -16.61 56.57
C TYR JA 211 -65.86 -15.66 57.61
N ASN JA 212 -64.54 -15.62 57.69
CA ASN JA 212 -63.81 -14.63 58.46
C ASN JA 212 -63.15 -13.69 57.47
N ILE JA 213 -63.64 -12.46 57.40
CA ILE JA 213 -63.22 -11.51 56.38
C ILE JA 213 -62.16 -10.61 56.99
N ARG JA 214 -61.00 -10.57 56.35
CA ARG JA 214 -59.87 -9.75 56.78
C ARG JA 214 -59.63 -8.69 55.73
N VAL JA 215 -59.91 -7.45 56.08
CA VAL JA 215 -59.68 -6.30 55.22
C VAL JA 215 -58.36 -5.67 55.62
N THR JA 216 -57.51 -5.41 54.64
CA THR JA 216 -56.22 -4.77 54.82
C THR JA 216 -56.19 -3.54 53.94
N MET JA 217 -56.04 -2.37 54.54
CA MET JA 217 -55.93 -1.11 53.82
C MET JA 217 -54.49 -0.64 53.80
N TYR JA 218 -54.01 -0.34 52.60
CA TYR JA 218 -52.69 0.20 52.39
C TYR JA 218 -52.81 1.71 52.23
N VAL JA 219 -52.40 2.44 53.26
CA VAL JA 219 -52.66 3.86 53.36
C VAL JA 219 -51.34 4.62 53.23
N GLN JA 220 -51.47 5.93 53.04
CA GLN JA 220 -50.34 6.83 52.87
C GLN JA 220 -50.70 8.11 53.60
N PHE JA 221 -49.94 8.41 54.64
CA PHE JA 221 -50.16 9.58 55.47
C PHE JA 221 -49.21 10.70 55.08
N ARG JA 222 -49.43 11.87 55.68
CA ARG JA 222 -48.66 13.06 55.37
C ARG JA 222 -48.71 14.00 56.56
N GLU JA 223 -47.64 14.78 56.72
CA GLU JA 223 -47.55 15.85 57.71
C GLU JA 223 -47.69 15.32 59.14
N PHE JA 224 -46.65 14.62 59.54
CA PHE JA 224 -46.41 14.27 60.94
C PHE JA 224 -46.68 15.45 61.84
N ASN JA 225 -47.58 15.28 62.80
CA ASN JA 225 -48.10 16.38 63.60
C ASN JA 225 -48.15 16.03 65.07
N LEU JA 226 -47.12 15.39 65.56
CA LEU JA 226 -47.08 15.03 66.97
C LEU JA 226 -47.03 16.27 67.83
N LYS JA 227 -47.71 16.22 68.97
CA LYS JA 227 -47.75 17.30 69.94
C LYS JA 227 -47.19 16.79 71.26
N ASP JA 228 -46.22 17.52 71.81
CA ASP JA 228 -45.48 17.11 72.98
C ASP JA 228 -45.57 18.18 74.05
N PRO JA 229 -46.64 18.17 74.83
CA PRO JA 229 -46.73 19.07 75.97
C PRO JA 229 -45.81 18.61 77.09
N PRO JA 230 -45.56 19.46 78.09
CA PRO JA 230 -44.79 19.01 79.24
C PRO JA 230 -45.57 18.03 80.10
N LEU JA 231 -44.95 17.59 81.20
CA LEU JA 231 -45.55 16.62 82.10
C LEU JA 231 -45.26 16.94 83.56
N GLY KA 43 -70.57 -0.41 13.54
CA GLY KA 43 -70.42 -0.13 14.96
C GLY KA 43 -70.30 -1.38 15.81
N ILE KA 44 -69.10 -1.92 15.85
CA ILE KA 44 -68.86 -3.20 16.49
C ILE KA 44 -68.78 -3.03 17.99
N PHE KA 45 -69.28 -4.03 18.71
CA PHE KA 45 -69.19 -4.08 20.16
C PHE KA 45 -69.13 -5.55 20.57
N ASN KA 46 -67.94 -6.01 20.88
CA ASN KA 46 -67.75 -7.34 21.42
C ASN KA 46 -67.98 -7.32 22.92
N THR KA 47 -68.85 -8.20 23.39
CA THR KA 47 -69.12 -8.31 24.81
C THR KA 47 -69.30 -9.79 25.18
N ARG KA 48 -69.81 -10.01 26.39
CA ARG KA 48 -69.90 -11.33 26.99
C ARG KA 48 -71.19 -11.40 27.78
N LEU KA 49 -71.99 -12.43 27.50
CA LEU KA 49 -73.28 -12.65 28.13
C LEU KA 49 -73.30 -14.04 28.73
N SER KA 50 -73.84 -14.15 29.93
CA SER KA 50 -73.83 -15.38 30.71
C SER KA 50 -75.23 -15.72 31.17
N ARG KA 51 -75.36 -16.94 31.68
CA ARG KA 51 -76.61 -17.57 32.07
C ARG KA 51 -76.26 -18.83 32.82
N THR KA 52 -77.03 -19.12 33.86
CA THR KA 52 -76.76 -20.24 34.75
C THR KA 52 -78.04 -21.04 34.98
N PHE KA 53 -77.90 -22.36 34.97
CA PHE KA 53 -79.02 -23.25 35.16
C PHE KA 53 -78.50 -24.59 35.62
N GLY KA 54 -79.43 -25.44 36.05
CA GLY KA 54 -79.11 -26.73 36.61
C GLY KA 54 -79.33 -27.92 35.71
N TYR KA 55 -78.62 -29.01 36.01
CA TYR KA 55 -78.76 -30.28 35.33
C TYR KA 55 -78.44 -31.38 36.32
N THR KA 56 -79.31 -32.38 36.39
CA THR KA 56 -79.16 -33.49 37.32
C THR KA 56 -79.26 -34.81 36.57
N ILE KA 57 -78.39 -35.73 36.94
CA ILE KA 57 -78.41 -37.10 36.46
C ILE KA 57 -78.93 -37.93 37.63
N LYS KA 58 -80.18 -38.37 37.54
CA LYS KA 58 -80.81 -39.11 38.61
C LYS KA 58 -80.15 -40.47 38.80
N ARG KA 59 -80.34 -41.03 39.99
CA ARG KA 59 -79.77 -42.31 40.35
C ARG KA 59 -80.47 -43.44 39.63
N THR KA 60 -79.77 -44.58 39.56
CA THR KA 60 -80.31 -45.79 38.95
C THR KA 60 -79.84 -47.00 39.75
N THR KA 61 -80.75 -47.95 39.94
CA THR KA 61 -80.42 -49.24 40.54
C THR KA 61 -79.72 -50.18 39.58
N VAL KA 62 -79.61 -49.81 38.30
CA VAL KA 62 -78.94 -50.66 37.32
C VAL KA 62 -77.50 -50.89 37.73
N LYS KA 63 -77.06 -52.14 37.59
CA LYS KA 63 -75.71 -52.53 38.01
C LYS KA 63 -74.68 -52.22 36.94
N THR KA 64 -75.04 -52.39 35.68
CA THR KA 64 -74.11 -52.21 34.58
C THR KA 64 -73.64 -50.77 34.48
N PRO KA 65 -72.57 -50.52 33.74
CA PRO KA 65 -72.23 -49.14 33.39
C PRO KA 65 -73.11 -48.67 32.25
N SER KA 66 -74.05 -47.80 32.58
CA SER KA 66 -74.91 -47.17 31.59
C SER KA 66 -74.67 -45.66 31.61
N TRP KA 67 -75.00 -45.02 30.50
CA TRP KA 67 -74.79 -43.60 30.33
C TRP KA 67 -76.11 -42.90 30.06
N ALA KA 68 -76.17 -41.64 30.52
CA ALA KA 68 -77.32 -40.77 30.35
C ALA KA 68 -76.97 -39.72 29.31
N VAL KA 69 -77.73 -39.68 28.24
CA VAL KA 69 -77.47 -38.82 27.11
C VAL KA 69 -78.43 -37.66 27.13
N ASP KA 70 -77.92 -36.48 26.78
CA ASP KA 70 -78.73 -35.28 26.70
C ASP KA 70 -78.07 -34.31 25.75
N MET KA 71 -78.83 -33.29 25.38
CA MET KA 71 -78.44 -32.30 24.39
C MET KA 71 -78.39 -30.91 25.02
N MET KA 72 -77.82 -29.97 24.28
CA MET KA 72 -77.66 -28.61 24.76
C MET KA 72 -77.62 -27.67 23.56
N ARG KA 73 -78.63 -26.82 23.44
CA ARG KA 73 -78.71 -25.77 22.45
C ARG KA 73 -78.47 -24.42 23.13
N PHE KA 74 -78.24 -23.40 22.30
CA PHE KA 74 -77.98 -22.05 22.77
C PHE KA 74 -78.79 -21.06 21.96
N ASN KA 75 -79.59 -20.24 22.64
CA ASN KA 75 -80.34 -19.17 22.02
C ASN KA 75 -80.06 -17.88 22.77
N ILE KA 76 -80.11 -16.78 22.01
CA ILE KA 76 -79.78 -15.47 22.57
C ILE KA 76 -80.92 -14.85 23.36
N ASN KA 77 -82.14 -15.38 23.24
CA ASN KA 77 -83.23 -14.87 24.06
C ASN KA 77 -83.01 -15.18 25.52
N ASP KA 78 -82.33 -16.28 25.82
CA ASP KA 78 -82.07 -16.67 27.18
C ASP KA 78 -80.94 -15.88 27.83
N PHE KA 79 -80.18 -15.14 27.04
CA PHE KA 79 -79.09 -14.30 27.54
C PHE KA 79 -79.40 -12.82 27.46
N LEU KA 80 -80.19 -12.41 26.48
CA LEU KA 80 -80.51 -11.01 26.23
C LEU KA 80 -82.00 -10.78 26.47
N PRO KA 81 -82.41 -10.06 27.51
CA PRO KA 81 -83.83 -9.90 27.75
C PRO KA 81 -84.45 -8.90 26.79
N PRO KA 82 -85.78 -8.79 26.78
CA PRO KA 82 -86.41 -7.75 26.01
C PRO KA 82 -86.19 -6.39 26.65
N GLY KA 83 -86.11 -5.38 25.80
CA GLY KA 83 -85.88 -4.02 26.27
C GLY KA 83 -87.14 -3.33 26.71
N GLY KA 84 -87.24 -2.05 26.40
CA GLY KA 84 -88.39 -1.28 26.76
C GLY KA 84 -88.57 -0.06 25.88
N GLY KA 85 -89.80 0.14 25.40
CA GLY KA 85 -90.09 1.27 24.56
C GLY KA 85 -89.80 1.03 23.10
N SER KA 86 -89.26 2.05 22.45
CA SER KA 86 -88.94 1.95 21.03
C SER KA 86 -87.77 1.03 20.76
N ASN KA 87 -86.98 0.70 21.78
CA ASN KA 87 -85.89 -0.25 21.66
C ASN KA 87 -86.39 -1.63 22.05
N PRO KA 88 -86.55 -2.57 21.12
CA PRO KA 88 -87.16 -3.85 21.49
C PRO KA 88 -86.28 -4.72 22.35
N ARG KA 89 -84.96 -4.52 22.32
CA ARG KA 89 -84.02 -5.31 23.08
C ARG KA 89 -83.20 -4.41 24.00
N SER KA 90 -82.57 -5.03 24.99
CA SER KA 90 -81.86 -4.29 26.02
C SER KA 90 -80.48 -3.85 25.57
N VAL KA 91 -79.90 -4.53 24.59
CA VAL KA 91 -78.64 -4.13 23.97
C VAL KA 91 -78.99 -3.47 22.64
N PRO KA 92 -78.82 -2.16 22.48
CA PRO KA 92 -79.35 -1.51 21.28
C PRO KA 92 -78.49 -1.68 20.04
N PHE KA 93 -78.61 -2.85 19.43
CA PHE KA 93 -77.93 -3.16 18.20
C PHE KA 93 -78.88 -3.94 17.30
N GLU KA 94 -78.55 -3.96 16.01
CA GLU KA 94 -79.37 -4.60 14.98
C GLU KA 94 -78.94 -6.02 14.70
N TYR KA 95 -77.66 -6.23 14.45
CA TYR KA 95 -77.12 -7.51 14.01
C TYR KA 95 -76.26 -8.12 15.09
N TYR KA 96 -76.04 -9.42 14.98
CA TYR KA 96 -75.19 -10.13 15.90
C TYR KA 96 -74.63 -11.37 15.22
N ARG KA 97 -73.58 -11.91 15.82
CA ARG KA 97 -73.06 -13.21 15.44
C ARG KA 97 -72.26 -13.75 16.61
N ILE KA 98 -72.56 -14.99 16.99
CA ILE KA 98 -71.94 -15.59 18.16
C ILE KA 98 -70.58 -16.13 17.75
N ARG KA 99 -69.55 -15.65 18.44
CA ARG KA 99 -68.18 -16.02 18.15
C ARG KA 99 -67.75 -17.29 18.87
N LYS KA 100 -68.03 -17.39 20.16
CA LYS KA 100 -67.63 -18.51 20.98
C LYS KA 100 -68.66 -18.73 22.06
N VAL KA 101 -68.66 -19.93 22.62
CA VAL KA 101 -69.43 -20.27 23.80
C VAL KA 101 -68.54 -21.07 24.73
N LYS KA 102 -68.70 -20.80 26.03
CA LYS KA 102 -68.00 -21.51 27.09
C LYS KA 102 -69.06 -22.15 27.97
N VAL KA 103 -69.17 -23.46 27.90
CA VAL KA 103 -70.04 -24.23 28.77
C VAL KA 103 -69.21 -24.76 29.92
N GLU KA 104 -69.61 -24.45 31.14
CA GLU KA 104 -68.91 -24.83 32.36
C GLU KA 104 -69.85 -25.69 33.18
N PHE KA 105 -69.46 -26.93 33.42
CA PHE KA 105 -70.16 -27.81 34.34
C PHE KA 105 -69.52 -27.65 35.71
N TRP KA 106 -70.15 -26.83 36.54
CA TRP KA 106 -69.70 -26.64 37.89
C TRP KA 106 -70.35 -27.68 38.79
N PRO KA 107 -69.60 -28.57 39.45
CA PRO KA 107 -70.24 -29.62 40.21
C PRO KA 107 -70.93 -29.10 41.45
N CYS KA 108 -71.91 -29.89 41.89
CA CYS KA 108 -72.64 -29.66 43.11
C CYS KA 108 -72.40 -30.73 44.16
N SER KA 109 -71.55 -31.68 43.88
CA SER KA 109 -71.38 -32.88 44.67
C SER KA 109 -70.07 -32.82 45.46
N PRO KA 110 -70.00 -33.42 46.63
CA PRO KA 110 -68.78 -33.35 47.42
C PRO KA 110 -67.68 -34.21 46.83
N ILE KA 111 -66.45 -33.90 47.23
CA ILE KA 111 -65.31 -34.68 46.79
C ILE KA 111 -65.20 -36.03 47.45
N THR KA 112 -66.06 -36.33 48.43
CA THR KA 112 -66.11 -37.63 49.07
C THR KA 112 -67.10 -38.57 48.42
N GLN KA 113 -67.79 -38.16 47.36
CA GLN KA 113 -68.82 -38.98 46.75
C GLN KA 113 -68.16 -40.09 45.95
N GLY KA 114 -68.66 -41.31 46.12
CA GLY KA 114 -68.15 -42.46 45.44
C GLY KA 114 -68.97 -42.82 44.23
N ASP KA 115 -68.75 -44.05 43.75
CA ASP KA 115 -69.38 -44.54 42.53
C ASP KA 115 -69.06 -43.61 41.36
N ARG KA 116 -67.80 -43.20 41.29
CA ARG KA 116 -67.37 -42.28 40.26
C ARG KA 116 -67.49 -42.93 38.88
N GLY KA 117 -67.39 -42.08 37.87
CA GLY KA 117 -67.61 -42.51 36.51
C GLY KA 117 -66.82 -41.71 35.50
N VAL KA 118 -67.07 -41.96 34.23
CA VAL KA 118 -66.35 -41.31 33.16
C VAL KA 118 -67.28 -41.17 31.97
N GLY KA 119 -67.38 -39.95 31.45
CA GLY KA 119 -68.27 -39.62 30.37
C GLY KA 119 -67.57 -38.89 29.24
N SER KA 120 -68.37 -38.24 28.40
CA SER KA 120 -67.84 -37.61 27.20
C SER KA 120 -68.75 -36.46 26.80
N SER KA 121 -68.12 -35.37 26.34
CA SER KA 121 -68.81 -34.23 25.78
C SER KA 121 -68.28 -33.98 24.38
N ALA KA 122 -69.19 -33.85 23.42
CA ALA KA 122 -68.83 -33.66 22.02
C ALA KA 122 -69.58 -32.46 21.46
N VAL KA 123 -69.05 -31.96 20.35
CA VAL KA 123 -69.55 -30.75 19.70
C VAL KA 123 -70.34 -31.17 18.47
N ILE KA 124 -71.62 -30.79 18.44
CA ILE KA 124 -72.59 -31.24 17.45
C ILE KA 124 -73.22 -30.02 16.82
N LEU KA 125 -72.73 -29.64 15.64
CA LEU KA 125 -73.07 -28.37 15.02
C LEU KA 125 -74.21 -28.46 14.03
N ASP KA 126 -75.15 -29.40 14.18
CA ASP KA 126 -76.14 -29.66 13.14
C ASP KA 126 -77.54 -30.01 13.61
N ASP KA 127 -77.82 -30.01 14.91
CA ASP KA 127 -79.17 -30.21 15.41
C ASP KA 127 -79.68 -31.63 15.18
N ASN KA 128 -78.77 -32.59 15.10
CA ASN KA 128 -79.12 -34.00 15.08
C ASN KA 128 -78.22 -34.67 16.12
N PHE KA 129 -78.73 -34.72 17.34
CA PHE KA 129 -78.06 -35.31 18.46
C PHE KA 129 -78.40 -36.78 18.58
N VAL KA 130 -77.57 -37.50 19.33
CA VAL KA 130 -77.97 -38.84 19.76
C VAL KA 130 -79.22 -38.70 20.61
N THR KA 131 -80.13 -39.64 20.45
CA THR KA 131 -81.42 -39.57 21.12
C THR KA 131 -81.22 -39.54 22.63
N LYS KA 132 -82.03 -38.73 23.30
CA LYS KA 132 -81.97 -38.64 24.74
C LYS KA 132 -82.31 -39.98 25.37
N ALA KA 133 -81.43 -40.42 26.27
CA ALA KA 133 -81.54 -41.72 26.90
C ALA KA 133 -81.26 -41.58 28.39
N THR KA 134 -81.90 -42.44 29.17
CA THR KA 134 -81.71 -42.48 30.61
C THR KA 134 -80.57 -43.40 31.00
N ALA KA 135 -80.58 -44.63 30.49
CA ALA KA 135 -79.54 -45.62 30.77
C ALA KA 135 -79.23 -46.36 29.47
N LEU KA 136 -78.30 -45.82 28.72
CA LEU KA 136 -77.82 -46.45 27.50
C LEU KA 136 -76.57 -47.26 27.79
N THR KA 137 -76.44 -48.40 27.13
CA THR KA 137 -75.42 -49.39 27.43
C THR KA 137 -74.03 -49.00 26.92
N TYR KA 138 -73.84 -47.79 26.42
CA TYR KA 138 -72.54 -47.39 25.90
C TYR KA 138 -72.51 -45.88 25.86
N ASP KA 139 -71.30 -45.35 25.67
CA ASP KA 139 -71.08 -43.91 25.53
C ASP KA 139 -71.05 -43.58 24.05
N PRO KA 140 -72.08 -42.95 23.48
CA PRO KA 140 -72.07 -42.71 22.05
C PRO KA 140 -71.05 -41.69 21.61
N TYR KA 141 -70.77 -40.71 22.45
CA TYR KA 141 -69.89 -39.60 22.12
C TYR KA 141 -68.43 -39.90 22.38
N VAL KA 142 -68.07 -41.17 22.58
CA VAL KA 142 -66.72 -41.50 23.01
C VAL KA 142 -65.74 -41.47 21.84
N ASN KA 143 -66.16 -41.96 20.68
CA ASN KA 143 -65.29 -42.02 19.52
C ASN KA 143 -65.36 -40.79 18.66
N TYR KA 144 -66.09 -39.76 19.10
CA TYR KA 144 -66.16 -38.52 18.37
C TYR KA 144 -64.83 -37.79 18.42
N SER KA 145 -64.48 -37.15 17.30
CA SER KA 145 -63.25 -36.40 17.21
C SER KA 145 -63.20 -35.22 18.16
N SER KA 146 -64.35 -34.72 18.59
CA SER KA 146 -64.44 -33.61 19.51
C SER KA 146 -64.77 -34.05 20.93
N ARG KA 147 -64.47 -35.29 21.27
CA ARG KA 147 -64.76 -35.80 22.59
C ARG KA 147 -63.73 -35.31 23.58
N HIS KA 148 -64.21 -34.79 24.71
CA HIS KA 148 -63.42 -34.54 25.89
C HIS KA 148 -63.99 -35.40 26.99
N THR KA 149 -63.11 -36.00 27.79
CA THR KA 149 -63.54 -36.84 28.89
C THR KA 149 -64.12 -36.01 30.01
N ILE KA 150 -65.24 -36.49 30.54
CA ILE KA 150 -65.87 -35.91 31.72
C ILE KA 150 -65.57 -36.86 32.86
N THR KA 151 -64.72 -36.41 33.78
CA THR KA 151 -64.61 -37.05 35.07
C THR KA 151 -65.78 -36.64 35.94
N GLN KA 152 -66.37 -37.61 36.62
CA GLN KA 152 -67.56 -37.43 37.42
C GLN KA 152 -67.28 -37.88 38.84
N PRO KA 153 -68.07 -37.39 39.82
CA PRO KA 153 -69.11 -36.37 39.82
C PRO KA 153 -68.65 -35.00 40.26
N PHE KA 154 -67.48 -34.92 40.88
CA PHE KA 154 -67.03 -33.73 41.60
C PHE KA 154 -65.96 -32.97 40.86
N SER KA 155 -65.95 -33.04 39.53
CA SER KA 155 -64.90 -32.47 38.72
C SER KA 155 -65.48 -31.48 37.72
N TYR KA 156 -64.72 -30.43 37.48
CA TYR KA 156 -65.11 -29.36 36.59
C TYR KA 156 -64.79 -29.72 35.15
N HIS KA 157 -65.69 -29.36 34.25
CA HIS KA 157 -65.58 -29.64 32.84
C HIS KA 157 -65.96 -28.39 32.07
N SER KA 158 -65.05 -27.91 31.24
CA SER KA 158 -65.27 -26.76 30.37
C SER KA 158 -65.14 -27.19 28.91
N ARG KA 159 -65.90 -26.52 28.06
CA ARG KA 159 -65.83 -26.69 26.62
C ARG KA 159 -65.94 -25.31 26.00
N TYR KA 160 -64.99 -24.96 25.15
CA TYR KA 160 -64.89 -23.66 24.52
C TYR KA 160 -64.82 -23.87 23.02
N PHE KA 161 -65.84 -23.41 22.30
CA PHE KA 161 -65.98 -23.72 20.90
C PHE KA 161 -66.82 -22.63 20.23
N THR KA 162 -66.94 -22.75 18.92
CA THR KA 162 -67.67 -21.81 18.09
C THR KA 162 -68.95 -22.46 17.61
N PRO KA 163 -70.13 -22.05 18.05
CA PRO KA 163 -71.35 -22.70 17.60
C PRO KA 163 -71.73 -22.30 16.19
N LYS KA 164 -72.82 -22.88 15.69
CA LYS KA 164 -73.33 -22.60 14.37
C LYS KA 164 -74.83 -22.46 14.45
N PRO KA 165 -75.43 -21.57 13.65
CA PRO KA 165 -76.89 -21.43 13.70
C PRO KA 165 -77.61 -22.43 12.84
N VAL KA 166 -78.86 -22.66 13.20
CA VAL KA 166 -79.73 -23.60 12.50
C VAL KA 166 -80.47 -22.80 11.44
N LEU KA 167 -79.85 -22.71 10.26
CA LEU KA 167 -80.44 -21.99 9.14
C LEU KA 167 -81.47 -22.84 8.41
N ASP KA 168 -81.15 -24.10 8.16
CA ASP KA 168 -82.09 -25.05 7.56
C ASP KA 168 -81.90 -26.38 8.26
N SER KA 169 -82.89 -26.77 9.06
CA SER KA 169 -82.82 -28.04 9.77
C SER KA 169 -83.02 -29.23 8.84
N THR KA 170 -83.55 -29.02 7.64
CA THR KA 170 -83.74 -30.11 6.70
C THR KA 170 -82.42 -30.54 6.06
N ILE KA 171 -81.56 -29.58 5.74
CA ILE KA 171 -80.31 -29.83 5.05
C ILE KA 171 -79.17 -29.81 6.06
N ASP KA 172 -79.28 -28.95 7.07
CA ASP KA 172 -78.32 -28.85 8.15
C ASP KA 172 -76.93 -28.52 7.62
N TYR KA 173 -76.82 -27.33 7.05
CA TYR KA 173 -75.56 -26.80 6.52
C TYR KA 173 -75.01 -25.74 7.45
N PHE KA 174 -73.69 -25.67 7.54
CA PHE KA 174 -73.03 -24.68 8.37
C PHE KA 174 -71.70 -24.29 7.76
N GLN KA 175 -71.19 -23.24 8.22
CA GLN KA 175 -69.95 -22.66 7.75
C GLN KA 175 -68.76 -23.15 8.57
N PRO KA 176 -67.58 -23.25 7.96
CA PRO KA 176 -66.39 -23.47 8.77
C PRO KA 176 -65.98 -22.23 9.53
N ASN KA 177 -64.99 -22.38 10.40
CA ASN KA 177 -64.59 -21.29 11.27
C ASN KA 177 -63.82 -20.25 10.48
N ASN KA 178 -64.36 -19.04 10.40
CA ASN KA 178 -63.70 -17.94 9.74
C ASN KA 178 -64.25 -16.67 10.37
N LYS KA 179 -63.42 -15.93 11.08
CA LYS KA 179 -63.90 -14.75 11.75
C LYS KA 179 -64.33 -13.68 10.77
N ARG KA 180 -63.72 -13.64 9.58
CA ARG KA 180 -64.00 -12.58 8.63
C ARG KA 180 -65.22 -12.86 7.79
N ASN KA 181 -65.58 -14.12 7.61
CA ASN KA 181 -66.68 -14.53 6.75
C ASN KA 181 -67.90 -15.01 7.50
N GLN KA 182 -67.90 -14.96 8.83
CA GLN KA 182 -69.03 -15.44 9.59
C GLN KA 182 -70.25 -14.57 9.34
N LEU KA 183 -71.38 -15.22 9.15
CA LEU KA 183 -72.62 -14.54 8.84
C LEU KA 183 -73.08 -13.68 10.00
N TRP KA 184 -73.67 -12.55 9.67
CA TRP KA 184 -74.36 -11.71 10.62
C TRP KA 184 -75.84 -12.08 10.58
N LEU KA 185 -76.39 -12.41 11.73
CA LEU KA 185 -77.81 -12.61 11.90
C LEU KA 185 -78.43 -11.33 12.45
N ARG KA 186 -79.75 -11.27 12.37
CA ARG KA 186 -80.50 -10.18 12.94
C ARG KA 186 -80.92 -10.52 14.35
N LEU KA 187 -80.80 -9.54 15.22
CA LEU KA 187 -81.28 -9.63 16.60
C LEU KA 187 -82.77 -9.37 16.57
N GLN KA 188 -83.54 -10.45 16.46
CA GLN KA 188 -84.98 -10.36 16.41
C GLN KA 188 -85.53 -9.93 17.76
N THR KA 189 -86.84 -9.68 17.78
CA THR KA 189 -87.49 -9.23 19.00
C THR KA 189 -87.80 -10.39 19.93
N ALA KA 190 -88.49 -11.43 19.42
CA ALA KA 190 -88.81 -12.60 20.25
C ALA KA 190 -88.71 -13.92 19.48
N GLY KA 191 -87.90 -13.98 18.43
CA GLY KA 191 -87.88 -15.15 17.57
C GLY KA 191 -86.52 -15.55 17.05
N ASN KA 192 -85.48 -15.32 17.84
CA ASN KA 192 -84.14 -15.60 17.40
C ASN KA 192 -83.93 -17.09 17.18
N VAL KA 193 -82.93 -17.40 16.36
CA VAL KA 193 -82.67 -18.76 15.91
C VAL KA 193 -81.75 -19.46 16.89
N ASP KA 194 -81.96 -20.77 17.03
CA ASP KA 194 -81.22 -21.56 17.99
C ASP KA 194 -79.85 -21.89 17.44
N HIS KA 195 -78.82 -21.62 18.23
CA HIS KA 195 -77.49 -22.12 17.97
C HIS KA 195 -77.28 -23.44 18.69
N VAL KA 196 -76.34 -24.21 18.17
CA VAL KA 196 -76.21 -25.60 18.52
C VAL KA 196 -74.72 -25.93 18.59
N GLY KA 197 -74.40 -27.07 19.22
CA GLY KA 197 -73.00 -27.39 19.42
C GLY KA 197 -72.53 -28.14 20.64
N LEU KA 198 -73.42 -28.71 21.46
CA LEU KA 198 -72.91 -29.58 22.52
C LEU KA 198 -73.85 -30.71 22.86
N GLY KA 199 -73.29 -31.91 22.94
CA GLY KA 199 -73.99 -33.06 23.45
C GLY KA 199 -73.12 -33.80 24.43
N THR KA 200 -73.78 -34.41 25.42
CA THR KA 200 -73.10 -34.98 26.57
C THR KA 200 -73.54 -36.42 26.79
N ALA KA 201 -72.71 -37.14 27.54
CA ALA KA 201 -73.03 -38.48 28.00
C ALA KA 201 -72.43 -38.66 29.38
N PHE KA 202 -73.28 -38.75 30.39
CA PHE KA 202 -72.87 -38.92 31.77
C PHE KA 202 -73.13 -40.33 32.23
N GLU KA 203 -72.16 -40.91 32.93
CA GLU KA 203 -72.30 -42.25 33.48
C GLU KA 203 -73.14 -42.19 34.73
N ASN KA 204 -74.16 -43.03 34.78
CA ASN KA 204 -75.09 -43.04 35.89
C ASN KA 204 -74.42 -43.60 37.14
N SER KA 205 -75.10 -43.40 38.27
CA SER KA 205 -74.54 -43.72 39.57
C SER KA 205 -75.68 -44.03 40.54
N ILE KA 206 -75.30 -44.60 41.68
CA ILE KA 206 -76.26 -44.87 42.74
C ILE KA 206 -76.75 -43.57 43.37
N TYR KA 207 -75.91 -42.56 43.37
CA TYR KA 207 -76.23 -41.26 43.94
C TYR KA 207 -76.58 -40.28 42.83
N ASP KA 208 -77.35 -39.26 43.20
CA ASP KA 208 -77.72 -38.21 42.26
C ASP KA 208 -76.52 -37.31 42.01
N GLN KA 209 -76.28 -37.00 40.74
CA GLN KA 209 -75.20 -36.13 40.31
C GLN KA 209 -75.79 -34.83 39.80
N GLU KA 210 -75.63 -33.75 40.55
CA GLU KA 210 -76.15 -32.45 40.20
C GLU KA 210 -75.02 -31.55 39.70
N TYR KA 211 -75.39 -30.64 38.81
CA TYR KA 211 -74.46 -29.68 38.22
C TYR KA 211 -75.16 -28.34 38.07
N ASN KA 212 -74.37 -27.27 38.21
CA ASN KA 212 -74.79 -25.92 37.88
C ASN KA 212 -74.04 -25.51 36.63
N ILE KA 213 -74.76 -25.41 35.52
CA ILE KA 213 -74.16 -25.17 34.22
C ILE KA 213 -74.22 -23.69 33.91
N ARG KA 214 -73.07 -23.10 33.65
CA ARG KA 214 -72.93 -21.69 33.32
C ARG KA 214 -72.47 -21.59 31.89
N VAL KA 215 -73.35 -21.09 31.02
CA VAL KA 215 -73.03 -20.85 29.62
C VAL KA 215 -72.70 -19.39 29.45
N THR KA 216 -71.59 -19.12 28.79
CA THR KA 216 -71.13 -17.77 28.49
C THR KA 216 -70.96 -17.67 26.99
N MET KA 217 -71.70 -16.76 26.37
CA MET KA 217 -71.61 -16.51 24.95
C MET KA 217 -70.85 -15.22 24.69
N TYR KA 218 -69.84 -15.32 23.83
CA TYR KA 218 -69.05 -14.18 23.40
C TYR KA 218 -69.58 -13.72 22.06
N VAL KA 219 -70.27 -12.60 22.05
CA VAL KA 219 -71.03 -12.15 20.90
C VAL KA 219 -70.39 -10.89 20.33
N GLN KA 220 -70.83 -10.52 19.14
CA GLN KA 220 -70.32 -9.37 18.42
C GLN KA 220 -71.50 -8.74 17.72
N PHE KA 221 -71.84 -7.53 18.12
CA PHE KA 221 -72.97 -6.80 17.58
C PHE KA 221 -72.52 -5.78 16.54
N ARG KA 222 -73.49 -5.17 15.88
CA ARG KA 222 -73.23 -4.24 14.79
C ARG KA 222 -74.41 -3.31 14.65
N GLU KA 223 -74.13 -2.08 14.22
CA GLU KA 223 -75.13 -1.08 13.88
C GLU KA 223 -75.99 -0.70 15.08
N PHE KA 224 -75.35 0.00 16.00
CA PHE KA 224 -76.00 0.73 17.09
C PHE KA 224 -77.23 1.46 16.57
N ASN KA 225 -78.38 1.17 17.14
CA ASN KA 225 -79.66 1.62 16.61
C ASN KA 225 -80.56 2.17 17.70
N LEU KA 226 -79.99 2.93 18.62
CA LEU KA 226 -80.78 3.49 19.70
C LEU KA 226 -81.80 4.48 19.14
N LYS KA 227 -82.98 4.49 19.74
CA LYS KA 227 -84.05 5.40 19.38
C LYS KA 227 -84.41 6.25 20.57
N ASP KA 228 -84.43 7.57 20.37
CA ASP KA 228 -84.59 8.55 21.43
C ASP KA 228 -85.77 9.44 21.13
N PRO KA 229 -86.99 9.01 21.46
CA PRO KA 229 -88.14 9.88 21.32
C PRO KA 229 -88.14 10.94 22.42
N PRO KA 230 -88.96 11.97 22.28
CA PRO KA 230 -89.09 12.94 23.38
C PRO KA 230 -89.81 12.36 24.59
N LEU KA 231 -89.99 13.18 25.60
CA LEU KA 231 -90.62 12.76 26.85
C LEU KA 231 -91.54 13.84 27.41
N GLY LA 43 -54.41 -46.90 1.09
CA GLY LA 43 -55.36 -45.98 1.67
C GLY LA 43 -55.39 -46.01 3.17
N ILE LA 44 -54.46 -45.30 3.77
CA ILE LA 44 -54.24 -45.35 5.21
C ILE LA 44 -55.28 -44.48 5.91
N PHE LA 45 -55.70 -44.95 7.08
CA PHE LA 45 -56.61 -44.20 7.94
C PHE LA 45 -56.28 -44.58 9.38
N ASN LA 46 -55.56 -43.70 10.07
CA ASN LA 46 -55.31 -43.86 11.48
C ASN LA 46 -56.48 -43.30 12.28
N THR LA 47 -57.01 -44.11 13.18
CA THR LA 47 -58.10 -43.69 14.04
C THR LA 47 -57.90 -44.26 15.43
N ARG LA 48 -58.96 -44.18 16.23
CA ARG LA 48 -58.92 -44.51 17.64
C ARG LA 48 -60.25 -45.15 18.02
N LEU LA 49 -60.17 -46.33 18.62
CA LEU LA 49 -61.34 -47.10 19.02
C LEU LA 49 -61.23 -47.41 20.51
N SER LA 50 -62.35 -47.28 21.21
CA SER LA 50 -62.40 -47.44 22.65
C SER LA 50 -63.47 -48.44 23.05
N ARG LA 51 -63.44 -48.79 24.33
CA ARG LA 51 -64.25 -49.83 24.92
C ARG LA 51 -64.07 -49.74 26.42
N THR LA 52 -65.14 -49.94 27.16
CA THR LA 52 -65.15 -49.78 28.61
C THR LA 52 -65.81 -50.98 29.25
N PHE LA 53 -65.22 -51.44 30.35
CA PHE LA 53 -65.72 -52.59 31.08
C PHE LA 53 -65.20 -52.54 32.51
N GLY LA 54 -65.76 -53.41 33.35
CA GLY LA 54 -65.45 -53.42 34.76
C GLY LA 54 -64.53 -54.54 35.21
N TYR LA 55 -63.87 -54.30 36.35
CA TYR LA 55 -63.03 -55.29 37.00
C TYR LA 55 -63.07 -55.02 38.49
N THR LA 56 -63.30 -56.08 39.26
CA THR LA 56 -63.41 -55.99 40.71
C THR LA 56 -62.46 -56.98 41.36
N ILE LA 57 -61.82 -56.53 42.43
CA ILE LA 57 -61.00 -57.36 43.29
C ILE LA 57 -61.80 -57.54 44.56
N LYS LA 58 -62.35 -58.72 44.74
CA LYS LA 58 -63.20 -59.00 45.89
C LYS LA 58 -62.40 -58.99 47.18
N ARG LA 59 -63.11 -58.79 48.28
CA ARG LA 59 -62.50 -58.72 49.60
C ARG LA 59 -62.03 -60.09 50.06
N THR LA 60 -61.12 -60.08 51.03
CA THR LA 60 -60.59 -61.28 51.64
C THR LA 60 -60.37 -61.05 53.12
N THR LA 61 -60.73 -62.07 53.92
CA THR LA 61 -60.44 -62.06 55.34
C THR LA 61 -58.99 -62.39 55.66
N VAL LA 62 -58.19 -62.76 54.65
CA VAL LA 62 -56.79 -63.09 54.87
C VAL LA 62 -56.06 -61.89 55.45
N LYS LA 63 -55.22 -62.15 56.44
CA LYS LA 63 -54.50 -61.08 57.13
C LYS LA 63 -53.24 -60.67 56.39
N THR LA 64 -52.55 -61.63 55.78
CA THR LA 64 -51.30 -61.37 55.12
C THR LA 64 -51.47 -60.44 53.93
N PRO LA 65 -50.38 -59.87 53.42
CA PRO LA 65 -50.46 -59.21 52.13
C PRO LA 65 -50.42 -60.22 51.00
N SER LA 66 -51.56 -60.43 50.37
CA SER LA 66 -51.69 -61.29 49.21
C SER LA 66 -52.12 -60.47 48.02
N TRP LA 67 -51.81 -60.98 46.83
CA TRP LA 67 -52.11 -60.31 45.58
C TRP LA 67 -53.03 -61.14 44.72
N ALA LA 68 -53.85 -60.43 43.94
CA ALA LA 68 -54.79 -61.03 43.00
C ALA LA 68 -54.26 -60.82 41.60
N VAL LA 69 -54.05 -61.91 40.89
CA VAL LA 69 -53.43 -61.88 39.58
C VAL LA 69 -54.49 -62.12 38.53
N ASP LA 70 -54.38 -61.40 37.41
CA ASP LA 70 -55.30 -61.56 36.30
C ASP LA 70 -54.60 -61.10 35.03
N MET LA 71 -55.22 -61.43 33.91
CA MET LA 71 -54.67 -61.18 32.59
C MET LA 71 -55.60 -60.26 31.80
N MET LA 72 -55.08 -59.77 30.68
CA MET LA 72 -55.83 -58.84 29.83
C MET LA 72 -55.35 -58.99 28.40
N ARG LA 73 -56.23 -59.47 27.53
CA ARG LA 73 -56.01 -59.56 26.10
C ARG LA 73 -56.82 -58.49 25.39
N PHE LA 74 -56.51 -58.28 24.12
CA PHE LA 74 -57.17 -57.27 23.29
C PHE LA 74 -57.51 -57.88 21.94
N ASN LA 75 -58.77 -57.81 21.57
CA ASN LA 75 -59.25 -58.23 20.26
C ASN LA 75 -60.05 -57.11 19.63
N ILE LA 76 -59.99 -57.04 18.31
CA ILE LA 76 -60.65 -55.96 17.57
C ILE LA 76 -62.14 -56.19 17.38
N ASN LA 77 -62.63 -57.41 17.62
CA ASN LA 77 -64.07 -57.63 17.55
C ASN LA 77 -64.80 -56.88 18.65
N ASP LA 78 -64.16 -56.69 19.80
CA ASP LA 78 -64.76 -55.99 20.91
C ASP LA 78 -64.78 -54.48 20.72
N PHE LA 79 -64.04 -53.96 19.75
CA PHE LA 79 -64.01 -52.54 19.46
C PHE LA 79 -64.71 -52.19 18.16
N LEU LA 80 -64.70 -53.09 17.19
CA LEU LA 80 -65.27 -52.87 15.87
C LEU LA 80 -66.46 -53.79 15.66
N PRO LA 81 -67.69 -53.30 15.60
CA PRO LA 81 -68.82 -54.21 15.46
C PRO LA 81 -68.93 -54.72 14.04
N PRO LA 82 -69.82 -55.69 13.81
CA PRO LA 82 -70.09 -56.11 12.44
C PRO LA 82 -70.89 -55.06 11.71
N GLY LA 83 -70.65 -54.98 10.40
CA GLY LA 83 -71.32 -54.00 9.58
C GLY LA 83 -72.69 -54.46 9.13
N GLY LA 84 -73.02 -54.15 7.89
CA GLY LA 84 -74.30 -54.53 7.34
C GLY LA 84 -74.28 -54.57 5.83
N GLY LA 85 -74.80 -55.66 5.27
CA GLY LA 85 -74.86 -55.82 3.83
C GLY LA 85 -73.59 -56.39 3.25
N SER LA 86 -73.19 -55.87 2.10
CA SER LA 86 -72.00 -56.36 1.43
C SER LA 86 -70.72 -55.97 2.15
N ASN LA 87 -70.79 -55.02 3.09
CA ASN LA 87 -69.66 -54.64 3.90
C ASN LA 87 -69.72 -55.42 5.21
N PRO LA 88 -68.83 -56.39 5.44
CA PRO LA 88 -68.99 -57.22 6.65
C PRO LA 88 -68.68 -56.50 7.94
N ARG LA 89 -67.90 -55.42 7.88
CA ARG LA 89 -67.52 -54.65 9.06
C ARG LA 89 -67.96 -53.21 8.91
N SER LA 90 -67.99 -52.51 10.04
CA SER LA 90 -68.52 -51.16 10.09
C SER LA 90 -67.50 -50.13 9.61
N VAL LA 91 -66.23 -50.45 9.69
CA VAL LA 91 -65.16 -49.61 9.13
C VAL LA 91 -64.72 -50.25 7.82
N PRO LA 92 -65.00 -49.63 6.66
CA PRO LA 92 -64.78 -50.35 5.40
C PRO LA 92 -63.33 -50.36 4.93
N PHE LA 93 -62.55 -51.25 5.55
CA PHE LA 93 -61.16 -51.46 5.19
C PHE LA 93 -60.87 -52.94 5.23
N GLU LA 94 -59.78 -53.33 4.56
CA GLU LA 94 -59.38 -54.71 4.43
C GLU LA 94 -58.37 -55.13 5.49
N TYR LA 95 -57.31 -54.35 5.66
CA TYR LA 95 -56.20 -54.70 6.52
C TYR LA 95 -56.14 -53.77 7.71
N TYR LA 96 -55.44 -54.22 8.74
CA TYR LA 96 -55.26 -53.42 9.93
C TYR LA 96 -53.97 -53.84 10.63
N ARG LA 97 -53.51 -52.97 11.53
CA ARG LA 97 -52.43 -53.30 12.43
C ARG LA 97 -52.51 -52.36 13.61
N ILE LA 98 -52.50 -52.93 14.81
CA ILE LA 98 -52.65 -52.15 16.03
C ILE LA 98 -51.32 -51.53 16.38
N ARG LA 99 -51.30 -50.21 16.48
CA ARG LA 99 -50.10 -49.44 16.76
C ARG LA 99 -49.83 -49.31 18.25
N LYS LA 100 -50.85 -48.95 19.02
CA LYS LA 100 -50.72 -48.71 20.44
C LYS LA 100 -52.03 -49.08 21.12
N VAL LA 101 -51.94 -49.31 22.43
CA VAL LA 101 -53.09 -49.48 23.28
C VAL LA 101 -52.85 -48.67 24.55
N LYS LA 102 -53.93 -48.07 25.04
CA LYS LA 102 -53.94 -47.32 26.29
C LYS LA 102 -54.97 -47.96 27.20
N VAL LA 103 -54.50 -48.65 28.22
CA VAL LA 103 -55.35 -49.21 29.25
C VAL LA 103 -55.39 -48.24 30.42
N GLU LA 104 -56.60 -47.84 30.80
CA GLU LA 104 -56.82 -46.87 31.86
C GLU LA 104 -57.65 -47.55 32.93
N PHE LA 105 -57.10 -47.66 34.13
CA PHE LA 105 -57.82 -48.13 35.30
C PHE LA 105 -58.41 -46.92 36.00
N TRP LA 106 -59.67 -46.65 35.72
CA TRP LA 106 -60.37 -45.56 36.37
C TRP LA 106 -61.00 -46.08 37.66
N PRO LA 107 -60.63 -45.55 38.83
CA PRO LA 107 -61.16 -46.11 40.05
C PRO LA 107 -62.63 -45.83 40.25
N CYS LA 108 -63.24 -46.69 41.05
CA CYS LA 108 -64.62 -46.57 41.46
C CYS LA 108 -64.78 -46.32 42.94
N SER LA 109 -63.68 -46.22 43.67
CA SER LA 109 -63.66 -46.21 45.11
C SER LA 109 -63.37 -44.80 45.62
N PRO LA 110 -63.90 -44.44 46.79
CA PRO LA 110 -63.68 -43.09 47.30
C PRO LA 110 -62.27 -42.90 47.78
N ILE LA 111 -61.88 -41.62 47.89
CA ILE LA 111 -60.55 -41.30 48.38
C ILE LA 111 -60.42 -41.48 49.89
N THR LA 112 -61.51 -41.78 50.58
CA THR LA 112 -61.49 -42.06 52.01
C THR LA 112 -61.32 -43.53 52.32
N GLN LA 113 -61.20 -44.39 51.32
CA GLN LA 113 -61.13 -45.82 51.56
C GLN LA 113 -59.76 -46.18 52.09
N GLY LA 114 -59.73 -46.99 53.14
CA GLY LA 114 -58.51 -47.42 53.76
C GLY LA 114 -58.07 -48.80 53.30
N ASP LA 115 -57.15 -49.37 54.05
CA ASP LA 115 -56.54 -50.64 53.72
C ASP LA 115 -55.90 -50.58 52.34
N ARG LA 116 -55.21 -49.48 52.09
CA ARG LA 116 -54.59 -49.25 50.80
C ARG LA 116 -53.50 -50.29 50.56
N GLY LA 117 -53.06 -50.34 49.30
CA GLY LA 117 -52.13 -51.35 48.88
C GLY LA 117 -51.25 -50.89 47.74
N VAL LA 118 -50.46 -51.81 47.21
CA VAL LA 118 -49.52 -51.50 46.15
C VAL LA 118 -49.36 -52.72 45.27
N GLY LA 119 -49.53 -52.53 43.97
CA GLY LA 119 -49.49 -53.60 43.00
C GLY LA 119 -48.57 -53.31 41.84
N SER LA 120 -48.75 -54.04 40.75
CA SER LA 120 -47.85 -53.96 39.63
C SER LA 120 -48.58 -54.36 38.36
N SER LA 121 -48.29 -53.64 37.28
CA SER LA 121 -48.78 -53.96 35.94
C SER LA 121 -47.59 -54.12 35.01
N ALA LA 122 -47.56 -55.22 34.28
CA ALA LA 122 -46.48 -55.55 33.38
C ALA LA 122 -47.01 -55.88 32.00
N VAL LA 123 -46.13 -55.80 31.02
CA VAL LA 123 -46.45 -55.99 29.61
C VAL LA 123 -45.97 -57.37 29.19
N ILE LA 124 -46.91 -58.19 28.73
CA ILE LA 124 -46.67 -59.61 28.46
C ILE LA 124 -47.11 -59.87 27.02
N LEU LA 125 -46.16 -59.92 26.11
CA LEU LA 125 -46.43 -59.94 24.69
C LEU LA 125 -46.44 -61.33 24.08
N ASP LA 126 -46.80 -62.38 24.85
CA ASP LA 126 -46.63 -63.74 24.38
C ASP LA 126 -47.70 -64.74 24.79
N ASP LA 127 -48.75 -64.32 25.48
CA ASP LA 127 -49.88 -65.20 25.79
C ASP LA 127 -49.51 -66.30 26.77
N ASN LA 128 -48.52 -66.05 27.62
CA ASN LA 128 -48.19 -66.93 28.74
C ASN LA 128 -48.07 -66.01 29.94
N PHE LA 129 -49.19 -65.85 30.62
CA PHE LA 129 -49.30 -65.03 31.80
C PHE LA 129 -49.04 -65.86 33.04
N VAL LA 130 -48.75 -65.18 34.15
CA VAL LA 130 -48.79 -65.83 35.44
C VAL LA 130 -50.20 -66.32 35.67
N THR LA 131 -50.32 -67.50 36.26
CA THR LA 131 -51.62 -68.12 36.44
C THR LA 131 -52.52 -67.23 37.29
N LYS LA 132 -53.79 -67.20 36.91
CA LYS LA 132 -54.76 -66.40 37.64
C LYS LA 132 -54.90 -66.93 39.06
N ALA LA 133 -54.78 -66.01 40.02
CA ALA LA 133 -54.79 -66.33 41.43
C ALA LA 133 -55.66 -65.34 42.17
N THR LA 134 -56.28 -65.82 43.25
CA THR LA 134 -57.11 -64.99 44.10
C THR LA 134 -56.30 -64.32 45.21
N ALA LA 135 -55.49 -65.10 45.93
CA ALA LA 135 -54.66 -64.58 47.01
C ALA LA 135 -53.31 -65.29 46.92
N LEU LA 136 -52.40 -64.71 46.15
CA LEU LA 136 -51.03 -65.19 46.04
C LEU LA 136 -50.14 -64.44 47.00
N THR LA 137 -49.18 -65.15 47.59
CA THR LA 137 -48.36 -64.63 48.68
C THR LA 137 -47.29 -63.66 48.22
N TYR LA 138 -47.28 -63.24 46.97
CA TYR LA 138 -46.26 -62.33 46.48
C TYR LA 138 -46.78 -61.68 45.19
N ASP LA 139 -46.09 -60.61 44.78
CA ASP LA 139 -46.39 -59.92 43.56
C ASP LA 139 -45.50 -60.47 42.45
N PRO LA 140 -46.02 -61.26 41.52
CA PRO LA 140 -45.13 -61.85 40.52
C PRO LA 140 -44.58 -60.84 39.54
N TYR LA 141 -45.33 -59.80 39.22
CA TYR LA 141 -44.96 -58.83 38.22
C TYR LA 141 -44.11 -57.70 38.76
N VAL LA 142 -43.53 -57.87 39.95
CA VAL LA 142 -42.84 -56.77 40.60
C VAL LA 142 -41.44 -56.59 40.04
N ASN LA 143 -40.74 -57.66 39.75
CA ASN LA 143 -39.38 -57.59 39.24
C ASN LA 143 -39.32 -57.53 37.72
N TYR LA 144 -40.46 -57.45 37.06
CA TYR LA 144 -40.47 -57.32 35.62
C TYR LA 144 -39.94 -55.97 35.19
N SER LA 145 -39.22 -55.97 34.07
CA SER LA 145 -38.64 -54.76 33.54
C SER LA 145 -39.69 -53.76 33.10
N SER LA 146 -40.91 -54.23 32.80
CA SER LA 146 -42.01 -53.38 32.40
C SER LA 146 -43.00 -53.13 33.51
N ARG LA 147 -42.58 -53.26 34.76
CA ARG LA 147 -43.47 -53.06 35.88
C ARG LA 147 -43.67 -51.58 36.13
N HIS LA 148 -44.92 -51.19 36.29
CA HIS LA 148 -45.32 -49.90 36.82
C HIS LA 148 -46.10 -50.17 38.08
N THR LA 149 -45.85 -49.36 39.11
CA THR LA 149 -46.54 -49.51 40.37
C THR LA 149 -47.98 -49.07 40.25
N ILE LA 150 -48.87 -49.87 40.82
CA ILE LA 150 -50.28 -49.55 40.94
C ILE LA 150 -50.51 -49.15 42.40
N THR LA 151 -50.76 -47.88 42.62
CA THR LA 151 -51.31 -47.43 43.89
C THR LA 151 -52.80 -47.74 43.91
N GLN LA 152 -53.26 -48.26 45.03
CA GLN LA 152 -54.62 -48.72 45.20
C GLN LA 152 -55.24 -48.01 46.40
N PRO LA 153 -56.58 -47.93 46.46
CA PRO LA 153 -57.63 -48.29 45.51
C PRO LA 153 -58.16 -47.16 44.67
N PHE LA 154 -57.86 -45.92 45.07
CA PHE LA 154 -58.51 -44.73 44.54
C PHE LA 154 -57.61 -43.94 43.60
N SER LA 155 -56.69 -44.61 42.93
CA SER LA 155 -55.68 -43.95 42.12
C SER LA 155 -55.76 -44.46 40.69
N TYR LA 156 -55.51 -43.56 39.76
CA TYR LA 156 -55.56 -43.82 38.34
C TYR LA 156 -54.25 -44.43 37.87
N HIS LA 157 -54.35 -45.42 36.99
CA HIS LA 157 -53.22 -46.13 36.44
C HIS LA 157 -53.41 -46.25 34.94
N SER LA 158 -52.45 -45.76 34.18
CA SER LA 158 -52.44 -45.87 32.73
C SER LA 158 -51.22 -46.65 32.28
N ARG LA 159 -51.38 -47.36 31.16
CA ARG LA 159 -50.30 -48.07 30.51
C ARG LA 159 -50.47 -47.87 29.02
N TYR LA 160 -49.42 -47.41 28.36
CA TYR LA 160 -49.42 -47.09 26.94
C TYR LA 160 -48.29 -47.84 26.28
N PHE LA 161 -48.63 -48.77 25.40
CA PHE LA 161 -47.66 -49.70 24.86
C PHE LA 161 -48.15 -50.20 23.51
N THR LA 162 -47.29 -50.98 22.86
CA THR LA 162 -47.56 -51.55 21.55
C THR LA 162 -47.79 -53.04 21.68
N PRO LA 163 -49.00 -53.55 21.47
CA PRO LA 163 -49.22 -54.98 21.64
C PRO LA 163 -48.67 -55.78 20.47
N LYS LA 164 -48.81 -57.10 20.55
CA LYS LA 164 -48.33 -58.01 19.54
C LYS LA 164 -49.40 -59.07 19.31
N PRO LA 165 -49.57 -59.52 18.08
CA PRO LA 165 -50.58 -60.56 17.83
C PRO LA 165 -50.07 -61.96 18.11
N VAL LA 166 -51.03 -62.84 18.36
CA VAL LA 166 -50.76 -64.24 18.66
C VAL LA 166 -50.81 -64.98 17.33
N LEU LA 167 -49.67 -65.05 16.66
CA LEU LA 167 -49.56 -65.73 15.39
C LEU LA 167 -49.40 -67.23 15.58
N ASP LA 168 -48.54 -67.64 16.52
CA ASP LA 168 -48.37 -69.05 16.85
C ASP LA 168 -48.22 -69.13 18.36
N SER LA 169 -49.24 -69.66 19.03
CA SER LA 169 -49.20 -69.82 20.48
C SER LA 169 -48.25 -70.92 20.92
N THR LA 170 -47.85 -71.81 20.03
CA THR LA 170 -46.92 -72.88 20.38
C THR LA 170 -45.50 -72.35 20.51
N ILE LA 171 -45.11 -71.45 19.62
CA ILE LA 171 -43.75 -70.92 19.58
C ILE LA 171 -43.72 -69.55 20.23
N ASP LA 172 -44.79 -68.80 20.08
CA ASP LA 172 -44.95 -67.49 20.71
C ASP LA 172 -43.83 -66.54 20.28
N TYR LA 173 -43.82 -66.22 18.98
CA TYR LA 173 -42.88 -65.30 18.40
C TYR LA 173 -43.56 -63.97 18.09
N PHE LA 174 -42.80 -62.89 18.22
CA PHE LA 174 -43.32 -61.56 17.94
C PHE LA 174 -42.20 -60.68 17.43
N GLN LA 175 -42.58 -59.61 16.86
CA GLN LA 175 -41.71 -58.65 16.25
C GLN LA 175 -41.31 -57.56 17.22
N PRO LA 176 -40.12 -56.98 17.09
CA PRO LA 176 -39.83 -55.77 17.85
C PRO LA 176 -40.55 -54.56 17.30
N ASN LA 177 -40.46 -53.45 18.00
CA ASN LA 177 -41.19 -52.26 17.63
C ASN LA 177 -40.56 -51.61 16.42
N ASN LA 178 -41.32 -51.56 15.32
CA ASN LA 178 -40.86 -50.90 14.11
C ASN LA 178 -42.12 -50.48 13.36
N LYS LA 179 -42.34 -49.19 13.24
CA LYS LA 179 -43.55 -48.73 12.59
C LYS LA 179 -43.56 -49.09 11.11
N ARG LA 180 -42.39 -49.17 10.49
CA ARG LA 180 -42.32 -49.39 9.05
C ARG LA 180 -42.44 -50.86 8.68
N ASN LA 181 -42.06 -51.76 9.59
CA ASN LA 181 -42.01 -53.18 9.32
C ASN LA 181 -43.12 -53.96 10.02
N GLN LA 182 -44.03 -53.29 10.72
CA GLN LA 182 -45.09 -54.00 11.42
C GLN LA 182 -46.02 -54.68 10.44
N LEU LA 183 -46.36 -55.91 10.75
CA LEU LA 183 -47.19 -56.73 9.89
C LEU LA 183 -48.59 -56.16 9.79
N TRP LA 184 -49.17 -56.28 8.61
CA TRP LA 184 -50.57 -56.01 8.38
C TRP LA 184 -51.35 -57.31 8.50
N LEU LA 185 -52.35 -57.30 9.37
CA LEU LA 185 -53.28 -58.40 9.47
C LEU LA 185 -54.53 -58.08 8.67
N ARG LA 186 -55.33 -59.10 8.43
CA ARG LA 186 -56.61 -58.94 7.78
C ARG LA 186 -57.70 -58.71 8.80
N LEU LA 187 -58.58 -57.78 8.49
CA LEU LA 187 -59.77 -57.53 9.28
C LEU LA 187 -60.81 -58.57 8.89
N GLN LA 188 -60.81 -59.67 9.65
CA GLN LA 188 -61.72 -60.76 9.40
C GLN LA 188 -63.14 -60.35 9.73
N THR LA 189 -64.08 -61.24 9.41
CA THR LA 189 -65.49 -60.95 9.65
C THR LA 189 -65.87 -61.23 11.10
N ALA LA 190 -65.57 -62.44 11.60
CA ALA LA 190 -65.89 -62.78 12.98
C ALA LA 190 -64.82 -63.64 13.66
N GLY LA 191 -63.57 -63.57 13.20
CA GLY LA 191 -62.53 -64.46 13.69
C GLY LA 191 -61.17 -63.83 13.87
N ASN LA 192 -61.13 -62.56 14.23
CA ASN LA 192 -59.87 -61.85 14.36
C ASN LA 192 -59.03 -62.44 15.48
N VAL LA 193 -57.74 -62.20 15.38
CA VAL LA 193 -56.74 -62.80 16.27
C VAL LA 193 -56.57 -61.91 17.49
N ASP LA 194 -56.30 -62.56 18.63
CA ASP LA 194 -56.18 -61.87 19.88
C ASP LA 194 -54.81 -61.22 20.00
N HIS LA 195 -54.80 -59.93 20.33
CA HIS LA 195 -53.59 -59.25 20.71
C HIS LA 195 -53.44 -59.30 22.23
N VAL LA 196 -52.20 -59.17 22.67
CA VAL LA 196 -51.83 -59.48 24.03
C VAL LA 196 -50.81 -58.45 24.50
N GLY LA 197 -50.59 -58.37 25.81
CA GLY LA 197 -49.73 -57.34 26.33
C GLY LA 197 -49.97 -56.71 27.68
N LEU LA 198 -50.87 -57.23 28.52
CA LEU LA 198 -50.92 -56.70 29.88
C LEU LA 198 -51.33 -57.74 30.90
N GLY LA 199 -50.58 -57.77 31.99
CA GLY LA 199 -50.94 -58.56 33.15
C GLY LA 199 -50.76 -57.73 34.41
N THR LA 200 -51.61 -58.01 35.38
CA THR LA 200 -51.75 -57.18 36.57
C THR LA 200 -51.63 -58.01 37.83
N ALA LA 201 -51.35 -57.33 38.93
CA ALA LA 201 -51.36 -57.92 40.25
C ALA LA 201 -51.83 -56.85 41.23
N PHE LA 202 -53.01 -57.06 41.78
CA PHE LA 202 -53.62 -56.14 42.73
C PHE LA 202 -53.57 -56.73 44.13
N GLU LA 203 -53.20 -55.90 45.09
CA GLU LA 203 -53.15 -56.31 46.48
C GLU LA 203 -54.56 -56.31 47.06
N ASN LA 204 -54.91 -57.43 47.67
CA ASN LA 204 -56.26 -57.61 48.19
C ASN LA 204 -56.47 -56.72 49.41
N SER LA 205 -57.73 -56.61 49.81
CA SER LA 205 -58.13 -55.69 50.87
C SER LA 205 -59.38 -56.23 51.55
N ILE LA 206 -59.70 -55.62 52.69
CA ILE LA 206 -60.93 -55.97 53.41
C ILE LA 206 -62.14 -55.49 52.64
N TYR LA 207 -62.00 -54.41 51.88
CA TYR LA 207 -63.08 -53.84 51.10
C TYR LA 207 -62.93 -54.22 49.63
N ASP LA 208 -64.05 -54.20 48.93
CA ASP LA 208 -64.03 -54.48 47.51
C ASP LA 208 -63.46 -53.31 46.74
N GLN LA 209 -62.56 -53.61 45.80
CA GLN LA 209 -61.91 -52.62 44.96
C GLN LA 209 -62.44 -52.77 43.53
N GLU LA 210 -63.25 -51.83 43.10
CA GLU LA 210 -63.83 -51.84 41.76
C GLU LA 210 -63.12 -50.85 40.87
N TYR LA 211 -63.09 -51.16 39.58
CA TYR LA 211 -62.47 -50.33 38.56
C TYR LA 211 -63.31 -50.37 37.29
N ASN LA 212 -63.31 -49.25 36.58
CA ASN LA 212 -63.87 -49.16 35.23
C ASN LA 212 -62.71 -49.03 34.28
N ILE LA 213 -62.45 -50.07 33.50
CA ILE LA 213 -61.28 -50.14 32.65
C ILE LA 213 -61.67 -49.71 31.25
N ARG LA 214 -60.99 -48.70 30.74
CA ARG LA 214 -61.22 -48.15 29.40
C ARG LA 214 -59.99 -48.45 28.56
N VAL LA 215 -60.14 -49.33 27.59
CA VAL LA 215 -59.09 -49.67 26.64
C VAL LA 215 -59.32 -48.87 25.38
N THR LA 216 -58.27 -48.23 24.90
CA THR LA 216 -58.29 -47.45 23.67
C THR LA 216 -57.20 -48.00 22.76
N MET LA 217 -57.60 -48.48 21.59
CA MET LA 217 -56.68 -48.99 20.59
C MET LA 217 -56.50 -47.99 19.48
N TYR LA 218 -55.26 -47.68 19.18
CA TYR LA 218 -54.89 -46.79 18.09
C TYR LA 218 -54.49 -47.66 16.90
N VAL LA 219 -55.36 -47.71 15.90
CA VAL LA 219 -55.23 -48.67 14.80
C VAL LA 219 -54.91 -47.91 13.53
N GLN LA 220 -54.52 -48.68 12.52
CA GLN LA 220 -54.15 -48.15 11.22
C GLN LA 220 -54.66 -49.13 10.19
N PHE LA 221 -55.60 -48.68 9.37
CA PHE LA 221 -56.24 -49.50 8.35
C PHE LA 221 -55.63 -49.22 6.99
N ARG LA 222 -56.03 -50.03 6.01
CA ARG LA 222 -55.48 -49.95 4.67
C ARG LA 222 -56.50 -50.53 3.69
N GLU LA 223 -56.49 -50.01 2.47
CA GLU LA 223 -57.27 -50.51 1.35
C GLU LA 223 -58.77 -50.43 1.63
N PHE LA 224 -59.24 -49.19 1.63
CA PHE LA 224 -60.67 -48.87 1.56
C PHE LA 224 -61.37 -49.74 0.55
N ASN LA 225 -62.38 -50.48 0.99
CA ASN LA 225 -63.01 -51.52 0.19
C ASN LA 225 -64.51 -51.45 0.26
N LEU LA 226 -65.06 -50.25 0.19
CA LEU LA 226 -66.50 -50.10 0.26
C LEU LA 226 -67.15 -50.72 -0.98
N LYS LA 227 -68.30 -51.33 -0.77
CA LYS LA 227 -69.08 -51.95 -1.83
C LYS LA 227 -70.44 -51.27 -1.90
N ASP LA 228 -70.80 -50.84 -3.11
CA ASP LA 228 -72.00 -50.03 -3.33
C ASP LA 228 -72.88 -50.70 -4.36
N PRO LA 229 -73.70 -51.66 -3.95
CA PRO LA 229 -74.68 -52.23 -4.86
C PRO LA 229 -75.81 -51.27 -5.12
N PRO LA 230 -76.63 -51.52 -6.14
CA PRO LA 230 -77.83 -50.68 -6.33
C PRO LA 230 -78.87 -50.89 -5.25
N LEU LA 231 -79.99 -50.18 -5.38
CA LEU LA 231 -81.07 -50.25 -4.40
C LEU LA 231 -82.43 -50.22 -5.08
N GLY MA 43 -18.39 -60.74 33.73
CA GLY MA 43 -19.73 -60.80 33.18
C GLY MA 43 -20.75 -60.08 34.03
N ILE MA 44 -20.80 -58.77 33.86
CA ILE MA 44 -21.62 -57.92 34.72
C ILE MA 44 -23.07 -57.99 34.30
N PHE MA 45 -23.96 -57.93 35.28
CA PHE MA 45 -25.39 -57.86 35.04
C PHE MA 45 -26.01 -57.07 36.18
N ASN MA 46 -26.33 -55.82 35.90
CA ASN MA 46 -27.05 -54.99 36.84
C ASN MA 46 -28.54 -55.23 36.69
N THR MA 47 -29.20 -55.54 37.81
CA THR MA 47 -30.64 -55.75 37.82
C THR MA 47 -31.23 -55.15 39.08
N ARG MA 48 -32.48 -55.52 39.34
CA ARG MA 48 -33.29 -54.93 40.40
C ARG MA 48 -34.16 -56.02 41.00
N LEU MA 49 -34.08 -56.17 42.32
CA LEU MA 49 -34.82 -57.18 43.06
C LEU MA 49 -35.62 -56.49 44.14
N SER MA 50 -36.86 -56.93 44.31
CA SER MA 50 -37.81 -56.33 45.23
C SER MA 50 -38.40 -57.36 46.16
N ARG MA 51 -39.11 -56.86 47.16
CA ARG MA 51 -39.65 -57.62 48.26
C ARG MA 51 -40.57 -56.70 49.03
N THR MA 52 -41.69 -57.23 49.50
CA THR MA 52 -42.73 -56.45 50.16
C THR MA 52 -43.15 -57.14 51.45
N PHE MA 53 -43.33 -56.34 52.50
CA PHE MA 53 -43.73 -56.86 53.80
C PHE MA 53 -44.37 -55.73 54.59
N GLY MA 54 -44.97 -56.09 55.71
CA GLY MA 54 -45.71 -55.17 56.54
C GLY MA 54 -45.02 -54.72 57.81
N TYR MA 55 -45.44 -53.56 58.30
CA TYR MA 55 -44.96 -53.01 59.56
C TYR MA 55 -46.09 -52.20 60.17
N THR MA 56 -46.37 -52.44 61.44
CA THR MA 56 -47.44 -51.76 62.15
C THR MA 56 -46.92 -51.14 63.43
N ILE MA 57 -47.37 -49.93 63.71
CA ILE MA 57 -47.13 -49.23 64.96
C ILE MA 57 -48.43 -49.29 65.73
N LYS MA 58 -48.47 -50.12 66.75
CA LYS MA 58 -49.69 -50.31 67.52
C LYS MA 58 -50.04 -49.05 68.30
N ARG MA 59 -51.31 -48.97 68.66
CA ARG MA 59 -51.83 -47.82 69.40
C ARG MA 59 -51.34 -47.82 70.84
N THR MA 60 -51.40 -46.64 71.46
CA THR MA 60 -51.02 -46.45 72.84
C THR MA 60 -51.97 -45.46 73.50
N THR MA 61 -52.36 -45.76 74.74
CA THR MA 61 -53.14 -44.82 75.54
C THR MA 61 -52.28 -43.70 76.14
N VAL MA 62 -50.96 -43.76 75.98
CA VAL MA 62 -50.08 -42.73 76.52
C VAL MA 62 -50.44 -41.38 75.91
N LYS MA 63 -50.47 -40.36 76.76
CA LYS MA 63 -50.86 -39.03 76.32
C LYS MA 63 -49.70 -38.27 75.71
N THR MA 64 -48.50 -38.46 76.24
CA THR MA 64 -47.34 -37.71 75.80
C THR MA 64 -46.99 -38.05 74.35
N PRO MA 65 -46.15 -37.24 73.71
CA PRO MA 65 -45.57 -37.65 72.44
C PRO MA 65 -44.44 -38.61 72.66
N SER MA 66 -44.66 -39.88 72.36
CA SER MA 66 -43.66 -40.91 72.43
C SER MA 66 -43.43 -41.48 71.04
N TRP MA 67 -42.25 -42.06 70.85
CA TRP MA 67 -41.85 -42.61 69.57
C TRP MA 67 -41.56 -44.10 69.70
N ALA MA 68 -41.82 -44.80 68.60
CA ALA MA 68 -41.58 -46.23 68.48
C ALA MA 68 -40.38 -46.43 67.59
N VAL MA 69 -39.36 -47.09 68.12
CA VAL MA 69 -38.09 -47.27 67.44
C VAL MA 69 -38.00 -48.69 66.94
N ASP MA 70 -37.44 -48.85 65.75
CA ASP MA 70 -37.22 -50.17 65.17
C ASP MA 70 -36.09 -50.07 64.17
N MET MA 71 -35.62 -51.23 63.75
CA MET MA 71 -34.47 -51.37 62.87
C MET MA 71 -34.87 -52.08 61.59
N MET MA 72 -33.96 -52.04 60.62
CA MET MA 72 -34.21 -52.63 59.31
C MET MA 72 -32.89 -53.03 58.69
N ARG MA 73 -32.70 -54.34 58.51
CA ARG MA 73 -31.56 -54.92 57.82
C ARG MA 73 -32.01 -55.43 56.46
N PHE MA 74 -31.03 -55.74 55.62
CA PHE MA 74 -31.27 -56.21 54.26
C PHE MA 74 -30.35 -57.40 53.98
N ASN MA 75 -30.95 -58.51 53.59
CA ASN MA 75 -30.22 -59.70 53.17
C ASN MA 75 -30.73 -60.15 51.81
N ILE MA 76 -29.83 -60.74 51.03
CA ILE MA 76 -30.16 -61.14 49.67
C ILE MA 76 -30.91 -62.46 49.60
N ASN MA 77 -30.94 -63.23 50.69
CA ASN MA 77 -31.73 -64.45 50.70
C ASN MA 77 -33.22 -64.14 50.60
N ASP MA 78 -33.63 -63.01 51.14
CA ASP MA 78 -35.03 -62.61 51.11
C ASP MA 78 -35.48 -62.08 49.76
N PHE MA 79 -34.54 -61.78 48.87
CA PHE MA 79 -34.84 -61.29 47.53
C PHE MA 79 -34.55 -62.32 46.45
N LEU MA 80 -33.56 -63.18 46.67
CA LEU MA 80 -33.12 -64.17 45.69
C LEU MA 80 -33.41 -65.57 46.22
N PRO MA 81 -34.35 -66.32 45.65
CA PRO MA 81 -34.65 -67.63 46.21
C PRO MA 81 -33.58 -68.64 45.84
N PRO MA 82 -33.63 -69.83 46.43
CA PRO MA 82 -32.75 -70.90 45.99
C PRO MA 82 -33.15 -71.43 44.63
N GLY MA 83 -32.15 -71.86 43.87
CA GLY MA 83 -32.39 -72.36 42.54
C GLY MA 83 -32.81 -73.81 42.53
N GLY MA 84 -32.30 -74.55 41.55
CA GLY MA 84 -32.60 -75.95 41.43
C GLY MA 84 -31.57 -76.71 40.65
N GLY MA 85 -31.13 -77.84 41.18
CA GLY MA 85 -30.15 -78.66 40.51
C GLY MA 85 -28.73 -78.23 40.81
N SER MA 86 -27.89 -78.28 39.77
CA SER MA 86 -26.49 -77.92 39.93
C SER MA 86 -26.30 -76.43 40.14
N ASN MA 87 -27.32 -75.61 39.86
CA ASN MA 87 -27.27 -74.19 40.12
C ASN MA 87 -27.90 -73.91 41.47
N PRO MA 88 -27.13 -73.54 42.50
CA PRO MA 88 -27.73 -73.42 43.83
C PRO MA 88 -28.67 -72.24 43.98
N ARG MA 89 -28.52 -71.21 43.14
CA ARG MA 89 -29.35 -70.02 43.19
C ARG MA 89 -30.06 -69.80 41.86
N SER MA 90 -31.09 -68.98 41.90
CA SER MA 90 -31.96 -68.77 40.75
C SER MA 90 -31.37 -67.81 39.75
N VAL MA 91 -30.47 -66.93 40.18
CA VAL MA 91 -29.72 -66.05 39.30
C VAL MA 91 -28.33 -66.64 39.14
N PRO MA 92 -27.95 -67.16 37.96
CA PRO MA 92 -26.71 -67.93 37.89
C PRO MA 92 -25.45 -67.06 37.80
N PHE MA 93 -25.05 -66.55 38.95
CA PHE MA 93 -23.83 -65.77 39.06
C PHE MA 93 -23.13 -66.15 40.35
N GLU MA 94 -21.84 -65.82 40.41
CA GLU MA 94 -20.97 -66.17 41.53
C GLU MA 94 -20.88 -65.06 42.56
N TYR MA 95 -20.59 -63.84 42.13
CA TYR MA 95 -20.32 -62.71 42.99
C TYR MA 95 -21.44 -61.69 42.89
N TYR MA 96 -21.51 -60.83 43.90
CA TYR MA 96 -22.48 -59.76 43.90
C TYR MA 96 -21.97 -58.62 44.77
N ARG MA 97 -22.58 -57.46 44.60
CA ARG MA 97 -22.38 -56.34 45.48
C ARG MA 97 -23.57 -55.42 45.34
N ILE MA 98 -24.15 -55.04 46.48
CA ILE MA 98 -25.36 -54.24 46.48
C ILE MA 98 -24.96 -52.78 46.29
N ARG MA 99 -25.51 -52.16 45.25
CA ARG MA 99 -25.20 -50.79 44.91
C ARG MA 99 -26.07 -49.79 45.65
N LYS MA 100 -27.37 -50.03 45.66
CA LYS MA 100 -28.33 -49.12 46.27
C LYS MA 100 -29.50 -49.92 46.81
N VAL MA 101 -30.23 -49.31 47.74
CA VAL MA 101 -31.49 -49.84 48.23
C VAL MA 101 -32.48 -48.68 48.28
N LYS MA 102 -33.72 -48.99 47.94
CA LYS MA 102 -34.84 -48.07 48.00
C LYS MA 102 -35.88 -48.67 48.93
N VAL MA 103 -36.01 -48.09 50.11
CA VAL MA 103 -37.05 -48.46 51.06
C VAL MA 103 -38.21 -47.51 50.89
N GLU MA 104 -39.38 -48.06 50.64
CA GLU MA 104 -40.60 -47.29 50.40
C GLU MA 104 -41.61 -47.67 51.47
N PHE MA 105 -42.01 -46.71 52.28
CA PHE MA 105 -43.10 -46.88 53.23
C PHE MA 105 -44.38 -46.46 52.55
N TRP MA 106 -45.11 -47.44 52.05
CA TRP MA 106 -46.40 -47.19 51.43
C TRP MA 106 -47.47 -47.24 52.51
N PRO MA 107 -48.21 -46.17 52.76
CA PRO MA 107 -49.18 -46.20 53.85
C PRO MA 107 -50.36 -47.09 53.57
N CYS MA 108 -50.97 -47.52 54.65
CA CYS MA 108 -52.18 -48.32 54.63
C CYS MA 108 -53.37 -47.59 55.23
N SER MA 109 -53.19 -46.36 55.66
CA SER MA 109 -54.14 -45.62 56.45
C SER MA 109 -54.83 -44.56 55.60
N PRO MA 110 -56.07 -44.21 55.88
CA PRO MA 110 -56.76 -43.23 55.07
C PRO MA 110 -56.26 -41.82 55.32
N ILE MA 111 -56.53 -40.95 54.37
CA ILE MA 111 -56.14 -39.55 54.51
C ILE MA 111 -57.00 -38.79 55.50
N THR MA 112 -58.06 -39.39 56.02
CA THR MA 112 -58.90 -38.79 57.04
C THR MA 112 -58.46 -39.14 58.46
N GLN MA 113 -57.39 -39.91 58.62
CA GLN MA 113 -56.99 -40.34 59.94
C GLN MA 113 -56.32 -39.19 60.68
N GLY MA 114 -56.71 -38.99 61.92
CA GLY MA 114 -56.18 -37.94 62.75
C GLY MA 114 -55.09 -38.42 63.67
N ASP MA 115 -54.79 -37.59 64.67
CA ASP MA 115 -53.71 -37.83 65.61
C ASP MA 115 -52.39 -38.00 64.86
N ARG MA 116 -52.19 -37.15 63.87
CA ARG MA 116 -51.00 -37.22 63.04
C ARG MA 116 -49.75 -36.94 63.87
N GLY MA 117 -48.62 -37.26 63.28
CA GLY MA 117 -47.36 -37.19 63.97
C GLY MA 117 -46.20 -36.90 63.05
N VAL MA 118 -44.99 -36.95 63.60
CA VAL MA 118 -43.79 -36.64 62.86
C VAL MA 118 -42.64 -37.47 63.41
N GLY MA 119 -41.95 -38.17 62.51
CA GLY MA 119 -40.89 -39.07 62.87
C GLY MA 119 -39.63 -38.82 62.08
N SER MA 120 -38.74 -39.81 62.08
CA SER MA 120 -37.43 -39.66 61.47
C SER MA 120 -36.91 -41.00 61.03
N SER MA 121 -36.26 -41.02 59.87
CA SER MA 121 -35.56 -42.18 59.35
C SER MA 121 -34.12 -41.81 59.10
N ALA MA 122 -33.20 -42.62 59.62
CA ALA MA 122 -31.78 -42.38 59.50
C ALA MA 122 -31.07 -43.62 58.95
N VAL MA 123 -29.87 -43.40 58.45
CA VAL MA 123 -29.07 -44.42 57.79
C VAL MA 123 -27.97 -44.84 58.74
N ILE MA 124 -27.96 -46.14 59.07
CA ILE MA 124 -27.12 -46.70 60.12
C ILE MA 124 -26.34 -47.86 59.51
N LEU MA 125 -25.09 -47.60 59.14
CA LEU MA 125 -24.30 -48.53 58.34
C LEU MA 125 -23.40 -49.44 59.16
N ASP MA 126 -23.75 -49.75 60.42
CA ASP MA 126 -22.82 -50.44 61.31
C ASP MA 126 -23.43 -51.47 62.25
N ASP MA 127 -24.73 -51.75 62.17
CA ASP MA 127 -25.34 -52.82 62.95
C ASP MA 127 -25.36 -52.52 64.44
N ASN MA 128 -25.37 -51.24 64.80
CA ASN MA 128 -25.59 -50.82 66.19
C ASN MA 128 -26.66 -49.74 66.11
N PHE MA 129 -27.90 -50.17 66.22
CA PHE MA 129 -29.07 -49.33 66.18
C PHE MA 129 -29.42 -48.87 67.59
N VAL MA 130 -30.23 -47.81 67.66
CA VAL MA 130 -30.88 -47.48 68.91
C VAL MA 130 -31.77 -48.64 69.29
N THR MA 131 -31.81 -48.94 70.58
CA THR MA 131 -32.54 -50.09 71.07
C THR MA 131 -34.01 -49.98 70.70
N LYS MA 132 -34.60 -51.11 70.33
CA LYS MA 132 -36.00 -51.15 69.98
C LYS MA 132 -36.85 -50.77 71.17
N ALA MA 133 -37.76 -49.81 70.95
CA ALA MA 133 -38.58 -49.26 72.00
C ALA MA 133 -40.01 -49.12 71.50
N THR MA 134 -40.96 -49.26 72.42
CA THR MA 134 -42.37 -49.13 72.13
C THR MA 134 -42.83 -47.68 72.26
N ALA MA 135 -42.51 -47.05 73.38
CA ALA MA 135 -42.88 -45.65 73.64
C ALA MA 135 -41.70 -44.97 74.32
N LEU MA 136 -40.81 -44.42 73.50
CA LEU MA 136 -39.68 -43.65 73.98
C LEU MA 136 -40.03 -42.16 73.98
N THR MA 137 -39.53 -41.46 75.00
CA THR MA 137 -39.92 -40.07 75.24
C THR MA 137 -39.29 -39.07 74.30
N TYR MA 138 -38.58 -39.52 73.26
CA TYR MA 138 -37.94 -38.60 72.34
C TYR MA 138 -37.66 -39.35 71.05
N ASP MA 139 -37.32 -38.58 70.02
CA ASP MA 139 -36.95 -39.12 68.72
C ASP MA 139 -35.44 -39.23 68.67
N PRO MA 140 -34.85 -40.42 68.75
CA PRO MA 140 -33.39 -40.49 68.78
C PRO MA 140 -32.74 -40.14 67.47
N TYR MA 141 -33.41 -40.43 66.35
CA TYR MA 141 -32.84 -40.23 65.03
C TYR MA 141 -33.07 -38.83 64.50
N VAL MA 142 -33.44 -37.87 65.34
CA VAL MA 142 -33.83 -36.56 64.86
C VAL MA 142 -32.62 -35.71 64.53
N ASN MA 143 -31.58 -35.78 65.35
CA ASN MA 143 -30.39 -34.97 65.14
C ASN MA 143 -29.35 -35.65 64.27
N TYR MA 144 -29.68 -36.81 63.71
CA TYR MA 144 -28.75 -37.48 62.81
C TYR MA 144 -28.62 -36.72 61.51
N SER MA 145 -27.40 -36.72 60.98
CA SER MA 145 -27.12 -36.04 59.73
C SER MA 145 -27.87 -36.63 58.55
N SER MA 146 -28.29 -37.89 58.65
CA SER MA 146 -29.03 -38.57 57.61
C SER MA 146 -30.51 -38.66 57.92
N ARG MA 147 -31.03 -37.77 58.75
CA ARG MA 147 -32.43 -37.81 59.11
C ARG MA 147 -33.26 -37.20 58.01
N HIS MA 148 -34.32 -37.92 57.64
CA HIS MA 148 -35.40 -37.40 56.84
C HIS MA 148 -36.66 -37.48 57.67
N THR MA 149 -37.48 -36.44 57.59
CA THR MA 149 -38.71 -36.40 58.34
C THR MA 149 -39.73 -37.37 57.76
N ILE MA 150 -40.40 -38.09 58.64
CA ILE MA 150 -41.51 -38.97 58.29
C ILE MA 150 -42.76 -38.25 58.75
N THR MA 151 -43.55 -37.79 57.79
CA THR MA 151 -44.91 -37.39 58.06
C THR MA 151 -45.78 -38.64 58.18
N GLN MA 152 -46.63 -38.66 59.18
CA GLN MA 152 -47.46 -39.79 59.51
C GLN MA 152 -48.92 -39.37 59.52
N PRO MA 153 -49.86 -40.31 59.35
CA PRO MA 153 -49.76 -41.74 59.02
C PRO MA 153 -49.96 -42.06 57.55
N PHE MA 154 -50.49 -41.12 56.79
CA PHE MA 154 -50.98 -41.37 55.44
C PHE MA 154 -50.07 -40.82 54.37
N SER MA 155 -48.78 -40.74 54.64
CA SER MA 155 -47.82 -40.10 53.75
C SER MA 155 -46.72 -41.08 53.38
N TYR MA 156 -46.27 -40.97 52.15
CA TYR MA 156 -45.25 -41.83 51.58
C TYR MA 156 -43.87 -41.32 51.96
N HIS MA 157 -42.99 -42.26 52.27
CA HIS MA 157 -41.62 -41.98 52.68
C HIS MA 157 -40.70 -42.92 51.94
N SER MA 158 -39.75 -42.36 51.20
CA SER MA 158 -38.73 -43.11 50.50
C SER MA 158 -37.35 -42.75 51.03
N ARG MA 159 -36.45 -43.73 50.99
CA ARG MA 159 -35.05 -43.53 51.32
C ARG MA 159 -34.23 -44.32 50.32
N TYR MA 160 -33.29 -43.65 49.68
CA TYR MA 160 -32.45 -44.23 48.64
C TYR MA 160 -31.00 -44.01 49.02
N PHE MA 161 -30.30 -45.10 49.27
CA PHE MA 161 -28.96 -45.03 49.83
C PHE MA 161 -28.19 -46.28 49.45
N THR MA 162 -26.91 -46.28 49.82
CA THR MA 162 -26.00 -47.37 49.55
C THR MA 162 -25.69 -48.12 50.84
N PRO MA 163 -26.14 -49.36 51.02
CA PRO MA 163 -25.87 -50.05 52.26
C PRO MA 163 -24.45 -50.55 52.35
N LYS MA 164 -24.10 -51.16 53.47
CA LYS MA 164 -22.78 -51.70 53.71
C LYS MA 164 -22.93 -53.06 54.35
N PRO MA 165 -22.05 -54.01 54.04
CA PRO MA 165 -22.15 -55.34 54.65
C PRO MA 165 -21.50 -55.41 56.02
N VAL MA 166 -21.96 -56.39 56.79
CA VAL MA 166 -21.48 -56.62 58.14
C VAL MA 166 -20.35 -57.64 58.02
N LEU MA 167 -19.14 -57.12 57.82
CA LEU MA 167 -17.96 -57.97 57.70
C LEU MA 167 -17.44 -58.38 59.07
N ASP MA 168 -17.35 -57.45 60.00
CA ASP MA 168 -16.97 -57.75 61.37
C ASP MA 168 -17.85 -56.93 62.29
N SER MA 169 -18.76 -57.60 63.00
CA SER MA 169 -19.64 -56.90 63.91
C SER MA 169 -18.93 -56.43 65.17
N THR MA 170 -17.74 -56.95 65.47
CA THR MA 170 -17.00 -56.53 66.63
C THR MA 170 -16.36 -55.16 66.42
N ILE MA 171 -15.84 -54.92 65.23
CA ILE MA 171 -15.13 -53.70 64.90
C ILE MA 171 -16.05 -52.75 64.14
N ASP MA 172 -16.91 -53.32 63.31
CA ASP MA 172 -17.91 -52.58 62.56
C ASP MA 172 -17.25 -51.54 61.65
N TYR MA 173 -16.49 -52.04 60.68
CA TYR MA 173 -15.83 -51.22 59.68
C TYR MA 173 -16.55 -51.34 58.35
N PHE MA 174 -16.54 -50.24 57.60
CA PHE MA 174 -17.17 -50.20 56.30
C PHE MA 174 -16.43 -49.24 55.38
N GLN MA 175 -16.70 -49.36 54.16
CA GLN MA 175 -16.06 -48.59 53.11
C GLN MA 175 -16.87 -47.33 52.78
N PRO MA 176 -16.22 -46.26 52.36
CA PRO MA 176 -16.99 -45.15 51.81
C PRO MA 176 -17.53 -45.46 50.43
N ASN MA 177 -18.34 -44.56 49.90
CA ASN MA 177 -19.01 -44.81 48.63
C ASN MA 177 -18.03 -44.65 47.49
N ASN MA 178 -17.80 -45.74 46.77
CA ASN MA 178 -16.92 -45.72 45.61
C ASN MA 178 -17.38 -46.87 44.72
N LYS MA 179 -17.92 -46.55 43.55
CA LYS MA 179 -18.43 -47.60 42.69
C LYS MA 179 -17.32 -48.49 42.17
N ARG MA 180 -16.12 -47.95 42.02
CA ARG MA 180 -15.02 -48.70 41.42
C ARG MA 180 -14.31 -49.59 42.42
N ASN MA 181 -14.36 -49.24 43.70
CA ASN MA 181 -13.62 -49.94 44.74
C ASN MA 181 -14.52 -50.76 45.66
N GLN MA 182 -15.82 -50.82 45.40
CA GLN MA 182 -16.72 -51.58 46.25
C GLN MA 182 -16.41 -53.06 46.18
N LEU MA 183 -16.38 -53.68 47.35
CA LEU MA 183 -16.04 -55.08 47.46
C LEU MA 183 -17.08 -55.95 46.78
N TRP MA 184 -16.62 -57.03 46.17
CA TRP MA 184 -17.47 -58.09 45.68
C TRP MA 184 -17.57 -59.16 46.74
N LEU MA 185 -18.79 -59.50 47.12
CA LEU MA 185 -19.08 -60.62 47.98
C LEU MA 185 -19.45 -61.82 47.14
N ARG MA 186 -19.44 -62.98 47.78
CA ARG MA 186 -19.89 -64.21 47.15
C ARG MA 186 -21.36 -64.42 47.42
N LEU MA 187 -22.06 -64.85 46.38
CA LEU MA 187 -23.45 -65.25 46.49
C LEU MA 187 -23.47 -66.67 47.04
N GLN MA 188 -23.58 -66.76 48.36
CA GLN MA 188 -23.60 -68.04 49.03
C GLN MA 188 -24.90 -68.78 48.72
N THR MA 189 -24.96 -70.02 49.18
CA THR MA 189 -26.13 -70.86 48.94
C THR MA 189 -27.25 -70.55 49.93
N ALA MA 190 -26.95 -70.58 51.24
CA ALA MA 190 -27.95 -70.29 52.25
C ALA MA 190 -27.40 -69.51 53.44
N GLY MA 191 -26.33 -68.75 53.26
CA GLY MA 191 -25.65 -68.10 54.37
C GLY MA 191 -25.12 -66.72 54.09
N ASN MA 192 -25.80 -65.97 53.24
CA ASN MA 192 -25.33 -64.65 52.86
C ASN MA 192 -25.34 -63.70 54.04
N VAL MA 193 -24.52 -62.66 53.93
CA VAL MA 193 -24.26 -61.73 55.01
C VAL MA 193 -25.29 -60.61 54.98
N ASP MA 194 -25.64 -60.12 56.16
CA ASP MA 194 -26.66 -59.11 56.29
C ASP MA 194 -26.10 -57.74 55.96
N HIS MA 195 -26.77 -57.02 55.08
CA HIS MA 195 -26.51 -55.62 54.85
C HIS MA 195 -27.41 -54.79 55.74
N VAL MA 196 -26.96 -53.56 55.99
CA VAL MA 196 -27.52 -52.74 57.05
C VAL MA 196 -27.55 -51.30 56.56
N GLY MA 197 -28.32 -50.46 57.24
CA GLY MA 197 -28.48 -49.11 56.76
C GLY MA 197 -29.77 -48.35 56.96
N LEU MA 198 -30.73 -48.83 57.76
CA LEU MA 198 -31.87 -47.98 58.06
C LEU MA 198 -32.44 -48.22 59.45
N GLY MA 199 -32.67 -47.13 60.15
CA GLY MA 199 -33.40 -47.15 61.40
C GLY MA 199 -34.43 -46.05 61.42
N THR MA 200 -35.53 -46.32 62.10
CA THR MA 200 -36.72 -45.49 62.05
C THR MA 200 -37.18 -45.13 63.45
N ALA MA 201 -37.99 -44.08 63.52
CA ALA MA 201 -38.66 -43.67 64.73
C ALA MA 201 -40.01 -43.09 64.35
N PHE MA 202 -41.07 -43.80 64.71
CA PHE MA 202 -42.44 -43.41 64.40
C PHE MA 202 -43.13 -42.92 65.66
N GLU MA 203 -43.84 -41.82 65.54
CA GLU MA 203 -44.59 -41.27 66.64
C GLU MA 203 -45.88 -42.05 66.83
N ASN MA 204 -46.11 -42.49 68.05
CA ASN MA 204 -47.27 -43.31 68.35
C ASN MA 204 -48.54 -42.50 68.27
N SER MA 205 -49.67 -43.21 68.26
CA SER MA 205 -50.97 -42.60 68.04
C SER MA 205 -52.04 -43.44 68.72
N ILE MA 206 -53.23 -42.85 68.83
CA ILE MA 206 -54.38 -43.57 69.38
C ILE MA 206 -54.82 -44.67 68.44
N TYR MA 207 -54.61 -44.48 67.14
CA TYR MA 207 -55.00 -45.45 66.13
C TYR MA 207 -53.77 -46.22 65.66
N ASP MA 208 -54.03 -47.41 65.13
CA ASP MA 208 -52.95 -48.23 64.59
C ASP MA 208 -52.51 -47.68 63.25
N GLN MA 209 -51.19 -47.59 63.07
CA GLN MA 209 -50.57 -47.09 61.85
C GLN MA 209 -49.89 -48.26 61.14
N GLU MA 210 -50.47 -48.69 60.03
CA GLU MA 210 -49.94 -49.80 59.25
C GLU MA 210 -49.24 -49.28 58.00
N TYR MA 211 -48.25 -50.04 57.57
CA TYR MA 211 -47.47 -49.72 56.39
C TYR MA 211 -47.15 -50.99 55.63
N ASN MA 212 -47.08 -50.87 54.31
CA ASN MA 212 -46.58 -51.92 53.43
C ASN MA 212 -45.23 -51.47 52.92
N ILE MA 213 -44.16 -52.10 53.38
CA ILE MA 213 -42.82 -51.67 53.09
C ILE MA 213 -42.28 -52.48 51.91
N ARG MA 214 -41.86 -51.78 50.86
CA ARG MA 214 -41.31 -52.39 49.66
C ARG MA 214 -39.86 -51.99 49.57
N VAL MA 215 -38.98 -52.97 49.74
CA VAL MA 215 -37.54 -52.79 49.61
C VAL MA 215 -37.13 -53.26 48.22
N THR MA 216 -36.36 -52.42 47.54
CA THR MA 216 -35.84 -52.71 46.22
C THR MA 216 -34.33 -52.58 46.29
N MET MA 217 -33.63 -53.66 46.00
CA MET MA 217 -32.17 -53.68 45.97
C MET MA 217 -31.68 -53.67 44.54
N TYR MA 218 -30.79 -52.74 44.24
CA TYR MA 218 -30.14 -52.64 42.95
C TYR MA 218 -28.76 -53.28 43.06
N VAL MA 219 -28.64 -54.46 42.46
CA VAL MA 219 -27.47 -55.31 42.66
C VAL MA 219 -26.69 -55.39 41.36
N GLN MA 220 -25.48 -55.91 41.48
CA GLN MA 220 -24.55 -56.06 40.36
C GLN MA 220 -23.84 -57.38 40.55
N PHE MA 221 -24.06 -58.30 39.63
CA PHE MA 221 -23.49 -59.63 39.69
C PHE MA 221 -22.28 -59.73 38.77
N ARG MA 222 -21.58 -60.86 38.87
CA ARG MA 222 -20.36 -61.08 38.11
C ARG MA 222 -20.16 -62.58 37.96
N GLU MA 223 -19.52 -62.95 36.85
CA GLU MA 223 -19.09 -64.31 36.57
C GLU MA 223 -20.26 -65.28 36.50
N PHE MA 224 -21.03 -65.11 35.43
CA PHE MA 224 -22.02 -66.08 34.97
C PHE MA 224 -21.47 -67.49 35.06
N ASN MA 225 -22.15 -68.35 35.81
CA ASN MA 225 -21.63 -69.67 36.16
C ASN MA 225 -22.68 -70.74 35.99
N LEU MA 226 -23.42 -70.68 34.91
CA LEU MA 226 -24.45 -71.68 34.67
C LEU MA 226 -23.81 -73.04 34.44
N LYS MA 227 -24.48 -74.08 34.94
CA LYS MA 227 -24.04 -75.45 34.78
C LYS MA 227 -25.11 -76.23 34.05
N ASP MA 228 -24.71 -76.92 32.98
CA ASP MA 228 -25.62 -77.60 32.07
C ASP MA 228 -25.24 -79.06 31.97
N PRO MA 229 -25.71 -79.88 32.91
CA PRO MA 229 -25.51 -81.32 32.77
C PRO MA 229 -26.42 -81.89 31.72
N PRO MA 230 -26.17 -83.13 31.28
CA PRO MA 230 -27.12 -83.76 30.35
C PRO MA 230 -28.44 -84.12 31.01
N LEU MA 231 -29.34 -84.73 30.25
CA LEU MA 231 -30.66 -85.09 30.73
C LEU MA 231 -31.11 -86.44 30.19
N GLY NA 43 -11.61 -22.28 67.08
CA GLY NA 43 -12.09 -23.59 66.70
C GLY NA 43 -13.57 -23.64 66.48
N ILE NA 44 -13.98 -23.22 65.30
CA ILE NA 44 -15.40 -23.06 64.99
C ILE NA 44 -16.02 -24.40 64.66
N PHE NA 45 -17.27 -24.57 65.07
CA PHE NA 45 -18.05 -25.75 64.74
C PHE NA 45 -19.51 -25.33 64.65
N ASN NA 46 -19.99 -25.18 63.44
CA ASN NA 46 -21.40 -24.92 63.20
C ASN NA 46 -22.16 -26.23 63.18
N THR NA 47 -23.22 -26.32 63.98
CA THR NA 47 -24.06 -27.49 64.02
C THR NA 47 -25.52 -27.07 64.17
N ARG NA 48 -26.36 -28.05 64.50
CA ARG NA 48 -27.79 -27.90 64.52
C ARG NA 48 -28.35 -28.73 65.67
N LEU NA 49 -29.13 -28.08 66.53
CA LEU NA 49 -29.72 -28.71 67.70
C LEU NA 49 -31.22 -28.50 67.65
N SER NA 50 -31.96 -29.54 67.99
CA SER NA 50 -33.40 -29.57 67.90
C SER NA 50 -34.03 -30.00 69.22
N ARG NA 51 -35.34 -29.83 69.28
CA ARG NA 51 -36.15 -30.01 70.47
C ARG NA 51 -37.60 -29.95 70.04
N THR NA 52 -38.43 -30.80 70.63
CA THR NA 52 -39.82 -30.94 70.26
C THR NA 52 -40.70 -30.91 71.49
N PHE NA 53 -41.82 -30.21 71.39
CA PHE NA 53 -42.76 -30.08 72.50
C PHE NA 53 -44.11 -29.70 71.95
N GLY NA 54 -45.11 -29.76 72.82
CA GLY NA 54 -46.49 -29.53 72.44
C GLY NA 54 -47.07 -28.20 72.84
N TYR NA 55 -48.10 -27.78 72.11
CA TYR NA 55 -48.85 -26.57 72.40
C TYR NA 55 -50.28 -26.78 71.95
N THR NA 56 -51.23 -26.47 72.83
CA THR NA 56 -52.64 -26.66 72.56
C THR NA 56 -53.40 -25.36 72.81
N ILE NA 57 -54.33 -25.07 71.92
CA ILE NA 57 -55.27 -23.97 72.05
C ILE NA 57 -56.60 -24.61 72.40
N LYS NA 58 -57.00 -24.50 73.65
CA LYS NA 58 -58.22 -25.12 74.12
C LYS NA 58 -59.45 -24.47 73.48
N ARG NA 59 -60.54 -25.22 73.48
CA ARG NA 59 -61.79 -24.78 72.89
C ARG NA 59 -62.44 -23.70 73.74
N THR NA 60 -63.34 -22.94 73.10
CA THR NA 60 -64.09 -21.89 73.75
C THR NA 60 -65.51 -21.87 73.19
N THR NA 61 -66.48 -21.69 74.09
CA THR NA 61 -67.87 -21.49 73.70
C THR NA 61 -68.14 -20.08 73.18
N VAL NA 62 -67.16 -19.17 73.28
CA VAL NA 62 -67.35 -17.81 72.80
C VAL NA 62 -67.68 -17.81 71.32
N LYS NA 63 -68.65 -16.98 70.94
CA LYS NA 63 -69.11 -16.93 69.56
C LYS NA 63 -68.24 -16.03 68.70
N THR NA 64 -67.75 -14.93 69.27
CA THR NA 64 -67.00 -13.96 68.53
C THR NA 64 -65.68 -14.55 68.05
N PRO NA 65 -65.02 -13.87 67.10
CA PRO NA 65 -63.63 -14.25 66.79
C PRO NA 65 -62.69 -13.66 67.82
N SER NA 66 -62.18 -14.52 68.68
CA SER NA 66 -61.18 -14.15 69.66
C SER NA 66 -59.89 -14.89 69.39
N TRP NA 67 -58.79 -14.34 69.87
CA TRP NA 67 -57.47 -14.90 69.66
C TRP NA 67 -56.81 -15.24 70.99
N ALA NA 68 -55.98 -16.28 70.94
CA ALA NA 68 -55.21 -16.75 72.08
C ALA NA 68 -53.76 -16.36 71.87
N VAL NA 69 -53.23 -15.60 72.81
CA VAL NA 69 -51.89 -15.04 72.70
C VAL NA 69 -50.96 -15.81 73.61
N ASP NA 70 -49.74 -16.03 73.15
CA ASP NA 70 -48.73 -16.72 73.92
C ASP NA 70 -47.37 -16.30 73.40
N MET NA 71 -46.35 -16.64 74.18
CA MET NA 71 -44.97 -16.25 73.93
C MET NA 71 -44.11 -17.49 73.75
N MET NA 72 -42.88 -17.26 73.27
CA MET NA 72 -41.95 -18.34 73.01
C MET NA 72 -40.53 -17.81 73.13
N ARG NA 73 -39.80 -18.30 74.13
CA ARG NA 73 -38.40 -18.01 74.33
C ARG NA 73 -37.58 -19.24 73.96
N PHE NA 74 -36.26 -19.04 73.84
CA PHE NA 74 -35.33 -20.08 73.46
C PHE NA 74 -34.12 -20.03 74.38
N ASN NA 75 -33.82 -21.15 75.02
CA ASN NA 75 -32.63 -21.29 75.84
C ASN NA 75 -31.87 -22.53 75.41
N ILE NA 76 -30.55 -22.48 75.54
CA ILE NA 76 -29.70 -23.58 75.09
C ILE NA 76 -29.64 -24.73 76.07
N ASN NA 77 -30.10 -24.55 77.31
CA ASN NA 77 -30.15 -25.66 78.24
C ASN NA 77 -31.15 -26.71 77.78
N ASP NA 78 -32.21 -26.29 77.10
CA ASP NA 78 -33.23 -27.20 76.62
C ASP NA 78 -32.81 -27.98 75.40
N PHE NA 79 -31.72 -27.58 74.75
CA PHE NA 79 -31.19 -28.26 73.57
C PHE NA 79 -29.90 -29.00 73.84
N LEU NA 80 -29.09 -28.50 74.77
CA LEU NA 80 -27.79 -29.06 75.10
C LEU NA 80 -27.80 -29.61 76.52
N PRO NA 81 -27.74 -30.93 76.74
CA PRO NA 81 -27.82 -31.43 78.09
C PRO NA 81 -26.51 -31.22 78.83
N PRO NA 82 -26.50 -31.48 80.14
CA PRO NA 82 -25.23 -31.47 80.86
C PRO NA 82 -24.38 -32.67 80.51
N GLY NA 83 -23.07 -32.46 80.54
CA GLY NA 83 -22.15 -33.50 80.19
C GLY NA 83 -21.86 -34.43 81.35
N GLY NA 84 -20.60 -34.84 81.46
CA GLY NA 84 -20.19 -35.73 82.52
C GLY NA 84 -18.72 -35.64 82.81
N GLY NA 85 -18.37 -35.52 84.08
CA GLY NA 85 -16.99 -35.45 84.50
C GLY NA 85 -16.43 -34.04 84.44
N SER NA 86 -15.19 -33.92 83.99
CA SER NA 86 -14.54 -32.63 83.91
C SER NA 86 -15.11 -31.76 82.82
N ASN NA 87 -15.88 -32.33 81.89
CA ASN NA 87 -16.55 -31.57 80.86
C ASN NA 87 -17.97 -31.27 81.32
N PRO NA 88 -18.31 -30.02 81.66
CA PRO NA 88 -19.64 -29.76 82.24
C PRO NA 88 -20.77 -29.91 81.25
N ARG NA 89 -20.49 -29.78 79.95
CA ARG NA 89 -21.50 -29.88 78.91
C ARG NA 89 -21.15 -30.98 77.94
N SER NA 90 -22.15 -31.40 77.17
CA SER NA 90 -22.01 -32.54 76.28
C SER NA 90 -21.31 -32.19 74.98
N VAL NA 91 -21.37 -30.92 74.58
CA VAL NA 91 -20.61 -30.41 73.44
C VAL NA 91 -19.40 -29.67 73.98
N PRO NA 92 -18.17 -30.19 73.80
CA PRO NA 92 -17.04 -29.60 74.51
C PRO NA 92 -16.50 -28.32 73.87
N PHE NA 93 -17.20 -27.22 74.12
CA PHE NA 93 -16.79 -25.91 73.66
C PHE NA 93 -17.06 -24.90 74.76
N GLU NA 94 -16.40 -23.76 74.64
CA GLU NA 94 -16.47 -22.70 75.64
C GLU NA 94 -17.52 -21.65 75.31
N TYR NA 95 -17.50 -21.13 74.09
CA TYR NA 95 -18.33 -20.03 73.67
C TYR NA 95 -19.36 -20.50 72.65
N TYR NA 96 -20.40 -19.69 72.49
CA TYR NA 96 -21.43 -19.98 71.51
C TYR NA 96 -22.10 -18.68 71.10
N ARG NA 97 -22.82 -18.75 69.99
CA ARG NA 97 -23.70 -17.67 69.57
C ARG NA 97 -24.71 -18.27 68.61
N ILE NA 98 -25.99 -18.00 68.88
CA ILE NA 98 -27.07 -18.58 68.10
C ILE NA 98 -27.23 -17.75 66.83
N ARG NA 99 -27.12 -18.42 65.68
CA ARG NA 99 -27.20 -17.77 64.39
C ARG NA 99 -28.63 -17.65 63.89
N LYS NA 100 -29.39 -18.74 63.95
CA LYS NA 100 -30.74 -18.79 63.46
C LYS NA 100 -31.55 -19.75 64.30
N VAL NA 101 -32.86 -19.60 64.24
CA VAL NA 101 -33.81 -20.54 64.82
C VAL NA 101 -34.90 -20.78 63.80
N LYS NA 102 -35.36 -22.03 63.74
CA LYS NA 102 -36.47 -22.46 62.91
C LYS NA 102 -37.53 -23.05 63.82
N VAL NA 103 -38.61 -22.32 63.98
CA VAL NA 103 -39.78 -22.81 64.71
C VAL NA 103 -40.77 -23.37 63.70
N GLU NA 104 -41.15 -24.62 63.91
CA GLU NA 104 -42.06 -25.34 63.03
C GLU NA 104 -43.26 -25.75 63.84
N PHE NA 105 -44.43 -25.25 63.45
CA PHE NA 105 -45.71 -25.68 64.01
C PHE NA 105 -46.22 -26.82 63.16
N TRP NA 106 -45.99 -28.03 63.62
CA TRP NA 106 -46.49 -29.21 62.94
C TRP NA 106 -47.88 -29.53 63.47
N PRO NA 107 -48.93 -29.51 62.65
CA PRO NA 107 -50.26 -29.72 63.18
C PRO NA 107 -50.50 -31.14 63.65
N CYS NA 108 -51.46 -31.26 64.55
CA CYS NA 108 -51.92 -32.52 65.07
C CYS NA 108 -53.35 -32.82 64.70
N SER NA 109 -53.99 -31.95 63.93
CA SER NA 109 -55.40 -31.99 63.66
C SER NA 109 -55.66 -32.47 62.24
N PRO NA 110 -56.78 -33.15 61.99
CA PRO NA 110 -57.05 -33.66 60.66
C PRO NA 110 -57.42 -32.55 59.69
N ILE NA 111 -57.28 -32.86 58.41
CA ILE NA 111 -57.65 -31.91 57.38
C ILE NA 111 -59.14 -31.75 57.20
N THR NA 112 -59.94 -32.56 57.89
CA THR NA 112 -61.39 -32.44 57.88
C THR NA 112 -61.93 -31.56 58.99
N GLN NA 113 -61.07 -30.99 59.83
CA GLN NA 113 -61.53 -30.21 60.95
C GLN NA 113 -62.04 -28.85 60.48
N GLY NA 114 -63.20 -28.46 60.96
CA GLY NA 114 -63.80 -27.21 60.61
C GLY NA 114 -63.54 -26.12 61.62
N ASP NA 115 -64.35 -25.06 61.52
CA ASP NA 115 -64.18 -23.87 62.35
C ASP NA 115 -62.78 -23.31 62.21
N ARG NA 116 -62.30 -23.28 60.97
CA ARG NA 116 -60.97 -22.81 60.69
C ARG NA 116 -60.82 -21.34 61.04
N GLY NA 117 -59.57 -20.89 61.08
CA GLY NA 117 -59.26 -19.57 61.54
C GLY NA 117 -58.01 -19.01 60.91
N VAL NA 118 -57.59 -17.84 61.37
CA VAL NA 118 -56.44 -17.15 60.82
C VAL NA 118 -55.76 -16.37 61.92
N GLY NA 119 -54.47 -16.57 62.07
CA GLY NA 119 -53.67 -15.97 63.11
C GLY NA 119 -52.43 -15.29 62.60
N SER NA 120 -51.50 -15.03 63.50
CA SER NA 120 -50.32 -14.26 63.17
C SER NA 120 -49.17 -14.65 64.09
N SER NA 121 -47.98 -14.73 63.52
CA SER NA 121 -46.75 -14.95 64.26
C SER NA 121 -45.79 -13.81 63.96
N ALA NA 122 -45.24 -13.20 65.01
CA ALA NA 122 -44.34 -12.08 64.88
C ALA NA 122 -43.08 -12.33 65.67
N VAL NA 123 -42.04 -11.57 65.32
CA VAL NA 123 -40.71 -11.71 65.88
C VAL NA 123 -40.48 -10.59 66.89
N ILE NA 124 -40.22 -10.95 68.13
CA ILE NA 124 -40.17 -10.03 69.26
C ILE NA 124 -38.83 -10.23 69.95
N LEU NA 125 -37.88 -9.35 69.66
CA LEU NA 125 -36.49 -9.54 70.06
C LEU NA 125 -36.12 -8.82 71.36
N ASP NA 126 -37.07 -8.62 72.28
CA ASP NA 126 -36.82 -7.76 73.43
C ASP NA 126 -37.45 -8.19 74.75
N ASP NA 127 -38.13 -9.33 74.81
CA ASP NA 127 -38.64 -9.87 76.06
C ASP NA 127 -39.76 -9.02 76.64
N ASN NA 128 -40.50 -8.31 75.78
CA ASN NA 128 -41.72 -7.63 76.17
C ASN NA 128 -42.76 -8.02 75.13
N PHE NA 129 -43.47 -9.10 75.44
CA PHE NA 129 -44.50 -9.65 74.61
C PHE NA 129 -45.84 -9.03 74.97
N VAL NA 130 -46.80 -9.17 74.05
CA VAL NA 130 -48.19 -8.92 74.40
C VAL NA 130 -48.57 -9.89 75.48
N THR NA 131 -49.36 -9.41 76.44
CA THR NA 131 -49.72 -10.21 77.59
C THR NA 131 -50.45 -11.48 77.16
N LYS NA 132 -50.15 -12.57 77.82
CA LYS NA 132 -50.81 -13.84 77.52
C LYS NA 132 -52.30 -13.74 77.79
N ALA NA 133 -53.08 -14.13 76.79
CA ALA NA 133 -54.52 -14.01 76.83
C ALA NA 133 -55.16 -15.29 76.30
N THR NA 134 -56.32 -15.62 76.83
CA THR NA 134 -57.07 -16.78 76.41
C THR NA 134 -58.01 -16.46 75.25
N ALA NA 135 -58.79 -15.38 75.38
CA ALA NA 135 -59.72 -14.97 74.33
C ALA NA 135 -59.67 -13.44 74.26
N LEU NA 136 -58.76 -12.93 73.45
CA LEU NA 136 -58.65 -11.50 73.19
C LEU NA 136 -59.43 -11.15 71.93
N THR NA 137 -60.06 -9.98 71.94
CA THR NA 137 -60.99 -9.57 70.91
C THR NA 137 -60.32 -9.13 69.62
N TYR NA 138 -59.02 -9.29 69.48
CA TYR NA 138 -58.33 -8.86 68.28
C TYR NA 138 -57.00 -9.60 68.21
N ASP NA 139 -56.38 -9.53 67.03
CA ASP NA 139 -55.07 -10.11 66.80
C ASP NA 139 -54.02 -9.03 67.00
N PRO NA 140 -53.26 -9.05 68.09
CA PRO NA 140 -52.32 -7.94 68.31
C PRO NA 140 -51.15 -7.95 67.35
N TYR NA 141 -50.73 -9.12 66.91
CA TYR NA 141 -49.54 -9.26 66.07
C TYR NA 141 -49.86 -9.11 64.59
N VAL NA 142 -51.02 -8.56 64.24
CA VAL NA 142 -51.44 -8.55 62.85
C VAL NA 142 -50.77 -7.43 62.07
N ASN NA 143 -50.61 -6.26 62.69
CA ASN NA 143 -50.02 -5.12 62.02
C ASN NA 143 -48.53 -5.05 62.20
N TYR NA 144 -47.92 -6.05 62.82
CA TYR NA 144 -46.47 -6.08 62.98
C TYR NA 144 -45.79 -6.29 61.63
N SER NA 145 -44.66 -5.63 61.45
CA SER NA 145 -43.90 -5.74 60.23
C SER NA 145 -43.37 -7.14 59.99
N SER NA 146 -43.22 -7.94 61.04
CA SER NA 146 -42.74 -9.31 60.96
C SER NA 146 -43.87 -10.32 61.06
N ARG NA 147 -45.09 -9.92 60.74
CA ARG NA 147 -46.22 -10.83 60.83
C ARG NA 147 -46.24 -11.76 59.64
N HIS NA 148 -46.39 -13.04 59.92
CA HIS NA 148 -46.74 -14.05 58.93
C HIS NA 148 -48.08 -14.63 59.34
N THR NA 149 -48.93 -14.86 58.37
CA THR NA 149 -50.24 -15.41 58.62
C THR NA 149 -50.15 -16.88 58.98
N ILE NA 150 -50.90 -17.26 60.02
CA ILE NA 150 -51.05 -18.64 60.44
C ILE NA 150 -52.42 -19.08 59.97
N THR NA 151 -52.45 -19.95 58.98
CA THR NA 151 -53.65 -20.69 58.67
C THR NA 151 -53.82 -21.81 59.68
N GLN NA 152 -55.03 -21.99 60.16
CA GLN NA 152 -55.36 -22.94 61.21
C GLN NA 152 -56.46 -23.87 60.71
N PRO NA 153 -56.58 -25.05 61.31
CA PRO NA 153 -55.77 -25.74 62.31
C PRO NA 153 -54.79 -26.76 61.75
N PHE NA 154 -54.97 -27.14 60.49
CA PHE NA 154 -54.29 -28.29 59.91
C PHE NA 154 -53.19 -27.88 58.94
N SER NA 155 -52.58 -26.73 59.15
CA SER NA 155 -51.61 -26.17 58.24
C SER NA 155 -50.29 -25.93 58.95
N TYR NA 156 -49.22 -26.14 58.21
CA TYR NA 156 -47.87 -26.00 58.71
C TYR NA 156 -47.42 -24.55 58.64
N HIS NA 157 -46.71 -24.12 59.67
CA HIS NA 157 -46.22 -22.76 59.80
C HIS NA 157 -44.78 -22.81 60.26
N SER NA 158 -43.89 -22.22 59.48
CA SER NA 158 -42.48 -22.11 59.81
C SER NA 158 -42.09 -20.65 59.94
N ARG NA 159 -41.13 -20.39 60.81
CA ARG NA 159 -40.53 -19.08 60.98
C ARG NA 159 -39.04 -19.27 61.16
N TYR NA 160 -38.25 -18.59 60.34
CA TYR NA 160 -36.80 -18.70 60.32
C TYR NA 160 -36.20 -17.32 60.50
N PHE NA 161 -35.52 -17.12 61.60
CA PHE NA 161 -35.07 -15.79 61.99
C PHE NA 161 -33.85 -15.93 62.89
N THR NA 162 -33.27 -14.78 63.22
CA THR NA 162 -32.10 -14.66 64.06
C THR NA 162 -32.49 -14.11 65.42
N PRO NA 163 -32.44 -14.89 66.50
CA PRO NA 163 -32.85 -14.35 67.79
C PRO NA 163 -31.80 -13.44 68.39
N LYS NA 164 -32.11 -12.88 69.55
CA LYS NA 164 -31.23 -11.98 70.26
C LYS NA 164 -31.24 -12.36 71.74
N PRO NA 165 -30.11 -12.24 72.43
CA PRO NA 165 -30.10 -12.58 73.85
C PRO NA 165 -30.56 -11.43 74.73
N VAL NA 166 -31.01 -11.82 75.92
CA VAL NA 166 -31.52 -10.89 76.91
C VAL NA 166 -30.33 -10.52 77.80
N LEU NA 167 -29.62 -9.47 77.38
CA LEU NA 167 -28.47 -8.99 78.13
C LEU NA 167 -28.89 -8.09 79.28
N ASP NA 168 -29.82 -7.19 79.04
CA ASP NA 168 -30.38 -6.33 80.08
C ASP NA 168 -31.87 -6.21 79.83
N SER NA 169 -32.67 -6.84 80.68
CA SER NA 169 -34.12 -6.77 80.54
C SER NA 169 -34.69 -5.41 80.91
N THR NA 170 -33.92 -4.58 81.62
CA THR NA 170 -34.39 -3.26 81.99
C THR NA 170 -34.35 -2.30 80.81
N ILE NA 171 -33.30 -2.39 79.99
CA ILE NA 171 -33.09 -1.49 78.87
C ILE NA 171 -33.51 -2.17 77.58
N ASP NA 172 -33.30 -3.48 77.51
CA ASP NA 172 -33.71 -4.30 76.38
C ASP NA 172 -33.07 -3.81 75.09
N TYR NA 173 -31.74 -3.92 75.04
CA TYR NA 173 -30.97 -3.56 73.86
C TYR NA 173 -30.48 -4.80 73.15
N PHE NA 174 -30.38 -4.71 71.83
CA PHE NA 174 -29.92 -5.82 71.02
C PHE NA 174 -29.20 -5.29 69.78
N GLN NA 175 -28.51 -6.14 69.18
CA GLN NA 175 -27.68 -5.86 68.02
C GLN NA 175 -28.45 -6.11 66.73
N PRO NA 176 -28.16 -5.36 65.67
CA PRO NA 176 -28.68 -5.75 64.37
C PRO NA 176 -27.99 -6.97 63.81
N ASN NA 177 -28.49 -7.48 62.69
CA ASN NA 177 -27.98 -8.71 62.12
C ASN NA 177 -26.64 -8.45 61.45
N ASN NA 178 -25.60 -9.09 61.97
CA ASN NA 178 -24.27 -8.99 61.40
C ASN NA 178 -23.54 -10.26 61.81
N LYS NA 179 -23.22 -11.10 60.85
CA LYS NA 179 -22.58 -12.36 61.19
C LYS NA 179 -21.18 -12.15 61.75
N ARG NA 180 -20.51 -11.08 61.34
CA ARG NA 180 -19.12 -10.85 61.73
C ARG NA 180 -19.01 -10.20 63.10
N ASN NA 181 -20.03 -9.45 63.51
CA ASN NA 181 -20.00 -8.68 64.74
C ASN NA 181 -20.87 -9.25 65.84
N GLN NA 182 -21.51 -10.40 65.62
CA GLN NA 182 -22.39 -10.98 66.62
C GLN NA 182 -21.58 -11.40 67.84
N LEU NA 183 -22.11 -11.07 69.00
CA LEU NA 183 -21.45 -11.36 70.25
C LEU NA 183 -21.33 -12.85 70.49
N TRP NA 184 -20.23 -13.24 71.10
CA TRP NA 184 -20.04 -14.58 71.61
C TRP NA 184 -20.42 -14.58 73.08
N LEU NA 185 -21.33 -15.47 73.44
CA LEU NA 185 -21.67 -15.74 74.82
C LEU NA 185 -20.90 -16.95 75.31
N ARG NA 186 -20.88 -17.11 76.62
CA ARG NA 186 -20.29 -18.28 77.24
C ARG NA 186 -21.33 -19.35 77.42
N LEU NA 187 -20.92 -20.58 77.14
CA LEU NA 187 -21.73 -21.76 77.40
C LEU NA 187 -21.59 -22.11 78.87
N GLN NA 188 -22.51 -21.58 79.67
CA GLN NA 188 -22.49 -21.79 81.09
C GLN NA 188 -22.83 -23.24 81.40
N THR NA 189 -22.72 -23.59 82.68
CA THR NA 189 -22.99 -24.95 83.11
C THR NA 189 -24.49 -25.19 83.29
N ALA NA 190 -25.16 -24.33 84.08
CA ALA NA 190 -26.59 -24.48 84.30
C ALA NA 190 -27.34 -23.14 84.37
N GLY NA 191 -26.80 -22.09 83.75
CA GLY NA 191 -27.37 -20.76 83.90
C GLY NA 191 -27.35 -19.91 82.65
N ASN NA 192 -27.50 -20.54 81.49
CA ASN NA 192 -27.44 -19.81 80.24
C ASN NA 192 -28.59 -18.82 80.11
N VAL NA 193 -28.38 -17.82 79.27
CA VAL NA 193 -29.29 -16.70 79.13
C VAL NA 193 -30.34 -17.03 78.09
N ASP NA 194 -31.54 -16.50 78.30
CA ASP NA 194 -32.66 -16.80 77.43
C ASP NA 194 -32.59 -15.95 76.17
N HIS NA 195 -32.70 -16.60 75.03
CA HIS NA 195 -32.90 -15.92 73.77
C HIS NA 195 -34.38 -15.82 73.48
N VAL NA 196 -34.73 -14.83 72.66
CA VAL NA 196 -36.10 -14.39 72.51
C VAL NA 196 -36.33 -14.05 71.04
N GLY NA 197 -37.60 -13.95 70.65
CA GLY NA 197 -37.89 -13.75 69.24
C GLY NA 197 -39.13 -14.32 68.60
N LEU NA 198 -40.10 -14.85 69.35
CA LEU NA 198 -41.35 -15.21 68.70
C LEU NA 198 -42.55 -15.06 69.62
N GLY NA 199 -43.58 -14.44 69.08
CA GLY NA 199 -44.88 -14.38 69.72
C GLY NA 199 -45.97 -14.69 68.72
N THR NA 200 -47.02 -15.32 69.21
CA THR NA 200 -48.06 -15.89 68.38
C THR NA 200 -49.43 -15.40 68.81
N ALA NA 201 -50.38 -15.55 67.90
CA ALA NA 201 -51.79 -15.29 68.17
C ALA NA 201 -52.60 -16.27 67.35
N PHE NA 202 -53.26 -17.20 68.03
CA PHE NA 202 -54.07 -18.22 67.40
C PHE NA 202 -55.55 -17.93 67.62
N GLU NA 203 -56.33 -18.06 66.57
CA GLU NA 203 -57.77 -17.86 66.66
C GLU NA 203 -58.42 -19.08 67.28
N ASN NA 204 -59.22 -18.84 68.30
CA ASN NA 204 -59.85 -19.92 69.03
C ASN NA 204 -60.93 -20.59 68.19
N SER NA 205 -61.37 -21.75 68.66
CA SER NA 205 -62.29 -22.59 67.91
C SER NA 205 -63.11 -23.42 68.87
N ILE NA 206 -64.16 -24.04 68.33
CA ILE NA 206 -64.99 -24.94 69.12
C ILE NA 206 -64.24 -26.22 69.45
N TYR NA 207 -63.31 -26.61 68.60
CA TYR NA 207 -62.51 -27.80 68.80
C TYR NA 207 -61.12 -27.43 69.30
N ASP NA 208 -60.48 -28.39 69.97
CA ASP NA 208 -59.13 -28.18 70.44
C ASP NA 208 -58.15 -28.26 69.29
N GLN NA 209 -57.22 -27.30 69.25
CA GLN NA 209 -56.19 -27.23 68.22
C GLN NA 209 -54.85 -27.55 68.87
N GLU NA 210 -54.31 -28.72 68.55
CA GLU NA 210 -53.04 -29.17 69.08
C GLU NA 210 -51.94 -29.02 68.04
N TYR NA 211 -50.72 -28.80 68.51
CA TYR NA 211 -49.55 -28.65 67.66
C TYR NA 211 -48.37 -29.32 68.34
N ASN NA 212 -47.48 -29.87 67.52
CA ASN NA 212 -46.18 -30.36 67.95
C ASN NA 212 -45.13 -29.39 67.41
N ILE NA 213 -44.52 -28.62 68.30
CA ILE NA 213 -43.63 -27.55 67.91
C ILE NA 213 -42.20 -28.06 67.98
N ARG NA 214 -41.49 -27.97 66.86
CA ARG NA 214 -40.10 -28.39 66.76
C ARG NA 214 -39.25 -27.16 66.52
N VAL NA 215 -38.44 -26.82 67.51
CA VAL NA 215 -37.50 -25.71 67.43
C VAL NA 215 -36.14 -26.27 67.09
N THR NA 216 -35.50 -25.68 66.09
CA THR NA 216 -34.17 -26.05 65.65
C THR NA 216 -33.30 -24.81 65.73
N MET NA 217 -32.25 -24.87 66.54
CA MET NA 217 -31.29 -23.78 66.68
C MET NA 217 -30.02 -24.11 65.93
N TYR NA 218 -29.61 -23.19 65.08
CA TYR NA 218 -28.36 -23.28 64.35
C TYR NA 218 -27.31 -22.46 65.07
N VAL NA 219 -26.39 -23.14 65.73
CA VAL NA 219 -25.45 -22.52 66.65
C VAL NA 219 -24.05 -22.59 66.08
N GLN NA 220 -23.15 -21.83 66.69
CA GLN NA 220 -21.76 -21.73 66.27
C GLN NA 220 -20.94 -21.66 67.55
N PHE NA 221 -20.12 -22.67 67.78
CA PHE NA 221 -19.30 -22.76 68.97
C PHE NA 221 -17.86 -22.34 68.66
N ARG NA 222 -17.06 -22.24 69.72
CA ARG NA 222 -15.70 -21.77 69.61
C ARG NA 222 -14.89 -22.32 70.77
N GLU NA 223 -13.61 -22.53 70.53
CA GLU NA 223 -12.62 -22.91 71.55
C GLU NA 223 -12.97 -24.26 72.19
N PHE NA 224 -12.81 -25.29 71.38
CA PHE NA 224 -12.77 -26.68 71.83
C PHE NA 224 -11.96 -26.82 73.10
N ASN NA 225 -12.58 -27.32 74.16
CA ASN NA 225 -11.98 -27.30 75.49
C ASN NA 225 -12.14 -28.64 76.18
N LEU NA 226 -11.91 -29.72 75.45
CA LEU NA 226 -12.03 -31.03 76.04
C LEU NA 226 -10.96 -31.25 77.11
N LYS NA 227 -11.33 -31.93 78.17
CA LYS NA 227 -10.43 -32.25 79.27
C LYS NA 227 -10.34 -33.76 79.39
N ASP NA 228 -9.10 -34.26 79.42
CA ASP NA 228 -8.82 -35.70 79.37
C ASP NA 228 -7.97 -36.08 80.57
N PRO NA 229 -8.58 -36.31 81.72
CA PRO NA 229 -7.83 -36.84 82.85
C PRO NA 229 -7.48 -38.30 82.66
N PRO NA 230 -6.58 -38.84 83.46
CA PRO NA 230 -6.32 -40.28 83.39
C PRO NA 230 -7.48 -41.12 83.90
N LEU NA 231 -7.31 -42.43 83.90
CA LEU NA 231 -8.35 -43.36 84.33
C LEU NA 231 -7.76 -44.52 85.11
N GLY OA 43 -52.80 34.82 -34.36
CA GLY OA 43 -53.06 33.74 -35.32
C GLY OA 43 -52.23 33.85 -36.57
N ILE OA 44 -51.00 33.39 -36.48
CA ILE OA 44 -50.02 33.57 -37.54
C ILE OA 44 -50.27 32.55 -38.64
N PHE OA 45 -50.04 32.99 -39.88
CA PHE OA 45 -50.12 32.10 -41.03
C PHE OA 45 -49.12 32.62 -42.06
N ASN OA 46 -47.98 31.97 -42.16
CA ASN OA 46 -47.00 32.26 -43.19
C ASN OA 46 -47.37 31.51 -44.45
N THR OA 47 -47.46 32.24 -45.57
CA THR OA 47 -47.75 31.63 -46.85
C THR OA 47 -46.92 32.32 -47.93
N ARG OA 48 -47.29 32.06 -49.18
CA ARG OA 48 -46.54 32.46 -50.35
C ARG OA 48 -47.51 32.82 -51.46
N LEU OA 49 -47.36 34.03 -51.99
CA LEU OA 49 -48.22 34.55 -53.04
C LEU OA 49 -47.37 34.97 -54.22
N SER OA 50 -47.82 34.64 -55.42
CA SER OA 50 -47.09 34.86 -56.65
C SER OA 50 -47.93 35.63 -57.65
N ARG OA 51 -47.25 36.05 -58.71
CA ARG OA 51 -47.79 36.93 -59.74
C ARG OA 51 -46.76 36.96 -60.86
N THR OA 52 -47.25 36.97 -62.10
CA THR OA 52 -46.41 36.89 -63.28
C THR OA 52 -46.82 37.96 -64.28
N PHE OA 53 -45.82 38.60 -64.88
CA PHE OA 53 -46.06 39.65 -65.85
C PHE OA 53 -44.82 39.80 -66.72
N GLY OA 54 -44.97 40.57 -67.79
CA GLY OA 54 -43.92 40.74 -68.78
C GLY OA 54 -43.18 42.05 -68.72
N TYR OA 55 -41.96 42.03 -69.26
CA TYR OA 55 -41.12 43.21 -69.39
C TYR OA 55 -40.26 43.04 -70.63
N THR OA 56 -40.23 44.05 -71.47
CA THR OA 56 -39.48 44.03 -72.72
C THR OA 56 -38.57 45.24 -72.80
N ILE OA 57 -37.36 45.00 -73.27
CA ILE OA 57 -36.39 46.03 -73.58
C ILE OA 57 -36.34 46.11 -75.10
N LYS OA 58 -36.94 47.16 -75.65
CA LYS OA 58 -37.02 47.31 -77.09
C LYS OA 58 -35.64 47.54 -77.69
N ARG OA 59 -35.54 47.26 -78.99
CA ARG OA 59 -34.30 47.39 -79.72
C ARG OA 59 -33.95 48.86 -79.95
N THR OA 60 -32.67 49.10 -80.22
CA THR OA 60 -32.16 50.43 -80.52
C THR OA 60 -31.10 50.34 -81.60
N THR OA 61 -31.14 51.29 -82.53
CA THR OA 61 -30.10 51.43 -83.54
C THR OA 61 -28.83 52.09 -83.00
N VAL OA 62 -28.85 52.56 -81.75
CA VAL OA 62 -27.68 53.20 -81.17
C VAL OA 62 -26.52 52.22 -81.14
N LYS OA 63 -25.34 52.71 -81.51
CA LYS OA 63 -24.15 51.87 -81.59
C LYS OA 63 -23.48 51.70 -80.23
N THR OA 64 -23.48 52.74 -79.42
CA THR OA 64 -22.79 52.73 -78.16
C THR OA 64 -23.41 51.72 -77.19
N PRO OA 65 -22.72 51.37 -76.12
CA PRO OA 65 -23.37 50.62 -75.05
C PRO OA 65 -24.19 51.55 -74.19
N SER OA 66 -25.51 51.47 -74.32
CA SER OA 66 -26.43 52.22 -73.50
C SER OA 66 -27.28 51.25 -72.69
N TRP OA 67 -27.82 51.75 -71.60
CA TRP OA 67 -28.62 50.95 -70.68
C TRP OA 67 -30.02 51.52 -70.55
N ALA OA 68 -30.96 50.62 -70.32
CA ALA OA 68 -32.37 50.93 -70.13
C ALA OA 68 -32.69 50.76 -68.66
N VAL OA 69 -33.15 51.83 -68.04
CA VAL OA 69 -33.41 51.86 -66.60
C VAL OA 69 -34.90 51.80 -66.37
N ASP OA 70 -35.28 51.06 -65.33
CA ASP OA 70 -36.68 50.95 -64.94
C ASP OA 70 -36.74 50.58 -63.47
N MET OA 71 -37.94 50.70 -62.92
CA MET OA 71 -38.20 50.50 -61.51
C MET OA 71 -39.20 49.36 -61.31
N MET OA 72 -39.31 48.93 -60.06
CA MET OA 72 -40.19 47.82 -59.72
C MET OA 72 -40.65 47.98 -58.27
N ARG OA 73 -41.94 48.20 -58.09
CA ARG OA 73 -42.59 48.26 -56.80
C ARG OA 73 -43.42 46.99 -56.59
N PHE OA 74 -43.85 46.78 -55.35
CA PHE OA 74 -44.62 45.61 -54.96
C PHE OA 74 -45.78 46.05 -54.10
N ASN OA 75 -47.00 45.69 -54.50
CA ASN OA 75 -48.20 45.92 -53.72
C ASN OA 75 -48.96 44.62 -53.58
N ILE OA 76 -49.66 44.48 -52.45
CA ILE OA 76 -50.36 43.25 -52.13
C ILE OA 76 -51.71 43.15 -52.84
N ASN OA 77 -52.22 44.24 -53.40
CA ASN OA 77 -53.46 44.14 -54.17
C ASN OA 77 -53.26 43.32 -55.43
N ASP OA 78 -52.06 43.34 -55.99
CA ASP OA 78 -51.76 42.59 -57.20
C ASP OA 78 -51.57 41.11 -56.94
N PHE OA 79 -51.41 40.69 -55.69
CA PHE OA 79 -51.25 39.30 -55.31
C PHE OA 79 -52.47 38.73 -54.62
N LEU OA 80 -53.20 39.56 -53.89
CA LEU OA 80 -54.36 39.14 -53.09
C LEU OA 80 -55.63 39.77 -53.67
N PRO OA 81 -56.54 39.02 -54.29
CA PRO OA 81 -57.70 39.65 -54.87
C PRO OA 81 -58.71 40.05 -53.81
N PRO OA 82 -59.74 40.79 -54.18
CA PRO OA 82 -60.82 41.05 -53.24
C PRO OA 82 -61.66 39.82 -53.01
N GLY OA 83 -62.19 39.71 -51.80
CA GLY OA 83 -62.98 38.57 -51.43
C GLY OA 83 -64.42 38.69 -51.87
N GLY OA 84 -65.32 38.24 -51.01
CA GLY OA 84 -66.74 38.31 -51.30
C GLY OA 84 -67.58 38.27 -50.05
N GLY OA 85 -68.55 39.18 -49.97
CA GLY OA 85 -69.43 39.24 -48.84
C GLY OA 85 -68.88 40.04 -47.69
N SER OA 86 -69.10 39.55 -46.46
CA SER OA 86 -68.63 40.24 -45.28
C SER OA 86 -67.12 40.19 -45.13
N ASN OA 87 -66.45 39.29 -45.86
CA ASN OA 87 -65.00 39.23 -45.86
C ASN OA 87 -64.48 40.04 -47.03
N PRO OA 88 -63.84 41.19 -46.80
CA PRO OA 88 -63.46 42.04 -47.94
C PRO OA 88 -62.34 41.48 -48.77
N ARG OA 89 -61.51 40.60 -48.21
CA ARG OA 89 -60.38 40.01 -48.90
C ARG OA 89 -60.52 38.49 -48.91
N SER OA 90 -59.74 37.87 -49.81
CA SER OA 90 -59.87 36.44 -50.04
C SER OA 90 -59.11 35.62 -49.00
N VAL OA 91 -58.11 36.21 -48.36
CA VAL OA 91 -57.40 35.60 -47.24
C VAL OA 91 -57.93 36.24 -45.97
N PRO OA 92 -58.67 35.51 -45.13
CA PRO OA 92 -59.36 36.18 -44.02
C PRO OA 92 -58.47 36.49 -42.82
N PHE OA 93 -57.70 37.55 -42.96
CA PHE OA 93 -56.84 38.03 -41.90
C PHE OA 93 -56.88 39.54 -41.87
N GLU OA 94 -56.47 40.11 -40.75
CA GLU OA 94 -56.52 41.54 -40.52
C GLU OA 94 -55.21 42.23 -40.85
N TYR OA 95 -54.11 41.72 -40.33
CA TYR OA 95 -52.80 42.34 -40.43
C TYR OA 95 -51.89 41.52 -41.31
N TYR OA 96 -50.84 42.16 -41.80
CA TYR OA 96 -49.85 41.49 -42.62
C TYR OA 96 -48.52 42.21 -42.50
N ARG OA 97 -47.47 41.52 -42.90
CA ARG OA 97 -46.16 42.14 -43.06
C ARG OA 97 -45.36 41.27 -44.01
N ILE OA 98 -44.79 41.90 -45.03
CA ILE OA 98 -44.07 41.18 -46.06
C ILE OA 98 -42.67 40.88 -45.55
N ARG OA 99 -42.32 39.60 -45.53
CA ARG OA 99 -41.04 39.12 -45.02
C ARG OA 99 -39.96 39.16 -46.09
N LYS OA 100 -40.26 38.62 -47.26
CA LYS OA 100 -39.29 38.50 -48.34
C LYS OA 100 -40.03 38.61 -49.67
N VAL OA 101 -39.27 38.93 -50.70
CA VAL OA 101 -39.75 38.90 -52.08
C VAL OA 101 -38.68 38.24 -52.92
N LYS OA 102 -39.12 37.44 -53.89
CA LYS OA 102 -38.27 36.79 -54.86
C LYS OA 102 -38.71 37.24 -56.24
N VAL OA 103 -37.90 38.07 -56.86
CA VAL OA 103 -38.10 38.49 -58.24
C VAL OA 103 -37.28 37.61 -59.14
N GLU OA 104 -37.93 36.98 -60.11
CA GLU OA 104 -37.31 36.05 -61.03
C GLU OA 104 -37.51 36.59 -62.44
N PHE OA 105 -36.41 36.89 -63.11
CA PHE OA 105 -36.43 37.26 -64.52
C PHE OA 105 -36.25 35.99 -65.33
N TRP OA 106 -37.35 35.44 -65.80
CA TRP OA 106 -37.31 34.26 -66.64
C TRP OA 106 -37.19 34.70 -68.09
N PRO OA 107 -36.13 34.34 -68.81
CA PRO OA 107 -35.97 34.85 -70.17
C PRO OA 107 -36.98 34.27 -71.12
N CYS OA 108 -37.20 35.03 -72.19
CA CYS OA 108 -38.04 34.62 -73.29
C CYS OA 108 -37.26 34.44 -74.59
N SER OA 109 -35.96 34.61 -74.56
CA SER OA 109 -35.13 34.69 -75.74
C SER OA 109 -34.31 33.41 -75.89
N PRO OA 110 -34.00 33.02 -77.11
CA PRO OA 110 -33.25 31.78 -77.32
C PRO OA 110 -31.80 31.92 -76.89
N ILE OA 111 -31.17 30.77 -76.67
CA ILE OA 111 -29.77 30.77 -76.30
C ILE OA 111 -28.84 31.06 -77.48
N THR OA 112 -29.39 31.16 -78.69
CA THR OA 112 -28.62 31.52 -79.87
C THR OA 112 -28.62 33.02 -80.15
N GLN OA 113 -29.28 33.82 -79.31
CA GLN OA 113 -29.38 35.24 -79.58
C GLN OA 113 -28.06 35.91 -79.27
N GLY OA 114 -27.62 36.77 -80.18
CA GLY OA 114 -26.39 37.49 -80.04
C GLY OA 114 -26.58 38.90 -79.51
N ASP OA 115 -25.54 39.71 -79.67
CA ASP OA 115 -25.50 41.06 -79.14
C ASP OA 115 -25.77 41.06 -77.65
N ARG OA 116 -25.14 40.12 -76.96
CA ARG OA 116 -25.31 39.95 -75.54
C ARG OA 116 -24.80 41.17 -74.79
N GLY OA 117 -25.17 41.25 -73.53
CA GLY OA 117 -24.89 42.42 -72.72
C GLY OA 117 -24.73 42.09 -71.25
N VAL OA 118 -24.59 43.13 -70.44
CA VAL OA 118 -24.38 42.97 -69.02
C VAL OA 118 -25.00 44.15 -68.30
N GLY OA 119 -25.84 43.84 -67.31
CA GLY OA 119 -26.59 44.84 -66.57
C GLY OA 119 -26.44 44.69 -65.08
N SER OA 120 -27.36 45.30 -64.34
CA SER OA 120 -27.26 45.35 -62.90
C SER OA 120 -28.64 45.50 -62.30
N SER OA 121 -28.87 44.81 -61.19
CA SER OA 121 -30.08 44.93 -60.39
C SER OA 121 -29.69 45.29 -58.97
N ALA OA 122 -30.32 46.33 -58.44
CA ALA OA 122 -30.02 46.83 -57.11
C ALA OA 122 -31.31 46.96 -56.31
N VAL OA 123 -31.14 47.02 -54.99
CA VAL OA 123 -32.23 47.05 -54.04
C VAL OA 123 -32.38 48.47 -53.52
N ILE OA 124 -33.57 49.05 -53.73
CA ILE OA 124 -33.84 50.46 -53.48
C ILE OA 124 -35.05 50.54 -52.57
N LEU OA 125 -34.81 50.74 -51.29
CA LEU OA 125 -35.84 50.61 -50.27
C LEU OA 125 -36.49 51.94 -49.89
N ASP OA 126 -36.55 52.92 -50.80
CA ASP OA 126 -36.97 54.27 -50.41
C ASP OA 126 -37.80 55.03 -51.44
N ASP OA 127 -38.17 54.44 -52.57
CA ASP OA 127 -39.07 55.06 -53.52
C ASP OA 127 -38.45 56.27 -54.19
N ASN OA 128 -37.13 56.29 -54.31
CA ASN OA 128 -36.43 57.28 -55.12
C ASN OA 128 -35.45 56.50 -55.98
N PHE OA 129 -35.93 56.12 -57.15
CA PHE OA 129 -35.17 55.37 -58.13
C PHE OA 129 -34.44 56.32 -59.07
N VAL OA 130 -33.44 55.77 -59.75
CA VAL OA 130 -32.88 56.47 -60.89
C VAL OA 130 -33.97 56.66 -61.92
N THR OA 131 -33.98 57.81 -62.56
CA THR OA 131 -35.04 58.16 -63.48
C THR OA 131 -35.10 57.13 -64.62
N LYS OA 132 -36.32 56.80 -65.02
CA LYS OA 132 -36.51 55.87 -66.11
C LYS OA 132 -35.92 56.42 -67.39
N ALA OA 133 -35.09 55.62 -68.05
CA ALA OA 133 -34.37 56.01 -69.24
C ALA OA 133 -34.44 54.90 -70.26
N THR OA 134 -34.41 55.30 -71.53
CA THR OA 134 -34.43 54.36 -72.64
C THR OA 134 -33.02 53.95 -73.04
N ALA OA 135 -32.13 54.92 -73.24
CA ALA OA 135 -30.74 54.65 -73.62
C ALA OA 135 -29.86 55.63 -72.83
N LEU OA 136 -29.46 55.22 -71.65
CA LEU OA 136 -28.53 55.98 -70.82
C LEU OA 136 -27.12 55.49 -71.05
N THR OA 137 -26.17 56.43 -71.05
CA THR OA 137 -24.80 56.17 -71.44
C THR OA 137 -23.99 55.41 -70.38
N TYR OA 138 -24.61 54.95 -69.31
CA TYR OA 138 -23.88 54.24 -68.27
C TYR OA 138 -24.88 53.43 -67.47
N ASP OA 139 -24.34 52.51 -66.66
CA ASP OA 139 -25.13 51.69 -65.76
C ASP OA 139 -25.16 52.36 -64.40
N PRO OA 140 -26.27 52.96 -63.97
CA PRO OA 140 -26.24 53.68 -62.70
C PRO OA 140 -26.15 52.76 -61.50
N TYR OA 141 -26.71 51.56 -61.59
CA TYR OA 141 -26.78 50.64 -60.48
C TYR OA 141 -25.55 49.76 -60.37
N VAL OA 142 -24.45 50.12 -61.03
CA VAL OA 142 -23.29 49.23 -61.09
C VAL OA 142 -22.48 49.31 -59.82
N ASN OA 143 -22.31 50.51 -59.27
CA ASN OA 143 -21.49 50.69 -58.09
C ASN OA 143 -22.29 50.56 -56.80
N TYR OA 144 -23.56 50.19 -56.89
CA TYR OA 144 -24.36 49.99 -55.70
C TYR OA 144 -23.89 48.77 -54.94
N SER OA 145 -23.94 48.86 -53.62
CA SER OA 145 -23.54 47.76 -52.76
C SER OA 145 -24.42 46.54 -52.92
N SER OA 146 -25.64 46.70 -53.40
CA SER OA 146 -26.58 45.62 -53.61
C SER OA 146 -26.69 45.23 -55.07
N ARG OA 147 -25.67 45.52 -55.86
CA ARG OA 147 -25.70 45.20 -57.28
C ARG OA 147 -25.40 43.73 -57.49
N HIS OA 148 -26.23 43.09 -58.29
CA HIS OA 148 -25.97 41.78 -58.86
C HIS OA 148 -25.93 41.95 -60.36
N THR OA 149 -25.00 41.28 -60.99
CA THR OA 149 -24.86 41.35 -62.44
C THR OA 149 -25.98 40.59 -63.13
N ILE OA 150 -26.54 41.21 -64.16
CA ILE OA 150 -27.52 40.59 -65.02
C ILE OA 150 -26.80 40.26 -66.31
N THR OA 151 -26.60 38.97 -66.54
CA THR OA 151 -26.24 38.48 -67.86
C THR OA 151 -27.47 38.47 -68.74
N GLN OA 152 -27.32 38.94 -69.96
CA GLN OA 152 -28.40 39.10 -70.91
C GLN OA 152 -28.06 38.35 -72.18
N PRO OA 153 -29.08 37.98 -72.98
CA PRO OA 153 -30.53 38.05 -72.82
C PRO OA 153 -31.19 36.78 -72.34
N PHE OA 154 -30.46 35.66 -72.41
CA PHE OA 154 -31.03 34.33 -72.25
C PHE OA 154 -30.67 33.70 -70.91
N SER OA 155 -30.46 34.52 -69.89
CA SER OA 155 -29.99 34.04 -68.60
C SER OA 155 -30.96 34.44 -67.51
N TYR OA 156 -31.10 33.55 -66.54
CA TYR OA 156 -31.99 33.73 -65.42
C TYR OA 156 -31.34 34.57 -64.34
N HIS OA 157 -32.14 35.45 -63.74
CA HIS OA 157 -31.69 36.37 -62.71
C HIS OA 157 -32.72 36.37 -61.60
N SER OA 158 -32.28 36.04 -60.38
CA SER OA 158 -33.11 36.06 -59.20
C SER OA 158 -32.56 37.06 -58.20
N ARG OA 159 -33.47 37.66 -57.44
CA ARG OA 159 -33.13 38.55 -56.34
C ARG OA 159 -34.07 38.24 -55.19
N TYR OA 160 -33.51 37.96 -54.02
CA TYR OA 160 -34.25 37.57 -52.83
C TYR OA 160 -33.87 38.53 -51.71
N PHE OA 161 -34.83 39.30 -51.25
CA PHE OA 161 -34.57 40.38 -50.32
C PHE OA 161 -35.83 40.68 -49.53
N THR OA 162 -35.68 41.58 -48.56
CA THR OA 162 -36.74 42.01 -47.68
C THR OA 162 -37.17 43.42 -48.04
N PRO OA 163 -38.36 43.64 -48.58
CA PRO OA 163 -38.74 45.00 -48.95
C PRO OA 163 -39.13 45.83 -47.75
N LYS OA 164 -39.47 47.09 -47.99
CA LYS OA 164 -39.86 48.02 -46.95
C LYS OA 164 -41.06 48.81 -47.45
N PRO OA 165 -42.00 49.15 -46.58
CA PRO OA 165 -43.16 49.92 -47.02
C PRO OA 165 -42.90 51.41 -47.07
N VAL OA 166 -43.70 52.08 -47.88
CA VAL OA 166 -43.61 53.52 -48.08
C VAL OA 166 -44.56 54.15 -47.07
N LEU OA 167 -44.03 54.42 -45.88
CA LEU OA 167 -44.81 55.05 -44.83
C LEU OA 167 -44.89 56.56 -45.01
N ASP OA 168 -43.77 57.19 -45.32
CA ASP OA 168 -43.74 58.62 -45.61
C ASP OA 168 -42.79 58.82 -46.78
N SER OA 169 -43.34 59.16 -47.94
CA SER OA 169 -42.52 59.40 -49.12
C SER OA 169 -41.74 60.70 -49.04
N THR OA 170 -42.12 61.61 -48.14
CA THR OA 170 -41.40 62.86 -47.99
C THR OA 170 -40.08 62.67 -47.26
N ILE OA 171 -40.08 61.83 -46.23
CA ILE OA 171 -38.91 61.60 -45.39
C ILE OA 171 -38.22 60.32 -45.81
N ASP OA 172 -39.00 59.33 -46.23
CA ASP OA 172 -38.50 58.06 -46.73
C ASP OA 172 -37.65 57.36 -45.68
N TYR OA 173 -38.31 56.98 -44.59
CA TYR OA 173 -37.69 56.24 -43.50
C TYR OA 173 -38.13 54.78 -43.54
N PHE OA 174 -37.22 53.90 -43.13
CA PHE OA 174 -37.52 52.48 -43.09
C PHE OA 174 -36.73 51.82 -41.97
N GLN OA 175 -37.14 50.68 -41.64
CA GLN OA 175 -36.59 49.88 -40.56
C GLN OA 175 -35.48 48.97 -41.06
N PRO OA 176 -34.49 48.66 -40.24
CA PRO OA 176 -33.57 47.59 -40.61
C PRO OA 176 -34.20 46.22 -40.46
N ASN OA 177 -33.50 45.19 -40.90
CA ASN OA 177 -34.04 43.85 -40.93
C ASN OA 177 -34.09 43.28 -39.53
N ASN OA 178 -35.29 43.00 -39.05
CA ASN OA 178 -35.49 42.39 -37.74
C ASN OA 178 -36.82 41.68 -37.80
N LYS OA 179 -36.79 40.36 -37.72
CA LYS OA 179 -38.04 39.61 -37.84
C LYS OA 179 -38.95 39.88 -36.66
N ARG OA 180 -38.39 40.17 -35.49
CA ARG OA 180 -39.19 40.31 -34.29
C ARG OA 180 -39.81 41.70 -34.16
N ASN OA 181 -39.18 42.70 -34.77
CA ASN OA 181 -39.60 44.10 -34.63
C ASN OA 181 -40.25 44.66 -35.88
N GLN OA 182 -40.43 43.85 -36.91
CA GLN OA 182 -41.03 44.34 -38.15
C GLN OA 182 -42.47 44.75 -37.93
N LEU OA 183 -42.82 45.90 -38.47
CA LEU OA 183 -44.14 46.46 -38.29
C LEU OA 183 -45.20 45.59 -38.95
N TRP OA 184 -46.36 45.53 -38.31
CA TRP OA 184 -47.55 44.94 -38.89
C TRP OA 184 -48.36 46.05 -39.53
N LEU OA 185 -48.68 45.88 -40.79
CA LEU OA 185 -49.59 46.75 -41.51
C LEU OA 185 -50.97 46.12 -41.51
N ARG OA 186 -51.96 46.93 -41.85
CA ARG OA 186 -53.32 46.46 -42.02
C ARG OA 186 -53.55 46.06 -43.46
N LEU OA 187 -54.24 44.94 -43.64
CA LEU OA 187 -54.69 44.49 -44.93
C LEU OA 187 -55.95 45.26 -45.28
N GLN OA 188 -55.76 46.37 -45.98
CA GLN OA 188 -56.85 47.23 -46.38
C GLN OA 188 -57.71 46.53 -47.43
N THR OA 189 -58.84 47.17 -47.76
CA THR OA 189 -59.75 46.61 -48.72
C THR OA 189 -59.31 46.88 -50.15
N ALA OA 190 -59.04 48.15 -50.49
CA ALA OA 190 -58.58 48.51 -51.83
C ALA OA 190 -57.52 49.61 -51.85
N GLY OA 191 -56.76 49.78 -50.77
CA GLY OA 191 -55.85 50.90 -50.64
C GLY OA 191 -54.53 50.59 -49.98
N ASN OA 192 -54.03 49.38 -50.15
CA ASN OA 192 -52.81 48.98 -49.49
C ASN OA 192 -51.62 49.79 -49.99
N VAL OA 193 -50.59 49.84 -49.16
CA VAL OA 193 -49.43 50.69 -49.38
C VAL OA 193 -48.41 49.94 -50.23
N ASP OA 194 -47.70 50.69 -51.04
CA ASP OA 194 -46.73 50.10 -51.97
C ASP OA 194 -45.43 49.78 -51.23
N HIS OA 195 -44.97 48.55 -51.40
CA HIS OA 195 -43.65 48.17 -50.98
C HIS OA 195 -42.69 48.33 -52.14
N VAL OA 196 -41.41 48.50 -51.80
CA VAL OA 196 -40.41 48.96 -52.74
C VAL OA 196 -39.12 48.21 -52.47
N GLY OA 197 -38.19 48.25 -53.43
CA GLY OA 197 -37.00 47.47 -53.28
C GLY OA 197 -36.29 46.88 -54.49
N LEU OA 198 -36.64 47.23 -55.71
CA LEU OA 198 -35.80 46.79 -56.83
C LEU OA 198 -35.77 47.78 -57.97
N GLY OA 199 -34.56 48.03 -58.45
CA GLY OA 199 -34.35 48.78 -59.66
C GLY OA 199 -33.33 48.08 -60.53
N THR OA 200 -33.51 48.23 -61.84
CA THR OA 200 -32.77 47.46 -62.82
C THR OA 200 -32.15 48.38 -63.86
N ALA OA 201 -31.15 47.83 -64.55
CA ALA OA 201 -30.53 48.48 -65.69
C ALA OA 201 -30.13 47.40 -66.68
N PHE OA 202 -30.80 47.38 -67.82
CA PHE OA 202 -30.56 46.41 -68.87
C PHE OA 202 -29.85 47.07 -70.04
N GLU OA 203 -28.84 46.40 -70.56
CA GLU OA 203 -28.10 46.88 -71.70
C GLU OA 203 -28.90 46.63 -72.97
N ASN OA 204 -29.08 47.67 -73.77
CA ASN OA 204 -29.88 47.58 -74.96
C ASN OA 204 -29.17 46.74 -76.02
N SER OA 205 -29.93 46.39 -77.05
CA SER OA 205 -29.46 45.47 -78.07
C SER OA 205 -30.19 45.75 -79.38
N ILE OA 206 -29.67 45.16 -80.45
CA ILE OA 206 -30.31 45.28 -81.75
C ILE OA 206 -31.61 44.49 -81.78
N TYR OA 207 -31.70 43.43 -81.00
CA TYR OA 207 -32.88 42.59 -80.91
C TYR OA 207 -33.67 42.92 -79.65
N ASP OA 208 -34.96 42.62 -79.70
CA ASP OA 208 -35.82 42.82 -78.54
C ASP OA 208 -35.54 41.75 -77.50
N GLN OA 209 -35.42 42.18 -76.24
CA GLN OA 209 -35.17 41.31 -75.11
C GLN OA 209 -36.43 41.27 -74.25
N GLU OA 210 -37.12 40.14 -74.28
CA GLU OA 210 -38.34 39.95 -73.50
C GLU OA 210 -38.07 39.08 -72.29
N TYR OA 211 -38.85 39.33 -71.23
CA TYR OA 211 -38.75 38.60 -69.99
C TYR OA 211 -40.15 38.38 -69.43
N ASN OA 212 -40.32 37.24 -68.76
CA ASN OA 212 -41.50 36.95 -67.96
C ASN OA 212 -41.08 37.02 -66.49
N ILE OA 213 -41.55 38.05 -65.80
CA ILE OA 213 -41.11 38.31 -64.44
C ILE OA 213 -42.13 37.73 -63.48
N ARG OA 214 -41.66 36.86 -62.60
CA ARG OA 214 -42.47 36.21 -61.58
C ARG OA 214 -42.03 36.71 -60.22
N VAL OA 215 -42.89 37.48 -59.58
CA VAL OA 215 -42.66 37.98 -58.24
C VAL OA 215 -43.40 37.08 -57.26
N THR OA 216 -42.69 36.65 -56.22
CA THR OA 216 -43.24 35.82 -55.16
C THR OA 216 -43.00 36.54 -53.85
N MET OA 217 -44.08 36.86 -53.16
CA MET OA 217 -44.02 37.49 -51.86
C MET OA 217 -44.30 36.49 -50.75
N TYR OA 218 -43.42 36.43 -49.78
CA TYR OA 218 -43.55 35.60 -48.61
C TYR OA 218 -44.08 36.46 -47.48
N VAL OA 219 -45.36 36.26 -47.14
CA VAL OA 219 -46.07 37.15 -46.24
C VAL OA 219 -46.38 36.42 -44.96
N GLN OA 220 -46.81 37.18 -43.96
CA GLN OA 220 -47.13 36.67 -42.64
C GLN OA 220 -48.34 37.46 -42.16
N PHE OA 221 -49.45 36.76 -41.99
CA PHE OA 221 -50.70 37.37 -41.57
C PHE OA 221 -50.94 37.15 -40.09
N ARG OA 222 -51.98 37.80 -39.56
CA ARG OA 222 -52.29 37.76 -38.16
C ARG OA 222 -53.77 38.05 -37.96
N GLU OA 223 -54.34 37.47 -36.91
CA GLU OA 223 -55.70 37.73 -36.46
C GLU OA 223 -56.73 37.35 -37.53
N PHE OA 224 -56.84 36.03 -37.72
CA PHE OA 224 -57.94 35.41 -38.43
C PHE OA 224 -59.26 36.04 -38.05
N ASN OA 225 -59.97 36.56 -39.05
CA ASN OA 225 -61.14 37.40 -38.83
C ASN OA 225 -62.29 37.02 -39.72
N LEU OA 226 -62.51 35.72 -39.89
CA LEU OA 226 -63.60 35.27 -40.74
C LEU OA 226 -64.93 35.66 -40.14
N LYS OA 227 -65.87 36.02 -41.00
CA LYS OA 227 -67.22 36.39 -40.62
C LYS OA 227 -68.20 35.44 -41.27
N ASP OA 228 -69.08 34.85 -40.46
CA ASP OA 228 -69.99 33.80 -40.89
C ASP OA 228 -71.42 34.22 -40.58
N PRO OA 229 -72.05 34.98 -41.46
CA PRO OA 229 -73.45 35.28 -41.30
C PRO OA 229 -74.31 34.08 -41.66
N PRO OA 230 -75.59 34.08 -41.31
CA PRO OA 230 -76.47 33.00 -41.75
C PRO OA 230 -76.74 33.04 -43.24
N LEU OA 231 -77.56 32.11 -43.72
CA LEU OA 231 -77.87 31.99 -45.14
C LEU OA 231 -79.34 31.63 -45.35
N GLY PA 43 -7.35 57.88 -41.74
CA GLY PA 43 -8.75 57.62 -42.03
C GLY PA 43 -8.95 56.76 -43.25
N ILE PA 44 -8.81 55.46 -43.07
CA ILE PA 44 -8.81 54.52 -44.17
C ILE PA 44 -10.23 54.25 -44.63
N PHE PA 45 -10.40 54.08 -45.93
CA PHE PA 45 -11.67 53.70 -46.52
C PHE PA 45 -11.37 52.86 -47.76
N ASN PA 46 -11.51 51.55 -47.64
CA ASN PA 46 -11.40 50.66 -48.76
C ASN PA 46 -12.74 50.58 -49.48
N THR PA 47 -12.72 50.82 -50.79
CA THR PA 47 -13.92 50.73 -51.60
C THR PA 47 -13.57 50.10 -52.95
N ARG PA 48 -14.51 50.22 -53.88
CA ARG PA 48 -14.45 49.56 -55.17
C ARG PA 48 -15.05 50.47 -56.22
N LEU PA 49 -14.30 50.72 -57.28
CA LEU PA 49 -14.69 51.60 -58.36
C LEU PA 49 -14.60 50.83 -59.67
N SER PA 50 -15.60 51.02 -60.52
CA SER PA 50 -15.73 50.29 -61.76
C SER PA 50 -15.90 51.24 -62.94
N ARG PA 51 -15.81 50.66 -64.12
CA ARG PA 51 -15.80 51.37 -65.38
C ARG PA 51 -15.93 50.32 -66.48
N THR PA 52 -16.68 50.64 -67.52
CA THR PA 52 -16.99 49.71 -68.60
C THR PA 52 -16.76 50.38 -69.94
N PHE PA 53 -16.17 49.63 -70.86
CA PHE PA 53 -15.87 50.14 -72.19
C PHE PA 53 -15.71 48.95 -73.14
N GLY PA 54 -15.65 49.27 -74.42
CA GLY PA 54 -15.59 48.27 -75.46
C GLY PA 54 -14.24 48.06 -76.11
N TYR PA 55 -14.07 46.87 -76.68
CA TYR PA 55 -12.87 46.52 -77.42
C TYR PA 55 -13.28 45.52 -78.50
N THR PA 56 -12.85 45.79 -79.74
CA THR PA 56 -13.18 44.95 -80.88
C THR PA 56 -11.91 44.55 -81.60
N ILE PA 57 -11.88 43.28 -82.02
CA ILE PA 57 -10.84 42.74 -82.87
C ILE PA 57 -11.47 42.57 -84.24
N LYS PA 58 -11.12 43.45 -85.16
CA LYS PA 58 -11.71 43.43 -86.48
C LYS PA 58 -11.30 42.18 -87.25
N ARG PA 59 -12.11 41.85 -88.25
CA ARG PA 59 -11.89 40.68 -89.08
C ARG PA 59 -10.69 40.87 -90.00
N THR PA 60 -10.15 39.75 -90.48
CA THR PA 60 -9.04 39.73 -91.41
C THR PA 60 -9.23 38.61 -92.41
N THR PA 61 -8.92 38.90 -93.68
CA THR PA 61 -8.90 37.89 -94.72
C THR PA 61 -7.65 37.02 -94.68
N VAL PA 62 -6.69 37.34 -93.81
CA VAL PA 62 -5.47 36.55 -93.71
C VAL PA 62 -5.81 35.12 -93.33
N LYS PA 63 -5.15 34.17 -93.98
CA LYS PA 63 -5.43 32.76 -93.76
C LYS PA 63 -4.67 32.22 -92.56
N THR PA 64 -3.44 32.69 -92.34
CA THR PA 64 -2.60 32.17 -91.29
C THR PA 64 -3.19 32.49 -89.92
N PRO PA 65 -2.69 31.82 -88.87
CA PRO PA 65 -3.03 32.25 -87.52
C PRO PA 65 -2.18 33.45 -87.13
N SER PA 66 -2.80 34.62 -87.09
CA SER PA 66 -2.16 35.84 -86.65
C SER PA 66 -2.87 36.35 -85.41
N TRP PA 67 -2.15 37.14 -84.63
CA TRP PA 67 -2.64 37.68 -83.38
C TRP PA 67 -2.66 39.20 -83.41
N ALA PA 68 -3.62 39.76 -82.69
CA ALA PA 68 -3.79 41.20 -82.54
C ALA PA 68 -3.36 41.59 -81.15
N VAL PA 69 -2.38 42.47 -81.07
CA VAL PA 69 -1.77 42.86 -79.81
C VAL PA 69 -2.27 44.24 -79.43
N ASP PA 70 -2.50 44.44 -78.15
CA ASP PA 70 -2.94 45.73 -77.63
C ASP PA 70 -2.56 45.80 -76.16
N MET PA 71 -2.64 47.01 -75.62
CA MET PA 71 -2.24 47.33 -74.27
C MET PA 71 -3.42 47.85 -73.47
N MET PA 72 -3.22 47.93 -72.16
CA MET PA 72 -4.26 48.37 -71.24
C MET PA 72 -3.63 49.00 -70.02
N ARG PA 73 -3.85 50.29 -69.85
CA ARG PA 73 -3.43 51.05 -68.69
C ARG PA 73 -4.65 51.37 -67.83
N PHE PA 74 -4.39 51.82 -66.60
CA PHE PA 74 -5.43 52.14 -65.64
C PHE PA 74 -5.11 53.47 -64.98
N ASN PA 75 -6.03 54.41 -65.05
CA ASN PA 75 -5.93 55.70 -64.37
C ASN PA 75 -7.18 55.93 -63.56
N ILE PA 76 -7.01 56.64 -62.44
CA ILE PA 76 -8.12 56.88 -61.51
C ILE PA 76 -9.04 58.00 -61.96
N ASN PA 77 -8.62 58.82 -62.92
CA ASN PA 77 -9.51 59.85 -63.44
C ASN PA 77 -10.70 59.23 -64.16
N ASP PA 78 -10.50 58.06 -64.77
CA ASP PA 78 -11.56 57.39 -65.50
C ASP PA 78 -12.55 56.69 -64.60
N PHE PA 79 -12.22 56.53 -63.31
CA PHE PA 79 -13.10 55.91 -62.33
C PHE PA 79 -13.69 56.89 -61.34
N LEU PA 80 -12.95 57.96 -61.03
CA LEU PA 80 -13.34 58.95 -60.03
C LEU PA 80 -13.57 60.29 -60.72
N PRO PA 81 -14.80 60.79 -60.81
CA PRO PA 81 -15.01 62.04 -61.53
C PRO PA 81 -14.57 63.23 -60.69
N PRO PA 82 -14.53 64.41 -61.28
CA PRO PA 82 -14.29 65.61 -60.49
C PRO PA 82 -15.48 65.96 -59.62
N GLY PA 83 -15.18 66.53 -58.47
CA GLY PA 83 -16.22 66.88 -57.53
C GLY PA 83 -16.86 68.21 -57.83
N GLY PA 84 -17.15 68.97 -56.78
CA GLY PA 84 -17.75 70.27 -56.94
C GLY PA 84 -17.50 71.17 -55.76
N GLY PA 85 -17.10 72.40 -56.03
CA GLY PA 85 -16.85 73.36 -54.98
C GLY PA 85 -15.45 73.26 -54.41
N SER PA 86 -15.36 73.41 -53.10
CA SER PA 86 -14.06 73.36 -52.42
C SER PA 86 -13.48 71.95 -52.41
N ASN PA 87 -14.29 70.94 -52.68
CA ASN PA 87 -13.81 69.57 -52.78
C ASN PA 87 -13.51 69.26 -54.24
N PRO PA 88 -12.24 69.12 -54.65
CA PRO PA 88 -11.97 68.97 -56.07
C PRO PA 88 -12.39 67.63 -56.65
N ARG PA 89 -12.52 66.61 -55.81
CA ARG PA 89 -12.91 65.27 -56.23
C ARG PA 89 -14.17 64.83 -55.51
N SER PA 90 -14.80 63.80 -56.07
CA SER PA 90 -16.10 63.36 -55.57
C SER PA 90 -15.98 62.47 -54.35
N VAL PA 91 -14.83 61.82 -54.17
CA VAL PA 91 -14.53 61.06 -52.96
C VAL PA 91 -13.62 61.92 -52.10
N PRO PA 92 -14.07 62.44 -50.95
CA PRO PA 92 -13.27 63.43 -50.24
C PRO PA 92 -12.13 62.85 -49.41
N PHE PA 93 -11.05 62.50 -50.10
CA PHE PA 93 -9.85 62.00 -49.49
C PHE PA 93 -8.64 62.60 -50.18
N GLU PA 94 -7.51 62.55 -49.50
CA GLU PA 94 -6.27 63.15 -49.98
C GLU PA 94 -5.39 62.15 -50.72
N TYR PA 95 -5.14 61.00 -50.13
CA TYR PA 95 -4.21 60.02 -50.63
C TYR PA 95 -4.94 58.78 -51.09
N TYR PA 96 -4.27 58.00 -51.91
CA TYR PA 96 -4.82 56.75 -52.40
C TYR PA 96 -3.69 55.80 -52.77
N ARG PA 97 -4.04 54.53 -52.88
CA ARG PA 97 -3.14 53.53 -53.43
C ARG PA 97 -3.99 52.38 -53.92
N ILE PA 98 -3.75 51.96 -55.16
CA ILE PA 98 -4.55 50.92 -55.79
C ILE PA 98 -4.03 49.58 -55.32
N ARG PA 99 -4.91 48.79 -54.73
CA ARG PA 99 -4.57 47.49 -54.18
C ARG PA 99 -4.65 46.38 -55.22
N LYS PA 100 -5.74 46.34 -55.96
CA LYS PA 100 -5.99 45.30 -56.94
C LYS PA 100 -6.80 45.88 -58.08
N VAL PA 101 -6.76 45.18 -59.22
CA VAL PA 101 -7.61 45.47 -60.36
C VAL PA 101 -8.14 44.15 -60.88
N LYS PA 102 -9.40 44.17 -61.31
CA LYS PA 102 -10.07 43.03 -61.92
C LYS PA 102 -10.51 43.47 -63.30
N VAL PA 103 -9.84 42.96 -64.31
CA VAL PA 103 -10.23 43.16 -65.70
C VAL PA 103 -11.06 41.97 -66.15
N GLU PA 104 -12.27 42.25 -66.62
CA GLU PA 104 -13.21 41.23 -67.06
C GLU PA 104 -13.52 41.47 -68.52
N PHE PA 105 -13.20 40.50 -69.37
CA PHE PA 105 -13.58 40.51 -70.77
C PHE PA 105 -14.91 39.78 -70.88
N TRP PA 106 -15.97 40.55 -70.92
CA TRP PA 106 -17.30 40.00 -71.11
C TRP PA 106 -17.60 39.89 -72.60
N PRO PA 107 -17.82 38.70 -73.15
CA PRO PA 107 -18.00 38.60 -74.59
C PRO PA 107 -19.29 39.22 -75.07
N CYS PA 108 -19.28 39.59 -76.34
CA CYS PA 108 -20.43 40.10 -77.04
C CYS PA 108 -20.90 39.19 -78.15
N SER PA 109 -20.27 38.04 -78.33
CA SER PA 109 -20.45 37.18 -79.46
C SER PA 109 -21.24 35.95 -79.07
N PRO PA 110 -22.02 35.37 -79.99
CA PRO PA 110 -22.82 34.21 -79.63
C PRO PA 110 -21.97 32.97 -79.47
N ILE PA 111 -22.54 31.99 -78.78
CA ILE PA 111 -21.85 30.72 -78.59
C ILE PA 111 -21.84 29.85 -79.84
N THR PA 112 -22.53 30.26 -80.90
CA THR PA 112 -22.51 29.56 -82.16
C THR PA 112 -21.45 30.08 -83.13
N GLN PA 113 -20.66 31.08 -82.72
CA GLN PA 113 -19.69 31.66 -83.62
C GLN PA 113 -18.51 30.73 -83.78
N GLY PA 114 -18.10 30.54 -85.03
CA GLY PA 114 -16.99 29.69 -85.36
C GLY PA 114 -15.70 30.44 -85.54
N ASP PA 115 -14.74 29.75 -86.16
CA ASP PA 115 -13.39 30.28 -86.36
C ASP PA 115 -12.79 30.68 -85.02
N ARG PA 116 -12.98 29.82 -84.03
CA ARG PA 116 -12.50 30.08 -82.70
C ARG PA 116 -10.98 30.12 -82.67
N GLY PA 117 -10.46 30.63 -81.57
CA GLY PA 117 -9.04 30.87 -81.44
C GLY PA 117 -8.55 30.77 -80.01
N VAL PA 118 -7.29 31.11 -79.81
CA VAL PA 118 -6.66 31.00 -78.50
C VAL PA 118 -5.62 32.09 -78.38
N GLY PA 119 -5.70 32.85 -77.30
CA GLY PA 119 -4.83 33.98 -77.05
C GLY PA 119 -4.20 33.95 -75.69
N SER PA 120 -3.69 35.09 -75.26
CA SER PA 120 -2.94 35.18 -74.03
C SER PA 120 -3.04 36.58 -73.45
N SER PA 121 -3.16 36.64 -72.13
CA SER PA 121 -3.13 37.89 -71.38
C SER PA 121 -2.03 37.82 -70.35
N ALA PA 122 -1.18 38.84 -70.32
CA ALA PA 122 -0.05 38.89 -69.42
C ALA PA 122 -0.04 40.20 -68.65
N VAL PA 123 0.70 40.20 -67.56
CA VAL PA 123 0.76 41.33 -66.63
C VAL PA 123 2.09 42.05 -66.85
N ILE PA 124 2.01 43.32 -67.19
CA ILE PA 124 3.16 44.12 -67.63
C ILE PA 124 3.20 45.37 -66.76
N LEU PA 125 4.05 45.35 -65.75
CA LEU PA 125 4.05 46.36 -64.70
C LEU PA 125 5.05 47.49 -64.95
N ASP PA 126 5.39 47.82 -66.20
CA ASP PA 126 6.48 48.75 -66.46
C ASP PA 126 6.29 49.69 -67.65
N ASP PA 127 5.16 49.68 -68.32
CA ASP PA 127 4.87 50.65 -69.37
C ASP PA 127 5.73 50.45 -70.60
N ASN PA 128 6.20 49.22 -70.83
CA ASN PA 128 6.86 48.86 -72.07
C ASN PA 128 6.20 47.57 -72.53
N PHE PA 129 5.16 47.76 -73.34
CA PHE PA 129 4.38 46.68 -73.91
C PHE PA 129 4.97 46.25 -75.24
N VAL PA 130 4.58 45.06 -75.68
CA VAL PA 130 4.81 44.67 -77.06
C VAL PA 130 4.06 45.65 -77.93
N THR PA 131 4.68 46.01 -79.05
CA THR PA 131 4.12 47.03 -79.93
C THR PA 131 2.75 46.59 -80.43
N LYS PA 132 1.83 47.54 -80.51
CA LYS PA 132 0.50 47.27 -81.00
C LYS PA 132 0.56 46.80 -82.45
N ALA PA 133 -0.09 45.66 -82.71
CA ALA PA 133 -0.07 45.02 -84.00
C ALA PA 133 -1.47 44.56 -84.36
N THR PA 134 -1.74 44.55 -85.67
CA THR PA 134 -3.02 44.10 -86.19
C THR PA 134 -3.02 42.61 -86.47
N ALA PA 135 -2.00 42.12 -87.19
CA ALA PA 135 -1.87 40.70 -87.51
C ALA PA 135 -0.40 40.34 -87.38
N LEU PA 136 -0.01 39.93 -86.18
CA LEU PA 136 1.33 39.45 -85.90
C LEU PA 136 1.36 37.93 -86.01
N THR PA 137 2.46 37.40 -86.52
CA THR PA 137 2.58 35.99 -86.87
C THR PA 137 2.79 35.08 -85.67
N TYR PA 138 2.68 35.59 -84.45
CA TYR PA 138 2.88 34.77 -83.27
C TYR PA 138 2.24 35.47 -82.09
N ASP PA 139 2.09 34.73 -80.99
CA ASP PA 139 1.57 35.25 -79.74
C ASP PA 139 2.73 35.67 -78.87
N PRO PA 140 3.01 36.95 -78.68
CA PRO PA 140 4.18 37.33 -77.91
C PRO PA 140 4.05 37.02 -76.44
N TYR PA 141 2.85 37.10 -75.90
CA TYR PA 141 2.62 36.94 -74.47
C TYR PA 141 2.42 35.49 -74.07
N VAL PA 142 2.80 34.54 -74.92
CA VAL PA 142 2.49 33.14 -74.66
C VAL PA 142 3.46 32.54 -73.66
N ASN PA 143 4.75 32.88 -73.76
CA ASN PA 143 5.76 32.33 -72.89
C ASN PA 143 5.96 33.14 -71.63
N TYR PA 144 5.16 34.17 -71.42
CA TYR PA 144 5.26 34.96 -70.20
C TYR PA 144 4.81 34.16 -68.99
N SER PA 145 5.50 34.38 -67.88
CA SER PA 145 5.17 33.69 -66.65
C SER PA 145 3.79 34.03 -66.12
N SER PA 146 3.25 35.18 -66.51
CA SER PA 146 1.93 35.62 -66.09
C SER PA 146 0.88 35.42 -67.18
N ARG PA 147 1.12 34.50 -68.10
CA ARG PA 147 0.19 34.26 -69.19
C ARG PA 147 -0.98 33.43 -68.69
N HIS PA 148 -2.18 33.88 -69.02
CA HIS PA 148 -3.39 33.10 -68.91
C HIS PA 148 -3.96 32.96 -70.30
N THR PA 149 -4.45 31.78 -70.63
CA THR PA 149 -5.02 31.53 -71.93
C THR PA 149 -6.36 32.22 -72.07
N ILE PA 150 -6.57 32.85 -73.22
CA ILE PA 150 -7.83 33.46 -73.60
C ILE PA 150 -8.45 32.52 -74.63
N THR PA 151 -9.51 31.84 -74.24
CA THR PA 151 -10.38 31.18 -75.19
C THR PA 151 -11.28 32.22 -75.84
N GLN PA 152 -11.41 32.13 -77.15
CA GLN PA 152 -12.14 33.10 -77.96
C GLN PA 152 -13.22 32.38 -78.75
N PRO PA 153 -14.27 33.09 -79.18
CA PRO PA 153 -14.68 34.48 -78.94
C PRO PA 153 -15.72 34.66 -77.85
N PHE PA 154 -16.37 33.57 -77.44
CA PHE PA 154 -17.56 33.63 -76.62
C PHE PA 154 -17.30 33.21 -75.19
N SER PA 155 -16.08 33.41 -74.70
CA SER PA 155 -15.68 32.94 -73.40
C SER PA 155 -15.21 34.09 -72.54
N TYR PA 156 -15.50 33.99 -71.26
CA TYR PA 156 -15.17 35.01 -70.27
C TYR PA 156 -13.74 34.83 -69.79
N HIS PA 157 -13.05 35.95 -69.61
CA HIS PA 157 -11.66 35.99 -69.18
C HIS PA 157 -11.53 37.05 -68.12
N SER PA 158 -11.05 36.65 -66.94
CA SER PA 158 -10.78 37.55 -65.84
C SER PA 158 -9.30 37.52 -65.49
N ARG PA 159 -8.80 38.66 -65.03
CA ARG PA 159 -7.45 38.78 -64.52
C ARG PA 159 -7.51 39.66 -63.28
N TYR PA 160 -6.96 39.16 -62.18
CA TYR PA 160 -6.98 39.82 -60.89
C TYR PA 160 -5.55 39.94 -60.39
N PHE PA 161 -5.07 41.17 -60.27
CA PHE PA 161 -3.67 41.42 -59.99
C PHE PA 161 -3.53 42.77 -59.33
N THR PA 162 -2.30 43.06 -58.94
CA THR PA 162 -1.93 44.30 -58.26
C THR PA 162 -1.13 45.18 -59.21
N PRO PA 163 -1.66 46.30 -59.69
CA PRO PA 163 -0.88 47.13 -60.62
C PRO PA 163 0.20 47.92 -59.93
N LYS PA 164 0.97 48.66 -60.70
CA LYS PA 164 2.06 49.47 -60.21
C LYS PA 164 2.00 50.81 -60.91
N PRO PA 165 2.33 51.90 -60.22
CA PRO PA 165 2.32 53.21 -60.87
C PRO PA 165 3.58 53.51 -61.65
N VAL PA 166 3.43 54.41 -62.60
CA VAL PA 166 4.52 54.84 -63.47
C VAL PA 166 5.15 56.05 -62.80
N LEU PA 167 6.12 55.80 -61.94
CA LEU PA 167 6.83 56.86 -61.24
C LEU PA 167 7.92 57.47 -62.11
N ASP PA 168 8.69 56.64 -62.79
CA ASP PA 168 9.71 57.10 -63.73
C ASP PA 168 9.68 56.17 -64.93
N SER PA 169 9.19 56.68 -66.06
CA SER PA 169 9.13 55.89 -67.27
C SER PA 169 10.50 55.66 -67.89
N THR PA 170 11.50 56.44 -67.51
CA THR PA 170 12.84 56.25 -68.03
C THR PA 170 13.53 55.03 -67.43
N ILE PA 171 13.34 54.83 -66.12
CA ILE PA 171 13.99 53.76 -65.39
C ILE PA 171 13.03 52.60 -65.20
N ASP PA 172 11.75 52.92 -65.03
CA ASP PA 172 10.68 51.93 -64.92
C ASP PA 172 10.94 51.00 -63.73
N TYR PA 173 10.90 51.58 -62.54
CA TYR PA 173 11.06 50.85 -61.30
C TYR PA 173 9.72 50.72 -60.59
N PHE PA 174 9.54 49.61 -59.89
CA PHE PA 174 8.32 49.35 -59.15
C PHE PA 174 8.61 48.51 -57.94
N GLN PA 175 7.71 48.48 -57.07
CA GLN PA 175 7.79 47.79 -55.81
C GLN PA 175 7.23 46.38 -55.91
N PRO PA 176 7.74 45.44 -55.13
CA PRO PA 176 7.05 44.16 -55.02
C PRO PA 176 5.79 44.26 -54.19
N ASN PA 177 5.03 43.18 -54.15
CA ASN PA 177 3.74 43.20 -53.49
C ASN PA 177 3.94 43.17 -51.98
N ASN PA 178 3.49 44.24 -51.31
CA ASN PA 178 3.55 44.33 -49.86
C ASN PA 178 2.45 45.29 -49.45
N LYS PA 179 1.44 44.78 -48.76
CA LYS PA 179 0.34 45.64 -48.40
C LYS PA 179 0.75 46.70 -47.41
N ARG PA 180 1.75 46.42 -46.57
CA ARG PA 180 2.14 47.34 -45.52
C ARG PA 180 3.08 48.42 -46.01
N ASN PA 181 3.83 48.16 -47.07
CA ASN PA 181 4.84 49.07 -47.58
C ASN PA 181 4.46 49.74 -48.89
N GLN PA 182 3.26 49.51 -49.39
CA GLN PA 182 2.85 50.11 -50.65
C GLN PA 182 2.75 51.62 -50.52
N LEU PA 183 3.28 52.32 -51.50
CA LEU PA 183 3.31 53.75 -51.50
C LEU PA 183 1.91 54.34 -51.56
N TRP PA 184 1.74 55.46 -50.87
CA TRP PA 184 0.55 56.28 -50.98
C TRP PA 184 0.83 57.37 -52.00
N LEU PA 185 -0.02 57.46 -53.01
CA LEU PA 185 0.00 58.56 -53.95
C LEU PA 185 -1.02 59.60 -53.53
N ARG PA 186 -0.90 60.78 -54.13
CA ARG PA 186 -1.86 61.84 -53.93
C ARG PA 186 -2.95 61.75 -54.98
N LEU PA 187 -4.17 61.97 -54.53
CA LEU PA 187 -5.33 62.08 -55.41
C LEU PA 187 -5.35 63.49 -55.98
N GLN PA 188 -4.72 63.65 -57.13
CA GLN PA 188 -4.63 64.93 -57.77
C GLN PA 188 -6.00 65.36 -58.29
N THR PA 189 -6.06 66.59 -58.78
CA THR PA 189 -7.31 67.15 -59.27
C THR PA 189 -7.59 66.67 -60.70
N ALA PA 190 -6.64 66.86 -61.62
CA ALA PA 190 -6.83 66.43 -63.01
C ALA PA 190 -5.56 65.86 -63.64
N GLY PA 191 -4.64 65.34 -62.84
CA GLY PA 191 -3.35 64.92 -63.35
C GLY PA 191 -2.78 63.66 -62.75
N ASN PA 192 -3.65 62.73 -62.37
CA ASN PA 192 -3.20 61.51 -61.71
C ASN PA 192 -2.34 60.67 -62.63
N VAL PA 193 -1.54 59.82 -62.02
CA VAL PA 193 -0.52 59.04 -62.73
C VAL PA 193 -1.14 57.73 -63.19
N ASP PA 194 -0.66 57.26 -64.35
CA ASP PA 194 -1.21 56.06 -64.96
C ASP PA 194 -0.64 54.82 -64.28
N HIS PA 195 -1.52 53.93 -63.89
CA HIS PA 195 -1.15 52.60 -63.46
C HIS PA 195 -1.21 51.66 -64.65
N VAL PA 196 -0.45 50.57 -64.53
CA VAL PA 196 -0.13 49.72 -65.66
C VAL PA 196 -0.13 48.28 -65.18
N GLY PA 197 -0.20 47.34 -66.13
CA GLY PA 197 -0.32 45.96 -65.74
C GLY PA 197 -1.09 44.96 -66.57
N LEU PA 198 -1.52 45.28 -67.79
CA LEU PA 198 -2.09 44.23 -68.62
C LEU PA 198 -1.83 44.44 -70.10
N GLY PA 199 -1.40 43.37 -70.74
CA GLY PA 199 -1.30 43.33 -72.19
C GLY PA 199 -1.89 42.04 -72.71
N THR PA 200 -2.46 42.13 -73.90
CA THR PA 200 -3.26 41.06 -74.47
C THR PA 200 -2.78 40.71 -75.87
N ALA PA 201 -3.18 39.51 -76.30
CA ALA PA 201 -2.97 39.06 -77.67
C ALA PA 201 -4.15 38.19 -78.05
N PHE PA 202 -4.96 38.69 -78.98
CA PHE PA 202 -6.15 37.99 -79.46
C PHE PA 202 -5.90 37.46 -80.86
N GLU PA 203 -6.31 36.23 -81.08
CA GLU PA 203 -6.19 35.60 -82.38
C GLU PA 203 -7.29 36.11 -83.30
N ASN PA 204 -6.90 36.58 -84.47
CA ASN PA 204 -7.83 37.16 -85.40
C ASN PA 204 -8.75 36.08 -86.00
N SER PA 205 -9.80 36.55 -86.66
CA SER PA 205 -10.85 35.67 -87.16
C SER PA 205 -11.50 36.30 -88.36
N ILE PA 206 -12.29 35.49 -89.08
CA ILE PA 206 -13.06 36.00 -90.21
C ILE PA 206 -14.17 36.92 -89.74
N TYR PA 207 -14.68 36.68 -88.54
CA TYR PA 207 -15.75 37.48 -87.97
C TYR PA 207 -15.18 38.45 -86.95
N ASP PA 208 -15.93 39.53 -86.73
CA ASP PA 208 -15.54 40.52 -85.73
C ASP PA 208 -15.80 39.98 -84.33
N GLN PA 209 -14.81 40.15 -83.45
CA GLN PA 209 -14.89 39.72 -82.06
C GLN PA 209 -14.97 40.96 -81.18
N GLU PA 210 -16.15 41.19 -80.60
CA GLU PA 210 -16.39 42.32 -79.73
C GLU PA 210 -16.41 41.88 -78.28
N TYR PA 211 -16.00 42.80 -77.40
CA TYR PA 211 -15.96 42.56 -75.97
C TYR PA 211 -16.39 43.83 -75.25
N ASN PA 212 -17.04 43.64 -74.10
CA ASN PA 212 -17.33 44.71 -73.16
C ASN PA 212 -16.43 44.51 -71.96
N ILE PA 213 -15.46 45.39 -71.79
CA ILE PA 213 -14.44 45.22 -70.77
C ILE PA 213 -14.83 46.04 -69.56
N ARG PA 214 -14.93 45.38 -68.41
CA ARG PA 214 -15.27 46.01 -67.14
C ARG PA 214 -14.07 45.93 -66.23
N VAL PA 215 -13.47 47.07 -65.96
CA VAL PA 215 -12.35 47.18 -65.04
C VAL PA 215 -12.88 47.63 -63.69
N THR PA 216 -12.47 46.93 -62.65
CA THR PA 216 -12.83 47.24 -61.27
C THR PA 216 -11.55 47.42 -60.50
N MET PA 217 -11.37 48.61 -59.94
CA MET PA 217 -10.21 48.92 -59.10
C MET PA 217 -10.60 48.93 -57.64
N TYR PA 218 -9.86 48.19 -56.84
CA TYR PA 218 -10.03 48.14 -55.40
C TYR PA 218 -9.00 49.06 -54.77
N VAL PA 219 -9.46 50.20 -54.28
CA VAL PA 219 -8.61 51.28 -53.85
C VAL PA 219 -8.70 51.43 -52.34
N GLN PA 220 -7.77 52.20 -51.80
CA GLN PA 220 -7.68 52.46 -50.37
C GLN PA 220 -7.27 53.91 -50.22
N PHE PA 221 -8.15 54.71 -49.64
CA PHE PA 221 -7.95 56.12 -49.44
C PHE PA 221 -7.49 56.42 -48.01
N ARG PA 222 -7.12 57.67 -47.78
CA ARG PA 222 -6.59 58.09 -46.50
C ARG PA 222 -6.82 59.58 -46.34
N GLU PA 223 -7.01 60.00 -45.09
CA GLU PA 223 -7.10 61.40 -44.70
C GLU PA 223 -8.29 62.10 -45.36
N PHE PA 224 -9.46 61.70 -44.87
CA PHE PA 224 -10.72 62.41 -45.11
C PHE PA 224 -10.52 63.91 -44.96
N ASN PA 225 -10.83 64.65 -46.02
CA ASN PA 225 -10.49 66.07 -46.11
C ASN PA 225 -11.66 66.89 -46.61
N LEU PA 226 -12.86 66.60 -46.12
CA LEU PA 226 -14.02 67.35 -46.55
C LEU PA 226 -13.92 68.79 -46.09
N LYS PA 227 -14.39 69.70 -46.93
CA LYS PA 227 -14.42 71.12 -46.65
C LYS PA 227 -15.85 71.61 -46.67
N ASP PA 228 -16.26 72.29 -45.61
CA ASP PA 228 -17.64 72.70 -45.40
C ASP PA 228 -17.69 74.21 -45.20
N PRO PA 229 -17.73 74.97 -46.28
CA PRO PA 229 -17.95 76.40 -46.15
C PRO PA 229 -19.39 76.71 -45.82
N PRO PA 230 -19.69 77.93 -45.39
CA PRO PA 230 -21.10 78.30 -45.19
C PRO PA 230 -21.87 78.40 -46.48
N LEU PA 231 -23.14 78.77 -46.38
CA LEU PA 231 -24.02 78.87 -47.53
C LEU PA 231 -24.96 80.07 -47.41
N GLY QA 43 23.64 23.92 -63.47
CA GLY QA 43 22.76 25.08 -63.47
C GLY QA 43 21.44 24.81 -64.12
N ILE QA 44 20.53 24.22 -63.35
CA ILE QA 44 19.26 23.75 -63.88
C ILE QA 44 18.30 24.91 -64.02
N PHE QA 45 17.48 24.85 -65.06
CA PHE QA 45 16.42 25.82 -65.29
C PHE QA 45 15.29 25.10 -66.01
N ASN QA 46 14.25 24.75 -65.26
CA ASN QA 46 13.04 24.20 -65.84
C ASN QA 46 12.14 25.32 -66.31
N THR QA 47 11.72 25.25 -67.56
CA THR QA 47 10.82 26.23 -68.12
C THR QA 47 9.81 25.54 -69.04
N ARG QA 48 9.12 26.35 -69.82
CA ARG QA 48 7.99 25.91 -70.64
C ARG QA 48 8.01 26.70 -71.94
N LEU QA 49 7.99 25.98 -73.06
CA LEU QA 49 8.03 26.56 -74.39
C LEU QA 49 6.85 26.05 -75.18
N SER QA 50 6.21 26.94 -75.91
CA SER QA 50 5.00 26.66 -76.64
C SER QA 50 5.14 27.06 -78.10
N ARG QA 51 4.15 26.63 -78.88
CA ARG QA 51 4.12 26.76 -80.32
C ARG QA 51 2.73 26.35 -80.78
N THR QA 52 2.21 27.07 -81.78
CA THR QA 52 0.85 26.88 -82.25
C THR QA 52 0.84 26.77 -83.76
N PHE QA 53 0.03 25.86 -84.27
CA PHE QA 53 -0.08 25.63 -85.70
C PHE QA 53 -1.40 24.94 -85.99
N GLY QA 54 -1.74 24.86 -87.27
CA GLY QA 54 -3.00 24.33 -87.71
C GLY QA 54 -2.95 22.94 -88.30
N TYR QA 55 -4.11 22.26 -88.26
CA TYR QA 55 -4.29 20.96 -88.85
C TYR QA 55 -5.73 20.84 -89.30
N THR QA 56 -5.94 20.42 -90.53
CA THR QA 56 -7.27 20.28 -91.11
C THR QA 56 -7.45 18.89 -91.68
N ILE QA 57 -8.64 18.34 -91.44
CA ILE QA 57 -9.08 17.08 -92.03
C ILE QA 57 -10.10 17.46 -93.09
N LYS QA 58 -9.71 17.37 -94.34
CA LYS QA 58 -10.56 17.77 -95.45
C LYS QA 58 -11.76 16.84 -95.57
N ARG QA 59 -12.80 17.35 -96.21
CA ARG QA 59 -14.04 16.62 -96.40
C ARG QA 59 -13.86 15.49 -97.41
N THR QA 60 -14.77 14.53 -97.35
CA THR QA 60 -14.80 13.39 -98.26
C THR QA 60 -16.24 13.04 -98.59
N THR QA 61 -16.49 12.73 -99.86
CA THR QA 61 -17.78 12.22 -100.30
C THR QA 61 -17.98 10.75 -99.96
N VAL QA 62 -16.96 10.07 -99.45
CA VAL QA 62 -17.07 8.67 -99.09
C VAL QA 62 -18.15 8.48 -98.05
N LYS QA 63 -18.97 7.45 -98.24
CA LYS QA 63 -20.09 7.19 -97.35
C LYS QA 63 -19.68 6.42 -96.11
N THR QA 64 -18.73 5.50 -96.27
CA THR QA 64 -18.33 4.64 -95.18
C THR QA 64 -17.66 5.43 -94.06
N PRO QA 65 -17.51 4.85 -92.88
CA PRO QA 65 -16.65 5.46 -91.86
C PRO QA 65 -15.20 5.17 -92.18
N SER QA 66 -14.48 6.18 -92.64
CA SER QA 66 -13.06 6.10 -92.88
C SER QA 66 -12.34 7.07 -91.97
N TRP QA 67 -11.06 6.80 -91.73
CA TRP QA 67 -10.24 7.59 -90.84
C TRP QA 67 -9.04 8.16 -91.59
N ALA QA 68 -8.63 9.34 -91.13
CA ALA QA 68 -7.48 10.05 -91.67
C ALA QA 68 -6.34 9.95 -90.66
N VAL QA 69 -5.23 9.40 -91.11
CA VAL QA 69 -4.10 9.11 -90.25
C VAL QA 69 -3.01 10.13 -90.53
N ASP QA 70 -2.34 10.56 -89.47
CA ASP QA 70 -1.23 11.49 -89.58
C ASP QA 70 -0.34 11.32 -88.37
N MET QA 71 0.84 11.92 -88.46
CA MET QA 71 1.89 11.80 -87.46
C MET QA 71 2.22 13.17 -86.89
N MET QA 72 2.98 13.16 -85.80
CA MET QA 72 3.36 14.39 -85.11
C MET QA 72 4.69 14.16 -84.40
N ARG QA 73 5.71 14.87 -84.85
CA ARG QA 73 7.02 14.90 -84.22
C ARG QA 73 7.22 16.23 -83.50
N PHE QA 74 8.25 16.29 -82.67
CA PHE QA 74 8.56 17.47 -81.88
C PHE QA 74 10.06 17.73 -81.96
N ASN QA 75 10.42 18.95 -82.38
CA ASN QA 75 11.80 19.40 -82.40
C ASN QA 75 11.90 20.73 -81.68
N ILE QA 76 13.05 20.95 -81.05
CA ILE QA 76 13.25 22.16 -80.26
C ILE QA 76 13.59 23.38 -81.09
N ASN QA 77 13.95 23.20 -82.36
CA ASN QA 77 14.19 24.36 -83.21
C ASN QA 77 12.90 25.13 -83.45
N ASP QA 78 11.76 24.46 -83.45
CA ASP QA 78 10.48 25.09 -83.67
C ASP QA 78 9.98 25.85 -82.45
N PHE QA 79 10.57 25.62 -81.29
CA PHE QA 79 10.21 26.30 -80.05
C PHE QA 79 11.24 27.31 -79.60
N LEU QA 80 12.50 27.07 -79.89
CA LEU QA 80 13.62 27.90 -79.46
C LEU QA 80 14.26 28.55 -80.66
N PRO QA 81 14.16 29.86 -80.87
CA PRO QA 81 14.75 30.45 -82.06
C PRO QA 81 16.24 30.57 -81.94
N PRO QA 82 16.93 30.93 -83.02
CA PRO QA 82 18.35 31.23 -82.91
C PRO QA 82 18.59 32.55 -82.20
N GLY QA 83 19.70 32.61 -81.49
CA GLY QA 83 20.02 33.80 -80.74
C GLY QA 83 20.69 34.86 -81.57
N GLY QA 84 21.68 35.53 -80.98
CA GLY QA 84 22.41 36.55 -81.68
C GLY QA 84 23.78 36.79 -81.09
N GLY QA 85 24.78 36.86 -81.95
CA GLY QA 85 26.14 37.09 -81.51
C GLY QA 85 26.86 35.84 -81.10
N SER QA 86 27.63 35.94 -80.02
CA SER QA 86 28.39 34.80 -79.53
C SER QA 86 27.51 33.73 -78.91
N ASN QA 87 26.26 34.07 -78.59
CA ASN QA 87 25.31 33.10 -78.07
C ASN QA 87 24.49 32.55 -79.23
N PRO QA 88 24.67 31.30 -79.64
CA PRO QA 88 23.98 30.83 -80.85
C PRO QA 88 22.49 30.65 -80.68
N ARG QA 89 22.01 30.49 -79.44
CA ARG QA 89 20.60 30.28 -79.15
C ARG QA 89 20.11 31.35 -78.19
N SER QA 90 18.79 31.50 -78.13
CA SER QA 90 18.17 32.57 -77.37
C SER QA 90 18.10 32.26 -75.89
N VAL QA 91 18.10 30.98 -75.53
CA VAL QA 91 18.18 30.54 -74.14
C VAL QA 91 19.62 30.11 -73.87
N PRO QA 92 20.39 30.85 -73.06
CA PRO QA 92 21.82 30.56 -72.99
C PRO QA 92 22.17 29.38 -72.10
N PHE QA 93 21.98 28.19 -72.65
CA PHE QA 93 22.33 26.95 -71.97
C PHE QA 93 22.94 26.00 -72.99
N GLU QA 94 23.66 25.01 -72.47
CA GLU QA 94 24.37 24.04 -73.28
C GLU QA 94 23.57 22.78 -73.54
N TYR QA 95 23.03 22.18 -72.49
CA TYR QA 95 22.36 20.90 -72.56
C TYR QA 95 20.87 21.06 -72.31
N TYR QA 96 20.12 20.05 -72.72
CA TYR QA 96 18.68 20.05 -72.50
C TYR QA 96 18.20 18.61 -72.49
N ARG QA 97 16.99 18.44 -71.96
CA ARG QA 97 16.28 17.18 -72.05
C ARG QA 97 14.80 17.47 -71.85
N ILE QA 98 13.99 16.97 -72.77
CA ILE QA 98 12.56 17.24 -72.75
C ILE QA 98 11.90 16.30 -71.75
N ARG QA 99 11.22 16.88 -70.77
CA ARG QA 99 10.57 16.14 -69.71
C ARG QA 99 9.17 15.69 -70.09
N LYS QA 100 8.37 16.60 -70.63
CA LYS QA 100 6.98 16.33 -70.97
C LYS QA 100 6.60 17.17 -72.17
N VAL QA 101 5.54 16.75 -72.83
CA VAL QA 101 4.90 17.52 -73.89
C VAL QA 101 3.40 17.46 -73.68
N LYS QA 102 2.74 18.57 -73.94
CA LYS QA 102 1.29 18.70 -73.88
C LYS QA 102 0.82 19.13 -75.25
N VAL QA 103 0.18 18.22 -75.96
CA VAL QA 103 -0.45 18.50 -77.24
C VAL QA 103 -1.91 18.78 -77.00
N GLU QA 104 -2.38 19.93 -77.43
CA GLU QA 104 -3.75 20.38 -77.24
C GLU QA 104 -4.37 20.60 -78.61
N PHE QA 105 -5.41 19.84 -78.91
CA PHE QA 105 -6.21 20.05 -80.11
C PHE QA 105 -7.35 20.98 -79.74
N TRP QA 106 -7.16 22.26 -80.05
CA TRP QA 106 -8.20 23.24 -79.83
C TRP QA 106 -9.09 23.31 -81.06
N PRO QA 107 -10.38 23.02 -80.95
CA PRO QA 107 -11.20 22.99 -82.16
C PRO QA 107 -11.44 24.37 -82.74
N CYS QA 108 -11.73 24.35 -84.03
CA CYS QA 108 -12.09 25.53 -84.78
C CYS QA 108 -13.52 25.50 -85.28
N SER QA 109 -14.27 24.48 -84.96
CA SER QA 109 -15.56 24.19 -85.52
C SER QA 109 -16.66 24.51 -84.52
N PRO QA 110 -17.85 24.90 -84.98
CA PRO QA 110 -18.91 25.24 -84.04
C PRO QA 110 -19.50 24.01 -83.40
N ILE QA 111 -20.17 24.24 -82.27
CA ILE QA 111 -20.83 23.15 -81.57
C ILE QA 111 -22.10 22.68 -82.26
N THR QA 112 -22.54 23.36 -83.32
CA THR QA 112 -23.69 22.95 -84.10
C THR QA 112 -23.31 22.06 -85.28
N GLN QA 113 -22.04 21.76 -85.48
CA GLN QA 113 -21.62 20.99 -86.63
C GLN QA 113 -22.00 19.53 -86.44
N GLY QA 114 -22.57 18.95 -87.48
CA GLY QA 114 -22.99 17.57 -87.47
C GLY QA 114 -21.98 16.65 -88.11
N ASP QA 115 -22.45 15.44 -88.42
CA ASP QA 115 -21.61 14.38 -88.96
C ASP QA 115 -20.45 14.11 -88.03
N ARG QA 116 -20.74 14.07 -86.74
CA ARG QA 116 -19.72 13.86 -85.73
C ARG QA 116 -19.10 12.48 -85.88
N GLY QA 117 -17.97 12.32 -85.19
CA GLY QA 117 -17.18 11.11 -85.33
C GLY QA 117 -16.40 10.78 -84.08
N VAL QA 118 -15.57 9.76 -84.18
CA VAL QA 118 -14.79 9.29 -83.05
C VAL QA 118 -13.47 8.75 -83.55
N GLY QA 119 -12.39 9.23 -82.95
CA GLY QA 119 -11.05 8.88 -83.35
C GLY QA 119 -10.19 8.42 -82.20
N SER QA 120 -8.88 8.44 -82.41
CA SER QA 120 -7.95 7.90 -81.43
C SER QA 120 -6.60 8.59 -81.58
N SER QA 121 -5.98 8.86 -80.45
CA SER QA 121 -4.61 9.38 -80.39
C SER QA 121 -3.77 8.44 -79.54
N ALA QA 122 -2.63 8.06 -80.08
CA ALA QA 122 -1.73 7.12 -79.43
C ALA QA 122 -0.32 7.69 -79.38
N VAL QA 123 0.48 7.14 -78.48
CA VAL QA 123 1.83 7.59 -78.21
C VAL QA 123 2.81 6.62 -78.86
N ILE QA 124 3.63 7.13 -79.76
CA ILE QA 124 4.50 6.34 -80.62
C ILE QA 124 5.92 6.85 -80.46
N LEU QA 125 6.71 6.17 -79.64
CA LEU QA 125 8.00 6.66 -79.20
C LEU QA 125 9.17 6.15 -80.04
N ASP QA 126 8.96 5.83 -81.33
CA ASP QA 126 9.99 5.14 -82.10
C ASP QA 126 10.12 5.54 -83.56
N ASP QA 127 9.36 6.52 -84.05
CA ASP QA 127 9.53 7.03 -85.40
C ASP QA 127 9.12 6.03 -86.46
N ASN QA 128 8.22 5.12 -86.13
CA ASN QA 128 7.59 4.24 -87.10
C ASN QA 128 6.10 4.32 -86.84
N PHE QA 129 5.47 5.25 -87.53
CA PHE QA 129 4.05 5.51 -87.45
C PHE QA 129 3.31 4.67 -88.47
N VAL QA 130 2.00 4.54 -88.25
CA VAL QA 130 1.14 4.03 -89.29
C VAL QA 130 1.22 4.99 -90.47
N THR QA 131 1.22 4.43 -91.67
CA THR QA 131 1.39 5.24 -92.87
C THR QA 131 0.29 6.29 -92.96
N LYS QA 132 0.66 7.48 -93.41
CA LYS QA 132 -0.30 8.56 -93.58
C LYS QA 132 -1.33 8.17 -94.63
N ALA QA 133 -2.59 8.31 -94.27
CA ALA QA 133 -3.71 7.91 -95.10
C ALA QA 133 -4.78 8.98 -95.07
N THR QA 134 -5.49 9.10 -96.17
CA THR QA 134 -6.58 10.05 -96.30
C THR QA 134 -7.90 9.45 -95.84
N ALA QA 135 -8.24 8.26 -96.34
CA ALA QA 135 -9.48 7.57 -95.97
C ALA QA 135 -9.15 6.10 -95.81
N LEU QA 136 -8.76 5.72 -94.60
CA LEU QA 136 -8.51 4.32 -94.26
C LEU QA 136 -9.75 3.72 -93.64
N THR QA 137 -10.00 2.45 -93.94
CA THR QA 137 -11.24 1.78 -93.59
C THR QA 137 -11.32 1.37 -92.13
N TYR QA 138 -10.38 1.79 -91.29
CA TYR QA 138 -10.40 1.41 -89.88
C TYR QA 138 -9.53 2.40 -89.12
N ASP QA 139 -9.67 2.36 -87.80
CA ASP QA 139 -8.87 3.18 -86.90
C ASP QA 139 -7.69 2.35 -86.43
N PRO QA 140 -6.46 2.61 -86.91
CA PRO QA 140 -5.36 1.75 -86.52
C PRO QA 140 -4.95 1.91 -85.07
N TYR QA 141 -5.10 3.10 -84.52
CA TYR QA 141 -4.65 3.40 -83.18
C TYR QA 141 -5.69 3.08 -82.12
N VAL QA 142 -6.69 2.28 -82.44
CA VAL QA 142 -7.81 2.07 -81.53
C VAL QA 142 -7.45 1.06 -80.46
N ASN QA 143 -6.74 0.00 -80.83
CA ASN QA 143 -6.38 -1.05 -79.89
C ASN QA 143 -5.07 -0.81 -79.20
N TYR QA 144 -4.45 0.35 -79.43
CA TYR QA 144 -3.21 0.68 -78.74
C TYR QA 144 -3.45 0.92 -77.26
N SER QA 145 -2.50 0.49 -76.46
CA SER QA 145 -2.59 0.65 -75.01
C SER QA 145 -2.59 2.11 -74.59
N SER QA 146 -2.06 3.00 -75.42
CA SER QA 146 -2.02 4.43 -75.15
C SER QA 146 -3.08 5.20 -75.90
N ARG QA 147 -4.16 4.54 -76.30
CA ARG QA 147 -5.21 5.19 -77.05
C ARG QA 147 -6.09 6.00 -76.12
N HIS QA 148 -6.34 7.25 -76.50
CA HIS QA 148 -7.38 8.08 -75.93
C HIS QA 148 -8.35 8.40 -77.04
N THR QA 149 -9.63 8.38 -76.71
CA THR QA 149 -10.66 8.67 -77.68
C THR QA 149 -10.69 10.15 -78.01
N ILE QA 150 -10.80 10.45 -79.29
CA ILE QA 150 -10.98 11.80 -79.79
C ILE QA 150 -12.44 11.91 -80.20
N THR QA 151 -13.20 12.67 -79.43
CA THR QA 151 -14.50 13.13 -79.88
C THR QA 151 -14.32 14.27 -80.85
N GLN QA 152 -15.06 14.23 -81.95
CA GLN QA 152 -14.95 15.17 -83.04
C GLN QA 152 -16.31 15.81 -83.29
N PRO QA 153 -16.34 17.00 -83.92
CA PRO QA 153 -15.27 17.92 -84.32
C PRO QA 153 -15.00 19.06 -83.36
N PHE QA 154 -15.93 19.30 -82.44
CA PHE QA 154 -15.95 20.51 -81.62
C PHE QA 154 -15.52 20.25 -80.19
N SER QA 155 -14.66 19.27 -79.97
CA SER QA 155 -14.27 18.86 -78.64
C SER QA 155 -12.77 18.94 -78.49
N TYR QA 156 -12.36 19.31 -77.29
CA TYR QA 156 -10.97 19.49 -76.94
C TYR QA 156 -10.34 18.16 -76.55
N HIS QA 157 -9.10 17.97 -77.00
CA HIS QA 157 -8.34 16.75 -76.76
C HIS QA 157 -6.94 17.14 -76.35
N SER QA 158 -6.53 16.67 -75.17
CA SER QA 158 -5.18 16.88 -74.66
C SER QA 158 -4.49 15.54 -74.48
N ARG QA 159 -3.18 15.56 -74.65
CA ARG QA 159 -2.32 14.41 -74.38
C ARG QA 159 -1.06 14.93 -73.71
N TYR QA 160 -0.73 14.35 -72.57
CA TYR QA 160 0.40 14.76 -71.74
C TYR QA 160 1.26 13.54 -71.50
N PHE QA 161 2.48 13.57 -72.02
CA PHE QA 161 3.33 12.40 -72.02
C PHE QA 161 4.79 12.85 -72.09
N THR QA 162 5.68 11.88 -72.00
CA THR QA 162 7.11 12.08 -72.03
C THR QA 162 7.67 11.57 -73.35
N PRO QA 163 8.14 12.43 -74.25
CA PRO QA 163 8.65 11.93 -75.52
C PRO QA 163 10.02 11.29 -75.39
N LYS QA 164 10.53 10.79 -76.50
CA LYS QA 164 11.83 10.15 -76.55
C LYS QA 164 12.55 10.63 -77.79
N PRO QA 165 13.87 10.80 -77.73
CA PRO QA 165 14.60 11.25 -78.92
C PRO QA 165 14.96 10.11 -79.86
N VAL QA 166 15.17 10.49 -81.11
CA VAL QA 166 15.51 9.55 -82.18
C VAL QA 166 17.04 9.50 -82.23
N LEU QA 167 17.60 8.60 -81.44
CA LEU QA 167 19.04 8.43 -81.39
C LEU QA 167 19.54 7.56 -82.54
N ASP QA 168 18.85 6.46 -82.82
CA ASP QA 168 19.16 5.60 -83.95
C ASP QA 168 17.85 5.16 -84.56
N SER QA 169 17.54 5.67 -85.75
CA SER QA 169 16.31 5.31 -86.43
C SER QA 169 16.36 3.89 -86.99
N THR QA 170 17.53 3.30 -87.12
CA THR QA 170 17.65 1.94 -87.61
C THR QA 170 17.23 0.92 -86.57
N ILE QA 171 17.60 1.15 -85.31
CA ILE QA 171 17.35 0.22 -84.23
C ILE QA 171 16.15 0.70 -83.43
N ASP QA 172 16.00 2.01 -83.31
CA ASP QA 172 14.86 2.64 -82.64
C ASP QA 172 14.77 2.18 -81.18
N TYR QA 173 15.78 2.56 -80.41
CA TYR QA 173 15.84 2.27 -78.99
C TYR QA 173 15.56 3.52 -78.19
N PHE QA 174 14.93 3.35 -77.03
CA PHE QA 174 14.61 4.45 -76.16
C PHE QA 174 14.63 3.98 -74.71
N GLN QA 175 14.66 4.91 -73.86
CA GLN QA 175 14.75 4.70 -72.43
C GLN QA 175 13.37 4.69 -71.80
N PRO QA 176 13.17 3.94 -70.72
CA PRO QA 176 11.94 4.10 -69.95
C PRO QA 176 11.93 5.39 -69.16
N ASN QA 177 10.80 5.68 -68.55
CA ASN QA 177 10.63 6.95 -67.84
C ASN QA 177 11.40 6.91 -66.54
N ASN QA 178 12.38 7.79 -66.41
CA ASN QA 178 13.16 7.93 -65.19
C ASN QA 178 13.70 9.34 -65.19
N LYS QA 179 13.24 10.16 -64.25
CA LYS QA 179 13.67 11.54 -64.23
C LYS QA 179 15.15 11.65 -63.90
N ARG QA 180 15.69 10.72 -63.13
CA ARG QA 180 17.07 10.81 -62.68
C ARG QA 180 18.07 10.31 -63.72
N ASN QA 181 17.63 9.41 -64.59
CA ASN QA 181 18.51 8.76 -65.55
C ASN QA 181 18.29 9.23 -66.98
N GLN QA 182 17.40 10.20 -67.20
CA GLN QA 182 17.14 10.67 -68.55
C GLN QA 182 18.36 11.34 -69.13
N LEU QA 183 18.65 11.01 -70.38
CA LEU QA 183 19.82 11.52 -71.05
C LEU QA 183 19.72 13.02 -71.27
N TRP QA 184 20.87 13.68 -71.17
CA TRP QA 184 21.02 15.07 -71.55
C TRP QA 184 21.52 15.12 -72.98
N LEU QA 185 20.80 15.83 -73.82
CA LEU QA 185 21.24 16.12 -75.18
C LEU QA 185 21.87 17.50 -75.20
N ARG QA 186 22.57 17.77 -76.29
CA ARG QA 186 23.15 19.08 -76.53
C ARG QA 186 22.18 19.93 -77.31
N LEU QA 187 22.08 21.19 -76.91
CA LEU QA 187 21.33 22.20 -77.62
C LEU QA 187 22.18 22.69 -78.78
N GLN QA 188 22.00 22.04 -79.93
CA GLN QA 188 22.75 22.37 -81.11
C GLN QA 188 22.34 23.74 -81.64
N THR QA 189 23.07 24.21 -82.65
CA THR QA 189 22.79 25.52 -83.23
C THR QA 189 21.64 25.46 -84.22
N ALA QA 190 21.73 24.55 -85.20
CA ALA QA 190 20.65 24.41 -86.19
C ALA QA 190 20.38 22.97 -86.59
N GLY QA 191 20.69 22.01 -85.74
CA GLY QA 191 20.61 20.61 -86.10
C GLY QA 191 20.10 19.67 -85.03
N ASN QA 192 19.22 20.16 -84.18
CA ASN QA 192 18.73 19.36 -83.08
C ASN QA 192 17.93 18.16 -83.56
N VAL QA 193 17.86 17.15 -82.71
CA VAL QA 193 17.29 15.86 -83.05
C VAL QA 193 15.79 15.88 -82.79
N ASP QA 194 15.06 15.15 -83.61
CA ASP QA 194 13.61 15.13 -83.53
C ASP QA 194 13.16 14.22 -82.40
N HIS QA 195 12.30 14.73 -81.55
CA HIS QA 195 11.58 13.93 -80.58
C HIS QA 195 10.25 13.49 -81.17
N VAL QA 196 9.73 12.40 -80.63
CA VAL QA 196 8.63 11.68 -81.25
C VAL QA 196 7.71 11.19 -80.14
N GLY QA 197 6.49 10.80 -80.52
CA GLY QA 197 5.53 10.41 -79.52
C GLY QA 197 4.06 10.67 -79.70
N LEU QA 198 3.57 11.06 -80.88
CA LEU QA 198 2.13 11.10 -81.06
C LEU QA 198 1.70 10.78 -82.48
N GLY QA 199 0.71 9.92 -82.58
CA GLY QA 199 0.04 9.66 -83.83
C GLY QA 199 -1.46 9.66 -83.62
N THR QA 200 -2.17 10.10 -84.66
CA THR QA 200 -3.59 10.37 -84.58
C THR QA 200 -4.35 9.66 -85.68
N ALA QA 201 -5.65 9.52 -85.46
CA ALA QA 201 -6.58 9.01 -86.46
C ALA QA 201 -7.90 9.73 -86.28
N PHE QA 202 -8.25 10.56 -87.25
CA PHE QA 202 -9.47 11.34 -87.23
C PHE QA 202 -10.47 10.77 -88.23
N GLU QA 203 -11.72 10.66 -87.80
CA GLU QA 203 -12.78 10.17 -88.66
C GLU QA 203 -13.22 11.28 -89.59
N ASN QA 204 -13.24 10.97 -90.88
CA ASN QA 204 -13.58 11.95 -91.88
C ASN QA 204 -15.05 12.32 -91.82
N SER QA 205 -15.41 13.40 -92.52
CA SER QA 205 -16.73 13.98 -92.44
C SER QA 205 -17.04 14.69 -93.74
N ILE QA 206 -18.32 15.03 -93.91
CA ILE QA 206 -18.74 15.81 -95.06
C ILE QA 206 -18.22 17.23 -94.99
N TYR QA 207 -18.03 17.74 -93.78
CA TYR QA 207 -17.54 19.08 -93.55
C TYR QA 207 -16.07 19.04 -93.17
N ASP QA 208 -15.38 20.16 -93.42
CA ASP QA 208 -13.99 20.28 -93.05
C ASP QA 208 -13.85 20.46 -91.54
N GLN QA 209 -12.93 19.71 -90.95
CA GLN QA 209 -12.64 19.76 -89.52
C GLN QA 209 -11.28 20.40 -89.33
N GLU QA 210 -11.27 21.62 -88.81
CA GLU QA 210 -10.04 22.36 -88.57
C GLU QA 210 -9.72 22.37 -87.08
N TYR QA 211 -8.42 22.44 -86.79
CA TYR QA 211 -7.92 22.47 -85.43
C TYR QA 211 -6.74 23.42 -85.35
N ASN QA 212 -6.59 24.05 -84.20
CA ASN QA 212 -5.41 24.83 -83.85
C ASN QA 212 -4.67 24.05 -82.78
N ILE QA 213 -3.52 23.50 -83.15
CA ILE QA 213 -2.79 22.61 -82.27
C ILE QA 213 -1.71 23.40 -81.56
N ARG QA 214 -1.73 23.37 -80.23
CA ARG QA 214 -0.77 24.06 -79.38
C ARG QA 214 0.05 23.02 -78.65
N VAL QA 215 1.32 22.93 -79.01
CA VAL QA 215 2.27 22.03 -78.37
C VAL QA 215 3.06 22.83 -77.35
N THR QA 216 3.14 22.30 -76.14
CA THR QA 216 3.89 22.90 -75.04
C THR QA 216 4.90 21.87 -74.57
N MET QA 217 6.18 22.20 -74.66
CA MET QA 217 7.26 21.35 -74.19
C MET QA 217 7.80 21.87 -72.87
N TYR QA 218 7.86 20.99 -71.89
CA TYR QA 218 8.44 21.27 -70.59
C TYR QA 218 9.86 20.74 -70.56
N VAL QA 219 10.82 21.65 -70.63
CA VAL QA 219 12.21 21.31 -70.85
C VAL QA 219 13.01 21.62 -69.58
N GLN QA 220 14.23 21.11 -69.57
CA GLN QA 220 15.14 21.27 -68.44
C GLN QA 220 16.52 21.46 -69.03
N PHE QA 221 17.10 22.63 -68.81
CA PHE QA 221 18.40 22.99 -69.33
C PHE QA 221 19.47 22.84 -68.26
N ARG QA 222 20.72 22.99 -68.68
CA ARG QA 222 21.87 22.80 -67.81
C ARG QA 222 23.04 23.59 -68.35
N GLU QA 223 23.89 24.05 -67.44
CA GLU QA 223 25.16 24.70 -67.75
C GLU QA 223 24.95 25.99 -68.55
N PHE QA 224 24.41 26.98 -67.84
CA PHE QA 224 24.39 28.37 -68.26
C PHE QA 224 25.72 28.77 -68.85
N ASN QA 225 25.70 29.22 -70.10
CA ASN QA 225 26.91 29.43 -70.87
C ASN QA 225 26.89 30.77 -71.60
N LEU QA 226 26.44 31.80 -70.92
CA LEU QA 226 26.39 33.12 -71.54
C LEU QA 226 27.79 33.62 -71.82
N LYS QA 227 27.94 34.31 -72.96
CA LYS QA 227 29.20 34.89 -73.37
C LYS QA 227 29.03 36.39 -73.50
N ASP QA 228 29.92 37.14 -72.85
CA ASP QA 228 29.81 38.59 -72.73
C ASP QA 228 31.09 39.23 -73.26
N PRO QA 229 31.18 39.44 -74.57
CA PRO QA 229 32.30 40.18 -75.12
C PRO QA 229 32.15 41.66 -74.83
N PRO QA 230 33.22 42.45 -75.01
CA PRO QA 230 33.07 43.89 -74.87
C PRO QA 230 32.25 44.51 -75.99
N LEU QA 231 32.10 45.83 -75.95
CA LEU QA 231 31.30 46.56 -76.92
C LEU QA 231 31.96 47.89 -77.30
N GLY RA 43 -1.67 -20.07 -68.95
CA GLY RA 43 -1.05 -18.84 -69.43
C GLY RA 43 -2.07 -17.78 -69.78
N ILE RA 44 -2.51 -17.07 -68.75
CA ILE RA 44 -3.60 -16.12 -68.89
C ILE RA 44 -3.09 -14.83 -69.48
N PHE RA 45 -3.93 -14.21 -70.31
CA PHE RA 45 -3.64 -12.90 -70.88
C PHE RA 45 -4.98 -12.19 -71.09
N ASN RA 46 -5.28 -11.27 -70.18
CA ASN RA 46 -6.45 -10.42 -70.33
C ASN RA 46 -6.10 -9.23 -71.21
N THR RA 47 -6.90 -9.01 -72.25
CA THR RA 47 -6.70 -7.88 -73.13
C THR RA 47 -8.06 -7.31 -73.53
N ARG RA 48 -8.04 -6.45 -74.55
CA ARG RA 48 -9.18 -5.67 -74.97
C ARG RA 48 -9.15 -5.54 -76.48
N LEU RA 49 -10.25 -5.91 -77.11
CA LEU RA 49 -10.39 -5.89 -78.56
C LEU RA 49 -11.61 -5.06 -78.92
N SER RA 50 -11.47 -4.24 -79.95
CA SER RA 50 -12.49 -3.30 -80.36
C SER RA 50 -12.80 -3.45 -81.83
N ARG RA 51 -13.87 -2.77 -82.24
CA ARG RA 51 -14.46 -2.87 -83.56
C ARG RA 51 -15.50 -1.77 -83.66
N THR RA 52 -15.59 -1.14 -84.83
CA THR RA 52 -16.46 0.00 -85.05
C THR RA 52 -17.26 -0.20 -86.32
N PHE RA 53 -18.54 0.16 -86.27
CA PHE RA 53 -19.42 0.03 -87.41
C PHE RA 53 -20.61 0.96 -87.22
N GLY RA 54 -21.39 1.10 -88.29
CA GLY RA 54 -22.48 2.04 -88.32
C GLY RA 54 -23.86 1.43 -88.18
N TYR RA 55 -24.81 2.26 -87.74
CA TYR RA 55 -26.21 1.89 -87.62
C TYR RA 55 -27.04 3.15 -87.84
N THR RA 56 -28.04 3.04 -88.70
CA THR RA 56 -28.90 4.16 -89.04
C THR RA 56 -30.35 3.77 -88.85
N ILE RA 57 -31.13 4.69 -88.30
CA ILE RA 57 -32.57 4.59 -88.18
C ILE RA 57 -33.14 5.56 -89.21
N LYS RA 58 -33.65 5.01 -90.30
CA LYS RA 58 -34.16 5.82 -91.39
C LYS RA 58 -35.41 6.59 -90.96
N ARG RA 59 -35.67 7.66 -91.68
CA ARG RA 59 -36.81 8.52 -91.40
C ARG RA 59 -38.13 7.84 -91.77
N THR RA 60 -39.21 8.35 -91.18
CA THR RA 60 -40.55 7.87 -91.45
C THR RA 60 -41.53 9.04 -91.45
N THR RA 61 -42.46 9.01 -92.40
CA THR RA 61 -43.55 9.98 -92.44
C THR RA 61 -44.65 9.68 -91.43
N VAL RA 62 -44.56 8.54 -90.74
CA VAL RA 62 -45.57 8.18 -89.76
C VAL RA 62 -45.63 9.24 -88.66
N LYS RA 63 -46.86 9.60 -88.28
CA LYS RA 63 -47.06 10.65 -87.29
C LYS RA 63 -46.95 10.12 -85.87
N THR RA 64 -47.40 8.90 -85.63
CA THR RA 64 -47.44 8.34 -84.31
C THR RA 64 -46.03 8.14 -83.76
N PRO RA 65 -45.89 7.92 -82.45
CA PRO RA 65 -44.61 7.46 -81.93
C PRO RA 65 -44.45 5.97 -82.17
N SER RA 66 -43.59 5.62 -83.11
CA SER RA 66 -43.25 4.25 -83.40
C SER RA 66 -41.78 4.02 -83.12
N TRP RA 67 -41.43 2.77 -82.87
CA TRP RA 67 -40.06 2.39 -82.55
C TRP RA 67 -39.51 1.40 -83.56
N ALA RA 68 -38.20 1.50 -83.75
CA ALA RA 68 -37.46 0.63 -84.65
C ALA RA 68 -36.65 -0.35 -83.82
N VAL RA 69 -36.90 -1.63 -84.02
CA VAL RA 69 -36.31 -2.68 -83.23
C VAL RA 69 -35.22 -3.36 -84.04
N ASP RA 70 -34.13 -3.72 -83.36
CA ASP RA 70 -33.03 -4.41 -83.98
C ASP RA 70 -32.26 -5.17 -82.91
N MET RA 71 -31.41 -6.06 -83.37
CA MET RA 71 -30.64 -6.95 -82.52
C MET RA 71 -29.14 -6.71 -82.70
N MET RA 72 -28.37 -7.31 -81.80
CA MET RA 72 -26.92 -7.13 -81.81
C MET RA 72 -26.28 -8.36 -81.18
N ARG RA 73 -25.53 -9.11 -81.98
CA ARG RA 73 -24.74 -10.24 -81.54
C ARG RA 73 -23.27 -9.86 -81.58
N PHE RA 74 -22.45 -10.70 -80.95
CA PHE RA 74 -21.01 -10.48 -80.85
C PHE RA 74 -20.29 -11.78 -81.16
N ASN RA 75 -19.38 -11.74 -82.13
CA ASN RA 75 -18.53 -12.84 -82.46
C ASN RA 75 -17.08 -12.38 -82.48
N ILE RA 76 -16.18 -13.30 -82.13
CA ILE RA 76 -14.76 -12.97 -82.01
C ILE RA 76 -14.05 -12.94 -83.35
N ASN RA 77 -14.66 -13.47 -84.41
CA ASN RA 77 -14.05 -13.37 -85.73
C ASN RA 77 -14.00 -11.93 -86.21
N ASP RA 78 -14.96 -11.12 -85.80
CA ASP RA 78 -15.02 -9.73 -86.19
C ASP RA 78 -14.04 -8.86 -85.44
N PHE RA 79 -13.44 -9.35 -84.35
CA PHE RA 79 -12.47 -8.63 -83.57
C PHE RA 79 -11.06 -9.18 -83.73
N LEU RA 80 -10.92 -10.48 -83.97
CA LEU RA 80 -9.64 -11.15 -84.08
C LEU RA 80 -9.44 -11.66 -85.49
N PRO RA 81 -8.53 -11.12 -86.29
CA PRO RA 81 -8.41 -11.59 -87.65
C PRO RA 81 -7.70 -12.92 -87.72
N PRO RA 82 -7.66 -13.54 -88.89
CA PRO RA 82 -6.85 -14.74 -89.05
C PRO RA 82 -5.37 -14.40 -89.08
N GLY RA 83 -4.57 -15.32 -88.57
CA GLY RA 83 -3.15 -15.13 -88.50
C GLY RA 83 -2.44 -15.46 -89.79
N GLY RA 84 -1.28 -16.07 -89.67
CA GLY RA 84 -0.51 -16.46 -90.82
C GLY RA 84 0.46 -17.57 -90.53
N GLY RA 85 0.48 -18.58 -91.38
CA GLY RA 85 1.38 -19.70 -91.22
C GLY RA 85 0.82 -20.77 -90.31
N SER RA 86 1.70 -21.33 -89.48
CA SER RA 86 1.29 -22.38 -88.57
C SER RA 86 0.40 -21.88 -87.45
N ASN RA 87 0.37 -20.57 -87.22
CA ASN RA 87 -0.52 -19.97 -86.25
C ASN RA 87 -1.81 -19.55 -86.94
N PRO RA 88 -2.95 -20.20 -86.71
CA PRO RA 88 -4.13 -19.87 -87.49
C PRO RA 88 -4.74 -18.53 -87.13
N ARG RA 89 -4.48 -18.01 -85.95
CA ARG RA 89 -5.02 -16.74 -85.48
C ARG RA 89 -3.89 -15.79 -85.11
N SER RA 90 -4.23 -14.52 -85.03
CA SER RA 90 -3.24 -13.48 -84.82
C SER RA 90 -2.83 -13.34 -83.37
N VAL RA 91 -3.68 -13.77 -82.45
CA VAL RA 91 -3.35 -13.84 -81.03
C VAL RA 91 -3.04 -15.30 -80.70
N PRO RA 92 -1.79 -15.65 -80.41
CA PRO RA 92 -1.46 -17.08 -80.31
C PRO RA 92 -1.86 -17.73 -78.99
N PHE RA 93 -3.15 -18.04 -78.90
CA PHE RA 93 -3.69 -18.73 -77.74
C PHE RA 93 -4.72 -19.75 -78.22
N GLU RA 94 -5.00 -20.71 -77.36
CA GLU RA 94 -5.90 -21.82 -77.66
C GLU RA 94 -7.33 -21.56 -77.23
N TYR RA 95 -7.52 -21.14 -75.99
CA TYR RA 95 -8.83 -21.00 -75.38
C TYR RA 95 -9.12 -19.52 -75.12
N TYR RA 96 -10.40 -19.24 -74.94
CA TYR RA 96 -10.84 -17.89 -74.64
C TYR RA 96 -12.16 -17.94 -73.90
N ARG RA 97 -12.49 -16.83 -73.27
CA ARG RA 97 -13.80 -16.63 -72.69
C ARG RA 97 -14.03 -15.14 -72.55
N ILE RA 98 -15.15 -14.66 -73.05
CA ILE RA 98 -15.45 -13.24 -73.05
C ILE RA 98 -15.98 -12.85 -71.68
N ARG RA 99 -15.31 -11.90 -71.04
CA ARG RA 99 -15.64 -11.46 -69.71
C ARG RA 99 -16.70 -10.36 -69.72
N LYS RA 100 -16.52 -9.35 -70.55
CA LYS RA 100 -17.40 -8.20 -70.61
C LYS RA 100 -17.42 -7.68 -72.04
N VAL RA 101 -18.47 -6.92 -72.35
CA VAL RA 101 -18.58 -6.17 -73.59
C VAL RA 101 -19.08 -4.78 -73.25
N LYS RA 102 -18.55 -3.80 -73.97
CA LYS RA 102 -18.96 -2.41 -73.86
C LYS RA 102 -19.43 -1.96 -75.23
N VAL RA 103 -20.73 -1.78 -75.36
CA VAL RA 103 -21.32 -1.24 -76.57
C VAL RA 103 -21.53 0.25 -76.37
N GLU RA 104 -20.98 1.05 -77.27
CA GLU RA 104 -21.04 2.49 -77.21
C GLU RA 104 -21.72 2.99 -78.47
N PHE RA 105 -22.86 3.65 -78.29
CA PHE RA 105 -23.54 4.34 -79.37
C PHE RA 105 -23.05 5.76 -79.41
N TRP RA 106 -22.10 6.01 -80.30
CA TRP RA 106 -21.58 7.35 -80.50
C TRP RA 106 -22.42 8.06 -81.54
N PRO RA 107 -23.09 9.17 -81.20
CA PRO RA 107 -23.97 9.79 -82.18
C PRO RA 107 -23.23 10.43 -83.33
N CYS RA 108 -23.96 10.55 -84.43
CA CYS RA 108 -23.49 11.22 -85.63
C CYS RA 108 -24.27 12.48 -85.94
N SER RA 109 -25.23 12.84 -85.10
CA SER RA 109 -26.19 13.87 -85.37
C SER RA 109 -25.87 15.12 -84.55
N PRO RA 110 -26.20 16.30 -85.05
CA PRO RA 110 -25.89 17.52 -84.31
C PRO RA 110 -26.79 17.70 -83.11
N ILE RA 111 -26.32 18.53 -82.18
CA ILE RA 111 -27.11 18.83 -81.00
C ILE RA 111 -28.28 19.76 -81.28
N THR RA 112 -28.39 20.29 -82.49
CA THR RA 112 -29.51 21.11 -82.90
C THR RA 112 -30.63 20.32 -83.54
N GLN RA 113 -30.50 19.01 -83.65
CA GLN RA 113 -31.50 18.21 -84.34
C GLN RA 113 -32.72 18.06 -83.45
N GLY RA 114 -33.90 18.26 -84.04
CA GLY RA 114 -35.15 18.17 -83.34
C GLY RA 114 -35.83 16.83 -83.54
N ASP RA 115 -37.11 16.80 -83.20
CA ASP RA 115 -37.91 15.58 -83.24
C ASP RA 115 -37.25 14.50 -82.38
N ARG RA 116 -36.79 14.90 -81.21
CA ARG RA 116 -36.11 14.00 -80.31
C ARG RA 116 -37.06 12.91 -79.83
N GLY RA 117 -36.46 11.88 -79.25
CA GLY RA 117 -37.20 10.71 -78.86
C GLY RA 117 -36.60 10.01 -77.66
N VAL RA 118 -37.16 8.85 -77.32
CA VAL RA 118 -36.72 8.10 -76.16
C VAL RA 118 -36.91 6.63 -76.44
N GLY RA 119 -35.84 5.86 -76.24
CA GLY RA 119 -35.81 4.45 -76.52
C GLY RA 119 -35.32 3.62 -75.36
N SER RA 120 -34.93 2.39 -75.66
CA SER RA 120 -34.57 1.44 -74.62
C SER RA 120 -33.59 0.42 -75.19
N SER RA 121 -32.60 0.07 -74.37
CA SER RA 121 -31.66 -1.00 -74.67
C SER RA 121 -31.71 -2.03 -73.55
N ALA RA 122 -31.84 -3.29 -73.92
CA ALA RA 122 -31.96 -4.38 -72.97
C ALA RA 122 -30.96 -5.47 -73.31
N VAL RA 123 -30.69 -6.32 -72.32
CA VAL RA 123 -29.70 -7.37 -72.40
C VAL RA 123 -30.42 -8.70 -72.58
N ILE RA 124 -30.13 -9.38 -73.69
CA ILE RA 124 -30.87 -10.56 -74.13
C ILE RA 124 -29.84 -11.67 -74.34
N LEU RA 125 -29.73 -12.56 -73.37
CA LEU RA 125 -28.65 -13.53 -73.32
C LEU RA 125 -29.02 -14.89 -73.90
N ASP RA 126 -29.96 -14.96 -74.85
CA ASP RA 126 -30.50 -16.25 -75.28
C ASP RA 126 -30.82 -16.39 -76.77
N ASP RA 127 -30.54 -15.39 -77.59
CA ASP RA 127 -30.69 -15.52 -79.04
C ASP RA 127 -32.14 -15.62 -79.46
N ASN RA 128 -33.05 -15.06 -78.67
CA ASN RA 128 -34.45 -14.91 -79.05
C ASN RA 128 -34.80 -13.47 -78.74
N PHE RA 129 -34.61 -12.63 -79.75
CA PHE RA 129 -34.89 -11.21 -79.69
C PHE RA 129 -36.32 -10.94 -80.12
N VAL RA 130 -36.81 -9.76 -79.76
CA VAL RA 130 -38.01 -9.25 -80.38
C VAL RA 130 -37.76 -9.11 -81.86
N THR RA 131 -38.77 -9.45 -82.65
CA THR RA 131 -38.62 -9.46 -84.10
C THR RA 131 -38.24 -8.07 -84.60
N LYS RA 132 -37.35 -8.04 -85.58
CA LYS RA 132 -36.91 -6.79 -86.17
C LYS RA 132 -38.10 -6.09 -86.82
N ALA RA 133 -38.27 -4.82 -86.47
CA ALA RA 133 -39.40 -4.02 -86.92
C ALA RA 133 -38.91 -2.65 -87.32
N THR RA 134 -39.61 -2.06 -88.29
CA THR RA 134 -39.30 -0.73 -88.78
C THR RA 134 -40.05 0.34 -87.99
N ALA RA 135 -41.36 0.16 -87.83
CA ALA RA 135 -42.20 1.11 -87.08
C ALA RA 135 -43.20 0.29 -86.26
N LEU RA 136 -42.79 -0.07 -85.06
CA LEU RA 136 -43.64 -0.76 -84.11
C LEU RA 136 -44.30 0.24 -83.17
N THR RA 137 -45.56 -0.01 -82.83
CA THR RA 137 -46.39 0.93 -82.10
C THR RA 137 -46.05 1.02 -80.62
N TYR RA 138 -44.99 0.40 -80.15
CA TYR RA 138 -44.64 0.44 -78.74
C TYR RA 138 -43.17 0.07 -78.61
N ASP RA 139 -42.62 0.34 -77.43
CA ASP RA 139 -41.26 -0.02 -77.09
C ASP RA 139 -41.26 -1.36 -76.38
N PRO RA 140 -40.83 -2.45 -77.02
CA PRO RA 140 -40.94 -3.74 -76.35
C PRO RA 140 -39.98 -3.90 -75.19
N TYR RA 141 -38.81 -3.26 -75.26
CA TYR RA 141 -37.77 -3.43 -74.26
C TYR RA 141 -37.92 -2.46 -73.10
N VAL RA 142 -39.09 -1.84 -72.93
CA VAL RA 142 -39.24 -0.79 -71.94
C VAL RA 142 -39.42 -1.37 -70.54
N ASN RA 143 -40.19 -2.44 -70.43
CA ASN RA 143 -40.46 -3.05 -69.13
C ASN RA 143 -39.44 -4.10 -68.75
N TYR RA 144 -38.40 -4.28 -69.54
CA TYR RA 144 -37.35 -5.24 -69.20
C TYR RA 144 -36.56 -4.76 -68.00
N SER RA 145 -36.17 -5.71 -67.15
CA SER RA 145 -35.40 -5.41 -65.97
C SER RA 145 -34.04 -4.83 -66.29
N SER RA 146 -33.51 -5.10 -67.48
CA SER RA 146 -32.23 -4.59 -67.93
C SER RA 146 -32.36 -3.41 -68.87
N ARG RA 147 -33.47 -2.70 -68.82
CA ARG RA 147 -33.67 -1.58 -69.70
C ARG RA 147 -32.91 -0.37 -69.21
N HIS RA 148 -32.19 0.27 -70.12
CA HIS RA 148 -31.63 1.59 -69.93
C HIS RA 148 -32.25 2.49 -70.97
N THR RA 149 -32.59 3.70 -70.58
CA THR RA 149 -33.19 4.65 -71.49
C THR RA 149 -32.15 5.17 -72.48
N ILE RA 150 -32.56 5.24 -73.74
CA ILE RA 150 -31.77 5.84 -74.80
C ILE RA 150 -32.41 7.18 -75.09
N THR RA 151 -31.72 8.25 -74.73
CA THR RA 151 -32.05 9.56 -75.24
C THR RA 151 -31.51 9.69 -76.65
N GLN RA 152 -32.33 10.24 -77.53
CA GLN RA 152 -32.04 10.35 -78.95
C GLN RA 152 -32.14 11.81 -79.37
N PRO RA 153 -31.50 12.20 -80.47
CA PRO RA 153 -30.56 11.50 -81.35
C PRO RA 153 -29.09 11.77 -81.07
N PHE RA 154 -28.81 12.82 -80.30
CA PHE RA 154 -27.47 13.35 -80.16
C PHE RA 154 -26.84 13.03 -78.82
N SER RA 155 -27.21 11.91 -78.23
CA SER RA 155 -26.78 11.54 -76.90
C SER RA 155 -26.07 10.20 -76.92
N TYR RA 156 -25.07 10.08 -76.07
CA TYR RA 156 -24.25 8.90 -75.96
C TYR RA 156 -24.91 7.88 -75.04
N HIS RA 157 -24.82 6.61 -75.43
CA HIS RA 157 -25.41 5.50 -74.71
C HIS RA 157 -24.39 4.38 -74.64
N SER RA 158 -24.06 3.97 -73.42
CA SER RA 158 -23.16 2.86 -73.17
C SER RA 158 -23.89 1.75 -72.43
N ARG RA 159 -23.48 0.53 -72.69
CA ARG RA 159 -23.95 -0.65 -71.98
C ARG RA 159 -22.77 -1.56 -71.74
N TYR RA 160 -22.57 -1.94 -70.48
CA TYR RA 160 -21.45 -2.75 -70.04
C TYR RA 160 -21.99 -3.95 -69.31
N PHE RA 161 -21.76 -5.13 -69.88
CA PHE RA 161 -22.39 -6.35 -69.40
C PHE RA 161 -21.53 -7.53 -69.78
N THR RA 162 -21.94 -8.69 -69.30
CA THR RA 162 -21.27 -9.96 -69.54
C THR RA 162 -22.09 -10.81 -70.50
N PRO RA 163 -21.65 -11.05 -71.73
CA PRO RA 163 -22.46 -11.84 -72.65
C PRO RA 163 -22.40 -13.31 -72.34
N LYS RA 164 -23.13 -14.10 -73.11
CA LYS RA 164 -23.20 -15.53 -72.95
C LYS RA 164 -23.13 -16.17 -74.32
N PRO RA 165 -22.48 -17.32 -74.45
CA PRO RA 165 -22.41 -17.97 -75.76
C PRO RA 165 -23.63 -18.82 -76.07
N VAL RA 166 -23.83 -19.02 -77.36
CA VAL RA 166 -24.95 -19.79 -77.87
C VAL RA 166 -24.46 -21.22 -78.01
N LEU RA 167 -24.61 -21.99 -76.94
CA LEU RA 167 -24.20 -23.38 -76.92
C LEU RA 167 -25.25 -24.27 -77.55
N ASP RA 168 -26.52 -24.06 -77.22
CA ASP RA 168 -27.62 -24.79 -77.84
C ASP RA 168 -28.75 -23.80 -78.06
N SER RA 169 -29.01 -23.47 -79.31
CA SER RA 169 -30.07 -22.53 -79.65
C SER RA 169 -31.45 -23.15 -79.47
N THR RA 170 -31.56 -24.47 -79.38
CA THR RA 170 -32.84 -25.12 -79.19
C THR RA 170 -33.32 -24.97 -77.75
N ILE RA 171 -32.41 -25.09 -76.79
CA ILE RA 171 -32.73 -25.07 -75.38
C ILE RA 171 -32.43 -23.70 -74.81
N ASP RA 172 -31.37 -23.07 -75.32
CA ASP RA 172 -30.97 -21.72 -74.95
C ASP RA 172 -30.70 -21.63 -73.44
N TYR RA 173 -29.66 -22.35 -73.03
CA TYR RA 173 -29.19 -22.35 -71.65
C TYR RA 173 -27.92 -21.55 -71.51
N PHE RA 174 -27.75 -20.90 -70.37
CA PHE RA 174 -26.57 -20.11 -70.10
C PHE RA 174 -26.26 -20.13 -68.62
N GLN RA 175 -25.09 -19.74 -68.32
CA GLN RA 175 -24.56 -19.72 -66.97
C GLN RA 175 -24.80 -18.38 -66.30
N PRO RA 176 -24.97 -18.35 -64.99
CA PRO RA 176 -24.92 -17.06 -64.30
C PRO RA 176 -23.52 -16.50 -64.21
N ASN RA 177 -23.41 -15.28 -63.73
CA ASN RA 177 -22.12 -14.59 -63.70
C ASN RA 177 -21.26 -15.17 -62.60
N ASN RA 178 -20.14 -15.75 -62.98
CA ASN RA 178 -19.17 -16.28 -62.03
C ASN RA 178 -17.83 -16.28 -62.75
N LYS RA 179 -16.91 -15.46 -62.28
CA LYS RA 179 -15.63 -15.36 -62.96
C LYS RA 179 -14.84 -16.65 -62.84
N ARG RA 180 -15.03 -17.40 -61.76
CA ARG RA 180 -14.23 -18.60 -61.52
C ARG RA 180 -14.76 -19.81 -62.26
N ASN RA 181 -16.06 -19.83 -62.56
CA ASN RA 181 -16.71 -20.98 -63.17
C ASN RA 181 -17.07 -20.77 -64.63
N GLN RA 182 -16.73 -19.63 -65.21
CA GLN RA 182 -17.08 -19.36 -66.60
C GLN RA 182 -16.36 -20.33 -67.52
N LEU RA 183 -17.11 -20.85 -68.48
CA LEU RA 183 -16.58 -21.83 -69.41
C LEU RA 183 -15.51 -21.23 -70.30
N TRP RA 184 -14.51 -22.04 -70.61
CA TRP RA 184 -13.52 -21.73 -71.61
C TRP RA 184 -13.97 -22.33 -72.93
N LEU RA 185 -14.07 -21.51 -73.96
CA LEU RA 185 -14.30 -21.96 -75.31
C LEU RA 185 -12.97 -22.05 -76.04
N ARG RA 186 -13.01 -22.74 -77.18
CA ARG RA 186 -11.85 -22.82 -78.05
C ARG RA 186 -11.89 -21.70 -79.08
N LEU RA 187 -10.73 -21.12 -79.31
CA LEU RA 187 -10.53 -20.14 -80.36
C LEU RA 187 -10.37 -20.88 -81.67
N GLN RA 188 -11.49 -21.07 -82.35
CA GLN RA 188 -11.50 -21.79 -83.61
C GLN RA 188 -10.80 -20.97 -84.68
N THR RA 189 -10.63 -21.59 -85.84
CA THR RA 189 -9.95 -20.94 -86.96
C THR RA 189 -10.89 -20.01 -87.71
N ALA RA 190 -12.05 -20.51 -88.16
CA ALA RA 190 -13.01 -19.69 -88.86
C ALA RA 190 -14.46 -20.00 -88.50
N GLY RA 191 -14.73 -20.54 -87.32
CA GLY RA 191 -16.06 -21.00 -86.98
C GLY RA 191 -16.49 -20.74 -85.55
N ASN RA 192 -16.02 -19.65 -84.97
CA ASN RA 192 -16.32 -19.36 -83.58
C ASN RA 192 -17.81 -19.12 -83.37
N VAL RA 193 -18.24 -19.31 -82.14
CA VAL RA 193 -19.64 -19.27 -81.77
C VAL RA 193 -20.06 -17.85 -81.44
N ASP RA 194 -21.31 -17.53 -81.75
CA ASP RA 194 -21.81 -16.18 -81.56
C ASP RA 194 -22.19 -15.97 -80.11
N HIS RA 195 -21.69 -14.89 -79.53
CA HIS RA 195 -22.15 -14.40 -78.26
C HIS RA 195 -23.25 -13.39 -78.46
N VAL RA 196 -24.07 -13.23 -77.43
CA VAL RA 196 -25.34 -12.55 -77.54
C VAL RA 196 -25.56 -11.75 -76.27
N GLY RA 197 -26.50 -10.80 -76.32
CA GLY RA 197 -26.69 -9.93 -75.19
C GLY RA 197 -27.11 -8.49 -75.35
N LEU RA 198 -27.53 -8.05 -76.54
CA LEU RA 198 -28.11 -6.70 -76.60
C LEU RA 198 -29.19 -6.59 -77.67
N GLY RA 199 -30.29 -5.98 -77.26
CA GLY RA 199 -31.34 -5.60 -78.18
C GLY RA 199 -31.79 -4.19 -77.88
N THR RA 200 -32.19 -3.49 -78.94
CA THR RA 200 -32.45 -2.06 -78.89
C THR RA 200 -33.82 -1.74 -79.45
N ALA RA 201 -34.31 -0.56 -79.09
CA ALA RA 201 -35.52 0.00 -79.66
C ALA RA 201 -35.34 1.50 -79.74
N PHE RA 202 -35.26 2.01 -80.96
CA PHE RA 202 -35.08 3.43 -81.22
C PHE RA 202 -36.37 4.04 -81.74
N GLU RA 203 -36.72 5.20 -81.21
CA GLU RA 203 -37.90 5.92 -81.66
C GLU RA 203 -37.60 6.62 -82.97
N ASN RA 204 -38.47 6.38 -83.95
CA ASN RA 204 -38.28 6.93 -85.27
C ASN RA 204 -38.49 8.44 -85.27
N SER RA 205 -38.08 9.07 -86.37
CA SER RA 205 -38.07 10.52 -86.48
C SER RA 205 -38.22 10.91 -87.93
N ILE RA 206 -38.49 12.20 -88.15
CA ILE RA 206 -38.57 12.75 -89.50
C ILE RA 206 -37.20 12.78 -90.14
N TYR RA 207 -36.15 12.92 -89.34
CA TYR RA 207 -34.78 12.97 -89.82
C TYR RA 207 -34.09 11.64 -89.58
N ASP RA 208 -33.07 11.37 -90.38
CA ASP RA 208 -32.29 10.16 -90.22
C ASP RA 208 -31.39 10.27 -89.00
N GLN RA 209 -31.37 9.22 -88.19
CA GLN RA 209 -30.55 9.13 -86.98
C GLN RA 209 -29.44 8.12 -87.22
N GLU RA 210 -28.22 8.60 -87.36
CA GLU RA 210 -27.06 7.76 -87.59
C GLU RA 210 -26.24 7.63 -86.31
N TYR RA 211 -25.57 6.49 -86.19
CA TYR RA 211 -24.73 6.18 -85.05
C TYR RA 211 -23.49 5.43 -85.53
N ASN RA 212 -22.39 5.67 -84.84
CA ASN RA 212 -21.16 4.89 -84.99
C ASN RA 212 -21.01 4.03 -83.74
N ILE RA 213 -21.20 2.73 -83.88
CA ILE RA 213 -21.24 1.83 -82.76
C ILE RA 213 -19.87 1.20 -82.60
N ARG RA 214 -19.29 1.36 -81.41
CA ARG RA 214 -17.99 0.81 -81.07
C ARG RA 214 -18.18 -0.24 -80.00
N VAL RA 215 -17.95 -1.49 -80.37
CA VAL RA 215 -18.02 -2.63 -79.45
C VAL RA 215 -16.61 -2.94 -78.99
N THR RA 216 -16.44 -3.09 -77.70
CA THR RA 216 -15.17 -3.44 -77.07
C THR RA 216 -15.40 -4.70 -76.24
N MET RA 217 -14.70 -5.76 -76.58
CA MET RA 217 -14.77 -7.02 -75.85
C MET RA 217 -13.54 -7.18 -74.98
N TYR RA 218 -13.77 -7.46 -73.70
CA TYR RA 218 -12.72 -7.73 -72.75
C TYR RA 218 -12.61 -9.24 -72.59
N VAL RA 219 -11.55 -9.81 -73.14
CA VAL RA 219 -11.41 -11.25 -73.28
C VAL RA 219 -10.29 -11.73 -72.39
N GLN RA 220 -10.24 -13.05 -72.23
CA GLN RA 220 -9.25 -13.70 -71.39
C GLN RA 220 -8.87 -14.98 -72.10
N PHE RA 221 -7.61 -15.07 -72.52
CA PHE RA 221 -7.09 -16.21 -73.24
C PHE RA 221 -6.32 -17.14 -72.31
N ARG RA 222 -5.93 -18.29 -72.86
CA ARG RA 222 -5.25 -19.31 -72.09
C ARG RA 222 -4.43 -20.18 -73.03
N GLU RA 223 -3.33 -20.70 -72.51
CA GLU RA 223 -2.49 -21.68 -73.20
C GLU RA 223 -1.89 -21.11 -74.49
N PHE RA 224 -0.97 -20.19 -74.29
CA PHE RA 224 -0.05 -19.71 -75.31
C PHE RA 224 0.47 -20.87 -76.13
N ASN RA 225 0.25 -20.83 -77.44
CA ASN RA 225 0.50 -21.96 -78.32
C ASN RA 225 1.22 -21.55 -79.59
N LEU RA 226 2.21 -20.68 -79.45
CA LEU RA 226 2.95 -20.24 -80.61
C LEU RA 226 3.74 -21.39 -81.21
N LYS RA 227 3.81 -21.40 -82.53
CA LYS RA 227 4.54 -22.41 -83.28
C LYS RA 227 5.63 -21.73 -84.09
N ASP RA 228 6.87 -22.22 -83.95
CA ASP RA 228 8.05 -21.58 -84.52
C ASP RA 228 8.78 -22.59 -85.39
N PRO RA 229 8.36 -22.75 -86.64
CA PRO RA 229 9.12 -23.58 -87.56
C PRO RA 229 10.39 -22.88 -88.00
N PRO RA 230 11.33 -23.61 -88.62
CA PRO RA 230 12.50 -22.93 -89.18
C PRO RA 230 12.17 -22.08 -90.38
N LEU RA 231 13.20 -21.47 -90.97
CA LEU RA 231 13.03 -20.58 -92.11
C LEU RA 231 14.16 -20.75 -93.12
N GLY SA 43 -49.05 -13.26 -50.97
CA GLY SA 43 -48.06 -13.42 -52.02
C GLY SA 43 -47.73 -12.12 -52.73
N ILE SA 44 -46.86 -11.35 -52.12
CA ILE SA 44 -46.57 -10.00 -52.59
C ILE SA 44 -45.61 -10.06 -53.76
N PHE SA 45 -45.81 -9.14 -54.70
CA PHE SA 45 -44.91 -8.99 -55.84
C PHE SA 45 -44.93 -7.52 -56.24
N ASN SA 46 -43.88 -6.80 -55.84
CA ASN SA 46 -43.71 -5.42 -56.27
C ASN SA 46 -43.02 -5.40 -57.62
N THR SA 47 -43.62 -4.70 -58.56
CA THR SA 47 -43.04 -4.54 -59.90
C THR SA 47 -43.26 -3.12 -60.39
N ARG SA 48 -43.04 -2.94 -61.69
CA ARG SA 48 -43.03 -1.63 -62.32
C ARG SA 48 -43.61 -1.76 -63.72
N LEU SA 49 -44.61 -0.95 -64.01
CA LEU SA 49 -45.32 -0.97 -65.29
C LEU SA 49 -45.27 0.42 -65.87
N SER SA 50 -45.03 0.49 -67.19
CA SER SA 50 -44.84 1.74 -67.89
C SER SA 50 -45.76 1.82 -69.10
N ARG SA 51 -45.80 3.01 -69.67
CA ARG SA 51 -46.71 3.39 -70.74
C ARG SA 51 -46.25 4.74 -71.25
N THR SA 52 -46.32 4.93 -72.56
CA THR SA 52 -45.82 6.14 -73.21
C THR SA 52 -46.87 6.67 -74.17
N PHE SA 53 -47.03 7.98 -74.19
CA PHE SA 53 -48.00 8.64 -75.05
C PHE SA 53 -47.60 10.09 -75.22
N GLY SA 54 -48.26 10.75 -76.17
CA GLY SA 54 -47.94 12.11 -76.53
C GLY SA 54 -48.88 13.18 -76.00
N TYR SA 55 -48.35 14.40 -75.91
CA TYR SA 55 -49.13 15.57 -75.52
C TYR SA 55 -48.52 16.78 -76.22
N THR SA 56 -49.37 17.57 -76.86
CA THR SA 56 -48.95 18.74 -77.60
C THR SA 56 -49.73 19.96 -77.13
N ILE SA 57 -49.01 21.07 -77.00
CA ILE SA 57 -49.57 22.38 -76.73
C ILE SA 57 -49.49 23.15 -78.03
N LYS SA 58 -50.63 23.31 -78.70
CA LYS SA 58 -50.66 23.97 -79.99
C LYS SA 58 -50.31 25.44 -79.86
N ARG SA 59 -49.88 26.02 -80.97
CA ARG SA 59 -49.48 27.42 -81.03
C ARG SA 59 -50.69 28.34 -80.92
N THR SA 60 -50.41 29.58 -80.54
CA THR SA 60 -51.42 30.62 -80.43
C THR SA 60 -50.84 31.95 -80.91
N THR SA 61 -51.64 32.71 -81.65
CA THR SA 61 -51.29 34.06 -82.04
C THR SA 61 -51.49 35.07 -80.91
N VAL SA 62 -52.05 34.65 -79.77
CA VAL SA 62 -52.26 35.56 -78.66
C VAL SA 62 -50.93 36.11 -78.19
N LYS SA 63 -50.92 37.42 -77.91
CA LYS SA 63 -49.69 38.09 -77.50
C LYS SA 63 -49.42 37.94 -76.02
N THR SA 64 -50.46 37.94 -75.20
CA THR SA 64 -50.31 37.90 -73.77
C THR SA 64 -49.70 36.58 -73.32
N PRO SA 65 -49.22 36.51 -72.08
CA PRO SA 65 -48.87 35.22 -71.51
C PRO SA 65 -50.12 34.50 -71.04
N SER SA 66 -50.52 33.47 -71.78
CA SER SA 66 -51.63 32.62 -71.43
C SER SA 66 -51.13 31.21 -71.21
N TRP SA 67 -51.90 30.44 -70.44
CA TRP SA 67 -51.54 29.08 -70.08
C TRP SA 67 -52.60 28.10 -70.57
N ALA SA 68 -52.12 26.91 -70.90
CA ALA SA 68 -52.96 25.80 -71.35
C ALA SA 68 -53.06 24.79 -70.23
N VAL SA 69 -54.28 24.53 -69.80
CA VAL SA 69 -54.54 23.68 -68.65
C VAL SA 69 -55.06 22.33 -69.14
N ASP SA 70 -54.62 21.27 -68.48
CA ASP SA 70 -55.07 19.93 -68.81
C ASP SA 70 -54.89 19.06 -67.58
N MET SA 71 -55.49 17.89 -67.64
CA MET SA 71 -55.54 16.93 -66.53
C MET SA 71 -54.87 15.63 -66.94
N MET SA 72 -54.65 14.79 -65.93
CA MET SA 72 -53.97 13.51 -66.15
C MET SA 72 -54.43 12.53 -65.08
N ARG SA 73 -55.14 11.49 -65.50
CA ARG SA 73 -55.54 10.38 -64.66
C ARG SA 73 -54.70 9.15 -64.99
N PHE SA 74 -54.78 8.16 -64.11
CA PHE SA 74 -54.02 6.92 -64.25
C PHE SA 74 -54.94 5.73 -63.98
N ASN SA 75 -55.02 4.82 -64.94
CA ASN SA 75 -55.75 3.58 -64.79
C ASN SA 75 -54.84 2.41 -65.14
N ILE SA 76 -55.08 1.28 -64.49
CA ILE SA 76 -54.24 0.11 -64.66
C ILE SA 76 -54.56 -0.69 -65.92
N ASN SA 77 -55.71 -0.42 -66.55
CA ASN SA 77 -56.00 -1.09 -67.80
C ASN SA 77 -55.06 -0.66 -68.90
N ASP SA 78 -54.57 0.58 -68.83
CA ASP SA 78 -53.66 1.10 -69.83
C ASP SA 78 -52.23 0.59 -69.65
N PHE SA 79 -51.92 -0.02 -68.51
CA PHE SA 79 -50.61 -0.59 -68.25
C PHE SA 79 -50.60 -2.10 -68.26
N LEU SA 80 -51.70 -2.72 -67.88
CA LEU SA 80 -51.82 -4.17 -67.77
C LEU SA 80 -52.81 -4.69 -68.79
N PRO SA 81 -52.40 -5.41 -69.83
CA PRO SA 81 -53.35 -5.84 -70.82
C PRO SA 81 -54.19 -7.01 -70.33
N PRO SA 82 -55.22 -7.38 -71.07
CA PRO SA 82 -55.96 -8.59 -70.73
C PRO SA 82 -55.15 -9.84 -71.03
N GLY SA 83 -55.37 -10.85 -70.22
CA GLY SA 83 -54.64 -12.09 -70.37
C GLY SA 83 -55.24 -13.00 -71.42
N GLY SA 84 -55.24 -14.29 -71.13
CA GLY SA 84 -55.80 -15.27 -72.04
C GLY SA 84 -56.19 -16.54 -71.34
N GLY SA 85 -57.39 -17.02 -71.63
CA GLY SA 85 -57.89 -18.24 -71.04
C GLY SA 85 -58.54 -18.03 -69.69
N SER SA 86 -58.27 -18.96 -68.77
CA SER SA 86 -58.86 -18.88 -67.45
C SER SA 86 -58.27 -17.75 -66.62
N ASN SA 87 -57.12 -17.21 -67.02
CA ASN SA 87 -56.52 -16.07 -66.36
C ASN SA 87 -56.97 -14.80 -67.06
N PRO SA 88 -57.82 -13.97 -66.45
CA PRO SA 88 -58.35 -12.83 -67.20
C PRO SA 88 -57.34 -11.73 -67.45
N ARG SA 89 -56.28 -11.66 -66.66
CA ARG SA 89 -55.25 -10.65 -66.80
C ARG SA 89 -53.89 -11.31 -67.02
N SER SA 90 -52.95 -10.51 -67.50
CA SER SA 90 -51.64 -11.02 -67.90
C SER SA 90 -50.71 -11.20 -66.71
N VAL SA 91 -50.95 -10.47 -65.63
CA VAL SA 91 -50.23 -10.65 -64.37
C VAL SA 91 -51.14 -11.44 -63.44
N PRO SA 92 -50.82 -12.70 -63.12
CA PRO SA 92 -51.81 -13.52 -62.40
C PRO SA 92 -51.87 -13.26 -60.90
N PHE SA 93 -52.55 -12.17 -60.55
CA PHE SA 93 -52.79 -11.80 -59.17
C PHE SA 93 -54.21 -11.29 -59.03
N GLU SA 94 -54.69 -11.27 -57.80
CA GLU SA 94 -56.05 -10.89 -57.48
C GLU SA 94 -56.17 -9.43 -57.09
N TYR SA 95 -55.34 -8.97 -56.18
CA TYR SA 95 -55.43 -7.65 -55.59
C TYR SA 95 -54.24 -6.81 -56.02
N TYR SA 96 -54.40 -5.49 -55.89
CA TYR SA 96 -53.33 -4.56 -56.22
C TYR SA 96 -53.53 -3.29 -55.42
N ARG SA 97 -52.47 -2.50 -55.35
CA ARG SA 97 -52.53 -1.16 -54.83
C ARG SA 97 -51.35 -0.39 -55.37
N ILE SA 98 -51.61 0.77 -55.94
CA ILE SA 98 -50.58 1.57 -56.58
C ILE SA 98 -49.83 2.35 -55.50
N ARG SA 99 -48.52 2.14 -55.44
CA ARG SA 99 -47.67 2.75 -54.44
C ARG SA 99 -47.19 4.14 -54.87
N LYS SA 100 -46.69 4.25 -56.10
CA LYS SA 100 -46.12 5.48 -56.61
C LYS SA 100 -46.38 5.54 -58.10
N VAL SA 101 -46.29 6.76 -58.63
CA VAL SA 101 -46.31 7.01 -60.07
C VAL SA 101 -45.21 8.02 -60.37
N LYS SA 102 -44.55 7.82 -61.51
CA LYS SA 102 -43.53 8.72 -62.03
C LYS SA 102 -43.99 9.17 -63.40
N VAL SA 103 -44.39 10.42 -63.49
CA VAL SA 103 -44.73 11.04 -64.75
C VAL SA 103 -43.51 11.81 -65.25
N GLU SA 104 -43.08 11.50 -66.46
CA GLU SA 104 -41.91 12.09 -67.07
C GLU SA 104 -42.35 12.78 -68.35
N PHE SA 105 -42.15 14.09 -68.41
CA PHE SA 105 -42.36 14.87 -69.62
C PHE SA 105 -41.04 14.92 -70.37
N TRP SA 106 -40.90 14.05 -71.35
CA TRP SA 106 -39.72 14.04 -72.18
C TRP SA 106 -39.93 14.98 -73.36
N PRO SA 107 -39.14 16.03 -73.52
CA PRO SA 107 -39.42 16.98 -74.60
C PRO SA 107 -39.15 16.41 -75.97
N CYS SA 108 -39.84 17.00 -76.94
CA CYS SA 108 -39.68 16.69 -78.34
C CYS SA 108 -39.10 17.85 -79.13
N SER SA 109 -38.78 18.95 -78.48
CA SER SA 109 -38.43 20.20 -79.11
C SER SA 109 -36.93 20.46 -78.99
N PRO SA 110 -36.33 21.13 -79.96
CA PRO SA 110 -34.89 21.36 -79.89
C PRO SA 110 -34.53 22.39 -78.85
N ILE SA 111 -33.26 22.36 -78.45
CA ILE SA 111 -32.77 23.33 -77.48
C ILE SA 111 -32.59 24.72 -78.06
N THR SA 112 -32.75 24.88 -79.37
CA THR SA 112 -32.69 26.18 -80.02
C THR SA 112 -34.05 26.87 -80.11
N GLN SA 113 -35.11 26.25 -79.61
CA GLN SA 113 -36.45 26.81 -79.76
C GLN SA 113 -36.61 27.98 -78.81
N GLY SA 114 -37.15 29.07 -79.32
CA GLY SA 114 -37.38 30.26 -78.55
C GLY SA 114 -38.79 30.38 -78.04
N ASP SA 115 -39.14 31.59 -77.62
CA ASP SA 115 -40.44 31.88 -77.01
C ASP SA 115 -40.67 30.96 -75.82
N ARG SA 116 -39.63 30.81 -75.01
CA ARG SA 116 -39.69 29.94 -73.86
C ARG SA 116 -40.70 30.46 -72.85
N GLY SA 117 -41.04 29.60 -71.90
CA GLY SA 117 -42.08 29.88 -70.95
C GLY SA 117 -41.86 29.19 -69.62
N VAL SA 118 -42.85 29.32 -68.74
CA VAL SA 118 -42.75 28.76 -67.41
C VAL SA 118 -44.15 28.35 -66.95
N GLY SA 119 -44.26 27.12 -66.50
CA GLY SA 119 -45.53 26.53 -66.10
C GLY SA 119 -45.48 25.90 -64.74
N SER SA 120 -46.45 25.05 -64.46
CA SER SA 120 -46.61 24.48 -63.14
C SER SA 120 -47.32 23.14 -63.24
N SER SA 121 -46.87 22.18 -62.45
CA SER SA 121 -47.50 20.89 -62.30
C SER SA 121 -47.83 20.67 -60.84
N ALA SA 122 -49.08 20.29 -60.56
CA ALA SA 122 -49.56 20.10 -59.21
C ALA SA 122 -50.23 18.74 -59.09
N VAL SA 123 -50.35 18.28 -57.84
CA VAL SA 123 -50.87 16.96 -57.51
C VAL SA 123 -52.29 17.14 -56.99
N ILE SA 124 -53.24 16.50 -57.67
CA ILE SA 124 -54.66 16.68 -57.45
C ILE SA 124 -55.27 15.31 -57.21
N LEU SA 125 -55.50 14.98 -55.94
CA LEU SA 125 -55.87 13.63 -55.54
C LEU SA 125 -57.35 13.42 -55.38
N ASP SA 126 -58.20 14.16 -56.12
CA ASP SA 126 -59.64 14.14 -55.85
C ASP SA 126 -60.56 14.23 -57.06
N ASP SA 127 -60.03 14.25 -58.28
CA ASP SA 127 -60.85 14.19 -59.48
C ASP SA 127 -61.67 15.46 -59.68
N ASN SA 128 -61.19 16.58 -59.16
CA ASN SA 128 -61.78 17.89 -59.45
C ASN SA 128 -60.60 18.78 -59.82
N PHE SA 129 -60.32 18.81 -61.11
CA PHE SA 129 -59.25 19.59 -61.69
C PHE SA 129 -59.76 20.96 -62.08
N VAL SA 130 -58.83 21.89 -62.27
CA VAL SA 130 -59.15 23.13 -62.94
C VAL SA 130 -59.64 22.80 -64.34
N THR SA 131 -60.64 23.52 -64.79
CA THR SA 131 -61.26 23.23 -66.07
C THR SA 131 -60.23 23.32 -67.19
N LYS SA 132 -60.34 22.42 -68.15
CA LYS SA 132 -59.44 22.43 -69.28
C LYS SA 132 -59.61 23.70 -70.09
N ALA SA 133 -58.49 24.37 -70.35
CA ALA SA 133 -58.48 25.65 -71.02
C ALA SA 133 -57.38 25.67 -72.05
N THR SA 134 -57.61 26.43 -73.13
CA THR SA 134 -56.64 26.58 -74.19
C THR SA 134 -55.70 27.75 -73.93
N ALA SA 135 -56.26 28.92 -73.60
CA ALA SA 135 -55.47 30.11 -73.30
C ALA SA 135 -56.12 30.81 -72.13
N LEU SA 136 -55.70 30.43 -70.92
CA LEU SA 136 -56.14 31.07 -69.69
C LEU SA 136 -55.15 32.14 -69.28
N THR SA 137 -55.66 33.24 -68.75
CA THR SA 137 -54.87 34.43 -68.48
C THR SA 137 -53.99 34.32 -67.24
N TYR SA 138 -53.88 33.15 -66.63
CA TYR SA 138 -53.06 32.98 -65.45
C TYR SA 138 -52.75 31.50 -65.28
N ASP SA 139 -51.79 31.22 -64.40
CA ASP SA 139 -51.41 29.87 -64.06
C ASP SA 139 -52.16 29.45 -62.81
N PRO SA 140 -53.18 28.59 -62.91
CA PRO SA 140 -53.95 28.27 -61.70
C PRO SA 140 -53.19 27.46 -60.69
N TYR SA 141 -52.27 26.60 -61.15
CA TYR SA 141 -51.56 25.68 -60.29
C TYR SA 141 -50.29 26.30 -59.70
N VAL SA 142 -50.16 27.62 -59.73
CA VAL SA 142 -48.90 28.25 -59.34
C VAL SA 142 -48.80 28.35 -57.83
N ASN SA 143 -49.90 28.68 -57.15
CA ASN SA 143 -49.88 28.84 -55.72
C ASN SA 143 -50.17 27.55 -54.97
N TYR SA 144 -50.30 26.44 -55.67
CA TYR SA 144 -50.52 25.16 -55.02
C TYR SA 144 -49.28 24.73 -54.25
N SER SA 145 -49.52 24.11 -53.10
CA SER SA 145 -48.44 23.62 -52.26
C SER SA 145 -47.62 22.55 -52.92
N SER SA 146 -48.18 21.84 -53.90
CA SER SA 146 -47.50 20.79 -54.63
C SER SA 146 -47.04 21.24 -56.01
N ARG SA 147 -46.85 22.54 -56.20
CA ARG SA 147 -46.43 23.05 -57.48
C ARG SA 147 -44.94 22.85 -57.67
N HIS SA 148 -44.59 22.31 -58.83
CA HIS SA 148 -43.23 22.30 -59.32
C HIS SA 148 -43.22 23.10 -60.61
N THR SA 149 -42.18 23.90 -60.79
CA THR SA 149 -42.06 24.71 -61.99
C THR SA 149 -41.72 23.84 -63.19
N ILE SA 150 -42.40 24.11 -64.30
CA ILE SA 150 -42.10 23.49 -65.58
C ILE SA 150 -41.39 24.55 -66.41
N THR SA 151 -40.11 24.34 -66.65
CA THR SA 151 -39.41 25.07 -67.67
C THR SA 151 -39.76 24.49 -69.03
N GLN SA 152 -40.03 25.35 -69.99
CA GLN SA 152 -40.49 24.99 -71.31
C GLN SA 152 -39.54 25.56 -72.35
N PRO SA 153 -39.50 24.99 -73.56
CA PRO SA 153 -40.12 23.77 -74.09
C PRO SA 153 -39.23 22.55 -74.09
N PHE SA 154 -37.92 22.75 -73.92
CA PHE SA 154 -36.92 21.73 -74.17
C PHE SA 154 -36.33 21.16 -72.88
N SER SA 155 -37.10 21.16 -71.82
CA SER SA 155 -36.62 20.76 -70.51
C SER SA 155 -37.45 19.62 -69.96
N TYR SA 156 -36.78 18.73 -69.25
CA TYR SA 156 -37.37 17.55 -68.67
C TYR SA 156 -38.02 17.88 -67.34
N HIS SA 157 -39.18 17.29 -67.10
CA HIS SA 157 -39.96 17.50 -65.90
C HIS SA 157 -40.45 16.15 -65.40
N SER SA 158 -40.10 15.82 -64.16
CA SER SA 158 -40.54 14.61 -63.50
C SER SA 158 -41.36 14.96 -62.27
N ARG SA 159 -42.32 14.09 -61.97
CA ARG SA 159 -43.12 14.18 -60.75
C ARG SA 159 -43.29 12.77 -60.22
N TYR SA 160 -42.95 12.59 -58.95
CA TYR SA 160 -42.97 11.29 -58.28
C TYR SA 160 -43.82 11.41 -57.04
N PHE SA 161 -44.94 10.72 -57.01
CA PHE SA 161 -45.92 10.90 -55.96
C PHE SA 161 -46.74 9.63 -55.83
N THR SA 162 -47.61 9.63 -54.82
CA THR SA 162 -48.48 8.51 -54.50
C THR SA 162 -49.92 8.87 -54.88
N PRO SA 163 -50.51 8.24 -55.90
CA PRO SA 163 -51.87 8.60 -56.27
C PRO SA 163 -52.90 8.04 -55.32
N LYS SA 164 -54.16 8.35 -55.56
CA LYS SA 164 -55.27 7.90 -54.76
C LYS SA 164 -56.39 7.45 -55.67
N PRO SA 165 -57.14 6.42 -55.31
CA PRO SA 165 -58.23 5.97 -56.17
C PRO SA 165 -59.51 6.77 -55.94
N VAL SA 166 -60.35 6.74 -56.98
CA VAL SA 166 -61.62 7.44 -56.96
C VAL SA 166 -62.65 6.44 -56.46
N LEU SA 167 -62.83 6.41 -55.15
CA LEU SA 167 -63.79 5.52 -54.53
C LEU SA 167 -65.20 6.09 -54.57
N ASP SA 168 -65.34 7.37 -54.27
CA ASP SA 168 -66.62 8.07 -54.38
C ASP SA 168 -66.35 9.45 -54.94
N SER SA 169 -66.75 9.68 -56.18
CA SER SA 169 -66.56 10.98 -56.81
C SER SA 169 -67.48 12.04 -56.25
N THR SA 170 -68.55 11.66 -55.55
CA THR SA 170 -69.46 12.63 -54.97
C THR SA 170 -68.86 13.28 -53.73
N ILE SA 171 -68.17 12.48 -52.90
CA ILE SA 171 -67.62 12.95 -51.64
C ILE SA 171 -66.13 13.23 -51.80
N ASP SA 172 -65.47 12.42 -52.64
CA ASP SA 172 -64.06 12.59 -52.96
C ASP SA 172 -63.20 12.53 -51.71
N TYR SA 173 -63.20 11.34 -51.10
CA TYR SA 173 -62.39 11.07 -49.92
C TYR SA 173 -61.21 10.19 -50.29
N PHE SA 174 -60.09 10.39 -49.59
CA PHE SA 174 -58.90 9.63 -49.84
C PHE SA 174 -58.11 9.48 -48.54
N GLN SA 175 -57.22 8.59 -48.55
CA GLN SA 175 -56.39 8.24 -47.42
C GLN SA 175 -55.09 9.02 -47.43
N PRO SA 176 -54.52 9.32 -46.28
CA PRO SA 176 -53.15 9.82 -46.27
C PRO SA 176 -52.14 8.75 -46.58
N ASN SA 177 -50.88 9.14 -46.73
CA ASN SA 177 -49.85 8.22 -47.14
C ASN SA 177 -49.48 7.32 -45.97
N ASN SA 178 -49.71 6.03 -46.14
CA ASN SA 178 -49.34 5.04 -45.14
C ASN SA 178 -49.16 3.73 -45.89
N LYS SA 179 -47.94 3.22 -45.93
CA LYS SA 179 -47.70 2.01 -46.68
C LYS SA 179 -48.39 0.81 -46.04
N ARG SA 180 -48.56 0.83 -44.73
CA ARG SA 180 -49.11 -0.33 -44.03
C ARG SA 180 -50.63 -0.36 -44.07
N ASN SA 181 -51.28 0.79 -44.22
CA ASN SA 181 -52.72 0.91 -44.17
C ASN SA 181 -53.36 1.18 -45.51
N GLN SA 182 -52.59 1.21 -46.59
CA GLN SA 182 -53.14 1.50 -47.91
C GLN SA 182 -54.07 0.38 -48.33
N LEU SA 183 -55.22 0.78 -48.87
CA LEU SA 183 -56.24 -0.17 -49.27
C LEU SA 183 -55.76 -1.03 -50.43
N TRP SA 184 -56.19 -2.28 -50.41
CA TRP SA 184 -56.03 -3.19 -51.54
C TRP SA 184 -57.30 -3.13 -52.37
N LEU SA 185 -57.14 -2.85 -53.65
CA LEU SA 185 -58.21 -2.94 -54.62
C LEU SA 185 -58.13 -4.27 -55.34
N ARG SA 186 -59.22 -4.61 -56.01
CA ARG SA 186 -59.26 -5.80 -56.84
C ARG SA 186 -58.84 -5.46 -58.26
N LEU SA 187 -58.05 -6.34 -58.84
CA LEU SA 187 -57.66 -6.27 -60.23
C LEU SA 187 -58.81 -6.84 -61.05
N GLN SA 188 -59.70 -5.94 -61.48
CA GLN SA 188 -60.86 -6.32 -62.25
C GLN SA 188 -60.44 -6.78 -63.63
N THR SA 189 -61.41 -7.29 -64.39
CA THR SA 189 -61.14 -7.79 -65.73
C THR SA 189 -61.09 -6.66 -66.74
N ALA SA 190 -62.13 -5.82 -66.80
CA ALA SA 190 -62.16 -4.69 -67.73
C ALA SA 190 -62.79 -3.43 -67.14
N GLY SA 191 -62.76 -3.26 -65.83
CA GLY SA 191 -63.47 -2.17 -65.18
C GLY SA 191 -62.77 -1.54 -64.01
N ASN SA 192 -61.45 -1.50 -64.05
CA ASN SA 192 -60.68 -0.97 -62.94
C ASN SA 192 -60.95 0.52 -62.74
N VAL SA 193 -60.70 0.98 -61.52
CA VAL SA 193 -61.03 2.32 -61.09
C VAL SA 193 -59.88 3.25 -61.43
N ASP SA 194 -60.23 4.50 -61.75
CA ASP SA 194 -59.25 5.48 -62.16
C ASP SA 194 -58.54 6.06 -60.95
N HIS SA 195 -57.22 6.05 -60.99
CA HIS SA 195 -56.41 6.79 -60.05
C HIS SA 195 -56.10 8.16 -60.61
N VAL SA 196 -55.81 9.08 -59.69
CA VAL SA 196 -55.78 10.51 -60.00
C VAL SA 196 -54.63 11.13 -59.24
N GLY SA 197 -54.24 12.33 -59.64
CA GLY SA 197 -53.09 12.94 -59.03
C GLY SA 197 -52.16 13.85 -59.81
N LEU SA 198 -52.51 14.28 -61.03
CA LEU SA 198 -51.67 15.31 -61.65
C LEU SA 198 -52.47 16.23 -62.54
N GLY SA 199 -52.21 17.52 -62.38
CA GLY SA 199 -52.71 18.54 -63.28
C GLY SA 199 -51.61 19.50 -63.63
N THR SA 200 -51.68 20.02 -64.86
CA THR SA 200 -50.61 20.79 -65.45
C THR SA 200 -51.13 22.11 -65.98
N ALA SA 201 -50.18 23.03 -66.17
CA ALA SA 201 -50.44 24.30 -66.83
C ALA SA 201 -49.21 24.69 -67.61
N PHE SA 202 -49.32 24.67 -68.93
CA PHE SA 202 -48.24 25.00 -69.83
C PHE SA 202 -48.47 26.36 -70.46
N GLU SA 203 -47.41 27.16 -70.51
CA GLU SA 203 -47.48 28.47 -71.13
C GLU SA 203 -47.43 28.33 -72.64
N ASN SA 204 -48.38 28.94 -73.33
CA ASN SA 204 -48.47 28.81 -74.76
C ASN SA 204 -47.35 29.58 -75.44
N SER SA 205 -47.19 29.32 -76.74
CA SER SA 205 -46.07 29.82 -77.50
C SER SA 205 -46.47 29.95 -78.96
N ILE SA 206 -45.64 30.66 -79.72
CA ILE SA 206 -45.85 30.79 -81.15
C ILE SA 206 -45.61 29.47 -81.85
N TYR SA 207 -44.73 28.63 -81.31
CA TYR SA 207 -44.40 27.34 -81.87
C TYR SA 207 -45.12 26.24 -81.10
N ASP SA 208 -45.31 25.11 -81.77
CA ASP SA 208 -45.92 23.96 -81.13
C ASP SA 208 -44.94 23.29 -80.18
N GLN SA 209 -45.41 22.97 -78.99
CA GLN SA 209 -44.62 22.31 -77.95
C GLN SA 209 -45.13 20.89 -77.78
N GLU SA 210 -44.35 19.93 -78.24
CA GLU SA 210 -44.69 18.52 -78.15
C GLU SA 210 -43.91 17.85 -77.03
N TYR SA 211 -44.52 16.82 -76.46
CA TYR SA 211 -43.93 16.04 -75.38
C TYR SA 211 -44.29 14.58 -75.56
N ASN SA 212 -43.37 13.72 -75.15
CA ASN SA 212 -43.62 12.28 -75.04
C ASN SA 212 -43.67 11.97 -73.55
N ILE SA 213 -44.85 11.64 -73.06
CA ILE SA 213 -45.07 11.47 -71.63
C ILE SA 213 -45.00 9.98 -71.31
N ARG SA 214 -44.11 9.62 -70.40
CA ARG SA 214 -43.90 8.25 -69.95
C ARG SA 214 -44.33 8.16 -68.50
N VAL SA 215 -45.43 7.44 -68.27
CA VAL SA 215 -45.94 7.19 -66.93
C VAL SA 215 -45.47 5.82 -66.50
N THR SA 216 -44.91 5.74 -65.31
CA THR SA 216 -44.44 4.50 -64.70
C THR SA 216 -45.15 4.35 -63.38
N MET SA 217 -45.91 3.27 -63.24
CA MET SA 217 -46.60 2.95 -62.00
C MET SA 217 -45.88 1.83 -61.26
N TYR SA 218 -45.60 2.08 -59.99
CA TYR SA 218 -44.99 1.10 -59.11
C TYR SA 218 -46.08 0.46 -58.27
N VAL SA 219 -46.41 -0.78 -58.60
CA VAL SA 219 -47.58 -1.44 -58.06
C VAL SA 219 -47.14 -2.57 -57.14
N GLN SA 220 -48.10 -3.09 -56.39
CA GLN SA 220 -47.87 -4.15 -55.43
C GLN SA 220 -49.09 -5.06 -55.49
N PHE SA 221 -48.88 -6.29 -55.93
CA PHE SA 221 -49.94 -7.26 -56.09
C PHE SA 221 -49.98 -8.22 -54.91
N ARG SA 222 -51.00 -9.06 -54.88
CA ARG SA 222 -51.22 -9.99 -53.78
C ARG SA 222 -52.05 -11.15 -54.28
N GLU SA 223 -51.82 -12.32 -53.67
CA GLU SA 223 -52.61 -13.53 -53.90
C GLU SA 223 -52.53 -13.99 -55.35
N PHE SA 224 -51.34 -14.49 -55.68
CA PHE SA 224 -51.10 -15.27 -56.89
C PHE SA 224 -52.21 -16.27 -57.13
N ASN SA 225 -52.87 -16.18 -58.27
CA ASN SA 225 -54.10 -16.93 -58.54
C ASN SA 225 -54.07 -17.57 -59.90
N LEU SA 226 -52.94 -18.15 -60.28
CA LEU SA 226 -52.84 -18.79 -61.58
C LEU SA 226 -53.76 -20.00 -61.63
N LYS SA 227 -54.35 -20.22 -62.80
CA LYS SA 227 -55.23 -21.34 -63.05
C LYS SA 227 -54.65 -22.18 -64.18
N ASP SA 228 -54.51 -23.48 -63.93
CA ASP SA 228 -53.84 -24.40 -64.83
C ASP SA 228 -54.77 -25.54 -65.20
N PRO SA 229 -55.63 -25.35 -66.18
CA PRO SA 229 -56.44 -26.44 -66.67
C PRO SA 229 -55.60 -27.40 -67.50
N PRO SA 230 -56.12 -28.60 -67.78
CA PRO SA 230 -55.40 -29.50 -68.69
C PRO SA 230 -55.40 -29.01 -70.13
N LEU SA 231 -54.78 -29.78 -71.01
CA LEU SA 231 -54.66 -29.43 -72.41
C LEU SA 231 -54.84 -30.63 -73.32
N GLY TA 43 -49.97 21.85 -46.74
CA GLY TA 43 -50.13 23.15 -46.14
C GLY TA 43 -51.20 23.17 -45.07
N ILE TA 44 -50.81 22.74 -43.88
CA ILE TA 44 -51.77 22.56 -42.79
C ILE TA 44 -52.09 23.88 -42.14
N PHE TA 45 -53.34 24.02 -41.73
CA PHE TA 45 -53.79 25.19 -40.98
C PHE TA 45 -54.90 24.73 -40.05
N ASN TA 46 -54.56 24.58 -38.78
CA ASN TA 46 -55.54 24.28 -37.76
C ASN TA 46 -56.16 25.58 -37.26
N THR TA 47 -57.49 25.64 -37.28
CA THR TA 47 -58.20 26.80 -36.79
C THR TA 47 -59.46 26.35 -36.04
N ARG TA 48 -60.34 27.31 -35.79
CA ARG TA 48 -61.51 27.13 -34.96
C ARG TA 48 -62.65 27.94 -35.53
N LEU TA 49 -63.78 27.27 -35.76
CA LEU TA 49 -64.96 27.88 -36.34
C LEU TA 49 -66.13 27.64 -35.41
N SER TA 50 -66.95 28.67 -35.22
CA SER TA 50 -68.05 28.66 -34.29
C SER TA 50 -69.35 29.07 -34.97
N ARG TA 51 -70.43 28.87 -34.23
CA ARG TA 51 -71.80 29.04 -34.71
C ARG TA 51 -72.71 28.94 -33.50
N THR TA 52 -73.74 29.78 -33.46
CA THR TA 52 -74.63 29.88 -32.33
C THR TA 52 -76.07 29.84 -32.80
N PHE TA 53 -76.90 29.10 -32.05
CA PHE TA 53 -78.31 28.96 -32.39
C PHE TA 53 -79.06 28.55 -31.13
N GLY TA 54 -80.39 28.58 -31.23
CA GLY TA 54 -81.26 28.32 -30.11
C GLY TA 54 -81.93 26.97 -30.10
N TYR TA 55 -82.32 26.54 -28.91
CA TYR TA 55 -83.07 25.32 -28.70
C TYR TA 55 -83.95 25.50 -27.49
N THR TA 56 -85.23 25.16 -27.63
CA THR TA 56 -86.20 25.32 -26.56
C THR TA 56 -86.93 24.01 -26.33
N ILE TA 57 -87.14 23.70 -25.07
CA ILE TA 57 -87.95 22.58 -24.63
C ILE TA 57 -89.24 23.18 -24.09
N LYS TA 58 -90.31 23.05 -24.86
CA LYS TA 58 -91.59 23.65 -24.50
C LYS TA 58 -92.16 22.98 -23.27
N ARG TA 59 -93.05 23.71 -22.60
CA ARG TA 59 -93.70 23.24 -21.39
C ARG TA 59 -94.71 22.14 -21.69
N THR TA 60 -95.02 21.37 -20.65
CA THR TA 60 -96.01 20.30 -20.73
C THR TA 60 -96.80 20.25 -19.44
N THR TA 61 -98.12 20.04 -19.58
CA THR TA 61 -98.99 19.81 -18.44
C THR TA 61 -98.88 18.39 -17.88
N VAL TA 62 -98.13 17.52 -18.54
CA VAL TA 62 -97.98 16.14 -18.08
C VAL TA 62 -97.35 16.14 -16.69
N LYS TA 63 -97.89 15.30 -15.81
CA LYS TA 63 -97.42 15.24 -14.43
C LYS TA 63 -96.20 14.35 -14.28
N THR TA 64 -96.13 13.27 -15.04
CA THR TA 64 -95.06 12.31 -14.91
C THR TA 64 -93.73 12.92 -15.30
N PRO TA 65 -92.61 12.27 -14.93
CA PRO TA 65 -91.33 12.67 -15.51
C PRO TA 65 -91.18 12.11 -16.91
N SER TA 66 -91.29 12.98 -17.90
CA SER TA 66 -91.08 12.63 -19.29
C SER TA 66 -89.90 13.41 -19.83
N TRP TA 67 -89.29 12.87 -20.88
CA TRP TA 67 -88.12 13.46 -21.50
C TRP TA 67 -88.39 13.81 -22.95
N ALA TA 68 -87.71 14.86 -23.39
CA ALA TA 68 -87.79 15.36 -24.76
C ALA TA 68 -86.49 15.00 -25.46
N VAL TA 69 -86.61 14.25 -26.53
CA VAL TA 69 -85.47 13.72 -27.26
C VAL TA 69 -85.29 14.51 -28.54
N ASP TA 70 -84.03 14.76 -28.88
CA ASP TA 70 -83.69 15.46 -30.10
C ASP TA 70 -82.28 15.08 -30.51
N MET TA 71 -81.93 15.43 -31.74
CA MET TA 71 -80.67 15.08 -32.36
C MET TA 71 -79.90 16.33 -32.73
N MET TA 72 -78.63 16.14 -33.07
CA MET TA 72 -77.74 17.23 -33.40
C MET TA 72 -76.68 16.73 -34.36
N ARG TA 73 -76.69 17.24 -35.59
CA ARG TA 73 -75.68 16.99 -36.60
C ARG TA 73 -74.82 18.23 -36.78
N PHE TA 74 -73.70 18.06 -37.47
CA PHE TA 74 -72.74 19.13 -37.71
C PHE TA 74 -72.32 19.09 -39.16
N ASN TA 75 -72.49 20.22 -39.86
CA ASN TA 75 -72.02 20.39 -41.22
C ASN TA 75 -71.18 21.64 -41.31
N ILE TA 76 -70.20 21.62 -42.21
CA ILE TA 76 -69.26 22.73 -42.34
C ILE TA 76 -69.83 23.89 -43.16
N ASN TA 77 -70.93 23.69 -43.86
CA ASN TA 77 -71.56 24.81 -44.57
C ASN TA 77 -72.11 25.82 -43.60
N ASP TA 78 -72.54 25.39 -42.43
CA ASP TA 78 -73.09 26.28 -41.42
C ASP TA 78 -72.02 27.07 -40.68
N PHE TA 79 -70.75 26.69 -40.81
CA PHE TA 79 -69.65 27.38 -40.18
C PHE TA 79 -68.79 28.16 -41.16
N LEU TA 80 -68.69 27.68 -42.40
CA LEU TA 80 -67.85 28.26 -43.42
C LEU TA 80 -68.71 28.81 -44.55
N PRO TA 81 -68.82 30.12 -44.75
CA PRO TA 81 -69.70 30.62 -45.78
C PRO TA 81 -69.10 30.44 -47.16
N PRO TA 82 -69.87 30.69 -48.21
CA PRO TA 82 -69.28 30.71 -49.55
C PRO TA 82 -68.41 31.92 -49.75
N GLY TA 83 -67.38 31.74 -50.56
CA GLY TA 83 -66.44 32.81 -50.83
C GLY TA 83 -66.92 33.74 -51.92
N GLY TA 84 -65.99 34.18 -52.75
CA GLY TA 84 -66.32 35.07 -53.84
C GLY TA 84 -65.31 35.02 -54.95
N GLY TA 85 -65.79 34.90 -56.18
CA GLY TA 85 -64.93 34.86 -57.34
C GLY TA 85 -64.42 33.47 -57.64
N SER TA 86 -63.16 33.38 -58.03
CA SER TA 86 -62.57 32.10 -58.37
C SER TA 86 -62.36 31.21 -57.16
N ASN TA 87 -62.42 31.78 -55.95
CA ASN TA 87 -62.33 30.99 -54.73
C ASN TA 87 -63.73 30.66 -54.26
N PRO TA 88 -64.19 29.41 -54.34
CA PRO TA 88 -65.59 29.13 -54.01
C PRO TA 88 -65.91 29.25 -52.54
N ARG TA 89 -64.92 29.13 -51.66
CA ARG TA 89 -65.11 29.20 -50.23
C ARG TA 89 -64.26 30.32 -49.65
N SER TA 90 -64.61 30.72 -48.43
CA SER TA 90 -63.98 31.87 -47.79
C SER TA 90 -62.64 31.52 -47.17
N VAL TA 91 -62.42 30.26 -46.83
CA VAL TA 91 -61.13 29.77 -46.36
C VAL TA 91 -60.47 29.06 -47.54
N PRO TA 92 -59.38 29.59 -48.11
CA PRO TA 92 -58.89 29.02 -49.37
C PRO TA 92 -58.05 27.77 -49.20
N PHE TA 93 -58.74 26.66 -49.00
CA PHE TA 93 -58.11 25.36 -48.88
C PHE TA 93 -58.97 24.34 -49.60
N GLU TA 94 -58.35 23.20 -49.93
CA GLU TA 94 -58.98 22.14 -50.68
C GLU TA 94 -59.61 21.07 -49.81
N TYR TA 95 -58.84 20.56 -48.85
CA TYR TA 95 -59.24 19.43 -48.03
C TYR TA 95 -59.46 19.89 -46.60
N TYR TA 96 -60.19 19.06 -45.86
CA TYR TA 96 -60.44 19.33 -44.45
C TYR TA 96 -60.71 18.01 -43.74
N ARG TA 97 -60.61 18.07 -42.42
CA ARG TA 97 -61.05 16.98 -41.56
C ARG TA 97 -61.31 17.54 -40.18
N ILE TA 98 -62.48 17.25 -39.64
CA ILE TA 98 -62.88 17.80 -38.36
C ILE TA 98 -62.25 16.98 -37.26
N ARG TA 99 -61.48 17.65 -36.40
CA ARG TA 99 -60.76 17.01 -35.32
C ARG TA 99 -61.60 16.86 -34.06
N LYS TA 100 -62.28 17.93 -33.65
CA LYS TA 100 -63.06 17.95 -32.44
C LYS TA 100 -64.24 18.89 -32.63
N VAL TA 101 -65.24 18.72 -31.79
CA VAL TA 101 -66.37 19.63 -31.68
C VAL TA 101 -66.65 19.86 -30.21
N LYS TA 102 -67.00 21.09 -29.88
CA LYS TA 102 -67.39 21.49 -28.53
C LYS TA 102 -68.80 22.06 -28.63
N VAL TA 103 -69.75 21.31 -28.12
CA VAL TA 103 -71.13 21.76 -28.00
C VAL TA 103 -71.33 22.30 -26.60
N GLU TA 104 -71.79 23.55 -26.52
CA GLU TA 104 -72.00 24.25 -25.26
C GLU TA 104 -73.46 24.63 -25.19
N PHE TA 105 -74.15 24.10 -24.18
CA PHE TA 105 -75.52 24.50 -23.87
C PHE TA 105 -75.45 25.64 -22.86
N TRP TA 106 -75.55 26.85 -23.36
CA TRP TA 106 -75.57 28.02 -22.49
C TRP TA 106 -77.01 28.30 -22.10
N PRO TA 107 -77.36 28.27 -20.80
CA PRO TA 107 -78.75 28.45 -20.43
C PRO TA 107 -79.24 29.86 -20.66
N CYS TA 108 -80.55 29.95 -20.81
CA CYS TA 108 -81.26 31.20 -20.93
C CYS TA 108 -82.19 31.48 -19.76
N SER TA 109 -82.22 30.60 -18.78
CA SER TA 109 -83.20 30.60 -17.72
C SER TA 109 -82.57 31.08 -16.42
N PRO TA 110 -83.34 31.74 -15.55
CA PRO TA 110 -82.76 32.24 -14.32
C PRO TA 110 -82.45 31.13 -13.33
N ILE TA 111 -81.58 31.45 -12.38
CA ILE TA 111 -81.24 30.49 -11.34
C ILE TA 111 -82.34 30.30 -10.31
N THR TA 112 -83.40 31.09 -10.38
CA THR TA 112 -84.55 30.94 -9.49
C THR TA 112 -85.63 30.04 -10.07
N GLN TA 113 -85.43 29.49 -11.27
CA GLN TA 113 -86.46 28.70 -11.91
C GLN TA 113 -86.55 27.34 -11.24
N GLY TA 114 -87.77 26.91 -10.95
CA GLY TA 114 -88.02 25.65 -10.31
C GLY TA 114 -88.40 24.56 -11.28
N ASP TA 115 -88.95 23.48 -10.74
CA ASP TA 115 -89.30 22.30 -11.52
C ASP TA 115 -88.08 21.77 -12.25
N ARG TA 116 -86.96 21.75 -11.54
CA ARG TA 116 -85.70 21.31 -12.12
C ARG TA 116 -85.78 19.84 -12.50
N GLY TA 117 -84.79 19.42 -13.29
CA GLY TA 117 -84.78 18.11 -13.86
C GLY TA 117 -83.40 17.57 -14.11
N VAL TA 118 -83.32 16.42 -14.73
CA VAL TA 118 -82.04 15.76 -14.98
C VAL TA 118 -82.15 14.98 -16.28
N GLY TA 119 -81.20 15.22 -17.18
CA GLY TA 119 -81.18 14.63 -18.50
C GLY TA 119 -79.88 13.97 -18.84
N SER TA 120 -79.65 13.74 -20.11
CA SER TA 120 -78.49 13.00 -20.56
C SER TA 120 -78.14 13.40 -21.98
N SER TA 121 -76.84 13.52 -22.24
CA SER TA 121 -76.30 13.75 -23.57
C SER TA 121 -75.33 12.64 -23.91
N ALA TA 122 -75.51 12.05 -25.08
CA ALA TA 122 -74.70 10.93 -25.53
C ALA TA 122 -74.14 11.22 -26.93
N VAL TA 123 -73.10 10.48 -27.27
CA VAL TA 123 -72.37 10.65 -28.52
C VAL TA 123 -72.77 9.53 -29.46
N ILE TA 124 -73.31 9.90 -30.62
CA ILE TA 124 -73.93 8.98 -31.56
C ILE TA 124 -73.26 9.20 -32.92
N LEU TA 125 -72.31 8.34 -33.26
CA LEU TA 125 -71.45 8.55 -34.41
C LEU TA 125 -71.91 7.85 -35.67
N ASP TA 126 -73.22 7.62 -35.85
CA ASP TA 126 -73.69 6.76 -36.93
C ASP TA 126 -74.99 7.19 -37.61
N ASP TA 127 -75.59 8.30 -37.23
CA ASP TA 127 -76.76 8.83 -37.93
C ASP TA 127 -77.99 7.96 -37.73
N ASN TA 128 -78.05 7.24 -36.61
CA ASN TA 128 -79.25 6.52 -36.20
C ASN TA 128 -79.46 6.90 -34.75
N PHE TA 129 -80.23 7.96 -34.56
CA PHE TA 129 -80.58 8.48 -33.26
C PHE TA 129 -81.86 7.84 -32.76
N VAL TA 130 -82.08 7.96 -31.45
CA VAL TA 130 -83.40 7.67 -30.91
C VAL TA 130 -84.38 8.63 -31.54
N THR TA 131 -85.57 8.14 -31.84
CA THR TA 131 -86.56 8.92 -32.53
C THR TA 131 -86.91 10.18 -31.73
N LYS TA 132 -87.09 11.28 -32.44
CA LYS TA 132 -87.45 12.53 -31.79
C LYS TA 132 -88.81 12.38 -31.10
N ALA TA 133 -88.85 12.77 -29.84
CA ALA TA 133 -90.03 12.62 -29.00
C ALA TA 133 -90.23 13.89 -28.20
N THR TA 134 -91.50 14.18 -27.91
CA THR TA 134 -91.87 15.33 -27.12
C THR TA 134 -91.92 14.99 -25.64
N ALA TA 135 -92.61 13.91 -25.27
CA ALA TA 135 -92.72 13.47 -23.89
C ALA TA 135 -92.61 11.94 -23.87
N LEU TA 136 -91.39 11.45 -23.78
CA LEU TA 136 -91.10 10.03 -23.65
C LEU TA 136 -90.97 9.67 -22.19
N THR TA 137 -91.46 8.48 -21.83
CA THR TA 137 -91.59 8.06 -20.44
C THR TA 137 -90.28 7.63 -19.81
N TYR TA 138 -89.15 7.81 -20.49
CA TYR TA 138 -87.86 7.41 -19.93
C TYR TA 138 -86.77 8.17 -20.66
N ASP TA 139 -85.57 8.13 -20.09
CA ASP TA 139 -84.39 8.73 -20.69
C ASP TA 139 -83.65 7.68 -21.49
N PRO TA 140 -83.70 7.70 -22.82
CA PRO TA 140 -83.05 6.62 -23.57
C PRO TA 140 -81.54 6.65 -23.49
N TYR TA 141 -80.96 7.83 -23.38
CA TYR TA 141 -79.52 8.00 -23.41
C TYR TA 141 -78.87 7.85 -22.04
N VAL TA 142 -79.59 7.28 -21.07
CA VAL TA 142 -79.10 7.26 -19.70
C VAL TA 142 -78.08 6.15 -19.51
N ASN TA 143 -78.30 5.00 -20.10
CA ASN TA 143 -77.41 3.86 -19.93
C ASN TA 143 -76.30 3.82 -20.97
N TYR TA 144 -76.21 4.84 -21.82
CA TYR TA 144 -75.14 4.90 -22.80
C TYR TA 144 -73.81 5.13 -22.13
N SER TA 145 -72.77 4.49 -22.67
CA SER TA 145 -71.42 4.63 -22.14
C SER TA 145 -70.89 6.04 -22.26
N SER TA 146 -71.43 6.83 -23.18
CA SER TA 146 -71.01 8.21 -23.38
C SER TA 146 -71.98 9.21 -22.77
N ARG TA 147 -72.77 8.78 -21.79
CA ARG TA 147 -73.74 9.66 -21.18
C ARG TA 147 -73.07 10.59 -20.20
N HIS TA 148 -73.39 11.87 -20.31
CA HIS TA 148 -73.10 12.87 -19.31
C HIS TA 148 -74.42 13.41 -18.82
N THR TA 149 -74.52 13.63 -17.53
CA THR TA 149 -75.74 14.16 -16.95
C THR TA 149 -75.91 15.63 -17.29
N ILE TA 150 -77.13 15.98 -17.66
CA ILE TA 150 -77.52 17.37 -17.90
C ILE TA 150 -78.36 17.77 -16.70
N THR TA 151 -77.81 18.64 -15.87
CA THR TA 151 -78.60 19.36 -14.89
C THR TA 151 -79.36 20.48 -15.59
N GLN TA 152 -80.62 20.62 -15.26
CA GLN TA 152 -81.53 21.55 -15.88
C GLN TA 152 -82.13 22.46 -14.82
N PRO TA 153 -82.61 23.65 -15.20
CA PRO TA 153 -82.58 24.36 -16.48
C PRO TA 153 -81.47 25.40 -16.61
N PHE TA 154 -80.87 25.77 -15.50
CA PHE TA 154 -79.99 26.93 -15.42
C PHE TA 154 -78.52 26.55 -15.30
N SER TA 155 -78.14 25.41 -15.86
CA SER TA 155 -76.81 24.88 -15.70
C SER TA 155 -76.17 24.67 -17.06
N TYR TA 156 -74.87 24.91 -17.12
CA TYR TA 156 -74.08 24.80 -18.32
C TYR TA 156 -73.66 23.35 -18.55
N HIS TA 157 -73.70 22.94 -19.80
CA HIS TA 157 -73.35 21.59 -20.22
C HIS TA 157 -72.47 21.67 -21.45
N SER TA 158 -71.28 21.09 -21.36
CA SER TA 158 -70.36 21.01 -22.47
C SER TA 158 -70.09 19.57 -22.82
N ARG TA 159 -69.84 19.33 -24.10
CA ARG TA 159 -69.43 18.02 -24.60
C ARG TA 159 -68.34 18.26 -25.64
N TYR TA 160 -67.21 17.59 -25.46
CA TYR TA 160 -66.04 17.74 -26.31
C TYR TA 160 -65.64 16.37 -26.82
N PHE TA 161 -65.75 16.17 -28.13
CA PHE TA 161 -65.59 14.86 -28.71
C PHE TA 161 -65.16 15.02 -30.17
N THR TA 162 -64.88 13.88 -30.78
CA THR TA 162 -64.43 13.79 -32.16
C THR TA 162 -65.55 13.23 -33.03
N PRO TA 163 -66.16 14.01 -33.92
CA PRO TA 163 -67.25 13.46 -34.71
C PRO TA 163 -66.76 12.58 -35.83
N LYS TA 164 -67.69 12.01 -36.58
CA LYS TA 164 -67.38 11.13 -37.69
C LYS TA 164 -68.28 11.50 -38.86
N PRO TA 165 -67.79 11.41 -40.09
CA PRO TA 165 -68.64 11.73 -41.23
C PRO TA 165 -69.52 10.58 -41.67
N VAL TA 166 -70.59 10.96 -42.36
CA VAL TA 166 -71.58 10.01 -42.86
C VAL TA 166 -71.15 9.66 -44.28
N LEU TA 167 -70.31 8.64 -44.38
CA LEU TA 167 -69.82 8.17 -45.68
C LEU TA 167 -70.84 7.27 -46.36
N ASP TA 168 -71.42 6.34 -45.62
CA ASP TA 168 -72.48 5.47 -46.13
C ASP TA 168 -73.51 5.31 -45.04
N SER TA 169 -74.68 5.92 -45.24
CA SER TA 169 -75.75 5.82 -44.26
C SER TA 169 -76.39 4.45 -44.23
N THR TA 170 -76.20 3.64 -45.26
CA THR TA 170 -76.77 2.30 -45.31
C THR TA 170 -76.00 1.35 -44.38
N ILE TA 171 -74.69 1.46 -44.36
CA ILE TA 171 -73.83 0.57 -43.59
C ILE TA 171 -73.41 1.24 -42.30
N ASP TA 172 -73.22 2.55 -42.35
CA ASP TA 172 -72.90 3.37 -41.19
C ASP TA 172 -71.59 2.89 -40.55
N TYR TA 173 -70.51 3.03 -41.30
CA TYR TA 173 -69.17 2.69 -40.83
C TYR TA 173 -68.39 3.96 -40.52
N PHE TA 174 -67.51 3.85 -39.53
CA PHE TA 174 -66.68 4.98 -39.14
C PHE TA 174 -65.36 4.47 -38.59
N GLN TA 175 -64.45 5.34 -38.52
CA GLN TA 175 -63.09 5.08 -38.07
C GLN TA 175 -62.94 5.30 -36.58
N PRO TA 176 -62.06 4.58 -35.91
CA PRO TA 176 -61.71 4.96 -34.54
C PRO TA 176 -60.84 6.19 -34.51
N ASN TA 177 -60.59 6.69 -33.31
CA ASN TA 177 -59.87 7.93 -33.14
C ASN TA 177 -58.38 7.71 -33.42
N ASN TA 178 -57.87 8.37 -34.44
CA ASN TA 178 -56.46 8.31 -34.78
C ASN TA 178 -56.15 9.58 -35.53
N LYS TA 179 -55.33 10.44 -34.93
CA LYS TA 179 -55.04 11.70 -35.58
C LYS TA 179 -54.25 11.52 -36.86
N ARG TA 180 -53.45 10.47 -36.95
CA ARG TA 180 -52.57 10.28 -38.09
C ARG TA 180 -53.28 9.62 -39.26
N ASN TA 181 -54.33 8.85 -39.00
CA ASN TA 181 -55.03 8.08 -40.01
C ASN TA 181 -56.39 8.63 -40.35
N GLN TA 182 -56.79 9.76 -39.79
CA GLN TA 182 -58.11 10.32 -40.06
C GLN TA 182 -58.20 10.75 -41.51
N LEU TA 183 -59.32 10.41 -42.14
CA LEU TA 183 -59.53 10.71 -43.53
C LEU TA 183 -59.61 12.20 -43.77
N TRP TA 184 -59.09 12.62 -44.92
CA TRP TA 184 -59.28 13.96 -45.43
C TRP TA 184 -60.45 13.95 -46.37
N LEU TA 185 -61.42 14.82 -46.11
CA LEU TA 185 -62.53 15.07 -47.01
C LEU TA 185 -62.22 16.30 -47.85
N ARG TA 186 -63.00 16.46 -48.91
CA ARG TA 186 -62.91 17.63 -49.75
C ARG TA 186 -63.87 18.70 -49.26
N LEU TA 187 -63.40 19.93 -49.26
CA LEU TA 187 -64.22 21.09 -48.97
C LEU TA 187 -64.99 21.43 -50.23
N GLN TA 188 -66.20 20.89 -50.33
CA GLN TA 188 -67.04 21.10 -51.48
C GLN TA 188 -67.53 22.54 -51.51
N THR TA 189 -68.21 22.88 -52.60
CA THR TA 189 -68.71 24.24 -52.77
C THR TA 189 -70.02 24.45 -52.02
N ALA TA 190 -71.03 23.57 -52.25
CA ALA TA 190 -72.30 23.68 -51.57
C ALA TA 190 -72.91 22.33 -51.19
N GLY TA 191 -72.10 21.29 -51.03
CA GLY TA 191 -72.60 19.95 -50.83
C GLY TA 191 -71.84 19.11 -49.84
N ASN TA 192 -71.27 19.73 -48.82
CA ASN TA 192 -70.46 19.00 -47.86
C ASN TA 192 -71.29 17.99 -47.07
N VAL TA 193 -70.60 17.00 -46.55
CA VAL TA 193 -71.22 15.85 -45.89
C VAL TA 193 -71.45 16.17 -44.43
N ASP TA 194 -72.53 15.62 -43.89
CA ASP TA 194 -72.91 15.88 -42.52
C ASP TA 194 -72.09 15.04 -41.56
N HIS TA 195 -71.51 15.70 -40.58
CA HIS TA 195 -70.90 15.01 -39.45
C HIS TA 195 -71.92 14.88 -38.33
N VAL TA 196 -71.68 13.88 -37.49
CA VAL TA 196 -72.69 13.41 -36.54
C VAL TA 196 -71.98 13.07 -35.23
N GLY TA 197 -72.77 12.95 -34.16
CA GLY TA 197 -72.15 12.74 -32.87
C GLY TA 197 -72.78 13.28 -31.61
N LEU TA 198 -74.01 13.79 -31.62
CA LEU TA 198 -74.63 14.13 -30.35
C LEU TA 198 -76.14 13.95 -30.37
N GLY TA 199 -76.63 13.30 -29.33
CA GLY TA 199 -78.04 13.22 -29.07
C GLY TA 199 -78.32 13.51 -27.62
N THR TA 200 -79.49 14.10 -27.38
CA THR TA 200 -79.83 14.66 -26.07
C THR TA 200 -81.18 14.15 -25.61
N ALA TA 201 -81.40 14.27 -24.30
CA ALA TA 201 -82.69 13.98 -23.69
C ALA TA 201 -82.87 14.94 -22.53
N PHE TA 202 -83.81 15.86 -22.67
CA PHE TA 202 -84.11 16.86 -21.67
C PHE TA 202 -85.43 16.53 -20.98
N GLU TA 203 -85.42 16.66 -19.66
CA GLU TA 203 -86.62 16.42 -18.88
C GLU TA 203 -87.54 17.62 -18.97
N ASN TA 204 -88.79 17.37 -19.31
CA ASN TA 204 -89.74 18.43 -19.51
C ASN TA 204 -90.12 19.08 -18.18
N SER TA 205 -90.78 20.23 -18.28
CA SER TA 205 -91.07 21.05 -17.12
C SER TA 205 -92.33 21.86 -17.39
N ILE TA 206 -92.86 22.46 -16.31
CA ILE TA 206 -94.01 23.33 -16.44
C ILE TA 206 -93.63 24.62 -17.15
N TYR TA 207 -92.39 25.05 -17.03
CA TYR TA 207 -91.89 26.25 -17.64
C TYR TA 207 -91.06 25.91 -18.87
N ASP TA 208 -90.97 26.88 -19.77
CA ASP TA 208 -90.18 26.70 -20.98
C ASP TA 208 -88.69 26.80 -20.64
N GLN TA 209 -87.91 25.87 -21.17
CA GLN TA 209 -86.47 25.81 -20.97
C GLN TA 209 -85.78 26.17 -22.27
N GLU TA 210 -85.18 27.35 -22.33
CA GLU TA 210 -84.49 27.82 -23.51
C GLU TA 210 -82.99 27.71 -23.33
N TYR TA 211 -82.29 27.51 -24.44
CA TYR TA 211 -80.85 27.40 -24.47
C TYR TA 211 -80.30 28.08 -25.71
N ASN TA 212 -79.11 28.65 -25.58
CA ASN TA 212 -78.33 29.16 -26.69
C ASN TA 212 -77.16 28.21 -26.89
N ILE TA 213 -77.19 27.46 -27.98
CA ILE TA 213 -76.22 26.41 -28.22
C ILE TA 213 -75.13 26.96 -29.12
N ARG TA 214 -73.89 26.88 -28.66
CA ARG TA 214 -72.72 27.34 -29.38
C ARG TA 214 -71.87 26.13 -29.72
N VAL TA 215 -71.80 25.80 -31.00
CA VAL TA 215 -70.99 24.71 -31.51
C VAL TA 215 -69.70 25.31 -32.04
N THR TA 216 -68.59 24.74 -31.64
CA THR TA 216 -67.27 25.13 -32.07
C THR TA 216 -66.59 23.91 -32.67
N MET TA 217 -66.23 23.99 -33.95
CA MET TA 217 -65.52 22.92 -34.63
C MET TA 217 -64.06 23.28 -34.80
N TYR TA 218 -63.20 22.36 -34.38
CA TYR TA 218 -61.76 22.50 -34.53
C TYR TA 218 -61.34 21.70 -35.75
N VAL TA 219 -61.01 22.39 -36.82
CA VAL TA 219 -60.81 21.79 -38.13
C VAL TA 219 -59.34 21.89 -38.50
N GLN TA 220 -58.97 21.15 -39.54
CA GLN TA 220 -57.61 21.09 -40.04
C GLN TA 220 -57.71 21.02 -41.55
N PHE TA 221 -57.22 22.05 -42.21
CA PHE TA 221 -57.26 22.16 -43.66
C PHE TA 221 -55.92 21.76 -44.28
N ARG TA 222 -55.90 21.68 -45.60
CA ARG TA 222 -54.73 21.25 -46.33
C ARG TA 222 -54.80 21.81 -47.74
N GLU TA 223 -53.62 22.05 -48.31
CA GLU TA 223 -53.45 22.45 -49.71
C GLU TA 223 -54.14 23.79 -50.00
N PHE TA 224 -53.55 24.82 -49.45
CA PHE TA 224 -53.81 26.21 -49.80
C PHE TA 224 -53.91 26.37 -51.31
N ASN TA 225 -55.06 26.85 -51.78
CA ASN TA 225 -55.38 26.85 -53.20
C ASN TA 225 -55.94 28.18 -53.65
N LEU TA 226 -55.34 29.27 -53.20
CA LEU TA 226 -55.82 30.58 -53.58
C LEU TA 226 -55.59 30.80 -55.06
N LYS TA 227 -56.55 31.49 -55.70
CA LYS TA 227 -56.49 31.82 -57.11
C LYS TA 227 -56.52 33.33 -57.24
N ASP TA 228 -55.55 33.86 -57.99
CA ASP TA 228 -55.33 35.30 -58.11
C ASP TA 228 -55.36 35.69 -59.58
N PRO TA 229 -56.55 35.92 -60.13
CA PRO TA 229 -56.63 36.45 -61.47
C PRO TA 229 -56.27 37.92 -61.51
N PRO TA 230 -56.03 38.48 -62.69
CA PRO TA 230 -55.79 39.93 -62.76
C PRO TA 230 -57.06 40.73 -62.48
N LEU TA 231 -56.94 42.05 -62.56
CA LEU TA 231 -58.05 42.96 -62.28
C LEU TA 231 -58.07 44.14 -63.24
N GLY UA 43 -67.85 -16.08 -17.81
CA GLY UA 43 -68.01 -14.97 -18.73
C GLY UA 43 -68.52 -13.73 -18.06
N ILE UA 44 -67.62 -12.99 -17.44
CA ILE UA 44 -67.98 -11.86 -16.61
C ILE UA 44 -68.27 -10.65 -17.48
N PHE UA 45 -69.24 -9.85 -17.06
CA PHE UA 45 -69.56 -8.59 -17.72
C PHE UA 45 -70.08 -7.64 -16.65
N ASN UA 46 -69.24 -6.71 -16.23
CA ASN UA 46 -69.64 -5.67 -15.32
C ASN UA 46 -70.24 -4.52 -16.12
N THR UA 47 -71.45 -4.11 -15.74
CA THR UA 47 -72.11 -2.99 -16.39
C THR UA 47 -72.84 -2.16 -15.33
N ARG UA 48 -73.71 -1.28 -15.81
CA ARG UA 48 -74.38 -0.28 -15.01
C ARG UA 48 -75.79 -0.09 -15.52
N LEU UA 49 -76.76 -0.23 -14.64
CA LEU UA 49 -78.18 -0.12 -14.96
C LEU UA 49 -78.79 0.94 -14.07
N SER UA 50 -79.65 1.77 -14.66
CA SER UA 50 -80.25 2.91 -13.99
C SER UA 50 -81.76 2.88 -14.14
N ARG UA 51 -82.39 3.76 -13.37
CA ARG UA 51 -83.84 3.84 -13.23
C ARG UA 51 -84.13 5.11 -12.46
N THR UA 52 -85.21 5.79 -12.85
CA THR UA 52 -85.57 7.09 -12.28
C THR UA 52 -87.03 7.10 -11.91
N PHE UA 53 -87.33 7.69 -10.76
CA PHE UA 53 -88.70 7.77 -10.27
C PHE UA 53 -88.78 8.89 -9.26
N GLY UA 54 -90.01 9.23 -8.89
CA GLY UA 54 -90.29 10.35 -8.02
C GLY UA 54 -90.62 10.00 -6.59
N TYR UA 55 -90.41 10.96 -5.69
CA TYR UA 55 -90.77 10.86 -4.29
C TYR UA 55 -91.09 12.25 -3.79
N THR UA 56 -92.23 12.37 -3.11
CA THR UA 56 -92.70 13.65 -2.59
C THR UA 56 -93.01 13.52 -1.11
N ILE UA 57 -92.61 14.55 -0.37
CA ILE UA 57 -92.95 14.70 1.03
C ILE UA 57 -94.00 15.81 1.09
N LYS UA 58 -95.25 15.42 1.31
CA LYS UA 58 -96.34 16.36 1.31
C LYS UA 58 -96.23 17.32 2.49
N ARG UA 59 -96.90 18.46 2.35
CA ARG UA 59 -96.89 19.50 3.36
C ARG UA 59 -97.70 19.09 4.58
N THR UA 60 -97.42 19.76 5.69
CA THR UA 60 -98.13 19.55 6.95
C THR UA 60 -98.31 20.88 7.67
N THR UA 61 -99.49 21.07 8.24
CA THR UA 61 -99.77 22.22 9.09
C THR UA 61 -99.17 22.08 10.48
N VAL UA 62 -98.61 20.91 10.81
CA VAL UA 62 -98.01 20.70 12.13
C VAL UA 62 -96.89 21.71 12.36
N LYS UA 63 -96.86 22.27 13.56
CA LYS UA 63 -95.87 23.29 13.89
C LYS UA 63 -94.55 22.68 14.32
N THR UA 64 -94.58 21.57 15.04
CA THR UA 64 -93.40 20.96 15.57
C THR UA 64 -92.48 20.47 14.45
N PRO UA 65 -91.22 20.18 14.77
CA PRO UA 65 -90.37 19.45 13.82
C PRO UA 65 -90.71 17.99 13.83
N SER UA 66 -91.38 17.52 12.79
CA SER UA 66 -91.69 16.13 12.59
C SER UA 66 -91.00 15.62 11.34
N TRP UA 67 -90.78 14.32 11.29
CA TRP UA 67 -90.10 13.67 10.18
C TRP UA 67 -91.00 12.65 9.50
N ALA UA 68 -90.77 12.51 8.21
CA ALA UA 68 -91.48 11.56 7.37
C ALA UA 68 -90.55 10.41 7.04
N VAL UA 69 -90.94 9.22 7.41
CA VAL UA 69 -90.12 8.03 7.28
C VAL UA 69 -90.62 7.21 6.11
N ASP UA 70 -89.69 6.63 5.36
CA ASP UA 70 -90.02 5.76 4.25
C ASP UA 70 -88.85 4.83 4.00
N MET UA 71 -89.11 3.82 3.18
CA MET UA 71 -88.17 2.76 2.88
C MET UA 71 -87.86 2.73 1.40
N MET UA 72 -86.84 1.97 1.05
CA MET UA 72 -86.38 1.87 -0.34
C MET UA 72 -85.71 0.51 -0.55
N ARG UA 73 -86.33 -0.32 -1.37
CA ARG UA 73 -85.78 -1.60 -1.79
C ARG UA 73 -85.33 -1.50 -3.24
N PHE UA 74 -84.57 -2.50 -3.67
CA PHE UA 74 -84.01 -2.56 -5.02
C PHE UA 74 -84.22 -3.95 -5.59
N ASN UA 75 -84.86 -4.03 -6.74
CA ASN UA 75 -85.04 -5.27 -7.48
C ASN UA 75 -84.57 -5.07 -8.91
N ILE UA 76 -84.06 -6.15 -9.49
CA ILE UA 76 -83.49 -6.10 -10.83
C ILE UA 76 -84.53 -6.14 -11.92
N ASN UA 77 -85.78 -6.50 -11.61
CA ASN UA 77 -86.82 -6.45 -12.61
C ASN UA 77 -87.12 -5.03 -13.04
N ASP UA 78 -86.94 -4.07 -12.14
CA ASP UA 78 -87.20 -2.68 -12.43
C ASP UA 78 -86.10 -2.04 -13.25
N PHE UA 79 -84.94 -2.68 -13.38
CA PHE UA 79 -83.82 -2.19 -14.17
C PHE UA 79 -83.61 -2.98 -15.45
N LEU UA 80 -83.92 -4.27 -15.44
CA LEU UA 80 -83.70 -5.17 -16.57
C LEU UA 80 -85.04 -5.64 -17.11
N PRO UA 81 -85.47 -5.24 -18.30
CA PRO UA 81 -86.76 -5.65 -18.78
C PRO UA 81 -86.75 -7.09 -19.26
N PRO UA 82 -87.91 -7.65 -19.55
CA PRO UA 82 -87.94 -8.97 -20.18
C PRO UA 82 -87.48 -8.91 -21.61
N GLY UA 83 -86.85 -9.99 -22.05
CA GLY UA 83 -86.33 -10.06 -23.39
C GLY UA 83 -87.38 -10.46 -24.41
N GLY UA 84 -86.97 -11.28 -25.36
CA GLY UA 84 -87.87 -11.75 -26.39
C GLY UA 84 -87.40 -13.04 -27.01
N GLY UA 85 -88.32 -13.99 -27.14
CA GLY UA 85 -88.00 -15.26 -27.75
C GLY UA 85 -87.41 -16.25 -26.77
N SER UA 86 -86.42 -17.01 -27.24
CA SER UA 86 -85.78 -18.01 -26.40
C SER UA 86 -84.94 -17.39 -25.30
N ASN UA 87 -84.61 -16.11 -25.40
CA ASN UA 87 -83.89 -15.41 -24.35
C ASN UA 87 -84.89 -14.71 -23.44
N PRO UA 88 -85.09 -15.17 -22.20
CA PRO UA 88 -86.16 -14.58 -21.39
C PRO UA 88 -85.87 -13.17 -20.93
N ARG UA 89 -84.60 -12.76 -20.88
CA ARG UA 89 -84.20 -11.44 -20.43
C ARG UA 89 -83.41 -10.74 -21.53
N SER UA 90 -83.31 -9.42 -21.38
CA SER UA 90 -82.72 -8.59 -22.41
C SER UA 90 -81.20 -8.61 -22.36
N VAL UA 91 -80.62 -8.91 -21.20
CA VAL UA 91 -79.17 -9.10 -21.04
C VAL UA 91 -78.93 -10.60 -21.00
N PRO UA 92 -78.30 -11.20 -22.01
CA PRO UA 92 -78.26 -12.66 -22.07
C PRO UA 92 -77.19 -13.29 -21.17
N PHE UA 93 -77.52 -13.36 -19.89
CA PHE UA 93 -76.67 -13.99 -18.90
C PHE UA 93 -77.54 -14.78 -17.94
N GLU UA 94 -76.90 -15.72 -17.24
CA GLU UA 94 -77.57 -16.62 -16.32
C GLU UA 94 -77.57 -16.11 -14.89
N TYR UA 95 -76.40 -15.73 -14.39
CA TYR UA 95 -76.21 -15.38 -12.99
C TYR UA 95 -75.91 -13.89 -12.87
N TYR UA 96 -76.10 -13.38 -11.66
CA TYR UA 96 -75.81 -11.99 -11.38
C TYR UA 96 -75.51 -11.83 -9.90
N ARG UA 97 -74.90 -10.71 -9.58
CA ARG UA 97 -74.73 -10.30 -8.19
C ARG UA 97 -74.50 -8.80 -8.18
N ILE UA 98 -75.28 -8.09 -7.36
CA ILE UA 98 -75.22 -6.65 -7.32
C ILE UA 98 -74.05 -6.23 -6.44
N ARG UA 99 -73.15 -5.45 -7.03
CA ARG UA 99 -71.93 -5.00 -6.37
C ARG UA 99 -72.15 -3.74 -5.56
N LYS UA 100 -72.79 -2.74 -6.16
CA LYS UA 100 -73.00 -1.45 -5.54
C LYS UA 100 -74.31 -0.87 -6.05
N VAL UA 101 -74.84 0.09 -5.28
CA VAL UA 101 -75.96 0.90 -5.70
C VAL UA 101 -75.66 2.34 -5.35
N LYS UA 102 -76.08 3.24 -6.22
CA LYS UA 102 -75.96 4.68 -6.04
C LYS UA 102 -77.35 5.26 -6.10
N VAL UA 103 -77.86 5.68 -4.96
CA VAL UA 103 -79.13 6.38 -4.87
C VAL UA 103 -78.85 7.86 -4.85
N GLU UA 104 -79.46 8.59 -5.79
CA GLU UA 104 -79.27 10.02 -5.94
C GLU UA 104 -80.62 10.69 -5.77
N PHE UA 105 -80.73 11.55 -4.77
CA PHE UA 105 -81.90 12.40 -4.57
C PHE UA 105 -81.63 13.70 -5.29
N TRP UA 106 -82.16 13.81 -6.49
CA TRP UA 106 -82.05 15.04 -7.25
C TRP UA 106 -83.23 15.94 -6.90
N PRO UA 107 -83.00 17.14 -6.36
CA PRO UA 107 -84.13 17.96 -5.93
C PRO UA 107 -84.93 18.49 -7.09
N CYS UA 108 -86.18 18.80 -6.79
CA CYS UA 108 -87.11 19.43 -7.71
C CYS UA 108 -87.51 20.82 -7.28
N SER UA 109 -86.97 21.31 -6.18
CA SER UA 109 -87.41 22.52 -5.53
C SER UA 109 -86.42 23.65 -5.76
N PRO UA 110 -86.87 24.89 -5.81
CA PRO UA 110 -85.95 25.99 -6.07
C PRO UA 110 -85.07 26.29 -4.87
N ILE UA 111 -83.96 26.97 -5.15
CA ILE UA 111 -83.05 27.36 -4.08
C ILE UA 111 -83.58 28.50 -3.24
N THR UA 112 -84.70 29.09 -3.60
CA THR UA 112 -85.34 30.12 -2.82
C THR UA 112 -86.38 29.58 -1.83
N GLN UA 113 -86.58 28.27 -1.78
CA GLN UA 113 -87.61 27.71 -0.93
C GLN UA 113 -87.16 27.74 0.51
N GLY UA 114 -88.05 28.19 1.39
CA GLY UA 114 -87.77 28.29 2.80
C GLY UA 114 -88.30 27.12 3.58
N ASP UA 115 -88.37 27.31 4.89
CA ASP UA 115 -88.77 26.26 5.82
C ASP UA 115 -87.87 25.03 5.66
N ARG UA 116 -86.58 25.29 5.53
CA ARG UA 116 -85.61 24.25 5.33
C ARG UA 116 -85.55 23.32 6.53
N GLY UA 117 -84.91 22.18 6.34
CA GLY UA 117 -84.89 21.14 7.33
C GLY UA 117 -83.64 20.29 7.26
N VAL UA 118 -83.62 19.24 8.08
CA VAL UA 118 -82.45 18.37 8.16
C VAL UA 118 -82.94 16.97 8.48
N GLY UA 119 -82.49 16.01 7.67
CA GLY UA 119 -82.90 14.63 7.78
C GLY UA 119 -81.74 13.68 7.83
N SER UA 120 -82.02 12.41 7.56
CA SER UA 120 -81.02 11.36 7.70
C SER UA 120 -81.36 10.21 6.77
N SER UA 121 -80.33 9.63 6.17
CA SER UA 121 -80.43 8.44 5.36
C SER UA 121 -79.49 7.39 5.92
N ALA UA 122 -80.01 6.18 6.15
CA ALA UA 122 -79.25 5.09 6.72
C ALA UA 122 -79.39 3.85 5.85
N VAL UA 123 -78.45 2.94 6.05
CA VAL UA 123 -78.34 1.71 5.28
C VAL UA 123 -78.86 0.56 6.10
N ILE UA 124 -79.88 -0.12 5.59
CA ILE UA 124 -80.64 -1.13 6.32
C ILE UA 124 -80.65 -2.39 5.49
N LEU UA 125 -79.78 -3.33 5.82
CA LEU UA 125 -79.50 -4.48 4.99
C LEU UA 125 -80.31 -5.73 5.37
N ASP UA 126 -81.51 -5.58 5.96
CA ASP UA 126 -82.20 -6.72 6.54
C ASP UA 126 -83.72 -6.73 6.39
N ASP UA 127 -84.32 -5.77 5.71
CA ASP UA 127 -85.74 -5.80 5.41
C ASP UA 127 -86.59 -5.61 6.65
N ASN UA 128 -86.06 -4.93 7.66
CA ASN UA 128 -86.83 -4.51 8.83
C ASN UA 128 -86.50 -3.04 9.02
N PHE UA 129 -87.31 -2.21 8.39
CA PHE UA 129 -87.19 -0.77 8.44
C PHE UA 129 -88.01 -0.22 9.60
N VAL UA 130 -87.70 1.02 9.97
CA VAL UA 130 -88.60 1.77 10.83
C VAL UA 130 -89.91 1.92 10.10
N THR UA 131 -91.00 1.82 10.85
CA THR UA 131 -92.33 1.85 10.25
C THR UA 131 -92.54 3.16 9.51
N LYS UA 132 -93.21 3.07 8.36
CA LYS UA 132 -93.51 4.25 7.57
C LYS UA 132 -94.42 5.19 8.36
N ALA UA 133 -94.00 6.44 8.43
CA ALA UA 133 -94.69 7.45 9.21
C ALA UA 133 -94.79 8.73 8.40
N THR UA 134 -95.86 9.48 8.66
CA THR UA 134 -96.09 10.76 8.00
C THR UA 134 -95.46 11.90 8.78
N ALA UA 135 -95.73 11.96 10.10
CA ALA UA 135 -95.17 13.02 10.95
C ALA UA 135 -94.79 12.36 12.28
N LEU UA 136 -93.55 11.87 12.34
CA LEU UA 136 -92.99 11.31 13.55
C LEU UA 136 -92.20 12.37 14.30
N THR UA 137 -92.27 12.34 15.61
CA THR UA 137 -91.74 13.38 16.47
C THR UA 137 -90.22 13.36 16.61
N TYR UA 138 -89.52 12.52 15.86
CA TYR UA 138 -88.07 12.43 15.97
C TYR UA 138 -87.54 11.79 14.70
N ASP UA 139 -86.23 11.89 14.53
CA ASP UA 139 -85.53 11.28 13.41
C ASP UA 139 -85.00 9.93 13.86
N PRO UA 140 -85.58 8.81 13.43
CA PRO UA 140 -85.11 7.53 13.95
C PRO UA 140 -83.74 7.15 13.44
N TYR UA 141 -83.39 7.56 12.23
CA TYR UA 141 -82.14 7.17 11.59
C TYR UA 141 -80.99 8.09 11.95
N VAL UA 142 -81.12 8.89 12.99
CA VAL UA 142 -80.12 9.92 13.27
C VAL UA 142 -78.92 9.32 13.98
N ASN UA 143 -79.14 8.39 14.90
CA ASN UA 143 -78.06 7.80 15.67
C ASN UA 143 -77.49 6.56 15.01
N TYR UA 144 -77.94 6.22 13.81
CA TYR UA 144 -77.40 5.08 13.10
C TYR UA 144 -75.97 5.35 12.66
N SER UA 145 -75.16 4.30 12.71
CA SER UA 145 -73.77 4.40 12.32
C SER UA 145 -73.60 4.73 10.84
N SER UA 146 -74.60 4.43 10.02
CA SER UA 146 -74.57 4.71 8.60
C SER UA 146 -75.39 5.93 8.23
N ARG UA 147 -75.60 6.84 9.17
CA ARG UA 147 -76.39 8.02 8.90
C ARG UA 147 -75.57 9.05 8.16
N HIS UA 148 -76.14 9.57 7.09
CA HIS UA 148 -75.66 10.75 6.41
C HIS UA 148 -76.75 11.80 6.51
N THR UA 149 -76.36 13.03 6.76
CA THR UA 149 -77.31 14.12 6.88
C THR UA 149 -77.88 14.49 5.53
N ILE UA 150 -79.19 14.68 5.50
CA ILE UA 150 -79.90 15.18 4.32
C ILE UA 150 -80.23 16.63 4.61
N THR UA 151 -79.57 17.53 3.91
CA THR UA 151 -80.02 18.90 3.85
C THR UA 151 -81.19 19.00 2.88
N GLN UA 152 -82.22 19.72 3.28
CA GLN UA 152 -83.46 19.85 2.54
C GLN UA 152 -83.74 21.32 2.27
N PRO UA 153 -84.55 21.62 1.25
CA PRO UA 153 -85.16 20.81 0.21
C PRO UA 153 -84.43 20.79 -1.12
N PHE UA 154 -83.50 21.73 -1.30
CA PHE UA 154 -82.91 22.00 -2.61
C PHE UA 154 -81.49 21.50 -2.72
N SER UA 155 -81.16 20.45 -2.00
CA SER UA 155 -79.80 19.95 -1.93
C SER UA 155 -79.74 18.51 -2.37
N TYR UA 156 -78.65 18.16 -3.03
CA TYR UA 156 -78.41 16.84 -3.56
C TYR UA 156 -77.85 15.92 -2.49
N HIS UA 157 -78.32 14.68 -2.50
CA HIS UA 157 -77.93 13.67 -1.54
C HIS UA 157 -77.65 12.38 -2.30
N SER UA 158 -76.44 11.85 -2.15
CA SER UA 158 -76.04 10.59 -2.74
C SER UA 158 -75.67 9.61 -1.64
N ARG UA 159 -75.92 8.33 -1.92
CA ARG UA 159 -75.52 7.24 -1.04
C ARG UA 159 -75.01 6.11 -1.94
N TYR UA 160 -73.81 5.65 -1.67
CA TYR UA 160 -73.12 4.63 -2.45
C TYR UA 160 -72.73 3.50 -1.51
N PHE UA 161 -73.32 2.34 -1.72
CA PHE UA 161 -73.16 1.24 -0.79
C PHE UA 161 -73.39 -0.08 -1.52
N THR UA 162 -73.18 -1.16 -0.80
CA THR UA 162 -73.32 -2.52 -1.30
C THR UA 162 -74.57 -3.15 -0.69
N PRO UA 163 -75.63 -3.40 -1.46
CA PRO UA 163 -76.82 -4.00 -0.86
C PRO UA 163 -76.66 -5.47 -0.58
N LYS UA 164 -77.69 -6.07 0.00
CA LYS UA 164 -77.70 -7.47 0.33
C LYS UA 164 -79.05 -8.05 -0.07
N PRO UA 165 -79.10 -9.30 -0.53
CA PRO UA 165 -80.38 -9.88 -0.90
C PRO UA 165 -81.12 -10.48 0.28
N VAL UA 166 -82.44 -10.58 0.10
CA VAL UA 166 -83.34 -11.11 1.11
C VAL UA 166 -83.47 -12.60 0.84
N LEU UA 167 -82.57 -13.37 1.43
CA LEU UA 167 -82.57 -14.82 1.28
C LEU UA 167 -83.58 -15.47 2.20
N ASP UA 168 -83.62 -15.04 3.46
CA ASP UA 168 -84.62 -15.52 4.42
C ASP UA 168 -85.06 -14.33 5.24
N SER UA 169 -86.30 -13.90 5.03
CA SER UA 169 -86.85 -12.77 5.77
C SER UA 169 -87.15 -13.13 7.22
N THR UA 170 -87.24 -14.41 7.55
CA THR UA 170 -87.50 -14.82 8.92
C THR UA 170 -86.28 -14.66 9.80
N ILE UA 171 -85.10 -14.99 9.27
CA ILE UA 171 -83.86 -14.97 10.02
C ILE UA 171 -83.09 -13.69 9.69
N ASP UA 172 -83.19 -13.26 8.44
CA ASP UA 172 -82.57 -12.02 7.97
C ASP UA 172 -81.06 -12.06 8.17
N TYR UA 173 -80.42 -12.97 7.44
CA TYR UA 173 -78.98 -13.12 7.45
C TYR UA 173 -78.38 -12.57 6.16
N PHE UA 174 -77.18 -12.02 6.27
CA PHE UA 174 -76.50 -11.47 5.12
C PHE UA 174 -75.00 -11.61 5.31
N GLN UA 175 -74.32 -11.46 4.25
CA GLN UA 175 -72.88 -11.60 4.18
C GLN UA 175 -72.18 -10.27 4.39
N PRO UA 176 -70.98 -10.27 4.95
CA PRO UA 176 -70.19 -9.04 4.92
C PRO UA 176 -69.62 -8.76 3.55
N ASN UA 177 -69.01 -7.60 3.40
CA ASN UA 177 -68.52 -7.17 2.10
C ASN UA 177 -67.27 -7.94 1.74
N ASN UA 178 -67.36 -8.70 0.65
CA ASN UA 178 -66.22 -9.45 0.13
C ASN UA 178 -66.49 -9.66 -1.35
N LYS UA 179 -65.68 -9.04 -2.19
CA LYS UA 179 -65.93 -9.16 -3.61
C LYS UA 179 -65.71 -10.58 -4.11
N ARG UA 180 -64.82 -11.32 -3.47
CA ARG UA 180 -64.47 -12.66 -3.95
C ARG UA 180 -65.45 -13.71 -3.49
N ASN UA 181 -66.14 -13.49 -2.38
CA ASN UA 181 -67.02 -14.46 -1.77
C ASN UA 181 -68.49 -14.12 -1.93
N GLN UA 182 -68.83 -13.05 -2.61
CA GLN UA 182 -70.23 -12.65 -2.77
C GLN UA 182 -70.98 -13.69 -3.57
N LEU UA 183 -72.17 -14.03 -3.10
CA LEU UA 183 -72.98 -15.04 -3.72
C LEU UA 183 -73.44 -14.60 -5.10
N TRP UA 184 -73.52 -15.57 -6.00
CA TRP UA 184 -74.15 -15.40 -7.30
C TRP UA 184 -75.58 -15.85 -7.20
N LEU UA 185 -76.50 -14.98 -7.56
CA LEU UA 185 -77.90 -15.31 -7.70
C LEU UA 185 -78.20 -15.62 -9.16
N ARG UA 186 -79.35 -16.23 -9.37
CA ARG UA 186 -79.85 -16.49 -10.72
C ARG UA 186 -80.71 -15.33 -11.18
N LEU UA 187 -80.52 -14.97 -12.43
CA LEU UA 187 -81.36 -13.99 -13.11
C LEU UA 187 -82.62 -14.70 -13.56
N GLN UA 188 -83.63 -14.65 -12.70
CA GLN UA 188 -84.90 -15.29 -12.96
C GLN UA 188 -85.63 -14.56 -14.10
N THR UA 189 -86.73 -15.16 -14.52
CA THR UA 189 -87.51 -14.58 -15.61
C THR UA 189 -88.42 -13.46 -15.12
N ALA UA 190 -89.24 -13.73 -14.09
CA ALA UA 190 -90.13 -12.70 -13.55
C ALA UA 190 -90.26 -12.75 -12.03
N GLY UA 191 -89.26 -13.29 -11.33
CA GLY UA 191 -89.39 -13.52 -9.90
C GLY UA 191 -88.14 -13.26 -9.09
N ASN UA 192 -87.34 -12.29 -9.51
CA ASN UA 192 -86.08 -12.01 -8.84
C ASN UA 192 -86.31 -11.50 -7.42
N VAL UA 193 -85.29 -11.67 -6.60
CA VAL UA 193 -85.37 -11.40 -5.17
C VAL UA 193 -85.04 -9.94 -4.92
N ASP UA 194 -85.67 -9.38 -3.90
CA ASP UA 194 -85.51 -7.97 -3.58
C ASP UA 194 -84.23 -7.76 -2.80
N HIS UA 195 -83.43 -6.82 -3.27
CA HIS UA 195 -82.30 -6.31 -2.51
C HIS UA 195 -82.73 -5.10 -1.70
N VAL UA 196 -81.99 -4.85 -0.64
CA VAL UA 196 -82.40 -3.94 0.40
C VAL UA 196 -81.18 -3.17 0.89
N GLY UA 197 -81.43 -2.07 1.59
CA GLY UA 197 -80.32 -1.23 1.99
C GLY UA 197 -80.46 0.27 2.10
N LEU UA 198 -81.66 0.84 2.04
CA LEU UA 198 -81.77 2.26 2.36
C LEU UA 198 -83.09 2.63 3.01
N GLY UA 199 -82.98 3.41 4.07
CA GLY UA 199 -84.12 4.02 4.69
C GLY UA 199 -83.85 5.48 4.99
N THR UA 200 -84.89 6.29 4.90
CA THR UA 200 -84.77 7.73 4.94
C THR UA 200 -85.70 8.32 5.99
N ALA UA 201 -85.38 9.56 6.36
CA ALA UA 201 -86.22 10.36 7.24
C ALA UA 201 -86.10 11.80 6.81
N PHE UA 202 -87.18 12.35 6.26
CA PHE UA 202 -87.23 13.72 5.77
C PHE UA 202 -88.06 14.57 6.71
N GLU UA 203 -87.54 15.76 7.02
CA GLU UA 203 -88.24 16.70 7.87
C GLU UA 203 -89.34 17.39 7.07
N ASN UA 204 -90.54 17.37 7.61
CA ASN UA 204 -91.68 17.93 6.92
C ASN UA 204 -91.59 19.44 6.88
N SER UA 205 -92.44 20.04 6.05
CA SER UA 205 -92.40 21.46 5.77
C SER UA 205 -93.78 21.95 5.38
N ILE UA 206 -93.93 23.28 5.36
CA ILE UA 206 -95.18 23.89 4.93
C ILE UA 206 -95.37 23.69 3.43
N TYR UA 207 -94.29 23.60 2.68
CA TYR UA 207 -94.32 23.42 1.24
C TYR UA 207 -94.02 21.97 0.89
N ASP UA 208 -94.50 21.56 -0.28
CA ASP UA 208 -94.23 20.22 -0.76
C ASP UA 208 -92.79 20.10 -1.24
N GLN UA 209 -92.12 19.03 -0.83
CA GLN UA 209 -90.74 18.74 -1.19
C GLN UA 209 -90.73 17.55 -2.15
N GLU UA 210 -90.44 17.82 -3.42
CA GLU UA 210 -90.39 16.78 -4.44
C GLU UA 210 -88.95 16.44 -4.78
N TYR UA 211 -88.75 15.19 -5.18
CA TYR UA 211 -87.44 14.68 -5.56
C TYR UA 211 -87.60 13.74 -6.74
N ASN UA 212 -86.58 13.73 -7.59
CA ASN UA 212 -86.44 12.75 -8.66
C ASN UA 212 -85.30 11.83 -8.27
N ILE UA 213 -85.62 10.60 -7.93
CA ILE UA 213 -84.65 9.67 -7.39
C ILE UA 213 -84.15 8.78 -8.52
N ARG UA 214 -82.83 8.78 -8.71
CA ARG UA 214 -82.16 7.99 -9.74
C ARG UA 214 -81.32 6.94 -9.05
N VAL UA 215 -81.73 5.68 -9.18
CA VAL UA 215 -81.00 4.54 -8.65
C VAL UA 215 -80.17 3.94 -9.77
N THR UA 216 -78.90 3.72 -9.49
CA THR UA 216 -77.97 3.11 -10.42
C THR UA 216 -77.38 1.89 -9.74
N MET UA 217 -77.60 0.72 -10.33
CA MET UA 217 -77.04 -0.53 -9.83
C MET UA 217 -75.86 -0.97 -10.68
N TYR UA 218 -74.76 -1.24 -10.02
CA TYR UA 218 -73.55 -1.76 -10.66
C TYR UA 218 -73.52 -3.26 -10.47
N VAL UA 219 -73.80 -3.99 -11.54
CA VAL UA 219 -74.03 -5.42 -11.48
C VAL UA 219 -72.89 -6.15 -12.17
N GLN UA 220 -72.85 -7.45 -11.96
CA GLN UA 220 -71.81 -8.33 -12.51
C GLN UA 220 -72.51 -9.62 -12.89
N PHE UA 221 -72.52 -9.91 -14.17
CA PHE UA 221 -73.18 -11.09 -14.72
C PHE UA 221 -72.16 -12.18 -14.99
N ARG UA 222 -72.67 -13.37 -15.35
CA ARG UA 222 -71.83 -14.53 -15.57
C ARG UA 222 -72.57 -15.50 -16.48
N GLU UA 223 -71.80 -16.23 -17.28
CA GLU UA 223 -72.29 -17.32 -18.11
C GLU UA 223 -73.29 -16.81 -19.17
N PHE UA 224 -72.71 -16.08 -20.12
CA PHE UA 224 -73.36 -15.74 -21.38
C PHE UA 224 -74.10 -16.93 -21.95
N ASN UA 225 -75.40 -16.79 -22.15
CA ASN UA 225 -76.27 -17.91 -22.49
C ASN UA 225 -77.21 -17.58 -23.63
N LEU UA 226 -76.69 -16.91 -24.65
CA LEU UA 226 -77.53 -16.57 -25.78
C LEU UA 226 -77.97 -17.81 -26.52
N LYS UA 227 -79.21 -17.78 -27.01
CA LYS UA 227 -79.79 -18.87 -27.77
C LYS UA 227 -80.16 -18.37 -29.15
N ASP UA 228 -79.70 -19.08 -30.18
CA ASP UA 228 -79.82 -18.65 -31.57
C ASP UA 228 -80.53 -19.74 -32.36
N PRO UA 229 -81.86 -19.76 -32.35
CA PRO UA 229 -82.58 -20.66 -33.21
C PRO UA 229 -82.55 -20.19 -34.65
N PRO UA 230 -82.91 -21.05 -35.60
CA PRO UA 230 -83.02 -20.59 -36.99
C PRO UA 230 -84.18 -19.63 -37.19
N LEU UA 231 -84.36 -19.19 -38.44
CA LEU UA 231 -85.40 -18.23 -38.78
C LEU UA 231 -86.03 -18.57 -40.14
N GLY VA 43 -65.01 -1.40 31.29
CA GLY VA 43 -65.71 -1.70 30.04
C GLY VA 43 -66.14 -0.46 29.30
N ILE VA 44 -65.20 0.11 28.56
CA ILE VA 44 -65.40 1.39 27.92
C ILE VA 44 -66.22 1.22 26.65
N PHE VA 45 -67.06 2.20 26.37
CA PHE VA 45 -67.84 2.24 25.14
C PHE VA 45 -68.05 3.71 24.79
N ASN VA 46 -67.28 4.18 23.83
CA ASN VA 46 -67.47 5.52 23.29
C ASN VA 46 -68.53 5.48 22.20
N THR VA 47 -69.54 6.34 22.33
CA THR VA 47 -70.59 6.44 21.34
C THR VA 47 -70.98 7.90 21.15
N ARG VA 48 -72.10 8.10 20.48
CA ARG VA 48 -72.56 9.42 20.05
C ARG VA 48 -74.07 9.46 20.16
N LEU VA 49 -74.57 10.47 20.87
CA LEU VA 49 -75.99 10.66 21.10
C LEU VA 49 -76.39 12.04 20.64
N SER VA 50 -77.53 12.13 19.97
CA SER VA 50 -78.01 13.34 19.35
C SER VA 50 -79.43 13.66 19.80
N ARG VA 51 -79.85 14.87 19.46
CA ARG VA 51 -81.10 15.46 19.88
C ARG VA 51 -81.29 16.74 19.08
N THR VA 52 -82.53 17.00 18.67
CA THR VA 52 -82.85 18.11 17.80
C THR VA 52 -84.04 18.88 18.37
N PHE VA 53 -83.95 20.20 18.30
CA PHE VA 53 -84.99 21.08 18.81
C PHE VA 53 -84.87 22.43 18.14
N GLY VA 54 -85.89 23.26 18.35
CA GLY VA 54 -85.99 24.54 17.70
C GLY VA 54 -85.67 25.74 18.57
N TYR VA 55 -85.29 26.84 17.92
CA TYR VA 55 -85.03 28.11 18.56
C TYR VA 55 -85.37 29.21 17.58
N THR VA 56 -86.15 30.19 18.03
CA THR VA 56 -86.59 31.29 17.20
C THR VA 56 -86.25 32.61 17.87
N ILE VA 57 -85.79 33.56 17.06
CA ILE VA 57 -85.56 34.93 17.47
C ILE VA 57 -86.68 35.74 16.83
N LYS VA 58 -87.65 36.14 17.64
CA LYS VA 58 -88.81 36.87 17.15
C LYS VA 58 -88.41 38.24 16.61
N ARG VA 59 -89.27 38.78 15.76
CA ARG VA 59 -89.04 40.07 15.14
C ARG VA 59 -89.21 41.20 16.15
N THR VA 60 -88.64 42.35 15.80
CA THR VA 60 -88.74 43.55 16.61
C THR VA 60 -88.85 44.77 15.70
N THR VA 61 -89.72 45.70 16.08
CA THR VA 61 -89.84 46.98 15.40
C THR VA 61 -88.73 47.95 15.78
N VAL VA 62 -87.88 47.59 16.75
CA VAL VA 62 -86.79 48.46 17.16
C VAL VA 62 -85.86 48.73 16.00
N LYS VA 63 -85.45 49.99 15.85
CA LYS VA 63 -84.61 50.39 14.73
C LYS VA 63 -83.14 50.12 14.99
N THR VA 64 -82.70 50.28 16.23
CA THR VA 64 -81.30 50.13 16.57
C THR VA 64 -80.83 48.71 16.37
N PRO VA 65 -79.52 48.48 16.33
CA PRO VA 65 -79.01 47.11 16.42
C PRO VA 65 -79.04 46.63 17.85
N SER VA 66 -79.98 45.74 18.14
CA SER VA 66 -80.09 45.10 19.43
C SER VA 66 -79.88 43.60 19.28
N TRP VA 67 -79.47 42.97 20.36
CA TRP VA 67 -79.18 41.54 20.37
C TRP VA 67 -80.08 40.80 21.36
N ALA VA 68 -80.37 39.57 21.01
CA ALA VA 68 -81.18 38.67 21.82
C ALA VA 68 -80.26 37.63 22.45
N VAL VA 69 -80.26 37.59 23.76
CA VAL VA 69 -79.36 36.74 24.53
C VAL VA 69 -80.13 35.56 25.06
N ASP VA 70 -79.49 34.39 25.05
CA ASP VA 70 -80.08 33.18 25.57
C ASP VA 70 -78.96 32.23 25.96
N MET VA 71 -79.34 31.20 26.69
CA MET VA 71 -78.42 30.22 27.26
C MET VA 71 -78.73 28.84 26.72
N MET VA 72 -77.80 27.91 26.97
CA MET VA 72 -77.93 26.54 26.49
C MET VA 72 -77.18 25.61 27.43
N ARG VA 73 -77.91 24.75 28.11
CA ARG VA 73 -77.37 23.70 28.95
C ARG VA 73 -77.54 22.35 28.27
N PHE VA 74 -76.86 21.35 28.79
CA PHE VA 74 -76.88 20.00 28.24
C PHE VA 74 -77.04 19.00 29.38
N ASN VA 75 -78.07 18.17 29.28
CA ASN VA 75 -78.30 17.08 30.23
C ASN VA 75 -78.47 15.78 29.45
N ILE VA 76 -78.06 14.69 30.08
CA ILE VA 76 -78.08 13.38 29.43
C ILE VA 76 -79.46 12.73 29.45
N ASN VA 77 -80.39 13.23 30.26
CA ASN VA 77 -81.74 12.70 30.23
C ASN VA 77 -82.42 13.00 28.92
N ASP VA 78 -82.07 14.11 28.29
CA ASP VA 78 -82.66 14.51 27.02
C ASP VA 78 -82.11 13.73 25.85
N PHE VA 79 -81.01 13.01 26.03
CA PHE VA 79 -80.40 12.19 24.99
C PHE VA 79 -80.58 10.70 25.22
N LEU VA 80 -80.63 10.28 26.47
CA LEU VA 80 -80.72 8.88 26.86
C LEU VA 80 -82.06 8.61 27.53
N PRO VA 81 -82.99 7.88 26.93
CA PRO VA 81 -84.28 7.69 27.57
C PRO VA 81 -84.20 6.69 28.69
N PRO VA 82 -85.26 6.55 29.47
CA PRO VA 82 -85.30 5.49 30.47
C PRO VA 82 -85.46 4.13 29.82
N GLY VA 83 -84.89 3.13 30.46
CA GLY VA 83 -84.94 1.79 29.93
C GLY VA 83 -86.20 1.06 30.30
N GLY VA 84 -86.08 -0.21 30.61
CA GLY VA 84 -87.21 -1.02 30.99
C GLY VA 84 -86.81 -2.23 31.80
N GLY VA 85 -87.52 -2.45 32.89
CA GLY VA 85 -87.25 -3.58 33.75
C GLY VA 85 -86.16 -3.32 34.75
N SER VA 86 -85.32 -4.33 34.97
CA SER VA 86 -84.24 -4.21 35.94
C SER VA 86 -83.15 -3.26 35.47
N ASN VA 87 -83.12 -2.93 34.18
CA ASN VA 87 -82.17 -1.95 33.66
C ASN VA 87 -82.84 -0.59 33.64
N PRO VA 88 -82.44 0.36 34.49
CA PRO VA 88 -83.19 1.62 34.56
C PRO VA 88 -82.99 2.51 33.34
N ARG VA 89 -81.91 2.34 32.61
CA ARG VA 89 -81.59 3.14 31.43
C ARG VA 89 -81.45 2.24 30.20
N SER VA 90 -81.53 2.87 29.04
CA SER VA 90 -81.54 2.14 27.79
C SER VA 90 -80.16 1.72 27.34
N VAL VA 91 -79.13 2.43 27.79
CA VAL VA 91 -77.74 2.06 27.56
C VAL VA 91 -77.22 1.40 28.85
N PRO VA 92 -76.96 0.10 28.87
CA PRO VA 92 -76.68 -0.56 30.15
C PRO VA 92 -75.26 -0.36 30.65
N PHE VA 93 -75.02 0.82 31.23
CA PHE VA 93 -73.76 1.16 31.83
C PHE VA 93 -74.02 1.92 33.12
N GLU VA 94 -73.00 1.96 33.97
CA GLU VA 94 -73.08 2.59 35.28
C GLU VA 94 -72.60 4.03 35.27
N TYR VA 95 -71.42 4.26 34.73
CA TYR VA 95 -70.76 5.55 34.79
C TYR VA 95 -70.70 6.18 33.40
N TYR VA 96 -70.48 7.48 33.38
CA TYR VA 96 -70.35 8.20 32.13
C TYR VA 96 -69.52 9.45 32.36
N ARG VA 97 -69.04 10.01 31.26
CA ARG VA 97 -68.41 11.32 31.27
C ARG VA 97 -68.47 11.87 29.87
N ILE VA 98 -68.95 13.09 29.74
CA ILE VA 98 -69.15 13.71 28.43
C ILE VA 98 -67.82 14.27 27.96
N ARG VA 99 -67.37 13.82 26.80
CA ARG VA 99 -66.10 14.21 26.23
C ARG VA 99 -66.20 15.48 25.42
N LYS VA 100 -67.19 15.56 24.53
CA LYS VA 100 -67.36 16.70 23.63
C LYS VA 100 -68.84 16.87 23.37
N VAL VA 101 -69.18 18.08 22.91
CA VAL VA 101 -70.51 18.40 22.42
C VAL VA 101 -70.34 19.19 21.14
N LYS VA 102 -71.23 18.93 20.18
CA LYS VA 102 -71.30 19.64 18.91
C LYS VA 102 -72.69 20.24 18.81
N VAL VA 103 -72.76 21.55 18.95
CA VAL VA 103 -73.99 22.29 18.75
C VAL VA 103 -74.00 22.83 17.34
N GLU VA 104 -75.04 22.50 16.59
CA GLU VA 104 -75.18 22.89 15.19
C GLU VA 104 -76.45 23.72 15.07
N PHE VA 105 -76.30 24.97 14.66
CA PHE VA 105 -77.43 25.83 14.32
C PHE VA 105 -77.70 25.66 12.85
N TRP VA 106 -78.67 24.83 12.53
CA TRP VA 106 -79.10 24.65 11.16
C TRP VA 106 -80.18 25.66 10.82
N PRO VA 107 -79.96 26.55 9.86
CA PRO VA 107 -80.96 27.59 9.61
C PRO VA 107 -82.24 27.05 9.01
N CYS VA 108 -83.30 27.81 9.23
CA CYS VA 108 -84.61 27.55 8.66
C CYS VA 108 -85.04 28.61 7.67
N SER VA 109 -84.21 29.59 7.41
CA SER VA 109 -84.56 30.79 6.68
C SER VA 109 -83.96 30.73 5.28
N PRO VA 110 -84.60 31.34 4.29
CA PRO VA 110 -84.07 31.29 2.94
C PRO VA 110 -82.85 32.17 2.77
N ILE VA 111 -82.09 31.88 1.72
CA ILE VA 111 -80.91 32.68 1.43
C ILE VA 111 -81.24 34.04 0.84
N THR VA 112 -82.51 34.31 0.54
CA THR VA 112 -82.96 35.60 0.06
C THR VA 112 -83.40 36.53 1.17
N GLN VA 113 -83.33 36.11 2.44
CA GLN VA 113 -83.83 36.92 3.53
C GLN VA 113 -82.85 38.05 3.80
N GLY VA 114 -83.38 39.25 3.95
CA GLY VA 114 -82.59 40.42 4.23
C GLY VA 114 -82.55 40.77 5.69
N ASP VA 115 -82.13 42.01 5.95
CA ASP VA 115 -81.93 42.51 7.31
C ASP VA 115 -80.97 41.60 8.07
N ARG VA 116 -79.91 41.20 7.40
CA ARG VA 116 -78.93 40.31 7.97
C ARG VA 116 -78.24 40.96 9.15
N GLY VA 117 -77.54 40.13 9.92
CA GLY VA 117 -76.93 40.55 11.15
C GLY VA 117 -75.70 39.78 11.51
N VAL VA 118 -75.16 40.04 12.69
CA VAL VA 118 -73.93 39.41 13.13
C VAL VA 118 -73.99 39.26 14.65
N GLY VA 119 -73.73 38.04 15.10
CA GLY VA 119 -73.82 37.70 16.51
C GLY VA 119 -72.59 37.00 17.01
N SER VA 120 -72.72 36.34 18.15
CA SER VA 120 -71.59 35.73 18.82
C SER VA 120 -72.06 34.56 19.66
N SER VA 121 -71.26 33.49 19.67
CA SER VA 121 -71.47 32.34 20.53
C SER VA 121 -70.21 32.11 21.34
N ALA VA 122 -70.38 31.98 22.65
CA ALA VA 122 -69.28 31.81 23.58
C ALA VA 122 -69.52 30.59 24.46
N VAL VA 123 -68.44 30.11 25.05
CA VAL VA 123 -68.43 28.90 25.87
C VAL VA 123 -68.37 29.31 27.33
N ILE VA 124 -69.38 28.90 28.09
CA ILE VA 124 -69.60 29.34 29.46
C ILE VA 124 -69.71 28.11 30.33
N LEU VA 125 -68.63 27.76 31.01
CA LEU VA 125 -68.51 26.49 31.70
C LEU VA 125 -68.85 26.56 33.18
N ASP VA 126 -69.73 27.48 33.61
CA ASP VA 126 -69.92 27.73 35.03
C ASP VA 126 -71.35 28.05 35.47
N ASP VA 127 -72.33 28.03 34.58
CA ASP VA 127 -73.73 28.19 34.96
C ASP VA 127 -74.03 29.60 35.46
N ASN VA 128 -73.27 30.58 35.00
CA ASN VA 128 -73.59 31.99 35.22
C ASN VA 128 -73.47 32.66 33.87
N PHE VA 129 -74.59 32.70 33.17
CA PHE VA 129 -74.72 33.29 31.87
C PHE VA 129 -75.09 34.75 31.99
N VAL VA 130 -74.88 35.49 30.90
CA VAL VA 130 -75.47 36.80 30.78
C VAL VA 130 -76.99 36.63 30.81
N THR VA 131 -77.65 37.56 31.50
CA THR VA 131 -79.09 37.45 31.69
C THR VA 131 -79.80 37.41 30.35
N LYS VA 132 -80.84 36.59 30.28
CA LYS VA 132 -81.63 36.48 29.07
C LYS VA 132 -82.30 37.81 28.76
N ALA VA 133 -82.13 38.26 27.53
CA ALA VA 133 -82.62 39.55 27.08
C ALA VA 133 -83.24 39.41 25.71
N THR VA 134 -84.25 40.25 25.46
CA THR VA 134 -84.93 40.27 24.18
C THR VA 134 -84.26 41.23 23.21
N ALA VA 135 -83.99 42.46 23.64
CA ALA VA 135 -83.33 43.47 22.80
C ALA VA 135 -82.34 44.22 23.68
N LEU VA 136 -81.13 43.71 23.75
CA LEU VA 136 -80.03 44.35 24.45
C LEU VA 136 -79.22 45.19 23.49
N THR VA 137 -78.75 46.34 23.96
CA THR VA 137 -78.11 47.35 23.12
C THR VA 137 -76.69 47.00 22.72
N TYR VA 138 -76.21 45.80 23.01
CA TYR VA 138 -74.85 45.42 22.67
C TYR VA 138 -74.76 43.90 22.68
N ASP VA 139 -73.67 43.40 22.12
CA ASP VA 139 -73.38 41.98 22.10
C ASP VA 139 -72.48 41.66 23.28
N PRO VA 140 -72.97 41.01 24.34
CA PRO VA 140 -72.11 40.79 25.50
C PRO VA 140 -71.01 39.78 25.25
N TYR VA 141 -71.25 38.80 24.39
CA TYR VA 141 -70.32 37.72 24.16
C TYR VA 141 -69.30 38.04 23.08
N VAL VA 142 -69.14 39.32 22.72
CA VAL VA 142 -68.31 39.68 21.58
C VAL VA 142 -66.84 39.68 21.97
N ASN VA 143 -66.51 40.18 23.15
CA ASN VA 143 -65.13 40.27 23.59
C ASN VA 143 -64.66 39.02 24.32
N TYR VA 144 -65.49 37.99 24.38
CA TYR VA 144 -65.07 36.74 25.01
C TYR VA 144 -64.01 36.05 24.18
N SER VA 145 -63.08 35.42 24.88
CA SER VA 145 -61.98 34.70 24.23
C SER VA 145 -62.48 33.51 23.43
N SER VA 146 -63.66 32.99 23.75
CA SER VA 146 -64.25 31.86 23.04
C SER VA 146 -65.35 32.28 22.09
N ARG VA 147 -65.33 33.53 21.64
CA ARG VA 147 -66.36 34.02 20.75
C ARG VA 147 -66.08 33.55 19.33
N HIS VA 148 -67.12 33.01 18.71
CA HIS VA 148 -67.16 32.77 17.28
C HIS VA 148 -68.30 33.60 16.72
N THR VA 149 -68.05 34.20 15.57
CA THR VA 149 -69.06 35.03 14.93
C THR VA 149 -70.17 34.19 14.36
N ILE VA 150 -71.40 34.63 14.58
CA ILE VA 150 -72.59 34.03 13.99
C ILE VA 150 -73.03 34.97 12.88
N THR VA 151 -72.87 34.53 11.65
CA THR VA 151 -73.54 35.17 10.54
C THR VA 151 -74.99 34.73 10.52
N GLN VA 152 -75.89 35.68 10.31
CA GLN VA 152 -77.32 35.47 10.36
C GLN VA 152 -77.94 35.92 9.05
N PRO VA 153 -79.13 35.40 8.71
CA PRO VA 153 -79.96 34.36 9.31
C PRO VA 153 -79.81 32.98 8.67
N PHE VA 154 -79.22 32.93 7.48
CA PHE VA 154 -79.26 31.74 6.64
C PHE VA 154 -77.93 31.01 6.61
N SER VA 155 -77.15 31.10 7.68
CA SER VA 155 -75.82 30.55 7.72
C SER VA 155 -75.69 29.57 8.87
N TYR VA 156 -74.90 28.53 8.61
CA TYR VA 156 -74.67 27.46 9.55
C TYR VA 156 -73.58 27.83 10.54
N HIS VA 157 -73.79 27.47 11.80
CA HIS VA 157 -72.87 27.76 12.88
C HIS VA 157 -72.70 26.50 13.72
N SER VA 158 -71.46 26.07 13.85
CA SER VA 158 -71.11 24.92 14.68
C SER VA 158 -70.17 25.36 15.79
N ARG VA 159 -70.28 24.68 16.92
CA ARG VA 159 -69.37 24.85 18.05
C ARG VA 159 -69.08 23.48 18.61
N TYR VA 160 -67.80 23.16 18.74
CA TYR VA 160 -67.32 21.87 19.20
C TYR VA 160 -66.39 22.09 20.38
N PHE VA 161 -66.79 21.62 21.54
CA PHE VA 161 -66.09 21.94 22.77
C PHE VA 161 -66.36 20.84 23.79
N THR VA 162 -65.69 20.95 24.93
CA THR VA 162 -65.78 20.01 26.03
C THR VA 162 -66.55 20.64 27.18
N PRO VA 163 -67.77 20.20 27.50
CA PRO VA 163 -68.49 20.84 28.58
C PRO VA 163 -67.98 20.43 29.93
N LYS VA 164 -68.57 20.99 30.98
CA LYS VA 164 -68.20 20.72 32.35
C LYS VA 164 -69.47 20.54 33.17
N PRO VA 165 -69.48 19.64 34.15
CA PRO VA 165 -70.68 19.47 34.97
C PRO VA 165 -70.78 20.48 36.10
N VAL VA 166 -72.02 20.66 36.55
CA VAL VA 166 -72.33 21.59 37.61
C VAL VA 166 -72.29 20.79 38.90
N LEU VA 167 -71.11 20.72 39.50
CA LEU VA 167 -70.92 20.00 40.75
C LEU VA 167 -71.35 20.84 41.94
N ASP VA 168 -70.97 22.10 41.97
CA ASP VA 168 -71.39 23.03 43.01
C ASP VA 168 -71.68 24.37 42.35
N SER VA 169 -72.95 24.73 42.27
CA SER VA 169 -73.35 25.99 41.67
C SER VA 169 -72.98 27.19 42.54
N THR VA 170 -72.71 26.98 43.82
CA THR VA 170 -72.33 28.07 44.70
C THR VA 170 -70.91 28.53 44.45
N ILE VA 171 -70.01 27.58 44.21
CA ILE VA 171 -68.59 27.86 44.04
C ILE VA 171 -68.25 27.87 42.56
N ASP VA 172 -68.91 27.00 41.80
CA ASP VA 172 -68.76 26.91 40.35
C ASP VA 172 -67.32 26.61 39.97
N TYR VA 173 -66.87 25.43 40.37
CA TYR VA 173 -65.54 24.94 40.05
C TYR VA 173 -65.61 23.87 38.97
N PHE VA 174 -64.58 23.83 38.12
CA PHE VA 174 -64.51 22.85 37.06
C PHE VA 174 -63.07 22.50 36.78
N GLN VA 175 -62.90 21.45 36.10
CA GLN VA 175 -61.60 20.89 35.75
C GLN VA 175 -61.12 21.41 34.40
N PRO VA 176 -59.82 21.54 34.20
CA PRO VA 176 -59.34 21.77 32.84
C PRO VA 176 -59.42 20.54 31.99
N ASN VA 177 -59.13 20.69 30.70
CA ASN VA 177 -59.29 19.61 29.76
C ASN VA 177 -58.17 18.59 29.93
N ASN VA 178 -58.54 17.38 30.32
CA ASN VA 178 -57.60 16.28 30.47
C ASN VA 178 -58.38 15.01 30.27
N LYS VA 179 -58.10 14.28 29.19
CA LYS VA 179 -58.87 13.09 28.93
C LYS VA 179 -58.62 12.01 29.97
N ARG VA 180 -57.44 11.99 30.57
CA ARG VA 180 -57.07 10.94 31.50
C ARG VA 180 -57.58 11.19 32.91
N ASN VA 181 -57.80 12.45 33.27
CA ASN VA 181 -58.19 12.84 34.62
C ASN VA 181 -59.63 13.30 34.72
N GLN VA 182 -60.40 13.24 33.64
CA GLN VA 182 -61.78 13.69 33.68
C GLN VA 182 -62.60 12.79 34.58
N LEU VA 183 -63.42 13.43 35.41
CA LEU VA 183 -64.23 12.72 36.38
C LEU VA 183 -65.26 11.84 35.70
N TRP VA 184 -65.52 10.70 36.31
CA TRP VA 184 -66.63 9.83 35.94
C TRP VA 184 -67.81 10.18 36.83
N LEU VA 185 -68.93 10.49 36.22
CA LEU VA 185 -70.19 10.65 36.92
C LEU VA 185 -70.99 9.36 36.83
N ARG VA 186 -72.00 9.27 37.67
CA ARG VA 186 -72.93 8.16 37.64
C ARG VA 186 -74.10 8.48 36.72
N LEU VA 187 -74.49 7.49 35.95
CA LEU VA 187 -75.69 7.56 35.12
C LEU VA 187 -76.88 7.28 36.01
N GLN VA 188 -77.45 8.34 36.55
CA GLN VA 188 -78.59 8.22 37.43
C GLN VA 188 -79.82 7.76 36.66
N THR VA 189 -80.89 7.48 37.40
CA THR VA 189 -82.12 7.01 36.80
C THR VA 189 -82.94 8.16 36.23
N ALA VA 190 -83.22 9.19 37.04
CA ALA VA 190 -83.99 10.35 36.58
C ALA VA 190 -83.49 11.67 37.14
N GLY VA 191 -82.22 11.77 37.53
CA GLY VA 191 -81.72 12.94 38.23
C GLY VA 191 -80.32 13.37 37.84
N ASN VA 192 -79.94 13.15 36.59
CA ASN VA 192 -78.60 13.47 36.17
C ASN VA 192 -78.33 14.97 36.23
N VAL VA 193 -77.05 15.30 36.31
CA VAL VA 193 -76.61 16.67 36.55
C VAL VA 193 -76.46 17.39 35.21
N ASP VA 194 -76.73 18.68 35.23
CA ASP VA 194 -76.70 19.48 34.02
C ASP VA 194 -75.27 19.85 33.67
N HIS VA 195 -74.90 19.60 32.42
CA HIS VA 195 -73.68 20.12 31.85
C HIS VA 195 -73.95 21.43 31.16
N VAL VA 196 -72.91 22.23 31.04
CA VAL VA 196 -73.04 23.63 30.68
C VAL VA 196 -71.88 23.99 29.76
N GLY VA 197 -72.01 25.12 29.06
CA GLY VA 197 -71.00 25.46 28.10
C GLY VA 197 -71.35 26.22 26.83
N LEU VA 198 -72.55 26.76 26.67
CA LEU VA 198 -72.78 27.64 25.53
C LEU VA 198 -73.77 28.74 25.83
N GLY VA 199 -73.39 29.95 25.43
CA GLY VA 199 -74.28 31.08 25.43
C GLY VA 199 -74.17 31.84 24.13
N THR VA 200 -75.29 32.42 23.71
CA THR VA 200 -75.43 32.99 22.39
C THR VA 200 -75.94 34.42 22.48
N ALA VA 201 -75.73 35.15 21.38
CA ALA VA 201 -76.29 36.48 21.21
C ALA VA 201 -76.59 36.66 19.73
N PHE VA 202 -77.88 36.74 19.41
CA PHE VA 202 -78.36 36.89 18.05
C PHE VA 202 -78.87 38.30 17.84
N GLU VA 203 -78.51 38.89 16.71
CA GLU VA 203 -78.96 40.22 16.36
C GLU VA 203 -80.38 40.14 15.83
N ASN VA 204 -81.26 40.96 16.39
CA ASN VA 204 -82.66 40.93 16.03
C ASN VA 204 -82.87 41.49 14.63
N SER VA 205 -84.06 41.26 14.10
CA SER VA 205 -84.38 41.59 12.73
C SER VA 205 -85.87 41.88 12.61
N ILE VA 206 -86.25 42.44 11.46
CA ILE VA 206 -87.65 42.69 11.17
C ILE VA 206 -88.38 41.38 10.93
N TYR VA 207 -87.68 40.37 10.43
CA TYR VA 207 -88.25 39.07 10.16
C TYR VA 207 -87.87 38.08 11.25
N ASP VA 208 -88.68 37.05 11.40
CA ASP VA 208 -88.40 36.01 12.37
C ASP VA 208 -87.27 35.12 11.87
N GLN VA 209 -86.33 34.82 12.76
CA GLN VA 209 -85.18 33.98 12.47
C GLN VA 209 -85.33 32.68 13.23
N GLU VA 210 -85.62 31.60 12.51
CA GLU VA 210 -85.80 30.29 13.09
C GLU VA 210 -84.58 29.42 12.84
N TYR VA 211 -84.34 28.50 13.77
CA TYR VA 211 -83.22 27.58 13.70
C TYR VA 211 -83.66 26.22 14.22
N ASN VA 212 -83.08 25.17 13.64
CA ASN VA 212 -83.21 23.81 14.15
C ASN VA 212 -81.86 23.43 14.73
N ILE VA 213 -81.80 23.32 16.04
CA ILE VA 213 -80.55 23.11 16.74
C ILE VA 213 -80.38 21.63 17.03
N ARG VA 214 -79.28 21.06 16.55
CA ARG VA 214 -78.95 19.66 16.74
C ARG VA 214 -77.72 19.58 17.63
N VAL VA 215 -77.92 19.07 18.84
CA VAL VA 215 -76.85 18.86 19.80
C VAL VA 215 -76.44 17.39 19.72
N THR VA 216 -75.15 17.15 19.61
CA THR VA 216 -74.58 15.82 19.58
C THR VA 216 -73.56 15.73 20.70
N MET VA 217 -73.78 14.81 21.62
CA MET VA 217 -72.87 14.57 22.73
C MET VA 217 -72.07 13.31 22.49
N TYR VA 218 -70.76 13.43 22.60
CA TYR VA 218 -69.84 12.31 22.47
C TYR VA 218 -69.46 11.86 23.88
N VAL VA 219 -70.00 10.71 24.28
CA VAL VA 219 -69.94 10.25 25.66
C VAL VA 219 -69.06 9.02 25.73
N GLN VA 220 -68.71 8.65 26.96
CA GLN VA 220 -67.84 7.52 27.24
C GLN VA 220 -68.39 6.87 28.50
N PHE VA 221 -68.87 5.65 28.36
CA PHE VA 221 -69.46 4.90 29.46
C PHE VA 221 -68.46 3.91 30.03
N ARG VA 222 -68.85 3.28 31.14
CA ARG VA 222 -67.99 2.36 31.85
C ARG VA 222 -68.84 1.40 32.65
N GLU VA 223 -68.32 0.18 32.83
CA GLU VA 223 -68.91 -0.84 33.69
C GLU VA 223 -70.31 -1.24 33.21
N PHE VA 224 -70.32 -1.94 32.08
CA PHE VA 224 -71.46 -2.68 31.58
C PHE VA 224 -72.13 -3.44 32.72
N ASN VA 225 -73.41 -3.17 32.93
CA ASN VA 225 -74.13 -3.65 34.10
C ASN VA 225 -75.49 -4.22 33.73
N LEU VA 226 -75.54 -4.98 32.66
CA LEU VA 226 -76.81 -5.57 32.25
C LEU VA 226 -77.28 -6.58 33.27
N LYS VA 227 -78.60 -6.61 33.49
CA LYS VA 227 -79.23 -7.53 34.40
C LYS VA 227 -80.20 -8.41 33.63
N ASP VA 228 -80.06 -9.72 33.80
CA ASP VA 228 -80.80 -10.71 33.03
C ASP VA 228 -81.56 -11.63 33.97
N PRO VA 229 -82.75 -11.23 34.41
CA PRO VA 229 -83.58 -12.12 35.18
C PRO VA 229 -84.20 -13.18 34.30
N PRO VA 230 -84.77 -14.24 34.87
CA PRO VA 230 -85.49 -15.21 34.06
C PRO VA 230 -86.79 -14.66 33.50
N LEU VA 231 -87.52 -15.50 32.77
CA LEU VA 231 -88.77 -15.09 32.13
C LEU VA 231 -89.81 -16.20 32.21
N GLY WA 43 -44.82 45.79 32.17
CA GLY WA 43 -45.90 44.82 32.27
C GLY WA 43 -46.81 44.83 31.07
N ILE WA 44 -46.39 44.15 30.03
CA ILE WA 44 -47.08 44.19 28.75
C ILE WA 44 -48.29 43.28 28.77
N PHE WA 45 -49.35 43.71 28.11
CA PHE WA 45 -50.55 42.92 27.94
C PHE WA 45 -51.16 43.29 26.60
N ASN WA 46 -50.96 42.44 25.61
CA ASN WA 46 -51.60 42.60 24.31
C ASN WA 46 -52.99 41.98 24.36
N THR WA 47 -53.99 42.76 23.97
CA THR WA 47 -55.36 42.27 23.92
C THR WA 47 -56.06 42.83 22.70
N ARG WA 48 -57.38 42.69 22.68
CA ARG WA 48 -58.21 43.01 21.53
C ARG WA 48 -59.52 43.58 22.02
N LEU WA 49 -59.87 44.76 21.52
CA LEU WA 49 -61.07 45.48 21.90
C LEU WA 49 -61.89 45.78 20.66
N SER WA 50 -63.19 45.60 20.76
CA SER WA 50 -64.10 45.73 19.63
C SER WA 50 -65.24 46.67 19.97
N ARG WA 51 -65.99 47.01 18.92
CA ARG WA 51 -67.04 48.01 18.95
C ARG WA 51 -67.78 47.91 17.63
N THR WA 52 -69.10 48.05 17.68
CA THR WA 52 -69.96 47.88 16.52
C THR WA 52 -70.92 49.04 16.41
N PHE WA 53 -71.13 49.52 15.19
CA PHE WA 53 -72.01 50.64 14.93
C PHE WA 53 -72.43 50.58 13.47
N GLY WA 54 -73.42 51.41 13.14
CA GLY WA 54 -74.01 51.44 11.83
C GLY WA 54 -73.60 52.59 10.93
N TYR WA 55 -73.73 52.37 9.62
CA TYR WA 55 -73.48 53.37 8.62
C TYR WA 55 -74.39 53.09 7.44
N THR WA 56 -75.08 54.13 6.97
CA THR WA 56 -76.02 54.02 5.87
C THR WA 56 -75.70 55.04 4.80
N ILE WA 57 -75.80 54.61 3.56
CA ILE WA 57 -75.69 55.46 2.39
C ILE WA 57 -77.10 55.58 1.85
N LYS WA 58 -77.70 56.75 2.06
CA LYS WA 58 -79.08 56.97 1.64
C LYS WA 58 -79.19 56.98 0.13
N ARG WA 59 -80.41 56.73 -0.33
CA ARG WA 59 -80.71 56.67 -1.75
C ARG WA 59 -80.67 58.06 -2.38
N THR WA 60 -80.51 58.07 -3.71
CA THR WA 60 -80.49 59.30 -4.49
C THR WA 60 -81.20 59.07 -5.81
N THR WA 61 -82.00 60.05 -6.23
CA THR WA 61 -82.62 60.04 -7.55
C THR WA 61 -81.66 60.43 -8.66
N VAL WA 62 -80.44 60.85 -8.31
CA VAL WA 62 -79.45 61.24 -9.32
C VAL WA 62 -79.17 60.06 -10.24
N LYS WA 63 -79.10 60.35 -11.54
CA LYS WA 63 -78.88 59.30 -12.53
C LYS WA 63 -77.41 58.96 -12.69
N THR WA 64 -76.53 59.95 -12.60
CA THR WA 64 -75.13 59.75 -12.83
C THR WA 64 -74.52 58.84 -11.78
N PRO WA 65 -73.32 58.32 -12.02
CA PRO WA 65 -72.57 57.66 -10.95
C PRO WA 65 -71.93 58.70 -10.06
N SER WA 66 -72.47 58.85 -8.87
CA SER WA 66 -71.91 59.72 -7.85
C SER WA 66 -71.52 58.90 -6.64
N TRP WA 67 -70.58 59.44 -5.87
CA TRP WA 67 -70.05 58.76 -4.70
C TRP WA 67 -70.31 59.57 -3.44
N ALA WA 68 -70.47 58.84 -2.34
CA ALA WA 68 -70.69 59.41 -1.02
C ALA WA 68 -69.43 59.24 -0.21
N VAL WA 69 -68.87 60.34 0.25
CA VAL WA 69 -67.60 60.36 0.93
C VAL WA 69 -67.84 60.55 2.41
N ASP WA 70 -67.05 59.86 3.24
CA ASP WA 70 -67.14 59.99 4.68
C ASP WA 70 -65.80 59.58 5.27
N MET WA 71 -65.63 59.89 6.54
CA MET WA 71 -64.40 59.67 7.28
C MET WA 71 -64.64 58.73 8.45
N MET WA 72 -63.54 58.27 9.03
CA MET WA 72 -63.59 57.33 10.14
C MET WA 72 -62.35 57.52 11.01
N ARG WA 73 -62.56 57.96 12.25
CA ARG WA 73 -61.54 58.07 13.25
C ARG WA 73 -61.73 56.97 14.29
N PHE WA 74 -60.70 56.80 15.12
CA PHE WA 74 -60.70 55.77 16.16
C PHE WA 74 -60.18 56.38 17.46
N ASN WA 75 -60.99 56.25 18.51
CA ASN WA 75 -60.61 56.67 19.85
C ASN WA 75 -60.82 55.52 20.82
N ILE WA 76 -59.99 55.47 21.85
CA ILE WA 76 -60.03 54.37 22.81
C ILE WA 76 -61.13 54.55 23.85
N ASN WA 77 -61.71 55.74 23.97
CA ASN WA 77 -62.83 55.90 24.89
C ASN WA 77 -64.04 55.11 24.43
N ASP WA 78 -64.20 54.93 23.13
CA ASP WA 78 -65.32 54.19 22.58
C ASP WA 78 -65.16 52.68 22.71
N PHE WA 79 -63.96 52.20 23.04
CA PHE WA 79 -63.70 50.79 23.24
C PHE WA 79 -63.48 50.42 24.68
N LEU WA 80 -62.94 51.33 25.48
CA LEU WA 80 -62.59 51.10 26.88
C LEU WA 80 -63.46 51.98 27.77
N PRO WA 81 -64.40 51.43 28.54
CA PRO WA 81 -65.25 52.29 29.34
C PRO WA 81 -64.52 52.81 30.56
N PRO WA 82 -65.14 53.75 31.28
CA PRO WA 82 -64.55 54.16 32.56
C PRO WA 82 -64.71 53.09 33.62
N GLY WA 83 -63.74 53.04 34.51
CA GLY WA 83 -63.75 52.05 35.55
C GLY WA 83 -64.60 52.44 36.74
N GLY WA 84 -64.11 52.13 37.93
CA GLY WA 84 -64.82 52.46 39.13
C GLY WA 84 -63.91 52.53 40.34
N GLY WA 85 -64.04 53.60 41.12
CA GLY WA 85 -63.23 53.76 42.31
C GLY WA 85 -61.90 54.40 42.03
N SER WA 86 -60.87 53.92 42.71
CA SER WA 86 -59.53 54.45 42.54
C SER WA 86 -58.93 54.12 41.19
N ASN WA 87 -59.50 53.15 40.48
CA ASN WA 87 -59.06 52.82 39.13
C ASN WA 87 -59.91 53.57 38.13
N PRO WA 88 -59.39 54.59 37.43
CA PRO WA 88 -60.26 55.39 36.58
C PRO WA 88 -60.75 54.67 35.34
N ARG WA 89 -60.05 53.64 34.90
CA ARG WA 89 -60.41 52.87 33.72
C ARG WA 89 -60.61 51.41 34.07
N SER WA 90 -61.28 50.70 33.17
CA SER WA 90 -61.67 49.32 33.43
C SER WA 90 -60.54 48.34 33.19
N VAL WA 91 -59.57 48.71 32.37
CA VAL WA 91 -58.35 47.93 32.17
C VAL WA 91 -57.25 48.60 32.98
N PRO WA 92 -56.76 47.99 34.06
CA PRO WA 92 -55.86 48.73 34.95
C PRO WA 92 -54.41 48.81 34.46
N PHE WA 93 -54.20 49.72 33.52
CA PHE WA 93 -52.88 50.00 32.99
C PHE WA 93 -52.73 51.50 32.80
N GLU WA 94 -51.48 51.93 32.69
CA GLU WA 94 -51.13 53.34 32.58
C GLU WA 94 -50.98 53.78 31.14
N TYR WA 95 -50.19 53.06 30.37
CA TYR WA 95 -49.82 53.45 29.01
C TYR WA 95 -50.45 52.50 28.01
N TYR WA 96 -50.52 52.96 26.77
CA TYR WA 96 -51.04 52.16 25.69
C TYR WA 96 -50.45 52.63 24.37
N ARG WA 97 -50.57 51.77 23.37
CA ARG WA 97 -50.26 52.14 22.01
C ARG WA 97 -50.99 51.18 21.08
N ILE WA 98 -51.71 51.74 20.12
CA ILE WA 98 -52.54 50.94 19.22
C ILE WA 98 -51.64 50.37 18.13
N ARG WA 99 -51.65 49.05 18.02
CA ARG WA 99 -50.81 48.34 17.06
C ARG WA 99 -51.48 48.20 15.71
N LYS WA 100 -52.74 47.78 15.69
CA LYS WA 100 -53.47 47.54 14.46
C LYS WA 100 -54.93 47.84 14.71
N VAL WA 101 -55.65 48.06 13.61
CA VAL WA 101 -57.11 48.17 13.61
C VAL WA 101 -57.63 47.36 12.44
N LYS WA 102 -58.76 46.70 12.67
CA LYS WA 102 -59.49 45.94 11.67
C LYS WA 102 -60.87 46.53 11.56
N VAL WA 103 -61.14 47.21 10.47
CA VAL WA 103 -62.46 47.73 10.16
C VAL WA 103 -63.13 46.74 9.23
N GLU WA 104 -64.32 46.28 9.64
CA GLU WA 104 -65.09 45.30 8.89
C GLU WA 104 -66.42 45.93 8.55
N PHE WA 105 -66.69 46.05 7.26
CA PHE WA 105 -68.00 46.47 6.76
C PHE WA 105 -68.83 45.22 6.53
N TRP WA 106 -69.66 44.90 7.50
CA TRP WA 106 -70.57 43.77 7.37
C TRP WA 106 -71.85 44.25 6.72
N PRO WA 107 -72.23 43.73 5.56
CA PRO WA 107 -73.42 44.26 4.89
C PRO WA 107 -74.71 43.90 5.61
N CYS WA 108 -75.71 44.73 5.35
CA CYS WA 108 -77.06 44.54 5.84
C CYS WA 108 -78.05 44.27 4.74
N SER WA 109 -77.60 44.21 3.49
CA SER WA 109 -78.44 44.19 2.32
C SER WA 109 -78.46 42.78 1.72
N PRO WA 110 -79.56 42.39 1.09
CA PRO WA 110 -79.63 41.05 0.53
C PRO WA 110 -78.78 40.91 -0.71
N ILE WA 111 -78.47 39.65 -1.05
CA ILE WA 111 -77.70 39.37 -2.24
C ILE WA 111 -78.49 39.55 -3.52
N THR WA 112 -79.80 39.79 -3.43
CA THR WA 112 -80.64 40.06 -4.58
C THR WA 112 -80.75 41.53 -4.90
N GLN WA 113 -80.09 42.41 -4.16
CA GLN WA 113 -80.24 43.83 -4.36
C GLN WA 113 -79.46 44.25 -5.61
N GLY WA 114 -80.11 45.05 -6.45
CA GLY WA 114 -79.51 45.52 -7.67
C GLY WA 114 -78.94 46.91 -7.53
N ASP WA 115 -78.69 47.52 -8.68
CA ASP WA 115 -78.05 48.84 -8.76
C ASP WA 115 -76.71 48.81 -8.03
N ARG WA 116 -75.96 47.74 -8.25
CA ARG WA 116 -74.69 47.56 -7.60
C ARG WA 116 -73.70 48.64 -8.04
N GLY WA 117 -72.61 48.72 -7.29
CA GLY WA 117 -71.65 49.78 -7.48
C GLY WA 117 -70.25 49.37 -7.10
N VAL WA 118 -69.34 50.33 -7.14
CA VAL WA 118 -67.93 50.07 -6.84
C VAL WA 118 -67.34 51.32 -6.21
N GLY WA 119 -66.70 51.14 -5.07
CA GLY WA 119 -66.13 52.21 -4.29
C GLY WA 119 -64.69 51.97 -3.92
N SER WA 120 -64.22 52.72 -2.93
CA SER WA 120 -62.82 52.68 -2.56
C SER WA 120 -62.67 53.06 -1.10
N SER WA 121 -61.76 52.37 -0.41
CA SER WA 121 -61.38 52.68 0.95
C SER WA 121 -59.87 52.91 0.99
N ALA WA 122 -59.46 54.02 1.58
CA ALA WA 122 -58.06 54.41 1.66
C ALA WA 122 -57.69 54.72 3.10
N VAL WA 123 -56.39 54.71 3.36
CA VAL WA 123 -55.82 54.89 4.68
C VAL WA 123 -55.24 56.29 4.76
N ILE WA 124 -55.75 57.08 5.71
CA ILE WA 124 -55.46 58.51 5.81
C ILE WA 124 -54.97 58.77 7.22
N LEU WA 125 -53.66 58.87 7.38
CA LEU WA 125 -53.03 58.89 8.69
C LEU WA 125 -52.74 60.29 9.22
N ASP WA 126 -53.53 61.32 8.82
CA ASP WA 126 -53.16 62.69 9.12
C ASP WA 126 -54.31 63.63 9.44
N ASP WA 127 -55.55 63.17 9.51
CA ASP WA 127 -56.68 63.98 9.96
C ASP WA 127 -57.01 65.09 8.96
N ASN WA 128 -56.70 64.87 7.68
CA ASN WA 128 -57.15 65.76 6.61
C ASN WA 128 -57.73 64.83 5.55
N PHE WA 129 -59.03 64.60 5.68
CA PHE WA 129 -59.79 63.77 4.78
C PHE WA 129 -60.35 64.60 3.63
N VAL WA 130 -60.75 63.91 2.56
CA VAL WA 130 -61.58 64.55 1.57
C VAL WA 130 -62.87 64.98 2.23
N THR WA 131 -63.37 66.14 1.84
CA THR WA 131 -64.54 66.70 2.47
C THR WA 131 -65.73 65.76 2.34
N LYS WA 132 -66.53 65.67 3.39
CA LYS WA 132 -67.70 64.83 3.36
C LYS WA 132 -68.68 65.32 2.31
N ALA WA 133 -69.12 64.41 1.45
CA ALA WA 133 -69.98 64.72 0.33
C ALA WA 133 -71.08 63.68 0.24
N THR WA 134 -72.23 64.11 -0.25
CA THR WA 134 -73.38 63.25 -0.45
C THR WA 134 -73.36 62.60 -1.83
N ALA WA 135 -73.17 63.40 -2.88
CA ALA WA 135 -73.12 62.91 -4.25
C ALA WA 135 -72.02 63.68 -4.97
N LEU WA 136 -70.81 63.15 -4.90
CA LEU WA 136 -69.66 63.69 -5.62
C LEU WA 136 -69.50 62.96 -6.94
N THR WA 137 -69.10 63.72 -7.97
CA THR WA 137 -69.07 63.22 -9.33
C THR WA 137 -67.90 62.30 -9.63
N TYR WA 138 -67.12 61.90 -8.64
CA TYR WA 138 -65.97 61.04 -8.86
C TYR WA 138 -65.61 60.38 -7.54
N ASP WA 139 -64.76 59.35 -7.63
CA ASP WA 139 -64.24 58.65 -6.48
C ASP WA 139 -62.89 59.26 -6.12
N PRO WA 140 -62.78 60.03 -5.05
CA PRO WA 140 -61.50 60.68 -4.76
C PRO WA 140 -60.43 59.70 -4.32
N TYR WA 141 -60.80 58.63 -3.64
CA TYR WA 141 -59.86 57.69 -3.06
C TYR WA 141 -59.46 56.60 -4.04
N VAL WA 142 -59.71 56.78 -5.33
CA VAL WA 142 -59.50 55.70 -6.29
C VAL WA 142 -58.03 55.58 -6.66
N ASN WA 143 -57.34 56.70 -6.83
CA ASN WA 143 -55.96 56.69 -7.23
C ASN WA 143 -54.99 56.65 -6.05
N TYR WA 144 -55.51 56.52 -4.84
CA TYR WA 144 -54.66 56.41 -3.67
C TYR WA 144 -53.92 55.09 -3.67
N SER WA 145 -52.67 55.14 -3.21
CA SER WA 145 -51.84 53.95 -3.14
C SER WA 145 -52.38 52.91 -2.17
N SER WA 146 -53.20 53.33 -1.20
CA SER WA 146 -53.80 52.44 -0.24
C SER WA 146 -55.26 52.14 -0.55
N ARG WA 147 -55.66 52.27 -1.80
CA ARG WA 147 -57.03 52.02 -2.18
C ARG WA 147 -57.28 50.53 -2.29
N HIS WA 148 -58.36 50.09 -1.67
CA HIS WA 148 -58.94 48.78 -1.89
C HIS WA 148 -60.34 48.99 -2.43
N THR WA 149 -60.71 48.18 -3.41
CA THR WA 149 -62.02 48.29 -4.02
C THR WA 149 -63.10 47.79 -3.07
N ILE WA 150 -64.18 48.54 -2.98
CA ILE WA 150 -65.37 48.15 -2.24
C ILE WA 150 -66.40 47.74 -3.28
N THR WA 151 -66.68 46.44 -3.33
CA THR WA 151 -67.86 45.96 -4.02
C THR WA 151 -69.08 46.21 -3.15
N GLN WA 152 -70.14 46.70 -3.77
CA GLN WA 152 -71.36 47.09 -3.09
C GLN WA 152 -72.53 46.34 -3.69
N PRO WA 153 -73.64 46.20 -2.95
CA PRO WA 153 -73.93 46.52 -1.55
C PRO WA 153 -73.80 45.36 -0.59
N PHE WA 154 -73.76 44.15 -1.10
CA PHE WA 154 -73.90 42.94 -0.31
C PHE WA 154 -72.59 42.20 -0.11
N SER WA 155 -71.48 42.92 -0.12
CA SER WA 155 -70.17 42.31 -0.06
C SER WA 155 -69.40 42.83 1.14
N TYR WA 156 -68.60 41.95 1.72
CA TYR WA 156 -67.80 42.23 2.89
C TYR WA 156 -66.50 42.90 2.50
N HIS WA 157 -66.10 43.89 3.30
CA HIS WA 157 -64.89 44.66 3.08
C HIS WA 157 -64.16 44.79 4.39
N SER WA 158 -62.92 44.35 4.41
CA SER WA 158 -62.05 44.47 5.58
C SER WA 158 -60.83 45.31 5.23
N ARG WA 159 -60.34 46.03 6.23
CA ARG WA 159 -59.10 46.80 6.13
C ARG WA 159 -58.35 46.62 7.42
N TYR WA 160 -57.09 46.19 7.31
CA TYR WA 160 -56.23 45.90 8.46
C TYR WA 160 -54.97 46.71 8.30
N PHE WA 161 -54.76 47.64 9.23
CA PHE WA 161 -53.69 48.61 9.11
C PHE WA 161 -53.30 49.10 10.50
N THR WA 162 -52.26 49.92 10.53
CA THR WA 162 -51.71 50.49 11.74
C THR WA 162 -52.05 51.98 11.80
N PRO WA 163 -52.91 52.44 12.70
CA PRO WA 163 -53.24 53.86 12.72
C PRO WA 163 -52.15 54.69 13.34
N LYS WA 164 -52.35 55.99 13.37
CA LYS WA 164 -51.41 56.94 13.93
C LYS WA 164 -52.17 57.95 14.76
N PRO WA 165 -51.60 58.41 15.87
CA PRO WA 165 -52.31 59.40 16.68
C PRO WA 165 -52.12 60.82 16.19
N VAL WA 166 -53.07 61.66 16.57
CA VAL WA 166 -53.09 63.06 16.19
C VAL WA 166 -52.38 63.82 17.30
N LEU WA 167 -51.06 63.94 17.15
CA LEU WA 167 -50.25 64.65 18.12
C LEU WA 167 -50.29 66.16 17.90
N ASP WA 168 -50.18 66.59 16.65
CA ASP WA 168 -50.30 68.00 16.29
C ASP WA 168 -51.08 68.08 15.00
N SER WA 169 -52.33 68.55 15.08
CA SER WA 169 -53.16 68.69 13.90
C SER WA 169 -52.71 69.82 12.98
N THR WA 170 -51.90 70.74 13.49
CA THR WA 170 -51.41 71.84 12.67
C THR WA 170 -50.32 71.37 11.71
N ILE WA 171 -49.44 70.50 12.16
CA ILE WA 171 -48.30 70.04 11.39
C ILE WA 171 -48.61 68.67 10.81
N ASP WA 172 -49.34 67.86 11.57
CA ASP WA 172 -49.80 66.55 11.14
C ASP WA 172 -48.60 65.65 10.80
N TYR WA 173 -47.81 65.35 11.82
CA TYR WA 173 -46.66 64.47 11.71
C TYR WA 173 -46.97 63.12 12.34
N PHE WA 174 -46.39 62.07 11.78
CA PHE WA 174 -46.58 60.73 12.29
C PHE WA 174 -45.35 59.90 12.02
N GLN WA 175 -45.28 58.83 12.68
CA GLN WA 175 -44.16 57.90 12.64
C GLN WA 175 -44.38 56.83 11.59
N PRO WA 176 -43.33 56.30 10.98
CA PRO WA 176 -43.49 55.09 10.19
C PRO WA 176 -43.69 53.87 11.04
N ASN WA 177 -43.98 52.75 10.40
CA ASN WA 177 -44.31 51.53 11.11
C ASN WA 177 -43.05 50.93 11.70
N ASN WA 178 -43.00 50.86 13.02
CA ASN WA 178 -41.88 50.23 13.72
C ASN WA 178 -42.43 49.77 15.06
N LYS WA 179 -42.47 48.46 15.28
CA LYS WA 179 -43.04 47.96 16.51
C LYS WA 179 -42.19 48.34 17.71
N ARG WA 180 -40.88 48.48 17.51
CA ARG WA 180 -39.98 48.72 18.63
C ARG WA 180 -39.91 50.18 19.01
N ASN WA 181 -40.19 51.08 18.08
CA ASN WA 181 -40.05 52.52 18.29
C ASN WA 181 -41.39 53.24 18.40
N GLN WA 182 -42.51 52.53 18.37
CA GLN WA 182 -43.80 53.17 18.45
C GLN WA 182 -43.99 53.82 19.80
N LEU WA 183 -44.51 55.05 19.77
CA LEU WA 183 -44.70 55.82 20.98
C LEU WA 183 -45.73 55.19 21.88
N TRP WA 184 -45.49 55.31 23.18
CA TRP WA 184 -46.47 54.97 24.20
C TRP WA 184 -47.22 56.23 24.57
N LEU WA 185 -48.54 56.18 24.48
CA LEU WA 185 -49.40 57.23 24.97
C LEU WA 185 -49.90 56.86 26.35
N ARG WA 186 -50.45 57.85 27.03
CA ARG WA 186 -51.08 57.64 28.32
C ARG WA 186 -52.56 57.35 28.14
N LEU WA 187 -53.04 56.39 28.90
CA LEU WA 187 -54.45 56.07 28.97
C LEU WA 187 -55.10 57.08 29.92
N GLN WA 188 -55.60 58.17 29.34
CA GLN WA 188 -56.22 59.22 30.09
C GLN WA 188 -57.55 58.74 30.67
N THR WA 189 -58.14 59.59 31.50
CA THR WA 189 -59.41 59.25 32.14
C THR WA 189 -60.58 59.49 31.21
N ALA WA 190 -60.70 60.71 30.65
CA ALA WA 190 -61.79 61.02 29.74
C ALA WA 190 -61.37 61.91 28.57
N GLY WA 191 -60.10 61.89 28.18
CA GLY WA 191 -59.58 62.83 27.20
C GLY WA 191 -58.58 62.26 26.23
N ASN WA 192 -58.71 60.98 25.90
CA ASN WA 192 -57.74 60.33 25.04
C ASN WA 192 -57.75 60.94 23.63
N VAL WA 193 -56.65 60.76 22.94
CA VAL WA 193 -56.41 61.39 21.64
C VAL WA 193 -56.97 60.51 20.54
N ASP WA 194 -57.45 61.15 19.49
CA ASP WA 194 -58.07 60.44 18.39
C ASP WA 194 -57.01 59.86 17.47
N HIS WA 195 -57.14 58.58 17.18
CA HIS WA 195 -56.38 57.94 16.14
C HIS WA 195 -57.16 57.98 14.83
N VAL WA 196 -56.43 57.88 13.73
CA VAL WA 196 -56.95 58.20 12.42
C VAL WA 196 -56.37 57.21 11.43
N GLY WA 197 -56.98 57.13 10.25
CA GLY WA 197 -56.55 56.14 9.29
C GLY WA 197 -57.52 55.48 8.34
N LEU WA 198 -58.76 55.94 8.21
CA LEU WA 198 -59.59 55.40 7.14
C LEU WA 198 -60.57 56.42 6.58
N GLY WA 199 -60.62 56.46 5.27
CA GLY WA 199 -61.63 57.21 4.55
C GLY WA 199 -62.20 56.38 3.43
N THR WA 200 -63.48 56.61 3.16
CA THR WA 200 -64.26 55.77 2.27
C THR WA 200 -64.95 56.59 1.21
N ALA WA 201 -65.35 55.90 0.15
CA ALA WA 201 -66.17 56.47 -0.91
C ALA WA 201 -67.08 55.38 -1.43
N PHE WA 202 -68.38 55.53 -1.17
CA PHE WA 202 -69.38 54.58 -1.58
C PHE WA 202 -70.21 55.15 -2.72
N GLU WA 203 -70.45 54.31 -3.73
CA GLU WA 203 -71.25 54.71 -4.87
C GLU WA 203 -72.72 54.65 -4.49
N ASN WA 204 -73.42 55.75 -4.75
CA ASN WA 204 -74.82 55.85 -4.37
C ASN WA 204 -75.68 54.95 -5.24
N SER WA 205 -76.93 54.78 -4.81
CA SER WA 205 -77.83 53.83 -5.43
C SER WA 205 -79.27 54.30 -5.22
N ILE WA 206 -80.19 53.67 -5.96
CA ILE WA 206 -81.60 53.95 -5.80
C ILE WA 206 -82.10 53.43 -4.47
N TYR WA 207 -81.50 52.36 -3.96
CA TYR WA 207 -81.87 51.76 -2.70
C TYR WA 207 -80.89 52.17 -1.61
N ASP WA 208 -81.36 52.11 -0.37
CA ASP WA 208 -80.51 52.41 0.77
C ASP WA 208 -79.55 51.27 1.02
N GLN WA 209 -78.28 51.62 1.25
CA GLN WA 209 -77.22 50.66 1.52
C GLN WA 209 -76.80 50.81 2.97
N GLU WA 210 -77.15 49.84 3.80
CA GLU WA 210 -76.82 49.85 5.20
C GLU WA 210 -75.67 48.89 5.49
N TYR WA 211 -74.89 49.22 6.51
CA TYR WA 211 -73.75 48.44 6.95
C TYR WA 211 -73.68 48.45 8.46
N ASN WA 212 -73.21 47.34 9.02
CA ASN WA 212 -72.85 47.23 10.43
C ASN WA 212 -71.34 47.17 10.50
N ILE WA 213 -70.72 48.23 11.00
CA ILE WA 213 -69.27 48.36 10.98
C ILE WA 213 -68.74 47.93 12.34
N ARG WA 214 -67.84 46.95 12.31
CA ARG WA 214 -67.20 46.42 13.52
C ARG WA 214 -65.73 46.77 13.46
N VAL WA 215 -65.31 47.65 14.36
CA VAL WA 215 -63.92 48.05 14.49
C VAL WA 215 -63.32 47.25 15.64
N THR WA 216 -62.16 46.67 15.38
CA THR WA 216 -61.41 45.90 16.36
C THR WA 216 -60.02 46.51 16.45
N MET WA 217 -59.67 46.99 17.64
CA MET WA 217 -58.36 47.55 17.90
C MET WA 217 -57.51 46.57 18.68
N TYR WA 218 -56.32 46.33 18.17
CA TYR WA 218 -55.33 45.47 18.82
C TYR WA 218 -54.34 46.36 19.54
N VAL WA 219 -54.44 46.39 20.86
CA VAL WA 219 -53.73 47.36 21.68
C VAL WA 219 -52.69 46.64 22.51
N GLN WA 220 -51.79 47.42 23.10
CA GLN WA 220 -50.69 46.93 23.91
C GLN WA 220 -50.54 47.90 25.06
N PHE WA 221 -50.80 47.42 26.27
CA PHE WA 221 -50.73 48.22 27.48
C PHE WA 221 -49.42 47.99 28.21
N ARG WA 222 -49.18 48.79 29.24
CA ARG WA 222 -47.95 48.75 30.00
C ARG WA 222 -48.21 49.30 31.39
N GLU WA 223 -47.45 48.78 32.35
CA GLU WA 223 -47.42 49.27 33.73
C GLU WA 223 -48.79 49.12 34.40
N PHE WA 224 -49.12 47.86 34.66
CA PHE WA 224 -50.21 47.48 35.55
C PHE WA 224 -50.20 48.32 36.80
N ASN WA 225 -51.30 49.01 37.06
CA ASN WA 225 -51.38 50.03 38.10
C ASN WA 225 -52.63 49.90 38.94
N LEU WA 226 -52.98 48.67 39.30
CA LEU WA 226 -54.16 48.47 40.10
C LEU WA 226 -53.97 49.07 41.49
N LYS WA 227 -55.05 49.62 42.02
CA LYS WA 227 -55.06 50.23 43.35
C LYS WA 227 -56.08 49.50 44.20
N ASP WA 228 -55.64 49.05 45.38
CA ASP WA 228 -56.43 48.19 46.25
C ASP WA 228 -56.55 48.85 47.62
N PRO WA 229 -57.50 49.76 47.79
CA PRO WA 229 -57.75 50.30 49.12
C PRO WA 229 -58.49 49.28 49.99
N PRO WA 230 -58.55 49.51 51.30
CA PRO WA 230 -59.34 48.62 52.14
C PRO WA 230 -60.84 48.77 51.91
N LEU WA 231 -61.63 48.02 52.67
CA LEU WA 231 -63.08 48.03 52.52
C LEU WA 231 -63.77 47.94 53.88
N GLY XA 43 -36.12 60.08 -16.07
CA GLY XA 43 -36.85 60.10 -14.82
C GLY XA 43 -38.16 59.35 -14.90
N ILE XA 44 -38.09 58.05 -14.75
CA ILE XA 44 -39.22 57.17 -14.96
C ILE XA 44 -40.13 57.20 -13.74
N PHE XA 45 -41.43 57.11 -14.00
CA PHE XA 45 -42.42 57.01 -12.93
C PHE XA 45 -43.58 56.19 -13.48
N ASN XA 46 -43.64 54.92 -13.09
CA ASN XA 46 -44.77 54.07 -13.42
C ASN XA 46 -45.87 54.29 -12.40
N THR XA 47 -47.08 54.57 -12.89
CA THR XA 47 -48.23 54.74 -12.03
C THR XA 47 -49.46 54.12 -12.69
N ARG XA 48 -50.62 54.46 -12.14
CA ARG XA 48 -51.89 53.84 -12.51
C ARG XA 48 -52.96 54.90 -12.44
N LEU XA 49 -53.70 55.05 -13.54
CA LEU XA 49 -54.76 56.03 -13.68
C LEU XA 49 -56.04 55.32 -14.06
N SER XA 50 -57.15 55.73 -13.45
CA SER XA 50 -58.43 55.09 -13.62
C SER XA 50 -59.49 56.12 -13.99
N ARG XA 51 -60.64 55.58 -14.38
CA ARG XA 51 -61.77 56.32 -14.92
C ARG XA 51 -62.95 55.37 -14.99
N THR XA 52 -64.13 55.88 -14.68
CA THR XA 52 -65.34 55.06 -14.60
C THR XA 52 -66.46 55.73 -15.36
N PHE XA 53 -67.23 54.93 -16.09
CA PHE XA 53 -68.33 55.43 -16.89
C PHE XA 53 -69.29 54.28 -17.15
N GLY XA 54 -70.46 54.63 -17.68
CA GLY XA 54 -71.52 53.68 -17.91
C GLY XA 54 -71.72 53.25 -19.34
N TYR XA 55 -72.32 52.08 -19.51
CA TYR XA 55 -72.69 51.54 -20.81
C TYR XA 55 -73.94 50.68 -20.61
N THR XA 56 -74.93 50.91 -21.46
CA THR XA 56 -76.20 50.21 -21.39
C THR XA 56 -76.53 49.60 -22.74
N ILE XA 57 -77.04 48.38 -22.71
CA ILE XA 57 -77.57 47.68 -23.86
C ILE XA 57 -79.09 47.69 -23.69
N LYS XA 58 -79.76 48.53 -24.47
CA LYS XA 58 -81.19 48.68 -24.35
C LYS XA 58 -81.91 47.42 -24.78
N ARG XA 59 -83.15 47.28 -24.30
CA ARG XA 59 -83.97 46.12 -24.59
C ARG XA 59 -84.45 46.14 -26.04
N THR XA 60 -84.84 44.95 -26.51
CA THR XA 60 -85.37 44.76 -27.85
C THR XA 60 -86.49 43.73 -27.82
N THR XA 61 -87.56 44.02 -28.57
CA THR XA 61 -88.64 43.07 -28.76
C THR XA 61 -88.30 41.98 -29.76
N VAL XA 62 -87.14 42.07 -30.42
CA VAL XA 62 -86.74 41.06 -31.40
C VAL XA 62 -86.63 39.71 -30.72
N LYS XA 63 -87.15 38.68 -31.39
CA LYS XA 63 -87.16 37.34 -30.84
C LYS XA 63 -85.85 36.61 -31.05
N THR XA 64 -85.21 36.83 -32.19
CA THR XA 64 -84.00 36.12 -32.55
C THR XA 64 -82.86 36.47 -31.60
N PRO XA 65 -81.79 35.69 -31.61
CA PRO XA 65 -80.58 36.12 -30.92
C PRO XA 65 -79.82 37.11 -31.78
N SER XA 66 -79.85 38.38 -31.39
CA SER XA 66 -79.11 39.43 -32.03
C SER XA 66 -78.10 40.01 -31.05
N TRP XA 67 -77.06 40.62 -31.59
CA TRP XA 67 -75.99 41.19 -30.81
C TRP XA 67 -75.86 42.69 -31.07
N ALA XA 68 -75.44 43.38 -30.02
CA ALA XA 68 -75.20 44.82 -30.05
C ALA XA 68 -73.70 45.06 -30.06
N VAL XA 69 -73.24 45.74 -31.09
CA VAL XA 69 -71.82 45.96 -31.31
C VAL XA 69 -71.47 47.39 -30.95
N ASP XA 70 -70.32 47.56 -30.34
CA ASP XA 70 -69.83 48.89 -29.98
C ASP XA 70 -68.32 48.82 -29.86
N MET XA 71 -67.71 50.00 -29.80
CA MET XA 71 -66.28 50.18 -29.79
C MET XA 71 -65.84 50.87 -28.51
N MET XA 72 -64.53 50.86 -28.28
CA MET XA 72 -63.96 51.45 -27.08
C MET XA 72 -62.54 51.90 -27.37
N ARG XA 73 -62.31 53.20 -27.33
CA ARG XA 73 -61.00 53.82 -27.45
C ARG XA 73 -60.55 54.32 -26.09
N PHE XA 74 -59.26 54.66 -26.00
CA PHE XA 74 -58.65 55.14 -24.77
C PHE XA 74 -57.79 56.35 -25.07
N ASN XA 75 -58.05 57.45 -24.39
CA ASN XA 75 -57.25 58.66 -24.48
C ASN XA 75 -56.85 59.09 -23.08
N ILE XA 76 -55.67 59.70 -22.99
CA ILE XA 76 -55.12 60.10 -21.70
C ILE XA 76 -55.71 61.40 -21.19
N ASN XA 77 -56.41 62.16 -22.02
CA ASN XA 77 -57.07 63.36 -21.53
C ASN XA 77 -58.19 63.01 -20.56
N ASP XA 78 -58.82 61.87 -20.75
CA ASP XA 78 -59.91 61.43 -19.89
C ASP XA 78 -59.44 60.89 -18.56
N PHE XA 79 -58.15 60.63 -18.42
CA PHE XA 79 -57.57 60.14 -17.17
C PHE XA 79 -56.72 61.17 -16.47
N LEU XA 80 -56.08 62.05 -17.23
CA LEU XA 80 -55.16 63.06 -16.70
C LEU XA 80 -55.74 64.45 -16.93
N PRO XA 81 -56.16 65.18 -15.90
CA PRO XA 81 -56.77 66.48 -16.15
C PRO XA 81 -55.72 67.52 -16.48
N PRO XA 82 -56.15 68.70 -16.90
CA PRO XA 82 -55.19 69.80 -17.07
C PRO XA 82 -54.72 70.32 -15.74
N GLY XA 83 -53.48 70.78 -15.72
CA GLY XA 83 -52.89 71.28 -14.51
C GLY XA 83 -53.24 72.72 -14.24
N GLY XA 84 -52.27 73.47 -13.74
CA GLY XA 84 -52.47 74.87 -13.45
C GLY XA 84 -51.18 75.65 -13.43
N GLY XA 85 -51.19 76.79 -14.10
CA GLY XA 85 -50.02 77.64 -14.15
C GLY XA 85 -49.06 77.25 -15.25
N SER XA 86 -47.77 77.33 -14.92
CA SER XA 86 -46.73 77.00 -15.90
C SER XA 86 -46.68 75.51 -16.20
N ASN XA 87 -47.29 74.68 -15.38
CA ASN XA 87 -47.38 73.25 -15.63
C ASN XA 87 -48.68 72.96 -16.34
N PRO XA 88 -48.68 72.61 -17.63
CA PRO XA 88 -49.97 72.45 -18.32
C PRO XA 88 -50.77 71.25 -17.90
N ARG XA 89 -50.13 70.24 -17.33
CA ARG XA 89 -50.78 69.02 -16.90
C ARG XA 89 -50.55 68.79 -15.41
N SER XA 90 -51.38 67.93 -14.83
CA SER XA 90 -51.37 67.71 -13.40
C SER XA 90 -50.27 66.77 -12.96
N VAL XA 91 -49.80 65.91 -13.85
CA VAL XA 91 -48.64 65.05 -13.62
C VAL XA 91 -47.45 65.68 -14.33
N PRO XA 92 -46.46 66.22 -13.60
CA PRO XA 92 -45.43 67.02 -14.28
C PRO XA 92 -44.36 66.19 -14.97
N PHE XA 93 -44.71 65.69 -16.14
CA PHE XA 93 -43.79 64.93 -16.98
C PHE XA 93 -44.01 65.33 -18.43
N GLU XA 94 -43.01 65.04 -19.26
CA GLU XA 94 -43.01 65.40 -20.66
C GLU XA 94 -43.54 64.30 -21.56
N TYR XA 95 -43.01 63.10 -21.40
CA TYR XA 95 -43.28 61.97 -22.27
C TYR XA 95 -44.09 60.91 -21.53
N TYR XA 96 -44.73 60.06 -22.30
CA TYR XA 96 -45.49 58.96 -21.74
C TYR XA 96 -45.58 57.83 -22.75
N ARG XA 97 -45.93 56.66 -22.26
CA ARG XA 97 -46.27 55.53 -23.11
C ARG XA 97 -47.12 54.57 -22.30
N ILE XA 98 -48.25 54.19 -22.86
CA ILE XA 98 -49.21 53.35 -22.14
C ILE XA 98 -48.74 51.91 -22.25
N ARG XA 99 -48.54 51.26 -21.10
CA ARG XA 99 -48.04 49.91 -21.03
C ARG XA 99 -49.16 48.88 -21.12
N LYS XA 100 -50.22 49.08 -20.34
CA LYS XA 100 -51.33 48.14 -20.26
C LYS XA 100 -52.60 48.91 -19.98
N VAL XA 101 -53.72 48.28 -20.28
CA VAL XA 101 -55.04 48.77 -19.90
C VAL XA 101 -55.83 47.59 -19.37
N LYS XA 102 -56.63 47.87 -18.34
CA LYS XA 102 -57.54 46.91 -17.73
C LYS XA 102 -58.94 47.49 -17.84
N VAL XA 103 -59.74 46.90 -18.71
CA VAL XA 103 -61.15 47.24 -18.84
C VAL XA 103 -61.95 46.24 -18.02
N GLU XA 104 -62.76 46.76 -17.10
CA GLU XA 104 -63.56 45.97 -16.20
C GLU XA 104 -65.03 46.32 -16.43
N PHE XA 105 -65.80 45.34 -16.85
CA PHE XA 105 -67.25 45.48 -16.96
C PHE XA 105 -67.85 45.02 -15.64
N TRP XA 106 -68.16 45.99 -14.79
CA TRP XA 106 -68.80 45.69 -13.53
C TRP XA 106 -70.32 45.72 -13.74
N PRO XA 107 -71.03 44.62 -13.50
CA PRO XA 107 -72.46 44.62 -13.80
C PRO XA 107 -73.25 45.49 -12.84
N CYS XA 108 -74.40 45.90 -13.34
CA CYS XA 108 -75.38 46.66 -12.58
C CYS XA 108 -76.67 45.90 -12.36
N SER XA 109 -76.75 44.67 -12.83
CA SER XA 109 -77.97 43.90 -12.89
C SER XA 109 -77.97 42.82 -11.82
N PRO XA 110 -79.13 42.45 -11.30
CA PRO XA 110 -79.18 41.44 -10.25
C PRO XA 110 -78.89 40.05 -10.77
N ILE XA 111 -78.51 39.18 -9.86
CA ILE XA 111 -78.25 37.79 -10.23
C ILE XA 111 -79.51 36.99 -10.51
N THR XA 112 -80.69 37.57 -10.28
CA THR XA 112 -81.95 36.94 -10.60
C THR XA 112 -82.45 37.29 -11.99
N GLN XA 113 -81.73 38.09 -12.75
CA GLN XA 113 -82.21 38.54 -14.05
C GLN XA 113 -82.10 37.39 -15.04
N GLY XA 114 -83.15 37.19 -15.81
CA GLY XA 114 -83.21 36.15 -16.80
C GLY XA 114 -82.90 36.66 -18.19
N ASP XA 115 -83.24 35.83 -19.18
CA ASP XA 115 -82.95 36.10 -20.58
C ASP XA 115 -81.45 36.32 -20.76
N ARG XA 116 -80.67 35.46 -20.11
CA ARG XA 116 -79.23 35.57 -20.17
C ARG XA 116 -78.73 35.32 -21.58
N GLY XA 117 -77.47 35.68 -21.79
CA GLY XA 117 -76.88 35.64 -23.11
C GLY XA 117 -75.39 35.38 -23.08
N VAL XA 118 -74.76 35.46 -24.24
CA VAL XA 118 -73.34 35.18 -24.37
C VAL XA 118 -72.78 36.05 -25.49
N GLY XA 119 -71.72 36.77 -25.17
CA GLY XA 119 -71.09 37.70 -26.09
C GLY XA 119 -69.62 37.49 -26.23
N SER XA 120 -68.93 38.50 -26.74
CA SER XA 120 -67.52 38.38 -27.05
C SER XA 120 -66.86 39.75 -27.00
N SER XA 121 -65.65 39.78 -26.46
CA SER XA 121 -64.80 40.97 -26.45
C SER XA 121 -63.49 40.63 -27.12
N ALA XA 122 -63.09 41.48 -28.08
CA ALA XA 122 -61.88 41.27 -28.84
C ALA XA 122 -61.02 42.53 -28.81
N VAL XA 123 -59.75 42.35 -29.13
CA VAL XA 123 -58.74 43.40 -29.07
C VAL XA 123 -58.45 43.86 -30.50
N ILE XA 124 -58.67 45.14 -30.74
CA ILE XA 124 -58.64 45.72 -32.09
C ILE XA 124 -57.67 46.89 -32.05
N LEU XA 125 -56.46 46.68 -32.50
CA LEU XA 125 -55.37 47.62 -32.33
C LEU XA 125 -55.16 48.56 -33.52
N ASP XA 126 -56.21 48.86 -34.30
CA ASP XA 126 -56.02 49.58 -35.56
C ASP XA 126 -57.10 50.59 -35.93
N ASP XA 127 -58.09 50.82 -35.09
CA ASP XA 127 -59.07 51.89 -35.33
C ASP XA 127 -59.98 51.58 -36.52
N ASN XA 128 -60.18 50.29 -36.81
CA ASN XA 128 -61.18 49.86 -37.78
C ASN XA 128 -61.95 48.75 -37.10
N PHE XA 129 -63.02 49.16 -36.43
CA PHE XA 129 -63.92 48.27 -35.72
C PHE XA 129 -65.03 47.80 -36.62
N VAL XA 130 -65.68 46.73 -36.21
CA VAL XA 130 -66.95 46.36 -36.81
C VAL XA 130 -67.92 47.51 -36.57
N THR XA 131 -68.74 47.79 -37.57
CA THR XA 131 -69.64 48.92 -37.51
C THR XA 131 -70.59 48.77 -36.32
N LYS XA 132 -70.86 49.89 -35.66
CA LYS XA 132 -71.77 49.89 -34.54
C LYS XA 132 -73.16 49.48 -34.98
N ALA XA 133 -73.73 48.51 -34.28
CA ALA XA 133 -75.00 47.92 -34.63
C ALA XA 133 -75.84 47.76 -33.37
N THR XA 134 -77.15 47.85 -33.54
CA THR XA 134 -78.10 47.68 -32.44
C THR XA 134 -78.51 46.22 -32.30
N ALA XA 135 -78.92 45.60 -33.40
CA ALA XA 135 -79.34 44.19 -33.40
C ALA XA 135 -78.78 43.54 -34.66
N LEU XA 136 -77.57 43.02 -34.56
CA LEU XA 136 -76.93 42.28 -35.63
C LEU XA 136 -77.18 40.79 -35.45
N THR XA 137 -77.38 40.09 -36.54
CA THR XA 137 -77.80 38.69 -36.54
C THR XA 137 -76.70 37.71 -36.18
N TYR XA 138 -75.53 38.17 -35.77
CA TYR XA 138 -74.44 37.28 -35.44
C TYR XA 138 -73.45 38.04 -34.56
N ASP XA 139 -72.55 37.29 -33.95
CA ASP XA 139 -71.48 37.85 -33.13
C ASP XA 139 -70.24 38.00 -34.00
N PRO XA 140 -69.85 39.20 -34.40
CA PRO XA 140 -68.70 39.31 -35.31
C PRO XA 140 -67.39 38.98 -34.65
N TYR XA 141 -67.25 39.25 -33.36
CA TYR XA 141 -66.01 39.07 -32.65
C TYR XA 141 -65.83 37.67 -32.09
N VAL XA 142 -66.61 36.70 -32.57
CA VAL XA 142 -66.61 35.38 -31.97
C VAL XA 142 -65.42 34.56 -32.44
N ASN XA 143 -65.08 34.66 -33.72
CA ASN XA 143 -63.99 33.89 -34.28
C ASN XA 143 -62.65 34.60 -34.20
N TYR XA 144 -62.60 35.75 -33.55
CA TYR XA 144 -61.35 36.44 -33.37
C TYR XA 144 -60.44 35.70 -32.42
N SER XA 145 -59.14 35.74 -32.73
CA SER XA 145 -58.15 35.05 -31.92
C SER XA 145 -58.05 35.64 -30.52
N SER XA 146 -58.47 36.88 -30.33
CA SER XA 146 -58.46 37.55 -29.04
C SER XA 146 -59.83 37.60 -28.39
N ARG XA 147 -60.71 36.69 -28.76
CA ARG XA 147 -62.05 36.68 -28.21
C ARG XA 147 -62.04 36.06 -26.83
N HIS XA 148 -62.69 36.74 -25.89
CA HIS XA 148 -63.05 36.20 -24.60
C HIS XA 148 -64.55 36.25 -24.51
N THR XA 149 -65.13 35.19 -23.97
CA THR XA 149 -66.58 35.11 -23.83
C THR XA 149 -67.06 36.05 -22.73
N ILE XA 150 -68.14 36.75 -23.02
CA ILE XA 150 -68.83 37.59 -22.07
C ILE XA 150 -70.10 36.85 -21.69
N THR XA 151 -70.13 36.36 -20.46
CA THR XA 151 -71.38 35.93 -19.85
C THR XA 151 -72.16 37.15 -19.40
N GLN XA 152 -73.45 37.14 -19.70
CA GLN XA 152 -74.35 38.25 -19.44
C GLN XA 152 -75.50 37.79 -18.58
N PRO XA 153 -76.17 38.71 -17.86
CA PRO XA 153 -75.92 40.13 -17.64
C PRO XA 153 -75.21 40.46 -16.35
N PHE XA 154 -75.14 39.51 -15.43
CA PHE XA 154 -74.74 39.74 -14.05
C PHE XA 154 -73.34 39.22 -13.76
N SER XA 155 -72.49 39.17 -14.76
CA SER XA 155 -71.17 38.57 -14.63
C SER XA 155 -70.09 39.58 -14.97
N TYR XA 156 -68.98 39.49 -14.26
CA TYR XA 156 -67.85 40.37 -14.42
C TYR XA 156 -66.96 39.90 -15.56
N HIS XA 157 -66.47 40.86 -16.32
CA HIS XA 157 -65.61 40.62 -17.47
C HIS XA 157 -64.46 41.59 -17.43
N SER XA 158 -63.25 41.05 -17.43
CA SER XA 158 -62.02 41.84 -17.45
C SER XA 158 -61.24 41.52 -18.71
N ARG XA 159 -60.52 42.51 -19.21
CA ARG XA 159 -59.60 42.36 -20.33
C ARG XA 159 -58.36 43.17 -20.01
N TYR XA 160 -57.21 42.53 -20.07
CA TYR XA 160 -55.92 43.13 -19.73
C TYR XA 160 -54.99 42.96 -20.92
N PHE XA 161 -54.60 44.07 -21.53
CA PHE XA 161 -53.87 44.02 -22.78
C PHE XA 161 -53.07 45.30 -22.92
N THR XA 162 -52.26 45.35 -23.98
CA THR XA 162 -51.40 46.45 -24.31
C THR XA 162 -51.95 47.21 -25.51
N PRO XA 163 -52.44 48.43 -25.36
CA PRO XA 163 -52.99 49.12 -26.52
C PRO XA 163 -51.92 49.66 -27.43
N LYS XA 164 -52.34 50.29 -28.52
CA LYS XA 164 -51.44 50.85 -29.51
C LYS XA 164 -51.97 52.21 -29.91
N PRO XA 165 -51.11 53.19 -30.17
CA PRO XA 165 -51.60 54.51 -30.58
C PRO XA 165 -51.89 54.59 -32.06
N VAL XA 166 -52.75 55.56 -32.38
CA VAL XA 166 -53.18 55.80 -33.76
C VAL XA 166 -52.23 56.84 -34.32
N LEU XA 167 -51.14 56.37 -34.90
CA LEU XA 167 -50.15 57.25 -35.50
C LEU XA 167 -50.56 57.67 -36.90
N ASP XA 168 -51.04 56.74 -37.71
CA ASP XA 168 -51.56 57.04 -39.04
C ASP XA 168 -52.80 56.19 -39.25
N SER XA 169 -53.96 56.83 -39.26
CA SER XA 169 -55.21 56.12 -39.47
C SER XA 169 -55.39 55.65 -40.90
N THR XA 170 -54.63 56.22 -41.84
CA THR XA 170 -54.72 55.80 -43.24
C THR XA 170 -54.05 54.46 -43.47
N ILE XA 171 -52.91 54.23 -42.82
CA ILE XA 171 -52.11 53.03 -43.02
C ILE XA 171 -52.36 52.06 -41.87
N ASP XA 172 -52.58 52.62 -40.68
CA ASP XA 172 -52.91 51.84 -39.48
C ASP XA 172 -51.81 50.83 -39.18
N TYR XA 173 -50.63 51.36 -38.84
CA TYR XA 173 -49.48 50.55 -38.47
C TYR XA 173 -49.25 50.65 -36.96
N PHE XA 174 -48.76 49.56 -36.38
CA PHE XA 174 -48.48 49.51 -34.97
C PHE XA 174 -47.33 48.57 -34.70
N GLN XA 175 -46.79 48.69 -33.56
CA GLN XA 175 -45.64 47.93 -33.11
C GLN XA 175 -46.06 46.66 -32.39
N PRO XA 176 -45.26 45.61 -32.45
CA PRO XA 176 -45.51 44.48 -31.56
C PRO XA 176 -45.12 44.78 -30.13
N ASN XA 177 -45.43 43.87 -29.24
CA ASN XA 177 -45.21 44.08 -27.82
C ASN XA 177 -43.73 43.96 -27.50
N ASN XA 178 -43.13 45.06 -27.05
CA ASN XA 178 -41.73 45.07 -26.64
C ASN XA 178 -41.61 46.21 -25.64
N LYS XA 179 -41.32 45.88 -24.39
CA LYS XA 179 -41.24 46.91 -23.39
C LYS XA 179 -40.06 47.83 -23.62
N ARG XA 180 -38.99 47.33 -24.23
CA ARG XA 180 -37.77 48.11 -24.40
C ARG XA 180 -37.83 49.03 -25.61
N ASN XA 181 -38.63 48.66 -26.63
CA ASN XA 181 -38.69 49.39 -27.88
C ASN XA 181 -39.97 50.18 -28.06
N GLN XA 182 -40.85 50.20 -27.08
CA GLN XA 182 -42.11 50.92 -27.20
C GLN XA 182 -41.85 52.41 -27.31
N LEU XA 183 -42.55 53.03 -28.25
CA LEU XA 183 -42.37 54.45 -28.52
C LEU XA 183 -42.83 55.29 -27.34
N TRP XA 184 -42.11 56.38 -27.12
CA TRP XA 184 -42.51 57.41 -26.20
C TRP XA 184 -43.27 58.48 -26.97
N LEU XA 185 -44.47 58.78 -26.52
CA LEU XA 185 -45.25 59.89 -27.04
C LEU XA 185 -45.07 61.09 -26.12
N ARG XA 186 -45.47 62.25 -26.62
CA ARG XA 186 -45.48 63.46 -25.84
C ARG XA 186 -46.82 63.63 -25.16
N LEU XA 187 -46.77 64.05 -23.90
CA LEU XA 187 -47.95 64.42 -23.15
C LEU XA 187 -48.33 65.83 -23.54
N GLN XA 188 -49.22 65.91 -24.54
CA GLN XA 188 -49.67 67.19 -25.04
C GLN XA 188 -50.53 67.89 -24.01
N THR XA 189 -50.89 69.13 -24.32
CA THR XA 189 -51.70 69.93 -23.41
C THR XA 189 -53.18 69.59 -23.53
N ALA XA 190 -53.73 69.63 -24.75
CA ALA XA 190 -55.14 69.30 -24.96
C ALA XA 190 -55.39 68.52 -26.25
N GLY XA 191 -54.40 67.80 -26.77
CA GLY XA 191 -54.53 67.17 -28.07
C GLY XA 191 -53.90 65.80 -28.18
N ASN XA 192 -53.91 65.04 -27.10
CA ASN XA 192 -53.27 63.74 -27.10
C ASN XA 192 -53.97 62.77 -28.06
N VAL XA 193 -53.23 61.77 -28.47
CA VAL XA 193 -53.64 60.84 -29.51
C VAL XA 193 -54.42 59.69 -28.88
N ASP XA 194 -55.40 59.19 -29.62
CA ASP XA 194 -56.27 58.14 -29.12
C ASP XA 194 -55.58 56.80 -29.22
N HIS XA 195 -55.58 56.07 -28.12
CA HIS XA 195 -55.19 54.67 -28.11
C HIS XA 195 -56.42 53.81 -28.30
N VAL XA 196 -56.20 52.60 -28.79
CA VAL XA 196 -57.25 51.76 -29.31
C VAL XA 196 -56.94 50.32 -28.91
N GLY XA 197 -57.96 49.46 -29.00
CA GLY XA 197 -57.76 48.10 -28.54
C GLY XA 197 -58.90 47.31 -27.93
N LEU XA 198 -60.15 47.76 -27.98
CA LEU XA 198 -61.23 46.87 -27.55
C LEU XA 198 -62.51 47.09 -28.31
N GLY XA 199 -63.10 45.99 -28.74
CA GLY XA 199 -64.43 45.98 -29.31
C GLY XA 199 -65.24 44.86 -28.72
N THR XA 200 -66.53 45.11 -28.60
CA THR XA 200 -67.43 44.23 -27.86
C THR XA 200 -68.64 43.86 -28.70
N ALA XA 201 -69.30 42.79 -28.28
CA ALA XA 201 -70.56 42.35 -28.86
C ALA XA 201 -71.39 41.75 -27.74
N PHE XA 202 -72.46 42.42 -27.37
CA PHE XA 202 -73.36 41.99 -26.33
C PHE XA 202 -74.66 41.48 -26.92
N GLU XA 203 -75.13 40.36 -26.40
CA GLU XA 203 -76.38 39.77 -26.84
C GLU XA 203 -77.54 40.52 -26.20
N ASN XA 204 -78.48 40.96 -27.03
CA ASN XA 204 -79.59 41.75 -26.57
C ASN XA 204 -80.55 40.90 -25.74
N SER XA 205 -81.46 41.57 -25.05
CA SER XA 205 -82.35 40.93 -24.10
C SER XA 205 -83.63 41.74 -23.99
N ILE XA 206 -84.63 41.12 -23.36
CA ILE XA 206 -85.89 41.80 -23.10
C ILE XA 206 -85.71 42.89 -22.07
N TYR XA 207 -84.76 42.72 -21.16
CA TYR XA 207 -84.47 43.67 -20.11
C TYR XA 207 -83.23 44.48 -20.45
N ASP XA 208 -83.15 45.66 -19.87
CA ASP XA 208 -81.99 46.51 -20.07
C ASP XA 208 -80.81 45.97 -19.28
N GLN XA 209 -79.65 45.93 -19.92
CA GLN XA 209 -78.40 45.45 -19.34
C GLN XA 209 -77.47 46.64 -19.16
N GLU XA 210 -77.27 47.06 -17.92
CA GLU XA 210 -76.41 48.18 -17.60
C GLU XA 210 -75.08 47.69 -17.03
N TYR XA 211 -74.05 48.48 -17.27
CA TYR XA 211 -72.70 48.19 -16.80
C TYR XA 211 -72.02 49.47 -16.38
N ASN XA 212 -71.17 49.36 -15.36
CA ASN XA 212 -70.26 50.42 -14.95
C ASN XA 212 -68.87 50.00 -15.37
N ILE XA 213 -68.31 50.67 -16.36
CA ILE XA 213 -67.04 50.26 -16.95
C ILE XA 213 -65.94 51.10 -16.32
N ARG XA 214 -64.95 50.42 -15.74
CA ARG XA 214 -63.81 51.04 -15.10
C ARG XA 214 -62.57 50.69 -15.91
N VAL XA 215 -62.00 51.70 -16.56
CA VAL XA 215 -60.77 51.55 -17.33
C VAL XA 215 -59.63 52.03 -16.46
N THR XA 216 -58.59 51.22 -16.38
CA THR XA 216 -57.38 51.53 -15.65
C THR XA 216 -56.21 51.44 -16.61
N MET XA 217 -55.50 52.54 -16.79
CA MET XA 217 -54.33 52.60 -17.64
C MET XA 217 -53.07 52.61 -16.80
N TYR XA 218 -52.15 51.71 -17.11
CA TYR XA 218 -50.85 51.63 -16.47
C TYR XA 218 -49.84 52.31 -17.37
N VAL XA 219 -49.40 53.50 -16.96
CA VAL XA 219 -48.61 54.37 -17.80
C VAL XA 219 -47.20 54.48 -17.24
N GLN XA 220 -46.32 55.04 -18.06
CA GLN XA 220 -44.92 55.20 -17.72
C GLN XA 220 -44.50 56.55 -18.28
N PHE XA 221 -44.15 57.47 -17.40
CA PHE XA 221 -43.75 58.81 -17.77
C PHE XA 221 -42.23 58.95 -17.77
N ARG XA 222 -41.77 60.10 -18.24
CA ARG XA 222 -40.35 60.36 -18.38
C ARG XA 222 -40.11 61.85 -18.36
N GLU XA 223 -38.95 62.24 -17.84
CA GLU XA 223 -38.47 63.63 -17.86
C GLU XA 223 -39.39 64.56 -17.09
N PHE XA 224 -39.35 64.38 -15.77
CA PHE XA 224 -39.89 65.32 -14.80
C PHE XA 224 -39.54 66.74 -15.18
N ASN XA 225 -40.56 67.57 -15.35
CA ASN XA 225 -40.40 68.90 -15.94
C ASN XA 225 -41.15 69.96 -15.15
N LEU XA 226 -41.09 69.87 -13.83
CA LEU XA 226 -41.79 70.84 -13.02
C LEU XA 226 -41.17 72.22 -13.19
N LYS XA 227 -42.03 73.24 -13.18
CA LYS XA 227 -41.62 74.62 -13.30
C LYS XA 227 -42.05 75.38 -12.06
N ASP XA 228 -41.10 76.08 -11.44
CA ASP XA 228 -41.29 76.72 -10.15
C ASP XA 228 -40.97 78.20 -10.28
N PRO XA 229 -41.92 79.01 -10.73
CA PRO XA 229 -41.72 80.45 -10.73
C PRO XA 229 -41.83 81.01 -9.33
N PRO XA 230 -41.40 82.26 -9.10
CA PRO XA 230 -41.61 82.87 -7.80
C PRO XA 230 -43.07 83.18 -7.53
N LEU XA 231 -43.33 83.77 -6.36
CA LEU XA 231 -44.69 84.09 -5.94
C LEU XA 231 -44.75 85.44 -5.22
N GLY YA 43 45.23 -33.81 44.63
CA GLY YA 43 46.32 -32.85 44.44
C GLY YA 43 47.23 -33.22 43.30
N ILE YA 44 46.80 -32.89 42.09
CA ILE YA 44 47.49 -33.32 40.88
C ILE YA 44 48.71 -32.44 40.64
N PHE YA 45 49.76 -33.06 40.12
CA PHE YA 45 50.96 -32.34 39.73
C PHE YA 45 51.58 -33.11 38.56
N ASN YA 46 51.37 -32.59 37.35
CA ASN YA 46 52.01 -33.13 36.18
C ASN YA 46 53.40 -32.53 36.03
N THR YA 47 54.40 -33.39 35.89
CA THR YA 47 55.77 -32.94 35.69
C THR YA 47 56.46 -33.85 34.69
N ARG YA 48 57.78 -33.73 34.63
CA ARG YA 48 58.61 -34.37 33.64
C ARG YA 48 59.92 -34.78 34.28
N LEU YA 49 60.27 -36.06 34.15
CA LEU YA 49 61.47 -36.63 34.72
C LEU YA 49 62.27 -37.28 33.62
N SER YA 50 63.58 -37.09 33.66
CA SER YA 50 64.49 -37.54 32.63
C SER YA 50 65.63 -38.35 33.22
N ARG YA 51 66.37 -38.99 32.33
CA ARG YA 51 67.42 -39.94 32.66
C ARG YA 51 68.16 -40.24 31.37
N THR YA 52 69.48 -40.37 31.46
CA THR YA 52 70.34 -40.54 30.29
C THR YA 52 71.29 -41.69 30.54
N PHE YA 53 71.50 -42.51 29.51
CA PHE YA 53 72.38 -43.66 29.60
C PHE YA 53 72.80 -44.05 28.19
N GLY YA 54 73.78 -44.94 28.13
CA GLY YA 54 74.37 -45.36 26.88
C GLY YA 54 73.96 -46.71 26.37
N TYR YA 55 74.10 -46.90 25.06
CA TYR YA 55 73.82 -48.17 24.39
C TYR YA 55 74.74 -48.26 23.18
N THR YA 56 75.43 -49.39 23.05
CA THR YA 56 76.37 -49.61 21.97
C THR YA 56 76.04 -50.90 21.26
N ILE YA 57 76.13 -50.86 19.94
CA ILE YA 57 76.03 -52.03 19.07
C ILE YA 57 77.44 -52.32 18.59
N LYS YA 58 78.03 -53.37 19.14
CA LYS YA 58 79.41 -53.70 18.81
C LYS YA 58 79.52 -54.16 17.37
N ARG YA 59 80.75 -54.07 16.85
CA ARG YA 59 81.04 -54.44 15.48
C ARG YA 59 80.99 -55.95 15.30
N THR YA 60 80.83 -56.36 14.04
CA THR YA 60 80.82 -57.76 13.65
C THR YA 60 81.51 -57.94 12.32
N THR YA 61 82.31 -59.00 12.22
CA THR YA 61 82.92 -59.39 10.96
C THR YA 61 81.96 -60.09 10.01
N VAL YA 62 80.74 -60.38 10.47
CA VAL YA 62 79.75 -61.05 9.63
C VAL YA 62 79.46 -60.21 8.40
N LYS YA 63 79.39 -60.86 7.25
CA LYS YA 63 79.18 -60.17 5.98
C LYS YA 63 77.71 -59.89 5.72
N THR YA 64 76.83 -60.80 6.12
CA THR YA 64 75.43 -60.68 5.84
C THR YA 64 74.82 -59.49 6.57
N PRO YA 65 73.62 -59.07 6.18
CA PRO YA 65 72.88 -58.11 7.00
C PRO YA 65 72.23 -58.83 8.17
N SER YA 66 72.78 -58.63 9.36
CA SER YA 66 72.22 -59.15 10.59
C SER YA 66 71.82 -58.00 11.49
N TRP YA 67 70.89 -58.28 12.39
CA TRP YA 67 70.36 -57.29 13.31
C TRP YA 67 70.63 -57.68 14.75
N ALA YA 68 70.79 -56.66 15.57
CA ALA YA 68 71.02 -56.80 17.00
C ALA YA 68 69.75 -56.38 17.74
N VAL YA 69 69.19 -57.31 18.50
CA VAL YA 69 67.92 -57.11 19.16
C VAL YA 69 68.17 -56.86 20.64
N ASP YA 70 67.38 -55.96 21.21
CA ASP YA 70 67.47 -55.64 22.62
C ASP YA 70 66.13 -55.06 23.07
N MET YA 71 65.97 -54.98 24.38
CA MET YA 71 64.75 -54.55 25.02
C MET YA 71 64.98 -53.30 25.84
N MET YA 72 63.88 -52.69 26.27
CA MET YA 72 63.94 -51.46 27.04
C MET YA 72 62.70 -51.37 27.92
N ARG YA 73 62.91 -51.43 29.24
CA ARG YA 73 61.88 -51.23 30.24
C ARG YA 73 62.08 -49.88 30.91
N PHE YA 74 61.06 -49.45 31.65
CA PHE YA 74 61.06 -48.16 32.32
C PHE YA 74 60.55 -48.35 33.75
N ASN YA 75 61.35 -47.92 34.72
CA ASN YA 75 60.97 -47.91 36.11
C ASN YA 75 61.20 -46.54 36.69
N ILE YA 76 60.36 -46.17 37.67
CA ILE YA 76 60.41 -44.84 38.25
C ILE YA 76 61.51 -44.69 39.29
N ASN YA 77 62.09 -45.79 39.77
CA ASN YA 77 63.21 -45.67 40.68
C ASN YA 77 64.42 -45.07 40.02
N ASP YA 78 64.57 -45.28 38.71
CA ASP YA 78 65.69 -44.74 37.97
C ASP YA 78 65.55 -43.27 37.65
N PHE YA 79 64.36 -42.71 37.82
CA PHE YA 79 64.09 -41.30 37.58
C PHE YA 79 63.87 -40.51 38.87
N LEU YA 80 63.32 -41.15 39.89
CA LEU YA 80 62.98 -40.51 41.15
C LEU YA 80 63.85 -41.07 42.27
N PRO YA 81 64.79 -40.33 42.84
CA PRO YA 81 65.64 -40.91 43.85
C PRO YA 81 64.91 -41.04 45.18
N PRO YA 82 65.53 -41.72 46.14
CA PRO YA 82 64.95 -41.73 47.49
C PRO YA 82 65.11 -40.39 48.17
N GLY YA 83 64.15 -40.07 49.01
CA GLY YA 83 64.16 -38.81 49.71
C GLY YA 83 65.01 -38.84 50.95
N GLY YA 84 64.52 -38.18 52.00
CA GLY YA 84 65.23 -38.14 53.25
C GLY YA 84 64.32 -37.85 54.42
N GLY YA 85 64.46 -38.62 55.48
CA GLY YA 85 63.66 -38.43 56.66
C GLY YA 85 62.32 -39.12 56.60
N SER YA 86 61.28 -38.44 57.10
CA SER YA 86 59.95 -39.01 57.11
C SER YA 86 59.34 -39.09 55.72
N ASN YA 87 59.91 -38.38 54.74
CA ASN YA 87 59.47 -38.46 53.36
C ASN YA 87 60.31 -39.49 52.63
N PRO YA 88 59.79 -40.67 52.27
CA PRO YA 88 60.66 -41.69 51.69
C PRO YA 88 61.15 -41.37 50.29
N ARG YA 89 60.45 -40.51 49.57
CA ARG YA 89 60.81 -40.14 48.21
C ARG YA 89 61.02 -38.64 48.11
N SER YA 90 61.69 -38.23 47.04
CA SER YA 90 62.08 -36.85 46.87
C SER YA 90 60.95 -35.97 46.35
N VAL YA 91 59.97 -36.57 45.68
CA VAL YA 91 58.76 -35.89 45.25
C VAL YA 91 57.66 -36.28 46.23
N PRO YA 92 57.17 -35.37 47.08
CA PRO YA 92 56.27 -35.81 48.15
C PRO YA 92 54.82 -36.03 47.71
N PHE YA 93 54.61 -37.18 47.09
CA PHE YA 93 53.29 -37.59 46.66
C PHE YA 93 53.13 -39.08 46.93
N GLU YA 94 51.88 -39.52 46.96
CA GLU YA 94 51.54 -40.90 47.28
C GLU YA 94 51.37 -41.76 46.03
N TYR YA 95 50.58 -41.30 45.07
CA TYR YA 95 50.21 -42.06 43.90
C TYR YA 95 50.85 -41.47 42.67
N TYR YA 96 50.90 -42.28 41.61
CA TYR YA 96 51.44 -41.84 40.34
C TYR YA 96 50.84 -42.68 39.24
N ARG YA 97 50.96 -42.16 38.01
CA ARG YA 97 50.65 -42.92 36.83
C ARG YA 97 51.37 -42.29 35.66
N ILE YA 98 52.09 -43.11 34.90
CA ILE YA 98 52.92 -42.62 33.81
C ILE YA 98 52.02 -42.39 32.60
N ARG YA 99 52.03 -41.16 32.10
CA ARG YA 99 51.19 -40.77 30.97
C ARG YA 99 51.85 -41.05 29.64
N LYS YA 100 53.11 -40.66 29.49
CA LYS YA 100 53.84 -40.80 28.25
C LYS YA 100 55.31 -41.01 28.56
N VAL YA 101 56.03 -41.56 27.59
CA VAL YA 101 57.48 -41.66 27.63
C VAL YA 101 58.01 -41.24 26.27
N LYS YA 102 59.14 -40.54 26.29
CA LYS YA 102 59.85 -40.13 25.09
C LYS YA 102 61.25 -40.72 25.18
N VAL YA 103 61.50 -41.71 24.33
CA VAL YA 103 62.83 -42.29 24.19
C VAL YA 103 63.50 -41.63 23.01
N GLU YA 104 64.68 -41.08 23.25
CA GLU YA 104 65.46 -40.36 22.26
C GLU YA 104 66.79 -41.06 22.10
N PHE YA 105 67.06 -41.57 20.91
CA PHE YA 105 68.36 -42.13 20.57
C PHE YA 105 69.19 -41.00 19.97
N TRP YA 106 70.03 -40.40 20.80
CA TRP YA 106 70.94 -39.38 20.34
C TRP YA 106 72.23 -40.03 19.86
N PRO YA 107 72.60 -39.88 18.59
CA PRO YA 107 73.79 -40.59 18.11
C PRO YA 107 75.07 -40.03 18.69
N CYS YA 108 76.07 -40.91 18.69
CA CYS YA 108 77.41 -40.57 19.10
C CYS YA 108 78.41 -40.66 17.96
N SER YA 109 77.96 -40.97 16.76
CA SER YA 109 78.80 -41.29 15.63
C SER YA 109 78.83 -40.14 14.64
N PRO YA 110 79.92 -39.95 13.91
CA PRO YA 110 80.00 -38.84 12.98
C PRO YA 110 79.14 -39.07 11.76
N ILE YA 111 78.83 -37.98 11.06
CA ILE YA 111 78.05 -38.07 9.84
C ILE YA 111 78.85 -38.61 8.66
N THR YA 112 80.15 -38.82 8.83
CA THR YA 112 80.99 -39.42 7.81
C THR YA 112 81.10 -40.94 7.93
N GLN YA 113 80.44 -41.54 8.92
CA GLN YA 113 80.58 -42.96 9.14
C GLN YA 113 79.81 -43.72 8.08
N GLY YA 114 80.45 -44.75 7.53
CA GLY YA 114 79.85 -45.56 6.50
C GLY YA 114 79.28 -46.85 7.04
N ASP YA 115 79.02 -47.78 6.12
CA ASP YA 115 78.37 -49.05 6.45
C ASP YA 115 77.04 -48.81 7.13
N ARG YA 116 76.30 -47.85 6.61
CA ARG YA 116 75.02 -47.48 7.18
C ARG YA 116 74.03 -48.63 7.08
N GLY YA 117 72.94 -48.49 7.82
CA GLY YA 117 71.98 -49.55 7.96
C GLY YA 117 70.58 -49.05 8.21
N VAL YA 118 69.67 -49.97 8.46
CA VAL YA 118 68.27 -49.63 8.66
C VAL YA 118 67.67 -50.63 9.63
N GLY YA 119 67.03 -50.10 10.67
CA GLY YA 119 66.46 -50.90 11.74
C GLY YA 119 65.02 -50.56 12.02
N SER YA 120 64.55 -50.97 13.19
CA SER YA 120 63.15 -50.82 13.53
C SER YA 120 63.00 -50.75 15.04
N SER YA 121 62.10 -49.88 15.49
CA SER YA 121 61.71 -49.77 16.89
C SER YA 121 60.21 -49.97 16.99
N ALA YA 122 59.80 -50.86 17.90
CA ALA YA 122 58.40 -51.19 18.08
C ALA YA 122 58.03 -51.07 19.55
N VAL YA 123 56.73 -50.96 19.79
CA VAL YA 123 56.16 -50.75 21.11
C VAL YA 123 55.58 -52.06 21.61
N ILE YA 124 56.09 -52.53 22.74
CA ILE YA 124 55.80 -53.86 23.27
C ILE YA 124 55.32 -53.68 24.70
N LEU YA 125 54.00 -53.72 24.89
CA LEU YA 125 53.38 -53.35 26.14
C LEU YA 125 53.08 -54.53 27.06
N ASP YA 126 53.87 -55.63 26.99
CA ASP YA 126 53.50 -56.85 27.70
C ASP YA 126 54.64 -57.65 28.28
N ASP YA 127 55.88 -57.20 28.19
CA ASP YA 127 57.01 -57.84 28.86
C ASP YA 127 57.34 -59.20 28.24
N ASN YA 128 57.02 -59.37 26.97
CA ASN YA 128 57.47 -60.54 26.20
C ASN YA 128 58.06 -59.98 24.92
N PHE YA 129 59.35 -59.73 24.97
CA PHE YA 129 60.11 -59.21 23.86
C PHE YA 129 60.67 -60.34 23.02
N VAL YA 130 61.07 -60.00 21.80
CA VAL YA 130 61.89 -60.91 21.02
C VAL YA 130 63.18 -61.12 21.78
N THR YA 131 63.68 -62.34 21.76
CA THR YA 131 64.86 -62.70 22.53
C THR YA 131 66.04 -61.85 22.11
N LYS YA 132 66.84 -61.45 23.09
CA LYS YA 132 68.02 -60.65 22.81
C LYS YA 132 69.00 -61.45 21.96
N ALA YA 133 69.43 -60.83 20.87
CA ALA YA 133 70.29 -61.46 19.89
C ALA YA 133 71.39 -60.49 19.49
N THR YA 134 72.55 -61.07 19.15
CA THR YA 134 73.69 -60.30 18.69
C THR YA 134 73.67 -60.10 17.19
N ALA YA 135 73.48 -61.18 16.43
CA ALA YA 135 73.43 -61.12 14.98
C ALA YA 135 72.32 -62.06 14.51
N LEU YA 136 71.11 -61.54 14.42
CA LEU YA 136 69.97 -62.26 13.90
C LEU YA 136 69.80 -61.97 12.42
N THR YA 137 69.40 -62.98 11.67
CA THR YA 137 69.36 -62.92 10.21
C THR YA 137 68.19 -62.13 9.66
N TYR YA 138 67.42 -61.45 10.50
CA TYR YA 138 66.28 -60.69 10.02
C TYR YA 138 65.92 -59.67 11.08
N ASP YA 139 65.07 -58.72 10.69
CA ASP YA 139 64.55 -57.70 11.59
C ASP YA 139 63.21 -58.16 12.11
N PRO YA 140 63.10 -58.59 13.37
CA PRO YA 140 61.81 -59.10 13.83
C PRO YA 140 60.74 -58.05 13.97
N TYR YA 141 61.12 -56.82 14.29
CA TYR YA 141 60.18 -55.75 14.56
C TYR YA 141 59.78 -55.00 13.30
N VAL YA 142 60.03 -55.56 12.13
CA VAL YA 142 59.82 -54.81 10.89
C VAL YA 142 58.36 -54.80 10.50
N ASN YA 143 57.66 -55.92 10.67
CA ASN YA 143 56.27 -56.03 10.28
C ASN YA 143 55.31 -55.64 11.40
N TYR YA 144 55.83 -55.16 12.52
CA TYR YA 144 54.98 -54.70 13.60
C TYR YA 144 54.24 -53.43 13.21
N SER YA 145 53.00 -53.34 13.67
CA SER YA 145 52.17 -52.19 13.38
C SER YA 145 52.71 -50.90 13.99
N SER YA 146 53.54 -51.01 15.03
CA SER YA 146 54.14 -49.87 15.69
C SER YA 146 55.59 -49.68 15.30
N ARG YA 147 56.00 -50.18 14.15
CA ARG YA 147 57.37 -50.06 13.71
C ARG YA 147 57.62 -48.68 13.16
N HIS YA 148 58.70 -48.07 13.62
CA HIS YA 148 59.29 -46.88 13.02
C HIS YA 148 60.68 -47.26 12.56
N THR YA 149 61.05 -46.78 11.38
CA THR YA 149 62.37 -47.07 10.83
C THR YA 149 63.43 -46.31 11.59
N ILE YA 150 64.52 -47.00 11.88
CA ILE YA 150 65.71 -46.41 12.48
C ILE YA 150 66.74 -46.33 11.37
N THR YA 151 67.02 -45.11 10.93
CA THR YA 151 68.20 -44.87 10.12
C THR YA 151 69.42 -44.84 11.02
N GLN YA 152 70.48 -45.50 10.58
CA GLN YA 152 71.70 -45.67 11.34
C GLN YA 152 72.88 -45.14 10.55
N PRO YA 153 73.98 -44.79 11.20
CA PRO YA 153 74.27 -44.68 12.63
C PRO YA 153 74.16 -43.28 13.21
N PHE YA 154 74.11 -42.28 12.35
CA PHE YA 154 74.26 -40.88 12.75
C PHE YA 154 72.95 -40.12 12.72
N SER YA 155 71.85 -40.79 12.93
CA SER YA 155 70.53 -40.20 12.80
C SER YA 155 69.76 -40.34 14.11
N TYR YA 156 68.97 -39.31 14.40
CA TYR YA 156 68.17 -39.24 15.60
C TYR YA 156 66.87 -39.99 15.43
N HIS YA 157 66.46 -40.69 16.49
CA HIS YA 157 65.26 -41.49 16.51
C HIS YA 157 64.53 -41.22 17.81
N SER YA 158 63.28 -40.78 17.69
CA SER YA 158 62.41 -40.56 18.84
C SER YA 158 61.20 -41.46 18.76
N ARG YA 159 60.70 -41.85 19.93
CA ARG YA 159 59.46 -42.60 20.06
C ARG YA 159 58.71 -42.04 21.25
N TYR YA 160 57.46 -41.67 21.02
CA TYR YA 160 56.60 -41.03 22.02
C TYR YA 160 55.33 -41.85 22.13
N PHE YA 161 55.12 -42.46 23.29
CA PHE YA 161 54.04 -43.42 23.47
C PHE YA 161 53.66 -43.47 24.94
N THR YA 162 52.62 -44.24 25.21
CA THR YA 162 52.08 -44.43 26.54
C THR YA 162 52.40 -45.82 27.04
N PRO YA 163 53.27 -45.99 28.03
CA PRO YA 163 53.59 -47.34 28.48
C PRO YA 163 52.50 -47.95 29.32
N LYS YA 164 52.71 -49.19 29.74
CA LYS YA 164 51.76 -49.92 30.55
C LYS YA 164 52.53 -50.64 31.66
N PRO YA 165 51.96 -50.75 32.85
CA PRO YA 165 52.66 -51.45 33.92
C PRO YA 165 52.47 -52.95 33.86
N VAL YA 166 53.43 -53.64 34.48
CA VAL YA 166 53.44 -55.09 34.54
C VAL YA 166 52.73 -55.48 35.83
N LEU YA 167 51.41 -55.64 35.72
CA LEU YA 167 50.59 -56.02 36.86
C LEU YA 167 50.64 -57.52 37.10
N ASP YA 168 50.52 -58.31 36.04
CA ASP YA 168 50.65 -59.76 36.13
C ASP YA 168 51.43 -60.22 34.91
N SER YA 169 52.66 -60.66 35.13
CA SER YA 169 53.49 -61.14 34.04
C SER YA 169 53.04 -62.49 33.51
N THR YA 170 52.22 -63.23 34.27
CA THR YA 170 51.73 -64.52 33.81
C THR YA 170 50.65 -64.36 32.76
N ILE YA 171 49.76 -63.39 32.94
CA ILE YA 171 48.62 -63.17 32.06
C ILE YA 171 48.92 -62.03 31.10
N ASP YA 172 49.68 -61.04 31.57
CA ASP YA 172 50.12 -59.91 30.77
C ASP YA 172 48.93 -59.17 30.18
N TYR YA 173 48.15 -58.57 31.07
CA TYR YA 173 47.00 -57.76 30.70
C TYR YA 173 47.31 -56.28 30.90
N PHE YA 174 46.73 -55.45 30.04
CA PHE YA 174 46.93 -54.02 30.13
C PHE YA 174 45.68 -53.30 29.62
N GLN YA 175 45.62 -52.08 29.94
CA GLN YA 175 44.51 -51.21 29.62
C GLN YA 175 44.73 -50.49 28.30
N PRO YA 176 43.67 -50.17 27.57
CA PRO YA 176 43.84 -49.27 26.43
C PRO YA 176 44.04 -47.83 26.88
N ASN YA 177 44.34 -46.96 25.94
CA ASN YA 177 44.68 -45.59 26.26
C ASN YA 177 43.41 -44.83 26.64
N ASN YA 178 43.36 -44.36 27.87
CA ASN YA 178 42.25 -43.56 28.36
C ASN YA 178 42.79 -42.72 29.51
N LYS YA 179 42.85 -41.41 29.31
CA LYS YA 179 43.42 -40.57 30.34
C LYS YA 179 42.56 -40.55 31.59
N ARG YA 180 41.26 -40.74 31.46
CA ARG YA 180 40.35 -40.64 32.59
C ARG YA 180 40.28 -41.92 33.40
N ASN YA 181 40.56 -43.07 32.78
CA ASN YA 181 40.43 -44.37 33.41
C ASN YA 181 41.76 -45.03 33.73
N GLN YA 182 42.87 -44.35 33.48
CA GLN YA 182 44.17 -44.95 33.75
C GLN YA 182 44.37 -45.18 35.24
N LEU YA 183 44.88 -46.34 35.57
CA LEU YA 183 45.06 -46.73 36.95
C LEU YA 183 46.11 -45.85 37.63
N TRP YA 184 45.86 -45.58 38.90
CA TRP YA 184 46.85 -44.96 39.77
C TRP YA 184 47.60 -46.06 40.50
N LEU YA 185 48.91 -46.03 40.40
CA LEU YA 185 49.77 -46.89 41.18
C LEU YA 185 50.28 -46.12 42.39
N ARG YA 186 50.83 -46.86 43.34
CA ARG YA 186 51.46 -46.28 44.50
C ARG YA 186 52.94 -46.06 44.23
N LEU YA 187 53.43 -44.92 44.68
CA LEU YA 187 54.84 -44.60 44.65
C LEU YA 187 55.49 -45.28 45.84
N GLN YA 188 55.98 -46.49 45.61
CA GLN YA 188 56.61 -47.27 46.65
C GLN YA 188 57.93 -46.64 47.05
N THR YA 189 58.52 -47.20 48.11
CA THR YA 189 59.79 -46.69 48.61
C THR YA 189 60.96 -47.20 47.80
N ALA YA 190 61.07 -48.53 47.63
CA ALA YA 190 62.16 -49.11 46.84
C ALA YA 190 61.74 -50.31 46.00
N GLY YA 191 60.46 -50.40 45.64
CA GLY YA 191 59.96 -51.58 44.97
C GLY YA 191 58.95 -51.33 43.88
N ASN YA 192 59.08 -50.22 43.18
CA ASN YA 192 58.11 -49.85 42.16
C ASN YA 192 58.12 -50.85 41.00
N VAL YA 193 57.01 -50.88 40.29
CA VAL YA 193 56.77 -51.87 39.24
C VAL YA 193 57.33 -51.36 37.93
N ASP YA 194 57.80 -52.29 37.11
CA ASP YA 194 58.42 -51.95 35.85
C ASP YA 194 57.37 -51.66 34.80
N HIS YA 195 57.50 -50.52 34.14
CA HIS YA 195 56.73 -50.22 32.95
C HIS YA 195 57.52 -50.65 31.73
N VAL YA 196 56.78 -50.90 30.65
CA VAL YA 196 57.30 -51.59 29.49
C VAL YA 196 56.72 -50.94 28.25
N GLY YA 197 57.32 -51.22 27.09
CA GLY YA 197 56.89 -50.56 25.89
C GLY YA 197 57.87 -50.21 24.78
N LEU YA 198 59.10 -50.70 24.79
CA LEU YA 198 59.94 -50.51 23.61
C LEU YA 198 60.91 -51.65 23.38
N GLY YA 199 60.96 -52.08 22.13
CA GLY YA 199 61.97 -53.02 21.68
C GLY YA 199 62.53 -52.56 20.37
N THR YA 200 63.82 -52.86 20.17
CA THR YA 200 64.59 -52.32 19.07
C THR YA 200 65.28 -53.43 18.30
N ALA YA 201 65.67 -53.09 17.07
CA ALA YA 201 66.49 -53.96 16.24
C ALA YA 201 67.41 -53.07 15.42
N PHE YA 202 68.71 -53.14 15.71
CA PHE YA 202 69.72 -52.36 15.03
C PHE YA 202 70.54 -53.24 14.11
N GLU YA 203 70.78 -52.76 12.90
CA GLU YA 203 71.58 -53.47 11.93
C GLU YA 203 73.05 -53.31 12.27
N ASN YA 204 73.75 -54.43 12.36
CA ASN YA 204 75.14 -54.43 12.74
C ASN YA 204 76.01 -53.83 11.64
N SER YA 205 77.25 -53.54 12.00
CA SER YA 205 78.16 -52.83 11.13
C SER YA 205 79.59 -53.20 11.46
N ILE YA 206 80.50 -52.83 10.57
CA ILE YA 206 81.93 -53.06 10.80
C ILE YA 206 82.43 -52.16 11.91
N TYR YA 207 81.82 -50.99 12.08
CA TYR YA 207 82.20 -50.03 13.10
C TYR YA 207 81.22 -50.09 14.27
N ASP YA 208 81.70 -49.67 15.43
CA ASP YA 208 80.86 -49.61 16.61
C ASP YA 208 79.89 -48.44 16.51
N GLN YA 209 78.63 -48.71 16.82
CA GLN YA 209 77.56 -47.72 16.81
C GLN YA 209 77.15 -47.42 18.24
N GLU YA 210 77.49 -46.24 18.73
CA GLU YA 210 77.17 -45.83 20.08
C GLU YA 210 76.03 -44.83 20.06
N TYR YA 211 75.25 -44.84 21.14
CA TYR YA 211 74.12 -43.95 21.32
C TYR YA 211 74.04 -43.51 22.77
N ASN YA 212 73.57 -42.28 22.97
CA ASN YA 212 73.22 -41.76 24.29
C ASN YA 212 71.70 -41.68 24.33
N ILE YA 213 71.09 -42.54 25.12
CA ILE YA 213 69.64 -42.66 25.15
C ILE YA 213 69.11 -41.85 26.31
N ARG YA 214 68.21 -40.92 26.01
CA ARG YA 214 67.58 -40.04 26.99
C ARG YA 214 66.10 -40.39 27.05
N VAL YA 215 65.69 -40.97 28.17
CA VAL YA 215 64.30 -41.31 28.42
C VAL YA 215 63.70 -40.20 29.28
N THR YA 216 62.54 -39.71 28.85
CA THR YA 216 61.79 -38.70 29.56
C THR YA 216 60.40 -39.24 29.83
N MET YA 217 60.05 -39.34 31.11
CA MET YA 217 58.74 -39.80 31.52
C MET YA 217 57.89 -38.62 31.98
N TYR YA 218 56.70 -38.53 31.41
CA TYR YA 218 55.72 -37.52 31.78
C TYR YA 218 54.72 -38.16 32.74
N VAL YA 219 54.83 -37.79 34.02
CA VAL YA 219 54.11 -38.47 35.09
C VAL YA 219 53.08 -37.53 35.65
N GLN YA 220 52.18 -38.10 36.46
CA GLN YA 220 51.09 -37.38 37.09
C GLN YA 220 50.94 -37.96 38.48
N PHE YA 221 51.19 -37.14 39.48
CA PHE YA 221 51.13 -37.54 40.87
C PHE YA 221 49.82 -37.10 41.50
N ARG YA 222 49.59 -37.55 42.73
CA ARG YA 222 48.35 -37.29 43.44
C ARG YA 222 48.61 -37.40 44.93
N GLU YA 223 47.86 -36.61 45.70
CA GLU YA 223 47.83 -36.66 47.15
C GLU YA 223 49.20 -36.33 47.76
N PHE YA 224 49.53 -35.05 47.62
CA PHE YA 224 50.62 -34.41 48.35
C PHE YA 224 50.62 -34.85 49.81
N ASN YA 225 51.73 -35.43 50.25
CA ASN YA 225 51.79 -36.10 51.55
C ASN YA 225 53.04 -35.72 52.31
N LEU YA 226 53.40 -34.45 52.28
CA LEU YA 226 54.58 -34.01 52.99
C LEU YA 226 54.40 -34.16 54.49
N LYS YA 227 55.47 -34.55 55.17
CA LYS YA 227 55.49 -34.71 56.60
C LYS YA 227 56.51 -33.77 57.20
N ASP YA 228 56.08 -32.99 58.19
CA ASP YA 228 56.87 -31.91 58.77
C ASP YA 228 56.99 -32.13 60.28
N PRO YA 229 57.94 -32.94 60.71
CA PRO YA 229 58.20 -33.07 62.13
C PRO YA 229 58.92 -31.84 62.66
N PRO YA 230 58.98 -31.67 63.98
CA PRO YA 230 59.79 -30.56 64.52
C PRO YA 230 61.28 -30.78 64.34
N LEU YA 231 62.07 -29.85 64.84
CA LEU YA 231 63.52 -29.90 64.69
C LEU YA 231 64.22 -29.41 65.96
N GLY ZA 43 36.08 -62.14 3.17
CA GLY ZA 43 36.82 -61.78 4.37
C GLY ZA 43 38.14 -61.09 4.06
N ILE ZA 44 38.06 -59.80 3.80
CA ILE ZA 44 39.20 -59.03 3.33
C ILE ZA 44 40.10 -58.68 4.51
N PHE ZA 45 41.40 -58.68 4.24
CA PHE ZA 45 42.40 -58.26 5.21
C PHE ZA 45 43.57 -57.65 4.44
N ASN ZA 46 43.62 -56.33 4.43
CA ASN ZA 46 44.74 -55.62 3.86
C ASN ZA 46 45.85 -55.51 4.89
N THR ZA 47 47.06 -55.93 4.51
CA THR ZA 47 48.21 -55.83 5.39
C THR ZA 47 49.43 -55.45 4.57
N ARG ZA 48 50.60 -55.59 5.19
CA ARG ZA 48 51.86 -55.12 4.65
C ARG ZA 48 52.94 -56.12 5.04
N LEU ZA 49 53.68 -56.59 4.04
CA LEU ZA 49 54.74 -57.58 4.21
C LEU ZA 49 56.01 -57.02 3.62
N SER ZA 50 57.12 -57.22 4.33
CA SER ZA 50 58.41 -56.67 3.98
C SER ZA 50 59.47 -57.75 3.94
N ARG ZA 51 60.62 -57.36 3.40
CA ARG ZA 51 61.74 -58.23 3.11
C ARG ZA 51 62.92 -57.35 2.75
N THR ZA 52 64.11 -57.74 3.20
CA THR ZA 52 65.32 -56.94 3.04
C THR ZA 52 66.43 -57.81 2.51
N PHE ZA 53 67.20 -57.27 1.57
CA PHE ZA 53 68.31 -57.99 0.96
C PHE ZA 53 69.26 -56.98 0.35
N GLY ZA 54 70.43 -57.48 -0.03
CA GLY ZA 54 71.49 -56.65 -0.54
C GLY ZA 54 71.70 -56.67 -2.04
N TYR ZA 55 72.31 -55.61 -2.55
CA TYR ZA 55 72.68 -55.49 -3.95
C TYR ZA 55 73.92 -54.62 -4.04
N THR ZA 56 74.92 -55.10 -4.78
CA THR ZA 56 76.18 -54.41 -4.93
C THR ZA 56 76.51 -54.24 -6.39
N ILE ZA 57 77.01 -53.07 -6.73
CA ILE ZA 57 77.55 -52.76 -8.05
C ILE ZA 57 79.06 -52.71 -7.88
N LYS ZA 58 79.74 -53.75 -8.36
CA LYS ZA 58 81.17 -53.86 -8.21
C LYS ZA 58 81.89 -52.78 -9.01
N ARG ZA 59 83.12 -52.52 -8.59
CA ARG ZA 59 83.95 -51.51 -9.21
C ARG ZA 59 84.42 -51.95 -10.60
N THR ZA 60 84.82 -50.98 -11.40
CA THR ZA 60 85.35 -51.21 -12.74
C THR ZA 60 86.47 -50.22 -13.02
N THR ZA 61 87.54 -50.72 -13.64
CA THR ZA 61 88.62 -49.88 -14.13
C THR ZA 61 88.28 -49.14 -15.41
N VAL ZA 62 87.12 -49.44 -16.02
CA VAL ZA 62 86.72 -48.77 -17.25
C VAL ZA 62 86.62 -47.27 -17.02
N LYS ZA 63 87.13 -46.50 -17.97
CA LYS ZA 63 87.14 -45.04 -17.85
C LYS ZA 63 85.83 -44.43 -18.27
N THR ZA 64 85.19 -44.98 -19.30
CA THR ZA 64 83.98 -44.41 -19.85
C THR ZA 64 82.85 -44.46 -18.84
N PRO ZA 65 81.77 -43.71 -19.09
CA PRO ZA 65 80.56 -43.91 -18.30
C PRO ZA 65 79.80 -45.12 -18.82
N SER ZA 66 79.84 -46.20 -18.06
CA SER ZA 66 79.09 -47.40 -18.35
C SER ZA 66 78.09 -47.66 -17.23
N TRP ZA 67 77.04 -48.40 -17.57
CA TRP ZA 67 75.97 -48.71 -16.65
C TRP ZA 67 75.85 -50.20 -16.43
N ALA ZA 68 75.42 -50.54 -15.23
CA ALA ZA 68 75.18 -51.92 -14.81
C ALA ZA 68 73.69 -52.15 -14.74
N VAL ZA 69 73.22 -53.11 -15.51
CA VAL ZA 69 71.79 -53.38 -15.66
C VAL ZA 69 71.45 -54.64 -14.88
N ASP ZA 70 70.29 -54.63 -14.24
CA ASP ZA 70 69.80 -55.77 -13.50
C ASP ZA 70 68.29 -55.67 -13.40
N MET ZA 71 67.69 -56.77 -12.99
CA MET ZA 71 66.25 -56.93 -12.93
C MET ZA 71 65.81 -57.20 -11.49
N MET ZA 72 64.50 -57.12 -11.27
CA MET ZA 72 63.93 -57.32 -9.95
C MET ZA 72 62.51 -57.83 -10.10
N ARG ZA 73 62.29 -59.06 -9.65
CA ARG ZA 73 60.97 -59.68 -9.58
C ARG ZA 73 60.52 -59.74 -8.13
N PHE ZA 74 59.23 -60.04 -7.95
CA PHE ZA 74 58.62 -60.12 -6.63
C PHE ZA 74 57.75 -61.35 -6.55
N ASN ZA 75 58.02 -62.19 -5.56
CA ASN ZA 75 57.21 -63.37 -5.27
C ASN ZA 75 56.81 -63.36 -3.81
N ILE ZA 76 55.64 -63.92 -3.54
CA ILE ZA 76 55.09 -63.90 -2.19
C ILE ZA 76 55.68 -64.98 -1.30
N ASN ZA 77 56.38 -65.97 -1.86
CA ASN ZA 77 57.03 -66.96 -1.02
C ASN ZA 77 58.16 -66.32 -0.21
N ASP ZA 78 58.79 -65.29 -0.74
CA ASP ZA 78 59.88 -64.62 -0.06
C ASP ZA 78 59.40 -63.70 1.04
N PHE ZA 79 58.11 -63.40 1.10
CA PHE ZA 79 57.53 -62.55 2.14
C PHE ZA 79 56.68 -63.32 3.12
N LEU ZA 80 56.04 -64.39 2.67
CA LEU ZA 80 55.13 -65.19 3.49
C LEU ZA 80 55.71 -66.58 3.69
N PRO ZA 81 56.14 -66.96 4.89
CA PRO ZA 81 56.74 -68.27 5.05
C PRO ZA 81 55.69 -69.36 5.05
N PRO ZA 82 56.12 -70.62 5.02
CA PRO ZA 82 55.16 -71.71 5.19
C PRO ZA 82 54.68 -71.81 6.62
N GLY ZA 83 53.44 -72.24 6.77
CA GLY ZA 83 52.85 -72.34 8.08
C GLY ZA 83 53.19 -73.63 8.78
N GLY ZA 84 52.22 -74.19 9.48
CA GLY ZA 84 52.43 -75.43 10.19
C GLY ZA 84 51.14 -76.17 10.45
N GLY ZA 85 51.14 -77.46 10.16
CA GLY ZA 85 49.97 -78.29 10.37
C GLY ZA 85 49.01 -78.25 9.21
N SER ZA 86 47.72 -78.23 9.54
CA SER ZA 86 46.69 -78.21 8.51
C SER ZA 86 46.63 -76.89 7.76
N ASN ZA 87 47.25 -75.84 8.30
CA ASN ZA 87 47.33 -74.56 7.62
C ASN ZA 87 48.65 -74.49 6.86
N PRO ZA 88 48.64 -74.55 5.52
CA PRO ZA 88 49.92 -74.63 4.81
C PRO ZA 88 50.73 -73.34 4.84
N ARG ZA 89 50.08 -72.21 5.08
CA ARG ZA 89 50.74 -70.92 5.12
C ARG ZA 89 50.50 -70.25 6.46
N SER ZA 90 51.34 -69.25 6.75
CA SER ZA 90 51.33 -68.61 8.05
C SER ZA 90 50.24 -67.57 8.18
N VAL ZA 91 49.77 -67.03 7.06
CA VAL ZA 91 48.61 -66.13 7.02
C VAL ZA 91 47.41 -66.95 6.54
N PRO ZA 92 46.43 -67.25 7.40
CA PRO ZA 92 45.40 -68.21 6.99
C PRO ZA 92 44.32 -67.63 6.09
N PHE ZA 93 44.67 -67.50 4.82
CA PHE ZA 93 43.76 -67.05 3.79
C PHE ZA 93 43.98 -67.86 2.52
N GLU ZA 94 42.98 -67.84 1.66
CA GLU ZA 94 42.98 -68.62 0.43
C GLU ZA 94 43.50 -67.84 -0.76
N TYR ZA 95 42.97 -66.64 -0.98
CA TYR ZA 95 43.26 -65.84 -2.15
C TYR ZA 95 44.06 -64.61 -1.77
N TYR ZA 96 44.69 -64.03 -2.78
CA TYR ZA 96 45.46 -62.81 -2.58
C TYR ZA 96 45.54 -62.06 -3.88
N ARG ZA 97 45.90 -60.79 -3.77
CA ARG ZA 97 46.23 -59.98 -4.92
C ARG ZA 97 47.09 -58.81 -4.44
N ILE ZA 98 48.22 -58.62 -5.09
CA ILE ZA 98 49.17 -57.60 -4.68
C ILE ZA 98 48.71 -56.25 -5.22
N ARG ZA 99 48.52 -55.30 -4.32
CA ARG ZA 99 48.02 -53.98 -4.67
C ARG ZA 99 49.14 -53.04 -5.06
N LYS ZA 100 50.20 -52.98 -4.25
CA LYS ZA 100 51.30 -52.07 -4.48
C LYS ZA 100 52.57 -52.72 -3.96
N VAL ZA 101 53.71 -52.21 -4.45
CA VAL ZA 101 55.02 -52.56 -3.94
C VAL ZA 101 55.81 -51.28 -3.79
N LYS ZA 102 56.61 -51.23 -2.73
CA LYS ZA 102 57.52 -50.13 -2.45
C LYS ZA 102 58.92 -50.71 -2.38
N VAL ZA 103 59.73 -50.41 -3.38
CA VAL ZA 103 61.13 -50.78 -3.40
C VAL ZA 103 61.93 -49.58 -2.92
N GLU ZA 104 62.73 -49.80 -1.89
CA GLU ZA 104 63.55 -48.76 -1.27
C GLU ZA 104 65.00 -49.17 -1.39
N PHE ZA 105 65.79 -48.38 -2.10
CA PHE ZA 105 67.24 -48.54 -2.15
C PHE ZA 105 67.84 -47.71 -1.02
N TRP ZA 106 68.14 -48.36 0.07
CA TRP ZA 106 68.79 -47.70 1.18
C TRP ZA 106 70.29 -47.79 1.00
N PRO ZA 107 71.02 -46.67 0.88
CA PRO ZA 107 72.44 -46.76 0.60
C PRO ZA 107 73.23 -47.29 1.77
N CYS ZA 108 74.38 -47.84 1.42
CA CYS ZA 108 75.36 -48.33 2.38
C CYS ZA 108 76.65 -47.54 2.35
N SER ZA 109 76.73 -46.51 1.54
CA SER ZA 109 77.95 -45.80 1.24
C SER ZA 109 77.96 -44.45 1.93
N PRO ZA 110 79.13 -43.93 2.31
CA PRO ZA 110 79.17 -42.66 3.01
C PRO ZA 110 78.88 -41.50 2.07
N ILE ZA 111 78.51 -40.37 2.68
CA ILE ZA 111 78.24 -39.17 1.91
C ILE ZA 111 79.51 -38.50 1.40
N THR ZA 112 80.68 -38.98 1.79
CA THR ZA 112 81.95 -38.49 1.29
C THR ZA 112 82.46 -39.24 0.08
N GLN ZA 113 81.72 -40.24 -0.40
CA GLN ZA 113 82.21 -41.05 -1.50
C GLN ZA 113 82.08 -40.27 -2.80
N GLY ZA 114 83.15 -40.30 -3.59
CA GLY ZA 114 83.20 -39.63 -4.85
C GLY ZA 114 82.89 -40.53 -6.03
N ASP ZA 115 83.23 -40.04 -7.21
CA ASP ZA 115 82.94 -40.73 -8.47
C ASP ZA 115 81.44 -40.99 -8.57
N ARG ZA 116 80.66 -39.98 -8.22
CA ARG ZA 116 79.23 -40.09 -8.24
C ARG ZA 116 78.72 -40.30 -9.65
N GLY ZA 117 77.45 -40.69 -9.75
CA GLY ZA 117 76.87 -41.06 -11.01
C GLY ZA 117 75.38 -40.81 -11.06
N VAL ZA 118 74.75 -41.24 -12.14
CA VAL ZA 118 73.34 -41.01 -12.35
C VAL ZA 118 72.78 -42.17 -13.15
N GLY ZA 119 71.70 -42.76 -12.63
CA GLY ZA 119 71.08 -43.92 -13.22
C GLY ZA 119 69.60 -43.77 -13.42
N SER ZA 120 68.92 -44.88 -13.59
CA SER ZA 120 67.50 -44.86 -13.93
C SER ZA 120 66.85 -46.15 -13.46
N SER ZA 121 65.63 -46.02 -12.93
CA SER ZA 121 64.79 -47.15 -12.56
C SER ZA 121 63.47 -47.03 -13.30
N ALA ZA 122 63.07 -48.12 -13.94
CA ALA ZA 122 61.85 -48.16 -14.74
C ALA ZA 122 61.00 -49.35 -14.33
N VAL ZA 123 59.73 -49.27 -14.68
CA VAL ZA 123 58.72 -50.25 -14.32
C VAL ZA 123 58.43 -51.12 -15.53
N ILE ZA 124 58.65 -52.42 -15.38
CA ILE ZA 124 58.62 -53.39 -16.47
C ILE ZA 124 57.66 -54.50 -16.08
N LEU ZA 125 56.43 -54.42 -16.58
CA LEU ZA 125 55.35 -55.27 -16.12
C LEU ZA 125 55.14 -56.52 -16.97
N ASP ZA 126 56.18 -57.05 -17.61
CA ASP ZA 126 55.99 -58.12 -18.60
C ASP ZA 126 57.07 -59.19 -18.65
N ASP ZA 127 58.06 -59.16 -17.78
CA ASP ZA 127 59.04 -60.25 -17.68
C ASP ZA 127 59.95 -60.31 -18.89
N ASN ZA 128 60.15 -59.18 -19.57
CA ASN ZA 128 61.15 -59.07 -20.63
C ASN ZA 128 61.92 -57.81 -20.32
N PHE ZA 129 62.99 -57.99 -19.56
CA PHE ZA 129 63.88 -56.94 -19.15
C PHE ZA 129 65.00 -56.76 -20.15
N VAL ZA 130 65.65 -55.61 -20.09
CA VAL ZA 130 66.93 -55.45 -20.78
C VAL ZA 130 67.89 -56.46 -20.20
N THR ZA 131 68.71 -57.05 -21.07
CA THR ZA 131 69.61 -58.10 -20.66
C THR ZA 131 70.56 -57.60 -19.57
N LYS ZA 132 70.83 -58.46 -18.60
CA LYS ZA 132 71.75 -58.12 -17.54
C LYS ZA 132 73.13 -57.87 -18.09
N ALA ZA 133 73.70 -56.72 -17.72
CA ALA ZA 133 74.99 -56.27 -18.22
C ALA ZA 133 75.81 -55.73 -17.07
N THR ZA 134 77.12 -55.88 -17.21
CA THR ZA 134 78.07 -55.37 -16.23
C THR ZA 134 78.49 -53.95 -16.52
N ALA ZA 135 78.90 -53.69 -17.77
CA ALA ZA 135 79.31 -52.35 -18.19
C ALA ZA 135 78.77 -52.11 -19.59
N LEU ZA 136 77.55 -51.58 -19.66
CA LEU ZA 136 76.91 -51.21 -20.91
C LEU ZA 136 77.15 -49.73 -21.18
N THR ZA 137 77.36 -49.40 -22.45
CA THR ZA 137 77.79 -48.08 -22.86
C THR ZA 137 76.69 -47.03 -22.82
N TYR ZA 138 75.51 -47.35 -22.29
CA TYR ZA 138 74.42 -46.39 -22.25
C TYR ZA 138 73.44 -46.85 -21.18
N ASP ZA 139 72.53 -45.94 -20.83
CA ASP ZA 139 71.46 -46.22 -19.88
C ASP ZA 139 70.22 -46.62 -20.66
N PRO ZA 140 69.84 -47.90 -20.68
CA PRO ZA 140 68.68 -48.28 -21.50
C PRO ZA 140 67.37 -47.76 -20.97
N TYR ZA 141 67.24 -47.62 -19.67
CA TYR ZA 141 65.99 -47.24 -19.04
C TYR ZA 141 65.81 -45.74 -18.94
N VAL ZA 142 66.59 -44.96 -19.70
CA VAL ZA 142 66.59 -43.51 -19.52
C VAL ZA 142 65.40 -42.88 -20.22
N ASN ZA 143 65.06 -43.36 -21.41
CA ASN ZA 143 63.98 -42.79 -22.19
C ASN ZA 143 62.64 -43.45 -21.89
N TYR ZA 144 62.59 -44.35 -20.92
CA TYR ZA 144 61.33 -44.96 -20.54
C TYR ZA 144 60.42 -43.95 -19.86
N SER ZA 145 59.13 -44.07 -20.14
CA SER ZA 145 58.14 -43.19 -19.57
C SER ZA 145 58.04 -43.30 -18.07
N SER ZA 146 58.45 -44.44 -17.50
CA SER ZA 146 58.44 -44.68 -16.07
C SER ZA 146 59.81 -44.52 -15.43
N ARG ZA 147 60.70 -43.78 -16.07
CA ARG ZA 147 62.04 -43.60 -15.55
C ARG ZA 147 62.03 -42.58 -14.43
N HIS ZA 148 62.68 -42.95 -13.32
CA HIS ZA 148 63.03 -42.04 -12.26
C HIS ZA 148 64.54 -42.05 -12.16
N THR ZA 149 65.12 -40.89 -11.97
CA THR ZA 149 66.56 -40.77 -11.85
C THR ZA 149 67.05 -41.32 -10.53
N ILE ZA 150 68.13 -42.09 -10.59
CA ILE ZA 150 68.82 -42.59 -9.42
C ILE ZA 150 70.08 -41.76 -9.29
N THR ZA 151 70.12 -40.93 -8.26
CA THR ZA 151 71.37 -40.33 -7.82
C THR ZA 151 72.15 -41.35 -7.03
N GLN ZA 152 73.44 -41.44 -7.30
CA GLN ZA 152 74.33 -42.43 -6.73
C GLN ZA 152 75.49 -41.72 -6.04
N PRO ZA 153 76.15 -42.38 -5.08
CA PRO ZA 153 75.91 -43.66 -4.43
C PRO ZA 153 75.20 -43.58 -3.09
N PHE ZA 154 75.14 -42.39 -2.52
CA PHE ZA 154 74.72 -42.20 -1.14
C PHE ZA 154 73.33 -41.60 -1.01
N SER ZA 155 72.47 -41.87 -1.97
CA SER ZA 155 71.16 -41.25 -2.04
C SER ZA 155 70.08 -42.32 -2.06
N TYR ZA 156 68.97 -42.01 -1.41
CA TYR ZA 156 67.84 -42.90 -1.29
C TYR ZA 156 66.95 -42.81 -2.51
N HIS ZA 157 66.46 -43.96 -2.95
CA HIS ZA 157 65.61 -44.07 -4.12
C HIS ZA 157 64.44 -44.98 -3.79
N SER ZA 158 63.23 -44.47 -3.93
CA SER ZA 158 62.01 -45.22 -3.73
C SER ZA 158 61.22 -45.30 -5.03
N ARG ZA 159 60.50 -46.40 -5.20
CA ARG ZA 159 59.59 -46.59 -6.30
C ARG ZA 159 58.35 -47.27 -5.75
N TYR ZA 160 57.18 -46.67 -6.01
CA TYR ZA 160 55.90 -47.15 -5.51
C TYR ZA 160 54.98 -47.34 -6.68
N PHE ZA 161 54.58 -48.58 -6.93
CA PHE ZA 161 53.86 -48.93 -8.13
C PHE ZA 161 53.05 -50.18 -7.88
N THR ZA 162 52.25 -50.54 -8.88
CA THR ZA 162 51.37 -51.70 -8.84
C THR ZA 162 51.92 -52.78 -9.75
N PRO ZA 163 52.42 -53.90 -9.24
CA PRO ZA 163 52.96 -54.92 -10.13
C PRO ZA 163 51.89 -55.71 -10.83
N LYS ZA 164 52.31 -56.64 -11.68
CA LYS ZA 164 51.41 -57.48 -12.45
C LYS ZA 164 51.94 -58.90 -12.41
N PRO ZA 165 51.08 -59.91 -12.36
CA PRO ZA 165 51.56 -61.29 -12.35
C PRO ZA 165 51.86 -61.82 -13.74
N VAL ZA 166 52.72 -62.83 -13.75
CA VAL ZA 166 53.15 -63.48 -14.98
C VAL ZA 166 52.19 -64.65 -15.20
N LEU ZA 167 51.11 -64.38 -15.89
CA LEU ZA 167 50.11 -65.39 -16.20
C LEU ZA 167 50.52 -66.23 -17.39
N ASP ZA 168 51.01 -65.58 -18.45
CA ASP ZA 168 51.52 -66.29 -19.63
C ASP ZA 168 52.75 -65.54 -20.09
N SER ZA 169 53.93 -66.15 -19.89
CA SER ZA 169 55.17 -65.54 -20.32
C SER ZA 169 55.35 -65.54 -21.83
N THR ZA 170 54.59 -66.36 -22.55
CA THR ZA 170 54.68 -66.39 -24.00
C THR ZA 170 54.01 -65.18 -24.63
N ILE ZA 171 52.87 -64.77 -24.10
CA ILE ZA 171 52.07 -63.68 -24.65
C ILE ZA 171 52.33 -62.41 -23.84
N ASP ZA 172 52.54 -62.57 -22.54
CA ASP ZA 172 52.87 -61.47 -21.64
C ASP ZA 172 51.78 -60.41 -21.66
N TYR ZA 173 50.60 -60.81 -21.18
CA TYR ZA 173 49.45 -59.93 -21.06
C TYR ZA 173 49.22 -59.57 -19.60
N PHE ZA 174 48.74 -58.35 -19.39
CA PHE ZA 174 48.45 -57.87 -18.05
C PHE ZA 174 47.30 -56.89 -18.09
N GLN ZA 175 46.76 -56.65 -16.97
CA GLN ZA 175 45.62 -55.80 -16.77
C GLN ZA 175 46.03 -54.37 -16.47
N PRO ZA 176 45.25 -53.37 -16.86
CA PRO ZA 176 45.49 -52.03 -16.36
C PRO ZA 176 45.09 -51.88 -14.90
N ASN ZA 177 45.41 -50.73 -14.32
CA ASN ZA 177 45.18 -50.52 -12.91
C ASN ZA 177 43.70 -50.30 -12.65
N ASN ZA 178 43.11 -51.20 -11.88
CA ASN ZA 178 41.72 -51.09 -11.48
C ASN ZA 178 41.58 -51.86 -10.19
N LYS ZA 179 41.30 -51.16 -9.10
CA LYS ZA 179 41.22 -51.85 -7.82
C LYS ZA 179 40.03 -52.80 -7.77
N ARG ZA 180 38.96 -52.50 -8.50
CA ARG ZA 180 37.75 -53.30 -8.42
C ARG ZA 180 37.81 -54.54 -9.30
N ASN ZA 181 38.60 -54.50 -10.37
CA ASN ZA 181 38.66 -55.57 -11.35
C ASN ZA 181 39.94 -56.38 -11.27
N GLN ZA 182 40.82 -56.10 -10.33
CA GLN ZA 182 42.08 -56.83 -10.23
C GLN ZA 182 41.82 -58.28 -9.88
N LEU ZA 183 42.52 -59.17 -10.58
CA LEU ZA 183 42.35 -60.58 -10.41
C LEU ZA 183 42.80 -61.02 -9.02
N TRP ZA 184 42.08 -62.00 -8.48
CA TRP ZA 184 42.48 -62.70 -7.28
C TRP ZA 184 43.24 -63.95 -7.70
N LEU ZA 185 44.44 -64.11 -7.19
CA LEU ZA 185 45.21 -65.32 -7.33
C LEU ZA 185 45.04 -66.18 -6.09
N ARG ZA 186 45.43 -67.44 -6.21
CA ARG ZA 186 45.44 -68.35 -5.09
C ARG ZA 186 46.79 -68.31 -4.40
N LEU ZA 187 46.73 -68.32 -3.07
CA LEU ZA 187 47.91 -68.44 -2.23
C LEU ZA 187 48.30 -69.90 -2.18
N GLN ZA 188 49.18 -70.29 -3.11
CA GLN ZA 188 49.63 -71.67 -3.20
C GLN ZA 188 50.49 -72.02 -2.00
N THR ZA 189 50.85 -73.29 -1.92
CA THR ZA 189 51.66 -73.77 -0.80
C THR ZA 189 53.13 -73.49 -1.03
N ALA ZA 190 53.69 -73.90 -2.18
CA ALA ZA 190 55.09 -73.65 -2.48
C ALA ZA 190 55.35 -73.31 -3.94
N GLY ZA 191 54.36 -72.78 -4.66
CA GLY ZA 191 54.48 -72.57 -6.09
C GLY ZA 191 53.86 -71.30 -6.61
N ASN ZA 192 53.87 -70.25 -5.82
CA ASN ZA 192 53.24 -69.01 -6.21
C ASN ZA 192 53.93 -68.39 -7.42
N VAL ZA 193 53.19 -67.56 -8.13
CA VAL ZA 193 53.61 -66.99 -9.40
C VAL ZA 193 54.39 -65.71 -9.15
N ASP ZA 194 55.36 -65.45 -10.00
CA ASP ZA 194 56.23 -64.31 -9.86
C ASP ZA 194 55.55 -63.05 -10.36
N HIS ZA 195 55.54 -62.02 -9.53
CA HIS ZA 195 55.17 -60.70 -9.95
C HIS ZA 195 56.39 -59.92 -10.39
N VAL ZA 196 56.17 -58.93 -11.23
CA VAL ZA 196 57.22 -58.28 -11.98
C VAL ZA 196 56.91 -56.79 -12.04
N GLY ZA 197 57.93 -56.00 -12.39
CA GLY ZA 197 57.74 -54.57 -12.37
C GLY ZA 197 58.87 -53.62 -12.03
N LEU ZA 198 60.12 -54.07 -11.94
CA LEU ZA 198 61.20 -53.10 -11.81
C LEU ZA 198 62.49 -53.54 -12.46
N GLY ZA 199 63.08 -52.62 -13.22
CA GLY ZA 199 64.41 -52.80 -13.76
C GLY ZA 199 65.22 -51.55 -13.54
N THR ZA 200 66.51 -51.74 -13.34
CA THR ZA 200 67.41 -50.68 -12.90
C THR ZA 200 68.61 -50.58 -13.83
N ALA ZA 201 69.27 -49.44 -13.75
CA ALA ZA 201 70.54 -49.21 -14.43
C ALA ZA 201 71.37 -48.28 -13.55
N PHE ZA 202 72.44 -48.82 -13.00
CA PHE ZA 202 73.34 -48.09 -12.13
C PHE ZA 202 74.64 -47.79 -12.85
N GLU ZA 203 75.11 -46.55 -12.71
CA GLU ZA 203 76.37 -46.14 -13.30
C GLU ZA 203 77.52 -46.66 -12.47
N ASN ZA 204 78.46 -47.33 -13.13
CA ASN ZA 204 79.57 -47.94 -12.44
C ASN ZA 204 80.53 -46.88 -11.92
N SER ZA 205 81.44 -47.31 -11.05
CA SER ZA 205 82.33 -46.41 -10.33
C SER ZA 205 83.61 -47.15 -9.99
N ILE ZA 206 84.62 -46.37 -9.58
CA ILE ZA 206 85.87 -46.94 -9.12
C ILE ZA 206 85.69 -47.66 -7.80
N TYR ZA 207 84.74 -47.21 -6.99
CA TYR ZA 207 84.46 -47.80 -5.70
C TYR ZA 207 83.21 -48.67 -5.78
N ASP ZA 208 83.13 -49.62 -4.85
CA ASP ZA 208 81.97 -50.49 -4.79
C ASP ZA 208 80.78 -49.73 -4.20
N GLN ZA 209 79.63 -49.89 -4.84
CA GLN ZA 209 78.39 -49.25 -4.42
C GLN ZA 209 77.45 -50.33 -3.89
N GLU ZA 210 77.25 -50.35 -2.58
CA GLU ZA 210 76.39 -51.32 -1.93
C GLU ZA 210 75.07 -50.67 -1.54
N TYR ZA 211 74.02 -51.49 -1.53
CA TYR ZA 211 72.68 -51.07 -1.17
C TYR ZA 211 72.00 -52.17 -0.37
N ASN ZA 212 71.15 -51.75 0.56
CA ASN ZA 212 70.25 -52.64 1.28
C ASN ZA 212 68.85 -52.36 0.76
N ILE ZA 213 68.29 -53.29 0.01
CA ILE ZA 213 67.02 -53.10 -0.66
C ILE ZA 213 65.92 -53.69 0.18
N ARG ZA 214 64.93 -52.87 0.52
CA ARG ZA 214 63.78 -53.27 1.32
C ARG ZA 214 62.55 -53.17 0.45
N VAL ZA 215 61.98 -54.33 0.14
CA VAL ZA 215 60.75 -54.42 -0.64
C VAL ZA 215 59.60 -54.62 0.33
N THR ZA 216 58.56 -53.83 0.16
CA THR ZA 216 57.34 -53.88 0.96
C THR ZA 216 56.19 -54.09 0.01
N MET ZA 217 55.47 -55.20 0.17
CA MET ZA 217 54.30 -55.51 -0.62
C MET ZA 217 53.03 -55.27 0.19
N TYR ZA 218 52.14 -54.50 -0.38
CA TYR ZA 218 50.83 -54.22 0.20
C TYR ZA 218 49.82 -55.15 -0.45
N VAL ZA 219 49.38 -56.15 0.31
CA VAL ZA 219 48.60 -57.25 -0.23
C VAL ZA 219 47.18 -57.17 0.34
N GLN ZA 220 46.29 -57.95 -0.26
CA GLN ZA 220 44.89 -58.01 0.12
C GLN ZA 220 44.47 -59.45 -0.02
N PHE ZA 221 44.12 -60.06 1.11
CA PHE ZA 221 43.72 -61.45 1.17
C PHE ZA 221 42.20 -61.58 1.21
N ARG ZA 222 41.74 -62.82 1.11
CA ARG ZA 222 40.31 -63.10 1.06
C ARG ZA 222 40.08 -64.53 1.54
N GLU ZA 223 38.92 -64.74 2.14
CA GLU ZA 223 38.43 -66.06 2.54
C GLU ZA 223 39.36 -66.72 3.57
N PHE ZA 224 39.32 -66.15 4.77
CA PHE ZA 224 39.85 -66.74 5.98
C PHE ZA 224 39.51 -68.21 6.05
N ASN ZA 225 40.53 -69.06 6.14
CA ASN ZA 225 40.35 -70.50 6.00
C ASN ZA 225 41.12 -71.26 7.06
N LEU ZA 226 41.05 -70.78 8.29
CA LEU ZA 226 41.75 -71.46 9.37
C LEU ZA 226 41.13 -72.82 9.62
N LYS ZA 227 41.98 -73.79 9.95
CA LYS ZA 227 41.58 -75.15 10.25
C LYS ZA 227 42.01 -75.48 11.67
N ASP ZA 228 41.06 -75.96 12.47
CA ASP ZA 228 41.26 -76.18 13.90
C ASP ZA 228 40.93 -77.63 14.23
N PRO ZA 229 41.88 -78.54 14.04
CA PRO ZA 229 41.68 -79.91 14.49
C PRO ZA 229 41.78 -80.01 15.99
N PRO ZA 230 41.35 -81.13 16.58
CA PRO ZA 230 41.57 -81.30 18.02
C PRO ZA 230 43.02 -81.52 18.38
N LEU ZA 231 43.28 -81.72 19.66
CA LEU ZA 231 44.65 -81.90 20.17
C LEU ZA 231 44.70 -82.97 21.25
N GLY AB 43 50.02 -35.18 -37.70
CA GLY AB 43 50.19 -36.24 -36.72
C GLY AB 43 51.25 -35.92 -35.70
N ILE AB 44 50.88 -35.16 -34.70
CA ILE AB 44 51.82 -34.64 -33.72
C ILE AB 44 52.15 -35.71 -32.71
N PHE AB 45 53.40 -35.71 -32.27
CA PHE AB 45 53.86 -36.60 -31.20
C PHE AB 45 54.97 -35.88 -30.45
N ASN AB 46 54.63 -35.34 -29.29
CA ASN AB 46 55.61 -34.75 -28.41
C ASN AB 46 56.24 -35.82 -27.55
N THR AB 47 57.56 -35.89 -27.55
CA THR AB 47 58.29 -36.84 -26.73
C THR AB 47 59.54 -36.18 -26.17
N ARG AB 48 60.43 -37.02 -25.64
CA ARG AB 48 61.60 -36.58 -24.90
C ARG AB 48 62.75 -37.52 -25.20
N LEU AB 49 63.86 -36.97 -25.63
CA LEU AB 49 65.05 -37.72 -25.99
C LEU AB 49 66.23 -37.21 -25.18
N SER AB 50 67.04 -38.12 -24.70
CA SER AB 50 68.15 -37.82 -23.81
C SER AB 50 69.45 -38.42 -24.34
N ARG AB 51 70.54 -38.00 -23.71
CA ARG AB 51 71.90 -38.30 -24.11
C ARG AB 51 72.80 -37.84 -22.98
N THR AB 52 73.83 -38.61 -22.70
CA THR AB 52 74.74 -38.37 -21.59
C THR AB 52 76.18 -38.47 -22.05
N PHE AB 53 77.00 -37.54 -21.58
CA PHE AB 53 78.41 -37.50 -21.94
C PHE AB 53 79.16 -36.72 -20.87
N GLY AB 54 80.48 -36.79 -20.95
CA GLY AB 54 81.35 -36.20 -19.97
C GLY AB 54 82.03 -34.90 -20.37
N TYR AB 55 82.42 -34.13 -19.37
CA TYR AB 55 83.16 -32.89 -19.56
C TYR AB 55 84.05 -32.70 -18.35
N THR AB 56 85.32 -32.42 -18.58
CA THR AB 56 86.30 -32.24 -17.52
C THR AB 56 87.03 -30.91 -17.70
N ILE AB 57 87.24 -30.23 -16.60
CA ILE AB 57 88.05 -29.03 -16.52
C ILE AB 57 89.34 -29.44 -15.83
N LYS AB 58 90.41 -29.55 -16.61
CA LYS AB 58 91.67 -30.01 -16.08
C LYS AB 58 92.26 -29.00 -15.11
N ARG AB 59 93.15 -29.48 -14.26
CA ARG AB 59 93.80 -28.66 -13.24
C ARG AB 59 94.80 -27.70 -13.88
N THR AB 60 95.13 -26.65 -13.12
CA THR AB 60 96.10 -25.65 -13.53
C THR AB 60 96.90 -25.21 -12.32
N THR AB 61 98.21 -25.04 -12.51
CA THR AB 61 99.08 -24.48 -11.50
C THR AB 61 98.97 -22.96 -11.40
N VAL AB 62 98.21 -22.32 -12.30
CA VAL AB 62 98.05 -20.88 -12.27
C VAL AB 62 97.43 -20.45 -10.94
N LYS AB 63 97.98 -19.38 -10.37
CA LYS AB 63 97.51 -18.90 -9.08
C LYS AB 63 96.28 -18.02 -9.19
N THR AB 64 96.21 -17.22 -10.24
CA THR AB 64 95.14 -16.27 -10.41
C THR AB 64 93.80 -16.98 -10.59
N PRO AB 65 92.69 -16.26 -10.44
CA PRO AB 65 91.40 -16.81 -10.87
C PRO AB 65 91.26 -16.70 -12.37
N SER AB 66 91.37 -17.83 -13.04
CA SER AB 66 91.15 -17.92 -14.48
C SER AB 66 89.97 -18.83 -14.76
N TRP AB 67 89.37 -18.64 -15.91
CA TRP AB 67 88.19 -19.39 -16.32
C TRP AB 67 88.46 -20.17 -17.60
N ALA AB 68 87.79 -21.31 -17.69
CA ALA AB 68 87.86 -22.20 -18.84
C ALA AB 68 86.57 -22.08 -19.62
N VAL AB 69 86.68 -21.68 -20.88
CA VAL AB 69 85.53 -21.40 -21.72
C VAL AB 69 85.35 -22.55 -22.70
N ASP AB 70 84.09 -22.90 -22.95
CA ASP AB 70 83.76 -23.93 -23.90
C ASP AB 70 82.35 -23.70 -24.39
N MET AB 71 81.99 -24.41 -25.46
CA MET AB 71 80.72 -24.27 -26.15
C MET AB 71 79.96 -25.58 -26.11
N MET AB 72 78.69 -25.49 -26.50
CA MET AB 72 77.80 -26.65 -26.48
C MET AB 72 76.73 -26.47 -27.54
N ARG AB 73 76.75 -27.32 -28.56
CA ARG AB 73 75.73 -27.39 -29.59
C ARG AB 73 74.88 -28.63 -29.38
N PHE AB 74 73.76 -28.68 -30.09
CA PHE AB 74 72.80 -29.77 -29.99
C PHE AB 74 72.37 -30.18 -31.38
N ASN AB 75 72.54 -31.47 -31.70
CA ASN AB 75 72.07 -32.04 -32.95
C ASN AB 75 71.24 -33.27 -32.64
N ILE AB 76 70.27 -33.53 -33.50
CA ILE AB 76 69.33 -34.63 -33.29
C ILE AB 76 69.89 -35.98 -33.72
N ASN AB 77 71.00 -36.00 -34.46
CA ASN AB 77 71.62 -37.28 -34.79
C ASN AB 77 72.18 -37.95 -33.55
N ASP AB 78 72.61 -37.17 -32.57
CA ASP AB 78 73.17 -37.71 -31.34
C ASP AB 78 72.10 -38.24 -30.39
N PHE AB 79 70.83 -37.93 -30.63
CA PHE AB 79 69.73 -38.41 -29.81
C PHE AB 79 68.87 -39.44 -30.51
N LEU AB 80 68.76 -39.35 -31.83
CA LEU AB 80 67.92 -40.23 -32.63
C LEU AB 80 68.79 -41.09 -33.54
N PRO AB 81 68.90 -42.40 -33.33
CA PRO AB 81 69.78 -43.18 -34.17
C PRO AB 81 69.18 -43.44 -35.52
N PRO AB 82 69.94 -44.00 -36.46
CA PRO AB 82 69.36 -44.41 -37.72
C PRO AB 82 68.49 -45.65 -37.55
N GLY AB 83 67.46 -45.72 -38.37
CA GLY AB 83 66.54 -46.83 -38.29
C GLY AB 83 67.00 -48.04 -39.05
N GLY AB 84 66.08 -48.72 -39.70
CA GLY AB 84 66.41 -49.90 -40.47
C GLY AB 84 65.39 -50.18 -41.55
N GLY AB 85 65.87 -50.45 -42.75
CA GLY AB 85 65.01 -50.76 -43.87
C GLY AB 85 64.49 -49.54 -44.57
N SER AB 86 63.22 -49.58 -44.96
CA SER AB 86 62.63 -48.46 -45.68
C SER AB 86 62.42 -47.24 -44.80
N ASN AB 87 62.48 -47.40 -43.48
CA ASN AB 87 62.39 -46.29 -42.55
C ASN AB 87 63.80 -45.83 -42.21
N PRO AB 88 64.25 -44.66 -42.67
CA PRO AB 88 65.65 -44.29 -42.45
C PRO AB 88 65.97 -43.96 -41.01
N ARG AB 89 64.99 -43.58 -40.21
CA ARG AB 89 65.18 -43.20 -38.82
C ARG AB 89 64.33 -44.10 -37.92
N SER AB 90 64.69 -44.10 -36.63
CA SER AB 90 64.07 -45.00 -35.68
C SER AB 90 62.72 -44.49 -35.19
N VAL AB 91 62.50 -43.18 -35.26
CA VAL AB 91 61.21 -42.57 -34.95
C VAL AB 91 60.53 -42.26 -36.29
N PRO AB 92 59.46 -42.95 -36.67
CA PRO AB 92 58.95 -42.80 -38.04
C PRO AB 92 58.12 -41.54 -38.25
N PHE AB 93 58.80 -40.42 -38.40
CA PHE AB 93 58.17 -39.15 -38.69
C PHE AB 93 59.02 -38.40 -39.69
N GLU AB 94 58.40 -37.43 -40.34
CA GLU AB 94 59.03 -36.64 -41.40
C GLU AB 94 59.65 -35.35 -40.88
N TYR AB 95 58.88 -34.58 -40.13
CA TYR AB 95 59.28 -33.25 -39.69
C TYR AB 95 59.51 -33.24 -38.19
N TYR AB 96 60.24 -32.23 -37.74
CA TYR AB 96 60.49 -32.06 -36.32
C TYR AB 96 60.76 -30.59 -36.04
N ARG AB 97 60.66 -30.24 -34.76
CA ARG AB 97 61.09 -28.93 -34.29
C ARG AB 97 61.35 -29.05 -32.80
N ILE AB 98 62.52 -28.61 -32.37
CA ILE AB 98 62.94 -28.74 -30.99
C ILE AB 98 62.30 -27.62 -30.18
N ARG AB 99 61.54 -28.00 -29.16
CA ARG AB 99 60.81 -27.07 -28.32
C ARG AB 99 61.66 -26.54 -27.18
N LYS AB 100 62.34 -27.43 -26.46
CA LYS AB 100 63.12 -27.07 -25.31
C LYS AB 100 64.30 -28.03 -25.20
N VAL AB 101 65.31 -27.60 -24.45
CA VAL AB 101 66.44 -28.43 -24.08
C VAL AB 101 66.71 -28.19 -22.61
N LYS AB 102 67.07 -29.27 -21.91
CA LYS AB 102 67.48 -29.25 -20.51
C LYS AB 102 68.88 -29.81 -20.44
N VAL AB 103 69.83 -28.93 -20.18
CA VAL AB 103 71.21 -29.33 -19.93
C VAL AB 103 71.42 -29.43 -18.44
N GLU AB 104 71.88 -30.58 -17.98
CA GLU AB 104 72.09 -30.86 -16.58
C GLU AB 104 73.56 -31.20 -16.38
N PHE AB 105 74.25 -30.39 -15.59
CA PHE AB 105 75.62 -30.67 -15.17
C PHE AB 105 75.55 -31.44 -13.87
N TRP AB 106 75.66 -32.76 -13.97
CA TRP AB 106 75.69 -33.60 -12.80
C TRP AB 106 77.13 -33.74 -12.33
N PRO AB 107 77.48 -33.32 -11.12
CA PRO AB 107 78.87 -33.37 -10.71
C PRO AB 107 79.36 -34.78 -10.49
N CYS AB 108 80.68 -34.91 -10.61
CA CYS AB 108 81.39 -36.14 -10.35
C CYS AB 108 82.31 -36.04 -9.16
N SER AB 109 82.35 -34.91 -8.48
CA SER AB 109 83.33 -34.58 -7.48
C SER AB 109 82.70 -34.65 -6.09
N PRO AB 110 83.47 -34.99 -5.08
CA PRO AB 110 82.90 -35.11 -3.74
C PRO AB 110 82.60 -33.75 -3.14
N ILE AB 111 81.73 -33.77 -2.13
CA ILE AB 111 81.39 -32.53 -1.44
C ILE AB 111 82.49 -32.03 -0.52
N THR AB 112 83.55 -32.80 -0.34
CA THR AB 112 84.69 -32.39 0.45
C THR AB 112 85.78 -31.71 -0.38
N GLN AB 113 85.58 -31.55 -1.68
CA GLN AB 113 86.61 -30.99 -2.54
C GLN AB 113 86.69 -29.48 -2.31
N GLY AB 114 87.90 -28.98 -2.16
CA GLY AB 114 88.15 -27.58 -1.95
C GLY AB 114 88.52 -26.85 -3.21
N ASP AB 115 89.08 -25.66 -3.03
CA ASP AB 115 89.41 -24.76 -4.12
C ASP AB 115 88.18 -24.49 -4.98
N ARG AB 116 87.07 -24.25 -4.31
CA ARG AB 116 85.82 -24.02 -4.99
C ARG AB 116 85.89 -22.73 -5.80
N GLY AB 117 84.90 -22.58 -6.67
CA GLY AB 117 84.88 -21.50 -7.62
C GLY AB 117 83.49 -21.07 -8.01
N VAL AB 118 83.41 -20.16 -8.97
CA VAL AB 118 82.13 -19.62 -9.40
C VAL AB 118 82.24 -19.27 -10.88
N GLY AB 119 81.29 -19.77 -11.65
CA GLY AB 119 81.26 -19.61 -13.09
C GLY AB 119 79.94 -19.09 -13.60
N SER AB 120 79.72 -19.27 -14.90
CA SER AB 120 78.56 -18.70 -15.54
C SER AB 120 78.21 -19.51 -16.77
N SER AB 121 76.91 -19.70 -16.98
CA SER AB 121 76.36 -20.33 -18.17
C SER AB 121 75.39 -19.38 -18.83
N ALA AB 122 75.56 -19.18 -20.13
CA ALA AB 122 74.74 -18.25 -20.90
C ALA AB 122 74.20 -18.94 -22.13
N VAL AB 123 73.14 -18.36 -22.69
CA VAL AB 123 72.41 -18.90 -23.82
C VAL AB 123 72.80 -18.12 -25.06
N ILE AB 124 73.35 -18.83 -26.05
CA ILE AB 124 73.96 -18.23 -27.23
C ILE AB 124 73.30 -18.85 -28.45
N LEU AB 125 72.34 -18.15 -29.04
CA LEU AB 125 71.47 -18.70 -30.06
C LEU AB 125 71.93 -18.42 -31.48
N ASP AB 126 73.25 -18.25 -31.73
CA ASP AB 126 73.70 -17.77 -33.02
C ASP AB 126 75.00 -18.36 -33.54
N ASP AB 127 75.61 -19.32 -32.84
CA ASP AB 127 76.78 -20.03 -33.35
C ASP AB 127 78.00 -19.13 -33.43
N ASN AB 128 78.07 -18.10 -32.59
CA ASN AB 128 79.28 -17.29 -32.42
C ASN AB 128 79.49 -17.21 -30.92
N PHE AB 129 80.26 -18.16 -30.42
CA PHE AB 129 80.61 -18.26 -29.02
C PHE AB 129 81.90 -17.49 -28.74
N VAL AB 130 82.11 -17.20 -27.46
CA VAL AB 130 83.42 -16.76 -27.03
C VAL AB 130 84.41 -17.87 -27.34
N THR AB 131 85.60 -17.48 -27.78
CA THR AB 131 86.60 -18.44 -28.20
C THR AB 131 86.94 -19.39 -27.06
N LYS AB 132 87.13 -20.66 -27.40
CA LYS AB 132 87.51 -21.64 -26.40
C LYS AB 132 88.86 -21.30 -25.80
N ALA AB 133 88.91 -21.28 -24.48
CA ALA AB 133 90.08 -20.88 -23.73
C ALA AB 133 90.29 -21.84 -22.57
N THR AB 134 91.56 -22.03 -22.23
CA THR AB 134 91.94 -22.88 -21.11
C THR AB 134 91.98 -22.10 -19.80
N ALA AB 135 92.68 -20.96 -19.79
CA ALA AB 135 92.78 -20.12 -18.61
C ALA AB 135 92.67 -18.66 -19.06
N LEU AB 136 91.44 -18.17 -19.11
CA LEU AB 136 91.16 -16.78 -19.42
C LEU AB 136 91.03 -15.98 -18.14
N THR AB 137 91.51 -14.75 -18.17
CA THR AB 137 91.64 -13.92 -16.98
C THR AB 137 90.33 -13.32 -16.50
N TYR AB 138 89.20 -13.71 -17.08
CA TYR AB 138 87.91 -13.16 -16.68
C TYR AB 138 86.83 -14.11 -17.13
N ASP AB 139 85.63 -13.89 -16.60
CA ASP AB 139 84.44 -14.66 -16.97
C ASP AB 139 83.70 -13.89 -18.07
N PRO AB 140 83.74 -14.32 -19.32
CA PRO AB 140 83.09 -13.53 -20.37
C PRO AB 140 81.59 -13.53 -20.28
N TYR AB 141 81.00 -14.63 -19.81
CA TYR AB 141 79.56 -14.80 -19.78
C TYR AB 141 78.92 -14.24 -18.52
N VAL AB 142 79.63 -13.40 -17.77
CA VAL AB 142 79.15 -12.96 -16.47
C VAL AB 142 78.12 -11.86 -16.62
N ASN AB 143 78.34 -10.93 -17.54
CA ASN AB 143 77.44 -9.81 -17.73
C ASN AB 143 76.34 -10.08 -18.72
N TYR AB 144 76.25 -11.31 -19.22
CA TYR AB 144 75.18 -11.67 -20.14
C TYR AB 144 73.84 -11.69 -19.42
N SER AB 145 72.81 -11.25 -20.13
CA SER AB 145 71.47 -11.22 -19.59
C SER AB 145 70.93 -12.60 -19.26
N SER AB 146 71.47 -13.64 -19.89
CA SER AB 146 71.06 -15.02 -19.67
C SER AB 146 72.04 -15.78 -18.79
N ARG AB 147 72.82 -15.07 -17.98
CA ARG AB 147 73.81 -15.71 -17.14
C ARG AB 147 73.12 -16.31 -15.92
N HIS AB 148 73.46 -17.56 -15.64
CA HIS AB 148 73.16 -18.20 -14.38
C HIS AB 148 74.49 -18.57 -13.75
N THR AB 149 74.60 -18.39 -12.45
CA THR AB 149 75.82 -18.71 -11.74
C THR AB 149 76.00 -20.20 -11.62
N ILE AB 150 77.21 -20.66 -11.86
CA ILE AB 150 77.61 -22.04 -11.67
C ILE AB 150 78.46 -22.06 -10.41
N THR AB 151 77.90 -22.64 -9.35
CA THR AB 151 78.70 -23.02 -8.21
C THR AB 151 79.45 -24.30 -8.52
N GLN AB 152 80.73 -24.32 -8.17
CA GLN AB 152 81.64 -25.41 -8.48
C GLN AB 152 82.25 -25.95 -7.20
N PRO AB 153 82.73 -27.19 -7.20
CA PRO AB 153 82.68 -28.26 -8.21
C PRO AB 153 81.59 -29.29 -8.01
N PHE AB 154 80.99 -29.31 -6.83
CA PHE AB 154 80.11 -30.39 -6.40
C PHE AB 154 78.65 -30.00 -6.41
N SER AB 155 78.26 -29.08 -7.27
CA SER AB 155 76.92 -28.54 -7.28
C SER AB 155 76.28 -28.75 -8.64
N TYR AB 156 74.98 -28.99 -8.62
CA TYR AB 156 74.19 -29.25 -9.80
C TYR AB 156 73.77 -27.96 -10.45
N HIS AB 157 73.80 -27.94 -11.78
CA HIS AB 157 73.46 -26.78 -12.58
C HIS AB 157 72.57 -27.24 -13.72
N SER AB 158 71.37 -26.67 -13.81
CA SER AB 158 70.44 -26.93 -14.89
C SER AB 158 70.18 -25.65 -15.67
N ARG AB 159 69.92 -25.83 -16.96
CA ARG AB 159 69.50 -24.74 -17.84
C ARG AB 159 68.42 -25.28 -18.74
N TYR AB 160 67.28 -24.60 -18.78
CA TYR AB 160 66.11 -25.00 -19.54
C TYR AB 160 65.72 -23.84 -20.43
N PHE AB 161 65.81 -24.06 -21.74
CA PHE AB 161 65.65 -22.99 -22.70
C PHE AB 161 65.22 -23.58 -24.03
N THR AB 162 64.94 -22.69 -24.97
CA THR AB 162 64.49 -23.03 -26.31
C THR AB 162 65.60 -22.75 -27.31
N PRO AB 163 66.22 -23.76 -27.92
CA PRO AB 163 67.30 -23.48 -28.85
C PRO AB 163 66.80 -22.97 -30.18
N LYS AB 164 67.73 -22.67 -31.07
CA LYS AB 164 67.42 -22.16 -32.39
C LYS AB 164 68.31 -22.87 -33.40
N PRO AB 165 67.82 -23.16 -34.60
CA PRO AB 165 68.66 -23.82 -35.59
C PRO AB 165 69.54 -22.85 -36.37
N VAL AB 166 70.61 -23.41 -36.90
CA VAL AB 166 71.60 -22.66 -37.67
C VAL AB 166 71.16 -22.76 -39.13
N LEU AB 167 70.32 -21.82 -39.54
CA LEU AB 167 69.83 -21.78 -40.91
C LEU AB 167 70.83 -21.13 -41.84
N ASP AB 168 71.42 -20.01 -41.42
CA ASP AB 168 72.47 -19.33 -42.18
C ASP AB 168 73.51 -18.85 -41.18
N SER AB 169 74.68 -19.49 -41.19
CA SER AB 169 75.75 -19.09 -40.29
C SER AB 169 76.40 -17.78 -40.69
N THR AB 170 76.19 -17.32 -41.92
CA THR AB 170 76.75 -16.05 -42.36
C THR AB 170 75.99 -14.87 -41.78
N ILE AB 171 74.67 -14.98 -41.72
CA ILE AB 171 73.81 -13.89 -41.26
C ILE AB 171 73.40 -14.15 -39.82
N ASP AB 172 73.21 -15.42 -39.47
CA ASP AB 172 72.89 -15.83 -38.12
C ASP AB 172 71.60 -15.18 -37.64
N TYR AB 173 70.50 -15.55 -38.31
CA TYR AB 173 69.17 -15.08 -37.96
C TYR AB 173 68.38 -16.19 -37.29
N PHE AB 174 67.51 -15.80 -36.36
CA PHE AB 174 66.69 -16.75 -35.65
C PHE AB 174 65.36 -16.11 -35.28
N GLN AB 175 64.46 -16.91 -34.94
CA GLN AB 175 63.10 -16.53 -34.60
C GLN AB 175 62.96 -16.30 -33.10
N PRO AB 176 62.07 -15.40 -32.69
CA PRO AB 176 61.73 -15.35 -31.27
C PRO AB 176 60.86 -16.51 -30.84
N ASN AB 177 60.62 -16.62 -29.56
CA ASN AB 177 59.88 -17.76 -29.02
C ASN AB 177 58.41 -17.63 -29.34
N ASN AB 178 57.90 -18.57 -30.11
CA ASN AB 178 56.49 -18.61 -30.45
C ASN AB 178 56.17 -20.07 -30.78
N LYS AB 179 55.36 -20.70 -29.95
CA LYS AB 179 55.08 -22.10 -30.17
C LYS AB 179 54.28 -22.32 -31.45
N ARG AB 180 53.48 -21.35 -31.85
CA ARG AB 180 52.60 -21.51 -32.99
C ARG AB 180 53.30 -21.24 -34.31
N ASN AB 181 54.35 -20.43 -34.30
CA ASN AB 181 55.05 -20.00 -35.50
C ASN AB 181 56.41 -20.63 -35.67
N GLN AB 182 56.82 -21.53 -34.78
CA GLN AB 182 58.12 -22.14 -34.87
C GLN AB 182 58.22 -23.00 -36.12
N LEU AB 183 59.34 -22.86 -36.83
CA LEU AB 183 59.55 -23.57 -38.06
C LEU AB 183 59.64 -25.06 -37.84
N TRP AB 184 59.12 -25.81 -38.80
CA TRP AB 184 59.31 -27.24 -38.88
C TRP AB 184 60.49 -27.53 -39.79
N LEU AB 185 61.45 -28.27 -39.27
CA LEU AB 185 62.55 -28.78 -40.06
C LEU AB 185 62.25 -30.20 -40.48
N ARG AB 186 63.02 -30.67 -41.44
CA ARG AB 186 62.94 -32.05 -41.88
C ARG AB 186 63.91 -32.91 -41.09
N LEU AB 187 63.44 -34.08 -40.72
CA LEU AB 187 64.26 -35.10 -40.10
C LEU AB 187 65.04 -35.81 -41.18
N GLN AB 188 66.24 -35.31 -41.46
CA GLN AB 188 67.08 -35.87 -42.48
C GLN AB 188 67.58 -37.25 -42.07
N THR AB 189 68.25 -37.91 -43.01
CA THR AB 189 68.77 -39.25 -42.76
C THR AB 189 70.07 -39.21 -41.99
N ALA AB 190 71.07 -38.45 -42.47
CA ALA AB 190 72.36 -38.34 -41.80
C ALA AB 190 72.95 -36.94 -41.85
N GLY AB 191 72.14 -35.90 -42.01
CA GLY AB 191 72.64 -34.56 -42.23
C GLY AB 191 71.88 -33.45 -41.54
N ASN AB 192 71.32 -33.74 -40.38
CA ASN AB 192 70.50 -32.77 -39.69
C ASN AB 192 71.32 -31.56 -39.25
N VAL AB 193 70.64 -30.45 -39.05
CA VAL AB 193 71.25 -29.17 -38.78
C VAL AB 193 71.48 -29.01 -37.29
N ASP AB 194 72.57 -28.32 -36.95
CA ASP AB 194 72.96 -28.15 -35.56
C ASP AB 194 72.13 -27.06 -34.91
N HIS AB 195 71.55 -27.38 -33.77
CA HIS AB 195 70.95 -26.40 -32.90
C HIS AB 195 71.96 -25.92 -31.88
N VAL AB 196 71.72 -24.72 -31.38
CA VAL AB 196 72.72 -23.98 -30.62
C VAL AB 196 72.03 -23.26 -29.48
N GLY AB 197 72.80 -22.82 -28.50
CA GLY AB 197 72.20 -22.22 -27.33
C GLY AB 197 72.82 -22.35 -25.97
N LEU AB 198 74.06 -22.83 -25.82
CA LEU AB 198 74.69 -22.76 -24.51
C LEU AB 198 76.19 -22.60 -24.59
N GLY AB 199 76.68 -21.67 -23.79
CA GLY AB 199 78.10 -21.49 -23.58
C GLY AB 199 78.38 -21.33 -22.10
N THR AB 200 79.55 -21.83 -21.69
CA THR AB 200 79.89 -21.95 -20.29
C THR AB 200 81.24 -21.31 -20.01
N ALA AB 201 81.46 -21.04 -18.73
CA ALA AB 201 82.75 -20.57 -18.24
C ALA AB 201 82.93 -21.13 -16.84
N PHE AB 202 83.89 -22.05 -16.70
CA PHE AB 202 84.19 -22.69 -15.44
C PHE AB 202 85.50 -22.17 -14.87
N GLU AB 203 85.50 -21.88 -13.59
CA GLU AB 203 86.70 -21.41 -12.91
C GLU AB 203 87.62 -22.59 -12.64
N ASN AB 204 88.88 -22.44 -13.04
CA ASN AB 204 89.83 -23.51 -12.91
C ASN AB 204 90.21 -23.73 -11.45
N SER AB 205 90.88 -24.85 -11.19
CA SER AB 205 91.18 -25.28 -9.85
C SER AB 205 92.44 -26.13 -9.86
N ILE AB 206 92.97 -26.37 -8.66
CA ILE AB 206 94.13 -27.25 -8.51
C ILE AB 206 93.74 -28.68 -8.80
N TYR AB 207 92.50 -29.05 -8.53
CA TYR AB 207 92.01 -30.39 -8.76
C TYR AB 207 91.18 -30.45 -10.03
N ASP AB 208 91.09 -31.64 -10.60
CA ASP AB 208 90.29 -31.84 -11.79
C ASP AB 208 88.81 -31.83 -11.44
N GLN AB 209 88.01 -31.11 -12.22
CA GLN AB 209 86.57 -31.00 -12.04
C GLN AB 209 85.89 -31.74 -13.19
N GLU AB 210 85.29 -32.88 -12.87
CA GLU AB 210 84.60 -33.70 -13.85
C GLU AB 210 83.10 -33.53 -13.71
N TYR AB 211 82.40 -33.69 -14.82
CA TYR AB 211 80.95 -33.58 -14.88
C TYR AB 211 80.42 -34.62 -15.85
N ASN AB 212 79.22 -35.13 -15.54
CA ASN AB 212 78.44 -35.96 -16.45
C ASN AB 212 77.28 -35.12 -16.93
N ILE AB 213 77.29 -34.74 -18.19
CA ILE AB 213 76.32 -33.81 -18.74
C ILE AB 213 75.23 -34.61 -19.43
N ARG AB 214 73.99 -34.40 -19.01
CA ARG AB 214 72.82 -35.06 -19.55
C ARG AB 214 71.96 -34.01 -20.25
N VAL AB 215 71.90 -34.09 -21.57
CA VAL AB 215 71.07 -33.21 -22.38
C VAL AB 215 69.79 -33.94 -22.70
N THR AB 216 68.67 -33.26 -22.48
CA THR AB 216 67.35 -33.78 -22.78
C THR AB 216 66.67 -32.81 -23.72
N MET AB 217 66.31 -33.27 -24.90
CA MET AB 217 65.61 -32.47 -25.88
C MET AB 217 64.14 -32.86 -25.93
N TYR AB 218 63.28 -31.87 -25.81
CA TYR AB 218 61.84 -32.04 -25.91
C TYR AB 218 61.42 -31.66 -27.31
N VAL AB 219 61.08 -32.65 -28.12
CA VAL AB 219 60.87 -32.47 -29.53
C VAL AB 219 59.40 -32.68 -29.86
N GLN AB 220 59.03 -32.30 -31.08
CA GLN AB 220 57.67 -32.40 -31.56
C GLN AB 220 57.76 -32.79 -33.03
N PHE AB 221 57.27 -33.98 -33.34
CA PHE AB 221 57.31 -34.52 -34.68
C PHE AB 221 55.98 -34.33 -35.39
N ARG AB 222 55.96 -34.66 -36.67
CA ARG AB 222 54.78 -34.47 -37.51
C ARG AB 222 54.84 -35.43 -38.68
N GLU AB 223 53.67 -35.84 -39.14
CA GLU AB 223 53.50 -36.65 -40.34
C GLU AB 223 54.20 -38.00 -40.22
N PHE AB 224 53.60 -38.83 -39.37
CA PHE AB 224 53.87 -40.27 -39.30
C PHE AB 224 53.98 -40.86 -40.69
N ASN AB 225 55.11 -41.47 -40.98
CA ASN AB 225 55.44 -41.90 -42.34
C ASN AB 225 56.00 -43.31 -42.37
N LEU AB 226 55.41 -44.20 -41.60
CA LEU AB 226 55.89 -45.57 -41.56
C LEU AB 226 55.66 -46.23 -42.91
N LYS AB 227 56.62 -47.07 -43.30
CA LYS AB 227 56.56 -47.83 -44.55
C LYS AB 227 56.59 -49.30 -44.22
N ASP AB 228 55.62 -50.03 -44.76
CA ASP AB 228 55.40 -51.45 -44.44
C ASP AB 228 55.43 -52.27 -45.72
N PRO AB 229 56.62 -52.65 -46.17
CA PRO AB 229 56.71 -53.56 -47.30
C PRO AB 229 56.35 -54.97 -46.88
N PRO AB 230 56.11 -55.87 -47.83
CA PRO AB 230 55.88 -57.27 -47.46
C PRO AB 230 57.14 -57.95 -46.95
N LEU AB 231 57.04 -59.23 -46.63
CA LEU AB 231 58.14 -60.01 -46.08
C LEU AB 231 58.15 -61.42 -46.64
N GLY BB 43 67.76 10.24 -21.73
CA GLY BB 43 67.91 8.91 -22.28
C GLY BB 43 68.44 7.92 -21.26
N ILE BB 44 67.54 7.41 -20.44
CA ILE BB 44 67.91 6.58 -19.31
C ILE BB 44 68.19 5.16 -19.78
N PHE BB 45 69.17 4.54 -19.14
CA PHE BB 45 69.49 3.14 -19.39
C PHE BB 45 70.02 2.55 -18.08
N ASN BB 46 69.17 1.80 -17.40
CA ASN BB 46 69.58 1.07 -16.22
C ASN BB 46 70.19 -0.26 -16.63
N THR BB 47 71.39 -0.53 -16.14
CA THR BB 47 72.07 -1.78 -16.42
C THR BB 47 72.79 -2.25 -15.17
N ARG BB 48 73.66 -3.24 -15.36
CA ARG BB 48 74.34 -3.94 -14.28
C ARG BB 48 75.75 -4.28 -14.71
N LEU BB 49 76.73 -3.87 -13.91
CA LEU BB 49 78.14 -4.08 -14.19
C LEU BB 49 78.76 -4.81 -13.02
N SER BB 50 79.61 -5.77 -13.32
CA SER BB 50 80.22 -6.65 -12.35
C SER BB 50 81.73 -6.67 -12.49
N ARG BB 51 82.36 -7.27 -11.50
CA ARG BB 51 83.81 -7.30 -11.33
C ARG BB 51 84.11 -8.27 -10.22
N THR BB 52 85.18 -9.03 -10.37
CA THR BB 52 85.55 -10.10 -9.46
C THR BB 52 87.01 -9.99 -9.09
N PHE BB 53 87.31 -10.20 -7.82
CA PHE BB 53 88.68 -10.12 -7.32
C PHE BB 53 88.76 -10.90 -6.02
N GLY BB 54 89.99 -11.10 -5.56
CA GLY BB 54 90.28 -11.90 -4.39
C GLY BB 54 90.60 -11.14 -3.13
N TYR BB 55 90.39 -11.79 -2.00
CA TYR BB 55 90.74 -11.26 -0.69
C TYR BB 55 91.08 -12.43 0.21
N THR BB 56 92.21 -12.35 0.90
CA THR BB 56 92.68 -13.40 1.78
C THR BB 56 92.98 -12.83 3.16
N ILE BB 57 92.60 -13.58 4.17
CA ILE BB 57 92.93 -13.30 5.56
C ILE BB 57 93.98 -14.34 5.94
N LYS BB 58 95.23 -13.89 6.04
CA LYS BB 58 96.33 -14.78 6.32
C LYS BB 58 96.22 -15.35 7.73
N ARG BB 59 96.89 -16.47 7.95
CA ARG BB 59 96.88 -17.16 9.22
C ARG BB 59 97.70 -16.40 10.27
N THR BB 60 97.41 -16.70 11.53
CA THR BB 60 98.11 -16.11 12.66
C THR BB 60 98.29 -17.16 13.74
N THR BB 61 99.48 -17.17 14.35
CA THR BB 61 99.76 -18.01 15.51
C THR BB 61 99.17 -17.45 16.80
N VAL BB 62 98.59 -16.24 16.75
CA VAL BB 62 98.00 -15.65 17.94
C VAL BB 62 96.88 -16.54 18.47
N LYS BB 63 96.84 -16.72 19.78
CA LYS BB 63 95.86 -17.59 20.41
C LYS BB 63 94.53 -16.89 20.63
N THR BB 64 94.57 -15.61 20.97
CA THR BB 64 93.37 -14.88 21.29
C THR BB 64 92.45 -14.75 20.09
N PRO BB 65 91.19 -14.38 20.31
CA PRO BB 65 90.35 -13.98 19.17
C PRO BB 65 90.67 -12.57 18.74
N SER BB 66 91.34 -12.45 17.61
CA SER BB 66 91.65 -11.18 17.00
C SER BB 66 90.96 -11.08 15.65
N TRP BB 67 90.74 -9.84 15.21
CA TRP BB 67 90.05 -9.56 13.96
C TRP BB 67 90.95 -8.80 13.01
N ALA BB 68 90.73 -9.05 11.72
CA ALA BB 68 91.44 -8.41 10.64
C ALA BB 68 90.50 -7.41 9.98
N VAL BB 69 90.89 -6.15 9.97
CA VAL BB 69 90.05 -5.07 9.48
C VAL BB 69 90.56 -4.63 8.13
N ASP BB 70 89.63 -4.31 7.24
CA ASP BB 70 89.96 -3.82 5.91
C ASP BB 70 88.79 -3.02 5.39
N MET BB 71 89.04 -2.30 4.31
CA MET BB 71 88.10 -1.38 3.70
C MET BB 71 87.80 -1.80 2.27
N MET BB 72 86.76 -1.19 1.71
CA MET BB 72 86.31 -1.52 0.37
C MET BB 72 85.64 -0.29 -0.25
N ARG BB 73 86.26 0.26 -1.28
CA ARG BB 73 85.71 1.35 -2.08
C ARG BB 73 85.25 0.81 -3.42
N PHE BB 74 84.50 1.64 -4.14
CA PHE BB 74 83.95 1.28 -5.44
C PHE BB 74 84.15 2.44 -6.40
N ASN BB 75 84.80 2.16 -7.53
CA ASN BB 75 84.97 3.13 -8.60
C ASN BB 75 84.49 2.51 -9.90
N ILE BB 76 83.98 3.36 -10.79
CA ILE BB 76 83.41 2.89 -12.05
C ILE BB 76 84.46 2.62 -13.10
N ASN BB 77 85.70 3.06 -12.91
CA ASN BB 77 86.75 2.72 -13.85
C ASN BB 77 87.05 1.23 -13.83
N ASP BB 78 86.87 0.60 -12.67
CA ASP BB 78 87.14 -0.82 -12.54
C ASP BB 78 86.04 -1.69 -13.13
N PHE BB 79 84.89 -1.11 -13.45
CA PHE BB 79 83.78 -1.83 -14.05
C PHE BB 79 83.56 -1.47 -15.51
N LEU BB 80 83.87 -0.24 -15.89
CA LEU BB 80 83.65 0.29 -17.23
C LEU BB 80 84.99 0.57 -17.90
N PRO BB 81 85.41 -0.17 -18.92
CA PRO BB 81 86.71 0.09 -19.49
C PRO BB 81 86.69 1.32 -20.38
N PRO BB 82 87.85 1.77 -20.84
CA PRO BB 82 87.87 2.84 -21.82
C PRO BB 82 87.42 2.34 -23.18
N GLY BB 83 86.79 3.24 -23.92
CA GLY BB 83 86.27 2.90 -25.22
C GLY BB 83 87.31 2.97 -26.31
N GLY BB 84 86.90 3.46 -27.47
CA GLY BB 84 87.80 3.61 -28.58
C GLY BB 84 87.34 4.64 -29.58
N GLY BB 85 88.25 5.52 -29.98
CA GLY BB 85 87.93 6.55 -30.94
C GLY BB 85 87.33 7.78 -30.31
N SER BB 86 86.34 8.35 -30.98
CA SER BB 86 85.70 9.55 -30.49
C SER BB 86 84.86 9.31 -29.25
N ASN BB 87 84.53 8.05 -28.97
CA ASN BB 87 83.81 7.69 -27.75
C ASN BB 87 84.82 7.31 -26.68
N PRO BB 88 85.00 8.12 -25.63
CA PRO BB 88 86.07 7.81 -24.68
C PRO BB 88 85.78 6.60 -23.81
N ARG BB 89 84.52 6.23 -23.64
CA ARG BB 89 84.13 5.10 -22.83
C ARG BB 89 83.35 4.09 -23.65
N SER BB 90 83.25 2.88 -23.11
CA SER BB 90 82.65 1.77 -23.84
C SER BB 90 81.13 1.80 -23.80
N VAL BB 91 80.56 2.43 -22.79
CA VAL BB 91 79.12 2.66 -22.70
C VAL BB 91 78.86 4.10 -23.11
N PRO BB 92 78.23 4.36 -24.27
CA PRO BB 92 78.19 5.74 -24.75
C PRO BB 92 77.12 6.61 -24.08
N PHE BB 93 77.45 7.06 -22.89
CA PHE BB 93 76.58 7.95 -22.14
C PHE BB 93 77.44 9.01 -21.46
N GLU BB 94 76.81 10.10 -21.07
CA GLU BB 94 77.47 11.25 -20.47
C GLU BB 94 77.46 11.20 -18.95
N TYR BB 95 76.30 10.98 -18.36
CA TYR BB 95 76.10 11.06 -16.92
C TYR BB 95 75.81 9.68 -16.36
N TYR BB 96 76.00 9.56 -15.05
CA TYR BB 96 75.70 8.32 -14.36
C TYR BB 96 75.41 8.61 -12.90
N ARG BB 97 74.80 7.64 -12.25
CA ARG BB 97 74.63 7.66 -10.81
C ARG BB 97 74.42 6.24 -10.35
N ILE BB 98 75.18 5.83 -9.35
CA ILE BB 98 75.14 4.44 -8.87
C ILE BB 98 73.96 4.31 -7.92
N ARG BB 99 73.07 3.38 -8.24
CA ARG BB 99 71.86 3.16 -7.48
C ARG BB 99 72.08 2.19 -6.33
N LYS BB 100 72.72 1.06 -6.59
CA LYS BB 100 72.93 0.03 -5.61
C LYS BB 100 74.24 -0.68 -5.91
N VAL BB 101 74.77 -1.36 -4.91
CA VAL BB 101 75.92 -2.25 -5.05
C VAL BB 101 75.60 -3.52 -4.28
N LYS BB 102 76.03 -4.64 -4.84
CA LYS BB 102 75.92 -5.96 -4.23
C LYS BB 102 77.32 -6.52 -4.12
N VAL BB 103 77.82 -6.58 -2.90
CA VAL BB 103 79.09 -7.22 -2.61
C VAL BB 103 78.82 -8.63 -2.14
N GLU BB 104 79.43 -9.59 -2.80
CA GLU BB 104 79.24 -11.00 -2.52
C GLU BB 104 80.60 -11.59 -2.16
N PHE BB 105 80.70 -12.10 -0.94
CA PHE BB 105 81.88 -12.84 -0.50
C PHE BB 105 81.63 -14.31 -0.79
N TRP BB 106 82.16 -14.77 -1.90
CA TRP BB 106 82.05 -16.18 -2.26
C TRP BB 106 83.23 -16.92 -1.65
N PRO BB 107 83.01 -17.90 -0.77
CA PRO BB 107 84.14 -18.54 -0.12
C PRO BB 107 84.95 -19.41 -1.06
N CYS BB 108 86.20 -19.61 -0.67
CA CYS BB 108 87.13 -20.48 -1.37
C CYS BB 108 87.53 -21.67 -0.53
N SER BB 109 87.00 -21.81 0.66
CA SER BB 109 87.44 -22.76 1.65
C SER BB 109 86.44 -23.91 1.77
N PRO BB 110 86.90 -25.11 2.10
CA PRO BB 110 85.99 -26.24 2.18
C PRO BB 110 85.11 -26.16 3.41
N ILE BB 111 84.01 -26.91 3.35
CA ILE BB 111 83.09 -26.95 4.48
C ILE BB 111 83.62 -27.77 5.64
N THR BB 112 84.75 -28.45 5.47
CA THR BB 112 85.39 -29.20 6.54
C THR BB 112 86.42 -28.38 7.31
N GLN BB 113 86.61 -27.12 6.96
CA GLN BB 113 87.65 -26.32 7.61
C GLN BB 113 87.19 -25.92 8.99
N GLY BB 114 88.08 -26.08 9.96
CA GLY BB 114 87.80 -25.75 11.33
C GLY BB 114 88.32 -24.39 11.72
N ASP BB 115 88.39 -24.18 13.03
CA ASP BB 115 88.78 -22.88 13.60
C ASP BB 115 87.88 -21.79 13.08
N ARG BB 116 86.59 -22.08 13.02
CA ARG BB 116 85.62 -21.13 12.52
C ARG BB 116 85.55 -19.90 13.39
N GLY BB 117 84.91 -18.87 12.85
CA GLY BB 117 84.88 -17.57 13.49
C GLY BB 117 83.64 -16.79 13.17
N VAL BB 118 83.60 -15.55 13.63
CA VAL BB 118 82.43 -14.70 13.44
C VAL BB 118 82.91 -13.26 13.32
N GLY BB 119 82.46 -12.59 12.26
CA GLY BB 119 82.87 -11.24 11.95
C GLY BB 119 81.70 -10.33 11.70
N SER BB 120 81.97 -9.19 11.07
CA SER BB 120 80.97 -8.16 10.88
C SER BB 120 81.31 -7.34 9.65
N SER BB 121 80.27 -6.99 8.91
CA SER BB 121 80.37 -6.07 7.77
C SER BB 121 79.43 -4.91 7.99
N ALA BB 122 79.95 -3.70 7.83
CA ALA BB 122 79.18 -2.49 8.06
C ALA BB 122 79.31 -1.57 6.86
N VAL BB 123 78.37 -0.63 6.77
CA VAL BB 123 78.26 0.30 5.66
C VAL BB 123 78.77 1.65 6.10
N ILE BB 124 79.81 2.15 5.41
CA ILE BB 124 80.56 3.33 5.80
C ILE BB 124 80.56 4.29 4.62
N LEU BB 125 79.68 5.28 4.66
CA LEU BB 125 79.40 6.13 3.52
C LEU BB 125 80.20 7.43 3.51
N ASP BB 126 81.39 7.47 4.11
CA ASP BB 126 82.09 8.74 4.32
C ASP BB 126 83.60 8.71 4.18
N ASP BB 127 84.21 7.59 3.81
CA ASP BB 127 85.64 7.52 3.52
C ASP BB 127 86.49 7.73 4.78
N ASN BB 128 85.95 7.39 5.94
CA ASN BB 128 86.72 7.34 7.18
C ASN BB 128 86.40 5.99 7.80
N PHE BB 129 87.20 5.01 7.45
CA PHE BB 129 87.10 3.66 7.94
C PHE BB 129 87.92 3.48 9.20
N VAL BB 130 87.61 2.42 9.93
CA VAL BB 130 88.50 1.97 10.98
C VAL BB 130 89.82 1.60 10.33
N THR BB 131 90.92 1.94 11.01
CA THR BB 131 92.24 1.73 10.46
C THR BB 131 92.47 0.26 10.14
N LYS BB 132 93.12 0.00 9.03
CA LYS BB 132 93.44 -1.36 8.63
C LYS BB 132 94.34 -2.01 9.66
N ALA BB 133 93.94 -3.19 10.11
CA ALA BB 133 94.63 -3.91 11.16
C ALA BB 133 94.73 -5.38 10.78
N THR BB 134 95.81 -6.01 11.25
CA THR BB 134 96.04 -7.43 11.01
C THR BB 134 95.41 -8.28 12.10
N ALA BB 135 95.67 -7.95 13.36
CA ALA BB 135 95.13 -8.69 14.50
C ALA BB 135 94.73 -7.67 15.56
N LEU BB 136 93.50 -7.19 15.47
CA LEU BB 136 92.93 -6.29 16.46
C LEU BB 136 92.15 -7.08 17.49
N THR BB 137 92.22 -6.65 18.74
CA THR BB 137 91.68 -7.39 19.87
C THR BB 137 90.17 -7.32 19.99
N TYR BB 138 89.46 -6.76 19.03
CA TYR BB 138 88.02 -6.65 19.10
C TYR BB 138 87.49 -6.42 17.70
N ASP BB 139 86.18 -6.58 17.56
CA ASP BB 139 85.48 -6.34 16.31
C ASP BB 139 84.94 -4.92 16.33
N PRO BB 140 85.52 -3.98 15.59
CA PRO BB 140 85.03 -2.60 15.69
C PRO BB 140 83.66 -2.40 15.09
N TYR BB 141 83.32 -3.15 14.06
CA TYR BB 141 82.08 -2.97 13.33
C TYR BB 141 80.92 -3.76 13.94
N VAL BB 142 81.06 -4.21 15.18
CA VAL BB 142 80.06 -5.10 15.76
C VAL BB 142 78.85 -4.32 16.25
N ASN BB 143 79.06 -3.16 16.86
CA ASN BB 143 77.98 -2.37 17.39
C ASN BB 143 77.41 -1.39 16.40
N TYR BB 144 77.86 -1.43 15.16
CA TYR BB 144 77.31 -0.56 14.14
C TYR BB 144 75.89 -0.95 13.79
N SER BB 145 75.07 0.06 13.53
CA SER BB 145 73.68 -0.17 13.18
C SER BB 145 73.52 -0.92 11.87
N SER BB 146 74.52 -0.87 11.01
CA SER BB 146 74.50 -1.57 9.73
C SER BB 146 75.32 -2.85 9.74
N ARG BB 147 75.54 -3.42 10.91
CA ARG BB 147 76.34 -4.63 11.02
C ARG BB 147 75.51 -5.83 10.61
N HIS BB 148 76.09 -6.65 9.76
CA HIS BB 148 75.61 -7.99 9.47
C HIS BB 148 76.71 -8.95 9.88
N THR BB 149 76.32 -10.06 10.49
CA THR BB 149 77.28 -11.05 10.94
C THR BB 149 77.85 -11.81 9.75
N ILE BB 150 79.17 -12.00 9.78
CA ILE BB 150 79.87 -12.82 8.81
C ILE BB 150 80.22 -14.11 9.53
N THR BB 151 79.56 -15.19 9.13
CA THR BB 151 80.01 -16.51 9.48
C THR BB 151 81.18 -16.89 8.60
N GLN BB 152 82.21 -17.46 9.20
CA GLN BB 152 83.46 -17.80 8.53
C GLN BB 152 83.74 -19.28 8.72
N PRO BB 153 84.55 -19.88 7.83
CA PRO BB 153 85.17 -19.41 6.60
C PRO BB 153 84.44 -19.79 5.33
N PHE BB 154 83.52 -20.74 5.44
CA PHE BB 154 82.94 -21.41 4.28
C PHE BB 154 81.51 -20.97 4.02
N SER BB 155 81.16 -19.75 4.38
CA SER BB 155 79.80 -19.26 4.30
C SER BB 155 79.75 -18.01 3.44
N TYR BB 156 78.65 -17.89 2.72
CA TYR BB 156 78.41 -16.80 1.80
C TYR BB 156 77.84 -15.60 2.55
N HIS BB 157 78.30 -14.42 2.15
CA HIS BB 157 77.90 -13.16 2.77
C HIS BB 157 77.63 -12.16 1.66
N SER BB 158 76.42 -11.62 1.64
CA SER BB 158 76.02 -10.60 0.70
C SER BB 158 75.65 -9.33 1.44
N ARG BB 159 75.89 -8.19 0.80
CA ARG BB 159 75.47 -6.89 1.30
C ARG BB 159 74.97 -6.09 0.11
N TYR BB 160 73.76 -5.57 0.23
CA TYR BB 160 73.08 -4.83 -0.84
C TYR BB 160 72.67 -3.49 -0.28
N PHE BB 161 73.25 -2.43 -0.82
CA PHE BB 161 73.09 -1.10 -0.27
C PHE BB 161 73.32 -0.07 -1.36
N THR BB 162 73.11 1.18 -1.00
CA THR BB 162 73.25 2.32 -1.89
C THR BB 162 74.49 3.12 -1.50
N PRO BB 163 75.54 3.14 -2.31
CA PRO BB 163 76.73 3.88 -1.92
C PRO BB 163 76.56 5.36 -2.09
N LYS BB 164 77.59 6.11 -1.72
CA LYS BB 164 77.60 7.56 -1.83
C LYS BB 164 78.95 7.99 -2.38
N PRO BB 165 78.99 9.04 -3.20
CA PRO BB 165 80.26 9.50 -3.73
C PRO BB 165 81.01 10.42 -2.78
N VAL BB 166 82.32 10.46 -2.99
CA VAL BB 166 83.22 11.28 -2.18
C VAL BB 166 83.34 12.62 -2.90
N LEU BB 167 82.43 13.53 -2.56
CA LEU BB 167 82.44 14.86 -3.15
C LEU BB 167 83.44 15.77 -2.46
N ASP BB 168 83.48 15.74 -1.13
CA ASP BB 168 84.47 16.50 -0.36
C ASP BB 168 84.92 15.61 0.79
N SER BB 169 86.16 15.13 0.72
CA SER BB 169 86.70 14.29 1.76
C SER BB 169 87.01 15.07 3.04
N THR BB 170 87.09 16.39 2.97
CA THR BB 170 87.35 17.20 4.15
C THR BB 170 86.13 17.30 5.03
N ILE BB 171 84.95 17.45 4.43
CA ILE BB 171 83.70 17.65 5.14
C ILE BB 171 82.94 16.34 5.22
N ASP BB 172 83.05 15.54 4.15
CA ASP BB 172 82.44 14.22 4.08
C ASP BB 172 80.93 14.31 4.26
N TYR BB 173 80.28 14.96 3.29
CA TYR BB 173 78.84 15.10 3.25
C TYR BB 173 78.26 14.19 2.19
N PHE BB 174 77.05 13.68 2.46
CA PHE BB 174 76.37 12.81 1.53
C PHE BB 174 74.87 13.00 1.66
N GLN BB 175 74.19 12.53 0.70
CA GLN BB 175 72.75 12.64 0.58
C GLN BB 175 72.06 11.43 1.19
N PRO BB 176 70.85 11.59 1.72
CA PRO BB 176 70.07 10.41 2.06
C PRO BB 176 69.51 9.73 0.84
N ASN BB 177 68.90 8.57 1.05
CA ASN BB 177 68.42 7.76 -0.05
C ASN BB 177 67.16 8.38 -0.64
N ASN BB 178 67.25 8.78 -1.90
CA ASN BB 178 66.12 9.33 -2.63
C ASN BB 178 66.39 9.09 -4.09
N LYS BB 179 65.58 8.24 -4.72
CA LYS BB 179 65.82 7.92 -6.11
C LYS BB 179 65.60 9.12 -7.02
N ARG BB 180 64.72 10.03 -6.63
CA ARG BB 180 64.36 11.14 -7.49
C ARG BB 180 65.33 12.30 -7.38
N ASN BB 181 66.02 12.43 -6.23
CA ASN BB 181 66.90 13.55 -5.96
C ASN BB 181 68.37 13.18 -6.00
N GLN BB 182 68.71 11.94 -6.33
CA GLN BB 182 70.10 11.53 -6.35
C GLN BB 182 70.86 12.27 -7.43
N LEU BB 183 72.05 12.74 -7.08
CA LEU BB 183 72.86 13.52 -7.98
C LEU BB 183 73.32 12.69 -9.17
N TRP BB 184 73.39 13.34 -10.31
CA TRP BB 184 74.02 12.79 -11.50
C TRP BB 184 75.46 13.27 -11.53
N LEU BB 185 76.38 12.32 -11.63
CA LEU BB 185 77.78 12.60 -11.85
C LEU BB 185 78.09 12.46 -13.33
N ARG BB 186 79.24 12.97 -13.73
CA ARG BB 186 79.73 12.83 -15.08
C ARG BB 186 80.60 11.59 -15.18
N LEU BB 187 80.42 10.86 -16.26
CA LEU BB 187 81.26 9.73 -16.61
C LEU BB 187 82.52 10.27 -17.25
N GLN BB 188 83.53 10.48 -16.41
CA GLN BB 188 84.80 11.02 -16.87
C GLN BB 188 85.52 9.99 -17.71
N THR BB 189 86.63 10.44 -18.30
CA THR BB 189 87.42 9.57 -19.17
C THR BB 189 88.33 8.65 -18.36
N ALA BB 190 89.14 9.21 -17.45
CA ALA BB 190 90.03 8.40 -16.63
C ALA BB 190 90.16 8.92 -15.20
N GLY BB 191 89.17 9.63 -14.69
CA GLY BB 191 89.28 10.28 -13.39
C GLY BB 191 88.04 10.27 -12.55
N ASN BB 192 87.24 9.22 -12.66
CA ASN BB 192 85.98 9.15 -11.93
C ASN BB 192 86.21 9.10 -10.43
N VAL BB 193 85.19 9.50 -9.71
CA VAL BB 193 85.26 9.67 -8.25
C VAL BB 193 84.93 8.36 -7.57
N ASP BB 194 85.57 8.13 -6.43
CA ASP BB 194 85.42 6.88 -5.70
C ASP BB 194 84.13 6.91 -4.90
N HIS BB 195 83.33 5.87 -5.05
CA HIS BB 195 82.22 5.61 -4.19
C HIS BB 195 82.64 4.71 -3.05
N VAL BB 196 81.89 4.79 -1.96
CA VAL BB 196 82.31 4.23 -0.69
C VAL BB 196 81.10 3.64 0.00
N GLY BB 197 81.34 2.80 1.01
CA GLY BB 197 80.23 2.11 1.63
C GLY BB 197 80.38 0.72 2.20
N LEU BB 198 81.59 0.17 2.32
CA LEU BB 198 81.70 -1.09 3.04
C LEU BB 198 83.01 -1.24 3.77
N GLY BB 199 82.91 -1.67 5.02
CA GLY BB 199 84.06 -2.06 5.80
C GLY BB 199 83.77 -3.36 6.52
N THR BB 200 84.83 -4.14 6.69
CA THR BB 200 84.72 -5.51 7.16
C THR BB 200 85.64 -5.75 8.35
N ALA BB 201 85.33 -6.82 9.07
CA ALA BB 201 86.18 -7.32 10.14
C ALA BB 201 86.05 -8.83 10.17
N PHE BB 202 87.14 -9.51 9.81
CA PHE BB 202 87.19 -10.96 9.77
C PHE BB 202 88.02 -11.48 10.92
N GLU BB 203 87.51 -12.53 11.57
CA GLU BB 203 88.22 -13.16 12.67
C GLU BB 203 89.31 -14.06 12.12
N ASN BB 204 90.52 -13.87 12.62
CA ASN BB 204 91.66 -14.61 12.13
C ASN BB 204 91.59 -16.07 12.56
N SER BB 205 92.44 -16.88 11.94
CA SER BB 205 92.39 -18.32 12.11
C SER BB 205 93.79 -18.89 11.89
N ILE BB 206 93.94 -20.16 12.27
CA ILE BB 206 95.19 -20.87 12.04
C ILE BB 206 95.38 -21.13 10.56
N TYR BB 207 94.30 -21.29 9.81
CA TYR BB 207 94.33 -21.54 8.38
C TYR BB 207 94.03 -20.27 7.61
N ASP BB 208 94.50 -20.23 6.38
CA ASP BB 208 94.23 -19.10 5.51
C ASP BB 208 92.79 -19.14 5.02
N GLN BB 209 92.13 -17.99 5.08
CA GLN BB 209 90.75 -17.83 4.64
C GLN BB 209 90.73 -16.99 3.38
N GLU BB 210 90.44 -17.62 2.25
CA GLU BB 210 90.40 -16.95 0.96
C GLU BB 210 88.96 -16.73 0.53
N TYR BB 211 88.75 -15.66 -0.23
CA TYR BB 211 87.44 -15.30 -0.75
C TYR BB 211 87.60 -14.76 -2.16
N ASN BB 212 86.58 -15.01 -2.98
CA ASN BB 212 86.44 -14.40 -4.29
C ASN BB 212 85.29 -13.41 -4.20
N ILE BB 213 85.61 -12.13 -4.24
CA ILE BB 213 84.63 -11.08 -4.01
C ILE BB 213 84.13 -10.58 -5.36
N ARG BB 214 82.81 -10.64 -5.55
CA ARG BB 214 82.15 -10.21 -6.76
C ARG BB 214 81.30 -8.99 -6.41
N VAL BB 215 81.70 -7.84 -6.92
CA VAL BB 215 80.96 -6.59 -6.75
C VAL BB 215 80.14 -6.37 -8.00
N THR BB 216 78.86 -6.07 -7.81
CA THR BB 216 77.93 -5.77 -8.89
C THR BB 216 77.33 -4.41 -8.60
N MET BB 217 77.55 -3.47 -9.52
CA MET BB 217 76.99 -2.14 -9.43
C MET BB 217 75.81 -1.98 -10.36
N TYR BB 218 74.70 -1.52 -9.82
CA TYR BB 218 73.50 -1.23 -10.59
C TYR BB 218 73.46 0.26 -10.86
N VAL BB 219 73.73 0.64 -12.10
CA VAL BB 219 73.96 2.02 -12.48
C VAL BB 219 72.81 2.49 -13.35
N GLN BB 220 72.77 3.81 -13.54
CA GLN BB 220 71.74 4.47 -14.33
C GLN BB 220 72.42 5.59 -15.08
N PHE BB 221 72.45 5.48 -16.40
CA PHE BB 221 73.09 6.44 -17.28
C PHE BB 221 72.07 7.39 -17.87
N ARG BB 222 72.58 8.42 -18.55
CA ARG BB 222 71.74 9.46 -19.13
C ARG BB 222 72.47 10.10 -20.29
N GLU BB 223 71.70 10.57 -21.27
CA GLU BB 223 72.19 11.35 -22.40
C GLU BB 223 73.18 10.55 -23.25
N PHE BB 224 72.62 9.56 -23.94
CA PHE BB 224 73.28 8.86 -25.03
C PHE BB 224 74.01 9.83 -25.93
N ASN BB 225 75.31 9.64 -26.09
CA ASN BB 225 76.18 10.61 -26.74
C ASN BB 225 77.12 9.95 -27.72
N LEU BB 226 76.61 9.01 -28.50
CA LEU BB 226 77.45 8.33 -29.46
C LEU BB 226 77.88 9.31 -30.55
N LYS BB 227 79.12 9.13 -31.01
CA LYS BB 227 79.70 9.94 -32.06
C LYS BB 227 80.08 9.04 -33.22
N ASP BB 228 79.62 9.42 -34.41
CA ASP BB 228 79.75 8.59 -35.61
C ASP BB 228 80.45 9.38 -36.70
N PRO BB 229 81.77 9.41 -36.68
CA PRO BB 229 82.49 10.03 -37.79
C PRO BB 229 82.47 9.15 -39.02
N PRO BB 230 82.84 9.67 -40.18
CA PRO BB 230 82.95 8.81 -41.36
C PRO BB 230 84.11 7.84 -41.27
N LEU BB 231 84.29 7.05 -42.32
CA LEU BB 231 85.35 6.04 -42.36
C LEU BB 231 85.98 5.95 -43.74
N GLY CB 43 64.84 10.83 29.11
CA GLY CB 43 65.55 10.72 27.85
C GLY CB 43 65.98 9.31 27.53
N ILE CB 44 65.06 8.54 27.00
CA ILE CB 44 65.26 7.11 26.78
C ILE CB 44 66.09 6.90 25.52
N PHE CB 45 66.95 5.88 25.58
CA PHE CB 45 67.73 5.46 24.43
C PHE CB 45 67.95 3.96 24.55
N ASN CB 46 67.20 3.20 23.78
CA ASN CB 46 67.39 1.77 23.69
C ASN CB 46 68.46 1.48 22.66
N THR CB 47 69.47 0.70 23.05
CA THR CB 47 70.53 0.30 22.16
C THR CB 47 70.91 -1.15 22.43
N ARG CB 48 72.06 -1.54 21.87
CA ARG CB 48 72.52 -2.92 21.87
C ARG CB 48 74.03 -2.93 22.02
N LEU CB 49 74.52 -3.67 23.00
CA LEU CB 49 75.94 -3.76 23.30
C LEU CB 49 76.34 -5.23 23.28
N SER CB 50 77.49 -5.51 22.70
CA SER CB 50 77.98 -6.86 22.50
C SER CB 50 79.38 -7.01 23.03
N ARG CB 51 79.81 -8.27 23.08
CA ARG CB 51 81.06 -8.69 23.69
C ARG CB 51 81.26 -10.15 23.32
N THR CB 52 82.50 -10.52 23.03
CA THR CB 52 82.84 -11.85 22.55
C THR CB 52 84.01 -12.41 23.34
N PHE CB 53 83.92 -13.68 23.69
CA PHE CB 53 84.96 -14.34 24.46
C PHE CB 53 84.85 -15.85 24.24
N GLY CB 54 85.87 -16.56 24.70
CA GLY CB 54 85.97 -17.99 24.49
C GLY CB 54 85.64 -18.85 25.68
N TYR CB 55 85.27 -20.09 25.40
CA TYR CB 55 85.00 -21.11 26.40
C TYR CB 55 85.35 -22.46 25.82
N THR CB 56 86.13 -23.24 26.56
CA THR CB 56 86.57 -24.55 26.12
C THR CB 56 86.23 -25.59 27.16
N ILE CB 57 85.78 -26.75 26.69
CA ILE CB 57 85.55 -27.93 27.49
C ILE CB 57 86.67 -28.89 27.15
N LYS CB 58 87.64 -29.02 28.06
CA LYS CB 58 88.79 -29.86 27.81
C LYS CB 58 88.40 -31.33 27.74
N ARG CB 59 89.26 -32.10 27.10
CA ARG CB 59 89.05 -33.52 26.91
C ARG CB 59 89.21 -34.29 28.22
N THR CB 60 88.64 -35.49 28.25
CA THR CB 60 88.73 -36.39 29.39
C THR CB 60 88.85 -37.82 28.91
N THR CB 61 89.72 -38.57 29.56
CA THR CB 61 89.84 -40.01 29.31
C THR CB 61 88.72 -40.82 29.96
N VAL CB 62 87.87 -40.18 30.76
CA VAL CB 62 86.77 -40.89 31.42
C VAL CB 62 85.85 -41.50 30.37
N LYS CB 63 85.45 -42.75 30.63
CA LYS CB 63 84.63 -43.48 29.68
C LYS CB 63 83.15 -43.14 29.82
N THR CB 64 82.69 -42.92 31.05
CA THR CB 64 81.30 -42.69 31.31
C THR CB 64 80.83 -41.38 30.67
N PRO CB 65 79.51 -41.19 30.56
CA PRO CB 65 79.01 -39.86 30.20
C PRO CB 65 79.02 -38.96 31.41
N SER CB 66 79.95 -38.01 31.42
CA SER CB 66 80.05 -37.01 32.46
C SER CB 66 79.84 -35.64 31.84
N TRP CB 67 79.43 -34.69 32.66
CA TRP CB 67 79.13 -33.33 32.23
C TRP CB 67 80.02 -32.33 32.95
N ALA CB 68 80.32 -31.25 32.24
CA ALA CB 68 81.11 -30.14 32.74
C ALA CB 68 80.19 -28.98 33.00
N VAL CB 69 80.17 -28.52 34.24
CA VAL CB 69 79.26 -27.49 34.69
C VAL CB 69 80.03 -26.18 34.83
N ASP CB 70 79.38 -25.09 34.47
CA ASP CB 70 79.98 -23.76 34.59
C ASP CB 70 78.85 -22.75 34.65
N MET CB 71 79.22 -21.53 35.03
CA MET CB 71 78.28 -20.44 35.25
C MET CB 71 78.61 -19.28 34.32
N MET CB 72 77.68 -18.34 34.25
CA MET CB 72 77.81 -17.19 33.38
C MET CB 72 77.04 -16.01 33.97
N ARG CB 73 77.77 -14.98 34.36
CA ARG CB 73 77.22 -13.71 34.83
C ARG CB 73 77.40 -12.65 33.76
N PHE CB 74 76.71 -11.54 33.94
CA PHE CB 74 76.74 -10.42 33.00
C PHE CB 74 76.89 -9.12 33.77
N ASN CB 75 77.92 -8.35 33.43
CA ASN CB 75 78.14 -7.02 33.99
C ASN CB 75 78.32 -6.03 32.85
N ILE CB 76 77.90 -4.79 33.11
CA ILE CB 76 77.93 -3.76 32.08
C ILE CB 76 79.30 -3.13 31.92
N ASN CB 77 80.22 -3.36 32.86
CA ASN CB 77 81.57 -2.85 32.67
C ASN CB 77 82.27 -3.55 31.52
N ASP CB 78 81.93 -4.80 31.27
CA ASP CB 78 82.53 -5.57 30.20
C ASP CB 78 81.99 -5.18 28.83
N PHE CB 79 80.89 -4.45 28.76
CA PHE CB 79 80.30 -4.00 27.51
C PHE CB 79 80.47 -2.51 27.27
N LEU CB 80 80.51 -1.72 28.34
CA LEU CB 80 80.60 -0.28 28.27
C LEU CB 80 81.92 0.20 28.84
N PRO CB 81 82.86 0.71 28.05
CA PRO CB 81 84.14 1.09 28.61
C PRO CB 81 84.04 2.39 29.37
N PRO CB 82 85.11 2.77 30.08
CA PRO CB 82 85.13 4.09 30.70
C PRO CB 82 85.31 5.18 29.66
N GLY CB 83 84.72 6.33 29.95
CA GLY CB 83 84.78 7.44 29.03
C GLY CB 83 86.04 8.24 29.17
N GLY CB 84 85.91 9.57 29.07
CA GLY CB 84 87.03 10.44 29.18
C GLY CB 84 86.63 11.85 29.58
N GLY CB 85 87.33 12.40 30.56
CA GLY CB 85 87.05 13.75 31.02
C GLY CB 85 85.95 13.80 32.05
N SER CB 86 85.10 14.83 31.93
CA SER CB 86 84.01 15.01 32.88
C SER CB 86 82.92 13.95 32.71
N ASN CB 87 82.91 13.24 31.59
CA ASN CB 87 81.97 12.14 31.38
C ASN CB 87 82.64 10.84 31.79
N PRO CB 88 82.23 10.20 32.90
CA PRO CB 88 82.97 9.03 33.36
C PRO CB 88 82.79 7.81 32.48
N ARG CB 89 81.71 7.75 31.70
CA ARG CB 89 81.42 6.61 30.84
C ARG CB 89 81.29 7.08 29.41
N SER CB 90 81.38 6.12 28.49
CA SER CB 90 81.41 6.43 27.07
C SER CB 90 80.02 6.68 26.49
N VAL CB 91 78.99 6.15 27.14
CA VAL CB 91 77.60 6.42 26.79
C VAL CB 91 77.07 7.44 27.80
N PRO CB 92 76.81 8.69 27.41
CA PRO CB 92 76.51 9.70 28.42
C PRO CB 92 75.09 9.67 28.95
N PHE CB 93 74.86 8.73 29.86
CA PHE CB 93 73.58 8.59 30.52
C PHE CB 93 73.82 8.26 31.98
N GLU CB 94 72.79 8.49 32.80
CA GLU CB 94 72.86 8.30 34.24
C GLU CB 94 72.38 6.93 34.67
N TYR CB 95 71.20 6.53 34.22
CA TYR CB 95 70.53 5.33 34.66
C TYR CB 95 70.50 4.30 33.53
N TYR CB 96 70.28 3.05 33.92
CA TYR CB 96 70.16 1.97 32.95
C TYR CB 96 69.33 0.85 33.56
N ARG CB 97 68.86 -0.02 32.68
CA ARG CB 97 68.23 -1.26 33.09
C ARG CB 97 68.31 -2.22 31.92
N ILE CB 98 68.80 -3.42 32.19
CA ILE CB 98 69.01 -4.42 31.13
C ILE CB 98 67.68 -5.10 30.85
N ARG CB 99 67.25 -5.03 29.60
CA ARG CB 99 65.99 -5.58 29.17
C ARG CB 99 66.09 -7.05 28.79
N LYS CB 100 67.09 -7.39 27.99
CA LYS CB 100 67.27 -8.74 27.48
C LYS CB 100 68.75 -9.00 27.30
N VAL CB 101 69.10 -10.28 27.25
CA VAL CB 101 70.43 -10.73 26.89
C VAL CB 101 70.28 -11.88 25.92
N LYS CB 102 71.18 -11.93 24.94
CA LYS CB 102 71.26 -13.00 23.96
C LYS CB 102 72.66 -13.60 24.06
N VAL CB 103 72.73 -14.80 24.60
CA VAL CB 103 73.96 -15.56 24.65
C VAL CB 103 73.98 -16.51 23.48
N GLU CB 104 75.03 -16.43 22.67
CA GLU CB 104 75.19 -17.23 21.47
C GLU CB 104 76.46 -18.05 21.62
N PHE CB 105 76.31 -19.37 21.62
CA PHE CB 105 77.44 -20.29 21.58
C PHE CB 105 77.74 -20.59 20.13
N TRP CB 106 78.72 -19.89 19.58
CA TRP CB 106 79.15 -20.13 18.22
C TRP CB 106 80.23 -21.21 18.23
N PRO CB 107 80.03 -22.36 17.60
CA PRO CB 107 81.03 -23.41 17.69
C PRO CB 107 82.32 -23.08 16.96
N CYS CB 108 83.38 -23.73 17.41
CA CYS CB 108 84.69 -23.65 16.82
C CYS CB 108 85.14 -24.97 16.21
N SER CB 109 84.31 -25.99 16.26
CA SER CB 109 84.67 -27.34 15.93
C SER CB 109 84.08 -27.74 14.59
N PRO CB 110 84.73 -28.61 13.83
CA PRO CB 110 84.22 -28.98 12.53
C PRO CB 110 83.00 -29.89 12.64
N ILE CB 111 82.25 -29.94 11.54
CA ILE CB 111 81.08 -30.79 11.50
C ILE CB 111 81.42 -32.27 11.36
N THR CB 112 82.69 -32.61 11.17
CA THR CB 112 83.15 -33.99 11.12
C THR CB 112 83.58 -34.52 12.48
N GLN CB 113 83.49 -33.72 13.53
CA GLN CB 113 83.97 -34.16 14.83
C GLN CB 113 82.99 -35.14 15.44
N GLY CB 114 83.52 -36.24 15.97
CA GLY CB 114 82.73 -37.27 16.57
C GLY CB 114 82.67 -37.16 18.08
N ASP CB 115 82.24 -38.24 18.71
CA ASP CB 115 82.03 -38.29 20.15
C ASP CB 115 81.07 -37.20 20.57
N ARG CB 116 80.01 -37.04 19.79
CA ARG CB 116 79.03 -36.02 20.06
C ARG CB 116 78.32 -36.27 21.38
N GLY CB 117 77.62 -35.24 21.84
CA GLY CB 117 76.99 -35.27 23.14
C GLY CB 117 75.75 -34.42 23.22
N VAL CB 118 75.20 -34.31 24.41
CA VAL CB 118 73.96 -33.58 24.63
C VAL CB 118 74.01 -32.96 26.02
N GLY CB 119 73.75 -31.66 26.08
CA GLY CB 119 73.82 -30.90 27.30
C GLY CB 119 72.58 -30.09 27.55
N SER CB 120 72.70 -29.09 28.44
CA SER CB 120 71.56 -28.33 28.86
C SER CB 120 72.01 -26.95 29.31
N SER CB 121 71.23 -25.94 28.98
CA SER CB 121 71.41 -24.57 29.43
C SER CB 121 70.15 -24.11 30.13
N ALA CB 122 70.31 -23.57 31.34
CA ALA CB 122 69.20 -23.13 32.14
C ALA CB 122 69.42 -21.69 32.61
N VAL CB 123 68.33 -21.05 33.01
CA VAL CB 123 68.32 -19.65 33.41
C VAL CB 123 68.24 -19.59 34.93
N ILE CB 124 69.24 -18.96 35.54
CA ILE CB 124 69.44 -18.96 36.98
C ILE CB 124 69.55 -17.51 37.43
N LEU CB 125 68.45 -16.98 37.95
CA LEU CB 125 68.32 -15.55 38.21
C LEU CB 125 68.66 -15.15 39.64
N ASP CB 126 69.53 -15.90 40.34
CA ASP CB 126 69.71 -15.68 41.78
C ASP CB 126 71.12 -15.85 42.31
N ASP CB 127 72.11 -16.10 41.46
CA ASP CB 127 73.51 -16.13 41.89
C ASP CB 127 73.81 -17.32 42.80
N ASN CB 128 73.05 -18.40 42.66
CA ASN CB 128 73.36 -19.66 43.32
C ASN CB 128 73.26 -20.72 42.23
N PHE CB 129 74.39 -20.97 41.60
CA PHE CB 129 74.54 -21.94 40.54
C PHE CB 129 74.91 -23.29 41.12
N VAL CB 130 74.71 -24.33 40.30
CA VAL CB 130 75.31 -25.61 40.61
C VAL CB 130 76.81 -25.43 40.62
N THR CB 131 77.47 -26.10 41.54
CA THR CB 131 78.90 -25.94 41.73
C THR CB 131 79.64 -26.31 40.45
N LYS CB 132 80.68 -25.54 40.13
CA LYS CB 132 81.48 -25.81 38.95
C LYS CB 132 82.15 -27.17 39.09
N ALA CB 133 81.99 -27.99 38.05
CA ALA CB 133 82.49 -29.35 38.03
C ALA CB 133 83.13 -29.63 36.69
N THR CB 134 84.14 -30.51 36.73
CA THR CB 134 84.84 -30.93 35.52
C THR CB 134 84.17 -32.14 34.88
N ALA CB 135 83.90 -33.17 35.67
CA ALA CB 135 83.26 -34.39 35.18
C ALA CB 135 82.25 -34.84 36.24
N LEU CB 136 81.03 -34.34 36.13
CA LEU CB 136 79.94 -34.74 36.99
C LEU CB 136 79.13 -35.84 36.32
N THR CB 137 78.66 -36.78 37.13
CA THR CB 137 78.04 -38.00 36.64
C THR CB 137 76.62 -37.80 36.13
N TYR CB 138 76.13 -36.57 36.04
CA TYR CB 138 74.77 -36.32 35.58
C TYR CB 138 74.68 -34.88 35.11
N ASP CB 139 73.60 -34.58 34.41
CA ASP CB 139 73.31 -33.24 33.94
C ASP CB 139 72.39 -32.57 34.95
N PRO CB 140 72.87 -31.62 35.76
CA PRO CB 140 72.00 -31.05 36.79
C PRO CB 140 70.91 -30.18 36.23
N TYR CB 141 71.16 -29.51 35.12
CA TYR CB 141 70.22 -28.56 34.54
C TYR CB 141 69.22 -29.21 33.62
N VAL CB 142 69.06 -30.53 33.67
CA VAL CB 142 68.25 -31.23 32.68
C VAL CB 142 66.77 -31.12 33.03
N ASN CB 143 66.43 -31.22 34.31
CA ASN CB 143 65.04 -31.17 34.74
C ASN CB 143 64.55 -29.77 35.04
N TYR CB 144 65.39 -28.76 34.79
CA TYR CB 144 64.98 -27.38 34.99
C TYR CB 144 63.93 -26.98 33.98
N SER CB 145 62.97 -26.17 34.44
CA SER CB 145 61.90 -25.70 33.58
C SER CB 145 62.39 -24.82 32.46
N SER CB 146 63.57 -24.20 32.61
CA SER CB 146 64.17 -23.35 31.60
C SER CB 146 65.28 -24.05 30.83
N ARG CB 147 65.27 -25.38 30.80
CA ARG CB 147 66.30 -26.12 30.12
C ARG CB 147 66.05 -26.10 28.62
N HIS CB 148 67.09 -25.78 27.87
CA HIS CB 148 67.15 -25.99 26.44
C HIS CB 148 68.28 -26.96 26.17
N THR CB 149 68.07 -27.90 25.26
CA THR CB 149 69.07 -28.88 24.92
C THR CB 149 70.19 -28.24 24.13
N ILE CB 150 71.42 -28.59 24.49
CA ILE CB 150 72.61 -28.20 23.76
C ILE CB 150 73.07 -29.44 23.02
N THR CB 151 72.92 -29.41 21.70
CA THR CB 151 73.61 -30.36 20.84
C THR CB 151 75.06 -29.93 20.70
N GLN CB 152 75.96 -30.90 20.81
CA GLN CB 152 77.39 -30.68 20.81
C GLN CB 152 78.02 -31.51 19.71
N PRO CB 153 79.22 -31.13 19.24
CA PRO CB 153 80.04 -29.94 19.49
C PRO CB 153 79.90 -28.83 18.46
N PHE CB 154 79.32 -29.15 17.31
CA PHE CB 154 79.37 -28.29 16.14
C PHE CB 154 78.04 -27.61 15.86
N SER CB 155 77.25 -27.36 16.90
CA SER CB 155 75.91 -26.83 16.76
C SER CB 155 75.77 -25.54 17.54
N TYR CB 156 74.99 -24.64 16.96
CA TYR CB 156 74.75 -23.32 17.53
C TYR CB 156 73.65 -23.38 18.57
N HIS CB 157 73.84 -22.64 19.65
CA HIS CB 157 72.91 -22.59 20.76
C HIS CB 157 72.72 -21.14 21.17
N SER CB 158 71.48 -20.67 21.14
CA SER CB 158 71.12 -19.34 21.57
C SER CB 158 70.17 -19.41 22.76
N ARG CB 159 70.27 -18.40 23.62
CA ARG CB 159 69.35 -18.23 24.73
C ARG CB 159 69.05 -16.75 24.85
N TYR CB 160 67.76 -16.41 24.84
CA TYR CB 160 67.28 -15.04 24.88
C TYR CB 160 66.34 -14.90 26.05
N PHE CB 161 66.73 -14.08 27.02
CA PHE CB 161 66.02 -14.00 28.28
C PHE CB 161 66.27 -12.64 28.91
N THR CB 162 65.58 -12.40 30.02
CA THR CB 162 65.67 -11.16 30.77
C THR CB 162 66.41 -11.41 32.06
N PRO CB 163 67.63 -10.88 32.25
CA PRO CB 163 68.35 -11.14 33.49
C PRO CB 163 67.82 -10.33 34.65
N LYS CB 164 68.40 -10.54 35.81
CA LYS CB 164 68.01 -9.85 37.03
C LYS CB 164 69.28 -9.44 37.76
N PRO CB 165 69.27 -8.28 38.42
CA PRO CB 165 70.46 -7.85 39.15
C PRO CB 165 70.55 -8.46 40.54
N VAL CB 166 71.78 -8.50 41.03
CA VAL CB 166 72.09 -9.04 42.36
C VAL CB 166 72.04 -7.88 43.32
N LEU CB 167 70.85 -7.63 43.86
CA LEU CB 167 70.64 -6.57 44.82
C LEU CB 167 71.05 -6.98 46.22
N ASP CB 168 70.67 -8.18 46.63
CA ASP CB 168 71.08 -8.74 47.92
C ASP CB 168 71.37 -10.21 47.71
N SER CB 169 72.65 -10.58 47.76
CA SER CB 169 73.05 -11.96 47.58
C SER CB 169 72.68 -12.83 48.77
N THR CB 170 72.39 -12.24 49.92
CA THR CB 170 72.00 -13.01 51.09
C THR CB 170 70.58 -13.52 50.99
N ILE CB 171 69.67 -12.70 50.46
CA ILE CB 171 68.26 -13.03 50.36
C ILE CB 171 67.94 -13.48 48.94
N ASP CB 172 68.61 -12.90 47.97
CA ASP CB 172 68.48 -13.26 46.56
C ASP CB 172 67.04 -13.10 46.10
N TYR CB 173 66.59 -11.86 46.09
CA TYR CB 173 65.25 -11.50 45.63
C TYR CB 173 65.34 -10.81 44.27
N PHE CB 174 64.33 -11.04 43.45
CA PHE CB 174 64.27 -10.44 42.12
C PHE CB 174 62.83 -10.20 41.73
N GLN CB 175 62.67 -9.42 40.75
CA GLN CB 175 61.38 -8.99 40.24
C GLN CB 175 60.91 -9.91 39.12
N PRO CB 176 59.61 -10.10 38.95
CA PRO CB 176 59.14 -10.75 37.73
C PRO CB 176 59.23 -9.84 36.52
N ASN CB 177 58.96 -10.38 35.35
CA ASN CB 177 59.13 -9.65 34.12
C ASN CB 177 58.01 -8.63 33.97
N ASN CB 178 58.37 -7.36 33.95
CA ASN CB 178 57.43 -6.27 33.74
C ASN CB 178 58.22 -5.12 33.17
N LYS CB 179 57.95 -4.77 31.92
CA LYS CB 179 58.71 -3.70 31.30
C LYS CB 179 58.46 -2.36 31.96
N ARG CB 180 57.26 -2.17 32.51
CA ARG CB 180 56.89 -0.87 33.06
C ARG CB 180 57.39 -0.68 34.48
N ASN CB 181 57.60 -1.76 35.21
CA ASN CB 181 57.97 -1.71 36.62
C ASN CB 181 59.41 -2.10 36.88
N GLN CB 182 60.20 -2.38 35.85
CA GLN CB 182 61.57 -2.79 36.03
C GLN CB 182 62.40 -1.66 36.63
N LEU CB 183 63.20 -2.00 37.63
CA LEU CB 183 63.99 -1.02 38.33
C LEU CB 183 65.03 -0.40 37.42
N TRP CB 184 65.28 0.88 37.65
CA TRP CB 184 66.40 1.59 37.04
C TRP CB 184 67.56 1.55 38.01
N LEU CB 185 68.70 1.07 37.53
CA LEU CB 185 69.95 1.13 38.26
C LEU CB 185 70.74 2.33 37.79
N ARG CB 186 71.75 2.69 38.57
CA ARG CB 186 72.68 3.74 38.20
C ARG CB 186 73.86 3.14 37.46
N LEU CB 187 74.26 3.85 36.40
CA LEU CB 187 75.46 3.53 35.66
C LEU CB 187 76.65 4.09 36.43
N GLN CB 188 77.22 3.25 37.28
CA GLN CB 188 78.34 3.63 38.10
C GLN CB 188 79.57 3.84 37.22
N THR CB 189 80.63 4.33 37.86
CA THR CB 189 81.88 4.59 37.15
C THR CB 189 82.70 3.33 36.97
N ALA CB 190 82.97 2.61 38.07
CA ALA CB 190 83.74 1.37 38.00
C ALA CB 190 83.24 0.28 38.94
N GLY CB 191 81.98 0.31 39.33
CA GLY CB 191 81.47 -0.59 40.35
C GLY CB 191 80.08 -1.12 40.10
N ASN CB 192 79.71 -1.31 38.84
CA ASN CB 192 78.36 -1.74 38.52
C ASN CB 192 78.10 -3.16 39.04
N VAL CB 193 76.82 -3.45 39.21
CA VAL CB 193 76.37 -4.68 39.85
C VAL CB 193 76.23 -5.77 38.81
N ASP CB 194 76.50 -7.00 39.23
CA ASP CB 194 76.50 -8.14 38.33
C ASP CB 194 75.07 -8.61 38.09
N HIS CB 195 74.72 -8.75 36.83
CA HIS CB 195 73.50 -9.42 36.44
C HIS CB 195 73.78 -10.89 36.18
N VAL CB 196 72.74 -11.69 36.31
CA VAL CB 196 72.87 -13.13 36.40
C VAL CB 196 71.72 -13.76 35.62
N GLY CB 197 71.86 -15.05 35.32
CA GLY CB 197 70.86 -15.68 34.49
C GLY CB 197 71.23 -16.79 33.52
N LEU CB 198 72.43 -17.35 33.57
CA LEU CB 198 72.67 -18.55 32.75
C LEU CB 198 73.66 -19.50 33.38
N GLY CB 199 73.28 -20.77 33.37
CA GLY CB 199 74.18 -21.85 33.74
C GLY CB 199 74.07 -22.97 32.74
N THR CB 200 75.19 -23.65 32.53
CA THR CB 200 75.35 -24.61 31.45
C THR CB 200 75.87 -25.93 31.98
N ALA CB 201 75.67 -26.96 31.17
CA ALA CB 201 76.22 -28.28 31.42
C ALA CB 201 76.55 -28.90 30.08
N PHE CB 202 77.84 -29.07 29.82
CA PHE CB 202 78.33 -29.64 28.58
C PHE CB 202 78.86 -31.04 28.81
N GLU CB 203 78.50 -31.96 27.92
CA GLU CB 203 78.96 -33.32 28.00
C GLU CB 203 80.38 -33.41 27.49
N ASN CB 204 81.25 -34.01 28.29
CA ASN CB 204 82.66 -34.09 27.96
C ASN CB 204 82.88 -35.06 26.80
N SER CB 205 84.09 -35.01 26.24
CA SER CB 205 84.42 -35.74 25.04
C SER CB 205 85.91 -36.05 25.02
N ILE CB 206 86.30 -36.94 24.12
CA ILE CB 206 87.71 -37.26 23.94
C ILE CB 206 88.45 -36.08 23.31
N TYR CB 207 87.75 -35.28 22.52
CA TYR CB 207 88.32 -34.12 21.85
C TYR CB 207 87.93 -32.85 22.59
N ASP CB 208 88.74 -31.82 22.41
CA ASP CB 208 88.44 -30.53 23.01
C ASP CB 208 87.32 -29.84 22.24
N GLN CB 209 86.36 -29.30 22.99
CA GLN CB 209 85.22 -28.59 22.43
C GLN CB 209 85.37 -27.11 22.75
N GLU CB 210 85.66 -26.31 21.74
CA GLU CB 210 85.84 -24.88 21.89
C GLU CB 210 84.62 -24.13 21.37
N TYR CB 211 84.36 -22.98 21.96
CA TYR CB 211 83.25 -22.12 21.59
C TYR CB 211 83.69 -20.67 21.67
N ASN CB 212 83.11 -19.86 20.79
CA ASN CB 212 83.23 -18.40 20.85
C ASN CB 212 81.87 -17.86 21.27
N ILE CB 213 81.80 -17.35 22.49
CA ILE CB 213 80.54 -16.94 23.08
C ILE CB 213 80.37 -15.44 22.88
N ARG CB 214 79.27 -15.06 22.25
CA ARG CB 214 78.94 -13.66 21.98
C ARG CB 214 77.70 -13.31 22.79
N VAL CB 215 77.89 -12.46 23.78
CA VAL CB 215 76.80 -11.95 24.61
C VAL CB 215 76.41 -10.59 24.09
N THR CB 216 75.11 -10.40 23.89
CA THR CB 216 74.54 -9.15 23.44
C THR CB 216 73.50 -8.73 24.46
N MET CB 217 73.72 -7.56 25.06
CA MET CB 217 72.79 -6.99 26.02
C MET CB 217 71.99 -5.87 25.39
N TYR CB 218 70.69 -5.95 25.52
CA TYR CB 218 69.76 -4.93 25.05
C TYR CB 218 69.38 -4.06 26.23
N VAL CB 219 69.91 -2.86 26.28
CA VAL CB 219 69.83 -1.99 27.44
C VAL CB 219 68.95 -0.79 27.11
N GLN CB 220 68.58 -0.07 28.16
CA GLN CB 220 67.72 1.10 28.07
C GLN CB 220 68.25 2.10 29.06
N PHE CB 221 68.73 3.22 28.56
CA PHE CB 221 69.30 4.28 29.38
C PHE CB 221 68.30 5.40 29.60
N ARG CB 222 68.67 6.34 30.47
CA ARG CB 222 67.81 7.43 30.85
C ARG CB 222 68.65 8.60 31.33
N GLU CB 223 68.13 9.80 31.11
CA GLU CB 223 68.71 11.04 31.61
C GLU CB 223 70.12 11.29 31.05
N PHE CB 224 70.13 11.60 29.76
CA PHE CB 224 71.28 12.16 29.07
C PHE CB 224 71.94 13.23 29.90
N ASN CB 225 73.22 13.04 30.21
CA ASN CB 225 73.92 13.87 31.19
C ASN CB 225 75.28 14.30 30.68
N LEU CB 226 75.35 14.69 29.42
CA LEU CB 226 76.62 15.12 28.87
C LEU CB 226 77.08 16.41 29.53
N LYS CB 227 78.38 16.51 29.73
CA LYS CB 227 79.02 17.68 30.32
C LYS CB 227 80.00 18.27 29.33
N ASP CB 228 79.86 19.57 29.08
CA ASP CB 228 80.60 20.27 28.05
C ASP CB 228 81.36 21.44 28.67
N PRO CB 229 82.54 21.19 29.22
CA PRO CB 229 83.36 22.30 29.68
C PRO CB 229 84.00 23.03 28.53
N PRO CB 230 84.56 24.22 28.75
CA PRO CB 230 85.28 24.89 27.68
C PRO CB 230 86.59 24.19 27.34
N LEU CB 231 87.33 24.77 26.40
CA LEU CB 231 88.58 24.18 25.92
C LEU CB 231 89.63 25.26 25.66
N GLY DB 43 57.53 -22.97 36.56
CA GLY DB 43 56.88 -24.15 37.10
C GLY DB 43 56.20 -23.91 38.41
N ILE DB 44 55.00 -23.36 38.35
CA ILE DB 44 54.29 -22.91 39.53
C ILE DB 44 53.64 -24.09 40.22
N PHE DB 45 53.62 -24.04 41.55
CA PHE DB 45 52.93 -25.03 42.36
C PHE DB 45 52.44 -24.34 43.62
N ASN DB 46 51.16 -24.03 43.65
CA ASN DB 46 50.53 -23.49 44.84
C ASN DB 46 50.12 -24.63 45.75
N THR DB 47 50.54 -24.55 47.01
CA THR DB 47 50.19 -25.55 48.00
C THR DB 47 49.92 -24.86 49.33
N ARG DB 48 49.86 -25.69 50.38
CA ARG DB 48 49.44 -25.26 51.71
C ARG DB 48 50.26 -26.02 52.74
N LEU DB 49 50.90 -25.29 53.63
CA LEU DB 49 51.76 -25.84 54.68
C LEU DB 49 51.27 -25.35 56.02
N SER DB 50 51.24 -26.25 56.99
CA SER DB 50 50.70 -25.98 58.31
C SER DB 50 51.70 -26.35 59.39
N ARG DB 51 51.37 -25.93 60.61
CA ARG DB 51 52.23 -26.03 61.78
C ARG DB 51 51.37 -25.66 62.98
N THR DB 52 51.58 -26.37 64.09
CA THR DB 52 50.77 -26.22 65.28
C THR DB 52 51.67 -26.08 66.49
N PHE DB 53 51.30 -25.18 67.39
CA PHE DB 53 52.07 -24.93 68.60
C PHE DB 53 51.16 -24.27 69.63
N GLY DB 54 51.66 -24.18 70.85
CA GLY DB 54 50.91 -23.68 71.97
C GLY DB 54 51.25 -22.27 72.41
N TYR DB 55 50.29 -21.63 73.07
CA TYR DB 55 50.46 -20.32 73.66
C TYR DB 55 49.57 -20.24 74.89
N THR DB 56 50.13 -19.78 76.00
CA THR DB 56 49.41 -19.68 77.26
C THR DB 56 49.56 -18.28 77.82
N ILE DB 57 48.46 -17.77 78.36
CA ILE DB 57 48.42 -16.52 79.09
C ILE DB 57 48.25 -16.91 80.54
N LYS DB 58 49.33 -16.78 81.31
CA LYS DB 58 49.32 -17.18 82.71
C LYS DB 58 48.41 -16.28 83.53
N ARG DB 59 47.98 -16.81 84.67
CA ARG DB 59 47.08 -16.10 85.56
C ARG DB 59 47.80 -14.95 86.27
N THR DB 60 46.99 -14.02 86.76
CA THR DB 60 47.49 -12.87 87.51
C THR DB 60 46.53 -12.55 88.64
N THR DB 61 47.08 -12.23 89.81
CA THR DB 61 46.31 -11.74 90.94
C THR DB 61 45.89 -10.29 90.80
N VAL DB 62 46.38 -9.60 89.76
CA VAL DB 62 46.03 -8.20 89.56
C VAL DB 62 44.53 -8.06 89.38
N LYS DB 63 43.96 -7.04 90.03
CA LYS DB 63 42.52 -6.83 89.99
C LYS DB 63 42.08 -6.07 88.75
N THR DB 64 42.89 -5.12 88.30
CA THR DB 64 42.54 -4.27 87.20
C THR DB 64 42.42 -5.07 85.91
N PRO DB 65 41.81 -4.50 84.87
CA PRO DB 65 41.91 -5.10 83.55
C PRO DB 65 43.24 -4.77 82.92
N SER DB 66 44.12 -5.76 82.84
CA SER DB 66 45.41 -5.64 82.19
C SER DB 66 45.46 -6.60 81.02
N TRP DB 67 46.32 -6.29 80.06
CA TRP DB 67 46.48 -7.08 78.86
C TRP DB 67 47.90 -7.60 78.73
N ALA DB 68 47.98 -8.78 78.12
CA ALA DB 68 49.25 -9.46 77.85
C ALA DB 68 49.56 -9.34 76.37
N VAL DB 69 50.68 -8.74 76.05
CA VAL DB 69 51.06 -8.44 74.69
C VAL DB 69 52.13 -9.43 74.24
N ASP DB 70 52.04 -9.86 73.00
CA ASP DB 70 53.02 -10.76 72.42
C ASP DB 70 53.00 -10.59 70.91
N MET DB 71 54.02 -11.15 70.27
CA MET DB 71 54.24 -11.02 68.84
C MET DB 71 54.21 -12.39 68.19
N MET DB 72 54.17 -12.37 66.86
CA MET DB 72 54.09 -13.61 66.08
C MET DB 72 54.71 -13.36 64.71
N ARG DB 73 55.82 -14.03 64.44
CA ARG DB 73 56.48 -14.04 63.15
C ARG DB 73 56.26 -15.38 62.47
N PHE DB 74 56.58 -15.42 61.18
CA PHE DB 74 56.39 -16.60 60.35
C PHE DB 74 57.63 -16.83 59.52
N ASN DB 75 58.22 -18.01 59.63
CA ASN DB 75 59.35 -18.43 58.81
C ASN DB 75 59.04 -19.77 58.18
N ILE DB 76 59.59 -19.98 56.98
CA ILE DB 76 59.31 -21.19 56.22
C ILE DB 76 60.12 -22.38 56.68
N ASN DB 77 61.17 -22.18 57.48
CA ASN DB 77 61.90 -23.31 58.01
C ASN DB 77 61.05 -24.12 58.98
N ASP DB 78 60.12 -23.47 59.67
CA ASP DB 78 59.25 -24.14 60.61
C ASP DB 78 58.14 -24.92 59.94
N PHE DB 79 57.91 -24.71 58.65
CA PHE DB 79 56.89 -25.42 57.89
C PHE DB 79 57.47 -26.41 56.91
N LEU DB 80 58.65 -26.12 56.37
CA LEU DB 80 59.30 -26.94 55.36
C LEU DB 80 60.57 -27.55 55.93
N PRO DB 81 60.66 -28.85 56.16
CA PRO DB 81 61.86 -29.40 56.75
C PRO DB 81 62.98 -29.48 55.75
N PRO DB 82 64.20 -29.81 56.19
CA PRO DB 82 65.27 -30.08 55.26
C PRO DB 82 65.07 -31.39 54.55
N GLY DB 83 65.53 -31.44 53.31
CA GLY DB 83 65.39 -32.64 52.50
C GLY DB 83 66.45 -33.65 52.76
N GLY DB 84 66.91 -34.31 51.70
CA GLY DB 84 67.94 -35.31 51.82
C GLY DB 84 68.69 -35.51 50.52
N GLY DB 85 70.01 -35.53 50.60
CA GLY DB 85 70.83 -35.74 49.43
C GLY DB 85 71.11 -34.47 48.67
N SER DB 86 71.09 -34.57 47.34
CA SER DB 86 71.36 -33.43 46.49
C SER DB 86 70.24 -32.39 46.54
N ASN DB 87 69.07 -32.76 47.03
CA ASN DB 87 67.97 -31.84 47.20
C ASN DB 87 68.00 -31.29 48.62
N PRO DB 88 68.35 -30.03 48.83
CA PRO DB 88 68.50 -29.56 50.21
C PRO DB 88 67.20 -29.42 50.97
N ARG DB 89 66.08 -29.29 50.28
CA ARG DB 89 64.77 -29.13 50.89
C ARG DB 89 63.84 -30.23 50.43
N SER DB 90 62.76 -30.42 51.18
CA SER DB 90 61.84 -31.52 50.94
C SER DB 90 60.87 -31.23 49.80
N VAL DB 91 60.62 -29.97 49.52
CA VAL DB 91 59.83 -29.54 48.36
C VAL DB 91 60.80 -29.09 47.28
N PRO DB 92 60.95 -29.81 46.17
CA PRO DB 92 62.04 -29.49 45.25
C PRO DB 92 61.75 -28.31 44.32
N PHE DB 93 61.89 -27.11 44.87
CA PHE DB 93 61.72 -25.89 44.13
C PHE DB 93 62.79 -24.90 44.58
N GLU DB 94 63.01 -23.89 43.73
CA GLU DB 94 64.04 -22.89 43.95
C GLU DB 94 63.51 -21.65 44.65
N TYR DB 95 62.43 -21.09 44.14
CA TYR DB 95 61.90 -19.82 44.60
C TYR DB 95 60.56 -20.03 45.29
N TYR DB 96 60.18 -19.03 46.07
CA TYR DB 96 58.90 -19.06 46.77
C TYR DB 96 58.45 -17.65 47.05
N ARG DB 97 57.16 -17.53 47.35
CA ARG DB 97 56.62 -16.28 47.86
C ARG DB 97 55.33 -16.62 48.59
N ILE DB 98 55.22 -16.12 49.82
CA ILE DB 98 54.07 -16.43 50.66
C ILE DB 98 52.92 -15.53 50.27
N ARG DB 99 51.80 -16.15 49.90
CA ARG DB 99 50.63 -15.44 49.44
C ARG DB 99 49.72 -15.02 50.59
N LYS DB 100 49.43 -15.95 51.50
CA LYS DB 100 48.53 -15.71 52.60
C LYS DB 100 48.97 -16.54 53.78
N VAL DB 101 48.51 -16.14 54.97
CA VAL DB 101 48.66 -16.90 56.18
C VAL DB 101 47.33 -16.88 56.92
N LYS DB 102 47.00 -18.01 57.53
CA LYS DB 102 45.81 -18.18 58.36
C LYS DB 102 46.28 -18.60 59.74
N VAL DB 103 46.18 -17.69 60.68
CA VAL DB 103 46.45 -17.97 62.08
C VAL DB 103 45.13 -18.28 62.77
N GLU DB 104 45.06 -19.45 63.40
CA GLU DB 104 43.87 -19.93 64.07
C GLU DB 104 44.21 -20.14 65.53
N PHE DB 105 43.54 -19.41 66.41
CA PHE DB 105 43.63 -19.61 67.85
C PHE DB 105 42.53 -20.59 68.24
N TRP DB 106 42.91 -21.85 68.36
CA TRP DB 106 41.98 -22.87 68.80
C TRP DB 106 42.01 -22.94 70.33
N PRO DB 107 40.91 -22.68 71.03
CA PRO DB 107 40.97 -22.66 72.48
C PRO DB 107 41.18 -24.03 73.08
N CYS DB 108 41.73 -24.00 74.29
CA CYS DB 108 41.94 -25.18 75.10
C CYS DB 108 41.10 -25.18 76.37
N SER DB 109 40.26 -24.17 76.56
CA SER DB 109 39.56 -23.92 77.79
C SER DB 109 38.10 -24.27 77.65
N PRO DB 110 37.45 -24.71 78.73
CA PRO DB 110 36.04 -25.09 78.62
C PRO DB 110 35.14 -23.88 78.47
N ILE DB 111 33.94 -24.16 77.97
CA ILE DB 111 32.95 -23.10 77.82
C ILE DB 111 32.33 -22.64 79.13
N THR DB 112 32.64 -23.32 80.23
CA THR DB 112 32.19 -22.92 81.55
C THR DB 112 33.17 -22.01 82.27
N GLN DB 113 34.29 -21.66 81.65
CA GLN DB 113 35.30 -20.86 82.32
C GLN DB 113 34.83 -19.42 82.41
N GLY DB 114 34.98 -18.83 83.58
CA GLY DB 114 34.60 -17.46 83.82
C GLY DB 114 35.75 -16.50 83.74
N ASP DB 115 35.52 -15.30 84.27
CA ASP DB 115 36.49 -14.21 84.19
C ASP DB 115 36.86 -13.93 82.74
N ARG DB 116 35.84 -13.92 81.89
CA ARG DB 116 36.04 -13.71 80.48
C ARG DB 116 36.58 -12.31 80.22
N GLY DB 117 37.06 -12.12 79.00
CA GLY DB 117 37.73 -10.90 78.64
C GLY DB 117 37.59 -10.56 77.18
N VAL DB 118 38.28 -9.51 76.75
CA VAL DB 118 38.19 -9.04 75.38
C VAL DB 118 39.54 -8.45 74.98
N GLY DB 119 40.06 -8.91 73.85
CA GLY DB 119 41.36 -8.53 73.36
C GLY DB 119 41.34 -8.07 71.93
N SER DB 120 42.50 -8.04 71.31
CA SER DB 120 42.64 -7.50 69.97
C SER DB 120 43.83 -8.15 69.28
N SER DB 121 43.65 -8.42 67.99
CA SER DB 121 44.71 -8.91 67.12
C SER DB 121 44.85 -7.97 65.95
N ALA DB 122 46.08 -7.53 65.68
CA ALA DB 122 46.37 -6.59 64.62
C ALA DB 122 47.48 -7.13 63.73
N VAL DB 123 47.56 -6.56 62.53
CA VAL DB 123 48.49 -6.98 61.50
C VAL DB 123 49.63 -5.97 61.43
N ILE DB 124 50.84 -6.45 61.65
CA ILE DB 124 52.03 -5.62 61.82
C ILE DB 124 53.07 -6.10 60.84
N LEU DB 125 53.20 -5.40 59.72
CA LEU DB 125 53.98 -5.86 58.58
C LEU DB 125 55.40 -5.30 58.54
N ASP DB 126 55.99 -4.97 59.70
CA ASP DB 126 57.26 -4.23 59.69
C ASP DB 126 58.25 -4.61 60.78
N ASP DB 127 57.98 -5.59 61.62
CA ASP DB 127 58.95 -6.09 62.59
C ASP DB 127 59.23 -5.07 63.69
N ASN DB 128 58.27 -4.20 63.98
CA ASN DB 128 58.33 -3.31 65.14
C ASN DB 128 56.98 -3.45 65.82
N PHE DB 129 56.94 -4.38 66.75
CA PHE DB 129 55.76 -4.67 67.55
C PHE DB 129 55.75 -3.83 68.81
N VAL DB 130 54.57 -3.74 69.42
CA VAL DB 130 54.50 -3.24 70.78
C VAL DB 130 55.30 -4.17 71.66
N THR DB 131 56.01 -3.61 72.62
CA THR DB 131 56.89 -4.38 73.46
C THR DB 131 56.11 -5.45 74.22
N LYS DB 132 56.71 -6.63 74.33
CA LYS DB 132 56.09 -7.72 75.05
C LYS DB 132 55.88 -7.34 76.51
N ALA DB 133 54.65 -7.53 76.98
CA ALA DB 133 54.25 -7.15 78.32
C ALA DB 133 53.42 -8.25 78.93
N THR DB 134 53.51 -8.36 80.25
CA THR DB 134 52.75 -9.34 81.01
C THR DB 134 51.40 -8.79 81.45
N ALA DB 135 51.40 -7.60 82.04
CA ALA DB 135 50.17 -6.95 82.49
C ALA DB 135 50.28 -5.46 82.17
N LEU DB 136 49.85 -5.10 80.98
CA LEU DB 136 49.80 -3.71 80.55
C LEU DB 136 48.41 -3.15 80.80
N THR DB 137 48.36 -1.89 81.20
CA THR DB 137 47.13 -1.25 81.66
C THR DB 137 46.17 -0.88 80.55
N TYR DB 138 46.43 -1.27 79.32
CA TYR DB 138 45.56 -0.93 78.21
C TYR DB 138 45.83 -1.90 77.07
N ASP DB 139 44.92 -1.89 76.10
CA ASP DB 139 45.04 -2.70 74.89
C ASP DB 139 45.68 -1.86 73.80
N PRO DB 140 46.95 -2.07 73.46
CA PRO DB 140 47.58 -1.18 72.48
C PRO DB 140 47.03 -1.36 71.08
N TYR DB 141 46.61 -2.57 70.72
CA TYR DB 141 46.18 -2.89 69.38
C TYR DB 141 44.70 -2.61 69.16
N VAL DB 142 44.07 -1.84 70.03
CA VAL DB 142 42.62 -1.67 69.97
C VAL DB 142 42.23 -0.66 68.91
N ASN DB 143 42.98 0.42 68.78
CA ASN DB 143 42.67 1.46 67.82
C ASN DB 143 43.31 1.24 66.47
N TYR DB 144 43.98 0.11 66.27
CA TYR DB 144 44.56 -0.21 64.98
C TYR DB 144 43.49 -0.48 63.95
N SER DB 145 43.75 -0.03 62.73
CA SER DB 145 42.81 -0.23 61.63
C SER DB 145 42.60 -1.69 61.29
N SER DB 146 43.56 -2.56 61.64
CA SER DB 146 43.47 -3.98 61.39
C SER DB 146 43.10 -4.76 62.63
N ARG DB 147 42.47 -4.13 63.60
CA ARG DB 147 42.09 -4.81 64.83
C ARG DB 147 40.86 -5.64 64.61
N HIS DB 148 40.93 -6.89 65.07
CA HIS DB 148 39.79 -7.77 65.23
C HIS DB 148 39.69 -8.10 66.70
N THR DB 149 38.47 -8.10 67.22
CA THR DB 149 38.24 -8.41 68.61
C THR DB 149 38.46 -9.89 68.89
N ILE DB 150 39.16 -10.16 69.97
CA ILE DB 150 39.36 -11.52 70.48
C ILE DB 150 38.44 -11.65 71.69
N THR DB 151 37.40 -12.45 71.52
CA THR DB 151 36.65 -12.93 72.67
C THR DB 151 37.43 -14.06 73.34
N GLN DB 152 37.49 -14.01 74.66
CA GLN DB 152 38.27 -14.93 75.46
C GLN DB 152 37.36 -15.60 76.47
N PRO DB 153 37.75 -16.79 76.99
CA PRO DB 153 38.86 -17.66 76.67
C PRO DB 153 38.54 -18.81 75.74
N PHE DB 154 37.25 -19.09 75.56
CA PHE DB 154 36.78 -20.31 74.92
C PHE DB 154 36.26 -20.08 73.51
N SER DB 155 36.77 -19.07 72.83
CA SER DB 155 36.27 -18.67 71.53
C SER DB 155 37.38 -18.72 70.50
N TYR DB 156 37.00 -19.10 69.29
CA TYR DB 156 37.91 -19.25 68.17
C TYR DB 156 38.14 -17.91 67.50
N HIS DB 157 39.38 -17.68 67.10
CA HIS DB 157 39.81 -16.44 66.46
C HIS DB 157 40.68 -16.80 65.28
N SER DB 158 40.29 -16.34 64.10
CA SER DB 158 41.06 -16.51 62.87
C SER DB 158 41.47 -15.16 62.31
N ARG DB 159 42.62 -15.15 61.66
CA ARG DB 159 43.11 -13.98 60.94
C ARG DB 159 43.72 -14.48 59.64
N TYR DB 160 43.27 -13.91 58.53
CA TYR DB 160 43.68 -14.31 57.19
C TYR DB 160 44.19 -13.07 56.48
N PHE DB 161 45.47 -13.06 56.16
CA PHE DB 161 46.12 -11.87 55.65
C PHE DB 161 47.34 -12.27 54.83
N THR DB 162 47.95 -11.27 54.23
CA THR DB 162 49.13 -11.43 53.38
C THR DB 162 50.35 -10.89 54.10
N PRO DB 163 51.30 -11.71 54.53
CA PRO DB 163 52.45 -11.17 55.24
C PRO DB 163 53.44 -10.51 54.31
N LYS DB 164 54.50 -9.97 54.89
CA LYS DB 164 55.55 -9.29 54.15
C LYS DB 164 56.89 -9.73 54.71
N PRO DB 165 57.91 -9.87 53.86
CA PRO DB 165 59.22 -10.27 54.36
C PRO DB 165 60.03 -9.11 54.91
N VAL DB 166 60.97 -9.47 55.77
CA VAL DB 166 61.85 -8.50 56.42
C VAL DB 166 63.10 -8.41 55.54
N LEU DB 167 63.04 -7.50 54.58
CA LEU DB 167 64.16 -7.28 53.67
C LEU DB 167 65.21 -6.39 54.29
N ASP DB 168 64.80 -5.30 54.92
CA ASP DB 168 65.71 -4.41 55.64
C ASP DB 168 65.01 -3.99 56.93
N SER DB 169 65.49 -4.50 58.06
CA SER DB 169 64.92 -4.15 59.34
C SER DB 169 65.24 -2.73 59.76
N THR DB 170 66.24 -2.10 59.16
CA THR DB 170 66.59 -0.73 59.48
C THR DB 170 65.59 0.26 58.91
N ILE DB 171 65.14 0.01 57.69
CA ILE DB 171 64.25 0.91 56.97
C ILE DB 171 62.83 0.39 57.05
N ASP DB 172 62.67 -0.92 57.05
CA ASP DB 172 61.39 -1.59 57.20
C ASP DB 172 60.42 -1.16 56.09
N TYR DB 173 60.78 -1.53 54.86
CA TYR DB 173 59.96 -1.26 53.69
C TYR DB 173 59.29 -2.55 53.22
N PHE DB 174 58.09 -2.40 52.68
CA PHE DB 174 57.34 -3.53 52.17
C PHE DB 174 56.47 -3.09 51.02
N GLN DB 175 56.02 -4.03 50.30
CA GLN DB 175 55.21 -3.84 49.11
C GLN DB 175 53.73 -3.87 49.44
N PRO DB 176 52.90 -3.16 48.70
CA PRO DB 176 51.46 -3.37 48.83
C PRO DB 176 51.02 -4.67 48.20
N ASN DB 177 49.76 -5.00 48.39
CA ASN DB 177 49.24 -6.29 47.93
C ASN DB 177 49.06 -6.25 46.43
N ASN DB 178 49.80 -7.11 45.74
CA ASN DB 178 49.69 -7.24 44.29
C ASN DB 178 50.17 -8.64 43.96
N LYS DB 179 49.26 -9.49 43.48
CA LYS DB 179 49.64 -10.85 43.20
C LYS DB 179 50.63 -10.94 42.05
N ARG DB 180 50.57 -10.00 41.11
CA ARG DB 180 51.40 -10.07 39.92
C ARG DB 180 52.79 -9.52 40.14
N ASN DB 181 52.95 -8.61 41.11
CA ASN DB 181 54.21 -7.93 41.36
C ASN DB 181 54.90 -8.38 42.62
N GLN DB 182 54.37 -9.37 43.34
CA GLN DB 182 54.98 -9.82 44.56
C GLN DB 182 56.33 -10.45 44.29
N LEU DB 183 57.30 -10.08 45.12
CA LEU DB 183 58.66 -10.55 44.94
C LEU DB 183 58.76 -12.05 45.17
N TRP DB 184 59.63 -12.68 44.39
CA TRP DB 184 60.03 -14.05 44.61
C TRP DB 184 61.28 -14.06 45.45
N LEU DB 185 61.25 -14.78 46.56
CA LEU DB 185 62.42 -15.04 47.36
C LEU DB 185 62.99 -16.39 47.01
N ARG DB 186 64.21 -16.62 47.45
CA ARG DB 186 64.86 -17.91 47.29
C ARG DB 186 64.58 -18.78 48.50
N LEU DB 187 64.31 -20.04 48.23
CA LEU DB 187 64.17 -21.06 49.26
C LEU DB 187 65.56 -21.50 49.66
N GLN DB 188 66.08 -20.85 50.69
CA GLN DB 188 67.41 -21.14 51.18
C GLN DB 188 67.43 -22.51 51.85
N THR DB 189 68.64 -22.93 52.21
CA THR DB 189 68.82 -24.24 52.84
C THR DB 189 68.49 -24.19 54.32
N ALA DB 190 69.12 -23.26 55.07
CA ALA DB 190 68.86 -23.13 56.49
C ALA DB 190 68.84 -21.69 56.99
N GLY DB 191 68.54 -20.73 56.12
CA GLY DB 191 68.65 -19.32 56.47
C GLY DB 191 67.57 -18.43 55.91
N ASN DB 192 66.37 -18.96 55.77
CA ASN DB 192 65.28 -18.20 55.18
C ASN DB 192 64.90 -17.00 56.05
N VAL DB 193 64.29 -16.02 55.41
CA VAL DB 193 64.00 -14.74 56.03
C VAL DB 193 62.65 -14.80 56.73
N ASP DB 194 62.53 -14.07 57.83
CA ASP DB 194 61.33 -14.09 58.63
C ASP DB 194 60.26 -13.22 58.01
N HIS DB 195 59.07 -13.77 57.85
CA HIS DB 195 57.90 -13.00 57.51
C HIS DB 195 57.17 -12.60 58.78
N VAL DB 196 56.40 -11.54 58.67
CA VAL DB 196 55.87 -10.82 59.82
C VAL DB 196 54.47 -10.38 59.49
N GLY DB 197 53.70 -10.02 60.54
CA GLY DB 197 52.32 -9.68 60.32
C GLY DB 197 51.26 -9.97 61.35
N LEU DB 198 51.60 -10.35 62.57
CA LEU DB 198 50.56 -10.43 63.60
C LEU DB 198 51.07 -10.10 64.99
N GLY DB 199 50.30 -9.26 65.67
CA GLY DB 199 50.51 -8.99 67.07
C GLY DB 199 49.20 -9.04 67.80
N THR DB 200 49.27 -9.48 69.06
CA THR DB 200 48.09 -9.79 69.85
C THR DB 200 48.12 -9.07 71.18
N ALA DB 201 46.96 -8.98 71.79
CA ALA DB 201 46.80 -8.48 73.15
C ALA DB 201 45.65 -9.24 73.80
N PHE DB 202 45.99 -10.07 74.79
CA PHE DB 202 45.03 -10.87 75.51
C PHE DB 202 44.82 -10.31 76.91
N GLU DB 203 43.57 -10.24 77.31
CA GLU DB 203 43.22 -9.77 78.65
C GLU DB 203 43.47 -10.87 79.66
N ASN DB 204 44.21 -10.54 80.69
CA ASN DB 204 44.58 -11.52 81.70
C ASN DB 204 43.38 -11.93 82.53
N SER DB 205 43.55 -12.99 83.29
CA SER DB 205 42.47 -13.61 84.04
C SER DB 205 43.03 -14.31 85.26
N ILE DB 206 42.12 -14.69 86.17
CA ILE DB 206 42.50 -15.46 87.33
C ILE DB 206 42.91 -16.86 86.96
N TYR DB 207 42.36 -17.39 85.88
CA TYR DB 207 42.66 -18.72 85.40
C TYR DB 207 43.60 -18.64 84.20
N ASP DB 208 44.33 -19.74 83.99
CA ASP DB 208 45.23 -19.82 82.85
C ASP DB 208 44.43 -20.03 81.57
N GLN DB 209 44.79 -19.27 80.54
CA GLN DB 209 44.16 -19.33 79.23
C GLN DB 209 45.14 -19.94 78.25
N GLU DB 210 44.89 -21.17 77.83
CA GLU DB 210 45.74 -21.88 76.90
C GLU DB 210 45.11 -21.91 75.52
N TYR DB 211 45.96 -21.94 74.50
CA TYR DB 211 45.54 -21.98 73.11
C TYR DB 211 46.48 -22.90 72.33
N ASN DB 212 45.92 -23.56 71.33
CA ASN DB 212 46.68 -24.31 70.34
C ASN DB 212 46.61 -23.53 69.04
N ILE DB 213 47.71 -22.94 68.63
CA ILE DB 213 47.74 -22.05 67.50
C ILE DB 213 48.20 -22.82 66.28
N ARG DB 214 47.38 -22.82 65.23
CA ARG DB 214 47.66 -23.49 63.98
C ARG DB 214 47.85 -22.44 62.91
N VAL DB 215 49.07 -22.30 62.42
CA VAL DB 215 49.41 -21.40 61.33
C VAL DB 215 49.45 -22.19 60.05
N THR DB 216 48.78 -21.69 59.03
CA THR DB 216 48.73 -22.28 57.71
C THR DB 216 49.22 -21.23 56.72
N MET DB 217 50.29 -21.53 56.02
CA MET DB 217 50.85 -20.66 55.00
C MET DB 217 50.50 -21.18 53.61
N TYR DB 218 49.94 -20.32 52.80
CA TYR DB 218 49.62 -20.61 51.42
C TYR DB 218 50.72 -20.05 50.54
N VAL DB 219 51.56 -20.93 50.01
CA VAL DB 219 52.78 -20.54 49.34
C VAL DB 219 52.67 -20.84 47.86
N GLN DB 220 53.62 -20.31 47.10
CA GLN DB 220 53.67 -20.46 45.65
C GLN DB 220 55.14 -20.60 45.30
N PHE DB 221 55.50 -21.77 44.78
CA PHE DB 221 56.86 -22.08 44.40
C PHE DB 221 57.06 -21.92 42.91
N ARG DB 222 58.33 -22.03 42.49
CA ARG DB 222 58.70 -21.83 41.10
C ARG DB 222 59.99 -22.58 40.83
N GLU DB 223 60.14 -23.02 39.58
CA GLU DB 223 61.35 -23.63 39.07
C GLU DB 223 61.71 -24.92 39.83
N PHE DB 224 60.88 -25.93 39.58
CA PHE DB 224 61.17 -27.31 39.92
C PHE DB 224 62.60 -27.67 39.59
N ASN DB 225 63.35 -28.10 40.61
CA ASN DB 225 64.80 -28.26 40.49
C ASN DB 225 65.26 -29.59 41.08
N LEU DB 226 64.52 -30.65 40.81
CA LEU DB 226 64.90 -31.94 41.33
C LEU DB 226 66.20 -32.40 40.71
N LYS DB 227 67.02 -33.06 41.52
CA LYS DB 227 68.30 -33.60 41.10
C LYS DB 227 68.29 -35.11 41.30
N ASP DB 228 68.63 -35.84 40.24
CA ASP DB 228 68.52 -37.29 40.20
C ASP DB 228 69.88 -37.89 39.86
N PRO DB 229 70.74 -38.07 40.85
CA PRO DB 229 71.99 -38.77 40.60
C PRO DB 229 71.75 -40.27 40.46
N PRO DB 230 72.74 -41.01 39.96
CA PRO DB 230 72.58 -42.47 39.94
C PRO DB 230 72.62 -43.09 41.33
N LEU DB 231 72.52 -44.42 41.38
CA LEU DB 231 72.50 -45.14 42.64
C LEU DB 231 73.29 -46.44 42.54
N GLY EB 43 39.60 20.28 56.45
CA GLY EB 43 40.40 19.07 56.50
C GLY EB 43 39.80 18.00 57.36
N ILE EB 44 38.87 17.27 56.79
CA ILE EB 44 38.08 16.30 57.54
C ILE EB 44 38.87 15.02 57.73
N PHE EB 45 38.69 14.40 58.89
CA PHE EB 45 39.28 13.11 59.18
C PHE EB 45 38.34 12.37 60.12
N ASN EB 46 37.59 11.43 59.57
CA ASN EB 46 36.75 10.57 60.37
C ASN EB 46 37.56 9.40 60.88
N THR EB 47 37.53 9.17 62.19
CA THR EB 47 38.23 8.05 62.79
C THR EB 47 37.37 7.46 63.91
N ARG EB 48 38.00 6.63 64.72
CA ARG EB 48 37.33 5.83 65.73
C ARG EB 48 38.23 5.72 66.94
N LEU EB 49 37.70 6.08 68.10
CA LEU EB 49 38.43 6.08 69.35
C LEU EB 49 37.66 5.23 70.36
N SER EB 50 38.39 4.42 71.11
CA SER EB 50 37.83 3.47 72.04
C SER EB 50 38.43 3.63 73.43
N ARG EB 51 37.80 2.94 74.38
CA ARG EB 51 38.09 3.04 75.80
C ARG EB 51 37.33 1.93 76.48
N THR EB 52 37.95 1.32 77.48
CA THR EB 52 37.40 0.16 78.17
C THR EB 52 37.49 0.36 79.66
N PHE EB 53 36.42 -0.02 80.37
CA PHE EB 53 36.36 0.12 81.81
C PHE EB 53 35.32 -0.85 82.34
N GLY EB 54 35.31 -0.99 83.66
CA GLY EB 54 34.45 -1.94 84.34
C GLY EB 54 33.24 -1.37 85.02
N TYR EB 55 32.23 -2.22 85.21
CA TYR EB 55 31.02 -1.88 85.93
C TYR EB 55 30.50 -3.14 86.58
N THR EB 56 30.18 -3.06 87.87
CA THR EB 56 29.71 -4.19 88.65
C THR EB 56 28.41 -3.82 89.34
N ILE EB 57 27.48 -4.77 89.34
CA ILE EB 57 26.24 -4.70 90.09
C ILE EB 57 26.39 -5.66 91.25
N LYS EB 58 26.60 -5.11 92.44
CA LYS EB 58 26.84 -5.91 93.61
C LYS EB 58 25.58 -6.71 93.99
N ARG EB 59 25.81 -7.78 94.74
CA ARG EB 59 24.76 -8.67 95.17
C ARG EB 59 23.88 -8.01 96.23
N THR EB 60 22.67 -8.55 96.38
CA THR EB 60 21.71 -8.09 97.37
C THR EB 60 20.96 -9.27 97.95
N THR EB 61 20.76 -9.26 99.27
CA THR EB 61 19.91 -10.24 99.93
C THR EB 61 18.43 -9.98 99.75
N VAL EB 62 18.06 -8.85 99.13
CA VAL EB 62 16.65 -8.53 98.93
C VAL EB 62 16.00 -9.59 98.07
N LYS EB 63 14.79 -9.99 98.47
CA LYS EB 63 14.08 -11.06 97.78
C LYS EB 63 13.33 -10.55 96.56
N THR EB 64 12.79 -9.34 96.64
CA THR EB 64 11.98 -8.80 95.56
C THR EB 64 12.81 -8.58 94.30
N PRO EB 65 12.15 -8.37 93.17
CA PRO EB 65 12.87 -7.89 91.99
C PRO EB 65 13.11 -6.41 92.10
N SER EB 66 14.34 -6.03 92.36
CA SER EB 66 14.76 -4.64 92.40
C SER EB 66 15.79 -4.39 91.31
N TRP EB 67 15.90 -3.14 90.91
CA TRP EB 67 16.80 -2.73 89.85
C TRP EB 67 17.82 -1.72 90.36
N ALA EB 68 19.00 -1.78 89.76
CA ALA EB 68 20.11 -0.89 90.05
C ALA EB 68 20.25 0.09 88.90
N VAL EB 69 20.14 1.37 89.21
CA VAL EB 69 20.13 2.43 88.21
C VAL EB 69 21.46 3.14 88.24
N ASP EB 70 21.95 3.49 87.06
CA ASP EB 70 23.20 4.23 86.93
C ASP EB 70 23.18 4.98 85.61
N MET EB 71 24.13 5.90 85.48
CA MET EB 71 24.23 6.79 84.35
C MET EB 71 25.56 6.59 83.62
N MET EB 72 25.65 7.18 82.44
CA MET EB 72 26.83 7.03 81.61
C MET EB 72 26.96 8.26 80.72
N ARG EB 73 28.01 9.04 80.94
CA ARG EB 73 28.38 10.18 80.13
C ARG EB 73 29.60 9.83 79.29
N PHE EB 74 29.89 10.69 78.30
CA PHE EB 74 31.01 10.49 77.39
C PHE EB 74 31.74 11.80 77.22
N ASN EB 75 33.05 11.79 77.49
CA ASN EB 75 33.91 12.93 77.26
C ASN EB 75 35.10 12.49 76.43
N ILE EB 76 35.61 13.42 75.62
CA ILE EB 76 36.70 13.11 74.71
C ILE EB 76 38.07 13.13 75.38
N ASN EB 77 38.17 13.66 76.59
CA ASN EB 77 39.44 13.59 77.31
C ASN EB 77 39.79 12.16 77.68
N ASP EB 78 38.78 11.32 77.90
CA ASP EB 78 39.00 9.94 78.25
C ASP EB 78 39.38 9.07 77.07
N PHE EB 79 39.22 9.57 75.85
CA PHE EB 79 39.58 8.85 74.64
C PHE EB 79 40.81 9.42 73.95
N LEU EB 80 41.03 10.72 74.07
CA LEU EB 80 42.11 11.44 73.41
C LEU EB 80 43.08 11.97 74.44
N PRO EB 81 44.31 11.46 74.57
CA PRO EB 81 45.19 11.94 75.61
C PRO EB 81 45.78 13.29 75.24
N PRO EB 82 46.46 13.93 76.18
CA PRO EB 82 47.19 15.14 75.83
C PRO EB 82 48.42 14.84 75.00
N GLY EB 83 48.74 15.78 74.12
CA GLY EB 83 49.87 15.59 73.23
C GLY EB 83 51.18 15.97 73.88
N GLY EB 84 52.04 16.60 73.09
CA GLY EB 84 53.33 17.01 73.59
C GLY EB 84 53.92 18.15 72.78
N GLY EB 85 54.41 19.17 73.47
CA GLY EB 85 55.02 20.31 72.81
C GLY EB 85 54.02 21.35 72.39
N SER EB 86 54.23 21.91 71.20
CA SER EB 86 53.34 22.95 70.71
C SER EB 86 51.98 22.41 70.31
N ASN EB 87 51.86 21.09 70.15
CA ASN EB 87 50.57 20.46 69.87
C ASN EB 87 49.94 20.01 71.18
N PRO EB 88 48.88 20.65 71.66
CA PRO EB 88 48.36 20.31 72.98
C PRO EB 88 47.70 18.95 73.05
N ARG EB 89 47.23 18.42 71.92
CA ARG EB 89 46.55 17.13 71.86
C ARG EB 89 47.28 16.21 70.90
N SER EB 90 46.99 14.92 71.04
CA SER EB 90 47.71 13.89 70.30
C SER EB 90 47.20 13.75 68.87
N VAL EB 91 45.95 14.15 68.62
CA VAL EB 91 45.39 14.20 67.27
C VAL EB 91 45.42 15.66 66.83
N PRO EB 92 46.25 16.03 65.86
CA PRO EB 92 46.44 17.46 65.59
C PRO EB 92 45.33 18.09 64.75
N PHE EB 93 44.22 18.37 65.41
CA PHE EB 93 43.08 19.04 64.80
C PHE EB 93 42.51 20.04 65.78
N GLU EB 94 41.75 20.99 65.23
CA GLU EB 94 41.17 22.07 66.01
C GLU EB 94 39.76 21.77 66.49
N TYR EB 95 38.89 21.34 65.58
CA TYR EB 95 37.48 21.16 65.85
C TYR EB 95 37.13 19.68 65.81
N TYR EB 96 35.99 19.37 66.42
CA TYR EB 96 35.49 18.00 66.42
C TYR EB 96 33.99 18.02 66.59
N ARG EB 97 33.37 16.90 66.27
CA ARG EB 97 31.97 16.67 66.56
C ARG EB 97 31.75 15.16 66.57
N ILE EB 98 31.13 14.68 67.63
CA ILE EB 98 30.93 13.24 67.81
C ILE EB 98 29.72 12.82 67.00
N ARG EB 99 29.91 11.87 66.10
CA ARG EB 99 28.87 11.40 65.20
C ARG EB 99 28.05 10.29 65.83
N LYS EB 100 28.72 9.29 66.40
CA LYS EB 100 28.06 8.13 66.97
C LYS EB 100 28.87 7.63 68.14
N VAL EB 101 28.23 6.85 68.99
CA VAL EB 101 28.87 6.12 70.07
C VAL EB 101 28.30 4.72 70.09
N LYS EB 102 29.17 3.75 70.36
CA LYS EB 102 28.82 2.35 70.52
C LYS EB 102 29.24 1.92 71.90
N VAL EB 103 28.26 1.72 72.77
CA VAL EB 103 28.50 1.18 74.09
C VAL EB 103 28.25 -0.31 74.05
N GLU EB 104 29.24 -1.08 74.46
CA GLU EB 104 29.19 -2.54 74.44
C GLU EB 104 29.37 -3.03 75.87
N PHE EB 105 28.37 -3.71 76.39
CA PHE EB 105 28.45 -4.40 77.67
C PHE EB 105 28.92 -5.81 77.41
N TRP EB 106 30.21 -6.04 77.59
CA TRP EB 106 30.78 -7.36 77.44
C TRP EB 106 30.71 -8.07 78.78
N PRO EB 107 30.01 -9.18 78.89
CA PRO EB 107 29.86 -9.82 80.20
C PRO EB 107 31.15 -10.42 80.71
N CYS EB 108 31.21 -10.55 82.02
CA CYS EB 108 32.31 -11.19 82.73
C CYS EB 108 31.88 -12.46 83.44
N SER EB 109 30.62 -12.85 83.31
CA SER EB 109 30.02 -13.90 84.10
C SER EB 109 29.83 -15.14 83.25
N PRO EB 110 29.89 -16.32 83.84
CA PRO EB 110 29.75 -17.54 83.06
C PRO EB 110 28.32 -17.77 82.60
N ILE EB 111 28.18 -18.60 81.57
CA ILE EB 111 26.86 -18.93 81.08
C ILE EB 111 26.09 -19.88 81.98
N THR EB 112 26.72 -20.39 83.03
CA THR EB 112 26.06 -21.24 84.01
C THR EB 112 25.50 -20.46 85.19
N GLN EB 113 25.64 -19.14 85.21
CA GLN EB 113 25.20 -18.36 86.34
C GLN EB 113 23.69 -18.24 86.34
N GLY EB 114 23.09 -18.46 87.50
CA GLY EB 114 21.66 -18.39 87.65
C GLY EB 114 21.19 -17.06 88.21
N ASP EB 115 19.95 -17.06 88.67
CA ASP EB 115 19.29 -15.86 89.16
C ASP EB 115 19.30 -14.79 88.09
N ARG EB 116 19.01 -15.20 86.87
CA ARG EB 116 19.01 -14.29 85.74
C ARG EB 116 17.93 -13.23 85.90
N GLY EB 117 18.05 -12.20 85.07
CA GLY EB 117 17.20 -11.05 85.18
C GLY EB 117 16.97 -10.35 83.86
N VAL EB 118 16.30 -9.21 83.91
CA VAL EB 118 15.95 -8.46 82.71
C VAL EB 118 15.94 -6.99 83.06
N GLY EB 119 16.66 -6.21 82.26
CA GLY EB 119 16.82 -4.79 82.48
C GLY EB 119 16.53 -3.97 81.25
N SER EB 120 16.98 -2.72 81.26
CA SER EB 120 16.65 -1.78 80.21
C SER EB 120 17.75 -0.74 80.10
N SER EB 121 18.06 -0.38 78.86
CA SER EB 121 18.99 0.71 78.55
C SER EB 121 18.28 1.72 77.66
N ALA EB 122 18.34 2.98 78.06
CA ALA EB 122 17.68 4.06 77.34
C ALA EB 122 18.65 5.17 77.05
N VAL EB 123 18.28 6.01 76.08
CA VAL EB 123 19.11 7.09 75.58
C VAL EB 123 18.59 8.40 76.14
N ILE EB 124 19.44 9.10 76.87
CA ILE EB 124 19.09 10.27 77.65
C ILE EB 124 20.01 11.41 77.24
N LEU EB 125 19.51 12.28 76.37
CA LEU EB 125 20.34 13.28 75.70
C LEU EB 125 20.34 14.64 76.39
N ASP EB 126 20.13 14.71 77.72
CA ASP EB 126 19.91 15.99 78.37
C ASP EB 126 20.50 16.14 79.76
N ASP EB 127 21.24 15.17 80.27
CA ASP EB 127 21.96 15.31 81.54
C ASP EB 127 21.01 15.38 82.73
N ASN EB 128 19.83 14.80 82.62
CA ASN EB 128 18.92 14.62 83.73
C ASN EB 128 18.48 13.18 83.69
N PHE EB 129 19.25 12.35 84.40
CA PHE EB 129 19.02 10.93 84.51
C PHE EB 129 18.11 10.63 85.69
N VAL EB 130 17.54 9.43 85.68
CA VAL EB 130 16.92 8.92 86.89
C VAL EB 130 18.00 8.80 87.95
N THR EB 131 17.63 9.14 89.18
CA THR EB 131 18.59 9.16 90.26
C THR EB 131 19.23 7.79 90.46
N LYS EB 132 20.52 7.81 90.74
CA LYS EB 132 21.24 6.56 90.97
C LYS EB 132 20.68 5.84 92.18
N ALA EB 133 20.37 4.57 92.00
CA ALA EB 133 19.73 3.76 93.02
C ALA EB 133 20.40 2.40 93.07
N THR EB 134 20.41 1.81 94.26
CA THR EB 134 20.97 0.49 94.48
C THR EB 134 19.92 -0.59 94.27
N ALA EB 135 18.77 -0.45 94.91
CA ALA EB 135 17.67 -1.42 94.79
C ALA EB 135 16.37 -0.64 94.70
N LEU EB 136 15.98 -0.29 93.48
CA LEU EB 136 14.72 0.38 93.21
C LEU EB 136 13.67 -0.65 92.83
N THR EB 137 12.44 -0.42 93.28
CA THR EB 137 11.37 -1.40 93.16
C THR EB 137 10.78 -1.52 91.76
N TYR EB 138 11.37 -0.87 90.76
CA TYR EB 138 10.83 -0.93 89.41
C TYR EB 138 11.94 -0.53 88.45
N ASP EB 139 11.70 -0.80 87.17
CA ASP EB 139 12.61 -0.43 86.10
C ASP EB 139 12.16 0.91 85.53
N PRO EB 140 12.85 2.01 85.80
CA PRO EB 140 12.35 3.29 85.31
C PRO EB 140 12.45 3.45 83.81
N TYR EB 141 13.45 2.84 83.19
CA TYR EB 141 13.72 3.00 81.78
C TYR EB 141 12.95 2.02 80.91
N VAL EB 142 11.92 1.38 81.45
CA VAL EB 142 11.24 0.31 80.74
C VAL EB 142 10.27 0.86 79.71
N ASN EB 143 9.55 1.92 80.05
CA ASN EB 143 8.57 2.50 79.16
C ASN EB 143 9.14 3.56 78.25
N TYR EB 144 10.43 3.78 78.29
CA TYR EB 144 11.07 4.75 77.41
C TYR EB 144 11.02 4.27 75.97
N SER EB 145 10.83 5.22 75.06
CA SER EB 145 10.78 4.91 73.65
C SER EB 145 12.09 4.36 73.12
N SER EB 146 13.20 4.66 73.78
CA SER EB 146 14.52 4.19 73.39
C SER EB 146 15.00 3.02 74.24
N ARG EB 147 14.08 2.28 74.84
CA ARG EB 147 14.45 1.17 75.69
C ARG EB 147 14.81 -0.03 74.83
N HIS EB 148 15.94 -0.64 75.16
CA HIS EB 148 16.32 -1.95 74.67
C HIS EB 148 16.45 -2.84 75.89
N THR EB 149 15.97 -4.07 75.77
CA THR EB 149 16.03 -5.02 76.86
C THR EB 149 17.46 -5.50 77.06
N ILE EB 150 17.87 -5.56 78.32
CA ILE EB 150 19.15 -6.13 78.73
C ILE EB 150 18.82 -7.48 79.34
N THR EB 151 19.20 -8.53 78.64
CA THR EB 151 19.26 -9.86 79.25
C THR EB 151 20.52 -9.95 80.09
N GLN EB 152 20.37 -10.50 81.29
CA GLN EB 152 21.44 -10.58 82.27
C GLN EB 152 21.64 -12.04 82.66
N PRO EB 153 22.82 -12.40 83.19
CA PRO EB 153 24.06 -11.66 83.36
C PRO EB 153 25.11 -11.91 82.28
N PHE EB 154 24.91 -12.96 81.48
CA PHE EB 154 25.93 -13.48 80.60
C PHE EB 154 25.67 -13.15 79.14
N SER EB 155 24.99 -12.05 78.87
CA SER EB 155 24.56 -11.70 77.54
C SER EB 155 25.11 -10.35 77.14
N TYR EB 156 25.43 -10.22 75.87
CA TYR EB 156 26.01 -9.01 75.30
C TYR EB 156 24.91 -8.03 74.94
N HIS EB 157 25.19 -6.76 75.21
CA HIS EB 157 24.25 -5.67 74.96
C HIS EB 157 25.02 -4.53 74.30
N SER EB 158 24.56 -4.13 73.13
CA SER EB 158 25.12 -3.00 72.39
C SER EB 158 24.08 -1.92 72.22
N ARG EB 159 24.53 -0.68 72.19
CA ARG EB 159 23.70 0.47 71.89
C ARG EB 159 24.50 1.39 70.99
N TYR EB 160 23.92 1.76 69.86
CA TYR EB 160 24.56 2.59 68.84
C TYR EB 160 23.67 3.77 68.57
N PHE EB 161 24.16 4.96 68.91
CA PHE EB 161 23.33 6.16 68.87
C PHE EB 161 24.22 7.37 68.69
N THR EB 162 23.58 8.52 68.53
CA THR EB 162 24.24 9.80 68.33
C THR EB 162 24.11 10.64 69.59
N PRO EB 163 25.18 10.90 70.34
CA PRO EB 163 25.03 11.69 71.56
C PRO EB 163 24.86 13.16 71.26
N LYS EB 164 24.69 13.94 72.33
CA LYS EB 164 24.51 15.38 72.22
C LYS EB 164 25.35 16.05 73.31
N PRO EB 165 25.93 17.21 73.03
CA PRO EB 165 26.72 17.88 74.06
C PRO EB 165 25.89 18.70 75.02
N VAL EB 166 26.48 18.92 76.19
CA VAL EB 166 25.84 19.67 77.25
C VAL EB 166 26.29 21.12 77.08
N LEU EB 167 25.52 21.86 76.29
CA LEU EB 167 25.81 23.27 76.04
C LEU EB 167 25.31 24.15 77.17
N ASP EB 168 24.09 23.90 77.63
CA ASP EB 168 23.52 24.62 78.77
C ASP EB 168 22.76 23.62 79.60
N SER EB 169 23.30 23.28 80.78
CA SER EB 169 22.64 22.34 81.67
C SER EB 169 21.39 22.92 82.33
N THR EB 170 21.23 24.24 82.32
CA THR EB 170 20.06 24.87 82.90
C THR EB 170 18.84 24.69 82.02
N ILE EB 171 19.01 24.81 80.70
CA ILE EB 171 17.92 24.76 79.74
C ILE EB 171 17.88 23.39 79.10
N ASP EB 172 19.05 22.78 78.90
CA ASP EB 172 19.19 21.44 78.36
C ASP EB 172 18.55 21.34 76.99
N TYR EB 173 19.13 22.07 76.04
CA TYR EB 173 18.70 22.06 74.65
C TYR EB 173 19.69 21.28 73.80
N PHE EB 174 19.17 20.62 72.77
CA PHE EB 174 20.00 19.85 71.87
C PHE EB 174 19.39 19.85 70.48
N GLN EB 175 20.17 19.48 69.57
CA GLN EB 175 19.82 19.45 68.16
C GLN EB 175 19.28 18.10 67.75
N PRO EB 176 18.38 18.04 66.77
CA PRO EB 176 18.05 16.74 66.20
C PRO EB 176 19.15 16.21 65.31
N ASN EB 177 18.99 14.99 64.85
CA ASN EB 177 20.03 14.32 64.09
C ASN EB 177 20.08 14.89 62.68
N ASN EB 178 21.21 15.51 62.34
CA ASN EB 178 21.42 16.04 61.01
C ASN EB 178 22.93 16.08 60.81
N LYS EB 179 23.43 15.26 59.89
CA LYS EB 179 24.87 15.21 59.70
C LYS EB 179 25.42 16.51 59.15
N ARG EB 180 24.61 17.24 58.38
CA ARG EB 180 25.09 18.44 57.71
C ARG EB 180 25.06 19.67 58.62
N ASN EB 181 24.18 19.67 59.63
CA ASN EB 181 23.97 20.81 60.49
C ASN EB 181 24.53 20.61 61.90
N GLN EB 182 25.18 19.49 62.17
CA GLN EB 182 25.70 19.24 63.50
C GLN EB 182 26.80 20.23 63.83
N LEU EB 183 26.74 20.75 65.06
CA LEU EB 183 27.68 21.76 65.50
C LEU EB 183 29.08 21.18 65.59
N TRP EB 184 30.06 22.03 65.27
CA TRP EB 184 31.45 21.74 65.53
C TRP EB 184 31.84 22.36 66.86
N LEU EB 185 32.38 21.55 67.74
CA LEU EB 185 32.97 22.01 68.98
C LEU EB 185 34.47 22.15 68.81
N ARG EB 186 35.09 22.84 69.74
CA ARG EB 186 36.52 22.97 69.79
C ARG EB 186 37.12 21.86 70.63
N LEU EB 187 38.21 21.31 70.15
CA LEU EB 187 39.00 20.34 70.90
C LEU EB 187 39.88 21.11 71.86
N GLN EB 188 39.37 21.29 73.07
CA GLN EB 188 40.06 22.02 74.10
C GLN EB 188 41.28 21.23 74.57
N THR EB 189 42.08 21.88 75.42
CA THR EB 189 43.30 21.25 75.92
C THR EB 189 42.99 20.32 77.08
N ALA EB 190 42.29 20.80 78.12
CA ALA EB 190 41.94 19.97 79.26
C ALA EB 190 40.54 20.25 79.82
N GLY EB 191 39.63 20.76 78.99
CA GLY EB 191 38.33 21.19 79.49
C GLY EB 191 37.17 20.91 78.58
N ASN EB 192 37.23 19.82 77.84
CA ASN EB 192 36.19 19.50 76.88
C ASN EB 192 34.86 19.22 77.58
N VAL EB 193 33.80 19.38 76.82
CA VAL EB 193 32.44 19.32 77.34
C VAL EB 193 31.94 17.89 77.32
N ASP EB 194 31.11 17.54 78.29
CA ASP EB 194 30.63 16.19 78.43
C ASP EB 194 29.49 15.93 77.47
N HIS EB 195 29.59 14.86 76.71
CA HIS EB 195 28.47 14.35 75.94
C HIS EB 195 27.73 13.32 76.75
N VAL EB 196 26.46 13.13 76.39
CA VAL EB 196 25.51 12.42 77.22
C VAL EB 196 24.61 11.60 76.31
N GLY EB 197 23.91 10.64 76.89
CA GLY EB 197 23.11 9.74 76.08
C GLY EB 197 22.90 8.30 76.47
N LEU EB 198 23.25 7.86 77.67
CA LEU EB 198 22.85 6.51 78.06
C LEU EB 198 22.60 6.40 79.55
N GLY EB 199 21.48 5.76 79.87
CA GLY EB 199 21.17 5.36 81.22
C GLY EB 199 20.67 3.94 81.25
N THR EB 200 20.97 3.26 82.34
CA THR EB 200 20.77 1.82 82.45
C THR EB 200 19.98 1.48 83.70
N ALA EB 201 19.42 0.28 83.69
CA ALA EB 201 18.76 -0.29 84.86
C ALA EB 201 18.99 -1.79 84.82
N PHE EB 202 19.79 -2.29 85.77
CA PHE EB 202 20.12 -3.69 85.88
C PHE EB 202 19.39 -4.32 87.05
N GLU EB 203 18.83 -5.50 86.82
CA GLU EB 203 18.14 -6.23 87.87
C GLU EB 203 19.16 -6.90 88.78
N ASN EB 204 19.01 -6.67 90.07
CA ASN EB 204 19.96 -7.19 91.03
C ASN EB 204 19.82 -8.70 91.16
N SER EB 205 20.81 -9.31 91.81
CA SER EB 205 20.91 -10.76 91.89
C SER EB 205 21.65 -11.14 93.17
N ILE EB 206 21.58 -12.43 93.49
CA ILE EB 206 22.32 -12.95 94.64
C ILE EB 206 23.81 -12.95 94.37
N TYR EB 207 24.20 -13.08 93.11
CA TYR EB 207 25.59 -13.10 92.70
C TYR EB 207 25.98 -11.75 92.11
N ASP EB 208 27.28 -11.46 92.16
CA ASP EB 208 27.79 -10.23 91.58
C ASP EB 208 27.81 -10.35 90.06
N GLN EB 209 27.33 -9.30 89.39
CA GLN EB 209 27.29 -9.22 87.94
C GLN EB 209 28.31 -8.18 87.48
N GLU EB 210 29.40 -8.64 86.89
CA GLU EB 210 30.45 -7.77 86.40
C GLU EB 210 30.37 -7.64 84.89
N TYR EB 211 30.82 -6.49 84.40
CA TYR EB 211 30.83 -6.19 82.98
C TYR EB 211 32.10 -5.41 82.65
N ASN EB 212 32.60 -5.62 81.44
CA ASN EB 212 33.67 -4.81 80.86
C ASN EB 212 33.04 -3.98 79.76
N ILE EB 213 32.94 -2.68 79.98
CA ILE EB 213 32.23 -1.80 79.07
C ILE EB 213 33.23 -1.14 78.16
N ARG EB 214 33.03 -1.31 76.85
CA ARG EB 214 33.88 -0.74 75.81
C ARG EB 214 33.07 0.30 75.06
N VAL EB 215 33.44 1.55 75.22
CA VAL EB 215 32.82 2.67 74.52
C VAL EB 215 33.70 3.01 73.33
N THR EB 216 33.08 3.14 72.17
CA THR EB 216 33.74 3.51 70.93
C THR EB 216 33.04 4.74 70.40
N MET EB 217 33.78 5.84 70.26
CA MET EB 217 33.26 7.07 69.69
C MET EB 217 33.75 7.26 68.28
N TYR EB 218 32.82 7.50 67.37
CA TYR EB 218 33.12 7.78 65.98
C TYR EB 218 33.08 9.29 65.78
N VAL EB 219 34.24 9.90 65.62
CA VAL EB 219 34.39 11.33 65.66
C VAL EB 219 34.78 11.83 64.27
N GLN EB 220 34.70 13.14 64.11
CA GLN EB 220 35.00 13.81 62.85
C GLN EB 220 35.69 15.10 63.21
N PHE EB 221 36.95 15.22 62.81
CA PHE EB 221 37.77 16.38 63.11
C PHE EB 221 37.84 17.31 61.90
N ARG EB 222 38.43 18.47 62.12
CA ARG EB 222 38.52 19.50 61.09
C ARG EB 222 39.71 20.40 61.39
N GLU EB 223 40.30 20.94 60.32
CA GLU EB 223 41.35 21.94 60.39
C GLU EB 223 42.60 21.40 61.10
N PHE EB 224 43.26 20.49 60.40
CA PHE EB 224 44.61 20.05 60.70
C PHE EB 224 45.49 21.22 61.06
N ASN EB 225 46.06 21.20 62.25
CA ASN EB 225 46.75 22.36 62.83
C ASN EB 225 48.08 21.97 63.43
N LEU EB 226 48.83 21.12 62.75
CA LEU EB 226 50.12 20.71 63.26
C LEU EB 226 51.07 21.89 63.30
N LYS EB 227 51.91 21.93 64.34
CA LYS EB 227 52.91 22.95 64.51
C LYS EB 227 54.28 22.31 64.53
N ASP EB 228 55.19 22.82 63.71
CA ASP EB 228 56.51 22.21 63.48
C ASP EB 228 57.58 23.25 63.76
N PRO EB 229 57.97 23.42 65.02
CA PRO EB 229 59.10 24.28 65.34
C PRO EB 229 60.40 23.61 64.96
N PRO EB 230 61.50 24.36 64.91
CA PRO EB 230 62.80 23.72 64.68
C PRO EB 230 63.26 22.88 65.86
N LEU EB 231 64.44 22.30 65.73
CA LEU EB 231 64.99 21.42 66.76
C LEU EB 231 66.49 21.64 66.93
N GLY FB 43 -8.95 12.37 70.13
CA GLY FB 43 -7.54 12.55 70.39
C GLY FB 43 -6.84 11.27 70.77
N ILE FB 44 -6.49 10.50 69.76
CA ILE FB 44 -5.95 9.16 69.95
C ILE FB 44 -4.49 9.24 70.34
N PHE FB 45 -4.07 8.33 71.21
CA PHE FB 45 -2.67 8.20 71.60
C PHE FB 45 -2.43 6.73 71.92
N ASN FB 46 -1.81 6.03 70.99
CA ASN FB 46 -1.39 4.66 71.22
C ASN FB 46 -0.04 4.65 71.91
N THR FB 47 0.05 3.94 73.02
CA THR FB 47 1.31 3.81 73.75
C THR FB 47 1.44 2.39 74.28
N ARG FB 48 2.39 2.22 75.19
CA ARG FB 48 2.80 0.92 75.69
C ARG FB 48 3.15 1.06 77.16
N LEU FB 49 2.52 0.23 77.99
CA LEU FB 49 2.71 0.23 79.43
C LEU FB 49 3.12 -1.15 79.88
N SER FB 50 4.08 -1.21 80.79
CA SER FB 50 4.67 -2.44 81.24
C SER FB 50 4.65 -2.53 82.76
N ARG FB 51 4.97 -3.72 83.24
CA ARG FB 51 4.88 -4.10 84.64
C ARG FB 51 5.57 -5.45 84.78
N THR FB 52 6.29 -5.62 85.88
CA THR FB 52 7.10 -6.82 86.10
C THR FB 52 6.83 -7.36 87.49
N PHE FB 53 6.72 -8.68 87.60
CA PHE FB 53 6.47 -9.34 88.86
C PHE FB 53 6.92 -10.78 88.76
N GLY FB 54 6.95 -11.45 89.91
CA GLY FB 54 7.45 -12.80 90.01
C GLY FB 54 6.40 -13.89 90.13
N TYR FB 55 6.78 -15.10 89.75
CA TYR FB 55 5.95 -16.29 89.89
C TYR FB 55 6.87 -17.48 90.09
N THR FB 56 6.57 -18.29 91.10
CA THR FB 56 7.37 -19.44 91.44
C THR FB 56 6.49 -20.67 91.52
N ILE FB 57 7.01 -21.77 90.99
CA ILE FB 57 6.41 -23.09 91.10
C ILE FB 57 7.26 -23.85 92.10
N LYS FB 58 6.74 -24.03 93.31
CA LYS FB 58 7.49 -24.68 94.36
C LYS FB 58 7.72 -26.15 94.05
N ARG FB 59 8.73 -26.71 94.69
CA ARG FB 59 9.11 -28.10 94.50
C ARG FB 59 8.09 -29.05 95.12
N THR FB 60 8.11 -30.28 94.65
CA THR FB 60 7.25 -31.34 95.16
C THR FB 60 8.01 -32.65 95.18
N THR FB 61 7.82 -33.42 96.26
CA THR FB 61 8.35 -34.77 96.36
C THR FB 61 7.55 -35.79 95.56
N VAL FB 62 6.42 -35.39 94.98
CA VAL FB 62 5.60 -36.30 94.20
C VAL FB 62 6.40 -36.83 93.03
N LYS FB 63 6.27 -38.14 92.79
CA LYS FB 63 7.03 -38.80 91.73
C LYS FB 63 6.37 -38.66 90.38
N THR FB 64 5.05 -38.68 90.34
CA THR FB 64 4.32 -38.65 89.10
C THR FB 64 4.53 -37.32 88.38
N PRO FB 65 4.18 -37.26 87.09
CA PRO FB 65 4.10 -35.95 86.43
C PRO FB 65 2.81 -35.25 86.80
N SER FB 66 2.91 -34.23 87.63
CA SER FB 66 1.79 -33.40 88.00
C SER FB 66 2.05 -31.97 87.53
N TRP FB 67 0.96 -31.23 87.37
CA TRP FB 67 1.01 -29.87 86.88
C TRP FB 67 0.43 -28.90 87.91
N ALA FB 68 0.98 -27.70 87.89
CA ALA FB 68 0.56 -26.61 88.75
C ALA FB 68 -0.21 -25.60 87.91
N VAL FB 69 -1.45 -25.36 88.27
CA VAL FB 69 -2.35 -24.52 87.51
C VAL FB 69 -2.49 -23.18 88.22
N ASP FB 70 -2.55 -22.11 87.44
CA ASP FB 70 -2.73 -20.78 87.96
C ASP FB 70 -3.34 -19.91 86.86
N MET FB 71 -3.81 -18.75 87.27
CA MET FB 71 -4.51 -17.81 86.42
C MET FB 71 -3.76 -16.49 86.35
N MET FB 72 -4.17 -15.65 85.41
CA MET FB 72 -3.53 -14.36 85.19
C MET FB 72 -4.55 -13.40 84.60
N ARG FB 73 -4.88 -12.37 85.36
CA ARG FB 73 -5.72 -11.27 84.93
C ARG FB 73 -4.87 -10.03 84.70
N PHE FB 74 -5.47 -9.04 84.04
CA PHE FB 74 -4.80 -7.78 83.71
C PHE FB 74 -5.73 -6.62 84.04
N ASN FB 75 -5.22 -5.70 84.86
CA ASN FB 75 -5.93 -4.47 85.19
C ASN FB 75 -5.01 -3.29 84.93
N ILE FB 76 -5.61 -2.17 84.55
CA ILE FB 76 -4.84 -0.98 84.19
C ILE FB 76 -4.38 -0.19 85.41
N ASN FB 77 -4.92 -0.45 86.59
CA ASN FB 77 -4.43 0.22 87.78
C ASN FB 77 -3.01 -0.20 88.09
N ASP FB 78 -2.64 -1.42 87.75
CA ASP FB 78 -1.30 -1.93 88.01
C ASP FB 78 -0.26 -1.40 87.03
N PHE FB 79 -0.70 -0.79 85.93
CA PHE FB 79 0.20 -0.20 84.94
C PHE FB 79 0.19 1.31 84.95
N LEU FB 80 -0.94 1.91 85.29
CA LEU FB 80 -1.13 3.36 85.28
C LEU FB 80 -1.33 3.87 86.69
N PRO FB 81 -0.40 4.60 87.29
CA PRO FB 81 -0.58 5.03 88.67
C PRO FB 81 -1.58 6.17 88.76
N PRO FB 82 -1.97 6.53 89.97
CA PRO FB 82 -2.79 7.73 90.14
C PRO FB 82 -1.97 8.99 89.91
N GLY FB 83 -2.64 10.01 89.38
CA GLY FB 83 -1.98 11.26 89.08
C GLY FB 83 -1.87 12.16 90.28
N GLY FB 84 -2.06 13.45 90.05
CA GLY FB 84 -1.99 14.42 91.11
C GLY FB 84 -2.75 15.69 90.79
N GLY FB 85 -3.56 16.14 91.74
CA GLY FB 85 -4.32 17.36 91.56
C GLY FB 85 -5.63 17.13 90.85
N SER FB 86 -5.98 18.05 89.97
CA SER FB 86 -7.23 17.95 89.24
C SER FB 86 -7.23 16.84 88.21
N ASN FB 87 -6.05 16.32 87.87
CA ASN FB 87 -5.94 15.18 86.97
C ASN FB 87 -5.87 13.90 87.79
N PRO FB 88 -6.91 13.06 87.81
CA PRO FB 88 -6.88 11.91 88.72
C PRO FB 88 -5.88 10.83 88.32
N ARG FB 89 -5.50 10.78 87.06
CA ARG FB 89 -4.57 9.78 86.55
C ARG FB 89 -3.36 10.46 85.93
N SER FB 90 -2.29 9.67 85.76
CA SER FB 90 -1.02 10.20 85.31
C SER FB 90 -0.97 10.40 83.80
N VAL FB 91 -1.79 9.65 83.07
CA VAL FB 91 -1.96 9.83 81.63
C VAL FB 91 -3.25 10.60 81.41
N PRO FB 92 -3.21 11.87 80.97
CA PRO FB 92 -4.43 12.66 80.98
C PRO FB 92 -5.37 12.39 79.81
N PHE FB 93 -6.11 11.29 79.93
CA PHE FB 93 -7.10 10.91 78.95
C PHE FB 93 -8.32 10.37 79.68
N GLU FB 94 -9.44 10.36 78.96
CA GLU FB 94 -10.73 9.94 79.50
C GLU FB 94 -11.02 8.47 79.26
N TYR FB 95 -10.89 8.03 78.03
CA TYR FB 95 -11.28 6.70 77.61
C TYR FB 95 -10.05 5.87 77.25
N TYR FB 96 -10.24 4.57 77.23
CA TYR FB 96 -9.18 3.65 76.86
C TYR FB 96 -9.78 2.37 76.33
N ARG FB 97 -8.95 1.60 75.64
CA ARG FB 97 -9.30 0.25 75.25
C ARG FB 97 -8.00 -0.50 74.99
N ILE FB 98 -7.87 -1.67 75.60
CA ILE FB 98 -6.64 -2.44 75.50
C ILE FB 98 -6.66 -3.21 74.19
N ARG FB 99 -5.64 -2.99 73.38
CA ARG FB 99 -5.53 -3.59 72.06
C ARG FB 99 -4.86 -4.97 72.11
N LYS FB 100 -3.74 -5.06 72.81
CA LYS FB 100 -2.96 -6.28 72.89
C LYS FB 100 -2.28 -6.34 74.23
N VAL FB 101 -1.87 -7.55 74.61
CA VAL FB 101 -1.03 -7.79 75.78
C VAL FB 101 0.04 -8.78 75.37
N LYS FB 102 1.23 -8.56 75.90
CA LYS FB 102 2.38 -9.44 75.71
C LYS FB 102 2.84 -9.89 77.09
N VAL FB 103 2.58 -11.15 77.40
CA VAL FB 103 3.07 -11.77 78.62
C VAL FB 103 4.34 -12.51 78.29
N GLU FB 104 5.41 -12.19 79.02
CA GLU FB 104 6.73 -12.75 78.81
C GLU FB 104 7.14 -13.44 80.09
N PHE FB 105 7.35 -14.75 80.03
CA PHE FB 105 7.91 -15.52 81.13
C PHE FB 105 9.42 -15.55 80.94
N TRP FB 106 10.10 -14.67 81.66
CA TRP FB 106 11.54 -14.63 81.63
C TRP FB 106 12.08 -15.57 82.71
N PRO FB 107 12.83 -16.60 82.38
CA PRO FB 107 13.25 -17.56 83.40
C PRO FB 107 14.27 -16.96 84.36
N CYS FB 108 14.30 -17.57 85.53
CA CYS FB 108 15.25 -17.25 86.57
C CYS FB 108 16.21 -18.39 86.86
N SER FB 109 16.10 -19.49 86.15
CA SER FB 109 16.77 -20.73 86.45
C SER FB 109 17.91 -20.96 85.47
N PRO FB 110 18.99 -21.62 85.89
CA PRO FB 110 20.11 -21.83 84.99
C PRO FB 110 19.80 -22.86 83.93
N ILE FB 111 20.60 -22.82 82.86
CA ILE FB 111 20.43 -23.78 81.78
C ILE FB 111 20.95 -25.17 82.13
N THR FB 112 21.58 -25.32 83.29
CA THR FB 112 22.03 -26.62 83.77
C THR FB 112 21.01 -27.32 84.65
N GLN FB 113 19.84 -26.72 84.88
CA GLN FB 113 18.88 -27.30 85.78
C GLN FB 113 18.19 -28.48 85.10
N GLY FB 114 18.08 -29.58 85.83
CA GLY FB 114 17.46 -30.78 85.34
C GLY FB 114 16.02 -30.92 85.77
N ASP FB 115 15.50 -32.14 85.63
CA ASP FB 115 14.11 -32.45 85.90
C ASP FB 115 13.20 -31.54 85.08
N ARG FB 116 13.56 -31.38 83.82
CA ARG FB 116 12.81 -30.51 82.92
C ARG FB 116 11.40 -31.06 82.70
N GLY FB 117 10.57 -30.22 82.13
CA GLY FB 117 9.17 -30.52 81.98
C GLY FB 117 8.55 -29.84 80.79
N VAL FB 118 7.24 -29.98 80.66
CA VAL FB 118 6.51 -29.43 79.52
C VAL FB 118 5.12 -29.05 79.98
N GLY FB 119 4.73 -27.82 79.70
CA GLY FB 119 3.47 -27.26 80.13
C GLY FB 119 2.70 -26.63 79.00
N SER FB 120 1.72 -25.80 79.35
CA SER FB 120 0.82 -25.23 78.38
C SER FB 120 0.28 -23.91 78.89
N SER FB 121 0.15 -22.95 77.98
CA SER FB 121 -0.47 -21.66 78.24
C SER FB 121 -1.61 -21.47 77.25
N ALA FB 122 -2.77 -21.11 77.77
CA ALA FB 122 -3.96 -20.93 76.96
C ALA FB 122 -4.59 -19.58 77.25
N VAL FB 123 -5.44 -19.14 76.33
CA VAL FB 123 -6.07 -17.83 76.37
C VAL FB 123 -7.52 -18.02 76.79
N ILE FB 124 -7.90 -17.40 77.91
CA ILE FB 124 -9.18 -17.60 78.57
C ILE FB 124 -9.83 -16.25 78.74
N LEU FB 125 -10.76 -15.93 77.85
CA LEU FB 125 -11.32 -14.59 77.74
C LEU FB 125 -12.62 -14.40 78.50
N ASP FB 126 -12.87 -15.15 79.59
CA ASP FB 126 -14.17 -15.15 80.22
C ASP FB 126 -14.20 -15.25 81.74
N ASP FB 127 -13.05 -15.24 82.41
CA ASP FB 127 -13.00 -15.19 83.87
C ASP FB 127 -13.52 -16.47 84.52
N ASN FB 128 -13.43 -17.59 83.81
CA ASN FB 128 -13.71 -18.91 84.38
C ASN FB 128 -12.52 -19.78 83.98
N PHE FB 129 -11.54 -19.79 84.85
CA PHE FB 129 -10.32 -20.56 84.69
C PHE FB 129 -10.48 -21.93 85.31
N VAL FB 130 -9.59 -22.84 84.90
CA VAL FB 130 -9.45 -24.08 85.63
C VAL FB 130 -9.02 -23.74 87.04
N THR FB 131 -9.55 -24.48 88.01
CA THR FB 131 -9.30 -24.19 89.40
C THR FB 131 -7.81 -24.26 89.70
N LYS FB 132 -7.34 -23.35 90.53
CA LYS FB 132 -5.94 -23.33 90.92
C LYS FB 132 -5.59 -24.61 91.67
N ALA FB 133 -4.52 -25.27 91.22
CA ALA FB 133 -4.09 -26.55 91.75
C ALA FB 133 -2.59 -26.53 91.93
N THR FB 134 -2.13 -27.28 92.93
CA THR FB 134 -0.71 -27.42 93.22
C THR FB 134 -0.10 -28.58 92.45
N ALA FB 135 -0.72 -29.76 92.50
CA ALA FB 135 -0.24 -30.94 91.79
C ALA FB 135 -1.46 -31.66 91.22
N LEU FB 136 -1.83 -31.28 90.01
CA LEU FB 136 -2.90 -31.93 89.28
C LEU FB 136 -2.32 -32.99 88.35
N THR FB 137 -3.04 -34.10 88.22
CA THR FB 137 -2.54 -35.28 87.52
C THR FB 137 -2.56 -35.16 86.01
N TYR FB 138 -2.85 -33.99 85.46
CA TYR FB 138 -2.90 -33.82 84.01
C TYR FB 138 -2.77 -32.34 83.71
N ASP FB 139 -2.51 -32.05 82.44
CA ASP FB 139 -2.43 -30.69 81.93
C ASP FB 139 -3.79 -30.30 81.37
N PRO FB 140 -4.56 -29.44 82.06
CA PRO FB 140 -5.90 -29.16 81.54
C PRO FB 140 -5.88 -28.33 80.27
N TYR FB 141 -4.90 -27.47 80.11
CA TYR FB 141 -4.85 -26.54 78.99
C TYR FB 141 -4.17 -27.14 77.77
N VAL FB 142 -4.02 -28.46 77.71
CA VAL FB 142 -3.22 -29.06 76.65
C VAL FB 142 -4.03 -29.18 75.37
N ASN FB 143 -5.31 -29.52 75.47
CA ASN FB 143 -6.14 -29.70 74.30
C ASN FB 143 -6.84 -28.42 73.88
N TYR FB 144 -6.54 -27.30 74.53
CA TYR FB 144 -7.13 -26.04 74.13
C TYR FB 144 -6.60 -25.59 72.78
N SER FB 145 -7.47 -24.98 71.99
CA SER FB 145 -7.10 -24.49 70.68
C SER FB 145 -6.06 -23.39 70.74
N SER FB 146 -5.96 -22.69 71.86
CA SER FB 146 -4.98 -21.62 72.05
C SER FB 146 -3.80 -22.06 72.89
N ARG FB 147 -3.52 -23.35 72.93
CA ARG FB 147 -2.41 -23.85 73.71
C ARG FB 147 -1.10 -23.62 72.99
N HIS FB 148 -0.14 -23.07 73.71
CA HIS FB 148 1.26 -23.04 73.30
C HIS FB 148 2.04 -23.82 74.34
N THR FB 149 2.99 -24.61 73.88
CA THR FB 149 3.81 -25.40 74.77
C THR FB 149 4.78 -24.54 75.53
N ILE FB 150 4.90 -24.80 76.82
CA ILE FB 150 5.87 -24.17 77.69
C ILE FB 150 6.95 -25.21 77.94
N THR FB 151 8.12 -24.98 77.36
CA THR FB 151 9.31 -25.69 77.78
C THR FB 151 9.82 -25.10 79.08
N GLN FB 152 10.17 -25.96 80.01
CA GLN FB 152 10.59 -25.59 81.36
C GLN FB 152 11.97 -26.16 81.63
N PRO FB 153 12.71 -25.57 82.58
CA PRO FB 153 12.51 -24.37 83.37
C PRO FB 153 13.21 -23.12 82.86
N PHE FB 154 14.16 -23.31 81.95
CA PHE FB 154 15.10 -22.27 81.56
C PHE FB 154 14.81 -21.70 80.18
N SER FB 155 13.55 -21.71 79.78
CA SER FB 155 13.16 -21.32 78.43
C SER FB 155 12.15 -20.20 78.49
N TYR FB 156 12.26 -19.30 77.52
CA TYR FB 156 11.42 -18.14 77.41
C TYR FB 156 10.12 -18.49 76.71
N HIS FB 157 9.03 -17.91 77.22
CA HIS FB 157 7.69 -18.14 76.70
C HIS FB 157 6.98 -16.80 76.58
N SER FB 158 6.52 -16.48 75.38
CA SER FB 158 5.76 -15.28 75.12
C SER FB 158 4.38 -15.64 74.61
N ARG FB 159 3.41 -14.80 74.93
CA ARG FB 159 2.05 -14.91 74.42
C ARG FB 159 1.58 -13.51 74.10
N TYR FB 160 1.11 -13.32 72.88
CA TYR FB 160 0.67 -12.02 72.35
C TYR FB 160 -0.75 -12.18 71.84
N PHE FB 161 -1.68 -11.49 72.50
CA PHE FB 161 -3.10 -11.70 72.23
C PHE FB 161 -3.86 -10.45 72.61
N THR FB 162 -5.15 -10.46 72.32
CA THR FB 162 -6.06 -9.36 72.57
C THR FB 162 -6.99 -9.74 73.73
N PRO FB 163 -6.88 -9.12 74.90
CA PRO FB 163 -7.74 -9.50 75.99
C PRO FB 163 -9.15 -8.95 75.83
N LYS FB 164 -10.01 -9.28 76.79
CA LYS FB 164 -11.39 -8.85 76.78
C LYS FB 164 -11.77 -8.42 78.19
N PRO FB 165 -12.60 -7.39 78.34
CA PRO FB 165 -12.99 -6.97 79.68
C PRO FB 165 -14.14 -7.78 80.25
N VAL FB 166 -14.20 -7.76 81.57
CA VAL FB 166 -15.23 -8.48 82.32
C VAL FB 166 -16.37 -7.50 82.53
N LEU FB 167 -17.29 -7.47 81.57
CA LEU FB 167 -18.45 -6.61 81.64
C LEU FB 167 -19.55 -7.20 82.51
N ASP FB 168 -19.82 -8.48 82.35
CA ASP FB 168 -20.78 -9.20 83.18
C ASP FB 168 -20.20 -10.57 83.47
N SER FB 169 -19.79 -10.80 84.70
CA SER FB 169 -19.24 -12.08 85.10
C SER FB 169 -20.30 -13.17 85.18
N THR FB 170 -21.57 -12.81 85.25
CA THR FB 170 -22.64 -13.80 85.32
C THR FB 170 -22.88 -14.44 83.96
N ILE FB 171 -22.82 -13.65 82.89
CA ILE FB 171 -23.12 -14.10 81.55
C ILE FB 171 -21.81 -14.36 80.80
N ASP FB 172 -20.81 -13.54 81.08
CA ASP FB 172 -19.47 -13.69 80.52
C ASP FB 172 -19.52 -13.62 79.00
N TYR FB 173 -19.90 -12.45 78.51
CA TYR FB 173 -19.95 -12.16 77.07
C TYR FB 173 -18.79 -11.27 76.67
N PHE FB 174 -18.30 -11.46 75.46
CA PHE FB 174 -17.20 -10.66 74.95
C PHE FB 174 -17.33 -10.53 73.44
N GLN FB 175 -16.62 -9.61 72.93
CA GLN FB 175 -16.63 -9.27 71.53
C GLN FB 175 -15.55 -10.02 70.77
N PRO FB 176 -15.77 -10.32 69.49
CA PRO FB 176 -14.66 -10.81 68.68
C PRO FB 176 -13.69 -9.71 68.34
N ASN FB 177 -12.58 -10.08 67.72
CA ASN FB 177 -11.52 -9.14 67.43
C ASN FB 177 -11.91 -8.24 66.27
N ASN FB 178 -12.03 -6.96 66.54
CA ASN FB 178 -12.33 -5.97 65.53
C ASN FB 178 -11.77 -4.64 66.03
N LYS FB 179 -10.77 -4.12 65.35
CA LYS FB 179 -10.15 -2.90 65.82
C LYS FB 179 -11.10 -1.72 65.72
N ARG FB 180 -12.03 -1.75 64.76
CA ARG FB 180 -12.90 -0.61 64.52
C ARG FB 180 -14.10 -0.59 65.45
N ASN FB 181 -14.51 -1.76 65.95
CA ASN FB 181 -15.71 -1.89 66.76
C ASN FB 181 -15.42 -2.17 68.22
N GLN FB 182 -14.17 -2.18 68.63
CA GLN FB 182 -13.83 -2.46 70.02
C GLN FB 182 -14.35 -1.36 70.93
N LEU FB 183 -14.95 -1.77 72.02
CA LEU FB 183 -15.54 -0.84 72.96
C LEU FB 183 -14.49 0.04 73.62
N TRP FB 184 -14.86 1.28 73.86
CA TRP FB 184 -14.09 2.19 74.68
C TRP FB 184 -14.62 2.13 76.10
N LEU FB 185 -13.73 1.86 77.04
CA LEU FB 185 -14.02 1.93 78.44
C LEU FB 185 -13.56 3.28 78.98
N ARG FB 186 -14.04 3.60 80.17
CA ARG FB 186 -13.61 4.80 80.87
C ARG FB 186 -12.43 4.47 81.77
N LEU FB 187 -11.46 5.37 81.77
CA LEU FB 187 -10.33 5.31 82.66
C LEU FB 187 -10.78 5.86 84.01
N GLN FB 188 -11.23 4.97 84.86
CA GLN FB 188 -11.72 5.34 86.18
C GLN FB 188 -10.56 5.81 87.05
N THR FB 189 -10.91 6.31 88.23
CA THR FB 189 -9.91 6.82 89.16
C THR FB 189 -9.24 5.70 89.94
N ALA FB 190 -10.05 4.84 90.59
CA ALA FB 190 -9.49 3.72 91.36
C ALA FB 190 -10.32 2.44 91.26
N GLY FB 191 -11.09 2.27 90.18
CA GLY FB 191 -12.02 1.17 90.09
C GLY FB 191 -12.14 0.53 88.72
N ASN FB 192 -11.04 0.52 87.96
CA ASN FB 192 -11.08 -0.01 86.62
C ASN FB 192 -11.38 -1.50 86.61
N VAL FB 193 -11.89 -1.96 85.47
CA VAL FB 193 -12.38 -3.32 85.32
C VAL FB 193 -11.25 -4.24 84.91
N ASP FB 194 -11.33 -5.48 85.36
CA ASP FB 194 -10.27 -6.45 85.12
C ASP FB 194 -10.41 -7.02 83.72
N HIS FB 195 -9.32 -7.00 82.97
CA HIS FB 195 -9.21 -7.72 81.73
C HIS FB 195 -8.60 -9.09 81.99
N VAL FB 196 -8.89 -10.01 81.09
CA VAL FB 196 -8.67 -11.43 81.31
C VAL FB 196 -8.18 -12.04 80.01
N GLY FB 197 -7.61 -13.24 80.11
CA GLY FB 197 -7.03 -13.84 78.92
C GLY FB 197 -5.81 -14.72 79.01
N LEU FB 198 -5.36 -15.15 80.18
CA LEU FB 198 -4.31 -16.16 80.20
C LEU FB 198 -4.40 -17.08 81.39
N GLY FB 199 -4.27 -18.37 81.10
CA GLY FB 199 -4.12 -19.39 82.12
C GLY FB 199 -3.01 -20.34 81.74
N THR FB 200 -2.34 -20.84 82.77
CA THR FB 200 -1.10 -21.59 82.62
C THR FB 200 -1.19 -22.93 83.34
N ALA FB 201 -0.30 -23.83 82.94
CA ALA FB 201 -0.11 -25.10 83.62
C ALA FB 201 1.36 -25.46 83.52
N PHE FB 202 2.05 -25.43 84.65
CA PHE FB 202 3.46 -25.74 84.73
C PHE FB 202 3.67 -27.10 85.38
N GLU FB 203 4.56 -27.88 84.80
CA GLU FB 203 4.89 -29.19 85.33
C GLU FB 203 5.82 -29.04 86.51
N ASN FB 204 5.47 -29.66 87.63
CA ASN FB 204 6.24 -29.53 88.84
C ASN FB 204 7.57 -30.26 88.72
N SER FB 205 8.45 -29.98 89.67
CA SER FB 205 9.82 -30.47 89.63
C SER FB 205 10.36 -30.61 91.04
N ILE FB 206 11.49 -31.29 91.16
CA ILE FB 206 12.17 -31.41 92.44
C ILE FB 206 12.75 -30.09 92.88
N TYR FB 207 13.12 -29.24 91.92
CA TYR FB 207 13.69 -27.94 92.18
C TYR FB 207 12.64 -26.86 91.98
N ASP FB 208 12.87 -25.72 92.64
CA ASP FB 208 11.98 -24.59 92.49
C ASP FB 208 12.21 -23.91 91.14
N GLN FB 209 11.11 -23.60 90.46
CA GLN FB 209 11.14 -22.95 89.16
C GLN FB 209 10.60 -21.53 89.33
N GLU FB 210 11.49 -20.55 89.24
CA GLU FB 210 11.13 -19.15 89.38
C GLU FB 210 11.09 -18.48 88.01
N TYR FB 211 10.24 -17.47 87.92
CA TYR FB 211 10.08 -16.68 86.70
C TYR FB 211 9.86 -15.23 87.07
N ASN FB 212 10.35 -14.35 86.20
CA ASN FB 212 10.06 -12.91 86.25
C ASN FB 212 9.13 -12.61 85.08
N ILE FB 213 7.88 -12.31 85.39
CA ILE FB 213 6.86 -12.14 84.37
C ILE FB 213 6.70 -10.66 84.07
N ARG FB 214 6.88 -10.30 82.81
CA ARG FB 214 6.75 -8.92 82.33
C ARG FB 214 5.55 -8.85 81.42
N VAL FB 215 4.52 -8.15 81.87
CA VAL FB 215 3.32 -7.92 81.09
C VAL FB 215 3.42 -6.54 80.48
N THR FB 216 3.16 -6.47 79.18
CA THR FB 216 3.16 -5.22 78.42
C THR FB 216 1.80 -5.09 77.76
N MET FB 217 1.09 -4.02 78.11
CA MET FB 217 -0.21 -3.71 77.52
C MET FB 217 -0.08 -2.60 76.50
N TYR FB 218 -0.60 -2.85 75.31
CA TYR FB 218 -0.63 -1.87 74.25
C TYR FB 218 -2.03 -1.26 74.22
N VAL FB 219 -2.12 -0.02 74.68
CA VAL FB 219 -3.40 0.63 74.94
C VAL FB 219 -3.59 1.76 73.94
N GLN FB 220 -4.82 2.25 73.90
CA GLN FB 220 -5.23 3.32 73.00
C GLN FB 220 -6.19 4.21 73.78
N PHE FB 221 -5.79 5.44 74.01
CA PHE FB 221 -6.56 6.40 74.76
C PHE FB 221 -7.30 7.35 73.83
N ARG FB 222 -8.16 8.17 74.42
CA ARG FB 222 -9.00 9.09 73.66
C ARG FB 222 -9.39 10.24 74.56
N GLU FB 223 -9.58 11.41 73.95
CA GLU FB 223 -10.10 12.60 74.59
C GLU FB 223 -9.19 13.09 75.73
N PHE FB 224 -8.05 13.60 75.29
CA PHE FB 224 -7.15 14.40 76.13
C PHE FB 224 -7.92 15.38 76.97
N ASN FB 225 -7.77 15.29 78.28
CA ASN FB 225 -8.61 16.02 79.23
C ASN FB 225 -7.80 16.67 80.32
N LEU FB 226 -6.68 17.27 79.95
CA LEU FB 226 -5.85 17.92 80.95
C LEU FB 226 -6.56 19.12 81.53
N LYS FB 227 -6.36 19.33 82.82
CA LYS FB 227 -6.94 20.45 83.56
C LYS FB 227 -5.82 21.29 84.12
N ASP FB 228 -5.88 22.59 83.85
CA ASP FB 228 -4.81 23.53 84.17
C ASP FB 228 -5.37 24.66 85.02
N PRO FB 229 -5.47 24.46 86.33
CA PRO FB 229 -5.86 25.55 87.21
C PRO FB 229 -4.72 26.54 87.39
N PRO FB 230 -4.99 27.72 87.93
CA PRO FB 230 -3.88 28.64 88.23
C PRO FB 230 -3.03 28.15 89.38
N LEU FB 231 -2.02 28.95 89.75
CA LEU FB 231 -1.09 28.59 90.80
C LEU FB 231 -0.72 29.81 91.64
N GLY GB 43 -20.94 -35.85 58.78
CA GLY GB 43 -20.59 -34.76 59.68
C GLY GB 43 -19.18 -34.84 60.20
N ILE GB 44 -18.26 -34.36 59.39
CA ILE GB 44 -16.83 -34.52 59.66
C ILE GB 44 -16.39 -33.49 60.69
N PHE GB 45 -15.47 -33.90 61.55
CA PHE GB 45 -14.85 -33.01 62.52
C PHE GB 45 -13.43 -33.50 62.75
N ASN GB 46 -12.47 -32.83 62.14
CA ASN GB 46 -11.07 -33.09 62.39
C ASN GB 46 -10.62 -32.33 63.61
N THR GB 47 -10.02 -33.04 64.57
CA THR GB 47 -9.49 -32.42 65.77
C THR GB 47 -8.17 -33.08 66.14
N ARG GB 48 -7.72 -32.80 67.37
CA ARG GB 48 -6.42 -33.19 67.85
C ARG GB 48 -6.53 -33.54 69.33
N LEU GB 49 -6.07 -34.73 69.67
CA LEU GB 49 -6.12 -35.26 71.03
C LEU GB 49 -4.72 -35.64 71.46
N SER GB 50 -4.39 -35.32 72.69
CA SER GB 50 -3.06 -35.50 73.24
C SER GB 50 -3.11 -36.26 74.55
N ARG GB 51 -1.93 -36.66 75.00
CA ARG GB 51 -1.73 -37.54 76.14
C ARG GB 51 -0.24 -37.54 76.44
N THR GB 52 0.11 -37.54 77.72
CA THR GB 52 1.50 -37.43 78.16
C THR GB 52 1.78 -38.49 79.20
N PHE GB 53 2.95 -39.11 79.10
CA PHE GB 53 3.36 -40.15 80.02
C PHE GB 53 4.87 -40.27 79.98
N GLY GB 54 5.41 -41.03 80.93
CA GLY GB 54 6.83 -41.17 81.10
C GLY GB 54 7.43 -42.47 80.62
N TYR GB 55 8.73 -42.42 80.33
CA TYR GB 55 9.50 -43.60 79.93
C TYR GB 55 10.93 -43.38 80.40
N THR GB 56 11.47 -44.40 81.06
CA THR GB 56 12.82 -44.34 81.61
C THR GB 56 13.62 -45.53 81.13
N ILE GB 57 14.88 -45.28 80.79
CA ILE GB 57 15.86 -46.29 80.46
C ILE GB 57 16.80 -46.35 81.65
N LYS GB 58 16.67 -47.40 82.45
CA LYS GB 58 17.46 -47.52 83.67
C LYS GB 58 18.93 -47.73 83.33
N ARG GB 59 19.78 -47.42 84.30
CA ARG GB 59 21.22 -47.54 84.16
C ARG GB 59 21.66 -48.99 84.13
N THR GB 60 22.85 -49.21 83.59
CA THR GB 60 23.46 -50.53 83.52
C THR GB 60 24.96 -50.41 83.76
N THR GB 61 25.50 -51.36 84.53
CA THR GB 61 26.94 -51.46 84.72
C THR GB 61 27.64 -52.11 83.54
N VAL GB 62 26.90 -52.61 82.54
CA VAL GB 62 27.51 -53.23 81.38
C VAL GB 62 28.40 -52.23 80.66
N LYS GB 63 29.57 -52.71 80.25
CA LYS GB 63 30.55 -51.85 79.60
C LYS GB 63 30.28 -51.68 78.12
N THR GB 64 29.82 -52.74 77.47
CA THR GB 64 29.61 -52.73 76.04
C THR GB 64 28.52 -51.75 75.64
N PRO GB 65 28.43 -51.40 74.36
CA PRO GB 65 27.26 -50.68 73.89
C PRO GB 65 26.11 -51.63 73.68
N SER GB 66 25.13 -51.57 74.58
CA SER GB 66 23.91 -52.34 74.48
C SER GB 66 22.73 -51.40 74.34
N TRP GB 67 21.66 -51.92 73.78
CA TRP GB 67 20.45 -51.15 73.52
C TRP GB 67 19.26 -51.73 74.26
N ALA GB 68 18.35 -50.84 74.63
CA ALA GB 68 17.11 -51.19 75.31
C ALA GB 68 15.97 -51.04 74.33
N VAL GB 69 15.25 -52.12 74.11
CA VAL GB 69 14.19 -52.17 73.11
C VAL GB 69 12.85 -52.13 73.81
N ASP GB 70 11.91 -51.42 73.21
CA ASP GB 70 10.56 -51.33 73.73
C ASP GB 70 9.63 -50.98 72.59
N MET GB 71 8.34 -51.13 72.86
CA MET GB 71 7.28 -50.95 71.88
C MET GB 71 6.35 -49.82 72.32
N MET GB 72 5.50 -49.41 71.38
CA MET GB 72 4.56 -48.32 71.62
C MET GB 72 3.34 -48.51 70.75
N ARG GB 73 2.20 -48.75 71.37
CA ARG GB 73 0.90 -48.83 70.72
C ARG GB 73 0.09 -47.59 71.05
N PHE GB 74 -1.00 -47.39 70.30
CA PHE GB 74 -1.87 -46.25 70.46
C PHE GB 74 -3.31 -46.70 70.45
N ASN GB 75 -4.05 -46.36 71.50
CA ASN GB 75 -5.48 -46.62 71.60
C ASN GB 75 -6.20 -45.32 71.92
N ILE GB 76 -7.44 -45.22 71.43
CA ILE GB 76 -8.21 -44.00 71.60
C ILE GB 76 -8.87 -43.91 72.97
N ASN GB 77 -8.93 -44.99 73.73
CA ASN GB 77 -9.45 -44.90 75.08
C ASN GB 77 -8.56 -44.06 75.97
N ASP GB 78 -7.27 -44.05 75.71
CA ASP GB 78 -6.32 -43.28 76.49
C ASP GB 78 -6.35 -41.80 76.17
N PHE GB 79 -6.97 -41.41 75.07
CA PHE GB 79 -7.10 -40.02 74.68
C PHE GB 79 -8.51 -39.47 74.83
N LEU GB 80 -9.52 -40.32 74.69
CA LEU GB 80 -10.91 -39.93 74.75
C LEU GB 80 -11.58 -40.57 75.96
N PRO GB 81 -11.96 -39.82 77.00
CA PRO GB 81 -12.53 -40.46 78.16
C PRO GB 81 -13.97 -40.88 77.92
N PRO GB 82 -14.56 -41.64 78.84
CA PRO GB 82 -15.98 -41.93 78.73
C PRO GB 82 -16.81 -40.70 79.04
N GLY GB 83 -17.96 -40.63 78.39
CA GLY GB 83 -18.85 -39.50 78.56
C GLY GB 83 -19.74 -39.63 79.77
N GLY GB 84 -20.98 -39.21 79.62
CA GLY GB 84 -21.94 -39.30 80.70
C GLY GB 84 -23.37 -39.28 80.20
N GLY GB 85 -24.17 -40.21 80.71
CA GLY GB 85 -25.56 -40.30 80.33
C GLY GB 85 -25.78 -41.11 79.08
N SER GB 86 -26.70 -40.63 78.23
CA SER GB 86 -27.01 -41.34 77.00
C SER GB 86 -25.89 -41.26 75.98
N ASN GB 87 -24.94 -40.35 76.17
CA ASN GB 87 -23.77 -40.26 75.30
C ASN GB 87 -22.64 -41.05 75.93
N PRO GB 88 -22.24 -42.20 75.36
CA PRO GB 88 -21.25 -43.03 76.06
C PRO GB 88 -19.86 -42.43 76.05
N ARG GB 89 -19.55 -41.55 75.11
CA ARG GB 89 -18.24 -40.93 74.98
C ARG GB 89 -18.36 -39.42 75.06
N SER GB 90 -17.23 -38.78 75.32
CA SER GB 90 -17.21 -37.34 75.58
C SER GB 90 -17.25 -36.53 74.29
N VAL GB 91 -16.81 -37.12 73.19
CA VAL GB 91 -16.92 -36.51 71.86
C VAL GB 91 -18.09 -37.17 71.15
N PRO GB 92 -19.20 -36.47 70.92
CA PRO GB 92 -20.41 -37.17 70.45
C PRO GB 92 -20.41 -37.47 68.95
N PHE GB 93 -19.68 -38.52 68.60
CA PHE GB 93 -19.61 -39.01 67.24
C PHE GB 93 -19.64 -40.52 67.25
N GLU GB 94 -19.98 -41.11 66.11
CA GLU GB 94 -20.12 -42.54 65.95
C GLU GB 94 -18.85 -43.21 65.44
N TYR GB 95 -18.30 -42.68 64.37
CA TYR GB 95 -17.17 -43.29 63.66
C TYR GB 95 -15.92 -42.44 63.83
N TYR GB 96 -14.78 -43.06 63.59
CA TYR GB 96 -13.52 -42.36 63.65
C TYR GB 96 -12.51 -43.08 62.77
N ARG GB 97 -11.43 -42.37 62.47
CA ARG GB 97 -10.29 -42.96 61.81
C ARG GB 97 -9.09 -42.07 62.09
N ILE GB 98 -8.01 -42.67 62.57
CA ILE GB 98 -6.83 -41.92 62.96
C ILE GB 98 -6.02 -41.61 61.71
N ARG GB 99 -5.78 -40.32 61.49
CA ARG GB 99 -5.06 -39.85 60.32
C ARG GB 99 -3.56 -39.84 60.52
N LYS GB 100 -3.11 -39.29 61.65
CA LYS GB 100 -1.69 -39.15 61.94
C LYS GB 100 -1.49 -39.26 63.44
N VAL GB 101 -0.25 -39.56 63.82
CA VAL GB 101 0.18 -39.51 65.21
C VAL GB 101 1.54 -38.81 65.24
N LYS GB 102 1.74 -38.02 66.28
CA LYS GB 102 3.00 -37.34 66.55
C LYS GB 102 3.46 -37.78 67.92
N VAL GB 103 4.51 -38.58 67.94
CA VAL GB 103 5.17 -39.00 69.17
C VAL GB 103 6.36 -38.08 69.39
N GLU GB 104 6.39 -37.45 70.56
CA GLU GB 104 7.44 -36.50 70.92
C GLU GB 104 8.12 -37.02 72.17
N PHE GB 105 9.41 -37.30 72.06
CA PHE GB 105 10.24 -37.64 73.21
C PHE GB 105 10.84 -36.36 73.73
N TRP GB 106 10.23 -35.82 74.77
CA TRP GB 106 10.74 -34.63 75.42
C TRP GB 106 11.71 -35.05 76.52
N PRO GB 107 12.98 -34.66 76.45
CA PRO GB 107 13.92 -35.15 77.45
C PRO GB 107 13.69 -34.57 78.82
N CYS GB 108 14.16 -35.31 79.81
CA CYS GB 108 14.14 -34.90 81.20
C CYS GB 108 15.52 -34.70 81.77
N SER GB 109 16.56 -34.86 80.97
CA SER GB 109 17.93 -34.90 81.41
C SER GB 109 18.65 -33.62 81.04
N PRO GB 110 19.63 -33.20 81.83
CA PRO GB 110 20.32 -31.95 81.55
C PRO GB 110 21.24 -32.08 80.35
N ILE GB 111 21.59 -30.92 79.78
CA ILE GB 111 22.50 -30.90 78.65
C ILE GB 111 23.94 -31.17 79.05
N THR GB 112 24.24 -31.25 80.34
CA THR GB 112 25.56 -31.58 80.83
C THR GB 112 25.76 -33.07 81.05
N GLN GB 113 24.75 -33.90 80.79
CA GLN GB 113 24.85 -35.32 81.07
C GLN GB 113 25.73 -35.98 80.03
N GLY GB 114 26.64 -36.82 80.50
CA GLY GB 114 27.56 -37.53 79.65
C GLY GB 114 27.12 -38.94 79.35
N ASP GB 115 28.07 -39.73 78.85
CA ASP GB 115 27.80 -41.10 78.41
C ASP GB 115 26.70 -41.12 77.37
N ARG GB 116 26.78 -40.17 76.45
CA ARG GB 116 25.78 -40.04 75.41
C ARG GB 116 25.77 -41.26 74.51
N GLY GB 117 24.72 -41.37 73.71
CA GLY GB 117 24.50 -42.53 72.90
C GLY GB 117 23.73 -42.22 71.64
N VAL GB 118 23.39 -43.27 70.90
CA VAL GB 118 22.70 -43.12 69.63
C VAL GB 118 21.79 -44.32 69.43
N GLY GB 119 20.52 -44.04 69.14
CA GLY GB 119 19.50 -45.06 68.99
C GLY GB 119 18.74 -44.93 67.71
N SER GB 120 17.57 -45.56 67.67
CA SER GB 120 16.78 -45.63 66.45
C SER GB 120 15.32 -45.81 66.80
N SER GB 121 14.47 -45.13 66.04
CA SER GB 121 13.02 -45.29 66.12
C SER GB 121 12.48 -45.67 64.75
N ALA GB 122 11.69 -46.73 64.71
CA ALA GB 122 11.14 -47.24 63.46
C ALA GB 122 9.63 -47.39 63.58
N VAL GB 123 8.99 -47.46 62.43
CA VAL GB 123 7.53 -47.52 62.31
C VAL GB 123 7.14 -48.95 61.99
N ILE GB 124 6.33 -49.54 62.87
CA ILE GB 124 5.99 -50.96 62.84
C ILE GB 124 4.47 -51.07 62.83
N LEU GB 125 3.91 -51.28 61.66
CA LEU GB 125 2.47 -51.19 61.45
C LEU GB 125 1.74 -52.52 61.55
N ASP GB 126 2.25 -53.50 62.31
CA ASP GB 126 1.72 -54.85 62.26
C ASP GB 126 1.67 -55.62 63.57
N ASP GB 127 2.05 -55.01 64.70
CA ASP GB 127 1.89 -55.64 66.01
C ASP GB 127 2.82 -56.83 66.19
N ASN GB 128 3.95 -56.83 65.48
CA ASN GB 128 5.02 -57.80 65.72
C ASN GB 128 6.30 -56.98 65.82
N PHE GB 129 6.61 -56.59 67.05
CA PHE GB 129 7.78 -55.83 67.38
C PHE GB 129 8.95 -56.74 67.69
N VAL GB 130 10.15 -56.18 67.65
CA VAL GB 130 11.30 -56.85 68.23
C VAL GB 130 11.03 -57.04 69.70
N THR GB 131 11.43 -58.19 70.22
CA THR GB 131 11.14 -58.53 71.61
C THR GB 131 11.75 -57.50 72.54
N LYS GB 132 11.00 -57.18 73.59
CA LYS GB 132 11.48 -56.23 74.58
C LYS GB 132 12.73 -56.76 75.26
N ALA GB 133 13.77 -55.93 75.29
CA ALA GB 133 15.07 -56.30 75.81
C ALA GB 133 15.60 -55.18 76.67
N THR GB 134 16.38 -55.55 77.68
CA THR GB 134 17.02 -54.59 78.57
C THR GB 134 18.39 -54.16 78.05
N ALA GB 135 19.23 -55.13 77.68
CA ALA GB 135 20.56 -54.83 77.15
C ALA GB 135 20.83 -55.80 76.01
N LEU GB 136 20.43 -55.41 74.81
CA LEU GB 136 20.69 -56.17 73.59
C LEU GB 136 21.96 -55.66 72.94
N THR GB 137 22.74 -56.58 72.37
CA THR GB 137 24.07 -56.29 71.85
C THR GB 137 24.07 -55.55 70.54
N TYR GB 138 22.93 -55.10 70.03
CA TYR GB 138 22.87 -54.40 68.76
C TYR GB 138 21.58 -53.61 68.72
N ASP GB 139 21.51 -52.71 67.75
CA ASP GB 139 20.33 -51.90 67.49
C ASP GB 139 19.50 -52.59 66.42
N PRO GB 140 18.37 -53.22 66.74
CA PRO GB 140 17.64 -53.94 65.71
C PRO GB 140 16.99 -53.05 64.69
N TYR GB 141 16.57 -51.85 65.09
CA TYR GB 141 15.83 -50.94 64.23
C TYR GB 141 16.73 -50.05 63.41
N VAL GB 142 18.01 -50.38 63.29
CA VAL GB 142 18.96 -49.48 62.65
C VAL GB 142 18.86 -49.58 61.14
N ASN GB 143 18.70 -50.77 60.60
CA ASN GB 143 18.64 -50.97 59.16
C ASN GB 143 17.24 -50.86 58.60
N TYR GB 144 16.27 -50.51 59.43
CA TYR GB 144 14.90 -50.34 58.96
C TYR GB 144 14.80 -49.11 58.06
N SER GB 145 13.97 -49.22 57.03
CA SER GB 145 13.77 -48.13 56.10
C SER GB 145 13.14 -46.91 56.74
N SER GB 146 12.43 -47.10 57.86
CA SER GB 146 11.79 -46.02 58.60
C SER GB 146 12.57 -45.61 59.83
N ARG GB 147 13.87 -45.87 59.86
CA ARG GB 147 14.68 -45.54 61.01
C ARG GB 147 15.02 -44.06 60.99
N HIS GB 148 14.82 -43.42 62.13
CA HIS GB 148 15.33 -42.10 62.42
C HIS GB 148 16.26 -42.25 63.61
N THR GB 149 17.39 -41.55 63.56
CA THR GB 149 18.36 -41.60 64.63
C THR GB 149 17.85 -40.85 65.85
N ILE GB 150 18.03 -41.47 67.00
CA ILE GB 150 17.74 -40.86 68.29
C ILE GB 150 19.09 -40.48 68.90
N THR GB 151 19.36 -39.18 68.96
CA THR GB 151 20.44 -38.69 69.79
C THR GB 151 19.97 -38.67 71.23
N GLN GB 152 20.83 -39.13 72.12
CA GLN GB 152 20.53 -39.29 73.54
C GLN GB 152 21.54 -38.51 74.36
N PRO GB 153 21.21 -38.15 75.61
CA PRO GB 153 19.94 -38.24 76.33
C PRO GB 153 19.10 -36.98 76.34
N PHE GB 154 19.71 -35.85 75.96
CA PHE GB 154 19.13 -34.54 76.17
C PHE GB 154 18.61 -33.93 74.88
N SER GB 155 18.18 -34.74 73.93
CA SER GB 155 17.78 -34.28 72.62
C SER GB 155 16.36 -34.71 72.33
N TYR GB 156 15.66 -33.85 71.62
CA TYR GB 156 14.26 -34.05 71.26
C TYR GB 156 14.16 -34.89 70.01
N HIS GB 157 13.18 -35.79 70.01
CA HIS GB 157 12.94 -36.71 68.91
C HIS GB 157 11.45 -36.74 68.64
N SER GB 158 11.08 -36.42 67.40
CA SER GB 158 9.69 -36.48 66.95
C SER GB 158 9.57 -37.49 65.82
N ARG GB 159 8.39 -38.11 65.76
CA ARG GB 159 8.02 -39.00 64.67
C ARG GB 159 6.59 -38.72 64.31
N TYR GB 160 6.33 -38.46 63.04
CA TYR GB 160 5.02 -38.09 62.53
C TYR GB 160 4.67 -39.06 61.40
N PHE GB 161 3.64 -39.85 61.61
CA PHE GB 161 3.32 -40.94 60.71
C PHE GB 161 1.84 -41.26 60.82
N THR GB 162 1.40 -42.18 59.97
CA THR GB 162 0.03 -42.63 59.90
C THR GB 162 -0.07 -44.05 60.44
N PRO GB 163 -0.70 -44.27 61.59
CA PRO GB 163 -0.77 -45.63 62.11
C PRO GB 163 -1.78 -46.49 61.39
N LYS GB 164 -1.87 -47.75 61.79
CA LYS GB 164 -2.78 -48.70 61.19
C LYS GB 164 -3.44 -49.50 62.31
N PRO GB 165 -4.71 -49.86 62.17
CA PRO GB 165 -5.36 -50.64 63.22
C PRO GB 165 -5.09 -52.13 63.10
N VAL GB 166 -5.24 -52.80 64.24
CA VAL GB 166 -5.02 -54.23 64.35
C VAL GB 166 -6.37 -54.89 64.11
N LEU GB 167 -6.65 -55.17 62.84
CA LEU GB 167 -7.89 -55.82 62.47
C LEU GB 167 -7.83 -57.32 62.66
N ASP GB 168 -6.73 -57.94 62.25
CA ASP GB 168 -6.50 -59.37 62.46
C ASP GB 168 -5.03 -59.54 62.82
N SER GB 169 -4.77 -59.87 64.09
CA SER GB 169 -3.41 -60.07 64.54
C SER GB 169 -2.81 -61.37 64.02
N THR GB 170 -3.63 -62.29 63.53
CA THR GB 170 -3.12 -63.55 62.98
C THR GB 170 -2.51 -63.35 61.61
N ILE GB 171 -3.13 -62.51 60.78
CA ILE GB 171 -2.70 -62.28 59.41
C ILE GB 171 -1.92 -60.98 59.33
N ASP GB 172 -2.32 -60.01 60.13
CA ASP GB 172 -1.64 -58.73 60.23
C ASP GB 172 -1.60 -58.02 58.87
N TYR GB 173 -2.79 -57.66 58.39
CA TYR GB 173 -2.95 -56.93 57.15
C TYR GB 173 -3.32 -55.48 57.43
N PHE GB 174 -2.85 -54.59 56.57
CA PHE GB 174 -3.13 -53.18 56.70
C PHE GB 174 -3.19 -52.53 55.34
N GLN GB 175 -3.73 -51.39 55.31
CA GLN GB 175 -3.94 -50.61 54.11
C GLN GB 175 -2.77 -49.67 53.86
N PRO GB 176 -2.47 -49.36 52.60
CA PRO GB 176 -1.54 -48.26 52.35
C PRO GB 176 -2.17 -46.91 52.60
N ASN GB 177 -1.35 -45.87 52.53
CA ASN GB 177 -1.81 -44.53 52.87
C ASN GB 177 -2.68 -43.98 51.77
N ASN GB 178 -3.94 -43.73 52.10
CA ASN GB 178 -4.90 -43.14 51.17
C ASN GB 178 -5.94 -42.44 52.02
N LYS GB 179 -5.99 -41.12 51.94
CA LYS GB 179 -6.92 -40.39 52.77
C LYS GB 179 -8.37 -40.67 52.36
N ARG GB 180 -8.60 -40.98 51.09
CA ARG GB 180 -9.96 -41.16 50.61
C ARG GB 180 -10.51 -42.55 50.88
N ASN GB 181 -9.62 -43.55 51.00
CA ASN GB 181 -10.01 -44.94 51.14
C ASN GB 181 -9.77 -45.49 52.53
N GLN GB 182 -9.32 -44.67 53.47
CA GLN GB 182 -9.05 -45.15 54.82
C GLN GB 182 -10.34 -45.59 55.49
N LEU GB 183 -10.27 -46.74 56.14
CA LEU GB 183 -11.43 -47.31 56.79
C LEU GB 183 -11.89 -46.45 57.95
N TRP GB 184 -13.21 -46.41 58.13
CA TRP GB 184 -13.83 -45.83 59.30
C TRP GB 184 -14.08 -46.94 60.30
N LEU GB 185 -13.57 -46.77 61.51
CA LEU GB 185 -13.88 -47.64 62.62
C LEU GB 185 -14.99 -47.02 63.46
N ARG GB 186 -15.56 -47.84 64.32
CA ARG GB 186 -16.56 -47.38 65.26
C ARG GB 186 -15.89 -46.97 66.56
N LEU GB 187 -16.36 -45.86 67.10
CA LEU GB 187 -15.96 -45.39 68.42
C LEU GB 187 -16.74 -46.18 69.45
N GLN GB 188 -16.15 -47.28 69.90
CA GLN GB 188 -16.78 -48.14 70.87
C GLN GB 188 -16.86 -47.44 72.23
N THR GB 189 -17.55 -48.10 73.15
CA THR GB 189 -17.72 -47.53 74.49
C THR GB 189 -16.49 -47.78 75.36
N ALA GB 190 -16.05 -49.05 75.48
CA ALA GB 190 -14.88 -49.37 76.28
C ALA GB 190 -14.01 -50.46 75.67
N GLY GB 191 -14.04 -50.63 74.35
CA GLY GB 191 -13.36 -51.74 73.71
C GLY GB 191 -12.71 -51.43 72.39
N ASN GB 192 -12.22 -50.20 72.22
CA ASN GB 192 -11.64 -49.79 70.96
C ASN GB 192 -10.37 -50.58 70.65
N VAL GB 193 -10.04 -50.63 69.37
CA VAL GB 193 -8.96 -51.45 68.86
C VAL GB 193 -7.66 -50.69 68.92
N ASP GB 194 -6.58 -51.41 69.15
CA ASP GB 194 -5.26 -50.80 69.32
C ASP GB 194 -4.68 -50.47 67.96
N HIS GB 195 -4.23 -49.23 67.81
CA HIS GB 195 -3.42 -48.83 66.68
C HIS GB 195 -1.95 -48.98 67.05
N VAL GB 196 -1.13 -49.12 66.01
CA VAL GB 196 0.24 -49.56 66.16
C VAL GB 196 1.10 -48.79 65.18
N GLY GB 197 2.41 -48.82 65.39
CA GLY GB 197 3.28 -48.02 64.55
C GLY GB 197 4.55 -47.40 65.09
N LEU GB 198 5.01 -47.75 66.28
CA LEU GB 198 6.33 -47.27 66.68
C LEU GB 198 7.07 -48.24 67.59
N GLY GB 199 8.32 -48.47 67.25
CA GLY GB 199 9.23 -49.21 68.10
C GLY GB 199 10.56 -48.49 68.18
N THR GB 200 11.20 -48.61 69.34
CA THR GB 200 12.36 -47.82 69.69
C THR GB 200 13.49 -48.71 70.14
N ALA GB 201 14.70 -48.14 70.10
CA ALA GB 201 15.89 -48.77 70.65
C ALA GB 201 16.78 -47.67 71.21
N PHE GB 202 16.91 -47.64 72.52
CA PHE GB 202 17.72 -46.66 73.21
C PHE GB 202 19.00 -47.28 73.73
N GLU GB 203 20.11 -46.59 73.54
CA GLU GB 203 21.40 -47.05 74.02
C GLU GB 203 21.50 -46.79 75.51
N ASN GB 204 21.86 -47.83 76.25
CA ASN GB 204 21.93 -47.73 77.70
C ASN GB 204 23.12 -46.87 78.12
N SER GB 205 23.12 -46.51 79.40
CA SER GB 205 24.08 -45.57 79.94
C SER GB 205 24.29 -45.84 81.42
N ILE GB 206 25.33 -45.23 81.96
CA ILE GB 206 25.59 -45.34 83.39
C ILE GB 206 24.55 -44.58 84.19
N TYR GB 207 23.99 -43.52 83.61
CA TYR GB 207 22.98 -42.71 84.24
C TYR GB 207 21.60 -43.06 83.71
N ASP GB 208 20.58 -42.77 84.52
CA ASP GB 208 19.21 -43.00 84.10
C ASP GB 208 18.79 -41.94 83.09
N GLN GB 209 18.15 -42.40 82.02
CA GLN GB 209 17.65 -41.53 80.95
C GLN GB 209 16.14 -41.51 81.02
N GLU GB 210 15.56 -40.40 81.44
CA GLU GB 210 14.12 -40.24 81.56
C GLU GB 210 13.59 -39.39 80.42
N TYR GB 211 12.35 -39.66 80.04
CA TYR GB 211 11.67 -38.93 78.98
C TYR GB 211 10.21 -38.74 79.36
N ASN GB 212 9.65 -37.62 78.92
CA ASN GB 212 8.22 -37.35 78.99
C ASN GB 212 7.68 -37.44 77.58
N ILE GB 213 6.91 -38.48 77.29
CA ILE GB 213 6.46 -38.77 75.94
C ILE GB 213 5.06 -38.21 75.77
N ARG GB 214 4.89 -37.35 74.78
CA ARG GB 214 3.62 -36.72 74.45
C ARG GB 214 3.17 -37.23 73.10
N VAL GB 215 2.11 -38.02 73.09
CA VAL GB 215 1.50 -38.54 71.88
C VAL GB 215 0.31 -37.66 71.53
N THR GB 216 0.25 -37.23 70.29
CA THR GB 216 -0.83 -36.43 69.76
C THR GB 216 -1.41 -37.16 68.57
N MET GB 217 -2.69 -37.50 68.65
CA MET GB 217 -3.40 -38.16 67.58
C MET GB 217 -4.31 -37.17 66.86
N TYR GB 218 -4.17 -37.13 65.55
CA TYR GB 218 -5.01 -36.30 64.69
C TYR GB 218 -6.09 -37.19 64.10
N VAL GB 219 -7.31 -37.01 64.58
CA VAL GB 219 -8.41 -37.93 64.30
C VAL GB 219 -9.44 -37.21 63.45
N GLN GB 220 -10.36 -38.00 62.90
CA GLN GB 220 -11.42 -37.51 62.04
C GLN GB 220 -12.65 -38.31 62.37
N PHE GB 221 -13.67 -37.64 62.90
CA PHE GB 221 -14.90 -38.26 63.31
C PHE GB 221 -15.98 -38.08 62.25
N ARG GB 222 -17.11 -38.75 62.46
CA ARG GB 222 -18.21 -38.74 61.52
C ARG GB 222 -19.50 -39.04 62.26
N GLU GB 223 -20.59 -38.48 61.75
CA GLU GB 223 -21.95 -38.77 62.21
C GLU GB 223 -22.14 -38.39 63.67
N PHE GB 224 -22.15 -37.07 63.88
CA PHE GB 224 -22.62 -36.45 65.12
C PHE GB 224 -23.89 -37.10 65.60
N ASN GB 225 -23.86 -37.63 66.83
CA ASN GB 225 -24.92 -38.49 67.34
C ASN GB 225 -25.30 -38.10 68.76
N LEU GB 226 -25.40 -36.80 69.01
CA LEU GB 226 -25.78 -36.36 70.34
C LEU GB 226 -27.20 -36.77 70.66
N LYS GB 227 -27.43 -37.13 71.92
CA LYS GB 227 -28.74 -37.54 72.41
C LYS GB 227 -29.15 -36.59 73.53
N ASP GB 228 -30.36 -36.02 73.39
CA ASP GB 228 -30.85 -34.97 74.27
C ASP GB 228 -32.17 -35.41 74.88
N PRO GB 229 -32.13 -36.17 75.97
CA PRO GB 229 -33.35 -36.49 76.68
C PRO GB 229 -33.84 -35.30 77.47
N PRO GB 230 -35.08 -35.33 77.96
CA PRO GB 230 -35.54 -34.26 78.83
C PRO GB 230 -34.87 -34.28 80.18
N LEU GB 231 -35.26 -33.34 81.05
CA LEU GB 231 -34.67 -33.21 82.38
C LEU GB 231 -35.72 -32.87 83.43
N GLY HB 43 20.41 -57.27 37.78
CA GLY HB 43 19.47 -57.05 38.87
C GLY HB 43 20.04 -56.19 39.98
N ILE HB 44 20.01 -54.89 39.76
CA ILE HB 44 20.66 -53.95 40.65
C ILE HB 44 19.79 -53.72 41.88
N PHE HB 45 20.47 -53.53 43.01
CA PHE HB 45 19.80 -53.18 44.26
C PHE HB 45 20.77 -52.34 45.08
N ASN HB 46 20.55 -51.04 45.09
CA ASN HB 46 21.30 -50.14 45.92
C ASN HB 46 20.68 -50.09 47.30
N THR HB 47 21.50 -50.32 48.32
CA THR HB 47 21.04 -50.26 49.71
C THR HB 47 22.12 -49.62 50.57
N ARG HB 48 21.95 -49.76 51.88
CA ARG HB 48 22.76 -49.08 52.87
C ARG HB 48 22.95 -50.01 54.06
N LEU HB 49 24.19 -50.23 54.43
CA LEU HB 49 24.56 -51.12 55.52
C LEU HB 49 25.41 -50.35 56.52
N SER HB 50 25.15 -50.56 57.79
CA SER HB 50 25.79 -49.83 58.87
C SER HB 50 26.37 -50.78 59.89
N ARG HB 51 27.16 -50.19 60.79
CA ARG HB 51 27.95 -50.89 61.78
C ARG HB 51 28.50 -49.85 62.73
N THR HB 52 28.54 -50.19 64.02
CA THR HB 52 28.93 -49.26 65.07
C THR HB 52 29.94 -49.91 65.98
N PHE HB 53 30.96 -49.15 66.36
CA PHE HB 53 32.02 -49.64 67.24
C PHE HB 53 32.69 -48.45 67.90
N GLY HB 54 33.53 -48.75 68.87
CA GLY HB 54 34.18 -47.75 69.68
C GLY HB 54 35.65 -47.50 69.37
N TYR HB 55 36.11 -46.32 69.74
CA TYR HB 55 37.50 -45.92 69.60
C TYR HB 55 37.81 -44.94 70.72
N THR HB 56 38.91 -45.18 71.43
CA THR HB 56 39.32 -44.35 72.54
C THR HB 56 40.77 -43.91 72.36
N ILE HB 57 41.01 -42.65 72.68
CA ILE HB 57 42.34 -42.08 72.73
C ILE HB 57 42.67 -41.91 74.21
N LYS HB 58 43.53 -42.78 74.71
CA LYS HB 58 43.86 -42.77 76.12
C LYS HB 58 44.63 -41.51 76.50
N ARG HB 59 44.59 -41.20 77.79
CA ARG HB 59 45.24 -40.02 78.32
C ARG HB 59 46.76 -40.18 78.31
N THR HB 60 47.45 -39.04 78.38
CA THR HB 60 48.91 -38.99 78.44
C THR HB 60 49.34 -37.87 79.36
N THR HB 61 50.35 -38.15 80.18
CA THR HB 61 50.98 -37.12 81.01
C THR HB 61 51.93 -36.23 80.23
N VAL HB 62 52.17 -36.52 78.95
CA VAL HB 62 53.06 -35.71 78.14
C VAL HB 62 52.52 -34.29 78.06
N LYS HB 63 53.42 -33.32 78.19
CA LYS HB 63 53.05 -31.91 78.19
C LYS HB 63 52.90 -31.36 76.79
N THR HB 64 53.75 -31.80 75.87
CA THR HB 64 53.76 -31.27 74.53
C THR HB 64 52.47 -31.60 73.80
N PRO HB 65 52.20 -30.92 72.67
CA PRO HB 65 51.13 -31.38 71.79
C PRO HB 65 51.59 -32.55 70.95
N SER HB 66 51.10 -33.73 71.29
CA SER HB 66 51.37 -34.94 70.53
C SER HB 66 50.06 -35.48 69.97
N TRP HB 67 50.18 -36.26 68.90
CA TRP HB 67 49.04 -36.81 68.21
C TRP HB 67 49.08 -38.32 68.22
N ALA HB 68 47.88 -38.91 68.23
CA ALA HB 68 47.70 -40.35 68.21
C ALA HB 68 47.20 -40.74 66.83
N VAL HB 69 47.94 -41.60 66.16
CA VAL HB 69 47.67 -41.98 64.78
C VAL HB 69 47.08 -43.38 64.78
N ASP HB 70 46.11 -43.58 63.89
CA ASP HB 70 45.49 -44.88 63.73
C ASP HB 70 44.89 -44.95 62.32
N MET HB 71 44.53 -46.16 61.94
CA MET HB 71 44.03 -46.48 60.61
C MET HB 71 42.61 -47.02 60.69
N MET HB 72 41.98 -47.11 59.53
CA MET HB 72 40.60 -47.57 59.44
C MET HB 72 40.38 -48.19 58.07
N ARG HB 73 40.13 -49.50 58.05
CA ARG HB 73 39.76 -50.25 56.86
C ARG HB 73 38.28 -50.60 56.92
N PHE HB 74 37.76 -51.04 55.78
CA PHE HB 74 36.35 -51.40 55.66
C PHE HB 74 36.23 -52.72 54.91
N ASN HB 75 35.56 -53.69 55.52
CA ASN HB 75 35.26 -54.97 54.90
C ASN HB 75 33.78 -55.25 55.02
N ILE HB 76 33.25 -55.95 54.02
CA ILE HB 76 31.82 -56.22 53.96
C ILE HB 76 31.39 -57.36 54.85
N ASN HB 77 32.32 -58.17 55.36
CA ASN HB 77 31.95 -59.21 56.30
C ASN HB 77 31.44 -58.63 57.60
N ASP HB 78 31.94 -57.45 57.98
CA ASP HB 78 31.53 -56.81 59.20
C ASP HB 78 30.17 -56.13 59.09
N PHE HB 79 29.65 -55.97 57.89
CA PHE HB 79 28.34 -55.38 57.65
C PHE HB 79 27.30 -56.39 57.21
N LEU HB 80 27.71 -57.42 56.50
CA LEU HB 80 26.82 -58.43 55.94
C LEU HB 80 27.08 -59.77 56.61
N PRO HB 81 26.18 -60.31 57.43
CA PRO HB 81 26.48 -61.56 58.09
C PRO HB 81 26.35 -62.73 57.15
N PRO HB 82 26.75 -63.92 57.59
CA PRO HB 82 26.50 -65.11 56.79
C PRO HB 82 25.04 -65.49 56.82
N GLY HB 83 24.58 -66.06 55.72
CA GLY HB 83 23.19 -66.44 55.59
C GLY HB 83 22.90 -67.79 56.21
N GLY HB 84 22.05 -68.56 55.56
CA GLY HB 84 21.70 -69.87 56.02
C GLY HB 84 21.19 -70.76 54.92
N GLY HB 85 21.71 -71.98 54.89
CA GLY HB 85 21.29 -72.94 53.88
C GLY HB 85 22.04 -72.81 52.59
N SER HB 86 21.33 -72.96 51.48
CA SER HB 86 21.94 -72.88 50.16
C SER HB 86 22.36 -71.46 49.81
N ASN HB 87 21.86 -70.46 50.53
CA ASN HB 87 22.27 -69.08 50.34
C ASN HB 87 23.40 -68.77 51.32
N PRO HB 88 24.65 -68.60 50.87
CA PRO HB 88 25.73 -68.43 51.83
C PRO HB 88 25.71 -67.10 52.56
N ARG HB 89 25.07 -66.08 51.99
CA ARG HB 89 24.99 -64.75 52.57
C ARG HB 89 23.54 -64.34 52.77
N SER HB 90 23.36 -63.34 53.62
CA SER HB 90 22.02 -62.92 54.03
C SER HB 90 21.35 -62.04 52.98
N VAL HB 91 22.13 -61.37 52.15
CA VAL HB 91 21.62 -60.60 51.02
C VAL HB 91 21.84 -61.44 49.77
N PRO HB 92 20.79 -61.96 49.12
CA PRO HB 92 21.02 -62.94 48.06
C PRO HB 92 21.40 -62.34 46.72
N PHE HB 93 22.67 -61.97 46.62
CA PHE HB 93 23.24 -61.43 45.40
C PHE HB 93 24.63 -62.00 45.22
N GLU HB 94 25.12 -61.93 43.99
CA GLU HB 94 26.40 -62.48 43.60
C GLU HB 94 27.53 -61.46 43.67
N TYR HB 95 27.33 -60.31 43.05
CA TYR HB 95 28.36 -59.30 42.89
C TYR HB 95 28.03 -58.08 43.73
N TYR HB 96 29.05 -57.28 43.98
CA TYR HB 96 28.87 -56.04 44.72
C TYR HB 96 29.97 -55.07 44.34
N ARG HB 97 29.74 -53.80 44.66
CA ARG HB 97 30.76 -52.78 44.56
C ARG HB 97 30.37 -51.64 45.47
N ILE HB 98 31.30 -51.22 46.32
CA ILE HB 98 31.02 -50.20 47.32
C ILE HB 98 31.12 -48.84 46.65
N ARG HB 99 30.04 -48.07 46.73
CA ARG HB 99 29.95 -46.78 46.10
C ARG HB 99 30.49 -45.66 46.98
N LYS HB 100 30.08 -45.65 48.24
CA LYS HB 100 30.45 -44.61 49.18
C LYS HB 100 30.52 -45.20 50.57
N VAL HB 101 31.23 -44.51 51.45
CA VAL HB 101 31.26 -44.81 52.87
C VAL HB 101 31.13 -43.49 53.63
N LYS HB 102 30.38 -43.55 54.73
CA LYS HB 102 30.21 -42.42 55.64
C LYS HB 102 30.70 -42.87 57.01
N VAL HB 103 31.84 -42.33 57.40
CA VAL HB 103 32.38 -42.55 58.74
C VAL HB 103 31.96 -41.38 59.62
N GLU HB 104 31.31 -41.68 60.73
CA GLU HB 104 30.80 -40.68 61.66
C GLU HB 104 31.44 -40.93 63.00
N PHE HB 105 32.20 -39.94 63.48
CA PHE HB 105 32.75 -39.96 64.82
C PHE HB 105 31.75 -39.26 65.73
N TRP HB 106 30.94 -40.07 66.42
CA TRP HB 106 30.00 -39.54 67.37
C TRP HB 106 30.67 -39.43 68.73
N PRO HB 107 30.80 -38.26 69.33
CA PRO HB 107 31.54 -38.15 70.57
C PRO HB 107 30.80 -38.79 71.74
N CYS HB 108 31.60 -39.16 72.73
CA CYS HB 108 31.12 -39.71 73.98
C CYS HB 108 31.41 -38.79 75.16
N SER HB 109 32.00 -37.64 74.93
CA SER HB 109 32.53 -36.78 75.95
C SER HB 109 31.63 -35.56 76.13
N PRO HB 110 31.55 -35.01 77.34
CA PRO HB 110 30.68 -33.86 77.56
C PRO HB 110 31.22 -32.60 76.94
N ILE HB 111 30.32 -31.64 76.74
CA ILE HB 111 30.73 -30.36 76.19
C ILE HB 111 31.48 -29.49 77.18
N THR HB 112 31.59 -29.91 78.44
CA THR HB 112 32.36 -29.21 79.45
C THR HB 112 33.79 -29.69 79.55
N GLN HB 113 34.20 -30.67 78.74
CA GLN HB 113 35.53 -31.23 78.86
C GLN HB 113 36.54 -30.26 78.28
N GLY HB 114 37.63 -30.06 79.01
CA GLY HB 114 38.69 -29.17 78.62
C GLY HB 114 39.85 -29.89 77.96
N ASP HB 115 40.96 -29.19 77.88
CA ASP HB 115 42.16 -29.67 77.20
C ASP HB 115 41.83 -30.06 75.77
N ARG HB 116 41.05 -29.21 75.12
CA ARG HB 116 40.63 -29.45 73.76
C ARG HB 116 41.83 -29.47 72.81
N GLY HB 117 41.58 -29.97 71.61
CA GLY HB 117 42.63 -30.18 70.65
C GLY HB 117 42.15 -30.06 69.23
N VAL HB 118 43.03 -30.36 68.29
CA VAL HB 118 42.73 -30.25 66.87
C VAL HB 118 43.52 -31.32 66.13
N GLY HB 119 42.80 -32.08 65.30
CA GLY HB 119 43.37 -33.19 64.57
C GLY HB 119 43.04 -33.15 63.10
N SER HB 120 43.20 -34.28 62.44
CA SER HB 120 43.05 -34.35 61.00
C SER HB 120 42.65 -35.75 60.59
N SER HB 121 41.76 -35.83 59.62
CA SER HB 121 41.35 -37.07 58.98
C SER HB 121 41.59 -36.97 57.50
N ALA HB 122 42.27 -37.97 56.95
CA ALA HB 122 42.63 -38.00 55.53
C ALA HB 122 42.20 -39.32 54.92
N VAL HB 123 42.11 -39.30 53.60
CA VAL HB 123 41.62 -40.42 52.80
C VAL HB 123 42.82 -41.11 52.15
N ILE HB 124 43.00 -42.38 52.46
CA ILE HB 124 44.19 -43.15 52.10
C ILE HB 124 43.72 -44.40 51.37
N LEU HB 125 43.78 -44.37 50.05
CA LEU HB 125 43.18 -45.39 49.21
C LEU HB 125 44.13 -46.49 48.78
N ASP HB 126 45.17 -46.80 49.56
CA ASP HB 126 46.22 -47.70 49.10
C ASP HB 126 46.82 -48.64 50.13
N ASP HB 127 46.32 -48.66 51.36
CA ASP HB 127 46.76 -49.64 52.36
C ASP HB 127 48.19 -49.40 52.81
N ASN HB 128 48.66 -48.17 52.73
CA ASN HB 128 49.95 -47.78 53.31
C ASN HB 128 49.66 -46.51 54.10
N PHE HB 129 49.34 -46.72 55.37
CA PHE HB 129 49.04 -45.66 56.31
C PHE HB 129 50.31 -45.21 57.00
N VAL HB 130 50.24 -44.02 57.61
CA VAL HB 130 51.25 -43.63 58.57
C VAL HB 130 51.21 -44.62 59.71
N THR HB 131 52.39 -44.96 60.21
CA THR HB 131 52.51 -45.99 61.24
C THR HB 131 51.72 -45.58 62.47
N LYS HB 132 51.06 -46.56 63.08
CA LYS HB 132 50.30 -46.31 64.29
C LYS HB 132 51.20 -45.83 65.40
N ALA HB 133 50.83 -44.72 66.02
CA ALA HB 133 51.62 -44.07 67.04
C ALA HB 133 50.72 -43.65 68.19
N THR HB 134 51.30 -43.64 69.38
CA THR HB 134 50.60 -43.22 70.58
C THR HB 134 50.73 -41.73 70.82
N ALA HB 135 51.97 -41.21 70.78
CA ALA HB 135 52.24 -39.80 70.98
C ALA HB 135 53.31 -39.38 69.98
N LEU HB 136 52.88 -38.98 68.80
CA LEU HB 136 53.76 -38.46 67.77
C LEU HB 136 53.81 -36.94 67.85
N THR HB 137 54.99 -36.38 67.61
CA THR HB 137 55.26 -34.97 67.82
C THR HB 137 54.67 -34.06 66.75
N TYR HB 138 53.86 -34.58 65.84
CA TYR HB 138 53.28 -33.75 64.79
C TYR HB 138 52.07 -34.48 64.23
N ASP HB 139 51.27 -33.74 63.47
CA ASP HB 139 50.11 -34.28 62.80
C ASP HB 139 50.51 -34.67 61.38
N PRO HB 140 50.64 -35.96 61.06
CA PRO HB 140 51.11 -36.29 59.71
C PRO HB 140 50.11 -36.01 58.63
N TYR HB 141 48.82 -36.11 58.94
CA TYR HB 141 47.77 -35.96 57.96
C TYR HB 141 47.33 -34.52 57.76
N VAL HB 142 48.13 -33.55 58.22
CA VAL HB 142 47.70 -32.16 58.22
C VAL HB 142 47.85 -31.54 56.85
N ASN HB 143 48.93 -31.85 56.14
CA ASN HB 143 49.19 -31.28 54.84
C ASN HB 143 48.61 -32.09 53.71
N TYR HB 144 47.86 -33.14 54.01
CA TYR HB 144 47.22 -33.93 52.99
C TYR HB 144 46.11 -33.15 52.30
N SER HB 145 45.98 -33.35 51.00
CA SER HB 145 44.95 -32.67 50.23
C SER HB 145 43.55 -33.05 50.65
N SER HB 146 43.38 -34.22 51.27
CA SER HB 146 42.09 -34.69 51.74
C SER HB 146 41.92 -34.52 53.24
N ARG HB 147 42.65 -33.59 53.84
CA ARG HB 147 42.56 -33.37 55.27
C ARG HB 147 41.32 -32.56 55.59
N HIS HB 148 40.58 -33.05 56.58
CA HIS HB 148 39.53 -32.29 57.24
C HIS HB 148 39.93 -32.18 58.70
N THR HB 149 39.71 -31.00 59.27
CA THR HB 149 40.05 -30.77 60.65
C THR HB 149 39.07 -31.49 61.58
N ILE HB 150 39.63 -32.12 62.60
CA ILE HB 150 38.87 -32.74 63.67
C ILE HB 150 38.98 -31.83 64.87
N THR HB 151 37.89 -31.18 65.21
CA THR HB 151 37.77 -30.55 66.51
C THR HB 151 37.49 -31.61 67.55
N GLN HB 152 38.16 -31.51 68.68
CA GLN HB 152 38.10 -32.48 69.75
C GLN HB 152 37.71 -31.80 71.04
N PRO HB 153 37.16 -32.53 72.01
CA PRO HB 153 36.72 -33.93 72.05
C PRO HB 153 35.23 -34.14 71.82
N PHE HB 154 34.45 -33.08 71.91
CA PHE HB 154 33.00 -33.16 71.98
C PHE HB 154 32.32 -32.73 70.68
N SER HB 155 33.00 -32.92 69.56
CA SER HB 155 32.51 -32.43 68.28
C SER HB 155 32.39 -33.59 67.30
N TYR HB 156 31.38 -33.50 66.46
CA TYR HB 156 31.07 -34.50 65.47
C TYR HB 156 31.91 -34.29 64.22
N HIS HB 157 32.36 -35.40 63.65
CA HIS HB 157 33.20 -35.40 62.46
C HIS HB 157 32.68 -36.46 61.51
N SER HB 158 32.34 -36.05 60.29
CA SER HB 158 31.91 -36.95 59.25
C SER HB 158 32.87 -36.89 58.08
N ARG HB 159 33.00 -38.01 57.39
CA ARG HB 159 33.77 -38.10 56.16
C ARG HB 159 32.98 -38.98 55.20
N TYR HB 160 32.74 -38.48 54.00
CA TYR HB 160 31.96 -39.14 52.98
C TYR HB 160 32.78 -39.22 51.71
N PHE HB 161 33.13 -40.44 51.31
CA PHE HB 161 34.07 -40.65 50.23
C PHE HB 161 33.82 -42.01 49.60
N THR HB 162 34.55 -42.28 48.54
CA THR HB 162 34.46 -43.51 47.77
C THR HB 162 35.69 -44.36 48.02
N PRO HB 163 35.59 -45.50 48.71
CA PRO HB 163 36.79 -46.28 48.96
C PRO HB 163 37.24 -47.05 47.75
N LYS HB 164 38.34 -47.77 47.89
CA LYS HB 164 38.93 -48.56 46.82
C LYS HB 164 39.33 -49.90 47.39
N PRO HB 165 39.21 -50.98 46.62
CA PRO HB 165 39.61 -52.29 47.14
C PRO HB 165 41.10 -52.55 46.98
N VAL HB 166 41.58 -53.46 47.82
CA VAL HB 166 42.98 -53.85 47.84
C VAL HB 166 43.10 -55.05 46.92
N LEU HB 167 43.34 -54.77 45.65
CA LEU HB 167 43.50 -55.81 44.65
C LEU HB 167 44.91 -56.40 44.66
N ASP HB 168 45.92 -55.54 44.74
CA ASP HB 168 47.30 -55.98 44.85
C ASP HB 168 47.99 -55.05 45.84
N SER HB 169 48.30 -55.56 47.02
CA SER HB 169 48.97 -54.77 48.03
C SER HB 169 50.43 -54.50 47.70
N THR HB 170 51.02 -55.26 46.77
CA THR HB 170 52.40 -55.03 46.37
C THR HB 170 52.54 -53.81 45.49
N ILE HB 171 51.59 -53.60 44.58
CA ILE HB 171 51.64 -52.52 43.60
C ILE HB 171 50.73 -51.39 44.06
N ASP HB 172 49.62 -51.75 44.71
CA ASP HB 172 48.68 -50.79 45.27
C ASP HB 172 48.15 -49.85 44.19
N TYR HB 173 47.41 -50.44 43.26
CA TYR HB 173 46.76 -49.71 42.18
C TYR HB 173 45.26 -49.62 42.44
N PHE HB 174 44.67 -48.51 42.01
CA PHE HB 174 43.24 -48.29 42.17
C PHE HB 174 42.72 -47.44 41.04
N GLN HB 175 41.46 -47.44 40.91
CA GLN HB 175 40.75 -46.75 39.85
C GLN HB 175 40.33 -45.36 40.30
N PRO HB 176 40.24 -44.40 39.39
CA PRO HB 176 39.60 -43.14 39.73
C PRO HB 176 38.10 -43.27 39.83
N ASN HB 177 37.45 -42.22 40.29
CA ASN HB 177 36.01 -42.27 40.54
C ASN HB 177 35.26 -42.24 39.23
N ASN HB 178 34.53 -43.32 38.96
CA ASN HB 178 33.70 -43.41 37.77
C ASN HB 178 32.60 -44.40 38.10
N LYS HB 179 31.36 -43.93 38.18
CA LYS HB 179 30.28 -44.82 38.55
C LYS HB 179 30.03 -45.88 37.49
N ARG HB 180 30.31 -45.57 36.23
CA ARG HB 180 30.00 -46.48 35.14
C ARG HB 180 31.06 -47.55 34.95
N ASN HB 181 32.30 -47.25 35.34
CA ASN HB 181 33.44 -48.13 35.11
C ASN HB 181 33.94 -48.82 36.37
N GLN HB 182 33.29 -48.61 37.50
CA GLN HB 182 33.75 -49.22 38.75
C GLN HB 182 33.62 -50.73 38.69
N LEU HB 183 34.66 -51.40 39.13
CA LEU HB 183 34.71 -52.85 39.08
C LEU HB 183 33.65 -53.47 39.98
N TRP HB 184 33.12 -54.59 39.53
CA TRP HB 184 32.27 -55.45 40.34
C TRP HB 184 33.13 -56.52 40.96
N LEU HB 185 33.07 -56.63 42.27
CA LEU HB 185 33.69 -57.73 43.00
C LEU HB 185 32.64 -58.79 43.28
N ARG HB 186 33.13 -59.96 43.66
CA ARG HB 186 32.26 -61.05 44.07
C ARG HB 186 32.04 -60.99 45.56
N LEU HB 187 30.81 -61.23 45.96
CA LEU HB 187 30.43 -61.37 47.35
C LEU HB 187 30.78 -62.78 47.79
N GLN HB 188 31.99 -62.92 48.32
CA GLN HB 188 32.49 -64.20 48.77
C GLN HB 188 31.72 -64.66 50.00
N THR HB 189 32.01 -65.89 50.42
CA THR HB 189 31.32 -66.47 51.56
C THR HB 189 31.95 -66.01 52.87
N ALA HB 190 33.27 -66.16 53.02
CA ALA HB 190 33.96 -65.73 54.23
C ALA HB 190 35.34 -65.13 53.97
N GLY HB 191 35.58 -64.58 52.79
CA GLY HB 191 36.90 -64.13 52.41
C GLY HB 191 36.95 -62.86 51.60
N ASN HB 192 36.01 -61.95 51.84
CA ASN HB 192 35.94 -60.73 51.06
C ASN HB 192 37.16 -59.86 51.28
N VAL HB 193 37.42 -58.99 50.31
CA VAL HB 193 38.62 -58.18 50.27
C VAL HB 193 38.40 -56.88 51.03
N ASP HB 194 39.47 -56.39 51.66
CA ASP HB 194 39.38 -55.21 52.49
C ASP HB 194 39.38 -53.97 51.63
N HIS HB 195 38.42 -53.09 51.86
CA HIS HB 195 38.43 -51.75 51.31
C HIS HB 195 39.09 -50.81 52.29
N VAL HB 196 39.60 -49.71 51.76
CA VAL HB 196 40.51 -48.84 52.48
C VAL HB 196 40.19 -47.41 52.11
N GLY HB 197 40.69 -46.47 52.92
CA GLY HB 197 40.33 -45.09 52.69
C GLY HB 197 40.20 -44.11 53.84
N LEU HB 198 40.61 -44.44 55.06
CA LEU HB 198 40.64 -43.40 56.08
C LEU HB 198 41.75 -43.60 57.10
N GLY HB 199 42.46 -42.51 57.36
CA GLY HB 199 43.42 -42.46 58.44
C GLY HB 199 43.24 -41.19 59.23
N THR HB 200 43.51 -41.28 60.53
CA THR HB 200 43.19 -40.23 61.48
C THR HB 200 44.42 -39.86 62.30
N ALA HB 201 44.34 -38.68 62.90
CA ALA HB 201 45.32 -38.22 63.86
C ALA HB 201 44.61 -37.38 64.89
N PHE HB 202 44.54 -37.88 66.12
CA PHE HB 202 43.88 -37.23 67.23
C PHE HB 202 44.91 -36.68 68.19
N GLU HB 203 44.69 -35.45 68.64
CA GLU HB 203 45.57 -34.82 69.61
C GLU HB 203 45.27 -35.35 70.99
N ASN HB 204 46.31 -35.80 71.68
CA ASN HB 204 46.14 -36.40 72.98
C ASN HB 204 45.76 -35.36 74.02
N SER HB 205 45.33 -35.84 75.18
CA SER HB 205 44.80 -34.99 76.22
C SER HB 205 45.02 -35.64 77.57
N ILE HB 206 44.81 -34.85 78.62
CA ILE HB 206 44.91 -35.36 79.99
C ILE HB 206 43.76 -36.30 80.28
N TYR HB 207 42.61 -36.09 79.64
CA TYR HB 207 41.43 -36.92 79.82
C TYR HB 207 41.29 -37.88 78.67
N ASP HB 208 40.58 -38.98 78.93
CA ASP HB 208 40.31 -39.96 77.89
C ASP HB 208 39.23 -39.44 76.94
N GLN HB 209 39.49 -39.59 75.65
CA GLN HB 209 38.57 -39.16 74.60
C GLN HB 209 37.99 -40.41 73.94
N GLU HB 210 36.72 -40.66 74.18
CA GLU HB 210 36.02 -41.80 73.63
C GLU HB 210 35.12 -41.37 72.49
N TYR HB 211 34.92 -42.29 71.54
CA TYR HB 211 34.07 -42.06 70.38
C TYR HB 211 33.32 -43.33 70.05
N ASN HB 212 32.12 -43.17 69.54
CA ASN HB 212 31.33 -44.25 68.96
C ASN HB 212 31.30 -44.03 67.46
N ILE HB 213 32.00 -44.87 66.72
CA ILE HB 213 32.18 -44.70 65.29
C ILE HB 213 31.15 -45.53 64.56
N ARG HB 214 30.36 -44.88 63.71
CA ARG HB 214 29.32 -45.51 62.91
C ARG HB 214 29.72 -45.40 61.46
N VAL HB 215 30.06 -46.54 60.86
CA VAL HB 215 30.39 -46.62 59.44
C VAL HB 215 29.16 -47.09 58.70
N THR HB 216 28.84 -46.38 57.63
CA THR HB 216 27.72 -46.71 56.76
C THR HB 216 28.26 -46.85 55.35
N MET HB 217 28.09 -48.05 54.78
CA MET HB 217 28.51 -48.34 53.42
C MET HB 217 27.30 -48.36 52.49
N TYR HB 218 27.40 -47.59 51.42
CA TYR HB 218 26.39 -47.55 50.38
C TYR HB 218 26.83 -48.45 49.24
N VAL HB 219 26.19 -49.60 49.13
CA VAL HB 219 26.64 -50.66 48.24
C VAL HB 219 25.65 -50.83 47.10
N GLN HB 220 26.07 -51.58 46.10
CA GLN HB 220 25.28 -51.84 44.90
C GLN HB 220 25.55 -53.27 44.51
N PHE HB 221 24.51 -54.09 44.58
CA PHE HB 221 24.59 -55.51 44.29
C PHE HB 221 24.08 -55.79 42.87
N ARG HB 222 24.26 -57.03 42.44
CA ARG HB 222 23.91 -57.45 41.10
C ARG HB 222 23.66 -58.95 41.10
N GLU HB 223 22.77 -59.37 40.21
CA GLU HB 223 22.49 -60.78 39.94
C GLU HB 223 21.96 -61.51 41.18
N PHE HB 224 20.73 -61.15 41.51
CA PHE HB 224 19.89 -61.88 42.45
C PHE HB 224 19.99 -63.37 42.20
N ASN HB 225 20.41 -64.12 43.22
CA ASN HB 225 20.76 -65.53 43.06
C ASN HB 225 20.16 -66.38 44.16
N LEU HB 226 18.91 -66.12 44.50
CA LEU HB 226 18.26 -66.90 45.54
C LEU HB 226 18.09 -68.33 45.10
N LYS HB 227 18.25 -69.25 46.04
CA LYS HB 227 18.09 -70.68 45.81
C LYS HB 227 16.99 -71.21 46.71
N ASP HB 228 16.02 -71.90 46.11
CA ASP HB 228 14.81 -72.34 46.77
C ASP HB 228 14.68 -73.85 46.63
N PRO HB 229 15.33 -74.61 47.50
CA PRO HB 229 15.11 -76.05 47.51
C PRO HB 229 13.77 -76.39 48.11
N PRO HB 230 13.30 -77.63 47.95
CA PRO HB 230 12.07 -78.03 48.63
C PRO HB 230 12.24 -78.15 50.14
N LEU HB 231 11.18 -78.55 50.82
CA LEU HB 231 11.19 -78.66 52.27
C LEU HB 231 10.40 -79.89 52.74
C1 IDS IB . 7.40 99.92 -14.85
C2 IDS IB . 8.67 100.78 -14.97
C3 IDS IB . 9.72 100.34 -13.95
C4 IDS IB . 9.15 100.41 -12.52
C5 IDS IB . 7.61 100.37 -12.55
C6 IDS IB . 6.97 100.03 -11.21
O1 IDS IB . 6.33 100.67 -15.33
O2 IDS IB . 9.21 100.61 -16.27
O3 IDS IB . 10.85 101.17 -14.03
O4 IDS IB . 9.61 99.39 -11.64
O5 IDS IB . 7.19 99.46 -13.55
O6A IDS IB . 5.79 99.77 -11.11
O6B IDS IB . 7.63 100.03 -10.20
S IDS IB . 9.24 101.61 -17.45
O1S IDS IB . 8.64 100.90 -18.55
O2S IDS IB . 10.63 101.91 -17.68
O3S IDS IB . 8.47 102.76 -17.07
C1 SGN IB . 10.96 99.42 -11.30
C2 SGN IB . 11.74 98.36 -12.13
C3 SGN IB . 11.29 96.95 -11.71
C4 SGN IB . 11.44 96.79 -10.19
C5 SGN IB . 10.66 97.91 -9.49
C6 SGN IB . 10.77 97.93 -7.97
N2 SGN IB . 11.51 98.59 -13.55
O3 SGN IB . 12.12 96.00 -12.34
O4 SGN IB . 10.85 95.64 -9.64
O5 SGN IB . 11.15 99.18 -9.94
O6 SGN IB . 11.96 97.27 -7.60
S1 SGN IB . 12.35 99.79 -14.30
O1S SGN IB . 11.65 100.01 -15.53
O2S SGN IB . 13.67 99.27 -14.50
O3S SGN IB . 12.31 100.94 -13.46
S2 SGN IB . 12.90 97.60 -6.38
O4S SGN IB . 12.06 97.74 -5.23
O5S SGN IB . 13.78 96.48 -6.30
O6S SGN IB . 13.58 98.82 -6.74
#